data_6ZVJ
#
_entry.id   6ZVJ
#
_cell.length_a   1.00
_cell.length_b   1.00
_cell.length_c   1.00
_cell.angle_alpha   90.00
_cell.angle_beta   90.00
_cell.angle_gamma   90.00
#
_symmetry.space_group_name_H-M   'P 1'
#
loop_
_entity.id
_entity.type
_entity.pdbx_description
1 polymer '40S ribosomal protein SA'
2 polymer '40S ribosomal protein S3a'
3 polymer '40S ribosomal protein S2'
4 polymer '40S ribosomal protein S26'
5 polymer '40S ribosomal protein S4, X isoform'
6 polymer '60S ribosomal protein L41'
7 polymer '40S ribosomal protein S6'
8 polymer '40S ribosomal protein S7'
9 polymer '40S ribosomal protein S8'
10 polymer '40S ribosomal protein S9'
11 polymer '40S ribosomal protein S11'
12 polymer '40S ribosomal protein S13'
13 polymer '40S ribosomal protein S14'
14 polymer '40S ribosomal protein S21'
15 polymer '40S ribosomal protein S15a'
16 polymer '40S ribosomal protein S23'
17 polymer '40S ribosomal protein S24'
18 polymer '40S ribosomal protein S27'
19 polymer '40S ribosomal protein S30'
20 polymer '18S ribosomal RNA'
21 polymer '40S ribosomal protein S17'
22 polymer '40S ribosomal protein S16'
23 polymer '40S ribosomal protein S3'
24 polymer '40S ribosomal protein S5'
25 polymer '40S ribosomal protein S10'
26 polymer '40S ribosomal protein S12'
27 polymer '40S ribosomal protein S15'
28 polymer '40S ribosomal protein S18'
29 polymer '40S ribosomal protein S19'
30 polymer '40S ribosomal protein S20'
31 polymer '40S ribosomal protein S25'
32 polymer '40S ribosomal protein S28'
33 polymer '40S ribosomal protein S29'
34 polymer 'Ubiquitin-40S ribosomal protein S27a'
35 polymer 'Receptor of activated protein C kinase 1'
36 polymer 'Eukaryotic translation initiation factor 3 subunit I'
37 polymer 'Eukaryotic translation initiation factor 3 subunit B'
38 polymer 'Eukaryotic translation initiation factor 3 subunit A'
39 polymer 'Eukaryotic translation initiation factor 3 subunit C'
40 polymer 'Eukaryotic translation initiation factor 3 subunit E'
41 polymer 'Eukaryotic translation initiation factor 3 subunit F'
42 polymer 'Eukaryotic translation initiation factor 3 subunit H'
43 polymer 'Eukaryotic translation initiation factor 3 subunit K'
44 polymer 'Eukaryotic translation initiation factor 3 subunit L'
45 polymer 'Eukaryotic translation initiation factor 3 subunit M'
46 polymer 'ATP-binding cassette sub-family E member 1'
47 polymer 'Eukaryotic translation initiation factor 1'
48 polymer 'Eukaryotic translation initiation factor 3 subunit D'
49 polymer 'RNA recognition motif (unknown)'
50 polymer 'Eukaryotic translation initiation factor 3 subunit J'
51 non-polymer 'ZINC ION'
52 non-polymer 'IRON/SULFUR CLUSTER'
53 non-polymer "ADENOSINE-5'-DIPHOSPHATE"
54 non-polymer 'MAGNESIUM ION'
55 non-polymer "ADENOSINE-5'-TRIPHOSPHATE"
#
loop_
_entity_poly.entity_id
_entity_poly.type
_entity_poly.pdbx_seq_one_letter_code
_entity_poly.pdbx_strand_id
1 'polypeptide(L)'
;SGALDVLQMKEEDVLKFLAAGTHLGGTNLDFQMEQYIYKRKSDGIYIINLKRTWEKLLLAARAIVAIENPADVSVISSRN
TGQRAVLKFAAATGATPIAGRFTPGTFTNQIQAAFREPRLLVVTDPRADHQPLTEASYVNLPTIALCNTDSPLRYVDIAI
PCNNKGAHSVGLMWWMLAREVLRMRGTISREHPWEVMPDLYFYRDPEEIEKEEQAA
;
a
2 'polypeptide(L)'
;DPFSKKDWYDVKAPAMFNIRNIGKTLVTRTQGTKIASDGLKGRVFEVSLADLQNDEVAFRKFKLITEDVQGKNCLTNFHG
MDLTRDKMCSMVKKWQTMIEAHVDVKTTDGYLLRLFCVGFTKKRNNQIRKTSYAQHQQVRQIRKKMMEIMTREVQTNDLK
EVVNKLIPDSIGKDIEKACQSIYPLHDVFVRKVKMLKKPKFELGKLMELHG
;
p
3 'polypeptide(L)'
;WMPVTKLGRLVKDMKIKSLEEIYLFSLPIKESEIIDFFLGASLKDEVLKIMPVQKQTRAGQRTRFKAFVAIGDYNGHVGL
GVKCSKEVATAIRGAIILAKLSIVPVRRGYWGNKIGKPHTVPCKVTGRCGSVLVRLIPAPRGTGIVSAPVPKKLLMMAGI
DDCYTSARGCTATLGNFAKATFDAISKTYSYLTPDLWKETVFTKSPYQEFTDHLVK
;
d
4 'polypeptide(L)'
;TKKRRNNGRAKKGRGHVQPIRCTNCARCVPKDKAIKKFVIRNIVEAAAVRDISEASVFDAYVLPKLYVKLHYCVSCAIHS
KVVRNRSREARKDRTPPPRFR
;
Q
5 'polypeptide(L)'
;ARGPKKHLKRVAAPKHWMLDKLTGVFAPRPSTGPHKLRECLPLIIFLRNRLKYALTGDEVKKICMQRFIKIDGKVRTDIT
YPAGFMDVISIDKTGENFRLIYDTKGRFAVHRITPEEAKYKLCKVRKIFVGTKGIPHLVTHDARTIRYPDPLIKVNDTIQ
IDLETGKITDFIKFDTGNLCMVTGGANLGRIGVITNRERHPGSFDVVHVKDANGNSFATRLSNIFVIGKGNKPWISLPRG
KGIRLTIAEERDKRL
;
q
6 'polypeptide(L)' MRAKWRKKRMRRLKRKRRKMRQRS W
7 'polypeptide(L)'
;KLNISFPATGCQKLIEVDDERKLRTFYEKRMATEVAADALGEEWKGYVVRISGGNDKQGFPMKQGVLTHGRVRLLLSKGH
SCYRPRRTGERKRKSVRGCIVDANLSVLNLVIVKKGEKDIPGLTDTTVPRRLGPKRASRIRKLFNLSKEDDVRQYVVRKP
LNKEGKKPRTKAPKIQRLVTPRVLQHKRRRIALKKQRTKKNKEEAAEYAKLLAKRMKEAKEK
;
r
8 'polypeptide(L)'
;IVKPNEFESGISQALLELEMNSDLKAQLRELNITAAKEIEVGGGRKAIIIFVPVPQLKSFQKIQVRLVRELEKKFSGKHV
VFIAQRRILPKPTRKSRTKNKQKRPRSRTLTAVHDAILEDLVFPSEIVGKRIRVKLDGSRLIKVHLDKAQQNNVEHKVET
FSGVYKKLTGKDVNFEFPEFQ
;
s
9 'polypeptide(L)'
;GISRDNWHKRRKTGGKRKPYHKKRKYELGRPAANTKIGPRRIHTVRVRGGNKKYRALRLDVGNFSWGSECCTRKTRIIDV
VYNASNNELVRTKTLVKNCIVLIDSTPYRQWYESHYALPLGRKKGAKLTPEEEEILNKKRSKKIQKKYDERKKNAKISSL
LEEQFQQGKLLACIASRPGQCGRADGYVLEGKELEFYLRKIKARK
;
t
10 'polypeptide(L)'
;PVARSWVCRKTYVTPRRPFEKSRLDQELKLIGEYGLRNKREVWRVKFTLAKIRKAARELLTLDEKDPRRLFEGNALLRRL
VRIGVLDEGKMKLDYILGLKIEDFLERRLQTQVFKLGLAKSIHHARVLIRQRHIRVRKQVVNIPSFIVRLDSQKHIDFSL
RSPYGGGRPGRVKRKNAKKG
;
c
11 'polypeptide(L)'
;IQTERAYQKQPTIFQNKKRVLLGETGKEKLPRYYKNIGLGFKTPKEAIEGTYIDKKCPFTGNVSIRGRILSGVVTKMKMQ
RTIVIRRDYLHYIRKYNRFEKRHKNMSVHLSPCFRDVQIGDIVTVGECRPLSKTVRFNVLKVTK
;
n
12 'polypeptide(L)'
;GRMHAPGKGLSQSALPYRRSVPTWLKLTSDDVKEQIYKLAKKGLTPSQIGVILRDSHGVAQVRFVTGNKILRILKSKGLA
PDLPEDLYHLIKKAVAVRKHLERNRKDKDAKFRLILIESRIHRLARYYKTKRVLPPNWKYESSTASALV
;
m
13 'polypeptide(L)'
;NVFGVCHIFASFNDTFVHVTDLSGKETICRVTGGMKVKADRDESSPYAAMLAAQDVAQRCKELGITALHIKLRATGGNRT
KTPGPGAQSALRALARSGMKIGRIEDVTPIPSDSTRRKGGRRGRR
;
i
14 'polypeptide(L)'
;MQNDAGEFVDLYVPRKCSASNRIIGAKDHASIQMNVAEVDKVTGRFNGQFKTYAICGAIRRMGESDDSILRLAKADGIVS
KN
;
y
15 'polypeptide(L)'
;VRMNVLADALKSINNAEKRGKRQVLIRPCSKVIVRFLTVMMKHGYIGEFEIIDDHRAGKIVVNLTGRLNKCGVISPRFDV
QLKDLEKWQNNLLPSRQFGFIVLTTSAGIMDHEEARRKHTGGKILGFFF
;
f
16 'polypeptide(L)'
;GKCRGLRTARKLRSHRRDQKWHDKQYKKAHLGTALKANPFGGASHAKGIVLEKVGVEAKQPNSAIRKCVRVQLIKNGKKI
TAFVPNDGCLNFIEENDEVLVAGFGRKGHAVGDIPGVRFKVVKVANVSLLALYKGKKER
;
j
17 'polypeptide(L)'
;VTIRTRKFMTNRLLQRKQMVIDVLHPGKATVPKTEIREKLAKMYKTTPDVIFVFGFRTHFGGGKTTGFGMIYDSLDYAKK
NEPKHRLARHGLYEKKKTSRKQRKERKNRMKKVRGTAKANVG
;
z
18 'polypeptide(L)'
;PLAKDLLHPSPEEEKRKHKKKRLVQSPNSYFMDVKCPGCYKITTVFSHAQTVVLCVGCSTVLCQPTGGKARLTEGCSFRR
KQ
;
R
19 'polypeptide(L)' ARAGKVRGQTPKVAKQEKKKKKTGRAKRRMQYNRRFVNVGPNAN T
20 'polyribonucleotide'
;UACCUGGUUGAUCCUGCCAGUAGCAUAUGCUUGUCUCAAAGAUUAAGCCAUGCAUGUCUAAGUACGCACGGCCGGUACAG
UGAAACUGCGAAUGGCUCAUUAAAUCAGUUAUGGUUCCUUUGGUCGCUCGUACUUGGAUAACUGUGGUAAUUCUAGAGCU
AAUACAUGCCGACGGGCGCUGACCCCCUUCGCGGGGGGGAUGCGUGCAUUUAUCAGUGGUGACUCUAGAUAACCUCGGGC
CGAUCGCACGCCGCGGCGACGACCCAUUCGAACGUCUGCCCUAUCAACUUUCGAUGGUAGUCGCCGUGCCUACCAUGGUG
ACCACGGGUGACGGGGAAUCAGGGUUCGAUUCCGGAGAGGGAGCCUGAGAAACGGCUACCACAUCCAAGGAAGGCAGCAG
GCGCGCAAAUUACCCACUCCCGACCCGGGGAGGUAGUGACGAAAAAUAACAAUACAGGACUCUUUCGAGGCCCUGUAAUU
GGAAUGAGUCCACUUUAAAUCCUUUAACGAGGAUCCAUUGGAGGGCAAGUCUGGUGCCAGCAGCCGCGGUAAUUCCAGCU
CCAAUAGCGUAUAUUAAAGUUGCUGCAGUUAAAAAGCUCGUAGUUGGAUCUUGGGAGCGGGCGGGCGGUCCGCCGCGAGG
CGAGCCACCGCCCGUCCCCGCCUCUCGGCCGAAGCGUUUACUUUGAAAAAAUUAGAGUGUUCAAAGCAGGCCGCCUGGAU
ACCGCAGCUAGGAAUAAUGGAAUAGGACCGCGGUUCUAUUUUGUUGGUUUUCGGAACUGAGGCCAUGAUUAAGAGGGACG
GCCGGGGGCAUUCGUAUUGCGCCGCUAGAGGUGAAAUUCUUGGACCGGCGCAAGACGGACCAGAGCGAAAGCAUUUGCCA
AGAAUGUUUUCAUUAAUCAAGAACGAAAGUCGGAGGUUCGAAGACGAUCAGAUACCGUCGUAGUUCCGACCAUAAACGAU
GCCGACCGGCGAUGCGGCGGCGUUAUUCCCAUGACCCGCCGGGCAGCUUCCGGGAAACCAAAGUCUUUGGGUUCCGGGGG
GAGUAUGGUUGCAAAGCUGAAACUUAAAGGAAUUGACGGAAGGGCACCACCAGGAGUGGAGCCUGCGGCUUAAUUUGACU
CAACACGGGAAACCUCACCCGGCCCGGACACGGACAGGAUUGACAGAUUGAUAGCUCUUUCUCGAUUCCGUGGGUGGUGG
UGCAUGGCCGUUCUUAGUUGGUGGAGCGAUUUGUCUGGUUAAUUCCGAUAACGAACGAGACUCUGGCAUGCUAACUAGUU
ACGCGACCGGUCGGCGUAACUUCUUAGAGGGACAAGUGGCGUUCAGCCACCCGAGAUUGAGCAAUAACAGGUCUGUGAUG
CCCUUAGAUGUCCGGGGCUGCACGCGCGCUACACUGACUGGCUCAGCGUGUGCCUACCCUACGCCGGCAGGCGCGGGUAA
CCCGUUGAACCCCAUUCGUGAUGGGGAUCGGGGAUUGCAAUUAUUCCCCAUGAACGAGGAAUUCCCAGUAAGUGCGGGUC
AUAAGCUUGCGUUGAUUAAGUCCCUGCCCUUUGUACACACCGCCCGUCGCUACUACCGAUUGGAUGGUUUAGUGAGGCCC
UCGGAUCGGCCCCGCCGGGGUGCCCUGGCGGAGCGCUGAGAAGACGGUCGAACUUGACUAUCUAGAGGAAGUAAAAGUCG
UAACAAGGUUUCCGUAGGUAAACCUGCGGAAGGAUCAUUA
;
2
21 'polypeptide(L)'
;GRVRTKTVKKAARVIIEKYYTRLGNDFHTNKRVCEEIAIIPSKKLRNKIAGYVTHLMKRIQRGPVRGISIKLQEEERERR
DNYVPEVSALDQEIIEVDPDTKEMLKLLDFGSLSNLQVTQPTVGMNFKTP
;
w
22 'polypeptide(L)'
;SVQVFGRKKTATAVAHCKRGNGLIKVNGRPLEMIEPRTLQYKLLEPVLLLGKERFAGVDIRVRVKGGGHVAQIYAIRQSI
SKALVAYYQKYVDEASKKEIKDILIQYDRTLLVADPRRCESKKFGGPGARARYQKSYR
;
g
23 'polypeptide(L)'
;QISKKRKFVADGIFKAELNEFLTRELAEDGYSGVEVRVTPTRTEIIILATRTQNVLGEKGRRIRELTAVVQKRFGFPEGS
VELYAEKVATRGLCAIAQAESLRYKLLGGLAVRRACYGVLRFIMESGAKGCEVVVSGKLRGQRAKSMKFVDGLMIHSGDP
VNYYVDTAVRHVLLRQGVLGIKVKIMLPWDPTGKIGPKKPLPDHVSIVEPKDEILPTTPISEQK
;
b
24 'polypeptide(L)'
;DIKLFGKWSTDDVQINDISLQDYIAVKEKYAKYLPHSAGRYAAKRFRKAQCPIVERLTNSMMMHGRNNGKKLMTVRIVKH
AFEIIHLLTGENPLQVLVNAIINSGPREDSTRIGRAGTVRRQAVDVSPLRRVNQAIWLLCTGAREAAFRNIKTIAECLAD
ELINAAKGSSNSYAIKKKDELERVAKSNR
;
e
25 'polypeptide(L)'
;MLMPKKNRIAIYELLFKEGVMVAKKDVHMPKHPELADKNVPNLHVMKAMQSLKSRGYVKEQFAWRHFYWYLTNEGIQYLR
DYLHLPPEIVPATLR
;
u
26 'polypeptide(L)'
;VNTALQEVLKTALIHDGLARGIREAAKALDKRQAHLCVLASNCDEPMYVKLVEALCAEHQINLIKVDDNKKLGEWVGLCK
IDREGKPRKVVGCSCVVVKDYGKESQAKDVIEEYFK
;
v
27 'polypeptide(L)'
;FTYRGVDLDQLLDMSYEQLMQLYSARQRRRLNRGLRRKQHSLLKRLRKAKKEAPPMEKPEVVKTHLRDMIILPEMVGSMV
GVYNGKTFNQVEIKPEMIGHYLGEFSITYKPVKHGRPGI
;
o
28 'polypeptide(L)'
;LVIPEKFQHILRVLNTNIDGRRKIAFAITAIKGVGRRYAHVVLRKADIDLTKRAGELTEDEVERVITIMQNPRQYKIPDW
FLNRQKDVKDGKYSQVLANGLDNKLREDLERLKKIRAHRGLRHFWGLRVRGQHTKTTGRR
;
k
29 'polypeptide(L)'
;PGVTVKDVNQQEFVRALAAFLKKSGKLKVPEWVDTVKLAKHKELAPYDENWFYTRAASTARHLYLRGGAGVGSMTKIYGG
RQRNGVMPSHFSRGSKSVARRVLQALEGLKMVEKDQDGGRKLTPQGQRDLDRIAGQVAAAN
;
x
30 'polypeptide(L)'
;RIRITLTSRNVKSLEKVCADLIRGAKEKNLKVKGPVRMPTKTLRITTRKTPCGEGSKTWDRFQMRIHKRLIDLHSPSEIV
KQITSISIEPGVEVEVTI
;
h
31 'polypeptide(L)' LNNLVLFDKATYDKLCKEVPNYKLITPAVVSERLKIRGSLARAALQELLSKGLIKLVSKHRAQVIYTRNT P
32 'polypeptide(L)' PIKLARVTKVLGRTGSQGQCTQVRVEFMDDTSRSIIRNVKGPVREGDVLTLLESEREARRL S
33 'polypeptide(L)' GHQQLYWSHPRKFGQGSRSCRVCSNRHGLIRKYGLNMCRQCFRQYAKDIGFIKL l
34 'polypeptide(L)' PKKNKHKRKKVKLAVLKYYKVDENGKISRLRRECPSDECGAGVFMASHFDRHYCGKCCLTYC U
35 'polypeptide(L)'
;QMTLRGTLKGHNGWVTQIATTPQFPDMILSASRDKTIIMWKLTRDETNYGIPQRALRGHSHFVSDVVISSDGQFALSGSW
DGTLRLWDLTTGTTTRRFVGHTKDVLSVAFSSDNRQIVSGSRDKTIKLWNTLGVCKYTVQDESHSEWVSCVRFSPNSSNP
IIVSCGWDKLVKVWNLANCKLKTNHIGHTGYLNTVTVSPDGSLCASGGKDGQAMLWDLNEGKHLYTLDGGDIINALCFSP
NRYWLCAATGPSIKIWDLEGKIIVDELKQEVISTSSKAEPPQCTSLAWSADGQTLFAGYTDNLVRVWQV
;
V
36 'polypeptide(L)'
;MKPILLQGHERSITQIKYNREGDLLFTVAKDPIVNVWYSVNGERLGTYMGHTGAVWCVDADWDTKHVLTGSADNSCRLWD
CETGKQLALLKTNSAVRTCGFDFGGNIIMFSTDKQMGYQCFVSFFDLRDPSQIDNNEPYMKIPCNDSKITSAVWGPLGEC
IIAGHESGELNQYSAKSGEVLVNVKEHSRQINDIQLSRDMTMFVTASKDNTAKLFDSTTLEHQKTFRTERPVNSAALSPN
YDHVVLGGGQEAMDVTTTSTRIGKFEARFFHLAFEEEFGRVKGHFGPINSVAFHPDGKSYSSGGEDGYVRIHYFDP
;
I
37 'polypeptide(L)'
;ADGIDSVIVVDNVPQVGPDRLEKLKNVIHKIFSKFGKITNDFYPEEDGKTKGYIFLEYASPAHAVDAVKNADGYKLDKQH
TFRVNLFTDFDKYMTISDEWDIPEKQPFKDLGNLRYWLEEAECRDQYSVIFESGDRTSIFWNDVKDPVSIEERARWTETY
VRWSPKGTYLATFHQRGIALWGGEKFKQIQRFSHQGVQLIDFSPCERYLVTFSPLMDTQDDPQAIIIWDILTGHKKRGFH
CESSAHWPIFKWSHDGKFFARMTLDTLSIYETPSMGLLDKKSLKISGIKDFSWSPGGNIIAFWVPEDKDIPARVTLMQLP
TRQEIRVRNLFNVVDCKLHWQKNGDYLCVKVDRTPKGTQGVVTNFEIFRMREKQVPVDVVEMKETIIAFAWEPNGSKFAV
LHGEAPRISVSFYHVKNNGKIELIKMFDKQQANTIFWSPQGQFVVLAGLRSMNGALAFVDTSDCTVMNIAEHYMASDVEW
DPTGRYVVTSVSWWSHKVDNAYWLWTFQGRLLQKNNKDRFCQLLWRPRPPTLLSQEQIKQIKKDLKKYSKIFEQKDRLSQ
SKASKE
;
B
38 'polypeptide(L)'
;YFQRPENALKRANEFLEVGKKQPALDVLYDVMKSKKHRTWQKIHEPIMLKYLELCVDLRKSHLAKEGLYQYKNICQQVNI
KSLEDVVRAYLKMAEEKTEAAKEESQQMVLDIEDLDNIQTPESVLLSAVSGEDTQDRTDRLLLTPWVKFLWESYRQCLDL
LRNNSRVERLYHDIAQQAFKFCLQYTRKAEFRKLCDNLRMHLSQIQRHHNQSTAINLNNPESQSMHLETRLVQLDSAISM
ELWQEAFKAVEDIHGLFSLSKKPPKPQLMANYYNKVSTVFWKSGNALFHASTLHRLYHLSREMRKNLTQDEMQRMSTRVL
LATLSIPITPERTDIARLLDMDGIIVEKQRRLATLLGLQAPPTRIGLINDMVRFNVLQYVVPEVKDLYNWLEVEFNPLKL
CERVTKVLNWVREQPEKEPELQQYVPQLQNNTILRLLQQVSQIYQSIEFSRLTSLVPFVDAFQLERAIVDAARHCDLQVR
IDHTSRTLSFGSDLNYATREDAPIGPHLQSMPSEQIRNQLTAMSSVLAKALEVIKPAHILQEKEEQHQLAVTAYLKNSRK
EHQRILARRQTIEERKERLESLNIQREKEELEQREAELQKVRKAEEERLRQEAKEREKERILQEHEQIKKKTVRERLEQI
KKTELGAKAFKDIDIEDLEELDPDFIMAKQVEQLEKEKKELQERLKNQEKKIDYFERAKRLEEIPLIKSAYEEQRIKDMD
LW
;
A
39 'polypeptide(L)'
;MSRFFTTGSDSESESSLSGEELVTKPVGGNYGKQPLLLSEDEEDTKRVVRSAKDKRFEELTNLIRTIRNAMKIRDVTKCL
EEFELLGKAYGKAKSIVDKEGVPRFYIRILADLEDYLNELWEDKEGKKKMNKNNAKALSTLRQKIRKYNKGTEITHAVVI
KKLNEILQARGKKGTDRAAQIELLQLLVQIAAENNLGEGVIVKIKFNIIASLYDYNPNLATYMKPEMWGKCLDCINELMD
ILFANPNIFVGENILEESENLHNADQPLRVRGCILTLVERMDEEFTKIMQNTDPHSQEYVEHLKDEAQVCAIIERVQRYL
EEKGTTEEVCRIYLLRILHTYYKFDYKAHQRQLTPPEGSSKSEQDQAENEGEDSAVLMERLCKYIYAKDRTDRIRTCAIL
CHIYHHALHSRWYQARDLMLMSHLQDNIQHADPPVQILYNRTMVQLGICAFRQGLTKDAHNALLDIQSSGRAKELLGQGL
LLRSLQERNQEQEKVERRRQVPFHLHINLELLECVYLVSAMLLEIPYMAAHESDARRRMISKQFHHQLRVGERQPLLGPP
ESMREHVVAASKAMKMGDWKTCHSFIINEKMNGKVWDLFPEADKVRTMLVRKIQEESLRTYLFTYSSVYDSISMETLSDM
FELDLPTVHSIISKMIINEELMASLDQPTQTVVMHRTEPTAQQNLALQLAEKLGSLVENNERVFDHKQGTYGGYFRDQKD
GYRKNEGYMRRGGYRQQQSQTAY
;
C
40 'polypeptide(L)'
;AEYDLTTRIAHFLDRHLVFPLLEFLSVKEIYNEKELLQGKLDLLSDTNMVDFAMDVYKNLYSDDIPHALREKRTTVVAQL
KQLQAETEPIVKMFEDPETTRQMQSTRDGRMLFDYLADKHGFRQEYLDTLYRYAKFQYECGNYSGAAEYLYFFRVLVPAT
DRNALSSLWGKLASEILMQNWDAAMEDLTRLKETIDNNSVSSPLQSLQQRTWLIHWSLFVFFNHPKGRDNIIDLFLYQPQ
YLNAIQTMCPHILRYLTTAVITNKDVRKRRQVLKDLVKVIQQESYTYKDPITEFVECLYVNFDFDGAQKKLRECESVLVN
DFFLVACLEDFIENARLFIFETFCRIHQCISINMLADKLNMTPEEAERWIVNLIRNARLDAKIDSKLGHVVMGNNAVSPY
QQVIEKTKSLSFRSQMLAMNIEKKLNQNS
;
E
41 'polypeptide(L)'
;GRVVRLHPVILASIVDSYERRNEGAARVIGTLLGTVDKHSVEVTNCFSVPHNESEDEVAVDMEFAKNMYELHKKVSPNEL
ILGWYATGHDITEHSVLIHEYYSREAPNPIHLTVDTSLQNGRMSIKAYVSTLMGVPGRTMGVMFTPLTVKYAYYDTERIG
VDLIMKTCFSPNRVIGLSSDLQQVGGASARIQDALSTVLQYAEDVLSGKVSADNTVGRFLMSLVNQVPKIVPDDFETMLN
SNINDLLMVTYLANLTQSQIALNEKLVNL
;
F
42 'polypeptide(L)'
;AVKQVQIDGLVVLKIIKHYQEEGQGTEVVQGVLLGLVVEDRLEITNCFPFPQHTEDDADFDEVQYQMEMMRSLRHVNIDH
LHVGWYQSTYYGSFVTRALLDSQFSYQHAIEESVVLIYDPIKTAQGSLSLKAYRLTPKLMEVCKEKDFSPEALKKANITF
EYMFEEVPIVIKNSHLINVLMWELEKKSAVADKHELLSLASSNHLGKNLQLLMDRVDEMSQDIVKYNTYMRNTSKQQQQK
HQYQQRRQQENMQRQSRGEPPLPEEDLSKLFKPPQPPARMDSLLIAGQINTYCQNIKEFTAQNLGKLFMAQALQEYNN
;
H
43 'polypeptide(L)'
;AMFEQMRANVGKLLKGIDRYNPENLATLERYVETQAKENAYDLEANLAVLKLYQFNPAFFQTTVTAQILLKALTNLPHTD
FTLCKCMIDQAHQEERPIRQILYLGDLLETCHFQAFWQALDENMDLLEGITGFEDSVRKFICHVVGITYQHIDRWLLAEM
LGDLSDSQLKVWMSKYGWSADESGQIFICSQEESIKPKNIVEKIDFDSVSSIMASSQ
;
K
44 'polypeptide(L)'
;QWLWDIIDEFIYQFQSFSQYRCKTAKKSEEEIDFLRSNPKIWNVHSVLNVLHSLVDKSNINRQLEVYTSGGDPESVAGEY
GRHSLYKMLGYFSLVGLLRLHSLLGDYYQAIKVLENIELNKKSMYSRVPECQVTTYYYVGFAYLMMRRYQDAIRVFANIL
LYIQRTKSMFQRTTYKYEMINKQNEQMHALLAIALTMYPMRIDESIHLQLREKYGDKMLRMQKGDPQVYEELFSYSCPKF
LSPVVPNYDNVHPNYHKEPFLQQLKVFSDEVQQQAQLSTIRSFLKLYTTMPVAKLAGFLDLTEQEFRIQLLVFKHKMKNL
VWTSGISALDGEFQSASEVDFYIDKDMIHIADTKVARRYGDFFIRQIHKFEE
;
L
45 'polypeptide(L)'
;EEDQAAELRAYLKSKGAEISEENSEGGLHVDLAQIIEACDVCLKEDDKDVESVMNSVVSLLLILEPDKQEALIESLCEKL
VKFREGERPSLRLQLLSNLFHGMDKNTPVRYTVYCSLIKVAASCGAIQYIPTELDQVRKWISDWNLTTEKKHTLLRLLYE
ALVDCKKSDAASKVMVELLGSYTEDNASQARVDAHRCIVRALKDPNAFLFDHLLTLKPVKFLEGELIHDLLTIFVSAKLA
SYVKFYQNNKDFIDSLGLLHEQNMAKMRLLTFMGMAVENKEISFDTMQQELQIGADDVEAFVIDAVRTKMVYCKIDQTQR
KVVVSHSTHRTFGKQQWQQLYDTLNAWKQNLNKVKNSLLSLS
;
M
46 'polypeptide(L)'
;KLTRIAIVNHDKCKPKKCRQECKKSCPVVRMGKLCIEVTPQSKIAWISETLCIGCGICIKKCPFGALSIVNLPSNLEKET
THRYCANAFKLHRLPIPRPGEVLGLVGTNGIGKSTALKILAGKQKPNLGKYDDPPDWQEILTYFRGSELQNYFTKILEDD
LKAIIKPQYVDQIPKAAKGTVGSILDRKDETKTQAIVCQQLDLTHLKERNVEDLSGGELQRFACAVVCIQKADIFMFDEP
SSYLDVKQRLKAAITIRSLINPDRYIIVVEHDLSVLDYLSDFICCLYGVPSAYGVVTMPFSVREGINIFLDGYVPTENLR
FRDASLVFKVAETANEEEVKKMCMYKYPGMKKKMGEFELAIVAGEFTDSEIMVMLGENGTGKTTFIRMLAGRLKPDEGGE
VPVLNVSYKPQKISPKSTGSVRQLLHEKIRDAYTHPQFVTDVMKPLQIENIIDQEVQTLSGGELQRVALALCLGKPADVY
LIDEPSAYLDSEQRLMAARVVKRFILHAKKTAFVVEHDFIMATYLADRVIVFDGVPSKNTVANSPQTLLAGMNKFLSQLE
ITFRRDPNNYRPRINKLNSIKDVEQKKSGNYFFLD
;
1
47 'polypeptide(L)'
;LPAGTEDYIHIRIQQRNGRKTLTTVQGIADDYDKKKLVKAFKKKFACNGTVIEHPEYGEVIQLQGDQRKNICQFLVEIGL
AKDDQLKVHGF
;
N
48 'polypeptide(L)'
;MAKFMTPVIQDNPSGWGPCAVPEQFRDMPYQPFSKGDRLGKVADWTGATYQDKRYTNKYSSQFGGGSQYAYFHEEDESSF
QLVDTARTQKTAYQRNRMRFAQRNLRRDKDRRNMLQFNLQILPKSAKQKERERIRLQKKFQKQFGVRQKWDQKSQKPRDS
SVEVRSDWEVKEEMDFPQLMKMRYLEVSEPQDIECCGALEYYDKAFDRITTRSEKPLRSIKRIFHTVTTTDDPVIRKLAK
TQGNVFATDAILATLMSCTRSVYSWDIVVQRVGSKLFFDKRDNSDFDLLTVSETANEPPQDEGNSFNSPRNLAMEATYIN
HNFSQQCLRMGKERYNFPNPNPFVEDDMDKNEIASVAYRYRRWKLGDDIDLIVRCEHDGVMTGANGEVSFINIKTLNEWD
SRHCNGVDWRQKLDSQRGAVIATELKNNSYKLARWTCCALLAGSEYLKLGYVSRYHVKDSSRHVILGTQQFKPNEFASQI
NLSVENAWGILRCVIDICMKLEEGKYLILKDPNKQVIRVYSLPDGTF
;
D
49 'polypeptide(L)' AAAAAAAAAAAAAAAAAAAAAAAAAAAAAAAAAAAAAAAAAAAAAAAAAAAAAAAAAAAAAAAAAAAAAAAAAAAAAA Y
50 'polypeptide(L)'
;MAAAAAAAGDSDSWDADAFSVEDPVRKVGGGGTAGGDRWEGEDEDEDVKDNWDDDDDEKKEEAEVKPEVKISEKKKIAEK
IKEKERQQKKRQEEIKKRLEEPEEPKVLTPEEQLADKLRLKKLQEESDLELAKETFGVNNAVYGIDAMNPSSRDDFTEFG
KLLKDKITQYEKSLYYASFLEVLVRDVCISLEIDDLKKITNSLTVLCSEKQKQEKQSKAKKKKKGVVPGGGLKATMKDDL
ADYGGYDGGYVQDYEDFM
;
G,J
#
loop_
_chem_comp.id
_chem_comp.type
_chem_comp.name
_chem_comp.formula
A RNA linking ADENOSINE-5'-MONOPHOSPHATE 'C10 H14 N5 O7 P'
ADP non-polymer ADENOSINE-5'-DIPHOSPHATE 'C10 H15 N5 O10 P2'
ATP non-polymer ADENOSINE-5'-TRIPHOSPHATE 'C10 H16 N5 O13 P3'
C RNA linking CYTIDINE-5'-MONOPHOSPHATE 'C9 H14 N3 O8 P'
G RNA linking GUANOSINE-5'-MONOPHOSPHATE 'C10 H14 N5 O8 P'
MG non-polymer 'MAGNESIUM ION' 'Mg 2'
SF4 non-polymer 'IRON/SULFUR CLUSTER' 'Fe4 S4'
U RNA linking URIDINE-5'-MONOPHOSPHATE 'C9 H13 N2 O9 P'
ZN non-polymer 'ZINC ION' 'Zn 2'
#
# COMPACT_ATOMS: atom_id res chain seq x y z
N SER A 1 1.93 17.11 18.03
CA SER A 1 0.68 16.40 18.13
C SER A 1 -0.26 17.11 19.04
N GLY A 2 -1.52 16.68 19.03
CA GLY A 2 -2.49 17.05 20.05
C GLY A 2 -3.03 18.44 20.01
N ALA A 3 -2.64 19.25 19.01
CA ALA A 3 -2.79 20.71 18.97
C ALA A 3 -2.25 21.35 20.25
N LEU A 4 -1.05 20.93 20.64
CA LEU A 4 -0.37 21.45 21.81
C LEU A 4 0.90 22.14 21.35
N ASP A 5 1.23 23.26 21.96
CA ASP A 5 2.43 23.98 21.58
C ASP A 5 3.67 23.58 22.37
N VAL A 6 3.53 22.73 23.40
CA VAL A 6 4.72 22.18 24.04
C VAL A 6 5.30 21.03 23.23
N LEU A 7 4.51 20.43 22.33
CA LEU A 7 4.93 19.28 21.57
C LEU A 7 5.28 19.62 20.14
N GLN A 8 5.34 20.90 19.80
CA GLN A 8 5.57 21.31 18.42
C GLN A 8 7.04 21.19 18.05
N MET A 9 7.31 21.43 16.78
CA MET A 9 8.67 21.41 16.28
C MET A 9 9.43 22.65 16.74
N LYS A 10 10.70 22.47 17.04
CA LYS A 10 11.61 23.57 17.31
C LYS A 10 12.60 23.66 16.18
N GLU A 11 13.38 24.76 16.14
CA GLU A 11 14.34 24.91 15.05
C GLU A 11 15.52 23.95 15.17
N GLU A 12 15.81 23.44 16.37
CA GLU A 12 16.92 22.50 16.54
C GLU A 12 16.62 21.14 15.91
N ASP A 13 15.37 20.67 16.06
CA ASP A 13 14.94 19.42 15.44
C ASP A 13 14.88 19.55 13.93
N VAL A 14 14.49 20.72 13.44
CA VAL A 14 14.39 20.95 12.01
C VAL A 14 15.78 21.06 11.39
N LEU A 15 16.76 21.63 12.12
CA LEU A 15 18.14 21.61 11.66
C LEU A 15 18.73 20.20 11.63
N LYS A 16 18.32 19.32 12.55
CA LYS A 16 18.73 17.92 12.45
C LYS A 16 18.10 17.21 11.25
N PHE A 17 16.81 17.44 11.02
CA PHE A 17 16.12 16.84 9.87
C PHE A 17 16.64 17.37 8.54
N LEU A 18 17.07 18.62 8.50
CA LEU A 18 17.65 19.14 7.28
C LEU A 18 19.06 18.63 7.07
N ALA A 19 19.86 18.55 8.13
CA ALA A 19 21.25 18.16 7.97
C ALA A 19 21.42 16.67 7.75
N ALA A 20 20.45 15.85 8.12
CA ALA A 20 20.60 14.42 7.94
C ALA A 20 20.13 13.93 6.59
N GLY A 21 19.26 14.67 5.92
CA GLY A 21 18.69 14.16 4.69
C GLY A 21 17.49 13.28 4.93
N THR A 22 16.66 13.64 5.89
CA THR A 22 15.40 12.94 6.09
C THR A 22 14.37 13.38 5.06
N HIS A 23 14.39 14.66 4.69
CA HIS A 23 13.39 15.21 3.80
C HIS A 23 13.57 14.84 2.34
N LEU A 24 14.67 14.22 1.95
CA LEU A 24 14.92 13.88 0.56
C LEU A 24 14.44 12.47 0.34
N GLY A 25 13.30 12.29 -0.30
CA GLY A 25 12.77 10.95 -0.45
C GLY A 25 13.34 10.21 -1.64
N GLY A 26 12.54 9.38 -2.29
CA GLY A 26 12.98 8.62 -3.42
C GLY A 26 12.44 9.16 -4.74
N THR A 27 12.63 8.38 -5.78
CA THR A 27 12.26 8.76 -7.13
C THR A 27 10.99 8.09 -7.61
N ASN A 28 10.33 7.32 -6.76
CA ASN A 28 9.11 6.63 -7.10
C ASN A 28 8.13 6.80 -5.96
N LEU A 29 6.85 6.60 -6.26
CA LEU A 29 5.83 6.86 -5.27
C LEU A 29 4.79 5.76 -5.29
N ASP A 30 4.73 5.01 -4.18
CA ASP A 30 3.61 4.13 -3.98
C ASP A 30 2.41 5.00 -3.67
N PHE A 31 1.29 4.70 -4.33
CA PHE A 31 0.18 5.62 -4.53
C PHE A 31 -0.56 6.03 -3.26
N GLN A 32 -0.32 5.34 -2.15
CA GLN A 32 -0.84 5.79 -0.87
C GLN A 32 0.26 6.32 0.04
N MET A 33 1.32 6.85 -0.55
CA MET A 33 2.24 7.70 0.17
C MET A 33 2.19 9.14 -0.31
N GLU A 34 1.33 9.46 -1.28
CA GLU A 34 1.33 10.81 -1.83
C GLU A 34 0.58 11.83 -1.00
N GLN A 35 0.12 11.48 0.19
CA GLN A 35 -0.35 12.46 1.16
C GLN A 35 0.78 12.96 2.05
N TYR A 36 2.03 12.59 1.75
CA TYR A 36 3.18 13.08 2.49
C TYR A 36 4.15 13.91 1.66
N ILE A 37 4.04 13.91 0.38
CA ILE A 37 5.01 14.64 -0.42
C ILE A 37 4.58 16.09 -0.54
N TYR A 38 5.52 17.02 -0.48
CA TYR A 38 5.17 18.39 -0.82
C TYR A 38 5.11 18.57 -2.33
N LYS A 39 6.19 18.21 -3.03
CA LYS A 39 6.38 18.52 -4.44
C LYS A 39 7.58 17.71 -4.93
N ARG A 40 7.65 17.52 -6.23
CA ARG A 40 8.75 16.81 -6.86
C ARG A 40 9.66 17.79 -7.57
N LYS A 41 10.96 17.69 -7.30
CA LYS A 41 11.94 18.65 -7.76
C LYS A 41 12.27 18.43 -9.24
N SER A 42 13.15 19.28 -9.75
CA SER A 42 13.73 19.02 -11.06
C SER A 42 14.63 17.79 -11.07
N ASP A 43 15.20 17.40 -9.93
CA ASP A 43 16.05 16.22 -9.90
C ASP A 43 15.28 14.92 -10.00
N GLY A 44 13.99 14.92 -9.75
CA GLY A 44 13.25 13.69 -9.66
C GLY A 44 12.98 13.20 -8.25
N ILE A 45 13.60 13.82 -7.26
CA ILE A 45 13.39 13.45 -5.86
C ILE A 45 12.10 14.08 -5.35
N TYR A 46 11.30 13.30 -4.60
CA TYR A 46 10.15 13.81 -3.89
C TYR A 46 10.55 14.28 -2.52
N ILE A 47 10.00 15.40 -2.08
CA ILE A 47 10.34 15.96 -0.78
C ILE A 47 9.29 15.53 0.23
N ILE A 48 9.75 14.89 1.29
CA ILE A 48 8.87 14.46 2.36
C ILE A 48 8.53 15.67 3.22
N ASN A 49 7.24 15.90 3.45
CA ASN A 49 6.80 16.98 4.32
C ASN A 49 7.17 16.66 5.75
N LEU A 50 7.79 17.61 6.43
CA LEU A 50 8.36 17.30 7.74
C LEU A 50 7.35 17.42 8.86
N LYS A 51 6.27 18.17 8.67
CA LYS A 51 5.26 18.24 9.71
C LYS A 51 4.47 16.95 9.80
N ARG A 52 4.24 16.31 8.65
CA ARG A 52 3.59 15.00 8.66
C ARG A 52 4.50 13.95 9.28
N THR A 53 5.82 14.07 9.05
CA THR A 53 6.81 13.22 9.71
C THR A 53 6.80 13.41 11.21
N TRP A 54 6.65 14.65 11.67
CA TRP A 54 6.65 14.90 13.10
C TRP A 54 5.36 14.45 13.76
N GLU A 55 4.21 14.65 13.11
CA GLU A 55 2.95 14.24 13.73
C GLU A 55 2.78 12.73 13.71
N LYS A 56 3.25 12.04 12.67
CA LYS A 56 3.24 10.58 12.68
C LYS A 56 4.29 10.02 13.62
N LEU A 57 5.39 10.74 13.84
CA LEU A 57 6.37 10.28 14.82
C LEU A 57 5.87 10.44 16.24
N LEU A 58 5.15 11.51 16.52
CA LEU A 58 4.59 11.66 17.86
C LEU A 58 3.40 10.74 18.11
N LEU A 59 2.61 10.46 17.08
CA LEU A 59 1.57 9.45 17.21
C LEU A 59 2.16 8.06 17.38
N ALA A 60 3.30 7.79 16.75
CA ALA A 60 4.00 6.54 16.98
C ALA A 60 4.56 6.47 18.39
N ALA A 61 5.07 7.59 18.92
CA ALA A 61 5.58 7.60 20.29
C ALA A 61 4.47 7.46 21.32
N ARG A 62 3.28 7.98 21.00
CA ARG A 62 2.11 7.71 21.83
C ARG A 62 1.75 6.24 21.81
N ALA A 63 1.88 5.60 20.66
CA ALA A 63 1.56 4.18 20.58
C ALA A 63 2.61 3.32 21.29
N ILE A 64 3.85 3.80 21.36
CA ILE A 64 4.91 3.03 22.00
C ILE A 64 4.88 3.20 23.51
N VAL A 65 4.58 4.40 24.01
CA VAL A 65 4.47 4.55 25.48
C VAL A 65 3.18 4.00 26.06
N ALA A 66 2.22 3.58 25.23
CA ALA A 66 0.94 3.10 25.70
C ALA A 66 0.96 1.66 26.17
N ILE A 67 2.10 0.98 26.12
CA ILE A 67 2.24 -0.36 26.67
C ILE A 67 2.85 -0.24 28.07
N GLU A 68 2.27 -0.95 29.03
CA GLU A 68 2.74 -0.88 30.41
C GLU A 68 4.11 -1.53 30.55
N ASN A 69 4.27 -2.71 29.97
CA ASN A 69 5.53 -3.43 29.97
C ASN A 69 6.37 -2.91 28.82
N PRO A 70 7.60 -2.44 29.06
CA PRO A 70 8.45 -2.05 27.94
C PRO A 70 9.14 -3.21 27.26
N ALA A 71 9.05 -4.41 27.83
CA ALA A 71 9.85 -5.52 27.35
C ALA A 71 9.21 -6.25 26.19
N ASP A 72 7.94 -6.03 25.90
CA ASP A 72 7.28 -6.69 24.78
C ASP A 72 6.90 -5.72 23.67
N VAL A 73 7.64 -4.63 23.53
CA VAL A 73 7.73 -3.89 22.29
C VAL A 73 9.01 -4.36 21.60
N SER A 74 8.89 -4.89 20.40
CA SER A 74 10.02 -5.51 19.73
C SER A 74 10.37 -4.74 18.46
N VAL A 75 11.66 -4.55 18.24
CA VAL A 75 12.15 -3.76 17.12
C VAL A 75 12.97 -4.64 16.19
N ILE A 76 12.73 -4.52 14.89
CA ILE A 76 13.36 -5.35 13.87
C ILE A 76 14.24 -4.47 13.01
N SER A 77 15.43 -4.95 12.68
CA SER A 77 16.21 -4.36 11.61
C SER A 77 16.95 -5.47 10.90
N SER A 78 16.70 -5.67 9.62
CA SER A 78 17.47 -6.67 8.90
C SER A 78 18.61 -6.07 8.10
N ARG A 79 18.39 -4.90 7.52
CA ARG A 79 19.45 -4.26 6.77
C ARG A 79 20.47 -3.67 7.72
N ASN A 80 21.64 -3.37 7.17
CA ASN A 80 22.80 -3.07 8.00
C ASN A 80 22.79 -1.66 8.56
N THR A 81 22.03 -0.75 7.96
CA THR A 81 22.11 0.62 8.41
C THR A 81 21.25 0.91 9.63
N GLY A 82 20.48 -0.06 10.11
CA GLY A 82 19.60 0.18 11.24
C GLY A 82 19.84 -0.73 12.44
N GLN A 83 20.84 -1.61 12.34
CA GLN A 83 21.13 -2.56 13.42
C GLN A 83 21.65 -1.85 14.65
N ARG A 84 22.54 -0.88 14.46
CA ARG A 84 23.10 -0.20 15.61
C ARG A 84 22.08 0.73 16.25
N ALA A 85 21.18 1.29 15.45
CA ALA A 85 20.12 2.12 16.00
C ALA A 85 19.10 1.29 16.75
N VAL A 86 18.83 0.07 16.31
CA VAL A 86 17.93 -0.81 17.04
C VAL A 86 18.55 -1.26 18.36
N LEU A 87 19.85 -1.57 18.36
CA LEU A 87 20.50 -1.96 19.60
C LEU A 87 20.65 -0.80 20.58
N LYS A 88 20.86 0.42 20.07
CA LYS A 88 20.95 1.56 20.96
C LYS A 88 19.59 1.99 21.49
N PHE A 89 18.54 1.90 20.66
CA PHE A 89 17.18 2.20 21.09
C PHE A 89 16.70 1.17 22.10
N ALA A 90 17.03 -0.10 21.89
CA ALA A 90 16.64 -1.14 22.83
C ALA A 90 17.43 -1.07 24.13
N ALA A 91 18.67 -0.59 24.09
CA ALA A 91 19.35 -0.33 25.34
C ALA A 91 18.86 0.95 26.00
N ALA A 92 18.32 1.88 25.24
CA ALA A 92 17.86 3.12 25.84
C ALA A 92 16.50 2.95 26.51
N THR A 93 15.55 2.35 25.79
CA THR A 93 14.17 2.33 26.26
C THR A 93 13.84 1.07 27.04
N GLY A 94 14.54 -0.02 26.79
CA GLY A 94 14.16 -1.27 27.41
C GLY A 94 13.30 -2.15 26.55
N ALA A 95 13.30 -1.94 25.24
CA ALA A 95 12.58 -2.76 24.29
C ALA A 95 13.32 -4.07 24.06
N THR A 96 12.75 -4.97 23.25
CA THR A 96 13.63 -6.07 22.88
C THR A 96 14.11 -5.92 21.45
N PRO A 97 15.40 -6.04 21.18
CA PRO A 97 15.89 -5.95 19.81
C PRO A 97 15.89 -7.29 19.08
N ILE A 98 15.62 -7.23 17.78
CA ILE A 98 15.96 -8.32 16.87
C ILE A 98 16.71 -7.67 15.71
N ALA A 99 18.02 -7.80 15.69
CA ALA A 99 18.84 -7.26 14.62
C ALA A 99 19.39 -8.41 13.81
N GLY A 100 19.60 -8.18 12.53
CA GLY A 100 20.24 -9.16 11.67
C GLY A 100 19.21 -10.03 10.97
N ARG A 101 19.41 -11.34 11.03
CA ARG A 101 18.57 -12.26 10.29
C ARG A 101 17.40 -12.67 11.16
N PHE A 102 16.21 -12.60 10.59
CA PHE A 102 14.97 -12.87 11.33
C PHE A 102 14.47 -14.22 10.87
N THR A 103 14.67 -15.25 11.71
CA THR A 103 14.31 -16.61 11.33
C THR A 103 12.80 -16.76 11.38
N PRO A 104 12.19 -17.27 10.31
CA PRO A 104 10.73 -17.30 10.25
C PRO A 104 10.16 -18.36 11.16
N GLY A 105 9.07 -18.01 11.82
CA GLY A 105 8.50 -18.85 12.83
C GLY A 105 8.65 -18.29 14.21
N THR A 106 9.37 -17.19 14.36
CA THR A 106 9.64 -16.63 15.68
C THR A 106 8.44 -15.93 16.27
N PHE A 107 7.37 -15.75 15.52
CA PHE A 107 6.11 -15.34 16.11
C PHE A 107 5.04 -16.43 16.09
N THR A 108 5.16 -17.45 15.21
CA THR A 108 4.14 -18.49 15.12
C THR A 108 4.61 -19.91 15.47
N ASN A 109 5.89 -20.26 15.42
CA ASN A 109 6.30 -21.60 15.83
C ASN A 109 6.56 -21.59 17.33
N GLN A 110 5.73 -22.32 18.08
CA GLN A 110 5.81 -22.22 19.53
C GLN A 110 6.98 -23.01 20.10
N ILE A 111 7.42 -24.09 19.46
CA ILE A 111 8.42 -24.94 20.10
C ILE A 111 9.84 -24.55 19.75
N GLN A 112 10.04 -23.59 18.86
CA GLN A 112 11.40 -23.14 18.60
C GLN A 112 11.82 -22.19 19.71
N ALA A 113 13.13 -22.13 19.94
CA ALA A 113 13.65 -21.55 21.16
C ALA A 113 13.60 -20.04 21.17
N ALA A 114 13.50 -19.41 20.00
CA ALA A 114 13.42 -17.97 19.91
C ALA A 114 11.99 -17.46 19.76
N PHE A 115 11.01 -18.23 20.21
CA PHE A 115 9.61 -17.85 20.02
C PHE A 115 9.25 -16.75 21.00
N ARG A 116 8.95 -15.58 20.45
CA ARG A 116 8.52 -14.42 21.19
C ARG A 116 7.03 -14.19 21.01
N GLU A 117 6.47 -13.30 21.81
CA GLU A 117 5.11 -12.84 21.60
C GLU A 117 5.00 -11.38 22.06
N PRO A 118 5.45 -10.45 21.24
CA PRO A 118 5.43 -9.05 21.64
C PRO A 118 4.03 -8.44 21.42
N ARG A 119 3.89 -7.18 21.82
CA ARG A 119 2.61 -6.49 21.74
C ARG A 119 2.61 -5.37 20.73
N LEU A 120 3.75 -5.01 20.18
CA LEU A 120 3.86 -4.04 19.12
C LEU A 120 5.10 -4.38 18.33
N LEU A 121 5.20 -3.88 17.11
CA LEU A 121 6.33 -4.18 16.25
C LEU A 121 6.75 -2.90 15.57
N VAL A 122 8.01 -2.52 15.74
CA VAL A 122 8.56 -1.38 15.03
C VAL A 122 9.61 -1.94 14.09
N VAL A 123 9.47 -1.69 12.80
CA VAL A 123 10.42 -2.24 11.84
C VAL A 123 11.17 -1.09 11.21
N THR A 124 12.27 -1.42 10.53
CA THR A 124 13.08 -0.37 9.91
C THR A 124 12.52 0.06 8.57
N ASP A 125 12.32 -0.87 7.68
CA ASP A 125 11.98 -0.51 6.32
C ASP A 125 10.97 -1.53 5.85
N PRO A 126 9.75 -1.17 5.45
CA PRO A 126 8.72 -2.17 5.24
C PRO A 126 8.82 -2.96 3.95
N ARG A 127 9.78 -2.68 3.07
CA ARG A 127 9.94 -3.57 1.93
C ARG A 127 11.01 -4.63 2.17
N ALA A 128 12.13 -4.25 2.79
CA ALA A 128 13.17 -5.24 3.02
C ALA A 128 12.88 -6.11 4.23
N ASP A 129 11.98 -5.67 5.09
CA ASP A 129 11.63 -6.36 6.33
C ASP A 129 10.23 -6.93 6.24
N HIS A 130 9.78 -7.29 5.04
CA HIS A 130 8.43 -7.81 4.87
C HIS A 130 8.20 -9.17 5.50
N GLN A 131 9.24 -9.89 5.92
CA GLN A 131 9.01 -11.17 6.58
C GLN A 131 8.40 -11.02 7.98
N PRO A 132 8.88 -10.13 8.89
CA PRO A 132 8.08 -9.91 10.10
C PRO A 132 6.82 -9.10 9.88
N LEU A 133 6.72 -8.34 8.79
CA LEU A 133 5.45 -7.68 8.49
C LEU A 133 4.38 -8.66 8.07
N THR A 134 4.74 -9.73 7.40
CA THR A 134 3.77 -10.76 7.09
C THR A 134 3.52 -11.65 8.30
N GLU A 135 4.55 -11.91 9.10
CA GLU A 135 4.34 -12.71 10.29
C GLU A 135 3.68 -11.94 11.43
N ALA A 136 3.46 -10.64 11.29
CA ALA A 136 2.57 -9.89 12.19
C ALA A 136 1.10 -10.12 11.89
N SER A 137 0.75 -10.84 10.85
CA SER A 137 -0.64 -11.02 10.48
C SER A 137 -1.29 -12.23 11.10
N TYR A 138 -0.55 -13.10 11.80
CA TYR A 138 -1.14 -14.23 12.47
C TYR A 138 -1.21 -14.06 13.98
N VAL A 139 -0.58 -13.03 14.52
CA VAL A 139 -0.39 -12.87 15.96
C VAL A 139 -1.09 -11.63 16.48
N ASN A 140 -1.79 -10.89 15.60
CA ASN A 140 -2.55 -9.64 15.89
C ASN A 140 -1.64 -8.51 16.37
N LEU A 141 -0.54 -8.27 15.67
CA LEU A 141 0.35 -7.19 16.07
C LEU A 141 0.01 -5.94 15.30
N PRO A 142 -0.15 -4.78 15.93
CA PRO A 142 -0.06 -3.54 15.18
C PRO A 142 1.39 -3.29 14.87
N THR A 143 1.65 -2.63 13.76
CA THR A 143 3.01 -2.56 13.25
C THR A 143 3.35 -1.14 12.86
N ILE A 144 4.49 -0.65 13.29
CA ILE A 144 4.95 0.70 12.99
C ILE A 144 6.17 0.58 12.08
N ALA A 145 6.23 1.40 11.03
CA ALA A 145 7.26 1.27 10.03
C ALA A 145 7.80 2.62 9.60
N LEU A 146 9.11 2.74 9.52
CA LEU A 146 9.74 3.95 8.99
C LEU A 146 9.74 3.84 7.47
N CYS A 147 8.91 4.62 6.80
CA CYS A 147 8.56 4.34 5.42
C CYS A 147 9.14 5.38 4.47
N ASN A 148 9.78 4.91 3.41
CA ASN A 148 10.25 5.75 2.32
C ASN A 148 9.08 6.09 1.40
N THR A 149 9.34 6.92 0.38
CA THR A 149 8.25 7.25 -0.54
C THR A 149 7.94 6.14 -1.52
N ASP A 150 8.82 5.16 -1.69
CA ASP A 150 8.56 4.10 -2.64
C ASP A 150 8.29 2.77 -1.97
N SER A 151 7.84 2.80 -0.71
CA SER A 151 7.77 1.59 0.11
C SER A 151 6.34 1.16 0.31
N PRO A 152 6.02 -0.13 0.14
CA PRO A 152 4.63 -0.58 0.23
C PRO A 152 4.09 -0.56 1.66
N LEU A 153 2.83 -0.13 1.78
CA LEU A 153 2.16 0.02 3.05
C LEU A 153 1.24 -1.14 3.37
N ARG A 154 1.48 -2.31 2.80
CA ARG A 154 0.76 -3.51 3.24
C ARG A 154 1.19 -3.85 4.65
N TYR A 155 0.20 -4.08 5.52
CA TYR A 155 0.34 -4.65 6.85
C TYR A 155 1.10 -3.76 7.81
N VAL A 156 1.27 -2.48 7.53
CA VAL A 156 1.81 -1.58 8.53
C VAL A 156 0.68 -0.70 9.01
N ASP A 157 0.75 -0.33 10.27
CA ASP A 157 -0.31 0.47 10.82
C ASP A 157 0.05 1.94 10.95
N ILE A 158 1.29 2.26 11.28
CA ILE A 158 1.71 3.65 11.46
C ILE A 158 2.98 3.85 10.64
N ALA A 159 2.89 4.63 9.59
CA ALA A 159 3.98 4.82 8.65
C ALA A 159 4.65 6.14 8.98
N ILE A 160 5.92 6.10 9.36
CA ILE A 160 6.69 7.30 9.68
C ILE A 160 7.47 7.71 8.44
N PRO A 161 7.10 8.79 7.77
CA PRO A 161 7.74 9.12 6.50
C PRO A 161 9.12 9.72 6.66
N CYS A 162 10.11 9.13 5.99
CA CYS A 162 11.49 9.56 6.06
C CYS A 162 12.21 9.00 4.85
N ASN A 163 13.49 9.28 4.78
CA ASN A 163 14.42 8.61 3.88
C ASN A 163 15.08 7.52 4.72
N ASN A 164 14.62 6.29 4.60
CA ASN A 164 15.17 5.23 5.43
C ASN A 164 16.33 4.53 4.78
N LYS A 165 16.94 5.15 3.77
CA LYS A 165 17.97 4.55 2.95
C LYS A 165 19.35 4.87 3.48
N GLY A 166 19.59 6.10 3.85
CA GLY A 166 20.90 6.53 4.27
C GLY A 166 21.20 6.18 5.69
N ALA A 167 22.46 6.36 6.09
CA ALA A 167 22.83 6.02 7.45
C ALA A 167 22.34 7.07 8.43
N HIS A 168 22.50 8.34 8.06
CA HIS A 168 22.25 9.46 8.95
C HIS A 168 20.77 9.58 9.30
N SER A 169 19.90 9.42 8.30
CA SER A 169 18.49 9.64 8.54
C SER A 169 17.83 8.48 9.25
N VAL A 170 18.33 7.26 9.06
CA VAL A 170 17.87 6.13 9.85
C VAL A 170 18.26 6.31 11.32
N GLY A 171 19.54 6.63 11.57
CA GLY A 171 20.01 6.85 12.93
C GLY A 171 19.34 8.01 13.62
N LEU A 172 19.01 9.04 12.87
CA LEU A 172 18.26 10.18 13.41
C LEU A 172 16.82 9.81 13.73
N MET A 173 16.15 9.03 12.86
CA MET A 173 14.74 8.72 13.12
C MET A 173 14.57 7.79 14.30
N TRP A 174 15.49 6.85 14.50
CA TRP A 174 15.44 6.05 15.72
C TRP A 174 15.83 6.86 16.94
N TRP A 175 16.70 7.87 16.77
CA TRP A 175 17.02 8.77 17.88
C TRP A 175 15.84 9.64 18.29
N MET A 176 15.10 10.16 17.32
CA MET A 176 13.95 10.99 17.61
C MET A 176 12.82 10.19 18.21
N LEU A 177 12.70 8.92 17.83
CA LEU A 177 11.72 8.06 18.44
C LEU A 177 12.06 7.74 19.89
N ALA A 178 13.35 7.50 20.18
CA ALA A 178 13.79 7.28 21.56
C ALA A 178 13.60 8.52 22.41
N ARG A 179 13.86 9.68 21.83
CA ARG A 179 13.73 10.93 22.56
C ARG A 179 12.29 11.26 22.88
N GLU A 180 11.37 11.01 21.95
CA GLU A 180 9.96 11.30 22.22
C GLU A 180 9.35 10.32 23.20
N VAL A 181 9.78 9.05 23.18
CA VAL A 181 9.27 8.09 24.15
C VAL A 181 9.79 8.40 25.55
N LEU A 182 11.08 8.74 25.67
CA LEU A 182 11.61 9.03 26.99
C LEU A 182 11.19 10.39 27.52
N ARG A 183 10.79 11.33 26.67
CA ARG A 183 10.22 12.55 27.21
C ARG A 183 8.77 12.35 27.61
N MET A 184 8.00 11.60 26.82
CA MET A 184 6.58 11.39 27.10
C MET A 184 6.34 10.53 28.32
N ARG A 185 7.19 9.52 28.53
CA ARG A 185 6.98 8.61 29.64
C ARG A 185 7.35 9.28 30.96
N GLY A 186 8.24 10.24 30.92
CA GLY A 186 8.61 11.01 32.10
C GLY A 186 10.07 11.01 32.46
N THR A 187 10.97 10.43 31.65
CA THR A 187 12.35 10.33 32.09
C THR A 187 13.12 11.63 31.86
N ILE A 188 13.11 12.16 30.66
CA ILE A 188 13.83 13.41 30.39
C ILE A 188 12.82 14.54 30.46
N SER A 189 13.21 15.65 31.07
CA SER A 189 12.43 16.87 30.99
C SER A 189 12.43 17.41 29.57
N ARG A 190 11.41 18.19 29.24
CA ARG A 190 11.29 18.69 27.88
C ARG A 190 12.25 19.83 27.59
N GLU A 191 12.74 20.52 28.62
CA GLU A 191 13.44 21.77 28.38
C GLU A 191 14.93 21.62 28.11
N HIS A 192 15.56 20.56 28.60
CA HIS A 192 16.98 20.42 28.31
C HIS A 192 17.21 19.60 27.06
N PRO A 193 18.33 19.82 26.37
CA PRO A 193 18.75 18.89 25.34
C PRO A 193 19.12 17.55 25.96
N TRP A 194 18.77 16.49 25.23
CA TRP A 194 19.08 15.15 25.68
C TRP A 194 20.58 14.90 25.53
N GLU A 195 21.18 14.30 26.54
CA GLU A 195 22.63 14.21 26.61
C GLU A 195 23.24 13.17 25.67
N VAL A 196 22.45 12.45 24.88
CA VAL A 196 22.96 11.43 23.99
C VAL A 196 23.00 12.01 22.59
N MET A 197 24.13 11.91 21.96
CA MET A 197 24.32 12.41 20.61
C MET A 197 23.70 11.42 19.63
N PRO A 198 23.22 11.87 18.47
CA PRO A 198 22.77 10.92 17.45
C PRO A 198 23.86 10.11 16.81
N ASP A 199 25.13 10.48 16.97
CA ASP A 199 26.24 9.68 16.48
C ASP A 199 26.46 8.39 17.24
N LEU A 200 25.80 8.20 18.38
CA LEU A 200 25.80 6.90 19.02
C LEU A 200 24.92 5.92 18.27
N TYR A 201 23.96 6.42 17.50
CA TYR A 201 23.01 5.59 16.77
C TYR A 201 23.37 5.43 15.30
N PHE A 202 24.44 6.06 14.82
CA PHE A 202 24.75 5.98 13.40
C PHE A 202 25.48 4.69 13.08
N TYR A 203 25.49 4.37 11.80
CA TYR A 203 26.13 3.16 11.31
C TYR A 203 27.61 3.40 11.11
N ARG A 204 28.43 2.44 11.53
CA ARG A 204 29.88 2.51 11.38
C ARG A 204 30.34 1.49 10.36
N ASP A 205 30.74 1.97 9.18
CA ASP A 205 31.21 1.14 8.10
C ASP A 205 32.57 0.53 8.47
N PRO A 206 32.91 -0.64 7.91
CA PRO A 206 34.27 -1.17 8.09
C PRO A 206 35.35 -0.28 7.49
N GLU A 207 35.10 0.36 6.36
CA GLU A 207 36.05 1.35 5.85
C GLU A 207 36.06 2.60 6.71
N GLU A 208 34.92 2.95 7.31
CA GLU A 208 34.86 4.12 8.17
C GLU A 208 35.53 3.87 9.51
N ILE A 209 35.43 2.64 10.03
CA ILE A 209 36.13 2.38 11.28
C ILE A 209 37.63 2.18 11.04
N GLU A 210 38.03 1.68 9.85
CA GLU A 210 39.45 1.61 9.59
C GLU A 210 40.07 2.97 9.27
N LYS A 211 39.32 3.90 8.67
CA LYS A 211 39.89 5.25 8.53
C LYS A 211 39.89 6.00 9.86
N GLU A 212 38.98 5.66 10.78
CA GLU A 212 39.04 6.28 12.10
C GLU A 212 40.15 5.68 12.95
N GLU A 213 40.53 4.43 12.70
CA GLU A 213 41.56 3.82 13.54
C GLU A 213 42.97 4.24 13.12
N GLN A 214 43.19 4.52 11.85
CA GLN A 214 44.46 5.08 11.39
C GLN A 214 44.35 6.61 11.38
N ALA A 215 44.88 7.25 12.42
CA ALA A 215 44.83 8.70 12.52
C ALA A 215 46.11 9.33 11.99
N ALA A 216 46.02 10.62 11.67
CA ALA A 216 47.15 11.36 11.12
C ALA A 216 47.90 12.09 12.23
N ASP B 1 51.12 -23.57 -74.37
CA ASP B 1 51.00 -22.43 -73.47
C ASP B 1 50.17 -21.35 -74.12
N PRO B 2 48.95 -21.15 -73.64
CA PRO B 2 48.14 -20.00 -74.09
C PRO B 2 48.46 -18.70 -73.37
N PHE B 3 49.45 -18.69 -72.48
CA PHE B 3 49.88 -17.46 -71.83
C PHE B 3 51.12 -16.86 -72.46
N SER B 4 51.62 -17.45 -73.55
CA SER B 4 52.72 -16.85 -74.29
C SER B 4 52.26 -15.74 -75.22
N LYS B 5 50.99 -15.75 -75.63
CA LYS B 5 50.47 -14.80 -76.61
C LYS B 5 49.71 -13.67 -75.94
N LYS B 6 50.04 -13.37 -74.69
CA LYS B 6 49.37 -12.34 -73.93
C LYS B 6 50.34 -11.24 -73.58
N ASP B 7 50.05 -10.04 -74.06
CA ASP B 7 50.82 -8.87 -73.69
C ASP B 7 50.16 -8.19 -72.50
N TRP B 8 50.96 -7.49 -71.72
CA TRP B 8 50.49 -6.81 -70.53
C TRP B 8 50.32 -5.35 -70.87
N TYR B 9 49.09 -4.87 -70.85
CA TYR B 9 48.77 -3.47 -71.09
C TYR B 9 48.66 -2.76 -69.75
N ASP B 10 48.83 -1.44 -69.79
CA ASP B 10 48.69 -0.65 -68.58
C ASP B 10 47.37 0.11 -68.64
N VAL B 11 46.81 0.42 -67.47
CA VAL B 11 45.49 1.04 -67.35
C VAL B 11 45.65 2.38 -66.65
N LYS B 12 45.16 3.45 -67.28
CA LYS B 12 45.26 4.80 -66.74
C LYS B 12 43.90 5.30 -66.26
N ALA B 13 43.87 5.84 -65.05
CA ALA B 13 42.69 6.40 -64.41
C ALA B 13 42.36 7.76 -65.01
N PRO B 14 41.14 8.27 -64.81
CA PRO B 14 40.85 9.66 -65.18
C PRO B 14 41.50 10.65 -64.21
N ALA B 15 41.37 11.93 -64.53
CA ALA B 15 42.20 12.93 -63.88
C ALA B 15 41.74 13.33 -62.49
N MET B 16 40.56 12.88 -62.05
CA MET B 16 40.02 13.36 -60.79
C MET B 16 40.72 12.76 -59.58
N PHE B 17 41.45 11.67 -59.77
CA PHE B 17 42.14 10.96 -58.71
C PHE B 17 43.61 11.35 -58.70
N ASN B 18 44.26 11.12 -57.56
CA ASN B 18 45.67 11.42 -57.44
C ASN B 18 46.51 10.40 -58.19
N ILE B 19 46.21 9.12 -57.99
CA ILE B 19 46.98 8.01 -58.53
C ILE B 19 46.36 7.58 -59.83
N ARG B 20 47.15 7.52 -60.89
CA ARG B 20 46.64 7.20 -62.22
C ARG B 20 46.88 5.76 -62.64
N ASN B 21 48.02 5.17 -62.29
CA ASN B 21 48.32 3.82 -62.77
C ASN B 21 47.73 2.76 -61.84
N ILE B 22 46.57 2.22 -62.19
CA ILE B 22 45.84 1.36 -61.27
C ILE B 22 46.05 -0.13 -61.48
N GLY B 23 46.74 -0.56 -62.52
CA GLY B 23 47.00 -1.98 -62.67
C GLY B 23 47.12 -2.42 -64.11
N LYS B 24 47.35 -3.73 -64.26
CA LYS B 24 47.84 -4.34 -65.50
C LYS B 24 46.82 -5.36 -66.00
N THR B 25 46.49 -5.27 -67.28
CA THR B 25 45.53 -6.16 -67.92
C THR B 25 46.16 -6.92 -69.08
N LEU B 26 45.41 -7.88 -69.58
CA LEU B 26 45.89 -8.91 -70.50
C LEU B 26 44.97 -9.00 -71.71
N VAL B 27 45.54 -9.39 -72.85
CA VAL B 27 44.77 -9.64 -74.07
C VAL B 27 45.56 -10.62 -74.93
N THR B 28 44.87 -11.56 -75.56
CA THR B 28 45.55 -12.39 -76.53
C THR B 28 45.82 -11.57 -77.79
N ARG B 29 46.97 -11.82 -78.42
CA ARG B 29 47.45 -10.92 -79.45
C ARG B 29 46.74 -11.16 -80.78
N THR B 30 46.93 -10.22 -81.69
CA THR B 30 46.13 -10.16 -82.91
C THR B 30 46.66 -11.18 -83.94
N GLN B 31 45.86 -12.22 -84.18
CA GLN B 31 46.22 -13.36 -84.99
C GLN B 31 45.27 -13.58 -86.16
N GLY B 32 44.30 -12.71 -86.35
CA GLY B 32 43.16 -12.99 -87.18
C GLY B 32 42.28 -11.76 -87.23
N THR B 33 40.97 -11.97 -87.36
CA THR B 33 40.01 -10.88 -87.20
C THR B 33 39.96 -10.28 -85.80
N LYS B 34 40.46 -10.97 -84.77
CA LYS B 34 40.35 -10.48 -83.39
C LYS B 34 41.45 -9.48 -83.10
N ILE B 35 41.10 -8.19 -83.17
CA ILE B 35 42.02 -7.10 -82.87
C ILE B 35 42.11 -6.95 -81.37
N ALA B 36 43.28 -6.51 -80.90
CA ALA B 36 43.50 -6.35 -79.46
C ALA B 36 42.69 -5.22 -78.88
N SER B 37 42.70 -4.05 -79.52
CA SER B 37 42.09 -2.88 -78.89
C SER B 37 40.57 -2.87 -78.95
N ASP B 38 39.94 -3.68 -79.80
CA ASP B 38 38.51 -3.96 -79.58
C ASP B 38 38.32 -5.09 -78.61
N GLY B 39 39.29 -6.00 -78.52
CA GLY B 39 39.19 -7.14 -77.63
C GLY B 39 39.21 -6.74 -76.17
N LEU B 40 39.88 -5.64 -75.85
CA LEU B 40 39.53 -4.91 -74.64
C LEU B 40 39.02 -3.52 -75.05
N LYS B 41 37.69 -3.37 -75.12
CA LYS B 41 37.01 -2.11 -74.93
C LYS B 41 35.90 -2.22 -73.92
N GLY B 42 35.70 -3.38 -73.31
CA GLY B 42 34.59 -3.57 -72.42
C GLY B 42 34.96 -3.95 -71.01
N ARG B 43 36.22 -3.72 -70.63
CA ARG B 43 36.68 -4.10 -69.31
C ARG B 43 36.16 -3.10 -68.28
N VAL B 44 35.61 -3.63 -67.18
CA VAL B 44 35.10 -2.81 -66.08
C VAL B 44 35.81 -3.25 -64.80
N PHE B 45 36.39 -2.30 -64.08
CA PHE B 45 37.17 -2.55 -62.87
C PHE B 45 36.42 -2.00 -61.67
N GLU B 46 36.39 -2.75 -60.56
CA GLU B 46 35.80 -2.26 -59.31
C GLU B 46 36.95 -1.78 -58.44
N VAL B 47 37.23 -0.47 -58.48
CA VAL B 47 38.43 0.05 -57.83
C VAL B 47 38.00 0.95 -56.69
N SER B 48 38.56 0.69 -55.51
CA SER B 48 38.22 1.41 -54.30
C SER B 48 38.92 2.76 -54.25
N LEU B 49 38.38 3.66 -53.42
CA LEU B 49 38.89 5.01 -53.34
C LEU B 49 40.05 5.16 -52.39
N ALA B 50 40.31 4.17 -51.56
CA ALA B 50 41.61 4.09 -50.90
C ALA B 50 42.66 3.38 -51.77
N ASP B 51 42.35 3.06 -53.02
CA ASP B 51 43.37 2.71 -54.01
C ASP B 51 43.59 3.80 -55.03
N LEU B 52 42.57 4.58 -55.39
CA LEU B 52 42.77 5.64 -56.36
C LEU B 52 43.40 6.87 -55.74
N GLN B 53 43.23 7.05 -54.44
CA GLN B 53 43.98 8.01 -53.67
C GLN B 53 44.55 7.24 -52.50
N ASN B 54 45.44 7.86 -51.74
CA ASN B 54 46.09 7.18 -50.63
C ASN B 54 45.44 7.55 -49.30
N ASP B 55 44.16 7.91 -49.35
CA ASP B 55 43.31 8.13 -48.19
C ASP B 55 42.92 6.79 -47.54
N GLU B 56 42.21 6.88 -46.41
CA GLU B 56 41.76 5.70 -45.69
C GLU B 56 40.35 5.25 -46.06
N VAL B 57 39.63 6.03 -46.88
CA VAL B 57 38.21 5.79 -47.15
C VAL B 57 38.10 4.64 -48.14
N ALA B 58 37.70 3.49 -47.62
CA ALA B 58 37.75 2.25 -48.36
C ALA B 58 36.41 1.79 -48.83
N PHE B 59 35.33 2.41 -48.37
CA PHE B 59 34.01 1.83 -48.56
C PHE B 59 33.33 2.29 -49.84
N ARG B 60 33.98 3.11 -50.66
CA ARG B 60 33.33 3.78 -51.77
C ARG B 60 34.03 3.36 -53.05
N LYS B 61 33.44 2.45 -53.80
CA LYS B 61 34.14 1.79 -54.89
C LYS B 61 33.68 2.35 -56.23
N PHE B 62 34.60 2.42 -57.18
CA PHE B 62 34.36 3.06 -58.46
C PHE B 62 34.40 2.06 -59.60
N LYS B 63 33.55 2.24 -60.60
CA LYS B 63 33.61 1.47 -61.82
C LYS B 63 34.18 2.31 -62.95
N LEU B 64 35.23 1.82 -63.59
CA LEU B 64 35.99 2.56 -64.59
C LEU B 64 36.14 1.71 -65.85
N ILE B 65 35.56 2.16 -66.96
CA ILE B 65 35.49 1.34 -68.18
C ILE B 65 36.51 1.84 -69.21
N THR B 66 37.26 0.89 -69.79
CA THR B 66 38.27 1.18 -70.79
C THR B 66 37.62 1.55 -72.11
N GLU B 67 37.83 2.77 -72.59
CA GLU B 67 37.22 3.13 -73.85
C GLU B 67 38.19 3.18 -75.04
N ASP B 68 39.45 3.56 -74.82
CA ASP B 68 40.39 3.60 -75.93
C ASP B 68 41.76 3.26 -75.42
N VAL B 69 42.56 2.63 -76.27
CA VAL B 69 43.91 2.23 -75.91
C VAL B 69 44.88 2.95 -76.82
N GLN B 70 45.86 3.63 -76.24
CA GLN B 70 46.83 4.42 -77.00
C GLN B 70 48.24 4.05 -76.52
N GLY B 71 49.04 3.53 -77.43
CA GLY B 71 50.27 2.87 -77.05
C GLY B 71 49.99 1.53 -76.41
N LYS B 72 50.44 1.33 -75.18
CA LYS B 72 50.02 0.18 -74.38
C LYS B 72 49.15 0.62 -73.20
N ASN B 73 48.65 1.85 -73.25
CA ASN B 73 47.95 2.48 -72.13
C ASN B 73 46.45 2.37 -72.35
N CYS B 74 45.75 1.76 -71.40
CA CYS B 74 44.30 1.71 -71.45
C CYS B 74 43.77 2.97 -70.79
N LEU B 75 42.98 3.73 -71.53
CA LEU B 75 42.37 4.94 -71.04
C LEU B 75 40.97 4.62 -70.55
N THR B 76 40.72 4.93 -69.28
CA THR B 76 39.44 4.63 -68.66
C THR B 76 38.54 5.86 -68.59
N ASN B 77 37.25 5.58 -68.44
CA ASN B 77 36.23 6.59 -68.16
C ASN B 77 35.29 6.03 -67.12
N PHE B 78 34.63 6.93 -66.41
CA PHE B 78 33.87 6.60 -65.22
C PHE B 78 32.56 5.92 -65.60
N HIS B 79 32.26 4.79 -64.97
CA HIS B 79 31.11 3.96 -65.30
C HIS B 79 30.10 3.86 -64.18
N GLY B 80 30.48 4.14 -62.95
CA GLY B 80 29.53 4.07 -61.86
C GLY B 80 30.23 4.07 -60.52
N MET B 81 29.43 3.92 -59.47
CA MET B 81 29.93 3.95 -58.11
C MET B 81 29.06 3.06 -57.25
N ASP B 82 29.66 2.45 -56.21
CA ASP B 82 28.94 1.62 -55.25
C ASP B 82 29.52 1.83 -53.85
N LEU B 83 28.69 1.62 -52.84
CA LEU B 83 29.22 1.31 -51.54
C LEU B 83 29.52 -0.17 -51.47
N THR B 84 30.44 -0.55 -50.59
CA THR B 84 30.72 -1.97 -50.39
C THR B 84 29.61 -2.63 -49.59
N ARG B 85 29.68 -3.94 -49.48
CA ARG B 85 28.54 -4.63 -48.90
C ARG B 85 28.56 -4.56 -47.38
N ASP B 86 29.74 -4.47 -46.79
CA ASP B 86 29.81 -4.43 -45.34
C ASP B 86 29.57 -3.04 -44.78
N LYS B 87 29.85 -1.99 -45.55
CA LYS B 87 29.47 -0.66 -45.10
C LYS B 87 27.97 -0.47 -45.15
N MET B 88 27.33 -0.89 -46.23
CA MET B 88 25.90 -0.72 -46.38
C MET B 88 25.11 -1.67 -45.47
N CYS B 89 25.70 -2.78 -45.06
CA CYS B 89 25.02 -3.61 -44.07
C CYS B 89 25.47 -3.30 -42.65
N SER B 90 26.51 -2.47 -42.47
CA SER B 90 26.87 -2.01 -41.14
C SER B 90 25.93 -0.96 -40.60
N MET B 91 25.13 -0.35 -41.45
CA MET B 91 24.37 0.82 -41.08
C MET B 91 22.89 0.55 -40.89
N VAL B 92 22.40 -0.63 -41.24
CA VAL B 92 21.00 -0.97 -41.04
C VAL B 92 20.90 -1.66 -39.69
N LYS B 93 20.52 -0.90 -38.67
CA LYS B 93 20.29 -1.42 -37.33
C LYS B 93 18.81 -1.28 -37.05
N LYS B 94 18.37 -1.88 -35.97
CA LYS B 94 16.99 -1.66 -35.65
C LYS B 94 16.84 -0.35 -34.88
N TRP B 95 15.57 0.03 -34.70
CA TRP B 95 15.08 1.26 -34.06
C TRP B 95 15.50 2.53 -34.79
N GLN B 96 15.54 2.48 -36.13
CA GLN B 96 15.56 3.67 -36.96
C GLN B 96 15.00 3.37 -38.35
N THR B 97 14.21 4.30 -38.89
CA THR B 97 13.64 4.17 -40.22
C THR B 97 14.62 4.64 -41.26
N MET B 98 14.57 4.04 -42.43
CA MET B 98 15.57 4.25 -43.45
C MET B 98 14.90 4.87 -44.66
N ILE B 99 15.44 5.97 -45.16
CA ILE B 99 14.82 6.79 -46.18
C ILE B 99 15.65 6.71 -47.45
N GLU B 100 15.13 6.06 -48.49
CA GLU B 100 15.91 5.79 -49.70
C GLU B 100 15.19 6.32 -50.93
N ALA B 101 15.92 7.04 -51.78
CA ALA B 101 15.35 7.65 -52.97
C ALA B 101 16.30 7.50 -54.14
N HIS B 102 15.76 7.61 -55.35
CA HIS B 102 16.53 7.50 -56.57
C HIS B 102 16.04 8.53 -57.57
N VAL B 103 16.97 9.15 -58.32
CA VAL B 103 16.62 10.11 -59.36
C VAL B 103 17.40 9.69 -60.60
N ASP B 104 16.93 10.13 -61.76
CA ASP B 104 17.66 10.01 -63.02
C ASP B 104 17.94 11.42 -63.49
N VAL B 105 19.17 11.88 -63.33
CA VAL B 105 19.52 13.25 -63.66
C VAL B 105 20.51 13.24 -64.82
N LYS B 106 20.22 14.06 -65.83
CA LYS B 106 21.02 14.11 -67.04
C LYS B 106 22.01 15.26 -66.94
N THR B 107 23.29 14.95 -67.10
CA THR B 107 24.32 15.95 -66.97
C THR B 107 24.42 16.78 -68.24
N THR B 108 25.29 17.79 -68.21
CA THR B 108 25.41 18.74 -69.31
C THR B 108 26.29 18.25 -70.44
N ASP B 109 26.82 17.03 -70.36
CA ASP B 109 27.71 16.53 -71.40
C ASP B 109 27.05 15.43 -72.22
N GLY B 110 25.75 15.21 -72.00
CA GLY B 110 25.02 14.16 -72.66
C GLY B 110 24.88 12.90 -71.84
N TYR B 111 25.64 12.77 -70.77
CA TYR B 111 25.63 11.55 -69.98
C TYR B 111 24.40 11.55 -69.10
N LEU B 112 23.76 10.38 -68.99
CA LEU B 112 22.63 10.19 -68.10
C LEU B 112 23.11 9.41 -66.89
N LEU B 113 22.74 9.87 -65.71
CA LEU B 113 23.08 9.19 -64.47
C LEU B 113 21.81 8.67 -63.83
N ARG B 114 21.97 7.72 -62.91
CA ARG B 114 20.92 7.39 -61.95
C ARG B 114 21.56 7.33 -60.56
N LEU B 115 21.09 8.16 -59.65
CA LEU B 115 21.72 8.32 -58.35
C LEU B 115 20.83 7.74 -57.27
N PHE B 116 21.36 6.81 -56.49
CA PHE B 116 20.63 6.19 -55.39
C PHE B 116 21.14 6.78 -54.09
N CYS B 117 20.25 7.03 -53.14
CA CYS B 117 20.65 7.56 -51.85
C CYS B 117 20.21 6.65 -50.72
N VAL B 118 20.71 6.94 -49.52
CA VAL B 118 20.27 6.26 -48.30
C VAL B 118 20.34 7.29 -47.16
N GLY B 119 19.48 7.12 -46.16
CA GLY B 119 19.58 7.95 -44.98
C GLY B 119 18.83 7.30 -43.84
N PHE B 120 19.35 7.50 -42.64
CA PHE B 120 18.77 6.95 -41.43
C PHE B 120 18.57 8.08 -40.46
N THR B 121 17.70 7.88 -39.50
CA THR B 121 17.31 8.93 -38.57
C THR B 121 18.14 8.81 -37.31
N LYS B 122 18.75 9.91 -36.89
CA LYS B 122 19.69 9.90 -35.78
C LYS B 122 18.96 10.04 -34.47
N LYS B 123 19.33 9.22 -33.51
CA LYS B 123 18.75 9.37 -32.20
C LYS B 123 19.57 10.38 -31.39
N ARG B 124 18.88 11.12 -30.54
CA ARG B 124 19.44 12.26 -29.85
C ARG B 124 20.34 11.84 -28.69
N ASN B 125 21.13 12.78 -28.21
CA ASN B 125 22.07 12.48 -27.13
C ASN B 125 21.48 12.66 -25.75
N ASN B 126 20.40 13.43 -25.58
CA ASN B 126 19.69 13.46 -24.32
C ASN B 126 18.40 12.64 -24.36
N GLN B 127 18.28 11.74 -25.32
CA GLN B 127 17.06 10.96 -25.49
C GLN B 127 16.98 9.87 -24.43
N ILE B 128 15.76 9.53 -24.05
CA ILE B 128 15.49 8.39 -23.19
C ILE B 128 15.02 7.19 -23.99
N ARG B 129 14.09 7.41 -24.92
CA ARG B 129 13.30 6.34 -25.53
C ARG B 129 14.15 5.41 -26.38
N LYS B 130 13.67 4.21 -26.52
CA LYS B 130 14.37 3.20 -27.28
C LYS B 130 14.19 3.44 -28.76
N THR B 131 12.99 3.84 -29.15
CA THR B 131 12.63 3.94 -30.54
C THR B 131 12.62 5.38 -31.00
N SER B 132 13.11 5.58 -32.22
CA SER B 132 13.40 6.89 -32.78
C SER B 132 12.66 7.17 -34.09
N TYR B 133 11.50 6.54 -34.31
CA TYR B 133 10.91 6.48 -35.65
C TYR B 133 10.32 7.79 -36.12
N ALA B 134 10.28 7.97 -37.43
CA ALA B 134 9.65 9.10 -38.09
C ALA B 134 8.22 8.76 -38.49
N GLN B 135 7.40 9.78 -38.64
CA GLN B 135 6.08 9.60 -39.24
C GLN B 135 6.21 9.53 -40.75
N HIS B 136 5.09 9.28 -41.44
CA HIS B 136 5.17 9.07 -42.87
C HIS B 136 5.30 10.37 -43.65
N GLN B 137 4.79 11.46 -43.11
CA GLN B 137 4.99 12.73 -43.80
C GLN B 137 6.42 13.21 -43.67
N GLN B 138 7.09 12.85 -42.58
CA GLN B 138 8.49 13.19 -42.43
C GLN B 138 9.36 12.41 -43.41
N VAL B 139 9.06 11.13 -43.61
CA VAL B 139 9.82 10.33 -44.58
C VAL B 139 9.52 10.80 -46.00
N ARG B 140 8.29 11.21 -46.28
CA ARG B 140 7.94 11.69 -47.61
C ARG B 140 8.61 13.02 -47.95
N GLN B 141 8.66 13.97 -47.02
CA GLN B 141 9.28 15.22 -47.41
C GLN B 141 10.80 15.25 -47.20
N ILE B 142 11.36 14.33 -46.40
CA ILE B 142 12.82 14.16 -46.41
C ILE B 142 13.26 13.51 -47.73
N ARG B 143 12.47 12.56 -48.23
CA ARG B 143 12.73 11.98 -49.54
C ARG B 143 12.54 12.99 -50.66
N LYS B 144 11.61 13.93 -50.49
CA LYS B 144 11.43 14.98 -51.49
C LYS B 144 12.63 15.94 -51.53
N LYS B 145 13.17 16.30 -50.35
CA LYS B 145 14.39 17.11 -50.30
C LYS B 145 15.58 16.37 -50.87
N MET B 146 15.64 15.06 -50.66
CA MET B 146 16.72 14.20 -51.12
C MET B 146 16.76 14.14 -52.65
N MET B 147 15.61 13.89 -53.28
CA MET B 147 15.54 13.91 -54.74
C MET B 147 15.75 15.31 -55.31
N GLU B 148 15.33 16.36 -54.59
CA GLU B 148 15.50 17.72 -55.10
C GLU B 148 16.95 18.15 -55.12
N ILE B 149 17.69 17.87 -54.04
CA ILE B 149 19.12 18.17 -53.98
C ILE B 149 19.89 17.32 -54.97
N MET B 150 19.55 16.04 -55.10
CA MET B 150 20.29 15.19 -56.01
C MET B 150 19.95 15.40 -57.48
N THR B 151 18.88 16.13 -57.82
CA THR B 151 18.85 16.57 -59.20
C THR B 151 19.37 17.98 -59.41
N ARG B 152 19.31 18.84 -58.38
CA ARG B 152 19.73 20.23 -58.53
C ARG B 152 21.25 20.37 -58.50
N GLU B 153 21.94 19.58 -57.69
CA GLU B 153 23.38 19.66 -57.58
C GLU B 153 24.11 18.73 -58.52
N VAL B 154 23.41 18.05 -59.41
CA VAL B 154 24.03 17.32 -60.50
C VAL B 154 23.58 17.84 -61.86
N GLN B 155 22.49 18.63 -61.92
CA GLN B 155 21.80 18.94 -63.16
C GLN B 155 22.59 19.83 -64.11
N THR B 156 23.23 20.87 -63.59
CA THR B 156 23.90 21.87 -64.43
C THR B 156 25.43 21.79 -64.27
N ASN B 157 25.95 20.58 -64.08
CA ASN B 157 27.38 20.36 -64.02
C ASN B 157 27.85 19.41 -65.13
N ASP B 158 29.13 19.50 -65.46
CA ASP B 158 29.78 18.52 -66.33
C ASP B 158 30.18 17.29 -65.52
N LEU B 159 30.70 16.27 -66.21
CA LEU B 159 30.93 14.99 -65.55
C LEU B 159 32.09 15.04 -64.58
N LYS B 160 33.12 15.84 -64.89
CA LYS B 160 34.33 15.89 -64.08
C LYS B 160 34.07 16.50 -62.72
N GLU B 161 33.20 17.51 -62.67
CA GLU B 161 32.81 18.05 -61.38
C GLU B 161 31.84 17.15 -60.64
N VAL B 162 31.10 16.27 -61.35
CA VAL B 162 30.23 15.33 -60.66
C VAL B 162 31.04 14.27 -59.94
N VAL B 163 32.08 13.75 -60.61
CA VAL B 163 32.96 12.81 -59.93
C VAL B 163 33.82 13.52 -58.89
N ASN B 164 34.08 14.82 -59.07
CA ASN B 164 34.73 15.60 -58.01
C ASN B 164 33.82 15.80 -56.80
N LYS B 165 32.50 15.85 -57.01
CA LYS B 165 31.59 15.92 -55.87
C LYS B 165 31.49 14.57 -55.19
N LEU B 166 31.58 13.49 -55.96
CA LEU B 166 31.28 12.17 -55.43
C LEU B 166 32.40 11.59 -54.57
N ILE B 167 33.61 12.13 -54.66
CA ILE B 167 34.73 11.63 -53.87
C ILE B 167 34.61 12.00 -52.38
N PRO B 168 34.40 13.26 -51.94
CA PRO B 168 34.14 13.44 -50.50
C PRO B 168 32.70 13.29 -50.06
N ASP B 169 31.74 13.12 -50.99
CA ASP B 169 30.29 13.20 -50.76
C ASP B 169 29.86 14.49 -50.08
N SER B 170 30.09 15.60 -50.79
CA SER B 170 29.46 16.87 -50.43
C SER B 170 27.93 16.82 -50.49
N ILE B 171 27.37 15.96 -51.35
CA ILE B 171 25.92 15.82 -51.47
C ILE B 171 25.33 15.24 -50.19
N GLY B 172 26.03 14.30 -49.54
CA GLY B 172 25.54 13.72 -48.30
C GLY B 172 25.53 14.69 -47.15
N LYS B 173 26.55 15.55 -47.06
CA LYS B 173 26.57 16.56 -46.01
C LYS B 173 25.54 17.65 -46.29
N ASP B 174 25.32 17.98 -47.56
CA ASP B 174 24.33 18.98 -47.91
C ASP B 174 22.91 18.52 -47.60
N ILE B 175 22.64 17.24 -47.86
CA ILE B 175 21.34 16.63 -47.55
C ILE B 175 21.12 16.59 -46.04
N GLU B 176 22.17 16.23 -45.29
CA GLU B 176 22.08 16.13 -43.84
C GLU B 176 21.92 17.49 -43.16
N LYS B 177 22.49 18.55 -43.73
CA LYS B 177 22.25 19.88 -43.16
C LYS B 177 20.88 20.42 -43.54
N ALA B 178 20.45 20.16 -44.77
CA ALA B 178 19.18 20.71 -45.23
C ALA B 178 17.99 19.99 -44.64
N CYS B 179 18.14 18.73 -44.25
CA CYS B 179 17.02 17.94 -43.77
C CYS B 179 16.87 17.93 -42.27
N GLN B 180 17.54 18.81 -41.55
CA GLN B 180 17.51 18.70 -40.11
C GLN B 180 16.34 19.40 -39.46
N SER B 181 15.55 20.16 -40.20
CA SER B 181 14.35 20.72 -39.61
C SER B 181 13.18 19.77 -39.64
N ILE B 182 13.28 18.65 -40.33
CA ILE B 182 12.22 17.69 -40.39
C ILE B 182 12.45 16.55 -39.44
N TYR B 183 13.61 15.90 -39.55
CA TYR B 183 14.03 14.91 -38.57
C TYR B 183 15.53 14.88 -38.66
N PRO B 184 16.27 14.87 -37.54
CA PRO B 184 17.74 14.91 -37.61
C PRO B 184 18.29 13.61 -38.16
N LEU B 185 18.98 13.69 -39.28
CA LEU B 185 19.42 12.45 -39.89
C LEU B 185 20.78 12.02 -39.36
N HIS B 186 21.13 10.82 -39.76
CA HIS B 186 22.27 9.98 -39.42
C HIS B 186 22.84 9.76 -40.80
N ASP B 187 23.99 9.06 -40.90
CA ASP B 187 24.87 9.08 -42.08
C ASP B 187 24.21 8.82 -43.43
N VAL B 188 24.31 9.83 -44.30
CA VAL B 188 23.56 9.91 -45.55
C VAL B 188 24.56 9.81 -46.68
N PHE B 189 24.38 8.81 -47.52
CA PHE B 189 25.33 8.50 -48.55
C PHE B 189 24.59 8.50 -49.86
N VAL B 190 25.27 8.88 -50.92
CA VAL B 190 24.85 8.46 -52.25
C VAL B 190 25.39 7.05 -52.43
N ARG B 191 24.50 6.06 -52.41
CA ARG B 191 24.94 4.67 -52.37
C ARG B 191 25.45 4.20 -53.71
N LYS B 192 24.71 4.45 -54.78
CA LYS B 192 25.03 3.82 -56.04
C LYS B 192 24.72 4.79 -57.15
N VAL B 193 25.67 4.98 -58.05
CA VAL B 193 25.51 5.80 -59.23
C VAL B 193 25.57 4.87 -60.42
N LYS B 194 24.55 4.87 -61.25
CA LYS B 194 24.56 4.08 -62.47
C LYS B 194 24.73 5.01 -63.65
N MET B 195 25.35 4.51 -64.70
CA MET B 195 25.49 5.24 -65.96
C MET B 195 24.62 4.56 -67.00
N LEU B 196 23.48 5.18 -67.33
CA LEU B 196 22.47 4.44 -68.08
C LEU B 196 22.73 4.46 -69.57
N LYS B 197 22.94 5.63 -70.14
CA LYS B 197 23.30 5.75 -71.55
C LYS B 197 24.51 6.64 -71.64
N LYS B 198 25.42 6.29 -72.49
CA LYS B 198 26.50 7.22 -72.71
C LYS B 198 26.41 7.77 -74.12
N PRO B 199 26.82 9.03 -74.33
CA PRO B 199 26.87 9.57 -75.70
C PRO B 199 27.99 8.99 -76.55
N LYS B 200 28.09 9.46 -77.80
CA LYS B 200 29.09 8.98 -78.75
C LYS B 200 30.51 9.23 -78.26
N PHE B 201 31.35 8.23 -78.45
CA PHE B 201 32.72 8.36 -78.00
C PHE B 201 33.52 9.07 -79.08
N GLU B 202 34.13 10.17 -78.68
CA GLU B 202 35.10 10.88 -79.49
C GLU B 202 36.30 11.11 -78.60
N LEU B 203 37.49 11.16 -79.23
CA LEU B 203 38.72 11.05 -78.46
C LEU B 203 39.14 12.35 -77.79
N GLY B 204 38.63 13.49 -78.24
CA GLY B 204 39.06 14.75 -77.67
C GLY B 204 38.59 14.97 -76.24
N LYS B 205 37.38 14.50 -75.92
CA LYS B 205 36.82 14.67 -74.58
C LYS B 205 37.53 13.79 -73.57
N LEU B 206 37.89 12.57 -73.94
CA LEU B 206 38.68 11.76 -73.04
C LEU B 206 40.13 12.23 -72.97
N MET B 207 40.70 12.74 -74.07
CA MET B 207 42.08 13.20 -74.05
C MET B 207 42.24 14.51 -73.28
N GLU B 208 41.18 15.31 -73.18
CA GLU B 208 41.18 16.40 -72.21
C GLU B 208 40.71 15.95 -70.83
N LEU B 209 40.07 14.78 -70.73
CA LEU B 209 39.57 14.32 -69.44
C LEU B 209 40.69 13.71 -68.61
N HIS B 210 41.81 13.36 -69.23
CA HIS B 210 42.99 12.89 -68.50
C HIS B 210 43.91 14.02 -68.08
N GLY B 211 43.75 15.22 -68.63
CA GLY B 211 44.57 16.36 -68.24
C GLY B 211 45.38 17.01 -69.34
N TRP C 1 1.02 -30.06 32.96
CA TRP C 1 0.77 -29.07 31.91
C TRP C 1 1.46 -27.76 32.20
N MET C 2 2.65 -27.59 31.63
CA MET C 2 3.34 -26.31 31.71
C MET C 2 3.04 -25.51 30.47
N PRO C 3 2.43 -24.34 30.59
CA PRO C 3 2.08 -23.55 29.40
C PRO C 3 3.30 -22.89 28.78
N VAL C 4 3.20 -22.65 27.49
CA VAL C 4 4.29 -22.01 26.74
C VAL C 4 3.88 -20.66 26.19
N THR C 5 2.59 -20.35 26.09
CA THR C 5 2.12 -19.13 25.45
C THR C 5 1.82 -18.11 26.53
N LYS C 6 1.63 -16.84 26.15
CA LYS C 6 1.16 -15.85 27.11
C LYS C 6 -0.28 -16.10 27.49
N LEU C 7 -1.08 -16.56 26.52
CA LEU C 7 -2.46 -16.95 26.77
C LEU C 7 -2.55 -18.17 27.69
N GLY C 8 -1.58 -19.08 27.60
CA GLY C 8 -1.59 -20.25 28.45
C GLY C 8 -1.31 -19.92 29.90
N ARG C 9 -0.41 -18.98 30.15
CA ARG C 9 -0.20 -18.54 31.52
C ARG C 9 -1.34 -17.67 32.00
N LEU C 10 -2.13 -17.09 31.10
CA LEU C 10 -3.34 -16.46 31.60
C LEU C 10 -4.47 -17.45 31.83
N VAL C 11 -4.43 -18.63 31.21
CA VAL C 11 -5.52 -19.60 31.33
C VAL C 11 -5.24 -20.67 32.38
N LYS C 12 -4.02 -21.21 32.51
CA LYS C 12 -3.70 -22.00 33.70
C LYS C 12 -3.21 -21.12 34.84
N ASP C 13 -4.11 -20.22 35.24
CA ASP C 13 -4.31 -19.38 36.40
C ASP C 13 -5.69 -18.83 36.13
N MET C 14 -6.41 -18.41 37.17
CA MET C 14 -7.78 -17.96 36.93
C MET C 14 -7.82 -16.49 36.51
N LYS C 15 -7.21 -16.18 35.36
CA LYS C 15 -7.21 -14.81 34.85
C LYS C 15 -8.14 -14.61 33.66
N ILE C 16 -8.32 -15.61 32.82
CA ILE C 16 -9.37 -15.58 31.81
C ILE C 16 -10.47 -16.53 32.28
N LYS C 17 -11.68 -16.01 32.42
CA LYS C 17 -12.73 -16.69 33.13
C LYS C 17 -13.76 -17.36 32.22
N SER C 18 -13.73 -17.07 30.92
CA SER C 18 -14.60 -17.74 29.95
C SER C 18 -13.91 -17.75 28.60
N LEU C 19 -14.41 -18.61 27.71
CA LEU C 19 -13.77 -18.79 26.42
C LEU C 19 -14.06 -17.64 25.47
N GLU C 20 -15.14 -16.90 25.69
CA GLU C 20 -15.49 -15.82 24.80
C GLU C 20 -14.66 -14.57 24.99
N GLU C 21 -13.87 -14.47 26.06
CA GLU C 21 -12.87 -13.41 26.08
C GLU C 21 -11.72 -13.72 25.15
N ILE C 22 -11.43 -15.00 24.95
CA ILE C 22 -10.41 -15.40 23.99
C ILE C 22 -10.95 -15.30 22.57
N TYR C 23 -12.23 -15.62 22.37
CA TYR C 23 -12.80 -15.44 21.04
C TYR C 23 -13.07 -13.99 20.75
N LEU C 24 -13.34 -13.21 21.78
CA LEU C 24 -13.80 -11.85 21.61
C LEU C 24 -12.71 -10.94 21.11
N PHE C 25 -11.45 -11.24 21.40
CA PHE C 25 -10.34 -10.43 20.94
C PHE C 25 -9.59 -11.08 19.81
N SER C 26 -10.07 -12.23 19.32
CA SER C 26 -9.49 -13.03 18.24
C SER C 26 -8.06 -13.47 18.54
N LEU C 27 -7.78 -13.75 19.82
CA LEU C 27 -6.47 -14.22 20.24
C LEU C 27 -6.25 -15.63 19.73
N PRO C 28 -5.12 -15.91 19.07
CA PRO C 28 -4.96 -17.20 18.38
C PRO C 28 -4.67 -18.33 19.35
N ILE C 29 -5.50 -19.36 19.30
CA ILE C 29 -5.37 -20.47 20.24
C ILE C 29 -4.39 -21.48 19.66
N LYS C 30 -3.30 -21.73 20.38
CA LYS C 30 -2.23 -22.59 19.89
C LYS C 30 -1.89 -23.77 20.78
N GLU C 31 -2.61 -24.03 21.87
CA GLU C 31 -2.42 -25.30 22.57
C GLU C 31 -3.75 -25.86 23.07
N SER C 32 -3.91 -27.16 22.91
CA SER C 32 -5.21 -27.80 22.96
C SER C 32 -5.69 -28.15 24.35
N GLU C 33 -4.95 -27.83 25.40
CA GLU C 33 -5.49 -28.07 26.73
C GLU C 33 -6.30 -26.90 27.25
N ILE C 34 -6.38 -25.81 26.49
CA ILE C 34 -7.28 -24.72 26.84
C ILE C 34 -8.71 -25.11 26.56
N ILE C 35 -8.94 -25.84 25.48
CA ILE C 35 -10.27 -26.31 25.15
C ILE C 35 -10.69 -27.46 26.07
N ASP C 36 -9.73 -28.27 26.51
CA ASP C 36 -10.03 -29.26 27.55
C ASP C 36 -10.26 -28.59 28.91
N PHE C 37 -9.68 -27.42 29.12
CA PHE C 37 -9.89 -26.68 30.35
C PHE C 37 -11.28 -26.06 30.39
N PHE C 38 -11.72 -25.46 29.29
CA PHE C 38 -12.94 -24.68 29.38
C PHE C 38 -14.20 -25.49 29.14
N LEU C 39 -14.18 -26.40 28.18
CA LEU C 39 -15.41 -27.09 27.81
C LEU C 39 -15.61 -28.37 28.60
N GLY C 40 -14.52 -29.11 28.86
CA GLY C 40 -14.51 -30.16 29.85
C GLY C 40 -15.39 -31.36 29.61
N ALA C 41 -16.40 -31.50 30.47
CA ALA C 41 -17.31 -32.64 30.50
C ALA C 41 -18.22 -32.73 29.29
N SER C 42 -18.36 -31.66 28.50
CA SER C 42 -19.31 -31.60 27.41
C SER C 42 -18.71 -31.80 26.03
N LEU C 43 -17.50 -32.31 25.91
CA LEU C 43 -16.89 -32.49 24.59
C LEU C 43 -17.05 -33.93 24.14
N LYS C 44 -17.86 -34.11 23.10
CA LYS C 44 -18.01 -35.40 22.44
C LYS C 44 -17.60 -35.23 20.98
N ASP C 45 -16.77 -36.13 20.49
CA ASP C 45 -16.33 -36.15 19.11
C ASP C 45 -16.97 -37.30 18.37
N GLU C 46 -16.92 -37.26 17.04
CA GLU C 46 -17.30 -38.40 16.19
C GLU C 46 -16.47 -38.36 14.92
N VAL C 47 -15.90 -39.48 14.56
CA VAL C 47 -14.97 -39.55 13.44
C VAL C 47 -15.75 -39.68 12.14
N LEU C 48 -15.45 -38.80 11.18
CA LEU C 48 -16.26 -38.73 9.98
C LEU C 48 -15.82 -39.66 8.87
N LYS C 49 -14.52 -39.76 8.60
CA LYS C 49 -14.03 -40.67 7.56
C LYS C 49 -12.58 -40.99 7.84
N ILE C 50 -12.15 -42.17 7.38
CA ILE C 50 -10.74 -42.57 7.41
C ILE C 50 -10.42 -42.99 5.99
N MET C 51 -9.76 -42.13 5.24
CA MET C 51 -9.54 -42.49 3.86
C MET C 51 -8.08 -42.78 3.60
N PRO C 52 -7.77 -43.83 2.84
CA PRO C 52 -6.39 -44.05 2.44
C PRO C 52 -6.01 -43.20 1.24
N VAL C 53 -4.89 -42.49 1.34
CA VAL C 53 -4.31 -41.76 0.24
C VAL C 53 -2.91 -42.31 -0.02
N GLN C 54 -2.53 -42.40 -1.29
CA GLN C 54 -1.38 -43.20 -1.68
C GLN C 54 -0.46 -42.42 -2.60
N LYS C 55 0.83 -42.49 -2.34
CA LYS C 55 1.85 -41.78 -3.10
C LYS C 55 2.68 -42.80 -3.86
N GLN C 56 2.79 -42.64 -5.17
CA GLN C 56 3.55 -43.56 -5.99
C GLN C 56 5.03 -43.21 -5.93
N THR C 57 5.85 -44.23 -5.73
CA THR C 57 7.31 -44.12 -5.78
C THR C 57 7.82 -45.34 -6.55
N ARG C 58 9.15 -45.44 -6.72
CA ARG C 58 9.75 -46.68 -7.19
C ARG C 58 9.82 -47.75 -6.09
N ALA C 59 9.40 -47.41 -4.87
CA ALA C 59 9.29 -48.35 -3.78
C ALA C 59 7.87 -48.89 -3.66
N GLY C 60 7.05 -48.74 -4.71
CA GLY C 60 5.70 -49.26 -4.68
C GLY C 60 4.75 -48.10 -4.53
N GLN C 61 3.73 -48.27 -3.71
CA GLN C 61 2.96 -47.16 -3.17
C GLN C 61 3.32 -46.97 -1.70
N ARG C 62 3.15 -45.74 -1.23
CA ARG C 62 3.40 -45.40 0.16
C ARG C 62 2.10 -44.84 0.71
N THR C 63 1.40 -45.62 1.50
CA THR C 63 0.00 -45.36 1.81
C THR C 63 -0.10 -44.62 3.13
N ARG C 64 -0.92 -43.57 3.17
CA ARG C 64 -1.21 -42.85 4.38
C ARG C 64 -2.67 -43.07 4.73
N PHE C 65 -3.05 -42.64 5.93
CA PHE C 65 -4.45 -42.64 6.33
C PHE C 65 -4.83 -41.24 6.76
N LYS C 66 -5.90 -40.72 6.19
CA LYS C 66 -6.30 -39.33 6.37
C LYS C 66 -7.63 -39.32 7.09
N ALA C 67 -7.65 -38.80 8.31
CA ALA C 67 -8.81 -38.83 9.17
C ALA C 67 -9.48 -37.47 9.27
N PHE C 68 -10.80 -37.47 9.33
CA PHE C 68 -11.59 -36.29 9.63
C PHE C 68 -12.29 -36.50 10.96
N VAL C 69 -12.34 -35.47 11.78
CA VAL C 69 -12.93 -35.54 13.11
C VAL C 69 -13.72 -34.27 13.32
N ALA C 70 -14.98 -34.39 13.75
CA ALA C 70 -15.75 -33.28 14.26
C ALA C 70 -15.77 -33.33 15.77
N ILE C 71 -15.96 -32.19 16.43
CA ILE C 71 -16.05 -32.15 17.88
C ILE C 71 -17.09 -31.10 18.26
N GLY C 72 -17.69 -31.25 19.45
CA GLY C 72 -18.50 -30.14 19.91
C GLY C 72 -19.29 -30.17 21.21
N ASP C 73 -19.48 -28.99 21.80
CA ASP C 73 -20.31 -28.76 22.98
C ASP C 73 -21.63 -28.19 22.55
N TYR C 74 -22.74 -28.88 22.82
CA TYR C 74 -23.92 -28.52 22.07
C TYR C 74 -24.71 -27.38 22.71
N ASN C 75 -24.13 -26.22 23.05
CA ASN C 75 -24.80 -24.96 22.76
C ASN C 75 -24.21 -24.13 21.64
N GLY C 76 -22.90 -23.97 21.65
CA GLY C 76 -22.28 -23.03 20.74
C GLY C 76 -21.12 -23.45 19.87
N HIS C 77 -20.59 -24.64 20.04
CA HIS C 77 -19.18 -24.83 19.76
C HIS C 77 -18.96 -26.00 18.81
N VAL C 78 -18.16 -25.77 17.79
CA VAL C 78 -18.01 -26.74 16.71
C VAL C 78 -16.59 -26.64 16.18
N GLY C 79 -15.96 -27.77 15.95
CA GLY C 79 -14.65 -27.77 15.32
C GLY C 79 -14.54 -28.94 14.38
N LEU C 80 -13.64 -28.80 13.41
CA LEU C 80 -13.35 -29.86 12.47
C LEU C 80 -11.87 -29.83 12.18
N GLY C 81 -11.19 -30.93 12.36
CA GLY C 81 -9.76 -31.00 12.12
C GLY C 81 -9.39 -32.18 11.25
N VAL C 82 -8.48 -31.93 10.32
CA VAL C 82 -8.00 -32.95 9.38
C VAL C 82 -6.52 -33.17 9.63
N LYS C 83 -6.14 -34.41 9.87
CA LYS C 83 -4.75 -34.75 10.15
C LYS C 83 -4.42 -36.07 9.49
N CYS C 84 -3.42 -36.06 8.61
CA CYS C 84 -3.11 -37.19 7.77
C CYS C 84 -1.76 -37.78 8.20
N SER C 85 -1.76 -39.01 8.70
CA SER C 85 -0.54 -39.63 9.17
C SER C 85 -0.53 -41.12 8.86
N LYS C 86 0.61 -41.76 9.10
CA LYS C 86 0.88 -43.08 8.54
C LYS C 86 0.13 -44.21 9.23
N GLU C 87 -0.20 -44.07 10.51
CA GLU C 87 -0.99 -45.09 11.21
C GLU C 87 -2.32 -44.46 11.60
N VAL C 88 -3.35 -45.30 11.71
CA VAL C 88 -4.71 -44.81 11.76
C VAL C 88 -5.03 -44.17 13.11
N ALA C 89 -4.50 -44.74 14.19
CA ALA C 89 -4.70 -44.16 15.52
C ALA C 89 -3.95 -42.86 15.68
N THR C 90 -2.82 -42.72 14.97
CA THR C 90 -2.08 -41.46 14.95
C THR C 90 -2.86 -40.36 14.23
N ALA C 91 -3.55 -40.72 13.13
CA ALA C 91 -4.34 -39.76 12.39
C ALA C 91 -5.57 -39.33 13.16
N ILE C 92 -6.20 -40.27 13.89
CA ILE C 92 -7.36 -39.92 14.69
C ILE C 92 -6.97 -39.04 15.88
N ARG C 93 -5.83 -39.31 16.51
CA ARG C 93 -5.39 -38.51 17.66
C ARG C 93 -4.99 -37.10 17.25
N GLY C 94 -4.26 -36.96 16.13
CA GLY C 94 -3.91 -35.64 15.64
C GLY C 94 -5.10 -34.85 15.14
N ALA C 95 -6.10 -35.54 14.59
CA ALA C 95 -7.31 -34.86 14.17
C ALA C 95 -8.14 -34.39 15.34
N ILE C 96 -8.09 -35.10 16.48
CA ILE C 96 -8.81 -34.64 17.66
C ILE C 96 -8.14 -33.39 18.26
N ILE C 97 -6.80 -33.35 18.23
CA ILE C 97 -6.06 -32.15 18.69
C ILE C 97 -6.33 -30.95 17.80
N LEU C 98 -6.29 -31.15 16.47
CA LEU C 98 -6.59 -30.07 15.54
C LEU C 98 -8.05 -29.68 15.56
N ALA C 99 -8.95 -30.61 15.89
CA ALA C 99 -10.35 -30.27 16.00
C ALA C 99 -10.62 -29.43 17.24
N LYS C 100 -9.85 -29.63 18.29
CA LYS C 100 -10.00 -28.74 19.43
C LYS C 100 -9.43 -27.36 19.14
N LEU C 101 -8.39 -27.29 18.32
CA LEU C 101 -7.80 -25.97 18.06
C LEU C 101 -8.62 -25.11 17.11
N SER C 102 -9.64 -25.65 16.45
CA SER C 102 -10.42 -24.92 15.47
C SER C 102 -11.85 -24.67 15.92
N ILE C 103 -12.10 -24.63 17.22
CA ILE C 103 -13.46 -24.46 17.69
C ILE C 103 -13.85 -22.99 17.54
N VAL C 104 -14.97 -22.74 16.90
CA VAL C 104 -15.53 -21.39 16.79
C VAL C 104 -16.90 -21.32 17.44
N PRO C 105 -17.33 -20.18 17.95
CA PRO C 105 -18.69 -20.08 18.48
C PRO C 105 -19.70 -19.84 17.38
N VAL C 106 -20.89 -20.42 17.56
CA VAL C 106 -22.00 -20.26 16.63
C VAL C 106 -22.97 -19.26 17.21
N ARG C 107 -23.29 -18.20 16.47
CA ARG C 107 -24.41 -17.34 16.83
C ARG C 107 -25.69 -17.98 16.39
N ARG C 108 -26.57 -18.31 17.33
CA ARG C 108 -27.86 -18.89 16.98
C ARG C 108 -28.93 -17.85 17.19
N GLY C 109 -29.94 -17.91 16.33
CA GLY C 109 -30.91 -16.87 16.25
C GLY C 109 -32.29 -17.48 16.22
N TYR C 110 -33.27 -16.71 15.78
CA TYR C 110 -34.65 -17.12 15.90
C TYR C 110 -35.31 -17.21 14.53
N TRP C 111 -36.43 -17.92 14.48
CA TRP C 111 -37.47 -17.74 13.48
C TRP C 111 -38.34 -16.56 13.92
N GLY C 112 -39.41 -16.21 13.20
CA GLY C 112 -40.27 -15.12 13.66
C GLY C 112 -40.96 -15.38 15.00
N ASN C 113 -41.53 -14.30 15.59
CA ASN C 113 -42.21 -14.29 16.89
C ASN C 113 -41.35 -14.84 18.04
N LYS C 114 -40.23 -14.17 18.28
CA LYS C 114 -39.08 -14.75 18.96
C LYS C 114 -39.27 -14.77 20.48
N ILE C 115 -40.00 -15.78 20.94
CA ILE C 115 -40.09 -16.14 22.34
C ILE C 115 -39.05 -17.23 22.62
N GLY C 116 -38.48 -17.22 23.82
CA GLY C 116 -37.72 -18.37 24.25
C GLY C 116 -36.23 -18.32 24.05
N LYS C 117 -35.65 -19.44 23.61
CA LYS C 117 -34.23 -19.70 23.37
C LYS C 117 -33.95 -19.88 21.87
N PRO C 118 -32.77 -19.48 21.39
CA PRO C 118 -32.55 -19.47 19.94
C PRO C 118 -32.34 -20.87 19.40
N HIS C 119 -32.96 -21.16 18.27
CA HIS C 119 -33.01 -22.52 17.77
C HIS C 119 -32.42 -22.75 16.38
N THR C 120 -32.14 -21.71 15.60
CA THR C 120 -31.63 -21.86 14.25
C THR C 120 -30.49 -20.87 14.04
N VAL C 121 -29.91 -20.91 12.85
CA VAL C 121 -29.01 -19.86 12.37
C VAL C 121 -29.84 -18.59 12.19
N PRO C 122 -29.29 -17.40 12.39
CA PRO C 122 -30.12 -16.20 12.33
C PRO C 122 -30.51 -15.79 10.92
N CYS C 123 -29.70 -16.16 9.94
CA CYS C 123 -29.91 -15.71 8.57
C CYS C 123 -29.40 -16.78 7.63
N LYS C 124 -29.72 -16.63 6.35
CA LYS C 124 -29.25 -17.59 5.36
C LYS C 124 -27.77 -17.39 5.11
N VAL C 125 -26.95 -18.36 5.50
CA VAL C 125 -25.51 -18.26 5.36
C VAL C 125 -25.04 -19.25 4.30
N THR C 126 -23.98 -18.90 3.60
CA THR C 126 -23.45 -19.76 2.56
C THR C 126 -21.94 -19.88 2.69
N GLY C 127 -21.46 -21.11 2.58
CA GLY C 127 -20.04 -21.36 2.68
C GLY C 127 -19.60 -22.29 1.57
N ARG C 128 -18.41 -22.04 1.08
CA ARG C 128 -17.95 -22.74 -0.09
C ARG C 128 -16.50 -23.16 0.08
N CYS C 129 -16.21 -24.42 -0.19
CA CYS C 129 -14.84 -24.92 -0.15
C CYS C 129 -14.79 -26.10 -1.09
N GLY C 130 -13.78 -26.12 -1.94
CA GLY C 130 -13.75 -27.05 -3.04
C GLY C 130 -14.70 -26.57 -4.09
N SER C 131 -15.61 -27.43 -4.52
CA SER C 131 -16.70 -27.01 -5.38
C SER C 131 -18.05 -27.07 -4.72
N VAL C 132 -18.11 -27.36 -3.42
CA VAL C 132 -19.37 -27.60 -2.72
C VAL C 132 -19.84 -26.32 -2.05
N LEU C 133 -21.06 -25.90 -2.36
CA LEU C 133 -21.63 -24.67 -1.83
C LEU C 133 -22.82 -25.04 -0.96
N VAL C 134 -22.66 -24.90 0.36
CA VAL C 134 -23.62 -25.43 1.32
C VAL C 134 -24.32 -24.28 1.99
N ARG C 135 -25.63 -24.20 1.81
CA ARG C 135 -26.45 -23.09 2.25
C ARG C 135 -27.25 -23.52 3.46
N LEU C 136 -27.25 -22.72 4.50
CA LEU C 136 -28.02 -23.05 5.69
C LEU C 136 -29.11 -22.01 5.87
N ILE C 137 -30.33 -22.46 6.12
CA ILE C 137 -31.50 -21.59 6.08
C ILE C 137 -32.17 -21.65 7.45
N PRO C 138 -32.68 -20.55 8.00
CA PRO C 138 -33.46 -20.62 9.22
C PRO C 138 -34.77 -21.37 9.01
N ALA C 139 -35.23 -22.00 10.07
CA ALA C 139 -36.29 -23.00 10.04
C ALA C 139 -37.27 -22.71 11.15
N PRO C 140 -38.47 -23.32 11.17
CA PRO C 140 -39.36 -23.12 12.31
C PRO C 140 -38.90 -23.93 13.50
N ARG C 141 -39.61 -23.73 14.62
CA ARG C 141 -39.29 -24.47 15.83
C ARG C 141 -39.75 -25.91 15.70
N GLY C 142 -38.81 -26.83 15.81
CA GLY C 142 -39.21 -28.22 15.82
C GLY C 142 -39.31 -28.89 14.48
N THR C 143 -38.44 -28.58 13.53
CA THR C 143 -38.43 -29.29 12.27
C THR C 143 -37.27 -30.25 12.12
N GLY C 144 -36.30 -30.28 13.04
CA GLY C 144 -35.11 -31.08 12.86
C GLY C 144 -34.16 -30.46 11.87
N ILE C 145 -33.04 -31.13 11.63
CA ILE C 145 -32.08 -30.67 10.63
C ILE C 145 -32.35 -31.44 9.36
N VAL C 146 -32.83 -30.73 8.36
CA VAL C 146 -33.15 -31.30 7.05
C VAL C 146 -31.89 -31.14 6.22
N SER C 147 -31.06 -32.17 6.15
CA SER C 147 -29.78 -32.07 5.46
C SER C 147 -29.28 -33.46 5.11
N ALA C 148 -28.12 -33.48 4.47
CA ALA C 148 -27.33 -34.67 4.23
C ALA C 148 -26.75 -35.16 5.55
N PRO C 149 -26.27 -36.42 5.64
CA PRO C 149 -25.77 -36.91 6.93
C PRO C 149 -24.50 -36.24 7.44
N VAL C 150 -23.59 -35.86 6.55
CA VAL C 150 -22.33 -35.24 6.95
C VAL C 150 -22.55 -33.83 7.50
N PRO C 151 -23.37 -32.92 6.94
CA PRO C 151 -23.67 -31.70 7.70
C PRO C 151 -24.70 -31.87 8.78
N LYS C 152 -25.49 -32.96 8.83
CA LYS C 152 -26.35 -33.18 9.99
C LYS C 152 -25.51 -33.41 11.24
N LYS C 153 -24.37 -34.09 11.09
CA LYS C 153 -23.43 -34.22 12.21
C LYS C 153 -22.85 -32.88 12.63
N LEU C 154 -22.49 -32.03 11.68
CA LEU C 154 -21.89 -30.75 12.03
C LEU C 154 -22.90 -29.77 12.60
N LEU C 155 -24.15 -29.83 12.12
CA LEU C 155 -25.14 -28.91 12.63
C LEU C 155 -25.78 -29.39 13.90
N MET C 156 -25.86 -30.71 14.11
CA MET C 156 -26.35 -31.17 15.39
C MET C 156 -25.28 -31.01 16.45
N MET C 157 -24.00 -30.97 16.06
CA MET C 157 -22.98 -30.78 17.08
C MET C 157 -22.88 -29.36 17.57
N ALA C 158 -23.27 -28.38 16.78
CA ALA C 158 -23.01 -27.01 17.17
C ALA C 158 -24.07 -26.43 18.08
N GLY C 159 -25.12 -27.17 18.37
CA GLY C 159 -26.22 -26.68 19.15
C GLY C 159 -27.32 -26.06 18.33
N ILE C 160 -27.27 -26.20 17.02
CA ILE C 160 -28.34 -25.70 16.17
C ILE C 160 -29.45 -26.74 16.17
N ASP C 161 -30.63 -26.35 16.59
CA ASP C 161 -31.72 -27.30 16.66
C ASP C 161 -32.34 -27.52 15.29
N ASP C 162 -32.61 -26.45 14.56
CA ASP C 162 -33.39 -26.51 13.34
C ASP C 162 -32.64 -25.81 12.21
N CYS C 163 -32.65 -26.41 11.01
CA CYS C 163 -32.12 -25.80 9.80
C CYS C 163 -32.75 -26.41 8.58
N TYR C 164 -32.69 -25.67 7.50
CA TYR C 164 -32.97 -26.13 6.15
C TYR C 164 -31.71 -25.96 5.32
N THR C 165 -31.47 -26.88 4.40
CA THR C 165 -30.19 -26.92 3.70
C THR C 165 -30.42 -26.99 2.21
N SER C 166 -29.50 -26.43 1.44
CA SER C 166 -29.38 -26.71 0.02
C SER C 166 -27.92 -26.74 -0.34
N ALA C 167 -27.52 -27.78 -1.07
CA ALA C 167 -26.10 -28.01 -1.34
C ALA C 167 -25.89 -28.27 -2.82
N ARG C 168 -24.86 -27.66 -3.36
CA ARG C 168 -24.54 -27.73 -4.77
C ARG C 168 -23.17 -28.39 -4.88
N GLY C 169 -22.91 -29.10 -5.97
CA GLY C 169 -21.57 -29.46 -6.32
C GLY C 169 -21.33 -30.94 -6.10
N CYS C 170 -20.07 -31.32 -6.16
CA CYS C 170 -19.74 -32.73 -6.01
C CYS C 170 -19.59 -32.95 -4.52
N THR C 171 -20.67 -33.34 -3.88
CA THR C 171 -20.70 -33.43 -2.44
C THR C 171 -20.07 -34.68 -1.91
N ALA C 172 -19.75 -35.66 -2.77
CA ALA C 172 -19.34 -36.98 -2.31
C ALA C 172 -17.96 -36.98 -1.68
N THR C 173 -17.09 -36.08 -2.08
CA THR C 173 -15.79 -35.92 -1.45
C THR C 173 -16.04 -35.25 -0.12
N LEU C 174 -15.83 -35.99 0.98
CA LEU C 174 -16.40 -35.63 2.27
C LEU C 174 -15.71 -34.42 2.87
N GLY C 175 -14.44 -34.20 2.53
CA GLY C 175 -13.66 -33.16 3.15
C GLY C 175 -14.15 -31.78 2.79
N ASN C 176 -14.48 -31.57 1.52
CA ASN C 176 -14.99 -30.27 1.10
C ASN C 176 -16.40 -30.04 1.58
N PHE C 177 -17.18 -31.10 1.72
CA PHE C 177 -18.56 -30.95 2.14
C PHE C 177 -18.64 -30.60 3.62
N ALA C 178 -17.82 -31.24 4.45
CA ALA C 178 -17.75 -30.86 5.84
C ALA C 178 -17.00 -29.54 6.04
N LYS C 179 -15.99 -29.22 5.21
CA LYS C 179 -15.33 -27.92 5.32
C LYS C 179 -16.21 -26.79 4.86
N ALA C 180 -17.11 -27.05 3.90
CA ALA C 180 -18.02 -26.01 3.46
C ALA C 180 -19.12 -25.78 4.47
N THR C 181 -19.57 -26.83 5.14
CA THR C 181 -20.52 -26.63 6.23
C THR C 181 -19.86 -25.94 7.43
N PHE C 182 -18.58 -26.24 7.67
CA PHE C 182 -17.87 -25.53 8.72
C PHE C 182 -17.61 -24.07 8.37
N ASP C 183 -17.41 -23.75 7.09
CA ASP C 183 -17.36 -22.35 6.67
C ASP C 183 -18.74 -21.70 6.73
N ALA C 184 -19.81 -22.49 6.61
CA ALA C 184 -21.14 -21.92 6.72
C ALA C 184 -21.45 -21.54 8.17
N ILE C 185 -21.09 -22.38 9.13
CA ILE C 185 -21.43 -22.05 10.52
C ILE C 185 -20.35 -21.32 11.28
N SER C 186 -19.17 -21.13 10.71
CA SER C 186 -18.26 -20.21 11.33
C SER C 186 -18.50 -18.78 10.91
N LYS C 187 -19.46 -18.55 10.01
CA LYS C 187 -19.70 -17.25 9.43
C LYS C 187 -20.84 -16.49 10.11
N THR C 188 -21.56 -17.07 11.07
CA THR C 188 -22.71 -16.38 11.66
C THR C 188 -22.30 -15.27 12.62
N TYR C 189 -21.10 -15.33 13.14
CA TYR C 189 -20.51 -14.24 13.91
C TYR C 189 -19.64 -13.33 13.09
N SER C 190 -19.88 -13.26 11.78
CA SER C 190 -19.40 -12.15 10.98
C SER C 190 -20.52 -11.44 10.22
N TYR C 191 -21.77 -11.84 10.42
CA TYR C 191 -22.86 -11.34 9.62
C TYR C 191 -23.50 -10.19 10.39
N LEU C 192 -23.59 -9.02 9.77
CA LEU C 192 -24.00 -7.79 10.43
C LEU C 192 -25.51 -7.65 10.36
N THR C 193 -26.16 -8.06 11.39
CA THR C 193 -27.60 -7.93 11.49
C THR C 193 -27.95 -6.51 11.94
N PRO C 194 -29.20 -6.08 11.81
CA PRO C 194 -29.59 -4.79 12.40
C PRO C 194 -29.57 -4.71 13.92
N ASP C 195 -29.51 -5.82 14.64
CA ASP C 195 -29.40 -5.68 16.08
C ASP C 195 -27.97 -5.59 16.53
N LEU C 196 -27.00 -5.84 15.66
CA LEU C 196 -25.60 -5.60 15.96
C LEU C 196 -25.12 -4.26 15.44
N TRP C 197 -26.03 -3.32 15.21
CA TRP C 197 -25.67 -1.99 14.77
C TRP C 197 -25.16 -1.10 15.90
N LYS C 198 -25.30 -1.52 17.15
CA LYS C 198 -25.03 -0.68 18.30
C LYS C 198 -23.54 -0.43 18.44
N GLU C 199 -23.16 0.78 18.83
CA GLU C 199 -21.76 1.17 18.77
C GLU C 199 -20.98 0.54 19.90
N THR C 200 -19.82 -0.01 19.55
CA THR C 200 -19.06 -0.86 20.46
C THR C 200 -18.25 -0.05 21.45
N VAL C 201 -18.21 -0.51 22.69
CA VAL C 201 -17.23 -0.03 23.65
C VAL C 201 -16.06 -0.99 23.64
N PHE C 202 -14.85 -0.44 23.77
CA PHE C 202 -13.64 -1.25 23.77
C PHE C 202 -13.14 -1.39 25.19
N THR C 203 -12.89 -2.63 25.61
CA THR C 203 -12.40 -2.90 26.94
C THR C 203 -10.93 -3.25 26.87
N LYS C 204 -10.30 -3.35 28.04
CA LYS C 204 -8.88 -3.66 28.10
C LYS C 204 -8.63 -5.10 27.67
N SER C 205 -7.54 -5.28 26.93
CA SER C 205 -7.11 -6.58 26.47
C SER C 205 -6.68 -7.46 27.65
N PRO C 206 -6.74 -8.79 27.51
CA PRO C 206 -6.22 -9.66 28.57
C PRO C 206 -4.73 -9.51 28.81
N TYR C 207 -3.95 -9.35 27.74
CA TYR C 207 -2.53 -9.04 27.92
C TYR C 207 -2.30 -7.62 28.37
N GLN C 208 -3.25 -6.71 28.21
CA GLN C 208 -3.02 -5.36 28.72
C GLN C 208 -3.31 -5.29 30.20
N GLU C 209 -4.37 -5.94 30.64
CA GLU C 209 -4.71 -5.88 32.06
C GLU C 209 -3.78 -6.78 32.87
N PHE C 210 -3.65 -8.05 32.52
CA PHE C 210 -2.77 -8.95 33.26
C PHE C 210 -1.35 -8.89 32.70
N THR C 211 -0.72 -7.72 32.81
CA THR C 211 0.67 -7.62 32.38
C THR C 211 1.63 -7.34 33.51
N ASP C 212 1.15 -6.92 34.66
CA ASP C 212 1.99 -6.90 35.84
C ASP C 212 1.86 -8.18 36.65
N HIS C 213 0.84 -8.98 36.37
CA HIS C 213 0.85 -10.36 36.84
C HIS C 213 1.81 -11.21 36.03
N LEU C 214 1.88 -10.97 34.72
CA LEU C 214 2.55 -11.90 33.82
C LEU C 214 4.07 -11.74 33.81
N VAL C 215 4.59 -10.58 34.21
CA VAL C 215 6.02 -10.30 34.15
C VAL C 215 6.80 -11.00 35.26
N LYS C 216 6.11 -11.51 36.28
CA LYS C 216 6.73 -12.34 37.32
C LYS C 216 7.16 -13.71 36.81
N THR D 1 -4.66 -27.10 -20.90
CA THR D 1 -3.28 -26.71 -20.94
C THR D 1 -3.12 -25.61 -21.94
N LYS D 2 -3.13 -24.37 -21.47
CA LYS D 2 -2.52 -23.28 -22.24
C LYS D 2 -1.08 -23.18 -21.82
N LYS D 3 -0.17 -23.24 -22.77
CA LYS D 3 1.22 -23.28 -22.35
C LYS D 3 1.82 -21.89 -22.26
N ARG D 4 1.60 -21.05 -23.27
CA ARG D 4 2.15 -19.72 -23.32
C ARG D 4 1.03 -18.72 -23.53
N ARG D 5 1.13 -17.57 -22.89
CA ARG D 5 0.06 -16.59 -23.00
C ARG D 5 0.11 -15.86 -24.33
N ASN D 6 1.30 -15.59 -24.83
CA ASN D 6 1.42 -14.92 -26.12
C ASN D 6 1.45 -15.90 -27.28
N ASN D 7 1.37 -17.19 -26.98
CA ASN D 7 1.44 -18.35 -27.88
C ASN D 7 2.76 -18.43 -28.63
N GLY D 8 3.82 -17.79 -28.14
CA GLY D 8 5.10 -17.85 -28.79
C GLY D 8 5.14 -17.08 -30.09
N ARG D 9 4.78 -15.81 -30.04
CA ARG D 9 4.57 -15.00 -31.21
C ARG D 9 4.81 -13.56 -30.83
N ALA D 10 4.69 -12.69 -31.81
CA ALA D 10 4.56 -11.26 -31.56
C ALA D 10 3.30 -10.73 -32.21
N LYS D 11 2.38 -11.61 -32.55
CA LYS D 11 1.16 -11.20 -33.21
C LYS D 11 0.17 -10.86 -32.11
N LYS D 12 0.11 -9.59 -31.75
CA LYS D 12 -0.95 -9.08 -30.89
C LYS D 12 -1.68 -8.01 -31.65
N GLY D 13 -2.96 -8.22 -31.91
CA GLY D 13 -3.75 -7.16 -32.50
C GLY D 13 -3.67 -7.03 -33.99
N ARG D 14 -3.38 -8.12 -34.71
CA ARG D 14 -3.49 -8.14 -36.15
C ARG D 14 -3.89 -9.54 -36.59
N GLY D 15 -4.25 -9.68 -37.85
CA GLY D 15 -4.74 -10.95 -38.33
C GLY D 15 -3.71 -11.86 -38.97
N HIS D 16 -2.70 -11.32 -39.62
CA HIS D 16 -1.78 -12.17 -40.38
C HIS D 16 -0.42 -11.51 -40.52
N VAL D 17 0.63 -12.22 -40.17
CA VAL D 17 2.00 -11.80 -40.47
C VAL D 17 2.53 -12.67 -41.58
N GLN D 18 3.23 -12.06 -42.53
CA GLN D 18 3.63 -12.79 -43.71
C GLN D 18 4.82 -13.69 -43.37
N PRO D 19 4.88 -14.88 -43.93
CA PRO D 19 5.88 -15.85 -43.49
C PRO D 19 7.24 -15.64 -44.12
N ILE D 20 8.25 -16.12 -43.42
CA ILE D 20 9.60 -16.21 -43.94
C ILE D 20 9.97 -17.67 -44.01
N ARG D 21 11.07 -17.96 -44.68
CA ARG D 21 11.53 -19.32 -44.81
C ARG D 21 12.79 -19.52 -44.00
N CYS D 22 12.90 -20.69 -43.37
CA CYS D 22 14.01 -21.01 -42.51
C CYS D 22 15.28 -21.16 -43.32
N THR D 23 16.39 -20.79 -42.71
CA THR D 23 17.66 -20.87 -43.39
C THR D 23 18.27 -22.25 -43.35
N ASN D 24 17.80 -23.14 -42.45
CA ASN D 24 18.44 -24.44 -42.28
C ASN D 24 17.65 -25.60 -42.85
N CYS D 25 16.33 -25.53 -42.84
CA CYS D 25 15.52 -26.59 -43.42
C CYS D 25 14.50 -26.14 -44.44
N ALA D 26 14.43 -24.84 -44.73
CA ALA D 26 13.45 -24.18 -45.61
C ALA D 26 12.01 -24.49 -45.25
N ARG D 27 11.71 -24.47 -43.95
CA ARG D 27 10.36 -24.72 -43.45
C ARG D 27 9.68 -23.40 -43.20
N CYS D 28 8.49 -23.25 -43.76
CA CYS D 28 7.85 -21.95 -43.85
C CYS D 28 7.18 -21.62 -42.53
N VAL D 29 7.82 -20.78 -41.73
CA VAL D 29 7.30 -20.33 -40.44
C VAL D 29 6.79 -18.92 -40.59
N PRO D 30 5.90 -18.41 -39.73
CA PRO D 30 5.60 -16.98 -39.74
C PRO D 30 6.78 -16.14 -39.29
N LYS D 31 6.65 -14.83 -39.47
CA LYS D 31 7.79 -13.93 -39.29
C LYS D 31 8.18 -13.80 -37.84
N ASP D 32 7.24 -13.91 -36.94
CA ASP D 32 7.50 -13.68 -35.55
C ASP D 32 7.54 -14.93 -34.69
N LYS D 33 7.07 -16.07 -35.18
CA LYS D 33 7.31 -17.30 -34.43
C LYS D 33 8.75 -17.77 -34.60
N ALA D 34 9.39 -17.41 -35.70
CA ALA D 34 10.77 -17.77 -35.97
C ALA D 34 11.72 -17.05 -35.03
N ILE D 35 12.82 -17.70 -34.72
CA ILE D 35 13.76 -17.22 -33.73
C ILE D 35 14.83 -16.45 -34.47
N LYS D 36 14.79 -15.13 -34.40
CA LYS D 36 15.70 -14.33 -35.16
C LYS D 36 17.03 -14.24 -34.42
N LYS D 37 18.11 -14.27 -35.19
CA LYS D 37 19.44 -14.23 -34.62
C LYS D 37 20.37 -13.57 -35.61
N PHE D 38 21.18 -12.66 -35.12
CA PHE D 38 22.00 -11.81 -35.97
C PHE D 38 23.47 -12.10 -35.63
N VAL D 39 24.17 -12.78 -36.52
CA VAL D 39 25.49 -13.29 -36.24
C VAL D 39 26.53 -12.42 -36.92
N ILE D 40 27.30 -11.68 -36.11
CA ILE D 40 28.38 -10.84 -36.58
C ILE D 40 29.69 -11.48 -36.12
N ARG D 41 30.58 -11.74 -37.07
CA ARG D 41 31.96 -12.10 -36.77
C ARG D 41 32.85 -11.36 -37.74
N ASN D 42 34.17 -11.46 -37.53
CA ASN D 42 35.11 -11.01 -38.54
C ASN D 42 35.10 -11.97 -39.73
N ILE D 43 35.56 -11.48 -40.87
CA ILE D 43 35.54 -12.31 -42.07
C ILE D 43 36.63 -13.37 -42.00
N VAL D 44 37.79 -12.99 -41.61
CA VAL D 44 38.84 -13.95 -41.28
C VAL D 44 38.70 -14.32 -39.80
N GLU D 45 39.03 -15.56 -39.47
CA GLU D 45 38.89 -16.08 -38.13
C GLU D 45 39.87 -15.45 -37.15
N ALA D 46 39.70 -15.79 -35.88
CA ALA D 46 40.63 -15.33 -34.85
C ALA D 46 42.00 -15.97 -34.98
N ALA D 47 42.07 -17.19 -35.52
CA ALA D 47 43.38 -17.84 -35.70
C ALA D 47 44.15 -17.24 -36.87
N ALA D 48 43.54 -17.18 -38.06
CA ALA D 48 44.25 -16.78 -39.27
C ALA D 48 44.49 -15.28 -39.38
N VAL D 49 44.02 -14.47 -38.44
CA VAL D 49 44.25 -13.03 -38.53
C VAL D 49 45.67 -12.67 -38.12
N ARG D 50 46.39 -13.59 -37.49
CA ARG D 50 47.77 -13.33 -37.14
C ARG D 50 48.70 -13.44 -38.34
N ASP D 51 48.36 -14.26 -39.33
CA ASP D 51 49.20 -14.35 -40.51
C ASP D 51 48.52 -13.87 -41.78
N ILE D 52 47.29 -13.36 -41.70
CA ILE D 52 46.83 -12.47 -42.76
C ILE D 52 47.62 -11.16 -42.71
N SER D 53 47.91 -10.70 -41.48
CA SER D 53 48.43 -9.36 -41.22
C SER D 53 49.84 -9.15 -41.73
N GLU D 54 50.59 -10.22 -41.95
CA GLU D 54 51.90 -10.09 -42.56
C GLU D 54 51.86 -10.05 -44.07
N ALA D 55 50.70 -10.28 -44.68
CA ALA D 55 50.60 -10.32 -46.12
C ALA D 55 49.91 -9.11 -46.72
N SER D 56 49.38 -8.20 -45.91
CA SER D 56 48.62 -7.08 -46.42
C SER D 56 49.54 -6.03 -47.02
N VAL D 57 49.21 -5.53 -48.21
CA VAL D 57 50.03 -4.49 -48.80
C VAL D 57 49.75 -3.14 -48.16
N PHE D 58 48.61 -2.99 -47.47
CA PHE D 58 48.19 -1.75 -46.84
C PHE D 58 48.61 -1.77 -45.40
N ASP D 59 49.32 -0.74 -44.97
CA ASP D 59 49.58 -0.59 -43.54
C ASP D 59 48.30 -0.19 -42.81
N ALA D 60 48.07 -0.86 -41.67
CA ALA D 60 46.95 -0.65 -40.75
C ALA D 60 45.59 -0.72 -41.45
N TYR D 61 45.33 -1.86 -42.08
CA TYR D 61 44.04 -2.15 -42.67
C TYR D 61 43.26 -3.02 -41.69
N VAL D 62 42.22 -2.46 -41.09
CA VAL D 62 41.31 -3.23 -40.25
C VAL D 62 40.35 -4.01 -41.11
N LEU D 63 40.31 -5.33 -40.91
CA LEU D 63 39.56 -6.22 -41.78
C LEU D 63 38.07 -6.11 -41.50
N PRO D 64 37.23 -6.27 -42.52
CA PRO D 64 35.79 -6.07 -42.34
C PRO D 64 35.12 -7.25 -41.64
N LYS D 65 33.85 -7.07 -41.33
CA LYS D 65 33.06 -8.05 -40.61
C LYS D 65 31.99 -8.60 -41.53
N LEU D 66 31.42 -9.72 -41.13
CA LEU D 66 30.47 -10.48 -41.93
C LEU D 66 29.11 -10.33 -41.26
N TYR D 67 28.14 -9.80 -41.97
CA TYR D 67 26.85 -9.44 -41.39
C TYR D 67 25.82 -10.42 -41.91
N VAL D 68 25.50 -11.44 -41.12
CA VAL D 68 24.58 -12.50 -41.52
C VAL D 68 23.35 -12.40 -40.65
N LYS D 69 22.19 -12.21 -41.25
CA LYS D 69 20.94 -12.19 -40.51
C LYS D 69 20.29 -13.55 -40.67
N LEU D 70 20.12 -14.26 -39.57
CA LEU D 70 19.69 -15.63 -39.63
C LEU D 70 18.31 -15.76 -39.02
N HIS D 71 17.38 -16.31 -39.77
CA HIS D 71 16.15 -16.77 -39.18
C HIS D 71 16.23 -18.27 -39.02
N TYR D 72 15.50 -18.79 -38.04
CA TYR D 72 15.58 -20.19 -37.70
C TYR D 72 14.19 -20.65 -37.34
N CYS D 73 13.86 -21.89 -37.69
CA CYS D 73 12.55 -22.37 -37.32
C CYS D 73 12.59 -22.86 -35.88
N VAL D 74 11.44 -23.30 -35.36
CA VAL D 74 11.42 -23.71 -33.96
C VAL D 74 11.95 -25.14 -33.79
N SER D 75 11.93 -25.96 -34.84
CA SER D 75 12.48 -27.30 -34.70
C SER D 75 14.00 -27.25 -34.70
N CYS D 76 14.56 -26.48 -35.61
CA CYS D 76 16.01 -26.49 -35.76
C CYS D 76 16.73 -25.59 -34.78
N ALA D 77 16.03 -24.87 -33.91
CA ALA D 77 16.77 -24.28 -32.82
C ALA D 77 17.06 -25.29 -31.73
N ILE D 78 16.10 -26.16 -31.39
CA ILE D 78 16.35 -27.12 -30.35
C ILE D 78 17.17 -28.26 -30.90
N HIS D 79 17.16 -28.46 -32.21
CA HIS D 79 18.20 -29.31 -32.77
C HIS D 79 19.55 -28.60 -32.77
N SER D 80 19.57 -27.31 -33.06
CA SER D 80 20.84 -26.60 -33.18
C SER D 80 21.26 -25.88 -31.91
N LYS D 81 20.56 -26.11 -30.80
CA LYS D 81 20.91 -25.64 -29.43
C LYS D 81 21.00 -24.12 -29.32
N VAL D 82 20.35 -23.39 -30.22
CA VAL D 82 20.32 -21.93 -30.12
C VAL D 82 19.45 -21.53 -28.96
N VAL D 83 18.38 -22.28 -28.77
CA VAL D 83 17.30 -22.01 -27.83
C VAL D 83 16.88 -23.35 -27.25
N ARG D 84 16.79 -23.44 -25.93
CA ARG D 84 16.73 -24.68 -25.20
C ARG D 84 15.56 -24.61 -24.24
N ASN D 85 15.09 -25.75 -23.75
CA ASN D 85 13.84 -25.76 -23.01
C ASN D 85 14.05 -25.47 -21.52
N ARG D 86 13.14 -24.68 -20.96
CA ARG D 86 13.32 -24.05 -19.68
C ARG D 86 12.12 -24.36 -18.81
N SER D 87 12.21 -23.91 -17.56
CA SER D 87 11.26 -24.29 -16.55
C SER D 87 9.92 -23.61 -16.76
N ARG D 88 8.94 -24.10 -16.03
CA ARG D 88 7.59 -23.57 -16.14
C ARG D 88 7.49 -22.19 -15.51
N GLU D 89 8.33 -21.88 -14.54
CA GLU D 89 8.26 -20.62 -13.82
C GLU D 89 9.33 -19.62 -14.24
N ALA D 90 10.36 -20.04 -14.96
CA ALA D 90 11.31 -19.14 -15.59
C ALA D 90 11.02 -18.90 -17.06
N ARG D 91 9.86 -19.32 -17.56
CA ARG D 91 9.44 -18.90 -18.88
C ARG D 91 9.01 -17.44 -18.91
N LYS D 92 8.64 -16.88 -17.76
CA LYS D 92 8.35 -15.46 -17.65
C LYS D 92 9.59 -14.58 -17.66
N ASP D 93 10.79 -15.14 -17.72
CA ASP D 93 12.01 -14.40 -17.93
C ASP D 93 12.13 -14.18 -19.43
N ARG D 94 11.89 -12.97 -19.90
CA ARG D 94 12.17 -12.65 -21.29
C ARG D 94 13.27 -11.60 -21.42
N THR D 95 14.07 -11.49 -20.43
CA THR D 95 15.34 -10.82 -20.59
C THR D 95 16.27 -11.70 -21.42
N PRO D 96 16.97 -11.16 -22.41
CA PRO D 96 17.88 -11.98 -23.21
C PRO D 96 19.10 -12.38 -22.37
N PRO D 97 19.73 -13.52 -22.68
CA PRO D 97 20.73 -14.09 -21.76
C PRO D 97 22.01 -13.28 -21.78
N PRO D 98 22.78 -13.29 -20.68
CA PRO D 98 23.96 -12.45 -20.64
C PRO D 98 25.12 -13.00 -21.45
N ARG D 99 25.78 -12.09 -22.15
CA ARG D 99 26.94 -12.38 -22.98
C ARG D 99 28.19 -11.78 -22.36
N PHE D 100 28.05 -11.16 -21.20
CA PHE D 100 29.14 -10.46 -20.54
C PHE D 100 29.35 -11.07 -19.17
N ARG D 101 30.55 -10.87 -18.62
CA ARG D 101 30.87 -11.38 -17.29
C ARG D 101 30.73 -10.27 -16.26
N ALA E 1 -78.15 -36.18 -25.93
CA ALA E 1 -79.52 -35.87 -25.61
C ALA E 1 -80.24 -35.41 -26.87
N ARG E 2 -81.30 -36.13 -27.24
CA ARG E 2 -82.13 -35.79 -28.40
C ARG E 2 -83.46 -35.21 -28.00
N GLY E 3 -83.62 -34.79 -26.76
CA GLY E 3 -84.87 -34.26 -26.27
C GLY E 3 -84.69 -33.61 -24.92
N PRO E 4 -85.78 -33.46 -24.16
CA PRO E 4 -85.66 -32.95 -22.80
C PRO E 4 -85.11 -34.02 -21.88
N LYS E 5 -84.53 -33.57 -20.77
CA LYS E 5 -84.09 -34.46 -19.71
C LYS E 5 -85.22 -34.70 -18.73
N LYS E 6 -85.24 -35.89 -18.12
CA LYS E 6 -86.21 -36.19 -17.08
C LYS E 6 -85.64 -36.61 -15.73
N HIS E 7 -84.33 -36.74 -15.56
CA HIS E 7 -83.76 -37.17 -14.29
C HIS E 7 -82.74 -36.17 -13.77
N LEU E 8 -82.45 -36.25 -12.48
CA LEU E 8 -81.48 -35.35 -11.86
C LEU E 8 -80.74 -36.11 -10.77
N LYS E 9 -79.42 -36.19 -10.88
CA LYS E 9 -78.64 -36.97 -9.93
C LYS E 9 -78.48 -36.23 -8.61
N ARG E 10 -78.00 -36.94 -7.59
CA ARG E 10 -78.03 -36.39 -6.24
C ARG E 10 -76.93 -35.38 -6.02
N VAL E 11 -75.74 -35.60 -6.57
CA VAL E 11 -74.64 -34.67 -6.35
C VAL E 11 -74.72 -33.47 -7.25
N ALA E 12 -75.58 -33.49 -8.26
CA ALA E 12 -75.79 -32.36 -9.14
C ALA E 12 -77.01 -31.57 -8.75
N ALA E 13 -77.67 -31.95 -7.67
CA ALA E 13 -78.77 -31.19 -7.11
C ALA E 13 -78.28 -29.87 -6.51
N PRO E 14 -79.18 -28.94 -6.20
CA PRO E 14 -78.78 -27.74 -5.44
C PRO E 14 -78.20 -28.06 -4.07
N LYS E 15 -77.27 -27.22 -3.63
CA LYS E 15 -76.68 -27.41 -2.31
C LYS E 15 -77.66 -27.08 -1.22
N HIS E 16 -78.59 -26.17 -1.46
CA HIS E 16 -79.47 -25.73 -0.40
C HIS E 16 -80.64 -26.67 -0.16
N TRP E 17 -80.75 -27.79 -0.87
CA TRP E 17 -81.71 -28.81 -0.49
C TRP E 17 -81.17 -29.70 0.61
N MET E 18 -79.86 -29.65 0.84
CA MET E 18 -79.13 -30.36 1.92
C MET E 18 -79.35 -31.87 1.88
N LEU E 19 -79.07 -32.47 0.74
CA LEU E 19 -79.29 -33.90 0.60
C LEU E 19 -78.08 -34.69 1.10
N ASP E 20 -78.30 -35.98 1.29
CA ASP E 20 -77.23 -36.88 1.65
C ASP E 20 -76.48 -37.31 0.40
N LYS E 21 -75.45 -38.12 0.58
CA LYS E 21 -74.79 -38.76 -0.55
C LYS E 21 -75.09 -40.24 -0.71
N LEU E 22 -75.53 -40.92 0.33
CA LEU E 22 -75.57 -42.39 0.27
C LEU E 22 -76.98 -42.96 0.32
N THR E 23 -78.02 -42.14 0.32
CA THR E 23 -79.36 -42.71 0.35
C THR E 23 -79.77 -43.28 -1.00
N GLY E 24 -79.24 -42.73 -2.09
CA GLY E 24 -79.54 -43.26 -3.41
C GLY E 24 -78.80 -42.47 -4.45
N VAL E 25 -78.93 -42.91 -5.70
CA VAL E 25 -78.19 -42.26 -6.76
C VAL E 25 -78.90 -41.00 -7.20
N PHE E 26 -80.22 -41.00 -7.22
CA PHE E 26 -80.97 -39.92 -7.83
C PHE E 26 -81.50 -38.95 -6.78
N ALA E 27 -81.73 -37.73 -7.19
CA ALA E 27 -82.47 -36.73 -6.44
C ALA E 27 -83.80 -36.51 -7.15
N PRO E 28 -84.84 -36.00 -6.48
CA PRO E 28 -86.08 -35.73 -7.20
C PRO E 28 -85.93 -34.53 -8.11
N ARG E 29 -86.21 -34.71 -9.37
CA ARG E 29 -86.24 -33.57 -10.23
C ARG E 29 -87.51 -32.82 -9.95
N PRO E 30 -87.47 -31.51 -9.79
CA PRO E 30 -88.70 -30.73 -9.68
C PRO E 30 -89.47 -30.79 -10.97
N SER E 31 -90.78 -30.79 -10.85
CA SER E 31 -91.61 -30.66 -12.01
C SER E 31 -91.47 -29.27 -12.59
N THR E 32 -91.80 -29.17 -13.87
CA THR E 32 -91.95 -27.87 -14.50
C THR E 32 -93.11 -27.17 -13.84
N GLY E 33 -92.92 -25.90 -13.54
CA GLY E 33 -93.84 -25.24 -12.65
C GLY E 33 -93.66 -23.74 -12.72
N PRO E 34 -94.05 -23.05 -11.69
CA PRO E 34 -93.81 -21.62 -11.66
C PRO E 34 -92.37 -21.24 -11.39
N HIS E 35 -91.65 -22.03 -10.61
CA HIS E 35 -90.35 -21.61 -10.12
C HIS E 35 -89.23 -22.39 -10.81
N LYS E 36 -88.05 -21.81 -10.77
CA LYS E 36 -86.90 -22.36 -11.48
C LYS E 36 -86.36 -23.57 -10.76
N LEU E 37 -85.49 -24.31 -11.46
CA LEU E 37 -85.06 -25.61 -10.98
C LEU E 37 -84.03 -25.52 -9.88
N ARG E 38 -83.18 -24.51 -9.90
CA ARG E 38 -82.19 -24.36 -8.86
C ARG E 38 -82.70 -23.57 -7.68
N GLU E 39 -83.90 -22.99 -7.79
CA GLU E 39 -84.40 -22.02 -6.83
C GLU E 39 -85.70 -22.48 -6.17
N CYS E 40 -85.92 -23.78 -6.05
CA CYS E 40 -87.19 -24.27 -5.55
C CYS E 40 -86.99 -25.42 -4.58
N LEU E 41 -88.04 -25.70 -3.84
CA LEU E 41 -88.22 -26.85 -3.00
C LEU E 41 -89.33 -27.70 -3.56
N PRO E 42 -89.13 -28.97 -3.86
CA PRO E 42 -90.26 -29.84 -4.13
C PRO E 42 -90.96 -30.19 -2.83
N LEU E 43 -92.17 -30.73 -2.94
CA LEU E 43 -92.86 -31.13 -1.72
C LEU E 43 -92.28 -32.38 -1.10
N ILE E 44 -91.62 -33.23 -1.89
CA ILE E 44 -91.14 -34.49 -1.32
C ILE E 44 -89.94 -34.22 -0.44
N ILE E 45 -89.15 -33.19 -0.77
CA ILE E 45 -88.06 -32.74 0.10
C ILE E 45 -88.61 -32.05 1.33
N PHE E 46 -89.61 -31.20 1.16
CA PHE E 46 -90.13 -30.36 2.23
C PHE E 46 -90.89 -31.17 3.27
N LEU E 47 -91.55 -32.24 2.86
CA LEU E 47 -92.24 -33.09 3.81
C LEU E 47 -91.37 -34.22 4.34
N ARG E 48 -90.34 -34.65 3.61
CA ARG E 48 -89.59 -35.80 4.07
C ARG E 48 -88.39 -35.39 4.89
N ASN E 49 -87.70 -34.32 4.50
CA ASN E 49 -86.45 -33.97 5.13
C ASN E 49 -86.55 -32.80 6.10
N ARG E 50 -87.43 -31.83 5.86
CA ARG E 50 -87.51 -30.72 6.78
C ARG E 50 -88.46 -31.01 7.95
N LEU E 51 -89.68 -31.46 7.66
CA LEU E 51 -90.68 -31.62 8.71
C LEU E 51 -90.76 -33.00 9.31
N LYS E 52 -90.26 -34.02 8.61
CA LYS E 52 -90.23 -35.43 9.01
C LYS E 52 -91.62 -35.99 9.30
N TYR E 53 -92.63 -35.51 8.59
CA TYR E 53 -93.96 -36.11 8.68
C TYR E 53 -94.06 -37.45 7.98
N ALA E 54 -93.10 -37.80 7.15
CA ALA E 54 -93.17 -39.02 6.35
C ALA E 54 -91.75 -39.49 6.16
N LEU E 55 -91.48 -40.74 6.50
CA LEU E 55 -90.09 -41.14 6.54
C LEU E 55 -89.56 -41.53 5.16
N THR E 56 -90.25 -42.41 4.47
CA THR E 56 -89.84 -42.87 3.14
C THR E 56 -90.60 -42.13 2.06
N GLY E 57 -90.18 -42.35 0.81
CA GLY E 57 -90.76 -41.59 -0.28
C GLY E 57 -92.14 -41.99 -0.71
N ASP E 58 -92.64 -43.16 -0.31
CA ASP E 58 -94.01 -43.50 -0.64
C ASP E 58 -95.00 -42.81 0.27
N GLU E 59 -94.58 -42.48 1.48
CA GLU E 59 -95.51 -41.90 2.42
C GLU E 59 -95.77 -40.43 2.13
N VAL E 60 -94.89 -39.76 1.40
CA VAL E 60 -95.18 -38.40 0.94
C VAL E 60 -96.29 -38.42 -0.10
N LYS E 61 -96.30 -39.45 -0.92
CA LYS E 61 -97.38 -39.67 -1.88
C LYS E 61 -98.68 -40.04 -1.18
N LYS E 62 -98.60 -40.87 -0.13
CA LYS E 62 -99.79 -41.19 0.67
C LYS E 62 -100.32 -39.98 1.44
N ILE E 63 -99.46 -39.02 1.76
CA ILE E 63 -99.95 -37.76 2.30
C ILE E 63 -100.67 -36.98 1.22
N CYS E 64 -100.03 -36.79 0.06
CA CYS E 64 -100.53 -35.81 -0.89
C CYS E 64 -101.74 -36.27 -1.69
N MET E 65 -102.00 -37.58 -1.81
CA MET E 65 -103.20 -37.93 -2.58
C MET E 65 -104.46 -37.93 -1.74
N GLN E 66 -104.38 -37.69 -0.43
CA GLN E 66 -105.56 -37.53 0.40
C GLN E 66 -106.08 -36.10 0.43
N ARG E 67 -105.61 -35.25 -0.50
CA ARG E 67 -105.96 -33.84 -0.65
C ARG E 67 -105.71 -33.06 0.64
N PHE E 68 -104.53 -33.23 1.20
CA PHE E 68 -104.22 -32.61 2.47
C PHE E 68 -103.52 -31.29 2.32
N ILE E 69 -102.57 -31.18 1.39
CA ILE E 69 -101.60 -30.10 1.36
C ILE E 69 -102.09 -29.05 0.39
N LYS E 70 -102.13 -27.81 0.83
CA LYS E 70 -102.44 -26.69 -0.06
C LYS E 70 -101.16 -25.94 -0.33
N ILE E 71 -100.89 -25.68 -1.61
CA ILE E 71 -99.86 -24.74 -2.01
C ILE E 71 -100.59 -23.51 -2.51
N ASP E 72 -100.42 -22.39 -1.80
CA ASP E 72 -101.08 -21.10 -2.07
C ASP E 72 -102.60 -21.22 -2.05
N GLY E 73 -103.12 -22.05 -1.16
CA GLY E 73 -104.55 -22.22 -1.11
C GLY E 73 -105.15 -23.08 -2.21
N LYS E 74 -104.34 -23.88 -2.91
CA LYS E 74 -104.81 -24.79 -3.94
C LYS E 74 -104.27 -26.18 -3.66
N VAL E 75 -105.12 -27.19 -3.82
CA VAL E 75 -104.78 -28.56 -3.44
C VAL E 75 -103.89 -29.20 -4.51
N ARG E 76 -102.69 -29.64 -4.10
CA ARG E 76 -101.64 -30.04 -5.03
C ARG E 76 -101.32 -31.52 -4.88
N THR E 77 -101.59 -32.31 -5.91
CA THR E 77 -101.33 -33.73 -5.88
C THR E 77 -99.94 -34.13 -6.38
N ASP E 78 -99.17 -33.24 -6.96
CA ASP E 78 -97.83 -33.62 -7.38
C ASP E 78 -96.87 -33.54 -6.21
N ILE E 79 -96.12 -34.62 -5.97
CA ILE E 79 -95.14 -34.64 -4.89
C ILE E 79 -93.85 -33.92 -5.21
N THR E 80 -93.60 -33.60 -6.48
CA THR E 80 -92.43 -32.84 -6.89
C THR E 80 -92.81 -31.47 -7.41
N TYR E 81 -93.89 -30.93 -6.92
CA TYR E 81 -94.32 -29.59 -7.30
C TYR E 81 -93.36 -28.56 -6.72
N PRO E 82 -92.85 -27.63 -7.53
CA PRO E 82 -91.90 -26.65 -7.00
C PRO E 82 -92.61 -25.57 -6.22
N ALA E 83 -92.04 -25.22 -5.09
CA ALA E 83 -92.55 -24.11 -4.31
C ALA E 83 -91.37 -23.29 -3.82
N GLY E 84 -91.53 -21.99 -3.75
CA GLY E 84 -90.47 -21.21 -3.15
C GLY E 84 -90.68 -19.72 -3.05
N PHE E 85 -90.05 -19.12 -2.05
CA PHE E 85 -90.02 -17.68 -1.80
C PHE E 85 -91.40 -17.03 -1.71
N MET E 86 -92.10 -17.41 -0.62
CA MET E 86 -93.47 -17.09 -0.17
C MET E 86 -94.62 -17.75 -0.89
N ASP E 87 -94.40 -18.91 -1.47
CA ASP E 87 -95.47 -19.88 -1.48
C ASP E 87 -95.90 -20.15 -0.05
N VAL E 88 -97.19 -20.07 0.21
CA VAL E 88 -97.75 -20.34 1.53
C VAL E 88 -98.20 -21.79 1.56
N ILE E 89 -97.40 -22.66 2.18
CA ILE E 89 -97.69 -24.08 2.23
C ILE E 89 -98.55 -24.33 3.44
N SER E 90 -99.80 -24.71 3.22
CA SER E 90 -100.80 -24.74 4.27
C SER E 90 -101.37 -26.14 4.42
N ILE E 91 -101.25 -26.70 5.61
CA ILE E 91 -101.79 -28.00 5.95
C ILE E 91 -102.91 -27.79 6.93
N ASP E 92 -104.11 -28.24 6.58
CA ASP E 92 -105.30 -27.92 7.35
C ASP E 92 -105.73 -29.04 8.29
N LYS E 93 -105.16 -30.23 8.17
CA LYS E 93 -105.46 -31.30 9.11
C LYS E 93 -104.85 -31.01 10.47
N THR E 94 -103.68 -30.38 10.51
CA THR E 94 -103.08 -29.98 11.78
C THR E 94 -103.17 -28.49 12.02
N GLY E 95 -103.68 -27.72 11.07
CA GLY E 95 -103.87 -26.30 11.29
C GLY E 95 -102.61 -25.46 11.25
N GLU E 96 -101.53 -25.95 10.66
CA GLU E 96 -100.29 -25.19 10.57
C GLU E 96 -100.22 -24.49 9.22
N ASN E 97 -99.42 -23.43 9.16
CA ASN E 97 -99.14 -22.76 7.89
C ASN E 97 -97.67 -22.39 7.84
N PHE E 98 -97.08 -22.57 6.67
CA PHE E 98 -95.66 -22.32 6.45
C PHE E 98 -95.51 -21.40 5.27
N ARG E 99 -94.56 -20.48 5.36
CA ARG E 99 -94.17 -19.62 4.27
C ARG E 99 -92.73 -19.93 3.99
N LEU E 100 -92.39 -20.15 2.73
CA LEU E 100 -91.02 -20.47 2.38
C LEU E 100 -90.20 -19.19 2.29
N ILE E 101 -89.27 -19.03 3.22
CA ILE E 101 -88.45 -17.83 3.35
C ILE E 101 -87.02 -18.31 3.52
N TYR E 102 -86.10 -17.71 2.77
CA TYR E 102 -84.67 -17.99 2.94
C TYR E 102 -84.19 -17.57 4.31
N ASP E 103 -83.55 -18.47 5.04
CA ASP E 103 -82.83 -17.95 6.18
C ASP E 103 -81.49 -17.40 5.72
N THR E 104 -80.77 -16.77 6.63
CA THR E 104 -79.59 -16.00 6.23
C THR E 104 -78.39 -16.85 5.84
N LYS E 105 -78.42 -18.16 6.04
CA LYS E 105 -77.45 -19.03 5.42
C LYS E 105 -77.76 -19.32 3.96
N GLY E 106 -78.96 -19.03 3.51
CA GLY E 106 -79.36 -19.25 2.15
C GLY E 106 -80.26 -20.45 1.89
N ARG E 107 -80.88 -21.01 2.92
CA ARG E 107 -81.63 -22.24 2.82
C ARG E 107 -83.10 -21.99 3.12
N PHE E 108 -83.98 -22.82 2.57
CA PHE E 108 -85.40 -22.61 2.80
C PHE E 108 -85.77 -23.10 4.17
N ALA E 109 -86.36 -22.23 4.98
CA ALA E 109 -86.56 -22.56 6.37
C ALA E 109 -87.94 -23.14 6.59
N VAL E 110 -88.07 -23.86 7.71
CA VAL E 110 -89.37 -24.15 8.28
C VAL E 110 -89.65 -22.96 9.19
N HIS E 111 -90.49 -22.07 8.71
CA HIS E 111 -90.77 -20.83 9.43
C HIS E 111 -92.28 -20.65 9.43
N ARG E 112 -92.87 -20.59 10.60
CA ARG E 112 -94.30 -20.73 10.75
C ARG E 112 -94.98 -19.37 10.75
N ILE E 113 -96.15 -19.30 10.17
CA ILE E 113 -96.90 -18.05 10.09
C ILE E 113 -98.24 -18.21 10.79
N THR E 114 -98.89 -17.08 11.01
CA THR E 114 -100.14 -17.04 11.73
C THR E 114 -101.24 -17.51 10.79
N PRO E 115 -102.29 -18.14 11.32
CA PRO E 115 -103.45 -18.46 10.49
C PRO E 115 -104.25 -17.26 10.01
N GLU E 116 -104.07 -16.07 10.61
CA GLU E 116 -104.58 -14.86 9.98
C GLU E 116 -103.66 -14.36 8.87
N GLU E 117 -102.38 -14.74 8.88
CA GLU E 117 -101.41 -14.19 7.93
C GLU E 117 -101.40 -14.91 6.61
N ALA E 118 -102.04 -16.07 6.51
CA ALA E 118 -101.86 -16.92 5.34
C ALA E 118 -102.88 -16.66 4.26
N LYS E 119 -103.49 -15.48 4.25
CA LYS E 119 -104.36 -15.08 3.16
C LYS E 119 -103.68 -14.13 2.18
N TYR E 120 -102.38 -13.84 2.35
CA TYR E 120 -101.71 -13.01 1.38
C TYR E 120 -100.27 -13.47 1.17
N LYS E 121 -99.67 -12.94 0.11
CA LYS E 121 -98.28 -13.19 -0.24
C LYS E 121 -97.79 -11.97 -0.99
N LEU E 122 -96.49 -11.92 -1.25
CA LEU E 122 -95.94 -10.81 -2.01
C LEU E 122 -95.46 -11.33 -3.35
N CYS E 123 -95.40 -10.46 -4.35
CA CYS E 123 -94.97 -10.88 -5.67
C CYS E 123 -94.21 -9.77 -6.35
N LYS E 124 -93.04 -10.10 -6.90
CA LYS E 124 -92.22 -9.14 -7.61
C LYS E 124 -92.67 -9.08 -9.05
N VAL E 125 -92.99 -7.90 -9.54
CA VAL E 125 -93.61 -7.78 -10.86
C VAL E 125 -92.52 -7.65 -11.91
N ARG E 126 -92.52 -8.57 -12.85
CA ARG E 126 -91.35 -8.71 -13.70
C ARG E 126 -91.57 -8.18 -15.11
N LYS E 127 -92.82 -8.07 -15.55
CA LYS E 127 -93.05 -7.68 -16.93
C LYS E 127 -94.37 -6.95 -17.00
N ILE E 128 -94.37 -5.78 -17.63
CA ILE E 128 -95.55 -4.95 -17.77
C ILE E 128 -95.69 -4.62 -19.25
N PHE E 129 -96.87 -4.90 -19.80
CA PHE E 129 -97.13 -4.76 -21.22
C PHE E 129 -98.60 -4.49 -21.40
N VAL E 130 -99.02 -4.30 -22.64
CA VAL E 130 -100.41 -4.06 -22.96
C VAL E 130 -100.84 -5.10 -23.97
N GLY E 131 -102.15 -5.28 -24.09
CA GLY E 131 -102.64 -6.20 -25.08
C GLY E 131 -104.08 -5.93 -25.43
N THR E 132 -104.44 -6.40 -26.62
CA THR E 132 -105.76 -6.92 -27.01
C THR E 132 -106.92 -5.98 -26.68
N LYS E 133 -106.87 -4.79 -27.32
CA LYS E 133 -107.67 -3.56 -27.11
C LYS E 133 -107.31 -2.89 -25.79
N GLY E 134 -106.02 -2.85 -25.49
CA GLY E 134 -105.48 -1.97 -24.48
C GLY E 134 -105.56 -2.47 -23.07
N ILE E 135 -105.75 -3.78 -22.88
CA ILE E 135 -105.83 -4.41 -21.57
C ILE E 135 -104.43 -4.42 -20.99
N PRO E 136 -104.15 -3.78 -19.88
CA PRO E 136 -102.82 -3.92 -19.31
C PRO E 136 -102.72 -5.18 -18.49
N HIS E 137 -101.60 -5.87 -18.61
CA HIS E 137 -101.35 -7.10 -17.90
C HIS E 137 -100.22 -6.88 -16.92
N LEU E 138 -100.01 -7.85 -16.05
CA LEU E 138 -98.94 -7.80 -15.08
C LEU E 138 -98.48 -9.21 -14.79
N VAL E 139 -97.18 -9.46 -14.83
CA VAL E 139 -96.64 -10.79 -14.66
C VAL E 139 -95.75 -10.80 -13.43
N THR E 140 -96.10 -11.62 -12.45
CA THR E 140 -95.39 -11.71 -11.20
C THR E 140 -94.18 -12.62 -11.34
N HIS E 141 -93.43 -12.80 -10.26
CA HIS E 141 -92.25 -13.64 -10.34
C HIS E 141 -92.56 -15.13 -10.17
N ASP E 142 -93.81 -15.49 -9.86
CA ASP E 142 -94.22 -16.90 -9.87
C ASP E 142 -95.21 -17.15 -11.01
N ALA E 143 -95.12 -16.31 -12.04
CA ALA E 143 -95.83 -16.37 -13.32
C ALA E 143 -97.34 -16.26 -13.17
N ARG E 144 -97.83 -15.61 -12.14
CA ARG E 144 -99.22 -15.22 -12.15
C ARG E 144 -99.40 -14.05 -13.11
N THR E 145 -100.32 -14.19 -14.04
CA THR E 145 -100.63 -13.14 -15.00
C THR E 145 -101.91 -12.47 -14.52
N ILE E 146 -101.82 -11.20 -14.18
CA ILE E 146 -102.96 -10.47 -13.64
C ILE E 146 -103.33 -9.39 -14.65
N ARG E 147 -104.58 -9.38 -15.09
CA ARG E 147 -105.06 -8.30 -15.91
C ARG E 147 -105.50 -7.14 -15.04
N TYR E 148 -105.55 -5.96 -15.67
CA TYR E 148 -105.98 -4.68 -15.12
C TYR E 148 -105.28 -4.27 -13.83
N PRO E 149 -103.98 -4.01 -13.84
CA PRO E 149 -103.30 -3.63 -12.62
C PRO E 149 -103.54 -2.17 -12.28
N ASP E 150 -102.99 -1.76 -11.14
CA ASP E 150 -102.85 -0.34 -10.86
C ASP E 150 -101.89 0.30 -11.85
N PRO E 151 -102.25 1.41 -12.50
CA PRO E 151 -101.37 2.00 -13.52
C PRO E 151 -100.14 2.72 -13.01
N LEU E 152 -99.87 2.77 -11.70
CA LEU E 152 -98.55 3.23 -11.28
C LEU E 152 -97.53 2.11 -11.18
N ILE E 153 -97.95 0.85 -11.29
CA ILE E 153 -97.03 -0.26 -11.08
C ILE E 153 -96.09 -0.38 -12.28
N LYS E 154 -94.80 -0.52 -12.00
CA LYS E 154 -93.72 -0.60 -12.96
C LYS E 154 -92.94 -1.86 -12.63
N VAL E 155 -91.92 -2.16 -13.45
CA VAL E 155 -91.09 -3.33 -13.22
C VAL E 155 -90.30 -3.19 -11.90
N ASN E 156 -89.98 -4.34 -11.28
CA ASN E 156 -89.21 -4.47 -10.02
C ASN E 156 -89.91 -3.86 -8.82
N ASP E 157 -91.23 -3.87 -8.82
CA ASP E 157 -92.03 -3.46 -7.68
C ASP E 157 -92.52 -4.71 -6.96
N THR E 158 -93.07 -4.51 -5.76
CA THR E 158 -93.69 -5.61 -5.03
C THR E 158 -95.16 -5.31 -4.77
N ILE E 159 -96.02 -6.24 -5.14
CA ILE E 159 -97.43 -6.14 -4.89
C ILE E 159 -97.80 -7.15 -3.81
N GLN E 160 -98.97 -6.97 -3.22
CA GLN E 160 -99.51 -7.94 -2.27
C GLN E 160 -100.85 -8.41 -2.79
N ILE E 161 -100.99 -9.73 -2.97
CA ILE E 161 -102.21 -10.27 -3.56
C ILE E 161 -103.00 -11.05 -2.51
N ASP E 162 -104.30 -11.13 -2.71
CA ASP E 162 -105.14 -11.98 -1.88
C ASP E 162 -105.08 -13.38 -2.42
N LEU E 163 -104.77 -14.34 -1.54
CA LEU E 163 -104.57 -15.72 -1.97
C LEU E 163 -105.85 -16.46 -2.23
N GLU E 164 -107.00 -15.94 -1.80
CA GLU E 164 -108.23 -16.54 -2.26
C GLU E 164 -108.56 -16.10 -3.68
N THR E 165 -108.46 -14.79 -3.95
CA THR E 165 -108.99 -14.28 -5.20
C THR E 165 -107.96 -14.22 -6.32
N GLY E 166 -106.75 -13.77 -6.04
CA GLY E 166 -105.80 -13.45 -7.09
C GLY E 166 -105.79 -12.01 -7.52
N LYS E 167 -106.24 -11.08 -6.68
CA LYS E 167 -106.35 -9.68 -7.02
C LYS E 167 -105.47 -8.82 -6.13
N ILE E 168 -104.99 -7.72 -6.70
CA ILE E 168 -103.98 -6.86 -6.08
C ILE E 168 -104.64 -6.03 -4.99
N THR E 169 -104.13 -6.13 -3.75
CA THR E 169 -104.60 -5.22 -2.72
C THR E 169 -103.86 -3.90 -2.68
N ASP E 170 -102.53 -3.92 -2.64
CA ASP E 170 -101.73 -2.70 -2.70
C ASP E 170 -100.33 -3.07 -3.16
N PHE E 171 -99.55 -2.04 -3.49
CA PHE E 171 -98.25 -2.24 -4.10
C PHE E 171 -97.20 -1.34 -3.46
N ILE E 172 -95.94 -1.75 -3.61
CA ILE E 172 -94.79 -1.03 -3.10
C ILE E 172 -93.97 -0.58 -4.28
N LYS E 173 -93.52 0.66 -4.28
CA LYS E 173 -92.68 1.13 -5.38
C LYS E 173 -91.22 0.94 -5.00
N PHE E 174 -90.39 0.69 -6.00
CA PHE E 174 -88.97 0.44 -5.78
C PHE E 174 -88.25 1.76 -5.54
N ASP E 175 -87.58 1.89 -4.40
CA ASP E 175 -86.87 3.12 -4.05
C ASP E 175 -85.67 2.82 -3.18
N THR E 176 -84.92 3.87 -2.88
CA THR E 176 -84.12 3.88 -1.68
C THR E 176 -85.00 4.14 -0.47
N GLY E 177 -84.68 3.49 0.63
CA GLY E 177 -85.47 3.64 1.82
C GLY E 177 -86.48 2.55 2.06
N ASN E 178 -86.64 1.60 1.16
CA ASN E 178 -87.52 0.47 1.43
C ASN E 178 -86.71 -0.67 1.98
N LEU E 179 -87.34 -1.49 2.81
CA LEU E 179 -86.64 -2.68 3.31
C LEU E 179 -86.63 -3.73 2.22
N CYS E 180 -85.59 -4.55 2.21
CA CYS E 180 -85.33 -5.40 1.07
C CYS E 180 -84.82 -6.75 1.53
N MET E 181 -85.10 -7.77 0.72
CA MET E 181 -84.55 -9.09 0.91
C MET E 181 -83.93 -9.56 -0.39
N VAL E 182 -82.88 -10.33 -0.29
CA VAL E 182 -82.17 -10.83 -1.45
C VAL E 182 -82.61 -12.26 -1.71
N THR E 183 -82.88 -12.59 -2.96
CA THR E 183 -83.24 -13.92 -3.40
C THR E 183 -82.12 -14.56 -4.18
N GLY E 184 -80.90 -14.15 -3.88
CA GLY E 184 -79.82 -14.05 -4.83
C GLY E 184 -78.65 -14.99 -4.78
N GLY E 185 -77.50 -14.39 -4.99
CA GLY E 185 -76.23 -15.02 -5.23
C GLY E 185 -75.57 -15.12 -3.89
N ALA E 186 -74.30 -14.72 -3.79
CA ALA E 186 -73.52 -14.85 -2.55
C ALA E 186 -74.12 -14.14 -1.34
N ASN E 187 -74.95 -13.12 -1.53
CA ASN E 187 -75.58 -12.40 -0.43
C ASN E 187 -77.04 -12.79 -0.24
N LEU E 188 -77.39 -14.03 -0.55
CA LEU E 188 -78.73 -14.55 -0.41
C LEU E 188 -79.19 -14.58 1.03
N GLY E 189 -80.31 -13.90 1.31
CA GLY E 189 -80.94 -13.99 2.59
C GLY E 189 -80.75 -12.80 3.49
N ARG E 190 -79.91 -11.84 3.13
CA ARG E 190 -79.64 -10.71 4.01
C ARG E 190 -80.70 -9.64 3.82
N ILE E 191 -81.14 -9.06 4.92
CA ILE E 191 -82.25 -8.11 4.94
C ILE E 191 -81.75 -6.73 5.31
N GLY E 192 -81.99 -5.75 4.45
CA GLY E 192 -81.58 -4.40 4.78
C GLY E 192 -82.35 -3.38 3.99
N VAL E 193 -82.04 -2.12 4.25
CA VAL E 193 -82.72 -0.98 3.66
C VAL E 193 -81.86 -0.45 2.51
N ILE E 194 -82.49 -0.13 1.38
CA ILE E 194 -81.78 0.15 0.14
C ILE E 194 -81.19 1.55 0.20
N THR E 195 -79.93 1.69 -0.23
CA THR E 195 -79.29 3.00 -0.26
C THR E 195 -78.99 3.54 -1.65
N ASN E 196 -78.95 2.70 -2.68
CA ASN E 196 -78.42 3.15 -3.95
C ASN E 196 -78.93 2.24 -5.06
N ARG E 197 -78.84 2.74 -6.29
CA ARG E 197 -78.88 1.91 -7.49
C ARG E 197 -78.01 2.58 -8.53
N GLU E 198 -77.02 1.87 -9.04
CA GLU E 198 -76.17 2.42 -10.11
C GLU E 198 -76.68 1.92 -11.45
N ARG E 199 -77.08 2.85 -12.31
CA ARG E 199 -77.78 2.51 -13.55
C ARG E 199 -76.79 2.45 -14.71
N HIS E 200 -76.70 1.28 -15.35
CA HIS E 200 -75.81 1.04 -16.48
C HIS E 200 -76.65 0.75 -17.71
N PRO E 201 -76.36 1.39 -18.85
CA PRO E 201 -76.99 0.96 -20.10
C PRO E 201 -76.41 -0.37 -20.55
N GLY E 202 -77.28 -1.35 -20.74
CA GLY E 202 -76.90 -2.56 -21.43
C GLY E 202 -76.48 -3.72 -20.55
N SER E 203 -76.54 -3.60 -19.24
CA SER E 203 -76.04 -4.65 -18.38
C SER E 203 -76.83 -4.66 -17.08
N PHE E 204 -76.47 -5.59 -16.20
CA PHE E 204 -77.16 -5.75 -14.93
C PHE E 204 -76.83 -4.58 -14.00
N ASP E 205 -77.87 -4.10 -13.33
CA ASP E 205 -77.75 -2.94 -12.45
C ASP E 205 -77.48 -3.40 -11.03
N VAL E 206 -76.63 -2.68 -10.34
CA VAL E 206 -76.17 -3.09 -9.01
C VAL E 206 -76.84 -2.19 -7.99
N VAL E 207 -77.39 -2.79 -6.95
CA VAL E 207 -78.17 -2.09 -5.95
C VAL E 207 -77.50 -2.28 -4.60
N HIS E 208 -77.13 -1.18 -3.95
CA HIS E 208 -76.42 -1.23 -2.69
C HIS E 208 -77.42 -1.17 -1.54
N VAL E 209 -77.24 -2.05 -0.56
CA VAL E 209 -78.16 -2.20 0.57
C VAL E 209 -77.34 -1.91 1.84
N LYS E 210 -77.99 -1.37 2.88
CA LYS E 210 -77.40 -1.27 4.21
C LYS E 210 -78.28 -1.98 5.21
N ASP E 211 -77.67 -2.82 6.05
CA ASP E 211 -78.37 -3.71 6.96
C ASP E 211 -78.79 -3.01 8.24
N ALA E 212 -79.49 -3.78 9.09
CA ALA E 212 -79.84 -3.32 10.43
C ALA E 212 -78.62 -3.21 11.34
N ASN E 213 -77.57 -3.97 11.05
CA ASN E 213 -76.29 -3.78 11.71
C ASN E 213 -75.48 -2.64 11.13
N GLY E 214 -75.74 -2.28 9.87
CA GLY E 214 -74.98 -1.23 9.20
C GLY E 214 -73.92 -1.72 8.25
N ASN E 215 -73.64 -3.02 8.20
CA ASN E 215 -72.75 -3.54 7.18
C ASN E 215 -73.46 -3.59 5.83
N SER E 216 -72.73 -3.32 4.77
CA SER E 216 -73.36 -3.09 3.48
C SER E 216 -72.90 -4.11 2.45
N PHE E 217 -73.76 -4.35 1.48
CA PHE E 217 -73.48 -5.25 0.38
C PHE E 217 -74.16 -4.69 -0.86
N ALA E 218 -73.88 -5.31 -1.99
CA ALA E 218 -74.62 -4.96 -3.18
C ALA E 218 -74.75 -6.18 -4.05
N THR E 219 -75.89 -6.32 -4.73
CA THR E 219 -76.17 -7.45 -5.61
C THR E 219 -76.77 -6.93 -6.89
N ARG E 220 -77.03 -7.82 -7.83
CA ARG E 220 -77.62 -7.38 -9.07
C ARG E 220 -79.11 -7.14 -8.87
N LEU E 221 -79.71 -6.37 -9.78
CA LEU E 221 -81.06 -5.85 -9.60
C LEU E 221 -82.11 -6.94 -9.74
N SER E 222 -81.80 -8.01 -10.48
CA SER E 222 -82.70 -9.15 -10.57
C SER E 222 -82.71 -10.02 -9.32
N ASN E 223 -81.89 -9.72 -8.31
CA ASN E 223 -81.85 -10.46 -7.06
C ASN E 223 -82.49 -9.71 -5.91
N ILE E 224 -83.04 -8.54 -6.14
CA ILE E 224 -83.53 -7.68 -5.07
C ILE E 224 -85.04 -7.82 -5.00
N PHE E 225 -85.55 -8.27 -3.86
CA PHE E 225 -86.97 -8.45 -3.62
C PHE E 225 -87.35 -7.51 -2.49
N VAL E 226 -88.22 -6.55 -2.78
CA VAL E 226 -88.65 -5.61 -1.75
C VAL E 226 -89.66 -6.28 -0.83
N ILE E 227 -89.36 -6.29 0.47
CA ILE E 227 -90.31 -6.87 1.41
C ILE E 227 -91.36 -5.86 1.81
N GLY E 228 -90.97 -4.65 2.22
CA GLY E 228 -91.90 -3.76 2.87
C GLY E 228 -91.69 -2.31 2.49
N LYS E 229 -92.54 -1.46 3.06
CA LYS E 229 -92.44 -0.02 2.91
C LYS E 229 -91.64 0.53 4.07
N GLY E 230 -90.67 1.39 3.77
CA GLY E 230 -89.89 2.01 4.83
C GLY E 230 -88.89 1.03 5.39
N ASN E 231 -88.84 0.93 6.71
CA ASN E 231 -88.15 -0.16 7.37
C ASN E 231 -89.14 -1.10 8.05
N LYS E 232 -90.35 -1.16 7.52
CA LYS E 232 -91.40 -2.00 8.10
C LYS E 232 -91.58 -3.24 7.23
N PRO E 233 -91.21 -4.42 7.70
CA PRO E 233 -91.45 -5.63 6.90
C PRO E 233 -92.90 -6.06 6.95
N TRP E 234 -93.38 -6.58 5.83
CA TRP E 234 -94.77 -6.94 5.69
C TRP E 234 -95.05 -8.40 5.96
N ILE E 235 -94.04 -9.19 6.33
CA ILE E 235 -94.21 -10.61 6.55
C ILE E 235 -93.58 -11.00 7.87
N SER E 236 -93.88 -12.22 8.30
CA SER E 236 -93.14 -12.81 9.40
C SER E 236 -91.75 -13.22 8.90
N LEU E 237 -90.74 -12.90 9.67
CA LEU E 237 -89.34 -13.07 9.33
C LEU E 237 -88.76 -14.28 10.05
N PRO E 238 -87.63 -14.83 9.58
CA PRO E 238 -86.96 -15.87 10.37
C PRO E 238 -86.28 -15.27 11.59
N ARG E 239 -85.87 -16.16 12.49
CA ARG E 239 -85.57 -15.76 13.86
C ARG E 239 -84.27 -14.98 13.97
N GLY E 240 -83.36 -15.17 13.02
CA GLY E 240 -82.18 -14.34 12.96
C GLY E 240 -82.41 -12.99 12.34
N LYS E 241 -83.54 -12.83 11.63
CA LYS E 241 -83.97 -11.61 10.92
C LYS E 241 -82.96 -11.16 9.87
N GLY E 242 -82.29 -12.08 9.20
CA GLY E 242 -81.52 -11.72 8.03
C GLY E 242 -80.17 -11.08 8.29
N ILE E 243 -79.75 -10.95 9.54
CA ILE E 243 -78.45 -10.38 9.86
C ILE E 243 -77.45 -11.51 9.76
N ARG E 244 -76.50 -11.38 8.85
CA ARG E 244 -75.47 -12.39 8.74
C ARG E 244 -74.43 -12.10 9.80
N LEU E 245 -74.32 -12.99 10.76
CA LEU E 245 -73.20 -12.97 11.68
C LEU E 245 -72.06 -13.76 11.06
N THR E 246 -70.84 -13.37 11.42
CA THR E 246 -69.68 -14.02 10.86
C THR E 246 -69.49 -15.36 11.57
N ILE E 247 -68.51 -16.14 11.13
CA ILE E 247 -68.22 -17.45 11.69
C ILE E 247 -67.69 -17.33 13.12
N ALA E 248 -67.05 -16.22 13.46
CA ALA E 248 -66.64 -15.95 14.83
C ALA E 248 -67.82 -15.70 15.76
N GLU E 249 -68.76 -14.84 15.36
CA GLU E 249 -69.91 -14.59 16.23
C GLU E 249 -70.91 -15.72 16.19
N GLU E 250 -70.92 -16.52 15.12
CA GLU E 250 -71.80 -17.69 15.12
C GLU E 250 -71.25 -18.78 16.04
N ARG E 251 -69.92 -18.95 16.08
CA ARG E 251 -69.34 -19.83 17.10
C ARG E 251 -69.56 -19.29 18.50
N ASP E 252 -69.42 -17.98 18.71
CA ASP E 252 -69.69 -17.40 20.02
C ASP E 252 -71.17 -17.44 20.42
N LYS E 253 -72.09 -17.45 19.46
CA LYS E 253 -73.48 -17.63 19.80
C LYS E 253 -73.79 -19.10 20.08
N ARG E 254 -73.15 -20.03 19.36
CA ARG E 254 -73.24 -21.46 19.69
C ARG E 254 -72.52 -21.78 20.99
N LEU E 255 -71.59 -20.92 21.41
CA LEU E 255 -71.15 -20.91 22.79
C LEU E 255 -72.04 -19.93 23.62
N MET F 1 -7.09 -43.47 -35.73
CA MET F 1 -7.11 -42.88 -37.05
C MET F 1 -7.21 -41.39 -36.92
N ARG F 2 -6.39 -40.69 -37.68
CA ARG F 2 -6.42 -39.24 -37.71
C ARG F 2 -7.69 -38.80 -38.40
N ALA F 3 -8.42 -37.88 -37.78
CA ALA F 3 -9.83 -37.63 -38.11
C ALA F 3 -10.03 -37.00 -39.47
N LYS F 4 -9.02 -36.32 -40.00
CA LYS F 4 -9.07 -35.86 -41.39
C LYS F 4 -9.08 -37.04 -42.35
N TRP F 5 -8.32 -38.10 -42.06
CA TRP F 5 -8.34 -39.22 -43.00
C TRP F 5 -9.56 -40.09 -42.83
N ARG F 6 -10.18 -40.11 -41.66
CA ARG F 6 -11.50 -40.71 -41.50
C ARG F 6 -12.54 -39.95 -42.29
N LYS F 7 -12.45 -38.62 -42.27
CA LYS F 7 -13.28 -37.75 -43.09
C LYS F 7 -13.06 -37.98 -44.57
N LYS F 8 -11.80 -38.12 -45.00
CA LYS F 8 -11.47 -38.35 -46.40
C LYS F 8 -11.93 -39.72 -46.86
N ARG F 9 -11.91 -40.70 -45.97
CA ARG F 9 -12.31 -42.04 -46.37
C ARG F 9 -13.83 -42.15 -46.46
N MET F 10 -14.56 -41.46 -45.56
CA MET F 10 -16.01 -41.38 -45.75
C MET F 10 -16.38 -40.47 -46.92
N ARG F 11 -15.49 -39.56 -47.29
CA ARG F 11 -15.70 -38.76 -48.49
C ARG F 11 -15.56 -39.60 -49.75
N ARG F 12 -14.56 -40.48 -49.79
CA ARG F 12 -14.39 -41.40 -50.91
C ARG F 12 -15.52 -42.41 -50.97
N LEU F 13 -16.00 -42.86 -49.81
CA LEU F 13 -17.11 -43.79 -49.74
C LEU F 13 -18.41 -43.16 -50.26
N LYS F 14 -18.68 -41.92 -49.87
CA LYS F 14 -19.90 -41.26 -50.33
C LYS F 14 -19.80 -40.89 -51.81
N ARG F 15 -18.59 -40.58 -52.30
CA ARG F 15 -18.41 -40.30 -53.73
C ARG F 15 -18.63 -41.55 -54.57
N LYS F 16 -18.18 -42.72 -54.08
CA LYS F 16 -18.44 -43.97 -54.79
C LYS F 16 -19.91 -44.39 -54.67
N ARG F 17 -20.57 -44.08 -53.55
CA ARG F 17 -21.98 -44.41 -53.36
C ARG F 17 -22.87 -43.62 -54.28
N ARG F 18 -22.63 -42.31 -54.38
CA ARG F 18 -23.38 -41.50 -55.33
C ARG F 18 -22.97 -41.80 -56.77
N LYS F 19 -21.79 -42.38 -57.00
CA LYS F 19 -21.50 -42.90 -58.34
C LYS F 19 -22.35 -44.12 -58.66
N MET F 20 -22.50 -45.04 -57.70
CA MET F 20 -23.24 -46.27 -57.95
C MET F 20 -24.75 -46.10 -57.89
N ARG F 21 -25.25 -44.97 -57.38
CA ARG F 21 -26.70 -44.84 -57.25
C ARG F 21 -27.36 -44.12 -58.42
N GLN F 22 -26.63 -43.37 -59.23
CA GLN F 22 -27.25 -42.64 -60.33
C GLN F 22 -27.06 -43.30 -61.69
N ARG F 23 -26.58 -44.54 -61.72
CA ARG F 23 -26.53 -45.32 -62.97
C ARG F 23 -27.93 -45.67 -63.45
N SER F 24 -28.78 -46.16 -62.55
CA SER F 24 -30.16 -46.48 -62.85
C SER F 24 -31.01 -45.21 -63.01
N LYS G 1 -107.66 -74.78 -54.32
CA LYS G 1 -108.73 -74.70 -53.35
C LYS G 1 -109.61 -73.51 -53.66
N LEU G 2 -110.82 -73.50 -53.08
CA LEU G 2 -111.70 -72.34 -53.12
C LEU G 2 -112.33 -72.14 -51.74
N ASN G 3 -112.28 -70.92 -51.24
CA ASN G 3 -112.92 -70.54 -50.00
C ASN G 3 -114.18 -69.75 -50.35
N ILE G 4 -115.33 -70.40 -50.35
CA ILE G 4 -116.56 -69.79 -50.81
C ILE G 4 -117.31 -69.25 -49.61
N SER G 5 -117.68 -67.98 -49.66
CA SER G 5 -118.36 -67.30 -48.57
C SER G 5 -119.73 -66.85 -49.03
N PHE G 6 -120.73 -66.98 -48.16
CA PHE G 6 -122.03 -66.40 -48.43
C PHE G 6 -122.27 -65.24 -47.49
N PRO G 7 -122.32 -63.99 -48.00
CA PRO G 7 -122.41 -62.85 -47.08
C PRO G 7 -123.79 -62.62 -46.53
N ALA G 8 -124.84 -63.16 -47.14
CA ALA G 8 -126.19 -62.86 -46.66
C ALA G 8 -126.53 -63.65 -45.39
N THR G 9 -126.08 -64.90 -45.31
CA THR G 9 -126.34 -65.72 -44.14
C THR G 9 -125.12 -65.91 -43.25
N GLY G 10 -123.93 -65.64 -43.75
CA GLY G 10 -122.73 -65.84 -42.97
C GLY G 10 -122.40 -67.29 -42.66
N CYS G 11 -122.30 -68.10 -43.71
CA CYS G 11 -121.64 -69.40 -43.60
C CYS G 11 -120.73 -69.57 -44.79
N GLN G 12 -119.64 -70.29 -44.56
CA GLN G 12 -118.58 -70.42 -45.55
C GLN G 12 -118.12 -71.85 -45.57
N LYS G 13 -117.61 -72.29 -46.70
CA LYS G 13 -117.11 -73.66 -46.78
C LYS G 13 -115.86 -73.67 -47.65
N LEU G 14 -115.06 -74.69 -47.46
CA LEU G 14 -113.79 -74.83 -48.16
C LEU G 14 -113.85 -76.09 -48.99
N ILE G 15 -113.80 -75.93 -50.31
CA ILE G 15 -113.86 -77.05 -51.23
C ILE G 15 -112.52 -77.21 -51.93
N GLU G 16 -112.27 -78.43 -52.37
CA GLU G 16 -111.11 -78.76 -53.19
C GLU G 16 -111.57 -78.83 -54.64
N VAL G 17 -111.04 -77.96 -55.48
CA VAL G 17 -111.41 -77.91 -56.88
C VAL G 17 -110.19 -78.35 -57.68
N ASP G 18 -110.24 -79.58 -58.22
CA ASP G 18 -109.03 -80.26 -58.65
C ASP G 18 -108.76 -80.17 -60.16
N ASP G 19 -109.77 -80.19 -61.02
CA ASP G 19 -109.47 -80.04 -62.44
C ASP G 19 -109.39 -78.57 -62.78
N GLU G 20 -108.51 -78.25 -63.73
CA GLU G 20 -108.17 -76.87 -64.03
C GLU G 20 -108.73 -76.37 -65.34
N ARG G 21 -109.30 -77.27 -66.15
CA ARG G 21 -110.24 -76.89 -67.21
C ARG G 21 -111.58 -76.45 -66.63
N LYS G 22 -111.89 -76.85 -65.39
CA LYS G 22 -113.05 -76.33 -64.67
C LYS G 22 -112.91 -74.86 -64.36
N LEU G 23 -111.69 -74.37 -64.17
CA LEU G 23 -111.42 -73.05 -63.61
C LEU G 23 -111.07 -72.01 -64.66
N ARG G 24 -111.33 -72.27 -65.94
CA ARG G 24 -110.81 -71.39 -66.98
C ARG G 24 -111.53 -70.06 -67.10
N THR G 25 -112.75 -69.95 -66.57
CA THR G 25 -113.39 -68.65 -66.52
C THR G 25 -112.87 -67.77 -65.39
N PHE G 26 -112.01 -68.30 -64.52
CA PHE G 26 -111.45 -67.54 -63.42
C PHE G 26 -110.14 -66.87 -63.78
N TYR G 27 -109.41 -67.44 -64.73
CA TYR G 27 -108.05 -67.01 -64.97
C TYR G 27 -108.10 -65.76 -65.84
N GLU G 28 -107.01 -64.98 -65.78
CA GLU G 28 -106.78 -63.75 -66.54
C GLU G 28 -107.84 -62.67 -66.29
N LYS G 29 -108.57 -62.74 -65.17
CA LYS G 29 -109.46 -61.70 -64.71
C LYS G 29 -108.95 -61.17 -63.37
N ARG G 30 -109.04 -59.87 -63.18
CA ARG G 30 -108.49 -59.25 -62.00
C ARG G 30 -109.43 -59.47 -60.82
N MET G 31 -108.99 -59.03 -59.64
CA MET G 31 -109.81 -59.13 -58.44
C MET G 31 -111.01 -58.19 -58.51
N ALA G 32 -112.06 -58.57 -57.77
CA ALA G 32 -113.32 -57.81 -57.59
C ALA G 32 -114.04 -57.56 -58.91
N THR G 33 -113.97 -58.52 -59.82
CA THR G 33 -114.86 -58.58 -60.96
C THR G 33 -115.69 -59.85 -60.81
N GLU G 34 -117.01 -59.70 -60.98
CA GLU G 34 -117.90 -60.85 -60.94
C GLU G 34 -117.67 -61.78 -62.14
N VAL G 35 -117.69 -63.07 -61.87
CA VAL G 35 -117.51 -64.07 -62.91
C VAL G 35 -118.81 -64.85 -63.08
N ALA G 36 -118.92 -65.53 -64.20
CA ALA G 36 -120.11 -66.33 -64.49
C ALA G 36 -119.86 -67.70 -63.92
N ALA G 37 -120.28 -67.91 -62.67
CA ALA G 37 -120.04 -69.18 -61.99
C ALA G 37 -121.18 -70.13 -62.34
N ASP G 38 -121.11 -70.67 -63.55
CA ASP G 38 -121.91 -71.82 -63.93
C ASP G 38 -121.06 -73.05 -64.21
N ALA G 39 -119.73 -72.90 -64.23
CA ALA G 39 -118.87 -73.79 -64.98
C ALA G 39 -118.04 -74.72 -64.11
N LEU G 40 -118.02 -74.52 -62.80
CA LEU G 40 -117.28 -75.41 -61.92
C LEU G 40 -118.16 -76.47 -61.27
N GLY G 41 -119.31 -76.77 -61.86
CA GLY G 41 -120.20 -77.76 -61.28
C GLY G 41 -121.52 -77.79 -62.02
N GLU G 42 -122.47 -78.48 -61.39
CA GLU G 42 -123.84 -78.47 -61.86
C GLU G 42 -124.79 -77.80 -60.89
N GLU G 43 -124.35 -77.52 -59.66
CA GLU G 43 -125.22 -76.94 -58.67
C GLU G 43 -125.19 -75.42 -58.70
N TRP G 44 -124.26 -74.85 -59.45
CA TRP G 44 -124.14 -73.41 -59.58
C TRP G 44 -124.81 -73.01 -60.89
N LYS G 45 -126.08 -72.60 -60.84
CA LYS G 45 -126.73 -72.17 -62.08
C LYS G 45 -127.02 -70.68 -62.18
N GLY G 46 -127.31 -70.01 -61.07
CA GLY G 46 -127.62 -68.60 -61.17
C GLY G 46 -126.73 -67.74 -60.30
N TYR G 47 -125.87 -68.41 -59.55
CA TYR G 47 -124.93 -67.72 -58.68
C TYR G 47 -123.77 -67.17 -59.49
N VAL G 48 -123.55 -65.87 -59.39
CA VAL G 48 -122.30 -65.26 -59.84
C VAL G 48 -121.48 -64.94 -58.60
N VAL G 49 -120.18 -65.13 -58.68
CA VAL G 49 -119.37 -64.96 -57.49
C VAL G 49 -118.30 -63.92 -57.77
N ARG G 50 -117.93 -63.23 -56.70
CA ARG G 50 -116.98 -62.14 -56.74
C ARG G 50 -115.64 -62.68 -56.28
N ILE G 51 -114.58 -62.31 -57.00
CA ILE G 51 -113.23 -62.70 -56.64
C ILE G 51 -112.73 -61.66 -55.65
N SER G 52 -112.68 -62.01 -54.37
CA SER G 52 -112.35 -61.00 -53.37
C SER G 52 -110.98 -61.21 -52.76
N GLY G 53 -110.09 -61.91 -53.45
CA GLY G 53 -108.72 -62.02 -53.00
C GLY G 53 -108.32 -63.46 -52.82
N GLY G 54 -107.12 -63.64 -52.30
CA GLY G 54 -106.58 -64.97 -52.14
C GLY G 54 -105.14 -64.89 -51.69
N ASN G 55 -104.45 -66.01 -51.84
CA ASN G 55 -103.08 -66.16 -51.39
C ASN G 55 -102.25 -66.77 -52.52
N ASP G 56 -100.96 -66.50 -52.46
CA ASP G 56 -99.96 -67.02 -53.38
C ASP G 56 -99.82 -68.54 -53.19
N LYS G 57 -99.13 -69.19 -54.14
CA LYS G 57 -98.59 -70.54 -53.95
C LYS G 57 -97.73 -70.65 -52.68
N GLN G 58 -96.96 -69.61 -52.36
CA GLN G 58 -96.15 -69.57 -51.14
C GLN G 58 -96.81 -68.81 -49.99
N GLY G 59 -98.07 -68.46 -50.09
CA GLY G 59 -98.79 -67.97 -48.95
C GLY G 59 -98.87 -66.46 -48.78
N PHE G 60 -98.30 -65.68 -49.66
CA PHE G 60 -98.42 -64.25 -49.48
C PHE G 60 -99.75 -63.76 -50.04
N PRO G 61 -100.37 -62.77 -49.44
CA PRO G 61 -101.67 -62.31 -49.92
C PRO G 61 -101.60 -61.47 -51.19
N MET G 62 -102.75 -61.32 -51.82
CA MET G 62 -102.91 -60.48 -53.00
C MET G 62 -103.49 -59.11 -52.64
N LYS G 63 -102.97 -58.07 -53.27
CA LYS G 63 -103.47 -56.72 -53.08
C LYS G 63 -104.15 -56.26 -54.36
N GLN G 64 -105.13 -55.37 -54.20
CA GLN G 64 -106.01 -54.93 -55.28
C GLN G 64 -105.28 -54.11 -56.32
N GLY G 65 -104.37 -53.25 -55.89
CA GLY G 65 -103.76 -52.33 -56.83
C GLY G 65 -102.65 -52.92 -57.65
N VAL G 66 -102.07 -54.03 -57.21
CA VAL G 66 -100.89 -54.59 -57.87
C VAL G 66 -101.32 -55.36 -59.10
N LEU G 67 -100.66 -55.10 -60.22
CA LEU G 67 -101.20 -55.45 -61.53
C LEU G 67 -100.43 -56.55 -62.25
N THR G 68 -99.79 -57.48 -61.56
CA THR G 68 -99.07 -58.52 -62.30
C THR G 68 -99.49 -59.92 -61.88
N HIS G 69 -98.97 -60.89 -62.65
CA HIS G 69 -99.10 -62.29 -62.27
C HIS G 69 -98.12 -62.68 -61.18
N GLY G 70 -96.98 -62.00 -61.10
CA GLY G 70 -95.93 -62.46 -60.23
C GLY G 70 -95.91 -61.66 -58.96
N ARG G 71 -94.75 -61.57 -58.30
CA ARG G 71 -94.67 -60.97 -56.98
C ARG G 71 -93.73 -59.79 -56.97
N VAL G 72 -94.11 -58.76 -56.23
CA VAL G 72 -93.34 -57.54 -56.07
C VAL G 72 -93.06 -57.36 -54.59
N ARG G 73 -92.25 -56.36 -54.27
CA ARG G 73 -92.03 -55.95 -52.89
C ARG G 73 -92.41 -54.49 -52.74
N LEU G 74 -93.38 -54.20 -51.87
CA LEU G 74 -93.96 -52.86 -51.75
C LEU G 74 -93.82 -52.31 -50.35
N LEU G 75 -93.76 -50.98 -50.25
CA LEU G 75 -93.51 -50.31 -48.98
C LEU G 75 -94.85 -49.98 -48.33
N LEU G 76 -95.27 -50.81 -47.39
CA LEU G 76 -96.58 -50.70 -46.80
C LEU G 76 -96.59 -49.77 -45.60
N SER G 77 -97.79 -49.42 -45.15
CA SER G 77 -97.99 -48.38 -44.15
C SER G 77 -99.28 -48.62 -43.39
N LYS G 78 -99.56 -47.74 -42.44
CA LYS G 78 -100.86 -47.72 -41.77
C LYS G 78 -101.96 -47.39 -42.76
N GLY G 79 -103.05 -48.14 -42.69
CA GLY G 79 -104.16 -47.98 -43.60
C GLY G 79 -104.07 -48.87 -44.82
N HIS G 80 -102.91 -49.43 -45.10
CA HIS G 80 -102.80 -50.37 -46.22
C HIS G 80 -103.31 -51.73 -45.80
N SER G 81 -103.61 -52.53 -46.80
CA SER G 81 -103.91 -53.94 -46.57
C SER G 81 -102.61 -54.70 -46.40
N CYS G 82 -102.75 -55.96 -45.97
CA CYS G 82 -101.67 -56.95 -45.83
C CYS G 82 -100.55 -56.48 -44.90
N TYR G 83 -100.91 -55.71 -43.87
CA TYR G 83 -99.92 -55.06 -43.02
C TYR G 83 -100.59 -54.62 -41.73
N ARG G 84 -99.86 -54.76 -40.65
CA ARG G 84 -100.29 -54.20 -39.37
C ARG G 84 -99.07 -53.63 -38.66
N PRO G 85 -98.98 -52.32 -38.45
CA PRO G 85 -97.73 -51.75 -37.94
C PRO G 85 -97.57 -51.97 -36.45
N ARG G 86 -96.32 -52.04 -36.02
CA ARG G 86 -96.07 -52.13 -34.59
C ARG G 86 -96.18 -50.77 -33.93
N ARG G 87 -95.49 -49.79 -34.46
CA ARG G 87 -95.41 -48.45 -33.89
C ARG G 87 -96.17 -47.50 -34.79
N THR G 88 -96.45 -46.31 -34.28
CA THR G 88 -97.05 -45.30 -35.12
C THR G 88 -96.02 -44.79 -36.11
N GLY G 89 -96.27 -44.99 -37.39
CA GLY G 89 -95.34 -44.53 -38.38
C GLY G 89 -94.35 -45.56 -38.86
N GLU G 90 -94.49 -46.80 -38.44
CA GLU G 90 -93.64 -47.86 -38.98
C GLU G 90 -94.07 -48.19 -40.40
N ARG G 91 -93.10 -48.36 -41.28
CA ARG G 91 -93.30 -48.82 -42.63
C ARG G 91 -92.37 -49.99 -42.88
N LYS G 92 -92.88 -51.11 -43.37
CA LYS G 92 -92.04 -52.24 -43.68
C LYS G 92 -92.28 -52.67 -45.11
N ARG G 93 -91.25 -53.16 -45.76
CA ARG G 93 -91.38 -53.56 -47.14
C ARG G 93 -91.73 -55.03 -47.20
N LYS G 94 -92.91 -55.34 -47.70
CA LYS G 94 -93.41 -56.69 -47.71
C LYS G 94 -93.69 -57.15 -49.13
N SER G 95 -93.75 -58.47 -49.27
CA SER G 95 -93.99 -59.12 -50.54
C SER G 95 -95.46 -59.51 -50.63
N VAL G 96 -96.11 -59.10 -51.71
CA VAL G 96 -97.49 -59.44 -51.99
C VAL G 96 -97.56 -60.01 -53.40
N ARG G 97 -98.76 -60.46 -53.78
CA ARG G 97 -99.03 -60.92 -55.13
C ARG G 97 -100.00 -59.93 -55.78
N GLY G 98 -100.04 -59.91 -57.11
CA GLY G 98 -100.92 -59.01 -57.83
C GLY G 98 -102.39 -59.34 -57.71
N CYS G 99 -103.22 -58.52 -58.34
CA CYS G 99 -104.64 -58.78 -58.32
C CYS G 99 -105.09 -59.68 -59.45
N ILE G 100 -104.19 -60.05 -60.36
CA ILE G 100 -104.55 -60.91 -61.48
C ILE G 100 -104.63 -62.34 -60.98
N VAL G 101 -105.69 -63.05 -61.34
CA VAL G 101 -105.79 -64.45 -60.98
C VAL G 101 -105.12 -65.30 -62.06
N ASP G 102 -104.32 -66.26 -61.63
CA ASP G 102 -103.77 -67.30 -62.48
C ASP G 102 -103.87 -68.60 -61.70
N ALA G 103 -103.44 -69.71 -62.31
CA ALA G 103 -103.55 -71.05 -61.76
C ALA G 103 -102.57 -71.35 -60.64
N ASN G 104 -101.70 -70.42 -60.26
CA ASN G 104 -100.67 -70.69 -59.28
C ASN G 104 -101.00 -70.10 -57.92
N LEU G 105 -102.29 -69.96 -57.62
CA LEU G 105 -102.72 -69.62 -56.27
C LEU G 105 -102.91 -70.86 -55.43
N SER G 106 -102.99 -70.65 -54.12
CA SER G 106 -103.37 -71.71 -53.22
C SER G 106 -104.81 -71.63 -52.78
N VAL G 107 -105.35 -70.44 -52.56
CA VAL G 107 -106.77 -70.26 -52.29
C VAL G 107 -107.21 -69.14 -53.21
N LEU G 108 -108.44 -69.20 -53.68
CA LEU G 108 -109.07 -68.09 -54.38
C LEU G 108 -110.39 -67.84 -53.67
N ASN G 109 -110.48 -66.74 -52.91
CA ASN G 109 -111.63 -66.51 -52.07
C ASN G 109 -112.80 -66.01 -52.89
N LEU G 110 -113.96 -66.59 -52.68
CA LEU G 110 -115.12 -66.29 -53.50
C LEU G 110 -116.28 -65.86 -52.65
N VAL G 111 -116.91 -64.75 -53.04
CA VAL G 111 -118.10 -64.22 -52.38
C VAL G 111 -119.23 -64.28 -53.38
N ILE G 112 -120.29 -64.99 -53.02
CA ILE G 112 -121.45 -65.15 -53.86
C ILE G 112 -122.19 -63.82 -53.94
N VAL G 113 -122.36 -63.30 -55.16
CA VAL G 113 -122.91 -61.97 -55.29
C VAL G 113 -124.44 -62.07 -55.18
N LYS G 114 -125.05 -62.88 -56.03
CA LYS G 114 -126.49 -63.06 -56.07
C LYS G 114 -126.81 -64.54 -55.99
N LYS G 115 -127.82 -64.86 -55.19
CA LYS G 115 -128.23 -66.25 -55.02
C LYS G 115 -128.94 -66.77 -56.26
N GLY G 116 -128.65 -68.01 -56.63
CA GLY G 116 -129.21 -68.70 -57.77
C GLY G 116 -130.57 -69.31 -57.46
N GLU G 117 -130.87 -70.48 -58.02
CA GLU G 117 -132.13 -71.13 -57.69
C GLU G 117 -131.98 -72.26 -56.67
N LYS G 118 -130.86 -72.99 -56.69
CA LYS G 118 -130.67 -74.21 -55.91
C LYS G 118 -130.13 -73.88 -54.52
N ASP G 119 -129.96 -74.93 -53.70
CA ASP G 119 -129.32 -74.81 -52.40
C ASP G 119 -127.98 -75.55 -52.42
N ILE G 120 -126.97 -74.91 -51.87
CA ILE G 120 -125.63 -75.47 -51.77
C ILE G 120 -125.49 -76.03 -50.35
N PRO G 121 -125.05 -77.28 -50.17
CA PRO G 121 -125.37 -78.03 -48.94
C PRO G 121 -124.74 -77.55 -47.64
N GLY G 122 -123.87 -76.54 -47.66
CA GLY G 122 -123.47 -75.96 -46.39
C GLY G 122 -123.76 -74.47 -46.22
N LEU G 123 -124.17 -73.79 -47.28
CA LEU G 123 -124.28 -72.33 -47.25
C LEU G 123 -125.69 -71.79 -47.09
N THR G 124 -126.69 -72.39 -47.71
CA THR G 124 -127.97 -71.72 -47.88
C THR G 124 -129.08 -72.44 -47.11
N ASP G 125 -128.73 -73.39 -46.27
CA ASP G 125 -129.75 -74.08 -45.48
C ASP G 125 -129.88 -73.54 -44.06
N THR G 126 -128.92 -72.75 -43.59
CA THR G 126 -128.91 -72.25 -42.22
C THR G 126 -128.52 -70.78 -42.23
N THR G 127 -129.08 -70.04 -41.29
CA THR G 127 -128.64 -68.68 -41.02
C THR G 127 -128.15 -68.59 -39.59
N VAL G 128 -127.22 -67.67 -39.36
CA VAL G 128 -126.83 -67.27 -38.01
C VAL G 128 -127.35 -65.85 -37.77
N PRO G 129 -128.08 -65.61 -36.69
CA PRO G 129 -128.52 -64.25 -36.39
C PRO G 129 -127.35 -63.44 -35.90
N ARG G 130 -127.31 -62.17 -36.33
CA ARG G 130 -126.16 -61.30 -36.09
C ARG G 130 -126.06 -60.96 -34.62
N ARG G 131 -124.97 -61.35 -34.01
CA ARG G 131 -124.80 -61.05 -32.61
C ARG G 131 -124.40 -59.60 -32.45
N LEU G 132 -124.53 -59.13 -31.21
CA LEU G 132 -124.16 -57.79 -30.76
C LEU G 132 -124.80 -56.68 -31.60
N GLY G 133 -126.13 -56.65 -31.61
CA GLY G 133 -126.90 -55.64 -32.32
C GLY G 133 -126.72 -54.22 -31.81
N PRO G 134 -127.40 -53.26 -32.46
CA PRO G 134 -126.88 -51.88 -32.54
C PRO G 134 -126.91 -51.10 -31.23
N LYS G 135 -125.91 -50.23 -31.06
CA LYS G 135 -125.60 -49.58 -29.80
C LYS G 135 -125.85 -48.07 -29.78
N ARG G 136 -125.77 -47.41 -30.93
CA ARG G 136 -125.99 -45.97 -30.98
C ARG G 136 -127.48 -45.66 -30.91
N ALA G 137 -127.79 -44.37 -30.80
CA ALA G 137 -129.20 -44.00 -30.77
C ALA G 137 -129.82 -44.10 -32.15
N SER G 138 -129.11 -43.63 -33.16
CA SER G 138 -129.74 -43.55 -34.46
C SER G 138 -129.69 -44.84 -35.23
N ARG G 139 -128.80 -45.78 -34.89
CA ARG G 139 -128.87 -47.07 -35.57
C ARG G 139 -130.03 -47.89 -35.04
N ILE G 140 -130.41 -47.66 -33.79
CA ILE G 140 -131.64 -48.25 -33.26
C ILE G 140 -132.87 -47.58 -33.85
N ARG G 141 -132.91 -46.24 -33.88
CA ARG G 141 -134.07 -45.55 -34.43
C ARG G 141 -134.15 -45.60 -35.94
N LYS G 142 -133.07 -45.98 -36.61
CA LYS G 142 -133.08 -46.16 -38.04
C LYS G 142 -133.43 -47.59 -38.40
N LEU G 143 -133.04 -48.53 -37.55
CA LEU G 143 -133.38 -49.93 -37.78
C LEU G 143 -134.84 -50.19 -37.47
N PHE G 144 -135.37 -49.60 -36.40
CA PHE G 144 -136.73 -49.88 -35.96
C PHE G 144 -137.72 -48.81 -36.35
N ASN G 145 -137.30 -47.83 -37.17
CA ASN G 145 -138.14 -46.81 -37.80
C ASN G 145 -138.95 -45.99 -36.80
N LEU G 146 -138.25 -45.42 -35.84
CA LEU G 146 -138.85 -44.63 -34.79
C LEU G 146 -139.05 -43.18 -35.25
N SER G 147 -139.66 -42.37 -34.37
CA SER G 147 -140.06 -41.00 -34.65
C SER G 147 -139.67 -40.08 -33.49
N LYS G 148 -139.97 -38.79 -33.65
CA LYS G 148 -139.40 -37.72 -32.85
C LYS G 148 -139.86 -37.72 -31.39
N GLU G 149 -140.97 -38.35 -31.05
CA GLU G 149 -141.35 -38.49 -29.65
C GLU G 149 -141.18 -39.91 -29.14
N ASP G 150 -140.48 -40.77 -29.88
CA ASP G 150 -140.46 -42.17 -29.53
C ASP G 150 -139.25 -42.50 -28.65
N ASP G 151 -139.43 -43.49 -27.78
CA ASP G 151 -138.50 -43.77 -26.71
C ASP G 151 -137.55 -44.87 -27.17
N VAL G 152 -136.25 -44.55 -27.20
CA VAL G 152 -135.27 -45.45 -27.81
C VAL G 152 -134.93 -46.58 -26.87
N ARG G 153 -135.22 -46.42 -25.58
CA ARG G 153 -134.74 -47.34 -24.59
C ARG G 153 -135.55 -48.62 -24.51
N GLN G 154 -136.67 -48.69 -25.22
CA GLN G 154 -137.55 -49.84 -25.08
C GLN G 154 -137.41 -50.85 -26.21
N TYR G 155 -136.68 -50.51 -27.27
CA TYR G 155 -136.56 -51.38 -28.43
C TYR G 155 -135.14 -51.86 -28.68
N VAL G 156 -134.29 -51.85 -27.65
CA VAL G 156 -132.92 -52.35 -27.80
C VAL G 156 -132.95 -53.87 -27.89
N VAL G 157 -132.04 -54.44 -28.68
CA VAL G 157 -132.05 -55.88 -28.92
C VAL G 157 -131.33 -56.56 -27.77
N ARG G 158 -131.99 -57.55 -27.17
CA ARG G 158 -131.51 -58.24 -25.98
C ARG G 158 -130.71 -59.48 -26.36
N LYS G 159 -129.69 -59.77 -25.57
CA LYS G 159 -128.93 -60.99 -25.76
C LYS G 159 -129.40 -62.02 -24.76
N PRO G 160 -130.12 -63.07 -25.17
CA PRO G 160 -130.42 -64.17 -24.25
C PRO G 160 -129.21 -65.07 -24.11
N LEU G 161 -128.75 -65.28 -22.88
CA LEU G 161 -127.54 -66.03 -22.65
C LEU G 161 -127.79 -67.17 -21.69
N ASN G 162 -127.56 -68.39 -22.16
CA ASN G 162 -127.78 -69.58 -21.37
C ASN G 162 -126.50 -70.40 -21.30
N LYS G 163 -126.22 -70.90 -20.10
CA LYS G 163 -125.02 -71.66 -19.83
C LYS G 163 -125.40 -72.78 -18.88
N GLU G 164 -124.83 -73.97 -19.11
CA GLU G 164 -125.04 -75.08 -18.19
C GLU G 164 -124.30 -74.81 -16.87
N GLY G 165 -125.08 -74.71 -15.80
CA GLY G 165 -124.59 -74.36 -14.49
C GLY G 165 -124.74 -72.91 -14.10
N LYS G 166 -125.42 -72.08 -14.88
CA LYS G 166 -125.62 -70.69 -14.53
C LYS G 166 -127.08 -70.30 -14.65
N LYS G 167 -127.50 -69.35 -13.81
CA LYS G 167 -128.88 -68.91 -13.79
C LYS G 167 -129.16 -68.03 -15.00
N PRO G 168 -130.28 -68.23 -15.70
CA PRO G 168 -130.50 -67.52 -16.96
C PRO G 168 -130.79 -66.03 -16.78
N ARG G 169 -130.39 -65.26 -17.78
CA ARG G 169 -130.27 -63.81 -17.66
C ARG G 169 -130.43 -63.18 -19.04
N THR G 170 -130.84 -61.91 -19.05
CA THR G 170 -130.88 -61.10 -20.26
C THR G 170 -129.99 -59.87 -20.08
N LYS G 171 -129.18 -59.58 -21.09
CA LYS G 171 -128.11 -58.59 -20.99
C LYS G 171 -128.14 -57.69 -22.21
N ALA G 172 -128.09 -56.37 -21.97
CA ALA G 172 -128.37 -55.31 -22.93
C ALA G 172 -127.20 -54.36 -23.05
N PRO G 173 -126.98 -53.75 -24.22
CA PRO G 173 -125.84 -52.84 -24.36
C PRO G 173 -126.12 -51.44 -23.85
N LYS G 174 -125.05 -50.80 -23.39
CA LYS G 174 -125.11 -49.44 -22.87
C LYS G 174 -125.35 -48.47 -24.00
N ILE G 175 -126.48 -47.78 -23.99
CA ILE G 175 -126.88 -46.94 -25.11
C ILE G 175 -126.11 -45.64 -25.04
N GLN G 176 -125.40 -45.31 -26.11
CA GLN G 176 -124.62 -44.08 -26.22
C GLN G 176 -125.36 -43.12 -27.15
N ARG G 177 -125.00 -41.84 -27.05
CA ARG G 177 -125.64 -40.70 -27.71
C ARG G 177 -127.12 -40.62 -27.32
N LEU G 178 -127.36 -40.79 -26.03
CA LEU G 178 -128.71 -40.75 -25.47
C LEU G 178 -128.80 -39.54 -24.56
N VAL G 179 -129.77 -38.68 -24.82
CA VAL G 179 -129.90 -37.44 -24.08
C VAL G 179 -130.72 -37.74 -22.82
N THR G 180 -130.01 -37.93 -21.73
CA THR G 180 -130.48 -38.02 -20.36
C THR G 180 -130.29 -36.67 -19.69
N PRO G 181 -130.91 -36.41 -18.53
CA PRO G 181 -130.67 -35.15 -17.81
C PRO G 181 -129.24 -34.89 -17.33
N ARG G 182 -128.36 -35.90 -17.31
CA ARG G 182 -126.94 -35.68 -17.05
C ARG G 182 -126.29 -34.83 -18.15
N VAL G 183 -126.65 -35.09 -19.41
CA VAL G 183 -126.09 -34.37 -20.54
C VAL G 183 -126.60 -32.93 -20.60
N LEU G 184 -127.89 -32.75 -20.31
CA LEU G 184 -128.47 -31.42 -20.25
C LEU G 184 -127.95 -30.62 -19.08
N GLN G 185 -127.62 -31.29 -17.97
CA GLN G 185 -127.00 -30.61 -16.85
C GLN G 185 -125.59 -30.13 -17.21
N HIS G 186 -124.85 -30.93 -17.98
CA HIS G 186 -123.51 -30.53 -18.40
C HIS G 186 -123.54 -29.34 -19.37
N LYS G 187 -124.52 -29.33 -20.28
CA LYS G 187 -124.69 -28.19 -21.18
C LYS G 187 -125.10 -26.92 -20.43
N ARG G 188 -126.00 -27.06 -19.44
CA ARG G 188 -126.40 -25.93 -18.61
C ARG G 188 -125.24 -25.40 -17.78
N ARG G 189 -124.35 -26.29 -17.35
CA ARG G 189 -123.16 -25.86 -16.63
C ARG G 189 -122.22 -25.09 -17.54
N ARG G 190 -122.09 -25.52 -18.80
CA ARG G 190 -121.16 -24.84 -19.71
C ARG G 190 -121.67 -23.45 -20.10
N ILE G 191 -122.98 -23.32 -20.27
CA ILE G 191 -123.55 -22.00 -20.52
C ILE G 191 -123.52 -21.12 -19.27
N ALA G 192 -123.55 -21.74 -18.08
CA ALA G 192 -123.37 -20.98 -16.85
C ALA G 192 -121.95 -20.45 -16.70
N LEU G 193 -120.96 -21.23 -17.14
CA LEU G 193 -119.59 -20.76 -17.11
C LEU G 193 -119.34 -19.67 -18.16
N LYS G 194 -120.07 -19.72 -19.29
CA LYS G 194 -120.05 -18.59 -20.23
C LYS G 194 -120.60 -17.33 -19.59
N LYS G 195 -121.67 -17.47 -18.79
CA LYS G 195 -122.29 -16.34 -18.11
C LYS G 195 -121.37 -15.73 -17.07
N GLN G 196 -120.69 -16.59 -16.30
CA GLN G 196 -119.79 -16.11 -15.25
C GLN G 196 -118.56 -15.45 -15.84
N ARG G 197 -118.08 -15.97 -16.97
CA ARG G 197 -116.89 -15.43 -17.59
C ARG G 197 -117.14 -14.04 -18.19
N THR G 198 -118.28 -13.85 -18.86
CA THR G 198 -118.53 -12.51 -19.39
C THR G 198 -118.92 -11.51 -18.30
N LYS G 199 -119.53 -11.99 -17.19
CA LYS G 199 -119.83 -11.14 -16.05
C LYS G 199 -118.57 -10.61 -15.41
N LYS G 200 -117.57 -11.48 -15.30
CA LYS G 200 -116.23 -11.11 -14.84
C LYS G 200 -115.58 -10.06 -15.74
N ASN G 201 -115.68 -10.26 -17.07
CA ASN G 201 -115.04 -9.36 -18.03
C ASN G 201 -115.58 -7.95 -17.96
N LYS G 202 -116.92 -7.81 -17.90
CA LYS G 202 -117.45 -6.44 -17.92
C LYS G 202 -117.34 -5.74 -16.56
N GLU G 203 -117.38 -6.49 -15.44
CA GLU G 203 -117.17 -5.82 -14.15
C GLU G 203 -115.73 -5.35 -13.97
N GLU G 204 -114.75 -6.13 -14.45
CA GLU G 204 -113.37 -5.66 -14.32
C GLU G 204 -113.06 -4.52 -15.28
N ALA G 205 -113.74 -4.47 -16.44
CA ALA G 205 -113.55 -3.37 -17.36
C ALA G 205 -114.07 -2.05 -16.79
N ALA G 206 -115.25 -2.07 -16.16
CA ALA G 206 -115.78 -0.85 -15.53
C ALA G 206 -114.96 -0.41 -14.34
N GLU G 207 -114.45 -1.38 -13.57
CA GLU G 207 -113.61 -1.10 -12.39
C GLU G 207 -112.29 -0.45 -12.79
N TYR G 208 -111.63 -0.97 -13.83
CA TYR G 208 -110.38 -0.38 -14.28
C TYR G 208 -110.58 0.96 -14.97
N ALA G 209 -111.72 1.18 -15.63
CA ALA G 209 -111.95 2.49 -16.25
C ALA G 209 -112.16 3.57 -15.20
N LYS G 210 -112.83 3.23 -14.10
CA LYS G 210 -112.96 4.14 -12.96
C LYS G 210 -111.61 4.44 -12.33
N LEU G 211 -110.78 3.41 -12.10
CA LEU G 211 -109.46 3.59 -11.50
C LEU G 211 -108.51 4.36 -12.41
N LEU G 212 -108.64 4.22 -13.73
CA LEU G 212 -107.79 4.97 -14.63
C LEU G 212 -108.19 6.45 -14.72
N ALA G 213 -109.49 6.76 -14.63
CA ALA G 213 -109.88 8.17 -14.55
C ALA G 213 -109.45 8.81 -13.23
N LYS G 214 -109.50 8.04 -12.13
CA LYS G 214 -109.01 8.52 -10.84
C LYS G 214 -107.49 8.74 -10.85
N ARG G 215 -106.76 7.91 -11.58
CA ARG G 215 -105.31 8.14 -11.66
C ARG G 215 -104.97 9.31 -12.57
N MET G 216 -105.73 9.51 -13.64
CA MET G 216 -105.43 10.62 -14.55
C MET G 216 -105.84 11.97 -13.96
N LYS G 217 -106.76 11.99 -13.00
CA LYS G 217 -106.90 13.16 -12.13
C LYS G 217 -105.62 13.46 -11.36
N GLU G 218 -104.96 12.42 -10.84
CA GLU G 218 -103.75 12.60 -10.05
C GLU G 218 -102.55 12.97 -10.91
N ALA G 219 -102.51 12.50 -12.15
CA ALA G 219 -101.40 12.80 -13.03
C ALA G 219 -101.58 14.10 -13.81
N LYS G 220 -102.81 14.59 -13.96
CA LYS G 220 -102.95 15.90 -14.57
C LYS G 220 -102.64 17.04 -13.62
N GLU G 221 -102.52 16.77 -12.32
CA GLU G 221 -102.26 17.81 -11.32
C GLU G 221 -100.78 18.16 -11.18
N LYS G 222 -99.92 17.72 -12.09
CA LYS G 222 -98.61 18.33 -12.27
C LYS G 222 -98.54 18.89 -13.70
N ILE H 1 -49.83 52.91 -9.97
CA ILE H 1 -49.15 52.25 -11.08
C ILE H 1 -49.16 50.74 -10.75
N VAL H 2 -50.36 50.21 -10.47
CA VAL H 2 -50.55 48.89 -9.88
C VAL H 2 -51.83 48.29 -10.46
N LYS H 3 -51.79 47.01 -10.82
CA LYS H 3 -53.00 46.32 -11.28
C LYS H 3 -53.25 45.00 -10.54
N PRO H 4 -54.18 44.96 -9.60
CA PRO H 4 -54.78 43.68 -9.21
C PRO H 4 -55.80 43.25 -10.26
N ASN H 5 -56.30 42.02 -10.11
CA ASN H 5 -57.01 41.38 -11.21
C ASN H 5 -58.47 41.09 -10.86
N GLU H 6 -54.11 50.00 1.55
CA GLU H 6 -53.16 48.89 1.56
C GLU H 6 -51.72 49.39 1.58
N PHE H 7 -50.79 48.46 1.74
CA PHE H 7 -49.37 48.74 1.63
C PHE H 7 -48.95 48.80 0.17
N GLU H 8 -49.72 48.15 -0.69
CA GLU H 8 -49.53 48.22 -2.13
C GLU H 8 -49.78 49.62 -2.66
N SER H 9 -50.72 50.37 -2.07
CA SER H 9 -50.92 51.76 -2.45
C SER H 9 -49.73 52.62 -2.03
N GLY H 10 -49.16 52.30 -0.87
CA GLY H 10 -47.97 52.98 -0.40
C GLY H 10 -46.77 52.73 -1.31
N ILE H 11 -46.60 51.49 -1.77
CA ILE H 11 -45.50 51.23 -2.69
C ILE H 11 -45.82 51.73 -4.11
N SER H 12 -47.11 51.91 -4.45
CA SER H 12 -47.44 52.43 -5.77
C SER H 12 -47.12 53.92 -5.83
N GLN H 13 -47.53 54.67 -4.82
CA GLN H 13 -47.20 56.08 -4.79
C GLN H 13 -45.73 56.29 -4.43
N ALA H 14 -45.11 55.36 -3.71
CA ALA H 14 -43.67 55.42 -3.45
C ALA H 14 -42.86 55.14 -4.70
N LEU H 15 -43.34 54.24 -5.56
CA LEU H 15 -42.73 54.04 -6.85
C LEU H 15 -42.98 55.24 -7.76
N LEU H 16 -44.11 55.92 -7.60
CA LEU H 16 -44.45 57.05 -8.44
C LEU H 16 -43.54 58.24 -8.16
N GLU H 17 -43.45 58.66 -6.88
CA GLU H 17 -42.91 59.98 -6.53
C GLU H 17 -41.41 60.12 -6.75
N LEU H 18 -40.68 59.02 -6.89
CA LEU H 18 -39.24 59.08 -7.10
C LEU H 18 -38.84 58.74 -8.54
N GLU H 19 -39.74 58.95 -9.50
CA GLU H 19 -39.45 58.74 -10.91
C GLU H 19 -38.37 59.71 -11.42
N MET H 20 -38.28 60.90 -10.83
CA MET H 20 -37.14 61.78 -11.07
C MET H 20 -35.90 61.22 -10.35
N LYS H 25 -37.83 59.56 -14.87
CA LYS H 25 -36.90 58.75 -15.65
C LYS H 25 -37.37 58.61 -17.09
N ALA H 26 -36.43 58.28 -17.98
CA ALA H 26 -36.73 58.00 -19.38
C ALA H 26 -36.88 56.52 -19.68
N GLN H 27 -36.62 55.66 -18.69
CA GLN H 27 -36.88 54.24 -18.79
C GLN H 27 -38.16 53.82 -18.07
N LEU H 28 -38.60 54.58 -17.08
CA LEU H 28 -39.80 54.28 -16.30
C LEU H 28 -41.06 54.84 -16.92
N ARG H 29 -41.02 55.25 -18.20
CA ARG H 29 -42.18 55.86 -18.84
C ARG H 29 -43.27 54.86 -19.16
N GLU H 30 -43.00 53.57 -19.11
CA GLU H 30 -43.96 52.56 -19.54
C GLU H 30 -44.32 51.53 -18.47
N LEU H 31 -43.62 51.48 -17.34
CA LEU H 31 -43.56 50.29 -16.53
C LEU H 31 -44.44 50.35 -15.29
N ASN H 32 -44.87 49.17 -14.82
CA ASN H 32 -45.72 49.05 -13.64
C ASN H 32 -45.51 47.71 -12.96
N ILE H 33 -46.03 47.59 -11.75
CA ILE H 33 -45.95 46.36 -10.97
C ILE H 33 -47.35 45.83 -10.74
N THR H 34 -47.45 44.58 -10.26
CA THR H 34 -48.72 43.87 -10.26
C THR H 34 -49.29 43.65 -8.87
N ALA H 35 -48.44 43.53 -7.86
CA ALA H 35 -48.83 43.35 -6.46
C ALA H 35 -47.57 43.52 -5.63
N ALA H 36 -47.75 43.74 -4.34
CA ALA H 36 -46.61 43.82 -3.44
C ALA H 36 -47.03 43.48 -2.02
N LYS H 37 -46.26 42.62 -1.38
CA LYS H 37 -46.52 42.21 -0.02
C LYS H 37 -45.38 42.64 0.87
N GLU H 38 -45.57 42.49 2.17
CA GLU H 38 -44.48 42.60 3.13
C GLU H 38 -44.48 41.39 4.03
N ILE H 39 -43.34 40.74 4.17
CA ILE H 39 -43.18 39.62 5.08
C ILE H 39 -42.13 39.95 6.13
N GLU H 40 -42.19 39.23 7.24
CA GLU H 40 -41.23 39.39 8.32
C GLU H 40 -40.22 38.25 8.22
N VAL H 41 -39.06 38.57 7.66
CA VAL H 41 -37.93 37.65 7.66
C VAL H 41 -37.37 37.54 9.07
N GLY H 42 -36.92 36.33 9.45
CA GLY H 42 -36.56 35.93 10.80
C GLY H 42 -35.43 36.71 11.48
N GLY H 43 -34.73 37.59 10.76
CA GLY H 43 -33.75 38.51 11.35
C GLY H 43 -34.34 39.61 12.23
N GLY H 44 -35.66 39.73 12.33
CA GLY H 44 -36.32 40.81 13.00
C GLY H 44 -36.82 41.84 12.03
N ARG H 45 -36.60 41.61 10.75
CA ARG H 45 -36.50 42.67 9.78
C ARG H 45 -37.48 42.34 8.65
N LYS H 46 -37.66 43.29 7.75
CA LYS H 46 -38.77 43.33 6.83
C LYS H 46 -38.26 43.12 5.41
N ALA H 47 -38.92 42.29 4.64
CA ALA H 47 -38.63 42.16 3.23
C ALA H 47 -39.79 42.67 2.39
N ILE H 48 -39.46 43.33 1.30
CA ILE H 48 -40.44 43.96 0.43
C ILE H 48 -40.49 43.14 -0.85
N ILE H 49 -41.54 42.34 -1.00
CA ILE H 49 -41.69 41.49 -2.17
C ILE H 49 -42.42 42.28 -3.24
N ILE H 50 -41.80 42.45 -4.39
CA ILE H 50 -42.39 43.24 -5.48
C ILE H 50 -42.59 42.34 -6.69
N PHE H 51 -43.82 42.28 -7.21
CA PHE H 51 -44.17 41.40 -8.32
C PHE H 51 -44.37 42.20 -9.60
N VAL H 52 -43.64 41.86 -10.64
CA VAL H 52 -43.73 42.56 -11.91
C VAL H 52 -44.15 41.55 -12.97
N PRO H 53 -44.67 42.00 -14.12
CA PRO H 53 -44.84 41.09 -15.25
C PRO H 53 -43.50 40.71 -15.88
N VAL H 54 -43.49 39.59 -16.59
CA VAL H 54 -42.24 39.03 -17.15
C VAL H 54 -41.59 39.77 -18.33
N PRO H 55 -42.27 40.26 -19.38
CA PRO H 55 -41.54 41.11 -20.34
C PRO H 55 -41.18 42.44 -19.73
N GLN H 56 -42.00 42.90 -18.79
CA GLN H 56 -41.62 43.98 -17.93
C GLN H 56 -40.51 43.60 -16.97
N LEU H 57 -40.31 42.32 -16.65
CA LEU H 57 -39.18 41.96 -15.80
C LEU H 57 -37.87 42.07 -16.55
N LYS H 58 -37.82 41.56 -17.77
CA LYS H 58 -36.57 41.71 -18.52
C LYS H 58 -36.35 43.13 -19.03
N SER H 59 -37.41 43.92 -19.19
CA SER H 59 -37.21 45.35 -19.41
C SER H 59 -36.85 46.05 -18.12
N PHE H 60 -37.26 45.50 -17.00
CA PHE H 60 -37.14 46.15 -15.71
C PHE H 60 -35.75 45.98 -15.12
N GLN H 61 -35.09 44.88 -15.43
CA GLN H 61 -33.92 44.52 -14.65
C GLN H 61 -32.66 45.27 -15.06
N LYS H 62 -32.68 46.03 -16.15
CA LYS H 62 -31.53 46.88 -16.44
C LYS H 62 -31.43 48.07 -15.48
N ILE H 63 -32.55 48.51 -14.91
CA ILE H 63 -32.57 49.66 -14.03
C ILE H 63 -32.67 49.24 -12.57
N GLN H 64 -32.49 47.94 -12.29
CA GLN H 64 -32.95 47.30 -11.06
C GLN H 64 -32.19 47.77 -9.83
N VAL H 65 -30.86 47.87 -9.92
CA VAL H 65 -30.02 48.05 -8.75
C VAL H 65 -30.11 49.48 -8.23
N ARG H 66 -30.26 50.44 -9.15
CA ARG H 66 -30.46 51.84 -8.79
C ARG H 66 -31.77 52.06 -8.08
N LEU H 67 -32.83 51.34 -8.48
CA LEU H 67 -34.13 51.52 -7.86
C LEU H 67 -34.22 50.82 -6.51
N VAL H 68 -33.46 49.71 -6.33
CA VAL H 68 -33.32 49.08 -5.01
C VAL H 68 -32.60 50.02 -4.05
N ARG H 69 -31.62 50.77 -4.57
CA ARG H 69 -30.98 51.82 -3.78
C ARG H 69 -31.94 52.96 -3.44
N GLU H 70 -32.81 53.34 -4.39
CA GLU H 70 -33.75 54.43 -4.13
C GLU H 70 -34.80 54.05 -3.09
N LEU H 71 -35.24 52.78 -3.07
CA LEU H 71 -36.13 52.37 -1.98
C LEU H 71 -35.39 51.97 -0.72
N GLU H 72 -34.08 51.77 -0.80
CA GLU H 72 -33.29 51.63 0.41
C GLU H 72 -33.20 52.97 1.14
N LYS H 73 -32.91 54.04 0.39
CA LYS H 73 -32.86 55.38 0.97
C LYS H 73 -34.25 55.90 1.30
N LYS H 74 -35.27 55.43 0.58
CA LYS H 74 -36.64 55.83 0.87
C LYS H 74 -37.15 55.20 2.17
N PHE H 75 -37.08 53.87 2.26
CA PHE H 75 -37.64 53.13 3.38
C PHE H 75 -36.66 52.89 4.52
N SER H 76 -37.19 52.34 5.61
CA SER H 76 -36.54 52.29 6.92
C SER H 76 -35.68 51.05 7.08
N GLY H 77 -34.56 51.04 6.36
CA GLY H 77 -33.56 49.99 6.52
C GLY H 77 -33.87 48.68 5.82
N LYS H 78 -34.98 48.60 5.10
CA LYS H 78 -35.48 47.37 4.52
C LYS H 78 -34.67 46.97 3.30
N HIS H 79 -34.78 45.68 2.96
CA HIS H 79 -34.28 45.14 1.71
C HIS H 79 -35.48 44.84 0.83
N VAL H 80 -35.37 45.15 -0.45
CA VAL H 80 -36.44 44.87 -1.40
C VAL H 80 -35.93 43.80 -2.35
N VAL H 81 -36.85 43.02 -2.92
CA VAL H 81 -36.56 42.05 -3.96
C VAL H 81 -37.49 42.34 -5.15
N PHE H 82 -37.07 41.94 -6.35
CA PHE H 82 -37.92 42.05 -7.53
C PHE H 82 -38.13 40.66 -8.14
N ILE H 83 -39.32 40.11 -7.96
CA ILE H 83 -39.66 38.79 -8.47
C ILE H 83 -40.72 39.00 -9.54
N ALA H 84 -40.91 38.02 -10.41
CA ALA H 84 -41.95 38.06 -11.42
C ALA H 84 -43.25 37.48 -10.88
N GLN H 85 -44.34 37.86 -11.53
CA GLN H 85 -45.65 37.25 -11.29
C GLN H 85 -45.82 36.02 -12.18
N ARG H 86 -45.20 34.92 -11.77
CA ARG H 86 -45.37 33.66 -12.47
C ARG H 86 -46.68 32.99 -12.10
N ARG H 87 -47.21 32.19 -13.02
CA ARG H 87 -48.48 31.50 -12.84
C ARG H 87 -48.25 30.01 -13.06
N ILE H 88 -48.81 29.19 -12.18
CA ILE H 88 -48.66 27.74 -12.23
C ILE H 88 -50.00 27.14 -12.61
N LEU H 89 -50.01 26.39 -13.68
CA LEU H 89 -51.13 25.53 -14.02
C LEU H 89 -50.99 24.19 -13.31
N PRO H 90 -52.09 23.58 -12.86
CA PRO H 90 -51.98 22.43 -11.96
C PRO H 90 -51.65 21.16 -12.74
N LYS H 91 -51.31 20.13 -12.00
CA LYS H 91 -50.98 18.86 -12.62
C LYS H 91 -52.26 18.18 -13.06
N PRO H 92 -52.39 17.78 -14.33
CA PRO H 92 -53.59 17.06 -14.73
C PRO H 92 -53.55 15.63 -14.17
N THR H 93 -54.57 15.31 -13.40
CA THR H 93 -54.82 13.97 -12.90
C THR H 93 -55.91 13.37 -13.78
N ARG H 94 -56.20 12.07 -13.60
CA ARG H 94 -57.20 11.36 -14.39
C ARG H 94 -58.65 11.77 -14.08
N LYS H 95 -58.88 12.70 -13.16
CA LYS H 95 -60.11 13.45 -13.01
C LYS H 95 -60.16 14.68 -13.92
N SER H 96 -59.22 14.80 -14.85
CA SER H 96 -59.03 15.98 -15.67
C SER H 96 -58.29 15.67 -16.98
N LYS H 101 -59.12 21.79 -23.17
CA LYS H 101 -58.01 22.46 -22.50
C LYS H 101 -56.69 21.88 -22.96
N GLN H 102 -55.76 22.77 -23.32
CA GLN H 102 -54.57 22.35 -24.02
C GLN H 102 -53.52 21.86 -23.04
N LYS H 103 -52.42 21.38 -23.61
CA LYS H 103 -51.26 20.93 -22.84
C LYS H 103 -50.59 22.12 -22.18
N ARG H 104 -50.42 22.06 -20.87
CA ARG H 104 -49.70 23.11 -20.18
C ARG H 104 -48.21 23.04 -20.54
N PRO H 105 -47.56 24.17 -20.77
CA PRO H 105 -46.16 24.12 -21.16
C PRO H 105 -45.28 23.86 -19.95
N ARG H 106 -44.02 23.56 -20.22
CA ARG H 106 -43.09 23.18 -19.16
C ARG H 106 -42.64 24.36 -18.33
N SER H 107 -42.80 25.59 -18.84
CA SER H 107 -42.50 26.79 -18.10
C SER H 107 -43.58 27.14 -17.09
N ARG H 108 -44.72 26.45 -17.11
CA ARG H 108 -45.74 26.58 -16.08
C ARG H 108 -45.72 25.42 -15.10
N THR H 109 -44.76 24.53 -15.17
CA THR H 109 -44.68 23.53 -14.13
C THR H 109 -44.07 24.15 -12.90
N LEU H 110 -44.27 23.48 -11.77
CA LEU H 110 -43.85 24.04 -10.49
C LEU H 110 -42.34 23.97 -10.33
N THR H 111 -41.71 22.95 -10.92
CA THR H 111 -40.26 22.81 -10.80
C THR H 111 -39.55 23.90 -11.58
N ALA H 112 -40.05 24.25 -12.77
CA ALA H 112 -39.48 25.35 -13.52
C ALA H 112 -39.85 26.71 -12.94
N VAL H 113 -41.01 26.82 -12.28
CA VAL H 113 -41.35 28.09 -11.63
C VAL H 113 -40.49 28.32 -10.40
N HIS H 114 -40.22 27.27 -9.63
CA HIS H 114 -39.41 27.46 -8.44
C HIS H 114 -37.92 27.60 -8.77
N ASP H 115 -37.48 27.01 -9.88
CA ASP H 115 -36.17 27.33 -10.42
C ASP H 115 -36.09 28.79 -10.88
N ALA H 116 -37.17 29.33 -11.47
CA ALA H 116 -37.14 30.72 -11.93
C ALA H 116 -37.20 31.71 -10.79
N ILE H 117 -37.92 31.35 -9.72
CA ILE H 117 -37.98 32.17 -8.52
C ILE H 117 -36.62 32.22 -7.84
N LEU H 118 -35.94 31.07 -7.76
CA LEU H 118 -34.57 31.08 -7.24
C LEU H 118 -33.60 31.78 -8.19
N GLU H 119 -33.88 31.79 -9.48
CA GLU H 119 -32.95 32.39 -10.42
C GLU H 119 -33.04 33.91 -10.44
N ASP H 120 -34.23 34.47 -10.23
CA ASP H 120 -34.43 35.90 -10.40
C ASP H 120 -34.44 36.67 -9.10
N LEU H 121 -34.43 35.97 -7.97
CA LEU H 121 -34.42 36.63 -6.68
C LEU H 121 -33.09 37.29 -6.38
N VAL H 122 -32.02 36.78 -6.98
CA VAL H 122 -30.67 37.01 -6.50
C VAL H 122 -29.97 38.05 -7.38
N PHE H 123 -30.74 38.75 -8.23
CA PHE H 123 -30.38 39.30 -9.57
C PHE H 123 -29.00 39.91 -9.77
N PRO H 124 -28.40 40.74 -8.88
CA PRO H 124 -27.03 41.21 -9.14
C PRO H 124 -25.98 40.12 -9.23
N SER H 125 -26.14 39.02 -8.51
CA SER H 125 -25.34 37.82 -8.71
C SER H 125 -26.17 36.77 -9.45
N GLU H 126 -25.47 35.87 -10.13
CA GLU H 126 -26.13 34.76 -10.78
C GLU H 126 -25.86 33.46 -10.01
N ILE H 127 -26.68 32.46 -10.27
CA ILE H 127 -26.44 31.16 -9.66
C ILE H 127 -25.43 30.42 -10.51
N VAL H 128 -24.28 30.10 -9.93
CA VAL H 128 -23.25 29.34 -10.62
C VAL H 128 -23.12 27.94 -10.12
N GLY H 129 -23.99 27.50 -9.24
CA GLY H 129 -23.97 26.12 -8.84
C GLY H 129 -25.01 25.91 -7.77
N LYS H 130 -25.41 24.66 -7.64
CA LYS H 130 -26.47 24.30 -6.71
C LYS H 130 -26.30 22.85 -6.30
N ARG H 131 -26.46 22.59 -5.02
CA ARG H 131 -26.58 21.25 -4.48
C ARG H 131 -27.90 21.17 -3.75
N ILE H 132 -28.42 19.97 -3.54
CA ILE H 132 -29.65 19.77 -2.78
C ILE H 132 -29.37 18.70 -1.73
N ARG H 133 -29.20 19.13 -0.49
CA ARG H 133 -28.81 18.24 0.58
C ARG H 133 -30.04 17.60 1.18
N VAL H 134 -30.03 16.27 1.28
CA VAL H 134 -31.09 15.53 1.94
C VAL H 134 -30.60 15.09 3.32
N LYS H 135 -31.20 15.60 4.37
CA LYS H 135 -30.83 15.21 5.72
C LYS H 135 -31.54 13.91 6.08
N LEU H 136 -31.26 13.36 7.26
CA LEU H 136 -31.90 12.09 7.68
C LEU H 136 -33.37 12.22 8.02
N ASP H 137 -33.89 13.42 8.21
CA ASP H 137 -35.29 13.59 8.58
C ASP H 137 -36.23 13.60 7.37
N GLY H 138 -35.72 13.38 6.17
CA GLY H 138 -36.52 13.40 4.98
C GLY H 138 -36.64 14.76 4.33
N SER H 139 -36.18 15.81 5.00
CA SER H 139 -36.35 17.16 4.51
C SER H 139 -35.20 17.54 3.60
N ARG H 140 -35.52 18.23 2.53
CA ARG H 140 -34.46 18.72 1.67
C ARG H 140 -33.85 19.95 2.29
N LEU H 141 -32.66 20.30 1.82
CA LEU H 141 -32.11 21.61 2.09
C LEU H 141 -31.31 22.00 0.86
N ILE H 142 -31.73 23.04 0.19
CA ILE H 142 -31.07 23.43 -1.06
C ILE H 142 -29.88 24.27 -0.68
N LYS H 143 -28.72 23.95 -1.24
CA LYS H 143 -27.52 24.76 -1.07
C LYS H 143 -27.20 25.41 -2.40
N VAL H 144 -27.35 26.72 -2.49
CA VAL H 144 -27.15 27.44 -3.73
C VAL H 144 -25.80 28.11 -3.67
N HIS H 145 -24.95 27.84 -4.64
CA HIS H 145 -23.69 28.53 -4.73
C HIS H 145 -23.90 29.76 -5.58
N LEU H 146 -23.22 30.84 -5.26
CA LEU H 146 -23.48 32.10 -5.93
C LEU H 146 -22.19 32.66 -6.52
N ASP H 147 -22.32 33.77 -7.26
CA ASP H 147 -21.15 34.48 -7.77
C ASP H 147 -20.34 35.07 -6.62
N LYS H 148 -19.03 35.01 -6.75
CA LYS H 148 -18.15 35.79 -5.90
C LYS H 148 -17.81 37.14 -6.54
N ALA H 149 -18.26 37.38 -7.76
CA ALA H 149 -18.05 38.69 -8.37
C ALA H 149 -18.88 39.78 -7.73
N GLN H 150 -20.01 39.43 -7.13
CA GLN H 150 -20.93 40.39 -6.54
C GLN H 150 -21.09 40.13 -5.05
N GLN H 151 -20.06 39.56 -4.43
CA GLN H 151 -20.16 38.89 -3.12
C GLN H 151 -20.46 39.89 -2.00
N ASN H 152 -19.76 41.02 -1.98
CA ASN H 152 -20.07 42.07 -1.01
C ASN H 152 -21.43 42.70 -1.25
N ASN H 153 -21.83 42.81 -2.52
CA ASN H 153 -22.96 43.64 -2.89
C ASN H 153 -24.29 42.97 -2.58
N VAL H 154 -24.31 41.65 -2.45
CA VAL H 154 -25.50 40.92 -1.99
C VAL H 154 -25.27 40.13 -0.73
N GLU H 155 -24.06 40.14 -0.15
CA GLU H 155 -23.77 39.28 1.02
C GLU H 155 -24.55 39.70 2.28
N HIS H 156 -24.95 40.95 2.37
CA HIS H 156 -25.72 41.37 3.51
C HIS H 156 -27.19 41.00 3.43
N LYS H 157 -27.70 40.64 2.25
CA LYS H 157 -29.11 40.38 2.05
C LYS H 157 -29.47 38.90 2.08
N VAL H 158 -28.56 38.04 2.51
CA VAL H 158 -28.78 36.61 2.33
C VAL H 158 -29.78 36.06 3.34
N GLU H 159 -29.94 36.74 4.47
CA GLU H 159 -30.97 36.36 5.42
C GLU H 159 -32.35 36.66 4.86
N THR H 160 -32.48 37.79 4.17
CA THR H 160 -33.73 38.15 3.51
C THR H 160 -34.02 37.22 2.35
N PHE H 161 -32.96 36.78 1.65
CA PHE H 161 -33.09 35.82 0.55
C PHE H 161 -33.61 34.47 1.02
N SER H 162 -33.04 33.93 2.10
CA SER H 162 -33.45 32.64 2.64
C SER H 162 -34.86 32.72 3.19
N GLY H 163 -35.20 33.83 3.86
CA GLY H 163 -36.54 34.00 4.40
C GLY H 163 -37.60 34.19 3.33
N VAL H 164 -37.27 34.89 2.25
CA VAL H 164 -38.28 35.12 1.23
C VAL H 164 -38.46 33.87 0.36
N TYR H 165 -37.43 33.04 0.18
CA TYR H 165 -37.64 31.82 -0.59
C TYR H 165 -38.40 30.78 0.22
N LYS H 166 -38.08 30.63 1.51
CA LYS H 166 -38.81 29.69 2.34
C LYS H 166 -40.24 30.17 2.61
N LYS H 167 -40.47 31.48 2.70
CA LYS H 167 -41.83 31.97 2.87
C LYS H 167 -42.64 31.86 1.59
N LEU H 168 -42.00 31.98 0.43
CA LEU H 168 -42.76 31.98 -0.81
C LEU H 168 -43.04 30.59 -1.36
N THR H 169 -42.09 29.67 -1.25
CA THR H 169 -42.25 28.37 -1.85
C THR H 169 -42.47 27.26 -0.84
N GLY H 170 -42.11 27.49 0.41
CA GLY H 170 -42.08 26.42 1.37
C GLY H 170 -40.88 25.53 1.25
N LYS H 171 -39.83 25.98 0.58
CA LYS H 171 -38.65 25.18 0.40
C LYS H 171 -37.45 25.90 1.00
N ASP H 172 -36.61 25.13 1.67
CA ASP H 172 -35.47 25.69 2.38
C ASP H 172 -34.33 25.93 1.42
N VAL H 173 -33.45 26.84 1.80
CA VAL H 173 -32.40 27.29 0.90
C VAL H 173 -31.24 27.82 1.75
N ASN H 174 -30.02 27.59 1.25
CA ASN H 174 -28.84 28.28 1.75
C ASN H 174 -28.04 28.87 0.59
N PHE H 175 -27.23 29.84 0.94
CA PHE H 175 -26.47 30.61 -0.03
C PHE H 175 -25.03 30.61 0.42
N GLU H 176 -24.14 30.16 -0.43
CA GLU H 176 -22.73 30.20 -0.16
C GLU H 176 -22.04 30.98 -1.27
N PHE H 177 -20.82 31.42 -0.99
CA PHE H 177 -20.00 32.13 -1.97
C PHE H 177 -18.71 31.34 -2.13
N PRO H 178 -18.61 30.50 -3.16
CA PRO H 178 -17.38 29.74 -3.38
C PRO H 178 -16.36 30.55 -4.16
N GLU H 179 -15.16 29.97 -4.21
CA GLU H 179 -14.05 30.50 -4.98
C GLU H 179 -14.22 30.21 -6.47
N PHE H 180 -13.30 30.72 -7.27
CA PHE H 180 -13.37 30.59 -8.73
C PHE H 180 -12.97 29.18 -9.14
N GLN H 181 -13.94 28.42 -9.64
CA GLN H 181 -13.65 27.10 -10.21
C GLN H 181 -13.27 27.20 -11.68
N GLY I 1 -80.34 -34.87 -45.81
CA GLY I 1 -80.99 -34.43 -47.03
C GLY I 1 -80.23 -33.28 -47.61
N ILE I 2 -80.94 -32.31 -48.20
CA ILE I 2 -80.32 -31.01 -48.44
C ILE I 2 -80.11 -30.36 -47.10
N SER I 3 -78.87 -30.12 -46.73
CA SER I 3 -78.59 -29.56 -45.43
C SER I 3 -78.07 -28.13 -45.58
N ARG I 4 -78.41 -27.30 -44.61
CA ARG I 4 -78.07 -25.89 -44.60
C ARG I 4 -77.21 -25.57 -43.39
N ASP I 5 -76.42 -26.54 -42.97
CA ASP I 5 -75.50 -26.45 -41.87
C ASP I 5 -74.32 -25.51 -42.18
N ASN I 6 -73.59 -25.17 -41.14
CA ASN I 6 -72.40 -24.32 -41.24
C ASN I 6 -71.10 -25.10 -41.39
N TRP I 7 -71.13 -26.41 -41.21
CA TRP I 7 -69.90 -27.16 -41.00
C TRP I 7 -69.45 -27.95 -42.19
N HIS I 8 -70.10 -27.81 -43.33
CA HIS I 8 -69.59 -28.46 -44.52
C HIS I 8 -68.70 -27.54 -45.31
N LYS I 9 -68.25 -26.44 -44.72
CA LYS I 9 -67.48 -25.48 -45.47
C LYS I 9 -66.23 -25.05 -44.72
N ARG I 10 -65.32 -24.44 -45.47
CA ARG I 10 -64.00 -24.10 -44.98
C ARG I 10 -64.07 -22.93 -44.02
N ARG I 11 -63.01 -22.74 -43.25
CA ARG I 11 -62.95 -21.67 -42.28
C ARG I 11 -62.63 -20.35 -42.97
N LYS I 12 -62.63 -19.28 -42.18
CA LYS I 12 -62.22 -17.96 -42.66
C LYS I 12 -60.75 -17.93 -43.07
N THR I 13 -59.91 -18.74 -42.45
CA THR I 13 -58.55 -18.90 -42.93
C THR I 13 -58.47 -19.77 -44.18
N GLY I 14 -59.47 -20.57 -44.48
CA GLY I 14 -59.45 -21.36 -45.68
C GLY I 14 -59.06 -22.82 -45.52
N GLY I 15 -58.81 -23.29 -44.30
CA GLY I 15 -58.54 -24.70 -44.13
C GLY I 15 -59.80 -25.51 -44.07
N LYS I 16 -59.66 -26.81 -44.34
CA LYS I 16 -60.82 -27.68 -44.29
C LYS I 16 -61.23 -27.96 -42.86
N ARG I 17 -62.42 -28.51 -42.71
CA ARG I 17 -62.99 -28.77 -41.41
C ARG I 17 -63.56 -30.18 -41.40
N LYS I 18 -63.01 -31.02 -40.57
CA LYS I 18 -63.55 -32.36 -40.47
C LYS I 18 -64.79 -32.35 -39.60
N PRO I 19 -65.84 -33.10 -39.97
CA PRO I 19 -67.12 -32.98 -39.26
C PRO I 19 -67.14 -33.77 -37.98
N TYR I 20 -67.81 -33.24 -36.96
CA TYR I 20 -67.90 -33.97 -35.72
C TYR I 20 -69.29 -34.55 -35.44
N HIS I 21 -70.32 -34.15 -36.18
CA HIS I 21 -71.55 -34.91 -36.18
C HIS I 21 -72.11 -35.06 -37.59
N LYS I 22 -73.09 -35.94 -37.72
CA LYS I 22 -73.86 -36.15 -38.95
C LYS I 22 -74.92 -35.08 -39.11
N LYS I 23 -75.65 -35.13 -40.21
CA LYS I 23 -76.73 -34.18 -40.46
C LYS I 23 -77.88 -34.42 -39.50
N ARG I 24 -78.33 -33.39 -38.79
CA ARG I 24 -79.44 -33.50 -37.86
C ARG I 24 -80.69 -32.86 -38.45
N LYS I 25 -81.83 -33.09 -37.79
CA LYS I 25 -83.07 -32.60 -38.37
C LYS I 25 -83.25 -31.09 -38.18
N TYR I 26 -82.56 -30.44 -37.24
CA TYR I 26 -82.64 -28.99 -37.20
C TYR I 26 -81.79 -28.31 -38.27
N GLU I 27 -81.04 -29.07 -39.04
CA GLU I 27 -80.25 -28.56 -40.15
C GLU I 27 -80.82 -28.97 -41.50
N LEU I 28 -82.11 -29.21 -41.63
CA LEU I 28 -82.61 -29.68 -42.92
C LEU I 28 -82.97 -28.50 -43.81
N GLY I 29 -82.90 -28.74 -45.11
CA GLY I 29 -83.47 -27.82 -46.08
C GLY I 29 -84.26 -28.62 -47.09
N ARG I 30 -85.35 -28.04 -47.55
CA ARG I 30 -86.25 -28.78 -48.39
C ARG I 30 -86.22 -28.22 -49.80
N PRO I 31 -86.54 -29.02 -50.81
CA PRO I 31 -86.52 -28.52 -52.19
C PRO I 31 -87.66 -27.56 -52.47
N ALA I 32 -87.41 -26.70 -53.46
CA ALA I 32 -88.05 -25.40 -53.63
C ALA I 32 -89.46 -25.52 -54.18
N ALA I 33 -90.20 -24.42 -54.04
CA ALA I 33 -91.51 -24.27 -54.66
C ALA I 33 -91.37 -23.34 -55.84
N ASN I 34 -91.34 -23.90 -57.03
CA ASN I 34 -91.35 -23.09 -58.24
C ASN I 34 -92.79 -22.74 -58.54
N THR I 35 -93.30 -21.73 -57.85
CA THR I 35 -94.71 -21.36 -57.97
C THR I 35 -94.95 -20.73 -59.34
N LYS I 36 -95.68 -21.43 -60.19
CA LYS I 36 -96.00 -21.01 -61.53
C LYS I 36 -97.37 -20.37 -61.53
N ILE I 37 -97.75 -19.79 -62.66
CA ILE I 37 -99.10 -19.23 -62.78
C ILE I 37 -100.02 -20.32 -63.29
N GLY I 38 -101.09 -20.58 -62.55
CA GLY I 38 -102.08 -21.57 -62.93
C GLY I 38 -103.24 -21.57 -61.95
N PRO I 39 -104.11 -22.58 -62.02
CA PRO I 39 -105.18 -22.70 -61.03
C PRO I 39 -104.63 -23.17 -59.70
N ARG I 40 -105.25 -22.70 -58.61
CA ARG I 40 -104.66 -22.69 -57.28
C ARG I 40 -104.43 -24.09 -56.72
N ARG I 41 -103.17 -24.37 -56.40
CA ARG I 41 -102.77 -25.69 -55.92
C ARG I 41 -101.74 -25.51 -54.82
N ILE I 42 -102.11 -25.87 -53.59
CA ILE I 42 -101.34 -25.59 -52.39
C ILE I 42 -101.27 -26.85 -51.56
N HIS I 43 -100.05 -27.33 -51.31
CA HIS I 43 -99.83 -28.35 -50.31
C HIS I 43 -99.31 -27.67 -49.05
N THR I 44 -99.55 -28.29 -47.90
CA THR I 44 -99.02 -27.81 -46.63
C THR I 44 -98.01 -28.79 -46.11
N VAL I 45 -96.92 -28.27 -45.56
CA VAL I 45 -95.79 -29.06 -45.11
C VAL I 45 -95.73 -28.99 -43.60
N ARG I 46 -95.74 -30.15 -42.96
CA ARG I 46 -95.68 -30.21 -41.50
C ARG I 46 -94.24 -30.04 -41.05
N VAL I 47 -93.99 -29.03 -40.21
CA VAL I 47 -92.62 -28.57 -39.98
C VAL I 47 -92.22 -28.76 -38.55
N ARG I 48 -90.96 -28.46 -38.24
CA ARG I 48 -90.49 -28.47 -36.88
C ARG I 48 -91.19 -27.40 -36.05
N GLY I 49 -91.78 -27.81 -34.95
CA GLY I 49 -92.67 -26.99 -34.19
C GLY I 49 -94.12 -27.41 -34.29
N GLY I 50 -94.47 -28.28 -35.23
CA GLY I 50 -95.83 -28.73 -35.37
C GLY I 50 -96.72 -27.82 -36.19
N ASN I 51 -96.23 -26.65 -36.59
CA ASN I 51 -97.00 -25.68 -37.32
C ASN I 51 -97.08 -26.07 -38.79
N LYS I 52 -97.80 -25.28 -39.58
CA LYS I 52 -97.93 -25.49 -41.01
C LYS I 52 -97.14 -24.42 -41.76
N LYS I 53 -96.51 -24.84 -42.85
CA LYS I 53 -95.92 -23.94 -43.84
C LYS I 53 -96.64 -24.20 -45.15
N TYR I 54 -97.25 -23.17 -45.71
CA TYR I 54 -98.17 -23.34 -46.84
C TYR I 54 -97.39 -23.20 -48.12
N ARG I 55 -97.33 -24.26 -48.90
CA ARG I 55 -96.41 -24.36 -50.01
C ARG I 55 -97.22 -24.15 -51.26
N ALA I 56 -97.20 -22.95 -51.81
CA ALA I 56 -97.97 -22.67 -53.02
C ALA I 56 -97.21 -23.13 -54.23
N LEU I 57 -97.87 -23.88 -55.09
CA LEU I 57 -97.26 -24.31 -56.33
C LEU I 57 -97.88 -23.68 -57.57
N ARG I 58 -99.12 -23.22 -57.49
CA ARG I 58 -99.72 -22.49 -58.59
C ARG I 58 -100.66 -21.44 -58.04
N LEU I 59 -100.64 -20.25 -58.61
CA LEU I 59 -101.55 -19.20 -58.19
C LEU I 59 -101.97 -18.38 -59.39
N ASP I 60 -103.21 -17.93 -59.39
CA ASP I 60 -103.69 -16.96 -60.36
C ASP I 60 -104.30 -15.71 -59.74
N VAL I 61 -104.35 -15.59 -58.41
CA VAL I 61 -104.99 -14.48 -57.73
C VAL I 61 -104.16 -14.07 -56.52
N GLY I 62 -104.01 -12.76 -56.32
CA GLY I 62 -103.37 -12.24 -55.15
C GLY I 62 -104.07 -11.00 -54.66
N ASN I 63 -103.74 -10.58 -53.46
CA ASN I 63 -104.29 -9.39 -52.82
C ASN I 63 -103.30 -8.24 -52.97
N PHE I 64 -103.50 -7.38 -53.96
CA PHE I 64 -102.54 -6.34 -54.28
C PHE I 64 -103.06 -4.99 -53.82
N SER I 65 -102.14 -4.07 -53.53
CA SER I 65 -102.50 -2.79 -52.93
C SER I 65 -102.03 -1.62 -53.77
N TRP I 66 -102.96 -0.75 -54.15
CA TRP I 66 -102.66 0.59 -54.68
C TRP I 66 -102.47 1.52 -53.50
N GLY I 67 -101.22 1.78 -53.15
CA GLY I 67 -100.94 2.38 -51.86
C GLY I 67 -101.19 3.88 -51.76
N SER I 68 -101.30 4.57 -52.89
CA SER I 68 -101.42 6.02 -52.85
C SER I 68 -102.79 6.47 -52.40
N GLU I 69 -103.81 5.65 -52.63
CA GLU I 69 -105.17 6.00 -52.22
C GLU I 69 -105.76 5.02 -51.23
N CYS I 70 -104.94 4.07 -50.74
CA CYS I 70 -105.29 3.03 -49.77
C CYS I 70 -106.51 2.22 -50.21
N CYS I 71 -106.37 1.61 -51.39
CA CYS I 71 -107.39 0.72 -51.91
C CYS I 71 -106.76 -0.61 -52.28
N THR I 72 -107.01 -1.63 -51.48
CA THR I 72 -106.42 -2.95 -51.65
C THR I 72 -107.50 -3.95 -52.02
N ARG I 73 -107.48 -4.44 -53.26
CA ARG I 73 -108.47 -5.40 -53.72
C ARG I 73 -107.76 -6.54 -54.42
N LYS I 74 -108.47 -7.66 -54.60
CA LYS I 74 -107.88 -8.91 -55.07
C LYS I 74 -108.02 -9.03 -56.58
N THR I 75 -106.91 -9.29 -57.27
CA THR I 75 -106.83 -9.20 -58.71
C THR I 75 -106.34 -10.51 -59.30
N ARG I 76 -106.44 -10.64 -60.62
CA ARG I 76 -105.76 -11.72 -61.32
C ARG I 76 -104.28 -11.41 -61.44
N ILE I 77 -103.50 -12.44 -61.75
CA ILE I 77 -102.08 -12.27 -62.07
C ILE I 77 -101.88 -12.78 -63.49
N ILE I 78 -101.38 -11.93 -64.37
CA ILE I 78 -101.41 -12.21 -65.80
C ILE I 78 -100.10 -12.78 -66.30
N ASP I 79 -98.99 -12.10 -66.03
CA ASP I 79 -97.72 -12.36 -66.70
C ASP I 79 -96.63 -11.72 -65.85
N VAL I 80 -95.44 -12.33 -65.88
CA VAL I 80 -94.27 -11.75 -65.22
C VAL I 80 -93.39 -11.10 -66.28
N VAL I 81 -92.80 -9.97 -65.93
CA VAL I 81 -92.00 -9.23 -66.89
C VAL I 81 -90.54 -9.11 -66.50
N TYR I 82 -90.19 -9.33 -65.24
CA TYR I 82 -88.85 -8.97 -64.79
C TYR I 82 -88.56 -9.71 -63.50
N ASN I 83 -87.32 -10.15 -63.33
CA ASN I 83 -86.85 -10.61 -62.05
C ASN I 83 -85.41 -10.18 -61.86
N ALA I 84 -85.12 -9.59 -60.71
CA ALA I 84 -83.81 -9.04 -60.43
C ALA I 84 -82.75 -10.09 -60.13
N SER I 85 -83.15 -11.34 -59.91
CA SER I 85 -82.19 -12.40 -59.62
C SER I 85 -81.81 -13.22 -60.83
N ASN I 86 -82.76 -13.57 -61.69
CA ASN I 86 -82.51 -14.60 -62.68
C ASN I 86 -83.46 -14.39 -63.85
N ASN I 87 -82.94 -14.53 -65.07
CA ASN I 87 -83.80 -14.44 -66.22
C ASN I 87 -84.57 -15.72 -66.48
N GLU I 88 -84.14 -16.85 -65.94
CA GLU I 88 -84.92 -18.06 -66.11
C GLU I 88 -86.15 -18.08 -65.22
N LEU I 89 -86.20 -17.21 -64.22
CA LEU I 89 -87.41 -16.98 -63.44
C LEU I 89 -88.38 -16.00 -64.10
N VAL I 90 -88.05 -15.52 -65.28
CA VAL I 90 -88.95 -14.70 -66.09
C VAL I 90 -89.58 -15.52 -67.21
N ARG I 91 -88.78 -16.34 -67.88
CA ARG I 91 -89.31 -17.09 -69.00
C ARG I 91 -90.07 -18.32 -68.57
N THR I 92 -89.96 -18.75 -67.31
CA THR I 92 -90.71 -19.90 -66.83
C THR I 92 -91.88 -19.51 -65.94
N LYS I 93 -92.09 -18.19 -65.76
CA LYS I 93 -93.21 -17.59 -65.01
C LYS I 93 -93.26 -18.06 -63.57
N THR I 94 -92.14 -17.96 -62.88
CA THR I 94 -92.00 -18.47 -61.52
C THR I 94 -92.20 -17.31 -60.56
N LEU I 95 -93.15 -17.45 -59.64
CA LEU I 95 -93.51 -16.39 -58.73
C LEU I 95 -92.75 -16.57 -57.42
N VAL I 96 -91.80 -15.68 -57.17
CA VAL I 96 -91.10 -15.58 -55.92
C VAL I 96 -91.28 -14.15 -55.44
N LYS I 97 -90.77 -13.85 -54.24
CA LYS I 97 -90.82 -12.49 -53.72
C LYS I 97 -89.99 -11.55 -54.59
N ASN I 98 -90.48 -10.32 -54.74
CA ASN I 98 -89.84 -9.19 -55.42
C ASN I 98 -89.64 -9.47 -56.93
N CYS I 99 -90.47 -10.30 -57.54
CA CYS I 99 -90.60 -10.29 -59.00
C CYS I 99 -91.51 -9.16 -59.44
N ILE I 100 -91.64 -8.95 -60.74
CA ILE I 100 -92.51 -7.93 -61.29
C ILE I 100 -93.58 -8.61 -62.13
N VAL I 101 -94.84 -8.45 -61.76
CA VAL I 101 -95.93 -9.18 -62.36
C VAL I 101 -96.83 -8.20 -63.08
N LEU I 102 -97.76 -8.74 -63.85
CA LEU I 102 -98.82 -7.94 -64.47
C LEU I 102 -100.16 -8.38 -63.89
N ILE I 103 -100.97 -7.40 -63.46
CA ILE I 103 -102.22 -7.66 -62.76
C ILE I 103 -103.36 -7.09 -63.58
N ASP I 104 -104.59 -7.37 -63.15
CA ASP I 104 -105.72 -7.13 -64.05
C ASP I 104 -106.30 -5.72 -63.97
N SER I 105 -106.24 -5.06 -62.81
CA SER I 105 -106.48 -3.62 -62.60
C SER I 105 -107.90 -3.17 -62.88
N THR I 106 -108.85 -4.07 -63.06
CA THR I 106 -110.23 -3.65 -63.22
C THR I 106 -110.90 -3.15 -61.92
N PRO I 107 -110.69 -3.77 -60.72
CA PRO I 107 -111.26 -3.12 -59.52
C PRO I 107 -110.59 -1.82 -59.13
N TYR I 108 -109.39 -1.53 -59.61
CA TYR I 108 -108.79 -0.24 -59.33
C TYR I 108 -109.45 0.88 -60.13
N ARG I 109 -109.74 0.61 -61.40
CA ARG I 109 -110.50 1.55 -62.21
C ARG I 109 -111.94 1.64 -61.73
N GLN I 110 -112.48 0.53 -61.23
CA GLN I 110 -113.82 0.51 -60.65
C GLN I 110 -113.90 1.32 -59.36
N TRP I 111 -112.85 1.26 -58.54
CA TRP I 111 -112.84 2.08 -57.34
C TRP I 111 -112.57 3.53 -57.64
N TYR I 112 -111.75 3.81 -58.66
CA TYR I 112 -111.49 5.20 -59.04
C TYR I 112 -112.76 5.85 -59.61
N GLU I 113 -113.55 5.11 -60.38
CA GLU I 113 -114.85 5.59 -60.80
C GLU I 113 -115.85 5.68 -59.67
N SER I 114 -115.70 4.91 -58.61
CA SER I 114 -116.73 4.95 -57.58
C SER I 114 -116.46 5.96 -56.47
N HIS I 115 -115.21 6.16 -56.09
CA HIS I 115 -114.91 7.05 -54.98
C HIS I 115 -114.93 8.49 -55.42
N TYR I 116 -114.17 8.81 -56.45
CA TYR I 116 -114.27 10.05 -57.20
C TYR I 116 -115.33 9.88 -58.28
N ALA I 117 -115.61 10.93 -59.03
CA ALA I 117 -116.55 10.80 -60.13
C ALA I 117 -115.89 10.66 -61.49
N LEU I 118 -114.63 10.95 -61.60
CA LEU I 118 -113.99 11.07 -62.90
C LEU I 118 -113.73 9.69 -63.53
N PRO I 119 -113.71 9.59 -64.86
CA PRO I 119 -113.45 8.29 -65.50
C PRO I 119 -111.97 7.93 -65.45
N LEU I 120 -111.70 6.67 -65.76
CA LEU I 120 -110.33 6.21 -65.94
C LEU I 120 -110.30 5.09 -66.99
N GLY I 121 -109.31 5.15 -67.87
CA GLY I 121 -109.04 4.06 -68.78
C GLY I 121 -110.07 3.84 -69.85
N ARG I 122 -110.33 4.87 -70.67
CA ARG I 122 -111.24 4.74 -71.79
C ARG I 122 -110.55 5.15 -73.08
N THR I 129 -122.80 2.30 -72.84
CA THR I 129 -122.80 1.62 -71.54
C THR I 129 -123.46 2.36 -70.37
N PRO I 130 -124.77 2.62 -70.45
CA PRO I 130 -125.39 3.58 -69.51
C PRO I 130 -125.62 3.03 -68.11
N GLU I 131 -125.49 1.73 -67.90
CA GLU I 131 -125.59 1.15 -66.56
C GLU I 131 -124.32 1.38 -65.75
N GLU I 132 -123.18 1.61 -66.39
CA GLU I 132 -121.98 2.02 -65.70
C GLU I 132 -121.83 3.55 -65.70
N GLU I 133 -122.54 4.22 -66.60
CA GLU I 133 -122.84 5.64 -66.38
C GLU I 133 -123.76 5.84 -65.18
N GLU I 134 -124.59 4.86 -64.83
CA GLU I 134 -125.41 4.96 -63.61
C GLU I 134 -124.62 4.80 -62.30
N ILE I 135 -123.31 4.58 -62.35
CA ILE I 135 -122.43 4.99 -61.26
C ILE I 135 -121.53 6.17 -61.64
N LEU I 136 -121.39 6.47 -62.93
CA LEU I 136 -120.60 7.63 -63.33
C LEU I 136 -121.42 8.92 -63.32
N ASN I 137 -122.61 8.90 -63.94
CA ASN I 137 -123.44 10.08 -64.14
C ASN I 137 -124.85 9.69 -63.68
N LYS I 138 -125.26 10.17 -62.51
CA LYS I 138 -126.60 9.89 -62.03
C LYS I 138 -127.09 11.05 -61.19
N LYS I 139 -128.38 10.98 -60.86
CA LYS I 139 -129.06 12.03 -60.14
C LYS I 139 -128.59 12.06 -58.70
N ARG I 140 -128.14 13.22 -58.26
CA ARG I 140 -127.68 13.43 -56.89
C ARG I 140 -128.32 14.69 -56.35
N SER I 141 -128.25 14.86 -55.04
CA SER I 141 -128.63 16.15 -54.47
C SER I 141 -127.47 17.13 -54.58
N LYS I 142 -127.72 18.37 -54.19
CA LYS I 142 -126.65 19.35 -54.15
C LYS I 142 -125.72 19.16 -52.94
N LYS I 143 -126.19 18.49 -51.88
CA LYS I 143 -125.37 18.37 -50.69
C LYS I 143 -124.33 17.27 -50.83
N ILE I 144 -124.70 16.16 -51.47
CA ILE I 144 -123.71 15.12 -51.71
C ILE I 144 -122.75 15.52 -52.82
N GLN I 145 -123.23 16.30 -53.80
CA GLN I 145 -122.35 16.81 -54.83
C GLN I 145 -121.42 17.89 -54.31
N LYS I 146 -121.72 18.51 -53.15
CA LYS I 146 -120.74 19.36 -52.49
C LYS I 146 -119.54 18.55 -52.00
N LYS I 147 -119.79 17.33 -51.50
CA LYS I 147 -118.70 16.44 -51.12
C LYS I 147 -117.93 15.93 -52.34
N TYR I 148 -118.66 15.59 -53.40
CA TYR I 148 -118.03 15.07 -54.63
C TYR I 148 -117.23 16.14 -55.36
N ASP I 149 -117.69 17.39 -55.31
CA ASP I 149 -116.93 18.48 -55.90
C ASP I 149 -115.86 19.01 -54.96
N GLU I 150 -115.93 18.66 -53.67
CA GLU I 150 -114.76 18.89 -52.83
C GLU I 150 -113.63 17.93 -53.19
N ARG I 151 -113.92 16.62 -53.25
CA ARG I 151 -112.85 15.65 -53.42
C ARG I 151 -112.38 15.46 -54.85
N LYS I 152 -112.75 16.33 -55.79
CA LYS I 152 -112.17 16.27 -57.12
C LYS I 152 -110.90 17.11 -57.26
N LYS I 153 -110.53 17.86 -56.22
CA LYS I 153 -109.37 18.74 -56.30
C LYS I 153 -108.05 17.97 -56.34
N ASN I 154 -107.80 17.11 -55.35
CA ASN I 154 -106.72 16.14 -55.47
C ASN I 154 -107.23 14.83 -56.09
N ALA I 155 -107.64 14.92 -57.34
CA ALA I 155 -108.10 13.72 -58.03
C ALA I 155 -107.38 13.47 -59.34
N LYS I 156 -106.29 14.15 -59.60
CA LYS I 156 -105.56 13.93 -60.84
C LYS I 156 -104.47 12.93 -60.55
N ILE I 157 -104.46 11.86 -61.29
CA ILE I 157 -103.54 10.77 -61.03
C ILE I 157 -102.47 10.82 -62.09
N SER I 158 -101.24 10.51 -61.67
CA SER I 158 -100.02 10.69 -62.45
C SER I 158 -100.02 9.84 -63.71
N SER I 159 -99.16 10.24 -64.64
CA SER I 159 -99.23 9.76 -66.01
C SER I 159 -98.78 8.32 -66.14
N LEU I 160 -97.86 7.89 -65.29
CA LEU I 160 -97.21 6.61 -65.50
C LEU I 160 -98.08 5.42 -65.11
N LEU I 161 -99.11 5.62 -64.29
CA LEU I 161 -100.09 4.56 -64.07
C LEU I 161 -101.25 4.66 -65.04
N GLU I 162 -101.65 5.90 -65.34
CA GLU I 162 -102.83 6.17 -66.16
C GLU I 162 -102.60 5.78 -67.62
N GLU I 163 -101.35 5.82 -68.08
CA GLU I 163 -101.06 5.37 -69.43
C GLU I 163 -101.16 3.86 -69.57
N GLN I 164 -101.11 3.12 -68.48
CA GLN I 164 -101.32 1.68 -68.50
C GLN I 164 -102.73 1.27 -68.16
N PHE I 165 -103.49 2.13 -67.47
CA PHE I 165 -104.95 1.92 -67.36
C PHE I 165 -105.66 1.95 -68.71
N GLN I 166 -105.07 2.60 -69.72
CA GLN I 166 -105.52 2.43 -71.09
C GLN I 166 -105.31 1.02 -71.62
N GLN I 167 -104.34 0.27 -71.09
CA GLN I 167 -104.09 -1.10 -71.54
C GLN I 167 -104.63 -2.13 -70.57
N GLY I 168 -105.14 -1.72 -69.41
CA GLY I 168 -105.78 -2.63 -68.49
C GLY I 168 -104.88 -3.53 -67.69
N LYS I 169 -103.59 -3.21 -67.56
CA LYS I 169 -102.66 -4.03 -66.79
C LYS I 169 -101.72 -3.13 -66.00
N LEU I 170 -101.83 -3.15 -64.68
CA LEU I 170 -100.90 -2.39 -63.87
C LEU I 170 -99.66 -3.24 -63.60
N LEU I 171 -98.49 -2.60 -63.62
CA LEU I 171 -97.28 -3.28 -63.20
C LEU I 171 -97.26 -3.34 -61.69
N ALA I 172 -96.93 -4.51 -61.14
CA ALA I 172 -96.99 -4.67 -59.71
C ALA I 172 -95.94 -5.67 -59.26
N CYS I 173 -95.55 -5.55 -58.01
CA CYS I 173 -94.46 -6.33 -57.43
C CYS I 173 -94.95 -7.12 -56.25
N ILE I 174 -94.50 -8.36 -56.13
CA ILE I 174 -94.94 -9.21 -55.05
C ILE I 174 -94.15 -8.87 -53.80
N ALA I 175 -94.84 -8.64 -52.70
CA ALA I 175 -94.19 -8.33 -51.44
C ALA I 175 -94.33 -9.41 -50.38
N SER I 176 -95.17 -10.41 -50.59
CA SER I 176 -95.17 -11.56 -49.70
C SER I 176 -94.21 -12.64 -50.22
N ARG I 177 -93.99 -13.68 -49.41
CA ARG I 177 -93.15 -14.82 -49.76
C ARG I 177 -94.02 -16.00 -50.13
N PRO I 178 -94.25 -16.28 -51.41
CA PRO I 178 -95.18 -17.36 -51.79
C PRO I 178 -94.64 -18.77 -51.60
N GLY I 179 -93.43 -18.96 -51.12
CA GLY I 179 -92.99 -20.30 -50.80
C GLY I 179 -93.11 -20.69 -49.34
N GLN I 180 -93.45 -19.75 -48.45
CA GLN I 180 -93.70 -20.14 -47.07
C GLN I 180 -95.13 -19.97 -46.63
N CYS I 181 -95.87 -19.03 -47.21
CA CYS I 181 -97.17 -18.74 -46.67
C CYS I 181 -98.28 -18.96 -47.69
N GLY I 182 -97.93 -19.27 -48.93
CA GLY I 182 -98.95 -19.64 -49.87
C GLY I 182 -99.75 -18.49 -50.44
N ARG I 183 -99.28 -17.27 -50.28
CA ARG I 183 -100.00 -16.12 -50.80
C ARG I 183 -99.07 -15.28 -51.65
N ALA I 184 -99.68 -14.47 -52.52
CA ALA I 184 -98.97 -13.68 -53.51
C ALA I 184 -99.21 -12.18 -53.35
N ASP I 185 -99.43 -11.72 -52.11
CA ASP I 185 -99.82 -10.34 -51.87
C ASP I 185 -98.67 -9.37 -52.13
N GLY I 186 -99.00 -8.17 -52.56
CA GLY I 186 -97.96 -7.20 -52.85
C GLY I 186 -98.52 -5.83 -53.16
N TYR I 187 -97.72 -5.02 -53.85
CA TYR I 187 -98.08 -3.64 -54.12
C TYR I 187 -97.91 -3.35 -55.60
N VAL I 188 -98.44 -2.24 -56.03
CA VAL I 188 -98.25 -1.80 -57.41
C VAL I 188 -97.10 -0.80 -57.45
N LEU I 189 -96.35 -0.83 -58.55
CA LEU I 189 -95.19 0.02 -58.71
C LEU I 189 -95.64 1.45 -59.00
N GLU I 190 -95.08 2.42 -58.28
CA GLU I 190 -95.47 3.81 -58.41
C GLU I 190 -94.26 4.69 -58.16
N GLY I 191 -94.37 5.95 -58.56
CA GLY I 191 -93.43 6.95 -58.07
C GLY I 191 -92.10 6.88 -58.79
N LYS I 192 -91.03 6.83 -58.00
CA LYS I 192 -89.70 6.67 -58.58
C LYS I 192 -89.49 5.23 -59.02
N GLU I 193 -90.02 4.27 -58.26
CA GLU I 193 -89.77 2.84 -58.49
C GLU I 193 -90.38 2.36 -59.79
N LEU I 194 -91.48 2.99 -60.21
CA LEU I 194 -92.09 2.68 -61.49
C LEU I 194 -91.22 3.14 -62.65
N GLU I 195 -90.57 4.30 -62.49
CA GLU I 195 -89.66 4.79 -63.53
C GLU I 195 -88.43 3.91 -63.63
N PHE I 196 -87.92 3.45 -62.48
CA PHE I 196 -86.76 2.56 -62.45
C PHE I 196 -87.06 1.22 -63.12
N TYR I 197 -88.20 0.64 -62.78
CA TYR I 197 -88.48 -0.69 -63.29
C TYR I 197 -88.96 -0.67 -64.73
N LEU I 198 -89.59 0.43 -65.18
CA LEU I 198 -89.88 0.55 -66.59
C LEU I 198 -88.62 0.75 -67.41
N ARG I 199 -87.62 1.42 -66.82
CA ARG I 199 -86.30 1.48 -67.44
C ARG I 199 -85.65 0.10 -67.54
N LYS I 200 -85.79 -0.71 -66.50
CA LYS I 200 -85.12 -2.02 -66.53
C LYS I 200 -85.82 -3.04 -67.43
N ILE I 201 -87.15 -3.00 -67.54
CA ILE I 201 -87.82 -3.85 -68.55
C ILE I 201 -87.54 -3.32 -69.95
N LYS I 202 -87.42 -1.99 -70.10
CA LYS I 202 -87.07 -1.39 -71.38
C LYS I 202 -85.67 -1.80 -71.83
N ALA I 203 -84.75 -2.02 -70.90
CA ALA I 203 -83.40 -2.42 -71.26
C ALA I 203 -83.16 -3.92 -71.25
N ARG I 204 -84.01 -4.71 -70.57
CA ARG I 204 -83.74 -6.15 -70.48
C ARG I 204 -84.13 -6.89 -71.75
N LYS I 205 -84.95 -6.29 -72.61
CA LYS I 205 -85.14 -6.85 -73.94
C LYS I 205 -84.09 -6.28 -74.90
N PRO J 1 -72.87 -45.41 -12.17
CA PRO J 1 -73.53 -44.56 -11.19
C PRO J 1 -73.90 -45.38 -10.00
N VAL J 2 -73.23 -45.20 -8.86
CA VAL J 2 -73.57 -45.94 -7.67
C VAL J 2 -73.76 -44.94 -6.54
N ALA J 3 -74.54 -45.35 -5.55
CA ALA J 3 -74.68 -44.58 -4.32
C ALA J 3 -73.56 -44.99 -3.35
N ARG J 4 -72.37 -44.48 -3.63
CA ARG J 4 -71.20 -44.82 -2.84
C ARG J 4 -70.36 -43.58 -2.57
N SER J 5 -69.41 -43.76 -1.67
CA SER J 5 -68.33 -42.83 -1.46
C SER J 5 -67.02 -43.59 -1.51
N TRP J 6 -66.09 -43.12 -2.34
CA TRP J 6 -64.80 -43.76 -2.47
C TRP J 6 -63.73 -42.97 -1.75
N VAL J 7 -64.13 -42.06 -0.87
CA VAL J 7 -63.19 -41.13 -0.28
C VAL J 7 -62.38 -41.85 0.78
N CYS J 8 -61.07 -41.91 0.58
CA CYS J 8 -60.16 -42.47 1.56
C CYS J 8 -58.82 -41.78 1.42
N ARG J 9 -58.01 -41.88 2.46
CA ARG J 9 -56.65 -41.37 2.40
C ARG J 9 -55.75 -42.32 3.15
N LYS J 10 -54.47 -42.23 2.88
CA LYS J 10 -53.52 -42.99 3.65
C LYS J 10 -53.15 -42.16 4.87
N THR J 11 -52.85 -42.82 5.98
CA THR J 11 -52.56 -42.09 7.20
C THR J 11 -51.14 -42.34 7.71
N TYR J 12 -50.21 -42.74 6.84
CA TYR J 12 -48.81 -42.72 7.21
C TYR J 12 -47.96 -42.40 6.01
N VAL J 13 -46.73 -41.96 6.27
CA VAL J 13 -45.79 -41.66 5.22
C VAL J 13 -44.51 -42.44 5.48
N THR J 14 -44.16 -43.29 4.54
CA THR J 14 -43.01 -44.14 4.71
C THR J 14 -41.75 -43.30 4.59
N PRO J 15 -40.71 -43.57 5.38
CA PRO J 15 -39.57 -42.68 5.40
C PRO J 15 -38.70 -42.86 4.16
N ARG J 16 -37.96 -41.81 3.83
CA ARG J 16 -37.26 -41.79 2.57
C ARG J 16 -36.00 -42.64 2.64
N ARG J 17 -35.18 -42.41 3.63
CA ARG J 17 -33.96 -43.18 3.82
C ARG J 17 -34.26 -44.37 4.72
N PRO J 18 -34.32 -45.57 4.19
CA PRO J 18 -34.98 -46.64 4.93
C PRO J 18 -34.16 -47.28 6.02
N PHE J 19 -32.83 -47.20 5.96
CA PHE J 19 -31.95 -47.95 6.83
C PHE J 19 -31.01 -47.06 7.63
N GLU J 20 -31.40 -45.82 7.90
CA GLU J 20 -30.60 -44.96 8.76
C GLU J 20 -30.74 -45.40 10.20
N LYS J 21 -29.60 -45.68 10.85
CA LYS J 21 -29.57 -46.33 12.16
C LYS J 21 -30.12 -45.47 13.27
N SER J 22 -30.03 -44.15 13.13
CA SER J 22 -30.57 -43.24 14.14
C SER J 22 -32.09 -43.22 14.12
N ARG J 23 -32.68 -43.30 12.94
CA ARG J 23 -34.13 -43.35 12.81
C ARG J 23 -34.68 -44.67 13.35
N LEU J 24 -33.97 -45.78 13.06
CA LEU J 24 -34.36 -47.09 13.55
C LEU J 24 -34.24 -47.16 15.06
N ASP J 25 -33.22 -46.49 15.60
CA ASP J 25 -32.98 -46.46 17.05
C ASP J 25 -34.08 -45.69 17.77
N GLN J 26 -34.43 -44.49 17.30
CA GLN J 26 -35.42 -43.70 18.03
C GLN J 26 -36.83 -44.28 17.91
N GLU J 27 -37.20 -44.79 16.73
CA GLU J 27 -38.55 -45.34 16.61
C GLU J 27 -38.68 -46.69 17.28
N LEU J 28 -37.59 -47.47 17.37
CA LEU J 28 -37.69 -48.70 18.13
C LEU J 28 -37.74 -48.43 19.61
N LYS J 29 -37.13 -47.32 20.06
CA LYS J 29 -37.28 -46.92 21.45
C LYS J 29 -38.71 -46.53 21.75
N LEU J 30 -39.38 -45.88 20.80
CA LEU J 30 -40.79 -45.51 21.03
C LEU J 30 -41.70 -46.72 21.01
N ILE J 31 -41.38 -47.72 20.18
CA ILE J 31 -42.14 -48.97 20.15
C ILE J 31 -42.00 -49.70 21.47
N GLY J 32 -40.78 -49.79 21.99
CA GLY J 32 -40.58 -50.52 23.22
C GLY J 32 -41.07 -49.81 24.45
N GLU J 33 -41.09 -48.48 24.43
CA GLU J 33 -41.63 -47.78 25.58
C GLU J 33 -43.14 -47.83 25.58
N TYR J 34 -43.78 -47.43 24.49
CA TYR J 34 -45.18 -47.11 24.55
C TYR J 34 -46.08 -48.25 24.14
N GLY J 35 -45.51 -49.41 23.88
CA GLY J 35 -46.27 -50.63 23.63
C GLY J 35 -47.00 -50.64 22.32
N LEU J 36 -46.37 -50.10 21.30
CA LEU J 36 -46.93 -50.15 19.97
C LEU J 36 -46.60 -51.50 19.37
N ARG J 37 -47.22 -51.82 18.25
CA ARG J 37 -46.95 -53.12 17.65
C ARG J 37 -45.95 -53.08 16.50
N ASN J 38 -46.03 -52.11 15.61
CA ASN J 38 -45.06 -52.02 14.53
C ASN J 38 -44.82 -50.57 14.19
N LYS J 39 -43.88 -50.31 13.28
CA LYS J 39 -43.40 -48.96 13.01
C LYS J 39 -44.43 -48.09 12.32
N ARG J 40 -45.45 -48.69 11.72
CA ARG J 40 -46.54 -47.93 11.12
C ARG J 40 -47.37 -47.23 12.19
N GLU J 41 -47.44 -47.81 13.39
CA GLU J 41 -48.10 -47.14 14.50
C GLU J 41 -47.29 -45.95 15.03
N VAL J 42 -46.00 -45.86 14.73
CA VAL J 42 -45.24 -44.67 15.05
C VAL J 42 -45.39 -43.63 13.96
N TRP J 43 -45.38 -44.10 12.71
CA TRP J 43 -45.40 -43.18 11.57
C TRP J 43 -46.75 -42.52 11.42
N ARG J 44 -47.79 -43.17 11.90
CA ARG J 44 -49.11 -42.55 11.87
C ARG J 44 -49.21 -41.38 12.85
N VAL J 45 -48.54 -41.49 14.00
CA VAL J 45 -48.53 -40.38 14.95
C VAL J 45 -47.62 -39.27 14.45
N LYS J 46 -46.54 -39.63 13.73
CA LYS J 46 -45.72 -38.63 13.05
C LYS J 46 -46.50 -37.91 11.94
N PHE J 47 -47.40 -38.62 11.29
CA PHE J 47 -48.21 -37.98 10.25
C PHE J 47 -49.26 -37.04 10.84
N THR J 48 -49.87 -37.40 11.98
CA THR J 48 -50.86 -36.48 12.55
C THR J 48 -50.23 -35.26 13.20
N LEU J 49 -49.04 -35.41 13.80
CA LEU J 49 -48.31 -34.23 14.26
C LEU J 49 -47.80 -33.39 13.09
N ALA J 50 -47.41 -34.03 11.98
CA ALA J 50 -46.98 -33.29 10.81
C ALA J 50 -48.11 -32.52 10.16
N LYS J 51 -49.32 -33.06 10.20
CA LYS J 51 -50.47 -32.33 9.68
C LYS J 51 -50.85 -31.15 10.57
N ILE J 52 -50.73 -31.33 11.89
CA ILE J 52 -50.99 -30.23 12.84
C ILE J 52 -49.96 -29.10 12.67
N ARG J 53 -48.68 -29.47 12.56
CA ARG J 53 -47.64 -28.47 12.39
C ARG J 53 -47.67 -27.83 11.02
N LYS J 54 -48.15 -28.53 9.99
CA LYS J 54 -48.34 -27.90 8.69
C LYS J 54 -49.47 -26.88 8.73
N ALA J 55 -50.51 -27.13 9.53
CA ALA J 55 -51.58 -26.15 9.67
C ALA J 55 -51.12 -24.89 10.41
N ALA J 56 -50.35 -25.07 11.48
CA ALA J 56 -49.83 -23.91 12.20
C ALA J 56 -48.75 -23.18 11.39
N ARG J 57 -47.93 -23.93 10.64
CA ARG J 57 -46.89 -23.35 9.81
C ARG J 57 -47.48 -22.62 8.61
N GLU J 58 -48.70 -22.98 8.22
CA GLU J 58 -49.41 -22.19 7.25
C GLU J 58 -50.01 -20.92 7.87
N LEU J 59 -50.56 -21.00 9.08
CA LEU J 59 -51.23 -19.82 9.63
C LEU J 59 -50.25 -18.76 10.11
N LEU J 60 -49.03 -19.15 10.48
CA LEU J 60 -48.12 -18.21 11.10
C LEU J 60 -47.48 -17.20 10.15
N THR J 61 -47.77 -17.22 8.86
CA THR J 61 -47.19 -16.24 7.95
C THR J 61 -48.18 -15.14 7.61
N LEU J 62 -49.25 -15.00 8.39
CA LEU J 62 -50.31 -14.04 8.15
C LEU J 62 -50.21 -12.85 9.09
N ASP J 63 -50.90 -11.78 8.70
CA ASP J 63 -51.10 -10.64 9.59
C ASP J 63 -52.05 -11.09 10.68
N GLU J 64 -51.77 -10.66 11.91
CA GLU J 64 -52.34 -11.34 13.07
C GLU J 64 -53.79 -10.97 13.34
N LYS J 65 -54.38 -10.05 12.58
CA LYS J 65 -55.80 -9.74 12.70
C LYS J 65 -56.55 -10.09 11.43
N ASP J 66 -55.96 -10.91 10.56
CA ASP J 66 -56.74 -11.51 9.49
C ASP J 66 -57.65 -12.57 10.12
N PRO J 67 -58.94 -12.61 9.77
CA PRO J 67 -59.89 -13.39 10.57
C PRO J 67 -59.81 -14.89 10.37
N ARG J 68 -59.13 -15.36 9.32
CA ARG J 68 -58.87 -16.80 9.22
C ARG J 68 -57.89 -17.24 10.27
N ARG J 69 -56.89 -16.40 10.57
CA ARG J 69 -55.96 -16.69 11.65
C ARG J 69 -56.66 -16.71 12.99
N LEU J 70 -57.46 -15.67 13.25
CA LEU J 70 -58.20 -15.53 14.51
C LEU J 70 -59.33 -16.55 14.68
N PHE J 71 -59.81 -17.16 13.60
CA PHE J 71 -60.79 -18.22 13.84
C PHE J 71 -60.15 -19.61 13.91
N GLU J 72 -59.27 -19.94 12.97
CA GLU J 72 -58.80 -21.32 12.90
C GLU J 72 -57.69 -21.60 13.86
N GLY J 73 -56.93 -20.57 14.28
CA GLY J 73 -55.98 -20.77 15.35
C GLY J 73 -56.66 -21.06 16.66
N ASN J 74 -57.79 -20.38 16.93
CA ASN J 74 -58.54 -20.64 18.15
C ASN J 74 -59.17 -22.02 18.15
N ALA J 75 -59.64 -22.47 16.99
CA ALA J 75 -60.19 -23.82 16.88
C ALA J 75 -59.10 -24.89 17.03
N LEU J 76 -57.92 -24.68 16.43
CA LEU J 76 -56.87 -25.68 16.50
C LEU J 76 -56.26 -25.78 17.89
N LEU J 77 -56.05 -24.64 18.56
CA LEU J 77 -55.54 -24.67 19.92
C LEU J 77 -56.60 -25.19 20.89
N ARG J 78 -57.88 -24.96 20.59
CA ARG J 78 -58.93 -25.52 21.44
C ARG J 78 -58.99 -27.03 21.32
N ARG J 79 -58.76 -27.59 20.13
CA ARG J 79 -58.70 -29.03 20.04
C ARG J 79 -57.44 -29.60 20.69
N LEU J 80 -56.33 -28.88 20.65
CA LEU J 80 -55.14 -29.42 21.32
C LEU J 80 -55.22 -29.27 22.84
N VAL J 81 -55.94 -28.27 23.36
CA VAL J 81 -56.13 -28.23 24.82
C VAL J 81 -57.22 -29.21 25.23
N ARG J 82 -58.14 -29.53 24.32
CA ARG J 82 -59.19 -30.48 24.60
C ARG J 82 -58.65 -31.90 24.68
N ILE J 83 -57.71 -32.27 23.81
CA ILE J 83 -57.16 -33.61 23.98
C ILE J 83 -56.04 -33.65 25.01
N GLY J 84 -55.52 -32.51 25.44
CA GLY J 84 -54.65 -32.46 26.59
C GLY J 84 -53.16 -32.32 26.31
N VAL J 85 -52.76 -32.27 25.04
CA VAL J 85 -51.34 -32.22 24.73
C VAL J 85 -50.78 -30.80 24.76
N LEU J 86 -51.63 -29.80 24.92
CA LEU J 86 -51.20 -28.42 25.09
C LEU J 86 -51.92 -27.87 26.31
N ASP J 87 -51.20 -27.38 27.29
CA ASP J 87 -51.83 -27.07 28.56
C ASP J 87 -52.57 -25.74 28.51
N GLU J 88 -53.43 -25.53 29.52
CA GLU J 88 -54.53 -24.56 29.46
C GLU J 88 -54.06 -23.12 29.40
N GLY J 89 -52.92 -22.82 30.02
CA GLY J 89 -52.44 -21.46 30.00
C GLY J 89 -51.83 -21.08 28.66
N LYS J 90 -50.97 -21.94 28.14
CA LYS J 90 -50.19 -21.61 26.95
C LYS J 90 -50.93 -21.95 25.66
N MET J 91 -52.07 -21.29 25.48
CA MET J 91 -52.79 -21.33 24.21
C MET J 91 -52.33 -20.17 23.32
N LYS J 92 -51.11 -20.31 22.81
CA LYS J 92 -50.65 -19.48 21.71
C LYS J 92 -50.11 -20.38 20.61
N LEU J 93 -50.21 -19.90 19.36
CA LEU J 93 -49.93 -20.70 18.17
C LEU J 93 -48.46 -21.05 18.02
N ASP J 94 -47.57 -20.33 18.69
CA ASP J 94 -46.15 -20.65 18.70
C ASP J 94 -45.84 -21.84 19.58
N TYR J 95 -46.76 -22.22 20.46
CA TYR J 95 -46.61 -23.39 21.28
C TYR J 95 -47.15 -24.65 20.63
N ILE J 96 -47.69 -24.58 19.41
CA ILE J 96 -48.01 -25.81 18.69
C ILE J 96 -46.73 -26.47 18.22
N LEU J 97 -45.78 -25.66 17.78
CA LEU J 97 -44.53 -26.13 17.22
C LEU J 97 -43.61 -26.74 18.28
N GLY J 98 -43.89 -26.55 19.55
CA GLY J 98 -43.16 -27.22 20.61
C GLY J 98 -43.84 -28.48 21.09
N LEU J 99 -44.60 -29.14 20.24
CA LEU J 99 -45.15 -30.45 20.54
C LEU J 99 -44.13 -31.51 20.16
N LYS J 100 -43.79 -32.37 21.10
CA LYS J 100 -42.95 -33.51 20.76
C LYS J 100 -43.86 -34.65 20.36
N ILE J 101 -43.26 -35.69 19.76
CA ILE J 101 -44.06 -36.79 19.24
C ILE J 101 -44.55 -37.70 20.36
N GLU J 102 -43.99 -37.60 21.55
CA GLU J 102 -44.43 -38.34 22.73
C GLU J 102 -45.64 -37.74 23.42
N ASP J 103 -46.25 -36.69 22.88
CA ASP J 103 -47.46 -36.18 23.51
C ASP J 103 -48.66 -37.00 23.12
N PHE J 104 -48.77 -37.36 21.85
CA PHE J 104 -49.92 -38.11 21.37
C PHE J 104 -49.81 -39.58 21.69
N LEU J 105 -48.64 -40.05 22.08
CA LEU J 105 -48.52 -41.42 22.51
C LEU J 105 -48.86 -41.60 23.98
N GLU J 106 -48.88 -40.52 24.76
CA GLU J 106 -49.26 -40.58 26.16
C GLU J 106 -50.76 -40.56 26.32
N ARG J 107 -51.46 -39.98 25.37
CA ARG J 107 -52.91 -39.88 25.44
C ARG J 107 -53.61 -41.03 24.76
N ARG J 108 -52.92 -42.10 24.42
CA ARG J 108 -53.64 -43.26 23.92
C ARG J 108 -54.30 -43.98 25.08
N LEU J 109 -55.25 -44.84 24.77
CA LEU J 109 -55.95 -45.56 25.83
C LEU J 109 -55.07 -46.63 26.45
N GLN J 110 -54.11 -47.18 25.69
CA GLN J 110 -53.22 -48.18 26.24
C GLN J 110 -52.25 -47.57 27.24
N THR J 111 -51.69 -46.42 26.92
CA THR J 111 -50.83 -45.75 27.86
C THR J 111 -51.62 -45.12 29.00
N GLN J 112 -52.86 -44.73 28.76
CA GLN J 112 -53.64 -44.22 29.88
C GLN J 112 -54.33 -45.31 30.70
N VAL J 113 -54.27 -46.57 30.27
CA VAL J 113 -54.61 -47.66 31.18
C VAL J 113 -53.38 -48.07 31.99
N PHE J 114 -52.19 -48.00 31.40
CA PHE J 114 -51.00 -48.32 32.17
C PHE J 114 -50.64 -47.24 33.19
N LYS J 115 -50.83 -45.96 32.84
CA LYS J 115 -50.52 -44.89 33.79
C LYS J 115 -51.60 -44.67 34.83
N LEU J 116 -52.82 -45.11 34.58
CA LEU J 116 -53.86 -44.99 35.60
C LEU J 116 -53.96 -46.22 36.47
N GLY J 117 -52.97 -47.09 36.44
CA GLY J 117 -52.89 -48.16 37.41
C GLY J 117 -53.78 -49.35 37.15
N LEU J 118 -54.33 -49.46 35.96
CA LEU J 118 -55.23 -50.56 35.67
C LEU J 118 -54.53 -51.74 35.05
N ALA J 119 -53.19 -51.74 34.99
CA ALA J 119 -52.47 -52.89 34.48
C ALA J 119 -51.11 -52.94 35.14
N LYS J 120 -50.49 -54.11 35.04
CA LYS J 120 -49.21 -54.34 35.72
C LYS J 120 -48.00 -54.03 34.85
N SER J 121 -48.20 -53.95 33.54
CA SER J 121 -47.21 -53.44 32.62
C SER J 121 -47.97 -52.85 31.44
N ILE J 122 -47.26 -52.22 30.51
CA ILE J 122 -47.97 -51.57 29.39
C ILE J 122 -48.46 -52.61 28.39
N HIS J 123 -47.80 -53.76 28.34
CA HIS J 123 -48.21 -54.79 27.41
C HIS J 123 -49.41 -55.51 27.97
N HIS J 124 -49.50 -55.58 29.30
CA HIS J 124 -50.72 -56.01 29.95
C HIS J 124 -51.86 -55.04 29.71
N ALA J 125 -51.56 -53.75 29.52
CA ALA J 125 -52.63 -52.80 29.26
C ALA J 125 -53.19 -52.97 27.85
N ARG J 126 -52.33 -53.21 26.85
CA ARG J 126 -52.85 -53.44 25.50
C ARG J 126 -53.59 -54.76 25.38
N VAL J 127 -53.09 -55.81 26.05
CA VAL J 127 -53.81 -57.08 26.00
C VAL J 127 -55.02 -57.07 26.92
N LEU J 128 -55.12 -56.11 27.82
CA LEU J 128 -56.34 -55.98 28.57
C LEU J 128 -57.40 -55.25 27.76
N ILE J 129 -57.00 -54.25 26.95
CA ILE J 129 -57.95 -53.51 26.13
C ILE J 129 -58.51 -54.38 25.02
N ARG J 130 -57.63 -55.14 24.37
CA ARG J 130 -58.01 -55.95 23.22
C ARG J 130 -58.89 -57.14 23.58
N GLN J 131 -58.98 -57.50 24.86
CA GLN J 131 -59.84 -58.58 25.30
C GLN J 131 -61.16 -58.10 25.88
N ARG J 132 -61.58 -56.88 25.53
CA ARG J 132 -62.87 -56.27 25.89
C ARG J 132 -63.07 -56.15 27.39
N HIS J 133 -62.05 -55.66 28.08
CA HIS J 133 -62.14 -55.44 29.51
C HIS J 133 -62.32 -53.99 29.90
N ILE J 134 -61.79 -53.06 29.12
CA ILE J 134 -61.74 -51.65 29.49
C ILE J 134 -62.90 -50.93 28.81
N ARG J 135 -63.63 -50.13 29.58
CA ARG J 135 -64.70 -49.30 29.07
C ARG J 135 -64.45 -47.87 29.51
N VAL J 136 -64.99 -46.92 28.76
CA VAL J 136 -64.84 -45.50 29.03
C VAL J 136 -66.25 -44.91 29.13
N ARG J 137 -66.72 -44.69 30.37
CA ARG J 137 -68.05 -44.16 30.74
C ARG J 137 -69.21 -44.85 30.03
N LYS J 138 -69.28 -46.16 30.26
CA LYS J 138 -70.29 -47.12 29.79
C LYS J 138 -70.24 -47.36 28.29
N GLN J 139 -69.12 -47.13 27.63
CA GLN J 139 -68.92 -47.63 26.28
C GLN J 139 -67.69 -48.52 26.26
N VAL J 140 -67.89 -49.81 25.95
CA VAL J 140 -66.82 -50.81 25.98
C VAL J 140 -65.93 -50.62 24.77
N VAL J 141 -64.66 -50.30 25.00
CA VAL J 141 -63.75 -49.91 23.93
C VAL J 141 -62.74 -51.02 23.66
N ASN J 142 -62.71 -51.46 22.40
CA ASN J 142 -61.83 -52.50 21.89
C ASN J 142 -60.69 -51.92 21.06
N ILE J 143 -60.49 -50.61 21.11
CA ILE J 143 -59.47 -49.92 20.32
C ILE J 143 -58.33 -49.52 21.24
N PRO J 144 -57.11 -50.03 21.04
CA PRO J 144 -55.98 -49.55 21.83
C PRO J 144 -55.47 -48.17 21.45
N SER J 145 -55.89 -47.62 20.31
CA SER J 145 -55.44 -46.30 19.88
C SER J 145 -56.47 -45.21 20.13
N PHE J 146 -57.45 -45.47 20.99
CA PHE J 146 -58.45 -44.49 21.40
C PHE J 146 -57.78 -43.35 22.13
N ILE J 147 -57.85 -42.15 21.60
CA ILE J 147 -57.19 -41.02 22.24
C ILE J 147 -58.16 -40.36 23.20
N VAL J 148 -57.86 -40.47 24.50
CA VAL J 148 -58.79 -40.10 25.56
C VAL J 148 -58.70 -38.60 25.82
N ARG J 149 -59.72 -37.87 25.38
CA ARG J 149 -59.75 -36.47 25.74
C ARG J 149 -60.23 -36.33 27.17
N LEU J 150 -59.92 -35.19 27.78
CA LEU J 150 -59.91 -35.13 29.22
C LEU J 150 -61.26 -34.89 29.88
N ASP J 151 -62.36 -34.94 29.15
CA ASP J 151 -63.64 -35.17 29.78
C ASP J 151 -64.05 -36.63 29.66
N SER J 152 -63.18 -37.48 29.15
CA SER J 152 -63.32 -38.92 29.26
C SER J 152 -62.16 -39.58 29.97
N GLN J 153 -61.10 -38.83 30.28
CA GLN J 153 -59.94 -39.36 31.00
C GLN J 153 -60.28 -39.69 32.44
N LYS J 154 -61.28 -39.00 32.99
CA LYS J 154 -61.72 -39.23 34.36
C LYS J 154 -62.40 -40.59 34.51
N HIS J 155 -63.29 -40.93 33.59
CA HIS J 155 -64.02 -42.20 33.66
C HIS J 155 -63.27 -43.24 32.86
N ILE J 156 -62.41 -44.00 33.52
CA ILE J 156 -61.82 -45.19 32.91
C ILE J 156 -62.04 -46.28 33.95
N ASP J 157 -62.88 -47.24 33.64
CA ASP J 157 -63.13 -48.30 34.59
C ASP J 157 -63.05 -49.66 33.91
N PHE J 158 -63.13 -50.69 34.73
CA PHE J 158 -63.33 -52.02 34.23
C PHE J 158 -64.78 -52.20 33.83
N SER J 159 -65.02 -53.16 32.95
CA SER J 159 -66.34 -53.41 32.40
C SER J 159 -67.31 -53.95 33.44
N LEU J 160 -68.59 -53.77 33.16
CA LEU J 160 -69.63 -54.34 34.00
C LEU J 160 -69.87 -55.81 33.71
N ARG J 161 -69.27 -56.34 32.64
CA ARG J 161 -69.40 -57.75 32.32
C ARG J 161 -68.07 -58.48 32.38
N SER J 162 -67.11 -57.93 33.10
CA SER J 162 -65.77 -58.48 33.10
C SER J 162 -65.49 -59.16 34.43
N PRO J 163 -64.59 -60.16 34.48
CA PRO J 163 -64.31 -60.82 35.75
C PRO J 163 -63.54 -59.95 36.73
N TYR J 164 -62.72 -59.02 36.26
CA TYR J 164 -62.04 -58.08 37.13
C TYR J 164 -62.91 -56.88 37.44
N GLY J 165 -64.06 -56.78 36.79
CA GLY J 165 -65.14 -55.88 37.14
C GLY J 165 -66.19 -56.66 37.91
N GLY J 166 -67.46 -56.47 37.55
CA GLY J 166 -68.60 -57.02 38.26
C GLY J 166 -68.68 -58.52 38.49
N GLY J 167 -68.63 -59.34 37.45
CA GLY J 167 -68.66 -60.77 37.71
C GLY J 167 -68.63 -61.64 36.47
N ARG J 168 -69.22 -62.84 36.58
CA ARG J 168 -69.30 -63.91 35.59
C ARG J 168 -67.91 -64.27 35.07
N PRO J 169 -67.06 -64.90 35.90
CA PRO J 169 -65.68 -65.20 35.51
C PRO J 169 -65.58 -66.20 34.36
N GLY J 170 -64.43 -66.18 33.69
CA GLY J 170 -64.30 -66.74 32.37
C GLY J 170 -64.26 -68.24 32.30
N ARG J 171 -64.06 -68.75 31.07
CA ARG J 171 -64.17 -70.18 30.78
C ARG J 171 -63.03 -71.00 31.36
N VAL J 172 -61.90 -70.36 31.66
CA VAL J 172 -60.76 -71.05 32.24
C VAL J 172 -61.04 -71.43 33.68
N LYS J 173 -61.55 -70.48 34.47
CA LYS J 173 -61.81 -70.78 35.87
C LYS J 173 -63.04 -71.65 36.05
N ARG J 174 -64.08 -71.44 35.24
CA ARG J 174 -65.28 -72.24 35.42
C ARG J 174 -65.12 -73.64 34.84
N LYS J 175 -64.22 -73.85 33.89
CA LYS J 175 -63.82 -75.22 33.62
C LYS J 175 -62.92 -75.75 34.72
N ASN J 176 -62.11 -74.87 35.32
CA ASN J 176 -61.24 -75.28 36.42
C ASN J 176 -62.00 -75.51 37.73
N ALA J 177 -63.12 -74.84 37.96
CA ALA J 177 -63.90 -75.06 39.17
C ALA J 177 -64.88 -76.20 39.05
N LYS J 178 -64.82 -76.98 37.98
CA LYS J 178 -65.47 -78.26 37.91
C LYS J 178 -64.35 -79.28 38.08
N LYS J 179 -64.21 -79.81 39.29
CA LYS J 179 -63.25 -80.88 39.49
C LYS J 179 -63.91 -82.24 39.53
N GLY J 180 -65.13 -82.33 40.06
CA GLY J 180 -65.84 -83.60 40.09
C GLY J 180 -67.32 -83.42 39.81
N ILE K 1 -77.77 6.54 -56.76
CA ILE K 1 -77.49 5.58 -55.69
C ILE K 1 -78.01 4.22 -56.06
N GLN K 2 -78.64 4.13 -57.23
CA GLN K 2 -79.27 2.92 -57.71
C GLN K 2 -78.33 2.28 -58.74
N THR K 3 -77.51 1.33 -58.30
CA THR K 3 -76.60 0.64 -59.21
C THR K 3 -76.95 -0.83 -59.42
N GLU K 4 -77.91 -1.36 -58.68
CA GLU K 4 -78.18 -2.78 -58.69
C GLU K 4 -79.09 -3.17 -59.84
N ARG K 5 -79.32 -4.48 -59.98
CA ARG K 5 -80.41 -4.98 -60.79
C ARG K 5 -81.77 -4.70 -60.16
N ALA K 6 -81.81 -4.47 -58.85
CA ALA K 6 -83.02 -4.32 -58.08
C ALA K 6 -83.20 -2.89 -57.64
N TYR K 7 -84.39 -2.57 -57.16
CA TYR K 7 -84.63 -1.27 -56.57
C TYR K 7 -84.12 -1.26 -55.14
N GLN K 8 -83.33 -0.26 -54.81
CA GLN K 8 -82.95 -0.01 -53.44
C GLN K 8 -83.88 1.01 -52.83
N LYS K 9 -84.40 0.73 -51.63
CA LYS K 9 -85.11 1.73 -50.86
C LYS K 9 -85.01 1.38 -49.39
N GLN K 10 -85.29 2.34 -48.56
CA GLN K 10 -85.60 2.04 -47.18
C GLN K 10 -87.00 1.46 -47.13
N PRO K 11 -87.21 0.30 -46.52
CA PRO K 11 -88.51 -0.36 -46.63
C PRO K 11 -89.57 0.22 -45.73
N THR K 12 -89.21 1.01 -44.73
CA THR K 12 -90.18 1.52 -43.78
C THR K 12 -90.69 2.91 -44.17
N ILE K 13 -90.44 3.36 -45.39
CA ILE K 13 -90.65 4.74 -45.76
C ILE K 13 -91.51 4.78 -47.00
N PHE K 14 -92.65 5.47 -46.92
CA PHE K 14 -93.53 5.61 -48.07
C PHE K 14 -93.06 6.82 -48.86
N GLN K 15 -92.41 6.54 -49.99
CA GLN K 15 -91.88 7.55 -50.88
C GLN K 15 -92.78 7.83 -52.05
N ASN K 16 -93.86 7.06 -52.19
CA ASN K 16 -94.82 7.22 -53.25
C ASN K 16 -96.05 7.99 -52.79
N LYS K 17 -95.89 8.80 -51.75
CA LYS K 17 -96.97 9.63 -51.22
C LYS K 17 -97.42 10.65 -52.25
N LYS K 18 -98.73 10.71 -52.50
CA LYS K 18 -99.25 11.53 -53.59
C LYS K 18 -99.19 13.02 -53.23
N ARG K 19 -98.55 13.79 -54.09
CA ARG K 19 -98.39 15.22 -53.94
C ARG K 19 -99.12 15.92 -55.09
N VAL K 20 -99.40 17.21 -54.90
CA VAL K 20 -100.09 17.99 -55.92
C VAL K 20 -99.08 18.57 -56.91
N LEU K 21 -87.90 14.06 -49.43
CA LEU K 21 -87.70 12.62 -49.36
C LEU K 21 -87.23 12.28 -47.97
N PRO K 31 -88.03 11.56 -47.20
CA PRO K 31 -87.70 11.36 -45.78
C PRO K 31 -86.60 10.34 -45.59
N ARG K 32 -85.87 10.52 -44.51
CA ARG K 32 -84.70 9.72 -44.19
C ARG K 32 -84.89 9.13 -42.80
N TYR K 33 -84.98 7.81 -42.73
CA TYR K 33 -85.14 7.15 -41.45
C TYR K 33 -83.81 7.05 -40.73
N TYR K 34 -83.78 7.41 -39.45
CA TYR K 34 -82.57 7.25 -38.66
C TYR K 34 -82.90 6.82 -37.25
N LYS K 35 -82.12 5.87 -36.74
CA LYS K 35 -82.34 5.22 -35.46
C LYS K 35 -81.19 5.59 -34.54
N ASN K 36 -81.49 5.85 -33.29
CA ASN K 36 -80.49 6.38 -32.38
C ASN K 36 -80.11 5.29 -31.39
N ILE K 37 -79.00 4.63 -31.65
CA ILE K 37 -78.50 3.58 -30.76
C ILE K 37 -77.77 4.22 -29.59
N GLY K 38 -78.36 4.17 -28.40
CA GLY K 38 -77.64 4.87 -27.37
C GLY K 38 -76.93 3.96 -26.40
N LEU K 39 -75.64 4.16 -26.29
CA LEU K 39 -74.82 3.81 -25.14
C LEU K 39 -74.01 5.01 -24.73
N GLY K 40 -74.44 6.19 -25.15
CA GLY K 40 -73.57 7.33 -25.22
C GLY K 40 -73.03 7.58 -26.60
N PHE K 41 -73.49 6.85 -27.60
CA PHE K 41 -73.05 7.09 -28.96
C PHE K 41 -73.94 8.14 -29.60
N LYS K 42 -73.34 8.91 -30.49
CA LYS K 42 -74.01 10.00 -31.18
C LYS K 42 -74.29 9.60 -32.61
N THR K 43 -75.43 9.98 -33.10
CA THR K 43 -75.78 9.70 -34.48
C THR K 43 -75.03 10.68 -35.40
N PRO K 44 -74.33 10.18 -36.43
CA PRO K 44 -73.61 11.07 -37.33
C PRO K 44 -74.55 11.88 -38.19
N LYS K 45 -74.11 13.09 -38.52
CA LYS K 45 -74.95 13.97 -39.31
C LYS K 45 -74.94 13.64 -40.79
N GLU K 46 -74.07 12.73 -41.24
CA GLU K 46 -74.18 12.17 -42.57
C GLU K 46 -75.12 10.98 -42.63
N ALA K 47 -75.77 10.61 -41.53
CA ALA K 47 -76.74 9.54 -41.52
C ALA K 47 -78.18 10.00 -41.31
N ILE K 48 -78.38 11.24 -40.89
CA ILE K 48 -79.68 11.88 -40.92
C ILE K 48 -79.86 12.67 -42.21
N GLU K 49 -78.79 13.25 -42.71
CA GLU K 49 -78.83 14.07 -43.90
C GLU K 49 -78.28 13.35 -45.13
N GLY K 50 -78.04 12.05 -45.04
CA GLY K 50 -77.39 11.33 -46.11
C GLY K 50 -78.32 10.83 -47.19
N THR K 51 -77.70 10.32 -48.26
CA THR K 51 -78.43 9.82 -49.41
C THR K 51 -78.15 8.38 -49.76
N TYR K 52 -77.28 7.68 -49.03
CA TYR K 52 -77.02 6.28 -49.31
C TYR K 52 -78.20 5.45 -48.82
N ILE K 53 -78.26 4.19 -49.26
CA ILE K 53 -79.22 3.23 -48.71
C ILE K 53 -78.45 2.02 -48.22
N ASP K 54 -78.58 1.73 -46.94
CA ASP K 54 -77.84 0.66 -46.29
C ASP K 54 -78.81 -0.08 -45.40
N LYS K 55 -78.97 -1.39 -45.64
CA LYS K 55 -79.82 -2.21 -44.79
C LYS K 55 -79.07 -2.76 -43.60
N LYS K 56 -77.76 -2.55 -43.51
CA LYS K 56 -76.98 -3.04 -42.39
C LYS K 56 -76.25 -1.94 -41.63
N CYS K 57 -76.54 -0.67 -41.90
CA CYS K 57 -76.02 0.40 -41.06
C CYS K 57 -76.75 0.39 -39.73
N PRO K 58 -76.07 0.68 -38.62
CA PRO K 58 -76.75 0.69 -37.34
C PRO K 58 -77.63 1.90 -37.13
N PHE K 59 -77.46 2.96 -37.92
CA PHE K 59 -78.28 4.14 -37.77
C PHE K 59 -79.48 4.17 -38.69
N THR K 60 -79.32 3.74 -39.94
CA THR K 60 -80.41 3.81 -40.90
C THR K 60 -80.83 2.47 -41.44
N GLY K 61 -80.34 1.36 -40.91
CA GLY K 61 -80.72 0.06 -41.35
C GLY K 61 -81.45 -0.71 -40.28
N ASN K 62 -81.41 -2.02 -40.39
CA ASN K 62 -82.26 -2.81 -39.52
C ASN K 62 -81.57 -3.24 -38.24
N VAL K 63 -80.24 -3.39 -38.27
CA VAL K 63 -79.53 -4.15 -37.25
C VAL K 63 -79.47 -3.37 -35.94
N SER K 64 -79.41 -4.11 -34.84
CA SER K 64 -79.42 -3.56 -33.51
C SER K 64 -78.12 -3.92 -32.83
N ILE K 65 -77.56 -2.97 -32.10
CA ILE K 65 -76.26 -3.11 -31.48
C ILE K 65 -76.48 -3.58 -30.06
N ARG K 66 -76.06 -4.80 -29.75
CA ARG K 66 -76.32 -5.37 -28.44
C ARG K 66 -75.19 -6.33 -28.12
N GLY K 67 -74.88 -6.47 -26.84
CA GLY K 67 -73.80 -7.37 -26.48
C GLY K 67 -72.49 -6.67 -26.14
N ARG K 68 -71.40 -7.11 -26.77
CA ARG K 68 -70.06 -6.62 -26.47
C ARG K 68 -69.78 -5.35 -27.25
N ILE K 69 -69.04 -4.43 -26.63
CA ILE K 69 -68.54 -3.23 -27.29
C ILE K 69 -67.01 -3.25 -27.23
N LEU K 70 -66.36 -3.23 -28.39
CA LEU K 70 -64.94 -3.49 -28.54
C LEU K 70 -64.30 -2.37 -29.36
N SER K 71 -62.98 -2.44 -29.52
CA SER K 71 -62.23 -1.43 -30.24
C SER K 71 -61.01 -2.02 -30.95
N GLY K 72 -60.56 -1.37 -32.02
CA GLY K 72 -59.48 -1.91 -32.82
C GLY K 72 -58.85 -0.88 -33.73
N VAL K 73 -57.94 -1.33 -34.60
CA VAL K 73 -57.18 -0.49 -35.53
C VAL K 73 -57.37 -1.01 -36.95
N VAL K 74 -57.73 -0.14 -37.89
CA VAL K 74 -58.04 -0.57 -39.27
C VAL K 74 -56.76 -0.80 -40.07
N THR K 75 -56.60 -2.01 -40.60
CA THR K 75 -55.38 -2.35 -41.34
C THR K 75 -55.55 -2.61 -42.83
N LYS K 76 -56.72 -3.05 -43.29
CA LYS K 76 -56.96 -3.32 -44.71
C LYS K 76 -58.38 -2.92 -45.02
N MET K 77 -58.58 -1.97 -45.92
CA MET K 77 -59.94 -1.73 -46.41
C MET K 77 -59.87 -1.97 -47.90
N LYS K 78 -60.24 -3.16 -48.35
CA LYS K 78 -60.40 -3.39 -49.77
C LYS K 78 -61.75 -3.94 -50.18
N MET K 79 -62.57 -4.38 -49.23
CA MET K 79 -63.82 -4.98 -49.61
C MET K 79 -64.88 -3.93 -49.86
N GLN K 80 -66.03 -4.38 -50.33
CA GLN K 80 -67.16 -3.48 -50.50
C GLN K 80 -67.90 -3.41 -49.17
N ARG K 81 -67.84 -2.24 -48.53
CA ARG K 81 -68.50 -1.88 -47.27
C ARG K 81 -68.06 -2.71 -46.08
N THR K 82 -66.87 -3.30 -46.12
CA THR K 82 -66.42 -4.15 -45.02
C THR K 82 -64.93 -3.95 -44.82
N ILE K 83 -64.50 -3.66 -43.60
CA ILE K 83 -63.09 -3.41 -43.33
C ILE K 83 -62.58 -4.46 -42.35
N VAL K 84 -61.27 -4.49 -42.16
CA VAL K 84 -60.61 -5.51 -41.36
C VAL K 84 -59.82 -4.81 -40.27
N ILE K 85 -60.19 -5.06 -39.03
CA ILE K 85 -59.50 -4.44 -37.90
C ILE K 85 -58.72 -5.50 -37.13
N ARG K 86 -57.67 -5.04 -36.45
CA ARG K 86 -56.69 -5.91 -35.81
C ARG K 86 -56.56 -5.50 -34.36
N ARG K 87 -56.78 -6.43 -33.45
CA ARG K 87 -56.78 -6.12 -32.02
C ARG K 87 -55.60 -6.78 -31.34
N ASP K 88 -54.82 -6.00 -30.60
CA ASP K 88 -53.67 -6.52 -29.89
C ASP K 88 -54.01 -6.78 -28.44
N TYR K 89 -53.41 -7.81 -27.86
CA TYR K 89 -53.48 -8.00 -26.42
C TYR K 89 -52.22 -8.73 -25.97
N LEU K 90 -52.11 -8.92 -24.65
CA LEU K 90 -50.98 -9.62 -24.04
C LEU K 90 -51.52 -10.81 -23.27
N HIS K 91 -51.21 -12.02 -23.73
CA HIS K 91 -51.65 -13.22 -23.06
C HIS K 91 -50.63 -13.62 -21.99
N TYR K 92 -51.08 -13.79 -20.76
CA TYR K 92 -50.20 -13.98 -19.62
C TYR K 92 -49.97 -15.46 -19.36
N ILE K 93 -48.72 -15.90 -19.49
CA ILE K 93 -48.35 -17.28 -19.31
C ILE K 93 -48.04 -17.48 -17.84
N ARG K 94 -48.53 -18.57 -17.25
CA ARG K 94 -48.44 -18.72 -15.81
C ARG K 94 -47.07 -19.16 -15.37
N LYS K 95 -46.34 -19.87 -16.22
CA LYS K 95 -45.09 -20.47 -15.79
C LYS K 95 -43.99 -19.43 -15.70
N TYR K 96 -43.92 -18.55 -16.68
CA TYR K 96 -42.80 -17.63 -16.83
C TYR K 96 -43.02 -16.30 -16.15
N ASN K 97 -44.19 -16.08 -15.55
CA ASN K 97 -44.66 -14.80 -15.02
C ASN K 97 -44.62 -13.66 -16.04
N ARG K 98 -44.75 -13.96 -17.33
CA ARG K 98 -44.52 -12.99 -18.37
C ARG K 98 -45.65 -13.10 -19.38
N PHE K 99 -45.77 -12.09 -20.24
CA PHE K 99 -46.84 -12.03 -21.21
C PHE K 99 -46.29 -12.33 -22.59
N GLU K 100 -47.18 -12.56 -23.53
CA GLU K 100 -46.76 -12.68 -24.92
C GLU K 100 -47.76 -11.95 -25.79
N LYS K 101 -47.28 -11.37 -26.87
CA LYS K 101 -48.13 -10.56 -27.71
C LYS K 101 -48.81 -11.41 -28.76
N ARG K 102 -50.12 -11.27 -28.86
CA ARG K 102 -50.92 -11.93 -29.89
C ARG K 102 -51.78 -10.89 -30.59
N HIS K 103 -52.38 -11.27 -31.71
CA HIS K 103 -53.34 -10.41 -32.37
C HIS K 103 -54.50 -11.24 -32.87
N LYS K 104 -55.63 -10.59 -33.11
CA LYS K 104 -56.80 -11.24 -33.69
C LYS K 104 -57.40 -10.31 -34.72
N ASN K 105 -57.68 -10.83 -35.91
CA ASN K 105 -58.24 -10.03 -36.99
C ASN K 105 -59.75 -10.19 -37.03
N MET K 106 -60.43 -9.11 -37.42
CA MET K 106 -61.88 -9.06 -37.38
C MET K 106 -62.38 -8.40 -38.64
N SER K 107 -63.29 -9.04 -39.36
CA SER K 107 -63.99 -8.36 -40.45
C SER K 107 -65.18 -7.65 -39.86
N VAL K 108 -65.17 -6.32 -39.85
CA VAL K 108 -66.30 -5.55 -39.35
C VAL K 108 -66.90 -4.77 -40.49
N HIS K 109 -68.19 -4.52 -40.38
CA HIS K 109 -68.93 -3.88 -41.45
C HIS K 109 -68.79 -2.38 -41.32
N LEU K 110 -68.43 -1.73 -42.41
CA LEU K 110 -68.24 -0.29 -42.43
C LEU K 110 -69.32 0.28 -43.32
N SER K 111 -70.22 1.04 -42.69
CA SER K 111 -71.29 1.69 -43.40
C SER K 111 -70.75 2.83 -44.27
N PRO K 112 -71.48 3.26 -45.30
CA PRO K 112 -71.02 4.40 -46.08
C PRO K 112 -71.18 5.76 -45.40
N CYS K 113 -71.70 5.83 -44.17
CA CYS K 113 -71.74 7.10 -43.47
C CYS K 113 -70.39 7.51 -42.94
N PHE K 114 -69.53 6.54 -42.62
CA PHE K 114 -68.17 6.84 -42.17
C PHE K 114 -67.31 6.97 -43.41
N ARG K 115 -67.43 8.14 -44.05
CA ARG K 115 -66.62 8.43 -45.20
C ARG K 115 -65.23 8.81 -44.72
N ASP K 116 -64.24 8.49 -45.57
CA ASP K 116 -62.83 8.88 -45.42
C ASP K 116 -62.21 8.37 -44.12
N VAL K 117 -62.42 7.11 -43.83
CA VAL K 117 -61.58 6.46 -42.84
C VAL K 117 -60.27 6.08 -43.50
N GLN K 118 -59.17 6.49 -42.90
CA GLN K 118 -57.88 6.04 -43.38
C GLN K 118 -57.26 5.13 -42.34
N ILE K 119 -56.31 4.36 -42.75
CA ILE K 119 -55.95 3.17 -41.99
C ILE K 119 -54.95 3.52 -40.91
N GLY K 120 -55.12 2.90 -39.74
CA GLY K 120 -54.35 3.21 -38.57
C GLY K 120 -55.07 3.99 -37.48
N ASP K 121 -56.39 4.12 -37.53
CA ASP K 121 -57.10 4.87 -36.52
C ASP K 121 -58.05 3.98 -35.74
N ILE K 122 -58.47 4.46 -34.60
CA ILE K 122 -59.22 3.65 -33.66
C ILE K 122 -60.68 3.65 -34.05
N VAL K 123 -61.28 2.47 -34.16
CA VAL K 123 -62.71 2.33 -34.37
C VAL K 123 -63.31 1.79 -33.09
N THR K 124 -64.59 2.03 -32.89
CA THR K 124 -65.30 1.36 -31.81
C THR K 124 -66.44 0.58 -32.44
N VAL K 125 -66.40 -0.73 -32.30
CA VAL K 125 -67.38 -1.61 -32.94
C VAL K 125 -68.30 -2.15 -31.88
N GLY K 126 -69.51 -2.49 -32.29
CA GLY K 126 -70.48 -3.08 -31.39
C GLY K 126 -71.09 -4.31 -32.04
N GLU K 127 -71.43 -5.27 -31.21
CA GLU K 127 -71.83 -6.57 -31.71
C GLU K 127 -73.28 -6.53 -32.16
N CYS K 128 -73.60 -7.33 -33.19
CA CYS K 128 -74.93 -7.36 -33.78
C CYS K 128 -75.16 -8.75 -34.34
N ARG K 129 -76.34 -8.95 -34.93
CA ARG K 129 -76.70 -10.22 -35.57
C ARG K 129 -75.81 -10.47 -36.78
N PRO K 130 -75.56 -11.74 -37.15
CA PRO K 130 -74.56 -12.04 -38.18
C PRO K 130 -74.91 -11.49 -39.55
N LEU K 131 -74.04 -10.62 -40.04
CA LEU K 131 -74.32 -9.84 -41.22
C LEU K 131 -73.84 -10.54 -42.46
N SER K 132 -72.97 -11.51 -42.27
CA SER K 132 -72.40 -12.37 -43.28
C SER K 132 -71.82 -13.53 -42.51
N LYS K 133 -71.12 -14.42 -43.23
CA LYS K 133 -70.49 -15.57 -42.62
C LYS K 133 -69.52 -15.20 -41.51
N THR K 134 -68.68 -14.19 -41.71
CA THR K 134 -67.67 -13.84 -40.71
C THR K 134 -67.82 -12.47 -40.09
N VAL K 135 -68.59 -11.56 -40.66
CA VAL K 135 -68.86 -10.28 -40.01
C VAL K 135 -69.97 -10.43 -38.99
N ARG K 136 -69.68 -10.14 -37.75
CA ARG K 136 -70.73 -10.06 -36.76
C ARG K 136 -70.79 -8.70 -36.12
N PHE K 137 -69.94 -7.77 -36.51
CA PHE K 137 -69.71 -6.54 -35.79
C PHE K 137 -69.92 -5.36 -36.71
N ASN K 138 -70.33 -4.23 -36.14
CA ASN K 138 -70.65 -3.04 -36.91
C ASN K 138 -69.98 -1.83 -36.28
N VAL K 139 -69.45 -0.93 -37.12
CA VAL K 139 -68.67 0.20 -36.66
C VAL K 139 -69.59 1.26 -36.07
N LEU K 140 -69.34 1.64 -34.82
CA LEU K 140 -70.16 2.68 -34.20
C LEU K 140 -69.48 4.04 -34.10
N LYS K 141 -68.16 4.11 -34.01
CA LYS K 141 -67.49 5.39 -33.82
C LYS K 141 -66.08 5.29 -34.35
N VAL K 142 -65.68 6.24 -35.18
CA VAL K 142 -64.35 6.25 -35.78
C VAL K 142 -63.63 7.45 -35.21
N THR K 143 -62.52 7.22 -34.53
CA THR K 143 -61.77 8.30 -33.91
C THR K 143 -60.31 8.23 -34.35
N LYS K 144 -59.71 9.41 -34.50
CA LYS K 144 -58.51 9.54 -35.30
C LYS K 144 -57.26 9.37 -34.47
N GLY L 1 -20.35 2.40 -28.06
CA GLY L 1 -19.51 3.18 -28.94
C GLY L 1 -20.23 3.79 -30.13
N ARG L 2 -19.52 3.91 -31.24
CA ARG L 2 -20.14 4.42 -32.45
C ARG L 2 -21.06 3.39 -33.07
N MET L 3 -21.85 3.84 -34.04
CA MET L 3 -22.90 3.00 -34.62
C MET L 3 -22.33 1.94 -35.54
N HIS L 4 -21.50 2.33 -36.51
CA HIS L 4 -21.03 1.41 -37.55
C HIS L 4 -19.51 1.23 -37.55
N ALA L 5 -18.86 1.42 -36.41
CA ALA L 5 -17.44 1.19 -36.25
C ALA L 5 -17.28 0.49 -34.91
N PRO L 6 -16.12 -0.10 -34.64
CA PRO L 6 -15.90 -0.62 -33.29
C PRO L 6 -15.43 0.41 -32.28
N GLY L 7 -15.24 1.68 -32.67
CA GLY L 7 -14.63 2.63 -31.77
C GLY L 7 -15.57 3.13 -30.70
N LYS L 8 -15.01 3.50 -29.56
CA LYS L 8 -15.79 3.90 -28.40
C LYS L 8 -15.46 5.31 -27.95
N GLY L 9 -15.01 6.16 -28.85
CA GLY L 9 -14.42 7.43 -28.44
C GLY L 9 -15.42 8.43 -27.88
N LEU L 10 -14.91 9.25 -26.96
CA LEU L 10 -15.69 10.23 -26.20
C LEU L 10 -15.17 11.61 -26.57
N SER L 11 -15.87 12.29 -27.46
CA SER L 11 -15.46 13.65 -27.84
C SER L 11 -16.73 14.45 -28.09
N GLN L 12 -16.97 15.45 -27.26
CA GLN L 12 -18.23 16.19 -27.28
C GLN L 12 -17.93 17.64 -26.97
N SER L 13 -18.90 18.50 -27.21
CA SER L 13 -18.85 19.86 -26.73
C SER L 13 -19.75 19.99 -25.51
N ALA L 14 -19.18 20.34 -24.36
CA ALA L 14 -19.91 20.34 -23.10
C ALA L 14 -20.29 21.76 -22.72
N LEU L 15 -21.60 22.05 -22.76
CA LEU L 15 -22.13 23.36 -22.43
C LEU L 15 -21.93 23.68 -20.95
N PRO L 16 -21.67 24.94 -20.61
CA PRO L 16 -21.38 25.26 -19.22
C PRO L 16 -22.67 25.35 -18.42
N TYR L 17 -22.50 25.50 -17.12
CA TYR L 17 -23.63 25.66 -16.23
C TYR L 17 -24.37 26.97 -16.47
N ARG L 18 -23.63 28.07 -16.63
CA ARG L 18 -24.22 29.40 -16.53
C ARG L 18 -24.89 29.75 -17.83
N ARG L 19 -26.21 29.86 -17.79
CA ARG L 19 -27.04 29.91 -18.98
C ARG L 19 -27.27 31.32 -19.50
N SER L 20 -26.51 32.29 -19.02
CA SER L 20 -26.84 33.68 -19.21
C SER L 20 -26.02 34.28 -20.33
N VAL L 21 -26.60 35.29 -20.97
CA VAL L 21 -25.89 36.14 -21.93
C VAL L 21 -24.81 36.89 -21.16
N PRO L 22 -23.58 36.97 -21.66
CA PRO L 22 -22.51 37.59 -20.89
C PRO L 22 -22.61 39.11 -20.91
N THR L 23 -21.80 39.73 -20.05
CA THR L 23 -21.81 41.16 -19.88
C THR L 23 -21.20 41.90 -21.07
N TRP L 24 -20.26 41.28 -21.78
CA TRP L 24 -19.70 41.93 -22.95
C TRP L 24 -20.51 41.70 -24.20
N LEU L 25 -21.40 40.70 -24.22
CA LEU L 25 -22.11 40.37 -25.45
C LEU L 25 -23.16 41.44 -25.67
N LYS L 26 -22.99 42.21 -26.72
CA LYS L 26 -23.84 43.36 -26.98
C LYS L 26 -24.84 43.10 -28.08
N LEU L 27 -24.84 41.93 -28.68
CA LEU L 27 -25.79 41.61 -29.72
C LEU L 27 -27.12 41.25 -29.08
N THR L 28 -28.17 41.95 -29.46
CA THR L 28 -29.51 41.61 -29.01
C THR L 28 -30.08 40.48 -29.83
N SER L 29 -31.29 40.05 -29.47
CA SER L 29 -31.95 38.93 -30.13
C SER L 29 -32.29 39.24 -31.58
N ASP L 30 -32.71 40.47 -31.85
CA ASP L 30 -33.10 40.84 -33.20
C ASP L 30 -31.89 41.04 -34.10
N ASP L 31 -30.77 41.52 -33.54
CA ASP L 31 -29.54 41.66 -34.32
C ASP L 31 -28.96 40.31 -34.67
N VAL L 32 -29.05 39.35 -33.75
CA VAL L 32 -28.58 37.98 -34.00
C VAL L 32 -29.44 37.29 -35.04
N LYS L 33 -30.74 37.57 -35.03
CA LYS L 33 -31.62 37.00 -36.05
C LYS L 33 -31.36 37.60 -37.43
N GLU L 34 -31.04 38.89 -37.50
CA GLU L 34 -30.72 39.44 -38.82
C GLU L 34 -29.35 39.00 -39.32
N GLN L 35 -28.41 38.74 -38.40
CA GLN L 35 -27.14 38.10 -38.77
C GLN L 35 -27.37 36.70 -39.33
N ILE L 36 -28.31 35.97 -38.74
CA ILE L 36 -28.62 34.62 -39.19
C ILE L 36 -29.29 34.64 -40.56
N TYR L 37 -30.10 35.66 -40.84
CA TYR L 37 -30.75 35.75 -42.15
C TYR L 37 -29.76 36.11 -43.24
N LYS L 38 -28.89 37.09 -42.99
CA LYS L 38 -27.93 37.43 -44.04
C LYS L 38 -26.79 36.42 -44.13
N LEU L 39 -26.63 35.54 -43.16
CA LEU L 39 -25.69 34.44 -43.29
C LEU L 39 -26.31 33.23 -43.94
N ALA L 40 -27.62 33.03 -43.79
CA ALA L 40 -28.28 31.91 -44.43
C ALA L 40 -28.67 32.19 -45.86
N LYS L 41 -28.59 33.45 -46.29
CA LYS L 41 -28.80 33.73 -47.70
C LYS L 41 -27.65 33.28 -48.60
N LYS L 42 -26.50 32.91 -48.05
CA LYS L 42 -25.36 32.50 -48.86
C LYS L 42 -25.35 31.00 -49.15
N GLY L 43 -26.41 30.27 -48.80
CA GLY L 43 -26.49 28.85 -49.06
C GLY L 43 -26.12 27.93 -47.92
N LEU L 44 -26.03 28.46 -46.70
CA LEU L 44 -25.43 27.79 -45.57
C LEU L 44 -26.41 26.90 -44.82
N THR L 45 -25.90 25.81 -44.26
CA THR L 45 -26.63 24.90 -43.38
C THR L 45 -26.73 25.51 -41.98
N PRO L 46 -27.48 24.90 -41.03
CA PRO L 46 -27.38 25.34 -39.64
C PRO L 46 -26.01 25.25 -39.00
N SER L 47 -25.19 24.28 -39.39
CA SER L 47 -23.93 24.05 -38.71
C SER L 47 -22.92 25.14 -39.00
N GLN L 48 -22.83 25.59 -40.24
CA GLN L 48 -21.89 26.65 -40.58
C GLN L 48 -22.30 28.01 -40.02
N ILE L 49 -23.61 28.27 -39.91
CA ILE L 49 -24.08 29.50 -39.27
C ILE L 49 -23.72 29.49 -37.79
N GLY L 50 -23.83 28.31 -37.16
CA GLY L 50 -23.37 28.19 -35.78
C GLY L 50 -21.86 28.35 -35.63
N VAL L 51 -21.11 27.90 -36.63
CA VAL L 51 -19.65 28.06 -36.61
C VAL L 51 -19.25 29.52 -36.76
N ILE L 52 -19.91 30.25 -37.67
CA ILE L 52 -19.53 31.64 -37.95
C ILE L 52 -19.88 32.55 -36.78
N LEU L 53 -21.06 32.34 -36.19
CA LEU L 53 -21.42 33.15 -35.03
C LEU L 53 -20.63 32.77 -33.79
N ARG L 54 -20.13 31.53 -33.70
CA ARG L 54 -19.23 31.22 -32.61
C ARG L 54 -17.87 31.91 -32.80
N ASP L 55 -17.32 31.88 -34.00
CA ASP L 55 -15.95 32.35 -34.18
C ASP L 55 -15.85 33.87 -34.20
N SER L 56 -16.63 34.53 -35.05
CA SER L 56 -16.30 35.90 -35.38
C SER L 56 -17.20 36.92 -34.71
N HIS L 57 -18.26 36.51 -34.03
CA HIS L 57 -19.16 37.45 -33.40
C HIS L 57 -19.34 37.25 -31.91
N GLY L 58 -18.83 36.17 -31.35
CA GLY L 58 -18.75 36.07 -29.92
C GLY L 58 -19.98 35.59 -29.22
N VAL L 59 -21.02 35.21 -29.95
CA VAL L 59 -22.16 34.54 -29.36
C VAL L 59 -21.88 33.04 -29.35
N ALA L 60 -21.81 32.49 -28.14
CA ALA L 60 -21.50 31.07 -27.98
C ALA L 60 -22.67 30.21 -28.43
N GLN L 61 -23.83 30.42 -27.83
CA GLN L 61 -25.00 29.61 -28.12
C GLN L 61 -26.13 30.55 -28.49
N VAL L 62 -26.67 30.37 -29.69
CA VAL L 62 -27.65 31.29 -30.26
C VAL L 62 -28.97 31.17 -29.53
N ARG L 63 -29.31 29.98 -29.08
CA ARG L 63 -30.53 29.81 -28.29
C ARG L 63 -30.34 30.21 -26.84
N PHE L 64 -29.16 30.67 -26.43
CA PHE L 64 -29.01 31.27 -25.12
C PHE L 64 -29.27 32.77 -25.14
N VAL L 65 -29.13 33.42 -26.29
CA VAL L 65 -29.33 34.86 -26.39
C VAL L 65 -30.70 35.22 -26.98
N THR L 66 -31.17 34.50 -28.00
CA THR L 66 -32.50 34.77 -28.52
C THR L 66 -33.56 34.11 -27.68
N GLY L 67 -33.36 32.83 -27.38
CA GLY L 67 -34.29 32.04 -26.60
C GLY L 67 -34.85 30.86 -27.36
N ASN L 68 -34.71 30.83 -28.67
CA ASN L 68 -35.08 29.68 -29.48
C ASN L 68 -34.00 29.45 -30.52
N LYS L 69 -34.01 28.26 -31.10
CA LYS L 69 -32.84 27.69 -31.75
C LYS L 69 -32.64 28.26 -33.15
N ILE L 70 -31.58 27.80 -33.82
CA ILE L 70 -31.28 28.30 -35.16
C ILE L 70 -32.29 27.82 -36.18
N LEU L 71 -32.66 26.54 -36.16
CA LEU L 71 -33.56 26.04 -37.21
C LEU L 71 -35.00 26.46 -37.00
N ARG L 72 -35.40 26.79 -35.77
CA ARG L 72 -36.69 27.45 -35.58
C ARG L 72 -36.69 28.84 -36.21
N ILE L 73 -35.56 29.56 -36.09
CA ILE L 73 -35.42 30.90 -36.64
C ILE L 73 -35.43 30.87 -38.16
N LEU L 74 -34.75 29.88 -38.76
CA LEU L 74 -34.80 29.75 -40.21
C LEU L 74 -36.14 29.22 -40.70
N LYS L 75 -36.85 28.45 -39.91
CA LYS L 75 -38.13 27.94 -40.37
C LYS L 75 -39.25 28.95 -40.19
N SER L 76 -39.08 29.92 -39.31
CA SER L 76 -40.07 30.98 -39.18
C SER L 76 -39.91 32.08 -40.22
N LYS L 77 -38.96 31.97 -41.14
CA LYS L 77 -38.87 32.87 -42.27
C LYS L 77 -38.98 32.16 -43.61
N GLY L 78 -39.20 30.86 -43.63
CA GLY L 78 -39.23 30.13 -44.88
C GLY L 78 -37.89 29.85 -45.50
N LEU L 79 -36.79 30.09 -44.79
CA LEU L 79 -35.46 29.80 -45.30
C LEU L 79 -34.99 28.39 -45.01
N ALA L 80 -35.85 27.55 -44.42
CA ALA L 80 -35.45 26.21 -43.99
C ALA L 80 -35.16 25.33 -45.21
N PRO L 81 -34.12 24.49 -45.14
CA PRO L 81 -33.85 23.57 -46.25
C PRO L 81 -34.88 22.46 -46.26
N ASP L 82 -35.19 21.98 -47.45
CA ASP L 82 -36.39 21.16 -47.61
C ASP L 82 -36.15 19.74 -47.11
N LEU L 83 -35.11 19.09 -47.62
CA LEU L 83 -34.50 17.99 -46.90
C LEU L 83 -33.77 18.57 -45.70
N PRO L 84 -33.61 17.82 -44.62
CA PRO L 84 -32.80 18.30 -43.50
C PRO L 84 -31.32 18.25 -43.86
N GLU L 85 -30.49 18.80 -42.96
CA GLU L 85 -29.06 18.96 -43.25
C GLU L 85 -28.32 17.63 -43.26
N ASP L 86 -28.57 16.81 -42.25
CA ASP L 86 -27.88 15.54 -42.06
C ASP L 86 -28.22 14.55 -43.16
N LEU L 87 -29.50 14.49 -43.54
CA LEU L 87 -29.92 13.62 -44.61
C LEU L 87 -29.41 14.11 -45.95
N TYR L 88 -29.23 15.42 -46.11
CA TYR L 88 -28.59 15.97 -47.30
C TYR L 88 -27.15 15.52 -47.42
N HIS L 89 -26.41 15.58 -46.31
CA HIS L 89 -24.99 15.22 -46.39
C HIS L 89 -24.78 13.73 -46.56
N LEU L 90 -25.67 12.91 -45.98
CA LEU L 90 -25.57 11.47 -46.21
C LEU L 90 -25.95 11.08 -47.64
N ILE L 91 -26.94 11.77 -48.24
CA ILE L 91 -27.26 11.49 -49.64
C ILE L 91 -26.14 11.97 -50.56
N LYS L 92 -25.52 13.10 -50.25
CA LYS L 92 -24.44 13.63 -51.08
C LYS L 92 -23.19 12.75 -51.04
N LYS L 93 -22.88 12.21 -49.86
CA LYS L 93 -21.80 11.24 -49.75
C LYS L 93 -22.14 9.94 -50.46
N ALA L 94 -23.41 9.54 -50.49
CA ALA L 94 -23.78 8.32 -51.19
C ALA L 94 -23.68 8.45 -52.71
N VAL L 95 -24.03 9.63 -53.26
CA VAL L 95 -23.81 9.87 -54.69
C VAL L 95 -22.31 9.91 -55.01
N ALA L 96 -21.49 10.40 -54.08
CA ALA L 96 -20.04 10.41 -54.30
C ALA L 96 -19.44 9.01 -54.29
N VAL L 97 -19.90 8.14 -53.38
CA VAL L 97 -19.39 6.77 -53.33
C VAL L 97 -19.87 5.96 -54.53
N ARG L 98 -21.10 6.18 -55.00
CA ARG L 98 -21.57 5.45 -56.17
C ARG L 98 -20.93 5.96 -57.46
N LYS L 99 -20.61 7.25 -57.52
CA LYS L 99 -19.88 7.77 -58.67
C LYS L 99 -18.45 7.25 -58.70
N HIS L 100 -17.85 7.02 -57.53
CA HIS L 100 -16.57 6.33 -57.50
C HIS L 100 -16.70 4.87 -57.93
N LEU L 101 -17.74 4.18 -57.48
CA LEU L 101 -17.89 2.76 -57.71
C LEU L 101 -18.41 2.42 -59.09
N GLU L 102 -18.78 3.39 -59.91
CA GLU L 102 -19.13 3.01 -61.28
C GLU L 102 -17.90 2.79 -62.16
N ARG L 103 -16.73 3.24 -61.74
CA ARG L 103 -15.50 3.02 -62.48
C ARG L 103 -14.70 1.82 -61.97
N ASN L 104 -14.66 1.63 -60.66
CA ASN L 104 -13.82 0.62 -60.02
C ASN L 104 -14.72 -0.49 -59.48
N ARG L 105 -14.80 -1.61 -60.17
CA ARG L 105 -15.56 -2.73 -59.66
C ARG L 105 -14.69 -3.82 -59.04
N LYS L 106 -13.42 -3.55 -58.80
CA LYS L 106 -12.62 -4.38 -57.91
C LYS L 106 -12.46 -3.75 -56.54
N ASP L 107 -13.20 -2.67 -56.28
CA ASP L 107 -13.19 -1.93 -55.03
C ASP L 107 -14.13 -2.62 -54.06
N LYS L 108 -13.64 -3.69 -53.44
CA LYS L 108 -14.49 -4.53 -52.60
C LYS L 108 -14.87 -3.90 -51.28
N ASP L 109 -14.19 -2.83 -50.86
CA ASP L 109 -14.45 -2.22 -49.56
C ASP L 109 -15.26 -0.93 -49.66
N ALA L 110 -15.16 -0.20 -50.78
CA ALA L 110 -15.99 0.97 -50.93
C ALA L 110 -17.45 0.60 -51.19
N LYS L 111 -17.69 -0.59 -51.75
CA LYS L 111 -19.03 -1.15 -51.80
C LYS L 111 -19.60 -1.37 -50.40
N PHE L 112 -18.76 -1.85 -49.48
CA PHE L 112 -19.17 -2.06 -48.10
C PHE L 112 -19.46 -0.75 -47.40
N ARG L 113 -18.68 0.29 -47.70
CA ARG L 113 -18.94 1.60 -47.11
C ARG L 113 -20.20 2.23 -47.68
N LEU L 114 -20.54 1.92 -48.94
CA LEU L 114 -21.82 2.32 -49.51
C LEU L 114 -22.98 1.65 -48.79
N ILE L 115 -22.79 0.40 -48.40
CA ILE L 115 -23.81 -0.34 -47.65
C ILE L 115 -24.05 0.27 -46.27
N LEU L 116 -22.98 0.71 -45.60
CA LEU L 116 -23.15 1.38 -44.31
C LEU L 116 -23.82 2.75 -44.42
N ILE L 117 -23.47 3.54 -45.44
CA ILE L 117 -24.06 4.88 -45.57
C ILE L 117 -25.52 4.81 -45.98
N GLU L 118 -25.88 3.84 -46.83
CA GLU L 118 -27.28 3.66 -47.20
C GLU L 118 -28.12 3.11 -46.05
N SER L 119 -27.49 2.33 -45.16
CA SER L 119 -28.17 1.92 -43.93
C SER L 119 -28.43 3.10 -43.00
N ARG L 120 -27.49 4.05 -42.93
CA ARG L 120 -27.74 5.23 -42.10
C ARG L 120 -28.78 6.14 -42.73
N ILE L 121 -28.86 6.17 -44.06
CA ILE L 121 -29.88 6.96 -44.75
C ILE L 121 -31.27 6.41 -44.46
N HIS L 122 -31.43 5.09 -44.53
CA HIS L 122 -32.73 4.49 -44.23
C HIS L 122 -33.12 4.59 -42.77
N ARG L 123 -32.14 4.59 -41.86
CA ARG L 123 -32.46 4.84 -40.45
C ARG L 123 -32.93 6.26 -40.20
N LEU L 124 -32.30 7.25 -40.84
CA LEU L 124 -32.78 8.63 -40.68
C LEU L 124 -34.09 8.87 -41.39
N ALA L 125 -34.32 8.25 -42.54
CA ALA L 125 -35.58 8.45 -43.23
C ALA L 125 -36.72 7.77 -42.50
N ARG L 126 -36.44 6.62 -41.91
CA ARG L 126 -37.44 5.97 -41.08
C ARG L 126 -37.68 6.71 -39.78
N TYR L 127 -36.71 7.49 -39.29
CA TYR L 127 -37.02 8.39 -38.17
C TYR L 127 -37.84 9.58 -38.62
N TYR L 128 -37.46 10.19 -39.73
CA TYR L 128 -38.06 11.44 -40.14
C TYR L 128 -39.48 11.26 -40.64
N LYS L 129 -39.85 10.08 -41.09
CA LYS L 129 -41.22 9.85 -41.48
C LYS L 129 -42.15 9.72 -40.28
N THR L 130 -41.62 9.39 -39.10
CA THR L 130 -42.46 9.33 -37.91
C THR L 130 -42.52 10.66 -37.17
N LYS L 131 -41.64 11.60 -37.44
CA LYS L 131 -41.89 12.97 -37.01
C LYS L 131 -42.45 13.82 -38.13
N ARG L 132 -42.86 13.21 -39.24
CA ARG L 132 -43.60 13.81 -40.35
C ARG L 132 -42.86 14.95 -41.04
N VAL L 133 -41.53 14.99 -40.93
CA VAL L 133 -40.77 16.01 -41.63
C VAL L 133 -40.66 15.64 -43.09
N LEU L 134 -40.72 14.38 -43.41
CA LEU L 134 -40.71 13.92 -44.77
C LEU L 134 -42.10 13.44 -45.19
N PRO L 135 -42.40 13.40 -46.49
CA PRO L 135 -43.60 12.71 -46.93
C PRO L 135 -43.48 11.21 -46.71
N PRO L 136 -44.58 10.52 -46.41
CA PRO L 136 -44.51 9.06 -46.21
C PRO L 136 -44.31 8.24 -47.47
N ASN L 137 -44.25 8.83 -48.66
CA ASN L 137 -43.85 8.11 -49.86
C ASN L 137 -42.41 8.43 -50.24
N TRP L 138 -41.61 8.86 -49.28
CA TRP L 138 -40.20 9.10 -49.57
C TRP L 138 -39.48 7.77 -49.60
N LYS L 139 -39.05 7.36 -50.79
CA LYS L 139 -38.19 6.20 -50.93
C LYS L 139 -36.86 6.69 -51.46
N TYR L 140 -35.78 6.22 -50.86
CA TYR L 140 -34.46 6.50 -51.41
C TYR L 140 -34.12 5.32 -52.30
N GLU L 141 -33.95 5.61 -53.58
CA GLU L 141 -33.66 4.59 -54.55
C GLU L 141 -32.40 5.02 -55.27
N SER L 142 -31.57 4.05 -55.60
CA SER L 142 -30.23 4.32 -56.07
C SER L 142 -30.21 4.87 -57.49
N SER L 143 -31.29 4.70 -58.24
CA SER L 143 -31.46 5.41 -59.49
C SER L 143 -31.68 6.89 -59.24
N THR L 144 -32.32 7.23 -58.13
CA THR L 144 -32.79 8.57 -57.79
C THR L 144 -31.72 9.37 -57.02
N ALA L 145 -30.44 9.01 -57.22
CA ALA L 145 -29.32 9.68 -56.56
C ALA L 145 -29.19 11.14 -56.96
N SER L 146 -28.96 11.41 -58.24
CA SER L 146 -28.74 12.79 -58.67
C SER L 146 -30.02 13.50 -59.07
N ALA L 147 -31.17 12.90 -58.78
CA ALA L 147 -32.45 13.60 -58.83
C ALA L 147 -32.77 14.30 -57.52
N LEU L 148 -32.23 13.83 -56.41
CA LEU L 148 -32.48 14.50 -55.14
C LEU L 148 -31.67 15.78 -55.03
N VAL L 149 -30.35 15.68 -55.18
CA VAL L 149 -29.47 16.76 -54.79
C VAL L 149 -28.66 17.38 -55.95
N ASN M 1 54.20 -4.88 -57.97
CA ASN M 1 52.89 -5.13 -57.39
C ASN M 1 51.86 -5.32 -58.48
N VAL M 2 51.99 -6.39 -59.25
CA VAL M 2 50.99 -6.75 -60.25
C VAL M 2 49.82 -7.37 -59.51
N PHE M 3 48.67 -6.71 -59.55
CA PHE M 3 47.52 -7.22 -58.84
C PHE M 3 46.69 -8.14 -59.70
N GLY M 4 46.21 -9.21 -59.08
CA GLY M 4 45.14 -10.04 -59.60
C GLY M 4 44.00 -10.07 -58.59
N VAL M 5 42.93 -10.73 -58.98
CA VAL M 5 41.74 -10.82 -58.15
C VAL M 5 41.44 -12.29 -57.93
N CYS M 6 41.43 -12.72 -56.67
CA CYS M 6 41.06 -14.08 -56.34
C CYS M 6 39.57 -14.13 -56.08
N HIS M 7 38.91 -15.16 -56.59
CA HIS M 7 37.47 -15.33 -56.40
C HIS M 7 37.24 -16.60 -55.61
N ILE M 8 36.68 -16.47 -54.42
CA ILE M 8 36.47 -17.63 -53.57
C ILE M 8 34.98 -17.88 -53.49
N PHE M 9 34.50 -18.84 -54.27
CA PHE M 9 33.14 -19.38 -54.16
C PHE M 9 33.24 -20.53 -53.19
N ALA M 10 32.87 -20.33 -51.94
CA ALA M 10 32.98 -21.39 -50.94
C ALA M 10 31.60 -21.99 -50.73
N SER M 11 31.35 -23.12 -51.36
CA SER M 11 30.09 -23.85 -51.23
C SER M 11 30.11 -24.74 -50.00
N PHE M 12 29.00 -25.42 -49.75
CA PHE M 12 29.01 -26.58 -48.87
C PHE M 12 29.39 -27.86 -49.57
N ASN M 13 29.53 -27.85 -50.87
CA ASN M 13 29.86 -29.05 -51.61
C ASN M 13 31.18 -28.98 -52.35
N ASP M 14 31.80 -27.81 -52.43
CA ASP M 14 32.88 -27.59 -53.38
C ASP M 14 33.62 -26.35 -52.92
N THR M 15 34.77 -26.08 -53.50
CA THR M 15 35.49 -24.84 -53.21
C THR M 15 36.18 -24.34 -54.45
N PHE M 16 35.75 -23.19 -54.96
CA PHE M 16 36.29 -22.64 -56.20
C PHE M 16 37.29 -21.55 -55.84
N VAL M 17 38.56 -21.79 -56.12
CA VAL M 17 39.57 -20.76 -55.95
C VAL M 17 39.96 -20.33 -57.35
N HIS M 18 39.62 -19.11 -57.70
CA HIS M 18 39.69 -18.62 -59.07
C HIS M 18 40.49 -17.33 -59.07
N VAL M 19 41.67 -17.33 -59.69
CA VAL M 19 42.51 -16.14 -59.76
C VAL M 19 42.39 -15.56 -61.15
N THR M 20 42.02 -14.30 -61.24
CA THR M 20 41.85 -13.61 -62.50
C THR M 20 42.52 -12.24 -62.43
N ASP M 21 42.51 -11.53 -63.57
CA ASP M 21 43.04 -10.18 -63.61
C ASP M 21 42.06 -9.20 -62.99
N LEU M 22 42.45 -7.92 -62.99
CA LEU M 22 41.82 -6.91 -62.17
C LEU M 22 40.38 -6.62 -62.60
N SER M 23 40.07 -6.70 -63.90
CA SER M 23 38.66 -6.59 -64.29
C SER M 23 37.90 -7.87 -64.08
N GLY M 24 38.57 -9.01 -64.16
CA GLY M 24 37.93 -10.31 -64.03
C GLY M 24 37.82 -11.16 -65.29
N LYS M 25 38.14 -10.63 -66.47
CA LYS M 25 37.86 -11.42 -67.67
C LYS M 25 38.97 -12.43 -67.96
N GLU M 26 40.23 -11.98 -67.95
CA GLU M 26 41.33 -12.85 -68.38
C GLU M 26 41.78 -13.74 -67.22
N THR M 27 41.28 -14.97 -67.22
CA THR M 27 41.48 -15.91 -66.13
C THR M 27 42.89 -16.45 -66.14
N ILE M 28 43.57 -16.40 -65.00
CA ILE M 28 44.94 -16.83 -64.89
C ILE M 28 45.03 -18.29 -64.46
N CYS M 29 44.23 -18.70 -63.47
CA CYS M 29 44.11 -20.10 -63.09
C CYS M 29 42.79 -20.32 -62.37
N ARG M 30 42.22 -21.51 -62.54
CA ARG M 30 41.07 -21.91 -61.73
C ARG M 30 41.28 -23.33 -61.20
N VAL M 31 41.26 -23.46 -59.88
CA VAL M 31 41.32 -24.76 -59.23
C VAL M 31 40.05 -24.90 -58.41
N THR M 32 39.40 -26.04 -58.50
CA THR M 32 38.25 -26.33 -57.67
C THR M 32 38.62 -27.34 -56.60
N GLY M 33 37.71 -27.52 -55.64
CA GLY M 33 37.88 -28.57 -54.66
C GLY M 33 37.72 -29.97 -55.22
N GLY M 34 37.10 -30.10 -56.39
CA GLY M 34 37.01 -31.36 -57.10
C GLY M 34 38.27 -31.83 -57.81
N MET M 35 39.30 -31.00 -57.87
CA MET M 35 40.52 -31.42 -58.55
C MET M 35 41.52 -32.11 -57.66
N LYS M 36 41.44 -31.95 -56.34
CA LYS M 36 42.51 -32.41 -55.47
C LYS M 36 42.13 -33.51 -54.51
N VAL M 37 40.89 -34.01 -54.53
CA VAL M 37 40.48 -35.15 -53.72
C VAL M 37 39.61 -36.08 -54.55
N LYS M 38 39.63 -37.36 -54.19
CA LYS M 38 38.93 -38.40 -54.94
C LYS M 38 37.52 -38.65 -54.44
N ALA M 39 37.03 -37.85 -53.50
CA ALA M 39 35.81 -38.21 -52.79
C ALA M 39 34.88 -37.03 -52.70
N ASP M 40 33.59 -37.30 -52.94
CA ASP M 40 32.60 -36.24 -52.88
C ASP M 40 32.30 -35.82 -51.45
N ARG M 41 32.57 -36.68 -50.46
CA ARG M 41 32.34 -36.34 -49.06
C ARG M 41 33.29 -35.24 -48.58
N ASP M 42 34.49 -35.16 -49.16
CA ASP M 42 35.52 -34.25 -48.70
C ASP M 42 35.95 -33.23 -49.75
N GLU M 43 35.06 -32.89 -50.69
CA GLU M 43 35.40 -31.80 -51.62
C GLU M 43 35.37 -30.47 -50.90
N SER M 44 34.50 -30.33 -49.90
CA SER M 44 34.35 -29.09 -49.18
C SER M 44 35.19 -29.07 -47.92
N SER M 45 36.25 -29.86 -47.86
CA SER M 45 37.07 -29.89 -46.67
C SER M 45 37.94 -28.65 -46.58
N PRO M 46 38.50 -28.38 -45.40
CA PRO M 46 39.68 -27.52 -45.34
C PRO M 46 40.88 -28.05 -46.12
N TYR M 47 41.04 -29.37 -46.19
CA TYR M 47 42.22 -29.97 -46.82
C TYR M 47 42.20 -29.81 -48.34
N ALA M 48 41.02 -29.96 -48.95
CA ALA M 48 40.90 -29.82 -50.39
C ALA M 48 41.11 -28.38 -50.83
N ALA M 49 40.61 -27.43 -50.05
CA ALA M 49 40.87 -26.03 -50.33
C ALA M 49 42.29 -25.63 -50.02
N MET M 50 42.95 -26.32 -49.09
CA MET M 50 44.37 -26.08 -48.80
C MET M 50 45.24 -26.49 -49.99
N LEU M 51 44.96 -27.67 -50.55
CA LEU M 51 45.75 -28.16 -51.68
C LEU M 51 45.45 -27.36 -52.95
N ALA M 52 44.18 -26.99 -53.14
CA ALA M 52 43.79 -26.15 -54.28
C ALA M 52 44.40 -24.76 -54.19
N ALA M 53 44.52 -24.23 -52.97
CA ALA M 53 45.15 -22.95 -52.76
C ALA M 53 46.64 -22.99 -53.05
N GLN M 54 47.30 -24.10 -52.72
CA GLN M 54 48.74 -24.23 -52.99
C GLN M 54 49.02 -24.32 -54.48
N ASP M 55 48.17 -25.07 -55.22
CA ASP M 55 48.35 -25.16 -56.67
C ASP M 55 48.05 -23.84 -57.37
N VAL M 56 47.02 -23.10 -56.91
CA VAL M 56 46.74 -21.84 -57.61
C VAL M 56 47.77 -20.78 -57.23
N ALA M 57 48.43 -20.93 -56.07
CA ALA M 57 49.54 -20.05 -55.72
C ALA M 57 50.75 -20.33 -56.59
N GLN M 58 51.06 -21.61 -56.85
CA GLN M 58 52.19 -21.95 -57.71
C GLN M 58 51.93 -21.56 -59.16
N ARG M 59 50.66 -21.57 -59.58
CA ARG M 59 50.37 -21.16 -60.94
C ARG M 59 50.48 -19.64 -61.10
N CYS M 60 49.91 -18.88 -60.16
CA CYS M 60 49.96 -17.44 -60.31
C CYS M 60 51.30 -16.82 -59.92
N LYS M 61 52.20 -17.55 -59.25
CA LYS M 61 53.53 -16.99 -58.99
C LYS M 61 54.37 -16.88 -60.24
N GLU M 62 54.18 -17.78 -61.20
CA GLU M 62 55.04 -17.85 -62.37
C GLU M 62 54.65 -16.88 -63.47
N LEU M 63 53.57 -16.14 -63.31
CA LEU M 63 53.08 -15.29 -64.37
C LEU M 63 53.27 -13.82 -64.08
N GLY M 64 53.72 -13.48 -62.89
CA GLY M 64 53.86 -12.10 -62.51
C GLY M 64 52.90 -11.67 -61.43
N ILE M 65 51.88 -12.48 -61.15
CA ILE M 65 50.84 -12.07 -60.20
C ILE M 65 51.42 -12.23 -58.82
N THR M 66 51.79 -11.12 -58.22
CA THR M 66 52.45 -11.09 -56.94
C THR M 66 51.48 -10.83 -55.80
N ALA M 67 50.41 -10.08 -56.07
CA ALA M 67 49.47 -9.70 -55.04
C ALA M 67 48.03 -9.90 -55.51
N LEU M 68 47.12 -10.01 -54.53
CA LEU M 68 45.77 -10.51 -54.76
C LEU M 68 44.74 -9.73 -53.96
N HIS M 69 43.61 -9.46 -54.59
CA HIS M 69 42.41 -9.02 -53.90
C HIS M 69 41.49 -10.21 -53.70
N ILE M 70 40.60 -10.12 -52.73
CA ILE M 70 39.76 -11.24 -52.33
C ILE M 70 38.30 -10.88 -52.56
N LYS M 71 37.59 -11.74 -53.26
CA LYS M 71 36.14 -11.65 -53.41
C LYS M 71 35.60 -12.95 -52.85
N LEU M 72 35.07 -12.89 -51.64
CA LEU M 72 34.69 -14.07 -50.87
C LEU M 72 33.17 -14.25 -50.96
N ARG M 73 32.74 -15.45 -51.32
CA ARG M 73 31.40 -15.59 -51.86
C ARG M 73 30.76 -16.89 -51.39
N ALA M 74 29.50 -16.80 -50.99
CA ALA M 74 28.71 -17.93 -50.57
C ALA M 74 27.87 -18.40 -51.74
N THR M 75 27.15 -19.52 -51.53
CA THR M 75 26.23 -20.04 -52.52
C THR M 75 25.19 -19.01 -52.96
N GLY M 76 24.58 -18.34 -52.01
CA GLY M 76 23.79 -17.15 -52.29
C GLY M 76 22.46 -17.42 -52.95
N GLY M 77 21.72 -16.35 -53.18
CA GLY M 77 20.41 -16.51 -53.77
C GLY M 77 19.42 -16.85 -52.70
N ASN M 78 18.70 -17.96 -52.88
CA ASN M 78 17.76 -18.44 -51.89
C ASN M 78 18.38 -19.44 -50.95
N ARG M 79 19.58 -19.90 -51.24
CA ARG M 79 20.30 -20.83 -50.42
C ARG M 79 20.99 -20.09 -49.28
N THR M 80 21.71 -20.84 -48.44
CA THR M 80 22.44 -20.28 -47.32
C THR M 80 23.48 -19.27 -47.75
N LYS M 81 23.73 -18.29 -46.89
CA LYS M 81 24.57 -17.16 -47.24
C LYS M 81 25.78 -17.07 -46.34
N THR M 82 26.06 -18.09 -45.62
CA THR M 82 27.37 -18.14 -45.01
C THR M 82 28.31 -18.77 -46.00
N PRO M 83 29.50 -18.22 -46.21
CA PRO M 83 30.53 -18.99 -46.91
C PRO M 83 30.96 -20.16 -46.07
N GLY M 84 31.09 -21.30 -46.72
CA GLY M 84 31.29 -22.54 -46.02
C GLY M 84 32.68 -22.75 -45.48
N PRO M 85 33.03 -24.02 -45.25
CA PRO M 85 34.29 -24.31 -44.54
C PRO M 85 35.53 -24.17 -45.39
N GLY M 86 35.43 -24.21 -46.71
CA GLY M 86 36.63 -24.09 -47.50
C GLY M 86 37.06 -22.68 -47.84
N ALA M 87 36.47 -21.65 -47.25
CA ALA M 87 36.95 -20.30 -47.50
C ALA M 87 38.22 -20.01 -46.72
N GLN M 88 38.23 -20.41 -45.44
CA GLN M 88 39.28 -20.02 -44.52
C GLN M 88 40.61 -20.69 -44.79
N SER M 89 40.60 -21.92 -45.29
CA SER M 89 41.87 -22.59 -45.53
C SER M 89 42.53 -22.09 -46.80
N ALA M 90 41.72 -21.73 -47.79
CA ALA M 90 42.25 -21.10 -48.99
C ALA M 90 42.79 -19.72 -48.70
N LEU M 91 42.07 -18.96 -47.87
CA LEU M 91 42.48 -17.59 -47.57
C LEU M 91 43.61 -17.52 -46.54
N ARG M 92 43.77 -18.55 -45.73
CA ARG M 92 44.97 -18.63 -44.89
C ARG M 92 46.16 -19.09 -45.72
N ALA M 93 45.93 -19.99 -46.68
CA ALA M 93 47.05 -20.59 -47.40
C ALA M 93 47.63 -19.65 -48.43
N LEU M 94 46.81 -18.76 -48.98
CA LEU M 94 47.32 -17.76 -49.92
C LEU M 94 48.23 -16.76 -49.23
N ALA M 95 47.89 -16.37 -48.00
CA ALA M 95 48.74 -15.49 -47.21
C ALA M 95 49.93 -16.20 -46.60
N ARG M 96 49.87 -17.52 -46.44
CA ARG M 96 51.04 -18.25 -45.99
C ARG M 96 52.00 -18.53 -47.14
N SER M 97 51.47 -19.00 -48.26
CA SER M 97 52.33 -19.43 -49.36
C SER M 97 52.62 -18.27 -50.30
N GLY M 98 53.42 -17.33 -49.81
CA GLY M 98 54.17 -16.43 -50.65
C GLY M 98 53.43 -15.38 -51.43
N MET M 99 52.12 -15.21 -51.25
CA MET M 99 51.42 -14.13 -51.91
C MET M 99 51.18 -12.96 -50.96
N LYS M 100 50.77 -11.84 -51.55
CA LYS M 100 50.29 -10.68 -50.80
C LYS M 100 48.79 -10.53 -51.01
N ILE M 101 48.12 -9.94 -50.03
CA ILE M 101 46.68 -9.97 -49.89
C ILE M 101 46.18 -8.53 -49.86
N GLY M 102 45.19 -8.21 -50.67
CA GLY M 102 44.64 -6.87 -50.67
C GLY M 102 43.41 -6.72 -49.81
N ARG M 103 42.39 -6.02 -50.32
CA ARG M 103 41.15 -5.84 -49.60
C ARG M 103 40.26 -7.06 -49.73
N ILE M 104 39.63 -7.46 -48.63
CA ILE M 104 38.72 -8.60 -48.60
C ILE M 104 37.30 -8.07 -48.49
N GLU M 105 36.41 -8.55 -49.36
CA GLU M 105 35.01 -8.11 -49.39
C GLU M 105 34.09 -9.30 -49.61
N ASP M 106 32.93 -9.24 -48.97
CA ASP M 106 31.92 -10.29 -49.09
C ASP M 106 30.98 -9.96 -50.25
N VAL M 107 31.02 -10.79 -51.29
CA VAL M 107 30.30 -10.56 -52.54
C VAL M 107 29.11 -11.47 -52.72
N THR M 108 28.69 -12.19 -51.68
CA THR M 108 27.51 -13.05 -51.64
C THR M 108 26.25 -12.31 -52.12
N PRO M 109 25.57 -12.80 -53.15
CA PRO M 109 24.46 -12.06 -53.74
C PRO M 109 23.19 -12.17 -52.91
N ILE M 110 22.60 -11.03 -52.61
CA ILE M 110 21.46 -10.93 -51.69
C ILE M 110 20.27 -10.33 -52.43
N PRO M 111 19.11 -10.94 -52.35
CA PRO M 111 17.99 -10.51 -53.18
C PRO M 111 17.17 -9.41 -52.51
N SER M 112 16.27 -8.81 -53.29
CA SER M 112 15.10 -8.17 -52.68
C SER M 112 13.92 -9.16 -52.62
N ASP M 113 14.10 -10.16 -51.76
CA ASP M 113 13.17 -11.27 -51.52
C ASP M 113 12.73 -12.00 -52.79
N SER M 114 13.72 -12.58 -53.46
CA SER M 114 13.46 -13.27 -54.71
C SER M 114 12.80 -14.62 -54.45
N THR M 115 12.54 -15.31 -55.56
CA THR M 115 11.57 -16.37 -55.75
C THR M 115 11.81 -17.59 -54.86
N ARG M 116 10.79 -18.44 -54.79
CA ARG M 116 10.60 -19.49 -53.80
C ARG M 116 11.72 -20.54 -53.83
N ARG M 117 12.01 -21.12 -52.67
CA ARG M 117 13.18 -21.96 -52.41
C ARG M 117 12.81 -23.44 -52.60
N LYS M 118 13.83 -24.29 -52.66
CA LYS M 118 13.76 -25.64 -53.19
C LYS M 118 13.01 -26.61 -52.27
N GLY M 119 13.00 -26.39 -50.97
CA GLY M 119 12.27 -27.30 -50.10
C GLY M 119 10.78 -27.07 -50.16
N GLY M 120 10.04 -27.86 -49.41
CA GLY M 120 8.59 -27.75 -49.42
C GLY M 120 8.11 -26.58 -48.58
N ARG M 121 6.84 -26.63 -48.23
CA ARG M 121 6.39 -25.75 -47.16
C ARG M 121 6.89 -26.25 -45.82
N ARG M 122 6.89 -27.56 -45.65
CA ARG M 122 7.04 -28.20 -44.35
C ARG M 122 8.46 -28.69 -44.11
N GLY M 123 9.39 -28.28 -44.96
CA GLY M 123 10.79 -28.39 -44.65
C GLY M 123 11.54 -29.43 -45.45
N ARG M 124 12.76 -29.67 -45.01
CA ARG M 124 13.57 -30.80 -45.41
C ARG M 124 13.77 -31.65 -44.17
N ARG M 125 13.04 -32.74 -44.06
CA ARG M 125 12.94 -33.45 -42.79
C ARG M 125 14.04 -34.44 -42.57
N MET N 1 -30.72 -12.64 19.45
CA MET N 1 -30.12 -11.55 20.21
C MET N 1 -30.93 -11.23 21.45
N GLN N 2 -32.12 -10.68 21.27
CA GLN N 2 -32.95 -10.27 22.41
C GLN N 2 -34.38 -10.77 22.25
N ASN N 3 -34.75 -11.77 23.03
CA ASN N 3 -36.06 -12.34 22.95
C ASN N 3 -37.04 -11.54 23.79
N ASP N 4 -38.32 -11.94 23.78
CA ASP N 4 -39.42 -11.12 24.28
C ASP N 4 -39.46 -10.94 25.79
N ALA N 5 -38.68 -11.68 26.57
CA ALA N 5 -38.61 -11.38 27.98
C ALA N 5 -37.54 -10.34 28.31
N GLY N 6 -36.88 -9.78 27.29
CA GLY N 6 -35.86 -8.79 27.44
C GLY N 6 -34.47 -9.34 27.64
N GLU N 7 -34.31 -10.65 27.59
CA GLU N 7 -33.04 -11.27 27.90
C GLU N 7 -32.06 -11.10 26.75
N PHE N 8 -30.80 -10.98 27.06
CA PHE N 8 -29.78 -10.91 26.04
C PHE N 8 -29.21 -12.32 25.94
N VAL N 9 -29.47 -12.99 24.82
CA VAL N 9 -29.29 -14.44 24.75
C VAL N 9 -28.05 -14.81 23.95
N ASP N 10 -27.32 -13.83 23.46
CA ASP N 10 -26.18 -14.05 22.58
C ASP N 10 -25.00 -14.55 23.42
N LEU N 11 -24.03 -15.21 22.77
CA LEU N 11 -22.85 -15.64 23.50
C LEU N 11 -21.95 -14.47 23.86
N TYR N 12 -21.59 -13.66 22.87
CA TYR N 12 -20.85 -12.43 23.13
C TYR N 12 -21.18 -11.46 22.01
N VAL N 13 -20.82 -10.20 22.23
CA VAL N 13 -21.05 -9.16 21.23
C VAL N 13 -19.70 -8.83 20.62
N PRO N 14 -19.46 -9.11 19.34
CA PRO N 14 -18.13 -8.97 18.77
C PRO N 14 -17.79 -7.50 18.54
N ARG N 15 -16.51 -7.24 18.42
CA ARG N 15 -16.08 -5.89 18.13
C ARG N 15 -16.41 -5.54 16.70
N LYS N 16 -16.50 -4.27 16.42
CA LYS N 16 -16.61 -3.83 15.06
C LYS N 16 -15.41 -2.97 14.73
N CYS N 17 -15.09 -2.90 13.44
CA CYS N 17 -13.96 -2.13 12.96
C CYS N 17 -14.20 -0.64 13.18
N SER N 18 -13.13 0.09 13.43
CA SER N 18 -13.25 1.54 13.50
C SER N 18 -13.15 2.18 12.14
N ALA N 19 -12.68 1.43 11.14
CA ALA N 19 -12.55 1.96 9.80
C ALA N 19 -13.66 1.55 8.86
N SER N 20 -14.15 0.32 8.94
CA SER N 20 -15.17 -0.15 8.04
C SER N 20 -16.44 -0.64 8.71
N ASN N 21 -16.42 -0.78 10.04
CA ASN N 21 -17.51 -1.30 10.87
C ASN N 21 -17.96 -2.69 10.47
N ARG N 22 -17.03 -3.51 10.01
CA ARG N 22 -17.27 -4.92 9.81
C ARG N 22 -17.06 -5.65 11.10
N ILE N 23 -17.78 -6.76 11.26
CA ILE N 23 -17.69 -7.56 12.48
C ILE N 23 -16.36 -8.30 12.46
N ILE N 24 -15.51 -7.99 13.42
CA ILE N 24 -14.25 -8.71 13.55
C ILE N 24 -14.60 -10.04 14.20
N GLY N 25 -14.51 -11.11 13.44
CA GLY N 25 -14.92 -12.42 13.90
C GLY N 25 -14.01 -13.03 14.95
N ALA N 26 -14.30 -14.30 15.26
CA ALA N 26 -13.46 -15.02 16.19
C ALA N 26 -12.11 -15.37 15.58
N LYS N 27 -12.06 -15.57 14.27
CA LYS N 27 -10.85 -16.05 13.64
C LYS N 27 -10.31 -15.07 12.62
N ASP N 28 -10.59 -13.79 12.79
CA ASP N 28 -9.93 -12.75 12.01
C ASP N 28 -8.61 -12.45 12.70
N HIS N 29 -7.62 -13.31 12.45
CA HIS N 29 -6.34 -13.31 13.13
C HIS N 29 -5.40 -12.23 12.67
N ALA N 30 -5.78 -11.35 11.76
CA ALA N 30 -4.95 -10.23 11.38
C ALA N 30 -5.46 -8.92 11.92
N SER N 31 -6.51 -8.95 12.71
CA SER N 31 -7.08 -7.72 13.22
C SER N 31 -6.35 -7.25 14.46
N ILE N 32 -6.28 -5.96 14.63
CA ILE N 32 -5.54 -5.37 15.74
C ILE N 32 -6.49 -4.65 16.68
N GLN N 33 -6.04 -4.43 17.90
CA GLN N 33 -6.60 -3.41 18.76
C GLN N 33 -5.44 -2.60 19.31
N MET N 34 -5.40 -1.32 18.98
CA MET N 34 -4.24 -0.49 19.23
C MET N 34 -4.62 0.58 20.25
N ASN N 35 -3.84 0.70 21.31
CA ASN N 35 -3.96 1.84 22.21
C ASN N 35 -3.05 2.95 21.73
N VAL N 36 -3.56 4.18 21.75
CA VAL N 36 -2.75 5.36 21.49
C VAL N 36 -2.89 6.25 22.71
N ALA N 37 -1.77 6.55 23.36
CA ALA N 37 -1.80 7.19 24.66
C ALA N 37 -2.10 8.67 24.56
N GLU N 38 -2.84 9.18 25.54
CA GLU N 38 -3.07 10.61 25.66
C GLU N 38 -1.91 11.22 26.45
N VAL N 39 -1.73 12.54 26.33
CA VAL N 39 -0.80 13.27 27.18
C VAL N 39 -1.55 14.39 27.88
N ASP N 40 -0.94 14.88 28.96
CA ASP N 40 -1.48 15.99 29.70
C ASP N 40 -1.14 17.29 29.02
N LYS N 41 -2.08 18.24 29.06
CA LYS N 41 -1.99 19.40 28.19
C LYS N 41 -0.93 20.40 28.66
N VAL N 42 -0.61 20.40 29.95
CA VAL N 42 0.34 21.37 30.47
C VAL N 42 1.77 20.84 30.44
N THR N 43 2.01 19.56 30.69
CA THR N 43 3.37 19.04 30.78
C THR N 43 3.80 18.19 29.58
N GLY N 44 2.88 17.59 28.84
CA GLY N 44 3.25 16.70 27.76
C GLY N 44 3.84 15.38 28.23
N ARG N 45 3.15 14.73 29.16
CA ARG N 45 3.57 13.46 29.73
C ARG N 45 2.37 12.53 29.75
N PHE N 46 2.63 11.23 29.72
CA PHE N 46 1.53 10.27 29.66
C PHE N 46 0.89 10.15 31.03
N ASN N 47 -0.42 10.40 31.10
CA ASN N 47 -1.14 10.51 32.35
C ASN N 47 -2.07 9.33 32.66
N GLY N 48 -2.10 8.30 31.82
CA GLY N 48 -2.81 7.09 32.15
C GLY N 48 -4.06 6.82 31.33
N GLN N 49 -4.59 7.81 30.63
CA GLN N 49 -5.81 7.62 29.85
C GLN N 49 -5.50 7.36 28.38
N PHE N 50 -6.40 6.64 27.71
CA PHE N 50 -6.13 6.04 26.41
C PHE N 50 -7.08 6.53 25.34
N LYS N 51 -6.71 6.24 24.10
CA LYS N 51 -7.61 6.17 22.97
C LYS N 51 -7.45 4.80 22.34
N THR N 52 -8.56 4.14 22.05
CA THR N 52 -8.55 2.76 21.58
C THR N 52 -9.20 2.65 20.20
N TYR N 53 -8.50 2.05 19.25
CA TYR N 53 -8.99 1.87 17.89
C TYR N 53 -8.75 0.43 17.47
N ALA N 54 -9.68 -0.15 16.73
CA ALA N 54 -9.56 -1.51 16.23
C ALA N 54 -9.76 -1.52 14.73
N ILE N 55 -8.92 -2.26 14.02
CA ILE N 55 -8.99 -2.36 12.56
C ILE N 55 -9.05 -3.84 12.21
N CYS N 56 -9.99 -4.23 11.36
CA CYS N 56 -10.04 -5.62 10.92
C CYS N 56 -8.95 -5.89 9.90
N GLY N 57 -8.60 -7.17 9.76
CA GLY N 57 -7.45 -7.55 8.97
C GLY N 57 -7.61 -7.36 7.48
N ALA N 58 -8.84 -7.35 6.97
CA ALA N 58 -9.05 -7.20 5.54
C ALA N 58 -8.80 -5.79 5.09
N ILE N 59 -8.97 -4.81 5.98
CA ILE N 59 -8.58 -3.45 5.65
C ILE N 59 -7.07 -3.34 5.67
N ARG N 60 -6.42 -4.08 6.57
CA ARG N 60 -4.99 -4.03 6.76
C ARG N 60 -4.25 -4.64 5.59
N ARG N 61 -4.87 -5.61 4.93
CA ARG N 61 -4.17 -6.34 3.88
C ARG N 61 -4.05 -5.53 2.60
N MET N 62 -4.95 -4.59 2.36
CA MET N 62 -4.89 -3.79 1.16
C MET N 62 -4.20 -2.45 1.36
N GLY N 63 -3.53 -2.25 2.49
CA GLY N 63 -2.75 -1.05 2.70
C GLY N 63 -3.48 0.15 3.23
N GLU N 64 -4.64 -0.02 3.84
CA GLU N 64 -5.48 1.11 4.22
C GLU N 64 -5.60 1.28 5.72
N SER N 65 -4.71 0.68 6.50
CA SER N 65 -4.80 0.84 7.94
C SER N 65 -4.17 2.14 8.38
N ASP N 66 -3.16 2.59 7.64
CA ASP N 66 -2.43 3.80 8.00
C ASP N 66 -3.27 5.05 7.84
N ASP N 67 -4.01 5.15 6.74
CA ASP N 67 -4.83 6.33 6.50
C ASP N 67 -6.01 6.38 7.43
N SER N 68 -6.54 5.23 7.83
CA SER N 68 -7.65 5.25 8.76
C SER N 68 -7.19 5.53 10.18
N ILE N 69 -5.98 5.10 10.55
CA ILE N 69 -5.43 5.53 11.82
C ILE N 69 -5.14 7.02 11.86
N LEU N 70 -4.71 7.57 10.72
CA LEU N 70 -4.47 9.02 10.61
C LEU N 70 -5.78 9.80 10.69
N ARG N 71 -6.86 9.31 10.08
CA ARG N 71 -8.14 10.01 10.14
C ARG N 71 -8.76 9.90 11.53
N LEU N 72 -8.69 8.73 12.15
CA LEU N 72 -9.28 8.55 13.48
C LEU N 72 -8.47 9.25 14.55
N ALA N 73 -7.17 9.42 14.35
CA ALA N 73 -6.42 10.20 15.31
C ALA N 73 -6.55 11.68 15.04
N LYS N 74 -6.82 12.08 13.80
CA LYS N 74 -7.09 13.47 13.49
C LYS N 74 -8.41 13.93 14.09
N ALA N 75 -9.43 13.09 14.08
CA ALA N 75 -10.74 13.54 14.50
C ALA N 75 -10.92 13.51 16.02
N ASP N 76 -10.04 12.86 16.77
CA ASP N 76 -10.10 12.91 18.22
C ASP N 76 -8.93 13.66 18.84
N GLY N 77 -8.39 14.63 18.12
CA GLY N 77 -7.52 15.63 18.70
C GLY N 77 -6.13 15.18 18.99
N ILE N 78 -5.59 14.25 18.21
CA ILE N 78 -4.22 13.80 18.36
C ILE N 78 -3.34 14.36 17.24
N VAL N 79 -3.77 14.25 16.02
CA VAL N 79 -3.09 14.88 14.91
C VAL N 79 -3.64 16.29 14.80
N SER N 80 -2.77 17.26 14.49
CA SER N 80 -3.22 18.64 14.35
C SER N 80 -4.05 18.83 13.09
N LYS N 81 -4.71 19.98 13.03
CA LYS N 81 -5.53 20.36 11.89
C LYS N 81 -4.76 21.19 10.89
N ASN N 82 -3.43 21.20 10.98
CA ASN N 82 -2.49 22.01 10.20
C ASN N 82 -2.77 23.52 10.24
N VAL O 1 -26.68 -0.39 -24.69
CA VAL O 1 -26.51 0.92 -24.10
C VAL O 1 -27.10 0.89 -22.69
N ARG O 2 -27.22 2.05 -22.03
CA ARG O 2 -27.67 2.10 -20.64
C ARG O 2 -29.17 1.93 -20.57
N MET O 3 -29.62 0.86 -19.95
CA MET O 3 -31.03 0.67 -19.64
C MET O 3 -31.20 0.53 -18.14
N ASN O 4 -32.37 0.91 -17.62
CA ASN O 4 -32.78 0.72 -16.21
C ASN O 4 -31.78 1.27 -15.18
N VAL O 5 -31.60 2.59 -15.21
CA VAL O 5 -30.64 3.42 -14.48
C VAL O 5 -30.51 3.10 -12.98
N LEU O 6 -31.63 2.76 -12.32
CA LEU O 6 -31.66 2.38 -10.92
C LEU O 6 -30.80 1.15 -10.62
N ALA O 7 -30.73 0.21 -11.57
CA ALA O 7 -29.91 -0.99 -11.40
C ALA O 7 -28.43 -0.68 -11.41
N ASP O 8 -28.00 0.20 -12.32
CA ASP O 8 -26.59 0.52 -12.42
C ASP O 8 -26.14 1.42 -11.28
N ALA O 9 -27.06 2.24 -10.76
CA ALA O 9 -26.81 2.99 -9.53
C ALA O 9 -26.63 2.09 -8.31
N LEU O 10 -27.49 1.07 -8.16
CA LEU O 10 -27.37 0.20 -7.00
C LEU O 10 -26.19 -0.75 -7.10
N LYS O 11 -25.78 -1.11 -8.32
CA LYS O 11 -24.53 -1.85 -8.45
C LYS O 11 -23.31 -0.97 -8.17
N SER O 12 -23.41 0.35 -8.39
CA SER O 12 -22.33 1.24 -7.98
C SER O 12 -22.22 1.34 -6.47
N ILE O 13 -23.37 1.42 -5.78
CA ILE O 13 -23.41 1.41 -4.31
C ILE O 13 -22.81 0.13 -3.76
N ASN O 14 -23.17 -0.99 -4.37
CA ASN O 14 -22.73 -2.28 -3.85
C ASN O 14 -21.24 -2.53 -4.07
N ASN O 15 -20.72 -2.20 -5.27
CA ASN O 15 -19.30 -2.38 -5.50
C ASN O 15 -18.45 -1.42 -4.70
N ALA O 16 -18.92 -0.20 -4.44
CA ALA O 16 -18.11 0.69 -3.64
C ALA O 16 -18.35 0.52 -2.15
N GLU O 17 -19.39 -0.20 -1.76
CA GLU O 17 -19.56 -0.53 -0.35
C GLU O 17 -18.77 -1.74 0.05
N LYS O 18 -18.62 -2.72 -0.84
CA LYS O 18 -17.90 -3.95 -0.51
C LYS O 18 -16.41 -3.70 -0.27
N ARG O 19 -15.85 -2.66 -0.89
CA ARG O 19 -14.49 -2.23 -0.63
C ARG O 19 -14.35 -1.35 0.60
N GLY O 20 -15.42 -1.14 1.36
CA GLY O 20 -15.32 -0.35 2.57
C GLY O 20 -15.13 1.13 2.37
N LYS O 21 -15.41 1.68 1.18
CA LYS O 21 -15.28 3.10 0.92
C LYS O 21 -16.35 3.88 1.67
N ARG O 22 -16.13 5.18 1.80
CA ARG O 22 -17.02 5.98 2.62
C ARG O 22 -17.99 6.84 1.83
N GLN O 23 -17.71 7.12 0.56
CA GLN O 23 -18.60 7.93 -0.26
C GLN O 23 -18.60 7.41 -1.69
N VAL O 24 -19.78 7.38 -2.30
CA VAL O 24 -19.93 6.95 -3.68
C VAL O 24 -20.35 8.16 -4.49
N LEU O 25 -20.24 8.04 -5.81
CA LEU O 25 -20.85 9.03 -6.72
C LEU O 25 -21.72 8.28 -7.71
N ILE O 26 -23.00 8.60 -7.71
CA ILE O 26 -24.00 7.92 -8.51
C ILE O 26 -24.32 8.81 -9.69
N ARG O 27 -24.36 8.25 -10.90
CA ARG O 27 -24.84 9.01 -12.05
C ARG O 27 -25.65 8.06 -12.92
N PRO O 28 -26.75 8.52 -13.53
CA PRO O 28 -27.56 9.71 -13.44
C PRO O 28 -28.36 9.73 -12.17
N CYS O 29 -29.27 10.68 -12.09
CA CYS O 29 -30.14 10.80 -10.93
C CYS O 29 -31.57 10.84 -11.44
N SER O 30 -32.31 9.80 -11.11
CA SER O 30 -33.74 9.75 -11.42
C SER O 30 -34.50 10.47 -10.31
N LYS O 31 -35.81 10.56 -10.44
CA LYS O 31 -36.57 10.73 -9.21
C LYS O 31 -36.90 9.40 -8.57
N VAL O 32 -36.65 8.29 -9.27
CA VAL O 32 -36.80 6.97 -8.66
C VAL O 32 -35.72 6.72 -7.62
N ILE O 33 -34.48 7.12 -7.91
CA ILE O 33 -33.36 6.83 -7.02
C ILE O 33 -33.40 7.71 -5.78
N VAL O 34 -33.97 8.90 -5.86
CA VAL O 34 -34.02 9.74 -4.68
C VAL O 34 -35.07 9.24 -3.70
N ARG O 35 -36.19 8.68 -4.19
CA ARG O 35 -37.15 8.04 -3.28
C ARG O 35 -36.64 6.71 -2.74
N PHE O 36 -35.88 5.98 -3.56
CA PHE O 36 -35.28 4.71 -3.11
C PHE O 36 -34.23 4.95 -2.04
N LEU O 37 -33.36 5.92 -2.24
CA LEU O 37 -32.36 6.18 -1.23
C LEU O 37 -32.94 6.93 -0.03
N THR O 38 -34.08 7.59 -0.19
CA THR O 38 -34.85 8.05 0.96
C THR O 38 -35.32 6.88 1.80
N VAL O 39 -35.78 5.80 1.14
CA VAL O 39 -36.26 4.60 1.84
C VAL O 39 -35.12 3.92 2.58
N MET O 40 -33.96 3.80 1.95
CA MET O 40 -32.82 3.20 2.65
C MET O 40 -32.24 4.10 3.74
N MET O 41 -32.40 5.42 3.61
CA MET O 41 -31.87 6.32 4.63
C MET O 41 -32.75 6.33 5.87
N LYS O 42 -34.08 6.30 5.68
CA LYS O 42 -35.03 6.36 6.78
C LYS O 42 -35.00 5.13 7.68
N HIS O 43 -34.46 4.02 7.20
CA HIS O 43 -34.25 2.84 8.00
C HIS O 43 -32.88 2.83 8.64
N GLY O 44 -32.10 3.88 8.44
CA GLY O 44 -30.80 4.00 9.06
C GLY O 44 -29.71 3.19 8.41
N TYR O 45 -29.76 3.03 7.10
CA TYR O 45 -28.78 2.20 6.40
C TYR O 45 -27.70 2.99 5.68
N ILE O 46 -27.97 4.19 5.16
CA ILE O 46 -26.90 4.92 4.47
C ILE O 46 -26.60 6.31 5.02
N GLY O 47 -27.45 6.95 5.79
CA GLY O 47 -27.14 8.34 6.12
C GLY O 47 -27.41 9.33 4.99
N GLU O 48 -26.88 10.55 5.15
CA GLU O 48 -27.21 11.68 4.29
C GLU O 48 -26.63 11.52 2.90
N PHE O 49 -27.17 12.30 1.97
CA PHE O 49 -26.65 12.33 0.61
C PHE O 49 -26.96 13.69 -0.01
N GLU O 50 -26.40 13.94 -1.19
CA GLU O 50 -26.58 15.21 -1.88
C GLU O 50 -26.93 14.96 -3.33
N ILE O 51 -27.77 15.82 -3.89
CA ILE O 51 -28.20 15.72 -5.27
C ILE O 51 -27.54 16.87 -6.03
N ILE O 52 -26.48 16.57 -6.77
CA ILE O 52 -25.68 17.61 -7.40
C ILE O 52 -26.37 18.09 -8.66
N ASP O 53 -26.65 19.37 -8.73
CA ASP O 53 -27.42 19.91 -9.83
C ASP O 53 -26.49 20.51 -10.89
N ASP O 54 -26.22 19.76 -11.95
CA ASP O 54 -26.07 20.39 -13.25
C ASP O 54 -27.43 20.41 -13.92
N HIS O 55 -27.53 21.10 -15.04
CA HIS O 55 -28.84 21.24 -15.65
C HIS O 55 -29.25 20.03 -16.48
N ARG O 56 -28.34 19.08 -16.68
CA ARG O 56 -28.66 17.74 -17.14
C ARG O 56 -29.09 16.89 -15.96
N ALA O 57 -29.41 15.63 -16.24
CA ALA O 57 -29.64 14.61 -15.21
C ALA O 57 -28.48 14.52 -14.24
N GLY O 58 -28.75 14.81 -12.97
CA GLY O 58 -27.73 15.14 -12.02
C GLY O 58 -26.96 13.94 -11.52
N LYS O 59 -26.08 14.20 -10.57
CA LYS O 59 -25.36 13.15 -9.87
C LYS O 59 -25.81 13.13 -8.42
N ILE O 60 -25.49 12.04 -7.74
CA ILE O 60 -25.85 11.85 -6.34
C ILE O 60 -24.59 11.38 -5.61
N VAL O 61 -24.23 12.04 -4.53
CA VAL O 61 -23.10 11.62 -3.70
C VAL O 61 -23.64 11.13 -2.38
N VAL O 62 -23.44 9.86 -2.08
CA VAL O 62 -24.06 9.25 -0.92
C VAL O 62 -22.99 9.02 0.13
N ASN O 63 -23.30 9.34 1.38
CA ASN O 63 -22.46 8.90 2.48
C ASN O 63 -22.70 7.41 2.70
N LEU O 64 -21.70 6.72 3.18
CA LEU O 64 -21.88 5.32 3.52
C LEU O 64 -21.18 5.08 4.83
N THR O 65 -21.93 4.70 5.84
CA THR O 65 -21.43 3.81 6.88
C THR O 65 -21.77 2.42 6.36
N GLY O 66 -20.76 1.54 6.27
CA GLY O 66 -21.16 0.21 5.90
C GLY O 66 -22.01 -0.45 6.97
N ARG O 67 -23.28 -0.57 6.65
CA ARG O 67 -24.24 -1.38 7.36
C ARG O 67 -24.93 -2.31 6.39
N LEU O 68 -24.56 -2.26 5.13
CA LEU O 68 -25.39 -2.71 4.03
C LEU O 68 -24.76 -3.96 3.45
N ASN O 69 -25.43 -5.08 3.62
CA ASN O 69 -24.88 -6.33 3.13
C ASN O 69 -25.05 -6.47 1.63
N LYS O 70 -26.26 -6.23 1.13
CA LYS O 70 -26.54 -6.31 -0.28
C LYS O 70 -27.60 -5.29 -0.63
N CYS O 71 -27.40 -4.60 -1.74
CA CYS O 71 -28.41 -3.74 -2.32
C CYS O 71 -28.61 -4.19 -3.75
N GLY O 72 -29.81 -4.65 -4.08
CA GLY O 72 -30.04 -5.30 -5.35
C GLY O 72 -31.23 -4.71 -6.10
N VAL O 73 -31.35 -5.14 -7.35
CA VAL O 73 -32.44 -4.76 -8.23
C VAL O 73 -33.17 -6.02 -8.68
N ILE O 74 -34.46 -5.90 -8.93
CA ILE O 74 -35.23 -6.92 -9.62
C ILE O 74 -35.65 -6.33 -10.96
N SER O 75 -35.24 -6.99 -12.05
CA SER O 75 -35.55 -6.55 -13.40
C SER O 75 -36.08 -7.74 -14.18
N PRO O 76 -37.24 -7.62 -14.84
CA PRO O 76 -38.21 -6.55 -15.03
C PRO O 76 -39.03 -6.33 -13.81
N ARG O 77 -39.84 -5.29 -13.75
CA ARG O 77 -40.59 -5.01 -12.54
C ARG O 77 -41.87 -5.82 -12.56
N PHE O 78 -41.85 -6.93 -11.85
CA PHE O 78 -42.97 -7.85 -11.82
C PHE O 78 -44.08 -7.29 -10.96
N ASP O 79 -45.30 -7.55 -11.36
CA ASP O 79 -46.46 -7.10 -10.61
C ASP O 79 -46.62 -7.99 -9.38
N VAL O 80 -46.56 -7.38 -8.21
CA VAL O 80 -46.68 -8.12 -6.97
C VAL O 80 -48.01 -7.73 -6.36
N GLN O 81 -48.95 -8.67 -6.36
CA GLN O 81 -50.20 -8.49 -5.65
C GLN O 81 -49.99 -8.75 -4.17
N LEU O 82 -51.03 -8.59 -3.39
CA LEU O 82 -50.82 -8.69 -1.94
C LEU O 82 -50.71 -10.14 -1.48
N LYS O 83 -51.20 -11.10 -2.26
CA LYS O 83 -50.94 -12.50 -1.93
C LYS O 83 -49.59 -13.00 -2.42
N ASP O 84 -48.92 -12.27 -3.30
CA ASP O 84 -47.60 -12.67 -3.76
C ASP O 84 -46.49 -11.96 -3.02
N LEU O 85 -46.79 -11.32 -1.91
CA LEU O 85 -45.72 -10.60 -1.23
C LEU O 85 -44.96 -11.52 -0.30
N GLU O 86 -45.62 -12.52 0.26
CA GLU O 86 -44.93 -13.46 1.15
C GLU O 86 -44.07 -14.44 0.36
N LYS O 87 -44.48 -14.77 -0.86
CA LYS O 87 -43.64 -15.59 -1.72
C LYS O 87 -42.41 -14.83 -2.20
N TRP O 88 -42.50 -13.52 -2.28
CA TRP O 88 -41.34 -12.73 -2.69
C TRP O 88 -40.44 -12.40 -1.52
N GLN O 89 -40.97 -12.17 -0.33
CA GLN O 89 -40.11 -11.92 0.81
C GLN O 89 -39.55 -13.20 1.41
N ASN O 90 -40.05 -14.37 1.03
CA ASN O 90 -39.37 -15.60 1.40
C ASN O 90 -38.15 -15.85 0.51
N ASN O 91 -38.16 -15.34 -0.71
CA ASN O 91 -37.08 -15.66 -1.65
C ASN O 91 -35.86 -14.77 -1.48
N LEU O 92 -36.06 -13.45 -1.35
CA LEU O 92 -34.97 -12.50 -1.48
C LEU O 92 -34.36 -12.06 -0.16
N LEU O 93 -35.04 -12.16 0.83
CA LEU O 93 -34.59 -11.66 2.10
C LEU O 93 -33.83 -12.73 2.85
N PRO O 94 -32.90 -12.37 3.75
CA PRO O 94 -32.21 -13.41 4.52
C PRO O 94 -32.93 -13.85 5.77
N SER O 95 -33.98 -13.16 6.21
CA SER O 95 -34.62 -13.53 7.46
C SER O 95 -36.06 -13.05 7.52
N ARG O 96 -36.78 -13.62 8.48
CA ARG O 96 -38.09 -13.13 8.86
C ARG O 96 -37.98 -11.92 9.78
N GLN O 97 -36.82 -11.69 10.38
CA GLN O 97 -36.63 -10.61 11.34
C GLN O 97 -36.08 -9.33 10.72
N PHE O 98 -35.36 -9.40 9.60
CA PHE O 98 -34.88 -8.18 8.96
C PHE O 98 -34.85 -8.35 7.45
N GLY O 99 -34.50 -7.27 6.78
CA GLY O 99 -34.44 -7.25 5.34
C GLY O 99 -35.71 -6.66 4.76
N PHE O 100 -35.58 -5.99 3.63
CA PHE O 100 -36.73 -5.29 3.07
C PHE O 100 -36.79 -5.42 1.56
N ILE O 101 -38.01 -5.44 1.03
CA ILE O 101 -38.29 -5.41 -0.40
C ILE O 101 -38.95 -4.07 -0.71
N VAL O 102 -38.38 -3.29 -1.61
CA VAL O 102 -38.98 -2.04 -1.99
C VAL O 102 -39.88 -2.26 -3.19
N LEU O 103 -41.11 -1.76 -3.14
CA LEU O 103 -42.03 -1.95 -4.25
C LEU O 103 -42.86 -0.70 -4.48
N THR O 104 -43.13 -0.39 -5.75
CA THR O 104 -43.69 0.90 -6.15
C THR O 104 -45.20 0.80 -6.30
N THR O 105 -45.92 1.41 -5.38
CA THR O 105 -47.36 1.22 -5.22
C THR O 105 -48.06 2.53 -5.50
N SER O 106 -49.38 2.49 -5.58
CA SER O 106 -50.15 3.67 -5.93
C SER O 106 -50.24 4.70 -4.82
N ALA O 107 -49.78 4.37 -3.61
CA ALA O 107 -49.57 5.35 -2.57
C ALA O 107 -48.15 5.89 -2.57
N GLY O 108 -47.27 5.39 -3.43
CA GLY O 108 -45.92 5.90 -3.52
C GLY O 108 -44.90 4.79 -3.59
N ILE O 109 -43.62 5.10 -3.57
CA ILE O 109 -42.59 4.08 -3.48
C ILE O 109 -42.39 3.76 -2.01
N MET O 110 -42.52 2.48 -1.65
CA MET O 110 -42.49 2.10 -0.25
C MET O 110 -41.90 0.72 -0.11
N ASP O 111 -41.54 0.35 1.11
CA ASP O 111 -41.03 -0.98 1.40
C ASP O 111 -42.17 -1.98 1.62
N HIS O 112 -41.82 -3.23 1.89
CA HIS O 112 -42.80 -4.31 1.85
C HIS O 112 -43.63 -4.45 3.10
N GLU O 113 -43.21 -3.91 4.24
CA GLU O 113 -44.04 -4.03 5.42
C GLU O 113 -45.05 -2.90 5.51
N GLU O 114 -44.66 -1.74 5.00
CA GLU O 114 -45.58 -0.61 4.88
C GLU O 114 -46.67 -0.91 3.85
N ALA O 115 -46.37 -1.70 2.84
CA ALA O 115 -47.39 -2.06 1.85
C ALA O 115 -48.38 -3.04 2.41
N ARG O 116 -48.00 -3.83 3.41
CA ARG O 116 -49.00 -4.64 4.08
C ARG O 116 -49.84 -3.81 5.02
N ARG O 117 -49.22 -2.82 5.67
CA ARG O 117 -49.98 -1.99 6.61
C ARG O 117 -50.89 -1.00 5.88
N LYS O 118 -50.51 -0.55 4.70
CA LYS O 118 -51.39 0.33 3.95
C LYS O 118 -52.39 -0.42 3.08
N HIS O 119 -52.31 -1.76 3.06
CA HIS O 119 -53.18 -2.67 2.31
C HIS O 119 -53.15 -2.41 0.80
N THR O 120 -51.95 -2.37 0.22
CA THR O 120 -51.81 -2.19 -1.21
C THR O 120 -50.62 -2.96 -1.74
N GLY O 121 -50.69 -3.31 -3.03
CA GLY O 121 -49.58 -3.93 -3.71
C GLY O 121 -49.28 -3.18 -5.01
N GLY O 122 -48.15 -3.52 -5.60
CA GLY O 122 -47.75 -2.88 -6.83
C GLY O 122 -46.54 -3.57 -7.37
N LYS O 123 -45.85 -2.90 -8.27
CA LYS O 123 -44.72 -3.50 -8.94
C LYS O 123 -43.50 -3.47 -8.03
N ILE O 124 -42.66 -4.49 -8.12
CA ILE O 124 -41.47 -4.57 -7.30
C ILE O 124 -40.36 -3.71 -7.90
N LEU O 125 -39.51 -3.13 -7.06
CA LEU O 125 -38.35 -2.40 -7.54
C LEU O 125 -37.02 -3.04 -7.22
N GLY O 126 -36.92 -3.81 -6.15
CA GLY O 126 -35.61 -4.22 -5.68
C GLY O 126 -35.67 -4.50 -4.20
N PHE O 127 -34.50 -4.61 -3.62
CA PHE O 127 -34.41 -4.99 -2.21
C PHE O 127 -33.14 -4.41 -1.64
N PHE O 128 -33.06 -4.42 -0.32
CA PHE O 128 -31.86 -4.06 0.40
C PHE O 128 -31.94 -4.78 1.72
N PHE O 129 -30.81 -5.27 2.22
CA PHE O 129 -30.84 -5.84 3.56
C PHE O 129 -29.53 -5.66 4.29
N GLY P 1 -26.09 -15.13 -21.52
CA GLY P 1 -27.15 -14.23 -21.12
C GLY P 1 -28.51 -14.61 -21.67
N LYS P 2 -29.51 -14.63 -20.81
CA LYS P 2 -30.82 -15.04 -21.25
C LYS P 2 -31.67 -13.86 -21.67
N CYS P 3 -32.76 -14.17 -22.35
CA CYS P 3 -33.75 -13.17 -22.75
C CYS P 3 -34.72 -13.01 -21.60
N ARG P 4 -34.59 -11.93 -20.83
CA ARG P 4 -35.29 -11.86 -19.55
C ARG P 4 -36.23 -10.68 -19.38
N GLY P 5 -36.75 -10.08 -20.45
CA GLY P 5 -37.66 -8.95 -20.33
C GLY P 5 -39.06 -9.30 -19.86
N LEU P 6 -40.05 -8.43 -20.06
CA LEU P 6 -41.37 -8.73 -19.52
C LEU P 6 -42.35 -9.28 -20.55
N ARG P 7 -42.24 -8.94 -21.84
CA ARG P 7 -43.16 -9.46 -22.82
C ARG P 7 -42.56 -10.58 -23.65
N THR P 8 -41.61 -11.32 -23.09
CA THR P 8 -40.82 -12.28 -23.83
C THR P 8 -41.11 -13.72 -23.46
N ALA P 9 -42.35 -14.01 -23.07
CA ALA P 9 -42.70 -15.38 -22.72
C ALA P 9 -42.72 -16.32 -23.91
N ARG P 10 -42.94 -15.82 -25.12
CA ARG P 10 -43.00 -16.70 -26.27
C ARG P 10 -41.62 -17.17 -26.68
N LYS P 11 -40.61 -16.30 -26.59
CA LYS P 11 -39.24 -16.69 -26.88
C LYS P 11 -38.72 -17.71 -25.88
N LEU P 12 -39.05 -17.55 -24.59
CA LEU P 12 -38.61 -18.49 -23.57
C LEU P 12 -39.31 -19.83 -23.71
N ARG P 13 -40.63 -19.84 -23.96
CA ARG P 13 -41.30 -21.13 -24.06
C ARG P 13 -41.05 -21.81 -25.39
N SER P 14 -40.85 -21.09 -26.49
CA SER P 14 -40.50 -21.75 -27.73
C SER P 14 -39.01 -21.97 -27.85
N HIS P 15 -38.24 -21.55 -26.87
CA HIS P 15 -36.90 -22.06 -26.71
C HIS P 15 -36.90 -23.36 -25.95
N ARG P 16 -37.54 -23.40 -24.78
CA ARG P 16 -37.47 -24.57 -23.92
C ARG P 16 -38.33 -25.71 -24.45
N ARG P 17 -39.25 -25.41 -25.35
CA ARG P 17 -39.95 -26.48 -26.05
C ARG P 17 -39.03 -27.19 -27.03
N ASP P 18 -38.08 -26.48 -27.63
CA ASP P 18 -37.17 -27.06 -28.62
C ASP P 18 -35.88 -27.59 -28.05
N GLN P 19 -35.37 -27.03 -26.96
CA GLN P 19 -34.21 -27.62 -26.30
C GLN P 19 -34.58 -28.66 -25.28
N LYS P 20 -35.84 -29.05 -25.18
CA LYS P 20 -36.19 -30.27 -24.47
C LYS P 20 -35.90 -31.48 -25.30
N TRP P 21 -35.79 -31.34 -26.62
CA TRP P 21 -35.57 -32.50 -27.45
C TRP P 21 -34.14 -32.98 -27.43
N HIS P 22 -33.23 -32.23 -26.84
CA HIS P 22 -31.85 -32.64 -26.72
C HIS P 22 -31.63 -33.42 -25.44
N ASP P 23 -32.61 -33.40 -24.55
CA ASP P 23 -32.68 -34.30 -23.40
C ASP P 23 -33.05 -35.68 -23.90
N LYS P 24 -32.33 -36.69 -23.44
CA LYS P 24 -32.40 -37.99 -24.09
C LYS P 24 -33.63 -38.79 -23.66
N GLN P 25 -34.08 -38.63 -22.42
CA GLN P 25 -35.25 -39.39 -21.99
C GLN P 25 -36.52 -38.83 -22.60
N TYR P 26 -36.61 -37.51 -22.73
CA TYR P 26 -37.76 -36.88 -23.38
C TYR P 26 -37.82 -37.24 -24.86
N LYS P 27 -36.67 -37.26 -25.55
CA LYS P 27 -36.68 -37.66 -26.94
C LYS P 27 -36.94 -39.15 -27.10
N LYS P 28 -36.38 -39.99 -26.22
CA LYS P 28 -36.54 -41.42 -26.39
C LYS P 28 -37.93 -41.89 -26.01
N ALA P 29 -38.61 -41.17 -25.12
CA ALA P 29 -39.94 -41.58 -24.72
C ALA P 29 -41.04 -40.77 -25.36
N HIS P 30 -40.74 -39.70 -26.09
CA HIS P 30 -41.80 -38.91 -26.70
C HIS P 30 -41.72 -38.80 -28.21
N LEU P 31 -40.72 -39.37 -28.87
CA LEU P 31 -40.70 -39.28 -30.31
C LEU P 31 -41.51 -40.39 -30.95
N GLY P 32 -41.52 -41.57 -30.37
CA GLY P 32 -42.36 -42.66 -30.84
C GLY P 32 -41.65 -43.77 -31.58
N THR P 33 -40.40 -43.58 -31.96
CA THR P 33 -39.66 -44.63 -32.66
C THR P 33 -39.16 -45.72 -31.73
N ALA P 34 -39.07 -45.44 -30.43
CA ALA P 34 -38.66 -46.45 -29.47
C ALA P 34 -39.74 -47.49 -29.26
N LEU P 35 -41.00 -47.08 -29.30
CA LEU P 35 -42.11 -47.99 -29.08
C LEU P 35 -42.39 -48.90 -30.27
N LYS P 36 -41.86 -48.60 -31.44
CA LYS P 36 -42.08 -49.44 -32.59
C LYS P 36 -40.95 -50.44 -32.79
N ALA P 37 -39.76 -50.14 -32.31
CA ALA P 37 -38.65 -51.06 -32.40
C ALA P 37 -38.52 -51.95 -31.19
N ASN P 38 -39.16 -51.60 -30.09
CA ASN P 38 -39.14 -52.44 -28.91
C ASN P 38 -39.94 -53.70 -29.17
N PRO P 39 -39.43 -54.87 -28.79
CA PRO P 39 -40.18 -56.11 -29.04
C PRO P 39 -41.42 -56.26 -28.19
N PHE P 40 -41.54 -55.54 -27.09
CA PHE P 40 -42.74 -55.71 -26.30
C PHE P 40 -43.85 -54.81 -26.80
N GLY P 41 -43.52 -53.62 -27.28
CA GLY P 41 -44.55 -52.65 -27.52
C GLY P 41 -45.10 -52.07 -26.24
N GLY P 42 -44.25 -51.78 -25.27
CA GLY P 42 -44.68 -51.10 -24.08
C GLY P 42 -45.34 -51.95 -23.03
N ALA P 43 -45.29 -53.26 -23.16
CA ALA P 43 -45.90 -54.11 -22.15
C ALA P 43 -44.95 -54.29 -20.98
N SER P 44 -45.44 -54.97 -19.95
CA SER P 44 -44.60 -55.37 -18.85
C SER P 44 -44.01 -56.74 -19.05
N HIS P 45 -44.76 -57.66 -19.65
CA HIS P 45 -44.34 -59.01 -19.97
C HIS P 45 -44.85 -59.38 -21.35
N ALA P 46 -44.38 -60.50 -21.87
CA ALA P 46 -44.84 -60.97 -23.17
C ALA P 46 -44.78 -62.48 -23.20
N LYS P 47 -45.80 -63.10 -23.73
CA LYS P 47 -45.80 -64.55 -23.82
C LYS P 47 -45.22 -64.95 -25.16
N GLY P 48 -44.39 -65.99 -25.15
CA GLY P 48 -43.73 -66.38 -26.38
C GLY P 48 -43.30 -67.83 -26.34
N ILE P 49 -42.77 -68.30 -27.46
CA ILE P 49 -42.53 -69.72 -27.70
C ILE P 49 -41.04 -69.91 -27.87
N VAL P 50 -40.46 -70.83 -27.09
CA VAL P 50 -39.01 -71.07 -27.10
C VAL P 50 -38.57 -71.70 -28.41
N LEU P 51 -37.70 -71.01 -29.15
CA LEU P 51 -37.23 -71.62 -30.38
C LEU P 51 -36.09 -72.60 -30.13
N GLU P 52 -35.06 -72.17 -29.43
CA GLU P 52 -33.81 -72.90 -29.34
C GLU P 52 -33.09 -72.41 -28.10
N LYS P 53 -32.33 -73.30 -27.47
CA LYS P 53 -31.66 -72.95 -26.22
C LYS P 53 -30.22 -72.62 -26.54
N VAL P 54 -29.73 -71.52 -25.98
CA VAL P 54 -28.38 -71.04 -26.25
C VAL P 54 -27.59 -71.02 -24.97
N GLY P 55 -26.28 -70.92 -25.11
CA GLY P 55 -25.42 -70.48 -24.04
C GLY P 55 -24.62 -69.30 -24.53
N VAL P 56 -24.49 -68.24 -23.75
CA VAL P 56 -23.64 -67.12 -24.11
C VAL P 56 -22.61 -66.90 -23.00
N GLU P 57 -21.37 -66.68 -23.41
CA GLU P 57 -20.30 -66.42 -22.46
C GLU P 57 -20.40 -65.00 -21.93
N ALA P 58 -19.93 -64.81 -20.71
CA ALA P 58 -19.94 -63.50 -20.07
C ALA P 58 -18.94 -62.55 -20.72
N LYS P 59 -19.07 -61.27 -20.37
CA LYS P 59 -18.09 -60.29 -20.80
C LYS P 59 -16.78 -60.49 -20.07
N GLN P 60 -15.77 -59.75 -20.56
CA GLN P 60 -14.36 -60.11 -20.41
C GLN P 60 -13.80 -60.36 -19.00
N PRO P 61 -14.12 -59.62 -17.93
CA PRO P 61 -13.54 -60.00 -16.64
C PRO P 61 -14.20 -61.20 -15.99
N ASN P 62 -15.43 -61.54 -16.34
CA ASN P 62 -16.02 -62.77 -15.84
C ASN P 62 -15.73 -63.93 -16.78
N SER P 63 -15.83 -65.14 -16.24
CA SER P 63 -15.73 -66.35 -17.05
C SER P 63 -16.83 -67.29 -16.62
N ALA P 64 -17.81 -67.50 -17.50
CA ALA P 64 -18.93 -68.40 -17.30
C ALA P 64 -19.58 -68.63 -18.64
N ILE P 65 -20.52 -69.56 -18.68
CA ILE P 65 -21.38 -69.78 -19.82
C ILE P 65 -22.81 -69.59 -19.33
N ARG P 66 -23.40 -68.43 -19.61
CA ARG P 66 -24.73 -68.11 -19.11
C ARG P 66 -25.78 -68.83 -19.92
N LYS P 67 -26.73 -69.46 -19.24
CA LYS P 67 -27.75 -70.25 -19.91
C LYS P 67 -28.92 -69.35 -20.25
N CYS P 68 -29.24 -69.25 -21.54
CA CYS P 68 -30.31 -68.39 -22.04
C CYS P 68 -31.17 -69.16 -23.03
N VAL P 69 -32.29 -68.57 -23.45
CA VAL P 69 -33.19 -69.18 -24.42
C VAL P 69 -33.54 -68.16 -25.49
N ARG P 70 -33.75 -68.62 -26.71
CA ARG P 70 -34.26 -67.76 -27.78
C ARG P 70 -35.77 -67.94 -27.86
N VAL P 71 -36.51 -66.87 -27.63
CA VAL P 71 -37.96 -66.90 -27.60
C VAL P 71 -38.47 -66.20 -28.85
N GLN P 72 -39.55 -66.70 -29.41
CA GLN P 72 -40.32 -66.01 -30.44
C GLN P 72 -41.64 -65.61 -29.83
N LEU P 73 -41.95 -64.32 -29.86
CA LEU P 73 -43.14 -63.80 -29.18
C LEU P 73 -44.40 -64.04 -29.99
N ILE P 74 -45.50 -64.33 -29.28
CA ILE P 74 -46.80 -64.58 -29.91
C ILE P 74 -47.38 -63.28 -30.46
N LYS P 75 -47.16 -62.18 -29.76
CA LYS P 75 -47.94 -60.95 -29.93
C LYS P 75 -47.64 -60.24 -31.23
N ASN P 76 -46.37 -60.04 -31.55
CA ASN P 76 -46.01 -59.44 -32.82
C ASN P 76 -45.06 -60.27 -33.66
N GLY P 77 -44.63 -61.43 -33.19
CA GLY P 77 -43.80 -62.29 -34.01
C GLY P 77 -42.32 -61.99 -34.04
N LYS P 78 -41.82 -61.02 -33.26
CA LYS P 78 -40.38 -60.79 -33.20
C LYS P 78 -39.71 -61.85 -32.36
N LYS P 79 -38.40 -61.99 -32.52
CA LYS P 79 -37.62 -63.02 -31.84
C LYS P 79 -36.61 -62.37 -30.91
N ILE P 80 -36.62 -62.78 -29.64
CA ILE P 80 -35.78 -62.19 -28.62
C ILE P 80 -34.90 -63.28 -28.01
N THR P 81 -33.95 -62.86 -27.18
CA THR P 81 -33.09 -63.77 -26.43
C THR P 81 -33.24 -63.50 -24.94
N ALA P 82 -33.72 -64.48 -24.19
CA ALA P 82 -34.05 -64.28 -22.79
C ALA P 82 -33.23 -65.19 -21.89
N PHE P 83 -32.97 -64.75 -20.67
CA PHE P 83 -32.05 -65.43 -19.77
C PHE P 83 -32.81 -66.10 -18.63
N VAL P 84 -32.61 -67.40 -18.46
CA VAL P 84 -33.40 -68.20 -17.53
C VAL P 84 -32.70 -68.22 -16.19
N PRO P 85 -33.19 -67.45 -15.19
CA PRO P 85 -32.31 -66.91 -14.14
C PRO P 85 -31.59 -67.85 -13.20
N ASN P 86 -32.29 -68.74 -12.50
CA ASN P 86 -31.69 -69.34 -11.33
C ASN P 86 -30.84 -70.56 -11.69
N ASP P 87 -30.20 -71.15 -10.68
CA ASP P 87 -29.31 -72.28 -10.90
C ASP P 87 -30.09 -73.55 -11.17
N GLY P 88 -29.84 -74.15 -12.32
CA GLY P 88 -30.53 -75.36 -12.67
C GLY P 88 -31.91 -75.15 -13.22
N CYS P 89 -32.25 -73.91 -13.57
CA CYS P 89 -33.55 -73.63 -14.13
C CYS P 89 -33.57 -73.72 -15.64
N LEU P 90 -32.47 -74.12 -16.27
CA LEU P 90 -32.52 -74.48 -17.68
C LEU P 90 -33.21 -75.81 -17.91
N ASN P 91 -33.10 -76.71 -16.95
CA ASN P 91 -33.56 -78.08 -17.15
C ASN P 91 -35.05 -78.25 -17.04
N PHE P 92 -35.78 -77.25 -16.55
CA PHE P 92 -37.21 -77.38 -16.40
C PHE P 92 -37.97 -77.04 -17.66
N ILE P 93 -37.26 -76.71 -18.73
CA ILE P 93 -37.85 -76.14 -19.94
C ILE P 93 -37.79 -77.19 -21.02
N GLU P 94 -38.94 -77.51 -21.61
CA GLU P 94 -38.94 -78.19 -22.89
C GLU P 94 -38.97 -77.13 -23.98
N GLU P 95 -38.53 -77.51 -25.16
CA GLU P 95 -38.71 -76.58 -26.26
C GLU P 95 -40.17 -76.57 -26.70
N ASN P 96 -40.52 -75.52 -27.42
CA ASN P 96 -41.89 -75.17 -27.82
C ASN P 96 -42.82 -75.13 -26.62
N ASP P 97 -42.47 -74.28 -25.66
CA ASP P 97 -43.26 -73.97 -24.48
C ASP P 97 -43.61 -72.50 -24.46
N GLU P 98 -44.75 -72.19 -23.87
CA GLU P 98 -45.08 -70.81 -23.54
C GLU P 98 -44.29 -70.36 -22.32
N VAL P 99 -43.48 -69.31 -22.47
CA VAL P 99 -42.82 -68.65 -21.36
C VAL P 99 -43.25 -67.19 -21.33
N LEU P 100 -43.26 -66.62 -20.14
CA LEU P 100 -43.67 -65.23 -19.94
C LEU P 100 -42.43 -64.43 -19.58
N VAL P 101 -42.03 -63.55 -20.49
CA VAL P 101 -40.70 -62.98 -20.51
C VAL P 101 -40.78 -61.54 -20.04
N ALA P 102 -40.03 -61.19 -19.01
CA ALA P 102 -39.99 -59.83 -18.51
C ALA P 102 -38.65 -59.19 -18.82
N GLY P 103 -38.58 -57.88 -18.64
CA GLY P 103 -37.35 -57.16 -18.90
C GLY P 103 -36.33 -57.41 -17.82
N PHE P 104 -35.10 -56.97 -18.06
CA PHE P 104 -34.04 -57.44 -17.19
C PHE P 104 -33.80 -56.51 -16.02
N GLY P 105 -34.39 -55.33 -16.04
CA GLY P 105 -34.35 -54.42 -14.90
C GLY P 105 -33.74 -53.07 -15.19
N ARG P 106 -33.26 -52.83 -16.41
CA ARG P 106 -32.64 -51.57 -16.75
C ARG P 106 -33.29 -50.89 -17.96
N LYS P 107 -34.52 -51.28 -18.29
CA LYS P 107 -35.46 -50.50 -19.10
C LYS P 107 -34.99 -50.20 -20.53
N GLY P 108 -34.57 -51.24 -21.22
CA GLY P 108 -34.19 -51.14 -22.62
C GLY P 108 -32.70 -51.29 -22.86
N HIS P 109 -31.88 -50.98 -21.87
CA HIS P 109 -30.46 -51.25 -21.97
C HIS P 109 -30.15 -52.67 -21.50
N ALA P 110 -29.24 -53.32 -22.22
CA ALA P 110 -28.93 -54.72 -21.96
C ALA P 110 -27.56 -54.84 -21.34
N VAL P 111 -27.51 -54.91 -20.02
CA VAL P 111 -26.27 -55.10 -19.27
C VAL P 111 -26.53 -55.96 -18.02
N GLY P 112 -25.43 -56.21 -17.33
CA GLY P 112 -25.14 -57.34 -16.50
C GLY P 112 -23.70 -57.60 -16.88
N ASP P 113 -23.32 -58.85 -17.05
CA ASP P 113 -22.11 -59.19 -17.79
C ASP P 113 -22.42 -59.96 -19.05
N ILE P 114 -23.71 -60.01 -19.41
CA ILE P 114 -24.18 -60.83 -20.52
C ILE P 114 -24.44 -59.89 -21.69
N PRO P 115 -23.80 -60.09 -22.84
CA PRO P 115 -23.92 -59.11 -23.94
C PRO P 115 -25.19 -59.32 -24.73
N GLY P 116 -25.86 -58.21 -25.07
CA GLY P 116 -27.00 -58.19 -25.99
C GLY P 116 -28.20 -59.00 -25.57
N VAL P 117 -28.45 -59.12 -24.27
CA VAL P 117 -29.54 -59.89 -23.69
C VAL P 117 -30.19 -59.01 -22.63
N ARG P 118 -31.45 -58.61 -22.84
CA ARG P 118 -32.15 -57.81 -21.84
C ARG P 118 -33.47 -58.41 -21.40
N PHE P 119 -33.68 -59.70 -21.60
CA PHE P 119 -34.95 -60.28 -21.21
C PHE P 119 -34.71 -61.43 -20.27
N LYS P 120 -35.65 -61.69 -19.36
CA LYS P 120 -35.53 -62.85 -18.49
C LYS P 120 -36.88 -63.53 -18.37
N VAL P 121 -36.84 -64.81 -18.03
CA VAL P 121 -38.02 -65.67 -18.07
C VAL P 121 -38.59 -65.80 -16.67
N VAL P 122 -39.89 -65.56 -16.53
CA VAL P 122 -40.57 -65.61 -15.25
C VAL P 122 -41.32 -66.92 -15.08
N LYS P 123 -42.05 -67.32 -16.12
CA LYS P 123 -42.92 -68.48 -16.08
C LYS P 123 -42.49 -69.46 -17.15
N VAL P 124 -42.80 -70.73 -16.97
CA VAL P 124 -42.87 -71.66 -18.09
C VAL P 124 -44.12 -72.50 -17.96
N ALA P 125 -45.00 -72.41 -18.97
CA ALA P 125 -46.28 -73.11 -19.09
C ALA P 125 -47.19 -72.88 -17.89
N ASN P 126 -47.32 -71.60 -17.52
CA ASN P 126 -48.15 -71.07 -16.43
C ASN P 126 -47.75 -71.61 -15.04
N VAL P 127 -46.51 -72.07 -14.85
CA VAL P 127 -45.94 -72.25 -13.52
C VAL P 127 -44.66 -71.45 -13.46
N SER P 128 -44.47 -70.70 -12.38
CA SER P 128 -43.33 -69.79 -12.27
C SER P 128 -42.08 -70.50 -11.80
N LEU P 129 -40.92 -69.94 -12.15
CA LEU P 129 -39.65 -70.61 -11.91
C LEU P 129 -39.25 -70.61 -10.44
N LEU P 130 -39.84 -69.76 -9.61
CA LEU P 130 -39.62 -69.86 -8.17
C LEU P 130 -40.33 -71.07 -7.61
N ALA P 131 -41.55 -71.33 -8.06
CA ALA P 131 -42.28 -72.48 -7.57
C ALA P 131 -41.72 -73.78 -8.12
N LEU P 132 -41.19 -73.76 -9.33
CA LEU P 132 -40.52 -74.94 -9.86
C LEU P 132 -39.19 -75.15 -9.19
N TYR P 133 -38.53 -74.06 -8.81
CA TYR P 133 -37.17 -74.15 -8.32
C TYR P 133 -37.12 -74.59 -6.87
N LYS P 134 -38.05 -74.13 -6.05
CA LYS P 134 -37.97 -74.50 -4.65
C LYS P 134 -38.54 -75.88 -4.36
N GLY P 135 -39.22 -76.51 -5.30
CA GLY P 135 -39.91 -77.74 -5.02
C GLY P 135 -41.29 -77.53 -4.45
N LYS P 136 -41.96 -76.45 -4.83
CA LYS P 136 -43.31 -76.16 -4.37
C LYS P 136 -44.38 -76.57 -5.35
N LYS P 137 -44.06 -76.59 -6.65
CA LYS P 137 -44.94 -77.14 -7.65
C LYS P 137 -44.13 -78.05 -8.57
N GLU P 138 -44.82 -78.74 -9.47
CA GLU P 138 -44.16 -79.61 -10.41
C GLU P 138 -44.71 -79.34 -11.80
N ARG P 139 -44.04 -79.94 -12.78
CA ARG P 139 -44.23 -79.69 -14.20
C ARG P 139 -45.64 -79.96 -14.76
N VAL Q 1 -86.17 -54.76 28.73
CA VAL Q 1 -86.33 -54.59 30.17
C VAL Q 1 -86.73 -53.16 30.46
N THR Q 2 -86.13 -52.23 29.74
CA THR Q 2 -86.39 -50.82 29.99
C THR Q 2 -86.50 -50.10 28.66
N ILE Q 3 -87.65 -49.51 28.41
CA ILE Q 3 -87.88 -48.75 27.19
C ILE Q 3 -87.79 -47.27 27.53
N ARG Q 4 -86.98 -46.55 26.78
CA ARG Q 4 -87.02 -45.10 26.82
C ARG Q 4 -87.37 -44.65 25.41
N THR Q 5 -88.20 -43.63 25.28
CA THR Q 5 -88.58 -43.19 23.96
C THR Q 5 -88.04 -41.80 23.68
N ARG Q 6 -87.11 -41.72 22.75
CA ARG Q 6 -86.58 -40.49 22.19
C ARG Q 6 -87.58 -39.96 21.18
N LYS Q 7 -87.19 -38.83 20.57
CA LYS Q 7 -88.01 -37.70 20.15
C LYS Q 7 -89.34 -38.06 19.47
N PHE Q 8 -90.39 -37.48 19.99
CA PHE Q 8 -91.75 -37.94 19.80
C PHE Q 8 -92.48 -36.94 18.93
N MET Q 9 -93.07 -37.43 17.85
CA MET Q 9 -93.84 -36.58 16.96
C MET Q 9 -95.16 -37.27 16.71
N THR Q 10 -96.26 -36.64 17.13
CA THR Q 10 -97.57 -37.18 16.86
C THR Q 10 -98.09 -36.62 15.55
N ASN Q 11 -98.47 -37.53 14.66
CA ASN Q 11 -98.54 -37.25 13.23
C ASN Q 11 -99.99 -37.37 12.80
N ARG Q 12 -100.66 -36.23 12.62
CA ARG Q 12 -102.08 -36.25 12.34
C ARG Q 12 -102.41 -36.51 10.88
N LEU Q 13 -101.39 -36.52 10.00
CA LEU Q 13 -101.64 -36.74 8.57
C LEU Q 13 -101.74 -38.21 8.22
N LEU Q 14 -100.80 -39.02 8.70
CA LEU Q 14 -100.85 -40.45 8.52
C LEU Q 14 -101.42 -41.19 9.73
N GLN Q 15 -102.02 -40.46 10.68
CA GLN Q 15 -102.75 -40.99 11.86
C GLN Q 15 -101.93 -41.91 12.75
N ARG Q 16 -100.78 -41.43 13.23
CA ARG Q 16 -99.91 -42.28 14.04
C ARG Q 16 -99.12 -41.41 15.02
N LYS Q 17 -98.31 -42.06 15.84
CA LYS Q 17 -97.32 -41.38 16.67
C LYS Q 17 -95.94 -41.88 16.30
N GLN Q 18 -94.97 -40.99 16.15
CA GLN Q 18 -93.65 -41.37 15.67
C GLN Q 18 -92.62 -41.14 16.75
N MET Q 19 -91.81 -42.15 17.03
CA MET Q 19 -90.87 -42.06 18.14
C MET Q 19 -89.69 -42.97 17.84
N VAL Q 20 -88.62 -42.80 18.61
CA VAL Q 20 -87.41 -43.60 18.47
C VAL Q 20 -87.23 -44.34 19.79
N ILE Q 21 -87.15 -45.66 19.71
CA ILE Q 21 -87.13 -46.51 20.90
C ILE Q 21 -85.70 -46.61 21.40
N ASP Q 22 -85.51 -46.52 22.71
CA ASP Q 22 -84.27 -46.94 23.35
C ASP Q 22 -84.60 -48.18 24.17
N VAL Q 23 -83.82 -49.23 24.02
CA VAL Q 23 -84.04 -50.45 24.80
C VAL Q 23 -82.79 -50.74 25.58
N LEU Q 24 -82.86 -50.68 26.90
CA LEU Q 24 -81.73 -51.09 27.73
C LEU Q 24 -81.93 -52.53 28.17
N HIS Q 25 -81.00 -53.41 27.83
CA HIS Q 25 -81.10 -54.84 28.18
C HIS Q 25 -79.72 -55.35 28.56
N PRO Q 26 -79.19 -54.91 29.71
CA PRO Q 26 -77.74 -54.99 29.95
C PRO Q 26 -77.19 -56.39 30.26
N GLY Q 27 -78.03 -57.38 30.52
CA GLY Q 27 -77.49 -58.71 30.76
C GLY Q 27 -77.96 -59.76 29.79
N LYS Q 28 -78.72 -59.33 28.79
CA LYS Q 28 -79.51 -60.18 27.93
C LYS Q 28 -78.99 -60.01 26.51
N ALA Q 29 -79.51 -60.82 25.59
CA ALA Q 29 -79.37 -60.67 24.14
C ALA Q 29 -80.29 -59.55 23.65
N THR Q 30 -80.27 -59.28 22.35
CA THR Q 30 -81.24 -58.35 21.77
C THR Q 30 -82.65 -58.90 21.96
N VAL Q 31 -83.50 -58.09 22.59
CA VAL Q 31 -84.85 -58.51 22.96
C VAL Q 31 -85.69 -58.64 21.70
N PRO Q 32 -86.66 -59.56 21.65
CA PRO Q 32 -87.52 -59.64 20.47
C PRO Q 32 -88.44 -58.44 20.38
N LYS Q 33 -88.90 -58.18 19.16
CA LYS Q 33 -89.77 -57.04 18.93
C LYS Q 33 -91.16 -57.23 19.52
N THR Q 34 -91.58 -58.47 19.73
CA THR Q 34 -92.86 -58.74 20.37
C THR Q 34 -92.88 -58.25 21.80
N GLU Q 35 -91.77 -58.42 22.53
CA GLU Q 35 -91.71 -57.94 23.90
C GLU Q 35 -91.66 -56.43 23.97
N ILE Q 36 -91.05 -55.79 22.97
CA ILE Q 36 -91.05 -54.33 22.87
C ILE Q 36 -92.45 -53.80 22.59
N ARG Q 37 -93.21 -54.52 21.75
CA ARG Q 37 -94.58 -54.13 21.46
C ARG Q 37 -95.48 -54.32 22.66
N GLU Q 38 -95.26 -55.37 23.46
CA GLU Q 38 -96.04 -55.56 24.68
C GLU Q 38 -95.73 -54.50 25.73
N LYS Q 39 -94.46 -54.12 25.89
CA LYS Q 39 -94.09 -53.09 26.87
C LYS Q 39 -94.59 -51.71 26.46
N LEU Q 40 -94.50 -51.38 25.18
CA LEU Q 40 -94.97 -50.07 24.74
C LEU Q 40 -96.48 -49.99 24.66
N ALA Q 41 -97.16 -51.09 24.39
CA ALA Q 41 -98.62 -51.10 24.43
C ALA Q 41 -99.13 -51.06 25.86
N LYS Q 42 -98.38 -51.61 26.82
CA LYS Q 42 -98.70 -51.40 28.23
C LYS Q 42 -98.40 -49.98 28.67
N MET Q 43 -97.48 -49.30 27.98
CA MET Q 43 -97.15 -47.92 28.29
C MET Q 43 -98.17 -46.92 27.73
N TYR Q 44 -98.65 -47.12 26.50
CA TYR Q 44 -99.45 -46.10 25.81
C TYR Q 44 -100.94 -46.41 25.75
N LYS Q 45 -101.44 -47.31 26.61
CA LYS Q 45 -102.87 -47.62 26.80
C LYS Q 45 -103.55 -48.15 25.54
N THR Q 46 -102.80 -48.85 24.69
CA THR Q 46 -103.35 -49.35 23.44
C THR Q 46 -103.05 -50.83 23.28
N THR Q 47 -103.64 -51.42 22.25
CA THR Q 47 -103.56 -52.84 21.95
C THR Q 47 -102.26 -53.14 21.22
N PRO Q 48 -101.69 -54.36 21.38
CA PRO Q 48 -100.34 -54.57 20.87
C PRO Q 48 -100.19 -54.88 19.39
N ASP Q 49 -101.24 -55.07 18.60
CA ASP Q 49 -101.01 -55.29 17.17
C ASP Q 49 -101.53 -54.15 16.30
N VAL Q 50 -101.64 -52.95 16.85
CA VAL Q 50 -101.77 -51.73 16.07
C VAL Q 50 -100.49 -50.93 16.08
N ILE Q 51 -99.45 -51.43 16.74
CA ILE Q 51 -98.17 -50.77 16.89
C ILE Q 51 -97.11 -51.57 16.13
N PHE Q 52 -96.27 -50.86 15.37
CA PHE Q 52 -95.32 -51.50 14.48
C PHE Q 52 -93.92 -50.91 14.70
N VAL Q 53 -92.94 -51.79 14.93
CA VAL Q 53 -91.56 -51.42 15.18
C VAL Q 53 -90.69 -52.04 14.09
N PHE Q 54 -89.51 -51.45 13.88
CA PHE Q 54 -88.56 -51.92 12.88
C PHE Q 54 -87.18 -51.36 13.19
N GLY Q 55 -86.18 -51.98 12.58
CA GLY Q 55 -84.84 -51.41 12.45
C GLY Q 55 -83.99 -51.30 13.71
N PHE Q 56 -83.99 -52.33 14.55
CA PHE Q 56 -83.32 -52.27 15.84
C PHE Q 56 -81.87 -52.68 15.71
N ARG Q 57 -80.96 -51.79 16.08
CA ARG Q 57 -79.53 -52.05 15.99
C ARG Q 57 -78.95 -52.08 17.38
N THR Q 58 -78.33 -53.18 17.75
CA THR Q 58 -77.72 -53.27 19.06
C THR Q 58 -76.36 -52.58 18.99
N HIS Q 59 -76.10 -51.72 19.97
CA HIS Q 59 -74.87 -50.96 19.97
C HIS Q 59 -73.70 -51.83 20.40
N PHE Q 60 -72.50 -51.34 20.16
CA PHE Q 60 -71.32 -52.11 20.50
C PHE Q 60 -71.06 -52.06 21.99
N GLY Q 61 -70.90 -53.23 22.59
CA GLY Q 61 -70.48 -53.37 23.96
C GLY Q 61 -71.46 -54.03 24.87
N GLY Q 62 -72.63 -54.39 24.38
CA GLY Q 62 -73.64 -55.01 25.21
C GLY Q 62 -74.66 -54.06 25.77
N GLY Q 63 -74.68 -52.84 25.28
CA GLY Q 63 -75.48 -51.80 25.88
C GLY Q 63 -76.87 -51.72 25.29
N LYS Q 64 -77.29 -50.50 25.06
CA LYS Q 64 -78.63 -50.22 24.59
C LYS Q 64 -78.79 -50.61 23.13
N THR Q 65 -80.05 -50.72 22.73
CA THR Q 65 -80.47 -50.98 21.36
C THR Q 65 -81.44 -49.86 20.97
N THR Q 66 -81.29 -49.33 19.76
CA THR Q 66 -82.05 -48.14 19.41
C THR Q 66 -82.64 -48.29 18.02
N GLY Q 67 -83.96 -48.14 17.91
CA GLY Q 67 -84.65 -48.24 16.64
C GLY Q 67 -85.90 -47.38 16.56
N PHE Q 68 -86.76 -47.63 15.59
CA PHE Q 68 -87.97 -46.86 15.40
C PHE Q 68 -89.20 -47.67 15.74
N GLY Q 69 -90.27 -46.97 16.12
CA GLY Q 69 -91.56 -47.59 16.34
C GLY Q 69 -92.70 -46.61 16.16
N MET Q 70 -93.82 -47.06 15.59
CA MET Q 70 -94.95 -46.19 15.33
C MET Q 70 -96.26 -46.87 15.71
N ILE Q 71 -97.14 -46.06 16.32
CA ILE Q 71 -98.33 -46.53 17.02
C ILE Q 71 -99.54 -45.97 16.31
N TYR Q 72 -100.34 -46.83 15.71
CA TYR Q 72 -101.40 -46.34 14.85
C TYR Q 72 -102.68 -46.14 15.63
N ASP Q 73 -103.63 -45.48 14.98
CA ASP Q 73 -104.89 -45.22 15.63
C ASP Q 73 -105.76 -46.47 15.64
N SER Q 74 -105.93 -47.11 14.50
CA SER Q 74 -106.66 -48.36 14.44
C SER Q 74 -106.01 -49.28 13.43
N LEU Q 75 -106.50 -50.51 13.38
CA LEU Q 75 -105.94 -51.49 12.46
C LEU Q 75 -106.32 -51.21 11.01
N ASP Q 76 -107.40 -50.47 10.76
CA ASP Q 76 -107.76 -50.18 9.38
C ASP Q 76 -106.91 -49.08 8.80
N TYR Q 77 -106.52 -48.09 9.60
CA TYR Q 77 -105.50 -47.15 9.17
C TYR Q 77 -104.14 -47.82 9.02
N ALA Q 78 -103.88 -48.87 9.79
CA ALA Q 78 -102.68 -49.66 9.58
C ALA Q 78 -102.75 -50.44 8.28
N LYS Q 79 -103.92 -50.94 7.91
CA LYS Q 79 -104.01 -51.64 6.64
C LYS Q 79 -104.06 -50.71 5.46
N LYS Q 80 -104.31 -49.42 5.68
CA LYS Q 80 -104.15 -48.49 4.57
C LYS Q 80 -102.71 -47.98 4.42
N ASN Q 81 -102.04 -47.62 5.53
CA ASN Q 81 -100.84 -46.80 5.44
C ASN Q 81 -99.52 -47.55 5.63
N GLU Q 82 -99.52 -48.70 6.25
CA GLU Q 82 -98.26 -49.38 6.53
C GLU Q 82 -97.75 -50.15 5.33
N PRO Q 83 -96.43 -50.30 5.20
CA PRO Q 83 -95.89 -51.05 4.07
C PRO Q 83 -96.16 -52.53 4.20
N LYS Q 84 -96.33 -53.17 3.03
CA LYS Q 84 -96.88 -54.51 2.96
C LYS Q 84 -95.90 -55.56 3.46
N HIS Q 85 -94.60 -55.26 3.41
CA HIS Q 85 -93.65 -56.14 4.06
C HIS Q 85 -93.75 -56.02 5.59
N ARG Q 86 -94.12 -54.85 6.09
CA ARG Q 86 -94.23 -54.72 7.53
C ARG Q 86 -95.54 -55.26 8.06
N LEU Q 87 -96.59 -55.29 7.24
CA LEU Q 87 -97.77 -56.03 7.64
C LEU Q 87 -97.56 -57.52 7.49
N ALA Q 88 -96.77 -57.94 6.50
CA ALA Q 88 -96.50 -59.36 6.30
C ALA Q 88 -95.56 -59.93 7.34
N ARG Q 89 -94.83 -59.09 8.06
CA ARG Q 89 -94.13 -59.56 9.25
C ARG Q 89 -95.07 -59.94 10.39
N HIS Q 90 -96.34 -59.52 10.33
CA HIS Q 90 -97.30 -59.79 11.39
C HIS Q 90 -98.29 -60.87 11.04
N GLY Q 91 -98.19 -61.49 9.87
CA GLY Q 91 -99.18 -62.45 9.49
C GLY Q 91 -100.48 -61.87 8.99
N LEU Q 92 -100.54 -60.56 8.75
CA LEU Q 92 -101.75 -59.95 8.23
C LEU Q 92 -101.80 -59.94 6.71
N TYR Q 93 -100.82 -60.55 6.04
CA TYR Q 93 -100.60 -60.32 4.62
C TYR Q 93 -99.65 -61.37 4.12
N GLU Q 94 -99.79 -61.73 2.84
CA GLU Q 94 -98.88 -62.68 2.22
C GLU Q 94 -98.87 -62.44 0.73
N LYS Q 95 -97.71 -62.58 0.11
CA LYS Q 95 -97.51 -62.28 -1.29
C LYS Q 95 -97.47 -63.56 -2.11
N LYS Q 96 -97.88 -63.46 -3.38
CA LYS Q 96 -97.94 -64.62 -4.25
C LYS Q 96 -96.61 -64.77 -4.95
N LYS Q 97 -95.95 -65.90 -4.73
CA LYS Q 97 -94.59 -66.12 -5.20
C LYS Q 97 -94.61 -66.71 -6.60
N THR Q 98 -94.14 -65.92 -7.56
CA THR Q 98 -93.62 -66.39 -8.84
C THR Q 98 -92.09 -66.21 -9.09
N SER Q 99 -91.35 -65.24 -8.54
CA SER Q 99 -91.74 -63.85 -8.26
C SER Q 99 -91.35 -62.89 -9.35
N ARG Q 100 -90.12 -62.93 -9.89
CA ARG Q 100 -89.75 -61.94 -10.90
C ARG Q 100 -89.33 -62.51 -12.24
N LYS Q 101 -88.84 -63.73 -12.32
CA LYS Q 101 -88.30 -64.17 -13.59
C LYS Q 101 -89.31 -64.93 -14.42
N GLN Q 102 -90.20 -65.68 -13.76
CA GLN Q 102 -91.30 -66.30 -14.48
C GLN Q 102 -92.33 -65.29 -14.92
N ARG Q 103 -92.48 -64.19 -14.17
CA ARG Q 103 -93.33 -63.08 -14.63
C ARG Q 103 -92.76 -62.41 -15.87
N LYS Q 104 -91.45 -62.26 -15.92
CA LYS Q 104 -90.83 -61.62 -17.08
C LYS Q 104 -90.89 -62.50 -18.31
N GLU Q 105 -90.76 -63.82 -18.13
CA GLU Q 105 -90.88 -64.71 -19.28
C GLU Q 105 -92.32 -64.82 -19.74
N ARG Q 106 -93.27 -64.70 -18.82
CA ARG Q 106 -94.67 -64.68 -19.22
C ARG Q 106 -95.05 -63.34 -19.84
N LYS Q 107 -94.32 -62.28 -19.53
CA LYS Q 107 -94.56 -60.99 -20.16
C LYS Q 107 -94.01 -60.94 -21.57
N ASN Q 108 -92.83 -61.51 -21.79
CA ASN Q 108 -92.27 -61.55 -23.15
C ASN Q 108 -92.85 -62.65 -24.01
N ARG Q 109 -93.57 -63.62 -23.44
CA ARG Q 109 -94.27 -64.58 -24.27
C ARG Q 109 -95.69 -64.17 -24.59
N MET Q 110 -96.35 -63.37 -23.74
CA MET Q 110 -97.66 -62.84 -24.08
C MET Q 110 -97.61 -61.69 -25.09
N LYS Q 111 -96.44 -61.25 -25.50
CA LYS Q 111 -96.36 -60.32 -26.61
C LYS Q 111 -96.39 -61.03 -27.96
N LYS Q 112 -96.16 -62.33 -28.01
CA LYS Q 112 -96.11 -62.99 -29.31
C LYS Q 112 -97.48 -63.30 -29.89
N VAL Q 113 -98.56 -63.20 -29.10
CA VAL Q 113 -99.88 -63.58 -29.56
C VAL Q 113 -100.81 -62.38 -29.47
N ARG Q 114 -102.00 -62.53 -30.03
CA ARG Q 114 -103.01 -61.48 -30.10
C ARG Q 114 -104.38 -62.08 -29.88
N GLY Q 115 -105.30 -61.28 -29.33
CA GLY Q 115 -106.67 -61.71 -29.20
C GLY Q 115 -107.02 -62.26 -27.83
N THR Q 116 -107.80 -63.33 -27.77
CA THR Q 116 -108.10 -63.99 -26.51
C THR Q 116 -107.02 -64.99 -26.15
N ALA Q 117 -106.05 -65.18 -27.04
CA ALA Q 117 -105.03 -66.20 -26.86
C ALA Q 117 -104.01 -65.85 -25.80
N LYS Q 118 -103.93 -64.57 -25.41
CA LYS Q 118 -103.03 -64.13 -24.35
C LYS Q 118 -103.36 -64.76 -23.01
N ALA Q 119 -104.64 -65.08 -22.78
CA ALA Q 119 -105.01 -65.78 -21.55
C ALA Q 119 -104.59 -67.24 -21.60
N ASN Q 120 -104.79 -67.90 -22.73
CA ASN Q 120 -104.46 -69.32 -22.88
C ASN Q 120 -103.11 -69.54 -23.57
N VAL Q 121 -102.23 -68.54 -23.51
CA VAL Q 121 -100.79 -68.74 -23.65
C VAL Q 121 -100.19 -68.27 -22.33
N GLY Q 122 -99.60 -69.19 -21.59
CA GLY Q 122 -99.16 -68.91 -20.24
C GLY Q 122 -97.81 -68.24 -20.15
N PRO R 1 -6.38 6.73 -0.24
CA PRO R 1 -7.77 7.09 -0.48
C PRO R 1 -8.69 6.49 0.57
N LEU R 2 -9.90 6.13 0.13
CA LEU R 2 -10.95 5.38 0.83
C LEU R 2 -11.57 6.13 2.02
N ALA R 3 -11.22 7.39 2.21
CA ALA R 3 -12.02 8.32 2.99
C ALA R 3 -12.35 9.54 2.15
N LYS R 4 -12.20 9.41 0.84
CA LYS R 4 -11.97 10.56 -0.01
C LYS R 4 -13.27 11.30 -0.23
N ASP R 5 -13.19 12.63 -0.20
CA ASP R 5 -14.35 13.50 -0.39
C ASP R 5 -14.59 13.73 -1.86
N LEU R 6 -15.79 13.41 -2.32
CA LEU R 6 -16.21 13.67 -3.67
C LEU R 6 -17.03 14.94 -3.81
N LEU R 7 -17.49 15.51 -2.71
CA LEU R 7 -18.31 16.70 -2.74
C LEU R 7 -17.50 17.99 -2.70
N HIS R 8 -16.29 17.94 -2.15
CA HIS R 8 -15.37 19.08 -2.13
C HIS R 8 -14.08 18.72 -2.85
N PRO R 9 -14.05 18.80 -4.17
CA PRO R 9 -12.80 18.51 -4.88
C PRO R 9 -11.92 19.73 -4.99
N SER R 10 -10.61 19.50 -4.89
CA SER R 10 -9.66 20.59 -4.97
C SER R 10 -9.52 21.06 -6.42
N PRO R 11 -9.16 22.33 -6.65
CA PRO R 11 -9.05 22.82 -8.03
C PRO R 11 -7.86 22.28 -8.81
N GLU R 12 -6.85 21.73 -8.14
CA GLU R 12 -5.79 21.01 -8.84
C GLU R 12 -6.36 19.77 -9.52
N GLU R 13 -7.17 19.04 -8.80
CA GLU R 13 -7.88 17.89 -9.34
C GLU R 13 -9.22 18.26 -9.97
N GLU R 14 -9.53 19.53 -10.15
CA GLU R 14 -10.63 19.89 -11.02
C GLU R 14 -10.18 20.52 -12.32
N LYS R 15 -8.94 20.97 -12.43
CA LYS R 15 -8.39 21.29 -13.74
C LYS R 15 -7.63 20.10 -14.31
N ARG R 16 -7.41 19.06 -13.51
CA ARG R 16 -6.77 17.85 -14.00
C ARG R 16 -7.67 17.06 -14.92
N LYS R 17 -8.93 16.88 -14.53
CA LYS R 17 -9.81 15.90 -15.13
C LYS R 17 -10.26 16.31 -16.52
N HIS R 18 -10.81 15.34 -17.23
CA HIS R 18 -11.45 15.58 -18.51
C HIS R 18 -12.69 16.42 -18.28
N LYS R 19 -13.08 17.20 -19.28
CA LYS R 19 -14.14 18.19 -19.11
C LYS R 19 -15.50 17.57 -18.92
N LYS R 20 -15.70 16.30 -19.24
CA LYS R 20 -16.93 15.60 -18.97
C LYS R 20 -16.93 14.88 -17.64
N LYS R 21 -15.79 14.74 -16.99
CA LYS R 21 -15.67 13.89 -15.81
C LYS R 21 -15.59 14.68 -14.53
N ARG R 22 -15.93 15.96 -14.55
CA ARG R 22 -15.99 16.76 -13.34
C ARG R 22 -17.34 16.56 -12.66
N LEU R 23 -17.55 17.20 -11.50
CA LEU R 23 -18.88 17.23 -10.89
C LEU R 23 -19.86 17.97 -11.78
N VAL R 24 -19.56 19.22 -12.09
CA VAL R 24 -20.28 19.96 -13.11
C VAL R 24 -19.32 20.10 -14.27
N GLN R 25 -19.73 19.63 -15.44
CA GLN R 25 -18.92 19.75 -16.63
C GLN R 25 -18.83 21.21 -17.06
N SER R 26 -17.65 21.60 -17.54
CA SER R 26 -17.45 22.97 -17.86
C SER R 26 -16.40 23.00 -18.94
N PRO R 27 -16.56 23.79 -20.00
CA PRO R 27 -15.68 23.66 -21.15
C PRO R 27 -14.32 24.32 -20.94
N ASN R 28 -13.33 23.77 -21.63
CA ASN R 28 -11.96 24.21 -21.52
C ASN R 28 -11.59 25.19 -22.60
N SER R 29 -12.57 25.85 -23.19
CA SER R 29 -12.33 26.93 -24.10
C SER R 29 -12.71 28.23 -23.42
N TYR R 30 -12.36 29.33 -24.08
CA TYR R 30 -12.48 30.64 -23.49
C TYR R 30 -12.58 31.63 -24.63
N PHE R 31 -13.05 32.82 -24.35
CA PHE R 31 -13.26 33.79 -25.41
C PHE R 31 -12.20 34.87 -25.30
N MET R 32 -11.53 35.14 -26.40
CA MET R 32 -10.48 36.14 -26.45
C MET R 32 -10.97 37.33 -27.22
N ASP R 33 -10.23 38.42 -27.10
CA ASP R 33 -10.30 39.48 -28.09
C ASP R 33 -8.90 39.71 -28.64
N VAL R 34 -8.78 39.67 -29.95
CA VAL R 34 -7.52 39.88 -30.61
C VAL R 34 -7.44 41.32 -31.05
N LYS R 35 -6.38 42.01 -30.66
CA LYS R 35 -6.12 43.36 -31.09
C LYS R 35 -5.08 43.32 -32.20
N CYS R 36 -5.43 43.88 -33.34
CA CYS R 36 -4.46 43.97 -34.42
C CYS R 36 -3.63 45.24 -34.21
N PRO R 37 -2.31 45.20 -34.40
CA PRO R 37 -1.47 46.29 -33.90
C PRO R 37 -1.44 47.54 -34.77
N GLY R 38 -2.04 47.51 -35.95
CA GLY R 38 -2.06 48.66 -36.83
C GLY R 38 -3.45 49.14 -37.15
N CYS R 39 -4.44 48.65 -36.40
CA CYS R 39 -5.84 49.06 -36.55
C CYS R 39 -6.45 49.17 -35.16
N TYR R 40 -7.70 49.65 -35.12
CA TYR R 40 -8.37 49.85 -33.84
C TYR R 40 -9.68 49.10 -33.72
N LYS R 41 -9.84 47.98 -34.42
CA LYS R 41 -10.90 47.04 -34.09
C LYS R 41 -10.37 46.04 -33.08
N ILE R 42 -10.94 46.06 -31.88
CA ILE R 42 -10.88 44.92 -30.98
C ILE R 42 -11.79 43.84 -31.56
N THR R 43 -11.24 42.67 -31.84
CA THR R 43 -11.98 41.65 -32.56
C THR R 43 -12.08 40.41 -31.71
N THR R 44 -13.28 39.86 -31.60
CA THR R 44 -13.57 38.78 -30.66
C THR R 44 -13.41 37.43 -31.34
N VAL R 45 -12.53 36.60 -30.82
CA VAL R 45 -12.25 35.30 -31.39
C VAL R 45 -12.55 34.25 -30.32
N PHE R 46 -12.85 33.05 -30.76
CA PHE R 46 -12.89 31.87 -29.92
C PHE R 46 -11.46 31.43 -29.66
N SER R 47 -11.27 30.62 -28.62
CA SER R 47 -9.92 30.08 -28.44
C SER R 47 -9.66 28.99 -29.46
N HIS R 48 -10.66 28.16 -29.71
CA HIS R 48 -10.56 26.92 -30.48
C HIS R 48 -11.24 27.04 -31.84
N ALA R 49 -11.25 28.24 -32.40
CA ALA R 49 -12.04 28.57 -33.58
C ALA R 49 -11.60 27.77 -34.80
N GLN R 50 -12.55 27.56 -35.71
CA GLN R 50 -12.31 26.71 -36.85
C GLN R 50 -12.29 27.43 -38.18
N THR R 51 -12.75 28.68 -38.24
CA THR R 51 -12.58 29.50 -39.43
C THR R 51 -11.44 30.47 -39.24
N VAL R 52 -10.94 30.97 -40.35
CA VAL R 52 -9.98 32.07 -40.34
C VAL R 52 -10.73 33.35 -40.01
N VAL R 53 -10.51 33.89 -38.83
CA VAL R 53 -11.25 35.05 -38.37
C VAL R 53 -10.67 36.28 -39.04
N LEU R 54 -11.45 36.91 -39.91
CA LEU R 54 -11.00 38.06 -40.67
C LEU R 54 -11.37 39.33 -39.95
N CYS R 55 -10.40 40.20 -39.78
CA CYS R 55 -10.69 41.51 -39.23
C CYS R 55 -11.16 42.40 -40.37
N VAL R 56 -11.75 43.55 -40.01
CA VAL R 56 -12.36 44.43 -40.99
C VAL R 56 -11.53 45.67 -41.28
N GLY R 57 -10.56 46.00 -40.44
CA GLY R 57 -9.53 46.96 -40.79
C GLY R 57 -8.27 46.22 -41.20
N CYS R 58 -7.79 46.56 -42.40
CA CYS R 58 -6.66 46.02 -43.16
C CYS R 58 -6.82 44.56 -43.55
N SER R 59 -8.02 43.97 -43.36
CA SER R 59 -8.49 42.64 -43.74
C SER R 59 -7.51 41.51 -43.48
N THR R 60 -6.80 41.56 -42.35
CA THR R 60 -5.82 40.52 -42.11
C THR R 60 -6.48 39.35 -41.40
N VAL R 61 -5.75 38.26 -41.34
CA VAL R 61 -6.16 37.09 -40.60
C VAL R 61 -5.64 37.22 -39.17
N LEU R 62 -6.49 36.94 -38.20
CA LEU R 62 -5.96 36.89 -36.84
C LEU R 62 -5.52 35.51 -36.41
N CYS R 63 -6.24 34.48 -36.82
CA CYS R 63 -6.01 33.17 -36.23
C CYS R 63 -6.08 32.09 -37.29
N GLN R 64 -5.44 30.98 -36.99
CA GLN R 64 -5.29 29.88 -37.91
C GLN R 64 -5.97 28.66 -37.34
N PRO R 65 -6.81 27.97 -38.10
CA PRO R 65 -7.45 26.76 -37.57
C PRO R 65 -6.47 25.59 -37.54
N THR R 66 -6.32 25.02 -36.36
CA THR R 66 -5.52 23.82 -36.13
C THR R 66 -6.38 22.87 -35.33
N GLY R 67 -5.85 21.68 -35.04
CA GLY R 67 -6.63 20.67 -34.35
C GLY R 67 -6.96 21.04 -32.92
N GLY R 68 -6.10 21.78 -32.27
CA GLY R 68 -6.38 22.25 -30.94
C GLY R 68 -6.79 23.69 -30.95
N LYS R 69 -6.21 24.44 -30.03
CA LYS R 69 -6.30 25.89 -29.99
C LYS R 69 -5.87 26.52 -31.32
N ALA R 70 -6.52 27.62 -31.65
CA ALA R 70 -6.17 28.37 -32.85
C ALA R 70 -4.93 29.18 -32.58
N ARG R 71 -3.92 28.99 -33.42
CA ARG R 71 -2.67 29.73 -33.27
C ARG R 71 -2.87 31.11 -33.83
N LEU R 72 -2.79 32.12 -32.97
CA LEU R 72 -2.96 33.49 -33.42
C LEU R 72 -1.73 33.92 -34.21
N THR R 73 -1.94 34.87 -35.14
CA THR R 73 -0.84 35.39 -35.95
C THR R 73 0.13 36.18 -35.10
N GLU R 74 1.42 36.00 -35.36
CA GLU R 74 2.43 36.42 -34.39
C GLU R 74 2.64 37.92 -34.45
N GLY R 75 2.56 38.54 -33.28
CA GLY R 75 2.66 39.98 -33.16
C GLY R 75 1.37 40.70 -32.89
N CYS R 76 0.23 40.02 -32.87
CA CYS R 76 -0.98 40.64 -32.38
C CYS R 76 -1.01 40.55 -30.86
N SER R 77 -2.04 41.13 -30.27
CA SER R 77 -2.16 41.11 -28.83
C SER R 77 -3.54 40.61 -28.42
N PHE R 78 -3.57 39.75 -27.41
CA PHE R 78 -4.82 39.16 -26.97
C PHE R 78 -4.95 39.20 -25.46
N ARG R 79 -6.18 39.14 -24.99
CA ARG R 79 -6.46 38.83 -23.60
C ARG R 79 -7.75 38.04 -23.54
N ARG R 80 -7.94 37.30 -22.47
CA ARG R 80 -9.16 36.54 -22.28
C ARG R 80 -10.25 37.46 -21.78
N LYS R 81 -11.45 37.33 -22.34
CA LYS R 81 -12.57 38.08 -21.80
C LYS R 81 -13.17 37.36 -20.60
N GLN R 82 -13.89 38.13 -19.77
CA GLN R 82 -14.53 37.77 -18.47
C GLN R 82 -13.55 37.30 -17.40
N ALA S 1 -25.58 -82.69 -15.96
CA ALA S 1 -24.28 -82.76 -16.62
C ALA S 1 -23.52 -81.46 -16.48
N ARG S 2 -23.73 -80.52 -17.42
CA ARG S 2 -23.05 -79.24 -17.35
C ARG S 2 -23.91 -78.10 -16.83
N ALA S 3 -25.22 -78.11 -17.06
CA ALA S 3 -26.09 -77.04 -16.59
C ALA S 3 -26.82 -77.50 -15.34
N GLY S 4 -26.68 -76.76 -14.26
CA GLY S 4 -27.34 -77.12 -13.03
C GLY S 4 -26.55 -78.05 -12.16
N LYS S 5 -25.22 -77.97 -12.22
CA LYS S 5 -24.36 -78.99 -11.62
C LYS S 5 -24.32 -78.89 -10.10
N VAL S 6 -24.22 -77.68 -9.54
CA VAL S 6 -23.89 -77.59 -8.12
C VAL S 6 -25.13 -77.76 -7.25
N ARG S 7 -26.31 -77.42 -7.75
CA ARG S 7 -27.54 -77.81 -7.08
C ARG S 7 -27.80 -79.24 -7.54
N GLY S 8 -27.65 -80.19 -6.63
CA GLY S 8 -27.57 -81.60 -6.97
C GLY S 8 -26.30 -82.29 -6.52
N GLN S 9 -25.24 -81.56 -6.19
CA GLN S 9 -24.13 -82.19 -5.50
C GLN S 9 -23.82 -81.50 -4.18
N THR S 10 -24.69 -80.70 -3.71
CA THR S 10 -24.60 -80.23 -2.33
C THR S 10 -25.12 -81.35 -1.43
N PRO S 11 -24.55 -81.53 -0.24
CA PRO S 11 -25.16 -82.46 0.74
C PRO S 11 -26.51 -81.94 1.20
N LYS S 12 -27.52 -82.80 1.16
CA LYS S 12 -28.84 -82.41 1.62
C LYS S 12 -28.78 -82.39 3.14
N VAL S 13 -28.88 -81.21 3.75
CA VAL S 13 -28.81 -81.06 5.19
C VAL S 13 -30.19 -80.63 5.70
N ALA S 14 -30.68 -81.32 6.73
CA ALA S 14 -32.01 -81.09 7.24
C ALA S 14 -32.03 -79.91 8.21
N LYS S 15 -33.21 -79.33 8.38
CA LYS S 15 -33.43 -78.21 9.29
C LYS S 15 -33.54 -78.71 10.73
N GLN S 16 -32.98 -77.93 11.66
CA GLN S 16 -33.08 -78.33 13.06
C GLN S 16 -34.46 -78.00 13.60
N GLU S 17 -34.85 -78.75 14.63
CA GLU S 17 -36.16 -78.62 15.25
C GLU S 17 -36.10 -77.62 16.38
N LYS S 18 -37.01 -76.66 16.36
CA LYS S 18 -36.96 -75.53 17.27
C LYS S 18 -38.36 -74.99 17.44
N LYS S 19 -38.56 -74.25 18.51
CA LYS S 19 -39.84 -73.62 18.72
C LYS S 19 -40.01 -72.43 17.77
N LYS S 20 -41.24 -71.97 17.65
CA LYS S 20 -41.53 -70.84 16.79
C LYS S 20 -41.02 -69.57 17.42
N LYS S 21 -40.61 -68.63 16.59
CA LYS S 21 -40.22 -67.35 17.10
C LYS S 21 -41.47 -66.58 17.48
N LYS S 22 -41.35 -65.73 18.50
CA LYS S 22 -42.47 -64.89 18.88
C LYS S 22 -42.68 -63.82 17.82
N THR S 23 -43.94 -63.51 17.56
CA THR S 23 -44.27 -62.56 16.52
C THR S 23 -45.13 -61.44 17.05
N GLY S 24 -45.26 -60.40 16.25
CA GLY S 24 -46.21 -59.32 16.54
C GLY S 24 -45.59 -58.30 17.46
N ARG S 25 -46.32 -57.98 18.53
CA ARG S 25 -45.82 -57.06 19.54
C ARG S 25 -44.72 -57.70 20.38
N ALA S 26 -44.76 -59.01 20.56
CA ALA S 26 -43.81 -59.68 21.45
C ALA S 26 -42.41 -59.71 20.87
N LYS S 27 -42.29 -59.74 19.53
CA LYS S 27 -40.98 -59.64 18.88
C LYS S 27 -40.36 -58.28 19.10
N ARG S 28 -41.17 -57.22 18.99
CA ARG S 28 -40.71 -55.86 19.23
C ARG S 28 -40.36 -55.63 20.68
N ARG S 29 -41.08 -56.30 21.57
CA ARG S 29 -40.78 -56.28 23.00
C ARG S 29 -39.44 -56.94 23.29
N MET S 30 -39.16 -58.07 22.66
CA MET S 30 -37.90 -58.73 22.99
C MET S 30 -36.71 -58.07 22.33
N GLN S 31 -36.91 -57.37 21.21
CA GLN S 31 -35.80 -56.61 20.64
C GLN S 31 -35.52 -55.34 21.44
N TYR S 32 -36.56 -54.70 21.98
CA TYR S 32 -36.34 -53.60 22.91
C TYR S 32 -35.68 -54.07 24.19
N ASN S 33 -35.98 -55.30 24.62
CA ASN S 33 -35.29 -55.83 25.79
C ASN S 33 -33.87 -56.24 25.45
N ARG S 34 -33.58 -56.52 24.19
CA ARG S 34 -32.21 -56.84 23.84
C ARG S 34 -31.33 -55.60 23.77
N ARG S 35 -31.84 -54.50 23.23
CA ARG S 35 -30.91 -53.43 22.85
C ARG S 35 -30.77 -52.32 23.87
N PHE S 36 -31.81 -52.00 24.65
CA PHE S 36 -31.79 -50.78 25.43
C PHE S 36 -31.88 -50.94 26.93
N VAL S 37 -32.38 -52.07 27.44
CA VAL S 37 -32.33 -52.33 28.87
C VAL S 37 -31.14 -53.20 29.28
N ASN S 38 -30.38 -53.73 28.33
CA ASN S 38 -29.25 -54.60 28.65
C ASN S 38 -27.95 -54.03 28.12
N VAL S 39 -26.86 -54.66 28.54
CA VAL S 39 -25.53 -54.35 28.04
C VAL S 39 -25.44 -54.78 26.57
N GLY S 40 -21.62 -55.61 17.18
CA GLY S 40 -22.72 -56.02 16.33
C GLY S 40 -23.57 -57.02 17.04
N PRO S 41 -24.76 -57.30 16.50
CA PRO S 41 -25.66 -58.25 17.16
C PRO S 41 -25.36 -59.70 16.82
N ASN S 42 -24.51 -59.95 15.83
CA ASN S 42 -24.21 -61.30 15.39
C ASN S 42 -22.74 -61.62 15.58
N ALA S 43 -22.10 -60.97 16.55
CA ALA S 43 -20.75 -61.33 16.92
C ALA S 43 -20.75 -62.74 17.53
N ASN S 44 -19.91 -63.59 16.97
CA ASN S 44 -19.97 -65.03 17.22
C ASN S 44 -19.39 -65.39 18.57
N GLY U 1 39.31 -36.11 2.96
CA GLY U 1 38.57 -34.95 3.43
C GLY U 1 38.42 -34.93 4.93
N ARG U 2 38.66 -33.77 5.53
CA ARG U 2 38.78 -33.68 6.98
C ARG U 2 37.68 -32.81 7.58
N VAL U 3 36.53 -32.73 6.90
CA VAL U 3 35.41 -31.91 7.34
C VAL U 3 34.80 -32.49 8.60
N ARG U 4 34.54 -31.63 9.57
CA ARG U 4 33.95 -32.02 10.83
C ARG U 4 32.44 -32.16 10.68
N THR U 5 31.89 -33.28 11.16
CA THR U 5 30.46 -33.57 11.06
C THR U 5 29.66 -32.85 12.14
N LYS U 6 28.35 -33.08 12.12
CA LYS U 6 27.38 -32.35 12.94
C LYS U 6 27.66 -32.42 14.43
N THR U 7 28.07 -33.59 14.93
CA THR U 7 28.23 -33.73 16.38
C THR U 7 29.49 -33.02 16.86
N VAL U 8 30.58 -33.12 16.12
CA VAL U 8 31.81 -32.44 16.55
C VAL U 8 31.81 -30.95 16.28
N LYS U 9 30.81 -30.38 15.63
CA LYS U 9 30.73 -28.92 15.62
C LYS U 9 29.40 -28.35 16.11
N LYS U 10 28.45 -29.19 16.53
CA LYS U 10 27.37 -28.72 17.38
C LYS U 10 27.66 -28.94 18.85
N ALA U 11 28.21 -30.11 19.19
CA ALA U 11 28.59 -30.40 20.55
C ALA U 11 29.70 -29.50 21.03
N ALA U 12 30.62 -29.12 20.14
CA ALA U 12 31.66 -28.18 20.52
C ALA U 12 31.11 -26.79 20.78
N ARG U 13 30.06 -26.40 20.06
CA ARG U 13 29.47 -25.09 20.30
C ARG U 13 28.62 -25.08 21.57
N VAL U 14 27.89 -26.17 21.86
CA VAL U 14 27.15 -26.21 23.12
C VAL U 14 28.11 -26.41 24.31
N ILE U 15 29.31 -26.94 24.06
CA ILE U 15 30.38 -26.87 25.05
C ILE U 15 30.90 -25.43 25.18
N ILE U 16 30.85 -24.63 24.12
CA ILE U 16 31.43 -23.29 24.26
C ILE U 16 30.44 -22.28 24.87
N GLU U 17 29.11 -22.52 24.82
CA GLU U 17 28.15 -21.51 25.32
C GLU U 17 28.21 -21.33 26.84
N LYS U 18 28.05 -22.42 27.59
CA LYS U 18 28.51 -22.55 28.96
C LYS U 18 30.02 -22.78 28.96
N TYR U 19 30.64 -22.82 30.15
CA TYR U 19 32.06 -23.20 30.35
C TYR U 19 33.06 -22.37 29.56
N TYR U 20 32.73 -21.11 29.25
CA TYR U 20 33.66 -20.26 28.51
C TYR U 20 34.79 -19.78 29.42
N THR U 21 34.53 -19.75 30.73
CA THR U 21 35.55 -19.36 31.69
C THR U 21 36.65 -20.40 31.85
N ARG U 22 36.45 -21.63 31.37
CA ARG U 22 37.51 -22.61 31.44
C ARG U 22 38.29 -22.74 30.14
N LEU U 23 37.71 -22.41 29.00
CA LEU U 23 38.37 -22.69 27.73
C LEU U 23 39.40 -21.64 27.37
N GLY U 24 40.26 -22.01 26.42
CA GLY U 24 41.36 -21.17 26.01
C GLY U 24 41.77 -21.42 24.58
N ASN U 25 43.00 -21.03 24.24
CA ASN U 25 43.52 -21.05 22.88
C ASN U 25 44.44 -22.23 22.60
N ASP U 26 44.90 -22.92 23.64
CA ASP U 26 45.80 -24.05 23.47
C ASP U 26 44.99 -25.32 23.41
N PHE U 27 45.37 -26.24 22.52
CA PHE U 27 44.59 -27.45 22.31
C PHE U 27 44.73 -28.42 23.47
N HIS U 28 45.92 -28.52 24.04
CA HIS U 28 46.17 -29.53 25.06
C HIS U 28 45.56 -29.17 26.39
N THR U 29 45.23 -27.90 26.61
CA THR U 29 44.48 -27.62 27.82
C THR U 29 43.02 -28.00 27.63
N ASN U 30 42.42 -27.67 26.47
CA ASN U 30 41.00 -27.89 26.24
C ASN U 30 40.68 -29.37 26.11
N LYS U 31 41.63 -30.15 25.59
CA LYS U 31 41.52 -31.61 25.53
C LYS U 31 41.41 -32.21 26.91
N ARG U 32 42.15 -31.66 27.86
CA ARG U 32 42.02 -32.09 29.23
C ARG U 32 40.83 -31.47 29.91
N VAL U 33 40.32 -30.34 29.41
CA VAL U 33 39.12 -29.74 29.97
C VAL U 33 37.91 -30.61 29.68
N CYS U 34 37.88 -31.25 28.50
CA CYS U 34 36.63 -31.80 27.97
C CYS U 34 36.09 -33.03 28.71
N GLU U 35 36.84 -33.66 29.62
CA GLU U 35 36.29 -34.79 30.36
C GLU U 35 35.68 -34.43 31.70
N GLU U 36 36.00 -33.27 32.28
CA GLU U 36 35.28 -32.80 33.45
C GLU U 36 33.94 -32.21 33.06
N ILE U 37 33.85 -31.66 31.85
CA ILE U 37 32.71 -30.87 31.46
C ILE U 37 31.70 -31.66 30.63
N ALA U 38 31.97 -32.92 30.33
CA ALA U 38 31.08 -33.69 29.49
C ALA U 38 31.16 -35.16 29.88
N ILE U 39 30.32 -35.96 29.24
CA ILE U 39 30.48 -37.41 29.21
C ILE U 39 30.61 -37.77 27.74
N ILE U 40 31.81 -37.97 27.25
CA ILE U 40 32.03 -38.31 25.85
C ILE U 40 32.50 -39.75 25.79
N PRO U 41 31.93 -40.58 24.95
CA PRO U 41 32.58 -41.83 24.58
C PRO U 41 33.78 -41.57 23.67
N SER U 42 34.49 -42.63 23.28
CA SER U 42 35.95 -42.66 23.21
C SER U 42 36.68 -41.61 22.41
N LYS U 43 37.97 -41.46 22.75
CA LYS U 43 38.77 -40.23 22.65
C LYS U 43 38.83 -39.56 21.27
N LYS U 44 38.61 -40.30 20.17
CA LYS U 44 38.74 -39.70 18.84
C LYS U 44 37.66 -38.67 18.58
N LEU U 45 36.48 -38.90 19.13
CA LEU U 45 35.48 -37.86 19.23
C LEU U 45 35.94 -36.73 20.13
N ARG U 46 36.66 -37.05 21.22
CA ARG U 46 37.09 -36.03 22.19
C ARG U 46 38.23 -35.20 21.65
N ASN U 47 39.15 -35.81 20.90
CA ASN U 47 40.15 -35.02 20.20
C ASN U 47 39.54 -34.21 19.08
N LYS U 48 38.48 -34.69 18.44
CA LYS U 48 37.88 -33.88 17.38
C LYS U 48 37.09 -32.71 17.95
N ILE U 49 36.43 -32.91 19.10
CA ILE U 49 35.76 -31.85 19.83
C ILE U 49 36.76 -30.81 20.33
N ALA U 50 37.93 -31.28 20.79
CA ALA U 50 38.97 -30.37 21.29
C ALA U 50 39.59 -29.58 20.15
N GLY U 51 39.72 -30.20 18.98
CA GLY U 51 40.21 -29.47 17.83
C GLY U 51 39.25 -28.43 17.32
N TYR U 52 37.94 -28.70 17.41
CA TYR U 52 37.04 -27.64 16.99
C TYR U 52 36.87 -26.55 18.04
N VAL U 53 37.00 -26.84 19.34
CA VAL U 53 36.92 -25.71 20.27
C VAL U 53 38.21 -24.90 20.27
N THR U 54 39.33 -25.49 19.87
CA THR U 54 40.54 -24.69 19.66
C THR U 54 40.43 -23.85 18.40
N HIS U 55 39.83 -24.38 17.33
CA HIS U 55 39.64 -23.57 16.12
C HIS U 55 38.59 -22.49 16.33
N LEU U 56 37.57 -22.77 17.14
CA LEU U 56 36.56 -21.78 17.40
C LEU U 56 37.06 -20.69 18.34
N MET U 57 37.90 -21.03 19.31
CA MET U 57 38.52 -19.98 20.12
C MET U 57 39.60 -19.24 19.35
N LYS U 58 40.15 -19.85 18.30
CA LYS U 58 40.98 -19.12 17.37
C LYS U 58 40.16 -18.12 16.57
N ARG U 59 38.91 -18.46 16.25
CA ARG U 59 38.03 -17.55 15.51
C ARG U 59 37.42 -16.46 16.36
N ILE U 60 36.98 -16.76 17.57
CA ILE U 60 35.85 -16.06 18.16
C ILE U 60 36.27 -14.76 18.83
N GLN U 61 37.52 -14.62 19.27
CA GLN U 61 37.85 -13.46 20.07
C GLN U 61 38.19 -12.22 19.27
N ARG U 62 37.95 -12.21 17.96
CA ARG U 62 38.15 -11.03 17.15
C ARG U 62 36.87 -10.59 16.44
N GLY U 63 35.71 -11.01 16.93
CA GLY U 63 34.47 -10.64 16.31
C GLY U 63 33.34 -11.63 16.51
N PRO U 64 32.15 -11.30 16.01
CA PRO U 64 30.99 -12.16 16.25
C PRO U 64 30.89 -13.33 15.28
N VAL U 65 30.56 -14.49 15.83
CA VAL U 65 30.24 -15.68 15.07
C VAL U 65 28.71 -15.80 15.03
N ARG U 66 28.17 -16.24 13.89
CA ARG U 66 26.72 -16.38 13.69
C ARG U 66 26.12 -17.43 14.62
N GLY U 67 26.75 -18.59 14.72
CA GLY U 67 26.17 -19.69 15.48
C GLY U 67 26.24 -19.50 16.97
N ILE U 68 27.20 -18.74 17.45
CA ILE U 68 27.37 -18.53 18.88
C ILE U 68 26.40 -17.44 19.34
N SER U 69 25.89 -17.63 20.55
CA SER U 69 24.97 -16.78 21.28
C SER U 69 25.70 -15.54 21.81
N ILE U 70 24.91 -14.70 22.50
CA ILE U 70 25.22 -13.35 22.95
C ILE U 70 25.82 -13.43 24.35
N LYS U 71 26.12 -14.66 24.79
CA LYS U 71 27.30 -14.88 25.65
C LYS U 71 28.57 -14.22 25.07
N LEU U 72 28.75 -14.21 23.74
CA LEU U 72 29.68 -13.27 23.11
C LEU U 72 29.44 -11.81 23.50
N GLN U 73 28.19 -11.36 23.53
CA GLN U 73 27.93 -10.01 24.00
C GLN U 73 28.08 -9.93 25.50
N GLU U 74 28.03 -11.05 26.23
CA GLU U 74 28.43 -11.00 27.63
C GLU U 74 29.95 -10.83 27.75
N GLU U 75 30.70 -11.32 26.76
CA GLU U 75 32.11 -10.97 26.70
C GLU U 75 32.35 -9.54 26.22
N GLU U 76 31.46 -8.99 25.39
CA GLU U 76 31.64 -7.63 24.87
C GLU U 76 31.01 -6.57 25.76
N ARG U 77 30.15 -6.96 26.68
CA ARG U 77 29.73 -6.15 27.80
C ARG U 77 30.68 -6.31 28.96
N GLU U 78 31.52 -7.36 28.94
CA GLU U 78 32.59 -7.45 29.93
C GLU U 78 33.93 -6.93 29.44
N ARG U 79 34.24 -6.99 28.13
CA ARG U 79 35.56 -6.54 27.65
C ARG U 79 35.55 -5.40 26.64
N ARG U 80 34.43 -5.12 25.98
CA ARG U 80 34.29 -4.19 24.82
C ARG U 80 35.30 -4.42 23.69
N TYR U 83 30.77 4.94 20.74
CA TYR U 83 31.65 5.98 20.26
C TYR U 83 30.86 7.15 19.66
N VAL U 84 31.25 8.37 20.02
CA VAL U 84 30.78 9.59 19.36
C VAL U 84 32.02 10.42 19.04
N PRO U 85 31.91 11.37 18.12
CA PRO U 85 32.98 12.35 17.95
C PRO U 85 32.88 13.44 19.03
N GLU U 86 33.82 14.39 18.97
CA GLU U 86 33.67 15.53 19.85
C GLU U 86 32.56 16.46 19.35
N VAL U 87 32.60 16.82 18.08
CA VAL U 87 31.56 17.64 17.47
C VAL U 87 30.76 16.75 16.53
N SER U 88 29.44 16.84 16.60
CA SER U 88 28.61 15.90 15.85
C SER U 88 28.60 16.22 14.37
N ALA U 89 28.36 15.18 13.56
CA ALA U 89 28.25 15.32 12.12
C ALA U 89 26.95 15.95 11.68
N LEU U 90 26.00 16.12 12.59
CA LEU U 90 24.81 16.91 12.34
C LEU U 90 24.97 18.35 12.80
N ASP U 91 26.08 18.67 13.47
CA ASP U 91 26.49 20.05 13.71
C ASP U 91 27.38 20.54 12.57
N GLN U 92 26.75 20.78 11.42
CA GLN U 92 27.37 21.54 10.36
C GLN U 92 26.72 22.92 10.26
N GLU U 93 27.46 23.87 9.70
CA GLU U 93 27.10 25.27 9.83
C GLU U 93 26.47 25.87 8.58
N ILE U 94 26.53 25.16 7.46
CA ILE U 94 25.83 25.54 6.24
C ILE U 94 25.23 24.28 5.67
N ILE U 95 23.92 24.25 5.56
CA ILE U 95 23.19 23.14 4.99
C ILE U 95 22.57 23.61 3.69
N GLU U 96 23.05 23.04 2.59
CA GLU U 96 22.54 23.35 1.27
C GLU U 96 21.12 22.82 1.12
N VAL U 97 20.24 23.65 0.56
CA VAL U 97 18.81 23.40 0.47
C VAL U 97 18.35 23.76 -0.93
N ASP U 98 17.81 22.79 -1.66
CA ASP U 98 17.35 23.20 -2.98
C ASP U 98 15.94 23.77 -2.84
N PRO U 99 15.60 24.84 -3.59
CA PRO U 99 14.56 25.79 -3.13
C PRO U 99 13.14 25.29 -2.96
N ASP U 100 12.80 24.08 -3.40
CA ASP U 100 11.50 23.53 -3.08
C ASP U 100 11.38 23.19 -1.59
N THR U 101 12.49 22.78 -0.97
CA THR U 101 12.54 22.59 0.46
C THR U 101 12.40 23.90 1.20
N LYS U 102 12.94 24.98 0.62
CA LYS U 102 12.83 26.28 1.25
C LYS U 102 11.40 26.80 1.20
N GLU U 103 10.66 26.49 0.13
CA GLU U 103 9.25 26.85 0.10
C GLU U 103 8.46 26.05 1.10
N MET U 104 8.84 24.79 1.32
CA MET U 104 8.20 23.96 2.36
C MET U 104 8.44 24.50 3.75
N LEU U 105 9.67 24.94 4.03
CA LEU U 105 10.01 25.46 5.36
C LEU U 105 9.37 26.81 5.60
N LYS U 106 9.26 27.64 4.56
CA LYS U 106 8.53 28.91 4.66
C LYS U 106 7.05 28.69 4.91
N LEU U 107 6.48 27.64 4.35
CA LEU U 107 5.09 27.33 4.63
C LEU U 107 4.94 26.32 5.76
N LEU U 108 5.97 26.14 6.59
CA LEU U 108 5.83 25.49 7.89
C LEU U 108 6.15 26.44 9.05
N ASP U 109 6.20 27.74 8.76
CA ASP U 109 6.54 28.84 9.69
C ASP U 109 7.94 28.70 10.28
N PHE U 110 8.89 28.34 9.43
CA PHE U 110 10.32 28.41 9.69
C PHE U 110 10.98 29.12 8.53
N GLY U 111 12.28 29.34 8.62
CA GLY U 111 13.01 29.98 7.55
C GLY U 111 13.20 31.47 7.75
N SER U 112 12.48 32.07 8.70
CA SER U 112 12.91 33.34 9.26
C SER U 112 14.27 33.20 9.93
N LEU U 113 14.45 32.12 10.68
CA LEU U 113 15.75 31.80 11.22
C LEU U 113 16.62 31.20 10.11
N SER U 114 17.82 31.74 9.95
CA SER U 114 18.71 31.34 8.87
C SER U 114 20.03 30.80 9.42
N ASN U 115 20.16 29.48 9.43
CA ASN U 115 21.44 28.79 9.47
C ASN U 115 21.75 28.09 8.16
N LEU U 116 20.80 28.10 7.22
CA LEU U 116 20.85 27.36 5.98
C LEU U 116 21.33 28.25 4.85
N GLN U 117 21.61 27.66 3.70
CA GLN U 117 21.99 28.42 2.52
C GLN U 117 21.42 27.73 1.31
N VAL U 118 20.54 28.41 0.58
CA VAL U 118 19.86 27.77 -0.52
C VAL U 118 20.73 27.81 -1.77
N THR U 119 20.87 26.67 -2.43
CA THR U 119 21.75 26.49 -3.55
C THR U 119 20.95 26.54 -4.84
N GLN U 120 21.67 26.61 -5.95
CA GLN U 120 21.05 26.96 -7.22
C GLN U 120 20.33 25.75 -7.81
N PRO U 121 19.17 25.94 -8.44
CA PRO U 121 18.40 24.80 -8.94
C PRO U 121 18.98 24.23 -10.21
N THR U 122 18.69 22.95 -10.41
CA THR U 122 19.27 22.19 -11.51
C THR U 122 18.57 22.58 -12.81
N VAL U 123 19.32 22.65 -13.88
CA VAL U 123 18.76 22.76 -15.21
C VAL U 123 18.88 21.39 -15.87
N GLY U 124 17.84 20.96 -16.58
CA GLY U 124 17.85 19.63 -17.15
C GLY U 124 17.09 18.64 -16.30
N MET U 125 16.34 17.75 -16.92
CA MET U 125 15.52 16.79 -16.18
C MET U 125 15.87 15.35 -16.54
N ASN U 126 17.11 15.10 -16.97
CA ASN U 126 17.49 13.78 -17.47
C ASN U 126 17.91 12.87 -16.31
N PHE U 127 16.92 12.38 -15.56
CA PHE U 127 17.25 11.45 -14.50
C PHE U 127 17.03 9.99 -14.86
N LYS U 128 16.25 9.68 -15.87
CA LYS U 128 15.97 8.30 -16.19
C LYS U 128 17.15 7.63 -16.88
N THR U 129 17.09 6.30 -16.96
CA THR U 129 18.00 5.49 -17.75
C THR U 129 17.38 5.20 -19.11
N PRO U 130 18.16 5.10 -20.19
CA PRO U 130 17.59 4.80 -21.51
C PRO U 130 17.04 3.37 -21.68
N SER V 1 77.44 -48.25 27.71
CA SER V 1 76.48 -49.35 27.63
C SER V 1 75.11 -48.87 27.22
N VAL V 2 74.74 -49.16 25.97
CA VAL V 2 73.37 -49.14 25.51
C VAL V 2 73.17 -50.36 24.61
N GLN V 3 71.90 -50.72 24.42
CA GLN V 3 71.45 -51.62 23.37
C GLN V 3 70.19 -50.98 22.83
N VAL V 4 70.20 -50.57 21.57
CA VAL V 4 69.09 -49.84 21.01
C VAL V 4 68.85 -50.30 19.58
N PHE V 5 67.59 -50.60 19.26
CA PHE V 5 67.28 -51.30 18.03
C PHE V 5 67.20 -50.36 16.84
N GLY V 6 67.04 -50.96 15.67
CA GLY V 6 66.47 -50.26 14.54
C GLY V 6 65.73 -51.26 13.70
N ARG V 7 64.58 -50.89 13.16
CA ARG V 7 63.84 -51.81 12.32
C ARG V 7 63.32 -51.09 11.08
N LYS V 8 63.18 -51.84 10.00
CA LYS V 8 62.60 -51.37 8.76
C LYS V 8 61.27 -52.04 8.47
N LYS V 9 61.14 -53.28 8.89
CA LYS V 9 60.23 -54.34 8.46
C LYS V 9 60.26 -55.34 9.60
N THR V 10 59.62 -56.50 9.42
CA THR V 10 59.85 -57.64 10.33
C THR V 10 61.33 -58.02 10.58
N ALA V 11 62.28 -57.64 9.70
CA ALA V 11 63.68 -57.57 10.07
C ALA V 11 63.93 -56.61 11.22
N THR V 12 64.64 -57.11 12.22
CA THR V 12 64.93 -56.38 13.45
C THR V 12 66.40 -56.53 13.78
N ALA V 13 67.08 -55.40 13.87
CA ALA V 13 68.46 -55.37 14.30
C ALA V 13 68.58 -54.58 15.59
N VAL V 14 69.37 -55.08 16.53
CA VAL V 14 69.75 -54.35 17.73
C VAL V 14 71.25 -54.48 17.93
N ALA V 15 71.92 -53.35 18.12
CA ALA V 15 73.37 -53.33 18.36
C ALA V 15 73.64 -53.28 19.84
N HIS V 16 74.57 -54.11 20.31
CA HIS V 16 75.05 -54.05 21.69
C HIS V 16 76.34 -53.25 21.74
N CYS V 17 76.26 -52.05 22.30
CA CYS V 17 77.35 -51.08 22.26
C CYS V 17 77.83 -50.79 23.68
N LYS V 18 79.05 -51.22 24.01
CA LYS V 18 79.73 -50.85 25.25
C LYS V 18 81.16 -50.43 24.97
N ARG V 19 81.86 -50.03 26.03
CA ARG V 19 83.12 -49.30 25.96
C ARG V 19 84.27 -50.18 25.47
N GLY V 20 85.11 -49.62 24.60
CA GLY V 20 86.26 -50.37 24.13
C GLY V 20 87.25 -49.66 23.23
N ASN V 21 87.95 -50.46 22.41
CA ASN V 21 89.03 -50.02 21.52
C ASN V 21 88.64 -50.09 20.05
N GLY V 22 87.35 -50.13 19.76
CA GLY V 22 86.78 -50.12 18.43
C GLY V 22 86.47 -51.53 17.98
N LEU V 23 85.24 -51.72 17.48
CA LEU V 23 84.72 -53.01 17.01
C LEU V 23 83.42 -52.74 16.28
N ILE V 24 83.16 -53.51 15.21
CA ILE V 24 81.81 -53.68 14.66
C ILE V 24 81.68 -55.15 14.28
N LYS V 25 80.71 -55.85 14.87
CA LYS V 25 80.49 -57.25 14.54
C LYS V 25 78.99 -57.54 14.46
N VAL V 26 78.53 -57.91 13.26
CA VAL V 26 77.13 -58.23 13.01
C VAL V 26 76.97 -59.75 13.11
N ASN V 27 76.40 -60.22 14.22
CA ASN V 27 76.26 -61.66 14.58
C ASN V 27 77.58 -62.40 14.52
N GLY V 28 78.64 -61.78 15.00
CA GLY V 28 79.93 -62.41 15.03
C GLY V 28 80.76 -62.25 13.78
N ARG V 29 80.17 -61.78 12.71
CA ARG V 29 81.00 -61.41 11.59
C ARG V 29 81.13 -59.90 11.53
N PRO V 30 82.28 -59.38 11.13
CA PRO V 30 82.42 -57.93 11.04
C PRO V 30 81.73 -57.36 9.81
N LEU V 31 81.73 -56.02 9.71
CA LEU V 31 80.95 -55.29 8.73
C LEU V 31 81.45 -55.47 7.30
N GLU V 32 82.69 -55.93 7.13
CA GLU V 32 83.23 -56.21 5.81
C GLU V 32 82.97 -57.64 5.35
N MET V 33 82.10 -58.37 6.05
CA MET V 33 81.89 -59.79 5.73
C MET V 33 80.43 -60.15 5.48
N ILE V 34 79.56 -59.17 5.25
CA ILE V 34 78.14 -59.44 5.04
C ILE V 34 77.96 -59.76 3.55
N GLU V 35 77.01 -60.67 3.25
CA GLU V 35 76.87 -61.24 1.90
C GLU V 35 76.53 -60.27 0.75
N PRO V 36 75.54 -59.37 0.83
CA PRO V 36 75.32 -58.51 -0.35
C PRO V 36 76.37 -57.42 -0.45
N ARG V 37 77.06 -57.36 -1.58
CA ARG V 37 78.15 -56.42 -1.75
C ARG V 37 77.89 -55.38 -2.81
N THR V 38 76.75 -55.43 -3.49
CA THR V 38 76.26 -54.24 -4.16
C THR V 38 75.62 -53.26 -3.19
N LEU V 39 75.32 -53.71 -1.95
CA LEU V 39 74.81 -52.85 -0.89
C LEU V 39 75.84 -52.66 0.23
N GLN V 40 77.14 -52.74 -0.09
CA GLN V 40 78.18 -52.70 0.93
C GLN V 40 78.28 -51.33 1.61
N TYR V 41 77.93 -50.25 0.92
CA TYR V 41 78.09 -48.93 1.50
C TYR V 41 76.98 -48.58 2.46
N LYS V 42 75.89 -49.33 2.48
CA LYS V 42 74.78 -48.98 3.35
C LYS V 42 75.12 -49.27 4.81
N LEU V 43 75.78 -50.38 5.07
CA LEU V 43 76.22 -50.69 6.42
C LEU V 43 77.41 -49.83 6.81
N LEU V 44 78.23 -49.44 5.85
CA LEU V 44 79.43 -48.64 6.08
C LEU V 44 79.14 -47.15 6.12
N GLU V 45 77.88 -46.75 5.97
CA GLU V 45 77.52 -45.35 5.86
C GLU V 45 77.75 -44.54 7.14
N PRO V 46 77.55 -45.06 8.37
CA PRO V 46 78.14 -44.34 9.51
C PRO V 46 79.66 -44.40 9.58
N VAL V 47 80.32 -45.42 9.01
CA VAL V 47 81.77 -45.46 9.06
C VAL V 47 82.37 -44.45 8.09
N LEU V 48 81.78 -44.32 6.90
CA LEU V 48 82.22 -43.30 5.97
C LEU V 48 81.76 -41.91 6.37
N LEU V 49 80.57 -41.80 6.96
CA LEU V 49 80.03 -40.47 7.23
C LEU V 49 80.59 -39.88 8.52
N LEU V 50 80.54 -40.64 9.61
CA LEU V 50 81.00 -40.12 10.89
C LEU V 50 82.51 -40.19 11.02
N GLY V 51 83.17 -41.08 10.30
CA GLY V 51 84.58 -41.31 10.48
C GLY V 51 84.84 -42.32 11.58
N LYS V 52 85.99 -42.98 11.53
CA LYS V 52 86.33 -43.98 12.52
C LYS V 52 86.76 -43.37 13.85
N GLU V 53 87.02 -42.07 13.89
CA GLU V 53 87.31 -41.40 15.15
C GLU V 53 86.05 -41.19 15.98
N ARG V 54 84.89 -41.12 15.34
CA ARG V 54 83.66 -40.98 16.11
C ARG V 54 83.25 -42.28 16.79
N PHE V 55 83.72 -43.42 16.29
CA PHE V 55 83.49 -44.73 16.91
C PHE V 55 84.58 -45.13 17.88
N ALA V 56 85.44 -44.21 18.33
CA ALA V 56 86.73 -44.61 18.86
C ALA V 56 86.70 -45.11 20.29
N GLY V 57 85.54 -45.21 20.92
CA GLY V 57 85.51 -45.71 22.27
C GLY V 57 84.65 -46.94 22.50
N VAL V 58 84.01 -47.45 21.45
CA VAL V 58 82.90 -48.37 21.64
C VAL V 58 83.22 -49.72 21.03
N ASP V 59 82.54 -50.74 21.56
CA ASP V 59 82.52 -52.07 20.97
C ASP V 59 81.07 -52.38 20.63
N ILE V 60 80.75 -52.41 19.34
CA ILE V 60 79.38 -52.55 18.87
C ILE V 60 79.22 -53.98 18.37
N ARG V 61 78.31 -54.74 18.96
CA ARG V 61 77.96 -56.06 18.47
C ARG V 61 76.50 -56.06 18.06
N VAL V 62 76.25 -56.38 16.80
CA VAL V 62 74.92 -56.31 16.20
C VAL V 62 74.36 -57.72 16.10
N ARG V 63 73.12 -57.91 16.56
CA ARG V 63 72.40 -59.17 16.40
C ARG V 63 71.12 -58.91 15.63
N VAL V 64 70.92 -59.65 14.54
CA VAL V 64 69.79 -59.43 13.66
C VAL V 64 68.95 -60.70 13.64
N LYS V 65 67.68 -60.53 13.23
CA LYS V 65 66.75 -61.63 13.00
C LYS V 65 65.65 -61.12 12.08
N GLY V 66 65.06 -62.03 11.29
CA GLY V 66 63.80 -61.76 10.65
C GLY V 66 63.93 -61.02 9.34
N GLY V 67 62.81 -60.94 8.62
CA GLY V 67 62.80 -60.17 7.40
C GLY V 67 63.50 -60.84 6.23
N GLY V 68 63.93 -60.00 5.30
CA GLY V 68 64.68 -60.42 4.15
C GLY V 68 66.16 -60.13 4.33
N HIS V 69 66.86 -59.98 3.20
CA HIS V 69 68.25 -59.56 3.30
C HIS V 69 68.41 -58.05 3.28
N VAL V 70 67.68 -57.38 2.40
CA VAL V 70 67.87 -55.94 2.23
C VAL V 70 67.25 -55.18 3.39
N ALA V 71 66.13 -55.69 3.91
CA ALA V 71 65.51 -55.12 5.10
C ALA V 71 66.40 -55.32 6.32
N GLN V 72 67.14 -56.42 6.34
CA GLN V 72 68.12 -56.67 7.37
C GLN V 72 69.30 -55.70 7.29
N ILE V 73 69.76 -55.36 6.07
CA ILE V 73 70.81 -54.33 5.88
C ILE V 73 70.33 -52.96 6.35
N TYR V 74 69.09 -52.61 6.01
CA TYR V 74 68.52 -51.33 6.40
C TYR V 74 68.17 -51.29 7.87
N ALA V 75 68.05 -52.43 8.53
CA ALA V 75 67.96 -52.39 9.98
C ALA V 75 69.34 -52.35 10.64
N ILE V 76 70.38 -52.91 9.98
CA ILE V 76 71.75 -52.87 10.52
C ILE V 76 72.26 -51.44 10.61
N ARG V 77 72.10 -50.66 9.52
CA ARG V 77 72.65 -49.29 9.52
C ARG V 77 71.91 -48.36 10.47
N GLN V 78 70.60 -48.59 10.62
CA GLN V 78 69.81 -47.77 11.53
C GLN V 78 70.11 -48.12 12.98
N SER V 79 70.34 -49.40 13.28
CA SER V 79 70.69 -49.81 14.63
C SER V 79 72.09 -49.37 15.03
N ILE V 80 73.02 -49.32 14.06
CA ILE V 80 74.38 -48.82 14.33
C ILE V 80 74.36 -47.32 14.64
N SER V 81 73.62 -46.55 13.84
CA SER V 81 73.55 -45.11 14.05
C SER V 81 72.83 -44.77 15.36
N LYS V 82 71.76 -45.51 15.70
CA LYS V 82 71.09 -45.30 16.98
C LYS V 82 71.94 -45.77 18.14
N ALA V 83 72.83 -46.73 17.90
CA ALA V 83 73.74 -47.19 18.95
C ALA V 83 74.74 -46.12 19.32
N LEU V 84 75.33 -45.49 18.30
CA LEU V 84 76.31 -44.44 18.58
C LEU V 84 75.65 -43.19 19.16
N VAL V 85 74.45 -42.84 18.71
CA VAL V 85 73.78 -41.66 19.26
C VAL V 85 73.28 -41.90 20.69
N ALA V 86 72.86 -43.14 21.02
CA ALA V 86 72.46 -43.43 22.39
C ALA V 86 73.64 -43.46 23.35
N TYR V 87 74.78 -43.98 22.89
CA TYR V 87 76.03 -43.88 23.67
C TYR V 87 76.46 -42.43 23.84
N TYR V 88 76.34 -41.63 22.78
CA TYR V 88 76.78 -40.24 22.83
C TYR V 88 75.89 -39.38 23.70
N GLN V 89 74.59 -39.66 23.75
CA GLN V 89 73.72 -38.89 24.64
C GLN V 89 73.93 -39.29 26.09
N LYS V 90 74.17 -40.58 26.38
CA LYS V 90 74.34 -40.93 27.78
C LYS V 90 75.73 -40.56 28.32
N TYR V 91 76.79 -40.73 27.52
CA TYR V 91 78.16 -40.65 28.05
C TYR V 91 78.96 -39.46 27.54
N VAL V 92 78.58 -38.85 26.43
CA VAL V 92 79.30 -37.72 25.86
C VAL V 92 78.33 -36.53 26.00
N ASP V 93 78.82 -35.33 25.77
CA ASP V 93 77.93 -34.21 25.99
C ASP V 93 77.02 -34.02 24.79
N GLU V 94 75.92 -33.30 25.00
CA GLU V 94 74.82 -33.30 24.05
C GLU V 94 75.05 -32.44 22.83
N ALA V 95 76.05 -31.55 22.83
CA ALA V 95 76.33 -30.82 21.60
C ALA V 95 77.02 -31.72 20.59
N SER V 96 77.77 -32.72 21.07
CA SER V 96 78.29 -33.75 20.17
C SER V 96 77.15 -34.60 19.60
N LYS V 97 76.11 -34.82 20.41
CA LYS V 97 74.90 -35.50 19.92
C LYS V 97 74.17 -34.63 18.90
N LYS V 98 74.21 -33.31 19.08
CA LYS V 98 73.55 -32.40 18.15
C LYS V 98 74.30 -32.36 16.83
N GLU V 99 75.62 -32.40 16.89
CA GLU V 99 76.46 -32.41 15.70
C GLU V 99 76.32 -33.73 14.95
N ILE V 100 76.31 -34.85 15.68
CA ILE V 100 76.13 -36.14 15.02
C ILE V 100 74.72 -36.32 14.49
N LYS V 101 73.70 -35.69 15.10
CA LYS V 101 72.36 -35.88 14.56
C LYS V 101 72.11 -34.99 13.36
N ASP V 102 72.70 -33.79 13.28
CA ASP V 102 72.53 -33.06 12.03
C ASP V 102 73.42 -33.59 10.92
N ILE V 103 74.51 -34.29 11.25
CA ILE V 103 75.29 -34.87 10.16
C ILE V 103 74.68 -36.20 9.71
N LEU V 104 73.89 -36.86 10.58
CA LEU V 104 73.24 -38.11 10.21
C LEU V 104 71.85 -37.94 9.62
N ILE V 105 71.07 -36.95 10.07
CA ILE V 105 69.69 -36.84 9.64
C ILE V 105 69.62 -36.20 8.26
N GLN V 106 70.46 -35.19 8.02
CA GLN V 106 70.40 -34.40 6.80
C GLN V 106 70.89 -35.18 5.60
N TYR V 107 71.74 -36.17 5.81
CA TYR V 107 72.07 -37.07 4.73
C TYR V 107 70.88 -37.96 4.38
N ASP V 108 70.38 -38.73 5.36
CA ASP V 108 69.31 -39.70 5.13
C ASP V 108 68.55 -39.92 6.42
N ARG V 109 67.23 -39.85 6.34
CA ARG V 109 66.46 -39.92 7.59
C ARG V 109 66.18 -41.36 8.02
N THR V 110 66.41 -42.37 7.17
CA THR V 110 66.29 -43.75 7.62
C THR V 110 67.46 -44.20 8.49
N LEU V 111 68.51 -43.39 8.61
CA LEU V 111 69.60 -43.71 9.53
C LEU V 111 69.18 -43.52 10.97
N LEU V 112 68.27 -42.59 11.25
CA LEU V 112 67.81 -42.38 12.62
C LEU V 112 66.31 -42.62 12.84
N VAL V 113 65.47 -42.52 11.81
CA VAL V 113 64.02 -42.56 11.95
C VAL V 113 63.53 -43.77 11.18
N ALA V 114 62.62 -44.54 11.79
CA ALA V 114 62.22 -45.85 11.28
C ALA V 114 61.30 -45.72 10.07
N ASP V 115 60.94 -46.87 9.52
CA ASP V 115 60.03 -46.95 8.40
C ASP V 115 58.69 -47.47 8.88
N PRO V 116 57.61 -46.68 8.80
CA PRO V 116 56.30 -47.18 9.24
C PRO V 116 55.57 -48.02 8.23
N ARG V 117 56.13 -48.30 7.07
CA ARG V 117 55.41 -49.05 6.04
C ARG V 117 55.53 -50.55 6.27
N ARG V 118 54.39 -51.23 6.33
CA ARG V 118 54.31 -52.68 6.39
C ARG V 118 53.44 -53.17 5.24
N CYS V 119 53.49 -54.48 4.99
CA CYS V 119 52.78 -55.06 3.85
C CYS V 119 51.30 -55.16 4.12
N GLU V 120 50.49 -54.58 3.24
CA GLU V 120 49.04 -54.58 3.41
C GLU V 120 48.45 -55.90 2.94
N SER V 121 47.34 -56.28 3.56
CA SER V 121 46.84 -57.63 3.42
C SER V 121 46.17 -57.87 2.08
N LYS V 122 46.19 -59.13 1.65
CA LYS V 122 45.32 -59.56 0.56
C LYS V 122 43.88 -59.51 1.03
N LYS V 123 42.98 -59.15 0.14
CA LYS V 123 41.55 -59.27 0.36
C LYS V 123 41.04 -60.22 -0.72
N PHE V 124 39.76 -60.62 -0.64
CA PHE V 124 39.31 -61.61 -1.60
C PHE V 124 39.08 -61.00 -2.98
N GLY V 125 38.77 -61.85 -3.93
CA GLY V 125 38.43 -61.39 -5.25
C GLY V 125 39.59 -60.94 -6.08
N GLY V 126 40.81 -61.23 -5.67
CA GLY V 126 41.97 -60.85 -6.43
C GLY V 126 43.26 -61.25 -5.76
N PRO V 127 44.33 -61.36 -6.54
CA PRO V 127 45.54 -62.02 -6.06
C PRO V 127 46.44 -61.16 -5.20
N GLY V 128 46.05 -59.93 -4.92
CA GLY V 128 46.85 -59.05 -4.10
C GLY V 128 45.93 -58.18 -3.28
N ALA V 129 46.43 -57.07 -2.75
CA ALA V 129 45.55 -56.15 -2.05
C ALA V 129 44.61 -55.47 -3.02
N ARG V 130 45.14 -54.89 -4.08
CA ARG V 130 44.33 -54.06 -4.95
C ARG V 130 43.89 -54.75 -6.23
N ALA V 131 44.70 -55.65 -6.78
CA ALA V 131 44.45 -56.25 -8.08
C ALA V 131 43.27 -57.20 -8.02
N ARG V 132 42.54 -57.30 -9.12
CA ARG V 132 41.31 -58.09 -9.17
C ARG V 132 41.36 -58.99 -10.39
N TYR V 133 40.46 -59.98 -10.40
CA TYR V 133 40.48 -61.01 -11.43
C TYR V 133 39.89 -60.49 -12.74
N GLN V 134 39.91 -61.33 -13.78
CA GLN V 134 39.94 -60.80 -15.14
C GLN V 134 38.56 -60.39 -15.68
N LYS V 135 37.47 -60.94 -15.12
CA LYS V 135 36.08 -60.47 -15.29
C LYS V 135 35.62 -60.37 -16.76
N SER V 136 35.58 -61.54 -17.40
CA SER V 136 34.89 -61.69 -18.66
C SER V 136 33.45 -61.21 -18.61
N TYR V 137 33.01 -60.57 -19.69
CA TYR V 137 31.62 -60.12 -19.82
C TYR V 137 30.75 -61.06 -20.62
N ARG V 138 31.28 -61.66 -21.67
CA ARG V 138 30.48 -62.50 -22.54
C ARG V 138 31.17 -63.83 -22.79
N GLN W 1 46.07 -85.45 25.75
CA GLN W 1 44.68 -85.82 25.99
C GLN W 1 43.78 -85.26 24.88
N ILE W 2 43.51 -83.96 24.92
CA ILE W 2 42.76 -83.27 23.87
C ILE W 2 43.24 -81.83 23.93
N SER W 3 43.15 -81.12 22.81
CA SER W 3 43.79 -79.81 22.71
C SER W 3 42.98 -78.76 23.47
N LYS W 4 43.55 -77.57 23.59
CA LYS W 4 42.75 -76.49 24.12
C LYS W 4 41.75 -76.00 23.09
N LYS W 5 42.14 -76.00 21.82
CA LYS W 5 41.27 -75.54 20.75
C LYS W 5 40.11 -76.49 20.53
N ARG W 6 40.37 -77.80 20.52
CA ARG W 6 39.30 -78.76 20.32
C ARG W 6 38.38 -78.87 21.52
N LYS W 7 38.89 -78.55 22.71
CA LYS W 7 38.04 -78.43 23.89
C LYS W 7 37.10 -77.25 23.77
N PHE W 8 37.61 -76.08 23.35
CA PHE W 8 36.76 -74.90 23.21
C PHE W 8 35.72 -75.05 22.10
N VAL W 9 36.11 -75.70 21.00
CA VAL W 9 35.18 -75.95 19.90
C VAL W 9 34.09 -76.92 20.32
N ALA W 10 34.47 -78.03 21.00
CA ALA W 10 33.48 -79.04 21.38
C ALA W 10 32.55 -78.55 22.48
N ASP W 11 33.03 -77.67 23.37
CA ASP W 11 32.10 -77.04 24.30
C ASP W 11 31.17 -76.04 23.61
N GLY W 12 31.65 -75.37 22.56
CA GLY W 12 30.77 -74.52 21.77
C GLY W 12 29.69 -75.30 21.03
N ILE W 13 30.03 -76.50 20.57
CA ILE W 13 29.04 -77.36 19.93
C ILE W 13 28.04 -77.87 20.96
N PHE W 14 28.49 -78.04 22.22
CA PHE W 14 27.57 -78.37 23.31
C PHE W 14 26.56 -77.25 23.58
N LYS W 15 27.02 -75.98 23.56
CA LYS W 15 26.08 -74.84 23.70
C LYS W 15 25.10 -74.79 22.56
N ALA W 16 25.56 -75.07 21.33
CA ALA W 16 24.72 -74.98 20.14
C ALA W 16 23.62 -76.05 20.15
N GLU W 17 24.00 -77.30 20.43
CA GLU W 17 23.01 -78.38 20.43
C GLU W 17 22.08 -78.28 21.64
N LEU W 18 22.56 -77.76 22.77
CA LEU W 18 21.69 -77.62 23.93
C LEU W 18 20.65 -76.53 23.72
N ASN W 19 21.05 -75.41 23.13
CA ASN W 19 20.07 -74.35 22.87
C ASN W 19 19.13 -74.71 21.73
N GLU W 20 19.59 -75.49 20.74
CA GLU W 20 18.71 -75.89 19.64
C GLU W 20 17.68 -76.92 20.08
N PHE W 21 18.11 -77.91 20.88
CA PHE W 21 17.19 -78.91 21.41
C PHE W 21 16.19 -78.29 22.39
N LEU W 22 16.65 -77.36 23.23
CA LEU W 22 15.73 -76.73 24.17
C LEU W 22 14.76 -75.78 23.50
N THR W 23 15.14 -75.21 22.36
CA THR W 23 14.13 -74.49 21.58
C THR W 23 13.14 -75.46 20.94
N ARG W 24 13.62 -76.62 20.45
CA ARG W 24 12.72 -77.51 19.72
C ARG W 24 11.76 -78.26 20.65
N GLU W 25 12.13 -78.52 21.91
CA GLU W 25 11.10 -78.99 22.83
C GLU W 25 10.23 -77.84 23.34
N LEU W 26 10.84 -76.81 23.90
CA LEU W 26 10.12 -75.92 24.79
C LEU W 26 9.60 -74.68 24.06
N ALA W 27 8.56 -74.91 23.25
CA ALA W 27 7.89 -73.75 22.67
C ALA W 27 6.97 -73.08 23.70
N GLU W 28 6.24 -73.89 24.49
CA GLU W 28 5.22 -73.39 25.39
C GLU W 28 5.79 -72.68 26.61
N ASP W 29 7.05 -72.94 26.94
CA ASP W 29 7.57 -72.54 28.24
C ASP W 29 8.04 -71.09 28.27
N GLY W 30 8.07 -70.40 27.15
CA GLY W 30 8.71 -69.11 27.11
C GLY W 30 10.21 -69.21 27.10
N TYR W 31 10.76 -70.15 26.32
CA TYR W 31 12.20 -70.39 26.31
C TYR W 31 12.94 -69.33 25.53
N SER W 32 13.92 -68.69 26.18
CA SER W 32 14.73 -67.67 25.55
C SER W 32 16.21 -67.98 25.45
N GLY W 33 16.73 -68.88 26.27
CA GLY W 33 18.17 -69.16 26.29
C GLY W 33 18.54 -69.92 27.53
N VAL W 34 19.78 -70.42 27.53
CA VAL W 34 20.24 -71.33 28.58
C VAL W 34 21.52 -70.74 29.16
N GLU W 35 21.89 -71.21 30.34
CA GLU W 35 23.05 -70.68 31.04
C GLU W 35 23.79 -71.84 31.70
N VAL W 36 25.03 -72.05 31.29
CA VAL W 36 25.87 -73.11 31.83
C VAL W 36 26.80 -72.50 32.88
N ARG W 37 26.97 -73.17 34.02
CA ARG W 37 27.97 -72.80 35.02
C ARG W 37 28.52 -74.07 35.63
N VAL W 38 29.81 -74.35 35.46
CA VAL W 38 30.38 -75.67 35.74
C VAL W 38 31.38 -75.57 36.90
N THR W 39 31.03 -76.21 38.02
CA THR W 39 31.85 -76.48 39.19
C THR W 39 31.90 -78.00 39.40
N PRO W 40 33.05 -78.58 39.78
CA PRO W 40 33.15 -80.05 39.77
C PRO W 40 32.40 -80.79 40.87
N THR W 41 31.72 -80.13 41.80
CA THR W 41 30.75 -80.87 42.62
C THR W 41 29.50 -81.17 41.82
N ARG W 42 28.96 -80.17 41.13
CA ARG W 42 27.78 -80.38 40.30
C ARG W 42 27.81 -79.37 39.16
N THR W 43 27.53 -79.85 37.96
CA THR W 43 27.57 -79.00 36.78
C THR W 43 26.16 -78.47 36.55
N GLU W 44 26.03 -77.15 36.52
CA GLU W 44 24.75 -76.49 36.69
C GLU W 44 24.30 -75.89 35.37
N ILE W 45 23.05 -76.13 35.00
CA ILE W 45 22.48 -75.71 33.73
C ILE W 45 21.23 -74.91 34.06
N ILE W 46 21.22 -73.63 33.69
CA ILE W 46 20.18 -72.71 34.11
C ILE W 46 19.38 -72.28 32.87
N ILE W 47 18.09 -72.56 32.89
CA ILE W 47 17.22 -72.24 31.76
C ILE W 47 16.55 -70.89 32.01
N LEU W 48 16.52 -70.05 30.98
CA LEU W 48 15.76 -68.81 31.03
C LEU W 48 14.36 -69.05 30.48
N ALA W 49 13.35 -68.83 31.33
CA ALA W 49 11.98 -68.92 30.90
C ALA W 49 11.14 -67.94 31.70
N THR W 50 10.08 -67.44 31.06
CA THR W 50 9.19 -66.48 31.68
C THR W 50 8.05 -67.14 32.45
N ARG W 51 7.73 -68.38 32.13
CA ARG W 51 6.66 -69.11 32.82
C ARG W 51 7.22 -70.45 33.25
N THR W 52 7.44 -70.59 34.56
CA THR W 52 8.08 -71.79 35.08
C THR W 52 7.10 -72.96 35.23
N GLN W 53 5.80 -72.70 35.15
CA GLN W 53 4.83 -73.70 35.57
C GLN W 53 4.57 -74.70 34.48
N ASN W 54 4.94 -74.36 33.25
CA ASN W 54 5.02 -75.29 32.14
C ASN W 54 6.42 -75.86 31.97
N VAL W 55 7.42 -75.32 32.66
CA VAL W 55 8.75 -75.91 32.64
C VAL W 55 8.76 -77.18 33.50
N LEU W 56 8.03 -77.16 34.60
CA LEU W 56 8.07 -78.30 35.52
C LEU W 56 7.26 -79.48 35.01
N GLY W 57 6.13 -79.22 34.39
CA GLY W 57 5.23 -80.30 34.02
C GLY W 57 4.28 -80.65 35.14
N GLU W 58 4.23 -81.93 35.50
CA GLU W 58 3.41 -82.40 36.60
C GLU W 58 4.28 -82.60 37.83
N LYS W 59 4.19 -81.65 38.77
CA LYS W 59 4.97 -81.57 40.03
C LYS W 59 6.49 -81.65 39.81
N GLY W 60 6.96 -81.07 38.71
CA GLY W 60 8.37 -81.15 38.39
C GLY W 60 8.80 -82.38 37.61
N ARG W 61 7.91 -82.92 36.77
CA ARG W 61 8.24 -84.14 36.04
C ARG W 61 9.18 -83.86 34.89
N ARG W 62 8.94 -82.79 34.13
CA ARG W 62 9.75 -82.56 32.93
C ARG W 62 11.10 -81.93 33.24
N ILE W 63 11.28 -81.28 34.39
CA ILE W 63 12.62 -80.77 34.69
C ILE W 63 13.54 -81.90 35.20
N ARG W 64 13.00 -82.90 35.91
CA ARG W 64 13.82 -84.08 36.20
C ARG W 64 13.97 -84.96 34.97
N GLU W 65 12.98 -84.95 34.08
CA GLU W 65 13.11 -85.59 32.77
C GLU W 65 14.18 -84.91 31.93
N LEU W 66 14.30 -83.59 32.04
CA LEU W 66 15.29 -82.86 31.28
C LEU W 66 16.68 -83.12 31.81
N THR W 67 16.80 -83.23 33.15
CA THR W 67 18.05 -83.66 33.79
C THR W 67 18.46 -85.04 33.32
N ALA W 68 17.48 -85.95 33.22
CA ALA W 68 17.74 -87.31 32.76
C ALA W 68 18.14 -87.36 31.27
N VAL W 69 17.52 -86.55 30.40
CA VAL W 69 17.86 -86.68 28.99
C VAL W 69 19.19 -85.99 28.66
N VAL W 70 19.55 -84.93 29.39
CA VAL W 70 20.87 -84.35 29.18
C VAL W 70 21.94 -85.26 29.78
N GLN W 71 21.61 -85.99 30.86
CA GLN W 71 22.52 -87.01 31.39
C GLN W 71 22.69 -88.18 30.41
N LYS W 72 21.64 -88.56 29.69
CA LYS W 72 21.76 -89.70 28.80
C LYS W 72 22.43 -89.34 27.47
N ARG W 73 22.06 -88.21 26.86
CA ARG W 73 22.46 -87.96 25.48
C ARG W 73 23.92 -87.51 25.36
N PHE W 74 24.38 -86.61 26.21
CA PHE W 74 25.74 -86.10 26.05
C PHE W 74 26.77 -86.97 26.76
N GLY W 75 26.38 -88.12 27.31
CA GLY W 75 27.31 -88.96 28.02
C GLY W 75 27.68 -88.48 29.41
N PHE W 76 26.79 -87.77 30.07
CA PHE W 76 27.08 -87.17 31.35
C PHE W 76 27.03 -88.21 32.47
N PRO W 77 27.80 -88.03 33.55
CA PRO W 77 27.86 -89.07 34.58
C PRO W 77 26.61 -89.08 35.45
N GLU W 78 26.53 -90.11 36.29
CA GLU W 78 25.39 -90.29 37.19
C GLU W 78 25.50 -89.30 38.34
N GLY W 79 24.63 -88.28 38.34
CA GLY W 79 24.64 -87.29 39.39
C GLY W 79 25.68 -86.20 39.30
N SER W 80 25.87 -85.60 38.12
CA SER W 80 26.60 -84.34 38.06
C SER W 80 25.83 -83.20 37.44
N VAL W 81 24.54 -83.37 37.13
CA VAL W 81 23.75 -82.36 36.44
C VAL W 81 22.46 -82.13 37.24
N GLU W 82 22.14 -80.88 37.52
CA GLU W 82 20.82 -80.55 38.03
C GLU W 82 20.35 -79.27 37.36
N LEU W 83 19.03 -79.13 37.24
CA LEU W 83 18.43 -78.22 36.28
C LEU W 83 17.48 -77.26 36.95
N TYR W 84 17.70 -75.98 36.68
CA TYR W 84 17.07 -74.85 37.34
C TYR W 84 16.25 -74.07 36.31
N ALA W 85 15.44 -73.14 36.80
CA ALA W 85 14.66 -72.27 35.92
C ALA W 85 14.77 -70.85 36.43
N GLU W 86 15.38 -69.96 35.66
CA GLU W 86 15.53 -68.57 36.06
C GLU W 86 14.42 -67.74 35.44
N LYS W 87 13.86 -66.85 36.25
CA LYS W 87 12.79 -65.98 35.80
C LYS W 87 13.39 -64.76 35.12
N VAL W 88 12.95 -64.51 33.88
CA VAL W 88 13.39 -63.34 33.14
C VAL W 88 12.48 -62.16 33.53
N ALA W 89 13.10 -60.98 33.68
CA ALA W 89 12.39 -59.83 34.21
C ALA W 89 11.43 -59.25 33.17
N THR W 90 11.88 -59.09 31.93
CA THR W 90 11.11 -58.42 30.90
C THR W 90 10.94 -59.35 29.72
N ARG W 91 9.70 -59.72 29.42
CA ARG W 91 9.42 -60.49 28.20
C ARG W 91 9.44 -59.59 26.98
N GLY W 92 9.10 -58.32 27.14
CA GLY W 92 9.05 -57.43 26.00
C GLY W 92 10.38 -56.94 25.49
N LEU W 93 11.48 -57.24 26.19
CA LEU W 93 12.79 -56.84 25.72
C LEU W 93 13.65 -58.02 25.31
N CYS W 94 13.10 -59.22 25.33
CA CYS W 94 13.76 -60.39 24.77
C CYS W 94 13.06 -60.76 23.47
N ALA W 95 13.83 -60.81 22.38
CA ALA W 95 13.24 -61.00 21.08
C ALA W 95 12.86 -62.45 20.84
N ILE W 96 13.49 -63.38 21.55
CA ILE W 96 13.19 -64.79 21.39
C ILE W 96 11.83 -65.13 22.00
N ALA W 97 11.55 -64.59 23.20
CA ALA W 97 10.27 -64.79 23.88
C ALA W 97 9.12 -64.13 23.13
N GLN W 98 9.32 -62.90 22.64
CA GLN W 98 8.27 -62.24 21.88
C GLN W 98 8.12 -62.81 20.48
N ALA W 99 9.21 -63.35 19.91
CA ALA W 99 9.11 -64.03 18.63
C ALA W 99 8.32 -65.32 18.76
N GLU W 100 8.48 -66.04 19.88
CA GLU W 100 7.62 -67.19 20.16
C GLU W 100 6.17 -66.78 20.42
N SER W 101 5.95 -65.61 21.04
CA SER W 101 4.59 -65.19 21.35
C SER W 101 3.81 -64.81 20.11
N LEU W 102 4.46 -64.11 19.19
CA LEU W 102 3.83 -63.80 17.90
C LEU W 102 3.63 -65.07 17.08
N ARG W 103 4.59 -66.01 17.17
CA ARG W 103 4.48 -67.29 16.50
C ARG W 103 3.30 -68.09 17.03
N TYR W 104 3.08 -68.06 18.35
CA TYR W 104 1.97 -68.77 18.96
C TYR W 104 0.63 -68.11 18.68
N LYS W 105 0.59 -66.77 18.58
CA LYS W 105 -0.64 -66.07 18.22
C LYS W 105 -1.03 -66.36 16.78
N LEU W 106 -0.05 -66.32 15.87
CA LEU W 106 -0.36 -66.51 14.46
C LEU W 106 -0.59 -67.99 14.12
N LEU W 107 0.03 -68.89 14.88
CA LEU W 107 -0.18 -70.32 14.67
C LEU W 107 -1.50 -70.79 15.27
N GLY W 108 -1.88 -70.23 16.43
CA GLY W 108 -3.23 -70.41 16.92
C GLY W 108 -4.26 -69.59 16.18
N GLY W 109 -3.81 -68.63 15.39
CA GLY W 109 -4.58 -67.98 14.35
C GLY W 109 -5.19 -66.70 14.84
N LEU W 110 -5.06 -65.67 14.01
CA LEU W 110 -5.42 -64.27 14.23
C LEU W 110 -5.29 -63.59 12.89
N ALA W 111 -5.78 -62.36 12.80
CA ALA W 111 -5.34 -61.49 11.73
C ALA W 111 -3.87 -61.21 11.94
N VAL W 112 -3.11 -61.11 10.84
CA VAL W 112 -1.67 -60.95 10.94
C VAL W 112 -1.33 -59.55 11.45
N ARG W 113 -2.12 -58.57 11.02
CA ARG W 113 -1.85 -57.17 11.31
C ARG W 113 -2.17 -56.83 12.76
N ARG W 114 -3.28 -57.36 13.28
CA ARG W 114 -3.63 -57.08 14.68
C ARG W 114 -2.72 -57.84 15.64
N ALA W 115 -2.18 -58.97 15.19
CA ALA W 115 -1.13 -59.66 15.93
C ALA W 115 0.12 -58.81 16.02
N CYS W 116 0.58 -58.29 14.87
CA CYS W 116 1.82 -57.51 14.83
C CYS W 116 1.67 -56.18 15.54
N TYR W 117 0.48 -55.59 15.51
CA TYR W 117 0.30 -54.33 16.21
C TYR W 117 0.14 -54.54 17.71
N GLY W 118 -0.38 -55.69 18.15
CA GLY W 118 -0.34 -56.00 19.57
C GLY W 118 1.07 -56.21 20.09
N VAL W 119 1.93 -56.84 19.27
CA VAL W 119 3.33 -57.01 19.63
C VAL W 119 4.08 -55.67 19.68
N LEU W 120 3.86 -54.80 18.68
CA LEU W 120 4.54 -53.49 18.63
C LEU W 120 4.07 -52.57 19.74
N ARG W 121 2.78 -52.67 20.08
CA ARG W 121 2.25 -51.87 21.17
C ARG W 121 2.78 -52.36 22.51
N PHE W 122 2.96 -53.67 22.68
CA PHE W 122 3.46 -54.14 23.97
C PHE W 122 4.95 -53.85 24.15
N ILE W 123 5.72 -53.93 23.06
CA ILE W 123 7.15 -53.63 23.12
C ILE W 123 7.38 -52.15 23.41
N MET W 124 6.63 -51.25 22.74
CA MET W 124 6.78 -49.82 23.04
C MET W 124 6.15 -49.45 24.39
N GLU W 125 5.23 -50.26 24.93
CA GLU W 125 4.76 -50.03 26.29
C GLU W 125 5.66 -50.64 27.35
N SER W 126 6.57 -51.53 26.98
CA SER W 126 7.43 -52.14 28.01
C SER W 126 8.62 -51.28 28.37
N GLY W 127 8.95 -50.28 27.58
CA GLY W 127 10.07 -49.42 27.85
C GLY W 127 11.24 -49.52 26.89
N ALA W 128 11.09 -50.15 25.73
CA ALA W 128 12.13 -50.11 24.74
C ALA W 128 12.13 -48.76 24.02
N LYS W 129 13.18 -48.50 23.25
CA LYS W 129 13.13 -47.35 22.36
C LYS W 129 12.43 -47.66 21.06
N GLY W 130 12.62 -48.86 20.50
CA GLY W 130 12.09 -49.10 19.16
C GLY W 130 11.89 -50.56 18.87
N CYS W 131 11.26 -50.82 17.73
CA CYS W 131 10.99 -52.17 17.27
C CYS W 131 10.83 -52.21 15.75
N GLU W 132 10.97 -53.41 15.20
CA GLU W 132 10.65 -53.65 13.79
C GLU W 132 10.24 -55.10 13.63
N VAL W 133 9.06 -55.35 13.10
CA VAL W 133 8.59 -56.71 12.89
C VAL W 133 8.22 -56.88 11.43
N VAL W 134 8.88 -57.83 10.76
CA VAL W 134 8.57 -58.20 9.40
C VAL W 134 7.94 -59.58 9.44
N VAL W 135 6.71 -59.69 8.95
CA VAL W 135 6.09 -60.99 8.72
C VAL W 135 5.89 -61.09 7.24
N SER W 136 6.60 -62.02 6.61
CA SER W 136 6.64 -62.09 5.16
C SER W 136 6.40 -63.52 4.73
N GLY W 137 5.83 -63.66 3.54
CA GLY W 137 5.36 -64.94 3.08
C GLY W 137 4.01 -64.82 2.42
N LYS W 138 3.21 -65.87 2.47
CA LYS W 138 1.94 -65.90 1.77
C LYS W 138 0.85 -65.23 2.62
N LEU W 139 0.97 -63.90 2.67
CA LEU W 139 0.11 -63.10 3.54
C LEU W 139 -1.29 -62.96 2.99
N ARG W 140 -1.41 -62.42 1.79
CA ARG W 140 -2.69 -62.07 1.18
C ARG W 140 -2.68 -62.65 -0.23
N GLY W 141 -3.46 -63.71 -0.44
CA GLY W 141 -3.41 -64.44 -1.69
C GLY W 141 -2.16 -65.30 -1.82
N GLN W 142 -1.92 -65.77 -3.05
CA GLN W 142 -0.91 -66.79 -3.31
C GLN W 142 0.37 -66.19 -3.88
N ARG W 143 0.65 -64.93 -3.61
CA ARG W 143 1.88 -64.27 -4.04
C ARG W 143 2.50 -63.62 -2.83
N ALA W 144 3.77 -63.93 -2.55
CA ALA W 144 4.40 -63.54 -1.31
C ALA W 144 5.14 -62.22 -1.40
N LYS W 145 5.19 -61.52 -0.28
CA LYS W 145 5.65 -60.14 -0.23
C LYS W 145 6.08 -59.82 1.19
N SER W 146 6.58 -58.60 1.38
CA SER W 146 7.11 -58.16 2.65
C SER W 146 6.12 -57.21 3.29
N MET W 147 5.91 -57.38 4.60
CA MET W 147 5.08 -56.46 5.37
C MET W 147 5.85 -56.08 6.61
N LYS W 148 6.16 -54.78 6.74
CA LYS W 148 7.02 -54.28 7.79
C LYS W 148 6.23 -53.43 8.77
N PHE W 149 6.44 -53.66 10.06
CA PHE W 149 5.70 -52.98 11.11
C PHE W 149 6.71 -52.35 12.06
N VAL W 150 6.88 -51.03 11.99
CA VAL W 150 7.91 -50.36 12.79
C VAL W 150 7.24 -49.38 13.73
N ASP W 151 7.94 -49.08 14.84
CA ASP W 151 7.61 -47.93 15.67
C ASP W 151 8.84 -47.51 16.45
N GLY W 152 9.04 -46.20 16.54
CA GLY W 152 10.21 -45.67 17.22
C GLY W 152 11.44 -45.72 16.34
N LEU W 153 12.60 -45.67 16.97
CA LEU W 153 13.85 -45.54 16.25
C LEU W 153 14.67 -46.81 16.38
N MET W 154 15.61 -46.98 15.46
CA MET W 154 16.37 -48.21 15.37
C MET W 154 17.76 -47.82 14.92
N ILE W 155 18.78 -48.46 15.46
CA ILE W 155 20.13 -48.29 14.95
C ILE W 155 20.44 -49.49 14.05
N HIS W 156 21.11 -49.24 12.92
CA HIS W 156 21.26 -50.29 11.94
C HIS W 156 22.68 -50.72 11.61
N SER W 157 23.70 -49.89 11.83
CA SER W 157 25.06 -50.26 11.44
C SER W 157 26.06 -49.90 12.52
N GLY W 158 27.28 -50.40 12.34
CA GLY W 158 28.34 -50.18 13.29
C GLY W 158 28.45 -51.29 14.31
N ASP W 159 29.40 -51.10 15.23
CA ASP W 159 29.49 -51.96 16.41
C ASP W 159 28.29 -51.90 17.38
N PRO W 160 27.62 -50.76 17.66
CA PRO W 160 26.46 -50.80 18.59
C PRO W 160 25.23 -51.59 18.15
N VAL W 161 25.18 -52.20 16.97
CA VAL W 161 24.13 -53.20 16.76
C VAL W 161 24.44 -54.53 17.44
N ASN W 162 25.63 -54.71 18.00
CA ASN W 162 25.93 -55.94 18.69
C ASN W 162 25.54 -55.93 20.16
N TYR W 163 25.42 -54.77 20.81
CA TYR W 163 24.92 -54.77 22.19
C TYR W 163 23.68 -53.95 22.48
N TYR W 164 23.18 -53.13 21.55
CA TYR W 164 21.93 -52.40 21.73
C TYR W 164 20.75 -53.00 20.99
N VAL W 165 20.96 -53.98 20.12
CA VAL W 165 19.90 -54.51 19.29
C VAL W 165 19.74 -55.99 19.58
N ASP W 166 18.54 -56.39 19.97
CA ASP W 166 18.19 -57.78 20.17
C ASP W 166 17.34 -58.24 18.99
N THR W 167 17.69 -59.37 18.37
CA THR W 167 17.01 -59.89 17.19
C THR W 167 16.63 -61.35 17.37
N ALA W 168 15.68 -61.80 16.55
CA ALA W 168 15.23 -63.19 16.51
C ALA W 168 14.56 -63.46 15.17
N VAL W 169 14.80 -64.64 14.61
CA VAL W 169 14.08 -65.14 13.44
C VAL W 169 13.48 -66.48 13.80
N ARG W 170 12.16 -66.64 13.56
CA ARG W 170 11.46 -67.87 13.85
C ARG W 170 10.60 -68.27 12.66
N HIS W 171 10.21 -69.53 12.64
CA HIS W 171 9.39 -70.10 11.59
C HIS W 171 8.04 -70.50 12.17
N VAL W 172 6.99 -70.30 11.39
CA VAL W 172 5.65 -70.74 11.76
C VAL W 172 5.06 -71.49 10.57
N LEU W 173 4.54 -72.68 10.85
CA LEU W 173 4.13 -73.63 9.81
C LEU W 173 2.62 -73.58 9.66
N LEU W 174 2.15 -72.97 8.58
CA LEU W 174 0.74 -72.89 8.25
C LEU W 174 0.43 -73.87 7.13
N ARG W 175 -0.87 -74.02 6.84
CA ARG W 175 -1.34 -75.09 5.95
C ARG W 175 -0.89 -74.91 4.51
N GLN W 176 -0.66 -73.67 4.07
CA GLN W 176 -0.25 -73.45 2.69
C GLN W 176 1.19 -72.96 2.53
N GLY W 177 1.98 -72.99 3.59
CA GLY W 177 3.40 -72.73 3.45
C GLY W 177 4.02 -72.39 4.80
N VAL W 178 5.15 -71.73 4.74
CA VAL W 178 5.77 -71.21 5.95
C VAL W 178 5.79 -69.70 5.82
N LEU W 179 5.73 -69.04 6.96
CA LEU W 179 5.89 -67.59 7.00
C LEU W 179 7.01 -67.24 7.97
N GLY W 180 7.71 -66.16 7.69
CA GLY W 180 8.92 -65.81 8.42
C GLY W 180 8.71 -64.57 9.27
N ILE W 181 9.05 -64.69 10.56
CA ILE W 181 8.77 -63.68 11.57
C ILE W 181 10.08 -63.20 12.16
N LYS W 182 10.37 -61.91 12.00
CA LYS W 182 11.57 -61.29 12.54
C LYS W 182 11.15 -60.26 13.56
N VAL W 183 11.77 -60.25 14.72
CA VAL W 183 11.54 -59.20 15.72
C VAL W 183 12.88 -58.63 16.10
N LYS W 184 13.10 -57.36 15.80
CA LYS W 184 14.30 -56.65 16.23
C LYS W 184 13.89 -55.57 17.21
N ILE W 185 14.48 -55.57 18.41
CA ILE W 185 14.16 -54.60 19.45
C ILE W 185 15.44 -53.87 19.84
N MET W 186 15.37 -52.55 19.91
CA MET W 186 16.43 -51.74 20.49
C MET W 186 16.18 -51.61 21.99
N LEU W 187 17.22 -51.74 22.78
CA LEU W 187 17.10 -51.64 24.22
C LEU W 187 17.21 -50.18 24.69
N PRO W 188 16.66 -49.83 25.84
CA PRO W 188 16.87 -48.49 26.40
C PRO W 188 18.18 -48.43 27.20
N TRP W 189 18.56 -47.20 27.56
CA TRP W 189 19.93 -46.90 27.95
C TRP W 189 20.29 -47.49 29.31
N ASP W 190 19.54 -47.09 30.38
CA ASP W 190 19.61 -47.63 31.74
C ASP W 190 20.99 -47.66 32.38
N PRO W 191 21.54 -46.49 32.75
CA PRO W 191 23.01 -46.30 32.90
C PRO W 191 23.69 -47.11 34.00
N THR W 192 22.97 -47.57 35.01
CA THR W 192 23.60 -48.46 35.97
C THR W 192 23.79 -49.86 35.42
N GLY W 193 23.05 -50.22 34.37
CA GLY W 193 23.02 -51.57 33.90
C GLY W 193 21.84 -52.36 34.40
N LYS W 194 20.76 -51.70 34.82
CA LYS W 194 19.66 -52.39 35.49
C LYS W 194 18.87 -53.29 34.53
N ILE W 195 18.25 -52.73 33.49
CA ILE W 195 17.67 -53.48 32.39
C ILE W 195 18.31 -53.18 31.04
N GLY W 196 19.37 -52.36 31.00
CA GLY W 196 19.98 -52.00 29.74
C GLY W 196 21.49 -51.84 29.75
N PRO W 197 22.08 -51.45 28.61
CA PRO W 197 23.54 -51.52 28.47
C PRO W 197 24.31 -50.46 29.23
N LYS W 198 25.53 -50.80 29.61
CA LYS W 198 26.29 -49.97 30.53
C LYS W 198 26.91 -48.76 29.83
N LYS W 199 27.61 -49.00 28.74
CA LYS W 199 28.22 -47.93 27.98
C LYS W 199 27.16 -47.20 27.16
N PRO W 200 27.32 -45.91 26.93
CA PRO W 200 26.38 -45.18 26.10
C PRO W 200 26.64 -45.45 24.62
N LEU W 201 25.79 -44.91 23.78
CA LEU W 201 26.08 -44.90 22.35
C LEU W 201 27.27 -44.00 22.06
N PRO W 202 28.18 -44.41 21.17
CA PRO W 202 29.41 -43.64 20.97
C PRO W 202 29.27 -42.34 20.19
N ASP W 203 28.07 -41.94 19.77
CA ASP W 203 27.89 -40.63 19.17
C ASP W 203 27.14 -39.69 20.09
N HIS W 204 26.92 -40.09 21.33
CA HIS W 204 25.93 -39.41 22.16
C HIS W 204 26.66 -38.58 23.21
N VAL W 205 26.78 -37.29 22.94
CA VAL W 205 27.67 -36.41 23.67
C VAL W 205 26.85 -35.78 24.79
N SER W 206 27.07 -36.22 26.02
CA SER W 206 26.31 -35.73 27.16
C SER W 206 27.15 -34.71 27.91
N ILE W 207 26.58 -33.53 28.15
CA ILE W 207 27.31 -32.44 28.78
C ILE W 207 26.69 -32.20 30.16
N VAL W 208 27.52 -32.27 31.20
CA VAL W 208 27.07 -31.97 32.54
C VAL W 208 26.80 -30.47 32.65
N GLU W 209 25.78 -30.12 33.40
CA GLU W 209 25.31 -28.75 33.46
C GLU W 209 26.24 -27.94 34.37
N PRO W 210 26.46 -26.66 34.06
CA PRO W 210 27.37 -25.85 34.90
C PRO W 210 26.74 -25.52 36.25
N LYS W 211 27.58 -25.50 37.29
CA LYS W 211 27.10 -25.14 38.61
C LYS W 211 26.83 -23.63 38.69
N ASP W 212 25.77 -23.27 39.41
CA ASP W 212 25.31 -21.89 39.46
C ASP W 212 26.04 -21.19 40.61
N GLU W 213 27.15 -20.54 40.28
CA GLU W 213 28.01 -19.89 41.27
C GLU W 213 27.98 -18.38 41.07
N ILE W 214 27.74 -17.63 42.16
CA ILE W 214 27.78 -16.18 42.13
C ILE W 214 29.19 -15.71 42.46
N LEU W 215 29.63 -14.65 41.81
CA LEU W 215 30.98 -14.15 42.00
C LEU W 215 31.11 -13.52 43.40
N PRO W 216 32.31 -13.55 44.00
CA PRO W 216 32.47 -12.93 45.33
C PRO W 216 32.40 -11.41 45.34
N THR W 217 33.02 -10.74 44.34
CA THR W 217 33.09 -9.29 44.11
C THR W 217 33.78 -8.52 45.24
N THR W 218 34.57 -9.18 46.09
CA THR W 218 35.40 -8.55 47.12
C THR W 218 36.47 -9.54 47.53
N PRO W 219 37.66 -9.09 47.87
CA PRO W 219 38.64 -9.99 48.50
C PRO W 219 38.32 -10.20 49.98
N ILE W 220 38.16 -11.45 50.37
CA ILE W 220 37.64 -11.81 51.68
C ILE W 220 38.18 -13.19 52.05
N SER W 221 38.52 -13.38 53.33
CA SER W 221 39.08 -14.62 53.84
C SER W 221 38.07 -15.35 54.71
N GLU W 222 38.42 -16.59 55.09
CA GLU W 222 37.72 -17.32 56.14
C GLU W 222 38.65 -18.33 56.81
N GLN W 223 38.69 -18.33 58.14
CA GLN W 223 39.52 -19.28 58.89
C GLN W 223 38.77 -20.59 59.14
N LYS W 224 39.54 -21.60 59.56
CA LYS W 224 39.11 -22.96 59.98
C LYS W 224 38.41 -23.74 58.88
N ASP X 1 82.74 -35.27 1.46
CA ASP X 1 83.17 -35.75 0.16
C ASP X 1 82.39 -36.98 -0.23
N ILE X 2 81.11 -36.82 -0.54
CA ILE X 2 80.26 -37.96 -0.85
C ILE X 2 80.52 -38.38 -2.29
N LYS X 3 81.04 -39.57 -2.48
CA LYS X 3 81.43 -40.04 -3.80
C LYS X 3 80.54 -41.19 -4.23
N LEU X 4 80.02 -41.11 -5.45
CA LEU X 4 79.09 -42.12 -5.95
C LEU X 4 79.87 -43.36 -6.35
N PHE X 5 79.38 -44.53 -5.91
CA PHE X 5 79.98 -45.85 -6.03
C PHE X 5 81.37 -45.95 -5.40
N GLY X 6 81.70 -45.04 -4.47
CA GLY X 6 83.03 -44.85 -3.96
C GLY X 6 83.98 -44.06 -4.86
N LYS X 7 83.67 -43.91 -6.15
CA LYS X 7 84.64 -43.39 -7.10
C LYS X 7 84.23 -42.13 -7.86
N TRP X 8 82.97 -41.71 -7.82
CA TRP X 8 82.54 -40.65 -8.71
C TRP X 8 82.36 -39.33 -7.97
N SER X 9 83.06 -38.31 -8.43
CA SER X 9 82.86 -36.97 -7.91
C SER X 9 81.65 -36.35 -8.56
N THR X 10 80.84 -35.69 -7.74
CA THR X 10 79.62 -35.00 -8.15
C THR X 10 79.82 -33.50 -8.15
N ASP X 11 81.02 -33.05 -7.85
CA ASP X 11 81.28 -31.67 -7.56
C ASP X 11 81.45 -30.84 -8.83
N ASP X 12 81.71 -31.51 -9.96
CA ASP X 12 82.28 -30.84 -11.12
C ASP X 12 81.41 -30.86 -12.38
N VAL X 13 80.35 -31.67 -12.42
CA VAL X 13 79.60 -31.90 -13.66
C VAL X 13 78.65 -30.74 -13.95
N GLN X 14 78.45 -30.48 -15.24
CA GLN X 14 77.88 -29.23 -15.72
C GLN X 14 76.50 -29.48 -16.31
N ILE X 15 75.48 -29.08 -15.55
CA ILE X 15 74.13 -28.89 -16.07
C ILE X 15 74.11 -27.58 -16.86
N ASN X 16 73.98 -27.68 -18.18
CA ASN X 16 74.04 -26.49 -19.04
C ASN X 16 72.67 -25.95 -19.39
N ASP X 17 71.61 -26.41 -18.73
CA ASP X 17 70.29 -25.86 -18.91
C ASP X 17 69.79 -25.29 -17.60
N ILE X 18 68.92 -24.30 -17.71
CA ILE X 18 68.29 -23.67 -16.57
C ILE X 18 67.01 -24.41 -16.17
N SER X 19 66.30 -24.95 -17.15
CA SER X 19 64.99 -25.53 -16.95
C SER X 19 65.03 -26.83 -16.17
N LEU X 20 66.13 -27.57 -16.23
CA LEU X 20 66.27 -28.81 -15.47
C LEU X 20 67.23 -28.67 -14.29
N GLN X 21 67.45 -27.45 -13.80
CA GLN X 21 68.46 -27.22 -12.74
C GLN X 21 67.96 -27.70 -11.39
N ASP X 22 66.67 -27.59 -11.12
CA ASP X 22 66.08 -28.18 -9.93
C ASP X 22 65.40 -29.50 -10.22
N TYR X 23 65.51 -30.02 -11.45
CA TYR X 23 64.82 -31.24 -11.82
C TYR X 23 65.76 -32.38 -12.24
N ILE X 24 67.06 -32.15 -12.34
CA ILE X 24 68.03 -33.25 -12.30
C ILE X 24 68.73 -33.13 -10.95
N ALA X 25 68.40 -34.02 -10.04
CA ALA X 25 68.98 -33.99 -8.70
C ALA X 25 70.25 -34.83 -8.72
N VAL X 26 71.38 -34.18 -8.96
CA VAL X 26 72.68 -34.83 -8.83
C VAL X 26 73.64 -34.08 -7.88
N LYS X 27 73.42 -32.80 -7.61
CA LYS X 27 74.37 -31.96 -6.91
C LYS X 27 74.26 -32.15 -5.41
N GLU X 28 75.15 -31.45 -4.67
CA GLU X 28 75.82 -31.86 -3.44
C GLU X 28 74.96 -32.49 -2.35
N LYS X 29 73.69 -32.07 -2.22
CA LYS X 29 72.80 -32.70 -1.27
C LYS X 29 72.41 -34.10 -1.73
N TYR X 30 72.25 -34.28 -3.04
CA TYR X 30 71.84 -35.55 -3.61
C TYR X 30 73.01 -36.39 -4.03
N ALA X 31 74.19 -36.09 -3.52
CA ALA X 31 75.32 -36.98 -3.67
C ALA X 31 75.12 -38.11 -2.68
N LYS X 32 74.97 -39.32 -3.19
CA LYS X 32 74.81 -40.49 -2.35
C LYS X 32 75.80 -41.54 -2.81
N TYR X 33 76.10 -42.48 -1.93
CA TYR X 33 77.08 -43.50 -2.25
C TYR X 33 76.53 -44.51 -3.25
N LEU X 34 75.25 -44.75 -3.23
CA LEU X 34 74.65 -45.82 -4.01
C LEU X 34 73.42 -45.34 -4.78
N PRO X 35 73.09 -46.01 -5.87
CA PRO X 35 71.80 -45.80 -6.54
C PRO X 35 70.62 -46.47 -5.86
N HIS X 36 70.76 -47.11 -4.71
CA HIS X 36 69.63 -47.59 -3.93
C HIS X 36 69.38 -46.61 -2.80
N SER X 37 68.13 -46.14 -2.66
CA SER X 37 67.77 -45.42 -1.45
C SER X 37 66.60 -46.01 -0.68
N ALA X 38 65.84 -46.94 -1.27
CA ALA X 38 64.62 -47.55 -0.72
C ALA X 38 63.59 -46.52 -0.28
N GLY X 39 63.39 -45.50 -1.11
CA GLY X 39 62.73 -44.29 -0.67
C GLY X 39 61.22 -44.32 -0.72
N ARG X 40 60.66 -43.28 -0.10
CA ARG X 40 59.23 -43.02 -0.01
C ARG X 40 58.84 -41.89 -0.95
N TYR X 41 59.58 -41.79 -2.05
CA TYR X 41 59.64 -40.54 -2.81
C TYR X 41 58.38 -40.33 -3.65
N ALA X 42 57.85 -41.38 -4.27
CA ALA X 42 56.59 -41.22 -5.02
C ALA X 42 55.38 -41.45 -4.11
N ALA X 43 55.23 -40.59 -3.12
CA ALA X 43 54.06 -40.54 -2.27
C ALA X 43 53.36 -39.21 -2.32
N LYS X 44 53.92 -38.23 -3.01
CA LYS X 44 53.30 -36.93 -3.13
C LYS X 44 53.63 -36.42 -4.51
N ARG X 45 52.84 -35.45 -4.99
CA ARG X 45 53.23 -34.72 -6.19
C ARG X 45 54.48 -33.92 -5.89
N PHE X 46 55.47 -34.07 -6.79
CA PHE X 46 56.74 -33.34 -6.82
C PHE X 46 57.66 -33.65 -5.63
N ARG X 47 57.53 -34.79 -4.97
CA ARG X 47 58.67 -35.32 -4.24
C ARG X 47 59.47 -36.31 -5.06
N LYS X 48 58.91 -36.82 -6.16
CA LYS X 48 59.64 -37.71 -7.04
C LYS X 48 60.65 -37.00 -7.92
N ALA X 49 60.62 -35.66 -8.01
CA ALA X 49 61.65 -34.97 -8.79
C ALA X 49 62.98 -34.91 -8.04
N GLN X 50 62.95 -34.74 -6.73
CA GLN X 50 64.17 -34.61 -5.95
C GLN X 50 64.51 -35.91 -5.23
N CYS X 51 64.02 -37.01 -5.80
CA CYS X 51 64.77 -38.25 -5.84
C CYS X 51 66.03 -38.03 -6.68
N PRO X 52 67.16 -38.67 -6.33
CA PRO X 52 68.37 -38.55 -7.15
C PRO X 52 68.18 -39.13 -8.54
N ILE X 53 68.88 -38.57 -9.51
CA ILE X 53 68.66 -38.94 -10.91
C ILE X 53 69.19 -40.33 -11.19
N VAL X 54 70.21 -40.77 -10.44
CA VAL X 54 70.77 -42.11 -10.56
C VAL X 54 69.81 -43.15 -10.01
N GLU X 55 69.05 -42.79 -8.96
CA GLU X 55 68.08 -43.69 -8.36
C GLU X 55 66.89 -43.90 -9.28
N ARG X 56 66.45 -42.83 -9.96
CA ARG X 56 65.42 -42.96 -10.98
C ARG X 56 65.93 -43.74 -12.18
N LEU X 57 67.23 -43.64 -12.45
CA LEU X 57 67.81 -44.32 -13.59
C LEU X 57 67.88 -45.82 -13.39
N THR X 58 68.27 -46.25 -12.19
CA THR X 58 68.26 -47.69 -11.94
C THR X 58 66.87 -48.24 -11.66
N ASN X 59 65.91 -47.41 -11.25
CA ASN X 59 64.57 -47.97 -11.11
C ASN X 59 63.85 -48.10 -12.44
N SER X 60 64.15 -47.23 -13.41
CA SER X 60 63.51 -47.34 -14.71
C SER X 60 64.03 -48.49 -15.56
N MET X 61 65.10 -49.15 -15.15
CA MET X 61 65.59 -50.36 -15.78
C MET X 61 64.99 -51.63 -15.19
N MET X 62 63.93 -51.52 -14.39
CA MET X 62 63.31 -52.69 -13.77
C MET X 62 62.06 -53.12 -14.51
N MET X 63 61.94 -52.74 -15.79
CA MET X 63 60.62 -52.45 -16.33
C MET X 63 59.85 -53.70 -16.73
N HIS X 64 60.44 -54.62 -17.49
CA HIS X 64 59.61 -55.70 -17.97
C HIS X 64 59.49 -56.85 -16.96
N GLY X 65 58.47 -57.69 -17.19
CA GLY X 65 57.91 -58.56 -16.16
C GLY X 65 58.78 -59.72 -15.79
N ARG X 66 59.75 -60.07 -16.63
CA ARG X 66 60.76 -61.03 -16.22
C ARG X 66 61.67 -60.42 -15.15
N ASN X 67 61.89 -59.10 -15.22
CA ASN X 67 62.78 -58.37 -14.33
C ASN X 67 62.05 -57.39 -13.41
N ASN X 68 60.80 -57.69 -13.05
CA ASN X 68 60.06 -56.89 -12.10
C ASN X 68 60.49 -57.16 -10.68
N GLY X 69 60.69 -56.09 -9.91
CA GLY X 69 60.99 -56.17 -8.49
C GLY X 69 62.45 -56.29 -8.16
N LYS X 70 63.32 -56.54 -9.15
CA LYS X 70 64.73 -56.85 -8.92
C LYS X 70 65.57 -55.59 -9.05
N LYS X 71 66.01 -55.05 -7.91
CA LYS X 71 66.73 -53.77 -7.91
C LYS X 71 68.25 -53.93 -7.97
N LEU X 72 68.80 -54.92 -7.26
CA LEU X 72 70.26 -55.03 -7.17
C LEU X 72 70.87 -55.54 -8.44
N MET X 73 70.08 -56.24 -9.26
CA MET X 73 70.47 -56.59 -10.61
C MET X 73 70.72 -55.34 -11.45
N THR X 74 69.86 -54.34 -11.34
CA THR X 74 70.09 -53.11 -12.08
C THR X 74 71.14 -52.21 -11.43
N VAL X 75 71.35 -52.32 -10.11
CA VAL X 75 72.49 -51.66 -9.46
C VAL X 75 73.80 -52.20 -10.00
N ARG X 76 73.87 -53.52 -10.20
CA ARG X 76 75.03 -54.17 -10.82
C ARG X 76 75.20 -53.76 -12.28
N ILE X 77 74.08 -53.67 -13.03
CA ILE X 77 74.13 -53.27 -14.43
C ILE X 77 74.59 -51.82 -14.59
N VAL X 78 74.09 -50.92 -13.74
CA VAL X 78 74.47 -49.52 -13.85
C VAL X 78 75.90 -49.31 -13.34
N LYS X 79 76.38 -50.18 -12.45
CA LYS X 79 77.76 -50.12 -11.99
C LYS X 79 78.73 -50.48 -13.10
N HIS X 80 78.46 -51.60 -13.79
CA HIS X 80 79.34 -52.00 -14.90
C HIS X 80 79.18 -51.09 -16.10
N ALA X 81 77.99 -50.50 -16.31
CA ALA X 81 77.81 -49.54 -17.40
C ALA X 81 78.54 -48.22 -17.13
N PHE X 82 78.60 -47.78 -15.88
CA PHE X 82 79.38 -46.58 -15.57
C PHE X 82 80.87 -46.84 -15.72
N GLU X 83 81.33 -48.04 -15.37
CA GLU X 83 82.72 -48.38 -15.64
C GLU X 83 83.00 -48.50 -17.14
N ILE X 84 82.01 -48.91 -17.92
CA ILE X 84 82.13 -48.92 -19.38
C ILE X 84 82.21 -47.50 -19.95
N ILE X 85 81.52 -46.53 -19.32
CA ILE X 85 81.66 -45.13 -19.71
C ILE X 85 83.06 -44.62 -19.42
N HIS X 86 83.59 -44.95 -18.24
CA HIS X 86 84.92 -44.48 -17.86
C HIS X 86 86.03 -45.15 -18.67
N LEU X 87 85.77 -46.32 -19.23
CA LEU X 87 86.79 -46.97 -20.04
C LEU X 87 86.67 -46.62 -21.52
N LEU X 88 85.45 -46.49 -22.05
CA LEU X 88 85.32 -46.22 -23.48
C LEU X 88 85.53 -44.73 -23.75
N THR X 89 84.96 -43.86 -22.94
CA THR X 89 85.13 -42.42 -23.14
C THR X 89 86.12 -41.75 -22.21
N GLY X 90 86.20 -42.18 -20.95
CA GLY X 90 87.19 -41.62 -20.05
C GLY X 90 86.90 -40.24 -19.52
N GLU X 91 85.67 -39.77 -19.62
CA GLU X 91 85.22 -38.53 -19.00
C GLU X 91 84.34 -38.90 -17.81
N ASN X 92 83.97 -37.90 -17.02
CA ASN X 92 83.12 -38.17 -15.85
C ASN X 92 81.73 -38.60 -16.32
N PRO X 93 81.25 -39.78 -15.89
CA PRO X 93 80.00 -40.34 -16.42
C PRO X 93 78.76 -39.60 -16.00
N LEU X 94 78.85 -38.81 -14.93
CA LEU X 94 77.71 -38.04 -14.49
C LEU X 94 77.41 -36.90 -15.46
N GLN X 95 78.43 -36.42 -16.18
CA GLN X 95 78.19 -35.53 -17.30
C GLN X 95 77.56 -36.27 -18.48
N VAL X 96 77.81 -37.57 -18.61
CA VAL X 96 77.20 -38.31 -19.71
C VAL X 96 75.71 -38.55 -19.44
N LEU X 97 75.34 -38.86 -18.20
CA LEU X 97 73.91 -39.01 -17.87
C LEU X 97 73.18 -37.66 -17.89
N VAL X 98 73.83 -36.60 -17.40
CA VAL X 98 73.25 -35.26 -17.44
C VAL X 98 73.10 -34.77 -18.87
N ASN X 99 74.08 -35.05 -19.73
CA ASN X 99 74.01 -34.62 -21.13
C ASN X 99 72.98 -35.41 -21.90
N ALA X 100 72.80 -36.69 -21.58
CA ALA X 100 71.79 -37.51 -22.24
C ALA X 100 70.38 -37.06 -21.87
N ILE X 101 70.15 -36.77 -20.59
CA ILE X 101 68.80 -36.38 -20.17
C ILE X 101 68.47 -34.95 -20.58
N ILE X 102 69.44 -34.03 -20.53
CA ILE X 102 69.22 -32.65 -20.98
C ILE X 102 69.02 -32.60 -22.49
N ASN X 103 69.81 -33.38 -23.24
CA ASN X 103 69.70 -33.32 -24.68
C ASN X 103 68.50 -34.07 -25.23
N SER X 104 67.96 -35.07 -24.54
CA SER X 104 67.02 -35.96 -25.20
C SER X 104 65.55 -35.77 -24.84
N GLY X 105 65.23 -34.93 -23.86
CA GLY X 105 63.84 -34.62 -23.59
C GLY X 105 63.26 -33.81 -24.73
N PRO X 106 62.14 -34.25 -25.31
CA PRO X 106 61.59 -33.55 -26.48
C PRO X 106 60.90 -32.27 -26.05
N ARG X 107 61.25 -31.17 -26.70
CA ARG X 107 60.86 -29.86 -26.19
C ARG X 107 59.47 -29.46 -26.62
N GLU X 108 58.94 -30.09 -27.68
CA GLU X 108 57.58 -29.89 -28.13
C GLU X 108 56.95 -31.26 -28.35
N ASP X 109 55.62 -31.33 -28.21
CA ASP X 109 54.93 -32.61 -28.30
C ASP X 109 53.53 -32.37 -28.84
N SER X 110 52.79 -33.45 -29.02
CA SER X 110 51.47 -33.38 -29.62
C SER X 110 50.47 -34.03 -28.69
N THR X 111 49.23 -33.51 -28.71
CA THR X 111 48.13 -34.05 -27.92
C THR X 111 47.04 -34.56 -28.84
N ARG X 112 46.38 -35.64 -28.43
CA ARG X 112 45.21 -36.11 -29.16
C ARG X 112 43.97 -35.31 -28.77
N ILE X 113 43.26 -34.80 -29.79
CA ILE X 113 41.92 -34.24 -29.68
C ILE X 113 41.22 -34.79 -30.93
N GLY X 114 39.93 -34.45 -31.10
CA GLY X 114 39.20 -34.97 -32.24
C GLY X 114 38.02 -35.83 -31.84
N ARG X 115 37.69 -35.78 -30.56
CA ARG X 115 36.63 -36.58 -29.91
C ARG X 115 36.82 -38.08 -30.13
N ALA X 116 37.95 -38.57 -29.61
CA ALA X 116 38.23 -39.99 -29.30
C ALA X 116 38.20 -40.94 -30.50
N GLY X 117 39.08 -40.68 -31.47
CA GLY X 117 39.26 -41.59 -32.59
C GLY X 117 39.09 -41.04 -33.99
N THR X 118 38.90 -39.74 -34.19
CA THR X 118 39.24 -39.12 -35.46
C THR X 118 40.49 -38.27 -35.22
N VAL X 119 41.53 -38.50 -36.00
CA VAL X 119 42.88 -38.08 -35.64
C VAL X 119 43.11 -36.68 -36.22
N ARG X 120 43.03 -35.67 -35.36
CA ARG X 120 43.60 -34.35 -35.61
C ARG X 120 44.32 -33.94 -34.33
N ARG X 121 45.65 -33.91 -34.39
CA ARG X 121 46.42 -33.64 -33.18
C ARG X 121 46.81 -32.16 -33.11
N GLN X 122 47.15 -31.73 -31.89
CA GLN X 122 47.49 -30.34 -31.61
C GLN X 122 48.81 -30.27 -30.85
N ALA X 123 49.66 -29.33 -31.24
CA ALA X 123 50.97 -29.17 -30.65
C ALA X 123 50.94 -28.23 -29.45
N VAL X 124 51.50 -28.68 -28.32
CA VAL X 124 51.83 -27.86 -27.15
C VAL X 124 53.24 -28.22 -26.71
N ASP X 125 53.73 -27.53 -25.69
CA ASP X 125 55.07 -27.81 -25.17
C ASP X 125 55.00 -28.59 -23.87
N VAL X 126 56.17 -29.01 -23.43
CA VAL X 126 56.35 -30.04 -22.42
C VAL X 126 56.86 -29.40 -21.14
N SER X 127 56.33 -29.83 -20.00
CA SER X 127 56.85 -29.42 -18.70
C SER X 127 58.20 -30.08 -18.46
N PRO X 128 59.11 -29.42 -17.71
CA PRO X 128 60.49 -29.95 -17.58
C PRO X 128 60.63 -31.26 -16.82
N LEU X 129 59.78 -31.52 -15.83
CA LEU X 129 59.84 -32.81 -15.16
C LEU X 129 59.33 -33.93 -16.07
N ARG X 130 58.33 -33.63 -16.91
CA ARG X 130 57.91 -34.56 -17.95
C ARG X 130 59.00 -34.77 -18.98
N ARG X 131 59.80 -33.74 -19.25
CA ARG X 131 60.94 -33.89 -20.15
C ARG X 131 62.02 -34.79 -19.57
N VAL X 132 62.26 -34.67 -18.26
CA VAL X 132 63.27 -35.50 -17.58
C VAL X 132 62.84 -36.95 -17.55
N ASN X 133 61.59 -37.23 -17.17
CA ASN X 133 61.21 -38.63 -17.06
C ASN X 133 60.87 -39.27 -18.40
N GLN X 134 60.43 -38.47 -19.38
CA GLN X 134 60.31 -38.93 -20.75
C GLN X 134 61.68 -39.26 -21.32
N ALA X 135 62.71 -38.49 -20.94
CA ALA X 135 64.06 -38.78 -21.40
C ALA X 135 64.60 -40.06 -20.79
N ILE X 136 64.29 -40.32 -19.52
CA ILE X 136 64.73 -41.59 -18.92
C ILE X 136 63.96 -42.77 -19.51
N TRP X 137 62.70 -42.56 -19.89
CA TRP X 137 61.98 -43.66 -20.52
C TRP X 137 62.45 -43.91 -21.95
N LEU X 138 62.77 -42.87 -22.70
CA LEU X 138 63.33 -43.08 -24.02
C LEU X 138 64.79 -43.52 -23.97
N LEU X 139 65.48 -43.34 -22.84
CA LEU X 139 66.81 -43.91 -22.71
C LEU X 139 66.78 -45.35 -22.22
N CYS X 140 65.75 -45.78 -21.50
CA CYS X 140 65.68 -47.17 -21.09
C CYS X 140 65.03 -48.07 -22.14
N THR X 141 64.12 -47.53 -22.97
CA THR X 141 63.89 -48.06 -24.31
C THR X 141 65.05 -47.63 -25.21
N GLY X 142 65.06 -48.08 -26.46
CA GLY X 142 66.39 -48.24 -26.99
C GLY X 142 66.99 -49.43 -26.29
N ALA X 143 67.99 -49.22 -25.42
CA ALA X 143 68.99 -50.15 -24.89
C ALA X 143 68.52 -51.55 -24.53
N ARG X 144 67.35 -51.69 -23.89
CA ARG X 144 66.81 -53.03 -23.68
C ARG X 144 66.30 -53.63 -24.99
N GLU X 145 65.68 -52.83 -25.86
CA GLU X 145 65.22 -53.37 -27.14
C GLU X 145 66.38 -53.59 -28.11
N ALA X 146 67.48 -52.86 -27.94
CA ALA X 146 68.69 -53.06 -28.71
C ALA X 146 69.66 -54.04 -28.07
N ALA X 147 69.39 -54.51 -26.86
CA ALA X 147 70.04 -55.71 -26.34
C ALA X 147 69.05 -56.82 -26.03
N PHE X 148 67.84 -56.75 -26.60
CA PHE X 148 66.94 -57.89 -26.52
C PHE X 148 67.46 -59.04 -27.38
N ARG X 149 67.59 -58.83 -28.68
CA ARG X 149 68.12 -59.90 -29.54
C ARG X 149 69.36 -59.38 -30.25
N ASN X 150 70.51 -59.75 -29.70
CA ASN X 150 71.85 -59.36 -30.10
C ASN X 150 72.79 -60.34 -29.42
N ILE X 151 74.05 -60.36 -29.86
CA ILE X 151 75.08 -60.95 -29.01
C ILE X 151 75.59 -59.94 -27.99
N LYS X 152 75.29 -58.66 -28.18
CA LYS X 152 75.71 -57.65 -27.22
C LYS X 152 74.91 -57.75 -25.93
N THR X 153 75.62 -57.71 -24.81
CA THR X 153 74.96 -57.67 -23.51
C THR X 153 74.53 -56.24 -23.20
N ILE X 154 73.85 -56.09 -22.05
CA ILE X 154 73.04 -54.91 -21.82
C ILE X 154 73.89 -53.71 -21.40
N ALA X 155 75.01 -53.93 -20.71
CA ALA X 155 75.71 -52.85 -20.02
C ALA X 155 76.44 -51.94 -20.99
N GLU X 156 77.09 -52.54 -21.99
CA GLU X 156 77.67 -51.82 -23.11
C GLU X 156 76.60 -51.11 -23.93
N CYS X 157 75.42 -51.72 -24.06
CA CYS X 157 74.36 -51.14 -24.85
C CYS X 157 73.73 -49.94 -24.17
N LEU X 158 73.59 -50.00 -22.84
CA LEU X 158 72.99 -48.91 -22.08
C LEU X 158 73.96 -47.76 -21.94
N ALA X 159 75.24 -48.06 -21.69
CA ALA X 159 76.23 -47.01 -21.57
C ALA X 159 76.47 -46.34 -22.91
N ASP X 160 76.48 -47.12 -24.00
CA ASP X 160 76.51 -46.55 -25.34
C ASP X 160 75.25 -45.79 -25.67
N GLU X 161 74.11 -46.16 -25.07
CA GLU X 161 72.90 -45.39 -25.31
C GLU X 161 72.95 -44.03 -24.64
N LEU X 162 73.52 -43.98 -23.44
CA LEU X 162 73.69 -42.71 -22.75
C LEU X 162 74.76 -41.85 -23.42
N ILE X 163 75.78 -42.50 -24.01
CA ILE X 163 76.77 -41.83 -24.84
C ILE X 163 76.13 -41.27 -26.11
N ASN X 164 75.29 -42.08 -26.76
CA ASN X 164 74.68 -41.75 -28.04
C ASN X 164 73.57 -40.71 -27.89
N ALA X 165 73.05 -40.50 -26.68
CA ALA X 165 72.26 -39.30 -26.41
C ALA X 165 73.09 -38.15 -25.87
N ALA X 166 74.28 -38.43 -25.31
CA ALA X 166 75.15 -37.35 -24.85
C ALA X 166 75.79 -36.59 -26.00
N LYS X 167 76.03 -37.24 -27.14
CA LYS X 167 76.61 -36.54 -28.28
C LYS X 167 75.62 -36.33 -29.41
N GLY X 168 74.51 -37.05 -29.43
CA GLY X 168 73.44 -36.75 -30.36
C GLY X 168 73.51 -37.45 -31.70
N SER X 169 74.10 -38.63 -31.76
CA SER X 169 74.03 -39.42 -32.98
C SER X 169 72.61 -39.93 -33.17
N SER X 170 72.20 -40.05 -34.43
CA SER X 170 70.81 -40.36 -34.74
C SER X 170 70.59 -41.85 -34.96
N ASN X 171 71.46 -42.68 -34.39
CA ASN X 171 71.15 -44.08 -34.09
C ASN X 171 70.51 -44.23 -32.72
N SER X 172 70.35 -43.13 -31.98
CA SER X 172 69.89 -43.18 -30.60
C SER X 172 68.38 -43.11 -30.61
N TYR X 173 67.73 -44.14 -30.04
CA TYR X 173 66.27 -44.24 -30.08
C TYR X 173 65.61 -43.20 -29.21
N ALA X 174 66.32 -42.74 -28.19
CA ALA X 174 65.92 -41.54 -27.47
C ALA X 174 65.97 -40.32 -28.38
N ILE X 175 67.06 -40.13 -29.13
CA ILE X 175 67.18 -38.98 -30.01
C ILE X 175 66.31 -39.15 -31.26
N LYS X 176 66.22 -40.38 -31.78
CA LYS X 176 65.40 -40.68 -32.95
C LYS X 176 63.91 -40.46 -32.68
N LYS X 177 63.42 -40.96 -31.54
CA LYS X 177 62.03 -40.72 -31.23
C LYS X 177 61.78 -39.31 -30.74
N LYS X 178 62.80 -38.64 -30.19
CA LYS X 178 62.69 -37.23 -29.81
C LYS X 178 62.39 -36.37 -31.03
N ASP X 179 63.18 -36.57 -32.09
CA ASP X 179 62.98 -35.83 -33.33
C ASP X 179 61.67 -36.22 -34.01
N GLU X 180 61.25 -37.48 -33.88
CA GLU X 180 60.00 -37.89 -34.54
C GLU X 180 58.76 -37.33 -33.85
N LEU X 181 58.67 -37.44 -32.52
CA LEU X 181 57.47 -36.95 -31.85
C LEU X 181 57.51 -35.44 -31.57
N GLU X 182 58.61 -34.76 -31.89
CA GLU X 182 58.51 -33.32 -32.04
C GLU X 182 58.21 -32.90 -33.48
N ARG X 183 58.64 -33.68 -34.48
CA ARG X 183 58.35 -33.30 -35.86
C ARG X 183 56.91 -33.59 -36.26
N VAL X 184 56.22 -34.51 -35.57
CA VAL X 184 54.80 -34.65 -35.89
C VAL X 184 54.00 -33.52 -35.24
N ALA X 185 54.49 -32.97 -34.12
CA ALA X 185 53.91 -31.73 -33.59
C ALA X 185 54.25 -30.54 -34.47
N LYS X 186 55.38 -30.59 -35.16
CA LYS X 186 55.61 -29.62 -36.22
C LYS X 186 54.65 -29.83 -37.38
N SER X 187 54.29 -31.09 -37.67
CA SER X 187 53.46 -31.36 -38.83
C SER X 187 51.99 -31.05 -38.58
N ASN X 188 51.49 -31.31 -37.37
CA ASN X 188 50.08 -30.97 -37.07
C ASN X 188 49.96 -29.53 -36.58
N ARG X 189 50.34 -28.59 -37.45
CA ARG X 189 50.31 -27.16 -37.18
C ARG X 189 50.15 -26.43 -38.51
N MET Y 1 8.50 -105.12 13.29
CA MET Y 1 9.53 -105.96 12.71
C MET Y 1 9.85 -107.16 13.60
N LEU Y 2 10.37 -108.20 12.95
CA LEU Y 2 10.54 -109.53 13.52
C LEU Y 2 11.87 -109.64 14.25
N MET Y 3 11.83 -109.41 15.54
CA MET Y 3 13.00 -109.43 16.40
C MET Y 3 12.88 -110.57 17.42
N PRO Y 4 13.93 -110.89 18.17
CA PRO Y 4 13.74 -111.71 19.37
C PRO Y 4 12.86 -111.03 20.41
N LYS Y 5 12.29 -111.86 21.27
CA LYS Y 5 11.58 -111.33 22.42
C LYS Y 5 12.53 -110.76 23.46
N LYS Y 6 13.77 -111.26 23.54
CA LYS Y 6 14.69 -110.83 24.60
C LYS Y 6 15.21 -109.42 24.33
N ASN Y 7 15.53 -109.10 23.08
CA ASN Y 7 15.95 -107.74 22.72
C ASN Y 7 14.80 -106.76 22.83
N ARG Y 8 13.58 -107.22 22.53
CA ARG Y 8 12.41 -106.36 22.67
C ARG Y 8 12.11 -106.07 24.14
N ILE Y 9 12.20 -107.09 25.01
CA ILE Y 9 11.94 -106.80 26.41
C ILE Y 9 13.14 -106.11 27.06
N ALA Y 10 14.34 -106.19 26.49
CA ALA Y 10 15.44 -105.35 26.97
C ALA Y 10 15.27 -103.91 26.55
N ILE Y 11 14.69 -103.67 25.36
CA ILE Y 11 14.33 -102.31 24.93
C ILE Y 11 13.25 -101.71 25.84
N TYR Y 12 12.18 -102.47 26.09
CA TYR Y 12 11.09 -101.97 26.94
C TYR Y 12 11.51 -101.90 28.40
N GLU Y 13 12.45 -102.76 28.81
CA GLU Y 13 13.01 -102.66 30.15
C GLU Y 13 14.00 -101.52 30.28
N LEU Y 14 14.65 -101.10 29.17
CA LEU Y 14 15.45 -99.88 29.21
C LEU Y 14 14.57 -98.65 29.37
N LEU Y 15 13.46 -98.61 28.62
CA LEU Y 15 12.52 -97.50 28.74
C LEU Y 15 11.84 -97.48 30.11
N PHE Y 16 11.58 -98.64 30.72
CA PHE Y 16 11.14 -98.58 32.10
C PHE Y 16 12.27 -98.35 33.09
N LYS Y 17 13.51 -98.59 32.68
CA LYS Y 17 14.64 -98.40 33.57
C LYS Y 17 14.86 -96.92 33.84
N GLU Y 18 14.91 -96.09 32.80
CA GLU Y 18 15.14 -94.67 33.09
C GLU Y 18 13.95 -93.75 32.84
N GLY Y 19 13.00 -94.13 31.99
CA GLY Y 19 11.83 -93.32 31.73
C GLY Y 19 11.83 -92.64 30.38
N VAL Y 20 13.00 -92.48 29.75
CA VAL Y 20 13.15 -91.73 28.50
C VAL Y 20 14.00 -92.55 27.55
N MET Y 21 14.05 -92.12 26.29
CA MET Y 21 14.75 -92.88 25.27
C MET Y 21 15.31 -91.92 24.23
N VAL Y 22 16.58 -92.13 23.87
CA VAL Y 22 17.27 -91.36 22.83
C VAL Y 22 17.93 -92.37 21.91
N ALA Y 23 17.76 -92.20 20.60
CA ALA Y 23 18.48 -92.98 19.63
C ALA Y 23 19.20 -92.01 18.70
N LYS Y 24 20.02 -92.56 17.81
CA LYS Y 24 21.04 -91.77 17.12
C LYS Y 24 20.88 -91.82 15.60
N LYS Y 25 19.65 -92.06 15.09
CA LYS Y 25 19.25 -92.06 13.67
C LYS Y 25 19.90 -93.20 12.89
N ASP Y 26 20.51 -94.17 13.56
CA ASP Y 26 21.46 -95.05 12.91
C ASP Y 26 20.77 -96.26 12.31
N VAL Y 27 20.78 -96.32 10.98
CA VAL Y 27 20.47 -97.53 10.24
C VAL Y 27 21.56 -98.57 10.48
N HIS Y 28 22.82 -98.16 10.42
CA HIS Y 28 23.93 -99.06 10.24
C HIS Y 28 24.90 -99.11 11.42
N MET Y 29 24.44 -98.82 12.63
CA MET Y 29 25.28 -99.18 13.77
C MET Y 29 24.98 -100.62 14.20
N PRO Y 30 26.01 -101.44 14.45
CA PRO Y 30 25.74 -102.82 14.91
C PRO Y 30 25.19 -102.92 16.32
N LYS Y 31 25.53 -101.98 17.20
CA LYS Y 31 25.11 -102.09 18.59
C LYS Y 31 24.63 -100.73 19.09
N HIS Y 32 23.72 -100.76 20.06
CA HIS Y 32 23.33 -99.56 20.76
C HIS Y 32 24.43 -99.15 21.75
N PRO Y 33 24.55 -97.85 22.05
CA PRO Y 33 25.51 -97.41 23.09
C PRO Y 33 25.23 -97.92 24.51
N GLU Y 34 24.00 -97.85 25.01
CA GLU Y 34 23.74 -98.43 26.32
C GLU Y 34 23.53 -99.93 26.29
N LEU Y 35 23.20 -100.48 25.13
CA LEU Y 35 22.65 -101.82 25.03
C LEU Y 35 23.53 -102.74 24.18
N ALA Y 36 24.85 -102.48 24.18
CA ALA Y 36 25.80 -103.40 23.56
C ALA Y 36 25.75 -104.80 24.20
N ASP Y 37 25.96 -104.88 25.52
CA ASP Y 37 25.50 -106.06 26.25
C ASP Y 37 23.98 -106.06 26.24
N LYS Y 38 23.41 -107.27 26.19
CA LYS Y 38 22.06 -107.71 25.79
C LYS Y 38 21.80 -107.52 24.30
N ASN Y 39 22.85 -107.20 23.52
CA ASN Y 39 22.98 -107.45 22.08
C ASN Y 39 21.89 -106.78 21.24
N VAL Y 40 21.50 -105.57 21.62
CA VAL Y 40 20.39 -104.88 20.96
C VAL Y 40 20.90 -104.09 19.76
N PRO Y 41 20.29 -104.20 18.60
CA PRO Y 41 20.60 -103.28 17.50
C PRO Y 41 19.87 -101.96 17.67
N ASN Y 42 20.38 -100.95 16.98
CA ASN Y 42 19.79 -99.62 17.08
C ASN Y 42 18.54 -99.50 16.21
N LEU Y 43 18.50 -100.24 15.10
CA LEU Y 43 17.31 -100.31 14.25
C LEU Y 43 16.13 -100.92 14.98
N HIS Y 44 16.41 -101.88 15.87
CA HIS Y 44 15.40 -102.48 16.75
C HIS Y 44 14.77 -101.44 17.67
N VAL Y 45 15.60 -100.54 18.25
CA VAL Y 45 15.10 -99.52 19.16
C VAL Y 45 14.32 -98.47 18.39
N MET Y 46 14.80 -98.08 17.21
CA MET Y 46 14.13 -97.01 16.46
C MET Y 46 12.79 -97.47 15.89
N LYS Y 47 12.72 -98.69 15.36
CA LYS Y 47 11.43 -99.14 14.86
C LYS Y 47 10.53 -99.64 15.97
N ALA Y 48 11.10 -100.05 17.12
CA ALA Y 48 10.29 -100.36 18.28
C ALA Y 48 9.65 -99.09 18.85
N MET Y 49 10.38 -97.98 18.85
CA MET Y 49 9.81 -96.72 19.30
C MET Y 49 8.86 -96.11 18.28
N GLN Y 50 9.02 -96.41 16.98
CA GLN Y 50 7.99 -95.95 16.04
C GLN Y 50 6.71 -96.78 16.18
N SER Y 51 6.83 -98.08 16.48
CA SER Y 51 5.63 -98.86 16.79
C SER Y 51 4.98 -98.41 18.10
N LEU Y 52 5.77 -97.88 19.03
CA LEU Y 52 5.18 -97.21 20.19
C LEU Y 52 4.52 -95.91 19.80
N LYS Y 53 5.10 -95.18 18.83
CA LYS Y 53 4.60 -93.84 18.50
C LYS Y 53 3.30 -93.90 17.71
N SER Y 54 3.19 -94.88 16.80
CA SER Y 54 2.07 -94.95 15.88
C SER Y 54 0.74 -95.29 16.56
N ARG Y 55 0.77 -95.83 17.78
CA ARG Y 55 -0.41 -95.90 18.63
C ARG Y 55 -0.53 -94.71 19.56
N GLY Y 56 0.50 -93.87 19.65
CA GLY Y 56 0.43 -92.71 20.50
C GLY Y 56 0.95 -92.90 21.90
N TYR Y 57 1.87 -93.84 22.12
CA TYR Y 57 2.35 -94.15 23.47
C TYR Y 57 3.59 -93.38 23.88
N VAL Y 58 4.26 -92.68 22.95
CA VAL Y 58 5.46 -91.91 23.28
C VAL Y 58 5.42 -90.56 22.56
N LYS Y 59 6.03 -89.55 23.20
CA LYS Y 59 6.17 -88.21 22.67
C LYS Y 59 7.60 -88.00 22.17
N GLU Y 60 7.72 -87.51 20.94
CA GLU Y 60 8.96 -87.56 20.15
C GLU Y 60 9.48 -86.16 19.86
N GLN Y 61 10.80 -85.98 19.95
CA GLN Y 61 11.46 -84.87 19.30
C GLN Y 61 12.74 -85.35 18.63
N PHE Y 62 13.09 -84.68 17.55
CA PHE Y 62 14.28 -84.95 16.74
C PHE Y 62 15.05 -83.65 16.65
N ALA Y 63 16.30 -83.67 17.09
CA ALA Y 63 17.14 -82.48 17.01
C ALA Y 63 18.59 -82.94 16.91
N TRP Y 64 19.29 -82.44 15.88
CA TRP Y 64 20.73 -82.68 15.63
C TRP Y 64 21.07 -84.15 15.44
N ARG Y 65 20.25 -84.84 14.63
CA ARG Y 65 20.30 -86.29 14.36
C ARG Y 65 20.25 -87.14 15.63
N HIS Y 66 19.55 -86.65 16.66
CA HIS Y 66 19.28 -87.37 17.90
C HIS Y 66 17.78 -87.39 18.13
N PHE Y 67 17.28 -88.55 18.50
CA PHE Y 67 15.88 -88.71 18.82
C PHE Y 67 15.70 -88.44 20.30
N TYR Y 68 14.50 -88.08 20.68
CA TYR Y 68 14.13 -87.98 22.08
C TYR Y 68 12.77 -88.65 22.23
N TRP Y 69 12.58 -89.40 23.33
CA TRP Y 69 11.29 -90.04 23.54
C TRP Y 69 10.79 -89.85 24.96
N TYR Y 70 9.58 -89.31 25.08
CA TYR Y 70 8.94 -89.00 26.35
C TYR Y 70 7.68 -89.85 26.47
N LEU Y 71 7.62 -90.67 27.52
CA LEU Y 71 6.59 -91.70 27.63
C LEU Y 71 5.31 -91.12 28.18
N THR Y 72 4.18 -91.49 27.58
CA THR Y 72 2.89 -91.10 28.11
C THR Y 72 2.51 -91.99 29.31
N ASN Y 73 1.45 -91.57 30.00
CA ASN Y 73 0.96 -92.34 31.16
C ASN Y 73 0.19 -93.57 30.71
N GLU Y 74 -0.27 -93.57 29.45
CA GLU Y 74 -0.75 -94.78 28.80
C GLU Y 74 0.39 -95.79 28.66
N GLY Y 75 1.59 -95.29 28.35
CA GLY Y 75 2.77 -96.10 28.42
C GLY Y 75 3.20 -96.49 29.81
N ILE Y 76 2.85 -95.69 30.83
CA ILE Y 76 3.16 -96.04 32.22
C ILE Y 76 2.37 -97.27 32.66
N GLN Y 77 1.05 -97.26 32.41
CA GLN Y 77 0.26 -98.46 32.74
C GLN Y 77 0.55 -99.62 31.77
N TYR Y 78 0.94 -99.30 30.52
CA TYR Y 78 1.27 -100.34 29.55
C TYR Y 78 2.58 -101.02 29.87
N LEU Y 79 3.55 -100.28 30.40
CA LEU Y 79 4.79 -100.90 30.86
C LEU Y 79 4.65 -101.48 32.27
N ARG Y 80 3.61 -101.10 33.01
CA ARG Y 80 3.26 -101.87 34.21
C ARG Y 80 2.57 -103.20 33.87
N ASP Y 81 1.99 -103.32 32.67
CA ASP Y 81 1.37 -104.58 32.26
C ASP Y 81 2.22 -105.44 31.33
N TYR Y 82 2.99 -104.85 30.42
CA TYR Y 82 3.79 -105.66 29.50
C TYR Y 82 5.05 -106.16 30.19
N LEU Y 83 5.79 -105.25 30.83
CA LEU Y 83 6.72 -105.65 31.88
C LEU Y 83 5.92 -105.89 33.16
N HIS Y 84 6.23 -106.97 33.86
CA HIS Y 84 5.31 -107.48 34.87
C HIS Y 84 5.88 -107.16 36.24
N LEU Y 85 5.19 -106.28 36.94
CA LEU Y 85 5.73 -105.39 37.95
C LEU Y 85 4.91 -105.43 39.22
N PRO Y 86 5.51 -105.15 40.37
CA PRO Y 86 4.73 -104.80 41.55
C PRO Y 86 4.18 -103.39 41.42
N PRO Y 87 2.98 -103.11 41.96
CA PRO Y 87 2.31 -101.85 41.64
C PRO Y 87 2.82 -100.63 42.38
N GLU Y 88 3.75 -100.79 43.32
CA GLU Y 88 4.35 -99.68 44.06
C GLU Y 88 5.65 -99.17 43.44
N ILE Y 89 6.13 -99.79 42.36
CA ILE Y 89 7.40 -99.44 41.75
C ILE Y 89 7.14 -98.39 40.69
N VAL Y 90 7.89 -97.28 40.76
CA VAL Y 90 7.65 -96.11 39.91
C VAL Y 90 8.88 -95.93 39.04
N PRO Y 91 8.73 -95.26 37.89
CA PRO Y 91 9.90 -94.83 37.12
C PRO Y 91 10.67 -93.72 37.83
N ALA Y 92 11.90 -93.48 37.34
CA ALA Y 92 12.83 -92.57 37.98
C ALA Y 92 12.47 -91.10 37.80
N THR Y 93 11.55 -90.78 36.89
CA THR Y 93 11.07 -89.42 36.73
C THR Y 93 10.08 -89.01 37.82
N LEU Y 94 9.56 -89.97 38.57
CA LEU Y 94 8.51 -89.76 39.55
C LEU Y 94 9.02 -89.88 40.97
N ARG Y 95 10.27 -90.32 41.15
CA ARG Y 95 10.86 -90.54 42.47
C ARG Y 95 11.29 -89.26 43.19
N VAL Z 1 -10.70 -129.50 41.97
CA VAL Z 1 -10.98 -128.09 41.79
C VAL Z 1 -10.02 -127.60 40.71
N ASN Z 2 -10.35 -126.53 40.00
CA ASN Z 2 -9.60 -126.13 38.81
C ASN Z 2 -8.67 -124.95 39.06
N THR Z 3 -8.40 -124.64 40.33
CA THR Z 3 -7.37 -123.65 40.63
C THR Z 3 -5.97 -124.20 40.46
N ALA Z 4 -5.83 -125.52 40.27
CA ALA Z 4 -4.64 -126.19 39.80
C ALA Z 4 -4.35 -125.96 38.32
N LEU Z 5 -5.25 -125.31 37.59
CA LEU Z 5 -4.91 -124.72 36.30
C LEU Z 5 -5.09 -123.20 36.25
N GLN Z 6 -5.87 -122.62 37.17
CA GLN Z 6 -6.02 -121.17 37.14
C GLN Z 6 -4.89 -120.43 37.85
N GLU Z 7 -4.38 -120.94 38.97
CA GLU Z 7 -3.42 -120.23 39.80
C GLU Z 7 -1.97 -120.56 39.45
N VAL Z 8 -1.73 -121.62 38.71
CA VAL Z 8 -0.38 -121.90 38.23
C VAL Z 8 -0.14 -121.38 36.82
N LEU Z 9 -1.10 -121.44 35.88
CA LEU Z 9 -0.78 -121.10 34.49
C LEU Z 9 -0.77 -119.59 34.25
N LYS Z 10 -1.73 -118.89 34.83
CA LYS Z 10 -1.79 -117.44 34.70
C LYS Z 10 -0.67 -116.77 35.48
N THR Z 11 -0.29 -117.33 36.63
CA THR Z 11 0.91 -116.85 37.30
C THR Z 11 2.20 -117.45 36.74
N ALA Z 12 2.12 -118.40 35.80
CA ALA Z 12 3.32 -119.00 35.24
C ALA Z 12 3.74 -118.37 33.93
N LEU Z 13 2.82 -117.77 33.17
CA LEU Z 13 3.23 -117.14 31.91
C LEU Z 13 4.10 -115.90 32.12
N ILE Z 14 3.99 -115.26 33.28
CA ILE Z 14 4.71 -114.03 33.57
C ILE Z 14 6.20 -114.24 33.88
N HIS Z 15 6.66 -115.48 33.96
CA HIS Z 15 8.01 -115.75 34.44
C HIS Z 15 8.90 -116.51 33.46
N ASP Z 16 8.58 -116.49 32.15
CA ASP Z 16 9.18 -117.35 31.11
C ASP Z 16 9.11 -118.84 31.51
N GLY Z 17 7.89 -119.29 31.77
CA GLY Z 17 7.66 -120.61 32.31
C GLY Z 17 6.84 -121.54 31.45
N LEU Z 18 6.42 -121.11 30.26
CA LEU Z 18 5.60 -121.93 29.38
C LEU Z 18 6.39 -122.36 28.15
N ALA Z 19 6.13 -123.60 27.70
CA ALA Z 19 6.81 -124.24 26.57
C ALA Z 19 5.81 -124.63 25.47
N ARG Z 20 4.73 -123.85 25.32
CA ARG Z 20 3.51 -124.19 24.58
C ARG Z 20 3.76 -124.56 23.12
N GLY Z 21 3.01 -125.56 22.67
CA GLY Z 21 3.26 -126.25 21.41
C GLY Z 21 3.69 -127.70 21.62
N ILE Z 22 3.84 -128.38 20.49
CA ILE Z 22 3.97 -129.84 20.46
C ILE Z 22 5.40 -130.30 20.19
N ARG Z 23 6.11 -129.71 19.23
CA ARG Z 23 7.50 -130.10 18.99
C ARG Z 23 8.42 -129.50 20.04
N GLU Z 24 8.07 -128.32 20.54
CA GLU Z 24 8.78 -127.73 21.65
C GLU Z 24 8.56 -128.54 22.93
N ALA Z 25 7.42 -129.23 23.02
CA ALA Z 25 7.20 -130.20 24.09
C ALA Z 25 8.13 -131.39 23.97
N ALA Z 26 8.43 -131.82 22.73
CA ALA Z 26 9.35 -132.95 22.52
C ALA Z 26 10.80 -132.56 22.84
N LYS Z 27 11.19 -131.34 22.45
CA LYS Z 27 12.52 -130.86 22.80
C LYS Z 27 12.65 -130.57 24.29
N ALA Z 28 11.54 -130.19 24.94
CA ALA Z 28 11.54 -129.99 26.39
C ALA Z 28 11.54 -131.30 27.17
N LEU Z 29 10.92 -132.34 26.62
CA LEU Z 29 10.99 -133.66 27.25
C LEU Z 29 12.38 -134.26 27.10
N ASP Z 30 13.06 -134.01 25.97
CA ASP Z 30 14.43 -134.46 25.86
C ASP Z 30 15.40 -133.64 26.71
N LYS Z 31 14.99 -132.44 27.18
CA LYS Z 31 15.74 -131.63 28.12
C LYS Z 31 15.64 -132.13 29.55
N ARG Z 32 14.70 -133.07 29.80
CA ARG Z 32 14.30 -133.58 31.13
C ARG Z 32 13.84 -132.46 32.07
N GLN Z 33 13.20 -131.45 31.50
CA GLN Z 33 12.83 -130.26 32.26
C GLN Z 33 11.31 -130.03 32.19
N ALA Z 34 10.55 -131.10 32.00
CA ALA Z 34 9.11 -131.02 32.14
C ALA Z 34 8.76 -131.27 33.60
N HIS Z 35 8.02 -130.32 34.17
CA HIS Z 35 7.55 -130.43 35.54
C HIS Z 35 6.04 -130.56 35.64
N LEU Z 36 5.32 -130.17 34.59
CA LEU Z 36 3.88 -130.11 34.62
C LEU Z 36 3.41 -130.30 33.19
N CYS Z 37 2.50 -131.25 32.97
CA CYS Z 37 2.12 -131.62 31.62
C CYS Z 37 0.60 -131.63 31.52
N VAL Z 38 0.06 -130.65 30.81
CA VAL Z 38 -1.37 -130.58 30.51
C VAL Z 38 -1.56 -131.14 29.11
N LEU Z 39 -2.18 -132.31 29.04
CA LEU Z 39 -2.44 -133.08 27.83
C LEU Z 39 -3.63 -132.49 27.08
N ALA Z 40 -3.94 -133.09 25.93
CA ALA Z 40 -5.27 -132.94 25.35
C ALA Z 40 -6.00 -134.26 25.42
N SER Z 41 -7.33 -134.17 25.45
CA SER Z 41 -8.20 -135.28 25.11
C SER Z 41 -9.16 -134.87 24.00
N ASN Z 42 -8.89 -133.76 23.34
CA ASN Z 42 -9.65 -133.29 22.19
C ASN Z 42 -8.80 -133.41 20.94
N CYS Z 43 -9.29 -134.16 19.97
CA CYS Z 43 -8.55 -134.56 18.78
C CYS Z 43 -9.57 -134.96 17.72
N ASP Z 44 -9.07 -135.33 16.53
CA ASP Z 44 -9.94 -135.97 15.55
C ASP Z 44 -10.36 -137.36 16.02
N GLU Z 45 -9.41 -138.09 16.61
CA GLU Z 45 -9.54 -139.28 17.43
C GLU Z 45 -8.21 -139.28 18.17
N PRO Z 46 -8.17 -139.57 19.46
CA PRO Z 46 -6.96 -139.26 20.26
C PRO Z 46 -5.78 -140.20 20.05
N MET Z 47 -5.88 -141.20 19.18
CA MET Z 47 -4.79 -142.15 18.99
C MET Z 47 -3.68 -141.61 18.09
N TYR Z 48 -3.85 -140.42 17.52
CA TYR Z 48 -2.87 -139.91 16.58
C TYR Z 48 -1.63 -139.34 17.28
N VAL Z 49 -1.74 -138.93 18.54
CA VAL Z 49 -0.59 -138.43 19.29
C VAL Z 49 -0.36 -139.35 20.48
N LYS Z 50 0.74 -140.09 20.43
CA LYS Z 50 1.14 -140.97 21.53
C LYS Z 50 2.54 -140.66 22.04
N LEU Z 51 3.17 -139.60 21.56
CA LEU Z 51 4.58 -139.38 21.89
C LEU Z 51 4.74 -138.77 23.26
N VAL Z 52 3.93 -137.77 23.60
CA VAL Z 52 4.00 -137.19 24.94
C VAL Z 52 3.38 -138.14 25.97
N GLU Z 53 2.54 -139.09 25.53
CA GLU Z 53 2.01 -140.09 26.47
C GLU Z 53 3.06 -141.12 26.84
N ALA Z 54 3.99 -141.42 25.95
CA ALA Z 54 4.95 -142.49 26.18
C ALA Z 54 6.33 -142.00 26.58
N LEU Z 55 6.65 -140.73 26.35
CA LEU Z 55 7.98 -140.29 26.74
C LEU Z 55 8.07 -139.93 28.22
N CYS Z 56 6.94 -139.85 28.93
CA CYS Z 56 7.00 -139.70 30.38
C CYS Z 56 7.24 -141.02 31.10
N ALA Z 57 6.79 -142.14 30.53
CA ALA Z 57 7.16 -143.45 31.05
C ALA Z 57 8.63 -143.78 30.80
N GLU Z 58 9.28 -143.11 29.84
CA GLU Z 58 10.73 -143.09 29.77
C GLU Z 58 11.33 -142.02 30.69
N HIS Z 59 10.59 -140.94 30.99
CA HIS Z 59 11.20 -139.76 31.60
C HIS Z 59 10.64 -139.31 32.94
N GLN Z 60 9.69 -140.05 33.56
CA GLN Z 60 9.18 -139.85 34.94
C GLN Z 60 8.59 -138.45 35.20
N ILE Z 61 7.60 -138.10 34.39
CA ILE Z 61 6.95 -136.79 34.42
C ILE Z 61 5.56 -136.89 35.08
N ASN Z 62 5.18 -135.86 35.83
CA ASN Z 62 3.79 -135.70 36.30
C ASN Z 62 2.85 -135.40 35.13
N LEU Z 63 1.68 -136.02 35.12
CA LEU Z 63 0.65 -135.74 34.12
C LEU Z 63 -0.68 -135.36 34.78
N ILE Z 64 -1.22 -134.20 34.37
CA ILE Z 64 -2.59 -133.78 34.71
C ILE Z 64 -3.36 -133.69 33.41
N LYS Z 65 -4.62 -134.13 33.41
CA LYS Z 65 -5.39 -134.33 32.20
C LYS Z 65 -6.46 -133.25 32.08
N VAL Z 66 -6.83 -132.92 30.84
CA VAL Z 66 -8.00 -132.10 30.58
C VAL Z 66 -8.72 -132.70 29.37
N ASP Z 67 -9.97 -132.29 29.16
CA ASP Z 67 -10.81 -132.83 28.11
C ASP Z 67 -11.05 -131.85 26.97
N ASP Z 68 -10.46 -130.66 27.01
CA ASP Z 68 -10.90 -129.58 26.15
C ASP Z 68 -9.70 -128.92 25.45
N ASN Z 69 -9.93 -128.51 24.19
CA ASN Z 69 -8.96 -127.75 23.39
C ASN Z 69 -9.20 -126.24 23.46
N LYS Z 70 -10.47 -125.79 23.39
CA LYS Z 70 -10.75 -124.36 23.35
C LYS Z 70 -10.66 -123.73 24.74
N LYS Z 71 -11.09 -124.45 25.78
CA LYS Z 71 -10.84 -123.96 27.14
C LYS Z 71 -9.38 -124.13 27.55
N LEU Z 72 -8.66 -125.06 26.91
CA LEU Z 72 -7.19 -125.07 27.04
C LEU Z 72 -6.59 -123.83 26.40
N GLY Z 73 -7.06 -123.48 25.19
CA GLY Z 73 -6.57 -122.28 24.53
C GLY Z 73 -7.03 -120.99 25.14
N GLU Z 74 -8.03 -121.04 26.01
CA GLU Z 74 -8.39 -119.93 26.87
C GLU Z 74 -7.67 -119.94 28.21
N TRP Z 75 -7.18 -121.10 28.68
CA TRP Z 75 -6.32 -121.11 29.85
C TRP Z 75 -5.01 -120.39 29.57
N VAL Z 76 -4.27 -120.89 28.60
CA VAL Z 76 -2.92 -120.41 28.30
C VAL Z 76 -2.89 -119.72 26.96
N GLY Z 77 -1.98 -118.79 26.81
CA GLY Z 77 -1.77 -118.09 25.58
C GLY Z 77 -2.83 -117.05 25.31
N LEU Z 78 -2.86 -116.61 24.04
CA LEU Z 78 -3.38 -115.30 23.70
C LEU Z 78 -4.58 -115.41 22.77
N CYS Z 79 -5.44 -114.41 22.85
CA CYS Z 79 -6.78 -114.46 22.30
C CYS Z 79 -7.35 -113.05 22.37
N LYS Z 80 -8.36 -112.79 21.55
CA LYS Z 80 -9.08 -111.52 21.58
C LYS Z 80 -10.23 -111.63 22.55
N ILE Z 81 -10.40 -110.62 23.40
CA ILE Z 81 -11.52 -110.59 24.33
C ILE Z 81 -12.17 -109.23 24.25
N PRO Z 87 -15.10 -113.33 13.94
CA PRO Z 87 -14.14 -112.23 14.05
C PRO Z 87 -13.55 -112.11 15.45
N ARG Z 88 -12.85 -113.15 15.86
CA ARG Z 88 -12.10 -113.20 17.10
C ARG Z 88 -10.94 -114.16 16.84
N LYS Z 89 -9.80 -113.86 17.42
CA LYS Z 89 -8.57 -114.61 17.09
C LYS Z 89 -8.59 -115.92 17.86
N VAL Z 90 -8.98 -117.00 17.19
CA VAL Z 90 -9.06 -118.31 17.80
C VAL Z 90 -7.78 -119.07 17.47
N VAL Z 91 -7.02 -119.40 18.51
CA VAL Z 91 -5.89 -120.32 18.43
C VAL Z 91 -6.17 -121.37 19.50
N GLY Z 92 -5.68 -122.59 19.28
CA GLY Z 92 -5.90 -123.60 20.29
C GLY Z 92 -4.65 -124.37 20.61
N CYS Z 93 -4.42 -124.57 21.89
CA CYS Z 93 -3.23 -125.23 22.38
C CYS Z 93 -3.57 -126.66 22.76
N SER Z 94 -2.66 -127.59 22.48
CA SER Z 94 -2.99 -128.99 22.69
C SER Z 94 -2.10 -129.69 23.72
N CYS Z 95 -0.92 -129.18 24.01
CA CYS Z 95 -0.10 -129.78 25.05
C CYS Z 95 0.80 -128.72 25.62
N VAL Z 96 0.87 -128.70 26.94
CA VAL Z 96 1.54 -127.64 27.69
C VAL Z 96 2.61 -128.30 28.54
N VAL Z 97 3.85 -127.87 28.35
CA VAL Z 97 4.91 -128.16 29.28
C VAL Z 97 5.15 -126.87 30.06
N VAL Z 98 4.91 -126.89 31.37
CA VAL Z 98 5.29 -125.78 32.22
C VAL Z 98 6.70 -126.06 32.72
N LYS Z 99 7.63 -125.17 32.36
CA LYS Z 99 9.04 -125.38 32.71
C LYS Z 99 9.37 -124.80 34.07
N ASP Z 100 8.82 -123.63 34.39
CA ASP Z 100 9.17 -122.95 35.62
C ASP Z 100 7.94 -122.26 36.21
N TYR Z 101 8.15 -121.68 37.37
CA TYR Z 101 7.09 -121.24 38.27
C TYR Z 101 7.45 -119.87 38.80
N GLY Z 102 6.56 -119.33 39.62
CA GLY Z 102 6.91 -118.30 40.57
C GLY Z 102 7.14 -118.88 41.95
N LYS Z 103 6.67 -118.15 42.96
CA LYS Z 103 6.72 -118.57 44.36
C LYS Z 103 5.30 -118.50 44.91
N GLU Z 104 4.69 -119.65 45.12
CA GLU Z 104 3.28 -119.75 45.47
C GLU Z 104 3.11 -120.51 46.79
N SER Z 105 2.12 -120.10 47.57
CA SER Z 105 1.85 -120.68 48.88
C SER Z 105 0.46 -121.28 49.01
N GLN Z 106 -0.37 -121.21 47.97
CA GLN Z 106 -1.62 -121.94 47.93
C GLN Z 106 -1.61 -123.06 46.90
N ALA Z 107 -0.84 -122.93 45.84
CA ALA Z 107 -0.98 -123.77 44.67
C ALA Z 107 0.22 -124.63 44.37
N LYS Z 108 1.23 -124.68 45.25
CA LYS Z 108 2.32 -125.63 45.06
C LYS Z 108 1.84 -127.07 45.23
N ASP Z 109 0.90 -127.30 46.15
CA ASP Z 109 0.52 -128.66 46.48
C ASP Z 109 -0.35 -129.32 45.41
N VAL Z 110 -1.27 -128.57 44.79
CA VAL Z 110 -2.25 -129.21 43.89
C VAL Z 110 -1.60 -129.59 42.57
N ILE Z 111 -0.56 -128.88 42.16
CA ILE Z 111 0.26 -129.40 41.08
C ILE Z 111 1.27 -130.41 41.61
N GLU Z 112 1.64 -130.32 42.89
CA GLU Z 112 2.64 -131.23 43.46
C GLU Z 112 2.04 -132.61 43.73
N GLU Z 113 0.96 -132.65 44.51
CA GLU Z 113 0.47 -133.90 45.09
C GLU Z 113 -0.36 -134.75 44.13
N TYR Z 114 -0.47 -134.35 42.86
CA TYR Z 114 -1.31 -135.07 41.91
C TYR Z 114 -0.48 -136.18 41.26
N PHE Z 115 -0.14 -137.18 42.08
CA PHE Z 115 0.66 -138.32 41.69
C PHE Z 115 -0.16 -139.61 41.74
N LYS Z 116 -1.47 -139.48 41.60
CA LYS Z 116 -2.36 -140.61 41.31
C LYS Z 116 -2.99 -140.31 39.96
N PHE AA 1 56.55 -118.10 -27.53
CA PHE AA 1 56.56 -116.80 -26.87
C PHE AA 1 57.27 -116.89 -25.53
N THR AA 2 58.11 -115.90 -25.24
CA THR AA 2 58.95 -115.87 -24.03
C THR AA 2 58.79 -114.52 -23.35
N TYR AA 3 58.38 -114.52 -22.08
CA TYR AA 3 58.03 -113.31 -21.35
C TYR AA 3 58.99 -113.12 -20.18
N ARG AA 4 59.72 -112.00 -20.18
CA ARG AA 4 60.86 -111.70 -19.29
C ARG AA 4 61.96 -112.75 -19.37
N GLY AA 5 62.15 -113.33 -20.55
CA GLY AA 5 63.04 -114.46 -20.72
C GLY AA 5 62.47 -115.81 -20.36
N VAL AA 6 61.23 -115.85 -19.87
CA VAL AA 6 60.62 -117.07 -19.35
C VAL AA 6 59.38 -117.37 -20.20
N ASP AA 7 59.40 -118.50 -20.89
CA ASP AA 7 58.19 -118.87 -21.62
C ASP AA 7 57.14 -119.40 -20.67
N LEU AA 8 55.92 -119.61 -21.19
CA LEU AA 8 54.84 -120.19 -20.40
C LEU AA 8 55.12 -121.65 -20.03
N ASP AA 9 55.97 -122.32 -20.81
CA ASP AA 9 56.37 -123.69 -20.54
C ASP AA 9 57.23 -123.81 -19.28
N GLN AA 10 57.91 -122.74 -18.84
CA GLN AA 10 58.44 -122.67 -17.48
C GLN AA 10 57.83 -121.52 -16.66
N LEU AA 11 56.60 -121.11 -16.99
CA LEU AA 11 55.90 -120.16 -16.13
C LEU AA 11 54.77 -120.79 -15.35
N LEU AA 12 54.19 -121.88 -15.83
CA LEU AA 12 53.04 -122.48 -15.15
C LEU AA 12 53.41 -123.33 -13.96
N ASP AA 13 54.69 -123.46 -13.64
CA ASP AA 13 55.17 -124.18 -12.49
C ASP AA 13 55.51 -123.25 -11.34
N MET AA 14 55.42 -121.95 -11.57
CA MET AA 14 55.76 -120.95 -10.56
C MET AA 14 54.58 -120.63 -9.67
N SER AA 15 54.89 -120.33 -8.40
CA SER AA 15 53.94 -119.75 -7.46
C SER AA 15 53.84 -118.25 -7.69
N TYR AA 16 52.99 -117.59 -6.90
CA TYR AA 16 52.88 -116.13 -6.95
C TYR AA 16 54.16 -115.44 -6.46
N GLU AA 17 54.86 -116.10 -5.53
CA GLU AA 17 56.12 -115.59 -4.99
C GLU AA 17 57.23 -115.54 -6.03
N GLN AA 18 57.23 -116.48 -6.98
CA GLN AA 18 58.16 -116.44 -8.11
C GLN AA 18 57.69 -115.50 -9.21
N LEU AA 19 56.39 -115.18 -9.25
CA LEU AA 19 55.89 -114.14 -10.13
C LEU AA 19 56.28 -112.76 -9.64
N MET AA 20 56.53 -112.61 -8.33
CA MET AA 20 56.84 -111.32 -7.73
C MET AA 20 58.13 -110.68 -8.22
N GLN AA 21 59.01 -111.40 -8.92
CA GLN AA 21 60.30 -110.82 -9.28
C GLN AA 21 60.40 -110.34 -10.72
N LEU AA 22 59.52 -110.77 -11.62
CA LEU AA 22 59.63 -110.39 -13.03
C LEU AA 22 58.41 -109.67 -13.61
N TYR AA 23 57.32 -109.58 -12.87
CA TYR AA 23 56.22 -108.70 -13.19
C TYR AA 23 56.58 -107.25 -12.92
N SER AA 24 55.65 -106.36 -13.29
CA SER AA 24 55.75 -104.95 -13.00
C SER AA 24 55.45 -104.66 -11.53
N ALA AA 25 55.60 -103.39 -11.14
CA ALA AA 25 55.36 -102.96 -9.75
C ALA AA 25 53.89 -102.96 -9.38
N ARG AA 26 53.01 -102.80 -10.36
CA ARG AA 26 51.56 -102.78 -10.09
C ARG AA 26 51.08 -104.15 -9.64
N GLN AA 27 51.44 -105.18 -10.39
CA GLN AA 27 50.99 -106.53 -10.07
C GLN AA 27 51.74 -107.11 -8.89
N ARG AA 28 53.01 -106.74 -8.73
CA ARG AA 28 53.76 -107.09 -7.53
C ARG AA 28 53.19 -106.40 -6.30
N ARG AA 29 52.70 -105.16 -6.45
CA ARG AA 29 52.00 -104.47 -5.38
C ARG AA 29 50.68 -105.16 -5.05
N ARG AA 30 50.04 -105.72 -6.08
CA ARG AA 30 48.75 -106.39 -5.88
C ARG AA 30 48.90 -107.73 -5.16
N LEU AA 31 49.87 -108.55 -5.56
CA LEU AA 31 50.13 -109.78 -4.82
C LEU AA 31 50.91 -109.56 -3.54
N ASN AA 32 51.48 -108.36 -3.34
CA ASN AA 32 51.95 -107.98 -2.01
C ASN AA 32 50.78 -107.73 -1.07
N ARG AA 33 49.84 -106.87 -1.49
CA ARG AA 33 48.68 -106.56 -0.67
C ARG AA 33 47.64 -107.68 -0.72
N GLY AA 34 47.70 -108.54 -1.73
CA GLY AA 34 47.00 -109.80 -1.68
C GLY AA 34 45.59 -109.74 -2.23
N LEU AA 35 45.08 -110.91 -2.60
CA LEU AA 35 43.81 -111.03 -3.30
C LEU AA 35 42.69 -111.44 -2.34
N ARG AA 36 41.46 -111.35 -2.83
CA ARG AA 36 40.22 -111.55 -2.09
C ARG AA 36 39.39 -112.66 -2.73
N ARG AA 37 38.27 -112.96 -2.04
CA ARG AA 37 37.49 -114.16 -2.27
C ARG AA 37 36.83 -114.18 -3.65
N LYS AA 38 36.55 -113.00 -4.23
CA LYS AA 38 35.81 -112.91 -5.50
C LYS AA 38 36.64 -113.46 -6.66
N GLN AA 39 37.91 -113.05 -6.73
CA GLN AA 39 38.77 -113.52 -7.80
C GLN AA 39 39.18 -114.97 -7.59
N HIS AA 40 39.25 -115.42 -6.33
CA HIS AA 40 39.63 -116.80 -6.08
C HIS AA 40 38.50 -117.77 -6.38
N SER AA 41 37.26 -117.40 -6.09
CA SER AA 41 36.15 -118.25 -6.50
C SER AA 41 35.89 -118.16 -8.02
N LEU AA 42 36.24 -117.02 -8.64
CA LEU AA 42 36.33 -116.96 -10.09
C LEU AA 42 37.39 -117.92 -10.63
N LEU AA 43 38.55 -117.98 -9.96
CA LEU AA 43 39.61 -118.92 -10.33
C LEU AA 43 39.17 -120.37 -10.15
N LYS AA 44 38.33 -120.62 -9.13
CA LYS AA 44 37.72 -121.93 -8.92
C LYS AA 44 36.85 -122.33 -10.10
N ARG AA 45 35.97 -121.44 -10.54
CA ARG AA 45 35.12 -121.79 -11.67
C ARG AA 45 35.87 -121.78 -12.99
N LEU AA 46 36.98 -121.05 -13.08
CA LEU AA 46 37.79 -121.10 -14.30
C LEU AA 46 38.57 -122.42 -14.41
N ARG AA 47 39.09 -122.92 -13.29
CA ARG AA 47 39.73 -124.23 -13.27
C ARG AA 47 38.72 -125.34 -13.53
N LYS AA 48 37.53 -125.22 -12.95
CA LYS AA 48 36.48 -126.22 -13.14
C LYS AA 48 35.93 -126.21 -14.56
N ALA AA 49 35.92 -125.06 -15.22
CA ALA AA 49 35.54 -125.06 -16.62
C ALA AA 49 36.66 -125.59 -17.50
N LYS AA 50 37.92 -125.36 -17.13
CA LYS AA 50 39.02 -125.77 -17.99
C LYS AA 50 39.38 -127.25 -17.85
N LYS AA 51 39.05 -127.90 -16.73
CA LYS AA 51 39.18 -129.36 -16.70
C LYS AA 51 38.12 -130.01 -17.60
N GLU AA 52 36.87 -129.54 -17.52
CA GLU AA 52 35.77 -130.16 -18.25
C GLU AA 52 35.72 -129.56 -19.66
N ALA AA 53 36.65 -130.01 -20.49
CA ALA AA 53 36.52 -129.90 -21.93
C ALA AA 53 37.18 -131.12 -22.54
N PRO AA 54 36.61 -131.68 -23.59
CA PRO AA 54 37.38 -132.58 -24.45
C PRO AA 54 38.48 -131.79 -25.13
N PRO AA 55 39.69 -132.37 -25.27
CA PRO AA 55 40.92 -131.53 -25.30
C PRO AA 55 41.13 -130.65 -26.53
N MET AA 56 40.25 -130.70 -27.53
CA MET AA 56 40.27 -129.68 -28.57
C MET AA 56 39.27 -128.57 -28.30
N GLU AA 57 38.24 -128.83 -27.49
CA GLU AA 57 37.21 -127.84 -27.20
C GLU AA 57 37.66 -126.84 -26.14
N LYS AA 58 37.04 -125.67 -26.18
CA LYS AA 58 37.26 -124.63 -25.19
C LYS AA 58 36.59 -125.00 -23.88
N PRO AA 59 36.91 -124.30 -22.78
CA PRO AA 59 36.02 -124.35 -21.62
C PRO AA 59 34.71 -123.64 -21.90
N GLU AA 60 33.74 -123.88 -21.02
CA GLU AA 60 32.51 -123.11 -21.11
C GLU AA 60 32.73 -121.68 -20.62
N VAL AA 61 31.86 -120.77 -21.09
CA VAL AA 61 32.07 -119.35 -20.89
C VAL AA 61 31.69 -118.98 -19.45
N VAL AA 62 32.69 -118.70 -18.64
CA VAL AA 62 32.49 -118.27 -17.27
C VAL AA 62 32.61 -116.75 -17.29
N LYS AA 63 31.51 -116.06 -17.10
CA LYS AA 63 31.54 -114.61 -17.14
C LYS AA 63 31.88 -114.07 -15.76
N THR AA 64 32.23 -112.77 -15.68
CA THR AA 64 32.50 -112.12 -14.40
C THR AA 64 32.22 -110.62 -14.45
N HIS AA 65 32.04 -110.05 -13.27
CA HIS AA 65 31.84 -108.61 -13.06
C HIS AA 65 33.11 -107.85 -12.70
N LEU AA 66 34.28 -108.48 -12.76
CA LEU AA 66 35.55 -107.90 -12.29
C LEU AA 66 36.40 -107.42 -13.46
N ARG AA 67 36.49 -106.12 -13.66
CA ARG AA 67 37.42 -105.61 -14.66
C ARG AA 67 38.84 -105.44 -14.13
N ASP AA 68 39.06 -105.56 -12.81
CA ASP AA 68 40.35 -105.19 -12.24
C ASP AA 68 41.28 -106.36 -11.97
N MET AA 69 41.05 -107.51 -12.57
CA MET AA 69 41.83 -108.70 -12.24
C MET AA 69 43.11 -108.77 -13.08
N ILE AA 70 44.18 -109.27 -12.46
CA ILE AA 70 45.41 -109.65 -13.15
C ILE AA 70 45.14 -110.80 -14.10
N ILE AA 71 45.83 -110.83 -15.24
CA ILE AA 71 45.99 -112.12 -15.92
C ILE AA 71 47.07 -112.89 -15.16
N LEU AA 72 46.65 -113.92 -14.44
CA LEU AA 72 47.55 -114.94 -13.95
C LEU AA 72 47.79 -115.93 -15.08
N PRO AA 73 48.95 -116.60 -15.14
CA PRO AA 73 49.31 -117.35 -16.36
C PRO AA 73 48.54 -118.66 -16.55
N GLU AA 74 47.80 -119.12 -15.54
CA GLU AA 74 46.98 -120.32 -15.68
C GLU AA 74 45.75 -120.08 -16.55
N MET AA 75 45.34 -118.83 -16.76
CA MET AA 75 44.07 -118.52 -17.38
C MET AA 75 44.12 -118.52 -18.90
N VAL AA 76 45.28 -118.84 -19.46
CA VAL AA 76 45.45 -118.83 -20.91
C VAL AA 76 44.68 -119.99 -21.52
N GLY AA 77 43.74 -119.67 -22.42
CA GLY AA 77 42.78 -120.61 -22.96
C GLY AA 77 41.33 -120.29 -22.64
N SER AA 78 41.08 -119.52 -21.59
CA SER AA 78 39.73 -119.30 -21.07
C SER AA 78 38.92 -118.35 -21.95
N MET AA 79 37.60 -118.49 -21.89
CA MET AA 79 36.66 -117.56 -22.52
C MET AA 79 35.81 -116.92 -21.43
N VAL AA 80 36.08 -115.65 -21.12
CA VAL AA 80 35.59 -115.00 -19.92
C VAL AA 80 34.86 -113.71 -20.30
N GLY AA 81 33.57 -113.64 -19.98
CA GLY AA 81 32.84 -112.38 -20.04
C GLY AA 81 33.26 -111.45 -18.92
N VAL AA 82 33.77 -110.28 -19.25
CA VAL AA 82 34.16 -109.31 -18.24
C VAL AA 82 33.26 -108.10 -18.41
N TYR AA 83 32.55 -107.74 -17.33
CA TYR AA 83 31.39 -106.87 -17.45
C TYR AA 83 31.80 -105.42 -17.64
N ASN AA 84 31.48 -104.83 -18.80
CA ASN AA 84 31.78 -103.42 -19.06
C ASN AA 84 30.61 -102.50 -18.74
N GLY AA 85 29.56 -103.05 -18.13
CA GLY AA 85 28.40 -102.31 -17.70
C GLY AA 85 27.13 -102.60 -18.48
N LYS AA 86 27.25 -102.91 -19.77
CA LYS AA 86 26.13 -103.49 -20.51
C LYS AA 86 26.38 -104.93 -20.94
N THR AA 87 27.64 -105.28 -21.20
CA THR AA 87 27.97 -106.41 -22.06
C THR AA 87 29.09 -107.20 -21.41
N PHE AA 88 29.12 -108.49 -21.67
CA PHE AA 88 30.16 -109.37 -21.15
C PHE AA 88 31.01 -109.77 -22.35
N ASN AA 89 32.14 -109.10 -22.54
CA ASN AA 89 32.90 -109.28 -23.77
C ASN AA 89 33.84 -110.48 -23.68
N GLN AA 90 33.82 -111.29 -24.73
CA GLN AA 90 34.48 -112.58 -24.77
C GLN AA 90 35.99 -112.41 -25.02
N VAL AA 91 36.80 -112.86 -24.08
CA VAL AA 91 38.24 -112.78 -24.22
C VAL AA 91 38.73 -114.16 -24.62
N GLU AA 92 39.75 -114.21 -25.46
CA GLU AA 92 40.46 -115.44 -25.76
C GLU AA 92 41.87 -115.24 -25.26
N ILE AA 93 42.18 -115.83 -24.10
CA ILE AA 93 43.44 -115.56 -23.43
C ILE AA 93 44.49 -116.53 -23.94
N LYS AA 94 45.57 -115.98 -24.55
CA LYS AA 94 46.89 -116.28 -25.09
C LYS AA 94 47.98 -115.90 -24.08
N PRO AA 95 49.20 -116.48 -24.13
CA PRO AA 95 50.24 -116.11 -23.14
C PRO AA 95 50.88 -114.73 -23.30
N GLU AA 96 50.56 -113.96 -24.35
CA GLU AA 96 51.09 -112.61 -24.44
C GLU AA 96 50.20 -111.58 -23.77
N MET AA 97 49.11 -112.02 -23.14
CA MET AA 97 48.20 -111.13 -22.43
C MET AA 97 48.49 -111.09 -20.95
N ILE AA 98 49.50 -111.82 -20.50
CA ILE AA 98 49.80 -111.93 -19.08
C ILE AA 98 50.46 -110.66 -18.59
N GLY AA 99 49.97 -110.13 -17.48
CA GLY AA 99 50.47 -108.89 -16.93
C GLY AA 99 49.62 -107.69 -17.24
N HIS AA 100 48.61 -107.84 -18.08
CA HIS AA 100 47.65 -106.77 -18.32
C HIS AA 100 46.43 -106.97 -17.43
N TYR AA 101 45.61 -105.93 -17.38
CA TYR AA 101 44.43 -105.93 -16.54
C TYR AA 101 43.28 -106.58 -17.30
N LEU AA 102 42.35 -107.19 -16.55
CA LEU AA 102 41.21 -107.86 -17.18
C LEU AA 102 40.25 -106.89 -17.82
N GLY AA 103 40.25 -105.61 -17.45
CA GLY AA 103 39.38 -104.67 -18.10
C GLY AA 103 39.95 -104.05 -19.35
N GLU AA 104 41.11 -104.49 -19.77
CA GLU AA 104 41.65 -104.02 -21.03
C GLU AA 104 41.02 -104.73 -22.20
N PHE AA 105 40.37 -105.87 -21.95
CA PHE AA 105 39.86 -106.74 -22.99
C PHE AA 105 38.35 -106.68 -23.06
N SER AA 106 37.75 -105.80 -22.25
CA SER AA 106 36.34 -105.42 -22.36
C SER AA 106 36.33 -103.91 -22.52
N ILE AA 107 36.08 -103.45 -23.73
CA ILE AA 107 36.11 -102.03 -24.06
C ILE AA 107 34.76 -101.40 -23.70
N THR AA 108 34.82 -100.20 -23.10
CA THR AA 108 33.72 -99.60 -22.37
C THR AA 108 32.94 -98.56 -23.18
N TYR AA 109 33.46 -98.11 -24.30
CA TYR AA 109 32.79 -97.05 -25.03
C TYR AA 109 32.92 -97.26 -26.54
N LYS AA 110 32.20 -96.42 -27.29
CA LYS AA 110 32.05 -96.40 -28.74
C LYS AA 110 33.08 -95.45 -29.36
N PRO AA 111 33.54 -95.75 -30.57
CA PRO AA 111 34.31 -94.76 -31.35
C PRO AA 111 33.49 -93.52 -31.65
N VAL AA 112 34.07 -92.36 -31.40
CA VAL AA 112 33.33 -91.12 -31.50
C VAL AA 112 33.38 -90.66 -32.95
N LYS AA 113 32.23 -90.65 -33.61
CA LYS AA 113 32.13 -90.41 -35.04
C LYS AA 113 31.06 -89.35 -35.25
N HIS AA 114 31.48 -88.14 -35.59
CA HIS AA 114 30.63 -86.97 -35.41
C HIS AA 114 29.80 -86.64 -36.65
N GLY AA 115 28.83 -85.74 -36.44
CA GLY AA 115 28.12 -85.06 -37.49
C GLY AA 115 28.33 -83.55 -37.48
N ARG AA 116 27.26 -82.83 -37.83
CA ARG AA 116 27.24 -81.38 -37.82
C ARG AA 116 27.34 -80.82 -36.39
N PRO AA 117 27.82 -79.58 -36.25
CA PRO AA 117 27.54 -78.82 -35.02
C PRO AA 117 26.08 -78.44 -34.90
N GLY AA 118 25.65 -78.20 -33.66
CA GLY AA 118 24.31 -77.72 -33.37
C GLY AA 118 24.22 -76.21 -33.43
N ILE AA 119 23.30 -75.67 -32.62
CA ILE AA 119 23.07 -74.23 -32.58
C ILE AA 119 23.61 -73.54 -31.32
N LEU BA 1 93.97 -73.83 -29.12
CA LEU BA 1 92.85 -72.92 -29.29
C LEU BA 1 92.75 -72.52 -30.73
N VAL BA 2 93.88 -72.60 -31.42
CA VAL BA 2 93.88 -72.60 -32.88
C VAL BA 2 93.40 -73.97 -33.32
N ILE BA 3 92.72 -74.04 -34.48
CA ILE BA 3 92.18 -75.31 -34.98
C ILE BA 3 93.33 -76.28 -35.26
N PRO BA 4 93.27 -77.52 -34.82
CA PRO BA 4 94.31 -78.48 -35.18
C PRO BA 4 94.13 -78.95 -36.61
N GLU BA 5 95.12 -79.69 -37.10
CA GLU BA 5 94.95 -80.34 -38.39
C GLU BA 5 94.05 -81.56 -38.27
N LYS BA 6 93.90 -82.09 -37.06
CA LYS BA 6 92.98 -83.18 -36.77
C LYS BA 6 91.60 -82.68 -36.34
N PHE BA 7 91.30 -81.40 -36.58
CA PHE BA 7 89.98 -80.89 -36.26
C PHE BA 7 88.97 -81.35 -37.29
N GLN BA 8 87.80 -81.74 -36.80
CA GLN BA 8 86.71 -82.25 -37.63
C GLN BA 8 85.59 -81.23 -37.61
N HIS BA 9 85.12 -80.86 -38.79
CA HIS BA 9 83.94 -80.02 -38.89
C HIS BA 9 82.65 -80.81 -38.83
N ILE BA 10 82.65 -82.12 -39.15
CA ILE BA 10 81.50 -82.98 -38.97
C ILE BA 10 81.96 -84.31 -38.39
N LEU BA 11 81.01 -85.03 -37.78
CA LEU BA 11 81.05 -86.46 -37.63
C LEU BA 11 79.74 -87.01 -38.14
N ARG BA 12 79.77 -88.24 -38.67
CA ARG BA 12 78.53 -88.85 -39.16
C ARG BA 12 78.27 -90.16 -38.41
N VAL BA 13 78.73 -90.25 -37.16
CA VAL BA 13 78.78 -91.55 -36.49
C VAL BA 13 77.38 -92.01 -36.08
N LEU BA 14 77.13 -93.31 -36.26
CA LEU BA 14 75.82 -93.97 -36.17
C LEU BA 14 74.75 -93.32 -37.06
N ASN BA 15 75.17 -92.87 -38.25
CA ASN BA 15 74.35 -92.29 -39.32
C ASN BA 15 73.46 -91.12 -38.89
N THR BA 16 74.01 -90.24 -38.05
CA THR BA 16 73.42 -88.95 -37.76
C THR BA 16 74.56 -87.93 -37.80
N ASN BA 17 74.33 -86.81 -38.46
CA ASN BA 17 75.42 -85.88 -38.70
C ASN BA 17 75.70 -85.12 -37.41
N ILE BA 18 76.75 -85.52 -36.70
CA ILE BA 18 77.17 -84.83 -35.50
C ILE BA 18 78.04 -83.66 -35.95
N ASP BA 19 77.64 -82.46 -35.56
CA ASP BA 19 78.32 -81.26 -36.01
C ASP BA 19 79.63 -81.12 -35.23
N GLY BA 20 80.71 -80.81 -35.95
CA GLY BA 20 82.01 -80.69 -35.31
C GLY BA 20 82.22 -79.41 -34.56
N ARG BA 21 81.28 -78.47 -34.64
CA ARG BA 21 81.40 -77.16 -34.03
C ARG BA 21 80.78 -77.07 -32.65
N ARG BA 22 80.18 -78.15 -32.14
CA ARG BA 22 79.56 -78.16 -30.84
C ARG BA 22 80.36 -78.98 -29.85
N LYS BA 23 80.09 -78.75 -28.55
CA LYS BA 23 80.72 -79.52 -27.49
C LYS BA 23 80.18 -80.94 -27.46
N ILE BA 24 80.97 -81.85 -26.89
CA ILE BA 24 80.88 -83.27 -27.22
C ILE BA 24 79.64 -83.92 -26.62
N ALA BA 25 79.37 -83.67 -25.34
CA ALA BA 25 78.22 -84.26 -24.68
C ALA BA 25 76.91 -83.63 -25.12
N PHE BA 26 76.99 -82.48 -25.77
CA PHE BA 26 75.86 -81.88 -26.45
C PHE BA 26 75.94 -82.08 -27.96
N ALA BA 27 77.03 -82.67 -28.46
CA ALA BA 27 77.04 -83.12 -29.84
C ALA BA 27 76.38 -84.47 -30.00
N ILE BA 28 76.43 -85.31 -28.96
CA ILE BA 28 75.97 -86.70 -29.06
C ILE BA 28 74.47 -86.87 -28.83
N THR BA 29 73.72 -85.81 -28.52
CA THR BA 29 72.30 -85.90 -28.19
C THR BA 29 71.37 -86.21 -29.37
N ALA BA 30 71.86 -86.30 -30.61
CA ALA BA 30 70.98 -86.61 -31.74
C ALA BA 30 70.62 -88.09 -31.82
N ILE BA 31 71.39 -88.96 -31.18
CA ILE BA 31 71.11 -90.39 -31.14
C ILE BA 31 70.02 -90.64 -30.11
N LYS BA 32 68.90 -91.20 -30.55
CA LYS BA 32 67.72 -91.33 -29.70
C LYS BA 32 67.87 -92.52 -28.76
N GLY BA 33 67.99 -92.25 -27.47
CA GLY BA 33 68.47 -93.23 -26.52
C GLY BA 33 69.69 -92.77 -25.74
N VAL BA 34 70.40 -91.75 -26.22
CA VAL BA 34 71.26 -90.92 -25.37
C VAL BA 34 70.68 -89.49 -25.34
N GLY BA 35 70.32 -89.05 -24.14
CA GLY BA 35 70.26 -87.67 -23.79
C GLY BA 35 71.38 -87.32 -22.84
N ARG BA 36 71.28 -86.16 -22.22
CA ARG BA 36 72.43 -85.58 -21.53
C ARG BA 36 72.76 -86.32 -20.23
N ARG BA 37 71.73 -86.83 -19.55
CA ARG BA 37 71.98 -87.56 -18.31
C ARG BA 37 72.61 -88.93 -18.59
N TYR BA 38 72.35 -89.49 -19.76
CA TYR BA 38 73.17 -90.62 -20.19
C TYR BA 38 74.55 -90.17 -20.66
N ALA BA 39 74.65 -88.97 -21.22
CA ALA BA 39 75.85 -88.55 -21.93
C ALA BA 39 76.99 -88.23 -20.99
N HIS BA 40 76.68 -87.55 -19.88
CA HIS BA 40 77.75 -87.11 -19.00
C HIS BA 40 78.31 -88.26 -18.17
N VAL BA 41 77.51 -89.30 -17.90
CA VAL BA 41 78.10 -90.51 -17.34
C VAL BA 41 78.73 -91.41 -18.39
N VAL BA 42 78.36 -91.28 -19.68
CA VAL BA 42 79.11 -91.96 -20.75
C VAL BA 42 80.54 -91.41 -20.83
N LEU BA 43 80.67 -90.09 -20.83
CA LEU BA 43 82.00 -89.50 -20.86
C LEU BA 43 82.67 -89.50 -19.49
N ARG BA 44 81.94 -89.80 -18.42
CA ARG BA 44 82.60 -90.17 -17.18
C ARG BA 44 83.22 -91.55 -17.25
N LYS BA 45 82.50 -92.54 -17.79
CA LYS BA 45 83.08 -93.88 -17.80
C LYS BA 45 84.05 -94.10 -18.96
N ALA BA 46 83.99 -93.28 -20.00
CA ALA BA 46 84.95 -93.40 -21.09
C ALA BA 46 86.23 -92.59 -20.86
N ASP BA 47 86.34 -91.95 -19.69
CA ASP BA 47 87.58 -91.36 -19.15
C ASP BA 47 88.12 -90.23 -20.03
N ILE BA 48 87.21 -89.41 -20.57
CA ILE BA 48 87.57 -88.25 -21.37
C ILE BA 48 87.20 -87.00 -20.59
N ASP BA 49 88.09 -86.02 -20.62
CA ASP BA 49 87.77 -84.69 -20.13
C ASP BA 49 86.68 -84.06 -20.98
N LEU BA 50 85.79 -83.32 -20.33
CA LEU BA 50 84.58 -82.87 -21.02
C LEU BA 50 84.80 -81.62 -21.86
N THR BA 51 85.94 -80.96 -21.70
CA THR BA 51 86.09 -79.56 -22.11
C THR BA 51 86.23 -79.40 -23.63
N LYS BA 52 86.50 -80.49 -24.34
CA LYS BA 52 86.88 -80.37 -25.73
C LYS BA 52 85.66 -80.32 -26.65
N ARG BA 53 85.85 -79.74 -27.83
CA ARG BA 53 84.88 -79.73 -28.92
C ARG BA 53 84.90 -81.08 -29.65
N ALA BA 54 83.99 -81.21 -30.61
CA ALA BA 54 83.74 -82.50 -31.25
C ALA BA 54 84.86 -82.93 -32.19
N GLY BA 55 85.57 -81.97 -32.77
CA GLY BA 55 86.68 -82.30 -33.64
C GLY BA 55 88.00 -82.53 -32.95
N GLU BA 56 88.13 -82.10 -31.68
CA GLU BA 56 89.40 -82.14 -30.97
C GLU BA 56 89.81 -83.56 -30.54
N LEU BA 57 88.88 -84.50 -30.51
CA LEU BA 57 89.19 -85.86 -30.10
C LEU BA 57 89.67 -86.70 -31.27
N THR BA 58 90.60 -87.61 -30.97
CA THR BA 58 91.09 -88.64 -31.88
C THR BA 58 90.03 -89.73 -32.05
N GLU BA 59 90.26 -90.65 -32.98
CA GLU BA 59 89.30 -91.71 -33.24
C GLU BA 59 89.32 -92.85 -32.20
N ASP BA 60 90.39 -93.01 -31.43
CA ASP BA 60 90.46 -94.15 -30.50
C ASP BA 60 89.59 -93.96 -29.25
N GLU BA 61 89.65 -92.77 -28.66
CA GLU BA 61 88.76 -92.47 -27.53
C GLU BA 61 87.31 -92.33 -27.98
N VAL BA 62 87.07 -91.83 -29.21
CA VAL BA 62 85.72 -91.75 -29.79
C VAL BA 62 85.13 -93.15 -30.00
N GLU BA 63 85.95 -94.09 -30.46
CA GLU BA 63 85.45 -95.44 -30.53
C GLU BA 63 85.36 -96.10 -29.16
N ARG BA 64 86.11 -95.60 -28.16
CA ARG BA 64 85.83 -96.06 -26.80
C ARG BA 64 84.49 -95.54 -26.29
N VAL BA 65 84.07 -94.35 -26.74
CA VAL BA 65 82.73 -93.83 -26.41
C VAL BA 65 81.65 -94.72 -27.00
N ILE BA 66 81.80 -95.08 -28.28
CA ILE BA 66 80.77 -95.87 -28.95
C ILE BA 66 80.76 -97.34 -28.46
N THR BA 67 81.94 -97.93 -28.25
CA THR BA 67 82.02 -99.33 -27.84
C THR BA 67 81.63 -99.54 -26.38
N ILE BA 68 81.99 -98.60 -25.49
CA ILE BA 68 81.45 -98.66 -24.13
C ILE BA 68 79.99 -98.19 -24.08
N MET BA 69 79.57 -97.38 -25.06
CA MET BA 69 78.20 -96.88 -25.11
C MET BA 69 77.20 -97.96 -25.48
N GLN BA 70 77.59 -98.91 -26.35
CA GLN BA 70 76.66 -99.95 -26.78
C GLN BA 70 76.36 -100.97 -25.68
N ASN BA 71 77.39 -101.40 -24.93
CA ASN BA 71 77.17 -102.18 -23.72
C ASN BA 71 77.73 -101.38 -22.56
N PRO BA 72 76.89 -100.56 -21.91
CA PRO BA 72 77.35 -99.82 -20.73
C PRO BA 72 77.44 -100.64 -19.46
N ARG BA 73 76.77 -101.79 -19.40
CA ARG BA 73 76.75 -102.62 -18.20
C ARG BA 73 78.09 -103.34 -17.96
N GLN BA 74 78.97 -103.39 -18.95
CA GLN BA 74 80.31 -103.91 -18.72
C GLN BA 74 81.17 -102.93 -17.94
N TYR BA 75 80.87 -101.63 -18.01
CA TYR BA 75 81.77 -100.61 -17.49
C TYR BA 75 81.12 -99.78 -16.39
N LYS BA 76 80.17 -100.42 -15.67
CA LYS BA 76 79.54 -99.90 -14.45
C LYS BA 76 78.73 -98.63 -14.68
N ILE BA 77 78.10 -98.49 -15.84
CA ILE BA 77 76.90 -97.64 -15.84
C ILE BA 77 75.88 -98.51 -15.12
N PRO BA 78 75.29 -98.03 -14.04
CA PRO BA 78 74.57 -98.90 -13.12
C PRO BA 78 73.17 -99.21 -13.62
N ASP BA 79 72.47 -100.05 -12.85
CA ASP BA 79 71.32 -100.76 -13.36
C ASP BA 79 70.07 -99.89 -13.43
N TRP BA 80 69.97 -98.82 -12.65
CA TRP BA 80 68.74 -98.02 -12.71
C TRP BA 80 68.72 -97.00 -13.84
N PHE BA 81 69.81 -96.83 -14.59
CA PHE BA 81 69.81 -95.92 -15.72
C PHE BA 81 69.12 -96.47 -16.95
N LEU BA 82 68.72 -97.74 -16.96
CA LEU BA 82 68.59 -98.45 -18.22
C LEU BA 82 67.25 -98.15 -18.88
N ASN BA 83 67.26 -98.17 -20.22
CA ASN BA 83 66.12 -97.70 -20.99
C ASN BA 83 64.98 -98.70 -20.95
N ARG BA 84 65.27 -99.96 -21.27
CA ARG BA 84 64.37 -101.06 -21.03
C ARG BA 84 65.01 -101.89 -19.94
N GLN BA 85 64.45 -101.86 -18.74
CA GLN BA 85 65.04 -102.61 -17.64
C GLN BA 85 64.51 -104.03 -17.57
N LYS BA 86 63.26 -104.26 -17.95
CA LYS BA 86 62.76 -105.60 -18.25
C LYS BA 86 62.00 -105.53 -19.56
N ASP BA 87 62.55 -106.15 -20.60
CA ASP BA 87 61.87 -106.26 -21.88
C ASP BA 87 60.68 -107.21 -21.76
N VAL BA 88 59.72 -107.04 -22.67
CA VAL BA 88 58.62 -107.99 -22.77
C VAL BA 88 59.11 -109.32 -23.37
N LYS BA 89 59.92 -109.27 -24.43
CA LYS BA 89 60.31 -110.49 -25.13
C LYS BA 89 61.62 -111.10 -24.63
N ASP BA 90 62.64 -110.28 -24.41
CA ASP BA 90 63.94 -110.80 -24.00
C ASP BA 90 64.08 -110.88 -22.48
N GLY BA 91 63.68 -109.85 -21.75
CA GLY BA 91 63.88 -109.87 -20.33
C GLY BA 91 65.28 -109.55 -19.87
N LYS BA 92 66.09 -108.96 -20.73
CA LYS BA 92 67.43 -108.55 -20.38
C LYS BA 92 67.42 -107.08 -20.01
N TYR BA 93 68.50 -106.63 -19.39
CA TYR BA 93 68.64 -105.23 -19.02
C TYR BA 93 69.41 -104.53 -20.13
N SER BA 94 68.81 -103.49 -20.69
CA SER BA 94 69.34 -102.90 -21.90
C SER BA 94 69.09 -101.41 -21.92
N GLN BA 95 69.94 -100.71 -22.65
CA GLN BA 95 69.78 -99.28 -22.92
C GLN BA 95 69.75 -99.13 -24.42
N VAL BA 96 68.60 -98.83 -24.97
CA VAL BA 96 68.36 -98.99 -26.39
C VAL BA 96 68.55 -97.66 -27.10
N LEU BA 97 69.25 -97.69 -28.21
CA LEU BA 97 69.89 -96.57 -28.86
C LEU BA 97 69.41 -96.59 -30.30
N ALA BA 98 69.88 -95.63 -31.11
CA ALA BA 98 69.08 -94.82 -32.05
C ALA BA 98 68.00 -95.55 -32.85
N ASN BA 99 68.36 -96.64 -33.49
CA ASN BA 99 67.44 -97.31 -34.40
C ASN BA 99 66.73 -98.49 -33.77
N GLY BA 100 67.09 -98.87 -32.54
CA GLY BA 100 66.48 -100.02 -31.86
C GLY BA 100 65.36 -99.67 -30.89
N LEU BA 101 65.40 -98.43 -30.38
CA LEU BA 101 64.30 -97.91 -29.58
C LEU BA 101 63.07 -97.71 -30.44
N ASP BA 102 63.27 -97.31 -31.71
CA ASP BA 102 62.18 -97.10 -32.67
C ASP BA 102 61.49 -98.41 -33.02
N ASN BA 103 62.27 -99.46 -33.27
CA ASN BA 103 61.74 -100.77 -33.65
C ASN BA 103 61.02 -101.44 -32.49
N LYS BA 104 61.60 -101.35 -31.28
CA LYS BA 104 60.92 -101.86 -30.10
C LYS BA 104 59.67 -101.07 -29.75
N LEU BA 105 59.66 -99.76 -30.06
CA LEU BA 105 58.50 -98.92 -29.83
C LEU BA 105 57.32 -99.32 -30.72
N ARG BA 106 57.56 -99.47 -32.02
CA ARG BA 106 56.42 -99.78 -32.89
C ARG BA 106 56.02 -101.25 -32.78
N GLU BA 107 56.91 -102.13 -32.33
CA GLU BA 107 56.48 -103.49 -32.04
C GLU BA 107 55.60 -103.55 -30.80
N ASP BA 108 55.91 -102.76 -29.76
CA ASP BA 108 55.06 -102.73 -28.56
C ASP BA 108 53.70 -102.07 -28.86
N LEU BA 109 53.72 -101.06 -29.73
CA LEU BA 109 52.50 -100.43 -30.24
C LEU BA 109 51.63 -101.43 -31.01
N GLU BA 110 52.24 -102.20 -31.93
CA GLU BA 110 51.48 -103.13 -32.74
C GLU BA 110 51.04 -104.35 -31.95
N ARG BA 111 51.79 -104.72 -30.91
CA ARG BA 111 51.37 -105.77 -29.99
C ARG BA 111 50.14 -105.34 -29.20
N LEU BA 112 50.10 -104.06 -28.82
CA LEU BA 112 48.90 -103.50 -28.22
C LEU BA 112 47.74 -103.44 -29.20
N LYS BA 113 48.02 -103.23 -30.49
CA LYS BA 113 46.97 -103.25 -31.49
C LYS BA 113 46.47 -104.66 -31.82
N LYS BA 114 47.26 -105.69 -31.55
CA LYS BA 114 46.84 -107.06 -31.86
C LYS BA 114 45.90 -107.65 -30.81
N ILE BA 115 46.20 -107.47 -29.52
CA ILE BA 115 45.65 -108.34 -28.49
C ILE BA 115 44.40 -107.78 -27.84
N ARG BA 116 43.91 -106.64 -28.34
CA ARG BA 116 42.70 -105.93 -27.87
C ARG BA 116 42.80 -105.51 -26.40
N ALA BA 117 43.98 -105.02 -26.02
CA ALA BA 117 44.12 -104.20 -24.84
C ALA BA 117 43.93 -102.71 -25.19
N HIS BA 118 43.79 -101.88 -24.15
CA HIS BA 118 43.21 -100.54 -24.29
C HIS BA 118 44.13 -99.56 -24.99
N ARG BA 119 45.42 -99.54 -24.60
CA ARG BA 119 46.29 -98.38 -24.87
C ARG BA 119 46.65 -98.24 -26.35
N GLY BA 120 46.84 -99.35 -27.06
CA GLY BA 120 47.08 -99.25 -28.48
C GLY BA 120 45.85 -98.92 -29.29
N LEU BA 121 44.67 -99.22 -28.76
CA LEU BA 121 43.45 -98.78 -29.43
C LEU BA 121 43.29 -97.28 -29.27
N ARG BA 122 43.65 -96.75 -28.10
CA ARG BA 122 43.71 -95.30 -27.90
C ARG BA 122 44.81 -94.65 -28.74
N HIS BA 123 45.90 -95.39 -28.98
CA HIS BA 123 46.99 -94.92 -29.85
C HIS BA 123 46.55 -94.89 -31.31
N PHE BA 124 45.78 -95.89 -31.74
CA PHE BA 124 45.39 -95.98 -33.14
C PHE BA 124 44.31 -94.96 -33.48
N TRP BA 125 43.39 -94.72 -32.55
CA TRP BA 125 42.24 -93.87 -32.88
C TRP BA 125 42.59 -92.40 -33.02
N GLY BA 126 43.72 -91.96 -32.47
CA GLY BA 126 44.07 -90.56 -32.49
C GLY BA 126 43.90 -89.82 -31.20
N LEU BA 127 43.87 -90.51 -30.07
CA LEU BA 127 43.55 -89.90 -28.78
C LEU BA 127 44.83 -89.71 -27.98
N ARG BA 128 44.72 -88.90 -26.93
CA ARG BA 128 45.73 -88.93 -25.89
C ARG BA 128 45.60 -90.25 -25.15
N VAL BA 129 46.73 -90.79 -24.69
CA VAL BA 129 46.79 -92.17 -24.26
C VAL BA 129 46.66 -92.31 -22.76
N ARG BA 130 47.28 -91.41 -22.00
CA ARG BA 130 47.51 -91.59 -20.58
C ARG BA 130 46.44 -90.96 -19.70
N GLY BA 131 45.23 -90.77 -20.23
CA GLY BA 131 44.08 -90.34 -19.44
C GLY BA 131 43.68 -88.90 -19.56
N GLN BA 132 44.22 -88.17 -20.54
CA GLN BA 132 44.04 -86.74 -20.63
C GLN BA 132 42.64 -86.39 -21.16
N HIS BA 133 42.20 -85.19 -20.84
CA HIS BA 133 40.99 -84.64 -21.43
C HIS BA 133 41.35 -84.16 -22.82
N THR BA 134 40.58 -84.56 -23.82
CA THR BA 134 40.78 -84.02 -25.17
C THR BA 134 39.53 -83.28 -25.63
N LYS BA 135 38.73 -82.80 -24.69
CA LYS BA 135 37.56 -82.01 -25.06
C LYS BA 135 37.96 -80.64 -25.57
N THR BA 136 38.91 -79.98 -24.90
CA THR BA 136 39.26 -78.61 -25.21
C THR BA 136 40.63 -78.47 -25.84
N THR BA 137 41.53 -79.41 -25.57
CA THR BA 137 42.94 -79.25 -25.87
C THR BA 137 43.35 -80.24 -26.95
N GLY BA 138 44.51 -79.99 -27.55
CA GLY BA 138 45.08 -80.93 -28.50
C GLY BA 138 44.48 -80.90 -29.87
N ARG BA 139 43.78 -79.82 -30.23
CA ARG BA 139 43.16 -79.72 -31.54
C ARG BA 139 44.19 -79.38 -32.60
N ARG BA 140 44.09 -80.06 -33.75
CA ARG BA 140 45.00 -79.88 -34.86
C ARG BA 140 44.44 -78.95 -35.93
N PRO CA 1 96.06 -61.86 13.56
CA PRO CA 1 95.18 -61.95 14.73
C PRO CA 1 94.56 -63.34 14.85
N GLY CA 2 93.71 -63.55 15.85
CA GLY CA 2 93.02 -64.83 15.98
C GLY CA 2 91.95 -64.96 14.92
N VAL CA 3 92.02 -66.01 14.11
CA VAL CA 3 91.17 -66.12 12.94
C VAL CA 3 90.32 -67.38 13.05
N THR CA 4 89.03 -67.19 13.29
CA THR CA 4 87.97 -68.19 13.20
C THR CA 4 87.22 -68.08 11.88
N VAL CA 5 86.33 -69.05 11.66
CA VAL CA 5 85.52 -69.14 10.45
C VAL CA 5 84.58 -67.94 10.31
N LYS CA 6 84.02 -67.47 11.43
CA LYS CA 6 83.04 -66.39 11.38
C LYS CA 6 83.61 -65.03 11.00
N ASP CA 7 84.93 -64.83 11.03
CA ASP CA 7 85.48 -63.53 10.70
C ASP CA 7 85.94 -63.41 9.25
N VAL CA 8 85.94 -64.50 8.47
CA VAL CA 8 86.54 -64.50 7.15
C VAL CA 8 85.52 -64.72 6.03
N ASN CA 9 85.97 -64.44 4.81
CA ASN CA 9 85.12 -64.55 3.63
C ASN CA 9 84.87 -66.00 3.28
N GLN CA 10 83.61 -66.32 3.03
CA GLN CA 10 83.15 -67.70 2.94
C GLN CA 10 83.07 -68.22 1.52
N GLN CA 11 83.66 -67.52 0.56
CA GLN CA 11 83.70 -68.03 -0.80
C GLN CA 11 84.98 -68.78 -1.10
N GLU CA 12 86.06 -68.46 -0.39
CA GLU CA 12 87.34 -69.11 -0.58
C GLU CA 12 87.60 -70.17 0.48
N PHE CA 13 86.99 -70.04 1.66
CA PHE CA 13 87.35 -70.88 2.78
C PHE CA 13 86.84 -72.31 2.61
N VAL CA 14 85.64 -72.45 2.02
CA VAL CA 14 85.10 -73.77 1.76
C VAL CA 14 85.88 -74.47 0.65
N ARG CA 15 86.39 -73.73 -0.32
CA ARG CA 15 87.21 -74.33 -1.36
C ARG CA 15 88.61 -74.67 -0.86
N ALA CA 16 89.12 -73.98 0.17
CA ALA CA 16 90.42 -74.34 0.72
C ALA CA 16 90.31 -75.54 1.65
N LEU CA 17 89.19 -75.63 2.38
CA LEU CA 17 88.91 -76.84 3.15
C LEU CA 17 88.63 -78.03 2.23
N ALA CA 18 88.08 -77.77 1.04
CA ALA CA 18 87.95 -78.81 0.02
C ALA CA 18 89.29 -79.22 -0.55
N ALA CA 19 90.24 -78.28 -0.62
CA ALA CA 19 91.60 -78.63 -1.04
C ALA CA 19 92.31 -79.47 0.00
N PHE CA 20 92.05 -79.21 1.29
CA PHE CA 20 92.62 -80.08 2.32
C PHE CA 20 91.96 -81.45 2.35
N LEU CA 21 90.64 -81.50 2.15
CA LEU CA 21 89.96 -82.79 2.14
C LEU CA 21 90.20 -83.56 0.85
N LYS CA 22 90.77 -82.93 -0.18
CA LYS CA 22 91.35 -83.70 -1.28
C LYS CA 22 92.77 -84.16 -0.94
N LYS CA 23 93.61 -83.25 -0.45
CA LYS CA 23 95.05 -83.49 -0.39
C LYS CA 23 95.46 -84.41 0.75
N SER CA 24 94.57 -84.71 1.69
CA SER CA 24 94.98 -85.61 2.76
C SER CA 24 94.87 -87.07 2.34
N GLY CA 25 93.88 -87.40 1.51
CA GLY CA 25 93.67 -88.77 1.08
C GLY CA 25 93.12 -89.70 2.14
N LYS CA 26 92.63 -89.16 3.25
CA LYS CA 26 92.05 -89.95 4.33
C LYS CA 26 90.54 -89.79 4.41
N LEU CA 27 89.95 -88.99 3.53
CA LEU CA 27 88.51 -89.00 3.32
C LEU CA 27 88.18 -90.09 2.31
N LYS CA 28 87.34 -91.04 2.70
CA LYS CA 28 86.97 -92.12 1.80
C LYS CA 28 86.03 -91.60 0.71
N VAL CA 29 86.23 -92.12 -0.48
CA VAL CA 29 85.37 -91.79 -1.61
C VAL CA 29 84.61 -93.07 -1.96
N PRO CA 30 83.29 -93.10 -1.78
CA PRO CA 30 82.54 -94.31 -2.14
C PRO CA 30 82.42 -94.52 -3.63
N GLU CA 31 81.80 -95.62 -4.03
CA GLU CA 31 81.92 -96.12 -5.38
C GLU CA 31 81.03 -95.38 -6.38
N TRP CA 32 79.99 -94.69 -5.92
CA TRP CA 32 78.99 -94.12 -6.79
C TRP CA 32 79.01 -92.61 -6.80
N VAL CA 33 80.17 -91.99 -6.56
CA VAL CA 33 80.21 -90.53 -6.49
C VAL CA 33 80.23 -89.85 -7.85
N ASP CA 34 80.32 -90.63 -8.92
CA ASP CA 34 80.50 -90.08 -10.25
C ASP CA 34 79.30 -90.27 -11.18
N THR CA 35 78.24 -90.95 -10.75
CA THR CA 35 77.05 -91.15 -11.57
C THR CA 35 75.75 -90.61 -10.98
N VAL CA 36 75.79 -89.87 -9.89
CA VAL CA 36 74.58 -89.55 -9.13
C VAL CA 36 74.10 -88.14 -9.42
N LYS CA 37 72.78 -87.99 -9.33
CA LYS CA 37 72.09 -86.72 -9.16
C LYS CA 37 71.85 -86.47 -7.67
N LEU CA 38 71.82 -85.20 -7.31
CA LEU CA 38 72.00 -84.83 -5.92
C LEU CA 38 70.72 -84.41 -5.20
N ALA CA 39 69.62 -84.22 -5.92
CA ALA CA 39 68.25 -84.34 -5.42
C ALA CA 39 67.33 -84.58 -6.61
N LYS CA 40 66.04 -84.73 -6.32
CA LYS CA 40 65.07 -85.01 -7.37
C LYS CA 40 64.74 -83.78 -8.23
N HIS CA 41 65.21 -82.59 -7.86
CA HIS CA 41 64.95 -81.38 -8.62
C HIS CA 41 66.08 -80.97 -9.54
N LYS CA 42 67.31 -81.39 -9.29
CA LYS CA 42 68.38 -80.97 -10.18
C LYS CA 42 68.34 -81.79 -11.46
N GLU CA 43 68.95 -81.25 -12.49
CA GLU CA 43 68.91 -81.86 -13.81
C GLU CA 43 70.09 -82.76 -14.04
N LEU CA 44 71.27 -82.40 -13.55
CA LEU CA 44 72.50 -83.02 -14.00
C LEU CA 44 73.42 -83.31 -12.82
N ALA CA 45 74.43 -84.13 -13.12
CA ALA CA 45 75.63 -84.34 -12.33
C ALA CA 45 76.47 -83.04 -12.29
N PRO CA 46 77.37 -82.89 -11.30
CA PRO CA 46 78.20 -81.68 -11.22
C PRO CA 46 79.17 -81.50 -12.38
N TYR CA 47 79.48 -80.23 -12.68
CA TYR CA 47 80.49 -79.90 -13.67
C TYR CA 47 81.86 -80.41 -13.24
N ASP CA 48 82.30 -79.98 -12.07
CA ASP CA 48 83.54 -80.46 -11.49
C ASP CA 48 83.29 -81.79 -10.78
N GLU CA 49 84.17 -82.76 -11.02
CA GLU CA 49 84.05 -84.09 -10.40
C GLU CA 49 84.55 -84.12 -8.96
N ASN CA 50 84.88 -82.97 -8.36
CA ASN CA 50 85.38 -82.86 -7.00
C ASN CA 50 84.27 -82.40 -6.06
N TRP CA 51 83.02 -82.70 -6.41
CA TRP CA 51 81.86 -82.23 -5.65
C TRP CA 51 81.76 -82.86 -4.28
N PHE CA 52 82.28 -84.07 -4.12
CA PHE CA 52 82.14 -84.79 -2.86
C PHE CA 52 82.98 -84.14 -1.78
N TYR CA 53 84.20 -83.73 -2.13
CA TYR CA 53 85.10 -83.05 -1.19
C TYR CA 53 84.59 -81.66 -0.85
N THR CA 54 84.02 -80.95 -1.84
CA THR CA 54 83.47 -79.63 -1.61
C THR CA 54 82.23 -79.71 -0.74
N ARG CA 55 81.41 -80.73 -0.94
CA ARG CA 55 80.20 -80.92 -0.17
C ARG CA 55 80.53 -81.30 1.26
N ALA CA 56 81.58 -82.11 1.46
CA ALA CA 56 82.01 -82.47 2.80
C ALA CA 56 82.66 -81.30 3.52
N ALA CA 57 83.33 -80.43 2.75
CA ALA CA 57 83.92 -79.22 3.30
C ALA CA 57 82.85 -78.27 3.86
N SER CA 58 81.82 -78.02 3.05
CA SER CA 58 80.72 -77.15 3.49
C SER CA 58 79.92 -77.77 4.62
N THR CA 59 79.80 -79.10 4.61
CA THR CA 59 79.09 -79.82 5.66
C THR CA 59 79.78 -79.68 7.01
N ALA CA 60 81.11 -79.76 7.02
CA ALA CA 60 81.83 -79.54 8.28
C ALA CA 60 81.82 -78.08 8.70
N ARG CA 61 81.74 -77.15 7.74
CA ARG CA 61 81.54 -75.73 8.10
C ARG CA 61 80.17 -75.49 8.71
N HIS CA 62 79.16 -76.20 8.22
CA HIS CA 62 77.82 -76.08 8.80
C HIS CA 62 77.74 -76.75 10.16
N LEU CA 63 78.58 -77.76 10.39
CA LEU CA 63 78.67 -78.29 11.74
C LEU CA 63 79.52 -77.41 12.64
N TYR CA 64 80.36 -76.55 12.06
CA TYR CA 64 81.05 -75.55 12.86
C TYR CA 64 80.08 -74.51 13.36
N LEU CA 65 79.21 -74.01 12.47
CA LEU CA 65 78.32 -72.91 12.87
C LEU CA 65 77.19 -73.39 13.79
N ARG CA 66 76.44 -74.39 13.35
CA ARG CA 66 75.32 -74.89 14.14
C ARG CA 66 75.40 -76.41 14.23
N GLY CA 67 75.74 -76.92 15.41
CA GLY CA 67 75.62 -78.32 15.71
C GLY CA 67 74.32 -78.60 16.44
N GLY CA 68 74.15 -79.86 16.83
CA GLY CA 68 72.83 -80.34 17.20
C GLY CA 68 71.95 -80.67 16.00
N ALA CA 69 72.56 -80.86 14.84
CA ALA CA 69 71.88 -81.13 13.59
C ALA CA 69 72.07 -82.58 13.18
N GLY CA 70 71.16 -83.05 12.33
CA GLY CA 70 71.21 -84.41 11.83
C GLY CA 70 71.18 -84.50 10.32
N VAL CA 71 70.83 -85.67 9.80
CA VAL CA 71 70.67 -85.80 8.36
C VAL CA 71 69.41 -85.07 7.90
N GLY CA 72 68.34 -85.18 8.68
CA GLY CA 72 67.06 -84.60 8.33
C GLY CA 72 67.02 -83.10 8.41
N SER CA 73 67.96 -82.50 9.13
CA SER CA 73 68.16 -81.06 9.01
C SER CA 73 69.18 -80.69 7.95
N MET CA 74 70.09 -81.62 7.63
CA MET CA 74 71.02 -81.38 6.52
C MET CA 74 70.31 -81.41 5.18
N THR CA 75 69.22 -82.15 5.07
CA THR CA 75 68.38 -82.05 3.89
C THR CA 75 67.50 -80.81 3.91
N LYS CA 76 67.27 -80.23 5.09
CA LYS CA 76 66.52 -78.97 5.11
C LYS CA 76 67.42 -77.80 4.75
N ILE CA 77 68.72 -77.92 5.00
CA ILE CA 77 69.64 -76.88 4.56
C ILE CA 77 69.89 -76.98 3.05
N TYR CA 78 69.95 -78.18 2.51
CA TYR CA 78 70.43 -78.38 1.16
C TYR CA 78 69.32 -78.59 0.13
N GLY CA 79 68.11 -78.16 0.43
CA GLY CA 79 67.04 -78.17 -0.56
C GLY CA 79 67.18 -77.10 -1.63
N GLY CA 80 66.24 -77.11 -2.57
CA GLY CA 80 66.23 -76.09 -3.61
C GLY CA 80 64.89 -76.03 -4.31
N ARG CA 81 64.88 -75.31 -5.43
CA ARG CA 81 63.66 -75.00 -6.16
C ARG CA 81 63.49 -75.97 -7.32
N GLN CA 82 62.37 -76.69 -7.33
CA GLN CA 82 62.09 -77.66 -8.38
C GLN CA 82 61.34 -77.00 -9.52
N ARG CA 83 61.90 -77.02 -10.73
CA ARG CA 83 61.10 -76.69 -11.89
C ARG CA 83 60.26 -77.91 -12.22
N ASN CA 84 58.98 -77.69 -12.47
CA ASN CA 84 58.04 -78.80 -12.56
C ASN CA 84 57.42 -78.95 -13.93
N GLY CA 85 57.95 -78.28 -14.95
CA GLY CA 85 57.32 -78.28 -16.25
C GLY CA 85 56.29 -77.17 -16.33
N VAL CA 86 55.07 -77.52 -16.76
CA VAL CA 86 54.04 -76.52 -16.98
C VAL CA 86 53.28 -76.19 -15.70
N MET CA 87 53.57 -76.87 -14.62
CA MET CA 87 52.99 -76.57 -13.31
C MET CA 87 53.81 -75.49 -12.63
N PRO CA 88 53.34 -74.92 -11.52
CA PRO CA 88 54.20 -74.04 -10.72
C PRO CA 88 55.37 -74.76 -10.07
N SER CA 89 56.39 -74.00 -9.78
CA SER CA 89 57.60 -74.52 -9.17
C SER CA 89 57.37 -74.80 -7.69
N HIS CA 90 58.26 -75.60 -7.11
CA HIS CA 90 58.10 -76.04 -5.73
C HIS CA 90 59.45 -76.12 -5.05
N PHE CA 91 59.41 -76.20 -3.72
CA PHE CA 91 60.59 -76.46 -2.91
C PHE CA 91 60.64 -77.92 -2.52
N SER CA 92 61.72 -78.60 -2.89
CA SER CA 92 61.84 -80.04 -2.73
C SER CA 92 63.18 -80.37 -2.11
N ARG CA 93 63.16 -81.34 -1.22
CA ARG CA 93 64.19 -81.48 -0.19
C ARG CA 93 65.43 -82.15 -0.80
N GLY CA 94 66.57 -82.04 -0.09
CA GLY CA 94 67.80 -82.66 -0.52
C GLY CA 94 67.89 -84.12 -0.12
N SER CA 95 68.94 -84.78 -0.62
CA SER CA 95 69.05 -86.23 -0.53
C SER CA 95 69.66 -86.66 0.80
N LYS CA 96 69.10 -87.71 1.38
CA LYS CA 96 69.62 -88.21 2.66
C LYS CA 96 70.78 -89.18 2.46
N SER CA 97 70.95 -89.71 1.25
CA SER CA 97 72.04 -90.64 0.99
C SER CA 97 73.38 -89.93 0.99
N VAL CA 98 73.44 -88.77 0.34
CA VAL CA 98 74.69 -88.01 0.27
C VAL CA 98 75.07 -87.46 1.64
N ALA CA 99 74.09 -87.05 2.44
CA ALA CA 99 74.38 -86.49 3.76
C ALA CA 99 74.78 -87.56 4.75
N ARG CA 100 74.14 -88.73 4.65
CA ARG CA 100 74.50 -89.87 5.48
C ARG CA 100 75.89 -90.37 5.16
N ARG CA 101 76.23 -90.48 3.87
CA ARG CA 101 77.55 -90.99 3.50
C ARG CA 101 78.65 -89.96 3.74
N VAL CA 102 78.36 -88.67 3.57
CA VAL CA 102 79.34 -87.63 3.86
C VAL CA 102 79.59 -87.52 5.35
N LEU CA 103 78.54 -87.63 6.17
CA LEU CA 103 78.76 -87.47 7.60
C LEU CA 103 79.40 -88.72 8.23
N GLN CA 104 79.15 -89.90 7.67
CA GLN CA 104 79.91 -91.05 8.15
C GLN CA 104 81.33 -91.07 7.62
N ALA CA 105 81.57 -90.53 6.42
CA ALA CA 105 82.93 -90.43 5.90
C ALA CA 105 83.73 -89.35 6.62
N LEU CA 106 83.07 -88.32 7.13
CA LEU CA 106 83.74 -87.36 8.00
C LEU CA 106 83.91 -87.89 9.41
N GLU CA 107 83.10 -88.86 9.83
CA GLU CA 107 83.42 -89.58 11.06
C GLU CA 107 84.54 -90.58 10.87
N GLY CA 108 84.86 -90.94 9.63
CA GLY CA 108 85.86 -91.96 9.39
C GLY CA 108 87.29 -91.52 9.58
N LEU CA 109 87.56 -90.22 9.47
CA LEU CA 109 88.92 -89.70 9.64
C LEU CA 109 89.10 -88.99 10.98
N LYS CA 110 88.21 -89.30 11.95
CA LYS CA 110 88.22 -88.79 13.33
C LYS CA 110 88.13 -87.28 13.39
N MET CA 111 87.27 -86.71 12.55
CA MET CA 111 87.04 -85.28 12.49
C MET CA 111 85.68 -84.86 13.05
N VAL CA 112 84.75 -85.80 13.18
CA VAL CA 112 83.33 -85.52 13.42
C VAL CA 112 82.82 -86.58 14.38
N GLU CA 113 82.06 -86.16 15.40
CA GLU CA 113 81.37 -87.05 16.31
C GLU CA 113 79.90 -86.69 16.32
N LYS CA 114 79.12 -87.50 17.01
CA LYS CA 114 77.71 -87.21 17.20
C LYS CA 114 77.50 -86.27 18.39
N ASP CA 115 76.31 -85.73 18.49
CA ASP CA 115 75.88 -84.92 19.63
C ASP CA 115 75.33 -85.84 20.72
N GLN CA 116 75.26 -85.29 21.93
CA GLN CA 116 74.55 -85.90 23.05
C GLN CA 116 73.06 -86.04 22.76
N ASP CA 117 72.50 -85.14 21.96
CA ASP CA 117 71.08 -85.14 21.61
C ASP CA 117 70.78 -85.96 20.36
N GLY CA 118 71.72 -86.79 19.90
CA GLY CA 118 71.48 -87.75 18.85
C GLY CA 118 71.91 -87.30 17.48
N GLY CA 119 71.97 -85.99 17.26
CA GLY CA 119 72.44 -85.47 15.98
C GLY CA 119 73.93 -85.25 16.02
N ARG CA 120 74.45 -84.24 15.34
CA ARG CA 120 75.89 -84.15 15.16
C ARG CA 120 76.46 -82.85 15.69
N LYS CA 121 77.78 -82.88 15.87
CA LYS CA 121 78.57 -81.75 16.37
C LYS CA 121 80.02 -81.95 15.96
N LEU CA 122 80.86 -80.99 16.31
CA LEU CA 122 82.29 -81.10 16.09
C LEU CA 122 83.02 -81.65 17.30
N THR CA 123 84.16 -82.27 17.01
CA THR CA 123 85.15 -82.62 18.00
C THR CA 123 86.01 -81.40 18.27
N PRO CA 124 86.82 -81.42 19.33
CA PRO CA 124 87.92 -80.44 19.42
C PRO CA 124 88.93 -80.58 18.29
N GLN CA 125 89.16 -81.81 17.81
CA GLN CA 125 90.09 -82.03 16.71
C GLN CA 125 89.51 -81.50 15.39
N GLY CA 126 88.22 -81.72 15.15
CA GLY CA 126 87.56 -81.10 14.00
C GLY CA 126 87.32 -79.60 14.13
N GLN CA 127 87.34 -79.07 15.35
CA GLN CA 127 87.36 -77.62 15.53
C GLN CA 127 88.71 -77.05 15.14
N ARG CA 128 89.77 -77.75 15.55
CA ARG CA 128 91.16 -77.38 15.24
C ARG CA 128 91.43 -77.43 13.75
N ASP CA 129 90.92 -78.47 13.07
CA ASP CA 129 91.14 -78.66 11.65
C ASP CA 129 90.45 -77.61 10.79
N LEU CA 130 89.49 -76.88 11.32
CA LEU CA 130 88.85 -75.82 10.54
C LEU CA 130 89.38 -74.44 10.88
N ASP CA 131 89.77 -74.23 12.14
CA ASP CA 131 90.35 -72.93 12.50
C ASP CA 131 91.76 -72.78 11.92
N ARG CA 132 92.48 -73.88 11.70
CA ARG CA 132 93.77 -73.77 11.04
C ARG CA 132 93.62 -73.39 9.57
N ILE CA 133 92.56 -73.90 8.92
CA ILE CA 133 92.33 -73.57 7.52
C ILE CA 133 91.82 -72.14 7.38
N ALA CA 134 91.08 -71.66 8.39
CA ALA CA 134 90.73 -70.24 8.42
C ALA CA 134 91.98 -69.38 8.66
N GLY CA 135 92.92 -69.88 9.45
CA GLY CA 135 94.20 -69.20 9.62
C GLY CA 135 95.07 -69.20 8.38
N GLN CA 136 94.86 -70.16 7.48
CA GLN CA 136 95.67 -70.23 6.27
C GLN CA 136 95.05 -69.53 5.06
N VAL CA 137 93.73 -69.27 5.07
CA VAL CA 137 93.18 -68.33 4.08
C VAL CA 137 93.41 -66.89 4.53
N ALA CA 138 93.68 -66.68 5.82
CA ALA CA 138 93.81 -65.35 6.39
C ALA CA 138 95.07 -64.62 5.93
N ALA CA 139 96.08 -65.34 5.44
CA ALA CA 139 97.32 -64.71 4.98
C ALA CA 139 97.39 -64.56 3.47
N ALA CA 140 96.51 -65.21 2.71
CA ALA CA 140 96.68 -65.34 1.27
C ALA CA 140 96.29 -64.09 0.49
N ASN CA 141 95.86 -63.02 1.18
CA ASN CA 141 95.78 -61.69 0.60
C ASN CA 141 96.84 -60.83 1.27
N ARG DA 1 55.74 -75.56 44.40
CA ARG DA 1 55.73 -75.10 43.02
C ARG DA 1 54.43 -75.49 42.33
N ILE DA 2 53.38 -74.72 42.57
CA ILE DA 2 52.06 -74.97 41.99
C ILE DA 2 51.72 -73.83 41.04
N ARG DA 3 51.38 -74.17 39.81
CA ARG DA 3 51.10 -73.21 38.75
C ARG DA 3 49.63 -73.30 38.36
N ILE DA 4 48.88 -72.21 38.55
CA ILE DA 4 47.48 -72.17 38.14
C ILE DA 4 47.43 -71.58 36.74
N THR DA 5 46.64 -72.20 35.85
CA THR DA 5 46.63 -71.86 34.43
C THR DA 5 45.24 -71.41 34.03
N LEU DA 6 45.12 -70.18 33.55
CA LEU DA 6 43.84 -69.59 33.17
C LEU DA 6 43.73 -69.49 31.65
N THR DA 7 42.51 -69.73 31.14
CA THR DA 7 42.24 -69.68 29.72
C THR DA 7 40.85 -69.08 29.53
N SER DA 8 40.67 -68.21 28.54
CA SER DA 8 39.37 -67.65 28.23
C SER DA 8 39.28 -67.29 26.76
N ARG DA 9 38.12 -66.77 26.37
CA ARG DA 9 37.95 -66.12 25.09
C ARG DA 9 37.83 -64.61 25.20
N ASN DA 10 37.67 -64.05 26.39
CA ASN DA 10 37.63 -62.61 26.56
C ASN DA 10 38.69 -62.15 27.56
N VAL DA 11 39.19 -60.94 27.36
CA VAL DA 11 40.30 -60.46 28.16
C VAL DA 11 39.85 -59.85 29.49
N LYS DA 12 38.61 -59.34 29.61
CA LYS DA 12 38.29 -58.51 30.77
C LYS DA 12 37.94 -59.34 32.00
N SER DA 13 37.23 -60.46 31.83
CA SER DA 13 36.93 -61.33 32.95
C SER DA 13 38.18 -62.03 33.46
N LEU DA 14 39.06 -62.40 32.52
CA LEU DA 14 40.35 -63.01 32.86
C LEU DA 14 41.26 -62.02 33.57
N GLU DA 15 41.20 -60.75 33.20
CA GLU DA 15 42.00 -59.75 33.89
C GLU DA 15 41.46 -59.49 35.29
N LYS DA 16 40.13 -59.52 35.48
CA LYS DA 16 39.57 -59.33 36.81
C LYS DA 16 39.89 -60.49 37.73
N VAL DA 17 39.77 -61.72 37.22
CA VAL DA 17 40.00 -62.87 38.09
C VAL DA 17 41.50 -63.08 38.36
N CYS DA 18 42.39 -62.69 37.43
CA CYS DA 18 43.82 -62.76 37.71
C CYS DA 18 44.25 -61.69 38.70
N ALA DA 19 43.66 -60.48 38.61
CA ALA DA 19 43.90 -59.44 39.60
C ALA DA 19 43.37 -59.85 40.98
N ASP DA 20 42.21 -60.51 41.03
CA ASP DA 20 41.63 -60.94 42.30
C ASP DA 20 42.44 -62.06 42.93
N LEU DA 21 42.98 -62.96 42.11
CA LEU DA 21 43.76 -64.06 42.65
C LEU DA 21 45.12 -63.59 43.16
N ILE DA 22 45.76 -62.66 42.44
CA ILE DA 22 47.02 -62.14 42.96
C ILE DA 22 46.79 -61.17 44.13
N ARG DA 23 45.59 -60.60 44.26
CA ARG DA 23 45.33 -59.79 45.45
C ARG DA 23 45.07 -60.68 46.67
N GLY DA 24 44.40 -61.81 46.46
CA GLY DA 24 44.22 -62.75 47.56
C GLY DA 24 45.49 -63.48 47.95
N ALA DA 25 46.45 -63.59 47.04
CA ALA DA 25 47.74 -64.19 47.38
C ALA DA 25 48.79 -63.17 47.80
N LYS DA 26 48.61 -61.88 47.51
CA LYS DA 26 49.49 -60.85 48.02
C LYS DA 26 49.04 -60.29 49.36
N GLU DA 27 47.79 -60.57 49.77
CA GLU DA 27 47.31 -60.27 51.10
C GLU DA 27 47.75 -61.31 52.12
N LYS DA 28 48.13 -62.50 51.67
CA LYS DA 28 48.63 -63.52 52.57
C LYS DA 28 50.13 -63.71 52.39
N ASN DA 29 50.71 -63.06 51.38
CA ASN DA 29 52.16 -62.96 51.12
C ASN DA 29 52.86 -64.32 50.98
N LEU DA 30 52.36 -65.13 50.06
CA LEU DA 30 53.14 -66.22 49.51
C LEU DA 30 54.01 -65.67 48.41
N LYS DA 31 54.98 -66.46 47.97
CA LYS DA 31 55.78 -66.04 46.84
C LYS DA 31 54.97 -66.30 45.57
N VAL DA 32 54.60 -65.23 44.89
CA VAL DA 32 53.86 -65.29 43.63
C VAL DA 32 54.69 -64.59 42.57
N LYS DA 33 55.02 -65.32 41.51
CA LYS DA 33 55.59 -64.70 40.32
C LYS DA 33 54.44 -64.37 39.38
N GLY DA 34 54.56 -63.22 38.69
CA GLY DA 34 53.43 -62.55 38.10
C GLY DA 34 52.85 -63.28 36.88
N PRO DA 35 51.77 -62.71 36.31
CA PRO DA 35 51.07 -63.36 35.18
C PRO DA 35 51.90 -63.37 33.92
N VAL DA 36 52.06 -64.56 33.35
CA VAL DA 36 52.92 -64.77 32.19
C VAL DA 36 52.02 -64.94 30.98
N ARG DA 37 52.10 -63.99 30.06
CA ARG DA 37 51.12 -63.86 29.00
C ARG DA 37 51.56 -64.66 27.78
N MET DA 38 50.96 -65.82 27.60
CA MET DA 38 51.23 -66.75 26.53
C MET DA 38 50.51 -66.27 25.27
N PRO DA 39 51.02 -66.57 24.08
CA PRO DA 39 50.47 -65.94 22.86
C PRO DA 39 49.11 -66.48 22.44
N THR DA 40 48.29 -65.58 21.89
CA THR DA 40 46.90 -65.87 21.55
C THR DA 40 46.78 -66.64 20.24
N LYS DA 41 45.95 -67.70 20.25
CA LYS DA 41 45.71 -68.53 19.07
C LYS DA 41 44.38 -68.17 18.43
N THR DA 42 44.42 -67.65 17.21
CA THR DA 42 43.21 -67.24 16.50
C THR DA 42 42.71 -68.39 15.66
N LEU DA 43 41.53 -68.92 15.96
CA LEU DA 43 40.92 -69.95 15.12
C LEU DA 43 40.12 -69.27 14.03
N ARG DA 44 40.62 -69.28 12.81
CA ARG DA 44 39.96 -68.57 11.73
C ARG DA 44 39.41 -69.58 10.73
N ILE DA 45 38.14 -69.43 10.38
CA ILE DA 45 37.51 -70.24 9.34
C ILE DA 45 36.85 -69.29 8.36
N THR DA 46 37.31 -69.33 7.12
CA THR DA 46 36.89 -68.39 6.08
C THR DA 46 35.99 -69.16 5.11
N THR DA 47 34.69 -68.96 5.23
CA THR DA 47 33.71 -69.65 4.43
C THR DA 47 33.11 -68.73 3.39
N ARG DA 48 32.41 -69.30 2.44
CA ARG DA 48 31.72 -68.50 1.45
C ARG DA 48 30.33 -68.16 1.97
N LYS DA 49 29.82 -66.99 1.58
CA LYS DA 49 28.56 -66.51 2.12
C LYS DA 49 27.38 -67.21 1.48
N THR DA 50 27.41 -67.41 0.17
CA THR DA 50 26.24 -67.77 -0.61
C THR DA 50 25.94 -69.26 -0.47
N PRO DA 51 24.68 -69.65 -0.29
CA PRO DA 51 24.38 -71.08 -0.11
C PRO DA 51 24.26 -71.86 -1.40
N CYS DA 52 24.20 -71.23 -2.55
CA CYS DA 52 24.14 -71.96 -3.81
C CYS DA 52 25.23 -71.58 -4.80
N GLY DA 53 26.09 -70.62 -4.49
CA GLY DA 53 27.14 -70.21 -5.41
C GLY DA 53 26.71 -69.50 -6.68
N GLU DA 54 25.91 -68.44 -6.58
CA GLU DA 54 25.42 -67.74 -7.77
C GLU DA 54 25.88 -66.30 -7.87
N GLY DA 55 26.29 -65.68 -6.78
CA GLY DA 55 26.39 -64.23 -6.82
C GLY DA 55 27.74 -63.70 -7.28
N SER DA 56 28.24 -62.66 -6.64
CA SER DA 56 29.50 -62.05 -7.01
C SER DA 56 30.66 -62.53 -6.15
N LYS DA 57 30.52 -63.71 -5.52
CA LYS DA 57 31.60 -64.45 -4.85
C LYS DA 57 32.21 -63.70 -3.67
N THR DA 58 31.35 -63.23 -2.76
CA THR DA 58 31.85 -62.56 -1.56
C THR DA 58 32.10 -63.59 -0.48
N TRP DA 59 33.20 -63.41 0.24
CA TRP DA 59 33.69 -64.38 1.20
C TRP DA 59 33.55 -63.83 2.61
N ASP DA 60 33.40 -64.74 3.56
CA ASP DA 60 33.05 -64.42 4.93
C ASP DA 60 34.18 -64.87 5.85
N ARG DA 61 34.56 -64.03 6.81
CA ARG DA 61 35.75 -64.31 7.63
C ARG DA 61 35.40 -64.31 9.12
N PHE DA 62 35.38 -65.50 9.73
CA PHE DA 62 35.14 -65.68 11.16
C PHE DA 62 36.45 -65.89 11.92
N GLN DA 63 36.48 -65.50 13.19
CA GLN DA 63 37.63 -65.78 14.03
C GLN DA 63 37.20 -65.88 15.50
N MET DA 64 38.03 -66.55 16.31
CA MET DA 64 37.84 -66.62 17.76
C MET DA 64 39.20 -66.64 18.44
N ARG DA 65 39.38 -65.78 19.43
CA ARG DA 65 40.65 -65.68 20.13
C ARG DA 65 40.63 -66.45 21.45
N ILE DA 66 41.74 -67.08 21.77
CA ILE DA 66 41.93 -67.85 22.99
C ILE DA 66 43.04 -67.18 23.78
N HIS DA 67 42.70 -66.63 24.93
CA HIS DA 67 43.67 -65.91 25.74
C HIS DA 67 44.13 -66.81 26.87
N LYS DA 68 45.45 -67.01 26.95
CA LYS DA 68 46.06 -68.08 27.72
C LYS DA 68 47.07 -67.47 28.68
N ARG DA 69 46.81 -67.59 29.98
CA ARG DA 69 47.65 -66.98 31.00
C ARG DA 69 47.96 -68.02 32.07
N LEU DA 70 48.90 -67.68 32.96
CA LEU DA 70 49.17 -68.50 34.13
C LEU DA 70 49.75 -67.66 35.27
N ILE DA 71 49.60 -68.18 36.50
CA ILE DA 71 50.28 -67.68 37.69
C ILE DA 71 50.97 -68.89 38.32
N ASP DA 72 52.22 -68.71 38.77
CA ASP DA 72 52.98 -69.76 39.42
C ASP DA 72 53.42 -69.33 40.81
N LEU DA 73 53.25 -70.23 41.80
CA LEU DA 73 53.54 -69.91 43.18
C LEU DA 73 54.17 -71.11 43.90
N HIS DA 74 55.04 -70.82 44.87
CA HIS DA 74 55.63 -71.84 45.74
C HIS DA 74 54.96 -71.78 47.11
N SER DA 75 54.34 -72.89 47.52
CA SER DA 75 53.53 -72.96 48.73
C SER DA 75 53.37 -74.43 49.11
N PRO DA 76 52.85 -74.72 50.31
CA PRO DA 76 52.21 -76.02 50.52
C PRO DA 76 51.04 -76.23 49.59
N SER DA 77 50.92 -77.45 49.08
CA SER DA 77 49.98 -77.80 48.01
C SER DA 77 48.57 -78.09 48.50
N GLU DA 78 48.27 -77.92 49.79
CA GLU DA 78 46.90 -77.89 50.28
C GLU DA 78 46.49 -76.54 50.87
N ILE DA 79 47.40 -75.59 50.97
CA ILE DA 79 47.03 -74.19 51.09
C ILE DA 79 46.35 -73.72 49.81
N VAL DA 80 46.72 -74.30 48.67
CA VAL DA 80 46.32 -73.84 47.33
C VAL DA 80 44.84 -74.07 47.03
N LYS DA 81 44.10 -74.82 47.86
CA LYS DA 81 42.69 -75.02 47.58
C LYS DA 81 41.86 -73.77 47.87
N GLN DA 82 42.32 -72.90 48.77
CA GLN DA 82 41.52 -71.79 49.27
C GLN DA 82 41.54 -70.57 48.37
N ILE DA 83 42.44 -70.52 47.38
CA ILE DA 83 42.46 -69.40 46.46
C ILE DA 83 41.53 -69.63 45.28
N THR DA 84 41.36 -70.89 44.84
CA THR DA 84 40.58 -71.25 43.66
C THR DA 84 39.09 -71.39 43.94
N SER DA 85 38.61 -70.89 45.09
CA SER DA 85 37.20 -70.85 45.42
C SER DA 85 36.56 -69.48 45.16
N ILE DA 86 37.36 -68.47 44.82
CA ILE DA 86 36.87 -67.14 44.47
C ILE DA 86 36.87 -66.94 42.95
N SER DA 87 37.36 -67.92 42.19
CA SER DA 87 37.69 -67.80 40.78
C SER DA 87 36.66 -68.48 39.89
N ILE DA 88 35.40 -68.55 40.31
CA ILE DA 88 34.44 -69.45 39.69
C ILE DA 88 33.56 -68.69 38.69
N GLU DA 89 33.93 -67.43 38.38
CA GLU DA 89 33.33 -66.62 37.33
C GLU DA 89 33.33 -67.33 35.98
N PRO DA 90 32.25 -67.19 35.16
CA PRO DA 90 32.14 -67.94 33.90
C PRO DA 90 33.06 -67.40 32.82
N GLY DA 91 33.12 -68.00 31.63
CA GLY DA 91 34.39 -67.87 30.93
C GLY DA 91 35.45 -68.72 31.58
N VAL DA 92 36.44 -68.06 32.20
CA VAL DA 92 37.72 -68.61 32.69
C VAL DA 92 37.59 -69.91 33.47
N GLU DA 93 38.43 -70.87 33.09
CA GLU DA 93 38.51 -72.17 33.73
C GLU DA 93 39.93 -72.44 34.17
N VAL DA 94 40.06 -73.22 35.24
CA VAL DA 94 41.27 -73.30 36.04
C VAL DA 94 41.80 -74.73 35.97
N GLU DA 95 43.05 -74.86 35.54
CA GLU DA 95 43.72 -76.16 35.55
C GLU DA 95 44.98 -76.07 36.39
N VAL DA 96 45.12 -76.99 37.34
CA VAL DA 96 46.12 -76.92 38.41
C VAL DA 96 47.01 -78.15 38.31
N THR DA 97 48.31 -77.94 38.21
CA THR DA 97 49.25 -79.06 38.26
C THR DA 97 50.51 -78.64 39.00
N ILE DA 98 51.26 -79.64 39.46
CA ILE DA 98 52.40 -79.46 40.35
C ILE DA 98 53.73 -80.00 39.81
N LEU EA 1 73.79 -67.23 -36.90
CA LEU EA 1 75.18 -66.84 -36.70
C LEU EA 1 76.10 -68.03 -36.93
N ASN EA 2 77.09 -67.81 -37.80
CA ASN EA 2 78.07 -68.82 -38.17
C ASN EA 2 79.39 -68.38 -37.57
N ASN EA 3 79.75 -68.96 -36.43
CA ASN EA 3 80.90 -68.52 -35.66
C ASN EA 3 82.01 -69.57 -35.69
N LEU EA 4 83.21 -69.12 -35.34
CA LEU EA 4 84.32 -70.04 -35.25
C LEU EA 4 84.19 -70.88 -34.00
N VAL EA 5 84.44 -72.17 -34.12
CA VAL EA 5 84.48 -73.02 -32.94
C VAL EA 5 85.87 -73.01 -32.30
N LEU EA 6 86.94 -72.97 -33.08
CA LEU EA 6 88.28 -72.66 -32.56
C LEU EA 6 88.93 -71.67 -33.54
N PHE EA 7 90.12 -71.18 -33.20
CA PHE EA 7 90.76 -70.14 -33.98
C PHE EA 7 91.31 -70.68 -35.32
N ASP EA 8 91.16 -69.88 -36.38
CA ASP EA 8 91.77 -70.17 -37.67
C ASP EA 8 93.23 -69.70 -37.65
N LYS EA 9 93.95 -69.93 -38.76
CA LYS EA 9 95.37 -69.58 -38.85
C LYS EA 9 95.58 -68.07 -38.83
N ALA EA 10 94.98 -67.33 -39.76
CA ALA EA 10 94.96 -65.87 -39.64
C ALA EA 10 93.74 -65.39 -38.84
N THR EA 11 93.68 -65.83 -37.57
CA THR EA 11 92.91 -65.17 -36.54
C THR EA 11 93.77 -64.72 -35.37
N TYR EA 12 94.98 -65.23 -35.26
CA TYR EA 12 95.80 -64.94 -34.10
C TYR EA 12 96.44 -63.56 -34.20
N ASP EA 13 96.81 -63.15 -35.42
CA ASP EA 13 97.34 -61.81 -35.61
C ASP EA 13 96.23 -60.77 -35.48
N LYS EA 14 94.99 -61.15 -35.78
CA LYS EA 14 93.85 -60.28 -35.48
C LYS EA 14 93.61 -60.20 -33.98
N LEU EA 15 93.74 -61.33 -33.27
CA LEU EA 15 93.53 -61.36 -31.83
C LEU EA 15 94.63 -60.62 -31.07
N CYS EA 16 95.85 -60.63 -31.59
CA CYS EA 16 96.98 -60.02 -30.89
C CYS EA 16 97.34 -58.64 -31.39
N LYS EA 17 97.00 -58.29 -32.63
CA LYS EA 17 97.49 -57.07 -33.27
C LYS EA 17 96.40 -56.07 -33.59
N GLU EA 18 95.13 -56.43 -33.47
CA GLU EA 18 94.09 -55.42 -33.44
C GLU EA 18 93.61 -55.08 -32.04
N VAL EA 19 93.43 -56.08 -31.18
CA VAL EA 19 92.64 -56.02 -29.94
C VAL EA 19 93.27 -55.22 -28.79
N PRO EA 20 94.58 -55.24 -28.51
CA PRO EA 20 95.11 -54.29 -27.51
C PRO EA 20 95.16 -52.83 -27.96
N ASN EA 21 94.80 -52.51 -29.20
CA ASN EA 21 94.60 -51.14 -29.66
C ASN EA 21 93.13 -50.74 -29.62
N TYR EA 22 92.26 -51.62 -29.12
CA TYR EA 22 90.84 -51.30 -28.93
C TYR EA 22 90.66 -50.58 -27.60
N LYS EA 23 89.63 -49.73 -27.54
CA LYS EA 23 89.42 -48.93 -26.34
C LYS EA 23 88.83 -49.74 -25.21
N LEU EA 24 87.85 -50.60 -25.51
CA LEU EA 24 87.20 -51.41 -24.48
C LEU EA 24 87.24 -52.86 -24.91
N ILE EA 25 87.71 -53.74 -24.03
CA ILE EA 25 87.87 -55.15 -24.37
C ILE EA 25 86.92 -55.93 -23.48
N THR EA 26 85.76 -56.33 -23.98
CA THR EA 26 84.89 -57.23 -23.23
C THR EA 26 84.68 -58.50 -24.03
N PRO EA 27 84.10 -59.55 -23.46
CA PRO EA 27 83.69 -60.70 -24.29
C PRO EA 27 82.55 -60.42 -25.28
N ALA EA 28 81.83 -59.31 -25.15
CA ALA EA 28 80.90 -58.90 -26.20
C ALA EA 28 81.56 -58.03 -27.26
N VAL EA 29 82.86 -57.74 -27.13
CA VAL EA 29 83.52 -56.83 -28.05
C VAL EA 29 84.04 -57.56 -29.27
N VAL EA 30 84.70 -58.71 -29.10
CA VAL EA 30 85.42 -59.29 -30.22
C VAL EA 30 84.47 -60.05 -31.16
N SER EA 31 83.37 -60.60 -30.64
CA SER EA 31 82.58 -61.55 -31.41
C SER EA 31 81.70 -60.91 -32.47
N GLU EA 32 81.46 -59.60 -32.40
CA GLU EA 32 80.70 -58.94 -33.46
C GLU EA 32 81.57 -58.75 -34.71
N ARG EA 33 82.85 -58.47 -34.52
CA ARG EA 33 83.75 -58.12 -35.60
C ARG EA 33 84.61 -59.30 -36.03
N LEU EA 34 84.54 -60.42 -35.32
CA LEU EA 34 85.35 -61.58 -35.61
C LEU EA 34 84.54 -62.77 -36.12
N LYS EA 35 83.22 -62.79 -35.86
CA LYS EA 35 82.34 -63.96 -35.98
C LYS EA 35 82.93 -65.17 -35.25
N ILE EA 36 83.12 -65.02 -33.94
CA ILE EA 36 83.54 -66.08 -33.05
C ILE EA 36 82.49 -66.28 -31.96
N ARG EA 37 82.55 -67.43 -31.29
CA ARG EA 37 81.71 -67.63 -30.11
C ARG EA 37 82.33 -66.93 -28.90
N GLY EA 38 81.49 -66.64 -27.90
CA GLY EA 38 81.90 -65.95 -26.70
C GLY EA 38 82.77 -66.78 -25.76
N SER EA 39 82.80 -68.10 -25.97
CA SER EA 39 83.68 -68.97 -25.19
C SER EA 39 85.14 -68.72 -25.56
N LEU EA 40 85.42 -68.49 -26.85
CA LEU EA 40 86.74 -68.08 -27.29
C LEU EA 40 87.10 -66.72 -26.73
N ALA EA 41 86.10 -65.83 -26.61
CA ALA EA 41 86.31 -64.51 -26.04
C ALA EA 41 86.69 -64.56 -24.57
N ARG EA 42 85.98 -65.37 -23.77
CA ARG EA 42 86.28 -65.47 -22.34
C ARG EA 42 87.61 -66.17 -22.08
N ALA EA 43 87.86 -67.33 -22.72
CA ALA EA 43 89.10 -68.08 -22.48
C ALA EA 43 90.33 -67.33 -22.99
N ALA EA 44 90.26 -66.79 -24.22
CA ALA EA 44 91.41 -66.12 -24.80
C ALA EA 44 91.67 -64.77 -24.16
N LEU EA 45 90.63 -64.00 -23.85
CA LEU EA 45 90.86 -62.72 -23.19
C LEU EA 45 91.19 -62.89 -21.72
N GLN EA 46 90.89 -64.04 -21.13
CA GLN EA 46 91.46 -64.33 -19.82
C GLN EA 46 92.93 -64.69 -19.92
N GLU EA 47 93.35 -65.34 -21.02
CA GLU EA 47 94.74 -65.79 -21.13
C GLU EA 47 95.70 -64.62 -21.40
N LEU EA 48 95.20 -63.49 -21.91
CA LEU EA 48 96.05 -62.34 -22.21
C LEU EA 48 96.50 -61.62 -20.95
N LEU EA 49 95.81 -61.81 -19.82
CA LEU EA 49 96.24 -61.20 -18.57
C LEU EA 49 97.52 -61.85 -18.04
N SER EA 50 97.79 -63.10 -18.42
CA SER EA 50 99.11 -63.67 -18.20
C SER EA 50 100.13 -63.26 -19.25
N LYS EA 51 99.71 -62.62 -20.35
CA LYS EA 51 100.66 -61.97 -21.24
C LYS EA 51 100.88 -60.52 -20.88
N GLY EA 52 100.05 -59.96 -20.02
CA GLY EA 52 100.33 -58.69 -19.37
C GLY EA 52 100.22 -57.47 -20.25
N LEU EA 53 99.40 -57.52 -21.28
CA LEU EA 53 99.18 -56.36 -22.13
C LEU EA 53 97.82 -55.73 -21.87
N ILE EA 54 96.98 -56.37 -21.05
CA ILE EA 54 95.71 -55.83 -20.60
C ILE EA 54 95.74 -55.76 -19.08
N LYS EA 55 94.80 -55.01 -18.53
CA LYS EA 55 94.54 -54.97 -17.10
C LYS EA 55 93.08 -55.33 -16.87
N LEU EA 56 92.83 -56.22 -15.90
CA LEU EA 56 91.47 -56.52 -15.48
C LEU EA 56 90.89 -55.32 -14.75
N VAL EA 57 89.79 -54.80 -15.26
CA VAL EA 57 89.11 -53.67 -14.64
C VAL EA 57 87.92 -54.12 -13.80
N SER EA 58 87.16 -55.10 -14.31
CA SER EA 58 86.07 -55.67 -13.52
C SER EA 58 85.91 -57.14 -13.87
N LYS EA 59 85.38 -57.89 -12.92
CA LYS EA 59 85.04 -59.29 -13.13
C LYS EA 59 83.66 -59.54 -12.53
N HIS EA 60 82.79 -60.13 -13.34
CA HIS EA 60 81.50 -60.59 -12.87
C HIS EA 60 81.13 -61.86 -13.61
N ARG EA 61 80.09 -62.53 -13.13
CA ARG EA 61 79.65 -63.77 -13.75
C ARG EA 61 78.99 -63.55 -15.11
N ALA EA 62 78.49 -62.34 -15.39
CA ALA EA 62 77.87 -62.01 -16.66
C ALA EA 62 78.68 -61.05 -17.52
N GLN EA 63 79.53 -60.21 -16.93
CA GLN EA 63 80.17 -59.13 -17.66
C GLN EA 63 81.60 -58.95 -17.16
N VAL EA 64 82.57 -59.11 -18.08
CA VAL EA 64 83.99 -59.00 -17.79
C VAL EA 64 84.56 -57.83 -18.60
N ILE EA 65 85.44 -57.03 -17.99
CA ILE EA 65 85.87 -55.76 -18.58
C ILE EA 65 87.39 -55.68 -18.60
N TYR EA 66 87.97 -55.55 -19.79
CA TYR EA 66 89.41 -55.34 -20.01
C TYR EA 66 89.60 -54.13 -20.92
N THR EA 67 90.86 -53.66 -21.01
CA THR EA 67 91.20 -52.50 -21.85
C THR EA 67 92.68 -52.57 -22.23
N ARG EA 68 93.13 -51.55 -22.94
CA ARG EA 68 94.55 -51.41 -23.24
C ARG EA 68 95.31 -50.99 -22.00
N ASN EA 69 96.52 -51.54 -21.84
CA ASN EA 69 97.45 -51.07 -20.81
C ASN EA 69 98.31 -49.93 -21.37
N THR EA 70 97.65 -48.78 -21.54
CA THR EA 70 98.17 -47.51 -22.05
C THR EA 70 98.84 -47.62 -23.43
N PRO FA 1 64.37 -17.48 -33.42
CA PRO FA 1 65.07 -18.61 -32.80
C PRO FA 1 64.25 -19.29 -31.72
N ILE FA 2 64.81 -19.48 -30.51
CA ILE FA 2 64.18 -20.26 -29.45
C ILE FA 2 64.11 -19.39 -28.20
N LYS FA 3 62.90 -19.17 -27.70
CA LYS FA 3 62.68 -18.30 -26.55
C LYS FA 3 62.23 -19.09 -25.34
N LEU FA 4 62.83 -18.80 -24.18
CA LEU FA 4 62.47 -19.45 -22.92
C LEU FA 4 61.42 -18.63 -22.18
N ALA FA 5 60.54 -19.33 -21.44
CA ALA FA 5 59.43 -18.70 -20.74
C ALA FA 5 59.36 -19.14 -19.28
N ARG FA 6 58.89 -18.26 -18.40
CA ARG FA 6 58.76 -18.57 -16.98
C ARG FA 6 57.28 -18.50 -16.57
N VAL FA 7 56.84 -19.47 -15.76
CA VAL FA 7 55.45 -19.56 -15.32
C VAL FA 7 55.24 -18.71 -14.06
N THR FA 8 54.23 -17.85 -14.08
CA THR FA 8 53.79 -17.09 -12.92
C THR FA 8 52.50 -17.61 -12.29
N LYS FA 9 51.55 -18.10 -13.07
CA LYS FA 9 50.31 -18.57 -12.47
C LYS FA 9 49.74 -19.69 -13.33
N VAL FA 10 48.99 -20.58 -12.69
CA VAL FA 10 48.30 -21.70 -13.32
C VAL FA 10 46.82 -21.35 -13.44
N LEU FA 11 46.26 -21.61 -14.62
CA LEU FA 11 44.92 -21.13 -14.97
C LEU FA 11 43.92 -22.26 -15.12
N GLY FA 12 44.13 -23.37 -14.43
CA GLY FA 12 43.18 -24.46 -14.43
C GLY FA 12 43.47 -25.50 -15.51
N ARG FA 13 42.98 -26.71 -15.27
CA ARG FA 13 43.17 -27.78 -16.23
C ARG FA 13 42.14 -27.69 -17.33
N THR FA 14 42.54 -28.05 -18.55
CA THR FA 14 41.70 -27.89 -19.73
C THR FA 14 41.88 -29.11 -20.59
N GLY FA 15 41.16 -29.14 -21.70
CA GLY FA 15 41.20 -30.25 -22.63
C GLY FA 15 39.94 -31.08 -22.56
N SER FA 16 39.78 -31.93 -23.56
CA SER FA 16 38.65 -32.85 -23.54
C SER FA 16 38.89 -33.93 -22.50
N GLN FA 17 40.05 -34.57 -22.53
CA GLN FA 17 40.39 -35.57 -21.53
C GLN FA 17 41.10 -35.00 -20.33
N GLY FA 18 41.16 -33.67 -20.20
CA GLY FA 18 41.72 -33.07 -19.00
C GLY FA 18 43.21 -33.07 -18.90
N GLN FA 19 43.93 -33.17 -20.02
CA GLN FA 19 45.36 -33.47 -19.98
C GLN FA 19 46.25 -32.25 -19.98
N CYS FA 20 45.77 -31.09 -20.40
CA CYS FA 20 46.63 -29.93 -20.61
C CYS FA 20 46.25 -28.81 -19.67
N THR FA 21 47.24 -28.28 -18.99
CA THR FA 21 47.09 -27.08 -18.18
C THR FA 21 47.45 -25.92 -19.10
N GLN FA 22 46.97 -24.72 -18.79
CA GLN FA 22 47.54 -23.53 -19.42
C GLN FA 22 47.92 -22.53 -18.36
N VAL FA 23 49.02 -21.81 -18.61
CA VAL FA 23 49.72 -21.01 -17.62
C VAL FA 23 50.04 -19.64 -18.20
N ARG FA 24 50.34 -18.69 -17.33
CA ARG FA 24 50.84 -17.39 -17.73
C ARG FA 24 52.35 -17.46 -17.87
N VAL FA 25 52.87 -17.26 -19.07
CA VAL FA 25 54.29 -17.44 -19.32
C VAL FA 25 54.93 -16.11 -19.67
N GLU FA 26 55.91 -15.71 -18.85
CA GLU FA 26 56.69 -14.50 -19.06
C GLU FA 26 58.06 -14.87 -19.60
N PHE FA 27 58.54 -14.11 -20.58
CA PHE FA 27 59.70 -14.48 -21.36
C PHE FA 27 60.96 -13.96 -20.67
N MET FA 28 62.08 -14.64 -20.90
CA MET FA 28 63.32 -14.14 -20.30
C MET FA 28 64.42 -13.67 -21.26
N ASP FA 29 64.46 -14.16 -22.52
CA ASP FA 29 65.77 -14.30 -23.19
C ASP FA 29 66.28 -13.00 -23.79
N ASP FA 30 65.53 -12.39 -24.70
CA ASP FA 30 65.77 -11.01 -25.06
C ASP FA 30 64.51 -10.13 -24.97
N THR FA 31 63.36 -10.70 -24.62
CA THR FA 31 62.07 -10.02 -24.78
C THR FA 31 61.36 -9.97 -23.43
N SER FA 32 60.37 -9.08 -23.32
CA SER FA 32 59.56 -8.93 -22.11
C SER FA 32 58.10 -8.84 -22.51
N ARG FA 33 57.32 -9.87 -22.17
CA ARG FA 33 55.88 -9.94 -22.37
C ARG FA 33 55.37 -11.04 -21.45
N SER FA 34 54.05 -11.04 -21.21
CA SER FA 34 53.43 -12.06 -20.35
C SER FA 34 52.17 -12.57 -21.04
N ILE FA 35 52.21 -13.82 -21.52
CA ILE FA 35 51.18 -14.37 -22.40
C ILE FA 35 50.69 -15.68 -21.80
N ILE FA 36 49.69 -16.29 -22.45
CA ILE FA 36 49.25 -17.64 -22.10
C ILE FA 36 49.83 -18.65 -23.09
N ARG FA 37 50.42 -19.71 -22.57
CA ARG FA 37 50.68 -20.92 -23.31
C ARG FA 37 50.04 -22.07 -22.56
N ASN FA 38 49.86 -23.19 -23.24
CA ASN FA 38 49.34 -24.41 -22.61
C ASN FA 38 50.39 -25.51 -22.68
N VAL FA 39 50.47 -26.30 -21.62
CA VAL FA 39 51.54 -27.26 -21.43
C VAL FA 39 50.96 -28.68 -21.51
N LYS FA 40 51.86 -29.65 -21.62
CA LYS FA 40 51.54 -31.05 -21.32
C LYS FA 40 52.46 -31.54 -20.20
N GLY FA 41 51.89 -31.92 -19.07
CA GLY FA 41 52.69 -32.44 -18.00
C GLY FA 41 52.55 -31.61 -16.75
N PRO FA 42 53.12 -32.07 -15.64
CA PRO FA 42 52.92 -31.37 -14.36
C PRO FA 42 53.80 -30.13 -14.24
N VAL FA 43 53.18 -29.02 -13.88
CA VAL FA 43 53.87 -27.74 -13.75
C VAL FA 43 53.74 -27.27 -12.31
N ARG FA 44 54.72 -26.48 -11.89
CA ARG FA 44 54.54 -25.61 -10.74
C ARG FA 44 54.92 -24.20 -11.19
N GLU FA 45 54.65 -23.23 -10.34
CA GLU FA 45 55.14 -21.88 -10.57
C GLU FA 45 56.66 -21.86 -10.40
N GLY FA 46 57.31 -21.06 -11.22
CA GLY FA 46 58.75 -21.12 -11.36
C GLY FA 46 59.29 -22.19 -12.28
N ASP FA 47 58.44 -22.82 -13.08
CA ASP FA 47 58.93 -23.72 -14.12
C ASP FA 47 59.35 -22.93 -15.33
N VAL FA 48 60.34 -23.46 -16.04
CA VAL FA 48 60.93 -22.81 -17.20
C VAL FA 48 60.56 -23.60 -18.44
N LEU FA 49 59.85 -22.98 -19.35
CA LEU FA 49 59.44 -23.64 -20.59
C LEU FA 49 60.34 -23.21 -21.74
N THR FA 50 60.46 -24.08 -22.73
CA THR FA 50 61.32 -23.84 -23.88
C THR FA 50 60.47 -23.90 -25.14
N LEU FA 51 60.22 -22.74 -25.75
CA LEU FA 51 59.28 -22.62 -26.85
C LEU FA 51 60.06 -22.63 -28.16
N LEU FA 52 59.80 -23.61 -29.02
CA LEU FA 52 60.40 -23.55 -30.36
C LEU FA 52 59.75 -22.46 -31.19
N GLU FA 53 58.44 -22.54 -31.38
CA GLU FA 53 57.72 -21.41 -31.92
C GLU FA 53 57.34 -20.55 -30.74
N SER FA 54 57.51 -19.24 -30.90
CA SER FA 54 57.72 -18.37 -29.75
C SER FA 54 56.61 -17.36 -29.57
N GLU FA 55 55.63 -17.35 -30.46
CA GLU FA 55 54.67 -16.27 -30.54
C GLU FA 55 53.24 -16.68 -30.24
N ARG FA 56 52.91 -17.97 -30.38
CA ARG FA 56 51.53 -18.39 -30.48
C ARG FA 56 50.88 -18.45 -29.10
N GLU FA 57 49.72 -17.85 -28.99
CA GLU FA 57 48.93 -17.87 -27.77
C GLU FA 57 47.80 -18.87 -27.95
N ALA FA 58 47.34 -19.43 -26.84
CA ALA FA 58 46.53 -20.63 -26.89
C ALA FA 58 45.35 -20.49 -25.95
N ARG FA 59 44.15 -20.42 -26.51
CA ARG FA 59 42.98 -20.17 -25.69
C ARG FA 59 42.37 -21.44 -25.11
N ARG FA 60 42.15 -22.45 -25.94
CA ARG FA 60 41.28 -23.57 -25.57
C ARG FA 60 41.50 -24.70 -26.55
N LEU FA 61 41.25 -25.92 -26.10
CA LEU FA 61 41.25 -27.08 -26.98
C LEU FA 61 40.25 -28.14 -26.53
N GLY GA 1 19.72 -106.95 4.40
CA GLY GA 1 19.20 -108.20 3.87
C GLY GA 1 19.87 -109.47 4.35
N HIS GA 2 21.17 -109.58 4.09
CA HIS GA 2 21.89 -110.82 4.28
C HIS GA 2 22.86 -110.75 5.44
N GLN GA 3 23.31 -109.55 5.78
CA GLN GA 3 24.23 -109.14 6.87
C GLN GA 3 25.64 -109.68 6.65
N GLN GA 4 25.94 -110.21 5.47
CA GLN GA 4 27.30 -110.41 5.02
C GLN GA 4 27.59 -109.70 3.70
N LEU GA 5 26.56 -109.21 2.98
CA LEU GA 5 26.76 -108.24 1.91
C LEU GA 5 26.01 -106.92 2.07
N TYR GA 6 25.07 -106.82 3.00
CA TYR GA 6 24.29 -105.59 3.12
C TYR GA 6 25.01 -104.65 4.07
N TRP GA 7 25.35 -103.45 3.55
CA TRP GA 7 26.28 -102.50 4.16
C TRP GA 7 27.62 -103.15 4.46
N SER GA 8 28.15 -103.88 3.48
CA SER GA 8 29.44 -104.52 3.63
C SER GA 8 30.57 -103.65 3.13
N HIS GA 9 30.25 -102.54 2.48
CA HIS GA 9 31.27 -101.67 1.93
C HIS GA 9 31.99 -100.93 3.06
N PRO GA 10 33.30 -100.71 2.93
CA PRO GA 10 34.03 -99.99 3.99
C PRO GA 10 33.65 -98.53 4.09
N ARG GA 11 33.21 -98.15 5.29
CA ARG GA 11 32.87 -96.77 5.64
C ARG GA 11 33.88 -96.18 6.59
N LYS GA 12 35.11 -96.68 6.46
CA LYS GA 12 36.33 -95.93 6.69
C LYS GA 12 36.76 -95.21 5.42
N PHE GA 13 37.55 -94.16 5.62
CA PHE GA 13 38.30 -93.38 4.61
C PHE GA 13 37.47 -92.81 3.45
N GLY GA 14 36.21 -92.41 3.67
CA GLY GA 14 35.38 -91.95 2.58
C GLY GA 14 34.74 -90.59 2.79
N GLN GA 15 34.23 -90.05 1.68
CA GLN GA 15 33.30 -88.94 1.69
C GLN GA 15 31.94 -89.37 2.23
N GLY GA 16 31.62 -90.65 2.11
CA GLY GA 16 30.50 -91.21 2.82
C GLY GA 16 30.83 -91.73 4.20
N SER GA 17 32.08 -91.62 4.61
CA SER GA 17 32.41 -91.94 5.98
C SER GA 17 32.23 -90.76 6.93
N ARG GA 18 32.03 -89.57 6.39
CA ARG GA 18 31.84 -88.37 7.18
C ARG GA 18 30.63 -87.62 6.69
N SER GA 19 29.94 -86.96 7.61
CA SER GA 19 28.79 -86.15 7.28
C SER GA 19 28.69 -85.01 8.27
N CYS GA 20 27.71 -84.14 8.01
CA CYS GA 20 27.39 -83.04 8.90
C CYS GA 20 26.88 -83.59 10.21
N ARG GA 21 27.31 -83.00 11.31
CA ARG GA 21 26.83 -83.52 12.57
C ARG GA 21 25.45 -82.99 12.93
N VAL GA 22 24.89 -82.06 12.15
CA VAL GA 22 23.53 -81.58 12.38
C VAL GA 22 22.55 -82.10 11.33
N CYS GA 23 22.86 -81.94 10.04
CA CYS GA 23 21.80 -82.04 9.03
C CYS GA 23 21.96 -83.17 8.04
N SER GA 24 22.85 -84.14 8.32
CA SER GA 24 23.04 -85.40 7.59
C SER GA 24 23.51 -85.23 6.15
N ASN GA 25 24.10 -84.10 5.79
CA ASN GA 25 24.68 -83.94 4.47
C ASN GA 25 26.18 -84.14 4.54
N ARG GA 26 26.79 -84.45 3.40
CA ARG GA 26 28.21 -84.77 3.34
C ARG GA 26 29.03 -83.80 2.51
N HIS GA 27 28.42 -82.73 1.98
CA HIS GA 27 29.05 -81.88 0.96
C HIS GA 27 29.38 -80.49 1.49
N GLY GA 28 30.62 -80.09 1.29
CA GLY GA 28 31.07 -78.80 1.76
C GLY GA 28 31.20 -78.77 3.27
N LEU GA 29 31.89 -79.76 3.83
CA LEU GA 29 32.00 -79.87 5.27
C LEU GA 29 33.11 -78.97 5.78
N ILE GA 30 33.06 -78.67 7.07
CA ILE GA 30 34.12 -77.94 7.74
C ILE GA 30 34.71 -78.91 8.76
N ARG GA 31 35.86 -79.47 8.44
CA ARG GA 31 36.40 -80.57 9.22
C ARG GA 31 37.29 -80.12 10.35
N LYS GA 32 37.67 -78.85 10.37
CA LYS GA 32 38.73 -78.39 11.26
C LYS GA 32 38.25 -78.34 12.71
N TYR GA 33 39.17 -78.67 13.62
CA TYR GA 33 39.01 -78.62 15.10
C TYR GA 33 37.86 -79.47 15.63
N GLY GA 34 37.43 -80.49 14.89
CA GLY GA 34 36.30 -81.28 15.34
C GLY GA 34 34.95 -80.60 15.29
N LEU GA 35 34.73 -79.67 14.34
CA LEU GA 35 33.38 -79.20 14.10
C LEU GA 35 32.55 -80.27 13.39
N ASN GA 36 33.03 -80.71 12.21
CA ASN GA 36 32.34 -81.61 11.29
C ASN GA 36 30.90 -81.18 11.04
N MET GA 37 30.74 -79.93 10.67
CA MET GA 37 29.47 -79.44 10.17
C MET GA 37 29.67 -79.03 8.73
N CYS GA 38 28.60 -79.00 7.95
CA CYS GA 38 28.77 -78.36 6.65
C CYS GA 38 28.69 -76.85 6.83
N ARG GA 39 28.96 -76.11 5.74
CA ARG GA 39 29.24 -74.68 5.85
C ARG GA 39 27.99 -73.87 6.23
N GLN GA 40 26.82 -74.37 5.86
CA GLN GA 40 25.58 -73.67 6.16
C GLN GA 40 25.23 -73.76 7.63
N CYS GA 41 25.43 -74.93 8.23
CA CYS GA 41 25.23 -75.11 9.66
C CYS GA 41 26.35 -74.48 10.48
N PHE GA 42 27.49 -74.16 9.87
CA PHE GA 42 28.42 -73.25 10.54
C PHE GA 42 27.84 -71.88 10.61
N ARG GA 43 27.30 -71.39 9.49
CA ARG GA 43 26.87 -70.00 9.44
C ARG GA 43 25.58 -69.73 10.21
N GLN GA 44 24.78 -70.76 10.51
CA GLN GA 44 23.64 -70.52 11.41
C GLN GA 44 24.10 -70.33 12.85
N TYR GA 45 24.95 -71.22 13.35
CA TYR GA 45 25.25 -71.29 14.77
C TYR GA 45 26.57 -70.63 15.11
N ALA GA 46 27.01 -69.68 14.26
CA ALA GA 46 28.40 -69.22 14.28
C ALA GA 46 28.70 -68.39 15.52
N LYS GA 47 27.82 -67.47 15.87
CA LYS GA 47 28.03 -66.70 17.07
C LYS GA 47 27.63 -67.50 18.31
N ASP GA 48 26.88 -68.59 18.14
CA ASP GA 48 26.51 -69.43 19.27
C ASP GA 48 27.66 -70.31 19.74
N ILE GA 49 28.59 -70.67 18.85
CA ILE GA 49 29.80 -71.35 19.25
C ILE GA 49 30.80 -70.35 19.83
N GLY GA 50 30.83 -69.15 19.29
CA GLY GA 50 31.79 -68.14 19.68
C GLY GA 50 32.65 -67.65 18.53
N PHE GA 51 32.47 -68.18 17.34
CA PHE GA 51 33.24 -67.71 16.19
C PHE GA 51 32.58 -66.43 15.71
N ILE GA 52 33.28 -65.32 15.86
CA ILE GA 52 32.69 -64.00 15.70
C ILE GA 52 33.41 -63.26 14.59
N LYS GA 53 32.64 -62.61 13.73
CA LYS GA 53 33.25 -61.77 12.70
C LYS GA 53 33.82 -60.52 13.33
N LEU GA 54 35.01 -60.15 12.93
CA LEU GA 54 35.68 -59.03 13.56
C LEU GA 54 36.37 -58.15 12.55
N PRO HA 1 8.85 -112.35 -17.86
CA PRO HA 1 8.57 -113.18 -16.68
C PRO HA 1 8.68 -112.37 -15.37
N LYS HA 2 8.88 -113.04 -14.24
CA LYS HA 2 8.96 -112.38 -12.94
C LYS HA 2 9.66 -113.31 -11.95
N LYS HA 3 10.33 -112.72 -10.97
CA LYS HA 3 10.96 -113.46 -9.88
C LYS HA 3 9.94 -113.75 -8.78
N ASN HA 4 9.69 -115.03 -8.51
CA ASN HA 4 8.67 -115.41 -7.54
C ASN HA 4 9.17 -115.29 -6.11
N LYS HA 5 8.23 -115.09 -5.18
CA LYS HA 5 8.59 -115.06 -3.77
C LYS HA 5 8.58 -116.46 -3.19
N HIS HA 6 9.17 -116.59 -2.02
CA HIS HA 6 9.34 -117.88 -1.34
C HIS HA 6 8.28 -118.05 -0.28
N LYS HA 7 7.48 -119.10 -0.39
CA LYS HA 7 6.50 -119.44 0.62
C LYS HA 7 7.02 -120.57 1.48
N ARG HA 8 6.68 -120.50 2.77
CA ARG HA 8 7.09 -121.53 3.73
C ARG HA 8 6.41 -122.85 3.41
N LYS HA 9 7.22 -123.86 3.10
CA LYS HA 9 6.70 -125.11 2.57
C LYS HA 9 6.13 -125.94 3.71
N LYS HA 10 5.10 -126.70 3.40
CA LYS HA 10 4.30 -127.31 4.46
C LYS HA 10 4.40 -128.83 4.32
N VAL HA 11 5.26 -129.42 5.14
CA VAL HA 11 5.15 -130.82 5.51
C VAL HA 11 4.12 -130.88 6.64
N LYS HA 12 3.27 -131.91 6.65
CA LYS HA 12 2.11 -131.95 7.53
C LYS HA 12 2.35 -132.98 8.62
N LEU HA 13 2.50 -132.48 9.84
CA LEU HA 13 2.67 -133.23 11.09
C LEU HA 13 3.83 -134.22 11.02
N ALA HA 14 5.00 -133.64 10.73
CA ALA HA 14 6.29 -134.28 10.88
C ALA HA 14 6.78 -134.36 12.32
N VAL HA 15 5.97 -133.92 13.31
CA VAL HA 15 6.38 -133.94 14.72
C VAL HA 15 6.56 -135.36 15.25
N LEU HA 16 5.80 -136.34 14.71
CA LEU HA 16 6.05 -137.75 14.98
C LEU HA 16 7.09 -138.36 14.03
N LYS HA 17 7.63 -137.60 13.07
CA LYS HA 17 8.69 -138.08 12.19
C LYS HA 17 10.07 -137.79 12.76
N TYR HA 18 10.13 -137.16 13.94
CA TYR HA 18 11.34 -137.07 14.73
C TYR HA 18 11.52 -138.26 15.65
N TYR HA 19 10.54 -139.15 15.73
CA TYR HA 19 10.57 -140.29 16.62
C TYR HA 19 10.06 -141.52 15.87
N LYS HA 20 10.25 -142.70 16.46
CA LYS HA 20 9.59 -143.90 15.97
C LYS HA 20 9.18 -144.78 17.13
N VAL HA 21 7.88 -144.90 17.31
CA VAL HA 21 7.36 -145.60 18.46
C VAL HA 21 6.65 -146.88 18.01
N ILE HA 27 11.15 -143.64 22.55
CA ILE HA 27 11.75 -144.96 22.67
C ILE HA 27 12.94 -145.06 21.73
N SER HA 28 12.67 -144.73 20.46
CA SER HA 28 13.63 -144.88 19.36
C SER HA 28 13.39 -143.75 18.38
N ARG HA 29 14.42 -142.97 18.08
CA ARG HA 29 14.22 -141.83 17.21
C ARG HA 29 14.33 -142.26 15.75
N LEU HA 30 13.82 -141.44 14.85
CA LEU HA 30 13.84 -141.76 13.42
C LEU HA 30 14.89 -140.95 12.67
N ARG HA 31 15.61 -140.07 13.33
CA ARG HA 31 16.70 -139.37 12.69
C ARG HA 31 17.81 -139.17 13.71
N ARG HA 32 18.98 -138.79 13.22
CA ARG HA 32 20.19 -138.80 14.02
C ARG HA 32 20.47 -137.43 14.66
N GLU HA 33 21.20 -137.45 15.77
CA GLU HA 33 21.37 -136.34 16.71
C GLU HA 33 22.45 -135.36 16.23
N CYS HA 34 22.25 -134.07 16.53
CA CYS HA 34 23.27 -133.05 16.31
C CYS HA 34 24.17 -132.88 17.54
N PRO HA 35 25.47 -133.09 17.42
CA PRO HA 35 26.37 -132.76 18.54
C PRO HA 35 26.56 -131.26 18.61
N SER HA 36 26.22 -130.66 19.76
CA SER HA 36 26.38 -129.22 19.96
C SER HA 36 26.34 -128.87 21.43
N ASP HA 37 26.79 -127.65 21.72
CA ASP HA 37 26.67 -127.03 23.03
C ASP HA 37 25.63 -125.91 23.06
N GLU HA 38 25.38 -125.24 21.94
CA GLU HA 38 24.28 -124.30 21.78
C GLU HA 38 22.97 -124.98 21.41
N CYS HA 39 23.05 -126.21 20.88
CA CYS HA 39 21.94 -127.10 20.59
C CYS HA 39 22.18 -128.41 21.30
N GLY HA 40 21.23 -129.31 21.16
CA GLY HA 40 21.17 -130.50 21.96
C GLY HA 40 19.90 -130.57 22.78
N ALA HA 41 19.75 -131.73 23.43
CA ALA HA 41 18.58 -132.17 24.18
C ALA HA 41 17.31 -132.11 23.31
N GLY HA 42 17.39 -132.79 22.16
CA GLY HA 42 16.27 -132.91 21.24
C GLY HA 42 16.54 -132.44 19.81
N VAL HA 43 17.75 -132.05 19.45
CA VAL HA 43 18.02 -131.40 18.17
C VAL HA 43 18.70 -132.40 17.24
N PHE HA 44 18.04 -132.70 16.12
CA PHE HA 44 18.46 -133.74 15.21
C PHE HA 44 18.94 -133.17 13.89
N MET HA 45 19.56 -134.04 13.09
CA MET HA 45 20.10 -133.68 11.78
C MET HA 45 19.27 -134.33 10.67
N ALA HA 46 19.00 -133.56 9.62
CA ALA HA 46 18.24 -134.09 8.48
C ALA HA 46 19.13 -134.96 7.62
N SER HA 47 18.69 -136.20 7.37
CA SER HA 47 19.49 -137.19 6.66
C SER HA 47 19.05 -137.20 5.20
N HIS HA 48 19.78 -136.46 4.38
CA HIS HA 48 19.65 -136.41 2.95
C HIS HA 48 20.51 -137.50 2.32
N PHE HA 49 20.46 -137.61 1.00
CA PHE HA 49 20.91 -138.82 0.31
C PHE HA 49 22.45 -138.96 0.27
N ASP HA 50 23.19 -137.85 0.22
CA ASP HA 50 24.65 -137.94 0.35
C ASP HA 50 25.19 -137.02 1.45
N ARG HA 51 24.34 -136.56 2.36
CA ARG HA 51 24.73 -135.56 3.36
C ARG HA 51 23.75 -135.65 4.53
N HIS HA 52 24.15 -135.06 5.67
CA HIS HA 52 23.37 -135.10 6.90
C HIS HA 52 23.36 -133.70 7.51
N TYR HA 53 22.18 -133.14 7.79
CA TYR HA 53 22.08 -131.70 8.01
C TYR HA 53 21.33 -131.27 9.28
N CYS HA 54 22.04 -130.56 10.17
CA CYS HA 54 21.43 -129.81 11.28
C CYS HA 54 21.48 -128.31 11.03
N GLY HA 55 20.38 -127.63 11.40
CA GLY HA 55 20.15 -126.28 10.92
C GLY HA 55 21.05 -125.22 11.53
N LYS HA 56 21.23 -125.25 12.85
CA LYS HA 56 21.82 -124.12 13.56
C LYS HA 56 23.34 -124.09 13.43
N CYS HA 57 23.97 -125.26 13.49
CA CYS HA 57 25.42 -125.35 13.32
C CYS HA 57 25.84 -125.38 11.86
N CYS HA 58 24.86 -125.56 10.95
CA CYS HA 58 25.04 -125.70 9.49
C CYS HA 58 26.02 -126.82 9.16
N LEU HA 59 25.82 -127.97 9.80
CA LEU HA 59 26.79 -129.04 9.75
C LEU HA 59 26.39 -130.06 8.70
N THR HA 60 27.37 -130.45 7.88
CA THR HA 60 27.22 -131.51 6.90
C THR HA 60 28.03 -132.71 7.39
N TYR HA 61 27.45 -133.90 7.30
CA TYR HA 61 28.18 -135.13 7.54
C TYR HA 61 28.24 -135.95 6.26
N CYS HA 62 29.33 -136.74 6.17
CA CYS HA 62 29.80 -137.47 4.99
C CYS HA 62 29.96 -136.56 3.79
N GLN IA 1 65.06 -0.60 32.09
CA GLN IA 1 66.31 -0.94 32.77
C GLN IA 1 66.53 -2.45 32.93
N MET IA 2 65.72 -3.25 32.23
CA MET IA 2 65.94 -4.69 32.06
C MET IA 2 66.07 -4.99 30.58
N THR IA 3 67.16 -5.64 30.18
CA THR IA 3 67.49 -5.76 28.76
C THR IA 3 67.62 -7.23 28.36
N LEU IA 4 67.06 -7.58 27.20
CA LEU IA 4 66.98 -8.96 26.74
C LEU IA 4 68.31 -9.42 26.15
N ARG IA 5 68.79 -10.59 26.58
CA ARG IA 5 70.16 -10.98 26.28
C ARG IA 5 70.26 -12.23 25.40
N GLY IA 6 69.17 -12.66 24.75
CA GLY IA 6 69.42 -13.64 23.71
C GLY IA 6 68.55 -14.87 23.82
N THR IA 7 69.05 -15.96 23.22
CA THR IA 7 68.27 -17.16 22.96
C THR IA 7 69.09 -18.42 23.22
N LEU IA 8 68.38 -19.51 23.51
CA LEU IA 8 69.00 -20.80 23.83
C LEU IA 8 68.14 -21.91 23.23
N LYS IA 9 68.75 -22.81 22.46
CA LYS IA 9 67.98 -23.89 21.83
C LYS IA 9 68.60 -25.26 22.09
N GLY IA 10 67.83 -26.11 22.75
CA GLY IA 10 67.94 -27.55 22.70
C GLY IA 10 66.59 -28.13 22.33
N HIS IA 11 65.63 -27.24 22.13
CA HIS IA 11 64.20 -27.52 22.27
C HIS IA 11 63.44 -27.81 20.98
N ASN IA 12 62.44 -28.67 21.13
CA ASN IA 12 61.37 -28.88 20.17
C ASN IA 12 59.99 -28.64 20.76
N GLY IA 13 59.87 -28.37 22.07
CA GLY IA 13 58.58 -28.22 22.71
C GLY IA 13 58.51 -26.97 23.56
N TRP IA 14 57.29 -26.67 24.01
CA TRP IA 14 57.00 -25.41 24.70
C TRP IA 14 57.52 -25.44 26.13
N VAL IA 15 58.12 -24.35 26.57
CA VAL IA 15 58.73 -24.27 27.90
C VAL IA 15 57.65 -24.12 28.96
N THR IA 16 57.71 -24.91 30.03
CA THR IA 16 56.77 -24.68 31.12
C THR IA 16 57.37 -23.97 32.35
N GLN IA 17 58.62 -24.26 32.74
CA GLN IA 17 59.19 -23.83 34.03
C GLN IA 17 60.71 -23.82 33.94
N ILE IA 18 61.33 -22.95 34.73
CA ILE IA 18 62.78 -22.82 34.81
C ILE IA 18 63.19 -22.88 36.27
N ALA IA 19 64.13 -23.76 36.60
CA ALA IA 19 64.59 -23.97 37.98
C ALA IA 19 66.08 -23.75 38.03
N THR IA 20 66.53 -22.90 38.94
CA THR IA 20 67.90 -22.40 38.94
C THR IA 20 68.46 -22.54 40.35
N THR IA 21 69.77 -22.31 40.50
CA THR IA 21 70.54 -22.84 41.61
C THR IA 21 71.32 -21.76 42.35
N PRO IA 22 71.30 -21.77 43.68
CA PRO IA 22 72.15 -20.86 44.45
C PRO IA 22 73.62 -21.24 44.49
N GLN IA 23 73.91 -22.55 44.46
CA GLN IA 23 75.28 -23.05 44.58
C GLN IA 23 75.97 -23.10 43.22
N PHE IA 24 75.22 -22.94 42.14
CA PHE IA 24 75.72 -23.17 40.79
C PHE IA 24 75.22 -22.03 39.92
N PRO IA 25 76.06 -21.03 39.65
CA PRO IA 25 75.59 -19.84 38.92
C PRO IA 25 75.37 -20.08 37.43
N ASP IA 26 75.92 -21.16 36.87
CA ASP IA 26 75.92 -21.38 35.43
C ASP IA 26 75.03 -22.55 35.01
N MET IA 27 74.08 -22.93 35.84
CA MET IA 27 73.33 -24.17 35.64
C MET IA 27 71.85 -23.89 35.83
N ILE IA 28 71.08 -24.24 34.80
CA ILE IA 28 69.64 -24.03 34.76
C ILE IA 28 69.02 -25.41 34.62
N LEU IA 29 67.82 -25.59 35.15
CA LEU IA 29 66.93 -26.65 34.70
C LEU IA 29 65.81 -26.03 33.90
N SER IA 30 65.58 -26.53 32.69
CA SER IA 30 64.45 -26.09 31.89
C SER IA 30 63.60 -27.31 31.59
N ALA IA 31 62.37 -27.33 32.13
CA ALA IA 31 61.40 -28.36 31.80
C ALA IA 31 60.46 -27.83 30.74
N SER IA 32 60.02 -28.71 29.84
CA SER IA 32 59.30 -28.24 28.68
C SER IA 32 58.37 -29.32 28.15
N ARG IA 33 57.65 -28.96 27.09
CA ARG IA 33 56.74 -29.83 26.36
C ARG IA 33 57.42 -30.62 25.25
N ASP IA 34 58.76 -30.68 25.28
CA ASP IA 34 59.49 -31.69 24.52
C ASP IA 34 59.78 -32.92 25.36
N LYS IA 35 59.07 -33.04 26.49
CA LYS IA 35 58.99 -34.19 27.39
C LYS IA 35 60.31 -34.53 28.05
N THR IA 36 61.28 -33.62 28.08
CA THR IA 36 62.56 -33.84 28.72
C THR IA 36 62.89 -32.75 29.72
N ILE IA 37 63.90 -33.03 30.54
CA ILE IA 37 64.45 -32.07 31.49
C ILE IA 37 65.90 -31.86 31.11
N ILE IA 38 66.29 -30.61 30.91
CA ILE IA 38 67.61 -30.30 30.34
C ILE IA 38 68.48 -29.64 31.41
N MET IA 39 69.63 -30.24 31.67
CA MET IA 39 70.72 -29.59 32.37
C MET IA 39 71.43 -28.67 31.40
N TRP IA 40 71.35 -27.37 31.62
CA TRP IA 40 71.98 -26.39 30.75
C TRP IA 40 73.22 -25.86 31.44
N LYS IA 41 74.33 -25.73 30.70
CA LYS IA 41 75.52 -25.08 31.22
C LYS IA 41 75.68 -23.71 30.59
N LEU IA 42 75.58 -22.69 31.42
CA LEU IA 42 75.66 -21.34 30.93
C LEU IA 42 77.14 -21.01 30.80
N THR IA 43 77.62 -20.85 29.58
CA THR IA 43 78.98 -20.41 29.37
C THR IA 43 79.06 -18.88 29.40
N ARG IA 44 77.89 -18.23 29.36
CA ARG IA 44 77.70 -16.76 29.36
C ARG IA 44 78.46 -16.13 28.20
N ASP IA 45 78.22 -16.68 27.02
CA ASP IA 45 79.07 -16.44 25.87
C ASP IA 45 78.37 -15.49 24.90
N GLU IA 46 79.17 -15.03 23.95
CA GLU IA 46 78.75 -13.98 23.02
C GLU IA 46 77.67 -14.45 22.06
N THR IA 47 77.92 -15.57 21.36
CA THR IA 47 76.98 -16.05 20.35
C THR IA 47 75.83 -16.88 20.93
N ASN IA 48 76.13 -17.88 21.74
CA ASN IA 48 75.12 -18.72 22.39
C ASN IA 48 75.39 -18.61 23.87
N TYR IA 49 74.39 -18.17 24.64
CA TYR IA 49 74.61 -17.79 26.03
C TYR IA 49 74.88 -19.02 26.91
N GLY IA 50 74.03 -20.04 26.82
CA GLY IA 50 74.33 -21.33 27.42
C GLY IA 50 73.92 -22.49 26.54
N ILE IA 51 74.68 -23.58 26.61
CA ILE IA 51 74.53 -24.70 25.68
C ILE IA 51 73.96 -25.93 26.38
N PRO IA 52 73.31 -26.87 25.69
CA PRO IA 52 72.78 -28.08 26.36
C PRO IA 52 73.88 -29.00 26.85
N GLN IA 53 73.87 -29.28 28.16
CA GLN IA 53 74.80 -30.23 28.78
C GLN IA 53 74.24 -31.63 28.96
N ARG IA 54 73.00 -31.77 29.42
CA ARG IA 54 72.43 -33.09 29.65
C ARG IA 54 70.92 -32.99 29.59
N ALA IA 55 70.28 -33.83 28.79
CA ALA IA 55 68.84 -33.79 28.62
C ALA IA 55 68.26 -35.10 29.12
N LEU IA 56 67.43 -35.02 30.16
CA LEU IA 56 66.94 -36.21 30.85
C LEU IA 56 65.55 -36.58 30.33
N ARG IA 57 65.38 -37.80 29.82
CA ARG IA 57 64.10 -38.21 29.26
C ARG IA 57 63.58 -39.41 30.04
N GLY IA 58 62.62 -39.16 30.93
CA GLY IA 58 61.98 -40.20 31.70
C GLY IA 58 60.47 -40.22 31.62
N HIS IA 59 59.87 -39.28 30.91
CA HIS IA 59 58.43 -39.14 30.95
C HIS IA 59 57.78 -39.42 29.60
N SER IA 60 56.58 -39.98 29.66
CA SER IA 60 55.81 -40.30 28.47
C SER IA 60 55.06 -39.09 27.93
N HIS IA 61 54.84 -38.06 28.75
CA HIS IA 61 54.01 -36.94 28.34
C HIS IA 61 54.53 -35.71 29.08
N PHE IA 62 53.84 -34.58 28.85
CA PHE IA 62 54.31 -33.22 29.09
C PHE IA 62 54.75 -32.98 30.53
N VAL IA 63 56.01 -32.59 30.70
CA VAL IA 63 56.55 -32.23 32.01
C VAL IA 63 56.11 -30.81 32.32
N SER IA 64 55.59 -30.59 33.54
CA SER IA 64 55.08 -29.29 33.90
C SER IA 64 55.95 -28.52 34.89
N ASP IA 65 56.80 -29.20 35.67
CA ASP IA 65 57.54 -28.53 36.74
C ASP IA 65 58.81 -29.30 37.08
N VAL IA 66 59.89 -28.56 37.40
CA VAL IA 66 61.12 -29.10 38.00
C VAL IA 66 61.56 -28.21 39.16
N VAL IA 67 62.05 -28.83 40.24
CA VAL IA 67 62.57 -28.13 41.42
C VAL IA 67 63.88 -28.79 41.81
N ILE IA 68 64.83 -28.02 42.35
CA ILE IA 68 66.17 -28.53 42.66
C ILE IA 68 66.34 -28.63 44.18
N SER IA 69 67.29 -29.50 44.59
CA SER IA 69 67.62 -29.87 45.97
C SER IA 69 68.48 -28.80 46.64
N SER IA 70 68.84 -29.06 47.91
CA SER IA 70 69.81 -28.23 48.62
C SER IA 70 71.15 -28.16 47.88
N ASP IA 71 71.79 -29.30 47.67
CA ASP IA 71 72.97 -29.32 46.81
C ASP IA 71 72.57 -30.00 45.51
N GLY IA 72 72.36 -29.18 44.47
CA GLY IA 72 71.93 -29.83 43.24
C GLY IA 72 72.94 -30.67 42.50
N GLN IA 73 72.66 -31.96 42.54
CA GLN IA 73 72.61 -32.90 41.44
C GLN IA 73 71.23 -33.52 41.39
N PHE IA 74 70.48 -33.41 42.48
CA PHE IA 74 69.21 -34.07 42.66
C PHE IA 74 68.11 -33.07 42.34
N ALA IA 75 67.09 -33.54 41.63
CA ALA IA 75 65.94 -32.72 41.29
C ALA IA 75 64.69 -33.56 41.33
N LEU IA 76 63.60 -32.91 41.70
CA LEU IA 76 62.29 -33.53 41.70
C LEU IA 76 61.39 -32.86 40.67
N SER IA 77 60.77 -33.66 39.79
CA SER IA 77 59.99 -33.17 38.67
C SER IA 77 58.58 -33.74 38.72
N GLY IA 78 57.75 -33.24 37.82
CA GLY IA 78 56.40 -33.76 37.69
C GLY IA 78 55.90 -33.52 36.29
N SER IA 79 54.98 -34.36 35.85
CA SER IA 79 54.62 -34.38 34.46
C SER IA 79 53.16 -34.77 34.31
N TRP IA 80 52.71 -34.78 33.06
CA TRP IA 80 51.35 -35.15 32.73
C TRP IA 80 51.15 -36.64 32.57
N ASP IA 81 52.12 -37.49 32.91
CA ASP IA 81 51.76 -38.88 33.14
C ASP IA 81 51.15 -39.05 34.53
N GLY IA 82 51.48 -38.16 35.45
CA GLY IA 82 50.95 -38.19 36.79
C GLY IA 82 51.94 -38.57 37.86
N THR IA 83 53.19 -38.77 37.50
CA THR IA 83 54.19 -39.27 38.44
C THR IA 83 55.34 -38.28 38.60
N LEU IA 84 56.17 -38.61 39.59
CA LEU IA 84 57.31 -37.80 40.01
C LEU IA 84 58.54 -38.71 40.00
N ARG IA 85 59.67 -38.21 39.52
CA ARG IA 85 60.90 -38.99 39.52
C ARG IA 85 62.04 -38.22 40.18
N LEU IA 86 63.03 -38.97 40.67
CA LEU IA 86 64.21 -38.42 41.34
C LEU IA 86 65.45 -38.61 40.47
N TRP IA 87 66.10 -37.51 40.11
CA TRP IA 87 67.14 -37.48 39.10
C TRP IA 87 68.44 -36.97 39.69
N ASP IA 88 69.46 -37.82 39.76
CA ASP IA 88 70.81 -37.33 40.08
C ASP IA 88 71.47 -36.92 38.77
N LEU IA 89 71.78 -35.62 38.62
CA LEU IA 89 72.22 -35.08 37.33
C LEU IA 89 73.59 -35.57 36.90
N THR IA 90 74.42 -36.03 37.83
CA THR IA 90 75.75 -36.49 37.48
C THR IA 90 75.70 -37.88 36.84
N THR IA 91 74.82 -38.75 37.34
CA THR IA 91 74.62 -40.02 36.68
C THR IA 91 73.52 -39.97 35.64
N GLY IA 92 72.56 -39.05 35.78
CA GLY IA 92 71.42 -39.01 34.88
C GLY IA 92 70.33 -40.01 35.17
N THR IA 93 70.43 -40.75 36.27
CA THR IA 93 69.58 -41.90 36.55
C THR IA 93 68.26 -41.49 37.20
N THR IA 94 67.26 -42.33 37.02
CA THR IA 94 66.02 -42.21 37.78
C THR IA 94 66.18 -43.07 39.02
N THR IA 95 66.43 -42.45 40.16
CA THR IA 95 66.75 -43.23 41.35
C THR IA 95 65.49 -43.82 41.97
N ARG IA 96 64.40 -43.05 42.04
CA ARG IA 96 63.17 -43.54 42.63
C ARG IA 96 61.97 -43.07 41.83
N ARG IA 97 60.85 -43.76 42.05
CA ARG IA 97 59.63 -43.63 41.27
C ARG IA 97 58.45 -43.58 42.21
N PHE IA 98 57.54 -42.62 41.98
CA PHE IA 98 56.67 -42.03 42.98
C PHE IA 98 55.17 -42.22 42.72
N VAL IA 99 54.81 -43.35 42.10
CA VAL IA 99 53.44 -43.65 41.64
C VAL IA 99 52.43 -43.67 42.79
N GLY IA 100 51.16 -43.46 42.43
CA GLY IA 100 50.13 -43.26 43.43
C GLY IA 100 49.23 -42.05 43.26
N HIS IA 101 49.46 -41.24 42.23
CA HIS IA 101 48.38 -40.43 41.70
C HIS IA 101 47.47 -41.27 40.81
N THR IA 102 46.37 -40.67 40.40
CA THR IA 102 45.65 -41.20 39.25
C THR IA 102 45.82 -40.35 38.01
N LYS IA 103 46.04 -39.04 38.16
CA LYS IA 103 46.11 -38.12 37.02
C LYS IA 103 47.23 -37.10 37.21
N ASP IA 104 47.37 -36.24 36.18
CA ASP IA 104 48.54 -35.42 35.86
C ASP IA 104 48.99 -34.46 36.95
N VAL IA 105 50.29 -34.44 37.22
CA VAL IA 105 50.89 -33.47 38.14
C VAL IA 105 51.02 -32.12 37.47
N LEU IA 106 50.43 -31.10 38.06
CA LEU IA 106 50.55 -29.76 37.50
C LEU IA 106 51.71 -28.97 38.09
N SER IA 107 51.96 -29.07 39.39
CA SER IA 107 53.11 -28.38 39.99
C SER IA 107 53.59 -29.07 41.26
N VAL IA 108 54.90 -28.97 41.49
CA VAL IA 108 55.61 -29.64 42.57
C VAL IA 108 56.33 -28.55 43.38
N ALA IA 109 56.98 -28.95 44.49
CA ALA IA 109 57.84 -28.06 45.28
C ALA IA 109 58.87 -28.87 46.09
N PHE IA 110 60.11 -28.38 46.15
CA PHE IA 110 61.06 -28.80 47.17
C PHE IA 110 61.14 -27.84 48.36
N SER IA 111 61.65 -28.39 49.47
CA SER IA 111 62.00 -27.75 50.73
C SER IA 111 63.49 -27.40 50.79
N SER IA 112 63.88 -26.69 51.85
CA SER IA 112 65.29 -26.51 52.15
C SER IA 112 65.86 -27.65 52.99
N ASP IA 113 65.14 -28.05 54.03
CA ASP IA 113 65.58 -29.09 54.93
C ASP IA 113 65.26 -30.47 54.36
N ASN IA 114 65.61 -31.49 55.14
CA ASN IA 114 65.43 -32.88 54.76
C ASN IA 114 63.97 -33.27 54.64
N ARG IA 115 63.69 -34.14 53.67
CA ARG IA 115 62.56 -35.07 53.65
C ARG IA 115 61.19 -34.36 53.63
N GLN IA 116 61.02 -33.44 52.70
CA GLN IA 116 59.68 -32.92 52.47
C GLN IA 116 59.42 -32.82 50.97
N ILE IA 117 58.39 -33.51 50.52
CA ILE IA 117 57.92 -33.44 49.14
C ILE IA 117 56.42 -33.15 49.15
N VAL IA 118 55.99 -32.08 48.48
CA VAL IA 118 54.58 -31.80 48.22
C VAL IA 118 54.42 -31.77 46.70
N SER IA 119 53.24 -32.12 46.19
CA SER IA 119 52.92 -32.06 44.76
C SER IA 119 51.43 -31.97 44.55
N GLY IA 120 51.02 -31.16 43.57
CA GLY IA 120 49.62 -30.94 43.28
C GLY IA 120 49.26 -31.34 41.86
N SER IA 121 48.02 -31.78 41.67
CA SER IA 121 47.68 -32.59 40.51
C SER IA 121 46.22 -32.39 40.11
N ARG IA 122 45.86 -32.94 38.94
CA ARG IA 122 44.59 -32.68 38.27
C ARG IA 122 43.43 -33.51 38.79
N ASP IA 123 43.67 -34.46 39.67
CA ASP IA 123 42.62 -35.39 40.05
C ASP IA 123 41.98 -35.04 41.38
N LYS IA 124 42.00 -33.75 41.74
CA LYS IA 124 41.36 -33.17 42.94
C LYS IA 124 41.95 -33.72 44.23
N THR IA 125 43.27 -33.96 44.23
CA THR IA 125 43.98 -34.44 45.40
C THR IA 125 45.19 -33.56 45.68
N ILE IA 126 45.64 -33.58 46.93
CA ILE IA 126 46.96 -33.08 47.32
C ILE IA 126 47.68 -34.13 48.17
N LYS IA 127 48.94 -34.44 47.80
CA LYS IA 127 49.72 -35.46 48.46
C LYS IA 127 51.05 -34.92 49.00
N LEU IA 128 51.42 -35.35 50.19
CA LEU IA 128 52.77 -35.18 50.72
C LEU IA 128 53.53 -36.49 50.67
N TRP IA 129 54.77 -36.45 50.19
CA TRP IA 129 55.53 -37.66 49.97
C TRP IA 129 56.79 -37.71 50.82
N ASN IA 130 57.12 -38.91 51.27
CA ASN IA 130 58.43 -39.20 51.84
C ASN IA 130 59.40 -39.45 50.71
N THR IA 131 60.68 -39.53 51.04
CA THR IA 131 61.68 -39.90 50.04
C THR IA 131 61.75 -41.42 49.80
N LEU IA 132 60.96 -42.21 50.54
CA LEU IA 132 60.86 -43.65 50.41
C LEU IA 132 60.04 -44.10 49.20
N GLY IA 133 59.37 -43.17 48.53
CA GLY IA 133 58.33 -43.53 47.57
C GLY IA 133 57.12 -44.15 48.22
N VAL IA 134 56.83 -43.77 49.47
CA VAL IA 134 55.63 -44.16 50.20
C VAL IA 134 55.10 -42.87 50.81
N CYS IA 135 53.78 -42.72 50.86
CA CYS IA 135 53.14 -41.46 51.20
C CYS IA 135 53.27 -41.16 52.70
N LYS IA 136 53.53 -39.88 53.02
CA LYS IA 136 53.77 -39.45 54.40
C LYS IA 136 52.53 -39.57 55.27
N TYR IA 137 51.34 -39.42 54.69
CA TYR IA 137 50.09 -39.37 55.43
C TYR IA 137 49.04 -40.12 54.65
N THR IA 138 48.02 -40.61 55.34
CA THR IA 138 46.96 -41.37 54.68
C THR IA 138 46.00 -40.37 54.01
N VAL IA 139 45.88 -40.45 52.68
CA VAL IA 139 45.26 -39.40 51.88
C VAL IA 139 43.77 -39.68 51.72
N GLN IA 140 42.95 -38.99 52.51
CA GLN IA 140 41.52 -38.82 52.23
C GLN IA 140 41.09 -37.36 52.25
N ASP IA 141 42.03 -36.43 52.08
CA ASP IA 141 42.23 -35.26 52.94
C ASP IA 141 41.28 -34.08 52.70
N GLU IA 142 40.18 -34.26 51.94
CA GLU IA 142 39.16 -33.24 51.66
C GLU IA 142 39.75 -32.03 50.91
N SER IA 143 40.34 -32.36 49.77
CA SER IA 143 41.02 -31.44 48.87
C SER IA 143 40.03 -30.66 48.02
N HIS IA 144 40.61 -29.81 47.16
CA HIS IA 144 39.93 -28.94 46.20
C HIS IA 144 38.91 -29.69 45.35
N SER IA 145 37.82 -29.00 45.01
CA SER IA 145 36.83 -29.55 44.09
C SER IA 145 37.17 -29.31 42.62
N GLU IA 146 38.37 -28.82 42.32
CA GLU IA 146 38.89 -28.61 40.98
C GLU IA 146 40.35 -29.05 40.92
N TRP IA 147 40.96 -28.93 39.75
CA TRP IA 147 42.40 -29.16 39.58
C TRP IA 147 43.22 -28.26 40.49
N VAL IA 148 44.38 -28.76 40.89
CA VAL IA 148 45.31 -28.01 41.72
C VAL IA 148 46.42 -27.51 40.80
N SER IA 149 46.39 -26.22 40.46
CA SER IA 149 47.32 -25.76 39.45
C SER IA 149 48.70 -25.48 40.00
N CYS IA 150 48.82 -25.04 41.25
CA CYS IA 150 50.12 -24.88 41.90
C CYS IA 150 50.02 -25.22 43.38
N VAL IA 151 51.11 -25.76 43.94
CA VAL IA 151 51.33 -25.83 45.39
C VAL IA 151 52.75 -25.35 45.71
N ARG IA 152 52.91 -24.67 46.85
CA ARG IA 152 54.19 -24.06 47.21
C ARG IA 152 54.51 -24.31 48.67
N PHE IA 153 55.73 -23.93 49.07
CA PHE IA 153 56.22 -23.98 50.45
C PHE IA 153 56.63 -22.60 50.90
N SER IA 154 56.91 -22.49 52.20
CA SER IA 154 57.53 -21.30 52.77
C SER IA 154 58.74 -21.73 53.59
N PRO IA 155 59.93 -21.18 53.32
CA PRO IA 155 61.14 -21.62 54.03
C PRO IA 155 61.30 -21.01 55.43
N PRO IA 160 55.58 -23.24 58.22
CA PRO IA 160 55.08 -24.61 58.28
C PRO IA 160 53.72 -24.75 57.61
N ILE IA 161 53.64 -24.46 56.32
CA ILE IA 161 52.37 -24.39 55.61
C ILE IA 161 52.41 -25.23 54.34
N ILE IA 162 51.22 -25.58 53.86
CA ILE IA 162 50.98 -25.93 52.48
C ILE IA 162 50.14 -24.80 51.89
N VAL IA 163 50.63 -24.17 50.85
CA VAL IA 163 49.89 -23.14 50.15
C VAL IA 163 49.66 -23.60 48.72
N SER IA 164 48.40 -23.60 48.29
CA SER IA 164 47.95 -24.21 47.06
C SER IA 164 47.24 -23.16 46.23
N CYS IA 165 46.85 -23.51 45.00
CA CYS IA 165 45.91 -22.72 44.23
C CYS IA 165 45.05 -23.68 43.43
N GLY IA 166 43.98 -23.17 42.83
CA GLY IA 166 43.03 -24.08 42.21
C GLY IA 166 42.28 -23.49 41.04
N TRP IA 167 41.47 -24.33 40.42
CA TRP IA 167 40.53 -23.89 39.41
C TRP IA 167 39.13 -23.68 39.97
N ASP IA 168 38.97 -23.73 41.29
CA ASP IA 168 37.72 -23.34 41.97
C ASP IA 168 37.86 -22.03 42.75
N LYS IA 169 38.91 -21.26 42.44
CA LYS IA 169 39.15 -19.84 42.73
C LYS IA 169 39.33 -19.48 44.21
N LEU IA 170 39.51 -20.44 45.11
CA LEU IA 170 39.88 -20.14 46.50
C LEU IA 170 41.24 -20.74 46.78
N VAL IA 171 42.21 -19.88 47.18
CA VAL IA 171 43.58 -20.27 46.85
C VAL IA 171 44.20 -21.44 47.63
N LYS IA 172 44.56 -21.40 48.92
CA LYS IA 172 44.15 -21.99 50.20
C LYS IA 172 45.16 -21.40 51.16
N VAL IA 173 44.98 -21.60 52.47
CA VAL IA 173 46.14 -21.81 53.36
C VAL IA 173 45.91 -23.09 54.17
N TRP IA 174 46.87 -24.01 54.12
CA TRP IA 174 46.85 -25.24 54.91
C TRP IA 174 47.97 -25.23 55.93
N ASN IA 175 47.88 -26.18 56.88
CA ASN IA 175 48.99 -26.46 57.80
C ASN IA 175 49.80 -27.65 57.30
N LEU IA 176 51.13 -27.54 57.42
CA LEU IA 176 52.01 -28.66 57.15
C LEU IA 176 51.82 -29.75 58.20
N ALA IA 177 51.73 -31.00 57.73
CA ALA IA 177 51.78 -32.27 58.46
C ALA IA 177 50.60 -32.49 59.40
N ASN IA 178 49.53 -31.69 59.32
CA ASN IA 178 48.21 -32.08 59.77
C ASN IA 178 47.17 -32.05 58.65
N CYS IA 179 47.47 -31.39 57.53
CA CYS IA 179 46.68 -31.34 56.29
C CYS IA 179 45.22 -30.88 56.52
N LYS IA 180 45.09 -29.69 57.07
CA LYS IA 180 43.80 -29.12 57.42
C LYS IA 180 43.57 -27.87 56.59
N LEU IA 181 42.36 -27.33 56.66
CA LEU IA 181 41.86 -26.39 55.66
C LEU IA 181 41.98 -24.96 56.17
N LYS IA 182 42.96 -24.72 57.04
CA LYS IA 182 43.01 -23.69 58.09
C LYS IA 182 42.59 -22.29 57.69
N THR IA 183 43.05 -21.78 56.56
CA THR IA 183 42.60 -20.45 56.17
C THR IA 183 42.21 -20.48 54.69
N ASN IA 184 41.10 -19.81 54.35
CA ASN IA 184 40.43 -19.99 53.06
C ASN IA 184 40.19 -18.60 52.48
N HIS IA 185 40.89 -18.27 51.39
CA HIS IA 185 40.94 -16.89 50.91
C HIS IA 185 40.20 -16.81 49.58
N ILE IA 186 39.07 -16.10 49.54
CA ILE IA 186 38.20 -16.10 48.36
C ILE IA 186 38.15 -14.68 47.80
N GLY IA 187 38.97 -14.39 46.78
CA GLY IA 187 38.90 -13.11 46.09
C GLY IA 187 38.77 -13.05 44.58
N HIS IA 188 38.84 -14.19 43.88
CA HIS IA 188 39.13 -14.20 42.46
C HIS IA 188 37.90 -14.45 41.60
N THR IA 189 37.91 -13.83 40.41
CA THR IA 189 36.97 -14.11 39.33
C THR IA 189 37.79 -14.69 38.19
N GLY IA 190 37.75 -16.00 38.04
CA GLY IA 190 38.60 -16.68 37.10
C GLY IA 190 39.50 -17.66 37.84
N TYR IA 191 40.00 -18.67 37.15
CA TYR IA 191 40.80 -19.70 37.79
C TYR IA 191 42.18 -19.18 38.13
N LEU IA 192 42.84 -19.85 39.08
CA LEU IA 192 44.17 -19.47 39.55
C LEU IA 192 45.23 -20.36 38.91
N ASN IA 193 46.17 -19.73 38.19
CA ASN IA 193 47.22 -20.46 37.51
C ASN IA 193 48.50 -20.55 38.28
N THR IA 194 48.97 -19.45 38.86
CA THR IA 194 50.28 -19.45 39.49
C THR IA 194 50.24 -18.50 40.69
N VAL IA 195 50.83 -18.95 41.78
CA VAL IA 195 51.10 -18.13 42.96
C VAL IA 195 52.59 -18.23 43.22
N THR IA 196 53.07 -17.44 44.16
CA THR IA 196 54.42 -17.64 44.64
C THR IA 196 54.52 -17.23 46.09
N VAL IA 197 55.53 -17.78 46.74
CA VAL IA 197 55.90 -17.43 48.09
C VAL IA 197 57.26 -16.75 48.00
N SER IA 198 57.35 -15.56 48.61
CA SER IA 198 58.53 -14.72 48.53
C SER IA 198 59.70 -15.38 49.25
N PRO IA 199 60.95 -15.06 48.87
CA PRO IA 199 62.11 -15.80 49.43
C PRO IA 199 62.39 -15.60 50.93
N ASP IA 200 61.67 -14.73 51.63
CA ASP IA 200 61.59 -14.77 53.08
C ASP IA 200 60.52 -15.73 53.56
N GLY IA 201 59.38 -15.76 52.89
CA GLY IA 201 58.29 -16.64 53.23
C GLY IA 201 57.03 -15.99 53.80
N SER IA 202 56.84 -14.70 53.62
CA SER IA 202 55.73 -13.99 54.25
C SER IA 202 54.60 -13.63 53.30
N LEU IA 203 54.90 -13.45 52.01
CA LEU IA 203 53.96 -12.89 51.06
C LEU IA 203 53.44 -13.96 50.10
N CYS IA 204 52.18 -13.83 49.70
CA CYS IA 204 51.63 -14.61 48.62
C CYS IA 204 50.98 -13.65 47.62
N ALA IA 205 51.55 -13.58 46.43
CA ALA IA 205 50.89 -12.93 45.32
C ALA IA 205 50.18 -14.03 44.57
N SER IA 206 48.93 -13.80 44.20
CA SER IA 206 48.09 -14.89 43.74
C SER IA 206 47.38 -14.49 42.46
N GLY IA 207 47.84 -15.06 41.34
CA GLY IA 207 47.43 -14.63 40.02
C GLY IA 207 46.88 -15.82 39.25
N GLY IA 208 46.38 -15.54 38.07
CA GLY IA 208 45.38 -16.46 37.56
C GLY IA 208 44.83 -16.21 36.18
N LYS IA 209 43.55 -16.54 35.98
CA LYS IA 209 42.89 -16.23 34.73
C LYS IA 209 42.80 -14.73 34.51
N ASP IA 210 42.43 -13.99 35.55
CA ASP IA 210 42.09 -12.57 35.43
C ASP IA 210 43.32 -11.69 35.22
N GLY IA 211 44.51 -12.22 35.45
CA GLY IA 211 45.72 -11.46 35.26
C GLY IA 211 46.03 -10.58 36.45
N GLN IA 212 45.59 -10.99 37.64
CA GLN IA 212 45.59 -10.15 38.82
C GLN IA 212 46.21 -10.91 39.99
N ALA IA 213 47.44 -10.56 40.34
CA ALA IA 213 48.06 -11.09 41.54
C ALA IA 213 47.52 -10.37 42.75
N MET IA 214 46.77 -11.07 43.59
CA MET IA 214 46.31 -10.51 44.85
C MET IA 214 47.35 -10.80 45.91
N LEU IA 215 47.79 -9.76 46.60
CA LEU IA 215 48.97 -9.84 47.48
C LEU IA 215 48.47 -10.18 48.87
N TRP IA 216 48.85 -11.34 49.36
CA TRP IA 216 48.41 -11.81 50.66
C TRP IA 216 49.58 -11.75 51.65
N ASP IA 217 49.26 -11.89 52.94
CA ASP IA 217 50.27 -12.15 53.96
C ASP IA 217 50.12 -13.59 54.40
N LEU IA 218 51.21 -14.37 54.31
CA LEU IA 218 51.16 -15.79 54.66
C LEU IA 218 51.32 -16.08 56.14
N ASN IA 219 51.89 -15.16 56.92
CA ASN IA 219 51.99 -15.46 58.35
C ASN IA 219 50.72 -15.14 59.11
N GLU IA 220 49.87 -14.24 58.60
CA GLU IA 220 48.67 -13.84 59.32
C GLU IA 220 47.37 -14.07 58.57
N GLY IA 221 47.40 -14.23 57.26
CA GLY IA 221 46.16 -14.41 56.54
C GLY IA 221 45.28 -13.18 56.35
N LYS IA 222 45.83 -12.10 55.78
CA LYS IA 222 45.06 -10.90 55.53
C LYS IA 222 45.43 -10.33 54.17
N HIS IA 223 44.41 -9.87 53.43
CA HIS IA 223 44.62 -9.22 52.15
C HIS IA 223 45.26 -7.85 52.38
N LEU IA 224 46.47 -7.65 51.86
CA LEU IA 224 47.13 -6.36 52.08
C LEU IA 224 47.04 -5.40 50.90
N TYR IA 225 47.09 -5.88 49.66
CA TYR IA 225 47.19 -5.01 48.49
C TYR IA 225 46.19 -5.44 47.44
N THR IA 226 46.16 -4.68 46.33
CA THR IA 226 45.47 -5.06 45.10
C THR IA 226 46.27 -4.54 43.92
N LEU IA 227 46.71 -5.44 43.04
CA LEU IA 227 47.47 -5.05 41.84
C LEU IA 227 46.75 -5.50 40.57
N ASP IA 228 46.20 -4.55 39.81
CA ASP IA 228 45.39 -4.88 38.63
C ASP IA 228 46.28 -4.81 37.41
N GLY IA 229 46.74 -5.96 36.96
CA GLY IA 229 47.69 -6.08 35.87
C GLY IA 229 47.09 -6.25 34.48
N GLY IA 230 47.77 -7.05 33.67
CA GLY IA 230 47.43 -7.26 32.28
C GLY IA 230 46.65 -8.54 31.99
N ASP IA 231 47.07 -9.22 30.92
CA ASP IA 231 46.49 -10.46 30.46
C ASP IA 231 46.84 -11.64 31.37
N ILE IA 232 46.28 -12.81 30.99
CA ILE IA 232 46.24 -14.05 31.78
C ILE IA 232 47.62 -14.49 32.22
N ILE IA 233 47.76 -14.71 33.51
CA ILE IA 233 49.04 -14.94 34.16
C ILE IA 233 49.46 -16.39 33.97
N ASN IA 234 50.70 -16.58 33.51
CA ASN IA 234 51.35 -17.88 33.56
C ASN IA 234 52.27 -18.02 34.75
N ALA IA 235 52.82 -16.92 35.26
CA ALA IA 235 53.77 -17.03 36.35
C ALA IA 235 53.70 -15.83 37.27
N LEU IA 236 53.97 -16.08 38.54
CA LEU IA 236 54.39 -15.05 39.48
C LEU IA 236 55.73 -15.47 40.06
N CYS IA 237 56.69 -14.55 40.05
CA CYS IA 237 58.00 -14.84 40.62
C CYS IA 237 58.71 -13.57 41.02
N PHE IA 238 59.53 -13.73 42.03
CA PHE IA 238 60.14 -12.72 42.85
C PHE IA 238 61.42 -12.21 42.22
N SER IA 239 61.82 -11.05 42.63
CA SER IA 239 63.26 -10.89 42.64
C SER IA 239 63.79 -11.41 43.98
N PRO IA 240 65.04 -11.90 44.04
CA PRO IA 240 65.58 -12.26 45.37
C PRO IA 240 65.90 -11.05 46.24
N ASN IA 241 66.40 -9.97 45.64
CA ASN IA 241 66.98 -8.88 46.40
C ASN IA 241 66.33 -7.53 46.19
N ARG IA 242 65.30 -7.43 45.36
CA ARG IA 242 64.90 -6.13 44.87
C ARG IA 242 63.49 -5.73 45.30
N TYR IA 243 62.72 -6.67 45.87
CA TYR IA 243 61.32 -6.49 46.32
C TYR IA 243 60.44 -5.97 45.19
N TRP IA 244 60.48 -6.69 44.05
CA TRP IA 244 59.66 -6.30 42.91
C TRP IA 244 58.37 -7.10 42.76
N LEU IA 245 58.43 -8.42 42.99
CA LEU IA 245 57.31 -9.38 42.89
C LEU IA 245 56.57 -9.30 41.54
N CYS IA 246 57.35 -9.51 40.48
CA CYS IA 246 56.92 -9.35 39.10
C CYS IA 246 56.16 -10.59 38.58
N ALA IA 247 55.57 -10.46 37.39
CA ALA IA 247 54.66 -11.47 36.85
C ALA IA 247 54.78 -11.59 35.34
N ALA IA 248 54.41 -12.76 34.82
CA ALA IA 248 54.56 -13.09 33.41
C ALA IA 248 53.19 -13.25 32.76
N THR IA 249 52.76 -12.21 32.06
CA THR IA 249 51.53 -12.14 31.30
C THR IA 249 51.68 -12.89 29.98
N GLY IA 250 50.62 -12.91 29.16
CA GLY IA 250 50.69 -13.58 27.88
C GLY IA 250 51.68 -13.03 26.87
N PRO IA 251 51.51 -11.78 26.41
CA PRO IA 251 52.49 -11.21 25.47
C PRO IA 251 53.71 -10.58 26.12
N SER IA 252 53.81 -10.60 27.45
CA SER IA 252 54.73 -9.70 28.11
C SER IA 252 55.07 -10.24 29.49
N ILE IA 253 56.08 -9.64 30.10
CA ILE IA 253 56.38 -9.81 31.51
C ILE IA 253 56.07 -8.50 32.21
N LYS IA 254 55.21 -8.54 33.22
CA LYS IA 254 54.91 -7.34 34.00
C LYS IA 254 55.78 -7.27 35.25
N ILE IA 255 56.45 -6.14 35.46
CA ILE IA 255 57.16 -5.87 36.70
C ILE IA 255 56.31 -4.89 37.51
N TRP IA 256 56.21 -5.11 38.80
CA TRP IA 256 55.72 -4.11 39.74
C TRP IA 256 56.85 -3.70 40.67
N ASP IA 257 56.68 -2.54 41.31
CA ASP IA 257 57.64 -2.05 42.29
C ASP IA 257 56.86 -1.60 43.51
N LEU IA 258 56.88 -2.40 44.58
CA LEU IA 258 55.90 -2.30 45.65
C LEU IA 258 56.11 -1.14 46.61
N GLU IA 259 57.10 -0.28 46.40
CA GLU IA 259 57.17 0.94 47.20
C GLU IA 259 56.04 1.89 46.82
N GLY IA 260 55.89 2.16 45.52
CA GLY IA 260 54.74 2.87 45.01
C GLY IA 260 53.62 2.02 44.43
N LYS IA 261 53.84 0.69 44.32
CA LYS IA 261 53.09 -0.23 43.45
C LYS IA 261 53.04 0.31 42.02
N ILE IA 262 54.24 0.59 41.50
CA ILE IA 262 54.42 1.18 40.17
C ILE IA 262 55.05 0.12 39.28
N ILE IA 263 54.64 0.10 38.01
CA ILE IA 263 55.36 -0.70 37.03
C ILE IA 263 56.73 -0.07 36.79
N VAL IA 264 57.77 -0.89 36.83
CA VAL IA 264 59.07 -0.41 36.39
C VAL IA 264 59.06 -0.22 34.87
N ASP IA 265 58.77 -1.29 34.13
CA ASP IA 265 58.68 -1.27 32.68
C ASP IA 265 57.95 -2.51 32.23
N GLU IA 266 57.71 -2.59 30.91
CA GLU IA 266 57.28 -3.82 30.27
C GLU IA 266 58.42 -4.43 29.46
N LEU IA 267 58.38 -5.74 29.30
CA LEU IA 267 59.47 -6.51 28.70
C LEU IA 267 59.06 -6.99 27.31
N LYS IA 268 59.63 -6.37 26.28
CA LYS IA 268 59.13 -6.49 24.92
C LYS IA 268 60.16 -7.17 24.03
N GLN IA 269 59.69 -7.83 22.99
CA GLN IA 269 60.54 -8.75 22.25
C GLN IA 269 60.27 -8.77 20.74
N GLU IA 279 48.89 -13.34 16.59
CA GLU IA 279 49.13 -13.94 17.90
C GLU IA 279 50.61 -13.98 18.22
N PRO IA 280 51.05 -13.21 19.21
CA PRO IA 280 52.46 -13.25 19.60
C PRO IA 280 52.76 -14.52 20.37
N PRO IA 281 54.02 -14.96 20.42
CA PRO IA 281 54.38 -16.08 21.28
C PRO IA 281 54.23 -15.71 22.75
N GLN IA 282 53.89 -16.70 23.55
CA GLN IA 282 53.48 -16.44 24.93
C GLN IA 282 54.62 -16.73 25.89
N CYS IA 283 54.79 -15.83 26.86
CA CYS IA 283 55.76 -16.03 27.93
C CYS IA 283 55.18 -16.94 29.00
N THR IA 284 55.88 -18.02 29.29
CA THR IA 284 55.40 -19.05 30.18
C THR IA 284 56.27 -19.30 31.40
N SER IA 285 57.44 -18.70 31.50
CA SER IA 285 58.32 -19.01 32.62
C SER IA 285 58.95 -17.75 33.19
N LEU IA 286 59.17 -17.77 34.50
CA LEU IA 286 59.75 -16.63 35.20
C LEU IA 286 60.55 -17.15 36.38
N ALA IA 287 61.87 -16.90 36.37
CA ALA IA 287 62.74 -17.34 37.45
C ALA IA 287 63.99 -16.49 37.46
N TRP IA 288 64.37 -16.06 38.65
CA TRP IA 288 65.63 -15.38 38.88
C TRP IA 288 66.58 -16.34 39.57
N SER IA 289 67.82 -16.39 39.09
CA SER IA 289 68.87 -17.11 39.80
C SER IA 289 69.20 -16.36 41.07
N ALA IA 290 69.45 -17.07 42.16
CA ALA IA 290 69.55 -16.40 43.46
C ALA IA 290 70.95 -15.83 43.72
N ASP IA 291 71.33 -14.87 42.87
CA ASP IA 291 71.99 -13.65 43.24
C ASP IA 291 71.21 -12.42 42.82
N GLY IA 292 70.37 -12.53 41.80
CA GLY IA 292 69.68 -11.40 41.25
C GLY IA 292 70.16 -11.08 39.84
N GLN IA 293 69.49 -10.07 39.26
CA GLN IA 293 69.76 -9.40 37.96
C GLN IA 293 69.84 -10.37 36.77
N THR IA 294 69.21 -11.55 36.90
CA THR IA 294 69.05 -12.52 35.82
C THR IA 294 67.57 -12.84 35.71
N LEU IA 295 66.99 -12.67 34.53
CA LEU IA 295 65.56 -12.87 34.39
C LEU IA 295 65.32 -13.80 33.21
N PHE IA 296 64.75 -14.97 33.49
CA PHE IA 296 64.60 -16.04 32.51
C PHE IA 296 63.15 -16.21 32.07
N ALA IA 297 62.93 -16.26 30.76
CA ALA IA 297 61.59 -16.31 30.18
C ALA IA 297 61.54 -17.36 29.08
N GLY IA 298 60.58 -18.28 29.18
CA GLY IA 298 60.43 -19.39 28.24
C GLY IA 298 59.22 -19.18 27.35
N TYR IA 299 59.37 -19.53 26.07
CA TYR IA 299 58.41 -19.16 25.05
C TYR IA 299 57.90 -20.36 24.26
N THR IA 300 56.75 -20.16 23.62
CA THR IA 300 56.02 -21.22 22.95
C THR IA 300 56.43 -21.41 21.50
N ASP IA 301 57.32 -20.57 20.97
CA ASP IA 301 57.95 -20.83 19.68
C ASP IA 301 59.35 -21.38 19.85
N ASN IA 302 59.59 -22.00 21.02
CA ASN IA 302 60.76 -22.80 21.37
C ASN IA 302 62.07 -22.00 21.35
N LEU IA 303 62.01 -20.74 21.78
CA LEU IA 303 63.17 -20.02 22.27
C LEU IA 303 63.12 -20.02 23.78
N VAL IA 304 64.29 -19.92 24.41
CA VAL IA 304 64.39 -19.62 25.83
C VAL IA 304 65.17 -18.32 25.94
N ARG IA 305 64.55 -17.32 26.57
CA ARG IA 305 65.09 -15.96 26.57
C ARG IA 305 65.60 -15.58 27.94
N VAL IA 306 66.63 -14.73 27.93
CA VAL IA 306 67.36 -14.32 29.13
C VAL IA 306 67.37 -12.79 29.20
N TRP IA 307 67.04 -12.26 30.37
CA TRP IA 307 67.01 -10.81 30.55
C TRP IA 307 67.94 -10.43 31.69
N GLN IA 308 68.87 -9.51 31.39
CA GLN IA 308 69.75 -8.91 32.39
C GLN IA 308 69.38 -7.44 32.55
N VAL IA 309 69.90 -6.84 33.62
CA VAL IA 309 69.80 -5.42 33.82
C VAL IA 309 70.76 -4.80 32.83
N MET JA 1 -34.83 4.68 82.62
CA MET JA 1 -33.68 4.11 83.30
C MET JA 1 -33.13 2.91 82.54
N LYS JA 2 -31.80 2.72 82.60
CA LYS JA 2 -31.15 1.61 81.93
C LYS JA 2 -30.62 0.63 82.95
N PRO JA 3 -31.14 -0.60 83.01
CA PRO JA 3 -30.65 -1.56 84.00
C PRO JA 3 -29.42 -2.32 83.53
N ILE JA 4 -28.57 -2.64 84.50
CA ILE JA 4 -27.34 -3.38 84.25
C ILE JA 4 -27.39 -4.70 85.01
N LEU JA 5 -26.53 -5.62 84.60
CA LEU JA 5 -26.45 -6.95 85.20
C LEU JA 5 -25.10 -7.12 85.88
N LEU JA 6 -25.12 -7.56 87.13
CA LEU JA 6 -23.91 -7.81 87.90
C LEU JA 6 -23.66 -9.31 88.00
N GLN JA 7 -22.46 -9.73 87.63
CA GLN JA 7 -22.08 -11.13 87.62
C GLN JA 7 -21.10 -11.43 88.76
N GLY JA 8 -21.03 -12.70 89.14
CA GLY JA 8 -20.16 -13.14 90.21
C GLY JA 8 -20.86 -13.83 91.35
N HIS JA 9 -22.18 -13.89 91.37
CA HIS JA 9 -22.94 -14.58 92.40
C HIS JA 9 -23.58 -15.84 91.82
N GLU JA 10 -23.47 -16.95 92.56
CA GLU JA 10 -23.97 -18.23 92.11
C GLU JA 10 -25.18 -18.71 92.90
N ARG JA 11 -25.68 -17.90 93.83
CA ARG JA 11 -26.81 -18.28 94.66
C ARG JA 11 -27.83 -17.14 94.69
N SER JA 12 -29.05 -17.48 95.12
CA SER JA 12 -30.12 -16.50 95.26
C SER JA 12 -29.79 -15.48 96.35
N ILE JA 13 -29.93 -14.20 96.01
CA ILE JA 13 -29.63 -13.12 96.94
C ILE JA 13 -30.69 -13.04 98.02
N THR JA 14 -30.26 -12.82 99.26
CA THR JA 14 -31.16 -12.75 100.40
C THR JA 14 -31.30 -11.35 100.99
N GLN JA 15 -30.30 -10.49 100.83
CA GLN JA 15 -30.34 -9.14 101.38
C GLN JA 15 -29.46 -8.22 100.55
N ILE JA 16 -29.89 -6.97 100.45
CA ILE JA 16 -29.13 -5.91 99.78
C ILE JA 16 -29.19 -4.66 100.64
N LYS JA 17 -28.05 -3.99 100.79
CA LYS JA 17 -27.97 -2.80 101.63
C LYS JA 17 -27.00 -1.81 101.01
N TYR JA 18 -27.42 -0.54 100.93
CA TYR JA 18 -26.58 0.53 100.44
C TYR JA 18 -25.91 1.25 101.61
N ASN JA 19 -24.75 1.84 101.32
CA ASN JA 19 -24.03 2.61 102.33
C ASN JA 19 -24.66 3.98 102.52
N ARG JA 20 -24.16 4.71 103.52
CA ARG JA 20 -24.67 6.03 103.84
C ARG JA 20 -23.98 7.14 103.06
N GLU JA 21 -22.95 6.81 102.27
CA GLU JA 21 -22.31 7.77 101.39
C GLU JA 21 -22.78 7.66 99.94
N GLY JA 22 -23.53 6.62 99.61
CA GLY JA 22 -24.02 6.39 98.25
C GLY JA 22 -22.92 6.09 97.24
N ASP JA 23 -21.83 5.45 97.67
CA ASP JA 23 -20.75 5.09 96.79
C ASP JA 23 -20.50 3.58 96.69
N LEU JA 24 -20.96 2.80 97.66
CA LEU JA 24 -20.74 1.36 97.67
C LEU JA 24 -22.07 0.63 97.80
N LEU JA 25 -22.19 -0.50 97.10
CA LEU JA 25 -23.36 -1.36 97.18
C LEU JA 25 -22.93 -2.70 97.77
N PHE JA 26 -23.66 -3.15 98.80
CA PHE JA 26 -23.38 -4.40 99.47
C PHE JA 26 -24.50 -5.39 99.17
N THR JA 27 -24.13 -6.60 98.74
CA THR JA 27 -25.08 -7.65 98.41
C THR JA 27 -24.64 -8.95 99.05
N VAL JA 28 -25.61 -9.72 99.54
CA VAL JA 28 -25.35 -10.99 100.19
C VAL JA 28 -26.15 -12.07 99.48
N ALA JA 29 -25.64 -13.30 99.54
CA ALA JA 29 -26.24 -14.45 98.86
C ALA JA 29 -26.07 -15.67 99.75
N LYS JA 30 -26.62 -16.80 99.29
CA LYS JA 30 -26.50 -18.06 100.01
C LYS JA 30 -25.16 -18.76 99.76
N ASP JA 31 -24.34 -18.25 98.85
CA ASP JA 31 -23.00 -18.76 98.66
C ASP JA 31 -22.08 -18.31 99.81
N PRO JA 32 -20.91 -18.93 99.94
CA PRO JA 32 -20.01 -18.61 101.05
C PRO JA 32 -19.22 -17.33 100.88
N ILE JA 33 -19.35 -16.62 99.76
CA ILE JA 33 -18.65 -15.36 99.53
C ILE JA 33 -19.68 -14.26 99.32
N VAL JA 34 -19.38 -13.07 99.84
CA VAL JA 34 -20.22 -11.90 99.66
C VAL JA 34 -19.52 -10.95 98.69
N ASN JA 35 -20.32 -10.21 97.93
CA ASN JA 35 -19.80 -9.30 96.91
C ASN JA 35 -20.04 -7.86 97.31
N VAL JA 36 -19.06 -7.01 97.04
CA VAL JA 36 -19.15 -5.56 97.25
C VAL JA 36 -18.80 -4.89 95.94
N TRP JA 37 -19.70 -4.04 95.45
CA TRP JA 37 -19.53 -3.37 94.17
C TRP JA 37 -19.80 -1.89 94.31
N TYR JA 38 -19.10 -1.09 93.52
CA TYR JA 38 -19.35 0.35 93.47
C TYR JA 38 -20.67 0.62 92.76
N SER JA 39 -21.50 1.49 93.36
CA SER JA 39 -22.83 1.74 92.87
C SER JA 39 -22.93 2.98 91.98
N VAL JA 40 -21.81 3.65 91.69
CA VAL JA 40 -21.82 4.81 90.82
C VAL JA 40 -20.96 4.63 89.57
N ASN JA 41 -20.07 3.64 89.54
CA ASN JA 41 -19.29 3.35 88.35
C ASN JA 41 -19.44 1.92 87.86
N GLY JA 42 -20.22 1.09 88.55
CA GLY JA 42 -20.45 -0.29 88.16
C GLY JA 42 -19.31 -1.26 88.46
N GLU JA 43 -18.18 -0.80 88.99
CA GLU JA 43 -17.03 -1.65 89.22
C GLU JA 43 -17.20 -2.47 90.50
N ARG JA 44 -16.56 -3.63 90.53
CA ARG JA 44 -16.55 -4.50 91.69
C ARG JA 44 -15.42 -4.09 92.61
N LEU JA 45 -15.75 -3.78 93.87
CA LEU JA 45 -14.73 -3.35 94.83
C LEU JA 45 -13.92 -4.54 95.34
N GLY JA 46 -14.58 -5.64 95.68
CA GLY JA 46 -13.89 -6.80 96.18
C GLY JA 46 -14.88 -7.85 96.66
N THR JA 47 -14.33 -8.88 97.30
CA THR JA 47 -15.12 -9.99 97.81
C THR JA 47 -14.74 -10.27 99.25
N TYR JA 48 -15.67 -10.89 99.98
CA TYR JA 48 -15.49 -11.25 101.38
C TYR JA 48 -15.36 -12.77 101.46
N MET JA 49 -14.15 -13.24 101.80
CA MET JA 49 -13.86 -14.66 101.89
C MET JA 49 -13.58 -15.05 103.34
N GLY JA 50 -13.92 -16.29 103.67
CA GLY JA 50 -13.73 -16.81 105.02
C GLY JA 50 -14.99 -17.31 105.70
N HIS JA 51 -16.17 -17.04 105.14
CA HIS JA 51 -17.41 -17.54 105.73
C HIS JA 51 -17.56 -19.04 105.47
N THR JA 52 -18.18 -19.71 106.43
CA THR JA 52 -18.38 -21.15 106.37
C THR JA 52 -19.79 -21.55 105.97
N GLY JA 53 -20.69 -20.58 105.78
CA GLY JA 53 -22.05 -20.90 105.43
C GLY JA 53 -22.72 -19.74 104.73
N ALA JA 54 -24.05 -19.82 104.64
CA ALA JA 54 -24.83 -18.80 103.96
C ALA JA 54 -24.95 -17.55 104.84
N VAL JA 55 -24.72 -16.39 104.25
CA VAL JA 55 -24.86 -15.11 104.93
C VAL JA 55 -26.25 -14.57 104.60
N TRP JA 56 -27.12 -14.49 105.60
CA TRP JA 56 -28.50 -14.09 105.36
C TRP JA 56 -28.65 -12.58 105.21
N CYS JA 57 -27.87 -11.80 105.97
CA CYS JA 57 -28.02 -10.36 105.98
C CYS JA 57 -26.67 -9.69 106.13
N VAL JA 58 -26.49 -8.58 105.42
CA VAL JA 58 -25.28 -7.76 105.52
C VAL JA 58 -25.71 -6.31 105.70
N ASP JA 59 -24.85 -5.52 106.33
CA ASP JA 59 -25.17 -4.13 106.60
C ASP JA 59 -23.88 -3.30 106.59
N ALA JA 60 -24.03 -2.02 106.26
CA ALA JA 60 -22.92 -1.08 106.20
C ALA JA 60 -23.14 0.04 107.19
N ASP JA 61 -22.06 0.46 107.87
CA ASP JA 61 -22.14 1.53 108.85
C ASP JA 61 -22.24 2.89 108.16
N TRP JA 62 -22.54 3.91 108.96
CA TRP JA 62 -22.62 5.28 108.45
C TRP JA 62 -21.24 5.83 108.13
N ASP JA 63 -20.24 5.50 108.95
CA ASP JA 63 -18.85 5.88 108.68
C ASP JA 63 -18.28 5.14 107.48
N THR JA 64 -18.80 3.93 107.20
CA THR JA 64 -18.40 3.02 106.11
C THR JA 64 -16.93 2.65 106.18
N LYS JA 65 -16.47 2.34 107.40
CA LYS JA 65 -15.15 1.78 107.62
C LYS JA 65 -15.19 0.37 108.19
N HIS JA 66 -16.29 -0.03 108.82
CA HIS JA 66 -16.49 -1.38 109.33
C HIS JA 66 -17.83 -1.90 108.84
N VAL JA 67 -17.87 -3.19 108.49
CA VAL JA 67 -19.07 -3.81 107.95
C VAL JA 67 -19.49 -4.96 108.87
N LEU JA 68 -20.77 -5.05 109.14
CA LEU JA 68 -21.34 -6.11 109.97
C LEU JA 68 -22.25 -6.98 109.13
N THR JA 69 -22.16 -8.29 109.33
CA THR JA 69 -22.95 -9.26 108.58
C THR JA 69 -23.63 -10.23 109.54
N GLY JA 70 -24.81 -10.68 109.15
CA GLY JA 70 -25.56 -11.70 109.89
C GLY JA 70 -25.54 -13.01 109.13
N SER JA 71 -25.19 -14.08 109.82
CA SER JA 71 -25.02 -15.40 109.23
C SER JA 71 -25.95 -16.41 109.89
N ALA JA 72 -26.16 -17.51 109.20
CA ALA JA 72 -26.95 -18.63 109.72
C ALA JA 72 -26.11 -19.65 110.47
N ASP JA 73 -24.82 -19.37 110.67
CA ASP JA 73 -23.92 -20.26 111.41
C ASP JA 73 -23.83 -19.91 112.89
N ASN JA 74 -24.82 -19.14 113.41
CA ASN JA 74 -24.92 -18.69 114.80
C ASN JA 74 -23.70 -17.89 115.25
N SER JA 75 -23.34 -16.88 114.45
CA SER JA 75 -22.22 -16.02 114.75
C SER JA 75 -22.44 -14.67 114.10
N CYS JA 76 -21.82 -13.64 114.68
CA CYS JA 76 -21.83 -12.29 114.13
C CYS JA 76 -20.40 -11.82 113.99
N ARG JA 77 -20.06 -11.32 112.80
CA ARG JA 77 -18.69 -10.92 112.48
C ARG JA 77 -18.64 -9.46 112.05
N LEU JA 78 -17.60 -8.76 112.47
CA LEU JA 78 -17.31 -7.41 112.03
C LEU JA 78 -16.11 -7.45 111.09
N TRP JA 79 -16.27 -6.87 109.90
CA TRP JA 79 -15.26 -6.92 108.86
C TRP JA 79 -14.80 -5.52 108.52
N ASP JA 80 -13.49 -5.37 108.30
CA ASP JA 80 -12.92 -4.09 107.88
C ASP JA 80 -13.28 -3.82 106.42
N CYS JA 81 -13.92 -2.69 106.17
CA CYS JA 81 -14.38 -2.36 104.83
C CYS JA 81 -13.23 -1.96 103.91
N GLU JA 82 -12.21 -1.28 104.46
CA GLU JA 82 -11.11 -0.77 103.66
C GLU JA 82 -9.98 -1.76 103.49
N THR JA 83 -10.00 -2.89 104.20
CA THR JA 83 -8.97 -3.91 104.05
C THR JA 83 -9.49 -5.25 103.56
N GLY JA 84 -10.80 -5.52 103.68
CA GLY JA 84 -11.39 -6.77 103.26
C GLY JA 84 -11.17 -7.94 104.20
N LYS JA 85 -10.53 -7.73 105.35
CA LYS JA 85 -10.26 -8.79 106.30
C LYS JA 85 -11.18 -8.63 107.51
N GLN JA 86 -11.58 -9.77 108.09
CA GLN JA 86 -12.40 -9.76 109.30
C GLN JA 86 -11.54 -9.31 110.49
N LEU JA 87 -12.06 -8.37 111.27
CA LEU JA 87 -11.34 -7.82 112.40
C LEU JA 87 -11.86 -8.28 113.75
N ALA JA 88 -13.08 -8.82 113.81
CA ALA JA 88 -13.66 -9.28 115.06
C ALA JA 88 -14.65 -10.39 114.77
N LEU JA 89 -14.77 -11.32 115.72
CA LEU JA 89 -15.70 -12.44 115.61
C LEU JA 89 -16.39 -12.64 116.95
N LEU JA 90 -17.72 -12.70 116.93
CA LEU JA 90 -18.52 -12.88 118.13
C LEU JA 90 -19.31 -14.16 118.03
N LYS JA 91 -19.24 -15.00 119.06
CA LYS JA 91 -19.98 -16.24 119.12
C LYS JA 91 -21.37 -15.99 119.70
N THR JA 92 -22.39 -16.57 119.05
CA THR JA 92 -23.77 -16.36 119.44
C THR JA 92 -24.47 -17.71 119.59
N ASN JA 93 -25.53 -17.72 120.39
CA ASN JA 93 -26.34 -18.90 120.62
C ASN JA 93 -27.59 -18.93 119.73
N SER JA 94 -27.68 -18.01 118.77
CA SER JA 94 -28.85 -17.94 117.89
C SER JA 94 -28.43 -17.33 116.57
N ALA JA 95 -29.18 -17.66 115.52
CA ALA JA 95 -28.91 -17.12 114.19
C ALA JA 95 -29.48 -15.71 114.07
N VAL JA 96 -29.09 -15.05 112.99
CA VAL JA 96 -29.54 -13.68 112.70
C VAL JA 96 -30.59 -13.75 111.60
N ARG JA 97 -31.82 -13.34 111.93
CA ARG JA 97 -32.91 -13.32 110.96
C ARG JA 97 -33.09 -11.96 110.30
N THR JA 98 -32.81 -10.88 111.03
CA THR JA 98 -32.94 -9.52 110.49
C THR JA 98 -31.97 -8.62 111.23
N CYS JA 99 -31.28 -7.76 110.47
CA CYS JA 99 -30.34 -6.81 111.03
C CYS JA 99 -30.52 -5.46 110.34
N GLY JA 100 -30.38 -4.39 111.12
CA GLY JA 100 -30.51 -3.05 110.58
C GLY JA 100 -29.68 -2.02 111.32
N PHE JA 101 -29.11 -1.07 110.59
CA PHE JA 101 -28.33 0.00 111.19
C PHE JA 101 -29.26 1.04 111.81
N ASP JA 102 -28.88 1.54 112.98
CA ASP JA 102 -29.63 2.59 113.65
C ASP JA 102 -29.34 3.94 113.00
N PHE JA 103 -30.09 4.96 113.44
CA PHE JA 103 -29.96 6.29 112.87
C PHE JA 103 -28.79 7.07 113.44
N GLY JA 104 -28.18 6.60 114.53
CA GLY JA 104 -27.03 7.26 115.10
C GLY JA 104 -25.72 6.59 114.71
N GLY JA 105 -25.80 5.33 114.28
CA GLY JA 105 -24.63 4.57 113.89
C GLY JA 105 -23.86 3.95 115.03
N ASN JA 106 -24.26 4.16 116.28
CA ASN JA 106 -23.59 3.61 117.44
C ASN JA 106 -24.26 2.36 117.99
N ILE JA 107 -25.35 1.90 117.36
CA ILE JA 107 -26.07 0.72 117.82
C ILE JA 107 -26.52 -0.07 116.61
N ILE JA 108 -26.73 -1.37 116.82
CA ILE JA 108 -27.23 -2.27 115.78
C ILE JA 108 -28.16 -3.28 116.43
N MET JA 109 -29.23 -3.64 115.71
CA MET JA 109 -30.22 -4.58 116.21
C MET JA 109 -30.04 -5.94 115.56
N PHE JA 110 -30.25 -6.99 116.34
CA PHE JA 110 -30.15 -8.37 115.87
C PHE JA 110 -31.43 -9.11 116.23
N SER JA 111 -32.00 -9.79 115.24
CA SER JA 111 -33.24 -10.55 115.44
C SER JA 111 -32.91 -11.99 115.77
N THR JA 112 -33.45 -12.48 116.89
CA THR JA 112 -33.23 -13.85 117.34
C THR JA 112 -34.45 -14.70 116.97
N ASP JA 113 -34.19 -15.88 116.43
CA ASP JA 113 -35.23 -16.84 116.04
C ASP JA 113 -35.99 -17.37 117.26
N LYS JA 114 -37.17 -17.94 116.99
CA LYS JA 114 -38.03 -18.44 118.06
C LYS JA 114 -37.47 -19.70 118.70
N GLN JA 115 -37.04 -20.66 117.89
CA GLN JA 115 -36.38 -21.86 118.38
C GLN JA 115 -34.87 -21.72 118.20
N MET JA 116 -34.15 -21.70 119.31
CA MET JA 116 -32.72 -21.40 119.36
C MET JA 116 -32.21 -21.74 120.75
N GLY JA 117 -30.89 -21.73 120.90
CA GLY JA 117 -30.30 -21.85 122.23
C GLY JA 117 -30.49 -20.62 123.09
N TYR JA 118 -30.72 -19.46 122.47
CA TYR JA 118 -31.13 -18.25 123.17
C TYR JA 118 -32.63 -18.05 123.02
N GLN JA 119 -33.18 -17.20 123.89
CA GLN JA 119 -34.61 -16.97 123.89
C GLN JA 119 -34.99 -16.01 122.76
N CYS JA 120 -36.29 -15.98 122.45
CA CYS JA 120 -36.80 -15.11 121.41
C CYS JA 120 -36.88 -13.67 121.93
N PHE JA 121 -36.11 -12.78 121.31
CA PHE JA 121 -35.97 -11.40 121.73
C PHE JA 121 -35.36 -10.60 120.60
N VAL JA 122 -35.48 -9.28 120.69
CA VAL JA 122 -34.81 -8.37 119.77
C VAL JA 122 -33.55 -7.88 120.46
N SER JA 123 -32.41 -8.41 120.06
CA SER JA 123 -31.14 -8.11 120.72
C SER JA 123 -30.52 -6.86 120.12
N PHE JA 124 -29.99 -6.00 120.98
CA PHE JA 124 -29.30 -4.80 120.58
C PHE JA 124 -27.82 -4.95 120.91
N PHE JA 125 -26.96 -4.73 119.92
CA PHE JA 125 -25.51 -4.83 120.09
C PHE JA 125 -24.93 -3.43 120.03
N ASP JA 126 -24.34 -3.00 121.14
CA ASP JA 126 -23.71 -1.68 121.20
C ASP JA 126 -22.41 -1.68 120.41
N LEU JA 127 -22.17 -0.59 119.68
CA LEU JA 127 -20.96 -0.41 118.91
C LEU JA 127 -20.02 0.50 119.70
N ARG JA 128 -18.96 -0.09 120.24
CA ARG JA 128 -17.99 0.63 121.07
C ARG JA 128 -16.64 0.57 120.35
N ASP JA 129 -16.04 1.74 120.13
CA ASP JA 129 -14.92 1.85 119.22
C ASP JA 129 -13.60 1.95 119.97
N PRO JA 130 -12.84 0.87 120.09
CA PRO JA 130 -11.42 1.00 120.44
C PRO JA 130 -10.61 1.48 119.26
N SER JA 131 -9.34 1.81 119.56
CA SER JA 131 -8.42 2.54 118.66
C SER JA 131 -8.25 1.89 117.29
N GLN JA 132 -7.98 0.59 117.24
CA GLN JA 132 -7.82 -0.11 115.96
C GLN JA 132 -8.77 -1.29 115.78
N ILE JA 133 -9.62 -1.59 116.76
CA ILE JA 133 -10.47 -2.77 116.71
C ILE JA 133 -11.90 -2.37 117.12
N ASP JA 134 -12.80 -2.30 116.15
CA ASP JA 134 -14.22 -2.11 116.48
C ASP JA 134 -14.78 -3.39 117.07
N ASN JA 135 -15.43 -3.27 118.24
CA ASN JA 135 -15.92 -4.42 118.98
C ASN JA 135 -17.41 -4.28 119.22
N ASN JA 136 -18.16 -5.34 118.91
CA ASN JA 136 -19.59 -5.41 119.12
C ASN JA 136 -19.91 -6.43 120.21
N GLU JA 137 -20.83 -6.06 121.10
CA GLU JA 137 -21.27 -6.94 122.18
C GLU JA 137 -22.64 -6.49 122.64
N PRO JA 138 -23.54 -7.42 123.00
CA PRO JA 138 -24.89 -7.01 123.42
C PRO JA 138 -24.90 -6.59 124.88
N TYR JA 139 -25.56 -5.47 125.16
CA TYR JA 139 -25.71 -4.97 126.52
C TYR JA 139 -27.17 -4.80 126.93
N MET JA 140 -28.12 -5.18 126.07
CA MET JA 140 -29.53 -4.96 126.35
C MET JA 140 -30.35 -6.00 125.60
N LYS JA 141 -31.48 -6.38 126.19
CA LYS JA 141 -32.38 -7.37 125.62
C LYS JA 141 -33.82 -6.86 125.71
N ILE JA 142 -34.50 -6.82 124.58
CA ILE JA 142 -35.87 -6.31 124.50
C ILE JA 142 -36.83 -7.46 124.78
N PRO JA 143 -37.80 -7.29 125.68
CA PRO JA 143 -38.78 -8.36 125.91
C PRO JA 143 -39.72 -8.55 124.73
N CYS JA 144 -40.08 -9.80 124.47
CA CYS JA 144 -40.69 -10.16 123.21
C CYS JA 144 -42.18 -9.83 123.19
N ASN JA 145 -42.67 -9.52 122.00
CA ASN JA 145 -44.07 -9.27 121.70
C ASN JA 145 -44.82 -10.60 121.53
N ASP JA 146 -46.11 -10.50 121.22
CA ASP JA 146 -46.93 -11.62 120.75
C ASP JA 146 -46.32 -12.28 119.52
N SER JA 147 -46.67 -13.55 119.31
CA SER JA 147 -45.79 -14.65 118.90
C SER JA 147 -45.10 -14.41 117.55
N LYS JA 148 -44.06 -15.23 117.34
CA LYS JA 148 -42.72 -14.81 116.89
C LYS JA 148 -42.71 -13.83 115.72
N ILE JA 149 -41.97 -12.74 115.92
CA ILE JA 149 -41.76 -11.75 114.88
C ILE JA 149 -40.73 -12.26 113.88
N THR JA 150 -40.92 -11.89 112.62
CA THR JA 150 -39.99 -12.27 111.56
C THR JA 150 -39.00 -11.18 111.18
N SER JA 151 -39.41 -9.91 111.27
CA SER JA 151 -38.54 -8.80 110.93
C SER JA 151 -38.72 -7.68 111.94
N ALA JA 152 -37.71 -6.82 112.04
CA ALA JA 152 -37.74 -5.70 112.96
C ALA JA 152 -36.98 -4.53 112.34
N VAL JA 153 -37.42 -3.31 112.67
CA VAL JA 153 -36.84 -2.09 112.13
C VAL JA 153 -36.90 -1.02 113.22
N TRP JA 154 -36.19 0.08 112.98
CA TRP JA 154 -36.14 1.19 113.90
C TRP JA 154 -37.28 2.17 113.63
N GLY JA 155 -37.86 2.71 114.70
CA GLY JA 155 -38.95 3.66 114.58
C GLY JA 155 -38.46 5.08 114.40
N PRO JA 156 -39.27 6.05 114.86
CA PRO JA 156 -38.88 7.46 114.79
C PRO JA 156 -37.71 7.78 115.70
N LEU JA 157 -36.64 8.31 115.09
CA LEU JA 157 -35.43 8.86 115.72
C LEU JA 157 -34.63 7.82 116.51
N GLY JA 158 -34.82 6.54 116.25
CA GLY JA 158 -34.06 5.49 116.91
C GLY JA 158 -34.50 5.15 118.32
N GLU JA 159 -35.58 5.74 118.81
CA GLU JA 159 -36.06 5.49 120.16
C GLU JA 159 -37.17 4.46 120.21
N CYS JA 160 -37.58 3.91 119.06
CA CYS JA 160 -38.69 2.97 119.02
C CYS JA 160 -38.35 1.82 118.08
N ILE JA 161 -38.93 0.66 118.36
CA ILE JA 161 -38.76 -0.53 117.54
C ILE JA 161 -40.10 -0.86 116.88
N ILE JA 162 -40.07 -1.11 115.57
CA ILE JA 162 -41.24 -1.56 114.82
C ILE JA 162 -40.97 -2.97 114.31
N ALA JA 163 -41.89 -3.88 114.58
CA ALA JA 163 -41.71 -5.29 114.25
C ALA JA 163 -42.89 -5.82 113.44
N GLY JA 164 -42.59 -6.77 112.57
CA GLY JA 164 -43.61 -7.49 111.81
C GLY JA 164 -43.59 -8.96 112.22
N HIS JA 165 -44.77 -9.54 112.36
CA HIS JA 165 -44.91 -10.86 112.97
C HIS JA 165 -45.34 -11.89 111.94
N GLU JA 166 -45.12 -13.17 112.30
CA GLU JA 166 -45.57 -14.28 111.48
C GLU JA 166 -47.10 -14.39 111.47
N SER JA 167 -47.74 -14.01 112.57
CA SER JA 167 -49.20 -13.97 112.62
C SER JA 167 -49.78 -12.82 111.80
N GLY JA 168 -49.00 -11.79 111.53
CA GLY JA 168 -49.45 -10.65 110.76
C GLY JA 168 -49.83 -9.43 111.57
N GLU JA 169 -49.32 -9.29 112.78
CA GLU JA 169 -49.57 -8.11 113.60
C GLU JA 169 -48.36 -7.18 113.57
N LEU JA 170 -48.62 -5.88 113.75
CA LEU JA 170 -47.58 -4.87 113.81
C LEU JA 170 -47.64 -4.19 115.17
N ASN JA 171 -46.56 -4.34 115.94
CA ASN JA 171 -46.47 -3.78 117.28
C ASN JA 171 -45.40 -2.71 117.34
N GLN JA 172 -45.67 -1.66 118.12
CA GLN JA 172 -44.73 -0.56 118.31
C GLN JA 172 -44.36 -0.48 119.78
N TYR JA 173 -43.06 -0.55 120.07
CA TYR JA 173 -42.54 -0.48 121.42
C TYR JA 173 -41.52 0.64 121.53
N SER JA 174 -41.58 1.39 122.64
CA SER JA 174 -40.51 2.31 122.98
C SER JA 174 -39.52 1.52 123.81
N ALA JA 175 -38.53 0.95 123.14
CA ALA JA 175 -37.70 -0.12 123.71
C ALA JA 175 -36.34 0.41 124.13
N LYS JA 176 -36.19 0.68 125.44
CA LYS JA 176 -34.91 0.52 126.09
C LYS JA 176 -34.97 -0.51 127.21
N SER JA 177 -36.17 -0.81 127.72
CA SER JA 177 -36.44 -2.01 128.48
C SER JA 177 -37.61 -2.79 127.91
N GLY JA 178 -38.19 -2.34 126.80
CA GLY JA 178 -39.55 -2.66 126.44
C GLY JA 178 -40.49 -1.59 127.00
N GLU JA 179 -41.79 -1.80 126.85
CA GLU JA 179 -42.45 -2.94 126.20
C GLU JA 179 -43.44 -2.41 125.18
N VAL JA 180 -44.08 -3.33 124.44
CA VAL JA 180 -45.07 -2.97 123.43
C VAL JA 180 -46.28 -2.32 124.09
N LEU JA 181 -46.62 -1.12 123.62
CA LEU JA 181 -47.72 -0.33 124.17
C LEU JA 181 -48.98 -0.37 123.34
N VAL JA 182 -48.86 -0.51 122.01
CA VAL JA 182 -50.01 -0.54 121.12
C VAL JA 182 -49.67 -1.41 119.92
N ASN JA 183 -50.68 -2.11 119.42
CA ASN JA 183 -50.49 -3.00 118.28
C ASN JA 183 -51.78 -3.07 117.48
N VAL JA 184 -51.64 -3.48 116.22
CA VAL JA 184 -52.77 -3.62 115.30
C VAL JA 184 -52.57 -4.87 114.46
N LYS JA 185 -53.68 -5.47 114.05
CA LYS JA 185 -53.68 -6.66 113.21
C LYS JA 185 -54.26 -6.29 111.85
N GLU JA 186 -53.40 -6.16 110.85
CA GLU JA 186 -53.81 -5.77 109.51
C GLU JA 186 -53.44 -6.80 108.45
N HIS JA 187 -52.83 -7.91 108.82
CA HIS JA 187 -52.42 -8.93 107.85
C HIS JA 187 -52.76 -10.30 108.38
N SER JA 188 -52.80 -11.27 107.46
CA SER JA 188 -53.06 -12.67 107.78
C SER JA 188 -51.91 -13.58 107.40
N ARG JA 189 -50.76 -13.02 107.03
CA ARG JA 189 -49.61 -13.79 106.59
C ARG JA 189 -48.37 -13.24 107.28
N GLN JA 190 -47.28 -14.01 107.18
CA GLN JA 190 -45.99 -13.62 107.74
C GLN JA 190 -45.43 -12.38 107.04
N ILE JA 191 -45.06 -11.38 107.83
CA ILE JA 191 -44.48 -10.15 107.30
C ILE JA 191 -43.00 -10.40 107.02
N ASN JA 192 -42.59 -10.19 105.77
CA ASN JA 192 -41.24 -10.54 105.35
C ASN JA 192 -40.24 -9.42 105.57
N ASP JA 193 -40.65 -8.16 105.40
CA ASP JA 193 -39.73 -7.04 105.52
C ASP JA 193 -40.48 -5.79 105.95
N ILE JA 194 -39.79 -4.93 106.69
CA ILE JA 194 -40.33 -3.65 107.12
C ILE JA 194 -39.21 -2.62 107.06
N GLN JA 195 -39.40 -1.57 106.27
CA GLN JA 195 -38.40 -0.53 106.08
C GLN JA 195 -38.97 0.82 106.50
N LEU JA 196 -38.11 1.65 107.09
CA LEU JA 196 -38.50 2.98 107.53
C LEU JA 196 -38.21 4.02 106.44
N SER JA 197 -39.00 5.09 106.45
CA SER JA 197 -38.81 6.17 105.50
C SER JA 197 -37.66 7.08 105.94
N ARG JA 198 -37.32 8.04 105.08
CA ARG JA 198 -36.23 8.96 105.35
C ARG JA 198 -36.66 10.16 106.17
N ASP JA 199 -37.95 10.34 106.41
CA ASP JA 199 -38.46 11.40 107.27
C ASP JA 199 -38.79 10.91 108.67
N MET JA 200 -38.69 9.59 108.91
CA MET JA 200 -38.89 8.90 110.19
C MET JA 200 -40.30 9.10 110.75
N THR JA 201 -41.29 9.25 109.87
CA THR JA 201 -42.68 9.36 110.27
C THR JA 201 -43.58 8.28 109.70
N MET JA 202 -43.09 7.48 108.75
CA MET JA 202 -43.88 6.44 108.13
C MET JA 202 -43.00 5.24 107.84
N PHE JA 203 -43.64 4.09 107.63
CA PHE JA 203 -42.93 2.86 107.31
C PHE JA 203 -43.65 2.14 106.18
N VAL JA 204 -42.95 1.18 105.58
CA VAL JA 204 -43.50 0.36 104.50
C VAL JA 204 -43.48 -1.09 104.96
N THR JA 205 -44.53 -1.83 104.62
CA THR JA 205 -44.70 -3.21 105.04
C THR JA 205 -44.77 -4.13 103.83
N ALA JA 206 -44.20 -5.32 103.98
CA ALA JA 206 -44.26 -6.36 102.95
C ALA JA 206 -44.74 -7.66 103.59
N SER JA 207 -45.63 -8.36 102.89
CA SER JA 207 -46.20 -9.59 103.43
C SER JA 207 -46.52 -10.52 102.27
N LYS JA 208 -46.73 -11.79 102.61
CA LYS JA 208 -47.00 -12.84 101.63
C LYS JA 208 -48.49 -13.01 101.33
N ASP JA 209 -49.32 -12.06 101.74
CA ASP JA 209 -50.73 -12.03 101.39
C ASP JA 209 -51.03 -11.14 100.20
N ASN JA 210 -49.98 -10.77 99.43
CA ASN JA 210 -50.01 -9.96 98.21
C ASN JA 210 -50.53 -8.55 98.43
N THR JA 211 -50.44 -8.03 99.66
CA THR JA 211 -50.84 -6.67 99.97
C THR JA 211 -49.66 -5.91 100.54
N ALA JA 212 -49.53 -4.64 100.15
CA ALA JA 212 -48.54 -3.73 100.71
C ALA JA 212 -49.25 -2.51 101.28
N LYS JA 213 -48.71 -1.98 102.37
CA LYS JA 213 -49.35 -0.88 103.05
C LYS JA 213 -48.31 0.09 103.61
N LEU JA 214 -48.64 1.38 103.55
CA LEU JA 214 -47.87 2.41 104.24
C LEU JA 214 -48.52 2.67 105.60
N PHE JA 215 -47.73 2.56 106.65
CA PHE JA 215 -48.24 2.60 108.02
C PHE JA 215 -47.54 3.70 108.80
N ASP JA 216 -48.32 4.38 109.64
CA ASP JA 216 -47.76 5.40 110.52
C ASP JA 216 -47.00 4.75 111.68
N SER JA 217 -45.83 5.29 111.98
CA SER JA 217 -44.98 4.72 113.02
C SER JA 217 -45.52 4.96 114.43
N THR JA 218 -46.22 6.08 114.64
CA THR JA 218 -46.73 6.43 115.95
C THR JA 218 -48.23 6.25 116.11
N THR JA 219 -48.95 5.91 115.03
CA THR JA 219 -50.38 5.70 115.10
C THR JA 219 -50.82 4.28 114.80
N LEU JA 220 -49.98 3.48 114.10
CA LEU JA 220 -50.22 2.08 113.70
C LEU JA 220 -51.49 1.93 112.87
N GLU JA 221 -51.73 2.89 111.98
CA GLU JA 221 -52.88 2.87 111.09
C GLU JA 221 -52.41 2.87 109.65
N HIS JA 222 -53.19 2.23 108.77
CA HIS JA 222 -52.86 2.15 107.35
C HIS JA 222 -53.22 3.47 106.69
N GLN JA 223 -52.20 4.21 106.24
CA GLN JA 223 -52.44 5.46 105.54
C GLN JA 223 -52.77 5.21 104.07
N LYS JA 224 -52.12 4.23 103.45
CA LYS JA 224 -52.36 3.89 102.06
C LYS JA 224 -52.14 2.40 101.87
N THR JA 225 -52.77 1.83 100.85
CA THR JA 225 -52.70 0.40 100.57
C THR JA 225 -52.32 0.19 99.11
N PHE JA 226 -51.33 -0.67 98.88
CA PHE JA 226 -50.89 -1.05 97.55
C PHE JA 226 -51.26 -2.50 97.31
N ARG JA 227 -52.02 -2.75 96.25
CA ARG JA 227 -52.52 -4.08 95.94
C ARG JA 227 -51.79 -4.63 94.72
N THR JA 228 -51.16 -5.79 94.88
CA THR JA 228 -50.45 -6.47 93.81
C THR JA 228 -51.05 -7.85 93.60
N GLU JA 229 -51.02 -8.32 92.35
CA GLU JA 229 -51.52 -9.65 92.04
C GLU JA 229 -50.58 -10.74 92.57
N ARG JA 230 -49.29 -10.60 92.29
CA ARG JA 230 -48.31 -11.52 92.85
C ARG JA 230 -48.02 -11.16 94.30
N PRO JA 231 -47.54 -12.11 95.10
CA PRO JA 231 -47.15 -11.80 96.47
C PRO JA 231 -45.88 -10.97 96.52
N VAL JA 232 -45.65 -10.34 97.68
CA VAL JA 232 -44.54 -9.42 97.87
C VAL JA 232 -43.55 -10.04 98.84
N ASN JA 233 -42.26 -9.98 98.48
CA ASN JA 233 -41.21 -10.48 99.35
C ASN JA 233 -40.43 -9.39 100.06
N SER JA 234 -40.45 -8.17 99.55
CA SER JA 234 -39.70 -7.06 100.15
C SER JA 234 -40.34 -5.75 99.75
N ALA JA 235 -40.10 -4.72 100.56
CA ALA JA 235 -40.58 -3.38 100.28
C ALA JA 235 -39.58 -2.38 100.82
N ALA JA 236 -39.45 -1.25 100.12
CA ALA JA 236 -38.50 -0.21 100.50
C ALA JA 236 -39.03 1.13 100.03
N LEU JA 237 -38.57 2.19 100.70
CA LEU JA 237 -38.94 3.55 100.34
C LEU JA 237 -37.92 4.11 99.35
N SER JA 238 -38.42 4.80 98.33
CA SER JA 238 -37.56 5.36 97.29
C SER JA 238 -37.31 6.84 97.58
N PRO JA 239 -36.07 7.25 97.77
CA PRO JA 239 -35.79 8.66 98.09
C PRO JA 239 -35.88 9.55 96.85
N ASN JA 240 -35.82 10.86 97.11
CA ASN JA 240 -35.80 11.97 96.16
C ASN JA 240 -37.07 12.08 95.30
N TYR JA 241 -38.16 11.42 95.70
CA TYR JA 241 -39.43 11.46 94.99
C TYR JA 241 -40.51 10.97 95.94
N ASP JA 242 -41.76 11.29 95.60
CA ASP JA 242 -42.92 10.78 96.33
C ASP JA 242 -43.38 9.45 95.70
N HIS JA 243 -42.53 8.44 95.85
CA HIS JA 243 -42.79 7.14 95.25
C HIS JA 243 -42.28 6.04 96.18
N VAL JA 244 -42.86 4.85 96.00
CA VAL JA 244 -42.46 3.66 96.75
C VAL JA 244 -41.94 2.63 95.77
N VAL JA 245 -41.04 1.77 96.26
CA VAL JA 245 -40.44 0.71 95.46
C VAL JA 245 -40.91 -0.63 96.02
N LEU JA 246 -41.39 -1.50 95.13
CA LEU JA 246 -41.96 -2.78 95.53
C LEU JA 246 -41.33 -3.91 94.75
N GLY JA 247 -41.26 -5.08 95.40
CA GLY JA 247 -40.76 -6.28 94.76
C GLY JA 247 -41.53 -7.49 95.28
N GLY JA 248 -41.31 -8.63 94.62
CA GLY JA 248 -42.04 -9.82 95.02
C GLY JA 248 -41.69 -11.11 94.31
N GLY JA 249 -42.64 -12.03 94.22
CA GLY JA 249 -42.32 -13.40 93.91
C GLY JA 249 -42.85 -13.94 92.60
N GLN JA 250 -42.99 -15.27 92.54
CA GLN JA 250 -43.33 -15.96 91.30
C GLN JA 250 -44.78 -15.71 90.89
N GLU JA 251 -44.98 -15.47 89.61
CA GLU JA 251 -46.31 -15.26 89.05
C GLU JA 251 -46.65 -16.34 88.04
N GLY JA 263 -37.38 -13.68 81.28
CA GLY JA 263 -37.46 -12.38 81.93
C GLY JA 263 -38.85 -11.82 82.00
N LYS JA 264 -39.68 -12.37 82.90
CA LYS JA 264 -41.05 -11.94 83.07
C LYS JA 264 -41.34 -11.49 84.50
N PHE JA 265 -40.31 -11.23 85.29
CA PHE JA 265 -40.45 -10.73 86.64
C PHE JA 265 -39.96 -9.28 86.70
N GLU JA 266 -40.83 -8.38 87.16
CA GLU JA 266 -40.52 -6.96 87.19
C GLU JA 266 -40.81 -6.38 88.57
N ALA JA 267 -40.10 -5.32 88.90
CA ALA JA 267 -40.36 -4.57 90.12
C ALA JA 267 -41.32 -3.43 89.84
N ARG JA 268 -42.20 -3.15 90.79
CA ARG JA 268 -43.27 -2.19 90.62
C ARG JA 268 -42.98 -0.94 91.43
N PHE JA 269 -43.08 0.22 90.77
CA PHE JA 269 -42.93 1.52 91.42
C PHE JA 269 -44.32 2.13 91.59
N PHE JA 270 -44.70 2.43 92.82
CA PHE JA 270 -46.02 2.93 93.15
C PHE JA 270 -45.92 4.33 93.77
N HIS JA 271 -46.89 5.18 93.45
CA HIS JA 271 -46.97 6.50 94.05
C HIS JA 271 -47.41 6.38 95.50
N LEU JA 272 -46.72 7.11 96.39
CA LEU JA 272 -47.01 7.04 97.82
C LEU JA 272 -48.32 7.76 98.15
N ALA JA 273 -48.55 8.93 97.56
CA ALA JA 273 -49.73 9.73 97.89
C ALA JA 273 -50.89 9.52 96.91
N PHE JA 274 -50.67 8.82 95.80
CA PHE JA 274 -51.71 8.61 94.80
C PHE JA 274 -52.10 7.15 94.60
N GLU JA 275 -51.29 6.20 95.09
CA GLU JA 275 -51.51 4.74 95.04
C GLU JA 275 -51.63 4.21 93.61
N GLU JA 276 -50.98 4.87 92.66
CA GLU JA 276 -51.00 4.46 91.26
C GLU JA 276 -49.63 3.93 90.86
N GLU JA 277 -49.62 2.86 90.07
CA GLU JA 277 -48.38 2.31 89.55
C GLU JA 277 -47.80 3.22 88.49
N PHE JA 278 -46.49 3.50 88.59
CA PHE JA 278 -45.84 4.42 87.68
C PHE JA 278 -44.86 3.75 86.73
N GLY JA 279 -44.51 2.48 86.95
CA GLY JA 279 -43.61 1.80 86.05
C GLY JA 279 -43.25 0.39 86.48
N ARG JA 280 -42.91 -0.45 85.51
CA ARG JA 280 -42.45 -1.82 85.75
C ARG JA 280 -41.09 -1.98 85.09
N VAL JA 281 -40.10 -2.41 85.86
CA VAL JA 281 -38.74 -2.55 85.38
C VAL JA 281 -38.46 -4.04 85.22
N LYS JA 282 -38.54 -4.53 83.99
CA LYS JA 282 -38.30 -5.92 83.68
C LYS JA 282 -36.79 -6.18 83.55
N GLY JA 283 -36.43 -7.44 83.35
CA GLY JA 283 -35.04 -7.84 83.20
C GLY JA 283 -34.59 -8.89 84.19
N HIS JA 284 -35.38 -9.23 85.20
CA HIS JA 284 -35.02 -10.27 86.16
C HIS JA 284 -35.59 -11.61 85.71
N PHE JA 285 -34.84 -12.68 86.00
CA PHE JA 285 -35.24 -14.02 85.64
C PHE JA 285 -35.79 -14.83 86.81
N GLY JA 286 -35.77 -14.27 88.02
CA GLY JA 286 -36.25 -14.95 89.19
C GLY JA 286 -37.12 -14.07 90.05
N PRO JA 287 -37.67 -14.64 91.12
CA PRO JA 287 -38.43 -13.85 92.09
C PRO JA 287 -37.54 -12.86 92.84
N ILE JA 288 -38.02 -11.64 93.00
CA ILE JA 288 -37.26 -10.59 93.68
C ILE JA 288 -37.34 -10.83 95.18
N ASN JA 289 -36.18 -11.02 95.80
CA ASN JA 289 -36.13 -11.31 97.24
C ASN JA 289 -35.69 -10.13 98.08
N SER JA 290 -35.00 -9.16 97.50
CA SER JA 290 -34.53 -8.00 98.25
C SER JA 290 -34.45 -6.79 97.32
N VAL JA 291 -34.88 -5.64 97.83
CA VAL JA 291 -34.81 -4.38 97.11
C VAL JA 291 -34.15 -3.35 97.99
N ALA JA 292 -33.30 -2.52 97.40
CA ALA JA 292 -32.57 -1.50 98.14
C ALA JA 292 -32.58 -0.19 97.37
N PHE JA 293 -32.57 0.91 98.11
CA PHE JA 293 -32.60 2.25 97.53
C PHE JA 293 -31.35 3.01 97.96
N HIS JA 294 -30.83 3.84 97.05
CA HIS JA 294 -29.71 4.69 97.35
C HIS JA 294 -30.11 5.80 98.32
N PRO JA 295 -29.18 6.32 99.12
CA PRO JA 295 -29.51 7.38 100.07
C PRO JA 295 -29.77 8.73 99.41
N ASP JA 296 -29.28 8.96 98.19
CA ASP JA 296 -29.54 10.19 97.47
C ASP JA 296 -30.69 10.05 96.47
N GLY JA 297 -31.28 8.87 96.35
CA GLY JA 297 -32.38 8.64 95.43
C GLY JA 297 -32.00 8.69 93.97
N LYS JA 298 -30.75 8.41 93.62
CA LYS JA 298 -30.29 8.44 92.24
C LYS JA 298 -30.19 7.06 91.60
N SER JA 299 -30.37 5.99 92.37
CA SER JA 299 -30.20 4.64 91.85
C SER JA 299 -31.00 3.68 92.72
N TYR JA 300 -31.34 2.53 92.13
CA TYR JA 300 -32.04 1.47 92.83
C TYR JA 300 -31.36 0.13 92.56
N SER JA 301 -31.60 -0.82 93.45
CA SER JA 301 -31.01 -2.14 93.34
C SER JA 301 -32.05 -3.20 93.70
N SER JA 302 -32.10 -4.27 92.92
CA SER JA 302 -33.02 -5.37 93.15
C SER JA 302 -32.27 -6.68 92.96
N GLY JA 303 -32.48 -7.62 93.89
CA GLY JA 303 -31.88 -8.94 93.82
C GLY JA 303 -32.94 -10.00 93.55
N GLY JA 304 -32.67 -10.85 92.55
CA GLY JA 304 -33.60 -11.86 92.13
C GLY JA 304 -33.20 -13.26 92.60
N GLU JA 305 -34.13 -14.19 92.38
CA GLU JA 305 -33.89 -15.60 92.71
C GLU JA 305 -33.06 -16.33 91.67
N ASP JA 306 -32.81 -15.72 90.52
CA ASP JA 306 -31.96 -16.34 89.50
C ASP JA 306 -30.49 -16.35 89.94
N GLY JA 307 -30.07 -15.38 90.74
CA GLY JA 307 -28.71 -15.34 91.23
C GLY JA 307 -27.94 -14.11 90.80
N TYR JA 308 -28.63 -13.15 90.19
CA TYR JA 308 -28.04 -11.91 89.75
C TYR JA 308 -28.61 -10.74 90.55
N VAL JA 309 -27.91 -9.60 90.48
CA VAL JA 309 -28.34 -8.36 91.10
C VAL JA 309 -28.38 -7.28 90.04
N ARG JA 310 -29.52 -6.61 89.91
CA ARG JA 310 -29.72 -5.59 88.90
C ARG JA 310 -29.53 -4.20 89.50
N ILE JA 311 -28.72 -3.39 88.84
CA ILE JA 311 -28.50 -2.00 89.23
C ILE JA 311 -29.15 -1.12 88.17
N HIS JA 312 -29.89 -0.10 88.61
CA HIS JA 312 -30.63 0.79 87.73
C HIS JA 312 -30.09 2.20 87.88
N TYR JA 313 -29.67 2.80 86.76
CA TYR JA 313 -29.21 4.17 86.72
C TYR JA 313 -30.35 5.06 86.23
N PHE JA 314 -30.74 6.03 87.04
CA PHE JA 314 -31.85 6.90 86.70
C PHE JA 314 -31.39 8.00 85.75
N ASP JA 315 -32.34 8.51 84.98
CA ASP JA 315 -32.11 9.60 84.02
C ASP JA 315 -32.84 10.85 84.44
N PRO JA 316 -32.41 12.03 83.95
CA PRO JA 316 -33.05 13.30 84.28
C PRO JA 316 -34.36 13.51 83.54
N ALA KA 1 -107.21 -75.93 93.43
CA ALA KA 1 -107.19 -75.90 91.98
C ALA KA 1 -107.03 -74.48 91.46
N ASP KA 2 -107.14 -73.51 92.37
CA ASP KA 2 -106.98 -72.10 92.02
C ASP KA 2 -105.50 -71.76 91.86
N GLY KA 3 -105.24 -70.54 91.40
CA GLY KA 3 -103.89 -70.07 91.21
C GLY KA 3 -103.37 -70.43 89.83
N ILE KA 4 -102.18 -71.02 89.78
CA ILE KA 4 -101.55 -71.38 88.50
C ILE KA 4 -102.30 -72.53 87.84
N ASP KA 5 -102.39 -73.68 88.54
CA ASP KA 5 -102.90 -74.96 88.03
C ASP KA 5 -102.27 -75.38 86.70
N SER KA 6 -100.95 -75.20 86.60
CA SER KA 6 -100.23 -75.36 85.35
C SER KA 6 -99.29 -76.57 85.35
N VAL KA 7 -99.62 -77.60 86.13
CA VAL KA 7 -98.83 -78.82 86.14
C VAL KA 7 -99.06 -79.59 84.84
N ILE KA 8 -97.97 -80.01 84.22
CA ILE KA 8 -98.00 -80.66 82.91
C ILE KA 8 -97.40 -82.05 83.03
N VAL KA 9 -97.52 -82.82 81.96
CA VAL KA 9 -97.00 -84.19 81.88
C VAL KA 9 -96.30 -84.34 80.54
N VAL KA 10 -94.97 -84.48 80.58
CA VAL KA 10 -94.15 -84.65 79.39
C VAL KA 10 -93.64 -86.07 79.38
N ASP KA 11 -94.16 -86.88 78.45
CA ASP KA 11 -93.81 -88.29 78.37
C ASP KA 11 -92.44 -88.49 77.72
N ASN KA 12 -91.99 -89.76 77.76
CA ASN KA 12 -90.73 -90.24 77.18
C ASN KA 12 -89.51 -89.52 77.75
N VAL KA 13 -89.55 -89.24 79.06
CA VAL KA 13 -88.41 -88.66 79.75
C VAL KA 13 -87.41 -89.78 80.07
N PRO KA 14 -86.12 -89.56 79.84
CA PRO KA 14 -85.16 -90.64 80.07
C PRO KA 14 -84.71 -90.71 81.53
N GLN KA 15 -84.45 -91.94 81.96
CA GLN KA 15 -83.99 -92.19 83.33
C GLN KA 15 -82.48 -92.00 83.41
N VAL KA 16 -82.04 -91.14 84.33
CA VAL KA 16 -80.63 -90.85 84.52
C VAL KA 16 -80.36 -90.68 86.01
N GLY KA 17 -79.08 -90.61 86.36
CA GLY KA 17 -78.67 -90.47 87.73
C GLY KA 17 -78.75 -89.04 88.22
N PRO KA 18 -78.45 -88.85 89.50
CA PRO KA 18 -78.47 -87.48 90.06
C PRO KA 18 -77.26 -86.64 89.69
N ASP KA 19 -76.14 -87.26 89.35
CA ASP KA 19 -74.94 -86.49 88.99
C ASP KA 19 -74.98 -86.01 87.55
N ARG KA 20 -75.64 -86.75 86.67
CA ARG KA 20 -75.84 -86.34 85.28
C ARG KA 20 -77.21 -85.70 85.07
N LEU KA 21 -77.92 -85.37 86.15
CA LEU KA 21 -79.23 -84.73 86.02
C LEU KA 21 -79.12 -83.29 85.57
N GLU KA 22 -78.01 -82.62 85.89
CA GLU KA 22 -77.83 -81.22 85.49
C GLU KA 22 -77.59 -81.08 84.00
N LYS KA 23 -76.84 -82.01 83.41
CA LYS KA 23 -76.59 -81.97 81.97
C LYS KA 23 -77.84 -82.39 81.19
N LEU KA 24 -78.61 -83.34 81.72
CA LEU KA 24 -79.81 -83.81 81.03
C LEU KA 24 -80.93 -82.77 81.08
N LYS KA 25 -81.04 -82.04 82.20
CA LYS KA 25 -82.06 -81.00 82.29
C LYS KA 25 -81.71 -79.78 81.44
N ASN KA 26 -80.41 -79.54 81.21
CA ASN KA 26 -79.99 -78.42 80.36
C ASN KA 26 -80.30 -78.72 78.90
N VAL KA 27 -80.19 -79.98 78.48
CA VAL KA 27 -80.60 -80.36 77.13
C VAL KA 27 -82.12 -80.34 77.00
N ILE KA 28 -82.83 -80.65 78.08
CA ILE KA 28 -84.29 -80.57 78.07
C ILE KA 28 -84.75 -79.13 78.09
N HIS KA 29 -83.99 -78.23 78.73
CA HIS KA 29 -84.34 -76.82 78.73
C HIS KA 29 -84.04 -76.17 77.38
N LYS KA 30 -82.98 -76.62 76.71
CA LYS KA 30 -82.64 -76.09 75.39
C LYS KA 30 -83.62 -76.56 74.32
N ILE KA 31 -84.22 -77.73 74.51
CA ILE KA 31 -85.27 -78.20 73.60
C ILE KA 31 -86.54 -77.40 73.82
N PHE KA 32 -86.88 -77.12 75.08
CA PHE KA 32 -88.05 -76.33 75.42
C PHE KA 32 -87.87 -74.83 75.18
N SER KA 33 -86.66 -74.37 74.86
CA SER KA 33 -86.39 -72.95 74.65
C SER KA 33 -86.77 -72.45 73.25
N LYS KA 34 -87.37 -73.30 72.42
CA LYS KA 34 -87.84 -72.83 71.11
C LYS KA 34 -89.10 -71.98 71.24
N PHE KA 35 -90.02 -72.38 72.13
CA PHE KA 35 -91.25 -71.64 72.35
C PHE KA 35 -91.43 -71.15 73.77
N GLY KA 36 -90.58 -71.53 74.72
CA GLY KA 36 -90.80 -71.18 76.10
C GLY KA 36 -89.58 -71.02 76.98
N LYS KA 37 -89.82 -70.83 78.27
CA LYS KA 37 -88.77 -70.69 79.28
C LYS KA 37 -89.14 -71.53 80.49
N ILE KA 38 -88.13 -71.84 81.30
CA ILE KA 38 -88.29 -72.71 82.46
C ILE KA 38 -88.23 -71.85 83.72
N THR KA 39 -89.33 -71.81 84.46
CA THR KA 39 -89.39 -71.15 85.76
C THR KA 39 -89.60 -72.11 86.92
N ASN KA 40 -90.15 -73.29 86.67
CA ASN KA 40 -90.31 -74.31 87.70
C ASN KA 40 -90.14 -75.67 87.05
N ASP KA 41 -89.17 -76.44 87.52
CA ASP KA 41 -88.87 -77.75 86.96
C ASP KA 41 -88.75 -78.77 88.09
N PHE KA 42 -89.44 -79.90 87.92
CA PHE KA 42 -89.38 -80.99 88.89
C PHE KA 42 -89.32 -82.32 88.15
N TYR KA 43 -88.63 -83.28 88.75
CA TYR KA 43 -88.52 -84.62 88.20
C TYR KA 43 -88.72 -85.64 89.31
N PRO KA 44 -89.47 -86.71 89.05
CA PRO KA 44 -89.66 -87.74 90.07
C PRO KA 44 -88.43 -88.63 90.19
N GLU KA 45 -88.24 -89.19 91.39
CA GLU KA 45 -87.10 -90.04 91.69
C GLU KA 45 -87.61 -91.42 92.12
N GLU KA 46 -87.11 -92.46 91.45
CA GLU KA 46 -87.41 -93.85 91.80
C GLU KA 46 -86.09 -94.56 92.08
N ASP KA 47 -85.83 -94.77 93.39
CA ASP KA 47 -84.62 -95.43 93.92
C ASP KA 47 -83.33 -94.75 93.49
N GLY KA 48 -83.36 -93.41 93.37
CA GLY KA 48 -82.23 -92.63 92.93
C GLY KA 48 -82.23 -92.32 91.44
N LYS KA 49 -82.84 -93.18 90.63
CA LYS KA 49 -83.01 -92.94 89.21
C LYS KA 49 -84.33 -92.21 88.95
N THR KA 50 -84.43 -91.63 87.75
CA THR KA 50 -85.65 -90.93 87.37
C THR KA 50 -86.76 -91.92 87.05
N LYS KA 51 -87.99 -91.51 87.33
CA LYS KA 51 -89.15 -92.38 87.09
C LYS KA 51 -89.53 -92.44 85.62
N GLY KA 52 -89.21 -91.40 84.85
CA GLY KA 52 -89.59 -91.32 83.46
C GLY KA 52 -90.65 -90.28 83.13
N TYR KA 53 -90.88 -89.31 84.02
CA TYR KA 53 -91.87 -88.26 83.76
C TYR KA 53 -91.41 -86.99 84.45
N ILE KA 54 -91.47 -85.87 83.73
CA ILE KA 54 -91.08 -84.56 84.24
C ILE KA 54 -92.13 -83.54 83.83
N PHE KA 55 -92.05 -82.37 84.45
CA PHE KA 55 -93.03 -81.31 84.23
C PHE KA 55 -92.34 -79.98 84.00
N LEU KA 56 -92.97 -79.14 83.18
CA LEU KA 56 -92.51 -77.77 82.95
C LEU KA 56 -93.69 -76.85 83.23
N GLU KA 57 -93.59 -76.07 84.31
CA GLU KA 57 -94.68 -75.20 84.74
C GLU KA 57 -94.43 -73.78 84.25
N TYR KA 58 -95.43 -73.21 83.59
CA TYR KA 58 -95.35 -71.85 83.07
C TYR KA 58 -96.12 -70.84 83.92
N ALA KA 59 -97.24 -71.29 84.53
CA ALA KA 59 -98.30 -70.52 85.21
C ALA KA 59 -99.04 -69.57 84.26
N SER KA 60 -99.26 -69.99 83.02
CA SER KA 60 -100.35 -69.52 82.17
C SER KA 60 -100.65 -70.59 81.14
N PRO KA 61 -101.83 -70.53 80.51
CA PRO KA 61 -102.24 -71.59 79.56
C PRO KA 61 -101.61 -71.50 78.17
N ALA KA 62 -101.23 -70.30 77.74
CA ALA KA 62 -101.18 -69.97 76.31
C ALA KA 62 -100.01 -70.64 75.58
N HIS KA 63 -98.79 -70.38 76.02
CA HIS KA 63 -97.65 -70.99 75.34
C HIS KA 63 -97.34 -72.39 75.84
N ALA KA 64 -97.91 -72.81 76.97
CA ALA KA 64 -97.77 -74.19 77.42
C ALA KA 64 -98.54 -75.16 76.54
N VAL KA 65 -99.60 -74.70 75.86
CA VAL KA 65 -100.28 -75.51 74.87
C VAL KA 65 -99.56 -75.47 73.53
N ASP KA 66 -98.97 -74.32 73.20
CA ASP KA 66 -98.27 -74.15 71.93
C ASP KA 66 -96.94 -74.90 71.91
N ALA KA 67 -96.25 -74.96 73.04
CA ALA KA 67 -95.03 -75.77 73.13
C ALA KA 67 -95.34 -77.26 73.19
N VAL KA 68 -96.52 -77.63 73.68
CA VAL KA 68 -96.96 -79.03 73.64
C VAL KA 68 -97.21 -79.47 72.21
N LYS KA 69 -97.79 -78.59 71.39
CA LYS KA 69 -98.07 -78.90 69.99
C LYS KA 69 -96.84 -78.77 69.09
N ASN KA 70 -95.72 -78.26 69.61
CA ASN KA 70 -94.49 -78.12 68.82
C ASN KA 70 -93.42 -79.11 69.25
N ALA KA 71 -93.68 -79.95 70.26
CA ALA KA 71 -92.71 -80.93 70.73
C ALA KA 71 -93.19 -82.36 70.57
N ASP KA 72 -94.44 -82.59 70.20
CA ASP KA 72 -94.98 -83.93 70.07
C ASP KA 72 -94.79 -84.45 68.65
N GLY KA 73 -94.78 -85.77 68.51
CA GLY KA 73 -94.60 -86.43 67.24
C GLY KA 73 -93.17 -86.67 66.84
N TYR KA 74 -92.19 -86.22 67.63
CA TYR KA 74 -90.79 -86.40 67.32
C TYR KA 74 -90.20 -87.52 68.18
N LYS KA 75 -89.47 -88.42 67.54
CA LYS KA 75 -88.85 -89.56 68.23
C LYS KA 75 -87.52 -89.10 68.81
N LEU KA 76 -87.38 -89.17 70.14
CA LEU KA 76 -86.39 -88.35 70.83
C LEU KA 76 -84.95 -88.84 70.67
N ASP KA 77 -84.63 -90.08 71.09
CA ASP KA 77 -83.20 -90.35 71.11
C ASP KA 77 -82.68 -91.00 69.83
N LYS KA 78 -83.30 -92.08 69.35
CA LYS KA 78 -83.74 -92.25 67.98
C LYS KA 78 -85.23 -92.53 67.85
N GLN KA 79 -85.86 -93.10 68.90
CA GLN KA 79 -87.08 -93.88 68.73
C GLN KA 79 -88.30 -93.43 69.52
N HIS KA 80 -88.16 -92.61 70.56
CA HIS KA 80 -89.18 -92.47 71.58
C HIS KA 80 -89.93 -91.16 71.40
N THR KA 81 -91.25 -91.25 71.24
CA THR KA 81 -92.07 -90.07 70.96
C THR KA 81 -92.49 -89.41 72.26
N PHE KA 82 -92.06 -88.18 72.47
CA PHE KA 82 -92.47 -87.41 73.63
C PHE KA 82 -93.84 -86.80 73.42
N ARG KA 83 -94.63 -86.75 74.49
CA ARG KA 83 -95.99 -86.23 74.43
C ARG KA 83 -96.20 -85.30 75.62
N VAL KA 84 -96.43 -84.02 75.34
CA VAL KA 84 -96.66 -83.00 76.37
C VAL KA 84 -98.14 -82.63 76.36
N ASN KA 85 -98.70 -82.50 77.56
CA ASN KA 85 -100.10 -82.13 77.71
C ASN KA 85 -100.28 -81.37 79.01
N LEU KA 86 -101.02 -80.27 78.95
CA LEU KA 86 -101.27 -79.46 80.13
C LEU KA 86 -102.74 -79.05 80.24
N ASP KA 110 -84.11 -29.15 82.10
CA ASP KA 110 -84.73 -29.72 80.92
C ASP KA 110 -84.58 -28.82 79.70
N LEU KA 111 -85.61 -28.82 78.84
CA LEU KA 111 -85.62 -27.99 77.64
C LEU KA 111 -85.73 -26.51 77.96
N GLY KA 112 -86.30 -26.17 79.12
CA GLY KA 112 -86.20 -24.81 79.63
C GLY KA 112 -84.82 -24.45 80.14
N ASN KA 113 -84.08 -25.43 80.64
CA ASN KA 113 -82.77 -25.18 81.25
C ASN KA 113 -81.58 -25.36 80.30
N LEU KA 114 -81.55 -26.43 79.50
CA LEU KA 114 -80.24 -27.02 79.15
C LEU KA 114 -79.52 -26.33 77.98
N ARG KA 115 -80.16 -26.21 76.83
CA ARG KA 115 -79.43 -25.98 75.58
C ARG KA 115 -79.13 -24.49 75.39
N TYR KA 116 -78.14 -24.02 76.15
CA TYR KA 116 -77.89 -22.61 76.37
C TYR KA 116 -77.07 -21.93 75.29
N TRP KA 117 -76.19 -22.66 74.59
CA TRP KA 117 -75.01 -22.09 73.96
C TRP KA 117 -75.24 -21.49 72.55
N LEU KA 118 -76.45 -21.53 72.00
CA LEU KA 118 -76.69 -20.87 70.72
C LEU KA 118 -77.08 -19.40 70.91
N GLU KA 119 -78.05 -19.13 71.78
CA GLU KA 119 -78.71 -17.85 71.91
C GLU KA 119 -78.26 -17.07 73.13
N GLU KA 120 -77.16 -17.49 73.76
CA GLU KA 120 -76.56 -16.76 74.87
C GLU KA 120 -75.92 -15.47 74.40
N ALA KA 121 -75.50 -14.65 75.36
CA ALA KA 121 -75.15 -13.26 75.04
C ALA KA 121 -73.79 -13.14 74.37
N GLU KA 122 -72.80 -13.94 74.79
CA GLU KA 122 -71.44 -13.67 74.37
C GLU KA 122 -71.12 -14.26 72.99
N CYS KA 123 -71.49 -15.54 72.78
CA CYS KA 123 -71.05 -16.39 71.67
C CYS KA 123 -69.52 -16.45 71.55
N ARG KA 124 -68.89 -16.84 72.66
CA ARG KA 124 -67.50 -17.28 72.68
C ARG KA 124 -67.45 -18.76 73.04
N ASP KA 125 -66.54 -19.47 72.38
CA ASP KA 125 -66.53 -20.93 72.40
C ASP KA 125 -65.94 -21.45 73.71
N GLN KA 126 -66.72 -22.23 74.44
CA GLN KA 126 -66.26 -22.78 75.71
C GLN KA 126 -65.26 -23.91 75.48
N TYR KA 127 -64.65 -24.37 76.56
CA TYR KA 127 -63.62 -25.40 76.48
C TYR KA 127 -63.89 -26.47 77.52
N SER KA 128 -63.05 -27.50 77.52
CA SER KA 128 -63.11 -28.57 78.51
C SER KA 128 -61.87 -28.49 79.40
N VAL KA 129 -62.09 -28.53 80.71
CA VAL KA 129 -61.02 -28.39 81.69
C VAL KA 129 -60.91 -29.68 82.49
N ILE KA 130 -59.69 -30.20 82.61
CA ILE KA 130 -59.34 -31.18 83.64
C ILE KA 130 -57.91 -30.90 84.05
N PHE KA 131 -57.68 -30.71 85.35
CA PHE KA 131 -56.33 -30.62 85.91
C PHE KA 131 -56.24 -31.43 87.19
N GLU KA 132 -55.08 -32.06 87.40
CA GLU KA 132 -54.68 -32.80 88.60
C GLU KA 132 -55.57 -34.00 88.93
N SER KA 133 -56.26 -34.54 87.90
CA SER KA 133 -56.96 -35.83 87.91
C SER KA 133 -58.04 -35.93 89.00
N GLY KA 134 -58.92 -34.93 89.02
CA GLY KA 134 -60.01 -34.89 89.97
C GLY KA 134 -59.95 -33.72 90.92
N ASP KA 135 -58.82 -33.02 91.00
CA ASP KA 135 -58.80 -31.79 91.79
C ASP KA 135 -59.45 -30.64 91.05
N ARG KA 136 -59.54 -30.73 89.72
CA ARG KA 136 -60.37 -29.83 88.94
C ARG KA 136 -61.14 -30.65 87.92
N THR KA 137 -62.47 -30.58 87.98
CA THR KA 137 -63.30 -31.09 86.89
C THR KA 137 -64.29 -29.97 86.57
N SER KA 138 -64.05 -29.27 85.46
CA SER KA 138 -64.60 -27.94 85.26
C SER KA 138 -64.67 -27.65 83.77
N ILE KA 139 -65.16 -26.46 83.45
CA ILE KA 139 -64.94 -25.83 82.15
C ILE KA 139 -64.03 -24.63 82.35
N PHE KA 140 -63.04 -24.49 81.49
CA PHE KA 140 -62.22 -23.30 81.46
C PHE KA 140 -62.72 -22.41 80.34
N TRP KA 141 -62.80 -21.12 80.62
CA TRP KA 141 -63.63 -20.24 79.82
C TRP KA 141 -62.80 -19.57 78.72
N ASN KA 142 -63.51 -19.03 77.72
CA ASN KA 142 -62.89 -18.04 76.85
C ASN KA 142 -63.03 -16.75 77.62
N ASP KA 143 -61.98 -16.40 78.35
CA ASP KA 143 -62.12 -15.64 79.57
C ASP KA 143 -61.75 -14.18 79.37
N VAL KA 144 -62.08 -13.41 80.40
CA VAL KA 144 -61.62 -12.04 80.59
C VAL KA 144 -60.65 -11.93 81.75
N LYS KA 145 -60.29 -13.08 82.35
CA LYS KA 145 -59.75 -13.25 83.72
C LYS KA 145 -60.67 -12.62 84.75
N ASP KA 146 -61.95 -12.87 84.58
CA ASP KA 146 -62.99 -12.61 85.56
C ASP KA 146 -63.27 -13.87 86.36
N PRO KA 147 -64.03 -13.76 87.45
CA PRO KA 147 -64.32 -14.94 88.28
C PRO KA 147 -65.27 -15.94 87.64
N VAL KA 148 -66.07 -15.54 86.66
CA VAL KA 148 -67.07 -16.40 86.05
C VAL KA 148 -66.52 -16.89 84.72
N SER KA 149 -66.52 -18.21 84.49
CA SER KA 149 -67.20 -19.20 85.35
C SER KA 149 -66.21 -19.88 86.29
N ILE KA 150 -66.64 -20.01 87.54
CA ILE KA 150 -65.86 -20.62 88.61
C ILE KA 150 -66.46 -22.00 88.86
N GLU KA 151 -65.68 -23.04 88.61
CA GLU KA 151 -66.30 -24.33 88.41
C GLU KA 151 -65.48 -25.46 89.02
N GLU KA 152 -66.23 -26.41 89.58
CA GLU KA 152 -65.79 -27.78 89.88
C GLU KA 152 -67.06 -28.61 90.02
N ARG KA 153 -67.04 -29.83 89.48
CA ARG KA 153 -68.19 -30.73 89.54
C ARG KA 153 -67.73 -32.05 90.12
N ALA KA 154 -68.28 -32.43 91.26
CA ALA KA 154 -67.54 -33.21 92.25
C ALA KA 154 -67.72 -34.71 92.06
N ARG KA 155 -66.60 -35.41 91.93
CA ARG KA 155 -66.37 -36.80 92.33
C ARG KA 155 -67.23 -37.82 91.60
N TRP KA 156 -67.84 -37.45 90.48
CA TRP KA 156 -68.60 -38.41 89.69
C TRP KA 156 -67.77 -39.07 88.60
N THR KA 157 -66.65 -38.45 88.22
CA THR KA 157 -65.80 -38.90 87.12
C THR KA 157 -64.34 -38.90 87.56
N GLU KA 158 -63.60 -39.95 87.17
CA GLU KA 158 -62.16 -39.98 87.39
C GLU KA 158 -61.36 -39.52 86.16
N THR KA 159 -61.76 -39.93 84.96
CA THR KA 159 -60.85 -39.90 83.81
C THR KA 159 -60.89 -38.61 83.00
N TYR KA 160 -62.06 -37.99 82.80
CA TYR KA 160 -62.22 -36.80 81.98
C TYR KA 160 -63.58 -36.17 82.26
N VAL KA 161 -63.73 -34.92 81.82
CA VAL KA 161 -65.03 -34.32 81.55
C VAL KA 161 -65.28 -34.50 80.04
N ARG KA 162 -66.17 -35.42 79.69
CA ARG KA 162 -66.19 -35.99 78.34
C ARG KA 162 -67.55 -35.76 77.69
N TRP KA 163 -67.53 -35.28 76.46
CA TRP KA 163 -68.72 -34.73 75.82
C TRP KA 163 -69.23 -35.62 74.69
N SER KA 164 -70.54 -35.53 74.46
CA SER KA 164 -71.13 -35.91 73.19
C SER KA 164 -71.13 -34.71 72.25
N PRO KA 165 -71.41 -34.93 70.97
CA PRO KA 165 -71.19 -33.88 69.96
C PRO KA 165 -72.28 -32.83 69.86
N LYS KA 166 -73.40 -32.98 70.56
CA LYS KA 166 -74.39 -31.92 70.69
C LYS KA 166 -74.23 -31.13 72.00
N GLY KA 167 -73.10 -31.34 72.69
CA GLY KA 167 -72.84 -30.69 73.96
C GLY KA 167 -73.56 -31.32 75.13
N THR KA 168 -74.13 -32.51 74.94
CA THR KA 168 -75.13 -33.04 75.86
C THR KA 168 -74.54 -33.54 77.17
N TYR KA 169 -73.25 -33.85 77.22
CA TYR KA 169 -72.71 -34.63 78.32
C TYR KA 169 -71.50 -33.98 78.99
N LEU KA 170 -71.45 -34.14 80.31
CA LEU KA 170 -70.23 -34.08 81.09
C LEU KA 170 -70.17 -35.37 81.90
N ALA KA 171 -69.27 -36.26 81.52
CA ALA KA 171 -69.48 -37.68 81.76
C ALA KA 171 -68.34 -38.32 82.56
N THR KA 172 -68.58 -39.57 82.90
CA THR KA 172 -67.61 -40.42 83.58
C THR KA 172 -67.24 -41.59 82.66
N PHE KA 173 -65.93 -41.74 82.39
CA PHE KA 173 -65.38 -42.97 81.85
C PHE KA 173 -64.68 -43.69 83.00
N HIS KA 174 -65.38 -44.67 83.58
CA HIS KA 174 -64.95 -45.35 84.80
C HIS KA 174 -65.83 -46.58 84.98
N GLN KA 175 -65.47 -47.39 85.98
CA GLN KA 175 -66.30 -48.51 86.41
C GLN KA 175 -67.59 -48.06 87.11
N ARG KA 176 -67.62 -46.80 87.59
CA ARG KA 176 -68.80 -46.25 88.26
C ARG KA 176 -69.98 -46.06 87.31
N GLY KA 177 -69.72 -45.96 86.02
CA GLY KA 177 -70.78 -46.12 85.04
C GLY KA 177 -70.43 -45.37 83.76
N ILE KA 178 -71.48 -44.99 83.05
CA ILE KA 178 -71.42 -43.94 82.05
C ILE KA 178 -72.51 -42.95 82.41
N ALA KA 179 -72.17 -41.67 82.43
CA ALA KA 179 -73.02 -40.69 83.08
C ALA KA 179 -73.53 -39.67 82.07
N LEU KA 180 -74.75 -39.22 82.30
CA LEU KA 180 -75.34 -38.10 81.59
C LEU KA 180 -75.53 -36.94 82.55
N TRP KA 181 -75.01 -35.77 82.17
CA TRP KA 181 -75.24 -34.53 82.92
C TRP KA 181 -75.49 -33.41 81.92
N GLY KA 182 -76.56 -32.64 82.15
CA GLY KA 182 -77.02 -31.66 81.20
C GLY KA 182 -77.07 -30.26 81.78
N GLY KA 183 -77.38 -29.31 80.90
CA GLY KA 183 -77.22 -27.91 81.17
C GLY KA 183 -75.87 -27.38 80.70
N GLU KA 184 -75.74 -26.06 80.73
CA GLU KA 184 -74.43 -25.41 80.68
C GLU KA 184 -73.79 -25.34 82.06
N LYS KA 185 -74.58 -25.53 83.12
CA LYS KA 185 -74.13 -25.38 84.50
C LYS KA 185 -74.12 -26.71 85.27
N PHE KA 186 -73.88 -27.83 84.56
CA PHE KA 186 -73.58 -29.16 85.13
C PHE KA 186 -74.64 -29.71 86.07
N LYS KA 187 -75.89 -29.76 85.60
CA LYS KA 187 -76.97 -30.38 86.37
C LYS KA 187 -77.02 -31.89 86.11
N GLN KA 188 -77.40 -32.63 87.15
CA GLN KA 188 -77.42 -34.09 87.10
C GLN KA 188 -78.70 -34.61 86.45
N ILE KA 189 -78.58 -35.30 85.31
CA ILE KA 189 -79.74 -35.77 84.56
C ILE KA 189 -79.95 -37.27 84.71
N GLN KA 190 -78.91 -38.08 84.46
CA GLN KA 190 -79.14 -39.51 84.22
C GLN KA 190 -77.88 -40.34 84.42
N ARG KA 191 -78.04 -41.53 85.01
CA ARG KA 191 -76.94 -42.46 85.27
C ARG KA 191 -77.25 -43.81 84.62
N PHE KA 192 -76.34 -44.27 83.74
CA PHE KA 192 -76.51 -45.51 82.99
C PHE KA 192 -75.67 -46.64 83.60
N SER KA 193 -76.13 -47.87 83.41
CA SER KA 193 -75.49 -49.03 84.01
C SER KA 193 -74.23 -49.43 83.23
N HIS KA 194 -73.08 -49.35 83.90
CA HIS KA 194 -71.86 -50.02 83.43
C HIS KA 194 -70.97 -50.34 84.63
N GLN KA 195 -70.58 -51.60 84.77
CA GLN KA 195 -69.49 -52.01 85.65
C GLN KA 195 -68.31 -52.48 84.82
N GLY KA 196 -67.11 -52.03 85.17
CA GLY KA 196 -65.89 -52.41 84.45
C GLY KA 196 -65.72 -51.78 83.09
N VAL KA 197 -66.16 -50.55 82.92
CA VAL KA 197 -66.26 -49.93 81.60
C VAL KA 197 -64.89 -49.42 81.16
N GLN KA 198 -64.60 -49.59 79.86
CA GLN KA 198 -63.36 -49.11 79.27
C GLN KA 198 -63.53 -47.91 78.33
N LEU KA 199 -64.67 -47.74 77.67
CA LEU KA 199 -64.75 -46.84 76.51
C LEU KA 199 -66.19 -46.36 76.29
N ILE KA 200 -66.34 -45.53 75.24
CA ILE KA 200 -67.60 -44.88 74.89
C ILE KA 200 -67.73 -44.80 73.36
N ASP KA 201 -68.93 -44.42 72.90
CA ASP KA 201 -69.18 -43.97 71.52
C ASP KA 201 -70.36 -43.00 71.50
N PHE KA 202 -70.18 -41.85 70.86
CA PHE KA 202 -71.05 -40.69 71.06
C PHE KA 202 -71.72 -40.30 69.75
N SER KA 203 -73.03 -39.96 69.83
CA SER KA 203 -73.79 -39.61 68.63
C SER KA 203 -73.65 -38.13 68.29
N PRO KA 204 -73.61 -37.79 67.00
CA PRO KA 204 -73.69 -36.37 66.62
C PRO KA 204 -75.09 -35.78 66.76
N CYS KA 205 -76.15 -36.55 66.52
CA CYS KA 205 -77.50 -36.01 66.48
C CYS KA 205 -78.24 -36.08 67.81
N GLU KA 206 -77.53 -36.38 68.90
CA GLU KA 206 -78.07 -36.57 70.27
C GLU KA 206 -79.18 -37.62 70.31
N ARG KA 207 -78.89 -38.80 69.73
CA ARG KA 207 -79.84 -39.91 69.72
C ARG KA 207 -79.37 -41.16 70.44
N TYR KA 208 -78.06 -41.36 70.63
CA TYR KA 208 -77.57 -42.62 71.17
C TYR KA 208 -76.24 -42.40 71.89
N LEU KA 209 -75.86 -43.41 72.67
CA LEU KA 209 -74.57 -43.45 73.35
C LEU KA 209 -74.16 -44.91 73.50
N VAL KA 210 -72.88 -45.16 73.73
CA VAL KA 210 -72.43 -46.52 73.96
C VAL KA 210 -71.45 -46.53 75.13
N THR KA 211 -71.34 -47.71 75.75
CA THR KA 211 -70.26 -48.02 76.68
C THR KA 211 -69.61 -49.32 76.24
N PHE KA 212 -68.31 -49.42 76.46
CA PHE KA 212 -67.57 -50.64 76.17
C PHE KA 212 -66.85 -51.08 77.44
N SER KA 213 -66.85 -52.39 77.70
CA SER KA 213 -66.40 -52.90 78.98
C SER KA 213 -65.24 -53.86 78.79
N PRO KA 214 -64.13 -53.66 79.55
CA PRO KA 214 -62.96 -54.54 79.39
C PRO KA 214 -63.09 -55.85 80.12
N LEU KA 215 -63.96 -55.88 81.13
CA LEU KA 215 -64.35 -57.11 81.79
C LEU KA 215 -65.71 -57.51 81.25
N MET KA 216 -65.80 -58.68 80.63
CA MET KA 216 -67.03 -59.05 79.95
C MET KA 216 -68.07 -59.58 80.95
N ASP KA 217 -69.32 -59.56 80.52
CA ASP KA 217 -70.40 -60.13 81.29
C ASP KA 217 -70.64 -61.57 80.86
N THR KA 218 -71.43 -62.27 81.65
CA THR KA 218 -71.64 -63.71 81.50
C THR KA 218 -72.45 -64.02 80.24
N GLN KA 219 -72.36 -65.28 79.82
CA GLN KA 219 -72.83 -65.76 78.53
C GLN KA 219 -74.34 -65.83 78.39
N ASP KA 220 -75.10 -65.61 79.47
CA ASP KA 220 -76.55 -65.66 79.39
C ASP KA 220 -77.12 -64.46 78.66
N ASP KA 221 -76.44 -63.32 78.73
CA ASP KA 221 -76.63 -62.19 77.82
C ASP KA 221 -75.23 -61.67 77.48
N PRO KA 222 -74.55 -62.29 76.51
CA PRO KA 222 -73.10 -62.07 76.34
C PRO KA 222 -72.78 -60.70 75.76
N GLN KA 223 -72.00 -59.91 76.50
CA GLN KA 223 -71.82 -58.51 76.18
C GLN KA 223 -70.48 -57.98 76.66
N ALA KA 224 -69.67 -57.46 75.73
CA ALA KA 224 -68.68 -56.43 76.01
C ALA KA 224 -68.85 -55.22 75.10
N ILE KA 225 -70.02 -55.07 74.48
CA ILE KA 225 -70.50 -53.81 73.92
C ILE KA 225 -71.92 -53.61 74.43
N ILE KA 226 -72.08 -52.75 75.44
CA ILE KA 226 -73.37 -52.47 76.04
C ILE KA 226 -73.74 -51.02 75.72
N ILE KA 227 -74.75 -50.84 74.89
CA ILE KA 227 -75.02 -49.54 74.29
C ILE KA 227 -76.45 -49.16 74.61
N TRP KA 228 -76.62 -48.02 75.29
CA TRP KA 228 -77.92 -47.56 75.76
C TRP KA 228 -78.25 -46.20 75.16
N ASP KA 229 -79.54 -45.99 74.91
CA ASP KA 229 -79.98 -44.80 74.18
C ASP KA 229 -79.88 -43.57 75.07
N ILE KA 230 -79.79 -42.40 74.44
CA ILE KA 230 -79.72 -41.15 75.19
C ILE KA 230 -81.06 -40.84 75.84
N LEU KA 231 -82.17 -41.23 75.20
CA LEU KA 231 -83.49 -40.94 75.72
C LEU KA 231 -83.89 -41.83 76.88
N THR KA 232 -83.50 -43.10 76.88
CA THR KA 232 -84.07 -44.10 77.77
C THR KA 232 -83.22 -44.43 78.99
N GLY KA 233 -81.89 -44.37 78.89
CA GLY KA 233 -81.03 -44.93 79.92
C GLY KA 233 -81.14 -46.44 80.07
N HIS KA 234 -81.48 -47.13 78.98
CA HIS KA 234 -81.62 -48.57 78.91
C HIS KA 234 -81.13 -49.01 77.54
N LYS KA 235 -80.70 -50.27 77.45
CA LYS KA 235 -79.93 -50.75 76.30
C LYS KA 235 -80.78 -50.85 75.03
N LYS KA 236 -80.35 -50.11 74.00
CA LYS KA 236 -80.98 -50.14 72.69
C LYS KA 236 -80.54 -51.34 71.88
N ARG KA 237 -79.23 -51.62 71.87
CA ARG KA 237 -78.68 -52.86 71.37
C ARG KA 237 -77.49 -53.24 72.25
N GLY KA 238 -77.25 -54.55 72.38
CA GLY KA 238 -76.11 -55.03 73.14
C GLY KA 238 -75.62 -56.35 72.62
N PHE KA 239 -74.29 -56.50 72.56
CA PHE KA 239 -73.65 -57.68 72.01
C PHE KA 239 -72.23 -57.75 72.56
N HIS KA 240 -71.50 -58.82 72.21
CA HIS KA 240 -70.21 -59.10 72.81
C HIS KA 240 -69.07 -58.55 71.98
N CYS KA 241 -67.93 -58.34 72.66
CA CYS KA 241 -66.73 -57.80 72.04
C CYS KA 241 -65.50 -58.53 72.58
N GLU KA 242 -64.68 -59.06 71.69
CA GLU KA 242 -63.48 -59.74 72.11
C GLU KA 242 -62.19 -59.05 71.70
N SER KA 243 -62.25 -58.08 70.79
CA SER KA 243 -61.04 -57.42 70.33
C SER KA 243 -61.32 -55.95 70.02
N SER KA 244 -60.26 -55.14 70.12
CA SER KA 244 -60.34 -53.70 69.93
C SER KA 244 -59.11 -53.25 69.16
N ALA KA 245 -59.32 -52.64 68.00
CA ALA KA 245 -58.20 -52.21 67.16
C ALA KA 245 -57.72 -50.80 67.50
N HIS KA 246 -58.64 -49.87 67.74
CA HIS KA 246 -58.31 -48.48 67.98
C HIS KA 246 -59.47 -47.83 68.72
N TRP KA 247 -59.31 -46.54 69.05
CA TRP KA 247 -60.40 -45.87 69.73
C TRP KA 247 -61.45 -45.41 68.72
N PRO KA 248 -62.74 -45.58 69.06
CA PRO KA 248 -64.01 -45.30 68.39
C PRO KA 248 -64.07 -45.78 66.95
N PHE KA 250 -69.12 -49.06 65.10
CA PHE KA 250 -69.98 -48.91 66.27
C PHE KA 250 -70.16 -47.43 66.65
N LYS KA 251 -70.07 -46.54 65.67
CA LYS KA 251 -70.25 -45.10 65.84
C LYS KA 251 -71.55 -44.67 65.18
N TRP KA 252 -71.93 -43.41 65.44
CA TRP KA 252 -73.16 -42.86 64.89
C TRP KA 252 -72.88 -41.84 63.78
N SER KA 253 -73.83 -41.76 62.84
CA SER KA 253 -73.75 -40.93 61.65
C SER KA 253 -74.15 -39.50 61.99
N HIS KA 254 -74.10 -38.63 60.97
CA HIS KA 254 -74.52 -37.24 61.09
C HIS KA 254 -76.00 -37.11 61.42
N ASP KA 255 -76.83 -38.02 60.90
CA ASP KA 255 -78.24 -38.07 61.26
C ASP KA 255 -78.60 -39.32 62.04
N GLY KA 256 -77.82 -40.38 61.93
CA GLY KA 256 -78.10 -41.56 62.72
C GLY KA 256 -79.24 -42.42 62.23
N LYS KA 257 -79.55 -42.37 60.93
CA LYS KA 257 -80.56 -43.26 60.37
C LYS KA 257 -80.00 -44.64 60.05
N PHE KA 258 -78.69 -44.76 59.91
CA PHE KA 258 -78.05 -46.03 59.62
C PHE KA 258 -76.70 -46.08 60.33
N PHE KA 259 -76.32 -47.26 60.81
CA PHE KA 259 -75.05 -47.42 61.53
C PHE KA 259 -74.36 -48.68 61.07
N ALA KA 260 -73.10 -48.84 61.51
CA ALA KA 260 -72.27 -50.00 61.20
C ALA KA 260 -71.80 -50.65 62.49
N ARG KA 261 -72.22 -51.89 62.72
CA ARG KA 261 -71.82 -52.63 63.91
C ARG KA 261 -71.54 -54.08 63.52
N MET KA 262 -70.28 -54.47 63.60
CA MET KA 262 -69.81 -55.83 63.41
C MET KA 262 -69.23 -56.39 64.69
N THR KA 263 -69.01 -57.71 64.71
CA THR KA 263 -67.99 -58.28 65.60
C THR KA 263 -66.97 -59.04 64.77
N LEU KA 264 -65.84 -58.39 64.51
CA LEU KA 264 -64.46 -58.86 64.39
C LEU KA 264 -64.19 -59.85 63.26
N ASP KA 265 -65.14 -60.13 62.35
CA ASP KA 265 -64.82 -60.46 60.97
C ASP KA 265 -65.49 -59.57 59.95
N THR KA 266 -66.58 -58.91 60.34
CA THR KA 266 -67.65 -58.47 59.45
C THR KA 266 -67.61 -56.97 59.15
N LEU KA 267 -68.44 -56.59 58.19
CA LEU KA 267 -69.14 -55.31 58.25
C LEU KA 267 -70.60 -55.60 57.96
N SER KA 268 -71.48 -55.20 58.87
CA SER KA 268 -72.93 -55.27 58.67
C SER KA 268 -73.56 -54.22 59.56
N ILE KA 269 -74.83 -53.94 59.31
CA ILE KA 269 -75.47 -52.77 59.87
C ILE KA 269 -76.26 -53.16 61.12
N TYR KA 270 -76.23 -52.27 62.10
CA TYR KA 270 -77.23 -52.23 63.16
C TYR KA 270 -78.06 -50.97 62.98
N GLU KA 271 -79.37 -51.12 63.01
CA GLU KA 271 -80.26 -50.00 62.79
C GLU KA 271 -80.46 -49.24 64.10
N THR KA 272 -80.86 -47.98 63.98
CA THR KA 272 -81.20 -47.16 65.13
C THR KA 272 -82.66 -47.36 65.49
N PRO KA 273 -82.98 -48.03 66.62
CA PRO KA 273 -82.21 -48.74 67.65
C PRO KA 273 -82.35 -50.26 67.59
N SER KA 274 -82.96 -50.77 66.51
CA SER KA 274 -83.47 -52.14 66.45
C SER KA 274 -82.42 -53.18 66.10
N MET KA 275 -81.20 -52.75 65.73
CA MET KA 275 -80.08 -53.59 65.27
C MET KA 275 -80.46 -54.38 64.01
N GLY KA 276 -81.16 -53.71 63.10
CA GLY KA 276 -81.58 -54.32 61.85
C GLY KA 276 -80.40 -54.60 60.93
N LEU KA 277 -80.18 -55.87 60.62
CA LEU KA 277 -79.24 -56.28 59.59
C LEU KA 277 -80.01 -56.43 58.29
N LEU KA 278 -79.50 -55.83 57.23
CA LEU KA 278 -80.10 -56.03 55.92
C LEU KA 278 -79.47 -57.25 55.24
N ASP KA 279 -80.16 -57.76 54.22
CA ASP KA 279 -79.66 -58.88 53.43
C ASP KA 279 -78.81 -58.44 52.25
N LYS KA 280 -78.47 -57.16 52.18
CA LYS KA 280 -77.69 -56.62 51.07
C LYS KA 280 -76.23 -57.00 51.18
N LYS KA 281 -75.60 -57.24 50.03
CA LYS KA 281 -74.13 -57.17 49.96
C LYS KA 281 -73.63 -55.73 50.03
N SER KA 282 -74.49 -54.75 49.74
CA SER KA 282 -74.06 -53.35 49.73
C SER KA 282 -73.99 -52.75 51.13
N LEU KA 283 -74.97 -53.05 51.99
CA LEU KA 283 -74.91 -52.60 53.37
C LEU KA 283 -74.16 -53.54 54.28
N LYS KA 284 -74.01 -54.81 53.90
CA LYS KA 284 -73.29 -55.81 54.69
C LYS KA 284 -72.18 -56.43 53.86
N ILE KA 285 -70.94 -56.18 54.23
CA ILE KA 285 -69.78 -56.56 53.44
C ILE KA 285 -69.01 -57.69 54.14
N SER KA 286 -68.24 -58.44 53.34
CA SER KA 286 -67.41 -59.52 53.86
C SER KA 286 -65.95 -59.11 53.94
N GLY KA 287 -65.41 -59.03 55.15
CA GLY KA 287 -63.98 -59.06 55.37
C GLY KA 287 -63.11 -57.90 54.90
N ILE KA 288 -63.42 -56.69 55.33
CA ILE KA 288 -62.72 -55.50 54.89
C ILE KA 288 -62.03 -54.84 56.08
N LYS KA 289 -61.08 -53.97 55.80
CA LYS KA 289 -60.29 -53.40 56.90
C LYS KA 289 -60.94 -52.18 57.55
N ASP KA 290 -61.34 -51.18 56.76
CA ASP KA 290 -61.71 -49.86 57.28
C ASP KA 290 -63.01 -49.40 56.64
N PHE KA 291 -63.80 -48.65 57.38
CA PHE KA 291 -65.07 -48.12 56.91
C PHE KA 291 -65.38 -46.84 57.67
N SER KA 292 -66.36 -46.10 57.18
CA SER KA 292 -66.70 -44.79 57.75
C SER KA 292 -68.18 -44.50 57.55
N TRP KA 293 -68.61 -43.38 58.11
CA TRP KA 293 -69.84 -42.71 57.68
C TRP KA 293 -69.49 -41.33 57.17
N SER KA 294 -70.14 -40.94 56.11
CA SER KA 294 -69.74 -39.80 55.30
C SER KA 294 -70.08 -38.50 56.01
N PRO KA 295 -69.29 -37.45 55.81
CA PRO KA 295 -69.56 -36.16 56.48
C PRO KA 295 -70.83 -35.46 56.00
N GLY KA 296 -71.19 -35.60 54.73
CA GLY KA 296 -72.44 -35.04 54.27
C GLY KA 296 -73.55 -36.05 54.04
N GLY KA 297 -73.18 -37.32 53.91
CA GLY KA 297 -74.03 -38.31 53.31
C GLY KA 297 -74.64 -39.32 54.27
N ASN KA 298 -75.35 -40.28 53.65
CA ASN KA 298 -75.80 -41.52 54.26
C ASN KA 298 -75.00 -42.69 53.71
N ILE KA 299 -73.75 -42.42 53.35
CA ILE KA 299 -72.98 -43.16 52.36
C ILE KA 299 -71.80 -43.84 53.06
N ILE KA 300 -71.53 -45.09 52.68
CA ILE KA 300 -70.47 -45.91 53.27
C ILE KA 300 -69.44 -46.28 52.20
N ALA KA 301 -68.17 -46.04 52.49
CA ALA KA 301 -67.05 -46.50 51.67
C ALA KA 301 -66.10 -47.38 52.49
N PHE KA 302 -65.37 -48.23 51.78
CA PHE KA 302 -64.45 -49.19 52.40
C PHE KA 302 -63.36 -49.53 51.40
N TRP KA 303 -62.51 -50.48 51.78
CA TRP KA 303 -61.57 -51.07 50.85
C TRP KA 303 -61.40 -52.56 51.17
N VAL KA 304 -61.22 -53.38 50.15
CA VAL KA 304 -61.18 -54.83 50.31
C VAL KA 304 -59.77 -55.38 50.07
N PRO KA 305 -59.31 -56.38 50.84
CA PRO KA 305 -58.01 -56.99 50.55
C PRO KA 305 -58.03 -57.83 49.27
N GLU KA 306 -56.92 -57.74 48.53
CA GLU KA 306 -56.90 -58.10 47.11
C GLU KA 306 -56.91 -59.60 46.91
N ASP KA 307 -57.56 -60.05 45.83
CA ASP KA 307 -57.42 -61.41 45.31
C ASP KA 307 -56.30 -61.48 44.28
N LYS KA 308 -56.04 -62.73 43.83
CA LYS KA 308 -54.88 -63.08 43.01
C LYS KA 308 -54.89 -62.37 41.65
N ASP KA 309 -56.03 -62.40 40.96
CA ASP KA 309 -56.23 -61.59 39.76
C ASP KA 309 -57.18 -60.41 39.98
N ILE KA 310 -58.17 -60.57 40.87
CA ILE KA 310 -59.27 -59.63 41.04
C ILE KA 310 -58.72 -58.42 41.80
N PRO KA 311 -59.13 -57.18 41.49
CA PRO KA 311 -58.48 -55.99 42.07
C PRO KA 311 -58.79 -55.80 43.54
N ALA KA 312 -58.08 -54.85 44.14
CA ALA KA 312 -58.50 -54.26 45.40
C ALA KA 312 -59.49 -53.16 45.08
N ARG KA 313 -60.69 -53.29 45.62
CA ARG KA 313 -61.87 -52.60 45.12
C ARG KA 313 -62.41 -51.73 46.23
N VAL KA 314 -62.23 -50.43 46.13
CA VAL KA 314 -62.95 -49.52 46.99
C VAL KA 314 -64.26 -49.18 46.28
N THR KA 315 -65.36 -49.21 47.01
CA THR KA 315 -66.66 -49.03 46.41
C THR KA 315 -67.28 -47.75 46.94
N LEU KA 316 -67.88 -46.98 46.06
CA LEU KA 316 -68.78 -45.90 46.47
C LEU KA 316 -70.22 -46.33 46.15
N MET KA 317 -71.08 -46.25 47.15
CA MET KA 317 -72.37 -46.93 47.16
C MET KA 317 -73.45 -45.97 47.62
N GLN KA 318 -74.68 -46.47 47.61
CA GLN KA 318 -75.76 -45.91 48.40
C GLN KA 318 -76.36 -47.01 49.27
N LEU KA 319 -76.71 -46.67 50.53
CA LEU KA 319 -77.30 -47.67 51.42
C LEU KA 319 -78.68 -48.17 50.98
N PRO KA 320 -79.74 -47.34 50.86
CA PRO KA 320 -81.07 -47.96 50.70
C PRO KA 320 -81.39 -48.45 49.29
N THR KA 321 -80.55 -48.17 48.29
CA THR KA 321 -80.77 -48.68 46.96
C THR KA 321 -80.13 -50.05 46.72
N ARG KA 322 -79.30 -50.52 47.66
CA ARG KA 322 -78.73 -51.88 47.73
C ARG KA 322 -77.87 -52.23 46.51
N GLN KA 323 -77.18 -51.23 45.94
CA GLN KA 323 -76.43 -51.43 44.70
C GLN KA 323 -75.07 -50.76 44.76
N GLU KA 324 -74.08 -51.36 44.09
CA GLU KA 324 -72.76 -50.76 43.91
C GLU KA 324 -72.75 -49.98 42.59
N ILE KA 325 -72.79 -48.66 42.68
CA ILE KA 325 -72.73 -47.84 41.49
C ILE KA 325 -71.29 -47.56 41.07
N ARG KA 326 -70.36 -47.41 42.02
CA ARG KA 326 -69.07 -46.81 41.72
C ARG KA 326 -67.94 -47.62 42.36
N VAL KA 327 -67.14 -48.27 41.52
CA VAL KA 327 -66.04 -49.10 41.96
C VAL KA 327 -64.72 -48.54 41.39
N ARG KA 328 -63.84 -48.11 42.27
CA ARG KA 328 -62.47 -47.76 41.88
C ARG KA 328 -61.65 -49.02 41.77
N ASN KA 329 -60.79 -49.09 40.76
CA ASN KA 329 -59.82 -50.17 40.68
C ASN KA 329 -58.43 -49.61 40.44
N LEU KA 330 -57.45 -50.18 41.13
CA LEU KA 330 -56.04 -49.85 40.94
C LEU KA 330 -55.28 -51.14 41.18
N PHE KA 331 -54.48 -51.57 40.22
CA PHE KA 331 -53.73 -52.80 40.36
C PHE KA 331 -52.42 -52.53 41.11
N ASN KA 332 -51.91 -53.59 41.76
CA ASN KA 332 -50.63 -53.60 42.50
C ASN KA 332 -50.60 -52.58 43.64
N VAL KA 333 -51.65 -52.55 44.46
CA VAL KA 333 -51.70 -51.75 45.68
C VAL KA 333 -51.68 -52.70 46.87
N VAL KA 334 -51.12 -52.24 47.98
CA VAL KA 334 -51.04 -53.02 49.21
C VAL KA 334 -52.03 -52.53 50.29
N ASP KA 335 -52.05 -51.23 50.60
CA ASP KA 335 -52.90 -50.75 51.69
C ASP KA 335 -53.35 -49.32 51.47
N CYS KA 336 -54.46 -48.96 52.13
CA CYS KA 336 -55.12 -47.68 51.92
C CYS KA 336 -55.76 -47.21 53.22
N LYS KA 337 -55.62 -45.90 53.50
CA LYS KA 337 -56.33 -45.22 54.59
C LYS KA 337 -57.16 -44.09 54.00
N LEU KA 338 -58.35 -43.86 54.56
CA LEU KA 338 -59.35 -43.01 53.95
C LEU KA 338 -59.41 -41.63 54.59
N HIS KA 339 -59.57 -40.61 53.75
CA HIS KA 339 -59.85 -39.26 54.23
C HIS KA 339 -60.91 -38.62 53.36
N TRP KA 340 -62.04 -38.28 53.97
CA TRP KA 340 -63.13 -37.57 53.32
C TRP KA 340 -62.97 -36.07 53.51
N GLN KA 341 -63.52 -35.30 52.59
CA GLN KA 341 -63.73 -33.87 52.82
C GLN KA 341 -64.75 -33.69 53.92
N LYS KA 342 -64.55 -32.69 54.77
CA LYS KA 342 -65.38 -32.50 55.95
C LYS KA 342 -66.72 -31.80 55.65
N ASN KA 343 -67.04 -31.58 54.39
CA ASN KA 343 -68.40 -31.41 53.90
C ASN KA 343 -68.81 -32.54 52.96
N GLY KA 344 -67.98 -33.56 52.81
CA GLY KA 344 -68.40 -34.74 52.07
C GLY KA 344 -68.22 -34.68 50.58
N ASP KA 345 -67.39 -33.75 50.09
CA ASP KA 345 -67.27 -33.53 48.65
C ASP KA 345 -66.30 -34.50 48.02
N TYR KA 346 -65.13 -34.66 48.64
CA TYR KA 346 -64.00 -35.36 48.06
C TYR KA 346 -63.58 -36.48 48.98
N LEU KA 347 -63.07 -37.57 48.41
CA LEU KA 347 -62.49 -38.65 49.19
C LEU KA 347 -61.11 -38.97 48.62
N CYS KA 348 -60.08 -38.74 49.43
CA CYS KA 348 -58.69 -38.98 49.08
C CYS KA 348 -58.20 -40.23 49.80
N VAL KA 349 -57.59 -41.17 49.06
CA VAL KA 349 -57.01 -42.36 49.66
C VAL KA 349 -55.49 -42.27 49.59
N LYS KA 350 -54.87 -42.14 50.76
CA LYS KA 350 -53.42 -42.15 50.90
C LYS KA 350 -52.91 -43.59 51.03
N VAL KA 351 -51.96 -43.96 50.18
CA VAL KA 351 -51.46 -45.33 50.13
C VAL KA 351 -50.06 -45.35 50.76
N ASP KA 352 -49.69 -46.50 51.30
CA ASP KA 352 -48.29 -46.84 51.52
C ASP KA 352 -47.74 -47.66 50.37
N ARG KA 353 -48.49 -47.75 49.27
CA ARG KA 353 -48.05 -48.46 48.08
C ARG KA 353 -46.90 -47.75 47.36
N THR KA 354 -45.86 -48.48 47.11
CA THR KA 354 -44.99 -48.27 46.00
C THR KA 354 -45.29 -49.36 44.97
N PRO KA 355 -45.12 -49.10 43.67
CA PRO KA 355 -45.36 -50.15 42.68
C PRO KA 355 -44.36 -51.30 42.80
N LYS KA 356 -44.84 -52.52 42.57
CA LYS KA 356 -43.92 -53.62 42.36
C LYS KA 356 -43.35 -53.62 40.95
N GLY KA 357 -44.06 -53.03 40.00
CA GLY KA 357 -43.58 -52.90 38.63
C GLY KA 357 -42.41 -51.97 38.49
N THR KA 358 -42.58 -50.70 38.88
CA THR KA 358 -41.48 -49.74 38.84
C THR KA 358 -40.75 -49.81 40.18
N GLN KA 359 -39.45 -49.53 40.15
CA GLN KA 359 -38.66 -49.35 41.36
C GLN KA 359 -39.09 -48.12 42.16
N GLY KA 360 -39.69 -47.13 41.48
CA GLY KA 360 -39.82 -45.78 42.03
C GLY KA 360 -40.81 -45.71 43.17
N VAL KA 361 -40.39 -45.03 44.24
CA VAL KA 361 -41.11 -45.06 45.51
C VAL KA 361 -42.01 -43.83 45.51
N VAL KA 362 -43.25 -44.02 45.08
CA VAL KA 362 -44.18 -42.94 44.81
C VAL KA 362 -45.57 -43.35 45.28
N THR KA 363 -46.35 -42.39 45.77
CA THR KA 363 -47.70 -42.66 46.25
C THR KA 363 -48.73 -41.82 45.52
N ASN KA 364 -49.95 -42.35 45.41
CA ASN KA 364 -51.03 -41.70 44.69
C ASN KA 364 -52.32 -41.61 45.50
N PHE KA 365 -53.08 -40.55 45.20
CA PHE KA 365 -54.39 -40.29 45.79
C PHE KA 365 -55.38 -40.51 44.65
N GLU KA 366 -56.38 -41.36 44.87
CA GLU KA 366 -57.59 -41.32 44.06
C GLU KA 366 -58.55 -40.34 44.70
N ILE KA 367 -58.86 -39.24 44.00
CA ILE KA 367 -59.83 -38.25 44.44
C ILE KA 367 -61.11 -38.48 43.67
N PHE KA 368 -62.17 -38.87 44.37
CA PHE KA 368 -63.47 -38.94 43.71
C PHE KA 368 -64.12 -37.57 43.78
N ARG KA 369 -65.16 -37.39 42.99
CA ARG KA 369 -66.01 -36.21 43.08
C ARG KA 369 -67.44 -36.73 43.20
N MET KA 370 -68.00 -36.67 44.40
CA MET KA 370 -69.28 -37.30 44.64
C MET KA 370 -70.45 -36.39 44.32
N ARG KA 371 -70.33 -35.10 44.63
CA ARG KA 371 -71.41 -34.16 44.38
C ARG KA 371 -71.50 -33.78 42.91
N GLU KA 372 -70.38 -33.77 42.20
CA GLU KA 372 -70.40 -33.54 40.76
C GLU KA 372 -70.88 -34.80 40.03
N LYS KA 373 -71.17 -34.66 38.73
CA LYS KA 373 -71.89 -35.68 38.00
C LYS KA 373 -70.98 -36.82 37.56
N GLN KA 374 -71.49 -38.05 37.76
CA GLN KA 374 -70.98 -39.34 37.26
C GLN KA 374 -69.62 -39.73 37.84
N VAL KA 375 -69.29 -39.16 39.00
CA VAL KA 375 -68.18 -39.51 39.90
C VAL KA 375 -66.82 -39.59 39.19
N PRO KA 376 -66.25 -38.46 38.74
CA PRO KA 376 -64.91 -38.51 38.17
C PRO KA 376 -63.85 -38.87 39.21
N VAL KA 377 -62.81 -39.56 38.74
CA VAL KA 377 -61.68 -39.97 39.56
C VAL KA 377 -60.43 -39.31 38.99
N ASP KA 378 -59.68 -38.60 39.82
CA ASP KA 378 -58.42 -38.00 39.40
C ASP KA 378 -57.28 -38.46 40.30
N VAL KA 379 -56.08 -38.50 39.74
CA VAL KA 379 -54.88 -38.97 40.42
C VAL KA 379 -53.93 -37.77 40.61
N VAL KA 380 -53.27 -37.71 41.77
CA VAL KA 380 -52.19 -36.73 41.97
C VAL KA 380 -51.07 -37.37 42.80
N GLU KA 381 -49.87 -37.40 42.22
CA GLU KA 381 -48.70 -38.12 42.70
C GLU KA 381 -47.78 -37.24 43.53
N MET KA 382 -46.85 -37.90 44.20
CA MET KA 382 -45.80 -37.30 45.00
C MET KA 382 -44.56 -38.16 44.88
N LYS KA 383 -43.39 -37.53 44.98
CA LYS KA 383 -42.16 -38.32 45.06
C LYS KA 383 -41.96 -38.95 46.44
N GLU KA 384 -42.66 -38.50 47.47
CA GLU KA 384 -42.52 -39.09 48.79
C GLU KA 384 -43.86 -39.57 49.33
N THR KA 385 -43.77 -40.32 50.43
CA THR KA 385 -44.93 -40.77 51.18
C THR KA 385 -45.39 -39.68 52.16
N ILE KA 386 -46.64 -39.81 52.61
CA ILE KA 386 -47.25 -38.85 53.52
C ILE KA 386 -47.26 -39.41 54.93
N ILE KA 387 -47.16 -38.51 55.91
CA ILE KA 387 -47.33 -38.88 57.31
C ILE KA 387 -48.61 -38.32 57.90
N ALA KA 388 -49.29 -37.42 57.20
CA ALA KA 388 -50.53 -36.84 57.66
C ALA KA 388 -51.42 -36.59 56.45
N PHE KA 389 -52.63 -36.10 56.72
CA PHE KA 389 -53.55 -35.65 55.67
C PHE KA 389 -54.50 -34.61 56.25
N ALA KA 390 -54.89 -33.65 55.42
CA ALA KA 390 -55.92 -32.70 55.82
C ALA KA 390 -56.84 -32.39 54.65
N TRP KA 391 -58.13 -32.46 54.90
CA TRP KA 391 -59.16 -32.00 53.97
C TRP KA 391 -59.86 -30.81 54.58
N GLU KA 392 -60.04 -29.76 53.79
CA GLU KA 392 -60.60 -28.51 54.29
C GLU KA 392 -62.11 -28.61 54.49
N PRO KA 393 -62.63 -28.34 55.68
CA PRO KA 393 -64.08 -28.12 55.81
C PRO KA 393 -64.46 -26.80 55.13
N ASN KA 394 -65.39 -26.91 54.17
CA ASN KA 394 -66.06 -25.78 53.48
C ASN KA 394 -65.10 -24.88 52.71
N GLY KA 395 -64.02 -25.44 52.15
CA GLY KA 395 -63.05 -24.63 51.46
C GLY KA 395 -62.70 -25.21 50.11
N SER KA 396 -62.22 -24.32 49.23
CA SER KA 396 -61.77 -24.67 47.91
C SER KA 396 -60.26 -24.81 47.85
N LYS KA 397 -59.65 -24.92 49.03
CA LYS KA 397 -58.24 -25.24 49.21
C LYS KA 397 -58.12 -26.64 49.79
N PHE KA 398 -56.88 -27.12 49.82
CA PHE KA 398 -56.56 -28.39 50.45
C PHE KA 398 -55.13 -28.29 50.97
N ALA KA 399 -54.87 -28.93 52.12
CA ALA KA 399 -53.55 -28.90 52.72
C ALA KA 399 -53.02 -30.33 52.83
N VAL KA 400 -51.87 -30.59 52.23
CA VAL KA 400 -51.31 -31.94 52.21
C VAL KA 400 -49.89 -31.89 52.75
N LEU KA 401 -49.63 -32.70 53.77
CA LEU KA 401 -48.35 -32.72 54.46
C LEU KA 401 -47.70 -34.08 54.28
N HIS KA 402 -46.54 -34.11 53.63
CA HIS KA 402 -45.83 -35.36 53.35
C HIS KA 402 -44.41 -35.30 53.91
N GLY KA 403 -43.91 -36.46 54.32
CA GLY KA 403 -42.52 -36.62 54.70
C GLY KA 403 -42.34 -37.17 56.10
N GLU KA 404 -41.09 -37.51 56.41
CA GLU KA 404 -40.71 -38.05 57.71
C GLU KA 404 -40.69 -36.96 58.77
N ALA KA 405 -40.44 -37.36 60.02
CA ALA KA 405 -40.44 -36.43 61.14
C ALA KA 405 -39.37 -35.34 61.08
N PRO KA 406 -38.19 -35.57 60.52
CA PRO KA 406 -37.29 -34.45 60.23
C PRO KA 406 -37.66 -33.68 58.97
N ARG KA 407 -38.41 -34.28 58.05
CA ARG KA 407 -38.62 -33.75 56.71
C ARG KA 407 -40.09 -33.49 56.37
N ILE KA 408 -40.91 -33.24 57.40
CA ILE KA 408 -42.36 -33.09 57.19
C ILE KA 408 -42.64 -31.73 56.57
N SER KA 409 -42.98 -31.73 55.28
CA SER KA 409 -43.29 -30.51 54.55
C SER KA 409 -44.75 -30.56 54.11
N VAL KA 410 -45.43 -29.43 54.22
CA VAL KA 410 -46.84 -29.32 53.87
C VAL KA 410 -46.96 -28.53 52.57
N SER KA 411 -47.89 -28.93 51.72
CA SER KA 411 -48.18 -28.22 50.49
C SER KA 411 -49.64 -27.82 50.46
N PHE KA 412 -49.90 -26.56 50.19
CA PHE KA 412 -51.25 -26.03 50.17
C PHE KA 412 -51.76 -26.11 48.74
N TYR KA 413 -52.77 -26.93 48.52
CA TYR KA 413 -53.34 -27.13 47.20
C TYR KA 413 -54.58 -26.28 47.07
N HIS KA 414 -54.87 -25.87 45.85
CA HIS KA 414 -56.08 -25.11 45.54
C HIS KA 414 -56.82 -25.89 44.47
N VAL KA 415 -57.88 -26.56 44.87
CA VAL KA 415 -58.65 -27.45 44.01
C VAL KA 415 -59.97 -26.74 43.71
N LYS KA 416 -60.17 -26.39 42.45
CA LYS KA 416 -61.42 -25.79 42.03
C LYS KA 416 -62.52 -26.84 41.97
N ASN KA 417 -63.75 -26.36 41.76
CA ASN KA 417 -64.89 -27.27 41.61
C ASN KA 417 -64.85 -28.03 40.29
N ASN KA 418 -64.36 -27.40 39.22
CA ASN KA 418 -64.34 -28.00 37.90
C ASN KA 418 -62.92 -27.86 37.32
N GLY KA 419 -62.27 -29.00 37.06
CA GLY KA 419 -60.91 -28.96 36.58
C GLY KA 419 -60.01 -29.96 37.29
N LYS KA 420 -58.80 -29.54 37.65
CA LYS KA 420 -57.86 -30.39 38.36
C LYS KA 420 -57.21 -29.57 39.48
N ILE KA 421 -56.36 -30.22 40.27
CA ILE KA 421 -55.70 -29.60 41.41
C ILE KA 421 -54.20 -29.49 41.12
N GLU KA 422 -53.52 -28.67 41.93
CA GLU KA 422 -52.13 -28.34 41.70
C GLU KA 422 -51.47 -28.02 43.05
N LEU KA 423 -50.18 -27.72 43.01
CA LEU KA 423 -49.40 -27.40 44.20
C LEU KA 423 -48.93 -25.96 44.12
N ILE KA 424 -49.14 -25.20 45.20
CA ILE KA 424 -48.82 -23.78 45.23
C ILE KA 424 -47.49 -23.51 45.93
N LYS KA 425 -47.29 -24.07 47.12
CA LYS KA 425 -46.14 -23.71 47.94
C LYS KA 425 -45.61 -24.95 48.65
N MET KA 426 -44.35 -25.29 48.39
CA MET KA 426 -43.63 -26.32 49.13
C MET KA 426 -42.48 -25.66 49.87
N PHE KA 427 -42.24 -26.11 51.11
CA PHE KA 427 -41.26 -25.50 51.98
C PHE KA 427 -40.18 -26.52 52.35
N ASP KA 428 -38.93 -26.15 52.13
CA ASP KA 428 -37.81 -26.98 52.52
C ASP KA 428 -37.41 -26.70 53.96
N LYS KA 429 -36.91 -27.76 54.62
CA LYS KA 429 -36.46 -27.76 56.03
C LYS KA 429 -37.55 -27.30 57.00
N GLN KA 430 -38.72 -27.92 56.90
CA GLN KA 430 -39.85 -27.63 57.77
C GLN KA 430 -40.22 -28.90 58.53
N GLN KA 431 -40.84 -28.70 59.71
CA GLN KA 431 -41.31 -29.82 60.51
C GLN KA 431 -42.80 -29.72 60.88
N ALA KA 432 -43.58 -28.86 60.21
CA ALA KA 432 -44.95 -28.61 60.64
C ALA KA 432 -45.86 -29.74 60.22
N ASN KA 433 -46.25 -30.59 61.18
CA ASN KA 433 -46.98 -31.81 60.89
C ASN KA 433 -48.32 -31.93 61.59
N THR KA 434 -48.72 -30.95 62.40
CA THR KA 434 -50.01 -30.97 63.08
C THR KA 434 -50.83 -29.79 62.58
N ILE KA 435 -52.01 -30.08 62.06
CA ILE KA 435 -52.84 -29.09 61.38
C ILE KA 435 -54.17 -28.99 62.11
N PHE KA 436 -54.42 -27.86 62.75
CA PHE KA 436 -55.71 -27.60 63.39
C PHE KA 436 -56.55 -26.78 62.42
N TRP KA 437 -57.67 -27.36 61.99
CA TRP KA 437 -58.53 -26.75 60.98
C TRP KA 437 -59.67 -25.98 61.64
N SER KA 438 -59.77 -24.68 61.34
CA SER KA 438 -60.75 -23.78 61.91
C SER KA 438 -62.06 -23.82 61.12
N PRO KA 439 -63.17 -23.49 61.77
CA PRO KA 439 -64.45 -23.42 61.08
C PRO KA 439 -64.71 -22.10 60.36
N GLN KA 440 -63.78 -21.14 60.41
CA GLN KA 440 -63.99 -19.80 59.86
C GLN KA 440 -63.70 -19.71 58.37
N GLY KA 441 -62.83 -20.55 57.84
CA GLY KA 441 -62.35 -20.44 56.48
C GLY KA 441 -61.14 -19.52 56.38
N GLN KA 442 -60.40 -19.70 55.27
CA GLN KA 442 -59.32 -18.84 54.81
C GLN KA 442 -58.11 -18.79 55.75
N PHE KA 443 -57.96 -19.74 56.68
CA PHE KA 443 -56.86 -19.74 57.64
C PHE KA 443 -56.54 -21.15 58.10
N VAL KA 444 -55.27 -21.51 58.08
CA VAL KA 444 -54.79 -22.78 58.60
C VAL KA 444 -53.72 -22.53 59.66
N VAL KA 445 -53.73 -23.34 60.72
CA VAL KA 445 -52.70 -23.32 61.76
C VAL KA 445 -51.90 -24.61 61.68
N LEU KA 446 -50.58 -24.48 61.55
CA LEU KA 446 -49.70 -25.62 61.29
C LEU KA 446 -48.69 -25.72 62.42
N ALA KA 447 -48.69 -26.86 63.12
CA ALA KA 447 -47.82 -27.07 64.27
C ALA KA 447 -46.88 -28.24 63.98
N GLY KA 448 -45.67 -28.15 64.53
CA GLY KA 448 -44.74 -29.25 64.46
C GLY KA 448 -44.71 -30.02 65.76
N LEU KA 449 -45.81 -29.94 66.51
CA LEU KA 449 -45.86 -30.42 67.88
C LEU KA 449 -46.25 -31.90 67.94
N ARG KA 450 -45.33 -32.76 67.52
CA ARG KA 450 -45.38 -34.16 67.93
C ARG KA 450 -44.01 -34.61 68.43
N SER KA 451 -43.86 -34.62 69.75
CA SER KA 451 -43.00 -35.46 70.58
C SER KA 451 -41.51 -35.25 70.37
N MET KA 452 -41.06 -34.21 69.67
CA MET KA 452 -39.71 -33.70 69.88
C MET KA 452 -39.65 -32.28 70.41
N ASN KA 453 -40.62 -31.43 70.05
CA ASN KA 453 -40.66 -30.00 70.30
C ASN KA 453 -42.04 -29.51 69.89
N GLY KA 454 -42.32 -28.25 70.18
CA GLY KA 454 -43.41 -27.53 69.54
C GLY KA 454 -42.88 -26.43 68.64
N ALA KA 455 -43.33 -26.43 67.39
CA ALA KA 455 -43.05 -25.35 66.44
C ALA KA 455 -44.34 -25.02 65.70
N LEU KA 456 -44.92 -23.86 65.97
CA LEU KA 456 -46.18 -23.48 65.36
C LEU KA 456 -45.97 -22.49 64.22
N ALA KA 457 -46.91 -22.50 63.28
CA ALA KA 457 -46.94 -21.56 62.17
C ALA KA 457 -48.37 -21.41 61.68
N PHE KA 458 -48.70 -20.25 61.18
CA PHE KA 458 -50.03 -20.00 60.63
C PHE KA 458 -49.92 -19.96 59.12
N VAL KA 459 -50.82 -20.68 58.45
CA VAL KA 459 -50.87 -20.73 56.99
C VAL KA 459 -52.13 -20.00 56.55
N ASP KA 460 -51.97 -18.79 56.03
CA ASP KA 460 -53.10 -17.95 55.65
C ASP KA 460 -53.41 -18.16 54.18
N THR KA 461 -54.53 -17.61 53.74
CA THR KA 461 -55.01 -17.87 52.39
C THR KA 461 -55.15 -16.57 51.61
N SER KA 462 -54.90 -16.68 50.31
CA SER KA 462 -55.01 -15.62 49.30
C SER KA 462 -54.25 -14.32 49.66
N ASP KA 463 -52.92 -14.38 49.87
CA ASP KA 463 -51.97 -15.40 49.39
C ASP KA 463 -51.53 -16.39 50.48
N CYS KA 464 -50.97 -17.52 50.04
CA CYS KA 464 -50.36 -18.47 50.97
C CYS KA 464 -49.04 -17.90 51.48
N THR KA 465 -48.92 -17.81 52.81
CA THR KA 465 -47.74 -17.24 53.45
C THR KA 465 -47.32 -18.09 54.65
N VAL KA 466 -46.09 -17.87 55.08
CA VAL KA 466 -45.60 -18.32 56.38
C VAL KA 466 -45.16 -17.07 57.13
N MET KA 467 -45.98 -16.61 58.07
CA MET KA 467 -45.82 -15.27 58.64
C MET KA 467 -45.50 -15.23 60.13
N ASN KA 468 -45.82 -16.27 60.90
CA ASN KA 468 -45.74 -16.16 62.35
C ASN KA 468 -45.28 -17.47 62.97
N ILE KA 469 -44.71 -17.37 64.17
CA ILE KA 469 -44.30 -18.53 64.95
C ILE KA 469 -44.63 -18.27 66.42
N ALA KA 470 -45.51 -19.09 66.99
CA ALA KA 470 -45.82 -19.05 68.42
C ALA KA 470 -45.05 -20.16 69.13
N GLU KA 471 -44.41 -19.82 70.25
CA GLU KA 471 -43.50 -20.71 70.94
C GLU KA 471 -44.26 -21.54 71.97
N HIS KA 472 -44.09 -22.85 71.90
CA HIS KA 472 -44.71 -23.78 72.85
C HIS KA 472 -43.72 -24.89 73.17
N TYR KA 473 -43.42 -25.06 74.46
CA TYR KA 473 -42.50 -26.09 74.91
C TYR KA 473 -43.19 -27.28 75.55
N MET KA 474 -44.45 -27.15 75.94
CA MET KA 474 -45.16 -28.21 76.65
C MET KA 474 -46.22 -28.91 75.82
N ALA KA 475 -46.65 -28.31 74.71
CA ALA KA 475 -47.88 -28.72 74.02
C ALA KA 475 -47.70 -30.01 73.23
N SER KA 476 -48.77 -30.80 73.17
CA SER KA 476 -48.78 -32.01 72.34
C SER KA 476 -49.84 -32.06 71.24
N ASP KA 477 -50.96 -31.36 71.36
CA ASP KA 477 -52.09 -31.54 70.43
C ASP KA 477 -52.66 -30.19 70.01
N VAL KA 478 -53.19 -30.12 68.77
CA VAL KA 478 -53.68 -28.88 68.17
C VAL KA 478 -55.03 -29.12 67.51
N GLU KA 479 -56.07 -28.48 68.02
CA GLU KA 479 -57.42 -28.59 67.47
C GLU KA 479 -58.14 -27.26 67.61
N TRP KA 480 -59.06 -26.98 66.69
CA TRP KA 480 -59.68 -25.67 66.59
C TRP KA 480 -61.16 -25.71 66.97
N ASP KA 481 -61.71 -24.51 67.21
CA ASP KA 481 -63.05 -24.27 67.74
C ASP KA 481 -64.12 -24.40 66.66
N PRO KA 482 -65.35 -24.74 67.05
CA PRO KA 482 -66.44 -24.89 66.07
C PRO KA 482 -67.04 -23.56 65.60
N THR KA 483 -66.62 -22.43 66.16
CA THR KA 483 -66.98 -21.13 65.61
C THR KA 483 -65.98 -20.68 64.54
N GLY KA 484 -64.69 -20.89 64.77
CA GLY KA 484 -63.66 -20.17 64.04
C GLY KA 484 -62.87 -19.23 64.93
N ARG KA 485 -62.92 -19.43 66.24
CA ARG KA 485 -62.45 -18.46 67.22
C ARG KA 485 -61.10 -18.79 67.87
N TYR KA 486 -60.73 -20.05 67.99
CA TYR KA 486 -59.47 -20.41 68.66
C TYR KA 486 -58.96 -21.75 68.16
N VAL KA 487 -57.66 -21.86 67.91
CA VAL KA 487 -56.98 -23.12 67.63
C VAL KA 487 -55.92 -23.33 68.70
N VAL KA 488 -56.10 -24.32 69.57
CA VAL KA 488 -55.39 -24.40 70.84
C VAL KA 488 -54.32 -25.48 70.82
N THR KA 489 -53.11 -25.14 71.28
CA THR KA 489 -52.01 -26.08 71.46
C THR KA 489 -51.68 -26.25 72.94
N SER KA 490 -52.01 -27.43 73.51
CA SER KA 490 -51.97 -27.63 74.95
C SER KA 490 -51.30 -28.96 75.29
N VAL KA 491 -51.15 -29.22 76.58
CA VAL KA 491 -50.14 -30.11 77.12
C VAL KA 491 -50.79 -31.31 77.80
N SER KA 492 -50.00 -32.37 77.97
CA SER KA 492 -50.44 -33.66 78.48
C SER KA 492 -49.49 -34.15 79.57
N TRP KA 493 -50.05 -34.75 80.63
CA TRP KA 493 -49.24 -35.05 81.80
C TRP KA 493 -48.47 -36.36 81.70
N TRP KA 494 -49.09 -37.43 81.19
CA TRP KA 494 -48.53 -38.76 81.26
C TRP KA 494 -47.78 -39.16 79.99
N SER KA 495 -47.56 -38.20 79.08
CA SER KA 495 -46.85 -38.42 77.84
C SER KA 495 -45.55 -37.63 77.73
N HIS KA 496 -45.30 -36.69 78.63
CA HIS KA 496 -44.11 -35.86 78.63
C HIS KA 496 -43.91 -35.31 80.04
N LYS KA 497 -42.83 -34.54 80.21
CA LYS KA 497 -42.41 -34.06 81.52
C LYS KA 497 -43.26 -32.87 81.98
N VAL KA 498 -42.99 -32.39 83.19
CA VAL KA 498 -43.58 -31.14 83.66
C VAL KA 498 -42.74 -30.00 83.08
N ASP KA 499 -43.23 -29.41 82.00
CA ASP KA 499 -42.78 -28.14 81.45
C ASP KA 499 -43.92 -27.14 81.35
N ASN KA 500 -44.95 -27.31 82.18
CA ASN KA 500 -46.36 -27.10 81.82
C ASN KA 500 -46.72 -25.66 81.49
N ALA KA 501 -47.62 -25.52 80.51
CA ALA KA 501 -48.23 -24.26 80.12
C ALA KA 501 -49.55 -24.56 79.42
N TYR KA 502 -50.32 -23.50 79.14
CA TYR KA 502 -51.39 -23.56 78.15
C TYR KA 502 -51.28 -22.34 77.27
N TRP KA 503 -50.87 -22.52 76.02
CA TRP KA 503 -50.73 -21.43 75.06
C TRP KA 503 -51.55 -21.76 73.82
N LEU KA 504 -52.72 -21.16 73.70
CA LEU KA 504 -53.56 -21.33 72.51
C LEU KA 504 -53.17 -20.28 71.48
N TRP KA 505 -53.45 -20.59 70.21
CA TRP KA 505 -52.96 -19.78 69.10
C TRP KA 505 -54.07 -18.92 68.53
N THR KA 506 -53.91 -17.61 68.69
CA THR KA 506 -54.73 -16.66 67.98
C THR KA 506 -54.05 -16.27 66.68
N PHE KA 507 -54.84 -15.71 65.76
CA PHE KA 507 -54.36 -15.46 64.41
C PHE KA 507 -53.50 -14.21 64.30
N GLN KA 508 -53.70 -13.23 65.17
CA GLN KA 508 -53.08 -11.91 65.01
C GLN KA 508 -51.77 -11.77 65.77
N GLY KA 509 -51.31 -12.83 66.42
CA GLY KA 509 -50.17 -12.74 67.30
C GLY KA 509 -50.50 -12.35 68.72
N ARG KA 510 -51.77 -12.06 69.00
CA ARG KA 510 -52.20 -11.74 70.36
C ARG KA 510 -52.29 -13.01 71.18
N LEU KA 511 -52.11 -12.84 72.49
CA LEU KA 511 -52.13 -13.98 73.40
C LEU KA 511 -53.56 -14.49 73.58
N LEU KA 512 -53.73 -15.79 73.47
CA LEU KA 512 -55.05 -16.40 73.60
C LEU KA 512 -55.25 -17.14 74.91
N GLN KA 513 -54.18 -17.58 75.57
CA GLN KA 513 -54.32 -18.20 76.88
C GLN KA 513 -53.09 -17.90 77.72
N LYS KA 514 -53.32 -17.75 79.03
CA LYS KA 514 -52.27 -17.89 80.04
C LYS KA 514 -52.85 -18.69 81.20
N ASN KA 515 -52.38 -19.92 81.36
CA ASN KA 515 -52.81 -20.80 82.46
C ASN KA 515 -51.79 -21.91 82.63
N ASN KA 516 -51.45 -22.19 83.90
CA ASN KA 516 -50.72 -23.40 84.25
C ASN KA 516 -51.45 -24.06 85.41
N LYS KA 517 -52.14 -25.16 85.12
CA LYS KA 517 -52.87 -25.91 86.13
C LYS KA 517 -52.40 -27.35 86.00
N ASP KA 518 -51.94 -27.91 87.11
CA ASP KA 518 -51.04 -29.06 87.13
C ASP KA 518 -51.73 -30.33 86.64
N ARG KA 519 -50.98 -31.10 85.84
CA ARG KA 519 -51.38 -32.41 85.27
C ARG KA 519 -52.56 -32.29 84.32
N PHE KA 520 -52.71 -31.15 83.65
CA PHE KA 520 -53.77 -30.95 82.67
C PHE KA 520 -53.46 -31.73 81.41
N CYS KA 521 -54.51 -32.28 80.79
CA CYS KA 521 -54.30 -33.17 79.66
C CYS KA 521 -54.77 -32.62 78.32
N GLN KA 522 -55.78 -31.75 78.30
CA GLN KA 522 -56.41 -31.31 77.05
C GLN KA 522 -57.31 -30.11 77.32
N LEU KA 523 -57.56 -29.33 76.28
CA LEU KA 523 -58.63 -28.34 76.32
C LEU KA 523 -59.23 -28.18 74.94
N LEU KA 524 -60.51 -28.53 74.80
CA LEU KA 524 -61.17 -28.58 73.50
C LEU KA 524 -62.62 -28.16 73.63
N TRP KA 525 -63.21 -27.77 72.49
CA TRP KA 525 -64.52 -27.12 72.46
C TRP KA 525 -65.65 -28.06 72.85
N ARG KA 526 -66.41 -27.67 73.87
CA ARG KA 526 -67.73 -28.26 74.09
C ARG KA 526 -68.65 -27.76 72.97
N PRO KA 527 -69.27 -28.65 72.22
CA PRO KA 527 -69.88 -28.26 70.94
C PRO KA 527 -71.24 -27.61 71.13
N ARG KA 528 -71.79 -27.17 69.99
CA ARG KA 528 -72.99 -26.34 69.87
C ARG KA 528 -74.01 -27.07 69.02
N PRO KA 529 -75.22 -26.53 68.86
CA PRO KA 529 -76.26 -27.24 68.10
C PRO KA 529 -76.00 -27.17 66.60
N PRO KA 530 -76.81 -27.87 65.80
CA PRO KA 530 -76.87 -27.57 64.37
C PRO KA 530 -77.43 -26.16 64.16
N THR KA 531 -76.71 -25.36 63.38
CA THR KA 531 -76.99 -23.92 63.35
C THR KA 531 -78.18 -23.57 62.48
N LEU KA 532 -78.33 -24.28 61.35
CA LEU KA 532 -79.35 -24.05 60.32
C LEU KA 532 -79.33 -22.60 59.82
N LEU KA 533 -78.14 -22.15 59.42
CA LEU KA 533 -77.94 -20.78 59.00
C LEU KA 533 -78.38 -20.59 57.55
N SER KA 534 -78.33 -19.35 57.09
CA SER KA 534 -78.73 -18.99 55.74
C SER KA 534 -77.65 -18.14 55.10
N GLN KA 535 -77.71 -18.03 53.77
CA GLN KA 535 -76.75 -17.24 53.03
C GLN KA 535 -76.99 -15.74 53.13
N GLU KA 536 -78.18 -15.32 53.58
CA GLU KA 536 -78.50 -13.90 53.67
C GLU KA 536 -77.77 -13.22 54.82
N GLN KA 537 -77.56 -13.92 55.94
CA GLN KA 537 -76.84 -13.34 57.06
C GLN KA 537 -75.35 -13.23 56.78
N ILE KA 538 -74.79 -14.17 56.02
CA ILE KA 538 -73.39 -14.07 55.60
C ILE KA 538 -73.23 -13.02 54.51
N LYS KA 539 -74.30 -12.71 53.77
CA LYS KA 539 -74.23 -11.65 52.77
C LYS KA 539 -74.16 -10.27 53.41
N GLN KA 540 -74.76 -10.10 54.60
CA GLN KA 540 -74.62 -8.85 55.33
C GLN KA 540 -73.22 -8.69 55.90
N ILE KA 541 -72.59 -9.81 56.31
CA ILE KA 541 -71.17 -9.80 56.67
C ILE KA 541 -70.28 -9.78 55.43
N LYS KA 542 -70.85 -10.03 54.24
CA LYS KA 542 -70.19 -9.75 52.97
C LYS KA 542 -70.40 -8.31 52.50
N LYS KA 543 -70.90 -7.43 53.35
CA LYS KA 543 -70.97 -6.00 53.02
C LYS KA 543 -69.82 -5.25 53.68
N LYS KA 550 -66.41 -2.18 59.97
CA LYS KA 550 -66.22 -0.74 59.98
C LYS KA 550 -67.37 0.00 59.29
N ILE KA 551 -67.97 -0.63 58.27
CA ILE KA 551 -69.04 0.01 57.52
C ILE KA 551 -70.35 -0.02 58.31
N PHE KA 552 -70.75 -1.20 58.76
CA PHE KA 552 -71.79 -1.37 59.77
C PHE KA 552 -71.25 -1.94 61.06
N GLU KA 553 -70.10 -2.61 61.00
CA GLU KA 553 -69.43 -3.18 62.17
C GLU KA 553 -68.52 -2.14 62.81
N GLN KA 554 -69.15 -1.11 63.38
CA GLN KA 554 -68.45 -0.04 64.08
C GLN KA 554 -68.74 0.02 65.57
N LYS KA 555 -69.82 -0.61 66.04
CA LYS KA 555 -70.27 -0.42 67.42
C LYS KA 555 -69.53 -1.30 68.42
N ASP KA 556 -69.00 -2.45 67.98
CA ASP KA 556 -68.54 -3.48 68.91
C ASP KA 556 -67.22 -3.11 69.60
N ARG KA 557 -66.37 -2.32 68.94
CA ARG KA 557 -65.14 -1.86 69.58
C ARG KA 557 -65.42 -0.72 70.57
N LEU KA 558 -66.38 0.15 70.24
CA LEU KA 558 -66.65 1.31 71.09
C LEU KA 558 -67.40 0.92 72.36
N SER KA 559 -68.25 -0.10 72.30
CA SER KA 559 -68.90 -0.61 73.50
C SER KA 559 -67.89 -1.33 74.39
N GLN KA 560 -66.88 -1.95 73.80
CA GLN KA 560 -65.80 -2.56 74.56
C GLN KA 560 -64.91 -1.50 75.22
N SER KA 561 -64.79 -0.32 74.61
CA SER KA 561 -63.97 0.76 75.17
C SER KA 561 -64.61 1.36 76.42
N LYS KA 562 -65.94 1.40 76.48
CA LYS KA 562 -66.61 1.90 77.69
C LYS KA 562 -66.52 0.90 78.82
N ALA KA 563 -66.48 -0.40 78.52
CA ALA KA 563 -66.32 -1.43 79.53
C ALA KA 563 -64.89 -1.53 80.06
N SER KA 564 -63.91 -1.01 79.31
CA SER KA 564 -62.52 -1.06 79.69
C SER KA 564 -62.02 0.30 80.21
N LYS KA 565 -62.92 1.12 80.72
CA LYS KA 565 -62.57 2.43 81.24
C LYS KA 565 -62.34 2.36 82.75
N GLU KA 566 -61.43 3.20 83.22
CA GLU KA 566 -61.09 3.24 84.64
C GLU KA 566 -61.27 4.65 85.20
N TYR LA 1 36.38 10.20 -36.82
CA TYR LA 1 37.79 10.00 -36.50
C TYR LA 1 38.60 9.77 -37.76
N PHE LA 2 39.91 9.60 -37.59
CA PHE LA 2 40.77 9.19 -38.68
C PHE LA 2 41.57 7.96 -38.30
N GLN LA 3 42.12 7.33 -39.31
CA GLN LA 3 43.02 6.21 -39.10
C GLN LA 3 44.46 6.67 -39.09
N ARG LA 4 44.73 7.82 -39.73
CA ARG LA 4 46.07 8.36 -39.80
C ARG LA 4 45.92 9.87 -39.90
N PRO LA 5 46.71 10.66 -39.16
CA PRO LA 5 46.49 12.11 -39.10
C PRO LA 5 46.85 12.88 -40.35
N GLU LA 6 47.55 12.28 -41.31
CA GLU LA 6 47.78 12.95 -42.59
C GLU LA 6 46.51 13.03 -43.44
N ASN LA 7 45.53 12.18 -43.16
CA ASN LA 7 44.34 12.06 -43.98
C ASN LA 7 43.41 13.24 -43.88
N ALA LA 8 43.57 14.05 -42.83
CA ALA LA 8 42.85 15.30 -42.68
C ALA LA 8 43.12 16.25 -43.85
N LEU LA 9 44.38 16.30 -44.31
CA LEU LA 9 44.69 17.12 -45.47
C LEU LA 9 44.07 16.59 -46.74
N LYS LA 10 44.08 15.26 -46.91
CA LYS LA 10 43.54 14.67 -48.13
C LYS LA 10 42.04 14.82 -48.19
N ARG LA 11 41.37 14.86 -47.04
CA ARG LA 11 39.94 15.12 -47.06
C ARG LA 11 39.62 16.59 -47.26
N ALA LA 12 40.36 17.49 -46.60
CA ALA LA 12 39.99 18.90 -46.63
C ALA LA 12 40.35 19.55 -47.95
N ASN LA 13 41.42 19.09 -48.59
CA ASN LA 13 41.76 19.57 -49.94
C ASN LA 13 40.80 19.06 -51.00
N GLU LA 14 40.01 18.03 -50.73
CA GLU LA 14 38.98 17.63 -51.67
C GLU LA 14 37.70 18.43 -51.53
N PHE LA 15 37.41 18.96 -50.35
CA PHE LA 15 36.19 19.74 -50.17
C PHE LA 15 36.35 21.14 -50.74
N LEU LA 16 37.57 21.67 -50.75
CA LEU LA 16 37.85 22.93 -51.40
C LEU LA 16 37.96 22.79 -52.90
N GLU LA 17 38.09 21.55 -53.40
CA GLU LA 17 38.22 21.33 -54.83
C GLU LA 17 36.91 21.59 -55.56
N VAL LA 18 35.79 21.17 -54.97
CA VAL LA 18 34.50 21.62 -55.46
C VAL LA 18 34.24 23.06 -55.02
N GLY LA 19 34.62 23.41 -53.79
CA GLY LA 19 34.44 24.77 -53.31
C GLY LA 19 33.62 24.94 -52.04
N LYS LA 20 33.22 23.84 -51.40
CA LYS LA 20 32.58 23.93 -50.08
C LYS LA 20 33.65 24.13 -49.01
N LYS LA 21 33.45 25.09 -48.13
CA LYS LA 21 34.47 25.41 -47.15
C LYS LA 21 34.09 25.11 -45.71
N GLN LA 22 32.81 25.02 -45.40
CA GLN LA 22 32.34 24.60 -44.09
C GLN LA 22 32.59 23.13 -43.72
N PRO LA 23 32.43 22.12 -44.62
CA PRO LA 23 32.95 20.80 -44.25
C PRO LA 23 34.46 20.73 -44.24
N ALA LA 24 35.14 21.62 -44.97
CA ALA LA 24 36.59 21.60 -44.97
C ALA LA 24 37.15 22.03 -43.64
N LEU LA 25 36.56 23.03 -43.00
CA LEU LA 25 37.02 23.48 -41.69
C LEU LA 25 36.69 22.47 -40.60
N ASP LA 26 35.45 21.97 -40.59
CA ASP LA 26 34.96 21.21 -39.44
C ASP LA 26 35.45 19.77 -39.47
N VAL LA 27 35.95 19.28 -40.60
CA VAL LA 27 36.78 18.08 -40.54
C VAL LA 27 38.07 18.38 -39.80
N LEU LA 28 38.70 19.53 -40.13
CA LEU LA 28 40.01 19.86 -39.58
C LEU LA 28 39.94 20.25 -38.11
N TYR LA 29 38.78 20.66 -37.61
CA TYR LA 29 38.61 20.72 -36.15
C TYR LA 29 38.48 19.32 -35.57
N ASP LA 30 37.74 18.44 -36.24
CA ASP LA 30 37.39 17.16 -35.66
C ASP LA 30 38.53 16.16 -35.71
N VAL LA 31 39.62 16.47 -36.42
CA VAL LA 31 40.82 15.65 -36.27
C VAL LA 31 41.62 16.08 -35.03
N MET LA 32 41.59 17.38 -34.70
CA MET LA 32 42.35 17.88 -33.57
C MET LA 32 41.69 17.55 -32.24
N LYS LA 33 40.36 17.48 -32.21
CA LYS LA 33 39.62 17.18 -30.99
C LYS LA 33 39.68 15.69 -30.63
N SER LA 34 40.12 14.84 -31.55
CA SER LA 34 40.23 13.42 -31.29
C SER LA 34 41.35 13.14 -30.29
N LYS LA 35 41.23 12.01 -29.61
CA LYS LA 35 42.02 11.76 -28.43
C LYS LA 35 43.29 11.01 -28.75
N LYS LA 36 43.44 10.53 -29.98
CA LYS LA 36 44.63 9.81 -30.37
C LYS LA 36 45.61 10.69 -31.11
N HIS LA 37 45.35 12.00 -31.25
CA HIS LA 37 46.16 12.86 -32.08
C HIS LA 37 46.74 14.04 -31.31
N ARG LA 38 46.86 13.94 -30.00
CA ARG LA 38 47.43 15.02 -29.21
C ARG LA 38 48.90 14.82 -28.93
N THR LA 39 49.52 13.80 -29.53
CA THR LA 39 50.93 13.51 -29.34
C THR LA 39 51.66 13.88 -30.62
N TRP LA 40 52.72 14.68 -30.48
CA TRP LA 40 53.15 15.59 -31.54
C TRP LA 40 53.79 14.87 -32.72
N GLN LA 41 53.32 15.22 -33.90
CA GLN LA 41 53.82 14.71 -35.17
C GLN LA 41 54.17 15.93 -36.02
N LYS LA 42 54.80 15.70 -37.16
CA LYS LA 42 55.18 16.83 -38.01
C LYS LA 42 53.99 17.37 -38.79
N ILE LA 43 52.95 16.55 -39.00
CA ILE LA 43 51.83 17.01 -39.81
C ILE LA 43 50.85 17.88 -39.03
N HIS LA 44 50.98 17.96 -37.70
CA HIS LA 44 50.01 18.74 -36.95
C HIS LA 44 50.18 20.24 -37.10
N GLU LA 45 51.36 20.72 -37.48
CA GLU LA 45 51.46 22.14 -37.81
C GLU LA 45 50.81 22.50 -39.15
N PRO LA 46 51.05 21.80 -40.30
CA PRO LA 46 50.41 22.27 -41.54
C PRO LA 46 48.93 21.98 -41.69
N ILE LA 47 48.32 21.17 -40.83
CA ILE LA 47 46.86 21.19 -40.84
C ILE LA 47 46.34 22.34 -39.99
N MET LA 48 47.13 22.80 -39.02
CA MET LA 48 46.71 23.87 -38.14
C MET LA 48 46.88 25.22 -38.81
N LEU LA 49 47.86 25.33 -39.72
CA LEU LA 49 47.92 26.49 -40.60
C LEU LA 49 46.71 26.53 -41.52
N LYS LA 50 46.28 25.36 -42.00
CA LYS LA 50 45.15 25.31 -42.91
C LYS LA 50 43.84 25.56 -42.19
N TYR LA 51 43.71 25.07 -40.95
CA TYR LA 51 42.50 25.32 -40.16
C TYR LA 51 42.44 26.78 -39.71
N LEU LA 52 43.58 27.40 -39.45
CA LEU LA 52 43.59 28.82 -39.20
C LEU LA 52 43.39 29.60 -40.48
N GLU LA 53 43.78 29.04 -41.63
CA GLU LA 53 43.51 29.68 -42.91
C GLU LA 53 42.02 29.65 -43.21
N LEU LA 54 41.37 28.53 -42.92
CA LEU LA 54 39.96 28.39 -43.28
C LEU LA 54 39.05 29.17 -42.36
N CYS LA 55 39.48 29.43 -41.12
CA CYS LA 55 38.70 30.27 -40.22
C CYS LA 55 38.68 31.72 -40.65
N VAL LA 56 39.66 32.14 -41.44
CA VAL LA 56 39.78 33.53 -41.84
C VAL LA 56 38.68 33.93 -42.83
N ASP LA 57 38.50 33.15 -43.90
CA ASP LA 57 37.62 33.63 -44.97
C ASP LA 57 36.16 33.34 -44.70
N LEU LA 58 35.86 32.41 -43.81
CA LEU LA 58 34.49 32.32 -43.31
C LEU LA 58 34.23 33.28 -42.17
N ARG LA 59 35.31 33.92 -41.66
CA ARG LA 59 35.29 34.90 -40.56
C ARG LA 59 34.64 34.34 -39.31
N LYS LA 60 35.01 33.12 -38.94
CA LYS LA 60 34.55 32.52 -37.70
C LYS LA 60 35.64 32.74 -36.65
N SER LA 61 35.38 33.67 -35.73
CA SER LA 61 36.35 34.02 -34.71
C SER LA 61 36.30 33.11 -33.50
N HIS LA 62 35.10 32.59 -33.16
CA HIS LA 62 34.94 31.68 -32.03
C HIS LA 62 35.66 30.35 -32.28
N LEU LA 63 35.63 29.89 -33.53
CA LEU LA 63 36.14 28.57 -33.84
C LEU LA 63 37.66 28.54 -33.88
N ALA LA 64 38.30 29.65 -34.26
CA ALA LA 64 39.76 29.66 -34.33
C ALA LA 64 40.38 29.75 -32.95
N LYS LA 65 39.67 30.36 -31.99
CA LYS LA 65 40.19 30.49 -30.64
C LYS LA 65 40.26 29.14 -29.94
N GLU LA 66 39.29 28.27 -30.24
CA GLU LA 66 39.23 26.97 -29.58
C GLU LA 66 40.36 26.05 -30.04
N GLY LA 67 40.61 26.02 -31.36
CA GLY LA 67 41.67 25.16 -31.88
C GLY LA 67 43.06 25.66 -31.54
N LEU LA 68 43.21 26.97 -31.43
CA LEU LA 68 44.49 27.51 -31.00
C LEU LA 68 44.66 27.36 -29.49
N TYR LA 69 43.57 27.24 -28.74
CA TYR LA 69 43.71 26.75 -27.37
C TYR LA 69 44.08 25.27 -27.37
N GLN LA 70 43.48 24.48 -28.26
CA GLN LA 70 43.70 23.04 -28.25
C GLN LA 70 45.10 22.68 -28.70
N TYR LA 71 45.63 23.38 -29.72
CA TYR LA 71 46.99 23.12 -30.18
C TYR LA 71 48.02 23.56 -29.14
N LYS LA 72 47.70 24.61 -28.35
CA LYS LA 72 48.56 25.05 -27.25
C LYS LA 72 48.65 24.02 -26.14
N ASN LA 73 47.60 23.22 -25.97
CA ASN LA 73 47.64 22.07 -25.06
C ASN LA 73 48.52 20.98 -25.63
N ILE LA 74 48.56 20.86 -26.96
CA ILE LA 74 49.23 19.74 -27.61
C ILE LA 74 50.73 19.94 -27.64
N CYS LA 75 51.19 21.10 -28.10
CA CYS LA 75 52.61 21.42 -28.03
C CYS LA 75 52.99 22.07 -26.69
N GLN LA 76 52.83 21.28 -25.63
CA GLN LA 76 53.46 21.59 -24.35
C GLN LA 76 54.90 21.12 -24.31
N GLN LA 77 55.31 20.34 -25.30
CA GLN LA 77 56.69 19.99 -25.55
C GLN LA 77 57.41 21.17 -26.20
N VAL LA 78 58.72 21.01 -26.39
CA VAL LA 78 59.64 22.15 -26.43
C VAL LA 78 59.60 22.88 -27.76
N ASN LA 79 58.87 22.38 -28.76
CA ASN LA 79 58.74 23.05 -30.05
C ASN LA 79 57.63 24.12 -30.02
N ILE LA 80 57.93 25.23 -29.34
CA ILE LA 80 57.10 26.42 -29.41
C ILE LA 80 57.50 27.28 -30.61
N LYS LA 81 58.52 26.85 -31.35
CA LYS LA 81 58.76 27.36 -32.70
C LYS LA 81 57.59 27.07 -33.64
N SER LA 82 56.85 25.98 -33.40
CA SER LA 82 55.62 25.78 -34.14
C SER LA 82 54.54 26.74 -33.68
N LEU LA 83 54.40 26.90 -32.37
CA LEU LA 83 53.33 27.71 -31.79
C LEU LA 83 53.56 29.19 -32.04
N GLU LA 84 54.82 29.59 -32.18
CA GLU LA 84 55.10 30.92 -32.71
C GLU LA 84 54.67 31.02 -34.16
N ASP LA 85 54.88 29.97 -34.93
CA ASP LA 85 54.70 30.09 -36.37
C ASP LA 85 53.23 30.01 -36.76
N VAL LA 86 52.43 29.20 -36.04
CA VAL LA 86 51.01 29.08 -36.36
C VAL LA 86 50.26 30.34 -35.96
N VAL LA 87 50.77 31.08 -34.98
CA VAL LA 87 50.05 32.23 -34.46
C VAL LA 87 50.24 33.44 -35.35
N ARG LA 88 51.47 33.73 -35.75
CA ARG LA 88 51.71 34.90 -36.58
C ARG LA 88 51.24 34.71 -38.01
N ALA LA 89 51.13 33.46 -38.48
CA ALA LA 89 50.58 33.22 -39.81
C ALA LA 89 49.08 33.46 -39.86
N TYR LA 90 48.39 33.13 -38.77
CA TYR LA 90 47.03 33.62 -38.56
C TYR LA 90 47.01 35.13 -38.49
N LEU LA 91 47.97 35.71 -37.80
CA LEU LA 91 48.00 37.16 -37.70
C LEU LA 91 48.64 37.84 -38.92
N LYS LA 92 49.11 37.07 -39.90
CA LYS LA 92 49.42 37.61 -41.21
C LYS LA 92 48.19 37.60 -42.11
N MET LA 93 47.43 36.51 -42.08
CA MET LA 93 46.31 36.37 -43.01
C MET LA 93 45.12 37.22 -42.61
N ALA LA 94 45.05 37.61 -41.34
CA ALA LA 94 43.97 38.48 -40.92
C ALA LA 94 44.20 39.92 -41.38
N GLU LA 95 45.44 40.38 -41.35
CA GLU LA 95 45.75 41.75 -41.76
C GLU LA 95 45.63 41.95 -43.26
N GLU LA 96 45.93 40.92 -44.03
CA GLU LA 96 45.88 41.01 -45.48
C GLU LA 96 44.45 41.14 -45.99
N LYS LA 97 43.50 40.49 -45.31
CA LYS LA 97 42.12 40.52 -45.76
C LYS LA 97 41.47 41.88 -45.54
N THR LA 98 41.91 42.62 -44.52
CA THR LA 98 41.36 43.94 -44.26
C THR LA 98 41.87 44.97 -45.26
N GLU LA 99 43.17 44.89 -45.61
CA GLU LA 99 43.76 45.83 -46.54
C GLU LA 99 43.22 45.67 -47.95
N ALA LA 100 42.87 44.45 -48.33
CA ALA LA 100 42.19 44.23 -49.60
C ALA LA 100 40.78 44.80 -49.56
N ALA LA 101 40.07 44.62 -48.43
CA ALA LA 101 38.68 45.03 -48.34
C ALA LA 101 38.52 46.54 -48.18
N LYS LA 102 39.55 47.26 -47.70
CA LYS LA 102 39.52 48.71 -47.73
C LYS LA 102 39.50 49.24 -49.15
N GLU LA 103 40.32 48.64 -50.03
CA GLU LA 103 40.45 49.11 -51.41
C GLU LA 103 39.20 48.81 -52.23
N GLU LA 104 38.56 47.68 -51.98
CA GLU LA 104 37.37 47.33 -52.73
C GLU LA 104 36.18 48.18 -52.29
N SER LA 105 36.17 48.63 -51.03
CA SER LA 105 35.27 49.70 -50.62
C SER LA 105 35.74 51.06 -51.12
N GLN LA 106 37.06 51.23 -51.33
CA GLN LA 106 37.58 52.50 -51.84
C GLN LA 106 37.17 52.77 -53.27
N GLN LA 107 37.24 51.75 -54.14
CA GLN LA 107 36.85 51.96 -55.53
C GLN LA 107 35.34 51.96 -55.71
N MET LA 108 34.59 51.48 -54.71
CA MET LA 108 33.15 51.67 -54.68
C MET LA 108 32.77 53.14 -54.55
N VAL LA 109 33.61 53.94 -53.89
CA VAL LA 109 33.43 55.40 -53.88
C VAL LA 109 33.65 55.99 -55.27
N LEU LA 110 34.63 55.44 -56.00
CA LEU LA 110 34.84 55.81 -57.40
C LEU LA 110 33.79 55.19 -58.32
N ASP LA 111 33.17 54.09 -57.90
CA ASP LA 111 32.10 53.48 -58.69
C ASP LA 111 30.84 54.35 -58.67
N ILE LA 112 30.51 54.94 -57.52
CA ILE LA 112 29.23 55.62 -57.41
C ILE LA 112 29.23 57.04 -57.96
N GLU LA 113 30.34 57.80 -57.84
CA GLU LA 113 30.45 59.17 -58.38
C GLU LA 113 31.87 59.48 -58.79
N THR LA 120 19.52 62.03 -55.27
CA THR LA 120 19.67 63.06 -54.24
C THR LA 120 18.56 63.39 -53.22
N PRO LA 121 17.31 62.94 -53.36
CA PRO LA 121 16.43 62.96 -52.17
C PRO LA 121 16.84 62.00 -51.07
N GLU LA 122 17.54 60.91 -51.36
CA GLU LA 122 17.88 59.99 -50.28
C GLU LA 122 19.12 60.44 -49.50
N SER LA 123 19.84 61.45 -49.99
CA SER LA 123 20.98 61.97 -49.24
C SER LA 123 20.63 63.18 -48.39
N VAL LA 124 19.58 63.92 -48.76
CA VAL LA 124 19.31 65.18 -48.06
C VAL LA 124 18.65 64.92 -46.71
N LEU LA 125 17.83 63.87 -46.62
CA LEU LA 125 17.16 63.54 -45.35
C LEU LA 125 18.13 63.03 -44.32
N LEU LA 126 19.11 62.24 -44.76
CA LEU LA 126 20.05 61.62 -43.84
C LEU LA 126 21.07 62.62 -43.32
N SER LA 127 21.29 63.72 -44.06
CA SER LA 127 22.14 64.78 -43.54
C SER LA 127 21.47 65.51 -42.39
N ALA LA 128 20.15 65.50 -42.33
CA ALA LA 128 19.40 66.13 -41.26
C ALA LA 128 19.42 65.34 -39.96
N VAL LA 129 19.85 64.08 -39.96
CA VAL LA 129 19.98 63.32 -38.72
C VAL LA 129 21.45 63.14 -38.30
N SER LA 130 22.32 62.72 -39.20
CA SER LA 130 23.71 62.50 -38.84
C SER LA 130 24.58 62.74 -40.06
N GLY LA 131 25.66 63.49 -39.87
CA GLY LA 131 26.54 63.81 -40.97
C GLY LA 131 27.45 62.63 -41.16
N GLU LA 132 27.47 62.10 -42.37
CA GLU LA 132 28.28 60.93 -42.71
C GLU LA 132 28.68 61.06 -44.16
N ASP LA 133 29.94 60.77 -44.40
CA ASP LA 133 30.48 60.80 -45.74
C ASP LA 133 30.00 59.56 -46.48
N THR LA 134 30.14 59.58 -47.81
CA THR LA 134 29.80 58.38 -48.55
C THR LA 134 30.86 57.30 -48.39
N GLN LA 135 32.09 57.69 -48.05
CA GLN LA 135 33.12 56.73 -47.66
C GLN LA 135 32.74 56.02 -46.36
N ASP LA 136 32.16 56.76 -45.42
CA ASP LA 136 31.86 56.21 -44.10
C ASP LA 136 30.66 55.27 -44.12
N ARG LA 137 29.76 55.42 -45.08
CA ARG LA 137 28.66 54.46 -45.20
C ARG LA 137 29.17 53.12 -45.73
N THR LA 138 29.97 53.15 -46.79
CA THR LA 138 30.36 51.92 -47.48
C THR LA 138 31.41 51.15 -46.70
N ASP LA 139 32.11 51.82 -45.80
CA ASP LA 139 33.07 51.14 -44.93
C ASP LA 139 32.37 50.24 -43.92
N ARG LA 140 31.17 50.63 -43.47
CA ARG LA 140 30.44 49.84 -42.51
C ARG LA 140 29.92 48.54 -43.12
N LEU LA 141 29.55 48.55 -44.39
CA LEU LA 141 29.14 47.31 -45.03
C LEU LA 141 30.33 46.42 -45.37
N LEU LA 142 31.29 46.92 -46.13
CA LEU LA 142 32.31 46.01 -46.63
C LEU LA 142 33.47 45.77 -45.66
N LEU LA 143 34.09 46.84 -45.15
CA LEU LA 143 35.33 46.69 -44.44
C LEU LA 143 35.11 46.28 -42.99
N THR LA 144 34.23 47.01 -42.31
CA THR LA 144 34.12 46.95 -40.84
C THR LA 144 33.76 45.58 -40.23
N PRO LA 145 32.98 44.68 -40.87
CA PRO LA 145 33.00 43.28 -40.42
C PRO LA 145 34.36 42.59 -40.39
N TRP LA 146 35.30 42.98 -41.25
CA TRP LA 146 36.63 42.35 -41.17
C TRP LA 146 37.49 42.91 -40.08
N VAL LA 147 37.40 44.23 -39.80
CA VAL LA 147 38.27 44.80 -38.77
C VAL LA 147 37.78 44.40 -37.39
N LYS LA 148 36.47 44.13 -37.26
CA LYS LA 148 35.96 43.49 -36.05
C LYS LA 148 36.51 42.08 -35.90
N PHE LA 149 36.76 41.40 -37.01
CA PHE LA 149 37.45 40.11 -36.91
C PHE LA 149 38.94 40.32 -36.67
N LEU LA 150 39.53 41.31 -37.35
CA LEU LA 150 40.96 41.61 -37.18
C LEU LA 150 41.26 42.05 -35.77
N TRP LA 151 40.36 42.82 -35.15
CA TRP LA 151 40.52 43.16 -33.75
C TRP LA 151 40.35 41.94 -32.86
N GLU LA 152 39.44 41.04 -33.25
CA GLU LA 152 39.23 39.83 -32.47
C GLU LA 152 40.41 38.88 -32.59
N SER LA 153 41.10 38.93 -33.73
CA SER LA 153 42.19 38.00 -33.98
C SER LA 153 43.44 38.34 -33.16
N TYR LA 154 43.65 39.62 -32.86
CA TYR LA 154 44.67 39.96 -31.85
C TYR LA 154 44.21 39.56 -30.46
N ARG LA 155 42.97 39.85 -30.12
CA ARG LA 155 42.55 39.89 -28.73
C ARG LA 155 42.37 38.48 -28.16
N GLN LA 156 42.02 37.52 -29.01
CA GLN LA 156 42.04 36.14 -28.56
C GLN LA 156 43.47 35.67 -28.33
N CYS LA 157 44.39 36.02 -29.23
CA CYS LA 157 45.74 35.47 -29.17
C CYS LA 157 46.58 36.10 -28.06
N LEU LA 158 46.17 37.25 -27.53
CA LEU LA 158 46.77 37.75 -26.30
C LEU LA 158 46.46 36.84 -25.13
N ASP LA 159 45.16 36.62 -24.91
CA ASP LA 159 44.64 36.02 -23.69
C ASP LA 159 44.96 34.53 -23.61
N LEU LA 160 45.28 33.90 -24.74
CA LEU LA 160 45.68 32.50 -24.74
C LEU LA 160 47.18 32.33 -24.52
N LEU LA 161 48.00 33.32 -24.89
CA LEU LA 161 49.45 33.24 -24.73
C LEU LA 161 49.94 33.93 -23.46
N ARG LA 162 49.04 34.35 -22.59
CA ARG LA 162 49.40 35.18 -21.46
C ARG LA 162 50.10 34.37 -20.38
N ASN LA 163 50.88 35.07 -19.56
CA ASN LA 163 51.42 34.64 -18.27
C ASN LA 163 52.40 33.47 -18.37
N ASN LA 164 52.94 33.21 -19.54
CA ASN LA 164 53.99 32.23 -19.78
C ASN LA 164 55.33 32.93 -19.57
N SER LA 165 56.42 32.15 -19.49
CA SER LA 165 57.74 32.76 -19.51
C SER LA 165 58.52 32.52 -20.79
N ARG LA 166 58.18 31.50 -21.59
CA ARG LA 166 59.02 31.16 -22.73
C ARG LA 166 58.38 31.46 -24.08
N VAL LA 167 57.22 32.11 -24.10
CA VAL LA 167 56.63 32.59 -25.36
C VAL LA 167 56.65 34.10 -25.47
N GLU LA 168 57.21 34.82 -24.48
CA GLU LA 168 56.80 36.18 -24.19
C GLU LA 168 57.27 37.22 -25.19
N ARG LA 169 58.26 36.89 -26.02
CA ARG LA 169 58.60 37.76 -27.13
C ARG LA 169 57.45 37.83 -28.12
N LEU LA 170 56.73 36.71 -28.30
CA LEU LA 170 55.54 36.71 -29.14
C LEU LA 170 54.38 37.45 -28.48
N TYR LA 171 54.26 37.41 -27.14
CA TYR LA 171 53.20 38.16 -26.47
C TYR LA 171 53.47 39.66 -26.53
N HIS LA 172 54.71 40.07 -26.26
CA HIS LA 172 55.03 41.48 -26.18
C HIS LA 172 54.99 42.16 -27.53
N ASP LA 173 55.32 41.42 -28.59
CA ASP LA 173 55.20 41.98 -29.92
C ASP LA 173 53.79 41.94 -30.46
N ILE LA 174 52.91 41.09 -29.89
CA ILE LA 174 51.56 41.07 -30.43
C ILE LA 174 50.73 42.23 -29.87
N ALA LA 175 51.16 42.82 -28.74
CA ALA LA 175 50.51 44.04 -28.30
C ALA LA 175 50.91 45.23 -29.17
N GLN LA 176 52.20 45.37 -29.49
CA GLN LA 176 52.67 46.50 -30.29
C GLN LA 176 52.29 46.36 -31.75
N GLN LA 177 52.03 45.14 -32.23
CA GLN LA 177 51.41 44.96 -33.53
C GLN LA 177 49.96 45.45 -33.53
N ALA LA 178 49.24 45.21 -32.42
CA ALA LA 178 47.82 45.55 -32.35
C ALA LA 178 47.60 47.03 -32.19
N PHE LA 179 48.55 47.74 -31.56
CA PHE LA 179 48.46 49.19 -31.45
C PHE LA 179 48.66 49.87 -32.79
N LYS LA 180 49.45 49.24 -33.67
CA LYS LA 180 49.63 49.71 -35.04
C LYS LA 180 48.32 49.62 -35.83
N PHE LA 181 47.48 48.64 -35.49
CA PHE LA 181 46.19 48.45 -36.16
C PHE LA 181 45.21 49.57 -35.84
N CYS LA 182 44.95 49.81 -34.55
CA CYS LA 182 43.88 50.75 -34.15
C CYS LA 182 44.28 52.19 -34.40
N LEU LA 183 45.57 52.45 -34.57
CA LEU LA 183 46.03 53.70 -35.16
C LEU LA 183 45.49 53.89 -36.58
N GLN LA 184 45.50 52.84 -37.40
CA GLN LA 184 45.06 53.04 -38.77
C GLN LA 184 43.55 52.98 -38.91
N TYR LA 185 42.90 51.99 -38.31
CA TYR LA 185 41.47 51.80 -38.55
C TYR LA 185 40.57 52.39 -37.48
N THR LA 186 41.13 53.19 -36.56
CA THR LA 186 40.44 54.11 -35.63
C THR LA 186 39.33 53.43 -34.83
N ARG LA 187 39.74 52.38 -34.12
CA ARG LA 187 38.86 51.75 -33.15
C ARG LA 187 39.04 52.53 -31.86
N LYS LA 188 38.05 53.33 -31.50
CA LYS LA 188 38.17 54.21 -30.34
C LYS LA 188 37.71 53.53 -29.06
N ALA LA 189 36.58 52.82 -29.11
CA ALA LA 189 36.11 52.13 -27.94
C ALA LA 189 36.91 50.86 -27.69
N GLU LA 190 37.52 50.30 -28.73
CA GLU LA 190 38.31 49.09 -28.56
C GLU LA 190 39.68 49.36 -27.99
N PHE LA 191 40.13 50.62 -28.00
CA PHE LA 191 41.32 50.98 -27.23
C PHE LA 191 41.06 50.86 -25.73
N ARG LA 192 39.83 51.12 -25.28
CA ARG LA 192 39.48 50.87 -23.89
C ARG LA 192 39.36 49.38 -23.62
N LYS LA 193 39.00 48.59 -24.63
CA LYS LA 193 38.92 47.14 -24.44
C LYS LA 193 40.30 46.52 -24.30
N LEU LA 194 41.31 47.11 -24.92
CA LEU LA 194 42.66 46.59 -24.78
C LEU LA 194 43.27 46.97 -23.43
N CYS LA 195 42.90 48.14 -22.91
CA CYS LA 195 43.39 48.62 -21.62
C CYS LA 195 42.92 47.75 -20.46
N ASP LA 196 41.68 47.27 -20.52
CA ASP LA 196 41.13 46.50 -19.41
C ASP LA 196 41.74 45.10 -19.34
N ASN LA 197 41.96 44.48 -20.49
CA ASN LA 197 42.60 43.15 -20.52
C ASN LA 197 44.09 43.26 -20.23
N LEU LA 198 44.67 44.44 -20.42
CA LEU LA 198 46.07 44.68 -20.09
C LEU LA 198 46.30 44.53 -18.59
N ARG LA 199 45.43 45.16 -17.80
CA ARG LA 199 45.49 45.03 -16.34
C ARG LA 199 44.99 43.68 -15.86
N MET LA 200 44.25 42.95 -16.70
CA MET LA 200 43.90 41.56 -16.37
C MET LA 200 45.14 40.69 -16.38
N HIS LA 201 46.10 40.99 -17.26
CA HIS LA 201 47.41 40.37 -17.18
C HIS LA 201 48.17 40.84 -15.96
N LEU LA 202 47.90 42.07 -15.49
CA LEU LA 202 48.69 42.64 -14.40
C LEU LA 202 48.36 42.00 -13.06
N SER LA 203 47.11 41.65 -12.82
CA SER LA 203 46.77 41.02 -11.54
C SER LA 203 47.17 39.55 -11.51
N GLN LA 204 47.11 38.86 -12.64
CA GLN LA 204 47.37 37.42 -12.70
C GLN LA 204 48.85 37.08 -12.68
N ILE LA 205 49.73 38.03 -13.00
CA ILE LA 205 51.16 37.88 -12.75
C ILE LA 205 51.42 37.81 -11.24
N GLN LA 206 50.70 38.62 -10.46
CA GLN LA 206 50.96 38.79 -9.04
C GLN LA 206 50.58 37.54 -8.24
N ARG LA 207 49.52 36.86 -8.66
CA ARG LA 207 49.04 35.71 -7.92
C ARG LA 207 49.72 34.42 -8.35
N HIS LA 208 49.79 34.16 -9.65
CA HIS LA 208 50.31 32.91 -10.17
C HIS LA 208 51.82 33.00 -10.41
N HIS LA 209 52.59 32.89 -9.32
CA HIS LA 209 54.04 32.69 -9.41
C HIS LA 209 54.45 31.22 -9.40
N ASN LA 210 53.50 30.30 -9.26
CA ASN LA 210 53.80 28.93 -8.91
C ASN LA 210 54.14 28.04 -10.11
N GLN LA 211 53.71 28.42 -11.31
CA GLN LA 211 53.91 27.59 -12.50
C GLN LA 211 55.38 27.51 -12.89
N SER LA 212 55.70 26.45 -13.64
CA SER LA 212 57.05 26.26 -14.17
C SER LA 212 57.37 27.28 -15.25
N THR LA 213 56.36 27.83 -15.90
CA THR LA 213 56.56 28.95 -16.81
C THR LA 213 56.02 30.26 -16.25
N ALA LA 214 55.82 30.36 -14.94
CA ALA LA 214 55.36 31.63 -14.38
C ALA LA 214 56.47 32.67 -14.43
N ILE LA 215 56.08 33.94 -14.48
CA ILE LA 215 56.97 35.00 -14.92
C ILE LA 215 57.65 35.63 -13.71
N ASN LA 216 58.94 35.95 -13.87
CA ASN LA 216 59.76 36.49 -12.80
C ASN LA 216 59.82 38.01 -12.98
N LEU LA 217 59.18 38.72 -12.07
CA LEU LA 217 58.96 40.14 -12.22
C LEU LA 217 60.03 40.98 -11.55
N ASN LA 218 61.05 40.38 -10.96
CA ASN LA 218 62.27 41.11 -10.61
C ASN LA 218 63.39 40.86 -11.62
N ASN LA 219 63.18 39.96 -12.57
CA ASN LA 219 64.10 39.77 -13.69
C ASN LA 219 63.99 40.98 -14.62
N PRO LA 220 65.10 41.67 -14.91
CA PRO LA 220 64.98 42.99 -15.56
C PRO LA 220 64.67 42.97 -17.06
N GLU LA 221 64.93 41.88 -17.79
CA GLU LA 221 64.68 41.90 -19.23
C GLU LA 221 63.19 41.80 -19.55
N SER LA 222 62.50 40.84 -18.92
CA SER LA 222 61.07 40.64 -19.16
C SER LA 222 60.25 41.85 -18.72
N GLN LA 223 60.66 42.51 -17.63
CA GLN LA 223 60.08 43.79 -17.25
C GLN LA 223 60.49 44.91 -18.20
N SER LA 224 61.64 44.80 -18.86
CA SER LA 224 62.01 45.82 -19.83
C SER LA 224 61.17 45.74 -21.09
N MET LA 225 60.68 44.55 -21.42
CA MET LA 225 59.76 44.46 -22.54
C MET LA 225 58.37 44.92 -22.12
N HIS LA 226 58.03 44.80 -20.83
CA HIS LA 226 56.82 45.43 -20.30
C HIS LA 226 56.88 46.94 -20.39
N LEU LA 227 58.06 47.50 -20.20
CA LEU LA 227 58.24 48.92 -20.47
C LEU LA 227 58.23 49.20 -21.96
N GLU LA 228 58.57 48.23 -22.80
CA GLU LA 228 58.29 48.41 -24.22
C GLU LA 228 56.80 48.21 -24.52
N THR LA 229 56.12 47.36 -23.75
CA THR LA 229 54.70 47.10 -23.96
C THR LA 229 53.84 48.30 -23.56
N ARG LA 230 54.10 48.88 -22.39
CA ARG LA 230 53.26 49.99 -21.98
C ARG LA 230 53.61 51.30 -22.67
N LEU LA 231 54.84 51.48 -23.15
CA LEU LA 231 55.19 52.80 -23.70
C LEU LA 231 54.62 53.03 -25.09
N VAL LA 232 54.40 51.98 -25.87
CA VAL LA 232 53.75 52.17 -27.16
C VAL LA 232 52.26 52.44 -27.02
N GLN LA 233 51.67 52.10 -25.87
CA GLN LA 233 50.32 52.56 -25.57
C GLN LA 233 50.29 54.06 -25.36
N LEU LA 234 51.30 54.58 -24.64
CA LEU LA 234 51.44 56.02 -24.43
C LEU LA 234 51.82 56.72 -25.73
N ASP LA 235 52.58 56.03 -26.57
CA ASP LA 235 52.98 56.58 -27.86
C ASP LA 235 51.81 56.65 -28.83
N SER LA 236 50.94 55.64 -28.82
CA SER LA 236 49.80 55.65 -29.73
C SER LA 236 48.56 56.36 -29.19
N ALA LA 237 48.41 56.52 -27.87
CA ALA LA 237 47.26 57.29 -27.37
C ALA LA 237 47.45 58.78 -27.56
N ILE LA 238 48.70 59.23 -27.72
CA ILE LA 238 48.99 60.53 -28.30
C ILE LA 238 48.37 60.64 -29.69
N SER LA 239 48.53 59.59 -30.50
CA SER LA 239 48.06 59.57 -31.87
C SER LA 239 46.56 59.36 -32.01
N MET LA 240 45.85 58.99 -30.94
CA MET LA 240 44.40 58.75 -31.02
C MET LA 240 43.55 59.65 -30.13
N GLU LA 241 44.14 60.65 -29.46
CA GLU LA 241 43.46 61.67 -28.63
C GLU LA 241 42.66 61.09 -27.46
N LEU LA 242 43.04 59.90 -26.99
CA LEU LA 242 42.47 59.33 -25.76
C LEU LA 242 43.32 59.78 -24.56
N TRP LA 243 43.12 61.06 -24.22
CA TRP LA 243 44.00 61.77 -23.28
C TRP LA 243 43.93 61.19 -21.87
N GLN LA 244 42.78 60.68 -21.45
CA GLN LA 244 42.70 59.99 -20.17
C GLN LA 244 43.43 58.66 -20.22
N GLU LA 245 43.42 58.01 -21.37
CA GLU LA 245 44.06 56.71 -21.51
C GLU LA 245 45.57 56.83 -21.70
N ALA LA 246 46.05 57.95 -22.23
CA ALA LA 246 47.47 58.24 -22.14
C ALA LA 246 47.85 58.58 -20.71
N PHE LA 247 46.95 59.19 -19.95
CA PHE LA 247 47.16 59.32 -18.51
C PHE LA 247 47.03 57.97 -17.81
N LYS LA 248 46.17 57.08 -18.33
CA LYS LA 248 46.12 55.72 -17.79
C LYS LA 248 47.32 54.89 -18.20
N ALA LA 249 48.02 55.29 -19.27
CA ALA LA 249 49.28 54.64 -19.60
C ALA LA 249 50.35 54.92 -18.56
N VAL LA 250 50.41 56.15 -18.05
CA VAL LA 250 51.48 56.48 -17.11
C VAL LA 250 51.15 55.96 -15.71
N GLU LA 251 49.86 55.72 -15.41
CA GLU LA 251 49.49 55.08 -14.15
C GLU LA 251 49.99 53.65 -14.09
N ASP LA 252 49.85 52.93 -15.19
CA ASP LA 252 50.26 51.54 -15.23
C ASP LA 252 51.78 51.39 -15.27
N ILE LA 253 52.50 52.40 -15.78
CA ILE LA 253 53.96 52.33 -15.86
C ILE LA 253 54.59 52.42 -14.46
N HIS LA 254 54.05 53.30 -13.60
CA HIS LA 254 54.67 53.55 -12.30
C HIS LA 254 54.45 52.40 -11.31
N GLY LA 255 53.43 51.56 -11.57
CA GLY LA 255 53.27 50.36 -10.77
C GLY LA 255 54.39 49.36 -11.01
N LEU LA 256 54.85 49.25 -12.26
CA LEU LA 256 55.96 48.36 -12.64
C LEU LA 256 57.28 48.76 -12.00
N PHE LA 257 57.42 50.04 -11.62
CA PHE LA 257 58.58 50.48 -10.86
C PHE LA 257 58.54 49.90 -9.45
N SER LA 258 57.35 49.70 -8.91
CA SER LA 258 57.19 49.03 -7.63
C SER LA 258 56.86 47.56 -7.78
N LEU LA 259 56.70 47.07 -9.01
CA LEU LA 259 56.63 45.62 -9.21
C LEU LA 259 58.00 44.99 -9.30
N SER LA 260 58.90 45.61 -10.06
CA SER LA 260 60.28 45.18 -10.06
C SER LA 260 61.02 45.83 -8.90
N LYS LA 261 62.05 45.15 -8.42
CA LYS LA 261 62.78 45.68 -7.29
C LYS LA 261 63.89 46.59 -7.77
N LYS LA 262 64.62 46.18 -8.80
CA LYS LA 262 65.66 47.04 -9.30
C LYS LA 262 65.03 48.19 -10.08
N PRO LA 263 65.64 49.38 -10.02
CA PRO LA 263 65.21 50.45 -10.90
C PRO LA 263 65.54 50.13 -12.35
N PRO LA 264 64.72 50.63 -13.31
CA PRO LA 264 64.90 50.21 -14.70
C PRO LA 264 66.13 50.76 -15.40
N LYS LA 265 66.30 50.30 -16.64
CA LYS LA 265 67.43 50.68 -17.48
C LYS LA 265 67.35 52.16 -17.85
N PRO LA 266 68.51 52.80 -18.12
CA PRO LA 266 68.50 54.24 -18.45
C PRO LA 266 67.81 54.61 -19.76
N GLN LA 267 67.94 53.80 -20.82
CA GLN LA 267 67.45 54.19 -22.13
C GLN LA 267 65.94 54.12 -22.23
N LEU LA 268 65.30 53.32 -21.37
CA LEU LA 268 63.85 53.35 -21.31
C LEU LA 268 63.36 54.63 -20.63
N MET LA 269 63.97 54.99 -19.50
CA MET LA 269 63.56 56.17 -18.72
C MET LA 269 63.93 57.48 -19.41
N ALA LA 270 64.84 57.44 -20.38
CA ALA LA 270 65.15 58.62 -21.17
C ALA LA 270 63.97 59.08 -22.01
N ASN LA 271 63.35 58.17 -22.74
CA ASN LA 271 62.16 58.52 -23.51
C ASN LA 271 60.91 58.53 -22.65
N TYR LA 272 60.93 57.88 -21.49
CA TYR LA 272 59.78 57.92 -20.59
C TYR LA 272 59.59 59.32 -20.01
N TYR LA 273 60.67 59.95 -19.55
CA TYR LA 273 60.59 61.35 -19.14
C TYR LA 273 60.43 62.31 -20.31
N ASN LA 274 60.78 61.89 -21.54
CA ASN LA 274 60.48 62.73 -22.70
C ASN LA 274 58.97 62.84 -22.93
N LYS LA 275 58.24 61.74 -22.78
CA LYS LA 275 56.87 61.73 -23.26
C LYS LA 275 55.90 62.33 -22.27
N VAL LA 276 56.16 62.13 -20.98
CA VAL LA 276 55.30 62.66 -19.94
C VAL LA 276 55.45 64.16 -19.84
N SER LA 277 56.62 64.69 -20.20
CA SER LA 277 56.82 66.13 -20.31
C SER LA 277 56.02 66.73 -21.45
N THR LA 278 55.95 66.01 -22.58
CA THR LA 278 55.20 66.52 -23.72
C THR LA 278 53.70 66.50 -23.47
N VAL LA 279 53.19 65.45 -22.83
CA VAL LA 279 51.74 65.31 -22.65
C VAL LA 279 51.24 66.30 -21.61
N PHE LA 280 52.11 66.75 -20.72
CA PHE LA 280 51.75 67.80 -19.77
C PHE LA 280 51.60 69.15 -20.47
N TRP LA 281 52.38 69.39 -21.53
CA TRP LA 281 52.30 70.65 -22.24
C TRP LA 281 51.03 70.74 -23.08
N LYS LA 282 50.64 69.62 -23.68
CA LYS LA 282 49.44 69.59 -24.51
C LYS LA 282 48.18 69.63 -23.68
N SER LA 283 48.25 69.22 -22.41
CA SER LA 283 47.15 69.30 -21.45
C SER LA 283 47.10 70.63 -20.71
N GLY LA 284 47.81 71.64 -21.19
CA GLY LA 284 47.77 72.98 -20.64
C GLY LA 284 48.64 73.23 -19.43
N ASN LA 285 49.38 72.23 -18.95
CA ASN LA 285 50.32 72.46 -17.84
C ASN LA 285 51.65 72.97 -18.36
N ALA LA 286 52.14 74.00 -17.69
CA ALA LA 286 53.51 74.41 -17.82
C ALA LA 286 54.24 74.37 -16.50
N LEU LA 287 53.53 74.16 -15.39
CA LEU LA 287 54.20 73.85 -14.13
C LEU LA 287 54.79 72.46 -14.16
N PHE LA 288 53.99 71.48 -14.56
CA PHE LA 288 54.45 70.11 -14.57
C PHE LA 288 55.27 69.77 -15.81
N HIS LA 289 55.19 70.60 -16.85
CA HIS LA 289 56.08 70.47 -18.01
C HIS LA 289 57.53 70.63 -17.58
N ALA LA 290 57.81 71.64 -16.76
CA ALA LA 290 59.16 71.86 -16.27
C ALA LA 290 59.57 70.83 -15.23
N SER LA 291 58.61 70.25 -14.49
CA SER LA 291 58.97 69.39 -13.38
C SER LA 291 59.45 68.03 -13.85
N THR LA 292 58.97 67.57 -15.01
CA THR LA 292 59.60 66.41 -15.63
C THR LA 292 60.96 66.78 -16.18
N LEU LA 293 61.09 67.98 -16.75
CA LEU LA 293 62.35 68.39 -17.37
C LEU LA 293 63.41 68.73 -16.33
N HIS LA 294 63.00 69.23 -15.18
CA HIS LA 294 63.94 69.39 -14.08
C HIS LA 294 64.31 68.03 -13.51
N ARG LA 295 63.40 67.06 -13.56
CA ARG LA 295 63.79 65.68 -13.28
C ARG LA 295 64.64 65.10 -14.40
N LEU LA 296 64.43 65.56 -15.65
CA LEU LA 296 65.12 64.98 -16.81
C LEU LA 296 66.57 65.43 -16.91
N TYR LA 297 66.88 66.66 -16.48
CA TYR LA 297 68.27 67.11 -16.42
C TYR LA 297 69.04 66.33 -15.36
N HIS LA 298 68.37 65.97 -14.27
CA HIS LA 298 68.98 65.11 -13.27
C HIS LA 298 69.20 63.70 -13.81
N LEU LA 299 68.28 63.21 -14.64
CA LEU LA 299 68.44 61.88 -15.21
C LEU LA 299 69.53 61.84 -16.27
N SER LA 300 69.40 62.64 -17.32
CA SER LA 300 70.27 62.45 -18.48
C SER LA 300 71.60 63.19 -18.32
N ARG LA 301 72.35 62.79 -17.29
CA ARG LA 301 73.78 63.02 -17.19
C ARG LA 301 74.60 61.74 -17.14
N GLU LA 302 74.01 60.61 -16.76
CA GLU LA 302 74.78 59.45 -16.35
C GLU LA 302 74.48 58.22 -17.19
N MET LA 303 73.67 58.36 -18.23
CA MET LA 303 73.60 57.31 -19.25
C MET LA 303 74.74 57.46 -20.25
N ARG LA 304 74.98 58.68 -20.73
CA ARG LA 304 76.19 58.99 -21.49
C ARG LA 304 76.78 60.26 -20.89
N LYS LA 305 77.89 60.11 -20.17
CA LYS LA 305 78.46 61.22 -19.41
C LYS LA 305 79.35 62.10 -20.28
N ASN LA 306 80.01 61.51 -21.25
CA ASN LA 306 81.06 62.15 -22.01
C ASN LA 306 80.59 62.52 -23.41
N LEU LA 307 79.28 62.77 -23.57
CA LEU LA 307 78.66 62.75 -24.91
C LEU LA 307 79.10 63.91 -25.78
N THR LA 308 78.90 65.16 -25.34
CA THR LA 308 79.23 66.37 -26.08
C THR LA 308 79.21 67.50 -25.06
N GLN LA 309 79.54 68.71 -25.52
CA GLN LA 309 79.00 69.93 -24.93
C GLN LA 309 77.80 70.48 -25.70
N ASP LA 310 77.66 70.12 -26.98
CA ASP LA 310 76.51 70.60 -27.75
C ASP LA 310 75.24 69.86 -27.40
N GLU LA 311 75.35 68.57 -27.11
CA GLU LA 311 74.20 67.87 -26.55
C GLU LA 311 73.92 68.32 -25.12
N MET LA 312 74.96 68.72 -24.37
CA MET LA 312 74.75 69.41 -23.11
C MET LA 312 74.14 70.79 -23.33
N GLN LA 313 74.50 71.45 -24.45
CA GLN LA 313 73.82 72.66 -24.87
C GLN LA 313 72.38 72.37 -25.27
N ARG LA 314 72.13 71.18 -25.83
CA ARG LA 314 70.78 70.80 -26.22
C ARG LA 314 69.88 70.56 -25.01
N MET LA 315 70.39 69.91 -23.97
CA MET LA 315 69.50 69.56 -22.86
C MET LA 315 69.28 70.70 -21.86
N SER LA 316 70.29 71.53 -21.60
CA SER LA 316 70.21 72.44 -20.47
C SER LA 316 69.49 73.74 -20.80
N THR LA 317 69.44 74.13 -22.07
CA THR LA 317 68.73 75.34 -22.46
C THR LA 317 67.22 75.23 -22.29
N ARG LA 318 66.69 74.02 -22.45
CA ARG LA 318 65.26 73.84 -22.53
C ARG LA 318 64.58 73.97 -21.17
N VAL LA 319 65.29 73.65 -20.08
CA VAL LA 319 64.65 73.60 -18.78
C VAL LA 319 64.39 75.02 -18.22
N LEU LA 320 65.26 75.99 -18.53
CA LEU LA 320 64.98 77.39 -18.22
C LEU LA 320 63.79 77.90 -19.03
N LEU LA 321 63.78 77.59 -20.33
CA LEU LA 321 62.63 77.90 -21.17
C LEU LA 321 61.42 77.03 -20.84
N ALA LA 322 61.59 75.96 -20.07
CA ALA LA 322 60.45 75.34 -19.39
C ALA LA 322 60.09 76.06 -18.11
N THR LA 323 61.06 76.74 -17.48
CA THR LA 323 60.78 77.42 -16.23
C THR LA 323 60.42 78.89 -16.45
N LEU LA 324 60.92 79.53 -17.52
CA LEU LA 324 60.49 80.89 -17.83
C LEU LA 324 59.29 80.92 -18.75
N SER LA 325 58.83 79.77 -19.20
CA SER LA 325 57.48 79.66 -19.72
C SER LA 325 56.55 79.05 -18.68
N ILE LA 326 56.90 79.13 -17.40
CA ILE LA 326 55.84 78.94 -16.40
C ILE LA 326 55.07 80.25 -16.28
N PRO LA 327 53.74 80.25 -16.39
CA PRO LA 327 52.96 81.46 -16.10
C PRO LA 327 52.99 81.78 -14.61
N ILE LA 328 53.38 83.02 -14.29
CA ILE LA 328 53.60 83.40 -12.90
C ILE LA 328 52.28 83.65 -12.18
N THR LA 329 51.25 84.09 -12.90
CA THR LA 329 49.92 84.21 -12.31
C THR LA 329 49.33 82.82 -12.10
N PRO LA 330 48.85 82.48 -10.88
CA PRO LA 330 48.48 81.09 -10.56
C PRO LA 330 47.22 80.55 -11.20
N GLU LA 331 46.94 79.28 -10.91
CA GLU LA 331 45.81 78.55 -11.45
C GLU LA 331 44.50 79.10 -10.91
N ARG LA 332 43.42 78.74 -11.60
CA ARG LA 332 42.11 79.29 -11.28
C ARG LA 332 41.54 78.63 -10.03
N THR LA 333 41.15 79.45 -9.06
CA THR LA 333 40.35 79.01 -7.93
C THR LA 333 39.09 79.86 -7.80
N ASP LA 334 38.68 80.53 -8.90
CA ASP LA 334 37.33 81.07 -8.94
C ASP LA 334 36.35 80.00 -9.41
N ILE LA 335 36.77 79.17 -10.38
CA ILE LA 335 35.95 78.08 -10.86
C ILE LA 335 35.85 76.98 -9.80
N ALA LA 336 36.90 76.81 -8.99
CA ALA LA 336 36.78 75.97 -7.81
C ALA LA 336 35.93 76.61 -6.71
N ARG LA 337 35.75 77.93 -6.72
CA ARG LA 337 34.91 78.56 -5.70
C ARG LA 337 33.45 78.51 -6.09
N LEU LA 338 33.15 78.67 -7.39
CA LEU LA 338 31.79 78.70 -7.86
C LEU LA 338 31.14 77.31 -7.86
N LEU LA 339 31.94 76.25 -8.04
CA LEU LA 339 31.40 74.92 -8.22
C LEU LA 339 31.39 74.05 -6.97
N ASP LA 340 31.62 74.64 -5.78
CA ASP LA 340 31.61 73.96 -4.47
C ASP LA 340 32.64 72.84 -4.37
N MET LA 341 33.79 72.95 -5.02
CA MET LA 341 34.92 72.09 -4.67
C MET LA 341 36.11 72.97 -4.29
N ASP LA 342 36.35 73.08 -2.98
CA ASP LA 342 37.42 73.92 -2.49
C ASP LA 342 38.56 73.03 -2.01
N GLY LA 343 39.78 73.58 -2.07
CA GLY LA 343 40.95 72.87 -1.63
C GLY LA 343 41.36 71.70 -2.49
N ILE LA 344 40.79 71.57 -3.70
CA ILE LA 344 40.95 70.37 -4.51
C ILE LA 344 42.21 70.46 -5.34
N ILE LA 345 42.93 71.59 -5.28
CA ILE LA 345 44.13 71.83 -6.07
C ILE LA 345 45.38 71.71 -5.19
N VAL LA 346 45.25 71.69 -3.86
CA VAL LA 346 46.31 71.15 -3.01
C VAL LA 346 46.08 69.65 -2.82
N GLU LA 347 44.87 69.16 -3.08
CA GLU LA 347 44.65 67.79 -3.53
C GLU LA 347 45.01 67.69 -5.01
N LYS LA 348 45.06 66.46 -5.54
CA LYS LA 348 45.07 66.13 -6.97
C LYS LA 348 46.32 66.62 -7.72
N GLN LA 349 47.32 67.11 -6.98
CA GLN LA 349 48.66 67.35 -7.46
C GLN LA 349 49.65 66.52 -6.70
N ARG LA 350 49.32 66.10 -5.48
CA ARG LA 350 50.10 65.09 -4.78
C ARG LA 350 49.84 63.72 -5.37
N ARG LA 351 48.69 63.53 -6.01
CA ARG LA 351 48.59 62.45 -6.99
C ARG LA 351 49.51 62.73 -8.18
N LEU LA 352 49.50 63.96 -8.69
CA LEU LA 352 50.22 64.26 -9.93
C LEU LA 352 51.71 64.44 -9.71
N ALA LA 353 52.15 64.78 -8.51
CA ALA LA 353 53.59 64.76 -8.25
C ALA LA 353 54.06 63.33 -8.00
N THR LA 354 53.40 62.60 -7.10
CA THR LA 354 53.87 61.26 -6.73
C THR LA 354 53.53 60.19 -7.75
N LEU LA 355 52.94 60.53 -8.89
CA LEU LA 355 52.94 59.64 -10.03
C LEU LA 355 54.04 59.99 -11.00
N LEU LA 356 54.79 61.06 -10.75
CA LEU LA 356 55.93 61.37 -11.60
C LEU LA 356 57.24 60.76 -11.10
N GLY LA 357 57.33 60.43 -9.81
CA GLY LA 357 58.58 60.01 -9.19
C GLY LA 357 59.12 60.96 -8.14
N LEU LA 358 58.81 62.24 -8.24
CA LEU LA 358 59.09 63.17 -7.15
C LEU LA 358 57.93 63.14 -6.17
N GLN LA 359 58.06 63.81 -5.03
CA GLN LA 359 57.01 63.77 -4.02
C GLN LA 359 56.39 65.12 -3.66
N ALA LA 360 56.95 66.23 -4.11
CA ALA LA 360 56.46 67.50 -3.64
C ALA LA 360 55.75 68.27 -4.77
N PRO LA 361 54.78 69.12 -4.44
CA PRO LA 361 54.19 70.00 -5.47
C PRO LA 361 55.16 71.08 -5.90
N PRO LA 362 55.42 71.22 -7.21
CA PRO LA 362 56.37 72.23 -7.66
C PRO LA 362 55.80 73.64 -7.65
N THR LA 363 56.68 74.60 -7.31
CA THR LA 363 56.32 76.01 -7.33
C THR LA 363 57.49 76.78 -7.89
N ARG LA 364 57.19 78.01 -8.34
CA ARG LA 364 58.06 78.69 -9.29
C ARG LA 364 59.28 79.33 -8.65
N ILE LA 365 59.14 79.82 -7.41
CA ILE LA 365 60.31 80.23 -6.64
C ILE LA 365 61.17 79.02 -6.31
N GLY LA 366 60.53 77.91 -5.96
CA GLY LA 366 61.20 76.64 -5.75
C GLY LA 366 61.68 75.95 -7.00
N LEU LA 367 61.25 76.38 -8.20
CA LEU LA 367 61.72 75.74 -9.42
C LEU LA 367 62.81 76.50 -10.15
N ILE LA 368 62.79 77.84 -10.15
CA ILE LA 368 63.88 78.56 -10.79
C ILE LA 368 65.14 78.52 -9.93
N ASN LA 369 65.00 78.27 -8.62
CA ASN LA 369 66.14 78.22 -7.70
C ASN LA 369 67.01 77.01 -7.97
N ASP LA 370 66.41 75.91 -8.42
CA ASP LA 370 67.11 74.64 -8.50
C ASP LA 370 67.74 74.40 -9.87
N MET LA 371 67.89 75.44 -10.69
CA MET LA 371 68.76 75.36 -11.86
C MET LA 371 69.92 76.34 -11.83
N VAL LA 372 69.82 77.44 -11.07
CA VAL LA 372 71.00 78.23 -10.79
C VAL LA 372 71.79 77.64 -9.63
N ARG LA 373 71.21 76.61 -8.99
CA ARG LA 373 71.84 75.84 -7.93
C ARG LA 373 72.92 74.93 -8.48
N PHE LA 374 72.66 74.30 -9.62
CA PHE LA 374 73.58 73.36 -10.23
C PHE LA 374 74.57 74.01 -11.18
N ASN LA 375 74.45 75.35 -11.36
CA ASN LA 375 75.12 76.12 -12.43
C ASN LA 375 74.85 75.50 -13.79
N VAL LA 376 73.57 75.37 -14.14
CA VAL LA 376 73.26 74.91 -15.48
C VAL LA 376 73.53 76.01 -16.50
N LEU LA 377 73.55 77.27 -16.06
CA LEU LA 377 73.82 78.43 -16.90
C LEU LA 377 75.30 78.59 -17.26
N GLN LA 378 76.19 77.69 -16.80
CA GLN LA 378 77.47 77.47 -17.46
C GLN LA 378 77.31 76.69 -18.76
N TYR LA 379 76.22 75.92 -18.89
CA TYR LA 379 76.05 74.95 -19.98
C TYR LA 379 74.97 75.42 -20.97
N VAL LA 380 74.81 76.73 -21.11
CA VAL LA 380 73.66 77.33 -21.76
C VAL LA 380 74.14 78.01 -23.04
N VAL LA 381 73.23 78.18 -24.01
CA VAL LA 381 73.40 79.10 -25.14
C VAL LA 381 73.68 80.49 -24.55
N PRO LA 382 74.73 81.19 -24.98
CA PRO LA 382 75.04 82.49 -24.38
C PRO LA 382 74.08 83.61 -24.75
N GLU LA 383 73.20 83.38 -25.72
CA GLU LA 383 72.14 84.34 -26.02
C GLU LA 383 71.05 84.31 -24.96
N VAL LA 384 70.84 83.15 -24.34
CA VAL LA 384 69.82 82.97 -23.31
C VAL LA 384 70.44 82.84 -21.91
N LYS LA 385 71.73 83.15 -21.77
CA LYS LA 385 72.41 83.20 -20.48
C LYS LA 385 71.83 84.27 -19.56
N ASP LA 386 71.48 85.43 -20.09
CA ASP LA 386 71.13 86.60 -19.28
C ASP LA 386 69.64 86.70 -18.96
N LEU LA 387 68.89 85.61 -19.08
CA LEU LA 387 67.45 85.65 -18.83
C LEU LA 387 67.12 85.70 -17.34
N TYR LA 388 67.94 85.09 -16.50
CA TYR LA 388 67.73 85.14 -15.06
C TYR LA 388 68.04 86.52 -14.53
N ASN LA 389 69.01 87.19 -15.15
CA ASN LA 389 69.41 88.55 -14.82
C ASN LA 389 68.27 89.53 -15.01
N TRP LA 390 67.66 89.48 -16.20
CA TRP LA 390 66.69 90.50 -16.59
C TRP LA 390 65.34 90.26 -15.95
N LEU LA 391 64.81 89.05 -16.13
CA LEU LA 391 63.40 88.83 -15.83
C LEU LA 391 63.18 88.53 -14.36
N GLU LA 392 64.17 87.93 -13.70
CA GLU LA 392 63.98 87.52 -12.30
C GLU LA 392 64.68 88.40 -11.26
N VAL LA 393 65.83 89.01 -11.54
CA VAL LA 393 66.60 89.68 -10.49
C VAL LA 393 66.49 91.19 -10.56
N GLU LA 394 66.73 91.79 -11.72
CA GLU LA 394 67.07 93.21 -11.78
C GLU LA 394 65.84 94.09 -11.99
N PHE LA 395 65.79 95.17 -11.22
CA PHE LA 395 64.74 96.17 -11.29
C PHE LA 395 65.11 97.19 -12.37
N ASN LA 396 64.60 96.99 -13.58
CA ASN LA 396 64.84 97.90 -14.70
C ASN LA 396 63.54 98.03 -15.48
N PRO LA 397 62.57 98.77 -14.94
CA PRO LA 397 61.18 98.65 -15.40
C PRO LA 397 60.86 99.33 -16.71
N LEU LA 398 61.77 100.13 -17.27
CA LEU LA 398 61.65 100.51 -18.65
C LEU LA 398 62.38 99.55 -19.57
N LYS LA 399 63.37 98.84 -19.06
CA LYS LA 399 64.34 98.17 -19.90
C LYS LA 399 63.93 96.76 -20.30
N LEU LA 400 62.95 96.17 -19.62
CA LEU LA 400 62.64 94.76 -19.82
C LEU LA 400 61.82 94.52 -21.09
N CYS LA 401 61.23 95.57 -21.66
CA CYS LA 401 60.50 95.43 -22.92
C CYS LA 401 61.43 95.14 -24.08
N GLU LA 402 62.48 95.95 -24.23
CA GLU LA 402 63.37 95.78 -25.38
C GLU LA 402 64.36 94.65 -25.16
N ARG LA 403 64.84 94.47 -23.92
CA ARG LA 403 65.95 93.55 -23.67
C ARG LA 403 65.52 92.09 -23.72
N VAL LA 404 64.41 91.72 -23.07
CA VAL LA 404 64.08 90.30 -23.00
C VAL LA 404 63.43 89.84 -24.30
N THR LA 405 62.85 90.76 -25.08
CA THR LA 405 62.29 90.40 -26.38
C THR LA 405 63.41 90.20 -27.41
N LYS LA 406 64.54 90.88 -27.19
CA LYS LA 406 65.74 90.72 -28.02
C LYS LA 406 66.29 89.31 -27.90
N VAL LA 407 66.17 88.71 -26.71
CA VAL LA 407 66.47 87.28 -26.54
C VAL LA 407 65.49 86.42 -27.33
N LEU LA 408 64.21 86.77 -27.28
CA LEU LA 408 63.18 85.96 -27.93
C LEU LA 408 63.08 86.21 -29.43
N ASN LA 409 63.64 87.32 -29.93
CA ASN LA 409 63.76 87.45 -31.38
C ASN LA 409 64.94 86.68 -31.92
N TRP LA 410 65.87 86.21 -31.08
CA TRP LA 410 66.80 85.17 -31.51
C TRP LA 410 66.09 83.83 -31.65
N VAL LA 411 65.08 83.59 -30.79
CA VAL LA 411 64.30 82.36 -30.89
C VAL LA 411 63.47 82.33 -32.17
N ARG LA 412 62.84 83.45 -32.52
CA ARG LA 412 62.05 83.50 -33.75
C ARG LA 412 62.90 83.68 -35.02
N GLU LA 413 64.23 83.67 -34.92
CA GLU LA 413 65.10 83.56 -36.10
C GLU LA 413 65.11 82.15 -36.67
N GLN LA 414 65.22 81.14 -35.80
CA GLN LA 414 65.48 79.76 -36.21
C GLN LA 414 64.41 78.79 -35.73
N PRO LA 415 63.25 78.72 -36.39
CA PRO LA 415 62.34 77.60 -36.13
C PRO LA 415 62.69 76.32 -36.89
N GLU LA 416 63.69 76.36 -37.76
CA GLU LA 416 64.11 75.20 -38.53
C GLU LA 416 65.41 74.59 -38.04
N LYS LA 417 66.31 75.40 -37.47
CA LYS LA 417 67.54 74.88 -36.88
C LYS LA 417 67.33 74.38 -35.45
N GLU LA 418 66.63 75.16 -34.64
CA GLU LA 418 66.28 74.79 -33.26
C GLU LA 418 64.77 74.95 -33.10
N PRO LA 419 64.00 73.91 -33.47
CA PRO LA 419 62.54 74.01 -33.39
C PRO LA 419 61.95 73.75 -32.01
N GLU LA 420 62.77 73.37 -31.04
CA GLU LA 420 62.28 72.75 -29.82
C GLU LA 420 61.98 73.74 -28.72
N LEU LA 421 62.42 74.99 -28.86
CA LEU LA 421 62.03 76.04 -27.93
C LEU LA 421 60.78 76.77 -28.38
N GLN LA 422 60.28 76.49 -29.59
CA GLN LA 422 59.28 77.34 -30.25
C GLN LA 422 57.87 77.18 -29.70
N GLN LA 423 57.66 76.26 -28.77
CA GLN LA 423 56.38 76.22 -28.08
C GLN LA 423 56.32 77.22 -26.94
N TYR LA 424 57.48 77.73 -26.51
CA TYR LA 424 57.54 78.68 -25.41
C TYR LA 424 57.53 80.12 -25.91
N VAL LA 425 57.26 80.33 -27.19
CA VAL LA 425 57.29 81.66 -27.80
C VAL LA 425 56.13 82.56 -27.37
N PRO LA 426 54.85 82.17 -27.21
CA PRO LA 426 53.93 83.14 -26.57
C PRO LA 426 54.04 83.18 -25.05
N GLN LA 427 54.53 82.11 -24.41
CA GLN LA 427 54.30 81.93 -22.97
C GLN LA 427 55.23 82.77 -22.11
N LEU LA 428 56.42 83.10 -22.63
CA LEU LA 428 57.28 84.07 -21.93
C LEU LA 428 56.70 85.47 -21.99
N GLN LA 429 55.94 85.77 -23.03
CA GLN LA 429 55.42 87.13 -23.24
C GLN LA 429 54.32 87.45 -22.23
N ASN LA 430 53.61 86.41 -21.78
CA ASN LA 430 52.64 86.54 -20.71
C ASN LA 430 53.30 86.94 -19.40
N ASN LA 431 54.54 86.51 -19.18
CA ASN LA 431 55.30 86.97 -18.03
C ASN LA 431 55.74 88.41 -18.18
N THR LA 432 55.94 88.89 -19.43
CA THR LA 432 56.57 90.19 -19.66
C THR LA 432 55.66 91.34 -19.29
N ILE LA 433 54.37 91.20 -19.58
CA ILE LA 433 53.40 92.26 -19.29
C ILE LA 433 53.25 92.43 -17.79
N LEU LA 434 53.26 91.33 -17.04
CA LEU LA 434 53.09 91.42 -15.59
C LEU LA 434 54.37 91.89 -14.91
N ARG LA 435 55.53 91.42 -15.37
CA ARG LA 435 56.78 91.76 -14.70
C ARG LA 435 57.21 93.20 -14.99
N LEU LA 436 56.76 93.81 -16.08
CA LEU LA 436 56.87 95.26 -16.13
C LEU LA 436 55.89 95.92 -15.16
N LEU LA 437 54.67 95.37 -15.05
CA LEU LA 437 53.66 95.95 -14.19
C LEU LA 437 53.93 95.67 -12.72
N GLN LA 438 54.64 94.58 -12.40
CA GLN LA 438 55.15 94.43 -11.03
C GLN LA 438 56.36 95.32 -10.76
N GLN LA 439 56.95 95.94 -11.78
CA GLN LA 439 58.10 96.81 -11.62
C GLN LA 439 57.85 98.27 -11.96
N VAL LA 440 56.87 98.59 -12.81
CA VAL LA 440 56.50 100.00 -13.04
C VAL LA 440 55.61 100.50 -11.90
N SER LA 441 54.81 99.60 -11.30
CA SER LA 441 53.89 100.03 -10.26
C SER LA 441 54.57 100.31 -8.93
N GLN LA 442 55.84 99.97 -8.77
CA GLN LA 442 56.52 100.29 -7.54
C GLN LA 442 57.14 101.68 -7.57
N ILE LA 443 57.38 102.20 -8.77
CA ILE LA 443 57.94 103.54 -8.96
C ILE LA 443 56.86 104.55 -9.36
N TYR LA 444 56.10 104.27 -10.41
CA TYR LA 444 55.18 105.27 -10.95
C TYR LA 444 53.90 105.31 -10.13
N GLN LA 445 53.22 106.46 -10.18
CA GLN LA 445 51.87 106.52 -9.66
C GLN LA 445 50.84 106.93 -10.70
N SER LA 446 51.22 107.64 -11.75
CA SER LA 446 50.30 107.94 -12.85
C SER LA 446 51.04 107.88 -14.17
N ILE LA 447 50.66 106.94 -15.03
CA ILE LA 447 51.11 106.93 -16.41
C ILE LA 447 49.87 106.96 -17.29
N GLU LA 448 49.99 107.59 -18.46
CA GLU LA 448 49.02 107.42 -19.51
C GLU LA 448 49.19 106.02 -20.14
N PHE LA 449 48.07 105.44 -20.56
CA PHE LA 449 48.06 104.19 -21.34
C PHE LA 449 48.75 104.36 -22.70
N SER LA 450 48.71 105.57 -23.26
CA SER LA 450 49.30 105.89 -24.55
C SER LA 450 50.82 105.75 -24.53
N ARG LA 451 51.44 106.02 -23.38
CA ARG LA 451 52.86 105.73 -23.22
C ARG LA 451 53.11 104.23 -23.26
N LEU LA 452 52.23 103.45 -22.63
CA LEU LA 452 52.48 102.02 -22.44
C LEU LA 452 52.22 101.18 -23.68
N THR LA 453 51.36 101.63 -24.59
CA THR LA 453 51.20 100.88 -25.82
C THR LA 453 52.33 101.13 -26.82
N SER LA 454 53.13 102.16 -26.59
CA SER LA 454 54.41 102.29 -27.27
C SER LA 454 55.51 101.53 -26.55
N LEU LA 455 55.31 101.23 -25.26
CA LEU LA 455 56.33 100.60 -24.45
C LEU LA 455 56.50 99.13 -24.83
N VAL LA 456 55.41 98.43 -25.10
CA VAL LA 456 55.48 97.02 -25.47
C VAL LA 456 55.11 96.88 -26.95
N PRO LA 457 56.07 96.47 -27.80
CA PRO LA 457 55.82 96.53 -29.25
C PRO LA 457 55.10 95.33 -29.86
N PHE LA 458 54.91 94.23 -29.13
CA PHE LA 458 54.62 92.94 -29.78
C PHE LA 458 53.20 92.46 -29.56
N VAL LA 459 52.36 93.28 -28.94
CA VAL LA 459 50.92 93.03 -28.89
C VAL LA 459 50.17 94.34 -29.13
N ASP LA 460 48.95 94.19 -29.61
CA ASP LA 460 48.03 95.31 -29.82
C ASP LA 460 47.37 95.64 -28.49
N ALA LA 461 46.53 96.69 -28.50
CA ALA LA 461 46.06 97.33 -27.28
C ALA LA 461 45.08 96.44 -26.49
N PHE LA 462 44.26 95.66 -27.19
CA PHE LA 462 43.20 94.95 -26.48
C PHE LA 462 43.69 93.60 -25.93
N GLN LA 463 44.72 93.03 -26.54
CA GLN LA 463 45.42 91.90 -25.92
C GLN LA 463 46.16 92.34 -24.66
N LEU LA 464 46.70 93.56 -24.68
CA LEU LA 464 47.37 94.13 -23.51
C LEU LA 464 46.44 94.36 -22.35
N GLU LA 465 45.26 94.93 -22.64
CA GLU LA 465 44.40 95.47 -21.60
C GLU LA 465 43.76 94.37 -20.76
N ARG LA 466 43.40 93.25 -21.40
CA ARG LA 466 42.92 92.09 -20.66
C ARG LA 466 44.06 91.40 -19.91
N ALA LA 467 45.29 91.50 -20.43
CA ALA LA 467 46.44 90.94 -19.71
C ALA LA 467 46.79 91.77 -18.47
N ILE LA 468 46.42 93.04 -18.45
CA ILE LA 468 46.65 93.90 -17.30
C ILE LA 468 45.77 93.48 -16.11
N VAL LA 469 44.49 93.24 -16.38
CA VAL LA 469 43.49 93.22 -15.32
C VAL LA 469 43.43 91.92 -14.54
N ASP LA 470 43.94 90.81 -15.08
CA ASP LA 470 43.91 89.58 -14.32
C ASP LA 470 45.12 89.42 -13.41
N ALA LA 471 46.19 90.16 -13.67
CA ALA LA 471 47.28 90.22 -12.71
C ALA LA 471 47.02 91.22 -11.60
N ALA LA 472 45.95 92.03 -11.69
CA ALA LA 472 45.63 93.05 -10.71
C ALA LA 472 44.49 92.68 -9.78
N ARG LA 473 43.51 91.89 -10.26
CA ARG LA 473 42.48 91.37 -9.37
C ARG LA 473 42.96 90.10 -8.65
N HIS LA 474 43.63 89.21 -9.39
CA HIS LA 474 44.43 88.16 -8.79
C HIS LA 474 45.83 88.74 -8.54
N CYS LA 475 46.67 87.99 -7.84
CA CYS LA 475 48.13 88.07 -7.83
C CYS LA 475 48.72 89.37 -7.27
N ASP LA 476 47.89 90.20 -6.61
CA ASP LA 476 48.27 91.36 -5.78
C ASP LA 476 49.12 92.39 -6.54
N LEU LA 477 48.59 92.88 -7.64
CA LEU LA 477 49.06 94.15 -8.17
C LEU LA 477 48.21 95.28 -7.64
N GLN LA 478 48.73 96.48 -7.76
CA GLN LA 478 47.92 97.68 -7.72
C GLN LA 478 48.10 98.35 -9.07
N VAL LA 479 47.10 98.17 -9.94
CA VAL LA 479 46.97 98.88 -11.21
C VAL LA 479 45.51 99.28 -11.36
N ARG LA 480 45.26 100.58 -11.45
CA ARG LA 480 43.94 101.10 -11.75
C ARG LA 480 43.99 101.75 -13.12
N ILE LA 481 42.85 101.76 -13.83
CA ILE LA 481 42.78 102.25 -15.19
C ILE LA 481 41.67 103.30 -15.26
N ASP LA 482 42.01 104.49 -15.76
CA ASP LA 482 41.09 105.61 -15.86
C ASP LA 482 41.12 106.12 -17.30
N HIS LA 483 40.02 105.98 -18.02
CA HIS LA 483 39.99 106.25 -19.45
C HIS LA 483 39.59 107.68 -19.80
N THR LA 484 39.27 108.52 -18.81
CA THR LA 484 38.80 109.87 -19.13
C THR LA 484 39.97 110.76 -19.54
N SER LA 485 41.13 110.58 -18.92
CA SER LA 485 42.38 111.18 -19.39
C SER LA 485 43.38 110.12 -19.82
N ARG LA 486 42.89 108.90 -20.07
CA ARG LA 486 43.65 107.74 -20.57
C ARG LA 486 44.75 107.32 -19.60
N THR LA 487 44.55 107.52 -18.31
CA THR LA 487 45.65 107.42 -17.37
C THR LA 487 45.50 106.19 -16.49
N LEU LA 488 46.61 105.48 -16.33
CA LEU LA 488 46.70 104.40 -15.37
C LEU LA 488 47.16 104.95 -14.04
N SER LA 489 46.67 104.34 -12.96
CA SER LA 489 47.13 104.73 -11.64
C SER LA 489 47.59 103.50 -10.87
N PHE LA 490 48.84 103.52 -10.45
CA PHE LA 490 49.42 102.49 -9.62
C PHE LA 490 49.42 102.95 -8.18
N GLY LA 491 49.09 102.03 -7.28
CA GLY LA 491 48.81 102.42 -5.92
C GLY LA 491 47.58 103.28 -5.84
N SER LA 492 47.68 104.31 -4.99
CA SER LA 492 46.73 105.40 -4.75
C SER LA 492 45.40 104.93 -4.17
N ASP LA 493 45.30 103.69 -3.71
CA ASP LA 493 44.08 103.19 -3.07
C ASP LA 493 44.45 102.73 -1.66
N LEU LA 494 44.22 103.59 -0.68
CA LEU LA 494 44.53 103.21 0.69
C LEU LA 494 43.30 102.62 1.38
N ASN LA 495 42.78 101.51 0.85
CA ASN LA 495 42.01 100.57 1.67
C ASN LA 495 42.52 99.13 1.60
N TYR LA 496 43.57 98.84 0.84
CA TYR LA 496 43.77 97.51 0.26
C TYR LA 496 44.51 96.59 1.23
N ALA LA 497 43.83 95.52 1.68
CA ALA LA 497 44.46 94.48 2.49
C ALA LA 497 45.20 93.50 1.58
N THR LA 498 46.51 93.43 1.75
CA THR LA 498 47.37 92.62 0.89
C THR LA 498 47.23 91.13 1.19
N ARG LA 499 47.34 90.33 0.12
CA ARG LA 499 47.28 88.87 0.14
C ARG LA 499 48.68 88.25 0.26
N GLU LA 500 48.70 86.93 0.45
CA GLU LA 500 49.92 86.19 0.78
C GLU LA 500 50.65 85.63 -0.43
N ASP LA 501 49.98 85.46 -1.57
CA ASP LA 501 50.48 84.66 -2.68
C ASP LA 501 50.99 85.49 -3.85
N ALA LA 502 51.44 86.69 -3.59
CA ALA LA 502 52.07 87.54 -4.59
C ALA LA 502 53.50 87.10 -4.85
N PRO LA 503 54.02 87.36 -6.04
CA PRO LA 503 55.47 87.24 -6.24
C PRO LA 503 56.16 88.44 -5.61
N ILE LA 504 57.11 88.16 -4.72
CA ILE LA 504 58.08 89.15 -4.31
C ILE LA 504 59.30 88.93 -5.19
N GLY LA 505 59.40 89.74 -6.25
CA GLY LA 505 60.37 89.54 -7.30
C GLY LA 505 61.51 90.53 -7.19
N PRO LA 506 61.90 91.10 -8.34
CA PRO LA 506 62.74 92.31 -8.32
C PRO LA 506 62.04 93.45 -7.60
N HIS LA 507 62.75 94.05 -6.64
CA HIS LA 507 62.11 94.72 -5.51
C HIS LA 507 62.60 96.15 -5.34
N LEU LA 508 61.67 97.02 -4.96
CA LEU LA 508 61.88 98.43 -4.66
C LEU LA 508 61.09 98.71 -3.39
N GLN LA 509 61.13 99.96 -2.93
CA GLN LA 509 60.06 100.49 -2.09
C GLN LA 509 58.71 100.23 -2.75
N SER LA 510 57.81 99.67 -1.97
CA SER LA 510 56.51 99.24 -2.44
C SER LA 510 55.56 100.44 -2.51
N MET LA 511 54.35 100.19 -2.96
CA MET LA 511 53.31 101.20 -2.87
C MET LA 511 52.89 101.44 -1.41
N PRO LA 512 52.33 102.62 -1.09
CA PRO LA 512 52.01 102.93 0.31
C PRO LA 512 50.93 102.08 0.97
N SER LA 513 50.13 101.29 0.23
CA SER LA 513 49.22 100.35 0.87
C SER LA 513 49.93 99.18 1.53
N GLU LA 514 51.18 98.96 1.19
CA GLU LA 514 52.07 98.07 1.90
C GLU LA 514 52.96 98.86 2.86
N GLN LA 515 52.88 100.20 2.81
CA GLN LA 515 53.70 101.03 3.67
C GLN LA 515 52.90 101.83 4.71
N ILE LA 516 51.61 102.08 4.51
CA ILE LA 516 50.80 102.62 5.61
C ILE LA 516 50.45 101.52 6.59
N ARG LA 517 50.24 100.31 6.10
CA ARG LA 517 50.32 99.13 6.91
C ARG LA 517 51.80 98.80 7.09
N ASN LA 518 52.12 98.09 8.18
CA ASN LA 518 53.50 97.81 8.64
C ASN LA 518 54.32 99.09 8.81
N GLN LA 519 53.70 100.14 9.38
CA GLN LA 519 54.46 101.33 9.75
C GLN LA 519 54.79 101.41 11.24
N LEU LA 520 54.06 100.69 12.10
CA LEU LA 520 54.45 100.63 13.50
C LEU LA 520 55.69 99.78 13.69
N THR LA 521 55.97 98.89 12.73
CA THR LA 521 57.19 98.09 12.75
C THR LA 521 58.43 98.92 12.52
N ALA LA 522 58.34 99.94 11.63
CA ALA LA 522 59.50 100.75 11.27
C ALA LA 522 59.96 101.63 12.44
N MET LA 523 59.02 102.07 13.27
CA MET LA 523 59.38 102.65 14.56
C MET LA 523 59.95 101.61 15.49
N SER LA 524 59.41 100.39 15.47
CA SER LA 524 59.82 99.34 16.39
C SER LA 524 61.17 98.75 16.02
N SER LA 525 61.46 98.66 14.72
CA SER LA 525 62.74 98.10 14.25
C SER LA 525 63.90 99.05 14.48
N VAL LA 526 63.81 100.28 13.94
CA VAL LA 526 64.97 101.15 13.81
C VAL LA 526 65.34 101.86 15.11
N LEU LA 527 64.38 101.99 16.05
CA LEU LA 527 64.70 102.58 17.36
C LEU LA 527 65.55 101.66 18.21
N ALA LA 528 65.28 100.35 18.19
CA ALA LA 528 66.14 99.41 18.90
C ALA LA 528 67.48 99.23 18.20
N LYS LA 529 67.55 99.48 16.88
CA LYS LA 529 68.84 99.64 16.23
C LYS LA 529 69.48 100.96 16.60
N ALA LA 530 68.67 101.99 16.87
CA ALA LA 530 69.19 103.28 17.37
C ALA LA 530 69.57 103.21 18.84
N LEU LA 531 69.14 102.15 19.55
CA LEU LA 531 69.61 101.90 20.92
C LEU LA 531 71.11 101.59 20.96
N GLU LA 532 71.65 101.04 19.88
CA GLU LA 532 73.08 100.80 19.77
C GLU LA 532 73.88 102.09 19.56
N VAL LA 533 73.45 102.93 18.62
CA VAL LA 533 74.31 103.94 17.99
C VAL LA 533 74.57 105.12 18.93
N ILE LA 534 73.74 105.30 19.96
CA ILE LA 534 74.08 106.19 21.06
C ILE LA 534 75.24 105.65 21.86
N LYS LA 535 75.23 104.34 22.13
CA LYS LA 535 75.89 103.63 23.23
C LYS LA 535 75.60 104.33 24.56
N PRO LA 536 74.36 104.38 25.07
CA PRO LA 536 74.06 105.24 26.23
C PRO LA 536 74.55 104.65 27.55
N ALA LA 537 75.26 105.49 28.32
CA ALA LA 537 76.14 105.02 29.40
C ALA LA 537 75.42 104.75 30.71
N HIS LA 538 74.20 105.26 30.90
CA HIS LA 538 73.49 104.97 32.15
C HIS LA 538 72.80 103.61 32.12
N ILE LA 539 72.22 103.22 30.99
CA ILE LA 539 71.50 101.95 30.95
C ILE LA 539 72.46 100.77 30.83
N LEU LA 540 73.72 101.01 30.46
CA LEU LA 540 74.73 99.96 30.47
C LEU LA 540 75.03 99.49 31.90
N GLN LA 541 75.01 100.41 32.87
CA GLN LA 541 75.29 100.02 34.25
C GLN LA 541 74.11 99.27 34.87
N GLU LA 542 72.90 99.56 34.43
CA GLU LA 542 71.76 98.74 34.85
C GLU LA 542 71.81 97.36 34.20
N LYS LA 543 72.45 97.23 33.03
CA LYS LA 543 72.63 95.91 32.42
C LYS LA 543 73.57 95.02 33.23
N GLU LA 544 74.74 95.55 33.60
CA GLU LA 544 75.81 94.73 34.18
C GLU LA 544 75.55 94.40 35.65
N GLU LA 545 74.88 95.30 36.37
CA GLU LA 545 74.41 94.98 37.71
C GLU LA 545 73.30 93.93 37.68
N GLN LA 546 72.45 93.99 36.65
CA GLN LA 546 71.51 92.89 36.42
C GLN LA 546 72.21 91.64 35.92
N HIS LA 547 73.38 91.78 35.25
CA HIS LA 547 74.16 90.60 34.90
C HIS LA 547 74.82 89.99 36.13
N GLN LA 548 75.45 90.82 36.96
CA GLN LA 548 76.21 90.35 38.12
C GLN LA 548 75.31 89.74 39.19
N LEU LA 549 74.15 90.36 39.43
CA LEU LA 549 73.20 89.81 40.40
C LEU LA 549 72.59 88.50 39.89
N ALA LA 550 72.42 88.34 38.58
CA ALA LA 550 71.83 87.11 38.06
C ALA LA 550 72.82 85.95 38.07
N VAL LA 551 74.11 86.21 37.76
CA VAL LA 551 75.08 85.11 37.75
C VAL LA 551 75.43 84.67 39.16
N THR LA 552 75.36 85.58 40.13
CA THR LA 552 75.58 85.24 41.52
C THR LA 552 74.31 84.76 42.20
N ALA LA 553 73.13 85.00 41.61
CA ALA LA 553 71.92 84.34 42.12
C ALA LA 553 71.95 82.84 41.86
N TYR LA 554 72.64 82.40 40.81
CA TYR LA 554 72.84 80.97 40.60
C TYR LA 554 73.73 80.36 41.68
N LEU LA 555 74.86 81.00 41.98
CA LEU LA 555 75.81 80.43 42.94
C LEU LA 555 75.31 80.56 44.38
N LYS LA 556 74.38 81.49 44.65
CA LYS LA 556 73.75 81.51 45.96
C LYS LA 556 72.67 80.43 46.04
N ASN LA 557 71.81 80.32 45.02
CA ASN LA 557 70.74 79.33 45.02
C ASN LA 557 71.17 77.96 44.50
N SER LA 558 72.47 77.71 44.32
CA SER LA 558 72.86 76.38 43.89
C SER LA 558 72.75 75.40 45.06
N ARG LA 559 72.55 74.13 44.69
CA ARG LA 559 72.38 72.96 45.56
C ARG LA 559 71.15 73.06 46.47
N LYS LA 560 70.21 73.97 46.19
CA LYS LA 560 68.95 74.02 46.90
C LYS LA 560 67.79 73.58 46.05
N GLU LA 561 67.90 73.71 44.73
CA GLU LA 561 66.94 73.10 43.83
C GLU LA 561 67.27 71.64 43.55
N HIS LA 562 68.56 71.28 43.45
CA HIS LA 562 68.97 69.92 43.13
C HIS LA 562 68.69 68.97 44.29
N GLN LA 563 68.71 69.49 45.53
CA GLN LA 563 68.39 68.68 46.70
C GLN LA 563 66.90 68.53 46.91
N ARG LA 564 66.10 69.48 46.39
CA ARG LA 564 64.65 69.31 46.36
C ARG LA 564 64.18 68.49 45.15
N ILE LA 565 64.91 68.51 44.02
CA ILE LA 565 64.52 67.70 42.86
C ILE LA 565 64.84 66.23 43.12
N LEU LA 566 65.91 65.95 43.89
CA LEU LA 566 66.12 64.59 44.40
C LEU LA 566 65.02 64.15 45.37
N ALA LA 567 64.53 65.08 46.20
CA ALA LA 567 63.34 64.78 46.99
C ALA LA 567 62.09 64.77 46.14
N ARG LA 568 62.07 65.55 45.04
CA ARG LA 568 61.00 65.41 44.05
C ARG LA 568 61.15 64.09 43.29
N ARG LA 569 62.39 63.59 43.15
CA ARG LA 569 62.63 62.32 42.46
C ARG LA 569 62.06 61.15 43.28
N GLN LA 570 62.25 61.19 44.59
CA GLN LA 570 61.60 60.23 45.49
C GLN LA 570 60.09 60.46 45.54
N THR LA 571 59.63 61.70 45.29
CA THR LA 571 58.20 62.00 45.29
C THR LA 571 57.49 61.33 44.11
N ILE LA 572 58.22 61.08 43.01
CA ILE LA 572 57.68 60.31 41.89
C ILE LA 572 57.46 58.86 42.31
N GLU LA 573 58.44 58.27 43.00
CA GLU LA 573 58.41 56.86 43.36
C GLU LA 573 57.49 56.56 44.54
N GLU LA 574 56.89 57.57 45.19
CA GLU LA 574 55.74 57.35 46.06
C GLU LA 574 54.42 57.75 45.42
N ARG LA 575 54.41 58.70 44.47
CA ARG LA 575 53.18 59.05 43.75
C ARG LA 575 52.84 58.03 42.67
N LYS LA 576 53.85 57.48 41.96
CA LYS LA 576 53.56 56.48 40.93
C LYS LA 576 53.11 55.17 41.56
N GLU LA 577 53.70 54.79 42.69
CA GLU LA 577 53.19 53.65 43.44
C GLU LA 577 51.83 53.95 44.07
N ARG LA 578 51.53 55.22 44.38
CA ARG LA 578 50.17 55.61 44.70
C ARG LA 578 49.27 55.55 43.47
N LEU LA 579 49.77 55.95 42.30
CA LEU LA 579 49.01 55.86 41.07
C LEU LA 579 48.84 54.41 40.63
N GLU LA 580 49.79 53.55 40.97
CA GLU LA 580 49.57 52.11 40.82
C GLU LA 580 48.58 51.60 41.86
N SER LA 581 48.54 52.20 43.05
CA SER LA 581 47.65 51.73 44.10
C SER LA 581 46.20 52.09 43.82
N LEU LA 582 45.94 53.28 43.26
CA LEU LA 582 44.56 53.68 42.99
C LEU LA 582 44.01 52.99 41.76
N ASN LA 583 44.88 52.51 40.86
CA ASN LA 583 44.41 51.77 39.68
C ASN LA 583 43.88 50.39 40.06
N ILE LA 584 44.52 49.72 41.03
CA ILE LA 584 44.10 48.36 41.39
C ILE LA 584 42.82 48.39 42.22
N GLN LA 585 42.69 49.35 43.14
CA GLN LA 585 41.48 49.40 43.96
C GLN LA 585 40.29 49.99 43.21
N ARG LA 586 40.52 50.63 42.07
CA ARG LA 586 39.42 51.02 41.21
C ARG LA 586 38.83 49.80 40.51
N GLU LA 587 39.69 48.88 40.05
CA GLU LA 587 39.20 47.70 39.31
C GLU LA 587 38.54 46.68 40.21
N LYS LA 588 38.85 46.65 41.51
CA LYS LA 588 38.09 45.79 42.42
C LYS LA 588 36.68 46.33 42.63
N GLU LA 589 36.50 47.65 42.55
CA GLU LA 589 35.16 48.24 42.54
C GLU LA 589 34.44 47.92 41.24
N GLU LA 590 35.19 47.87 40.13
CA GLU LA 590 34.63 47.36 38.87
C GLU LA 590 34.38 45.86 38.94
N LEU LA 591 35.16 45.12 39.73
CA LEU LA 591 34.98 43.68 39.83
C LEU LA 591 33.71 43.31 40.59
N GLU LA 592 33.41 44.03 41.68
CA GLU LA 592 32.23 43.72 42.48
C GLU LA 592 30.94 44.18 41.82
N GLN LA 593 31.00 45.19 40.94
CA GLN LA 593 29.76 45.69 40.34
C GLN LA 593 29.27 44.78 39.19
N ARG LA 594 30.18 44.12 38.46
CA ARG LA 594 29.73 43.24 37.38
C ARG LA 594 29.24 41.89 37.89
N GLU LA 595 29.66 41.46 39.08
CA GLU LA 595 29.08 40.24 39.64
C GLU LA 595 27.73 40.51 40.31
N ALA LA 596 27.53 41.73 40.80
CA ALA LA 596 26.28 42.09 41.45
C ALA LA 596 25.16 42.46 40.48
N GLU LA 597 25.47 42.78 39.22
CA GLU LA 597 24.43 43.16 38.28
C GLU LA 597 23.68 41.96 37.74
N LEU LA 598 24.30 40.79 37.70
CA LEU LA 598 23.63 39.56 37.27
C LEU LA 598 24.14 38.37 38.08
N VAL LA 601 22.00 35.31 38.93
CA VAL LA 601 21.08 34.88 37.87
C VAL LA 601 21.24 33.41 37.54
N ARG LA 602 22.48 32.90 37.57
CA ARG LA 602 22.74 31.49 37.31
C ARG LA 602 22.17 30.60 38.42
N LYS LA 603 22.30 31.04 39.67
CA LYS LA 603 21.73 30.28 40.80
C LYS LA 603 20.21 30.32 40.79
N ALA LA 604 19.62 31.45 40.38
CA ALA LA 604 18.17 31.57 40.27
C ALA LA 604 17.62 30.71 39.15
N GLU LA 605 18.33 30.67 38.01
CA GLU LA 605 17.94 29.79 36.90
C GLU LA 605 18.07 28.32 37.26
N GLU LA 606 19.13 27.97 38.01
CA GLU LA 606 19.31 26.60 38.48
C GLU LA 606 18.23 26.20 39.49
N GLU LA 607 17.84 27.15 40.36
CA GLU LA 607 16.75 26.89 41.31
C GLU LA 607 15.40 26.74 40.60
N ARG LA 608 15.17 27.56 39.57
CA ARG LA 608 13.93 27.48 38.80
C ARG LA 608 13.84 26.20 37.99
N LEU LA 609 14.96 25.75 37.40
CA LEU LA 609 15.00 24.48 36.70
C LEU LA 609 14.82 23.30 37.66
N ARG LA 610 15.36 23.42 38.88
CA ARG LA 610 15.22 22.37 39.88
C ARG LA 610 13.78 22.21 40.36
N GLN LA 611 13.03 23.33 40.39
CA GLN LA 611 11.64 23.29 40.85
C GLN LA 611 10.75 22.52 39.88
N GLU LA 612 10.96 22.69 38.58
CA GLU LA 612 10.24 21.89 37.59
C GLU LA 612 10.74 20.44 37.58
N ALA LA 613 12.04 20.23 37.83
CA ALA LA 613 12.58 18.88 37.94
C ALA LA 613 12.11 18.18 39.21
N LYS LA 614 11.91 18.92 40.28
CA LYS LA 614 11.19 18.39 41.43
C LYS LA 614 9.73 18.11 41.10
N GLU LA 615 9.12 18.96 40.27
CA GLU LA 615 7.71 18.80 39.88
C GLU LA 615 7.50 17.58 39.01
N ARG LA 616 8.49 17.28 38.13
CA ARG LA 616 8.46 16.05 37.33
C ARG LA 616 8.54 14.80 38.19
N GLU LA 617 9.30 14.86 39.29
CA GLU LA 617 9.19 13.85 40.33
C GLU LA 617 7.84 13.94 41.04
N LYS LA 618 7.34 15.16 41.30
CA LYS LA 618 6.12 15.34 42.08
C LYS LA 618 4.87 14.93 41.31
N GLU LA 619 4.86 15.16 39.99
CA GLU LA 619 3.75 14.69 39.16
C GLU LA 619 3.70 13.16 39.07
N ARG LA 620 4.84 12.49 39.27
CA ARG LA 620 4.82 11.04 39.44
C ARG LA 620 4.11 10.64 40.72
N ILE LA 621 4.28 11.44 41.78
CA ILE LA 621 3.77 11.08 43.10
C ILE LA 621 2.24 11.12 43.17
N LEU LA 622 1.64 12.13 42.55
CA LEU LA 622 0.18 12.20 42.47
C LEU LA 622 -0.37 11.11 41.55
N GLN LA 623 0.33 10.83 40.44
CA GLN LA 623 -0.16 9.86 39.45
C GLN LA 623 -0.11 8.44 39.98
N GLU LA 624 0.97 8.08 40.67
CA GLU LA 624 1.11 6.74 41.23
C GLU LA 624 0.13 6.51 42.38
N HIS LA 625 -0.16 7.56 43.15
CA HIS LA 625 -1.21 7.49 44.15
C HIS LA 625 -2.59 7.33 43.50
N GLU LA 626 -2.80 7.98 42.36
CA GLU LA 626 -4.06 7.84 41.62
C GLU LA 626 -4.23 6.44 41.06
N GLN LA 627 -3.16 5.85 40.52
CA GLN LA 627 -3.22 4.49 39.98
C GLN LA 627 -3.42 3.45 41.08
N ILE LA 628 -2.76 3.65 42.23
CA ILE LA 628 -2.90 2.73 43.36
C ILE LA 628 -4.31 2.78 43.96
N LYS LA 629 -4.90 3.97 44.04
CA LYS LA 629 -6.28 4.12 44.50
C LYS LA 629 -7.26 3.49 43.52
N LYS LA 630 -7.00 3.63 42.22
CA LYS LA 630 -7.79 2.95 41.20
C LYS LA 630 -7.64 1.44 41.28
N LYS LA 631 -6.42 0.96 41.55
CA LYS LA 631 -6.17 -0.47 41.71
C LYS LA 631 -6.84 -1.03 42.96
N THR LA 632 -6.84 -0.26 44.06
CA THR LA 632 -7.48 -0.69 45.30
C THR LA 632 -8.99 -0.73 45.17
N VAL LA 633 -9.58 0.24 44.47
CA VAL LA 633 -11.02 0.26 44.23
C VAL LA 633 -11.46 -0.89 43.33
N ARG LA 634 -10.67 -1.19 42.29
CA ARG LA 634 -10.98 -2.29 41.39
C ARG LA 634 -10.85 -3.65 42.08
N GLU LA 635 -9.84 -3.80 42.94
CA GLU LA 635 -9.67 -5.04 43.68
C GLU LA 635 -10.79 -5.26 44.71
N ARG LA 636 -11.25 -4.18 45.33
CA ARG LA 636 -12.35 -4.27 46.29
C ARG LA 636 -13.66 -4.61 45.59
N LEU LA 637 -13.96 -3.92 44.50
CA LEU LA 637 -15.18 -4.18 43.74
C LEU LA 637 -15.05 -5.45 42.90
N GLN LA 639 -17.05 4.45 44.99
CA GLN LA 639 -18.28 5.24 44.86
C GLN LA 639 -19.41 4.41 44.26
N ILE LA 640 -19.04 3.53 43.33
CA ILE LA 640 -20.02 2.62 42.72
C ILE LA 640 -20.51 1.57 43.71
N LYS LA 641 -19.60 1.04 44.54
CA LYS LA 641 -19.99 0.07 45.56
C LYS LA 641 -20.83 0.71 46.66
N LYS LA 642 -20.51 1.95 47.04
CA LYS LA 642 -21.29 2.67 48.04
C LYS LA 642 -22.70 2.99 47.53
N THR LA 643 -22.81 3.37 46.25
CA THR LA 643 -24.12 3.61 45.65
C THR LA 643 -24.94 2.34 45.53
N GLU LA 644 -24.27 1.21 45.22
CA GLU LA 644 -24.95 -0.08 45.17
C GLU LA 644 -25.43 -0.53 46.54
N LEU LA 645 -24.60 -0.30 47.57
CA LEU LA 645 -25.00 -0.61 48.94
C LEU LA 645 -26.15 0.26 49.42
N GLY LA 646 -26.15 1.54 49.02
CA GLY LA 646 -27.25 2.44 49.35
C GLY LA 646 -28.55 2.04 48.64
N ALA LA 647 -28.44 1.59 47.39
CA ALA LA 647 -29.60 1.11 46.64
C ALA LA 647 -30.15 -0.18 47.24
N LYS LA 648 -29.27 -1.08 47.69
CA LYS LA 648 -29.69 -2.31 48.36
C LYS LA 648 -30.35 -2.03 49.70
N ALA LA 649 -29.82 -1.05 50.45
CA ALA LA 649 -30.43 -0.64 51.71
C ALA LA 649 -31.78 0.02 51.50
N PHE LA 650 -31.93 0.79 50.42
CA PHE LA 650 -33.20 1.42 50.08
C PHE LA 650 -34.25 0.38 49.68
N LYS LA 651 -33.83 -0.67 48.95
CA LYS LA 651 -34.72 -1.76 48.58
C LYS LA 651 -35.16 -2.56 49.80
N ASP LA 652 -34.26 -2.79 50.74
CA ASP LA 652 -34.59 -3.47 51.99
C ASP LA 652 -35.54 -2.63 52.85
N ILE LA 653 -35.35 -1.31 52.85
CA ILE LA 653 -36.23 -0.41 53.60
C ILE LA 653 -37.62 -0.35 52.99
N ASP LA 654 -37.70 -0.41 51.65
CA ASP LA 654 -38.98 -0.41 50.96
C ASP LA 654 -39.79 -1.67 51.25
N ILE LA 655 -39.10 -2.82 51.37
CA ILE LA 655 -39.76 -4.06 51.75
C ILE LA 655 -40.27 -4.01 53.19
N GLU LA 656 -39.52 -3.36 54.08
CA GLU LA 656 -39.91 -3.25 55.48
C GLU LA 656 -41.14 -2.35 55.66
N ASP LA 657 -41.23 -1.28 54.87
CA ASP LA 657 -42.39 -0.38 54.95
C ASP LA 657 -43.66 -1.07 54.44
N LEU LA 658 -43.52 -1.90 53.41
CA LEU LA 658 -44.64 -2.72 52.93
C LEU LA 658 -45.08 -3.73 53.99
N GLU LA 659 -44.13 -4.25 54.77
CA GLU LA 659 -44.45 -5.11 55.90
C GLU LA 659 -45.23 -4.36 56.98
N GLU LA 660 -44.97 -3.07 57.14
CA GLU LA 660 -45.73 -2.25 58.10
C GLU LA 660 -47.18 -2.08 57.66
N LEU LA 661 -47.42 -1.91 56.36
CA LEU LA 661 -48.78 -1.90 55.82
C LEU LA 661 -49.44 -3.26 55.98
N ASP LA 662 -48.69 -4.35 55.75
CA ASP LA 662 -49.25 -5.70 55.77
C ASP LA 662 -49.58 -6.17 57.18
N PRO LA 663 -48.68 -5.91 58.15
CA PRO LA 663 -48.94 -6.27 59.53
C PRO LA 663 -50.08 -5.45 60.12
N ASP LA 664 -50.23 -4.20 59.67
CA ASP LA 664 -51.46 -3.47 59.92
C ASP LA 664 -52.65 -4.16 59.27
N PHE LA 665 -52.49 -4.62 58.03
CA PHE LA 665 -53.58 -5.22 57.27
C PHE LA 665 -53.95 -6.60 57.80
N ILE LA 666 -52.96 -7.37 58.25
CA ILE LA 666 -53.24 -8.66 58.89
C ILE LA 666 -53.94 -8.48 60.23
N MET LA 667 -53.55 -7.44 60.98
CA MET LA 667 -54.32 -7.03 62.15
C MET LA 667 -55.70 -6.50 61.76
N ALA LA 668 -55.78 -5.78 60.64
CA ALA LA 668 -57.08 -5.36 60.10
C ALA LA 668 -57.91 -6.55 59.64
N LYS LA 669 -57.25 -7.59 59.12
CA LYS LA 669 -57.93 -8.84 58.77
C LYS LA 669 -58.50 -9.53 60.00
N GLN LA 670 -57.76 -9.49 61.12
CA GLN LA 670 -58.28 -9.97 62.40
C GLN LA 670 -59.45 -9.13 62.88
N VAL LA 671 -59.34 -7.81 62.73
CA VAL LA 671 -60.33 -6.90 63.29
C VAL LA 671 -61.65 -6.95 62.54
N GLU LA 672 -61.59 -6.97 61.21
CA GLU LA 672 -62.81 -7.01 60.40
C GLU LA 672 -63.53 -8.34 60.52
N GLN LA 673 -62.78 -9.42 60.78
CA GLN LA 673 -63.39 -10.72 61.01
C GLN LA 673 -64.12 -10.75 62.35
N LEU LA 674 -63.46 -10.26 63.40
CA LEU LA 674 -64.02 -10.36 64.75
C LEU LA 674 -65.21 -9.42 64.95
N GLU LA 675 -65.14 -8.21 64.40
CA GLU LA 675 -66.24 -7.26 64.50
C GLU LA 675 -67.47 -7.74 63.75
N LYS LA 676 -67.28 -8.36 62.58
CA LYS LA 676 -68.38 -9.02 61.87
C LYS LA 676 -68.88 -10.25 62.64
N GLU LA 677 -67.98 -10.95 63.33
CA GLU LA 677 -68.41 -12.07 64.17
C GLU LA 677 -69.19 -11.61 65.40
N LYS LA 678 -68.77 -10.50 66.01
CA LYS LA 678 -69.41 -10.01 67.23
C LYS LA 678 -70.81 -9.48 66.95
N LYS LA 679 -71.03 -8.93 65.76
CA LYS LA 679 -72.37 -8.54 65.32
C LYS LA 679 -73.28 -9.76 65.18
N GLU LA 680 -72.73 -10.87 64.67
CA GLU LA 680 -73.48 -12.12 64.51
C GLU LA 680 -73.87 -12.77 65.83
N LEU LA 681 -73.21 -12.39 66.95
CA LEU LA 681 -73.22 -13.15 68.20
C LEU LA 681 -74.59 -13.21 68.86
N GLN LA 682 -75.22 -12.07 69.08
CA GLN LA 682 -76.50 -12.02 69.79
C GLN LA 682 -77.46 -11.04 69.13
N ILE LA 704 -93.08 -42.04 78.64
CA ILE LA 704 -91.95 -42.95 78.76
C ILE LA 704 -92.16 -43.95 79.90
N PRO LA 705 -92.74 -43.46 81.00
CA PRO LA 705 -93.06 -44.32 82.13
C PRO LA 705 -94.18 -45.29 81.79
N LEU LA 706 -95.20 -44.80 81.07
CA LEU LA 706 -96.31 -45.66 80.64
C LEU LA 706 -95.86 -46.69 79.61
N ILE LA 707 -94.97 -46.29 78.69
CA ILE LA 707 -94.46 -47.22 77.68
C ILE LA 707 -93.57 -48.29 78.30
N LYS LA 708 -92.75 -47.92 79.29
CA LYS LA 708 -91.93 -48.90 80.00
C LYS LA 708 -92.78 -49.85 80.84
N SER LA 709 -93.85 -49.33 81.44
CA SER LA 709 -94.77 -50.19 82.19
C SER LA 709 -95.53 -51.14 81.28
N ALA LA 710 -95.92 -50.67 80.09
CA ALA LA 710 -96.59 -51.53 79.11
C ALA LA 710 -95.65 -52.58 78.55
N TYR LA 711 -94.38 -52.21 78.35
CA TYR LA 711 -93.36 -53.17 77.93
C TYR LA 711 -93.08 -54.20 79.01
N GLU LA 712 -93.06 -53.77 80.27
CA GLU LA 712 -92.86 -54.69 81.38
C GLU LA 712 -94.06 -55.62 81.57
N GLU LA 713 -95.27 -55.10 81.37
CA GLU LA 713 -96.47 -55.93 81.44
C GLU LA 713 -96.52 -56.95 80.30
N GLN LA 714 -96.09 -56.55 79.10
CA GLN LA 714 -96.01 -57.47 77.97
C GLN LA 714 -94.92 -58.51 78.19
N ARG LA 715 -93.80 -58.11 78.78
CA ARG LA 715 -92.74 -59.07 79.12
C ARG LA 715 -93.18 -60.05 80.20
N ILE LA 716 -93.93 -59.56 81.21
CA ILE LA 716 -94.45 -60.42 82.26
C ILE LA 716 -95.49 -61.40 81.72
N LYS LA 717 -96.35 -60.94 80.81
CA LYS LA 717 -97.35 -61.82 80.20
C LYS LA 717 -96.70 -62.86 79.29
N ASP LA 718 -95.64 -62.48 78.58
CA ASP LA 718 -94.91 -63.43 77.75
C ASP LA 718 -94.16 -64.45 78.60
N MET LA 719 -93.56 -64.02 79.71
CA MET LA 719 -92.83 -64.93 80.59
C MET LA 719 -93.77 -65.88 81.32
N ASP LA 720 -94.95 -65.39 81.73
CA ASP LA 720 -95.95 -66.25 82.35
C ASP LA 720 -96.48 -67.28 81.37
N LEU LA 721 -96.68 -66.89 80.11
CA LEU LA 721 -97.05 -67.85 79.07
C LEU LA 721 -95.96 -68.88 78.83
N TRP LA 722 -94.71 -68.43 78.76
CA TRP LA 722 -93.55 -69.30 78.54
C TRP LA 722 -93.25 -70.18 79.75
N ARG MA 47 -17.55 -30.06 -69.19
CA ARG MA 47 -18.29 -29.31 -68.19
C ARG MA 47 -18.34 -27.84 -68.57
N VAL MA 48 -19.55 -27.32 -68.79
CA VAL MA 48 -19.75 -25.95 -69.25
C VAL MA 48 -20.22 -25.07 -68.09
N VAL MA 49 -19.73 -23.83 -68.05
CA VAL MA 49 -20.23 -22.83 -67.12
C VAL MA 49 -20.78 -21.68 -67.96
N ARG MA 50 -21.90 -21.13 -67.53
CA ARG MA 50 -22.46 -19.95 -68.17
C ARG MA 50 -22.21 -18.71 -67.35
N SER MA 51 -22.47 -17.57 -67.97
CA SER MA 51 -22.53 -16.31 -67.23
C SER MA 51 -23.87 -16.22 -66.51
N ALA MA 52 -24.00 -15.19 -65.68
CA ALA MA 52 -25.16 -15.13 -64.78
C ALA MA 52 -26.45 -14.81 -65.53
N LYS MA 53 -26.34 -14.07 -66.63
CA LYS MA 53 -27.52 -13.74 -67.43
C LYS MA 53 -28.06 -14.97 -68.16
N ASP MA 54 -27.17 -15.89 -68.52
CA ASP MA 54 -27.59 -17.02 -69.33
C ASP MA 54 -28.29 -18.10 -68.52
N LYS MA 55 -27.80 -18.38 -67.30
CA LYS MA 55 -28.24 -19.58 -66.58
C LYS MA 55 -29.64 -19.40 -65.98
N ARG MA 56 -29.99 -18.19 -65.57
CA ARG MA 56 -31.36 -17.89 -65.18
C ARG MA 56 -32.26 -17.60 -66.37
N PHE MA 57 -31.71 -17.45 -67.57
CA PHE MA 57 -32.51 -17.44 -68.79
C PHE MA 57 -32.67 -18.83 -69.38
N GLU MA 58 -31.76 -19.75 -69.07
CA GLU MA 58 -31.99 -21.16 -69.34
C GLU MA 58 -33.13 -21.69 -68.48
N GLU MA 59 -33.18 -21.27 -67.22
CA GLU MA 59 -34.17 -21.78 -66.28
C GLU MA 59 -35.50 -21.04 -66.38
N LEU MA 60 -35.55 -19.89 -67.05
CA LEU MA 60 -36.81 -19.19 -67.27
C LEU MA 60 -37.49 -19.63 -68.58
N THR MA 61 -36.73 -19.79 -69.67
CA THR MA 61 -37.33 -20.02 -70.98
C THR MA 61 -37.84 -21.45 -71.15
N ASN MA 62 -37.27 -22.41 -70.40
CA ASN MA 62 -37.77 -23.79 -70.44
C ASN MA 62 -39.16 -23.90 -69.81
N LEU MA 63 -39.42 -23.08 -68.78
CA LEU MA 63 -40.74 -23.02 -68.18
C LEU MA 63 -41.74 -22.31 -69.11
N ILE MA 64 -41.25 -21.44 -69.97
CA ILE MA 64 -42.10 -20.69 -70.91
C ILE MA 64 -42.72 -21.63 -71.95
N ARG MA 65 -41.92 -22.56 -72.49
CA ARG MA 65 -42.48 -23.56 -73.41
C ARG MA 65 -43.26 -24.63 -72.66
N THR MA 66 -43.02 -24.79 -71.35
CA THR MA 66 -43.82 -25.71 -70.54
C THR MA 66 -45.24 -25.16 -70.34
N ILE MA 67 -45.35 -23.82 -70.22
CA ILE MA 67 -46.67 -23.15 -70.22
C ILE MA 67 -47.36 -23.33 -71.57
N ARG MA 68 -46.61 -23.21 -72.66
CA ARG MA 68 -47.16 -23.37 -74.00
C ARG MA 68 -47.51 -24.83 -74.29
N ASN MA 69 -46.78 -25.78 -73.70
CA ASN MA 69 -47.11 -27.20 -73.88
C ASN MA 69 -48.39 -27.56 -73.15
N ALA MA 70 -48.63 -26.97 -71.98
CA ALA MA 70 -49.85 -27.22 -71.23
C ALA MA 70 -51.06 -26.49 -71.81
N MET MA 71 -50.83 -25.43 -72.59
CA MET MA 71 -51.91 -24.58 -73.08
C MET MA 71 -52.65 -25.17 -74.27
N LYS MA 72 -51.99 -25.99 -75.09
CA LYS MA 72 -52.64 -26.56 -76.27
C LYS MA 72 -53.59 -27.70 -75.92
N ILE MA 73 -53.33 -28.40 -74.81
CA ILE MA 73 -53.97 -29.68 -74.52
C ILE MA 73 -55.05 -29.53 -73.43
N ARG MA 74 -55.38 -28.26 -73.07
CA ARG MA 74 -56.39 -27.86 -72.06
C ARG MA 74 -56.05 -28.42 -70.66
N ASP MA 75 -54.76 -28.59 -70.37
CA ASP MA 75 -54.33 -28.98 -69.03
C ASP MA 75 -54.00 -27.71 -68.24
N VAL MA 76 -55.06 -27.06 -67.79
CA VAL MA 76 -54.98 -25.77 -67.11
C VAL MA 76 -54.34 -25.90 -65.73
N THR MA 77 -54.48 -27.08 -65.10
CA THR MA 77 -54.04 -27.30 -63.72
C THR MA 77 -52.52 -27.30 -63.60
N LYS MA 78 -51.81 -27.85 -64.58
CA LYS MA 78 -50.36 -27.68 -64.61
C LYS MA 78 -49.97 -26.26 -64.96
N CYS MA 79 -50.77 -25.59 -65.80
CA CYS MA 79 -50.48 -24.22 -66.21
C CYS MA 79 -50.64 -23.24 -65.07
N LEU MA 80 -51.54 -23.55 -64.13
CA LEU MA 80 -51.65 -22.79 -62.89
C LEU MA 80 -50.45 -23.03 -62.00
N GLU MA 81 -49.99 -24.28 -61.89
CA GLU MA 81 -48.92 -24.63 -60.98
C GLU MA 81 -47.54 -24.15 -61.46
N GLU MA 82 -47.32 -24.08 -62.78
CA GLU MA 82 -46.06 -23.53 -63.24
C GLU MA 82 -45.99 -22.01 -63.10
N PHE MA 83 -47.12 -21.32 -62.94
CA PHE MA 83 -47.06 -19.89 -62.63
C PHE MA 83 -46.58 -19.64 -61.21
N GLU MA 84 -46.80 -20.60 -60.32
CA GLU MA 84 -46.06 -20.59 -59.06
C GLU MA 84 -44.59 -20.94 -59.28
N LEU MA 85 -44.31 -21.91 -60.16
CA LEU MA 85 -42.93 -22.29 -60.44
C LEU MA 85 -42.21 -21.22 -61.25
N LEU MA 86 -42.96 -20.42 -62.02
CA LEU MA 86 -42.36 -19.22 -62.62
C LEU MA 86 -41.95 -18.22 -61.56
N GLY MA 87 -42.72 -18.13 -60.47
CA GLY MA 87 -42.29 -17.36 -59.32
C GLY MA 87 -41.10 -17.97 -58.60
N LYS MA 88 -40.97 -19.30 -58.64
CA LYS MA 88 -39.78 -19.97 -58.12
C LYS MA 88 -38.56 -19.67 -58.98
N ALA MA 89 -38.77 -19.42 -60.28
CA ALA MA 89 -37.70 -18.93 -61.14
C ALA MA 89 -37.46 -17.44 -60.96
N TYR MA 90 -38.54 -16.65 -60.84
CA TYR MA 90 -38.42 -15.19 -60.78
C TYR MA 90 -37.88 -14.69 -59.44
N GLY MA 91 -37.92 -15.53 -58.40
CA GLY MA 91 -37.30 -15.15 -57.14
C GLY MA 91 -35.78 -15.06 -57.24
N LYS MA 92 -35.17 -15.95 -58.02
CA LYS MA 92 -33.72 -15.92 -58.19
C LYS MA 92 -33.27 -14.89 -59.25
N ALA MA 93 -34.20 -14.15 -59.85
CA ALA MA 93 -33.87 -13.18 -60.90
C ALA MA 93 -33.85 -11.74 -60.40
N LYS MA 94 -33.62 -11.54 -59.10
CA LYS MA 94 -33.55 -10.18 -58.57
C LYS MA 94 -32.19 -9.54 -58.82
N SER MA 95 -31.11 -10.27 -58.53
CA SER MA 95 -29.76 -9.72 -58.64
C SER MA 95 -29.29 -9.56 -60.08
N ILE MA 96 -29.90 -10.31 -61.01
CA ILE MA 96 -29.58 -10.24 -62.43
C ILE MA 96 -30.09 -8.91 -63.00
N VAL MA 97 -29.50 -8.48 -64.13
CA VAL MA 97 -29.58 -7.13 -64.70
C VAL MA 97 -30.98 -6.69 -65.15
N ASP MA 98 -31.97 -7.59 -65.17
CA ASP MA 98 -33.34 -7.32 -65.64
C ASP MA 98 -34.11 -6.24 -64.85
N LYS MA 99 -33.59 -5.77 -63.70
CA LYS MA 99 -34.06 -4.51 -63.13
C LYS MA 99 -33.83 -3.34 -64.08
N GLU MA 100 -32.72 -3.36 -64.82
CA GLU MA 100 -32.50 -2.45 -65.93
C GLU MA 100 -32.81 -3.07 -67.27
N GLY MA 101 -32.71 -4.39 -67.40
CA GLY MA 101 -32.96 -5.04 -68.67
C GLY MA 101 -34.44 -5.09 -69.04
N VAL MA 102 -34.69 -5.39 -70.31
CA VAL MA 102 -36.04 -5.46 -70.85
C VAL MA 102 -36.30 -6.87 -71.38
N PRO MA 103 -37.13 -7.65 -70.68
CA PRO MA 103 -37.49 -8.99 -71.19
C PRO MA 103 -38.61 -8.92 -72.23
N ARG MA 104 -38.45 -9.66 -73.31
CA ARG MA 104 -39.49 -9.82 -74.32
C ARG MA 104 -40.18 -11.18 -74.20
N PHE MA 105 -39.56 -12.14 -73.52
CA PHE MA 105 -40.15 -13.44 -73.31
C PHE MA 105 -41.05 -13.51 -72.09
N TYR MA 106 -40.86 -12.59 -71.13
CA TYR MA 106 -41.74 -12.54 -69.96
C TYR MA 106 -43.04 -11.82 -70.28
N ILE MA 107 -42.95 -10.70 -71.01
CA ILE MA 107 -44.13 -9.88 -71.27
C ILE MA 107 -45.03 -10.52 -72.34
N ARG MA 108 -44.48 -11.43 -73.15
CA ARG MA 108 -45.31 -12.12 -74.13
C ARG MA 108 -46.10 -13.25 -73.49
N ILE MA 109 -45.53 -13.92 -72.48
CA ILE MA 109 -46.24 -15.05 -71.87
C ILE MA 109 -47.27 -14.55 -70.86
N LEU MA 110 -47.13 -13.31 -70.35
CA LEU MA 110 -48.18 -12.72 -69.53
C LEU MA 110 -49.36 -12.28 -70.39
N ALA MA 111 -49.09 -11.72 -71.57
CA ALA MA 111 -50.16 -11.29 -72.46
C ALA MA 111 -50.89 -12.47 -73.09
N ASP MA 112 -50.18 -13.57 -73.36
CA ASP MA 112 -50.81 -14.74 -73.97
C ASP MA 112 -51.67 -15.49 -72.95
N LEU MA 113 -51.25 -15.52 -71.68
CA LEU MA 113 -52.02 -16.22 -70.66
C LEU MA 113 -53.28 -15.45 -70.28
N GLU MA 114 -53.23 -14.12 -70.32
CA GLU MA 114 -54.43 -13.31 -70.13
C GLU MA 114 -55.38 -13.45 -71.31
N ASP MA 115 -54.83 -13.54 -72.53
CA ASP MA 115 -55.66 -13.74 -73.72
C ASP MA 115 -56.28 -15.13 -73.75
N TYR MA 116 -55.56 -16.14 -73.25
CA TYR MA 116 -56.08 -17.51 -73.28
C TYR MA 116 -57.19 -17.72 -72.25
N LEU MA 117 -57.02 -17.18 -71.04
CA LEU MA 117 -58.03 -17.40 -70.02
C LEU MA 117 -59.27 -16.52 -70.21
N ASN MA 118 -59.13 -15.38 -70.88
CA ASN MA 118 -60.33 -14.60 -71.22
C ASN MA 118 -61.08 -15.21 -72.40
N GLU MA 119 -60.38 -15.95 -73.27
CA GLU MA 119 -61.02 -16.63 -74.39
C GLU MA 119 -61.87 -17.80 -73.91
N LEU MA 120 -61.42 -18.48 -72.86
CA LEU MA 120 -62.22 -19.55 -72.27
C LEU MA 120 -63.35 -19.00 -71.42
N TRP MA 121 -63.25 -17.74 -70.98
CA TRP MA 121 -64.21 -17.11 -70.10
C TRP MA 121 -64.94 -15.97 -70.79
N GLU MA 122 -64.87 -15.91 -72.13
CA GLU MA 122 -65.66 -14.91 -72.85
C GLU MA 122 -67.14 -15.25 -72.80
N ASP MA 123 -67.51 -16.43 -73.29
CA ASP MA 123 -68.89 -16.90 -73.18
C ASP MA 123 -69.05 -18.16 -72.34
N LYS MA 124 -68.02 -19.02 -72.25
CA LYS MA 124 -68.05 -20.38 -71.67
C LYS MA 124 -69.19 -21.24 -72.20
N GLU MA 125 -69.52 -21.06 -73.48
CA GLU MA 125 -70.69 -21.66 -74.14
C GLU MA 125 -70.33 -23.05 -74.63
N GLY MA 126 -70.36 -24.01 -73.71
CA GLY MA 126 -69.76 -25.30 -73.96
C GLY MA 126 -68.70 -25.62 -72.94
N LYS MA 127 -68.64 -24.80 -71.88
CA LYS MA 127 -67.90 -25.17 -70.67
C LYS MA 127 -68.83 -25.98 -69.77
N LYS MA 128 -69.07 -27.22 -70.20
CA LYS MA 128 -69.59 -28.29 -69.36
C LYS MA 128 -68.64 -29.48 -69.34
N LYS MA 129 -67.57 -29.45 -70.11
CA LYS MA 129 -66.58 -30.52 -70.18
C LYS MA 129 -65.31 -30.07 -69.47
N MET MA 130 -64.94 -30.78 -68.41
CA MET MA 130 -63.72 -30.49 -67.68
C MET MA 130 -63.31 -31.74 -66.92
N ASN MA 131 -62.12 -31.68 -66.33
CA ASN MA 131 -61.67 -32.61 -65.30
C ASN MA 131 -61.71 -31.92 -63.94
N LYS MA 132 -62.56 -30.91 -63.85
CA LYS MA 132 -62.41 -29.76 -62.97
C LYS MA 132 -60.99 -29.20 -63.03
N ASN MA 133 -60.53 -28.99 -64.27
CA ASN MA 133 -59.36 -28.18 -64.57
C ASN MA 133 -59.75 -26.80 -65.05
N ASN MA 134 -60.94 -26.66 -65.62
CA ASN MA 134 -61.56 -25.35 -65.81
C ASN MA 134 -62.27 -24.87 -64.56
N ALA MA 135 -62.73 -25.79 -63.71
CA ALA MA 135 -63.50 -25.38 -62.55
C ALA MA 135 -62.61 -24.88 -61.43
N LYS MA 136 -61.63 -25.69 -61.04
CA LYS MA 136 -60.79 -25.30 -59.92
C LYS MA 136 -59.67 -24.37 -60.34
N ALA MA 137 -58.94 -24.77 -61.38
CA ALA MA 137 -57.65 -24.17 -61.67
C ALA MA 137 -57.72 -22.96 -62.58
N LEU MA 138 -58.63 -22.95 -63.56
CA LEU MA 138 -58.79 -21.78 -64.43
C LEU MA 138 -59.36 -20.60 -63.67
N SER MA 139 -60.21 -20.88 -62.68
CA SER MA 139 -60.75 -19.81 -61.85
C SER MA 139 -59.72 -19.37 -60.82
N THR MA 140 -58.80 -20.25 -60.46
CA THR MA 140 -57.67 -19.84 -59.65
C THR MA 140 -56.69 -18.99 -60.45
N LEU MA 141 -56.38 -19.43 -61.68
CA LEU MA 141 -55.39 -18.75 -62.50
C LEU MA 141 -55.90 -17.43 -63.07
N ARG MA 142 -57.21 -17.28 -63.24
CA ARG MA 142 -57.78 -15.98 -63.62
C ARG MA 142 -57.58 -14.95 -62.52
N GLN MA 143 -57.79 -15.34 -61.26
CA GLN MA 143 -57.68 -14.41 -60.15
C GLN MA 143 -56.22 -14.09 -59.83
N LYS MA 144 -55.31 -15.00 -60.14
CA LYS MA 144 -53.93 -14.77 -59.78
C LYS MA 144 -53.26 -13.78 -60.72
N ILE MA 145 -53.46 -13.92 -62.03
CA ILE MA 145 -52.64 -13.16 -62.96
C ILE MA 145 -53.17 -11.74 -63.15
N ARG MA 146 -54.45 -11.50 -62.89
CA ARG MA 146 -55.07 -10.23 -63.25
C ARG MA 146 -54.68 -9.12 -62.28
N LYS MA 147 -54.21 -9.45 -61.08
CA LYS MA 147 -53.57 -8.49 -60.21
C LYS MA 147 -52.06 -8.78 -60.12
N TYR MA 148 -51.57 -9.73 -60.92
CA TYR MA 148 -50.13 -9.92 -61.02
C TYR MA 148 -49.54 -9.01 -62.07
N ASN MA 149 -50.28 -8.79 -63.15
CA ASN MA 149 -49.89 -7.84 -64.18
C ASN MA 149 -50.25 -6.41 -63.78
N LYS MA 150 -7.84 26.34 -67.21
CA LYS MA 150 -6.91 25.68 -66.28
C LYS MA 150 -7.63 25.48 -64.97
N GLY MA 151 -7.90 26.56 -64.26
CA GLY MA 151 -8.89 26.57 -63.22
C GLY MA 151 -10.30 26.47 -63.78
N THR MA 152 -10.64 27.40 -64.66
CA THR MA 152 -11.86 27.38 -65.46
C THR MA 152 -11.58 28.14 -66.76
N GLU MA 153 -12.31 27.78 -67.82
CA GLU MA 153 -11.99 28.23 -69.17
C GLU MA 153 -13.16 28.95 -69.83
N ILE MA 154 -14.10 29.46 -69.05
CA ILE MA 154 -15.44 29.80 -69.52
C ILE MA 154 -15.71 31.26 -69.14
N THR MA 155 -16.89 31.75 -69.51
CA THR MA 155 -17.30 33.14 -69.50
C THR MA 155 -17.45 33.67 -68.07
N HIS MA 156 -17.72 34.99 -67.98
CA HIS MA 156 -17.51 35.84 -66.81
C HIS MA 156 -18.27 35.43 -65.54
N ALA MA 157 -19.29 34.60 -65.63
CA ALA MA 157 -20.06 34.26 -64.45
C ALA MA 157 -19.43 33.15 -63.63
N VAL MA 158 -18.42 32.46 -64.14
CA VAL MA 158 -17.75 31.39 -63.42
C VAL MA 158 -16.27 31.69 -63.17
N VAL MA 159 -15.79 32.88 -63.56
CA VAL MA 159 -14.51 33.35 -63.06
C VAL MA 159 -14.66 33.87 -61.62
N ILE MA 160 -15.89 34.13 -61.19
CA ILE MA 160 -16.17 34.28 -59.77
C ILE MA 160 -16.12 32.90 -59.08
N LYS MA 161 -16.47 31.83 -59.80
CA LYS MA 161 -16.41 30.48 -59.23
C LYS MA 161 -14.99 30.03 -58.99
N LYS MA 162 -14.04 30.40 -59.84
CA LYS MA 162 -12.65 30.05 -59.54
C LYS MA 162 -12.02 31.08 -58.61
N LEU MA 163 -12.59 32.28 -58.52
CA LEU MA 163 -12.02 33.26 -57.58
C LEU MA 163 -12.32 32.89 -56.14
N ASN MA 164 -13.52 32.40 -55.87
CA ASN MA 164 -13.89 32.04 -54.51
C ASN MA 164 -13.66 30.57 -54.22
N GLU MA 165 -12.94 29.86 -55.09
CA GLU MA 165 -12.34 28.60 -54.70
C GLU MA 165 -10.87 28.76 -54.33
N ILE MA 166 -10.21 29.77 -54.89
CA ILE MA 166 -8.86 30.11 -54.44
C ILE MA 166 -8.93 30.86 -53.13
N LEU MA 167 -9.78 31.88 -53.05
CA LEU MA 167 -9.71 32.84 -51.96
C LEU MA 167 -10.48 32.40 -50.73
N GLN MA 168 -10.98 31.16 -50.68
CA GLN MA 168 -11.45 30.62 -49.41
C GLN MA 168 -10.40 29.75 -48.73
N ALA MA 169 -9.42 29.25 -49.48
CA ALA MA 169 -8.18 28.80 -48.86
C ALA MA 169 -7.19 29.94 -48.76
N ARG MA 170 -7.53 30.97 -47.99
CA ARG MA 170 -6.61 32.09 -47.81
C ARG MA 170 -5.60 31.85 -46.71
N GLY MA 171 -6.07 31.50 -45.53
CA GLY MA 171 -5.23 31.64 -44.36
C GLY MA 171 -5.03 30.35 -43.61
N LYS MA 172 -5.49 29.26 -44.21
CA LYS MA 172 -5.44 27.94 -43.61
C LYS MA 172 -4.00 27.47 -43.39
N LYS MA 173 -3.84 26.61 -42.40
CA LYS MA 173 -2.59 25.88 -42.22
C LYS MA 173 -2.37 24.94 -43.39
N GLY MA 174 -1.16 24.90 -43.90
CA GLY MA 174 -0.85 23.98 -44.97
C GLY MA 174 -1.35 24.46 -46.32
N THR MA 175 -1.18 25.74 -46.61
CA THR MA 175 -1.56 26.34 -47.87
C THR MA 175 -0.31 26.97 -48.46
N ASP MA 176 -0.06 26.71 -49.74
CA ASP MA 176 1.21 27.12 -50.34
C ASP MA 176 1.21 28.62 -50.61
N ARG MA 177 2.10 29.32 -49.90
CA ARG MA 177 2.16 30.79 -49.94
C ARG MA 177 2.69 31.31 -51.27
N ALA MA 178 3.48 30.51 -51.98
CA ALA MA 178 3.92 30.86 -53.32
C ALA MA 178 2.87 30.58 -54.38
N ALA MA 179 2.09 29.53 -54.20
CA ALA MA 179 1.18 29.11 -55.25
C ALA MA 179 -0.14 29.87 -55.26
N GLN MA 180 -0.50 30.55 -54.17
CA GLN MA 180 -1.76 31.27 -54.12
C GLN MA 180 -1.72 32.64 -54.78
N ILE MA 181 -0.56 33.09 -55.25
CA ILE MA 181 -0.47 34.36 -55.94
C ILE MA 181 -0.20 34.16 -57.44
N GLU MA 182 0.37 33.02 -57.85
CA GLU MA 182 0.43 32.76 -59.27
C GLU MA 182 -0.91 32.31 -59.79
N LEU MA 183 -1.73 31.68 -58.94
CA LEU MA 183 -3.09 31.33 -59.29
C LEU MA 183 -3.98 32.56 -59.44
N LEU MA 184 -3.67 33.63 -58.71
CA LEU MA 184 -4.41 34.86 -58.91
C LEU MA 184 -4.04 35.54 -60.24
N GLN MA 185 -2.75 35.68 -60.53
CA GLN MA 185 -2.35 36.37 -61.74
C GLN MA 185 -2.45 35.51 -62.99
N LEU MA 186 -2.60 34.19 -62.85
CA LEU MA 186 -3.03 33.38 -63.99
C LEU MA 186 -4.45 33.73 -64.41
N LEU MA 187 -5.30 34.04 -63.43
CA LEU MA 187 -6.70 34.37 -63.71
C LEU MA 187 -6.84 35.72 -64.39
N VAL MA 188 -5.88 36.63 -64.18
CA VAL MA 188 -5.83 37.89 -64.91
C VAL MA 188 -5.60 37.63 -66.39
N GLN MA 189 -4.76 36.63 -66.71
CA GLN MA 189 -4.53 36.28 -68.10
C GLN MA 189 -5.68 35.49 -68.69
N ILE MA 190 -6.46 34.81 -67.84
CA ILE MA 190 -7.74 34.23 -68.26
C ILE MA 190 -8.84 35.30 -68.24
N ALA MA 191 -8.59 36.47 -67.66
CA ALA MA 191 -9.49 37.60 -67.88
C ALA MA 191 -9.18 38.38 -69.17
N ALA MA 192 -8.30 37.87 -70.02
CA ALA MA 192 -8.11 38.35 -71.38
C ALA MA 192 -9.03 37.68 -72.40
N GLU MA 193 -10.05 36.93 -71.95
CA GLU MA 193 -10.99 36.29 -72.89
C GLU MA 193 -12.04 37.31 -73.29
N ASN MA 194 -11.65 38.18 -74.22
CA ASN MA 194 -12.49 39.17 -74.90
C ASN MA 194 -13.11 40.18 -73.91
N ASN MA 195 -12.29 40.59 -72.92
CA ASN MA 195 -12.44 41.78 -72.04
C ASN MA 195 -13.83 41.85 -71.36
N LEU MA 196 -14.11 40.77 -70.62
CA LEU MA 196 -15.45 40.39 -70.15
C LEU MA 196 -16.17 41.48 -69.37
N GLY MA 197 -15.43 42.28 -68.62
CA GLY MA 197 -15.94 43.41 -67.90
C GLY MA 197 -14.84 43.90 -67.00
N GLU MA 198 -14.87 45.17 -66.63
CA GLU MA 198 -13.84 45.67 -65.72
C GLU MA 198 -14.13 45.30 -64.28
N GLY MA 199 -15.38 44.94 -63.98
CA GLY MA 199 -15.78 44.66 -62.60
C GLY MA 199 -15.17 43.41 -62.02
N VAL MA 200 -14.98 42.37 -62.85
CA VAL MA 200 -14.18 41.25 -62.39
C VAL MA 200 -12.70 41.62 -62.38
N ILE MA 201 -12.28 42.55 -63.24
CA ILE MA 201 -10.85 42.85 -63.31
C ILE MA 201 -10.46 43.89 -62.26
N VAL MA 202 -11.40 44.68 -61.76
CA VAL MA 202 -11.04 45.56 -60.64
C VAL MA 202 -10.94 44.76 -59.33
N LYS MA 203 -11.82 43.78 -59.12
CA LYS MA 203 -11.91 43.13 -57.81
C LYS MA 203 -10.79 42.14 -57.58
N ILE MA 204 -10.22 41.59 -58.64
CA ILE MA 204 -9.04 40.75 -58.46
C ILE MA 204 -7.78 41.58 -58.31
N LYS MA 205 -7.84 42.89 -58.61
CA LYS MA 205 -6.70 43.76 -58.38
C LYS MA 205 -6.49 44.06 -56.90
N PHE MA 206 -7.53 43.94 -56.08
CA PHE MA 206 -7.34 44.04 -54.65
C PHE MA 206 -6.57 42.86 -54.10
N ASN MA 207 -6.95 41.66 -54.50
CA ASN MA 207 -6.52 40.48 -53.78
C ASN MA 207 -5.11 40.03 -54.12
N ILE MA 208 -4.53 40.55 -55.20
CA ILE MA 208 -3.14 40.26 -55.51
C ILE MA 208 -2.20 40.92 -54.50
N ILE MA 209 -2.45 42.19 -54.17
CA ILE MA 209 -1.65 42.87 -53.16
C ILE MA 209 -2.02 42.37 -51.77
N ALA MA 210 -3.29 42.05 -51.56
CA ALA MA 210 -3.76 41.59 -50.26
C ALA MA 210 -3.23 40.20 -49.92
N SER MA 211 -3.03 39.35 -50.93
CA SER MA 211 -2.30 38.13 -50.69
C SER MA 211 -0.81 38.37 -50.55
N LEU MA 212 -0.29 39.44 -51.16
CA LEU MA 212 1.14 39.75 -51.06
C LEU MA 212 1.53 40.28 -49.69
N TYR MA 213 0.62 40.96 -49.00
CA TYR MA 213 0.92 41.39 -47.64
C TYR MA 213 0.84 40.24 -46.66
N ASP MA 214 -0.05 39.31 -46.92
CA ASP MA 214 -0.19 38.10 -46.11
C ASP MA 214 0.67 36.97 -46.62
N TYR MA 215 1.59 37.24 -47.56
CA TYR MA 215 2.56 36.25 -47.98
C TYR MA 215 3.45 35.84 -46.83
N ASN MA 216 4.06 36.80 -46.16
CA ASN MA 216 4.77 36.54 -44.93
C ASN MA 216 3.80 36.80 -43.79
N PRO MA 217 3.32 35.77 -43.09
CA PRO MA 217 2.29 35.99 -42.08
C PRO MA 217 2.84 36.55 -40.79
N ASN MA 218 4.15 36.59 -40.62
CA ASN MA 218 4.75 37.16 -39.44
C ASN MA 218 4.59 38.67 -39.46
N LEU MA 219 3.81 39.20 -38.51
CA LEU MA 219 3.57 40.63 -38.39
C LEU MA 219 4.68 41.37 -37.67
N ALA MA 220 5.72 40.68 -37.20
CA ALA MA 220 6.89 41.32 -36.62
C ALA MA 220 8.07 41.42 -37.60
N THR MA 221 7.99 40.75 -38.75
CA THR MA 221 9.03 40.78 -39.76
C THR MA 221 8.67 41.77 -40.86
N TYR MA 222 9.64 42.02 -41.73
CA TYR MA 222 9.52 42.96 -42.82
C TYR MA 222 9.38 42.22 -44.13
N MET MA 223 8.97 42.94 -45.16
CA MET MA 223 8.84 42.34 -46.48
C MET MA 223 10.18 42.34 -47.19
N LYS MA 224 10.48 41.24 -47.86
CA LYS MA 224 11.64 41.14 -48.72
C LYS MA 224 11.43 41.98 -49.98
N PRO MA 225 12.51 42.49 -50.61
CA PRO MA 225 12.33 43.38 -51.76
C PRO MA 225 11.88 42.68 -53.02
N GLU MA 226 12.07 41.36 -53.14
CA GLU MA 226 11.60 40.65 -54.31
C GLU MA 226 10.09 40.51 -54.30
N MET MA 227 9.47 40.57 -53.13
CA MET MA 227 8.03 40.75 -53.03
C MET MA 227 7.65 42.22 -53.00
N TRP MA 228 8.56 43.10 -52.60
CA TRP MA 228 8.21 44.51 -52.48
C TRP MA 228 8.29 45.26 -53.81
N GLY MA 229 9.17 44.83 -54.73
CA GLY MA 229 9.18 45.41 -56.05
C GLY MA 229 7.90 45.12 -56.82
N LYS MA 230 7.34 43.93 -56.61
CA LYS MA 230 6.03 43.59 -57.17
C LYS MA 230 4.91 44.36 -56.50
N CYS MA 231 5.13 44.81 -55.25
CA CYS MA 231 4.06 45.37 -54.43
C CYS MA 231 3.56 46.71 -54.96
N LEU MA 232 4.48 47.62 -55.29
CA LEU MA 232 4.09 48.95 -55.78
C LEU MA 232 3.49 48.88 -57.17
N ASP MA 233 3.98 47.97 -58.01
CA ASP MA 233 3.49 47.83 -59.38
C ASP MA 233 2.05 47.35 -59.42
N CYS MA 234 1.70 46.42 -58.53
CA CYS MA 234 0.33 45.92 -58.48
C CYS MA 234 -0.64 46.92 -57.88
N ILE MA 235 -0.15 47.88 -57.08
CA ILE MA 235 -0.97 49.07 -56.81
C ILE MA 235 -1.01 49.98 -58.02
N ASN MA 236 0.13 50.17 -58.69
CA ASN MA 236 0.18 51.07 -59.84
C ASN MA 236 -0.36 50.45 -61.11
N GLU MA 237 -0.60 49.14 -61.14
CA GLU MA 237 -1.49 48.60 -62.16
C GLU MA 237 -2.90 49.13 -61.96
N LEU MA 238 -3.37 49.14 -60.71
CA LEU MA 238 -4.75 49.47 -60.39
C LEU MA 238 -5.02 50.97 -60.45
N MET MA 239 -4.10 51.80 -59.97
CA MET MA 239 -4.40 53.22 -59.94
C MET MA 239 -4.25 53.86 -61.32
N ASP MA 240 -3.61 53.17 -62.25
CA ASP MA 240 -3.78 53.44 -63.68
C ASP MA 240 -5.25 53.25 -64.06
N ILE MA 241 -5.85 52.13 -63.63
CA ILE MA 241 -7.18 51.75 -64.07
C ILE MA 241 -8.24 52.64 -63.42
N LEU MA 242 -8.15 52.80 -62.12
CA LEU MA 242 -9.23 53.45 -61.38
C LEU MA 242 -9.20 54.97 -61.48
N PHE MA 243 -8.17 55.55 -62.11
CA PHE MA 243 -8.21 56.96 -62.53
C PHE MA 243 -8.99 57.16 -63.81
N ALA MA 244 -8.99 56.17 -64.70
CA ALA MA 244 -9.42 56.42 -66.08
C ALA MA 244 -10.93 56.50 -66.19
N ASN MA 245 -11.62 55.47 -65.70
CA ASN MA 245 -13.07 55.46 -65.69
C ASN MA 245 -13.63 55.09 -64.32
N PRO MA 246 -13.61 56.01 -63.33
CA PRO MA 246 -14.64 55.87 -62.32
C PRO MA 246 -15.99 56.21 -62.95
N ASN MA 247 -16.80 55.18 -63.03
CA ASN MA 247 -18.24 55.19 -62.91
C ASN MA 247 -18.59 54.26 -61.79
N ILE MA 248 -17.56 53.60 -61.26
CA ILE MA 248 -17.64 52.54 -60.30
C ILE MA 248 -17.04 53.06 -59.01
N PHE MA 249 -17.31 52.37 -57.92
CA PHE MA 249 -16.80 52.79 -56.62
C PHE MA 249 -16.12 51.62 -55.95
N VAL MA 250 -15.19 51.93 -55.06
CA VAL MA 250 -14.44 50.94 -54.31
C VAL MA 250 -14.46 51.35 -52.84
N GLY MA 251 -14.44 50.36 -51.97
CA GLY MA 251 -14.64 50.57 -50.55
C GLY MA 251 -15.06 49.26 -49.91
N GLU MA 252 -15.04 49.26 -48.59
CA GLU MA 252 -15.48 48.08 -47.85
C GLU MA 252 -16.95 48.19 -47.44
N ASN MA 253 -17.68 49.17 -47.99
CA ASN MA 253 -18.78 49.78 -47.24
C ASN MA 253 -20.19 49.45 -47.73
N ILE MA 254 -20.42 49.22 -49.02
CA ILE MA 254 -21.79 49.04 -49.49
C ILE MA 254 -22.30 47.63 -49.19
N LEU MA 255 -21.60 46.61 -49.71
CA LEU MA 255 -21.31 45.25 -49.22
C LEU MA 255 -22.45 44.23 -49.07
N GLU MA 256 -23.68 44.43 -49.55
CA GLU MA 256 -24.62 43.38 -49.16
C GLU MA 256 -24.88 42.29 -50.20
N GLU MA 257 -25.17 42.64 -51.45
CA GLU MA 257 -24.91 41.77 -52.58
C GLU MA 257 -24.22 42.52 -53.69
N SER MA 258 -23.74 43.71 -53.42
CA SER MA 258 -24.07 44.84 -54.28
C SER MA 258 -23.04 45.09 -55.36
N GLU MA 259 -22.21 44.12 -55.66
CA GLU MA 259 -21.30 44.22 -56.78
C GLU MA 259 -22.09 44.07 -58.06
N ASN MA 260 -22.05 45.10 -58.90
CA ASN MA 260 -22.80 45.12 -60.14
C ASN MA 260 -21.95 44.70 -61.32
N LEU MA 261 -20.88 43.95 -61.07
CA LEU MA 261 -19.93 43.51 -62.09
C LEU MA 261 -20.58 42.60 -63.12
N HIS MA 262 -20.22 42.84 -64.40
CA HIS MA 262 -20.77 42.21 -65.63
C HIS MA 262 -22.31 42.16 -65.66
N ASN MA 263 -22.94 43.25 -65.21
CA ASN MA 263 -24.37 43.46 -65.35
C ASN MA 263 -24.73 44.52 -66.38
N ALA MA 264 -23.82 45.48 -66.63
CA ALA MA 264 -23.98 46.68 -67.49
C ALA MA 264 -25.12 47.59 -67.04
N ASP MA 265 -25.48 47.57 -65.75
CA ASP MA 265 -26.41 48.54 -65.21
C ASP MA 265 -25.64 49.81 -64.83
N GLN MA 266 -26.37 50.81 -64.33
CA GLN MA 266 -25.78 52.14 -64.18
C GLN MA 266 -24.72 52.30 -63.06
N PRO MA 267 -24.85 51.77 -61.83
CA PRO MA 267 -23.67 51.77 -60.96
C PRO MA 267 -22.85 50.50 -61.07
N LEU MA 268 -21.64 50.56 -60.50
CA LEU MA 268 -21.03 49.39 -59.87
C LEU MA 268 -20.53 49.86 -58.51
N ARG MA 269 -21.24 49.48 -57.45
CA ARG MA 269 -20.80 49.73 -56.08
C ARG MA 269 -19.94 48.56 -55.63
N VAL MA 270 -18.74 48.45 -56.21
CA VAL MA 270 -18.02 47.20 -56.11
C VAL MA 270 -17.14 47.18 -54.85
N ARG MA 271 -17.07 46.02 -54.22
CA ARG MA 271 -16.51 45.85 -52.89
C ARG MA 271 -14.99 45.98 -52.92
N GLY MA 272 -14.42 46.24 -51.75
CA GLY MA 272 -12.98 46.22 -51.56
C GLY MA 272 -12.49 47.64 -51.57
N CYS MA 273 -11.58 47.96 -50.67
CA CYS MA 273 -11.10 49.32 -50.52
C CYS MA 273 -9.66 49.45 -50.94
N ILE MA 274 -9.26 50.69 -51.20
CA ILE MA 274 -7.92 51.01 -51.63
C ILE MA 274 -7.19 51.89 -50.61
N LEU MA 275 -7.89 52.35 -49.58
CA LEU MA 275 -7.22 53.03 -48.46
C LEU MA 275 -6.55 52.04 -47.52
N THR MA 276 -7.14 50.86 -47.30
CA THR MA 276 -6.62 49.93 -46.31
C THR MA 276 -5.35 49.25 -46.78
N LEU MA 277 -5.22 49.03 -48.09
CA LEU MA 277 -4.02 48.39 -48.60
C LEU MA 277 -2.84 49.35 -48.59
N VAL MA 278 -3.08 50.63 -48.84
CA VAL MA 278 -1.98 51.58 -48.81
C VAL MA 278 -1.64 51.99 -47.39
N GLU MA 279 -2.60 51.95 -46.46
CA GLU MA 279 -2.31 52.21 -45.05
C GLU MA 279 -1.50 51.09 -44.45
N ARG MA 280 -1.67 49.88 -44.98
CA ARG MA 280 -0.72 48.80 -44.72
C ARG MA 280 0.62 49.08 -45.38
N MET MA 281 0.65 49.77 -46.53
CA MET MA 281 1.86 49.84 -47.34
C MET MA 281 2.90 50.76 -46.73
N ASP MA 282 2.48 51.86 -46.12
CA ASP MA 282 3.45 52.60 -45.37
C ASP MA 282 3.69 52.04 -43.97
N GLU MA 283 2.89 51.07 -43.51
CA GLU MA 283 3.33 50.30 -42.35
C GLU MA 283 4.42 49.32 -42.74
N GLU MA 284 4.35 48.73 -43.93
CA GLU MA 284 5.45 47.92 -44.40
C GLU MA 284 6.59 48.75 -44.97
N PHE MA 285 6.38 50.03 -45.23
CA PHE MA 285 7.52 50.87 -45.52
C PHE MA 285 8.34 51.11 -44.27
N THR MA 286 7.69 51.53 -43.19
CA THR MA 286 8.39 51.87 -41.95
C THR MA 286 8.97 50.64 -41.25
N LYS MA 287 8.36 49.46 -41.41
CA LYS MA 287 8.91 48.28 -40.79
C LYS MA 287 10.12 47.72 -41.54
N ILE MA 288 10.36 48.15 -42.77
CA ILE MA 288 11.61 47.80 -43.45
C ILE MA 288 12.79 48.49 -42.78
N MET MA 289 12.65 49.78 -42.49
CA MET MA 289 13.77 50.59 -42.03
C MET MA 289 14.07 50.47 -40.55
N GLN MA 290 13.47 49.53 -39.83
CA GLN MA 290 13.96 49.25 -38.50
C GLN MA 290 14.95 48.10 -38.47
N ASN MA 291 14.95 47.27 -39.51
CA ASN MA 291 15.82 46.09 -39.58
C ASN MA 291 16.83 46.21 -40.70
N THR MA 292 17.11 47.46 -41.11
CA THR MA 292 18.19 47.81 -42.02
C THR MA 292 19.17 48.65 -41.23
N ASP MA 293 20.45 48.34 -41.37
CA ASP MA 293 21.52 49.02 -40.63
C ASP MA 293 21.63 50.45 -41.10
N PRO MA 294 21.52 51.46 -40.23
CA PRO MA 294 21.55 52.84 -40.70
C PRO MA 294 22.91 53.29 -41.19
N HIS MA 295 23.98 52.78 -40.60
CA HIS MA 295 25.33 53.20 -40.94
C HIS MA 295 25.88 52.53 -42.17
N SER MA 296 25.17 51.54 -42.74
CA SER MA 296 25.61 50.87 -43.95
C SER MA 296 25.25 51.70 -45.17
N GLN MA 297 25.64 51.20 -46.34
CA GLN MA 297 25.28 51.87 -47.57
C GLN MA 297 23.80 51.74 -47.89
N GLU MA 298 23.23 50.55 -47.68
CA GLU MA 298 21.93 50.16 -48.25
C GLU MA 298 20.74 50.89 -47.63
N TYR MA 299 20.94 51.67 -46.58
CA TYR MA 299 19.91 52.57 -46.09
C TYR MA 299 19.61 53.67 -47.10
N VAL MA 300 20.62 54.09 -47.89
CA VAL MA 300 20.34 55.06 -48.94
C VAL MA 300 19.70 54.41 -50.16
N GLU MA 301 19.70 53.08 -50.24
CA GLU MA 301 19.10 52.39 -51.37
C GLU MA 301 17.70 51.90 -51.09
N HIS MA 302 17.29 51.87 -49.83
CA HIS MA 302 15.89 51.66 -49.51
C HIS MA 302 15.18 52.93 -49.08
N LEU MA 303 15.86 54.08 -49.09
CA LEU MA 303 15.19 55.37 -49.17
C LEU MA 303 15.07 55.86 -50.60
N LYS MA 304 15.46 55.02 -51.57
CA LYS MA 304 15.28 55.32 -52.98
C LYS MA 304 13.81 55.19 -53.37
N ASP MA 305 13.06 54.34 -52.65
CA ASP MA 305 11.66 54.07 -52.92
C ASP MA 305 10.73 55.06 -52.24
N GLU MA 306 11.28 56.12 -51.66
CA GLU MA 306 10.53 56.99 -50.76
C GLU MA 306 9.53 57.85 -51.50
N ALA MA 307 9.91 58.42 -52.65
CA ALA MA 307 9.06 59.38 -53.34
C ALA MA 307 7.89 58.69 -54.06
N GLN MA 308 8.10 57.47 -54.55
CA GLN MA 308 7.04 56.72 -55.20
C GLN MA 308 5.98 56.27 -54.20
N VAL MA 309 6.41 55.96 -52.96
CA VAL MA 309 5.49 55.77 -51.84
C VAL MA 309 4.71 57.05 -51.57
N CYS MA 310 5.40 58.20 -51.57
CA CYS MA 310 4.72 59.48 -51.47
C CYS MA 310 3.94 59.81 -52.73
N ALA MA 311 4.29 59.22 -53.87
CA ALA MA 311 3.48 59.43 -55.06
C ALA MA 311 2.18 58.64 -55.00
N ILE MA 312 2.19 57.48 -54.34
CA ILE MA 312 0.98 56.67 -54.27
C ILE MA 312 0.00 57.26 -53.27
N ILE MA 313 0.49 57.89 -52.21
CA ILE MA 313 -0.37 58.67 -51.32
C ILE MA 313 -0.93 59.88 -52.05
N GLU MA 314 -0.10 60.47 -52.92
CA GLU MA 314 -0.53 61.55 -53.80
C GLU MA 314 -1.52 61.07 -54.85
N ARG MA 315 -1.45 59.81 -55.27
CA ARG MA 315 -2.42 59.30 -56.24
C ARG MA 315 -3.78 59.09 -55.61
N VAL MA 316 -3.82 58.45 -54.44
CA VAL MA 316 -5.10 58.10 -53.82
C VAL MA 316 -5.74 59.33 -53.18
N GLN MA 317 -4.95 60.38 -52.93
CA GLN MA 317 -5.55 61.67 -52.59
C GLN MA 317 -6.26 62.28 -53.79
N ARG MA 318 -5.72 62.07 -54.99
CA ARG MA 318 -6.42 62.48 -56.20
C ARG MA 318 -7.57 61.54 -56.52
N TYR MA 319 -7.60 60.35 -55.93
CA TYR MA 319 -8.81 59.53 -55.96
C TYR MA 319 -9.89 60.11 -55.05
N LEU MA 320 -9.50 60.59 -53.88
CA LEU MA 320 -10.51 61.11 -52.97
C LEU MA 320 -10.82 62.56 -53.28
N GLU MA 321 -11.80 63.10 -52.54
CA GLU MA 321 -12.41 64.45 -52.53
C GLU MA 321 -13.12 64.78 -53.84
N GLU MA 322 -13.37 63.79 -54.67
CA GLU MA 322 -14.44 63.74 -55.65
C GLU MA 322 -15.46 62.68 -55.28
N LYS MA 323 -15.04 61.70 -54.49
CA LYS MA 323 -15.86 60.61 -54.01
C LYS MA 323 -15.56 60.47 -52.53
N GLY MA 324 -16.25 59.55 -51.88
CA GLY MA 324 -15.85 59.14 -50.54
C GLY MA 324 -16.40 60.06 -49.47
N THR MA 325 -16.42 59.54 -48.24
CA THR MA 325 -16.90 60.32 -47.11
C THR MA 325 -15.83 61.30 -46.66
N THR MA 326 -16.19 62.12 -45.68
CA THR MA 326 -15.23 63.00 -45.04
C THR MA 326 -14.21 62.20 -44.23
N GLU MA 327 -14.67 61.11 -43.62
CA GLU MA 327 -13.88 60.41 -42.62
C GLU MA 327 -12.83 59.47 -43.21
N GLU MA 328 -12.88 59.17 -44.50
CA GLU MA 328 -11.81 58.43 -45.14
C GLU MA 328 -10.90 59.33 -45.93
N VAL MA 329 -11.23 60.61 -46.04
CA VAL MA 329 -10.37 61.57 -46.75
C VAL MA 329 -9.42 62.06 -45.69
N CYS MA 330 -9.96 62.28 -44.50
CA CYS MA 330 -9.19 62.82 -43.40
C CYS MA 330 -8.18 61.84 -42.81
N ARG MA 331 -8.20 60.57 -43.19
CA ARG MA 331 -7.12 59.67 -42.82
C ARG MA 331 -6.26 59.26 -43.99
N ILE MA 332 -6.63 59.61 -45.22
CA ILE MA 332 -5.58 59.74 -46.23
C ILE MA 332 -5.03 61.16 -46.23
N TYR MA 333 -5.76 62.14 -45.69
CA TYR MA 333 -5.16 63.44 -45.47
C TYR MA 333 -4.16 63.38 -44.33
N LEU MA 334 -4.36 62.47 -43.37
CA LEU MA 334 -3.34 62.18 -42.37
C LEU MA 334 -2.08 61.65 -43.01
N LEU MA 335 -2.21 60.79 -44.02
CA LEU MA 335 -1.07 60.00 -44.47
C LEU MA 335 -0.13 60.78 -45.36
N ARG MA 336 -0.62 61.76 -46.10
CA ARG MA 336 0.29 62.63 -46.85
C ARG MA 336 0.99 63.62 -45.94
N ILE MA 337 0.33 64.02 -44.85
CA ILE MA 337 0.94 64.88 -43.83
C ILE MA 337 2.10 64.17 -43.13
N LEU MA 338 1.95 62.86 -42.87
CA LEU MA 338 2.95 62.06 -42.17
C LEU MA 338 4.23 61.81 -42.94
N HIS MA 339 4.31 62.15 -44.21
CA HIS MA 339 5.53 61.92 -44.96
C HIS MA 339 6.16 63.18 -45.50
N THR MA 340 5.55 64.35 -45.31
CA THR MA 340 6.08 65.61 -45.81
C THR MA 340 6.42 66.63 -44.72
N TYR MA 341 6.13 66.34 -43.45
CA TYR MA 341 6.31 67.32 -42.40
C TYR MA 341 7.75 67.48 -41.90
N TYR MA 342 8.65 66.54 -42.20
CA TYR MA 342 9.99 66.55 -41.61
C TYR MA 342 11.11 66.96 -42.57
N LYS MA 343 10.81 67.36 -43.79
CA LYS MA 343 11.82 67.79 -44.74
C LYS MA 343 11.62 69.27 -45.03
N PHE MA 344 12.67 70.06 -44.82
CA PHE MA 344 12.64 71.47 -45.13
C PHE MA 344 12.70 71.64 -46.64
N ASP MA 345 11.60 72.10 -47.24
CA ASP MA 345 11.46 72.07 -48.69
C ASP MA 345 12.28 73.18 -49.34
N TYR MA 346 12.99 72.82 -50.41
CA TYR MA 346 13.94 73.73 -51.02
C TYR MA 346 13.43 74.38 -52.29
N LYS MA 347 12.24 74.02 -52.76
CA LYS MA 347 11.54 74.85 -53.73
C LYS MA 347 10.95 76.10 -53.09
N ALA MA 348 10.73 76.09 -51.77
CA ALA MA 348 10.27 77.28 -51.09
C ALA MA 348 11.44 78.21 -50.77
N HIS MA 349 12.56 77.65 -50.34
CA HIS MA 349 13.69 78.44 -49.91
C HIS MA 349 14.86 78.25 -50.87
N SER MA 374 6.40 73.70 -50.40
CA SER MA 374 5.33 72.79 -50.04
C SER MA 374 4.83 73.11 -48.65
N ALA MA 375 4.98 74.37 -48.26
CA ALA MA 375 4.29 74.84 -47.05
C ALA MA 375 2.80 75.02 -47.31
N VAL MA 376 2.42 75.17 -48.59
CA VAL MA 376 1.02 75.22 -48.97
C VAL MA 376 0.32 73.89 -48.75
N LEU MA 377 1.05 72.79 -48.83
CA LEU MA 377 0.42 71.46 -48.83
C LEU MA 377 -0.06 71.09 -47.43
N MET MA 378 0.80 71.28 -46.44
CA MET MA 378 0.49 70.96 -45.06
C MET MA 378 -0.63 71.84 -44.50
N GLU MA 379 -0.72 73.09 -44.96
CA GLU MA 379 -1.68 74.02 -44.40
C GLU MA 379 -3.09 73.73 -44.90
N ARG MA 380 -3.23 73.32 -46.16
CA ARG MA 380 -4.59 73.03 -46.63
C ARG MA 380 -5.08 71.67 -46.17
N LEU MA 381 -4.18 70.72 -45.96
CA LEU MA 381 -4.58 69.36 -45.60
C LEU MA 381 -4.98 69.25 -44.14
N CYS MA 382 -4.29 69.99 -43.25
CA CYS MA 382 -4.60 69.93 -41.82
C CYS MA 382 -5.95 70.53 -41.48
N LYS MA 383 -6.35 71.62 -42.17
CA LYS MA 383 -7.56 72.37 -41.81
C LYS MA 383 -8.83 71.59 -42.07
N TYR MA 384 -8.84 70.74 -43.10
CA TYR MA 384 -9.97 69.87 -43.39
C TYR MA 384 -10.13 68.80 -42.31
N ILE MA 385 -9.01 68.32 -41.77
CA ILE MA 385 -9.07 67.39 -40.65
C ILE MA 385 -9.58 68.10 -39.39
N TYR MA 386 -9.34 69.40 -39.25
CA TYR MA 386 -9.91 70.10 -38.12
C TYR MA 386 -11.40 70.34 -38.26
N ALA MA 387 -11.87 70.59 -39.49
CA ALA MA 387 -13.15 71.25 -39.68
C ALA MA 387 -14.33 70.28 -39.66
N LYS MA 388 -14.14 69.05 -40.17
CA LYS MA 388 -15.26 68.13 -40.37
C LYS MA 388 -15.11 66.82 -39.61
N ASP MA 389 -14.32 66.77 -38.54
CA ASP MA 389 -13.94 65.50 -37.97
C ASP MA 389 -14.89 65.06 -36.86
N ARG MA 390 -15.17 63.75 -36.84
CA ARG MA 390 -15.70 63.07 -35.67
C ARG MA 390 -14.69 62.13 -35.03
N THR MA 391 -13.70 61.66 -35.79
CA THR MA 391 -12.63 60.82 -35.28
C THR MA 391 -11.60 61.67 -34.55
N ASP MA 392 -10.99 61.09 -33.50
CA ASP MA 392 -10.20 61.87 -32.56
C ASP MA 392 -8.72 61.58 -32.61
N ARG MA 393 -8.30 60.38 -33.03
CA ARG MA 393 -6.86 60.12 -33.08
C ARG MA 393 -6.25 60.80 -34.30
N ILE MA 394 -6.99 60.77 -35.40
CA ILE MA 394 -6.50 61.24 -36.69
C ILE MA 394 -6.43 62.76 -36.73
N ARG MA 395 -7.18 63.44 -35.86
CA ARG MA 395 -6.95 64.87 -35.65
C ARG MA 395 -5.60 65.11 -34.97
N THR MA 396 -5.31 64.36 -33.90
CA THR MA 396 -4.26 64.74 -32.95
C THR MA 396 -2.88 64.55 -33.54
N CYS MA 397 -2.68 63.51 -34.33
CA CYS MA 397 -1.41 63.37 -35.06
C CYS MA 397 -1.29 64.38 -36.18
N ALA MA 398 -2.41 64.85 -36.74
CA ALA MA 398 -2.34 65.91 -37.75
C ALA MA 398 -2.07 67.28 -37.12
N ILE MA 399 -2.38 67.48 -35.84
CA ILE MA 399 -1.95 68.69 -35.15
C ILE MA 399 -0.44 68.73 -35.02
N LEU MA 400 0.13 67.65 -34.49
CA LEU MA 400 1.49 67.68 -33.99
C LEU MA 400 2.51 67.67 -35.13
N CYS MA 401 2.11 67.27 -36.33
CA CYS MA 401 2.96 67.45 -37.49
C CYS MA 401 2.87 68.85 -38.06
N HIS MA 402 1.84 69.63 -37.68
CA HIS MA 402 1.74 71.00 -38.16
C HIS MA 402 2.59 71.91 -37.28
N ILE MA 403 2.73 71.54 -36.01
CA ILE MA 403 3.58 72.27 -35.10
C ILE MA 403 5.05 71.92 -35.36
N TYR MA 404 5.32 70.73 -35.87
CA TYR MA 404 6.69 70.37 -36.25
C TYR MA 404 7.13 71.12 -37.50
N HIS MA 405 6.23 71.25 -38.47
CA HIS MA 405 6.56 71.89 -39.74
C HIS MA 405 6.67 73.40 -39.60
N HIS MA 406 5.94 73.99 -38.65
CA HIS MA 406 6.09 75.39 -38.34
C HIS MA 406 7.29 75.67 -37.44
N ALA MA 407 7.91 74.63 -36.89
CA ALA MA 407 9.15 74.77 -36.16
C ALA MA 407 10.35 74.19 -36.88
N LEU MA 408 10.14 73.34 -37.88
CA LEU MA 408 11.23 73.01 -38.77
C LEU MA 408 11.57 74.19 -39.68
N HIS MA 409 10.56 74.97 -40.04
CA HIS MA 409 10.83 76.19 -40.76
C HIS MA 409 11.27 77.27 -39.79
N SER MA 410 11.62 78.43 -40.36
CA SER MA 410 12.38 79.46 -39.65
C SER MA 410 11.56 80.12 -38.54
N ARG MA 411 10.24 80.22 -38.74
CA ARG MA 411 9.37 80.90 -37.79
C ARG MA 411 9.27 80.15 -36.46
N TRP MA 412 9.14 80.91 -35.40
CA TRP MA 412 8.75 80.37 -34.12
C TRP MA 412 7.28 80.60 -33.81
N TYR MA 413 6.68 81.62 -34.45
CA TYR MA 413 5.47 82.25 -33.94
C TYR MA 413 4.26 81.37 -34.13
N GLN MA 414 4.14 80.74 -35.29
CA GLN MA 414 2.97 79.91 -35.54
C GLN MA 414 3.04 78.57 -34.81
N ALA MA 415 4.25 78.02 -34.63
CA ALA MA 415 4.41 76.80 -33.85
C ALA MA 415 4.19 77.06 -32.37
N ARG MA 416 4.44 78.30 -31.92
CA ARG MA 416 4.20 78.67 -30.54
C ARG MA 416 2.73 78.64 -30.19
N ASP MA 417 1.88 79.21 -31.06
CA ASP MA 417 0.46 79.32 -30.71
C ASP MA 417 -0.30 78.02 -30.87
N LEU MA 418 0.09 77.14 -31.80
CA LEU MA 418 -0.68 75.93 -32.05
C LEU MA 418 -0.44 74.88 -30.97
N MET MA 419 0.79 74.78 -30.47
CA MET MA 419 1.05 73.93 -29.31
C MET MA 419 0.43 74.53 -28.06
N LEU MA 420 0.31 75.85 -28.02
CA LEU MA 420 -0.43 76.50 -26.95
C LEU MA 420 -1.94 76.36 -27.12
N MET MA 421 -2.42 76.25 -28.38
CA MET MA 421 -3.86 76.15 -28.63
C MET MA 421 -4.42 74.83 -28.13
N SER MA 422 -3.70 73.73 -28.39
CA SER MA 422 -4.19 72.40 -28.06
C SER MA 422 -4.22 72.15 -26.55
N HIS MA 423 -3.22 72.68 -25.82
CA HIS MA 423 -2.96 72.42 -24.39
C HIS MA 423 -2.91 70.92 -24.10
N LEU MA 424 -2.11 70.22 -24.88
CA LEU MA 424 -2.03 68.77 -24.79
C LEU MA 424 -1.34 68.30 -23.52
N GLN MA 425 -0.48 69.15 -22.94
CA GLN MA 425 0.37 68.80 -21.80
C GLN MA 425 -0.43 68.52 -20.54
N ASP MA 426 -1.67 69.01 -20.48
CA ASP MA 426 -2.68 68.45 -19.58
C ASP MA 426 -2.93 66.99 -19.87
N ASN MA 427 -3.40 66.67 -21.07
CA ASN MA 427 -4.12 65.42 -21.30
C ASN MA 427 -3.35 64.40 -22.15
N ILE MA 428 -2.05 64.63 -22.42
CA ILE MA 428 -1.35 63.76 -23.36
C ILE MA 428 -0.96 62.43 -22.74
N GLN MA 429 -0.95 62.31 -21.42
CA GLN MA 429 -0.21 61.22 -20.78
C GLN MA 429 -0.94 59.89 -20.78
N HIS MA 430 -2.16 59.83 -21.33
CA HIS MA 430 -2.78 58.55 -21.64
C HIS MA 430 -3.29 58.46 -23.08
N ALA MA 431 -2.81 59.30 -24.00
CA ALA MA 431 -3.42 59.35 -25.32
C ALA MA 431 -3.10 58.12 -26.16
N ASP MA 432 -1.80 57.87 -26.45
CA ASP MA 432 -1.19 56.62 -26.90
C ASP MA 432 0.32 56.80 -26.84
N PRO MA 433 1.10 55.74 -26.66
CA PRO MA 433 2.57 55.88 -26.69
C PRO MA 433 3.15 56.14 -28.08
N PRO MA 434 2.67 55.54 -29.19
CA PRO MA 434 3.14 56.06 -30.47
C PRO MA 434 2.45 57.35 -30.92
N VAL MA 435 1.54 57.89 -30.12
CA VAL MA 435 1.15 59.29 -30.27
C VAL MA 435 2.11 60.20 -29.51
N GLN MA 436 2.46 59.84 -28.27
CA GLN MA 436 3.27 60.72 -27.43
C GLN MA 436 4.72 60.83 -27.88
N ILE MA 437 5.22 59.84 -28.62
CA ILE MA 437 6.54 59.94 -29.26
C ILE MA 437 6.54 61.09 -30.27
N LEU MA 438 5.43 61.29 -30.97
CA LEU MA 438 5.30 62.48 -31.81
C LEU MA 438 5.21 63.75 -30.98
N TYR MA 439 4.60 63.71 -29.79
CA TYR MA 439 4.47 64.92 -28.99
C TYR MA 439 5.80 65.33 -28.38
N ASN MA 440 6.58 64.37 -27.88
CA ASN MA 440 7.87 64.71 -27.31
C ASN MA 440 8.85 65.17 -28.38
N ARG MA 441 8.69 64.67 -29.62
CA ARG MA 441 9.46 65.18 -30.74
C ARG MA 441 8.97 66.55 -31.20
N THR MA 442 7.70 66.85 -30.97
CA THR MA 442 7.20 68.19 -31.23
C THR MA 442 7.68 69.17 -30.16
N MET MA 443 7.89 68.69 -28.93
CA MET MA 443 8.47 69.53 -27.89
C MET MA 443 9.93 69.82 -28.17
N VAL MA 444 10.71 68.82 -28.57
CA VAL MA 444 12.13 68.99 -28.77
C VAL MA 444 12.41 69.76 -30.05
N GLN MA 445 11.49 69.72 -31.04
CA GLN MA 445 11.67 70.59 -32.20
C GLN MA 445 11.30 72.02 -31.87
N LEU MA 446 10.38 72.23 -30.95
CA LEU MA 446 10.13 73.57 -30.42
C LEU MA 446 11.32 74.07 -29.60
N GLY MA 447 12.05 73.16 -28.97
CA GLY MA 447 13.18 73.56 -28.15
C GLY MA 447 14.37 74.04 -28.95
N ILE MA 448 14.60 73.45 -30.13
CA ILE MA 448 15.52 74.06 -31.10
C ILE MA 448 14.95 75.38 -31.59
N CYS MA 449 13.63 75.43 -31.75
CA CYS MA 449 12.98 76.56 -32.42
C CYS MA 449 13.02 77.82 -31.57
N ALA MA 450 13.06 77.68 -30.24
CA ALA MA 450 13.34 78.83 -29.37
C ALA MA 450 14.82 79.09 -29.26
N PHE MA 451 15.68 78.11 -29.55
CA PHE MA 451 17.11 78.39 -29.61
C PHE MA 451 17.50 79.04 -30.94
N ARG MA 452 16.84 78.67 -32.04
CA ARG MA 452 17.16 79.25 -33.33
C ARG MA 452 16.75 80.71 -33.46
N GLN MA 453 15.94 81.24 -32.55
CA GLN MA 453 15.63 82.65 -32.54
C GLN MA 453 16.48 83.43 -31.57
N GLY MA 454 17.00 82.79 -30.53
CA GLY MA 454 17.95 83.44 -29.65
C GLY MA 454 17.52 83.54 -28.20
N LEU MA 455 16.36 83.02 -27.81
CA LEU MA 455 15.85 83.23 -26.47
C LEU MA 455 16.47 82.19 -25.54
N THR MA 456 17.71 82.45 -25.13
CA THR MA 456 18.49 81.48 -24.35
C THR MA 456 17.96 81.23 -22.96
N LYS MA 457 17.11 82.11 -22.43
CA LYS MA 457 16.34 81.73 -21.25
C LYS MA 457 15.23 80.75 -21.59
N ASP MA 458 14.60 80.91 -22.76
CA ASP MA 458 13.41 80.14 -23.11
C ASP MA 458 13.73 78.79 -23.71
N ALA MA 459 14.93 78.60 -24.24
CA ALA MA 459 15.21 77.37 -24.94
C ALA MA 459 15.66 76.29 -24.00
N HIS MA 460 16.19 76.68 -22.84
CA HIS MA 460 16.48 75.71 -21.79
C HIS MA 460 15.21 75.27 -21.09
N ASN MA 461 14.15 76.10 -21.15
CA ASN MA 461 12.91 75.84 -20.42
C ASN MA 461 12.13 74.68 -21.00
N ALA MA 462 12.08 74.58 -22.33
CA ALA MA 462 11.45 73.42 -22.93
C ALA MA 462 12.40 72.24 -23.01
N LEU MA 463 13.70 72.48 -23.01
CA LEU MA 463 14.72 71.44 -23.15
C LEU MA 463 15.48 71.19 -21.87
N LEU MA 464 14.90 71.50 -20.71
CA LEU MA 464 15.45 70.96 -19.48
C LEU MA 464 15.15 69.47 -19.38
N ASP MA 465 13.89 69.11 -19.52
CA ASP MA 465 13.41 67.89 -18.91
C ASP MA 465 13.41 66.68 -19.83
N ILE MA 466 13.59 66.85 -21.14
CA ILE MA 466 13.88 65.70 -21.97
C ILE MA 466 15.33 65.25 -21.75
N GLN MA 467 16.26 66.21 -21.72
CA GLN MA 467 17.68 65.89 -21.79
C GLN MA 467 18.32 65.66 -20.42
N SER MA 468 17.96 66.46 -19.42
CA SER MA 468 18.57 66.28 -18.10
C SER MA 468 18.03 65.08 -17.36
N SER MA 469 16.87 64.57 -17.76
CA SER MA 469 16.53 63.21 -17.42
C SER MA 469 17.44 62.27 -18.17
N GLY MA 470 17.95 61.24 -17.48
CA GLY MA 470 18.96 60.37 -18.07
C GLY MA 470 18.44 59.36 -19.07
N ARG MA 471 17.13 59.35 -19.29
CA ARG MA 471 16.43 58.41 -20.15
C ARG MA 471 16.04 59.04 -21.47
N ALA MA 472 16.83 60.02 -21.93
CA ALA MA 472 16.54 60.84 -23.12
C ALA MA 472 16.45 60.07 -24.42
N LYS MA 473 16.89 58.81 -24.49
CA LYS MA 473 16.79 58.04 -25.71
C LYS MA 473 15.34 57.68 -26.02
N GLU MA 474 14.63 57.13 -25.04
CA GLU MA 474 13.40 56.39 -25.28
C GLU MA 474 12.24 57.28 -25.64
N LEU MA 475 12.19 58.48 -25.08
CA LEU MA 475 11.04 59.37 -25.22
C LEU MA 475 10.93 59.93 -26.63
N LEU MA 476 12.05 60.04 -27.31
CA LEU MA 476 12.12 60.39 -28.73
C LEU MA 476 12.09 59.17 -29.63
N GLY MA 477 12.07 57.97 -29.06
CA GLY MA 477 11.89 56.77 -29.85
C GLY MA 477 13.12 56.34 -30.63
N GLN MA 478 14.30 56.42 -30.04
CA GLN MA 478 15.52 56.06 -30.74
C GLN MA 478 16.24 54.86 -30.16
N GLY MA 479 15.76 54.27 -29.07
CA GLY MA 479 16.47 53.16 -28.49
C GLY MA 479 15.99 52.87 -27.09
N LEU MA 480 16.83 52.17 -26.34
CA LEU MA 480 16.43 51.63 -25.06
C LEU MA 480 17.28 52.17 -23.92
N ASN MA 489 14.69 42.65 -16.98
CA ASN MA 489 13.66 43.37 -17.72
C ASN MA 489 13.40 42.71 -19.07
N GLN MA 490 12.49 41.72 -19.13
CA GLN MA 490 12.38 40.87 -20.31
C GLN MA 490 11.05 40.89 -21.05
N GLU MA 491 9.98 41.48 -20.51
CA GLU MA 491 8.72 41.31 -21.22
C GLU MA 491 8.41 42.42 -22.22
N GLN MA 492 8.71 43.68 -21.91
CA GLN MA 492 8.25 44.81 -22.70
C GLN MA 492 9.32 45.40 -23.59
N GLU MA 493 10.54 44.86 -23.57
CA GLU MA 493 11.65 45.46 -24.29
C GLU MA 493 11.70 45.07 -25.77
N LYS MA 494 10.68 44.39 -26.28
CA LYS MA 494 10.51 44.19 -27.71
C LYS MA 494 9.28 44.85 -28.26
N VAL MA 495 8.49 45.53 -27.42
CA VAL MA 495 7.44 46.42 -27.90
C VAL MA 495 7.86 47.86 -27.73
N GLU MA 496 8.95 48.12 -27.02
CA GLU MA 496 9.61 49.41 -27.18
C GLU MA 496 10.27 49.53 -28.55
N ARG MA 497 10.77 48.42 -29.11
CA ARG MA 497 11.39 48.48 -30.41
C ARG MA 497 10.45 48.09 -31.54
N ARG MA 498 9.15 48.06 -31.29
CA ARG MA 498 8.24 48.22 -32.40
C ARG MA 498 7.97 49.68 -32.67
N ARG MA 499 7.85 50.48 -31.61
CA ARG MA 499 7.34 51.84 -31.71
C ARG MA 499 8.42 52.86 -32.01
N GLN MA 500 9.67 52.44 -32.15
CA GLN MA 500 10.76 53.37 -32.42
C GLN MA 500 10.76 53.81 -33.87
N VAL MA 501 10.84 55.13 -34.05
CA VAL MA 501 10.70 55.81 -35.33
C VAL MA 501 11.99 55.62 -36.13
N PRO MA 502 11.97 55.64 -37.47
CA PRO MA 502 13.20 55.30 -38.23
C PRO MA 502 14.24 56.40 -38.17
N PHE MA 503 15.41 56.07 -38.72
CA PHE MA 503 16.61 56.90 -38.58
C PHE MA 503 16.50 58.19 -39.36
N HIS MA 504 15.70 58.23 -40.43
CA HIS MA 504 15.46 59.50 -41.08
C HIS MA 504 14.35 60.33 -40.43
N LEU MA 505 13.70 59.81 -39.39
CA LEU MA 505 12.78 60.58 -38.54
C LEU MA 505 13.37 60.96 -37.20
N HIS MA 506 14.58 60.53 -36.89
CA HIS MA 506 15.16 60.80 -35.59
C HIS MA 506 15.64 62.24 -35.50
N ILE MA 507 15.87 62.67 -34.26
CA ILE MA 507 16.55 63.92 -33.96
C ILE MA 507 17.79 63.55 -33.17
N ASN MA 508 18.95 64.08 -33.60
CA ASN MA 508 20.23 63.61 -33.10
C ASN MA 508 20.43 64.06 -31.67
N LEU MA 509 20.69 63.09 -30.80
CA LEU MA 509 20.73 63.34 -29.37
C LEU MA 509 22.00 64.05 -28.94
N GLU MA 510 23.06 63.97 -29.74
CA GLU MA 510 24.25 64.77 -29.47
C GLU MA 510 24.09 66.21 -29.97
N LEU MA 511 23.21 66.48 -30.94
CA LEU MA 511 22.79 67.86 -31.17
C LEU MA 511 21.98 68.37 -29.99
N LEU MA 512 21.09 67.53 -29.47
CA LEU MA 512 20.32 67.86 -28.26
C LEU MA 512 21.24 67.99 -27.05
N GLU MA 513 22.27 67.16 -26.97
CA GLU MA 513 23.29 67.35 -25.95
C GLU MA 513 24.13 68.60 -26.22
N CYS MA 514 24.23 69.05 -27.47
CA CYS MA 514 25.00 70.28 -27.71
C CYS MA 514 24.16 71.54 -27.51
N VAL MA 515 22.91 71.55 -27.99
CA VAL MA 515 22.09 72.76 -27.94
C VAL MA 515 21.60 73.02 -26.51
N TYR MA 516 21.46 71.97 -25.70
CA TYR MA 516 21.14 72.17 -24.29
C TYR MA 516 22.31 72.81 -23.54
N LEU MA 517 23.54 72.43 -23.87
CA LEU MA 517 24.68 73.01 -23.16
C LEU MA 517 25.11 74.36 -23.71
N VAL MA 518 24.79 74.67 -24.98
CA VAL MA 518 25.09 75.99 -25.53
C VAL MA 518 24.20 77.05 -24.89
N SER MA 519 22.93 76.73 -24.68
CA SER MA 519 22.03 77.64 -23.98
C SER MA 519 22.35 77.72 -22.49
N ALA MA 520 22.72 76.59 -21.86
CA ALA MA 520 22.99 76.60 -20.42
C ALA MA 520 24.32 77.27 -20.10
N MET MA 521 25.26 77.30 -21.04
CA MET MA 521 26.42 78.18 -20.91
C MET MA 521 26.00 79.64 -20.97
N LEU MA 522 25.13 79.99 -21.92
CA LEU MA 522 24.62 81.35 -22.09
C LEU MA 522 23.63 81.77 -21.00
N LEU MA 523 23.23 80.90 -20.08
CA LEU MA 523 22.53 81.41 -18.90
C LEU MA 523 23.40 81.54 -17.68
N GLU MA 524 24.28 80.57 -17.43
CA GLU MA 524 24.71 80.32 -16.06
C GLU MA 524 26.05 80.94 -15.70
N ILE MA 525 26.93 81.12 -16.68
CA ILE MA 525 28.17 81.87 -16.44
C ILE MA 525 27.90 83.34 -16.05
N PRO MA 526 26.88 84.04 -16.57
CA PRO MA 526 26.51 85.30 -15.90
C PRO MA 526 25.95 85.15 -14.49
N TYR MA 527 25.30 84.06 -14.13
CA TYR MA 527 24.55 84.14 -12.87
C TYR MA 527 25.39 83.84 -11.63
N MET MA 528 26.16 82.75 -11.63
CA MET MA 528 26.93 82.41 -10.42
C MET MA 528 28.11 83.34 -10.23
N ALA MA 529 28.62 83.91 -11.32
CA ALA MA 529 29.72 84.87 -11.22
C ALA MA 529 29.26 86.21 -10.67
N ALA MA 530 27.97 86.53 -10.80
CA ALA MA 530 27.46 87.83 -10.39
C ALA MA 530 27.40 87.93 -8.87
N HIS MA 531 26.73 86.99 -8.23
CA HIS MA 531 26.61 87.03 -6.78
C HIS MA 531 27.83 86.44 -6.11
N GLU MA 532 28.32 85.31 -6.62
CA GLU MA 532 29.47 84.60 -6.02
C GLU MA 532 30.74 84.63 -6.88
N ARG MA 538 20.96 80.51 -6.26
CA ARG MA 538 20.46 79.19 -6.65
C ARG MA 538 21.52 78.37 -7.36
N MET MA 539 21.23 77.08 -7.54
CA MET MA 539 21.66 76.37 -8.75
C MET MA 539 20.40 76.07 -9.58
N ILE MA 540 20.09 76.92 -10.56
CA ILE MA 540 19.32 76.48 -11.72
C ILE MA 540 20.22 75.62 -12.59
N SER MA 541 19.59 74.71 -13.36
CA SER MA 541 20.26 73.75 -14.26
C SER MA 541 21.27 72.88 -13.52
N LYS MA 542 20.73 72.12 -12.56
CA LYS MA 542 21.47 71.20 -11.69
C LYS MA 542 22.38 70.22 -12.44
N GLN MA 543 21.97 69.78 -13.63
CA GLN MA 543 22.79 68.84 -14.39
C GLN MA 543 24.00 69.51 -14.98
N PHE MA 544 23.88 70.79 -15.35
CA PHE MA 544 24.97 71.51 -16.01
C PHE MA 544 26.13 71.77 -15.06
N HIS MA 545 25.84 72.00 -13.78
CA HIS MA 545 26.89 72.04 -12.77
C HIS MA 545 27.55 70.69 -12.59
N HIS MA 546 26.79 69.60 -12.75
CA HIS MA 546 27.40 68.28 -12.66
C HIS MA 546 28.26 68.01 -13.89
N GLN MA 547 27.84 68.51 -15.05
CA GLN MA 547 28.61 68.30 -16.28
C GLN MA 547 29.84 69.19 -16.33
N LEU MA 548 29.81 70.37 -15.68
CA LEU MA 548 31.05 71.09 -15.42
C LEU MA 548 31.96 70.32 -14.49
N ARG MA 549 31.41 69.74 -13.44
CA ARG MA 549 32.25 69.07 -12.45
C ARG MA 549 32.53 67.61 -12.78
N VAL MA 550 31.92 67.05 -13.82
CA VAL MA 550 32.56 65.91 -14.48
C VAL MA 550 33.77 66.38 -15.25
N GLY MA 551 33.63 67.46 -16.02
CA GLY MA 551 34.74 68.02 -16.77
C GLY MA 551 35.74 68.82 -15.97
N GLU MA 552 35.44 69.11 -14.70
CA GLU MA 552 36.39 69.80 -13.83
C GLU MA 552 37.36 68.83 -13.18
N ARG MA 553 36.87 67.71 -12.64
CA ARG MA 553 37.64 66.87 -11.74
C ARG MA 553 38.75 66.09 -12.41
N GLN MA 554 38.86 66.12 -13.73
CA GLN MA 554 39.98 65.48 -14.39
C GLN MA 554 41.22 66.33 -14.24
N PRO MA 555 42.35 65.74 -13.84
CA PRO MA 555 43.56 66.53 -13.62
C PRO MA 555 44.27 66.97 -14.88
N LEU MA 556 44.06 66.28 -16.00
CA LEU MA 556 44.95 66.34 -17.15
C LEU MA 556 44.22 66.89 -18.38
N LEU MA 557 43.24 67.78 -18.17
CA LEU MA 557 42.28 68.17 -19.20
C LEU MA 557 42.93 68.90 -20.36
N GLY MA 558 42.83 68.29 -21.54
CA GLY MA 558 43.49 68.77 -22.73
C GLY MA 558 42.55 69.53 -23.64
N PRO MA 559 42.90 69.66 -24.92
CA PRO MA 559 41.96 70.23 -25.87
C PRO MA 559 40.88 69.22 -26.21
N PRO MA 560 39.64 69.66 -26.39
CA PRO MA 560 38.52 68.72 -26.57
C PRO MA 560 38.41 68.22 -27.99
N GLU MA 561 38.15 66.93 -28.14
CA GLU MA 561 37.67 66.41 -29.42
C GLU MA 561 36.17 66.11 -29.39
N SER MA 562 35.65 65.69 -28.24
CA SER MA 562 34.24 65.32 -28.15
C SER MA 562 33.39 66.57 -27.99
N MET MA 563 32.07 66.39 -28.00
CA MET MA 563 31.18 67.52 -28.19
C MET MA 563 30.98 68.37 -26.93
N ARG MA 564 30.66 67.74 -25.79
CA ARG MA 564 30.31 68.49 -24.59
C ARG MA 564 31.54 69.09 -23.94
N GLU MA 565 32.70 68.48 -24.17
CA GLU MA 565 33.92 69.06 -23.62
C GLU MA 565 34.39 70.26 -24.41
N HIS MA 566 33.89 70.44 -25.64
CA HIS MA 566 34.08 71.72 -26.30
C HIS MA 566 33.41 72.86 -25.54
N VAL MA 567 32.14 72.70 -25.17
CA VAL MA 567 31.49 73.82 -24.50
C VAL MA 567 31.86 73.94 -23.03
N VAL MA 568 32.27 72.84 -22.37
CA VAL MA 568 32.65 72.94 -20.96
C VAL MA 568 34.03 73.59 -20.83
N ALA MA 569 34.98 73.22 -21.69
CA ALA MA 569 36.25 73.91 -21.66
C ALA MA 569 36.18 75.31 -22.29
N ALA MA 570 35.13 75.61 -23.06
CA ALA MA 570 34.86 76.99 -23.41
C ALA MA 570 34.07 77.71 -22.33
N SER MA 571 33.41 76.97 -21.43
CA SER MA 571 32.71 77.62 -20.34
C SER MA 571 33.69 78.18 -19.30
N LYS MA 572 34.86 77.57 -19.18
CA LYS MA 572 35.93 78.22 -18.46
C LYS MA 572 36.49 79.39 -19.26
N ALA MA 573 36.45 79.30 -20.59
CA ALA MA 573 36.99 80.39 -21.42
C ALA MA 573 36.08 81.62 -21.43
N MET MA 574 34.77 81.45 -21.22
CA MET MA 574 33.89 82.60 -21.17
C MET MA 574 33.92 83.31 -19.82
N LYS MA 575 34.19 82.58 -18.73
CA LYS MA 575 34.21 83.17 -17.40
C LYS MA 575 35.44 84.06 -17.23
N MET MA 576 36.55 83.69 -17.85
CA MET MA 576 37.74 84.53 -17.88
C MET MA 576 37.63 85.70 -18.85
N GLY MA 577 36.54 85.81 -19.61
CA GLY MA 577 36.24 87.00 -20.37
C GLY MA 577 37.05 87.18 -21.63
N ASP MA 578 37.58 86.10 -22.18
CA ASP MA 578 38.18 86.13 -23.52
C ASP MA 578 37.23 85.40 -24.45
N TRP MA 579 36.66 86.12 -25.38
CA TRP MA 579 35.65 85.53 -26.26
C TRP MA 579 36.27 84.84 -27.46
N LYS MA 580 37.54 85.15 -27.79
CA LYS MA 580 38.15 84.58 -28.98
C LYS MA 580 38.50 83.11 -28.79
N THR MA 581 38.88 82.71 -27.57
CA THR MA 581 39.04 81.28 -27.28
C THR MA 581 37.68 80.60 -27.12
N CYS MA 582 36.68 81.30 -26.60
CA CYS MA 582 35.33 80.76 -26.50
C CYS MA 582 34.70 80.58 -27.87
N HIS MA 583 35.06 81.45 -28.81
CA HIS MA 583 34.77 81.22 -30.22
C HIS MA 583 35.52 80.00 -30.77
N SER MA 584 36.74 79.75 -30.28
CA SER MA 584 37.58 78.72 -30.86
C SER MA 584 37.20 77.30 -30.47
N PHE MA 585 36.27 77.13 -29.54
CA PHE MA 585 35.81 75.78 -29.21
C PHE MA 585 34.44 75.47 -29.80
N ILE MA 586 33.71 76.47 -30.27
CA ILE MA 586 32.36 76.29 -30.78
C ILE MA 586 32.32 76.23 -32.31
N ILE MA 587 33.09 77.07 -32.99
CA ILE MA 587 32.93 77.29 -34.43
C ILE MA 587 34.04 76.58 -35.25
N ASN MA 588 34.85 75.75 -34.61
CA ASN MA 588 36.17 75.41 -35.11
C ASN MA 588 36.21 74.33 -36.22
N GLU MA 589 35.07 73.91 -36.76
CA GLU MA 589 34.90 73.01 -37.91
C GLU MA 589 35.48 71.61 -37.67
N LYS MA 590 35.55 71.17 -36.43
CA LYS MA 590 35.07 69.83 -36.19
C LYS MA 590 33.64 69.90 -35.68
N MET MA 591 33.36 70.94 -34.88
CA MET MA 591 32.06 71.13 -34.27
C MET MA 591 31.06 71.76 -35.22
N ASN MA 592 31.51 72.39 -36.30
CA ASN MA 592 30.61 72.65 -37.41
C ASN MA 592 30.23 71.34 -38.09
N GLY MA 593 31.21 70.47 -38.31
CA GLY MA 593 30.93 69.12 -38.76
C GLY MA 593 30.26 68.23 -37.75
N LYS MA 594 30.39 68.54 -36.46
CA LYS MA 594 29.69 67.72 -35.46
C LYS MA 594 28.23 68.08 -35.33
N VAL MA 595 27.92 69.34 -35.04
CA VAL MA 595 26.53 69.70 -34.80
C VAL MA 595 25.97 70.74 -35.78
N TRP MA 596 26.79 71.54 -36.45
CA TRP MA 596 26.21 72.71 -37.10
C TRP MA 596 25.98 72.51 -38.58
N ASP MA 597 26.35 71.36 -39.13
CA ASP MA 597 26.04 71.01 -40.50
C ASP MA 597 24.88 70.03 -40.58
N LEU MA 598 24.14 69.89 -39.47
CA LEU MA 598 22.90 69.13 -39.42
C LEU MA 598 21.66 69.96 -39.75
N PHE MA 599 21.80 71.16 -39.89
CA PHE MA 599 20.76 72.15 -40.07
C PHE MA 599 20.37 72.30 -41.54
N PRO MA 600 19.12 72.71 -41.82
CA PRO MA 600 18.79 73.05 -43.21
C PRO MA 600 19.47 74.30 -43.69
N GLU MA 601 19.49 75.38 -42.92
CA GLU MA 601 20.24 76.58 -43.27
C GLU MA 601 21.15 76.90 -42.08
N ALA MA 602 22.43 76.60 -42.23
CA ALA MA 602 23.39 76.76 -41.15
C ALA MA 602 23.83 78.20 -40.97
N ASP MA 603 23.53 79.08 -41.93
CA ASP MA 603 24.17 80.39 -42.00
C ASP MA 603 23.65 81.34 -40.94
N LYS MA 604 22.33 81.42 -40.75
CA LYS MA 604 21.80 82.28 -39.69
C LYS MA 604 22.07 81.70 -38.30
N VAL MA 605 22.17 80.37 -38.21
CA VAL MA 605 22.45 79.72 -36.94
C VAL MA 605 23.89 79.98 -36.52
N ARG MA 606 24.81 80.01 -37.49
CA ARG MA 606 26.22 80.21 -37.17
C ARG MA 606 26.51 81.64 -36.71
N THR MA 607 25.94 82.63 -37.41
CA THR MA 607 26.27 84.01 -37.11
C THR MA 607 25.58 84.54 -35.85
N MET MA 608 24.40 84.01 -35.53
CA MET MA 608 23.69 84.40 -34.32
C MET MA 608 24.44 84.00 -33.06
N LEU MA 609 25.15 82.86 -33.10
CA LEU MA 609 26.01 82.52 -31.98
C LEU MA 609 27.21 83.43 -31.85
N VAL MA 610 27.63 84.09 -32.94
CA VAL MA 610 28.70 85.08 -32.80
C VAL MA 610 28.18 86.32 -32.08
N ARG MA 611 26.95 86.73 -32.36
CA ARG MA 611 26.36 87.87 -31.64
C ARG MA 611 26.04 87.52 -30.18
N LYS MA 612 25.51 86.32 -29.93
CA LYS MA 612 25.11 86.01 -28.57
C LYS MA 612 26.29 85.65 -27.69
N ILE MA 613 27.42 85.24 -28.28
CA ILE MA 613 28.60 85.14 -27.45
C ILE MA 613 29.21 86.54 -27.24
N GLN MA 614 28.87 87.51 -28.08
CA GLN MA 614 29.51 88.81 -28.01
C GLN MA 614 28.98 89.64 -26.85
N GLU MA 615 27.65 89.64 -26.67
CA GLU MA 615 27.03 90.36 -25.55
C GLU MA 615 27.39 89.73 -24.22
N GLU MA 616 27.41 88.42 -24.17
CA GLU MA 616 27.58 87.75 -22.90
C GLU MA 616 29.02 87.68 -22.46
N SER MA 617 29.97 87.80 -23.38
CA SER MA 617 31.36 87.91 -22.96
C SER MA 617 31.68 89.31 -22.47
N LEU MA 618 30.91 90.30 -22.93
CA LEU MA 618 30.92 91.62 -22.31
C LEU MA 618 30.32 91.58 -20.93
N ARG MA 619 29.19 90.89 -20.78
CA ARG MA 619 28.39 91.01 -19.56
C ARG MA 619 29.02 90.27 -18.38
N THR MA 620 29.72 89.16 -18.63
CA THR MA 620 30.48 88.54 -17.56
C THR MA 620 31.74 89.31 -17.21
N TYR MA 621 32.33 89.99 -18.19
CA TYR MA 621 33.52 90.82 -17.98
C TYR MA 621 33.25 91.98 -17.05
N LEU MA 622 32.06 92.55 -17.12
CA LEU MA 622 31.65 93.58 -16.20
C LEU MA 622 31.23 93.02 -14.86
N PHE MA 623 30.95 91.72 -14.78
CA PHE MA 623 30.58 91.15 -13.48
C PHE MA 623 31.82 90.86 -12.65
N THR MA 624 32.90 90.40 -13.30
CA THR MA 624 34.11 90.04 -12.57
C THR MA 624 35.05 91.23 -12.37
N TYR MA 625 35.17 92.13 -13.34
CA TYR MA 625 36.26 93.10 -13.39
C TYR MA 625 35.82 94.55 -13.20
N SER MA 626 34.70 94.82 -12.51
CA SER MA 626 34.28 96.21 -12.34
C SER MA 626 34.81 96.84 -11.07
N SER MA 627 35.65 96.12 -10.32
CA SER MA 627 36.33 96.71 -9.17
C SER MA 627 37.60 97.45 -9.58
N VAL MA 628 38.30 96.96 -10.61
CA VAL MA 628 39.58 97.54 -11.02
C VAL MA 628 39.37 98.80 -11.86
N TYR MA 629 38.43 98.76 -12.81
CA TYR MA 629 38.15 99.91 -13.64
C TYR MA 629 37.37 100.95 -12.86
N ASP MA 630 37.71 102.22 -13.08
CA ASP MA 630 36.93 103.34 -12.56
C ASP MA 630 36.24 104.12 -13.66
N SER MA 631 36.80 104.15 -14.86
CA SER MA 631 36.12 104.78 -15.98
C SER MA 631 36.49 103.99 -17.22
N ILE MA 632 35.49 103.48 -17.90
CA ILE MA 632 35.65 102.78 -19.16
C ILE MA 632 34.98 103.63 -20.23
N SER MA 633 35.51 103.59 -21.44
CA SER MA 633 34.87 104.23 -22.57
C SER MA 633 34.17 103.17 -23.41
N MET MA 634 32.96 103.51 -23.87
CA MET MA 634 32.14 102.58 -24.64
C MET MA 634 32.68 102.34 -26.04
N GLU MA 635 33.41 103.29 -26.60
CA GLU MA 635 34.03 103.09 -27.91
C GLU MA 635 35.21 102.13 -27.83
N THR MA 636 35.85 102.03 -26.67
CA THR MA 636 36.74 100.90 -26.42
C THR MA 636 35.94 99.63 -26.27
N LEU MA 637 34.79 99.71 -25.60
CA LEU MA 637 33.91 98.56 -25.43
C LEU MA 637 33.22 98.18 -26.72
N SER MA 638 33.05 99.15 -27.61
CA SER MA 638 32.64 98.84 -28.97
C SER MA 638 33.79 98.37 -29.83
N ASP MA 639 35.03 98.44 -29.34
CA ASP MA 639 36.18 97.90 -30.04
C ASP MA 639 36.76 96.63 -29.41
N MET MA 640 36.55 96.40 -28.11
CA MET MA 640 37.05 95.17 -27.48
C MET MA 640 36.34 93.93 -28.00
N PHE MA 641 35.05 94.04 -28.29
CA PHE MA 641 34.30 92.92 -28.84
C PHE MA 641 33.75 93.21 -30.21
N GLU MA 642 33.96 94.43 -30.73
CA GLU MA 642 33.44 94.92 -32.02
C GLU MA 642 31.92 94.84 -32.12
N LEU MA 643 31.22 95.10 -31.02
CA LEU MA 643 29.80 95.40 -31.10
C LEU MA 643 29.58 96.84 -31.59
N ASP MA 644 28.33 97.14 -31.89
CA ASP MA 644 27.89 98.48 -32.22
C ASP MA 644 27.20 99.12 -31.02
N LEU MA 645 27.28 100.45 -30.98
CA LEU MA 645 27.05 101.20 -29.75
C LEU MA 645 25.64 101.16 -29.13
N PRO MA 646 24.51 101.16 -29.87
CA PRO MA 646 23.20 100.99 -29.19
C PRO MA 646 23.00 99.65 -28.53
N THR MA 647 23.73 98.61 -28.94
CA THR MA 647 23.68 97.36 -28.20
C THR MA 647 24.42 97.48 -26.87
N VAL MA 648 25.56 98.18 -26.86
CA VAL MA 648 26.29 98.38 -25.62
C VAL MA 648 25.56 99.41 -24.75
N HIS MA 649 24.87 100.37 -25.38
CA HIS MA 649 24.02 101.32 -24.67
C HIS MA 649 22.85 100.63 -23.99
N SER MA 650 22.26 99.63 -24.64
CA SER MA 650 21.10 98.94 -24.10
C SER MA 650 21.48 98.09 -22.89
N ILE MA 651 22.64 97.43 -22.98
CA ILE MA 651 23.04 96.42 -22.01
C ILE MA 651 23.40 97.04 -20.67
N ILE MA 652 24.08 98.18 -20.69
CA ILE MA 652 24.49 98.88 -19.46
C ILE MA 652 23.28 99.52 -18.77
N SER MA 653 22.38 100.09 -19.58
CA SER MA 653 21.25 100.84 -19.05
C SER MA 653 20.23 99.95 -18.35
N LYS MA 654 20.06 98.72 -18.85
CA LYS MA 654 19.27 97.74 -18.11
C LYS MA 654 20.00 97.29 -16.86
N MET MA 655 21.33 97.23 -16.92
CA MET MA 655 22.10 96.57 -15.86
C MET MA 655 22.26 97.46 -14.64
N ILE MA 656 22.10 98.78 -14.82
CA ILE MA 656 21.97 99.71 -13.69
C ILE MA 656 20.56 99.65 -13.12
N ILE MA 657 19.56 99.60 -14.00
CA ILE MA 657 18.16 99.55 -13.61
C ILE MA 657 17.80 98.21 -12.95
N ASN MA 658 18.39 97.12 -13.39
CA ASN MA 658 18.18 95.85 -12.72
C ASN MA 658 19.24 95.58 -11.65
N GLU MA 659 20.05 96.60 -11.32
CA GLU MA 659 20.94 96.69 -10.15
C GLU MA 659 22.03 95.62 -10.12
N GLU MA 660 22.53 95.15 -11.26
CA GLU MA 660 23.71 94.27 -11.20
C GLU MA 660 24.94 94.84 -11.90
N LEU MA 661 24.87 96.05 -12.46
CA LEU MA 661 26.07 96.84 -12.75
C LEU MA 661 26.06 98.04 -11.82
N MET MA 662 27.11 98.16 -11.03
CA MET MA 662 27.29 99.28 -10.11
C MET MA 662 28.03 100.42 -10.80
N ALA MA 663 27.31 101.13 -11.69
CA ALA MA 663 27.89 102.21 -12.48
C ALA MA 663 26.87 103.30 -12.76
N SER MA 664 27.35 104.37 -13.41
CA SER MA 664 26.52 105.48 -13.86
C SER MA 664 27.13 106.07 -15.15
N LEU MA 665 26.32 106.17 -16.20
CA LEU MA 665 26.77 106.52 -17.54
C LEU MA 665 26.83 108.02 -17.74
N ASP MA 666 27.54 108.45 -18.77
CA ASP MA 666 27.40 109.81 -19.28
C ASP MA 666 27.22 109.80 -20.78
N GLN MA 667 26.28 110.63 -21.26
CA GLN MA 667 26.03 110.72 -22.70
C GLN MA 667 27.14 111.36 -23.55
N PRO MA 668 27.57 112.61 -23.30
CA PRO MA 668 28.15 113.40 -24.43
C PRO MA 668 29.56 113.04 -24.85
N THR MA 669 30.28 112.23 -24.06
CA THR MA 669 31.54 111.65 -24.48
C THR MA 669 31.45 110.14 -24.65
N GLN MA 670 30.29 109.55 -24.34
CA GLN MA 670 29.98 108.11 -24.39
C GLN MA 670 30.98 107.26 -23.59
N THR MA 671 31.12 107.58 -22.31
CA THR MA 671 31.96 106.81 -21.41
C THR MA 671 31.14 106.27 -20.25
N VAL MA 672 31.54 105.13 -19.71
CA VAL MA 672 30.98 104.60 -18.46
C VAL MA 672 31.80 105.10 -17.27
N VAL MA 673 31.13 105.50 -16.20
CA VAL MA 673 31.78 105.92 -14.95
C VAL MA 673 31.34 105.00 -13.82
N MET MA 674 32.31 104.48 -13.07
CA MET MA 674 31.99 103.67 -11.91
C MET MA 674 31.69 104.53 -10.68
N HIS MA 675 31.21 103.86 -9.63
CA HIS MA 675 31.10 104.46 -8.31
C HIS MA 675 32.33 104.19 -7.44
N ARG MA 676 33.00 103.05 -7.69
CA ARG MA 676 34.07 102.40 -6.92
C ARG MA 676 33.61 101.87 -5.56
N THR MA 677 32.31 101.74 -5.29
CA THR MA 677 31.86 101.12 -4.04
C THR MA 677 31.73 99.60 -4.21
N GLU MA 678 32.92 98.93 -4.29
CA GLU MA 678 32.76 97.49 -4.19
C GLU MA 678 33.02 97.02 -2.75
N PRO MA 679 32.29 96.00 -2.29
CA PRO MA 679 32.45 95.55 -0.90
C PRO MA 679 33.73 94.74 -0.72
N THR MA 680 34.40 94.98 0.40
CA THR MA 680 35.71 94.42 0.64
C THR MA 680 35.60 93.00 1.18
N ALA MA 681 36.76 92.36 1.38
CA ALA MA 681 36.82 90.97 1.82
C ALA MA 681 36.42 90.83 3.28
N GLN MA 682 36.78 91.81 4.11
CA GLN MA 682 36.33 91.83 5.50
C GLN MA 682 34.83 92.13 5.61
N GLN MA 683 34.31 92.98 4.72
CA GLN MA 683 32.87 93.22 4.68
C GLN MA 683 32.10 92.00 4.19
N ASN MA 684 32.69 91.22 3.28
CA ASN MA 684 31.97 90.14 2.61
C ASN MA 684 31.69 88.96 3.52
N LEU MA 685 32.45 88.82 4.62
CA LEU MA 685 32.23 87.72 5.55
C LEU MA 685 30.92 87.90 6.32
N ALA MA 686 30.56 89.16 6.62
CA ALA MA 686 29.23 89.48 7.13
C ALA MA 686 28.18 89.57 6.04
N LEU MA 687 28.58 89.71 4.78
CA LEU MA 687 27.60 89.59 3.69
C LEU MA 687 27.16 88.14 3.50
N GLN MA 688 27.99 87.19 3.91
CA GLN MA 688 27.57 85.79 3.89
C GLN MA 688 26.93 85.35 5.20
N LEU MA 689 27.53 85.70 6.35
CA LEU MA 689 27.09 85.08 7.60
C LEU MA 689 25.89 85.77 8.23
N ALA MA 690 25.66 87.07 8.00
CA ALA MA 690 24.44 87.70 8.51
C ALA MA 690 23.22 87.31 7.70
N GLU MA 691 23.42 86.90 6.45
CA GLU MA 691 22.37 86.17 5.75
C GLU MA 691 22.19 84.79 6.36
N LYS MA 692 23.30 84.13 6.73
CA LYS MA 692 23.25 82.80 7.32
C LYS MA 692 22.79 82.85 8.78
N LEU MA 693 23.11 83.91 9.51
CA LEU MA 693 22.51 84.05 10.83
C LEU MA 693 21.05 84.42 10.74
N GLY MA 694 20.65 85.11 9.67
CA GLY MA 694 19.23 85.20 9.35
C GLY MA 694 18.64 83.85 9.02
N SER MA 695 19.40 83.01 8.31
CA SER MA 695 19.00 81.62 8.11
C SER MA 695 19.12 80.78 9.37
N LEU MA 696 20.07 81.10 10.26
CA LEU MA 696 20.15 80.34 11.51
C LEU MA 696 19.03 80.72 12.47
N VAL MA 697 18.60 81.99 12.50
CA VAL MA 697 17.43 82.30 13.33
C VAL MA 697 16.17 81.82 12.63
N GLU MA 698 16.22 81.67 11.30
CA GLU MA 698 15.18 80.93 10.59
C GLU MA 698 15.20 79.46 10.98
N ASN MA 699 16.40 78.89 11.18
CA ASN MA 699 16.51 77.58 11.79
C ASN MA 699 16.27 77.61 13.30
N ASN MA 700 16.37 78.78 13.96
CA ASN MA 700 16.01 78.87 15.36
C ASN MA 700 14.57 79.29 15.61
N GLU MA 701 13.89 79.91 14.66
CA GLU MA 701 12.46 80.11 14.85
C GLU MA 701 11.66 78.85 14.53
N ARG MA 702 12.17 78.00 13.63
CA ARG MA 702 11.41 76.84 13.16
C ARG MA 702 11.38 75.73 14.19
N VAL MA 703 12.40 75.68 15.06
CA VAL MA 703 12.48 74.65 16.08
C VAL MA 703 11.69 75.00 17.34
N PHE MA 704 11.38 76.27 17.55
CA PHE MA 704 10.57 76.65 18.71
C PHE MA 704 9.13 76.23 18.55
N ASP MA 705 8.60 76.30 17.32
CA ASP MA 705 7.23 75.84 17.05
C ASP MA 705 7.15 74.32 17.14
N HIS MA 706 8.24 73.61 16.84
CA HIS MA 706 8.35 72.19 17.15
C HIS MA 706 8.51 71.92 18.64
N LYS MA 707 8.98 72.91 19.40
CA LYS MA 707 9.00 72.80 20.87
C LYS MA 707 7.72 73.31 21.54
N GLN MA 708 6.81 73.97 20.82
CA GLN MA 708 5.54 74.36 21.40
C GLN MA 708 4.44 74.32 20.35
N ALA NA 1 -3.67 108.11 -41.63
CA ALA NA 1 -2.70 108.02 -42.71
C ALA NA 1 -2.24 106.59 -42.88
N GLU NA 2 -1.34 106.18 -41.98
CA GLU NA 2 -0.70 104.87 -42.00
C GLU NA 2 -0.99 104.02 -40.76
N TYR NA 3 -1.56 104.59 -39.71
CA TYR NA 3 -2.00 103.86 -38.53
C TYR NA 3 -3.50 104.03 -38.25
N ASP NA 4 -4.29 104.28 -39.30
CA ASP NA 4 -5.74 104.55 -39.16
C ASP NA 4 -6.50 103.27 -38.83
N LEU NA 5 -7.24 103.28 -37.71
CA LEU NA 5 -7.96 102.10 -37.26
C LEU NA 5 -9.38 102.01 -37.78
N THR NA 6 -9.82 102.99 -38.58
CA THR NA 6 -11.25 103.18 -38.82
C THR NA 6 -11.81 102.17 -39.82
N THR NA 7 -10.98 101.68 -40.74
CA THR NA 7 -11.36 100.49 -41.50
C THR NA 7 -11.53 99.27 -40.61
N ARG NA 8 -10.69 99.16 -39.58
CA ARG NA 8 -10.62 97.97 -38.73
C ARG NA 8 -11.62 98.01 -37.58
N ILE NA 9 -11.81 99.18 -36.95
CA ILE NA 9 -12.61 99.24 -35.73
C ILE NA 9 -14.10 99.34 -36.07
N ALA NA 10 -14.44 99.67 -37.33
CA ALA NA 10 -15.84 99.64 -37.75
C ALA NA 10 -16.37 98.22 -37.86
N HIS NA 11 -15.48 97.25 -38.05
CA HIS NA 11 -15.75 95.81 -37.90
C HIS NA 11 -16.01 95.39 -36.46
N PHE NA 12 -15.85 96.28 -35.47
CA PHE NA 12 -16.16 96.02 -34.08
C PHE NA 12 -17.23 96.95 -33.54
N LEU NA 13 -18.09 97.48 -34.43
CA LEU NA 13 -19.08 98.52 -34.15
C LEU NA 13 -20.39 98.21 -34.86
N ASP NA 14 -21.37 99.09 -34.65
CA ASP NA 14 -22.65 99.07 -35.33
C ASP NA 14 -22.69 100.02 -36.52
N ARG NA 15 -23.80 99.94 -37.28
CA ARG NA 15 -23.95 100.63 -38.55
C ARG NA 15 -24.04 102.14 -38.39
N HIS NA 16 -24.74 102.62 -37.37
CA HIS NA 16 -24.89 104.05 -37.14
C HIS NA 16 -23.66 104.70 -36.56
N LEU NA 17 -22.71 103.90 -36.10
CA LEU NA 17 -21.58 104.37 -35.32
C LEU NA 17 -20.33 104.52 -36.14
N VAL NA 18 -20.37 104.17 -37.43
CA VAL NA 18 -19.23 104.43 -38.28
C VAL NA 18 -19.17 105.89 -38.71
N PHE NA 19 -20.31 106.58 -38.81
CA PHE NA 19 -20.42 107.93 -39.37
C PHE NA 19 -19.77 109.04 -38.52
N PRO NA 20 -19.83 109.04 -37.17
CA PRO NA 20 -18.95 109.98 -36.44
C PRO NA 20 -17.47 109.66 -36.59
N LEU NA 21 -17.13 108.39 -36.80
CA LEU NA 21 -15.74 108.00 -37.00
C LEU NA 21 -15.27 108.35 -38.41
N LEU NA 22 -16.16 108.21 -39.41
CA LEU NA 22 -15.82 108.46 -40.80
C LEU NA 22 -15.87 109.93 -41.21
N GLU NA 23 -16.77 110.75 -40.64
CA GLU NA 23 -16.87 112.17 -41.02
C GLU NA 23 -15.67 112.97 -40.52
N PHE NA 24 -15.03 112.48 -39.48
CA PHE NA 24 -13.71 112.97 -39.07
C PHE NA 24 -12.66 112.77 -40.15
N LEU NA 25 -12.74 111.68 -40.90
CA LEU NA 25 -11.83 111.50 -42.03
C LEU NA 25 -12.19 112.41 -43.21
N SER NA 26 -13.42 112.93 -43.25
CA SER NA 26 -13.84 113.91 -44.25
C SER NA 26 -13.61 115.37 -43.83
N VAL NA 27 -13.39 115.65 -42.54
CA VAL NA 27 -12.88 116.97 -42.18
C VAL NA 27 -11.35 116.97 -42.25
N LYS NA 28 -10.72 115.80 -42.39
CA LYS NA 28 -9.27 115.67 -42.38
C LYS NA 28 -8.66 115.63 -43.77
N GLU NA 29 -9.28 114.88 -44.71
CA GLU NA 29 -8.75 114.55 -46.04
C GLU NA 29 -7.32 114.00 -46.00
N ILE NA 30 -7.09 113.01 -45.15
CA ILE NA 30 -5.79 112.34 -45.19
C ILE NA 30 -5.74 111.36 -46.37
N TYR NA 31 -6.91 110.92 -46.84
CA TYR NA 31 -7.10 110.54 -48.23
C TYR NA 31 -8.36 111.25 -48.71
N ASN NA 32 -8.59 111.18 -50.02
CA ASN NA 32 -9.46 112.13 -50.71
C ASN NA 32 -10.93 111.94 -50.37
N GLU NA 33 -11.65 113.06 -50.40
CA GLU NA 33 -13.07 113.08 -50.10
C GLU NA 33 -13.92 112.53 -51.25
N LYS NA 34 -13.34 112.43 -52.45
CA LYS NA 34 -14.07 111.86 -53.58
C LYS NA 34 -14.26 110.35 -53.45
N GLU NA 35 -13.23 109.64 -53.00
CA GLU NA 35 -13.36 108.21 -52.80
C GLU NA 35 -13.96 107.87 -51.44
N LEU NA 36 -13.83 108.78 -50.48
CA LEU NA 36 -14.45 108.59 -49.17
C LEU NA 36 -15.97 108.66 -49.25
N LEU NA 37 -16.50 109.47 -50.17
CA LEU NA 37 -17.96 109.60 -50.35
C LEU NA 37 -18.58 108.33 -50.88
N GLN NA 38 -17.83 107.53 -51.63
CA GLN NA 38 -18.29 106.20 -51.99
C GLN NA 38 -18.25 105.27 -50.78
N GLY NA 39 -17.27 105.47 -49.88
CA GLY NA 39 -17.18 104.65 -48.68
C GLY NA 39 -18.30 104.92 -47.69
N LYS NA 40 -18.75 106.18 -47.60
CA LYS NA 40 -19.93 106.51 -46.82
C LYS NA 40 -21.19 105.90 -47.43
N LEU NA 41 -21.23 105.78 -48.77
CA LEU NA 41 -22.47 105.53 -49.51
C LEU NA 41 -23.00 104.13 -49.28
N ASP NA 42 -22.11 103.14 -49.24
CA ASP NA 42 -22.59 101.75 -49.20
C ASP NA 42 -23.13 101.41 -47.82
N LEU NA 43 -22.73 102.14 -46.79
CA LEU NA 43 -23.52 102.17 -45.57
C LEU NA 43 -24.79 102.99 -45.76
N LEU NA 44 -24.69 104.14 -46.43
CA LEU NA 44 -25.81 105.05 -46.53
C LEU NA 44 -26.89 104.55 -47.50
N SER NA 45 -26.51 103.76 -48.49
CA SER NA 45 -27.51 103.07 -49.30
C SER NA 45 -28.12 101.87 -48.59
N ASP NA 46 -27.50 101.40 -47.50
CA ASP NA 46 -28.04 100.29 -46.71
C ASP NA 46 -28.79 100.75 -45.48
N THR NA 47 -28.40 101.88 -44.86
CA THR NA 47 -29.00 102.33 -43.61
C THR NA 47 -30.31 103.08 -43.82
N ASN NA 48 -30.77 103.17 -45.09
CA ASN NA 48 -32.00 103.80 -45.59
C ASN NA 48 -32.28 105.18 -45.02
N MET NA 49 -31.22 105.95 -44.79
CA MET NA 49 -31.31 107.40 -44.87
C MET NA 49 -30.97 107.82 -46.28
N VAL NA 50 -31.94 107.58 -47.17
CA VAL NA 50 -31.72 107.83 -48.59
C VAL NA 50 -31.81 109.32 -48.93
N ASP NA 51 -32.42 110.15 -48.06
CA ASP NA 51 -32.39 111.60 -48.26
C ASP NA 51 -31.02 112.16 -47.95
N PHE NA 52 -30.33 111.59 -46.95
CA PHE NA 52 -28.90 111.80 -46.78
C PHE NA 52 -28.14 111.33 -48.01
N ALA NA 53 -28.49 110.14 -48.51
CA ALA NA 53 -27.79 109.55 -49.65
C ALA NA 53 -28.23 110.16 -50.97
N MET NA 54 -29.35 110.89 -50.98
CA MET NA 54 -29.70 111.70 -52.15
C MET NA 54 -28.66 112.78 -52.41
N ASP NA 55 -28.21 113.46 -51.36
CA ASP NA 55 -27.21 114.51 -51.52
C ASP NA 55 -25.82 113.94 -51.79
N VAL NA 56 -25.51 112.77 -51.23
CA VAL NA 56 -24.12 112.29 -51.17
C VAL NA 56 -23.65 111.77 -52.53
N TYR NA 57 -24.51 111.04 -53.24
CA TYR NA 57 -24.18 110.72 -54.63
C TYR NA 57 -24.27 111.96 -55.52
N LYS NA 58 -25.11 112.93 -55.16
CA LYS NA 58 -25.08 114.20 -55.87
C LYS NA 58 -23.85 115.02 -55.52
N ASN NA 59 -23.27 114.82 -54.33
CA ASN NA 59 -21.98 115.41 -54.01
C ASN NA 59 -20.81 114.69 -54.66
N LEU NA 60 -21.05 113.52 -55.25
CA LEU NA 60 -20.01 112.69 -55.85
C LEU NA 60 -20.05 112.69 -57.38
N TYR NA 61 -21.20 112.95 -57.98
CA TYR NA 61 -21.37 112.89 -59.42
C TYR NA 61 -20.83 114.16 -60.08
N PRO NA 66 -30.86 110.25 -60.53
CA PRO NA 66 -31.20 110.12 -59.11
C PRO NA 66 -32.63 109.64 -58.86
N HIS NA 67 -33.08 108.66 -59.64
CA HIS NA 67 -34.33 107.97 -59.35
C HIS NA 67 -34.14 106.57 -58.76
N ALA NA 68 -32.90 106.07 -58.70
CA ALA NA 68 -32.61 104.87 -57.93
C ALA NA 68 -32.82 105.11 -56.44
N LEU NA 69 -32.56 106.33 -55.99
CA LEU NA 69 -32.90 106.74 -54.63
C LEU NA 69 -34.41 106.87 -54.45
N ARG NA 70 -35.12 107.24 -55.52
CA ARG NA 70 -36.57 107.41 -55.43
C ARG NA 70 -37.31 106.09 -55.35
N GLU NA 71 -36.80 105.03 -55.97
CA GLU NA 71 -37.36 103.70 -55.75
C GLU NA 71 -37.14 103.25 -54.31
N LYS NA 72 -36.02 103.66 -53.71
CA LYS NA 72 -35.83 103.47 -52.28
C LYS NA 72 -36.77 104.35 -51.48
N ARG NA 73 -37.08 105.55 -51.99
CA ARG NA 73 -37.89 106.54 -51.28
C ARG NA 73 -39.34 106.08 -51.10
N THR NA 74 -39.94 105.53 -52.15
CA THR NA 74 -41.30 105.01 -52.04
C THR NA 74 -41.38 103.77 -51.15
N THR NA 75 -40.32 102.96 -51.11
CA THR NA 75 -40.38 101.67 -50.44
C THR NA 75 -39.98 101.72 -48.96
N VAL NA 76 -38.99 102.53 -48.58
CA VAL NA 76 -38.63 102.54 -47.15
C VAL NA 76 -39.62 103.40 -46.34
N VAL NA 77 -40.26 104.39 -46.95
CA VAL NA 77 -41.32 105.13 -46.30
C VAL NA 77 -42.62 104.32 -46.30
N ALA NA 78 -42.73 103.31 -47.17
CA ALA NA 78 -43.83 102.35 -47.08
C ALA NA 78 -43.76 101.52 -45.80
N GLN NA 79 -42.55 101.22 -45.33
CA GLN NA 79 -42.41 100.54 -44.05
C GLN NA 79 -42.67 101.48 -42.86
N LEU NA 80 -42.60 102.80 -43.06
CA LEU NA 80 -42.86 103.75 -41.97
C LEU NA 80 -44.32 103.73 -41.55
N LYS NA 81 -45.23 103.96 -42.49
CA LYS NA 81 -46.62 104.28 -42.18
C LYS NA 81 -47.39 103.04 -41.77
N GLN NA 82 -47.08 101.90 -42.40
CA GLN NA 82 -47.77 100.66 -42.08
C GLN NA 82 -47.37 100.10 -40.73
N LEU NA 83 -46.08 100.23 -40.35
CA LEU NA 83 -45.69 99.82 -39.01
C LEU NA 83 -46.17 100.80 -37.95
N GLN NA 84 -46.32 102.08 -38.31
CA GLN NA 84 -46.83 103.07 -37.38
C GLN NA 84 -48.31 102.86 -37.11
N ALA NA 85 -49.04 102.33 -38.09
CA ALA NA 85 -50.39 101.82 -37.86
C ALA NA 85 -50.39 100.58 -36.98
N GLU NA 86 -49.30 99.79 -37.00
CA GLU NA 86 -49.24 98.59 -36.16
C GLU NA 86 -48.82 98.88 -34.72
N THR NA 87 -47.97 99.88 -34.47
CA THR NA 87 -47.64 100.25 -33.10
C THR NA 87 -48.62 101.22 -32.50
N GLU NA 88 -49.54 101.76 -33.30
CA GLU NA 88 -50.63 102.54 -32.77
C GLU NA 88 -51.57 101.79 -31.81
N PRO NA 89 -51.84 100.47 -31.93
CA PRO NA 89 -52.43 99.78 -30.77
C PRO NA 89 -51.57 99.78 -29.51
N ILE NA 90 -50.26 99.68 -29.66
CA ILE NA 90 -49.40 99.41 -28.51
C ILE NA 90 -49.04 100.68 -27.74
N VAL NA 91 -48.92 101.82 -28.42
CA VAL NA 91 -48.72 103.10 -27.74
C VAL NA 91 -50.05 103.57 -27.13
N LYS NA 92 -51.17 103.04 -27.61
CA LYS NA 92 -52.47 103.26 -26.96
C LYS NA 92 -52.58 102.51 -25.63
N MET NA 93 -51.80 101.44 -25.42
CA MET NA 93 -51.70 100.81 -24.11
C MET NA 93 -50.94 101.67 -23.11
N PHE NA 94 -50.13 102.62 -23.58
CA PHE NA 94 -49.42 103.56 -22.74
C PHE NA 94 -50.09 104.93 -22.78
N GLU NA 95 -52.49 109.12 -13.90
CA GLU NA 95 -52.87 108.13 -12.90
C GLU NA 95 -51.94 106.92 -12.96
N THR NA 99 -51.79 106.36 -14.16
CA THR NA 99 -50.96 105.20 -14.40
C THR NA 99 -49.82 105.44 -15.37
N THR NA 100 -49.78 106.60 -16.02
CA THR NA 100 -48.89 106.83 -17.16
C THR NA 100 -47.43 106.99 -16.73
N ARG NA 101 -47.14 107.92 -15.82
CA ARG NA 101 -45.77 108.06 -15.32
C ARG NA 101 -45.45 107.05 -14.24
N GLN NA 102 -46.47 106.44 -13.62
CA GLN NA 102 -46.37 105.45 -12.56
C GLN NA 102 -46.13 104.03 -13.08
N MET NA 103 -45.74 103.88 -14.36
CA MET NA 103 -45.17 102.63 -14.85
C MET NA 103 -43.89 102.21 -14.11
N GLN NA 104 -43.17 103.17 -13.54
CA GLN NA 104 -42.25 102.89 -12.43
C GLN NA 104 -42.84 103.39 -11.12
N GLY NA 109 -41.26 93.55 -15.29
CA GLY NA 109 -41.27 92.26 -14.62
C GLY NA 109 -42.62 91.59 -14.63
N ARG NA 110 -42.82 90.66 -13.70
CA ARG NA 110 -44.11 89.96 -13.57
C ARG NA 110 -45.14 90.81 -12.83
N MET NA 111 -44.71 91.61 -11.86
CA MET NA 111 -45.64 92.51 -11.18
C MET NA 111 -46.01 93.68 -12.08
N LEU NA 112 -45.13 94.03 -13.03
CA LEU NA 112 -45.46 95.05 -14.01
C LEU NA 112 -46.24 94.52 -15.21
N PHE NA 113 -46.09 93.23 -15.54
CA PHE NA 113 -46.93 92.66 -16.59
C PHE NA 113 -48.36 92.54 -16.13
N ASP NA 114 -48.56 92.29 -14.84
CA ASP NA 114 -49.89 92.34 -14.23
C ASP NA 114 -50.39 93.78 -14.07
N TYR NA 115 -49.48 94.76 -14.06
CA TYR NA 115 -49.86 96.17 -14.02
C TYR NA 115 -50.47 96.62 -15.33
N LEU NA 116 -50.03 96.02 -16.44
CA LEU NA 116 -50.70 96.19 -17.73
C LEU NA 116 -51.97 95.34 -17.84
N ALA NA 117 -52.07 94.28 -17.03
CA ALA NA 117 -53.23 93.40 -17.10
C ALA NA 117 -54.48 94.05 -16.51
N ASP NA 118 -54.36 94.66 -15.33
CA ASP NA 118 -55.51 95.35 -14.74
C ASP NA 118 -55.69 96.76 -15.27
N LYS NA 119 -54.84 97.20 -16.21
CA LYS NA 119 -55.21 98.33 -17.07
C LYS NA 119 -56.33 97.94 -18.03
N HIS NA 120 -56.23 96.75 -18.65
CA HIS NA 120 -57.28 96.30 -19.56
C HIS NA 120 -57.81 94.90 -19.19
N ARG NA 123 -49.67 89.56 -24.28
CA ARG NA 123 -49.13 90.86 -24.66
C ARG NA 123 -47.67 90.76 -25.08
N GLN NA 124 -47.25 89.55 -25.43
CA GLN NA 124 -45.88 89.31 -25.86
C GLN NA 124 -45.67 89.59 -27.35
N GLU NA 125 -46.73 89.59 -28.17
CA GLU NA 125 -46.61 89.93 -29.59
C GLU NA 125 -46.57 91.44 -29.82
N TYR NA 126 -47.10 92.22 -28.88
CA TYR NA 126 -47.02 93.67 -28.94
C TYR NA 126 -45.59 94.15 -28.70
N LEU NA 127 -44.82 93.39 -27.92
CA LEU NA 127 -43.40 93.67 -27.73
C LEU NA 127 -42.60 93.41 -29.01
N ASP NA 128 -43.09 92.47 -29.83
CA ASP NA 128 -42.36 92.06 -31.04
C ASP NA 128 -42.37 93.14 -32.11
N THR NA 129 -43.51 93.82 -32.30
CA THR NA 129 -43.58 94.88 -33.29
C THR NA 129 -43.09 96.22 -32.72
N LEU NA 130 -43.02 96.34 -31.38
CA LEU NA 130 -42.28 97.46 -30.79
C LEU NA 130 -40.78 97.27 -30.96
N TYR NA 131 -40.39 96.01 -31.08
CA TYR NA 131 -39.02 95.64 -31.33
C TYR NA 131 -38.77 95.96 -32.80
N ARG NA 132 -39.81 95.78 -33.62
CA ARG NA 132 -39.74 96.09 -35.04
C ARG NA 132 -39.77 97.60 -35.30
N TYR NA 133 -40.47 98.36 -34.46
CA TYR NA 133 -40.36 99.81 -34.64
C TYR NA 133 -39.08 100.34 -34.03
N ALA NA 134 -38.46 99.59 -33.11
CA ALA NA 134 -37.22 100.01 -32.45
C ALA NA 134 -36.05 100.07 -33.43
N LYS NA 135 -36.02 99.15 -34.39
CA LYS NA 135 -35.07 99.29 -35.49
C LYS NA 135 -35.45 100.45 -36.39
N PHE NA 136 -36.75 100.74 -36.54
CA PHE NA 136 -37.12 101.87 -37.39
C PHE NA 136 -36.80 103.19 -36.72
N GLN NA 137 -36.94 103.24 -35.40
CA GLN NA 137 -36.38 104.33 -34.60
C GLN NA 137 -34.86 104.33 -34.60
N TYR NA 138 -34.24 103.20 -34.94
CA TYR NA 138 -32.79 103.13 -35.08
C TYR NA 138 -32.33 103.47 -36.50
N GLU NA 139 -33.02 102.98 -37.55
CA GLU NA 139 -32.38 102.90 -38.87
C GLU NA 139 -32.43 104.23 -39.64
N CYS NA 140 -33.60 104.85 -39.73
CA CYS NA 140 -33.63 106.24 -40.17
C CYS NA 140 -33.14 107.13 -39.05
N GLY NA 141 -33.58 106.84 -37.84
CA GLY NA 141 -32.87 107.12 -36.61
C GLY NA 141 -33.26 108.34 -35.81
N ASN NA 142 -33.47 108.11 -34.51
CA ASN NA 142 -33.74 109.15 -33.52
C ASN NA 142 -33.25 108.59 -32.19
N TYR NA 143 -32.34 109.31 -31.53
CA TYR NA 143 -31.45 108.68 -30.58
C TYR NA 143 -31.81 108.99 -29.14
N SER NA 144 -32.59 110.04 -28.89
CA SER NA 144 -33.48 110.04 -27.74
C SER NA 144 -34.69 109.14 -27.98
N GLY NA 145 -35.04 108.92 -29.25
CA GLY NA 145 -36.22 108.13 -29.57
C GLY NA 145 -36.04 106.64 -29.37
N ALA NA 146 -34.86 106.11 -29.71
CA ALA NA 146 -34.60 104.69 -29.54
C ALA NA 146 -34.44 104.31 -28.07
N ALA NA 147 -34.06 105.27 -27.21
CA ALA NA 147 -33.61 105.00 -25.84
C ALA NA 147 -34.72 104.47 -24.95
N GLU NA 148 -35.94 104.95 -25.14
CA GLU NA 148 -37.10 104.53 -24.37
C GLU NA 148 -37.70 103.21 -24.83
N TYR NA 149 -37.56 102.84 -26.11
CA TYR NA 149 -38.30 101.69 -26.63
C TYR NA 149 -37.72 100.36 -26.15
N LEU NA 150 -36.39 100.24 -26.10
CA LEU NA 150 -35.84 99.10 -25.40
C LEU NA 150 -35.88 99.31 -23.89
N TYR NA 151 -36.04 100.54 -23.42
CA TYR NA 151 -36.39 100.75 -22.01
C TYR NA 151 -37.81 100.31 -21.74
N PHE NA 152 -38.71 100.49 -22.71
CA PHE NA 152 -40.06 99.95 -22.52
C PHE NA 152 -40.09 98.45 -22.74
N PHE NA 153 -39.16 97.92 -23.54
CA PHE NA 153 -39.07 96.47 -23.72
C PHE NA 153 -38.55 95.78 -22.46
N ARG NA 154 -37.48 96.32 -21.87
CA ARG NA 154 -36.79 95.61 -20.78
C ARG NA 154 -37.57 95.69 -19.46
N VAL NA 155 -38.21 96.82 -19.20
CA VAL NA 155 -38.92 96.96 -17.91
C VAL NA 155 -40.25 96.20 -17.91
N LEU NA 156 -40.74 95.79 -19.09
CA LEU NA 156 -42.02 95.11 -19.17
C LEU NA 156 -41.87 93.62 -18.99
N VAL NA 157 -40.80 93.02 -19.50
CA VAL NA 157 -40.75 91.58 -19.71
C VAL NA 157 -40.35 90.82 -18.44
N PRO NA 158 -41.14 89.83 -18.02
CA PRO NA 158 -40.62 88.82 -17.09
C PRO NA 158 -39.76 87.80 -17.83
N ALA NA 159 -40.05 87.60 -19.11
CA ALA NA 159 -39.49 86.51 -19.92
C ALA NA 159 -38.13 86.97 -20.44
N THR NA 160 -37.14 86.87 -19.56
CA THR NA 160 -35.85 87.53 -19.75
C THR NA 160 -34.86 86.75 -20.59
N ASP NA 161 -35.28 85.69 -21.29
CA ASP NA 161 -34.33 84.85 -22.01
C ASP NA 161 -34.21 85.13 -23.49
N ARG NA 162 -35.22 85.74 -24.12
CA ARG NA 162 -35.38 85.60 -25.56
C ARG NA 162 -34.44 86.51 -26.35
N ASN NA 163 -34.46 87.80 -26.06
CA ASN NA 163 -33.75 88.77 -26.88
C ASN NA 163 -32.83 89.64 -26.04
N ALA NA 164 -32.47 89.18 -24.82
CA ALA NA 164 -31.89 90.06 -23.81
C ALA NA 164 -30.47 90.49 -24.14
N LEU NA 165 -29.74 89.71 -24.94
CA LEU NA 165 -28.45 90.19 -25.43
C LEU NA 165 -28.61 91.25 -26.50
N SER NA 166 -29.49 91.00 -27.48
CA SER NA 166 -29.74 91.97 -28.55
C SER NA 166 -30.59 93.14 -28.09
N SER NA 167 -31.30 93.00 -26.95
CA SER NA 167 -31.88 94.15 -26.27
C SER NA 167 -30.79 95.11 -25.89
N LEU NA 168 -29.76 94.60 -25.20
CA LEU NA 168 -28.64 95.44 -24.78
C LEU NA 168 -27.69 95.82 -25.90
N TRP NA 169 -27.57 94.98 -26.94
CA TRP NA 169 -26.90 95.39 -28.18
C TRP NA 169 -27.58 96.60 -28.78
N GLY NA 170 -28.91 96.64 -28.73
CA GLY NA 170 -29.62 97.83 -29.10
C GLY NA 170 -29.57 98.93 -28.04
N LYS NA 171 -29.67 98.56 -26.76
CA LYS NA 171 -29.86 99.60 -25.74
C LYS NA 171 -28.57 100.33 -25.40
N LEU NA 172 -27.42 99.64 -25.43
CA LEU NA 172 -26.16 100.35 -25.33
C LEU NA 172 -25.89 101.14 -26.61
N ALA NA 173 -26.41 100.67 -27.74
CA ALA NA 173 -26.42 101.51 -28.94
C ALA NA 173 -27.46 102.62 -28.84
N SER NA 174 -28.53 102.44 -28.04
CA SER NA 174 -29.59 103.45 -27.96
C SER NA 174 -29.17 104.69 -27.19
N GLU NA 175 -28.26 104.57 -26.23
CA GLU NA 175 -27.79 105.77 -25.53
C GLU NA 175 -26.73 106.53 -26.34
N ILE NA 176 -25.97 105.80 -27.15
CA ILE NA 176 -24.59 106.20 -27.44
C ILE NA 176 -24.50 107.30 -28.50
N LEU NA 177 -25.51 107.44 -29.36
CA LEU NA 177 -25.44 108.42 -30.44
C LEU NA 177 -25.77 109.84 -29.97
N MET NA 178 -26.36 109.99 -28.79
CA MET NA 178 -26.77 111.29 -28.25
C MET NA 178 -25.66 111.99 -27.49
N GLN NA 179 -24.42 111.51 -27.61
CA GLN NA 179 -23.20 111.99 -26.96
C GLN NA 179 -23.25 111.86 -25.44
N ASN NA 180 -24.15 111.02 -24.90
CA ASN NA 180 -24.16 110.71 -23.48
C ASN NA 180 -23.24 109.53 -23.20
N TRP NA 181 -22.36 109.73 -22.22
CA TRP NA 181 -21.46 108.71 -21.73
C TRP NA 181 -21.74 108.40 -20.29
N ASP NA 182 -22.61 109.21 -19.67
CA ASP NA 182 -22.98 109.02 -18.28
C ASP NA 182 -23.94 107.86 -18.15
N ALA NA 183 -25.01 107.87 -18.93
CA ALA NA 183 -25.96 106.78 -18.91
C ALA NA 183 -25.49 105.60 -19.72
N ALA NA 184 -24.44 105.80 -20.53
CA ALA NA 184 -23.76 104.66 -21.14
C ALA NA 184 -23.00 103.86 -20.08
N MET NA 185 -22.54 104.52 -19.00
CA MET NA 185 -21.86 103.81 -17.91
C MET NA 185 -22.84 102.97 -17.10
N GLU NA 186 -24.07 103.46 -16.92
CA GLU NA 186 -25.13 102.59 -16.42
C GLU NA 186 -25.47 101.52 -17.44
N ASP NA 187 -25.45 101.87 -18.74
CA ASP NA 187 -25.66 100.88 -19.80
C ASP NA 187 -24.52 99.87 -19.90
N LEU NA 188 -23.28 100.30 -19.61
CA LEU NA 188 -22.12 99.40 -19.75
C LEU NA 188 -22.13 98.31 -18.70
N THR NA 189 -22.54 98.64 -17.48
CA THR NA 189 -22.55 97.67 -16.39
C THR NA 189 -23.58 96.56 -16.62
N ARG NA 190 -24.66 96.86 -17.35
CA ARG NA 190 -25.66 95.83 -17.60
C ARG NA 190 -25.25 94.85 -18.72
N LEU NA 191 -24.74 95.36 -19.86
CA LEU NA 191 -24.36 94.50 -20.99
C LEU NA 191 -23.13 93.66 -20.65
N LYS NA 192 -22.20 94.22 -19.88
CA LYS NA 192 -21.00 93.49 -19.46
C LYS NA 192 -21.35 92.29 -18.60
N GLU NA 193 -22.35 92.43 -17.73
CA GLU NA 193 -22.75 91.31 -16.91
C GLU NA 193 -23.55 90.28 -17.70
N THR NA 194 -24.29 90.73 -18.72
CA THR NA 194 -25.27 89.86 -19.37
C THR NA 194 -24.62 88.80 -20.26
N ILE NA 195 -23.45 89.10 -20.82
CA ILE NA 195 -22.67 88.05 -21.45
C ILE NA 195 -21.92 87.23 -20.41
N ASP NA 196 -21.64 87.82 -19.25
CA ASP NA 196 -20.81 87.17 -18.24
C ASP NA 196 -21.58 86.09 -17.50
N ASN NA 197 -22.80 86.39 -17.05
CA ASN NA 197 -23.53 85.48 -16.17
C ASN NA 197 -24.17 84.31 -16.91
N ASN NA 198 -24.16 84.33 -18.25
CA ASN NA 198 -24.86 83.31 -19.02
C ASN NA 198 -24.11 81.99 -18.97
N SER NA 199 -24.84 80.93 -18.63
CA SER NA 199 -24.29 79.58 -18.64
C SER NA 199 -24.49 78.91 -20.00
N VAL NA 200 -25.64 79.16 -20.65
CA VAL NA 200 -25.96 78.52 -21.91
C VAL NA 200 -25.36 79.38 -23.03
N SER NA 201 -24.16 79.01 -23.44
CA SER NA 201 -23.41 79.53 -24.59
C SER NA 201 -22.23 78.59 -24.82
N SER NA 202 -21.86 78.41 -26.08
CA SER NA 202 -20.57 77.84 -26.36
C SER NA 202 -19.50 78.88 -26.03
N PRO NA 203 -18.31 78.46 -25.57
CA PRO NA 203 -17.27 79.44 -25.21
C PRO NA 203 -16.66 80.19 -26.39
N LEU NA 204 -16.77 79.68 -27.62
CA LEU NA 204 -16.37 80.47 -28.80
C LEU NA 204 -17.28 81.65 -28.99
N GLN NA 205 -18.59 81.42 -28.89
CA GLN NA 205 -19.53 82.52 -28.98
C GLN NA 205 -19.47 83.41 -27.75
N SER NA 206 -19.09 82.87 -26.60
CA SER NA 206 -18.92 83.65 -25.39
C SER NA 206 -17.74 84.61 -25.51
N LEU NA 207 -16.69 84.18 -26.20
CA LEU NA 207 -15.57 85.08 -26.44
C LEU NA 207 -15.93 86.12 -27.50
N GLN NA 208 -16.77 85.76 -28.47
CA GLN NA 208 -17.05 86.66 -29.58
C GLN NA 208 -17.92 87.85 -29.15
N GLN NA 209 -18.95 87.60 -28.33
CA GLN NA 209 -19.79 88.67 -27.81
C GLN NA 209 -19.05 89.54 -26.80
N ARG NA 210 -18.16 88.93 -26.01
CA ARG NA 210 -17.35 89.65 -25.04
C ARG NA 210 -16.31 90.54 -25.69
N THR NA 211 -15.91 90.18 -26.91
CA THR NA 211 -14.86 90.91 -27.61
C THR NA 211 -15.30 92.33 -27.97
N TRP NA 212 -16.47 92.46 -28.62
CA TRP NA 212 -16.94 93.73 -29.19
C TRP NA 212 -17.36 94.72 -28.11
N LEU NA 213 -17.72 94.22 -26.92
CA LEU NA 213 -18.03 95.04 -25.75
C LEU NA 213 -16.86 95.93 -25.33
N ILE NA 214 -15.63 95.42 -25.48
CA ILE NA 214 -14.41 96.15 -25.15
C ILE NA 214 -14.24 97.37 -26.05
N HIS NA 215 -14.58 97.21 -27.32
CA HIS NA 215 -14.50 98.31 -28.28
C HIS NA 215 -15.61 99.33 -28.05
N TRP NA 216 -16.80 98.88 -27.64
CA TRP NA 216 -17.90 99.78 -27.38
C TRP NA 216 -17.73 100.53 -26.04
N SER NA 217 -16.92 100.01 -25.12
CA SER NA 217 -16.61 100.71 -23.87
C SER NA 217 -15.55 101.78 -24.03
N LEU NA 218 -14.84 101.77 -25.16
CA LEU NA 218 -13.88 102.81 -25.49
C LEU NA 218 -14.57 104.15 -25.72
N PHE NA 219 -15.79 104.08 -26.29
CA PHE NA 219 -16.72 105.21 -26.30
C PHE NA 219 -16.97 105.73 -24.89
N VAL NA 220 -17.15 104.82 -23.92
CA VAL NA 220 -17.53 105.21 -22.55
C VAL NA 220 -16.35 105.85 -21.83
N PHE NA 221 -15.23 105.13 -21.73
CA PHE NA 221 -14.19 105.48 -20.77
C PHE NA 221 -13.35 106.67 -21.20
N PHE NA 222 -13.39 107.05 -22.47
CA PHE NA 222 -12.54 108.14 -22.90
C PHE NA 222 -13.13 109.50 -22.58
N ASN NA 223 -14.45 109.65 -22.67
CA ASN NA 223 -15.11 110.93 -22.49
C ASN NA 223 -16.14 110.89 -21.37
N HIS NA 224 -15.96 109.97 -20.39
CA HIS NA 224 -16.94 109.81 -19.31
C HIS NA 224 -17.04 111.03 -18.38
N PRO NA 225 -15.95 111.54 -17.73
CA PRO NA 225 -14.48 111.34 -17.71
C PRO NA 225 -13.98 110.31 -16.72
N LYS NA 226 -14.87 109.78 -15.90
CA LYS NA 226 -14.50 109.01 -14.72
C LYS NA 226 -14.36 107.52 -14.96
N GLY NA 227 -14.28 107.09 -16.22
CA GLY NA 227 -13.90 105.73 -16.50
C GLY NA 227 -12.41 105.46 -16.46
N ARG NA 228 -11.59 106.51 -16.30
CA ARG NA 228 -10.14 106.42 -16.46
C ARG NA 228 -9.48 105.60 -15.35
N ASP NA 229 -9.92 105.76 -14.11
CA ASP NA 229 -9.44 104.88 -13.06
C ASP NA 229 -9.92 103.44 -13.26
N ASN NA 230 -11.10 103.26 -13.84
CA ASN NA 230 -11.63 101.93 -14.10
C ASN NA 230 -10.92 101.23 -15.25
N ILE NA 231 -10.19 101.98 -16.08
CA ILE NA 231 -9.47 101.44 -17.24
C ILE NA 231 -8.41 100.42 -16.81
N ILE NA 232 -7.76 100.67 -15.68
CA ILE NA 232 -6.76 99.77 -15.08
C ILE NA 232 -7.40 98.46 -14.64
N ASP NA 233 -8.58 98.53 -14.04
CA ASP NA 233 -9.20 97.33 -13.48
C ASP NA 233 -9.94 96.51 -14.54
N LEU NA 234 -10.46 97.17 -15.58
CA LEU NA 234 -11.38 96.52 -16.50
C LEU NA 234 -10.74 96.14 -17.82
N PHE NA 235 -9.80 96.92 -18.32
CA PHE NA 235 -9.16 96.59 -19.59
C PHE NA 235 -7.92 95.73 -19.42
N LEU NA 236 -7.19 95.91 -18.32
CA LEU NA 236 -5.90 95.26 -18.14
C LEU NA 236 -5.94 94.09 -17.17
N TYR NA 237 -6.85 94.10 -16.20
CA TYR NA 237 -6.83 93.11 -15.14
C TYR NA 237 -8.01 92.15 -15.26
N GLN NA 238 -8.51 91.93 -16.47
CA GLN NA 238 -9.68 91.08 -16.66
C GLN NA 238 -9.33 90.01 -17.67
N PRO NA 239 -9.24 88.74 -17.22
CA PRO NA 239 -8.57 87.69 -18.03
C PRO NA 239 -9.31 87.28 -19.30
N GLN NA 240 -10.64 87.22 -19.28
CA GLN NA 240 -11.40 86.79 -20.46
C GLN NA 240 -11.42 87.83 -21.57
N TYR NA 241 -11.12 89.08 -21.24
CA TYR NA 241 -11.00 90.16 -22.21
C TYR NA 241 -9.56 90.37 -22.64
N LEU NA 242 -8.61 90.12 -21.74
CA LEU NA 242 -7.20 90.16 -22.09
C LEU NA 242 -6.78 88.98 -22.96
N ASN NA 243 -7.37 87.80 -22.72
CA ASN NA 243 -7.16 86.65 -23.59
C ASN NA 243 -7.70 86.91 -24.99
N ALA NA 244 -8.81 87.63 -25.09
CA ALA NA 244 -9.39 87.94 -26.39
C ALA NA 244 -8.53 88.94 -27.16
N ILE NA 245 -7.86 89.85 -26.43
CA ILE NA 245 -6.98 90.84 -27.05
C ILE NA 245 -5.79 90.16 -27.71
N GLN NA 246 -5.16 89.24 -26.99
CA GLN NA 246 -3.96 88.62 -27.54
C GLN NA 246 -4.28 87.51 -28.52
N THR NA 247 -5.50 86.98 -28.52
CA THR NA 247 -5.84 85.97 -29.52
C THR NA 247 -6.41 86.57 -30.81
N MET NA 248 -7.45 87.42 -30.73
CA MET NA 248 -8.11 87.84 -31.94
C MET NA 248 -8.14 89.34 -32.24
N CYS NA 249 -7.75 90.23 -31.32
CA CYS NA 249 -7.85 91.66 -31.58
C CYS NA 249 -6.67 92.45 -31.00
N PRO NA 250 -5.64 92.73 -31.80
CA PRO NA 250 -4.42 93.33 -31.26
C PRO NA 250 -4.46 94.83 -31.01
N HIS NA 251 -5.41 95.55 -31.59
CA HIS NA 251 -5.27 96.97 -31.89
C HIS NA 251 -5.78 97.89 -30.80
N ILE NA 252 -6.30 97.35 -29.70
CA ILE NA 252 -6.75 98.16 -28.57
C ILE NA 252 -5.59 98.39 -27.59
N LEU NA 253 -4.44 97.80 -27.88
CA LEU NA 253 -3.21 98.05 -27.13
C LEU NA 253 -2.72 99.49 -27.29
N ARG NA 254 -3.09 100.15 -28.40
CA ARG NA 254 -2.86 101.58 -28.54
C ARG NA 254 -3.62 102.38 -27.49
N TYR NA 255 -4.88 102.04 -27.25
CA TYR NA 255 -5.64 102.73 -26.21
C TYR NA 255 -5.28 102.21 -24.84
N LEU NA 256 -4.69 101.03 -24.76
CA LEU NA 256 -4.18 100.56 -23.49
C LEU NA 256 -2.91 101.31 -23.12
N THR NA 257 -2.10 101.68 -24.11
CA THR NA 257 -0.89 102.43 -23.81
C THR NA 257 -1.19 103.89 -23.51
N THR NA 258 -2.16 104.46 -24.22
CA THR NA 258 -2.34 105.91 -24.17
C THR NA 258 -3.31 106.38 -23.10
N ALA NA 259 -4.33 105.60 -22.75
CA ALA NA 259 -5.19 106.01 -21.66
C ALA NA 259 -4.58 105.75 -20.30
N VAL NA 260 -3.60 104.84 -20.22
CA VAL NA 260 -2.94 104.56 -18.94
C VAL NA 260 -2.03 105.71 -18.56
N ILE NA 261 -1.25 106.24 -19.51
CA ILE NA 261 -0.28 107.31 -19.23
C ILE NA 261 -1.00 108.65 -18.99
N THR NA 262 -2.26 108.80 -19.43
CA THR NA 262 -3.03 109.97 -19.07
C THR NA 262 -4.01 109.69 -17.92
N ASN NA 263 -3.69 108.70 -17.09
CA ASN NA 263 -4.20 108.66 -15.72
C ASN NA 263 -3.55 109.76 -14.88
N LYS NA 264 -4.09 109.98 -13.69
CA LYS NA 264 -3.91 111.25 -13.03
C LYS NA 264 -3.02 111.22 -11.81
N ASP NA 265 -2.60 110.05 -11.33
CA ASP NA 265 -1.73 109.95 -10.17
C ASP NA 265 -0.42 109.30 -10.59
N VAL NA 266 0.66 109.69 -9.89
CA VAL NA 266 1.97 109.12 -10.14
C VAL NA 266 2.16 107.80 -9.37
N ARG NA 267 1.39 107.58 -8.29
CA ARG NA 267 1.28 106.25 -7.71
C ARG NA 267 0.55 105.30 -8.66
N LYS NA 268 -0.38 105.83 -9.47
CA LYS NA 268 -1.05 105.05 -10.51
C LYS NA 268 -0.09 104.62 -11.61
N ARG NA 269 0.98 105.41 -11.85
CA ARG NA 269 1.97 105.07 -12.86
C ARG NA 269 2.73 103.80 -12.54
N ARG NA 270 3.25 103.69 -11.32
CA ARG NA 270 4.29 102.73 -11.02
C ARG NA 270 3.75 101.30 -10.93
N GLN NA 271 2.47 101.14 -10.65
CA GLN NA 271 1.91 99.85 -10.30
C GLN NA 271 1.28 99.10 -11.47
N VAL NA 272 0.96 99.78 -12.57
CA VAL NA 272 0.23 99.17 -13.67
C VAL NA 272 1.08 99.03 -14.91
N LEU NA 273 2.23 99.71 -14.99
CA LEU NA 273 3.11 99.65 -16.15
C LEU NA 273 3.81 98.29 -16.29
N LYS NA 274 4.03 97.58 -15.18
CA LYS NA 274 4.67 96.27 -15.26
C LYS NA 274 3.70 95.23 -15.79
N ASP NA 275 2.42 95.33 -15.43
CA ASP NA 275 1.42 94.50 -16.07
C ASP NA 275 1.16 94.95 -17.51
N LEU NA 276 1.34 96.24 -17.79
CA LEU NA 276 1.12 96.79 -19.12
C LEU NA 276 2.20 96.31 -20.10
N VAL NA 277 3.45 96.22 -19.64
CA VAL NA 277 4.55 95.92 -20.56
C VAL NA 277 4.57 94.44 -20.93
N LYS NA 278 3.95 93.58 -20.12
CA LYS NA 278 3.97 92.15 -20.43
C LYS NA 278 3.01 91.81 -21.56
N VAL NA 279 1.80 92.39 -21.54
CA VAL NA 279 0.76 91.98 -22.47
C VAL NA 279 1.03 92.46 -23.89
N ILE NA 280 1.74 93.59 -24.05
CA ILE NA 280 1.98 94.13 -25.37
C ILE NA 280 3.18 93.49 -26.05
N GLN NA 281 4.21 93.07 -25.29
CA GLN NA 281 5.39 92.49 -25.92
C GLN NA 281 5.16 91.07 -26.40
N GLN NA 282 4.11 90.39 -25.92
CA GLN NA 282 3.66 89.14 -26.54
C GLN NA 282 2.92 89.40 -27.85
N GLU NA 283 2.36 90.61 -28.02
CA GLU NA 283 1.76 91.05 -29.28
C GLU NA 283 2.68 91.99 -30.04
N SER NA 284 3.98 91.89 -29.80
CA SER NA 284 5.01 92.59 -30.57
C SER NA 284 5.44 91.84 -31.81
N TYR NA 285 4.70 90.80 -32.20
CA TYR NA 285 5.03 90.00 -33.36
C TYR NA 285 4.08 90.21 -34.53
N THR NA 286 2.86 90.72 -34.27
CA THR NA 286 1.88 90.98 -35.31
C THR NA 286 1.54 92.45 -35.49
N TYR NA 287 1.86 93.30 -34.51
CA TYR NA 287 1.43 94.70 -34.49
C TYR NA 287 2.64 95.55 -34.20
N LYS NA 288 3.10 96.30 -35.19
CA LYS NA 288 4.07 97.36 -34.93
C LYS NA 288 3.40 98.70 -35.18
N ASP NA 289 3.55 99.59 -34.21
CA ASP NA 289 2.93 100.90 -34.13
C ASP NA 289 3.90 101.70 -33.30
N PRO NA 290 4.25 102.93 -33.70
CA PRO NA 290 5.34 103.65 -33.02
C PRO NA 290 4.96 104.21 -31.67
N ILE NA 291 3.66 104.25 -31.33
CA ILE NA 291 3.32 104.56 -29.95
C ILE NA 291 3.42 103.31 -29.09
N THR NA 292 3.19 102.11 -29.69
CA THR NA 292 3.46 100.86 -28.99
C THR NA 292 4.94 100.52 -29.03
N GLU NA 293 5.64 100.93 -30.09
CA GLU NA 293 7.07 100.72 -30.12
C GLU NA 293 7.78 101.74 -29.24
N PHE NA 294 7.11 102.83 -28.85
CA PHE NA 294 7.67 103.79 -27.92
C PHE NA 294 7.92 103.19 -26.54
N VAL NA 295 6.90 102.63 -25.89
CA VAL NA 295 7.11 102.10 -24.54
C VAL NA 295 7.87 100.78 -24.57
N GLU NA 296 7.84 100.10 -25.70
CA GLU NA 296 8.61 98.87 -25.87
C GLU NA 296 10.07 99.15 -26.18
N CYS NA 297 10.38 100.25 -26.86
CA CYS NA 297 11.78 100.65 -26.84
C CYS NA 297 12.17 101.37 -25.56
N LEU NA 298 11.20 101.82 -24.75
CA LEU NA 298 11.55 102.44 -23.47
C LEU NA 298 11.65 101.45 -22.32
N TYR NA 299 10.99 100.29 -22.38
CA TYR NA 299 11.06 99.36 -21.25
C TYR NA 299 11.68 98.00 -21.57
N VAL NA 300 11.85 97.65 -22.84
CA VAL NA 300 12.60 96.45 -23.25
C VAL NA 300 13.94 96.81 -23.85
N ASN NA 301 13.93 97.68 -24.84
CA ASN NA 301 15.15 97.96 -25.58
C ASN NA 301 16.04 98.96 -24.87
N PHE NA 302 15.44 99.98 -24.24
CA PHE NA 302 16.12 101.08 -23.52
C PHE NA 302 17.13 101.82 -24.39
N ASP NA 303 16.87 101.90 -25.68
CA ASP NA 303 17.55 102.84 -26.54
C ASP NA 303 16.69 104.09 -26.67
N PHE NA 304 17.32 105.26 -26.68
CA PHE NA 304 16.59 106.50 -26.54
C PHE NA 304 16.70 107.45 -27.73
N ASP NA 305 17.64 107.22 -28.65
CA ASP NA 305 17.60 107.92 -29.92
C ASP NA 305 16.35 107.57 -30.71
N GLY NA 306 16.00 106.28 -30.70
CA GLY NA 306 14.78 105.85 -31.38
C GLY NA 306 13.53 106.34 -30.68
N ALA NA 307 13.58 106.50 -29.36
CA ALA NA 307 12.38 106.76 -28.56
C ALA NA 307 11.86 108.17 -28.77
N GLN NA 308 12.77 109.16 -28.83
CA GLN NA 308 12.34 110.54 -28.94
C GLN NA 308 11.87 110.85 -30.36
N LYS NA 309 12.43 110.16 -31.35
CA LYS NA 309 11.97 110.36 -32.72
C LYS NA 309 10.68 109.60 -33.01
N LYS NA 310 10.38 108.56 -32.22
CA LYS NA 310 9.03 108.01 -32.21
C LYS NA 310 8.05 108.94 -31.53
N LEU NA 311 8.51 109.72 -30.54
CA LEU NA 311 7.68 110.79 -30.00
C LEU NA 311 7.52 111.93 -31.00
N ARG NA 312 8.53 112.14 -31.85
CA ARG NA 312 8.35 113.00 -33.00
C ARG NA 312 7.42 112.38 -34.02
N GLU NA 313 7.28 111.05 -34.04
CA GLU NA 313 6.28 110.39 -34.86
C GLU NA 313 4.96 110.18 -34.15
N CYS NA 314 4.92 110.38 -32.82
CA CYS NA 314 3.67 110.22 -32.07
C CYS NA 314 2.62 111.27 -32.43
N GLU NA 315 3.02 112.48 -32.79
CA GLU NA 315 2.03 113.52 -33.04
C GLU NA 315 1.30 113.31 -34.37
N SER NA 316 2.02 112.91 -35.43
CA SER NA 316 1.37 112.55 -36.69
C SER NA 316 0.53 111.28 -36.57
N VAL NA 317 0.84 110.43 -35.60
CA VAL NA 317 -0.08 109.36 -35.20
C VAL NA 317 -1.29 109.95 -34.48
N LEU NA 318 -1.06 110.94 -33.60
CA LEU NA 318 -2.13 111.47 -32.75
C LEU NA 318 -3.01 112.51 -33.44
N VAL NA 319 -2.62 113.07 -34.58
CA VAL NA 319 -3.53 114.01 -35.24
C VAL NA 319 -4.63 113.35 -36.08
N ASN NA 320 -4.50 112.07 -36.46
CA ASN NA 320 -5.35 111.48 -37.48
C ASN NA 320 -6.33 110.45 -36.95
N ASP NA 321 -6.57 110.42 -35.63
CA ASP NA 321 -7.38 109.39 -34.99
C ASP NA 321 -8.55 110.01 -34.22
N PHE NA 322 -9.65 109.26 -34.12
CA PHE NA 322 -10.87 109.87 -33.62
C PHE NA 322 -10.96 109.84 -32.11
N PHE NA 323 -10.71 108.69 -31.49
CA PHE NA 323 -10.87 108.62 -30.04
C PHE NA 323 -9.67 109.15 -29.27
N LEU NA 324 -8.49 109.23 -29.89
CA LEU NA 324 -7.36 109.91 -29.29
C LEU NA 324 -7.37 111.38 -29.70
N VAL NA 325 -8.35 112.10 -29.19
CA VAL NA 325 -8.37 113.55 -29.31
C VAL NA 325 -8.23 114.24 -27.97
N ALA NA 326 -8.45 113.54 -26.87
CA ALA NA 326 -8.20 114.05 -25.54
C ALA NA 326 -6.80 113.73 -25.07
N CYS NA 327 -6.04 112.99 -25.88
CA CYS NA 327 -4.82 112.34 -25.46
C CYS NA 327 -3.56 112.97 -26.08
N LEU NA 328 -3.67 114.08 -26.80
CA LEU NA 328 -2.50 114.55 -27.52
C LEU NA 328 -1.50 115.28 -26.62
N GLU NA 329 -1.95 116.33 -25.94
CA GLU NA 329 -0.98 117.22 -25.30
C GLU NA 329 -0.57 116.76 -23.90
N ASP NA 330 -1.46 116.07 -23.17
CA ASP NA 330 -1.19 115.64 -21.82
C ASP NA 330 -0.32 114.39 -21.77
N PHE NA 331 -0.33 113.59 -22.84
CA PHE NA 331 0.61 112.48 -22.99
C PHE NA 331 2.05 112.94 -23.04
N ILE NA 332 2.32 114.02 -23.80
CA ILE NA 332 3.64 114.33 -24.32
C ILE NA 332 4.60 114.73 -23.19
N GLU NA 333 4.13 115.58 -22.28
CA GLU NA 333 4.95 115.96 -21.13
C GLU NA 333 4.99 114.85 -20.09
N ASN NA 334 3.89 114.08 -19.98
CA ASN NA 334 3.89 112.92 -19.08
C ASN NA 334 4.77 111.82 -19.61
N ALA NA 335 4.88 111.70 -20.94
CA ALA NA 335 5.93 110.88 -21.52
C ALA NA 335 7.28 111.51 -21.28
N ARG NA 336 7.36 112.85 -21.36
CA ARG NA 336 8.64 113.55 -21.18
C ARG NA 336 9.12 113.45 -19.75
N LEU NA 337 8.19 113.48 -18.77
CA LEU NA 337 8.58 113.35 -17.37
C LEU NA 337 9.08 111.94 -17.04
N PHE NA 338 8.58 110.91 -17.72
CA PHE NA 338 9.18 109.58 -17.59
C PHE NA 338 10.49 109.46 -18.37
N ILE NA 339 10.51 109.89 -19.66
CA ILE NA 339 11.61 109.55 -20.57
C ILE NA 339 12.87 110.33 -20.22
N PHE NA 340 12.74 111.43 -19.49
CA PHE NA 340 13.93 112.03 -18.93
C PHE NA 340 14.22 111.60 -17.50
N GLU NA 341 13.22 111.05 -16.77
CA GLU NA 341 13.58 110.43 -15.49
C GLU NA 341 14.16 109.05 -15.73
N THR NA 342 13.85 108.44 -16.88
CA THR NA 342 14.54 107.26 -17.35
C THR NA 342 16.02 107.56 -17.63
N PHE NA 343 16.29 108.79 -18.10
CA PHE NA 343 17.65 109.21 -18.39
C PHE NA 343 18.50 109.37 -17.13
N CYS NA 344 18.01 110.10 -16.13
CA CYS NA 344 18.87 110.41 -14.99
C CYS NA 344 18.98 109.28 -13.96
N ARG NA 345 18.25 108.17 -14.13
CA ARG NA 345 18.52 107.01 -13.28
C ARG NA 345 19.70 106.19 -13.77
N ILE NA 346 20.11 106.39 -15.02
CA ILE NA 346 21.28 105.74 -15.59
C ILE NA 346 22.35 106.71 -16.05
N HIS NA 347 22.04 107.99 -16.20
CA HIS NA 347 23.04 108.97 -16.60
C HIS NA 347 23.40 109.85 -15.41
N GLN NA 348 24.65 110.26 -15.38
CA GLN NA 348 25.16 111.12 -14.35
C GLN NA 348 25.61 112.47 -14.88
N CYS NA 349 25.72 112.61 -16.20
CA CYS NA 349 26.04 113.90 -16.81
C CYS NA 349 25.01 114.13 -17.90
N ILE NA 350 24.10 115.08 -17.65
CA ILE NA 350 23.06 115.44 -18.60
C ILE NA 350 23.54 116.64 -19.37
N SER NA 351 23.66 116.50 -20.67
CA SER NA 351 23.77 117.68 -21.52
C SER NA 351 22.40 118.35 -21.66
N ILE NA 352 22.30 119.59 -21.19
CA ILE NA 352 21.01 120.25 -21.10
C ILE NA 352 20.70 121.04 -22.38
N ASN NA 353 21.69 121.23 -23.25
CA ASN NA 353 21.45 121.77 -24.59
C ASN NA 353 20.92 120.70 -25.54
N MET NA 354 21.09 119.42 -25.20
CA MET NA 354 20.36 118.37 -25.89
C MET NA 354 18.88 118.37 -25.53
N LEU NA 355 18.54 118.85 -24.32
CA LEU NA 355 17.14 118.85 -23.90
C LEU NA 355 16.35 119.96 -24.59
N ALA NA 356 16.95 121.13 -24.78
CA ALA NA 356 16.29 122.19 -25.54
C ALA NA 356 16.21 121.88 -27.02
N ASP NA 357 17.05 120.96 -27.51
CA ASP NA 357 16.80 120.32 -28.79
C ASP NA 357 15.55 119.44 -28.71
N LYS NA 358 15.47 118.58 -27.71
CA LYS NA 358 14.40 117.58 -27.64
C LYS NA 358 13.21 117.99 -26.79
N LEU NA 359 13.16 119.21 -26.25
CA LEU NA 359 11.91 119.80 -25.79
C LEU NA 359 11.40 120.90 -26.70
N ASN NA 360 12.27 121.43 -27.58
CA ASN NA 360 12.00 122.56 -28.48
C ASN NA 360 11.53 123.81 -27.73
N MET NA 361 12.27 124.17 -26.69
CA MET NA 361 11.95 125.33 -25.88
C MET NA 361 13.26 126.02 -25.52
N THR NA 362 13.14 127.16 -24.84
CA THR NA 362 14.32 127.88 -24.40
C THR NA 362 14.99 127.13 -23.26
N PRO NA 363 16.32 127.19 -23.16
CA PRO NA 363 17.01 126.48 -22.08
C PRO NA 363 16.75 127.03 -20.69
N GLU NA 364 16.26 128.27 -20.54
CA GLU NA 364 15.92 128.78 -19.21
C GLU NA 364 14.65 128.12 -18.69
N GLU NA 365 13.61 128.03 -19.51
CA GLU NA 365 12.42 127.29 -19.12
C GLU NA 365 12.64 125.78 -19.20
N ALA NA 366 13.66 125.33 -19.93
CA ALA NA 366 14.14 123.95 -19.77
C ALA NA 366 14.91 123.76 -18.46
N GLU NA 367 15.54 124.83 -17.93
CA GLU NA 367 16.04 124.77 -16.56
C GLU NA 367 14.88 124.83 -15.56
N ARG NA 368 13.78 125.48 -15.94
CA ARG NA 368 12.55 125.33 -15.16
C ARG NA 368 11.99 123.92 -15.31
N TRP NA 369 12.20 123.28 -16.47
CA TRP NA 369 11.63 121.96 -16.69
C TRP NA 369 12.35 120.88 -15.88
N ILE NA 370 13.68 120.93 -15.83
CA ILE NA 370 14.44 119.85 -15.20
C ILE NA 370 14.30 119.91 -13.68
N VAL NA 371 14.10 121.09 -13.11
CA VAL NA 371 13.73 121.16 -11.70
C VAL NA 371 12.26 120.83 -11.49
N ASN NA 372 11.41 120.87 -12.54
CA ASN NA 372 10.03 120.40 -12.42
C ASN NA 372 9.96 118.89 -12.58
N LEU NA 373 11.01 118.26 -13.13
CA LEU NA 373 11.14 116.81 -13.02
C LEU NA 373 11.33 116.40 -11.56
N ILE NA 374 12.32 117.01 -10.91
CA ILE NA 374 12.78 116.56 -9.60
C ILE NA 374 11.82 117.02 -8.49
N ARG NA 375 11.03 118.08 -8.70
CA ARG NA 375 10.07 118.58 -7.71
C ARG NA 375 8.94 117.59 -7.43
N ASN NA 376 8.58 116.77 -8.39
CA ASN NA 376 7.70 115.64 -8.10
C ASN NA 376 8.46 114.40 -7.66
N ALA NA 377 9.78 114.33 -7.91
CA ALA NA 377 10.45 113.04 -7.97
C ALA NA 377 11.49 112.77 -6.90
N ARG NA 378 11.88 113.78 -6.10
CA ARG NA 378 12.69 113.63 -4.88
C ARG NA 378 14.08 113.01 -5.16
N LEU NA 379 14.72 113.49 -6.21
CA LEU NA 379 16.11 113.13 -6.45
C LEU NA 379 17.05 114.18 -5.87
N ASP NA 380 18.30 113.78 -5.67
CA ASP NA 380 19.30 114.61 -5.04
C ASP NA 380 20.32 115.06 -6.07
N ALA NA 381 20.24 116.32 -6.47
CA ALA NA 381 21.04 116.83 -7.57
C ALA NA 381 21.26 118.32 -7.38
N LYS NA 382 22.35 118.82 -7.95
CA LYS NA 382 22.70 120.22 -7.90
C LYS NA 382 23.04 120.62 -9.33
N ILE NA 383 22.33 121.61 -9.86
CA ILE NA 383 22.42 121.93 -11.28
C ILE NA 383 23.66 122.78 -11.49
N ASP NA 384 24.59 122.26 -12.28
CA ASP NA 384 25.67 123.06 -12.83
C ASP NA 384 25.24 123.74 -14.13
N SER NA 385 24.26 124.64 -14.01
CA SER NA 385 23.91 125.58 -15.06
C SER NA 385 24.76 126.83 -15.01
N LYS NA 386 25.69 126.90 -14.05
CA LYS NA 386 26.87 127.72 -14.24
C LYS NA 386 27.77 127.14 -15.33
N LEU NA 387 27.75 125.82 -15.50
CA LEU NA 387 28.58 125.14 -16.49
C LEU NA 387 27.79 124.58 -17.67
N GLY NA 388 26.54 124.19 -17.47
CA GLY NA 388 25.73 123.64 -18.54
C GLY NA 388 25.47 122.14 -18.47
N HIS NA 389 25.84 121.47 -17.37
CA HIS NA 389 25.55 120.05 -17.20
C HIS NA 389 24.75 119.84 -15.93
N VAL NA 390 24.10 118.70 -15.82
CA VAL NA 390 23.30 118.38 -14.64
C VAL NA 390 23.86 117.09 -14.08
N VAL NA 391 24.65 117.19 -13.01
CA VAL NA 391 25.06 116.02 -12.24
C VAL NA 391 24.04 115.77 -11.12
N MET NA 392 23.79 114.50 -10.85
CA MET NA 392 23.03 114.07 -9.69
C MET NA 392 23.99 113.59 -8.62
N GLY NA 393 23.49 113.56 -7.38
CA GLY NA 393 24.32 113.17 -6.26
C GLY NA 393 24.59 111.68 -6.29
N ASN NA 394 25.79 111.29 -5.82
CA ASN NA 394 26.36 109.97 -6.11
C ASN NA 394 25.67 108.95 -5.24
N ASN NA 395 24.78 108.16 -5.86
CA ASN NA 395 23.86 107.31 -5.13
C ASN NA 395 24.50 105.95 -4.85
N ALA NA 396 25.47 105.98 -3.96
CA ALA NA 396 26.02 104.76 -3.38
C ALA NA 396 25.25 104.41 -2.11
N VAL NA 397 25.35 103.14 -1.75
CA VAL NA 397 24.93 102.63 -0.45
C VAL NA 397 26.06 101.74 0.04
N SER NA 398 26.61 102.06 1.20
CA SER NA 398 27.77 101.35 1.71
C SER NA 398 27.34 99.96 2.18
N PRO NA 399 28.23 98.96 2.09
CA PRO NA 399 27.87 97.62 2.57
C PRO NA 399 27.70 97.48 4.09
N TYR NA 400 28.03 98.50 4.89
CA TYR NA 400 27.56 98.55 6.27
C TYR NA 400 26.05 98.74 6.32
N GLN NA 401 25.49 99.46 5.36
CA GLN NA 401 24.03 99.49 5.25
C GLN NA 401 23.50 98.19 4.69
N GLN NA 402 24.32 97.43 3.96
CA GLN NA 402 23.96 96.07 3.60
C GLN NA 402 24.12 95.10 4.76
N VAL NA 403 24.83 95.49 5.83
CA VAL NA 403 24.90 94.63 7.02
C VAL NA 403 23.56 94.60 7.74
N ILE NA 404 23.00 95.78 7.99
CA ILE NA 404 21.90 95.95 8.94
C ILE NA 404 20.56 95.41 8.44
N GLU NA 405 20.43 95.16 7.13
CA GLU NA 405 19.13 94.93 6.50
C GLU NA 405 18.53 93.56 6.81
N LYS NA 406 19.35 92.53 6.96
CA LYS NA 406 18.83 91.21 7.32
C LYS NA 406 18.73 91.08 8.84
N THR NA 407 19.72 91.62 9.55
CA THR NA 407 19.78 91.56 11.00
C THR NA 407 19.01 92.67 11.69
N LYS NA 408 18.18 93.41 10.95
CA LYS NA 408 17.25 94.37 11.55
C LYS NA 408 16.24 93.67 12.46
N SER NA 409 15.76 92.50 12.05
CA SER NA 409 14.98 91.65 12.95
C SER NA 409 15.84 90.83 13.91
N LEU NA 410 17.11 90.55 13.60
CA LEU NA 410 17.94 89.73 14.48
C LEU NA 410 18.38 90.50 15.72
N SER NA 411 18.42 91.84 15.62
CA SER NA 411 18.47 92.68 16.81
C SER NA 411 17.22 92.53 17.68
N PHE NA 412 16.08 92.17 17.08
CA PHE NA 412 14.84 92.00 17.81
C PHE NA 412 14.56 90.54 18.11
N ARG NA 413 14.86 89.62 17.18
CA ARG NA 413 14.68 88.19 17.42
C ARG NA 413 15.73 87.61 18.37
N SER NA 414 16.80 88.34 18.67
CA SER NA 414 17.61 88.02 19.84
C SER NA 414 16.81 88.17 21.12
N GLN NA 415 16.01 89.24 21.20
CA GLN NA 415 15.20 89.46 22.39
C GLN NA 415 13.91 88.64 22.34
N MET NA 416 13.37 88.38 21.15
CA MET NA 416 12.08 87.68 21.05
C MET NA 416 12.20 86.22 21.46
N LEU NA 417 13.30 85.57 21.08
CA LEU NA 417 13.63 84.26 21.62
C LEU NA 417 14.05 84.33 23.08
N ALA NA 418 14.49 85.51 23.56
CA ALA NA 418 14.77 85.69 24.98
C ALA NA 418 13.51 86.07 25.77
N MET NA 419 12.54 86.74 25.14
CA MET NA 419 11.40 87.22 25.93
C MET NA 419 10.33 86.17 26.17
N ASN NA 420 10.31 85.06 25.43
CA ASN NA 420 9.35 84.03 25.82
C ASN NA 420 9.92 83.11 26.88
N ILE NA 421 11.23 82.86 26.82
CA ILE NA 421 11.82 81.75 27.55
C ILE NA 421 12.02 82.09 29.03
N GLU NA 422 11.96 83.38 29.40
CA GLU NA 422 12.02 83.77 30.80
C GLU NA 422 10.74 83.41 31.57
N LYS NA 423 9.61 83.24 30.88
CA LYS NA 423 8.35 82.97 31.54
C LYS NA 423 7.76 81.62 31.17
N LYS NA 424 8.20 81.04 30.05
CA LYS NA 424 7.82 79.67 29.73
C LYS NA 424 8.49 78.69 30.69
N LEU NA 425 9.81 78.85 30.89
CA LEU NA 425 10.59 77.80 31.55
C LEU NA 425 10.41 77.82 33.08
N ASN NA 426 10.14 78.99 33.66
CA ASN NA 426 9.86 79.09 35.10
C ASN NA 426 8.42 78.73 35.42
N GLN NA 427 7.57 78.55 34.40
CA GLN NA 427 6.28 77.90 34.62
C GLN NA 427 6.48 76.44 35.02
N ASN NA 428 7.50 75.79 34.45
CA ASN NA 428 7.88 74.42 34.85
C ASN NA 428 8.71 74.50 36.13
N SER NA 429 8.01 74.74 37.24
CA SER NA 429 8.65 75.09 38.50
C SER NA 429 8.88 73.87 39.38
N GLY OA 1 83.31 72.22 8.57
CA GLY OA 1 82.69 73.53 8.54
C GLY OA 1 83.35 74.50 9.52
N ARG OA 2 83.49 75.76 9.10
CA ARG OA 2 84.26 76.72 9.89
C ARG OA 2 83.44 77.46 10.92
N VAL OA 3 82.14 77.66 10.68
CA VAL OA 3 81.25 78.31 11.63
C VAL OA 3 80.14 77.34 12.00
N VAL OA 4 79.93 77.15 13.28
CA VAL OA 4 78.82 76.35 13.78
C VAL OA 4 77.62 77.26 13.91
N ARG OA 5 76.43 76.75 13.61
CA ARG OA 5 75.18 77.49 13.85
C ARG OA 5 74.39 76.70 14.90
N LEU OA 6 74.52 77.09 16.17
CA LEU OA 6 73.76 76.41 17.20
C LEU OA 6 72.32 76.96 17.19
N HIS OA 7 71.46 76.33 17.98
CA HIS OA 7 70.12 76.85 18.23
C HIS OA 7 69.92 76.82 19.74
N PRO OA 8 69.23 77.81 20.31
CA PRO OA 8 69.20 77.96 21.79
C PRO OA 8 68.34 76.92 22.53
N VAL OA 9 67.69 75.99 21.82
CA VAL OA 9 67.05 74.81 22.42
C VAL OA 9 68.10 73.88 23.04
N ILE OA 10 69.37 73.96 22.60
CA ILE OA 10 70.42 73.12 23.15
C ILE OA 10 70.77 73.57 24.57
N LEU OA 11 70.87 74.89 24.79
CA LEU OA 11 71.58 75.42 25.96
C LEU OA 11 70.80 75.26 27.26
N ALA OA 12 69.48 75.51 27.26
CA ALA OA 12 68.70 75.23 28.45
C ALA OA 12 68.55 73.74 28.68
N SER OA 13 68.60 72.95 27.60
CA SER OA 13 68.62 71.50 27.73
C SER OA 13 69.93 71.00 28.30
N ILE OA 14 71.02 71.77 28.16
CA ILE OA 14 72.27 71.46 28.89
C ILE OA 14 72.06 71.70 30.38
N VAL OA 15 71.47 72.85 30.72
CA VAL OA 15 71.38 73.35 32.09
C VAL OA 15 70.39 72.55 32.93
N ASP OA 16 69.22 72.23 32.35
CA ASP OA 16 68.25 71.38 33.03
C ASP OA 16 68.75 69.93 33.15
N SER OA 17 69.63 69.50 32.24
CA SER OA 17 70.40 68.27 32.44
C SER OA 17 71.66 68.48 33.27
N TYR OA 18 72.11 69.73 33.46
CA TYR OA 18 73.17 69.98 34.42
C TYR OA 18 72.66 69.96 35.86
N GLU OA 19 71.42 70.43 36.08
CA GLU OA 19 70.88 70.47 37.44
C GLU OA 19 70.41 69.11 37.94
N ARG OA 20 69.93 68.22 37.07
CA ARG OA 20 69.58 66.86 37.46
C ARG OA 20 70.74 65.96 37.06
N ARG OA 21 71.62 65.67 38.03
CA ARG OA 21 72.85 64.92 37.81
C ARG OA 21 72.97 63.77 38.81
N ASN OA 22 73.89 62.85 38.52
CA ASN OA 22 74.48 62.05 39.59
C ASN OA 22 75.42 62.94 40.39
N GLU OA 23 75.48 62.68 41.69
CA GLU OA 23 76.12 63.63 42.60
C GLU OA 23 77.64 63.43 42.58
N GLY OA 24 78.38 64.48 42.20
CA GLY OA 24 79.82 64.54 42.34
C GLY OA 24 80.58 64.51 41.02
N ALA OA 25 80.03 63.87 40.00
CA ALA OA 25 80.68 63.88 38.69
C ALA OA 25 80.49 65.24 38.02
N ALA OA 26 81.37 65.55 37.07
CA ALA OA 26 81.35 66.88 36.48
C ALA OA 26 80.55 66.97 35.18
N ARG OA 27 80.60 65.93 34.35
CA ARG OA 27 80.26 66.05 32.93
C ARG OA 27 79.10 65.12 32.54
N VAL OA 28 78.39 65.53 31.49
CA VAL OA 28 77.38 64.68 30.85
C VAL OA 28 77.80 64.51 29.39
N ILE OA 29 78.22 63.30 29.04
CA ILE OA 29 78.46 62.97 27.64
C ILE OA 29 77.13 62.75 26.95
N GLY OA 30 77.02 63.25 25.72
CA GLY OA 30 75.84 63.00 24.92
C GLY OA 30 76.05 63.64 23.56
N THR OA 31 75.32 63.12 22.59
CA THR OA 31 75.62 63.40 21.19
C THR OA 31 74.53 64.29 20.61
N LEU OA 32 74.75 64.86 19.43
CA LEU OA 32 73.87 65.88 18.88
C LEU OA 32 73.57 65.58 17.42
N LEU OA 33 72.41 66.07 16.95
CA LEU OA 33 71.94 65.90 15.58
C LEU OA 33 71.74 67.24 14.90
N GLY OA 34 72.09 67.30 13.61
CA GLY OA 34 71.93 68.52 12.86
C GLY OA 34 72.48 68.35 11.45
N THR OA 35 72.54 69.49 10.75
CA THR OA 35 72.75 69.52 9.31
C THR OA 35 73.89 70.49 8.97
N VAL OA 36 74.31 70.43 7.71
CA VAL OA 36 75.57 71.04 7.30
C VAL OA 36 75.43 71.62 5.88
N ASP OA 37 76.06 72.78 5.67
CA ASP OA 37 76.27 73.36 4.35
C ASP OA 37 77.76 73.59 4.07
N LYS OA 38 78.62 73.10 4.96
CA LYS OA 38 80.09 73.05 4.90
C LYS OA 38 80.75 74.43 4.96
N HIS OA 39 79.99 75.47 5.31
CA HIS OA 39 80.48 76.60 6.07
C HIS OA 39 79.64 76.86 7.31
N SER OA 40 78.47 76.23 7.43
CA SER OA 40 77.52 76.48 8.49
C SER OA 40 77.12 75.15 9.09
N VAL OA 41 77.59 74.86 10.28
CA VAL OA 41 77.32 73.59 10.94
C VAL OA 41 76.12 73.82 11.85
N GLU OA 42 74.96 73.30 11.45
CA GLU OA 42 73.76 73.48 12.25
C GLU OA 42 73.56 72.26 13.13
N VAL OA 43 73.14 72.48 14.37
CA VAL OA 43 72.92 71.43 15.36
C VAL OA 43 71.57 71.73 16.00
N THR OA 44 70.66 70.76 15.97
CA THR OA 44 69.27 71.11 16.20
C THR OA 44 68.63 70.52 17.47
N ASN OA 45 69.06 69.36 17.97
CA ASN OA 45 68.38 68.84 19.16
C ASN OA 45 69.36 68.07 20.01
N CYS OA 46 68.97 67.83 21.28
CA CYS OA 46 69.88 67.38 22.33
C CYS OA 46 69.22 66.38 23.27
N PHE OA 47 70.06 65.59 23.94
CA PHE OA 47 69.64 64.66 24.99
C PHE OA 47 70.72 64.62 26.09
N SER OA 48 70.37 64.03 27.23
CA SER OA 48 71.37 63.65 28.21
C SER OA 48 71.54 62.14 28.27
N VAL OA 49 72.76 61.71 28.59
CA VAL OA 49 73.17 60.31 28.70
C VAL OA 49 74.15 60.22 29.88
N PRO OA 50 74.00 59.28 30.81
CA PRO OA 50 74.95 59.19 31.91
C PRO OA 50 76.24 58.48 31.49
N HIS OA 51 77.20 58.49 32.40
CA HIS OA 51 78.44 57.76 32.24
C HIS OA 51 78.95 57.43 33.63
N ASN OA 52 79.90 56.51 33.68
CA ASN OA 52 80.52 56.12 34.94
C ASN OA 52 81.85 56.87 35.10
N GLU OA 53 82.01 57.54 36.23
CA GLU OA 53 83.16 58.38 36.53
C GLU OA 53 84.13 57.63 37.44
N SER OA 54 85.39 57.57 37.03
CA SER OA 54 86.47 56.87 37.74
C SER OA 54 87.78 57.60 37.48
N GLU OA 55 88.86 57.10 38.07
CA GLU OA 55 90.19 57.66 37.84
C GLU OA 55 90.78 57.13 36.53
N ASP OA 56 91.09 58.08 35.61
CA ASP OA 56 91.59 57.85 34.22
C ASP OA 56 90.59 57.05 33.37
N GLU OA 57 89.32 57.04 33.77
CA GLU OA 57 88.34 56.12 33.22
C GLU OA 57 86.99 56.84 33.22
N VAL OA 58 86.42 57.02 32.05
CA VAL OA 58 85.04 57.40 31.88
C VAL OA 58 84.42 56.37 30.94
N ALA OA 59 83.40 55.69 31.41
CA ALA OA 59 82.92 54.46 30.79
C ALA OA 59 81.63 54.81 30.06
N VAL OA 60 81.73 55.00 28.75
CA VAL OA 60 80.59 55.40 27.94
C VAL OA 60 79.90 54.16 27.38
N ASP OA 61 78.58 54.15 27.54
CA ASP OA 61 77.71 52.99 27.29
C ASP OA 61 77.32 52.98 25.81
N MET OA 62 78.23 52.44 24.99
CA MET OA 62 78.08 52.35 23.52
C MET OA 62 76.83 51.61 23.03
N GLU OA 63 76.16 50.81 23.86
CA GLU OA 63 74.82 50.37 23.53
C GLU OA 63 73.75 51.43 23.86
N PHE OA 64 73.98 52.28 24.87
CA PHE OA 64 73.01 53.34 25.16
C PHE OA 64 73.18 54.53 24.22
N ALA OA 65 74.40 54.82 23.80
CA ALA OA 65 74.66 56.01 22.99
C ALA OA 65 74.17 55.81 21.56
N LYS OA 66 74.24 54.57 21.04
CA LYS OA 66 73.66 54.27 19.74
C LYS OA 66 72.13 54.28 19.79
N ASN OA 67 71.54 54.09 20.98
CA ASN OA 67 70.11 53.92 21.15
C ASN OA 67 69.35 55.24 20.96
N MET OA 68 69.88 56.33 21.54
CA MET OA 68 69.22 57.62 21.46
C MET OA 68 69.38 58.27 20.08
N TYR OA 69 70.41 57.89 19.33
CA TYR OA 69 70.46 58.24 17.91
C TYR OA 69 69.37 57.52 17.12
N GLU OA 70 69.13 56.24 17.42
CA GLU OA 70 68.09 55.48 16.75
C GLU OA 70 66.70 55.90 17.24
N LEU OA 71 66.58 56.27 18.53
CA LEU OA 71 65.28 56.68 19.06
C LEU OA 71 64.82 58.01 18.49
N HIS OA 72 65.75 58.95 18.31
CA HIS OA 72 65.45 60.17 17.56
C HIS OA 72 65.43 59.97 16.06
N LYS OA 73 65.96 58.84 15.54
CA LYS OA 73 65.84 58.53 14.12
C LYS OA 73 64.40 58.22 13.73
N LYS OA 74 63.63 57.62 14.66
CA LYS OA 74 62.20 57.42 14.49
C LYS OA 74 61.44 58.75 14.39
N VAL OA 75 61.95 59.80 15.05
CA VAL OA 75 61.35 61.14 14.95
C VAL OA 75 61.59 61.74 13.57
N SER OA 76 62.83 61.69 13.08
CA SER OA 76 63.18 62.12 11.73
C SER OA 76 64.40 61.37 11.23
N PRO OA 77 64.47 61.01 9.93
CA PRO OA 77 65.68 60.39 9.40
C PRO OA 77 66.77 61.38 8.98
N ASN OA 78 66.45 62.66 8.91
CA ASN OA 78 67.18 63.64 8.12
C ASN OA 78 68.26 64.36 8.89
N GLU OA 79 68.73 63.78 9.98
CA GLU OA 79 69.64 64.47 10.89
C GLU OA 79 70.89 63.61 11.04
N LEU OA 80 72.03 64.13 10.57
CA LEU OA 80 73.31 63.45 10.74
C LEU OA 80 73.95 63.84 12.08
N ILE OA 81 74.96 63.05 12.48
CA ILE OA 81 75.65 63.28 13.74
C ILE OA 81 76.77 64.28 13.47
N LEU OA 82 76.75 65.40 14.19
CA LEU OA 82 77.85 66.34 14.03
C LEU OA 82 78.76 66.45 15.25
N GLY OA 83 78.29 66.19 16.47
CA GLY OA 83 79.23 66.12 17.56
C GLY OA 83 78.58 66.01 18.93
N TRP OA 84 79.43 66.09 19.94
CA TRP OA 84 79.07 65.94 21.33
C TRP OA 84 79.49 67.16 22.13
N TYR OA 85 78.75 67.49 23.17
CA TYR OA 85 79.20 68.53 24.09
C TYR OA 85 79.83 67.91 25.33
N ALA OA 86 80.67 68.69 26.00
CA ALA OA 86 81.21 68.37 27.31
C ALA OA 86 81.30 69.65 28.11
N THR OA 87 80.92 69.57 29.37
CA THR OA 87 80.82 70.75 30.22
C THR OA 87 82.18 71.13 30.81
N GLY OA 88 82.28 72.38 31.25
CA GLY OA 88 83.52 72.92 31.78
C GLY OA 88 84.45 73.50 30.74
N HIS OA 89 85.18 74.57 31.10
CA HIS OA 89 86.30 75.10 30.31
C HIS OA 89 87.60 74.39 30.59
N ASP OA 90 87.57 73.34 31.41
CA ASP OA 90 88.73 72.57 31.78
C ASP OA 90 88.67 71.27 30.99
N ILE OA 91 89.83 70.79 30.56
CA ILE OA 91 89.94 69.53 29.85
C ILE OA 91 90.89 68.65 30.65
N THR OA 92 90.33 67.64 31.30
CA THR OA 92 91.01 66.56 31.99
C THR OA 92 91.42 65.50 30.97
N GLU OA 93 92.09 64.45 31.45
CA GLU OA 93 92.45 63.32 30.60
C GLU OA 93 91.24 62.49 30.14
N HIS OA 94 90.06 62.73 30.71
CA HIS OA 94 88.83 62.07 30.27
C HIS OA 94 88.40 62.52 28.88
N SER OA 95 88.53 63.81 28.57
CA SER OA 95 87.81 64.40 27.45
C SER OA 95 88.47 64.10 26.10
N VAL OA 96 89.76 63.77 26.09
CA VAL OA 96 90.40 63.40 24.83
C VAL OA 96 89.97 62.01 24.38
N LEU OA 97 89.88 61.06 25.32
CA LEU OA 97 89.64 59.65 24.99
C LEU OA 97 88.21 59.40 24.54
N ILE OA 98 87.26 60.24 24.96
CA ILE OA 98 85.88 60.13 24.50
C ILE OA 98 85.75 60.60 23.05
N HIS OA 99 86.51 61.63 22.68
CA HIS OA 99 86.42 62.24 21.35
C HIS OA 99 86.90 61.30 20.25
N GLU OA 100 87.84 60.41 20.58
CA GLU OA 100 88.33 59.42 19.63
C GLU OA 100 87.40 58.24 19.47
N TYR OA 101 86.44 58.05 20.37
CA TYR OA 101 85.41 57.04 20.15
C TYR OA 101 84.52 57.39 18.98
N TYR OA 102 84.04 58.63 18.91
CA TYR OA 102 83.04 59.00 17.91
C TYR OA 102 83.62 59.20 16.51
N SER OA 103 84.96 59.11 16.38
CA SER OA 103 85.65 59.15 15.10
C SER OA 103 85.84 57.76 14.48
N ARG OA 104 85.50 56.68 15.19
CA ARG OA 104 85.35 55.39 14.51
C ARG OA 104 84.02 55.30 13.81
N GLU OA 105 82.98 55.88 14.41
CA GLU OA 105 81.73 56.18 13.71
C GLU OA 105 81.92 57.28 12.66
N ALA OA 106 82.96 58.11 12.83
CA ALA OA 106 83.60 59.02 11.88
C ALA OA 106 82.80 60.12 11.17
N PRO OA 107 82.19 61.09 11.89
CA PRO OA 107 82.22 62.46 11.36
C PRO OA 107 83.53 63.11 11.78
N ASN OA 108 83.79 64.31 11.32
CA ASN OA 108 84.65 65.16 12.12
C ASN OA 108 83.78 65.66 13.27
N PRO OA 109 84.01 65.24 14.52
CA PRO OA 109 83.04 65.54 15.58
C PRO OA 109 83.17 66.98 16.06
N ILE OA 110 82.06 67.69 16.08
CA ILE OA 110 82.04 69.13 16.26
C ILE OA 110 81.62 69.36 17.72
N HIS OA 111 82.61 69.65 18.53
CA HIS OA 111 82.52 69.66 19.99
C HIS OA 111 82.19 71.06 20.49
N LEU OA 112 81.56 71.13 21.67
CA LEU OA 112 81.16 72.38 22.30
C LEU OA 112 81.67 72.42 23.74
N THR OA 113 82.12 73.61 24.18
CA THR OA 113 82.69 73.81 25.51
C THR OA 113 81.77 74.71 26.33
N VAL OA 114 81.01 74.13 27.24
CA VAL OA 114 79.98 74.84 28.00
C VAL OA 114 80.45 74.95 29.46
N ASP OA 115 80.25 76.12 30.08
CA ASP OA 115 80.59 76.32 31.48
C ASP OA 115 79.38 76.06 32.39
N THR OA 116 79.67 75.92 33.68
CA THR OA 116 78.70 76.35 34.67
C THR OA 116 78.82 77.86 34.96
N SER OA 117 80.03 78.34 35.23
CA SER OA 117 80.34 79.74 35.46
C SER OA 117 81.85 79.94 35.32
N LEU OA 118 82.28 80.97 34.61
CA LEU OA 118 83.60 81.52 34.88
C LEU OA 118 83.44 82.50 36.01
N GLN OA 119 84.36 82.42 37.00
CA GLN OA 119 84.10 82.93 38.35
C GLN OA 119 84.08 84.45 38.39
N ASN OA 120 84.87 85.11 37.56
CA ASN OA 120 84.72 86.55 37.36
C ASN OA 120 84.28 86.86 35.94
N GLY OA 121 83.87 85.84 35.20
CA GLY OA 121 83.46 85.95 33.82
C GLY OA 121 81.98 85.76 33.60
N ARG OA 122 81.67 85.04 32.53
CA ARG OA 122 80.31 84.69 32.13
C ARG OA 122 80.37 83.37 31.37
N MET OA 123 79.18 82.89 31.00
CA MET OA 123 79.08 81.70 30.17
C MET OA 123 79.67 81.98 28.78
N SER OA 124 80.72 81.23 28.44
CA SER OA 124 81.82 81.65 27.59
C SER OA 124 81.99 80.77 26.34
N ILE OA 125 80.90 80.16 25.85
CA ILE OA 125 80.89 78.94 25.04
C ILE OA 125 81.72 79.03 23.75
N LYS OA 126 82.46 77.95 23.46
CA LYS OA 126 83.36 77.83 22.33
C LYS OA 126 83.06 76.52 21.61
N ALA OA 127 83.48 76.44 20.35
CA ALA OA 127 83.18 75.29 19.49
C ALA OA 127 84.49 74.58 19.12
N TYR OA 128 84.63 73.33 19.56
CA TYR OA 128 85.87 72.59 19.38
C TYR OA 128 85.68 71.48 18.34
N VAL OA 129 86.81 70.91 17.89
CA VAL OA 129 86.87 69.73 17.01
C VAL OA 129 88.11 68.95 17.45
N SER OA 130 88.18 67.67 17.05
CA SER OA 130 89.45 66.95 17.07
C SER OA 130 89.79 66.41 15.69
N THR OA 131 91.02 66.74 15.20
CA THR OA 131 91.66 66.16 14.02
C THR OA 131 93.19 66.34 14.11
N LEU OA 132 93.95 65.27 13.89
CA LEU OA 132 95.44 65.27 13.96
C LEU OA 132 95.97 64.07 13.16
N MET OA 133 97.31 63.93 13.16
CA MET OA 133 98.00 62.78 12.57
C MET OA 133 99.17 62.36 13.47
N GLY OA 134 99.81 61.24 13.12
CA GLY OA 134 100.69 60.52 14.03
C GLY OA 134 102.12 60.33 13.56
N VAL OA 135 103.06 60.46 14.50
CA VAL OA 135 104.43 59.93 14.45
C VAL OA 135 104.40 58.62 15.25
N PRO OA 136 104.96 57.50 14.78
CA PRO OA 136 104.49 56.17 15.25
C PRO OA 136 104.82 55.80 16.69
N GLY OA 137 106.00 56.18 17.19
CA GLY OA 137 106.40 55.76 18.53
C GLY OA 137 105.61 56.39 19.67
N ARG OA 138 105.65 57.71 19.76
CA ARG OA 138 104.81 58.46 20.69
C ARG OA 138 104.00 59.48 19.88
N THR OA 139 102.74 59.16 19.62
CA THR OA 139 101.82 60.03 18.91
C THR OA 139 100.91 60.77 19.86
N MET OA 140 101.19 60.68 21.16
CA MET OA 140 100.37 61.31 22.19
C MET OA 140 100.84 62.75 22.45
N GLY OA 141 100.70 63.57 21.42
CA GLY OA 141 100.44 64.98 21.66
C GLY OA 141 99.35 65.42 20.72
N VAL OA 142 98.39 66.16 21.25
CA VAL OA 142 97.12 66.46 20.60
C VAL OA 142 96.56 67.74 21.21
N MET OA 143 95.99 68.60 20.37
CA MET OA 143 95.33 69.81 20.84
C MET OA 143 94.03 69.97 20.08
N PHE OA 144 93.25 70.98 20.48
CA PHE OA 144 91.86 71.16 20.06
C PHE OA 144 91.85 72.31 19.08
N THR OA 145 91.36 72.06 17.86
CA THR OA 145 91.23 73.13 16.86
C THR OA 145 89.90 73.85 17.04
N PRO OA 146 89.88 75.09 17.56
CA PRO OA 146 88.61 75.71 17.92
C PRO OA 146 87.98 76.53 16.80
N LEU OA 147 86.65 76.56 16.81
CA LEU OA 147 85.89 77.33 15.83
C LEU OA 147 84.81 78.11 16.60
N THR OA 148 84.07 78.93 15.87
CA THR OA 148 83.11 79.86 16.47
C THR OA 148 81.71 79.25 16.48
N VAL OA 149 81.06 79.26 17.65
CA VAL OA 149 79.66 78.88 17.76
C VAL OA 149 78.81 80.15 17.89
N LYS OA 150 77.84 80.29 16.99
CA LYS OA 150 76.91 81.41 16.99
C LYS OA 150 75.50 80.88 16.80
N TYR OA 151 74.58 81.36 17.63
CA TYR OA 151 73.22 80.86 17.66
C TYR OA 151 72.42 81.38 16.47
N ALA OA 152 71.23 80.83 16.29
CA ALA OA 152 70.37 81.25 15.21
C ALA OA 152 68.91 81.17 15.65
N TYR OA 153 68.11 82.14 15.21
CA TYR OA 153 66.72 82.25 15.63
C TYR OA 153 65.79 82.16 14.43
N TYR OA 154 64.69 81.44 14.61
CA TYR OA 154 63.57 81.40 13.69
C TYR OA 154 62.38 82.18 14.25
N ASP OA 155 61.38 82.41 13.38
CA ASP OA 155 60.38 83.46 13.65
C ASP OA 155 59.41 83.05 14.75
N THR OA 156 59.03 81.78 14.81
CA THR OA 156 58.26 81.28 15.95
C THR OA 156 59.16 81.02 17.16
N GLU OA 157 60.45 80.74 16.94
CA GLU OA 157 61.41 80.70 18.05
C GLU OA 157 61.66 82.11 18.60
N ARG OA 158 61.82 83.10 17.72
CA ARG OA 158 62.12 84.43 18.21
C ARG OA 158 60.87 85.17 18.70
N ILE OA 159 59.68 84.76 18.28
CA ILE OA 159 58.50 85.27 18.98
C ILE OA 159 58.19 84.43 20.23
N GLY OA 160 58.69 83.20 20.30
CA GLY OA 160 58.41 82.36 21.45
C GLY OA 160 59.31 82.63 22.64
N VAL OA 161 60.59 82.92 22.40
CA VAL OA 161 61.53 83.17 23.49
C VAL OA 161 61.34 84.51 24.15
N ASP OA 162 60.63 85.46 23.51
CA ASP OA 162 60.45 86.80 24.08
C ASP OA 162 59.62 86.77 25.35
N LEU OA 163 58.67 85.85 25.44
CA LEU OA 163 57.96 85.62 26.68
C LEU OA 163 58.80 84.80 27.66
N ILE OA 164 59.68 83.93 27.15
CA ILE OA 164 60.68 83.25 27.97
C ILE OA 164 61.84 84.17 28.33
N MET OA 165 61.96 85.30 27.63
CA MET OA 165 62.90 86.36 28.01
C MET OA 165 62.43 87.15 29.23
N LYS OA 166 61.10 87.26 29.43
CA LYS OA 166 60.50 88.08 30.49
C LYS OA 166 60.55 87.41 31.86
N THR OA 167 61.14 86.24 31.96
CA THR OA 167 61.49 85.62 33.23
C THR OA 167 62.51 86.47 34.02
N CYS OA 168 63.35 87.24 33.32
CA CYS OA 168 64.46 87.95 33.97
C CYS OA 168 64.05 89.24 34.67
N PHE OA 169 63.09 90.00 34.13
CA PHE OA 169 62.58 91.19 34.83
C PHE OA 169 61.37 90.79 35.70
N SER OA 170 61.64 89.94 36.70
CA SER OA 170 60.64 89.41 37.62
C SER OA 170 61.34 88.90 38.87
N PRO OA 171 60.76 89.10 40.09
CA PRO OA 171 61.49 88.76 41.33
C PRO OA 171 61.73 87.27 41.60
N ASN OA 172 60.69 86.45 41.48
CA ASN OA 172 60.79 85.02 41.73
C ASN OA 172 60.64 84.22 40.45
N ARG OA 173 61.07 84.83 39.34
CA ARG OA 173 61.10 84.29 37.97
C ARG OA 173 59.75 83.74 37.50
N VAL OA 174 58.69 84.52 37.71
CA VAL OA 174 57.36 84.16 37.24
C VAL OA 174 56.74 85.33 36.50
N ILE OA 175 56.20 85.07 35.31
CA ILE OA 175 55.16 85.86 34.69
C ILE OA 175 54.02 84.91 34.32
N GLY OA 176 52.80 85.20 34.76
CA GLY OA 176 51.66 84.41 34.31
C GLY OA 176 51.36 84.77 32.87
N LEU OA 177 50.91 83.75 32.09
CA LEU OA 177 50.83 83.83 30.63
C LEU OA 177 49.88 84.94 30.14
N SER OA 178 50.43 85.82 29.31
CA SER OA 178 50.04 87.22 29.24
C SER OA 178 48.83 87.44 28.32
N SER OA 179 48.17 88.58 28.54
CA SER OA 179 47.00 89.02 27.79
C SER OA 179 47.45 89.67 26.48
N ASP OA 180 46.47 89.98 25.62
CA ASP OA 180 46.83 90.61 24.35
C ASP OA 180 46.99 92.13 24.48
N LEU OA 181 45.99 92.84 25.01
CA LEU OA 181 46.05 94.29 24.96
C LEU OA 181 46.94 94.89 26.05
N GLN OA 182 47.21 94.16 27.11
CA GLN OA 182 48.29 94.58 27.98
C GLN OA 182 49.64 94.41 27.28
N GLN OA 183 49.76 93.41 26.38
CA GLN OA 183 50.95 93.26 25.57
C GLN OA 183 50.97 94.23 24.40
N VAL OA 184 49.79 94.69 23.94
CA VAL OA 184 49.76 95.83 23.04
C VAL OA 184 50.20 97.10 23.76
N GLY OA 185 49.72 97.28 25.00
CA GLY OA 185 50.14 98.40 25.81
C GLY OA 185 51.58 98.30 26.29
N GLY OA 186 52.07 97.07 26.45
CA GLY OA 186 53.48 96.87 26.74
C GLY OA 186 54.36 97.20 25.54
N ALA OA 187 53.83 97.04 24.32
CA ALA OA 187 54.55 97.46 23.12
C ALA OA 187 54.67 98.97 23.03
N SER OA 188 53.69 99.69 23.56
CA SER OA 188 53.84 101.12 23.72
C SER OA 188 54.85 101.46 24.82
N ALA OA 189 54.95 100.62 25.86
CA ALA OA 189 55.98 100.78 26.88
C ALA OA 189 57.34 100.35 26.36
N ARG OA 190 57.36 99.40 25.43
CA ARG OA 190 58.57 99.05 24.68
C ARG OA 190 59.04 100.19 23.81
N ILE OA 191 58.09 100.93 23.21
CA ILE OA 191 58.37 102.18 22.52
C ILE OA 191 58.84 103.26 23.51
N GLN OA 192 58.16 103.37 24.67
CA GLN OA 192 58.36 104.50 25.58
C GLN OA 192 59.72 104.45 26.28
N ASP OA 193 60.26 103.25 26.51
CA ASP OA 193 61.64 103.16 26.95
C ASP OA 193 62.61 103.43 25.80
N ALA OA 194 62.32 102.90 24.61
CA ALA OA 194 63.24 103.05 23.47
C ALA OA 194 63.20 104.46 22.89
N LEU OA 195 62.08 105.18 23.06
CA LEU OA 195 62.04 106.60 22.74
C LEU OA 195 62.90 107.42 23.69
N SER OA 196 63.02 106.97 24.94
CA SER OA 196 63.69 107.73 25.99
C SER OA 196 65.19 107.84 25.74
N THR OA 197 65.79 106.82 25.11
CA THR OA 197 67.24 106.83 24.92
C THR OA 197 67.67 107.81 23.83
N VAL OA 198 66.95 107.85 22.71
CA VAL OA 198 67.33 108.74 21.61
C VAL OA 198 66.99 110.19 21.93
N LEU OA 199 65.92 110.43 22.68
CA LEU OA 199 65.52 111.78 23.05
C LEU OA 199 66.42 112.37 24.14
N GLN OA 200 66.89 111.55 25.07
CA GLN OA 200 67.80 112.03 26.11
C GLN OA 200 69.14 112.43 25.50
N TYR OA 201 69.63 111.64 24.54
CA TYR OA 201 70.78 112.04 23.76
C TYR OA 201 70.47 113.19 22.80
N ALA OA 202 69.19 113.43 22.47
CA ALA OA 202 68.85 114.52 21.53
C ALA OA 202 69.10 115.89 22.14
N GLU OA 203 68.82 116.07 23.43
CA GLU OA 203 69.24 117.30 24.09
C GLU OA 203 70.73 117.31 24.41
N ASP OA 204 71.39 116.15 24.35
CA ASP OA 204 72.86 116.12 24.38
C ASP OA 204 73.44 116.47 23.02
N VAL OA 205 72.94 115.86 21.95
CA VAL OA 205 73.54 116.06 20.63
C VAL OA 205 73.10 117.37 20.00
N LEU OA 206 72.05 118.00 20.51
CA LEU OA 206 71.82 119.41 20.17
C LEU OA 206 72.92 120.28 20.73
N SER OA 207 73.12 120.25 22.06
CA SER OA 207 73.88 121.34 22.65
C SER OA 207 75.40 121.18 22.54
N GLY OA 208 75.98 120.10 23.07
CA GLY OA 208 77.39 119.90 22.81
C GLY OA 208 77.92 118.59 22.24
N LYS OA 209 77.10 117.55 22.19
CA LYS OA 209 77.63 116.17 22.09
C LYS OA 209 77.69 115.74 20.62
N VAL OA 210 78.55 116.44 19.89
CA VAL OA 210 78.49 116.48 18.43
C VAL OA 210 79.71 115.82 17.78
N SER OA 211 80.55 115.13 18.56
CA SER OA 211 81.80 114.61 18.00
C SER OA 211 81.58 113.45 17.02
N ALA OA 212 80.94 112.37 17.47
CA ALA OA 212 80.43 111.34 16.55
C ALA OA 212 78.98 111.65 16.19
N ASP OA 213 78.80 112.74 15.44
CA ASP OA 213 77.43 113.21 15.19
C ASP OA 213 76.78 112.43 14.06
N ASN OA 214 77.57 112.07 13.04
CA ASN OA 214 76.96 111.73 11.76
C ASN OA 214 76.40 110.31 11.75
N THR OA 215 76.97 109.39 12.53
CA THR OA 215 76.48 108.02 12.54
C THR OA 215 75.12 107.90 13.22
N VAL OA 216 74.89 108.65 14.30
CA VAL OA 216 73.54 108.79 14.83
C VAL OA 216 72.75 109.80 14.00
N GLY OA 217 73.44 110.72 13.31
CA GLY OA 217 72.76 111.67 12.45
C GLY OA 217 72.18 111.05 11.20
N ARG OA 218 72.89 110.09 10.61
CA ARG OA 218 72.35 109.39 9.45
C ARG OA 218 71.19 108.48 9.83
N PHE OA 219 71.16 107.97 11.07
CA PHE OA 219 70.11 107.04 11.46
C PHE OA 219 68.83 107.73 11.91
N LEU OA 220 68.93 108.87 12.60
CA LEU OA 220 67.70 109.53 13.06
C LEU OA 220 66.95 110.23 11.94
N MET OA 221 67.64 110.65 10.88
CA MET OA 221 66.92 111.25 9.75
C MET OA 221 66.20 110.18 8.94
N SER OA 222 66.80 108.99 8.80
CA SER OA 222 66.20 107.95 7.99
C SER OA 222 65.02 107.30 8.68
N LEU OA 223 65.00 107.32 10.02
CA LEU OA 223 63.84 106.82 10.76
C LEU OA 223 62.62 107.69 10.53
N VAL OA 224 62.82 109.00 10.41
CA VAL OA 224 61.72 109.92 10.13
C VAL OA 224 61.40 109.94 8.62
N ASN OA 225 62.34 109.51 7.78
CA ASN OA 225 62.07 109.45 6.35
C ASN OA 225 61.53 108.12 5.86
N GLN OA 226 61.66 107.04 6.62
CA GLN OA 226 61.13 105.76 6.18
C GLN OA 226 59.62 105.64 6.40
N VAL OA 227 59.02 106.57 7.13
CA VAL OA 227 57.59 106.56 7.40
C VAL OA 227 56.89 107.54 6.44
N PRO OA 228 55.94 107.09 5.62
CA PRO OA 228 55.41 107.95 4.56
C PRO OA 228 54.31 108.89 5.00
N LYS OA 229 53.97 109.83 4.10
CA LYS OA 229 53.17 111.02 4.44
C LYS OA 229 51.81 111.00 3.75
N ILE OA 230 50.74 111.02 4.57
CA ILE OA 230 49.39 111.37 4.13
C ILE OA 230 48.87 112.55 4.96
N VAL OA 231 47.99 113.32 4.34
CA VAL OA 231 47.17 114.33 5.03
C VAL OA 231 46.12 113.49 5.76
N PRO OA 232 45.76 113.80 7.01
CA PRO OA 232 44.96 112.85 7.81
C PRO OA 232 43.51 112.62 7.35
N ASP OA 233 43.01 113.36 6.34
CA ASP OA 233 41.71 113.04 5.75
C ASP OA 233 41.73 111.70 5.02
N ASP OA 234 42.88 111.33 4.44
CA ASP OA 234 43.03 110.02 3.81
C ASP OA 234 43.01 108.91 4.84
N PHE OA 235 43.49 109.21 6.05
CA PHE OA 235 43.73 108.20 7.08
C PHE OA 235 42.45 107.69 7.71
N GLU OA 236 41.48 108.58 7.97
CA GLU OA 236 40.28 108.20 8.71
C GLU OA 236 39.31 107.39 7.85
N THR OA 237 39.41 107.51 6.52
CA THR OA 237 38.71 106.60 5.63
C THR OA 237 39.32 105.19 5.69
N MET OA 238 40.65 105.11 5.89
CA MET OA 238 41.27 103.82 6.17
C MET OA 238 41.00 103.37 7.59
N LEU OA 239 41.19 104.27 8.56
CA LEU OA 239 41.20 103.87 9.97
C LEU OA 239 39.81 103.58 10.49
N ASN OA 240 38.90 104.54 10.39
CA ASN OA 240 37.62 104.43 11.09
C ASN OA 240 36.63 103.51 10.37
N SER OA 241 36.81 103.29 9.06
CA SER OA 241 36.01 102.27 8.39
C SER OA 241 36.49 100.87 8.75
N ASN OA 242 37.82 100.69 8.94
CA ASN OA 242 38.35 99.44 9.49
C ASN OA 242 37.90 99.25 10.93
N ILE OA 243 37.70 100.35 11.65
CA ILE OA 243 37.05 100.31 12.95
C ILE OA 243 35.59 99.95 12.80
N ASN OA 244 34.93 100.42 11.73
CA ASN OA 244 33.57 99.96 11.47
C ASN OA 244 33.54 98.52 10.98
N ASP OA 245 34.65 98.00 10.45
CA ASP OA 245 34.73 96.56 10.13
C ASP OA 245 35.00 95.71 11.37
N LEU OA 246 35.88 96.15 12.27
CA LEU OA 246 36.24 95.33 13.43
C LEU OA 246 35.13 95.37 14.47
N LEU OA 247 34.44 96.50 14.60
CA LEU OA 247 33.25 96.54 15.46
C LEU OA 247 32.12 95.71 14.89
N MET OA 248 32.09 95.54 13.56
CA MET OA 248 31.06 94.72 12.92
C MET OA 248 31.22 93.26 13.25
N VAL OA 249 32.46 92.77 13.31
CA VAL OA 249 32.67 91.35 13.63
C VAL OA 249 32.53 91.13 15.13
N THR OA 250 32.57 92.20 15.93
CA THR OA 250 32.31 92.05 17.36
C THR OA 250 30.84 91.83 17.62
N TYR OA 251 29.98 92.58 16.92
CA TYR OA 251 28.54 92.36 16.98
C TYR OA 251 28.18 91.02 16.36
N LEU OA 252 28.76 90.70 15.20
CA LEU OA 252 28.33 89.54 14.42
C LEU OA 252 28.73 88.22 15.05
N ALA OA 253 29.89 88.17 15.72
CA ALA OA 253 30.24 86.97 16.45
C ALA OA 253 29.37 86.82 17.69
N ASN OA 254 29.00 87.95 18.30
CA ASN OA 254 28.04 87.92 19.40
C ASN OA 254 26.61 87.82 18.88
N LEU OA 255 26.37 88.18 17.62
CA LEU OA 255 25.09 87.84 17.00
C LEU OA 255 24.98 86.33 16.85
N THR OA 256 26.08 85.70 16.46
CA THR OA 256 26.09 84.26 16.27
C THR OA 256 26.04 83.53 17.61
N GLN OA 257 26.88 83.91 18.57
CA GLN OA 257 27.06 83.11 19.78
C GLN OA 257 25.87 83.22 20.73
N SER OA 258 25.17 84.35 20.71
CA SER OA 258 23.90 84.44 21.44
C SER OA 258 22.84 83.55 20.81
N GLN OA 259 22.91 83.34 19.49
CA GLN OA 259 22.07 82.35 18.85
C GLN OA 259 22.67 80.95 18.87
N ILE OA 260 23.98 80.81 19.11
CA ILE OA 260 24.46 79.51 19.55
C ILE OA 260 23.92 79.21 20.95
N ALA OA 261 23.91 80.22 21.83
CA ALA OA 261 23.47 80.01 23.21
C ALA OA 261 21.96 79.83 23.31
N LEU OA 262 21.18 80.58 22.52
CA LEU OA 262 19.73 80.45 22.62
C LEU OA 262 19.23 79.23 21.86
N ASN OA 263 20.00 78.72 20.90
CA ASN OA 263 19.78 77.34 20.46
C ASN OA 263 20.10 76.37 21.58
N GLU OA 264 21.15 76.66 22.36
CA GLU OA 264 21.56 75.78 23.45
C GLU OA 264 20.59 75.86 24.62
N LYS OA 265 19.91 77.01 24.80
CA LYS OA 265 18.77 77.05 25.72
C LYS OA 265 17.54 76.35 25.16
N LEU OA 266 17.51 76.06 23.85
CA LEU OA 266 16.41 75.30 23.28
C LEU OA 266 16.66 73.80 23.31
N VAL OA 267 17.89 73.37 23.03
CA VAL OA 267 18.16 71.93 22.95
C VAL OA 267 18.40 71.31 24.34
N ASN OA 268 18.74 72.11 25.36
CA ASN OA 268 18.93 71.55 26.70
C ASN OA 268 17.63 71.31 27.47
N LEU OA 269 16.48 71.52 26.85
CA LEU OA 269 15.21 71.21 27.47
C LEU OA 269 15.01 69.69 27.39
N ALA PA 1 40.40 68.50 40.76
CA ALA PA 1 40.89 69.05 39.50
C ALA PA 1 42.30 69.61 39.64
N VAL PA 2 42.74 70.42 38.66
CA VAL PA 2 43.99 71.16 38.73
C VAL PA 2 43.69 72.65 38.55
N LYS PA 3 44.08 73.45 39.54
CA LYS PA 3 43.86 74.88 39.52
C LYS PA 3 44.94 75.61 38.74
N GLN PA 4 46.18 75.14 38.85
CA GLN PA 4 47.31 75.77 38.16
C GLN PA 4 48.10 74.77 37.32
N VAL PA 5 48.47 75.20 36.11
CA VAL PA 5 49.50 74.59 35.27
C VAL PA 5 50.68 75.54 35.26
N GLN PA 6 51.90 75.01 35.39
CA GLN PA 6 53.12 75.81 35.30
C GLN PA 6 54.23 75.09 34.54
N ILE PA 7 54.97 75.85 33.73
CA ILE PA 7 55.98 75.32 32.82
C ILE PA 7 57.37 75.59 33.39
N ASP PA 8 58.27 74.62 33.20
CA ASP PA 8 59.68 74.93 33.06
C ASP PA 8 59.98 75.23 31.58
N GLY PA 9 61.18 75.75 31.33
CA GLY PA 9 61.50 76.27 30.01
C GLY PA 9 61.77 75.22 28.96
N LEU PA 10 62.00 73.97 29.37
CA LEU PA 10 62.43 72.96 28.41
C LEU PA 10 61.28 72.46 27.54
N VAL PA 11 60.03 72.50 28.06
CA VAL PA 11 58.90 71.95 27.30
C VAL PA 11 58.58 72.80 26.07
N VAL PA 12 58.71 74.12 26.17
CA VAL PA 12 58.20 75.01 25.13
C VAL PA 12 59.16 75.06 23.95
N LEU PA 13 60.45 75.03 24.22
CA LEU PA 13 61.42 75.20 23.14
C LEU PA 13 61.55 73.93 22.28
N LYS PA 14 61.31 72.76 22.89
CA LYS PA 14 61.14 71.52 22.13
C LYS PA 14 59.74 71.38 21.51
N ILE PA 15 58.73 72.10 22.04
CA ILE PA 15 57.44 72.20 21.34
C ILE PA 15 57.56 72.99 20.05
N ILE PA 16 58.39 74.04 20.05
CA ILE PA 16 58.71 74.74 18.80
C ILE PA 16 59.53 73.83 17.88
N LYS PA 17 60.36 72.95 18.46
CA LYS PA 17 61.30 72.14 17.67
C LYS PA 17 60.59 71.05 16.88
N HIS PA 18 59.41 70.62 17.31
CA HIS PA 18 58.62 69.77 16.42
C HIS PA 18 57.83 70.57 15.38
N TYR PA 19 57.57 71.85 15.61
CA TYR PA 19 57.06 72.66 14.49
C TYR PA 19 58.19 73.11 13.57
N GLN PA 20 59.38 73.36 14.11
CA GLN PA 20 60.39 74.10 13.36
C GLN PA 20 61.09 73.23 12.32
N GLU PA 21 61.42 71.99 12.69
CA GLU PA 21 61.91 71.02 11.72
C GLU PA 21 60.81 70.21 11.04
N GLU PA 22 59.87 69.68 11.81
CA GLU PA 22 59.36 68.37 11.44
C GLU PA 22 58.21 68.37 10.41
N GLY PA 23 57.10 69.08 10.66
CA GLY PA 23 56.04 69.27 9.66
C GLY PA 23 55.80 70.73 9.35
N GLN PA 24 55.75 71.07 8.07
CA GLN PA 24 55.68 72.51 7.79
C GLN PA 24 54.45 73.06 7.07
N GLY PA 25 53.79 72.32 6.17
CA GLY PA 25 52.64 72.91 5.53
C GLY PA 25 51.37 73.23 6.33
N THR PA 26 50.67 72.20 6.80
CA THR PA 26 49.94 72.16 8.07
C THR PA 26 49.99 70.71 8.52
N GLU PA 27 50.60 70.42 9.67
CA GLU PA 27 50.55 69.07 10.23
C GLU PA 27 49.98 69.07 11.64
N VAL PA 28 49.00 68.20 11.88
CA VAL PA 28 48.80 67.75 13.25
C VAL PA 28 50.02 66.92 13.65
N VAL PA 29 50.77 67.46 14.61
CA VAL PA 29 51.87 66.75 15.25
C VAL PA 29 51.71 66.87 16.76
N GLN PA 30 52.15 65.85 17.46
CA GLN PA 30 51.61 65.60 18.78
C GLN PA 30 52.67 64.99 19.69
N GLY PA 31 52.43 65.06 21.00
CA GLY PA 31 53.40 64.52 21.93
C GLY PA 31 52.84 63.89 23.18
N VAL PA 32 53.71 63.75 24.16
CA VAL PA 32 53.32 63.59 25.55
C VAL PA 32 53.77 64.84 26.27
N LEU PA 33 53.21 65.07 27.46
CA LEU PA 33 53.74 66.05 28.41
C LEU PA 33 54.21 65.32 29.66
N LEU PA 34 54.97 66.04 30.50
CA LEU PA 34 55.68 65.43 31.61
C LEU PA 34 55.64 66.32 32.84
N GLY PA 35 55.73 65.68 34.01
CA GLY PA 35 56.04 66.38 35.24
C GLY PA 35 55.46 65.68 36.45
N LEU PA 36 55.85 66.18 37.62
CA LEU PA 36 55.13 65.93 38.84
C LEU PA 36 54.26 67.15 39.18
N VAL PA 37 53.14 66.88 39.84
CA VAL PA 37 52.21 67.88 40.33
C VAL PA 37 52.38 67.94 41.84
N VAL PA 38 53.17 68.92 42.30
CA VAL PA 38 53.09 69.40 43.67
C VAL PA 38 51.72 70.06 43.82
N GLU PA 39 51.11 69.92 45.01
CA GLU PA 39 49.72 70.26 45.34
C GLU PA 39 49.29 71.65 44.87
N ASP PA 40 48.16 71.68 44.16
CA ASP PA 40 47.45 72.76 43.46
C ASP PA 40 48.24 73.40 42.34
N ARG PA 41 49.32 72.78 41.83
CA ARG PA 41 50.03 73.32 40.68
C ARG PA 41 50.67 72.25 39.79
N LEU PA 42 50.22 72.16 38.53
CA LEU PA 42 50.73 71.13 37.61
C LEU PA 42 52.03 71.62 37.01
N GLU PA 43 53.16 71.09 37.48
CA GLU PA 43 54.47 71.56 37.06
C GLU PA 43 54.96 70.76 35.84
N ILE PA 44 55.17 71.46 34.71
CA ILE PA 44 55.66 70.85 33.47
C ILE PA 44 57.14 71.18 33.30
N THR PA 45 57.97 70.16 33.11
CA THR PA 45 59.38 70.34 32.84
C THR PA 45 59.87 69.74 31.53
N ASN PA 46 59.07 68.92 30.84
CA ASN PA 46 59.58 68.15 29.71
C ASN PA 46 58.44 67.82 28.75
N CYS PA 47 58.83 67.31 27.58
CA CYS PA 47 57.96 66.65 26.61
C CYS PA 47 58.84 65.80 25.69
N PHE PA 48 58.21 64.85 24.99
CA PHE PA 48 58.86 64.31 23.79
C PHE PA 48 57.78 64.00 22.76
N PRO PA 49 57.95 64.43 21.51
CA PRO PA 49 56.85 64.37 20.54
C PRO PA 49 56.77 63.02 19.82
N PHE PA 50 55.64 62.84 19.12
CA PHE PA 50 55.32 61.65 18.35
C PHE PA 50 55.25 62.01 16.88
N PRO PA 51 55.82 61.20 15.98
CA PRO PA 51 55.77 61.52 14.54
C PRO PA 51 54.39 61.23 13.95
N GLN PA 52 54.23 61.58 12.68
CA GLN PA 52 52.94 61.50 12.01
C GLN PA 52 52.80 60.14 11.33
N HIS PA 53 51.89 59.34 11.88
CA HIS PA 53 51.66 57.97 11.47
C HIS PA 53 50.60 57.87 10.38
N GLU PA 62 52.74 52.21 19.48
CA GLU PA 62 52.42 53.56 19.89
C GLU PA 62 52.60 53.71 21.40
N VAL PA 63 51.87 52.90 22.17
CA VAL PA 63 52.10 52.84 23.60
C VAL PA 63 53.43 52.16 23.88
N GLN PA 64 53.84 51.22 23.00
CA GLN PA 64 55.18 50.63 23.06
C GLN PA 64 56.24 51.68 22.78
N TYR PA 65 55.96 52.64 21.88
CA TYR PA 65 56.84 53.80 21.75
C TYR PA 65 56.77 54.69 22.98
N GLN PA 66 55.57 54.83 23.55
CA GLN PA 66 55.39 55.69 24.72
C GLN PA 66 56.08 55.13 25.96
N MET PA 67 55.96 53.82 26.17
CA MET PA 67 56.46 53.20 27.40
C MET PA 67 57.97 52.94 27.35
N GLU PA 68 58.53 52.67 26.17
CA GLU PA 68 59.98 52.44 26.03
C GLU PA 68 60.79 53.68 26.39
N MET PA 69 60.29 54.87 26.03
CA MET PA 69 60.96 56.11 26.39
C MET PA 69 60.90 56.40 27.89
N MET PA 70 59.95 55.79 28.61
CA MET PA 70 59.81 56.02 30.05
C MET PA 70 61.00 55.46 30.82
N ARG PA 71 61.60 54.37 30.36
CA ARG PA 71 62.85 53.89 30.96
C ARG PA 71 63.97 54.88 30.69
N SER PA 72 63.96 55.54 29.52
CA SER PA 72 65.01 56.45 29.09
C SER PA 72 65.04 57.71 29.93
N LEU PA 73 63.86 58.16 30.34
CA LEU PA 73 63.73 59.32 31.19
C LEU PA 73 64.16 58.99 32.62
N ARG PA 74 64.02 57.72 33.01
CA ARG PA 74 64.51 57.27 34.31
C ARG PA 74 66.03 57.05 34.32
N HIS PA 75 66.67 56.85 33.15
CA HIS PA 75 68.10 56.53 33.13
C HIS PA 75 68.99 57.70 33.54
N VAL PA 76 68.54 58.93 33.31
CA VAL PA 76 69.34 60.13 33.54
C VAL PA 76 68.91 60.87 34.80
N ASN PA 77 68.05 60.26 35.63
CA ASN PA 77 67.41 60.86 36.82
C ASN PA 77 66.63 62.13 36.47
N ILE PA 78 65.71 62.00 35.52
CA ILE PA 78 64.78 63.04 35.10
C ILE PA 78 63.36 62.53 35.39
N ASP PA 79 62.43 63.45 35.71
CA ASP PA 79 61.04 63.13 36.01
C ASP PA 79 60.32 62.43 34.86
N HIS PA 80 59.64 61.32 35.16
CA HIS PA 80 59.14 60.43 34.12
C HIS PA 80 57.64 60.16 34.18
N LEU PA 81 56.88 60.99 34.89
CA LEU PA 81 55.46 60.70 35.14
C LEU PA 81 54.59 61.47 34.15
N HIS PA 82 53.95 60.72 33.26
CA HIS PA 82 53.04 61.24 32.24
C HIS PA 82 51.82 61.95 32.87
N VAL PA 83 51.63 63.22 32.52
CA VAL PA 83 50.44 63.96 32.91
C VAL PA 83 49.44 64.12 31.76
N GLY PA 84 49.88 64.57 30.58
CA GLY PA 84 48.95 64.88 29.50
C GLY PA 84 49.61 64.81 28.14
N TRP PA 85 48.86 65.24 27.10
CA TRP PA 85 49.37 65.21 25.74
C TRP PA 85 49.01 66.48 24.97
N TYR PA 86 49.97 66.98 24.18
CA TYR PA 86 49.80 68.18 23.36
C TYR PA 86 49.65 67.82 21.89
N GLN PA 87 49.13 68.77 21.11
CA GLN PA 87 48.83 68.55 19.69
C GLN PA 87 48.87 69.90 18.98
N SER PA 88 49.48 69.95 17.80
CA SER PA 88 49.38 71.14 16.97
C SER PA 88 48.18 71.06 16.04
N THR PA 89 47.51 72.19 15.87
CA THR PA 89 46.37 72.31 14.98
C THR PA 89 46.45 73.56 14.12
N TYR PA 90 45.44 73.71 13.27
CA TYR PA 90 45.20 74.91 12.47
C TYR PA 90 44.48 75.96 13.32
N TYR PA 91 44.20 77.12 12.70
CA TYR PA 91 44.05 78.47 13.25
C TYR PA 91 43.22 78.57 14.52
N GLY PA 92 41.98 78.11 14.48
CA GLY PA 92 41.26 77.94 15.73
C GLY PA 92 40.67 76.58 16.02
N SER PA 93 40.89 75.62 15.12
CA SER PA 93 40.11 74.40 15.14
C SER PA 93 40.98 73.24 15.61
N PHE PA 94 40.85 72.92 16.90
CA PHE PA 94 41.40 71.69 17.44
C PHE PA 94 40.35 70.73 17.95
N VAL PA 95 39.10 71.17 18.11
CA VAL PA 95 38.08 70.41 18.81
C VAL PA 95 37.58 69.31 17.86
N THR PA 96 37.89 68.07 18.21
CA THR PA 96 37.51 66.90 17.45
C THR PA 96 37.10 65.86 18.48
N ARG PA 97 36.37 64.82 18.05
CA ARG PA 97 36.09 63.70 18.92
C ARG PA 97 37.35 62.88 19.21
N ALA PA 98 38.30 62.89 18.27
CA ALA PA 98 39.49 62.05 18.33
C ALA PA 98 40.48 62.47 19.41
N LEU PA 99 40.66 63.79 19.62
CA LEU PA 99 41.54 64.19 20.71
C LEU PA 99 40.86 64.01 22.07
N LEU PA 100 39.54 64.23 22.13
CA LEU PA 100 38.80 64.06 23.38
C LEU PA 100 38.72 62.60 23.77
N ASP PA 101 38.63 61.71 22.77
CA ASP PA 101 38.79 60.28 23.03
C ASP PA 101 40.21 59.97 23.47
N SER PA 102 41.21 60.60 22.85
CA SER PA 102 42.58 60.44 23.31
C SER PA 102 42.92 61.27 24.53
N GLN PA 103 42.00 62.10 25.04
CA GLN PA 103 42.22 62.78 26.31
C GLN PA 103 41.64 62.01 27.49
N PHE PA 104 40.43 61.46 27.36
CA PHE PA 104 39.85 60.65 28.44
C PHE PA 104 40.56 59.31 28.59
N SER PA 105 41.30 58.87 27.57
CA SER PA 105 42.26 57.79 27.72
C SER PA 105 43.33 58.13 28.76
N TYR PA 106 43.77 59.40 28.83
CA TYR PA 106 44.78 59.81 29.79
C TYR PA 106 44.17 60.48 31.03
N GLN PA 107 42.89 60.85 30.98
CA GLN PA 107 42.15 61.24 32.18
C GLN PA 107 41.87 60.05 33.10
N HIS PA 108 41.97 58.83 32.58
CA HIS PA 108 41.65 57.60 33.30
C HIS PA 108 42.83 57.02 34.08
N ALA PA 109 44.04 57.15 33.54
CA ALA PA 109 45.23 56.68 34.24
C ALA PA 109 45.56 57.58 35.42
N ILE PA 110 45.70 58.88 35.17
CA ILE PA 110 45.93 59.86 36.22
C ILE PA 110 44.71 60.78 36.24
N GLU PA 111 44.26 61.14 37.45
CA GLU PA 111 43.05 61.94 37.66
C GLU PA 111 43.18 63.37 37.14
N GLU PA 112 44.39 63.83 36.89
CA GLU PA 112 44.63 65.13 36.28
C GLU PA 112 45.36 64.93 34.95
N SER PA 113 44.85 65.53 33.88
CA SER PA 113 45.43 65.33 32.56
C SER PA 113 45.05 66.51 31.69
N VAL PA 114 45.86 66.78 30.67
CA VAL PA 114 45.81 68.09 30.04
C VAL PA 114 46.04 67.97 28.54
N VAL PA 115 45.46 68.94 27.82
CA VAL PA 115 45.90 69.34 26.50
C VAL PA 115 46.50 70.73 26.62
N LEU PA 116 47.73 70.89 26.14
CA LEU PA 116 48.26 72.21 25.80
C LEU PA 116 48.33 72.28 24.29
N ILE PA 117 47.32 72.86 23.65
CA ILE PA 117 47.23 72.78 22.20
C ILE PA 117 48.02 73.95 21.64
N TYR PA 118 49.12 73.65 20.93
CA TYR PA 118 50.05 74.67 20.47
C TYR PA 118 49.69 75.04 19.05
N ASP PA 119 49.36 76.31 18.84
CA ASP PA 119 48.95 76.76 17.52
C ASP PA 119 50.06 77.66 16.99
N PRO PA 120 50.81 77.22 15.99
CA PRO PA 120 52.05 77.92 15.63
C PRO PA 120 51.83 79.17 14.80
N ILE PA 121 50.65 79.32 14.19
CA ILE PA 121 50.35 80.50 13.39
C ILE PA 121 49.89 81.67 14.26
N LYS PA 122 49.17 81.40 15.36
CA LYS PA 122 48.74 82.49 16.24
C LYS PA 122 49.91 83.09 17.01
N THR PA 123 50.96 82.31 17.23
CA THR PA 123 52.20 82.86 17.78
C THR PA 123 52.93 83.71 16.76
N ALA PA 124 52.96 83.28 15.49
CA ALA PA 124 53.72 83.99 14.48
C ALA PA 124 53.06 85.28 14.03
N GLN PA 125 51.79 85.49 14.33
CA GLN PA 125 51.12 86.75 14.05
C GLN PA 125 50.98 87.65 15.26
N GLY PA 126 51.41 87.22 16.45
CA GLY PA 126 50.88 87.83 17.65
C GLY PA 126 51.16 87.08 18.94
N SER PA 127 50.18 87.07 19.85
CA SER PA 127 50.30 86.52 21.20
C SER PA 127 50.60 85.04 21.22
N LEU PA 128 51.05 84.57 22.37
CA LEU PA 128 51.40 83.17 22.54
C LEU PA 128 50.12 82.35 22.68
N SER PA 129 49.90 81.42 21.77
CA SER PA 129 48.79 80.49 21.87
C SER PA 129 49.33 79.09 22.18
N LEU PA 130 49.33 78.75 23.46
CA LEU PA 130 49.20 77.41 23.96
C LEU PA 130 47.90 77.40 24.74
N LYS PA 131 47.04 76.43 24.50
CA LYS PA 131 45.74 76.42 25.15
C LYS PA 131 45.74 75.30 26.16
N ALA PA 132 46.00 75.64 27.44
CA ALA PA 132 46.12 74.67 28.51
C ALA PA 132 44.74 74.53 29.13
N TYR PA 133 44.00 73.56 28.64
CA TYR PA 133 42.65 73.33 29.11
C TYR PA 133 42.62 71.93 29.70
N ARG PA 134 41.59 71.66 30.48
CA ARG PA 134 41.50 70.42 31.21
C ARG PA 134 40.03 70.01 31.11
N LEU PA 135 39.72 68.77 31.49
CA LEU PA 135 38.36 68.30 31.36
C LEU PA 135 37.57 68.72 32.59
N THR PA 136 36.36 69.16 32.35
CA THR PA 136 35.44 69.34 33.45
C THR PA 136 34.99 67.96 33.96
N PRO PA 137 34.70 67.85 35.27
CA PRO PA 137 34.22 66.56 35.80
C PRO PA 137 32.87 66.11 35.27
N LYS PA 138 31.98 67.04 34.90
CA LYS PA 138 30.67 66.64 34.37
C LYS PA 138 30.78 66.09 32.94
N LEU PA 139 31.82 66.49 32.19
CA LEU PA 139 32.16 65.79 30.96
C LEU PA 139 33.03 64.56 31.20
N MET PA 140 33.71 64.48 32.34
CA MET PA 140 34.23 63.20 32.80
C MET PA 140 33.11 62.28 33.28
N GLU PA 141 31.99 62.85 33.73
CA GLU PA 141 30.88 62.07 34.28
C GLU PA 141 30.14 61.29 33.20
N VAL PA 142 29.92 61.90 32.03
CA VAL PA 142 29.07 61.29 31.01
C VAL PA 142 29.75 60.12 30.32
N CYS PA 143 31.10 60.11 30.26
CA CYS PA 143 31.83 59.04 29.57
C CYS PA 143 32.16 57.87 30.49
N LYS PA 144 32.18 58.08 31.80
CA LYS PA 144 32.44 56.98 32.70
C LYS PA 144 31.23 56.06 32.77
N GLU PA 145 30.01 56.63 32.80
CA GLU PA 145 28.81 55.82 32.70
C GLU PA 145 28.52 55.37 31.26
N LYS PA 146 29.20 55.99 30.28
CA LYS PA 146 29.13 55.69 28.84
C LYS PA 146 27.69 55.83 28.32
N ASP PA 147 26.98 56.82 28.83
CA ASP PA 147 25.65 57.10 28.30
C ASP PA 147 25.76 58.37 27.46
N PHE PA 148 25.93 58.19 26.15
CA PHE PA 148 25.80 59.31 25.22
C PHE PA 148 24.35 59.37 24.76
N SER PA 149 23.49 59.71 25.71
CA SER PA 149 22.05 59.62 25.63
C SER PA 149 21.42 60.94 26.09
N PRO PA 150 20.40 61.43 25.39
CA PRO PA 150 19.79 62.72 25.79
C PRO PA 150 18.99 62.70 27.09
N GLU PA 151 18.62 61.54 27.64
CA GLU PA 151 17.79 61.54 28.84
C GLU PA 151 18.62 61.78 30.11
N ALA PA 152 19.83 61.21 30.19
CA ALA PA 152 20.76 61.49 31.27
C ALA PA 152 21.57 62.74 31.03
N LEU PA 153 21.53 63.28 29.79
CA LEU PA 153 22.29 64.48 29.44
C LEU PA 153 21.81 65.69 30.22
N LYS PA 154 20.52 65.73 30.54
CA LYS PA 154 19.93 66.83 31.28
C LYS PA 154 20.04 66.66 32.80
N LYS PA 155 20.10 65.42 33.29
CA LYS PA 155 20.30 65.19 34.72
C LYS PA 155 21.77 65.36 35.07
N ALA PA 156 22.65 64.66 34.35
CA ALA PA 156 24.09 64.91 34.40
C ALA PA 156 24.36 66.04 33.42
N ASN PA 157 24.05 67.26 33.89
CA ASN PA 157 23.86 68.42 33.01
C ASN PA 157 25.16 68.89 32.42
N ILE PA 158 25.18 68.98 31.09
CA ILE PA 158 26.29 69.53 30.33
C ILE PA 158 25.73 70.60 29.40
N THR PA 159 26.09 71.85 29.67
CA THR PA 159 25.87 72.98 28.80
C THR PA 159 27.25 73.58 28.60
N PHE PA 160 27.40 74.35 27.52
CA PHE PA 160 28.70 74.48 26.86
C PHE PA 160 29.71 75.36 27.59
N GLU PA 161 29.39 75.98 28.74
CA GLU PA 161 30.44 76.77 29.41
C GLU PA 161 31.41 75.86 30.15
N TYR PA 162 30.93 74.84 30.87
CA TYR PA 162 31.83 73.79 31.33
C TYR PA 162 31.93 72.67 30.28
N MET PA 163 32.44 73.04 29.10
CA MET PA 163 32.82 72.02 28.12
C MET PA 163 34.32 71.81 28.01
N PHE PA 164 35.12 72.87 28.11
CA PHE PA 164 36.53 72.74 28.41
C PHE PA 164 36.87 73.92 29.32
N GLU PA 165 37.16 73.62 30.58
CA GLU PA 165 37.66 74.65 31.48
C GLU PA 165 39.14 74.90 31.22
N GLU PA 166 39.58 76.11 31.54
CA GLU PA 166 40.91 76.60 31.19
C GLU PA 166 41.74 76.75 32.46
N VAL PA 167 42.96 76.23 32.42
CA VAL PA 167 43.89 76.31 33.55
C VAL PA 167 44.96 77.35 33.20
N PRO PA 168 45.20 78.35 34.06
CA PRO PA 168 46.14 79.41 33.68
C PRO PA 168 47.59 79.03 33.93
N ILE PA 169 48.45 79.51 33.04
CA ILE PA 169 49.85 79.08 32.99
C ILE PA 169 50.72 80.19 33.57
N VAL PA 170 51.71 79.78 34.36
CA VAL PA 170 52.68 80.67 34.98
C VAL PA 170 54.05 80.10 34.66
N ILE PA 171 55.00 80.94 34.24
CA ILE PA 171 56.27 80.44 33.72
C ILE PA 171 57.23 80.31 34.88
N LYS PA 172 57.97 79.20 34.93
CA LYS PA 172 58.91 78.98 36.01
C LYS PA 172 60.23 78.52 35.41
N ASN PA 173 61.32 78.86 36.08
CA ASN PA 173 62.68 78.53 35.65
C ASN PA 173 63.57 78.40 36.86
N SER PA 174 64.77 77.88 36.63
CA SER PA 174 65.86 78.07 37.55
C SER PA 174 66.56 79.39 37.22
N HIS PA 175 67.52 79.76 38.04
CA HIS PA 175 68.23 81.02 37.84
C HIS PA 175 69.38 80.92 36.85
N LEU PA 176 69.89 79.70 36.59
CA LEU PA 176 70.91 79.52 35.56
C LEU PA 176 70.35 79.69 34.15
N ILE PA 177 69.05 79.43 33.95
CA ILE PA 177 68.39 79.83 32.71
C ILE PA 177 68.33 81.34 32.62
N ASN PA 178 68.13 82.02 33.75
CA ASN PA 178 68.17 83.48 33.77
C ASN PA 178 69.58 84.01 33.57
N VAL PA 179 70.61 83.23 33.95
CA VAL PA 179 71.99 83.54 33.55
C VAL PA 179 72.11 83.44 32.04
N LEU PA 180 71.64 82.33 31.49
CA LEU PA 180 71.72 82.03 30.07
C LEU PA 180 70.78 82.91 29.25
N MET PA 181 69.70 83.41 29.85
CA MET PA 181 68.90 84.44 29.20
C MET PA 181 69.67 85.75 29.17
N TRP PA 182 70.35 86.08 30.28
CA TRP PA 182 71.20 87.26 30.29
C TRP PA 182 72.45 87.06 29.43
N GLU PA 183 72.93 85.81 29.32
CA GLU PA 183 74.11 85.52 28.50
C GLU PA 183 73.80 85.67 27.02
N LEU PA 184 72.65 85.15 26.58
CA LEU PA 184 72.32 85.13 25.16
C LEU PA 184 71.98 86.51 24.64
N GLU PA 185 71.27 87.31 25.44
CA GLU PA 185 70.66 88.58 25.02
C GLU PA 185 71.71 89.63 24.68
N LYS PA 186 72.86 89.58 25.35
CA LYS PA 186 73.98 90.47 25.06
C LYS PA 186 74.72 90.03 23.81
N LYS PA 187 75.07 88.74 23.74
CA LYS PA 187 76.04 88.23 22.78
C LYS PA 187 75.46 88.00 21.39
N SER PA 188 74.20 88.36 21.17
CA SER PA 188 73.42 87.96 20.02
C SER PA 188 73.42 89.01 18.92
N ALA PA 189 72.88 88.58 17.77
CA ALA PA 189 72.36 89.52 16.81
C ALA PA 189 71.13 90.20 17.39
N VAL PA 190 70.86 91.42 16.94
CA VAL PA 190 69.77 92.21 17.49
C VAL PA 190 68.52 91.80 16.72
N ALA PA 191 67.73 90.91 17.33
CA ALA PA 191 66.46 90.50 16.77
C ALA PA 191 65.41 91.44 17.34
N ASP PA 192 64.96 92.39 16.53
CA ASP PA 192 63.90 93.30 16.91
C ASP PA 192 62.57 92.56 17.06
N LYS PA 193 61.86 92.84 18.14
CA LYS PA 193 60.51 92.30 18.33
C LYS PA 193 59.51 93.30 17.76
N HIS PA 194 59.14 93.10 16.49
CA HIS PA 194 58.18 93.99 15.82
C HIS PA 194 56.93 93.27 15.34
N GLU PA 195 56.92 91.92 15.34
CA GLU PA 195 55.93 91.11 14.65
C GLU PA 195 54.59 91.06 15.37
N LEU PA 196 54.52 91.52 16.62
CA LEU PA 196 53.25 91.63 17.31
C LEU PA 196 52.40 92.74 16.68
N LEU PA 197 52.96 93.93 16.54
CA LEU PA 197 52.26 95.09 15.97
C LEU PA 197 52.41 95.10 14.45
N SER PA 198 51.60 94.26 13.80
CA SER PA 198 51.67 94.03 12.36
C SER PA 198 50.67 94.82 11.54
N LEU PA 199 49.43 94.97 12.01
CA LEU PA 199 48.37 95.87 11.57
C LEU PA 199 47.86 95.62 10.14
N ALA PA 200 48.24 94.52 9.49
CA ALA PA 200 47.47 93.96 8.39
C ALA PA 200 47.29 92.46 8.62
N SER PA 201 46.11 92.02 9.05
CA SER PA 201 45.73 90.63 8.86
C SER PA 201 44.25 90.59 8.55
N SER PA 202 43.92 90.22 7.31
CA SER PA 202 42.53 89.97 6.95
C SER PA 202 42.29 88.58 6.43
N ASN PA 203 43.35 87.80 6.15
CA ASN PA 203 43.20 86.39 5.86
C ASN PA 203 43.51 85.50 7.06
N HIS PA 204 44.31 85.98 7.99
CA HIS PA 204 44.28 85.42 9.34
C HIS PA 204 42.90 85.62 9.96
N LEU PA 205 42.28 86.78 9.73
CA LEU PA 205 40.87 86.96 10.10
C LEU PA 205 39.94 86.24 9.15
N GLY PA 206 40.33 86.08 7.88
CA GLY PA 206 39.43 85.50 6.90
C GLY PA 206 39.23 84.01 7.09
N LYS PA 207 40.34 83.27 7.24
CA LYS PA 207 40.22 81.84 7.49
C LYS PA 207 39.82 81.53 8.91
N ASN PA 208 39.94 82.49 9.83
CA ASN PA 208 39.27 82.36 11.12
C ASN PA 208 37.76 82.33 10.94
N LEU PA 209 37.22 83.19 10.08
CA LEU PA 209 35.78 83.24 9.92
C LEU PA 209 35.29 82.18 8.93
N GLN PA 210 36.12 81.83 7.95
CA GLN PA 210 35.68 80.84 6.94
C GLN PA 210 35.65 79.44 7.53
N LEU PA 211 36.58 79.13 8.45
CA LEU PA 211 36.48 77.86 9.17
C LEU PA 211 35.33 77.86 10.17
N LEU PA 212 34.92 79.06 10.64
CA LEU PA 212 33.71 79.18 11.44
C LEU PA 212 32.44 78.99 10.61
N MET PA 213 32.46 79.43 9.35
CA MET PA 213 31.23 79.42 8.56
C MET PA 213 30.81 78.02 8.15
N ASP PA 214 31.77 77.12 7.95
CA ASP PA 214 31.39 75.77 7.59
C ASP PA 214 30.83 75.01 8.79
N ARG PA 215 31.26 75.35 10.01
CA ARG PA 215 30.71 74.68 11.18
C ARG PA 215 29.32 75.20 11.57
N VAL PA 216 29.03 76.47 11.29
CA VAL PA 216 27.68 76.98 11.49
C VAL PA 216 26.77 76.45 10.37
N ASP PA 217 27.33 76.25 9.18
CA ASP PA 217 26.61 75.52 8.14
C ASP PA 217 26.50 74.04 8.49
N GLU PA 218 27.49 73.49 9.20
CA GLU PA 218 27.30 72.19 9.85
C GLU PA 218 26.27 72.28 10.97
N MET PA 219 26.23 73.40 11.70
CA MET PA 219 25.20 73.59 12.70
C MET PA 219 23.85 73.84 12.05
N SER PA 220 23.82 74.52 10.90
CA SER PA 220 22.57 74.65 10.13
C SER PA 220 22.10 73.32 9.59
N GLN PA 221 23.03 72.43 9.27
CA GLN PA 221 22.67 71.08 8.83
C GLN PA 221 22.05 70.29 9.98
N ASP PA 222 22.50 70.53 11.21
CA ASP PA 222 22.06 69.71 12.34
C ASP PA 222 20.65 70.06 12.78
N ILE PA 223 20.27 71.34 12.74
CA ILE PA 223 18.94 71.73 13.17
C ILE PA 223 17.90 71.73 12.05
N VAL PA 224 18.32 71.69 10.77
CA VAL PA 224 17.38 71.42 9.67
C VAL PA 224 16.88 69.97 9.72
N LYS PA 225 17.76 69.01 10.00
CA LYS PA 225 17.30 67.63 10.20
C LYS PA 225 16.56 67.47 11.53
N TYR PA 226 16.84 68.33 12.51
CA TYR PA 226 16.12 68.31 13.79
C TYR PA 226 14.68 68.75 13.64
N ASN PA 227 14.40 69.59 12.63
CA ASN PA 227 13.01 69.76 12.20
C ASN PA 227 12.44 68.46 11.68
N THR PA 228 13.23 67.71 10.88
CA THR PA 228 12.71 66.54 10.18
C THR PA 228 12.48 65.39 11.13
N TYR PA 229 13.35 65.27 12.15
CA TYR PA 229 13.10 64.33 13.25
C TYR PA 229 11.84 64.70 14.02
N MET PA 230 11.59 65.99 14.20
CA MET PA 230 10.31 66.36 14.77
C MET PA 230 9.19 66.18 13.76
N ARG PA 231 9.47 66.44 12.48
CA ARG PA 231 8.50 66.14 11.42
C ARG PA 231 8.29 64.64 11.24
N ASN PA 232 9.28 63.82 11.64
CA ASN PA 232 9.06 62.38 11.74
C ASN PA 232 8.18 62.02 12.93
N THR PA 233 8.40 62.66 14.09
CA THR PA 233 7.68 62.26 15.31
C THR PA 233 6.32 62.91 15.42
N SER PA 234 6.14 64.12 14.89
CA SER PA 234 4.85 64.81 14.99
C SER PA 234 3.79 64.17 14.11
N LYS PA 235 4.20 63.55 13.02
CA LYS PA 235 3.26 62.72 12.28
C LYS PA 235 2.98 61.42 13.02
N GLN PA 236 4.03 60.78 13.56
CA GLN PA 236 3.91 59.41 14.06
C GLN PA 236 3.20 59.35 15.41
N GLN PA 237 3.34 60.40 16.24
CA GLN PA 237 2.59 60.47 17.49
C GLN PA 237 1.10 60.62 17.23
N GLN PA 238 0.72 61.47 16.26
CA GLN PA 238 -0.69 61.63 15.91
C GLN PA 238 -1.21 60.43 15.13
N GLN PA 239 -0.36 59.83 14.27
CA GLN PA 239 -0.73 58.60 13.55
C GLN PA 239 -0.95 57.42 14.48
N LYS PA 240 -0.18 57.33 15.57
CA LYS PA 240 -0.43 56.28 16.54
C LYS PA 240 -1.58 56.64 17.46
N HIS PA 241 -1.77 57.93 17.75
CA HIS PA 241 -3.02 58.30 18.39
C HIS PA 241 -4.20 58.33 17.43
N GLN PA 242 -3.99 58.43 16.12
CA GLN PA 242 -5.03 57.99 15.21
C GLN PA 242 -5.23 56.49 15.29
N TYR PA 243 -4.14 55.72 15.44
CA TYR PA 243 -4.28 54.28 15.63
C TYR PA 243 -4.80 53.94 17.02
N GLN PA 244 -4.64 54.85 17.98
CA GLN PA 244 -5.36 54.70 19.25
C GLN PA 244 -6.86 54.84 19.04
N GLN PA 245 -7.32 55.91 18.38
CA GLN PA 245 -8.74 56.07 18.09
C GLN PA 245 -9.22 55.15 16.97
N ARG PA 246 -8.32 54.62 16.12
CA ARG PA 246 -8.73 53.56 15.19
C ARG PA 246 -8.99 52.25 15.93
N ARG PA 247 -8.04 51.80 16.76
CA ARG PA 247 -8.17 50.45 17.28
C ARG PA 247 -9.08 50.37 18.50
N GLN PA 248 -9.23 51.46 19.27
CA GLN PA 248 -10.13 51.40 20.43
C GLN PA 248 -11.60 51.46 20.01
N GLN PA 249 -11.93 52.11 18.88
CA GLN PA 249 -13.29 51.99 18.38
C GLN PA 249 -13.57 50.61 17.80
N GLU PA 250 -12.52 49.86 17.41
CA GLU PA 250 -12.72 48.56 16.78
C GLU PA 250 -13.20 47.50 17.77
N ASN PA 251 -12.56 47.39 18.93
CA ASN PA 251 -12.93 46.30 19.84
C ASN PA 251 -14.19 46.58 20.65
N MET PA 252 -14.72 47.81 20.62
CA MET PA 252 -16.03 48.04 21.26
C MET PA 252 -17.17 47.49 20.41
N GLN PA 253 -17.07 47.60 19.08
CA GLN PA 253 -18.16 47.11 18.24
C GLN PA 253 -18.09 45.60 18.00
N ARG PA 254 -17.01 44.93 18.39
CA ARG PA 254 -16.94 43.48 18.28
C ARG PA 254 -17.66 42.76 19.41
N GLN PA 255 -18.10 43.47 20.45
CA GLN PA 255 -18.81 42.84 21.57
C GLN PA 255 -20.26 43.30 21.65
N PHE PA 271 5.34 49.08 13.69
CA PHE PA 271 5.59 50.45 14.10
C PHE PA 271 7.00 50.62 14.67
N LYS PA 272 7.63 51.76 14.36
CA LYS PA 272 8.94 52.09 14.92
C LYS PA 272 9.05 53.58 15.15
N PRO PA 273 9.44 54.02 16.35
CA PRO PA 273 9.75 55.44 16.54
C PRO PA 273 11.19 55.72 16.13
N PRO PA 274 11.45 56.89 15.56
CA PRO PA 274 12.78 57.17 15.04
C PRO PA 274 13.74 57.62 16.12
N GLN PA 275 14.95 57.46 15.86
CA GLN PA 275 15.95 58.03 16.74
C GLN PA 275 16.19 59.48 16.34
N PRO PA 276 16.51 60.38 17.27
CA PRO PA 276 17.02 61.71 16.90
C PRO PA 276 18.40 61.64 16.26
N PRO PA 277 18.88 62.77 15.72
CA PRO PA 277 20.33 62.92 15.57
C PRO PA 277 21.01 62.79 16.93
N ALA PA 278 22.09 62.00 16.96
CA ALA PA 278 22.69 61.59 18.23
C ALA PA 278 23.41 62.76 18.86
N ARG PA 279 22.92 63.19 20.02
CA ARG PA 279 23.30 64.49 20.59
C ARG PA 279 24.54 64.36 21.48
N MET PA 280 25.67 64.07 20.81
CA MET PA 280 26.96 64.57 21.25
C MET PA 280 27.60 65.47 20.21
N ASP PA 281 27.23 65.34 18.93
CA ASP PA 281 27.78 66.20 17.90
C ASP PA 281 27.19 67.60 17.97
N SER PA 282 25.94 67.73 18.42
CA SER PA 282 25.35 69.05 18.57
C SER PA 282 25.97 69.82 19.73
N LEU PA 283 26.49 69.11 20.74
CA LEU PA 283 27.27 69.80 21.75
C LEU PA 283 28.71 70.04 21.28
N LEU PA 284 29.23 69.17 20.40
CA LEU PA 284 30.57 69.35 19.88
C LEU PA 284 30.69 70.54 18.94
N ILE PA 285 29.62 70.86 18.22
CA ILE PA 285 29.70 71.99 17.29
C ILE PA 285 29.63 73.31 18.05
N ALA PA 286 28.87 73.38 19.14
CA ALA PA 286 28.72 74.63 19.91
C ALA PA 286 30.01 74.95 20.67
N GLY PA 287 30.66 73.93 21.22
CA GLY PA 287 31.98 74.12 21.82
C GLY PA 287 33.06 74.42 20.81
N GLN PA 288 32.92 73.93 19.57
CA GLN PA 288 33.86 74.34 18.53
C GLN PA 288 33.62 75.77 18.09
N ILE PA 289 32.35 76.19 17.99
CA ILE PA 289 32.01 77.58 17.69
C ILE PA 289 32.33 78.48 18.89
N ASN PA 290 32.37 77.88 20.08
CA ASN PA 290 32.93 78.55 21.26
C ASN PA 290 34.43 78.84 21.08
N THR PA 291 35.17 78.01 20.33
CA THR PA 291 36.58 78.33 20.08
C THR PA 291 36.74 79.48 19.10
N TYR PA 292 35.84 79.60 18.12
CA TYR PA 292 35.86 80.76 17.25
C TYR PA 292 35.50 82.04 17.99
N CYS PA 293 34.53 81.97 18.93
CA CYS PA 293 34.00 83.17 19.57
C CYS PA 293 35.00 83.84 20.50
N GLN PA 294 35.76 83.06 21.26
CA GLN PA 294 36.74 83.66 22.15
C GLN PA 294 37.92 84.25 21.36
N ASN PA 295 38.34 83.59 20.29
CA ASN PA 295 39.59 84.00 19.67
C ASN PA 295 39.43 85.16 18.70
N ILE PA 296 38.36 85.18 17.88
CA ILE PA 296 38.21 86.23 16.87
C ILE PA 296 37.81 87.55 17.53
N LYS PA 297 37.20 87.49 18.72
CA LYS PA 297 36.94 88.73 19.44
C LYS PA 297 38.14 89.15 20.28
N GLU PA 298 39.00 88.20 20.70
CA GLU PA 298 40.31 88.60 21.19
C GLU PA 298 41.21 89.07 20.05
N PHE PA 299 41.00 88.53 18.83
CA PHE PA 299 41.63 89.08 17.63
C PHE PA 299 41.11 90.47 17.30
N THR PA 300 39.90 90.80 17.74
CA THR PA 300 39.23 92.02 17.30
C THR PA 300 39.90 93.26 17.86
N ALA PA 301 40.04 93.35 19.19
CA ALA PA 301 40.70 94.51 19.75
C ALA PA 301 42.21 94.43 19.63
N GLN PA 302 42.75 93.23 19.33
CA GLN PA 302 44.18 93.09 19.06
C GLN PA 302 44.61 93.91 17.86
N ASN PA 303 43.90 93.80 16.74
CA ASN PA 303 44.20 94.67 15.62
C ASN PA 303 43.69 96.09 15.85
N LEU PA 304 42.60 96.25 16.58
CA LEU PA 304 42.03 97.57 16.80
C LEU PA 304 42.87 98.39 17.79
N GLY PA 305 43.66 97.72 18.63
CA GLY PA 305 44.63 98.43 19.45
C GLY PA 305 45.78 99.02 18.64
N LYS PA 306 46.31 98.25 17.68
CA LYS PA 306 47.35 98.78 16.80
C LYS PA 306 46.77 99.74 15.76
N LEU PA 307 45.49 99.63 15.44
CA LEU PA 307 44.85 100.69 14.67
C LEU PA 307 44.78 102.00 15.46
N PHE PA 308 44.41 101.92 16.73
CA PHE PA 308 44.27 103.13 17.55
C PHE PA 308 45.58 103.68 18.08
N MET PA 309 46.64 102.89 18.16
CA MET PA 309 47.92 103.51 18.38
C MET PA 309 48.43 104.18 17.11
N ALA PA 310 48.03 103.69 15.93
CA ALA PA 310 48.38 104.33 14.66
C ALA PA 310 47.60 105.61 14.40
N GLN PA 311 46.47 105.81 15.09
CA GLN PA 311 45.84 107.13 15.14
C GLN PA 311 46.75 108.14 15.83
N ALA PA 312 47.51 107.70 16.84
CA ALA PA 312 48.53 108.55 17.44
C ALA PA 312 49.79 108.68 16.59
N LEU PA 313 50.00 107.79 15.60
CA LEU PA 313 51.19 107.88 14.76
C LEU PA 313 51.04 108.92 13.64
N GLN PA 314 49.85 109.04 13.06
CA GLN PA 314 49.58 110.06 12.06
C GLN PA 314 49.26 111.43 12.68
N GLU PA 315 49.22 111.53 14.01
CA GLU PA 315 48.47 112.57 14.71
C GLU PA 315 49.14 113.94 14.64
N TYR PA 316 50.47 114.01 14.58
CA TYR PA 316 51.10 115.32 14.44
C TYR PA 316 51.23 115.73 12.97
N ASN PA 317 51.39 114.75 12.05
CA ASN PA 317 51.68 114.99 10.64
C ASN PA 317 50.54 115.72 9.93
N ASN PA 318 50.81 116.92 9.45
CA ASN PA 318 49.79 117.77 8.85
C ASN PA 318 49.62 117.43 7.39
N ALA QA 1 14.46 150.93 40.85
CA ALA QA 1 13.70 151.69 41.85
C ALA QA 1 12.53 150.87 42.38
N MET QA 2 11.39 150.93 41.67
CA MET QA 2 10.20 150.21 42.09
C MET QA 2 10.26 148.74 41.66
N PHE QA 3 11.23 148.37 40.81
CA PHE QA 3 11.37 147.00 40.32
C PHE QA 3 11.76 146.04 41.44
N GLU QA 4 12.67 146.45 42.30
CA GLU QA 4 13.33 145.54 43.26
C GLU QA 4 12.37 145.11 44.37
N GLN QA 5 11.59 146.05 44.89
CA GLN QA 5 10.72 145.76 46.02
C GLN QA 5 9.51 144.90 45.63
N MET QA 6 8.97 145.09 44.43
CA MET QA 6 7.85 144.27 43.98
C MET QA 6 8.32 142.93 43.42
N ARG QA 7 9.60 142.82 43.03
CA ARG QA 7 10.21 141.52 42.73
C ARG QA 7 10.30 140.67 43.98
N ALA QA 8 10.42 141.29 45.16
CA ALA QA 8 10.32 140.57 46.41
C ALA QA 8 8.90 140.07 46.69
N ASN QA 9 7.88 140.74 46.16
CA ASN QA 9 6.51 140.27 46.29
C ASN QA 9 6.29 139.01 45.46
N VAL QA 10 6.70 139.04 44.20
CA VAL QA 10 6.49 137.88 43.36
C VAL QA 10 7.54 136.80 43.57
N GLY QA 11 8.78 137.17 43.90
CA GLY QA 11 9.83 136.18 44.10
C GLY QA 11 9.92 135.54 45.48
N LYS QA 12 9.20 136.03 46.49
CA LYS QA 12 9.18 135.34 47.76
C LYS QA 12 7.80 134.88 48.22
N LEU QA 13 6.71 135.45 47.71
CA LEU QA 13 5.39 134.89 48.04
C LEU QA 13 5.00 133.79 47.06
N LEU QA 14 5.11 134.04 45.75
CA LEU QA 14 4.47 133.22 44.72
C LEU QA 14 5.42 132.13 44.19
N LYS QA 15 6.43 131.76 44.97
CA LYS QA 15 7.25 130.60 44.71
C LYS QA 15 6.85 129.42 45.58
N GLY QA 16 5.58 129.33 45.94
CA GLY QA 16 5.13 128.37 46.92
C GLY QA 16 3.63 128.12 46.95
N ILE QA 17 3.15 127.69 48.12
CA ILE QA 17 1.83 127.09 48.35
C ILE QA 17 0.65 128.01 48.02
N ASP QA 18 0.87 129.33 47.99
CA ASP QA 18 -0.18 130.34 47.80
C ASP QA 18 -0.80 130.36 46.39
N ARG QA 19 -0.31 129.55 45.45
CA ARG QA 19 -0.63 129.70 44.05
C ARG QA 19 -2.05 129.24 43.68
N TYR QA 20 -2.74 128.51 44.55
CA TYR QA 20 -4.13 128.15 44.33
C TYR QA 20 -5.06 128.94 45.25
N ASN QA 21 -4.60 130.12 45.66
CA ASN QA 21 -5.40 131.11 46.34
C ASN QA 21 -5.35 132.36 45.47
N PRO QA 22 -6.49 132.85 44.99
CA PRO QA 22 -6.50 133.98 44.04
C PRO QA 22 -6.20 135.35 44.65
N GLU QA 23 -5.85 135.44 45.94
CA GLU QA 23 -5.47 136.69 46.60
C GLU QA 23 -4.02 137.13 46.32
N ASN QA 24 -3.33 136.45 45.39
CA ASN QA 24 -2.14 136.97 44.74
C ASN QA 24 -2.45 137.85 43.54
N LEU QA 25 -3.67 137.74 42.98
CA LEU QA 25 -4.07 138.53 41.82
C LEU QA 25 -4.26 140.01 42.16
N ALA QA 26 -4.50 140.33 43.43
CA ALA QA 26 -4.63 141.73 43.84
C ALA QA 26 -3.32 142.51 43.80
N THR QA 27 -2.16 141.82 43.71
CA THR QA 27 -0.90 142.45 43.34
C THR QA 27 -0.35 141.97 41.99
N LEU QA 28 -0.94 140.92 41.39
CA LEU QA 28 -0.44 140.41 40.11
C LEU QA 28 -1.03 141.13 38.90
N GLU QA 29 -2.30 141.54 38.95
CA GLU QA 29 -2.77 142.42 37.89
C GLU QA 29 -2.25 143.84 38.12
N ARG QA 30 -1.87 144.17 39.35
CA ARG QA 30 -1.01 145.33 39.59
C ARG QA 30 0.40 145.10 39.04
N TYR QA 31 0.86 143.86 38.99
CA TYR QA 31 2.09 143.60 38.25
C TYR QA 31 1.84 143.68 36.74
N VAL QA 32 0.61 143.44 36.28
CA VAL QA 32 0.26 143.74 34.89
C VAL QA 32 0.30 145.25 34.68
N GLU QA 33 -0.08 146.02 35.70
CA GLU QA 33 0.14 147.46 35.66
C GLU QA 33 1.63 147.82 35.74
N THR QA 34 2.45 146.96 36.37
CA THR QA 34 3.86 147.29 36.54
C THR QA 34 4.64 147.19 35.23
N GLN QA 35 4.34 146.19 34.41
CA GLN QA 35 5.10 145.99 33.18
C GLN QA 35 4.75 147.02 32.12
N ALA QA 36 3.55 147.59 32.17
CA ALA QA 36 3.19 148.67 31.23
C ALA QA 36 3.89 149.98 31.57
N LYS QA 37 4.16 150.25 32.86
CA LYS QA 37 4.76 151.54 33.22
C LYS QA 37 6.28 151.52 33.36
N GLU QA 38 6.89 150.42 33.84
CA GLU QA 38 8.34 150.43 34.04
C GLU QA 38 9.06 149.30 33.31
N ASN QA 39 8.38 148.64 32.35
CA ASN QA 39 8.94 147.62 31.43
C ASN QA 39 9.50 146.41 32.19
N ALA QA 40 8.79 145.99 33.24
CA ALA QA 40 9.29 144.97 34.14
C ALA QA 40 9.08 143.58 33.55
N TYR QA 41 9.59 142.58 34.25
CA TYR QA 41 9.44 141.21 33.80
C TYR QA 41 9.29 140.27 34.97
N ASP QA 42 8.14 139.59 35.05
CA ASP QA 42 8.06 138.26 35.64
C ASP QA 42 7.12 137.43 34.76
N LEU QA 43 7.69 136.47 34.00
CA LEU QA 43 6.90 135.76 33.00
C LEU QA 43 6.01 134.69 33.63
N GLU QA 44 6.58 133.92 34.56
CA GLU QA 44 5.84 132.81 35.14
C GLU QA 44 4.77 133.29 36.11
N ALA QA 45 4.93 134.50 36.64
CA ALA QA 45 3.81 135.16 37.29
C ALA QA 45 2.87 135.83 36.30
N ASN QA 46 3.36 136.32 35.14
CA ASN QA 46 2.43 136.78 34.11
C ASN QA 46 1.72 135.62 33.43
N LEU QA 47 2.31 134.43 33.47
CA LEU QA 47 1.53 133.23 33.20
C LEU QA 47 0.56 132.91 34.33
N ALA QA 48 0.90 133.27 35.58
CA ALA QA 48 0.07 132.90 36.74
C ALA QA 48 -1.23 133.70 36.82
N VAL QA 49 -1.31 134.89 36.23
CA VAL QA 49 -2.60 135.55 36.12
C VAL QA 49 -3.48 134.80 35.13
N LEU QA 50 -2.87 134.29 34.05
CA LEU QA 50 -3.62 133.48 33.10
C LEU QA 50 -3.90 132.07 33.62
N LYS QA 51 -3.14 131.60 34.63
CA LYS QA 51 -3.45 130.30 35.25
C LYS QA 51 -4.73 130.35 36.05
N LEU QA 52 -5.06 131.50 36.63
CA LEU QA 52 -6.30 131.63 37.38
C LEU QA 52 -7.50 131.69 36.45
N TYR QA 53 -7.32 132.00 35.17
CA TYR QA 53 -8.42 132.29 34.27
C TYR QA 53 -9.12 131.01 33.79
N GLN QA 54 -8.34 130.00 33.40
CA GLN QA 54 -8.93 128.77 32.86
C GLN QA 54 -9.29 127.73 33.92
N PHE QA 55 -8.80 127.88 35.15
CA PHE QA 55 -9.31 127.10 36.28
C PHE QA 55 -10.48 127.81 36.95
N ASN QA 56 -10.46 129.15 36.96
CA ASN QA 56 -11.59 129.97 37.41
C ASN QA 56 -11.97 130.99 36.35
N PRO QA 57 -13.01 130.72 35.55
CA PRO QA 57 -13.52 131.72 34.61
C PRO QA 57 -14.33 132.85 35.26
N ALA QA 58 -14.51 132.84 36.57
CA ALA QA 58 -15.26 133.90 37.25
C ALA QA 58 -14.44 135.18 37.43
N PHE QA 59 -13.12 135.13 37.19
CA PHE QA 59 -12.23 136.25 37.48
C PHE QA 59 -11.59 136.81 36.21
N PHE QA 60 -12.23 136.66 35.05
CA PHE QA 60 -11.67 137.17 33.80
C PHE QA 60 -11.78 138.70 33.76
N GLN QA 61 -10.64 139.38 33.57
CA GLN QA 61 -10.56 140.83 33.44
C GLN QA 61 -10.02 141.16 32.05
N THR QA 62 -10.71 142.06 31.34
CA THR QA 62 -10.43 142.31 29.93
C THR QA 62 -9.15 143.13 29.74
N THR QA 63 -9.01 144.21 30.51
CA THR QA 63 -7.90 145.15 30.34
C THR QA 63 -6.57 144.57 30.82
N VAL QA 64 -6.62 143.59 31.72
CA VAL QA 64 -5.43 142.87 32.15
C VAL QA 64 -4.93 141.95 31.04
N THR QA 65 -5.84 141.19 30.42
CA THR QA 65 -5.39 140.08 29.58
C THR QA 65 -4.98 140.52 28.18
N ALA QA 66 -5.35 141.72 27.76
CA ALA QA 66 -4.94 142.20 26.44
C ALA QA 66 -3.46 142.57 26.40
N GLN QA 67 -2.97 143.28 27.42
CA GLN QA 67 -1.63 143.84 27.36
C GLN QA 67 -0.56 142.79 27.62
N ILE QA 68 -0.92 141.68 28.26
CA ILE QA 68 0.08 140.67 28.64
C ILE QA 68 0.52 139.82 27.45
N LEU QA 69 -0.35 139.67 26.43
CA LEU QA 69 0.09 139.06 25.19
C LEU QA 69 0.85 140.05 24.33
N LEU QA 70 0.48 141.33 24.41
CA LEU QA 70 1.18 142.39 23.69
C LEU QA 70 2.56 142.62 24.28
N LYS QA 71 2.71 142.41 25.58
CA LYS QA 71 4.03 142.40 26.18
C LYS QA 71 4.73 141.04 26.04
N ALA QA 72 3.98 139.96 25.78
CA ALA QA 72 4.61 138.72 25.33
C ALA QA 72 5.09 138.83 23.88
N LEU QA 73 4.55 139.78 23.12
CA LEU QA 73 5.14 140.14 21.83
C LEU QA 73 6.44 140.90 21.99
N THR QA 74 6.68 141.53 23.15
CA THR QA 74 8.02 142.02 23.48
C THR QA 74 8.91 140.93 24.06
N ASN QA 75 8.38 139.73 24.28
CA ASN QA 75 9.16 138.57 24.67
C ASN QA 75 9.16 137.49 23.59
N LEU QA 76 8.98 137.89 22.32
CA LEU QA 76 9.38 137.40 21.02
C LEU QA 76 10.75 138.01 20.69
N PRO QA 77 11.73 137.30 20.10
CA PRO QA 77 11.83 135.99 19.44
C PRO QA 77 11.85 134.78 20.37
N HIS QA 78 11.83 135.03 21.67
CA HIS QA 78 11.79 133.94 22.65
C HIS QA 78 10.47 133.19 22.52
N THR QA 79 10.57 131.86 22.51
CA THR QA 79 9.52 130.95 22.07
C THR QA 79 8.57 130.52 23.19
N ASP QA 80 8.52 131.29 24.29
CA ASP QA 80 7.42 131.19 25.26
C ASP QA 80 6.11 131.74 24.74
N PHE QA 81 6.15 132.47 23.63
CA PHE QA 81 4.98 133.05 22.98
C PHE QA 81 3.96 132.00 22.56
N THR QA 82 4.42 130.80 22.19
CA THR QA 82 3.52 129.75 21.76
C THR QA 82 2.72 129.18 22.92
N LEU QA 83 3.31 129.15 24.11
CA LEU QA 83 2.61 128.64 25.29
C LEU QA 83 1.55 129.61 25.78
N CYS QA 84 1.89 130.90 25.86
CA CYS QA 84 0.98 131.90 26.41
C CYS QA 84 -0.11 132.33 25.43
N LYS QA 85 0.04 132.01 24.13
CA LYS QA 85 -0.99 132.34 23.15
C LYS QA 85 -2.21 131.46 23.31
N CYS QA 86 -2.01 130.18 23.61
CA CYS QA 86 -3.10 129.23 23.84
C CYS QA 86 -3.54 129.19 25.29
N MET QA 87 -2.93 129.99 26.17
CA MET QA 87 -3.28 129.95 27.60
C MET QA 87 -4.61 130.63 27.88
N ILE QA 88 -4.93 131.69 27.14
CA ILE QA 88 -6.29 132.22 27.19
C ILE QA 88 -7.20 131.25 26.44
N ASP QA 89 -8.38 130.99 26.99
CA ASP QA 89 -9.37 130.12 26.38
C ASP QA 89 -9.92 130.75 25.10
N GLN QA 90 -10.54 129.92 24.26
CA GLN QA 90 -11.16 130.46 23.04
C GLN QA 90 -12.43 131.25 23.35
N ALA QA 91 -13.03 131.04 24.53
CA ALA QA 91 -14.21 131.76 25.00
C ALA QA 91 -13.93 133.22 25.34
N HIS QA 92 -12.68 133.67 25.33
CA HIS QA 92 -12.34 135.06 25.54
C HIS QA 92 -11.67 135.71 24.32
N GLN QA 93 -11.80 135.10 23.14
CA GLN QA 93 -11.18 135.61 21.93
C GLN QA 93 -12.17 136.23 20.95
N GLU QA 94 -13.47 136.19 21.25
CA GLU QA 94 -14.46 136.80 20.37
C GLU QA 94 -14.51 138.31 20.51
N GLU QA 95 -13.97 138.85 21.60
CA GLU QA 95 -14.00 140.28 21.87
C GLU QA 95 -12.95 141.01 21.02
N ARG QA 96 -13.10 142.33 20.94
CA ARG QA 96 -12.30 143.26 20.16
C ARG QA 96 -11.68 144.29 21.10
N PRO QA 97 -10.38 144.65 20.92
CA PRO QA 97 -9.37 144.29 19.92
C PRO QA 97 -8.48 143.09 20.27
N ILE QA 98 -9.04 142.11 20.98
CA ILE QA 98 -8.33 140.86 21.25
C ILE QA 98 -8.09 140.08 19.97
N ARG QA 99 -9.11 140.02 19.09
CA ARG QA 99 -8.97 139.51 17.72
C ARG QA 99 -7.86 140.23 16.93
N GLN QA 100 -7.76 141.55 17.10
CA GLN QA 100 -6.74 142.31 16.39
C GLN QA 100 -5.34 142.04 16.96
N ILE QA 101 -5.22 141.86 18.27
CA ILE QA 101 -3.90 141.72 18.85
C ILE QA 101 -3.38 140.27 18.73
N LEU QA 102 -4.29 139.29 18.68
CA LEU QA 102 -3.86 137.90 18.47
C LEU QA 102 -3.49 137.65 17.02
N TYR QA 103 -4.06 138.44 16.09
CA TYR QA 103 -3.65 138.40 14.69
C TYR QA 103 -2.28 139.03 14.48
N LEU QA 104 -1.85 139.91 15.40
CA LEU QA 104 -0.58 140.60 15.25
C LEU QA 104 0.61 139.68 15.51
N GLY QA 105 0.44 138.69 16.40
CA GLY QA 105 1.48 137.69 16.58
C GLY QA 105 1.68 136.77 15.39
N ASP QA 106 0.63 136.59 14.58
CA ASP QA 106 0.71 135.77 13.38
C ASP QA 106 1.58 136.42 12.31
N LEU QA 107 1.55 137.75 12.23
CA LEU QA 107 2.22 138.43 11.13
C LEU QA 107 3.69 138.76 11.41
N LEU QA 108 4.22 138.49 12.61
CA LEU QA 108 5.60 138.83 12.94
C LEU QA 108 6.57 137.67 12.74
N GLU QA 109 6.14 136.44 12.96
CA GLU QA 109 6.99 135.29 12.68
C GLU QA 109 7.14 135.07 11.18
N THR QA 110 6.08 135.36 10.41
CA THR QA 110 6.11 135.41 8.96
C THR QA 110 6.38 136.84 8.46
N CYS QA 111 6.88 137.71 9.36
CA CYS QA 111 7.65 138.95 9.10
C CYS QA 111 6.88 139.98 8.28
N HIS QA 112 5.56 140.03 8.41
CA HIS QA 112 4.78 141.09 7.77
C HIS QA 112 4.98 142.39 8.56
N PHE QA 113 5.49 143.43 7.88
CA PHE QA 113 5.77 144.72 8.51
C PHE QA 113 5.00 145.89 7.91
N GLN QA 114 4.37 145.74 6.75
CA GLN QA 114 3.58 146.83 6.20
C GLN QA 114 2.27 147.00 6.96
N ALA QA 115 1.75 145.91 7.53
CA ALA QA 115 0.61 146.01 8.44
C ALA QA 115 1.05 146.52 9.80
N PHE QA 116 2.24 146.09 10.25
CA PHE QA 116 2.70 146.37 11.61
C PHE QA 116 3.15 147.82 11.81
N TRP QA 117 3.72 148.44 10.77
CA TRP QA 117 4.23 149.79 10.89
C TRP QA 117 3.48 150.83 10.06
N GLN QA 118 2.87 150.45 8.96
CA GLN QA 118 2.24 151.42 8.06
C GLN QA 118 0.73 151.27 7.93
N ALA QA 119 0.17 150.10 8.21
CA ALA QA 119 -1.28 149.90 8.22
C ALA QA 119 -1.81 149.61 9.61
N LEU QA 120 -1.04 149.97 10.64
CA LEU QA 120 -1.43 149.68 12.02
C LEU QA 120 -2.52 150.62 12.49
N ASP QA 121 -3.57 150.06 13.06
CA ASP QA 121 -4.63 150.84 13.70
C ASP QA 121 -4.12 151.31 15.06
N GLU QA 122 -3.75 152.58 15.14
CA GLU QA 122 -3.14 153.16 16.32
C GLU QA 122 -4.17 153.85 17.22
N ASN QA 123 -5.44 153.46 17.10
CA ASN QA 123 -6.52 154.04 17.89
C ASN QA 123 -6.45 153.68 19.37
N MET QA 124 -5.78 152.58 19.71
CA MET QA 124 -5.61 152.18 21.10
C MET QA 124 -4.35 152.82 21.67
N ASP QA 125 -4.47 153.37 22.88
CA ASP QA 125 -3.36 154.05 23.54
C ASP QA 125 -2.52 153.10 24.38
N LEU QA 126 -2.90 151.82 24.47
CA LEU QA 126 -2.12 150.86 25.25
C LEU QA 126 -0.82 150.45 24.56
N LEU QA 127 -0.68 150.72 23.26
CA LEU QA 127 0.60 150.51 22.59
C LEU QA 127 1.63 151.53 23.08
N GLU QA 128 1.24 152.79 23.21
CA GLU QA 128 2.05 153.74 23.95
C GLU QA 128 1.88 153.60 25.46
N GLY QA 129 0.81 152.92 25.89
CA GLY QA 129 0.60 152.60 27.31
C GLY QA 129 1.63 151.66 27.89
N ILE QA 130 2.29 150.85 27.06
CA ILE QA 130 3.48 150.13 27.46
C ILE QA 130 4.69 150.91 26.97
N THR QA 131 5.76 150.91 27.76
CA THR QA 131 6.94 151.73 27.48
C THR QA 131 7.93 150.99 26.60
N GLY QA 132 8.27 151.60 25.46
CA GLY QA 132 9.36 151.08 24.66
C GLY QA 132 8.98 149.92 23.78
N PHE QA 133 7.76 149.93 23.24
CA PHE QA 133 7.32 148.82 22.38
C PHE QA 133 8.05 148.84 21.05
N GLU QA 134 8.44 150.03 20.58
CA GLU QA 134 9.22 150.13 19.34
C GLU QA 134 10.64 149.62 19.54
N ASP QA 135 11.26 149.93 20.68
CA ASP QA 135 12.63 149.47 20.91
C ASP QA 135 12.67 147.98 21.24
N SER QA 136 11.59 147.42 21.77
CA SER QA 136 11.60 145.99 22.07
C SER QA 136 11.31 145.14 20.85
N VAL QA 137 10.32 145.51 20.03
CA VAL QA 137 9.92 144.61 18.95
C VAL QA 137 10.90 144.74 17.76
N ARG QA 138 11.62 145.85 17.64
CA ARG QA 138 12.70 145.90 16.65
C ARG QA 138 13.95 145.19 17.17
N LYS QA 139 14.11 145.10 18.51
CA LYS QA 139 15.19 144.28 19.08
C LYS QA 139 14.96 142.80 18.79
N PHE QA 140 13.70 142.40 18.71
CA PHE QA 140 13.35 141.13 18.08
C PHE QA 140 13.75 141.12 16.60
N ILE QA 141 13.56 142.23 15.89
CA ILE QA 141 13.73 142.24 14.43
C ILE QA 141 15.20 142.45 13.97
N CYS QA 142 16.02 143.23 14.69
CA CYS QA 142 17.45 143.29 14.35
C CYS QA 142 18.18 141.99 14.73
N HIS QA 143 17.62 141.22 15.67
CA HIS QA 143 18.10 139.88 15.95
C HIS QA 143 17.87 138.92 14.77
N VAL QA 144 16.68 138.96 14.15
CA VAL QA 144 16.35 137.96 13.13
C VAL QA 144 16.98 138.28 11.76
N VAL QA 145 17.37 139.54 11.52
CA VAL QA 145 17.98 139.92 10.24
C VAL QA 145 19.45 139.48 10.19
N GLY QA 146 20.09 139.35 11.35
CA GLY QA 146 21.51 139.00 11.40
C GLY QA 146 21.83 137.59 10.96
N ILE QA 147 20.86 136.68 11.02
CA ILE QA 147 21.02 135.36 10.43
C ILE QA 147 21.02 135.45 8.90
N THR QA 148 20.08 136.21 8.34
CA THR QA 148 19.66 136.09 6.95
C THR QA 148 20.40 136.97 5.95
N TYR QA 149 21.24 137.91 6.38
CA TYR QA 149 21.94 138.80 5.45
C TYR QA 149 23.45 138.68 5.61
N GLN QA 150 24.16 138.89 4.51
CA GLN QA 150 25.50 139.45 4.56
C GLN QA 150 25.66 140.74 3.76
N HIS QA 151 24.76 141.06 2.82
CA HIS QA 151 24.78 142.34 2.11
C HIS QA 151 23.35 142.80 1.84
N ILE QA 152 22.94 143.95 2.40
CA ILE QA 152 21.68 144.58 1.99
C ILE QA 152 21.89 146.10 2.03
N ASP QA 153 21.21 146.77 1.10
CA ASP QA 153 21.29 148.22 0.99
C ASP QA 153 20.41 148.87 2.04
N ARG QA 154 20.74 150.11 2.40
CA ARG QA 154 20.05 150.75 3.51
C ARG QA 154 18.73 151.39 3.12
N TRP QA 155 18.43 151.48 1.82
CA TRP QA 155 17.10 151.91 1.40
C TRP QA 155 16.08 150.80 1.63
N LEU QA 156 16.40 149.59 1.14
CA LEU QA 156 15.58 148.40 1.35
C LEU QA 156 15.64 147.90 2.80
N LEU QA 157 16.63 148.34 3.57
CA LEU QA 157 16.68 147.99 4.99
C LEU QA 157 15.63 148.76 5.79
N ALA QA 158 15.58 150.09 5.62
CA ALA QA 158 14.66 150.89 6.41
C ALA QA 158 13.23 150.80 5.91
N GLU QA 159 13.04 150.32 4.68
CA GLU QA 159 11.70 150.00 4.21
C GLU QA 159 11.11 148.81 4.97
N MET QA 160 11.90 147.74 5.16
CA MET QA 160 11.39 146.62 5.96
C MET QA 160 11.53 146.84 7.45
N LEU QA 161 12.19 147.90 7.91
CA LEU QA 161 12.23 148.23 9.32
C LEU QA 161 11.22 149.30 9.69
N GLY QA 162 10.29 149.63 8.79
CA GLY QA 162 9.23 150.60 9.03
C GLY QA 162 9.57 152.08 9.06
N ASP QA 163 10.14 152.57 7.95
CA ASP QA 163 10.20 153.99 7.50
C ASP QA 163 10.77 154.99 8.53
N LEU QA 164 11.93 154.66 9.08
CA LEU QA 164 12.70 155.64 9.81
C LEU QA 164 13.97 155.99 9.03
N SER QA 165 14.46 157.22 9.20
CA SER QA 165 15.50 157.79 8.37
C SER QA 165 16.90 157.29 8.74
N ASP QA 166 17.90 157.74 7.97
CA ASP QA 166 19.31 157.48 8.22
C ASP QA 166 19.83 158.23 9.46
N SER QA 167 19.11 159.28 9.89
CA SER QA 167 19.44 160.02 11.11
C SER QA 167 19.31 159.17 12.37
N GLN QA 168 18.45 158.15 12.33
CA GLN QA 168 18.36 157.15 13.38
C GLN QA 168 18.88 155.78 12.98
N LEU QA 169 19.01 155.48 11.68
CA LEU QA 169 19.46 154.16 11.22
C LEU QA 169 20.91 153.90 11.58
N LYS QA 170 21.74 154.93 11.61
CA LYS QA 170 23.11 154.70 12.04
C LYS QA 170 23.21 154.54 13.55
N VAL QA 171 22.26 155.10 14.30
CA VAL QA 171 22.30 154.99 15.77
C VAL QA 171 21.91 153.58 16.21
N TRP QA 172 20.81 153.04 15.66
CA TRP QA 172 20.40 151.67 15.97
C TRP QA 172 21.36 150.62 15.43
N MET QA 173 22.13 150.95 14.39
CA MET QA 173 23.07 149.97 13.85
C MET QA 173 24.42 150.06 14.53
N SER QA 174 24.70 151.17 15.23
CA SER QA 174 25.84 151.26 16.12
C SER QA 174 25.68 150.41 17.37
N LYS QA 175 24.44 150.01 17.69
CA LYS QA 175 24.15 149.18 18.85
C LYS QA 175 24.48 147.71 18.62
N TYR QA 176 24.19 147.15 17.43
CA TYR QA 176 23.99 145.71 17.29
C TYR QA 176 25.01 145.04 16.38
N GLY QA 177 26.22 145.60 16.27
CA GLY QA 177 27.25 144.93 15.49
C GLY QA 177 27.09 145.09 13.99
N TRP QA 178 26.50 146.19 13.56
CA TRP QA 178 26.29 146.49 12.16
C TRP QA 178 27.21 147.63 11.73
N SER QA 179 28.02 147.41 10.69
CA SER QA 179 28.76 148.47 10.02
C SER QA 179 28.16 148.71 8.64
N ALA QA 180 28.11 149.98 8.23
CA ALA QA 180 27.67 150.32 6.89
C ALA QA 180 28.87 150.34 5.95
N ASP QA 181 29.14 149.22 5.29
CA ASP QA 181 30.10 149.21 4.20
C ASP QA 181 29.37 149.69 2.95
N GLU QA 182 29.76 150.84 2.43
CA GLU QA 182 28.84 151.78 1.81
C GLU QA 182 28.28 151.30 0.46
N SER QA 183 27.14 151.88 0.11
CA SER QA 183 26.41 151.71 -1.17
C SER QA 183 26.09 150.26 -1.59
N GLY QA 184 25.31 149.51 -0.80
CA GLY QA 184 24.58 149.85 0.40
C GLY QA 184 24.85 148.99 1.62
N GLN QA 185 25.85 148.12 1.53
CA GLN QA 185 25.95 146.85 2.23
C GLN QA 185 26.14 147.00 3.74
N ILE QA 186 25.92 145.90 4.45
CA ILE QA 186 25.85 145.90 5.90
C ILE QA 186 26.58 144.67 6.42
N PHE QA 187 27.51 144.87 7.35
CA PHE QA 187 28.41 143.80 7.76
C PHE QA 187 27.90 143.15 9.04
N ILE QA 188 27.50 141.88 8.97
CA ILE QA 188 27.06 141.12 10.13
C ILE QA 188 28.10 140.11 10.59
N CYS QA 189 28.59 139.28 9.67
CA CYS QA 189 29.44 138.14 10.01
C CYS QA 189 30.16 137.65 8.76
N SER QA 190 31.02 136.66 8.94
CA SER QA 190 31.84 136.10 7.88
C SER QA 190 31.03 135.11 7.04
N GLN QA 191 31.70 134.56 6.04
CA GLN QA 191 31.07 133.51 5.25
C GLN QA 191 31.04 132.18 6.02
N GLU QA 192 32.20 131.75 6.53
CA GLU QA 192 32.47 130.34 6.80
C GLU QA 192 31.83 129.78 8.07
N GLU QA 193 30.98 130.54 8.76
CA GLU QA 193 30.38 130.02 9.98
C GLU QA 193 29.23 129.07 9.67
N SER QA 194 28.42 129.39 8.66
CA SER QA 194 27.11 128.78 8.49
C SER QA 194 26.99 128.01 7.18
N ILE QA 195 28.12 127.52 6.65
CA ILE QA 195 28.08 126.29 5.87
C ILE QA 195 27.74 125.11 6.80
N LYS QA 196 28.13 125.21 8.08
CA LYS QA 196 27.81 124.31 9.17
C LYS QA 196 28.01 122.80 8.94
N PRO QA 197 29.26 122.34 8.76
CA PRO QA 197 29.44 120.90 8.56
C PRO QA 197 29.26 120.12 9.86
N LYS QA 198 28.31 119.19 9.86
CA LYS QA 198 28.27 118.06 10.78
C LYS QA 198 28.93 116.86 10.10
N ASN QA 199 30.23 116.99 9.88
CA ASN QA 199 30.85 116.50 8.65
C ASN QA 199 31.08 114.98 8.66
N ILE QA 200 31.61 114.52 7.52
CA ILE QA 200 31.91 113.12 7.22
C ILE QA 200 33.02 112.54 8.09
N VAL QA 201 33.79 113.40 8.76
CA VAL QA 201 35.05 113.05 9.40
C VAL QA 201 34.84 112.78 10.89
N GLU QA 202 33.57 112.76 11.34
CA GLU QA 202 33.21 112.37 12.70
C GLU QA 202 33.72 110.97 13.03
N LYS QA 203 34.15 110.79 14.27
CA LYS QA 203 35.11 109.76 14.52
C LYS QA 203 34.67 108.94 15.71
N ILE QA 204 35.36 107.82 15.87
CA ILE QA 204 35.27 106.97 17.03
C ILE QA 204 36.58 107.09 17.80
N ASP QA 205 36.47 107.50 19.06
CA ASP QA 205 37.64 107.85 19.85
C ASP QA 205 38.16 106.61 20.57
N PHE QA 206 39.28 106.76 21.27
CA PHE QA 206 39.81 105.64 22.05
C PHE QA 206 38.90 105.32 23.24
N ASP QA 207 38.39 106.34 23.91
CA ASP QA 207 37.60 106.12 25.11
C ASP QA 207 36.13 105.78 24.84
N SER QA 208 35.65 106.00 23.60
CA SER QA 208 34.25 105.77 23.29
C SER QA 208 33.94 104.28 23.09
N VAL QA 209 34.95 103.50 22.73
CA VAL QA 209 34.79 102.06 22.52
C VAL QA 209 35.52 101.22 23.54
N SER QA 210 36.34 101.81 24.41
CA SER QA 210 37.12 101.03 25.38
C SER QA 210 36.27 100.44 26.50
N SER QA 211 35.00 100.82 26.61
CA SER QA 211 34.08 100.11 27.48
C SER QA 211 33.90 98.66 27.04
N ILE QA 212 33.74 98.43 25.74
CA ILE QA 212 33.56 97.07 25.23
C ILE QA 212 34.90 96.37 25.01
N MET QA 213 35.97 97.15 24.86
CA MET QA 213 37.28 96.61 24.54
C MET QA 213 37.98 96.01 25.76
N ALA QA 214 37.43 96.21 26.95
CA ALA QA 214 38.05 95.62 28.14
C ALA QA 214 37.55 94.22 28.42
N SER QA 215 36.39 93.84 27.91
CA SER QA 215 35.79 92.56 28.26
C SER QA 215 36.06 91.49 27.22
N SER QA 216 36.04 91.85 25.94
CA SER QA 216 36.55 90.94 24.92
C SER QA 216 38.07 90.89 24.95
N GLN QA 217 38.71 92.05 25.16
CA GLN QA 217 40.18 92.27 25.23
C GLN QA 217 40.88 91.79 23.99
N GLN RA 1 -22.64 106.15 36.45
CA GLN RA 1 -22.31 105.77 37.82
C GLN RA 1 -21.47 104.47 37.77
N TRP RA 2 -21.48 103.70 38.87
CA TRP RA 2 -20.69 102.50 39.22
C TRP RA 2 -19.19 102.83 39.38
N LEU RA 3 -18.83 104.10 39.39
CA LEU RA 3 -17.45 104.47 39.56
C LEU RA 3 -17.24 105.37 40.77
N TRP RA 4 -18.30 105.65 41.55
CA TRP RA 4 -18.16 106.59 42.67
C TRP RA 4 -17.47 105.98 43.88
N ASP RA 5 -17.58 104.66 44.07
CA ASP RA 5 -16.78 104.01 45.11
C ASP RA 5 -15.34 103.77 44.65
N ILE RA 6 -15.07 103.91 43.34
CA ILE RA 6 -13.71 103.70 42.84
C ILE RA 6 -12.80 104.85 43.29
N ILE RA 7 -13.30 106.08 43.24
CA ILE RA 7 -12.60 107.21 43.83
C ILE RA 7 -12.61 107.12 45.36
N ASP RA 8 -13.78 106.84 45.96
CA ASP RA 8 -14.01 107.01 47.40
C ASP RA 8 -13.24 105.98 48.24
N GLU RA 9 -13.01 104.79 47.69
CA GLU RA 9 -12.13 103.81 48.34
C GLU RA 9 -10.70 104.31 48.41
N PHE RA 10 -10.19 104.87 47.31
CA PHE RA 10 -8.77 105.20 47.21
C PHE RA 10 -8.44 106.62 47.69
N ILE RA 11 -9.38 107.57 47.61
CA ILE RA 11 -9.11 108.93 48.05
C ILE RA 11 -9.19 109.04 49.58
N TYR RA 12 -9.91 108.11 50.24
CA TYR RA 12 -9.86 107.99 51.71
C TYR RA 12 -8.45 107.64 52.19
N GLN RA 13 -7.71 106.90 51.39
CA GLN RA 13 -6.27 106.78 51.60
C GLN RA 13 -5.53 108.04 51.14
N PHE RA 14 -5.98 108.69 50.07
CA PHE RA 14 -5.27 109.86 49.57
C PHE RA 14 -5.54 111.09 50.44
N GLN RA 15 -6.65 111.10 51.18
CA GLN RA 15 -6.84 112.06 52.27
C GLN RA 15 -5.75 111.90 53.32
N SER RA 16 -5.42 110.65 53.65
CA SER RA 16 -4.43 110.34 54.67
C SER RA 16 -3.01 110.72 54.24
N PHE RA 17 -2.74 110.72 52.93
CA PHE RA 17 -1.37 110.88 52.43
C PHE RA 17 -0.86 112.31 52.64
N SER RA 18 -1.73 113.30 52.47
CA SER RA 18 -1.36 114.65 52.93
C SER RA 18 -1.36 114.73 54.45
N GLN RA 19 -2.29 114.00 55.11
CA GLN RA 19 -2.40 114.06 56.56
C GLN RA 19 -1.23 113.36 57.26
N TYR RA 20 -0.97 112.09 56.92
CA TYR RA 20 0.06 111.33 57.64
C TYR RA 20 1.46 111.80 57.27
N ARG RA 21 1.79 111.76 55.98
CA ARG RA 21 3.15 111.84 55.49
C ARG RA 21 3.74 113.25 55.55
N CYS RA 22 2.90 114.28 55.58
CA CYS RA 22 3.40 115.65 55.74
C CYS RA 22 3.39 116.11 57.20
N LYS RA 23 2.33 115.83 57.95
CA LYS RA 23 2.23 116.37 59.29
C LYS RA 23 2.98 115.54 60.34
N THR RA 24 2.73 114.23 60.38
CA THR RA 24 3.16 113.43 61.52
C THR RA 24 4.14 112.30 61.22
N ALA RA 25 4.23 111.80 59.98
CA ALA RA 25 4.96 110.55 59.73
C ALA RA 25 6.45 110.79 59.48
N LYS RA 26 7.12 111.35 60.49
CA LYS RA 26 8.58 111.33 60.56
C LYS RA 26 9.08 110.42 61.68
N LYS RA 27 8.25 110.19 62.70
CA LYS RA 27 8.56 109.27 63.79
C LYS RA 27 7.45 108.23 63.95
N SER RA 28 6.60 108.05 62.95
CA SER RA 28 5.48 107.12 63.00
C SER RA 28 6.02 105.70 62.85
N GLU RA 29 5.88 104.89 63.90
CA GLU RA 29 6.39 103.53 63.89
C GLU RA 29 5.29 102.48 63.75
N GLU RA 30 4.08 102.76 64.20
CA GLU RA 30 3.06 101.71 64.36
C GLU RA 30 2.41 101.34 63.03
N GLU RA 31 2.32 102.27 62.07
CA GLU RA 31 1.83 101.90 60.75
C GLU RA 31 2.89 101.13 59.97
N ILE RA 32 4.17 101.31 60.31
CA ILE RA 32 5.25 100.60 59.61
C ILE RA 32 5.23 99.12 59.95
N ASP RA 33 5.06 98.77 61.24
CA ASP RA 33 5.07 97.36 61.60
C ASP RA 33 3.77 96.65 61.25
N PHE RA 34 2.69 97.39 60.97
CA PHE RA 34 1.53 96.78 60.32
C PHE RA 34 1.86 96.41 58.87
N LEU RA 35 2.61 97.26 58.17
CA LEU RA 35 2.97 96.99 56.78
C LEU RA 35 4.10 95.97 56.61
N ARG RA 36 4.81 95.59 57.67
CA ARG RA 36 5.82 94.55 57.52
C ARG RA 36 5.30 93.16 57.85
N SER RA 37 4.44 93.03 58.85
CA SER RA 37 3.98 91.71 59.29
C SER RA 37 2.70 91.26 58.59
N ASN RA 38 1.71 92.15 58.47
CA ASN RA 38 0.42 91.75 57.90
C ASN RA 38 0.41 91.49 56.39
N PRO RA 39 0.78 92.42 55.49
CA PRO RA 39 0.40 92.23 54.08
C PRO RA 39 1.36 91.34 53.31
N LYS RA 40 0.98 91.05 52.06
CA LYS RA 40 1.69 90.14 51.20
C LYS RA 40 2.48 90.82 50.08
N ILE RA 41 2.14 92.07 49.75
CA ILE RA 41 2.74 92.80 48.65
C ILE RA 41 3.59 93.94 49.21
N TRP RA 42 4.79 94.09 48.65
CA TRP RA 42 5.82 94.98 49.21
C TRP RA 42 5.89 96.34 48.52
N ASN RA 43 5.32 96.46 47.33
CA ASN RA 43 5.53 97.61 46.45
C ASN RA 43 4.39 98.62 46.49
N VAL RA 44 3.64 98.68 47.61
CA VAL RA 44 2.46 99.52 47.73
C VAL RA 44 2.78 101.02 47.66
N HIS RA 45 4.00 101.44 48.07
CA HIS RA 45 4.34 102.86 48.02
C HIS RA 45 4.53 103.37 46.59
N SER RA 46 4.81 102.49 45.64
CA SER RA 46 4.73 102.87 44.24
C SER RA 46 3.35 102.58 43.65
N VAL RA 47 2.56 101.71 44.29
CA VAL RA 47 1.17 101.58 43.92
C VAL RA 47 0.38 102.82 44.38
N LEU RA 48 0.69 103.37 45.56
CA LEU RA 48 -0.24 104.32 46.18
C LEU RA 48 -0.15 105.72 45.57
N ASN RA 49 0.96 106.08 44.94
CA ASN RA 49 0.95 107.32 44.15
C ASN RA 49 0.43 107.07 42.73
N VAL RA 50 0.97 106.04 42.07
CA VAL RA 50 0.81 105.94 40.62
C VAL RA 50 -0.54 105.35 40.24
N LEU RA 51 -1.10 104.43 41.02
CA LEU RA 51 -2.49 104.03 40.80
C LEU RA 51 -3.45 105.13 41.25
N HIS RA 52 -3.03 106.02 42.16
CA HIS RA 52 -3.82 107.22 42.48
C HIS RA 52 -3.75 108.27 41.39
N SER RA 53 -2.66 108.32 40.62
CA SER RA 53 -2.61 109.17 39.44
C SER RA 53 -3.60 108.69 38.38
N LEU RA 54 -3.79 107.37 38.26
CA LEU RA 54 -4.78 106.81 37.34
C LEU RA 54 -6.20 107.15 37.76
N VAL RA 55 -6.53 106.90 39.02
CA VAL RA 55 -7.90 107.00 39.52
C VAL RA 55 -8.36 108.45 39.64
N ASP RA 56 -7.43 109.41 39.72
CA ASP RA 56 -7.78 110.83 39.75
C ASP RA 56 -8.02 111.40 38.36
N LYS RA 57 -7.38 110.85 37.33
CA LYS RA 57 -7.74 111.18 35.96
C LYS RA 57 -9.06 110.53 35.58
N SER RA 58 -9.40 109.41 36.22
CA SER RA 58 -10.71 108.82 36.07
C SER RA 58 -11.79 109.70 36.67
N ASN RA 59 -11.47 110.53 37.67
CA ASN RA 59 -12.46 111.40 38.30
C ASN RA 59 -12.19 112.90 38.11
N ILE RA 60 -11.08 113.30 37.47
CA ILE RA 60 -11.01 114.70 37.02
C ILE RA 60 -12.02 114.94 35.91
N ASN RA 61 -12.14 113.99 34.98
CA ASN RA 61 -13.14 114.12 33.91
C ASN RA 61 -14.56 113.96 34.45
N ARG RA 62 -14.72 113.20 35.54
CA ARG RA 62 -16.01 113.10 36.21
C ARG RA 62 -16.36 114.38 36.96
N GLN RA 63 -15.44 114.89 37.79
CA GLN RA 63 -15.77 116.04 38.64
C GLN RA 63 -15.85 117.34 37.85
N LEU RA 64 -14.90 117.58 36.93
CA LEU RA 64 -14.94 118.79 36.11
C LEU RA 64 -16.11 118.80 35.14
N GLU RA 65 -16.69 117.64 34.79
CA GLU RA 65 -17.97 117.73 34.09
C GLU RA 65 -19.16 117.89 35.02
N VAL RA 66 -18.98 117.79 36.34
CA VAL RA 66 -20.07 118.10 37.27
C VAL RA 66 -19.79 119.30 38.16
N TYR RA 67 -18.53 119.74 38.30
CA TYR RA 67 -18.20 120.97 39.02
C TYR RA 67 -17.01 121.62 38.36
N THR RA 68 -17.20 122.83 37.84
CA THR RA 68 -16.17 123.51 37.04
C THR RA 68 -15.09 124.14 37.91
N SER RA 69 -15.50 124.95 38.89
CA SER RA 69 -14.58 125.78 39.67
C SER RA 69 -14.34 125.14 41.04
N GLY RA 70 -13.09 124.81 41.33
CA GLY RA 70 -12.79 124.13 42.57
C GLY RA 70 -13.32 122.70 42.63
N GLY RA 71 -12.90 121.85 41.69
CA GLY RA 71 -13.28 120.44 41.74
C GLY RA 71 -12.61 119.71 42.88
N ASP RA 72 -13.28 118.66 43.35
CA ASP RA 72 -12.85 117.94 44.55
C ASP RA 72 -11.60 117.05 44.33
N PRO RA 73 -11.44 116.27 43.22
CA PRO RA 73 -10.11 115.70 42.96
C PRO RA 73 -9.15 116.64 42.27
N GLU RA 74 -9.61 117.76 41.73
CA GLU RA 74 -8.69 118.86 41.46
C GLU RA 74 -8.11 119.41 42.76
N SER RA 75 -8.91 119.40 43.84
CA SER RA 75 -8.43 119.83 45.16
C SER RA 75 -7.46 118.83 45.77
N VAL RA 76 -7.83 117.54 45.79
CA VAL RA 76 -7.05 116.59 46.60
C VAL RA 76 -5.74 116.21 45.89
N ALA RA 77 -5.71 116.18 44.56
CA ALA RA 77 -4.44 115.99 43.85
C ALA RA 77 -3.61 117.26 43.80
N GLY RA 78 -4.20 118.35 43.32
CA GLY RA 78 -3.52 119.61 43.07
C GLY RA 78 -3.20 120.48 44.27
N GLU RA 79 -4.19 120.71 45.11
CA GLU RA 79 -4.03 121.65 46.21
C GLU RA 79 -3.53 120.99 47.51
N TYR RA 80 -3.27 119.67 47.50
CA TYR RA 80 -2.66 118.98 48.62
C TYR RA 80 -1.24 118.53 48.37
N GLY RA 81 -0.88 118.20 47.12
CA GLY RA 81 0.21 117.28 46.88
C GLY RA 81 1.58 117.90 47.04
N ARG RA 82 1.79 119.09 46.45
CA ARG RA 82 3.10 119.50 45.95
C ARG RA 82 4.08 119.86 47.07
N HIS RA 83 3.65 120.65 48.04
CA HIS RA 83 4.52 120.93 49.18
C HIS RA 83 4.62 119.74 50.13
N SER RA 84 3.60 118.89 50.15
CA SER RA 84 3.62 117.66 50.96
C SER RA 84 4.51 116.57 50.39
N LEU RA 85 4.88 116.63 49.11
CA LEU RA 85 5.67 115.56 48.51
C LEU RA 85 7.16 115.68 48.84
N TYR RA 86 7.76 116.85 48.61
CA TYR RA 86 9.21 116.97 48.58
C TYR RA 86 9.85 117.45 49.89
N LYS RA 87 9.18 118.33 50.63
CA LYS RA 87 9.86 119.29 51.51
C LYS RA 87 10.42 118.69 52.80
N MET RA 88 9.89 117.55 53.26
CA MET RA 88 10.23 117.04 54.59
C MET RA 88 11.63 116.42 54.62
N LEU RA 89 12.05 116.06 55.84
CA LEU RA 89 13.30 115.31 56.06
C LEU RA 89 13.23 113.93 55.42
N GLY RA 90 14.42 113.41 55.07
CA GLY RA 90 14.62 112.42 54.03
C GLY RA 90 13.85 111.11 54.02
N TYR RA 91 13.02 110.98 53.00
CA TYR RA 91 12.18 109.82 52.71
C TYR RA 91 12.97 108.82 51.87
N PHE RA 92 13.78 107.99 52.55
CA PHE RA 92 14.86 107.22 51.91
C PHE RA 92 14.27 105.99 51.20
N SER RA 93 13.62 106.29 50.07
CA SER RA 93 12.84 105.36 49.29
C SER RA 93 13.02 105.73 47.82
N LEU RA 94 12.33 105.00 46.95
CA LEU RA 94 12.39 105.16 45.50
C LEU RA 94 11.53 106.31 44.96
N VAL RA 95 11.02 107.21 45.82
CA VAL RA 95 9.97 108.16 45.46
C VAL RA 95 10.54 109.45 44.89
N GLY RA 96 11.87 109.58 44.81
CA GLY RA 96 12.58 110.83 44.54
C GLY RA 96 12.32 111.57 43.23
N LEU RA 97 12.55 110.93 42.09
CA LEU RA 97 12.04 111.50 40.84
C LEU RA 97 10.59 111.12 40.57
N LEU RA 98 10.06 110.14 41.31
CA LEU RA 98 8.65 109.77 41.20
C LEU RA 98 7.74 110.91 41.63
N ARG RA 99 8.08 111.58 42.73
CA ARG RA 99 7.19 112.61 43.25
C ARG RA 99 7.25 113.89 42.44
N LEU RA 100 8.36 114.17 41.77
CA LEU RA 100 8.42 115.40 40.99
C LEU RA 100 7.72 115.23 39.64
N HIS RA 101 7.63 114.00 39.12
CA HIS RA 101 6.84 113.74 37.92
C HIS RA 101 5.35 113.71 38.19
N SER RA 102 4.94 113.60 39.45
CA SER RA 102 3.61 114.05 39.84
C SER RA 102 3.54 115.56 39.92
N LEU RA 103 4.59 116.19 40.45
CA LEU RA 103 4.56 117.64 40.67
C LEU RA 103 4.71 118.40 39.35
N LEU RA 104 5.60 117.94 38.46
CA LEU RA 104 5.59 118.43 37.09
C LEU RA 104 4.36 117.92 36.35
N GLY RA 105 3.86 116.74 36.71
CA GLY RA 105 2.73 116.15 35.99
C GLY RA 105 1.40 116.85 36.26
N ASP RA 106 1.18 117.28 37.49
CA ASP RA 106 0.02 118.10 37.80
C ASP RA 106 0.20 119.56 37.36
N TYR RA 107 1.44 119.95 37.08
CA TYR RA 107 1.79 121.16 36.33
C TYR RA 107 1.64 120.97 34.83
N TYR RA 108 1.26 119.77 34.36
CA TYR RA 108 1.21 119.42 32.96
C TYR RA 108 -0.20 119.17 32.45
N GLN RA 109 -1.17 118.90 33.34
CA GLN RA 109 -2.56 118.76 32.92
C GLN RA 109 -3.14 120.10 32.48
N ALA RA 110 -2.96 121.13 33.30
CA ALA RA 110 -2.95 122.49 32.77
C ALA RA 110 -1.61 122.73 32.11
N ILE RA 111 -1.62 123.51 31.02
CA ILE RA 111 -0.55 123.47 30.03
C ILE RA 111 0.73 124.18 30.44
N LYS RA 112 0.76 124.80 31.62
CA LYS RA 112 1.82 125.73 32.02
C LYS RA 112 3.05 124.97 32.54
N VAL RA 113 3.81 124.39 31.62
CA VAL RA 113 5.11 123.80 31.94
C VAL RA 113 6.23 124.72 31.43
N LEU RA 114 6.98 125.33 32.36
CA LEU RA 114 8.11 126.19 32.00
C LEU RA 114 9.41 125.81 32.75
N GLU RA 115 9.49 124.61 33.34
CA GLU RA 115 10.37 124.37 34.48
C GLU RA 115 11.46 123.33 34.20
N ASN RA 116 11.88 123.17 32.95
CA ASN RA 116 12.64 121.99 32.55
C ASN RA 116 14.07 121.97 33.09
N ILE RA 117 14.71 123.14 33.21
CA ILE RA 117 16.08 123.15 33.72
C ILE RA 117 16.13 123.09 35.25
N GLU RA 118 15.06 123.49 35.97
CA GLU RA 118 15.13 123.48 37.44
C GLU RA 118 14.98 122.07 38.02
N LEU RA 119 14.04 121.26 37.49
CA LEU RA 119 13.91 119.89 37.96
C LEU RA 119 14.94 118.96 37.34
N ASN RA 120 15.62 119.40 36.28
CA ASN RA 120 16.83 118.72 35.80
C ASN RA 120 17.93 118.74 36.84
N LYS RA 121 18.07 119.87 37.54
CA LYS RA 121 19.15 120.02 38.52
C LYS RA 121 18.90 119.19 39.77
N LYS RA 122 17.71 119.31 40.36
CA LYS RA 122 17.53 118.76 41.71
C LYS RA 122 17.11 117.29 41.64
N SER RA 123 18.13 116.42 41.75
CA SER RA 123 17.97 115.00 41.98
C SER RA 123 19.29 114.46 42.54
N MET RA 124 19.19 113.66 43.60
CA MET RA 124 20.32 112.92 44.12
C MET RA 124 20.10 111.42 44.17
N TYR RA 125 18.91 110.95 43.82
CA TYR RA 125 18.56 109.54 43.84
C TYR RA 125 18.49 108.99 42.42
N SER RA 126 18.45 107.67 42.31
CA SER RA 126 18.46 107.00 41.02
C SER RA 126 17.07 107.06 40.37
N ARG RA 127 17.00 106.58 39.14
CA ARG RA 127 15.81 106.72 38.30
C ARG RA 127 15.07 105.40 38.23
N VAL RA 128 13.75 105.48 38.10
CA VAL RA 128 12.88 104.32 37.99
C VAL RA 128 12.61 104.13 36.50
N PRO RA 129 12.46 102.90 35.99
CA PRO RA 129 12.09 102.73 34.57
C PRO RA 129 10.71 103.27 34.22
N GLU RA 130 9.77 103.28 35.17
CA GLU RA 130 8.49 103.95 34.97
C GLU RA 130 8.66 105.46 34.85
N CYS RA 131 9.59 106.02 35.62
CA CYS RA 131 9.91 107.44 35.55
C CYS RA 131 10.48 107.83 34.19
N GLN RA 132 11.34 106.97 33.61
CA GLN RA 132 12.13 107.36 32.43
C GLN RA 132 11.29 107.47 31.16
N VAL RA 133 10.20 106.71 31.05
CA VAL RA 133 9.37 106.80 29.86
C VAL RA 133 8.47 108.04 29.95
N THR RA 134 8.05 108.43 31.15
CA THR RA 134 7.17 109.58 31.24
C THR RA 134 7.94 110.90 31.13
N THR RA 135 9.22 110.95 31.56
CA THR RA 135 9.84 112.27 31.72
C THR RA 135 10.44 112.79 30.42
N TYR RA 136 10.81 111.93 29.50
CA TYR RA 136 11.23 112.45 28.20
C TYR RA 136 10.01 112.74 27.34
N TYR RA 137 8.95 111.95 27.49
CA TYR RA 137 7.70 112.22 26.79
C TYR RA 137 6.99 113.48 27.33
N TYR RA 138 7.17 113.79 28.62
CA TYR RA 138 6.59 115.04 29.15
C TYR RA 138 7.36 116.27 28.68
N VAL RA 139 8.68 116.28 28.84
CA VAL RA 139 9.45 117.46 28.52
C VAL RA 139 9.72 117.56 27.02
N GLY RA 140 9.66 116.44 26.30
CA GLY RA 140 9.78 116.49 24.84
C GLY RA 140 8.56 117.07 24.17
N PHE RA 141 7.37 116.69 24.63
CA PHE RA 141 6.14 117.35 24.19
C PHE RA 141 6.06 118.79 24.69
N ALA RA 142 6.70 119.08 25.83
CA ALA RA 142 6.86 120.47 26.23
C ALA RA 142 7.78 121.19 25.27
N TYR RA 143 8.86 120.55 24.84
CA TYR RA 143 9.74 121.14 23.85
C TYR RA 143 9.17 121.07 22.45
N LEU RA 144 8.17 120.22 22.21
CA LEU RA 144 7.46 120.24 20.92
C LEU RA 144 6.67 121.52 20.76
N MET RA 145 6.09 122.01 21.85
CA MET RA 145 5.41 123.31 21.83
C MET RA 145 6.37 124.46 22.12
N MET RA 146 7.35 124.26 23.02
CA MET RA 146 8.34 125.31 23.31
C MET RA 146 9.52 125.26 22.35
N ARG RA 147 9.43 124.48 21.27
CA ARG RA 147 10.10 124.69 19.99
C ARG RA 147 11.63 124.62 20.06
N ARG RA 148 12.17 123.85 21.01
CA ARG RA 148 13.58 123.49 20.98
C ARG RA 148 13.74 122.26 20.09
N TYR RA 149 13.66 122.51 18.78
CA TYR RA 149 13.48 121.46 17.78
C TYR RA 149 14.80 120.79 17.39
N GLN RA 150 15.91 121.53 17.52
CA GLN RA 150 17.24 120.97 17.29
C GLN RA 150 17.79 120.25 18.52
N ASP RA 151 17.12 120.36 19.67
CA ASP RA 151 17.31 119.49 20.82
C ASP RA 151 16.19 118.48 20.97
N ALA RA 152 15.10 118.64 20.22
CA ALA RA 152 14.01 117.65 20.20
C ALA RA 152 14.42 116.35 19.54
N ILE RA 153 15.48 116.34 18.74
CA ILE RA 153 16.08 115.07 18.36
C ILE RA 153 16.77 114.44 19.57
N ARG RA 154 17.34 115.25 20.47
CA ARG RA 154 18.04 114.67 21.62
C ARG RA 154 17.09 114.15 22.69
N VAL RA 155 15.95 114.80 22.91
CA VAL RA 155 15.08 114.38 24.01
C VAL RA 155 14.29 113.12 23.63
N PHE RA 156 13.81 113.03 22.40
CA PHE RA 156 13.08 111.84 21.98
C PHE RA 156 13.97 110.69 21.48
N ALA RA 157 15.27 110.90 21.31
CA ALA RA 157 16.15 109.74 21.18
C ALA RA 157 16.44 109.09 22.53
N ASN RA 158 16.43 109.89 23.61
CA ASN RA 158 16.78 109.43 24.96
C ASN RA 158 15.77 108.43 25.51
N ILE RA 159 14.53 108.52 25.08
CA ILE RA 159 13.48 107.64 25.59
C ILE RA 159 13.52 106.28 24.89
N LEU RA 160 14.12 106.21 23.71
CA LEU RA 160 13.98 105.07 22.81
C LEU RA 160 15.12 104.06 22.93
N LEU RA 161 15.77 103.98 24.11
CA LEU RA 161 16.88 103.06 24.37
C LEU RA 161 16.48 101.58 24.24
N TYR RA 162 15.20 101.25 24.38
CA TYR RA 162 14.51 100.05 23.90
C TYR RA 162 14.96 98.73 24.53
N ILE RA 163 15.75 98.75 25.60
CA ILE RA 163 16.22 97.49 26.16
C ILE RA 163 15.32 97.16 27.36
N GLN RA 164 14.38 96.22 27.15
CA GLN RA 164 13.37 96.05 28.18
C GLN RA 164 13.76 95.01 29.23
N ARG RA 165 14.26 93.84 28.79
CA ARG RA 165 14.66 92.68 29.61
C ARG RA 165 13.56 92.23 30.58
N THR RA 166 12.39 91.91 30.00
CA THR RA 166 11.06 92.17 30.57
C THR RA 166 10.82 91.61 31.97
N LYS RA 167 10.10 92.40 32.77
CA LYS RA 167 10.00 92.26 34.22
C LYS RA 167 8.58 91.98 34.68
N SER RA 168 7.76 91.31 33.86
CA SER RA 168 6.36 90.99 34.21
C SER RA 168 6.17 89.48 34.33
N MET RA 169 6.02 88.89 35.55
CA MET RA 169 5.98 89.40 36.96
C MET RA 169 5.03 90.56 37.39
N PHE RA 170 3.72 90.35 37.23
CA PHE RA 170 2.65 91.09 37.90
C PHE RA 170 2.56 92.59 37.57
N GLN RA 171 2.45 92.92 36.26
CA GLN RA 171 1.90 94.18 35.69
C GLN RA 171 2.62 95.45 36.17
N ARG RA 172 3.94 95.45 36.05
CA ARG RA 172 4.76 96.48 36.68
C ARG RA 172 5.08 97.65 35.75
N THR RA 173 4.23 97.92 34.76
CA THR RA 173 4.52 99.07 33.88
C THR RA 173 3.93 100.41 34.35
N THR RA 174 2.66 100.58 34.79
CA THR RA 174 1.44 99.74 34.76
C THR RA 174 0.52 100.12 33.60
N TYR RA 175 0.30 99.12 32.73
CA TYR RA 175 -0.46 99.15 31.47
C TYR RA 175 0.16 100.07 30.41
N LYS RA 176 1.39 100.57 30.61
CA LYS RA 176 1.82 101.77 29.90
C LYS RA 176 3.10 101.63 29.09
N TYR RA 177 3.58 100.41 28.82
CA TYR RA 177 4.76 100.37 27.94
C TYR RA 177 4.36 100.49 26.47
N GLU RA 178 3.43 99.65 26.01
CA GLU RA 178 3.13 99.53 24.60
C GLU RA 178 2.36 100.72 24.05
N MET RA 179 1.53 101.35 24.88
CA MET RA 179 0.81 102.54 24.46
C MET RA 179 1.76 103.74 24.36
N ILE RA 180 2.62 103.94 25.36
CA ILE RA 180 3.48 105.12 25.36
C ILE RA 180 4.71 104.94 24.44
N ASN RA 181 5.18 103.71 24.21
CA ASN RA 181 6.21 103.51 23.18
C ASN RA 181 5.66 103.71 21.78
N LYS RA 182 4.35 103.43 21.59
CA LYS RA 182 3.66 103.88 20.39
C LYS RA 182 3.60 105.41 20.33
N GLN RA 183 3.45 106.07 21.49
CA GLN RA 183 3.30 107.53 21.51
C GLN RA 183 4.61 108.24 21.16
N ASN RA 184 5.71 107.83 21.78
CA ASN RA 184 6.93 108.63 21.69
C ASN RA 184 7.64 108.47 20.36
N GLU RA 185 7.52 107.32 19.69
CA GLU RA 185 8.01 107.25 18.33
C GLU RA 185 7.11 108.00 17.35
N GLN RA 186 5.83 108.22 17.71
CA GLN RA 186 4.90 108.81 16.76
C GLN RA 186 5.16 110.31 16.62
N MET RA 187 5.33 111.00 17.76
CA MET RA 187 5.71 112.41 17.73
C MET RA 187 7.15 112.60 17.25
N HIS RA 188 7.98 111.56 17.42
CA HIS RA 188 9.31 111.51 16.80
C HIS RA 188 9.20 111.43 15.30
N ALA RA 189 8.29 110.59 14.81
CA ALA RA 189 8.03 110.57 13.38
C ALA RA 189 7.26 111.81 12.96
N LEU RA 190 6.42 112.35 13.86
CA LEU RA 190 5.79 113.63 13.58
C LEU RA 190 6.76 114.79 13.73
N LEU RA 191 7.90 114.60 14.38
CA LEU RA 191 8.98 115.57 14.26
C LEU RA 191 9.58 115.52 12.86
N ALA RA 192 9.71 114.31 12.29
CA ALA RA 192 10.18 114.17 10.91
C ALA RA 192 9.12 114.58 9.90
N ILE RA 193 7.85 114.60 10.30
CA ILE RA 193 6.78 115.19 9.51
C ILE RA 193 6.79 116.73 9.61
N ALA RA 194 7.09 117.29 10.78
CA ALA RA 194 7.00 118.75 10.93
C ALA RA 194 8.28 119.44 10.49
N LEU RA 195 9.43 118.89 10.87
CA LEU RA 195 10.74 119.53 10.78
C LEU RA 195 11.57 118.95 9.62
N THR RA 196 10.88 118.58 8.52
CA THR RA 196 11.44 117.90 7.34
C THR RA 196 12.78 118.46 6.82
N MET RA 197 13.74 117.58 6.58
CA MET RA 197 13.78 116.18 7.04
C MET RA 197 14.91 115.82 8.04
N TYR RA 198 15.35 116.78 8.90
CA TYR RA 198 16.53 116.69 9.79
C TYR RA 198 16.68 115.43 10.67
N PRO RA 199 15.63 114.77 11.22
CA PRO RA 199 15.86 113.40 11.70
C PRO RA 199 15.58 112.32 10.64
N MET RA 200 16.39 111.27 10.36
CA MET RA 200 17.79 110.88 10.72
C MET RA 200 18.01 110.60 12.24
N ARG RA 201 16.92 110.47 13.00
CA ARG RA 201 16.98 109.80 14.27
C ARG RA 201 16.06 108.58 14.36
N ILE RA 202 15.02 108.51 13.52
CA ILE RA 202 14.18 107.32 13.39
C ILE RA 202 14.66 106.40 12.28
N ASP RA 203 15.57 106.87 11.41
CA ASP RA 203 16.08 106.04 10.32
C ASP RA 203 17.03 104.96 10.81
N GLU RA 204 17.83 105.26 11.82
CA GLU RA 204 18.74 104.30 12.39
C GLU RA 204 18.15 103.54 13.57
N SER RA 205 16.95 103.89 14.01
CA SER RA 205 16.31 103.20 15.13
C SER RA 205 15.40 102.05 14.72
N ILE RA 206 14.54 102.25 13.72
CA ILE RA 206 13.42 101.37 13.47
C ILE RA 206 13.37 101.09 11.96
N HIS RA 207 12.52 100.14 11.56
CA HIS RA 207 12.41 99.64 10.21
C HIS RA 207 11.78 100.68 9.28
N LEU RA 208 11.76 100.36 7.98
CA LEU RA 208 11.34 101.31 6.96
C LEU RA 208 9.89 101.10 6.52
N GLN RA 209 9.25 100.00 6.92
CA GLN RA 209 7.84 99.81 6.60
C GLN RA 209 6.94 100.71 7.43
N LEU RA 210 7.30 100.97 8.70
CA LEU RA 210 6.52 101.90 9.50
C LEU RA 210 6.77 103.34 9.08
N ARG RA 211 8.01 103.66 8.70
CA ARG RA 211 8.38 105.02 8.32
C ARG RA 211 7.78 105.43 6.97
N GLU RA 212 7.29 104.47 6.19
CA GLU RA 212 6.51 104.80 5.01
C GLU RA 212 5.03 105.03 5.30
N LYS RA 213 4.53 104.60 6.48
CA LYS RA 213 3.16 104.93 6.82
C LYS RA 213 3.02 106.41 7.17
N TYR RA 214 4.04 106.98 7.83
CA TYR RA 214 4.14 108.43 7.95
C TYR RA 214 4.68 109.02 6.67
N GLY RA 215 5.34 108.19 5.85
CA GLY RA 215 5.88 108.62 4.57
C GLY RA 215 4.81 108.99 3.57
N ASP RA 216 3.64 108.36 3.68
CA ASP RA 216 2.48 108.87 2.96
C ASP RA 216 2.04 110.24 3.49
N LYS RA 217 2.18 110.47 4.80
CA LYS RA 217 1.74 111.74 5.39
C LYS RA 217 2.68 112.89 5.04
N MET RA 218 4.00 112.67 5.12
CA MET RA 218 4.93 113.78 5.02
C MET RA 218 5.13 114.29 3.59
N LEU RA 219 4.75 113.51 2.58
CA LEU RA 219 4.77 114.04 1.23
C LEU RA 219 3.51 114.82 0.91
N ARG RA 220 2.48 114.70 1.74
CA ARG RA 220 1.35 115.62 1.61
C ARG RA 220 1.70 117.03 2.09
N MET RA 221 2.76 117.18 2.91
CA MET RA 221 3.09 118.47 3.54
C MET RA 221 3.59 119.48 2.53
N GLN RA 222 4.23 118.99 1.47
CA GLN RA 222 5.27 119.75 0.77
C GLN RA 222 4.71 120.90 -0.06
N LYS RA 223 3.87 120.61 -1.06
CA LYS RA 223 3.26 121.71 -1.78
C LYS RA 223 1.81 122.05 -1.38
N GLY RA 224 0.93 121.06 -1.26
CA GLY RA 224 -0.46 121.33 -1.58
C GLY RA 224 -1.69 121.13 -0.69
N ASP RA 225 -1.58 120.55 0.50
CA ASP RA 225 -2.78 119.91 1.02
C ASP RA 225 -3.22 120.48 2.37
N PRO RA 226 -4.52 120.65 2.58
CA PRO RA 226 -4.99 121.25 3.85
C PRO RA 226 -5.09 120.28 5.02
N GLN RA 227 -5.07 118.97 4.79
CA GLN RA 227 -5.19 118.02 5.90
C GLN RA 227 -3.89 117.84 6.69
N VAL RA 228 -2.79 118.45 6.24
CA VAL RA 228 -1.47 118.23 6.83
C VAL RA 228 -1.34 118.98 8.15
N TYR RA 229 -2.12 120.05 8.32
CA TYR RA 229 -2.32 120.66 9.62
C TYR RA 229 -3.23 119.79 10.48
N GLU RA 230 -4.17 119.10 9.83
CA GLU RA 230 -5.18 118.28 10.50
C GLU RA 230 -4.68 116.89 10.88
N GLU RA 231 -3.82 116.28 10.06
CA GLU RA 231 -3.25 114.99 10.44
C GLU RA 231 -2.21 115.16 11.53
N LEU RA 232 -1.55 116.32 11.59
CA LEU RA 232 -0.63 116.61 12.67
C LEU RA 232 -1.40 116.83 13.97
N PHE RA 233 -2.57 117.49 13.89
CA PHE RA 233 -3.37 117.82 15.06
C PHE RA 233 -4.20 116.63 15.59
N SER RA 234 -4.80 115.83 14.71
CA SER RA 234 -5.72 114.79 15.16
C SER RA 234 -5.00 113.53 15.64
N TYR RA 235 -3.76 113.32 15.23
CA TYR RA 235 -2.97 112.23 15.77
C TYR RA 235 -2.25 112.60 17.06
N SER RA 236 -2.15 113.91 17.34
CA SER RA 236 -1.82 114.40 18.67
C SER RA 236 -3.04 114.49 19.59
N CYS RA 237 -4.25 114.33 19.07
CA CYS RA 237 -5.47 114.57 19.85
C CYS RA 237 -5.72 113.66 21.05
N PRO RA 238 -5.38 112.36 21.07
CA PRO RA 238 -5.37 111.65 22.36
C PRO RA 238 -4.16 111.92 23.24
N LYS RA 239 -3.22 112.76 22.78
CA LYS RA 239 -1.97 113.00 23.48
C LYS RA 239 -1.90 114.38 24.14
N PHE RA 240 -2.88 115.25 23.92
CA PHE RA 240 -2.81 116.59 24.50
C PHE RA 240 -3.16 116.57 25.99
N LEU RA 241 -4.34 116.05 26.34
CA LEU RA 241 -4.76 115.91 27.73
C LEU RA 241 -4.99 114.45 28.15
N SER RA 242 -5.24 113.55 27.21
CA SER RA 242 -5.65 112.14 27.36
C SER RA 242 -6.81 111.91 28.34
N PRO RA 243 -8.04 112.36 28.05
CA PRO RA 243 -9.15 112.08 28.98
C PRO RA 243 -9.66 110.65 28.85
N VAL RA 244 -10.00 110.04 29.98
CA VAL RA 244 -10.30 108.60 30.01
C VAL RA 244 -11.80 108.29 30.04
N VAL RA 245 -12.57 108.87 30.96
CA VAL RA 245 -13.97 108.42 31.09
C VAL RA 245 -14.92 109.54 31.49
N PRO RA 246 -16.04 109.71 30.76
CA PRO RA 246 -17.21 110.40 31.32
C PRO RA 246 -18.10 109.45 32.10
N ASN RA 247 -18.64 109.96 33.21
CA ASN RA 247 -19.63 109.22 33.98
C ASN RA 247 -21.06 109.67 33.70
N TYR RA 248 -21.23 110.93 33.28
CA TYR RA 248 -22.54 111.51 33.01
C TYR RA 248 -22.48 112.20 31.67
N ASP RA 249 -23.26 111.72 30.71
CA ASP RA 249 -23.29 112.35 29.39
C ASP RA 249 -24.68 112.93 29.17
N ASN RA 250 -24.79 114.25 29.39
CA ASN RA 250 -26.01 115.01 29.15
C ASN RA 250 -25.67 116.22 28.29
N VAL RA 251 -26.30 116.31 27.12
CA VAL RA 251 -25.89 117.24 26.07
C VAL RA 251 -26.85 118.42 25.91
N HIS RA 252 -27.86 118.57 26.81
CA HIS RA 252 -28.89 119.59 26.59
C HIS RA 252 -28.36 121.02 26.76
N PRO RA 253 -27.84 121.44 27.91
CA PRO RA 253 -26.48 121.98 27.92
C PRO RA 253 -25.49 120.85 28.13
N ASN RA 254 -24.38 120.88 27.38
CA ASN RA 254 -23.37 119.82 27.47
C ASN RA 254 -22.66 119.82 28.84
N TYR RA 255 -22.00 120.94 29.18
CA TYR RA 255 -21.27 121.23 30.42
C TYR RA 255 -20.04 120.32 30.61
N HIS RA 256 -19.61 119.62 29.56
CA HIS RA 256 -18.31 118.96 29.48
C HIS RA 256 -17.46 119.51 28.35
N LYS RA 257 -18.07 120.17 27.35
CA LYS RA 257 -17.31 120.72 26.24
C LYS RA 257 -16.79 122.13 26.52
N GLU RA 258 -17.21 122.75 27.62
CA GLU RA 258 -16.57 124.01 28.02
C GLU RA 258 -15.14 123.80 28.52
N PRO RA 259 -14.76 122.71 29.22
CA PRO RA 259 -13.32 122.42 29.31
C PRO RA 259 -12.70 121.92 28.02
N PHE RA 260 -13.48 121.43 27.05
CA PHE RA 260 -12.86 121.05 25.77
C PHE RA 260 -12.54 122.27 24.91
N LEU RA 261 -13.36 123.33 24.99
CA LEU RA 261 -12.98 124.56 24.32
C LEU RA 261 -11.84 125.31 25.02
N GLN RA 262 -11.56 124.97 26.29
CA GLN RA 262 -10.38 125.49 26.98
C GLN RA 262 -9.09 125.06 26.27
N GLN RA 263 -8.89 123.75 26.14
CA GLN RA 263 -7.66 123.27 25.51
C GLN RA 263 -7.74 123.20 23.98
N LEU RA 264 -8.77 122.54 23.43
CA LEU RA 264 -8.62 121.91 22.12
C LEU RA 264 -8.77 122.87 20.94
N LYS RA 265 -9.68 123.84 21.02
CA LYS RA 265 -9.89 124.74 19.90
C LYS RA 265 -8.74 125.74 19.76
N VAL RA 266 -8.15 126.17 20.86
CA VAL RA 266 -7.02 127.10 20.78
C VAL RA 266 -5.70 126.34 20.55
N PHE RA 267 -5.66 125.04 20.83
CA PHE RA 267 -4.48 124.24 20.51
C PHE RA 267 -4.42 123.83 19.04
N SER RA 268 -5.52 123.96 18.30
CA SER RA 268 -5.53 123.48 16.92
C SER RA 268 -5.04 124.52 15.93
N ASP RA 269 -5.27 125.80 16.23
CA ASP RA 269 -4.84 126.90 15.36
C ASP RA 269 -3.33 127.04 15.30
N GLU RA 270 -2.62 126.61 16.35
CA GLU RA 270 -1.17 126.56 16.27
C GLU RA 270 -0.65 125.35 15.51
N VAL RA 271 -1.50 124.37 15.21
CA VAL RA 271 -1.04 123.27 14.38
C VAL RA 271 -1.13 123.67 12.89
N GLN RA 272 -1.94 124.67 12.55
CA GLN RA 272 -1.82 125.35 11.27
C GLN RA 272 -0.47 126.06 11.15
N GLN RA 273 0.04 126.60 12.25
CA GLN RA 273 1.35 127.27 12.25
C GLN RA 273 2.50 126.29 12.12
N GLN RA 274 2.30 124.99 12.43
CA GLN RA 274 3.42 124.03 12.47
C GLN RA 274 3.93 123.71 11.08
N ALA RA 275 3.03 123.47 10.13
CA ALA RA 275 3.44 123.18 8.76
C ALA RA 275 3.68 124.44 7.93
N GLN RA 276 3.63 125.62 8.53
CA GLN RA 276 4.00 126.84 7.81
C GLN RA 276 5.50 126.87 7.55
N LEU RA 277 6.29 126.44 8.53
CA LEU RA 277 7.73 126.23 8.37
C LEU RA 277 8.02 125.15 7.35
N SER RA 278 7.16 124.14 7.24
CA SER RA 278 7.29 123.14 6.19
C SER RA 278 6.99 123.71 4.80
N THR RA 279 6.24 124.81 4.72
CA THR RA 279 6.11 125.57 3.48
C THR RA 279 7.25 126.59 3.29
N ILE RA 280 7.96 126.96 4.36
CA ILE RA 280 9.25 127.62 4.20
C ILE RA 280 10.27 126.61 3.68
N ARG RA 281 10.19 125.37 4.20
CA ARG RA 281 11.05 124.25 3.83
C ARG RA 281 10.46 123.43 2.69
N SER RA 282 9.51 124.01 1.94
CA SER RA 282 8.94 123.45 0.73
C SER RA 282 9.82 123.64 -0.49
N PHE RA 283 11.01 124.22 -0.34
CA PHE RA 283 12.08 123.96 -1.27
C PHE RA 283 13.21 123.33 -0.47
N LEU RA 284 13.40 122.05 -0.68
CA LEU RA 284 14.60 121.40 -0.22
C LEU RA 284 15.70 121.81 -1.18
N LYS RA 285 16.92 121.95 -0.68
CA LYS RA 285 17.96 122.59 -1.48
C LYS RA 285 18.46 121.64 -2.57
N LEU RA 286 18.04 121.96 -3.78
CA LEU RA 286 18.40 121.32 -5.02
C LEU RA 286 19.20 122.28 -5.90
N TYR RA 287 18.97 123.58 -5.73
CA TYR RA 287 19.75 124.64 -6.37
C TYR RA 287 20.08 125.64 -5.27
N THR RA 288 21.33 125.63 -4.80
CA THR RA 288 21.69 126.42 -3.62
C THR RA 288 22.83 127.41 -3.84
N THR RA 289 23.33 127.50 -5.06
CA THR RA 289 24.37 128.46 -5.43
C THR RA 289 23.92 129.18 -6.69
N MET RA 290 23.73 130.49 -6.58
CA MET RA 290 23.09 131.27 -7.63
C MET RA 290 23.78 132.62 -7.79
N PRO RA 291 23.66 133.22 -8.97
CA PRO RA 291 23.86 134.66 -9.13
C PRO RA 291 22.63 135.44 -8.68
N VAL RA 292 22.74 136.78 -8.75
CA VAL RA 292 21.62 137.68 -8.47
C VAL RA 292 20.53 137.58 -9.55
N ALA RA 293 20.88 137.10 -10.75
CA ALA RA 293 19.87 136.79 -11.76
C ALA RA 293 19.03 135.58 -11.39
N LYS RA 294 19.62 134.61 -10.72
CA LYS RA 294 18.91 133.38 -10.34
C LYS RA 294 18.32 133.42 -8.93
N LEU RA 295 18.53 134.49 -8.15
CA LEU RA 295 17.64 134.77 -7.02
C LEU RA 295 16.31 135.33 -7.53
N ALA RA 296 16.36 136.28 -8.46
CA ALA RA 296 15.17 136.70 -9.16
C ALA RA 296 14.71 135.63 -10.16
N GLY RA 297 15.63 134.81 -10.66
CA GLY RA 297 15.25 133.57 -11.32
C GLY RA 297 14.60 132.56 -10.41
N PHE RA 298 14.94 132.60 -9.11
CA PHE RA 298 14.18 131.81 -8.13
C PHE RA 298 12.87 132.49 -7.74
N LEU RA 299 12.77 133.81 -7.91
CA LEU RA 299 11.54 134.52 -7.57
C LEU RA 299 10.39 134.14 -8.52
N ASP RA 300 10.66 134.11 -9.83
CA ASP RA 300 9.59 133.69 -10.74
C ASP RA 300 9.44 132.18 -10.88
N LEU RA 301 10.46 131.39 -10.51
CA LEU RA 301 10.32 129.94 -10.62
C LEU RA 301 9.51 129.38 -9.46
N THR RA 302 9.54 130.03 -8.29
CA THR RA 302 8.74 129.56 -7.16
C THR RA 302 7.27 129.84 -7.36
N GLU RA 303 6.94 131.11 -7.65
CA GLU RA 303 5.57 131.52 -7.92
C GLU RA 303 5.59 132.73 -8.87
N GLN RA 304 4.40 133.10 -9.31
CA GLN RA 304 4.11 134.33 -10.05
C GLN RA 304 4.01 135.50 -9.08
N GLU RA 305 3.74 136.69 -9.65
CA GLU RA 305 3.82 138.01 -9.01
C GLU RA 305 5.24 138.22 -8.47
N PHE RA 306 6.18 138.12 -9.41
CA PHE RA 306 7.62 137.98 -9.15
C PHE RA 306 8.31 139.28 -8.79
N ARG RA 307 7.71 140.42 -9.07
CA ARG RA 307 8.36 141.70 -8.80
C ARG RA 307 7.27 142.68 -8.36
N ILE RA 308 7.25 143.08 -7.07
CA ILE RA 308 8.13 142.62 -5.98
C ILE RA 308 7.56 141.34 -5.34
N GLN RA 309 8.30 140.23 -5.44
CA GLN RA 309 7.99 139.04 -4.67
C GLN RA 309 8.82 138.95 -3.41
N LEU RA 310 9.83 139.82 -3.26
CA LEU RA 310 10.73 139.83 -2.11
C LEU RA 310 10.02 140.24 -0.82
N LEU RA 311 8.88 140.93 -0.93
CA LEU RA 311 8.03 141.16 0.23
C LEU RA 311 7.37 139.88 0.70
N VAL RA 312 7.11 138.94 -0.21
CA VAL RA 312 6.58 137.63 0.19
C VAL RA 312 7.59 136.50 0.02
N PHE RA 313 8.75 136.74 -0.63
CA PHE RA 313 9.84 135.78 -0.59
C PHE RA 313 10.53 135.78 0.76
N LYS RA 314 10.59 136.94 1.41
CA LYS RA 314 11.02 136.99 2.80
C LYS RA 314 9.99 136.31 3.69
N HIS RA 315 8.71 136.40 3.33
CA HIS RA 315 7.69 135.60 3.99
C HIS RA 315 7.82 134.13 3.64
N LYS RA 316 8.41 133.82 2.50
CA LYS RA 316 8.65 132.43 2.08
C LYS RA 316 9.96 131.89 2.66
N MET RA 317 10.82 132.72 3.27
CA MET RA 317 12.11 132.22 3.71
C MET RA 317 12.50 132.39 5.18
N LYS RA 318 11.67 132.95 6.06
CA LYS RA 318 12.24 133.47 7.32
C LYS RA 318 11.66 132.93 8.63
N ASN RA 319 11.09 131.70 8.70
CA ASN RA 319 10.24 131.38 9.87
C ASN RA 319 11.00 131.18 11.19
N LEU RA 320 11.90 130.18 11.30
CA LEU RA 320 12.93 130.27 12.33
C LEU RA 320 14.39 130.21 11.86
N VAL RA 321 14.71 129.50 10.76
CA VAL RA 321 15.97 128.78 10.70
C VAL RA 321 16.90 129.21 9.57
N TRP RA 322 16.43 129.91 8.54
CA TRP RA 322 17.11 129.84 7.24
C TRP RA 322 18.29 130.80 7.15
N THR RA 323 19.48 130.24 6.87
CA THR RA 323 20.76 130.94 6.93
C THR RA 323 21.52 130.91 5.59
N SER RA 324 21.58 132.07 4.93
CA SER RA 324 22.51 132.35 3.84
C SER RA 324 22.68 133.85 3.68
N GLY RA 325 23.91 134.31 3.53
CA GLY RA 325 24.15 135.70 3.20
C GLY RA 325 24.15 135.93 1.70
N ILE RA 326 23.44 136.98 1.25
CA ILE RA 326 23.21 137.25 -0.17
C ILE RA 326 24.22 138.29 -0.65
N SER RA 327 24.77 138.10 -1.85
CA SER RA 327 25.57 139.18 -2.42
C SER RA 327 24.77 140.08 -3.34
N ALA RA 328 25.28 141.29 -3.55
CA ALA RA 328 24.65 142.27 -4.40
C ALA RA 328 25.49 142.67 -5.59
N LEU RA 329 26.80 142.50 -5.52
CA LEU RA 329 27.72 142.79 -6.63
C LEU RA 329 27.81 141.64 -7.61
N ASP RA 330 28.03 140.42 -7.10
CA ASP RA 330 28.07 139.23 -7.93
C ASP RA 330 26.94 138.25 -7.63
N GLY RA 331 26.26 138.41 -6.50
CA GLY RA 331 24.98 137.76 -6.31
C GLY RA 331 25.02 136.36 -5.74
N GLU RA 332 26.09 135.99 -5.05
CA GLU RA 332 26.31 134.65 -4.54
C GLU RA 332 25.47 134.41 -3.29
N PHE RA 333 24.58 133.43 -3.35
CA PHE RA 333 23.94 132.86 -2.18
C PHE RA 333 24.90 131.88 -1.51
N GLN RA 334 24.49 131.30 -0.39
CA GLN RA 334 25.37 130.38 0.30
C GLN RA 334 24.70 129.02 0.39
N SER RA 335 25.47 128.00 0.74
CA SER RA 335 25.04 126.62 0.72
C SER RA 335 25.46 125.92 2.00
N ALA RA 336 24.48 125.32 2.69
CA ALA RA 336 24.64 124.70 4.00
C ALA RA 336 24.40 123.20 3.86
N SER RA 337 25.39 122.41 4.29
CA SER RA 337 25.50 121.00 3.99
C SER RA 337 24.43 120.18 4.68
N GLU RA 338 23.73 119.36 3.89
CA GLU RA 338 23.04 118.17 4.36
C GLU RA 338 24.01 117.01 4.18
N VAL RA 339 24.65 116.62 5.28
CA VAL RA 339 25.84 115.78 5.28
C VAL RA 339 25.53 114.52 6.08
N ASP RA 340 26.03 113.37 5.61
CA ASP RA 340 25.73 112.08 6.23
C ASP RA 340 26.43 111.96 7.59
N PHE RA 341 25.81 111.21 8.49
CA PHE RA 341 26.42 110.72 9.72
C PHE RA 341 26.70 109.24 9.56
N TYR RA 342 27.50 108.66 10.45
CA TYR RA 342 27.96 107.30 10.17
C TYR RA 342 27.71 106.39 11.37
N ILE RA 343 27.95 105.10 11.13
CA ILE RA 343 27.25 104.02 11.81
C ILE RA 343 27.85 103.88 13.20
N ASP RA 344 27.08 104.35 14.18
CA ASP RA 344 27.43 104.21 15.58
C ASP RA 344 26.69 103.06 16.23
N LYS RA 345 25.65 102.54 15.57
CA LYS RA 345 24.91 101.40 16.08
C LYS RA 345 25.62 100.08 15.82
N ASP RA 346 26.78 100.04 15.15
CA ASP RA 346 27.62 98.86 15.25
C ASP RA 346 28.21 98.72 16.64
N MET RA 347 28.61 99.83 17.27
CA MET RA 347 29.06 99.79 18.66
C MET RA 347 27.93 99.36 19.59
N ILE RA 348 26.76 100.00 19.45
CA ILE RA 348 25.64 99.86 20.37
C ILE RA 348 25.03 98.46 20.29
N HIS RA 349 25.08 97.86 19.11
CA HIS RA 349 24.53 96.52 18.99
C HIS RA 349 25.45 95.44 19.53
N ILE RA 350 26.75 95.74 19.73
CA ILE RA 350 27.56 94.86 20.57
C ILE RA 350 27.04 94.90 22.00
N ALA RA 351 26.79 96.12 22.51
CA ALA RA 351 26.26 96.31 23.85
C ALA RA 351 24.82 95.84 23.97
N ASP RA 352 24.08 95.77 22.85
CA ASP RA 352 22.77 95.13 22.85
C ASP RA 352 22.87 93.63 23.11
N THR RA 353 23.74 92.96 22.36
CA THR RA 353 23.82 91.50 22.50
C THR RA 353 24.67 91.06 23.69
N LYS RA 354 25.65 91.86 24.13
CA LYS RA 354 26.47 91.47 25.27
C LYS RA 354 25.71 91.58 26.58
N VAL RA 355 24.73 92.51 26.66
CA VAL RA 355 23.86 92.49 27.83
C VAL RA 355 22.86 91.34 27.70
N ALA RA 356 22.51 90.93 26.48
CA ALA RA 356 21.54 89.85 26.33
C ALA RA 356 22.18 88.48 26.51
N ARG RA 357 23.44 88.34 26.10
CA ARG RA 357 24.16 87.08 26.26
C ARG RA 357 24.46 86.81 27.72
N ARG RA 358 24.85 87.85 28.47
CA ARG RA 358 25.02 87.68 29.90
C ARG RA 358 23.68 87.47 30.63
N TYR RA 359 22.57 88.10 30.18
CA TYR RA 359 21.34 88.05 30.97
C TYR RA 359 20.53 86.80 30.67
N GLY RA 360 20.54 86.37 29.41
CA GLY RA 360 20.03 85.04 29.09
C GLY RA 360 20.82 83.94 29.79
N ASP RA 361 22.13 84.15 29.97
CA ASP RA 361 22.89 83.34 30.92
C ASP RA 361 22.65 83.72 32.38
N PHE RA 362 22.25 84.97 32.72
CA PHE RA 362 22.04 85.31 34.14
C PHE RA 362 20.75 84.73 34.68
N PHE RA 363 19.65 84.91 33.95
CA PHE RA 363 18.35 84.43 34.42
C PHE RA 363 18.29 82.90 34.40
N ILE RA 364 18.84 82.27 33.39
CA ILE RA 364 18.69 80.82 33.24
C ILE RA 364 19.81 80.05 33.94
N ARG RA 365 20.84 80.71 34.52
CA ARG RA 365 21.73 79.96 35.41
C ARG RA 365 21.08 79.68 36.76
N GLN RA 366 20.16 80.55 37.17
CA GLN RA 366 19.28 80.27 38.29
C GLN RA 366 18.35 79.11 37.98
N ILE RA 367 17.93 78.98 36.72
CA ILE RA 367 17.04 77.90 36.28
C ILE RA 367 17.74 76.55 36.42
N HIS RA 368 19.04 76.52 36.14
CA HIS RA 368 19.84 75.31 36.34
C HIS RA 368 20.01 74.95 37.82
N LYS RA 369 19.78 75.91 38.73
CA LYS RA 369 19.71 75.63 40.16
C LYS RA 369 18.31 75.79 40.74
N PHE RA 370 17.30 76.03 39.91
CA PHE RA 370 15.91 76.05 40.39
C PHE RA 370 15.27 74.69 40.28
N GLU RA 371 15.46 74.02 39.14
CA GLU RA 371 14.80 72.76 38.84
C GLU RA 371 15.76 71.59 38.85
N GLU RA 372 17.06 71.84 38.87
CA GLU RA 372 18.05 70.77 38.98
C GLU RA 372 19.04 71.05 40.12
N GLU SA 1 105.39 67.57 26.49
CA GLU SA 1 106.57 67.54 27.34
C GLU SA 1 107.86 67.63 26.52
N GLU SA 2 108.99 67.35 27.16
CA GLU SA 2 110.29 67.53 26.52
C GLU SA 2 110.64 66.41 25.55
N ASP SA 3 110.05 65.23 25.70
CA ASP SA 3 110.47 64.06 24.92
C ASP SA 3 109.95 64.10 23.48
N GLN SA 4 108.87 64.85 23.22
CA GLN SA 4 108.35 64.99 21.86
C GLN SA 4 109.31 65.77 20.97
N ALA SA 5 110.05 66.73 21.56
CA ALA SA 5 111.10 67.46 20.85
C ALA SA 5 112.31 66.58 20.51
N ALA SA 6 112.57 65.55 21.33
CA ALA SA 6 113.72 64.68 21.10
C ALA SA 6 113.55 63.82 19.86
N GLU SA 7 112.36 63.24 19.68
CA GLU SA 7 112.03 62.54 18.44
C GLU SA 7 111.73 63.50 17.30
N LEU SA 8 111.47 64.79 17.59
CA LEU SA 8 111.44 65.80 16.54
C LEU SA 8 112.85 66.21 16.14
N ARG SA 9 113.83 66.11 17.04
CA ARG SA 9 115.24 66.24 16.62
C ARG SA 9 115.68 65.08 15.73
N ALA SA 10 115.22 63.86 16.05
CA ALA SA 10 115.47 62.68 15.22
C ALA SA 10 114.75 62.76 13.89
N TYR SA 11 113.62 63.46 13.87
CA TYR SA 11 112.87 63.65 12.64
C TYR SA 11 113.55 64.64 11.71
N LEU SA 12 114.35 65.57 12.25
CA LEU SA 12 114.88 66.67 11.45
C LEU SA 12 116.39 66.65 11.22
N LYS SA 13 117.17 65.95 12.03
CA LYS SA 13 118.55 65.66 11.63
C LYS SA 13 118.55 64.70 10.44
N SER SA 14 117.70 63.68 10.49
CA SER SA 14 117.67 62.59 9.52
C SER SA 14 116.94 62.96 8.24
N LYS SA 15 116.34 64.14 8.15
CA LYS SA 15 115.61 64.56 6.96
C LYS SA 15 116.27 65.67 6.17
N GLY SA 16 117.03 66.55 6.82
CA GLY SA 16 117.61 67.69 6.13
C GLY SA 16 118.65 68.42 6.94
N LEU SA 28 115.78 73.86 27.05
CA LEU SA 28 115.23 73.29 25.82
C LEU SA 28 114.50 74.32 24.96
N HIS SA 29 114.47 75.57 25.44
CA HIS SA 29 113.87 76.65 24.67
C HIS SA 29 114.75 77.02 23.48
N VAL SA 30 116.06 76.93 23.65
CA VAL SA 30 116.97 76.97 22.49
C VAL SA 30 116.79 75.72 21.63
N ASP SA 31 116.51 74.56 22.25
CA ASP SA 31 116.26 73.33 21.50
C ASP SA 31 114.91 73.37 20.79
N LEU SA 32 113.94 74.07 21.34
CA LEU SA 32 112.71 74.30 20.60
C LEU SA 32 112.93 75.30 19.46
N ALA SA 33 113.71 76.36 19.71
CA ALA SA 33 114.05 77.31 18.64
C ALA SA 33 115.01 76.70 17.61
N GLN SA 34 115.81 75.70 18.00
CA GLN SA 34 116.64 75.00 17.03
C GLN SA 34 115.81 74.10 16.14
N ILE SA 35 114.77 73.50 16.70
CA ILE SA 35 113.96 72.61 15.90
C ILE SA 35 112.93 73.38 15.09
N ILE SA 36 112.70 74.64 15.45
CA ILE SA 36 112.13 75.63 14.54
C ILE SA 36 113.06 75.81 13.34
N GLU SA 37 114.37 75.92 13.60
CA GLU SA 37 115.37 76.20 12.58
C GLU SA 37 115.64 75.02 11.65
N ALA SA 38 115.08 73.84 11.89
CA ALA SA 38 115.41 72.70 11.03
C ALA SA 38 114.36 72.36 9.97
N CYS SA 39 113.06 72.62 10.20
CA CYS SA 39 112.01 71.98 9.40
C CYS SA 39 111.61 72.76 8.16
N ASP SA 40 111.43 74.07 8.27
CA ASP SA 40 110.95 74.86 7.15
C ASP SA 40 112.04 75.17 6.16
N VAL SA 41 113.30 75.01 6.54
CA VAL SA 41 114.36 75.05 5.56
C VAL SA 41 114.41 73.75 4.74
N CYS SA 42 113.85 72.65 5.26
CA CYS SA 42 113.56 71.49 4.42
C CYS SA 42 112.20 71.63 3.74
N LEU SA 43 111.17 71.96 4.51
CA LEU SA 43 109.79 71.86 4.04
C LEU SA 43 109.14 73.19 3.66
N VAL SA 50 103.63 64.87 8.77
CA VAL SA 50 103.42 65.71 7.61
C VAL SA 50 102.66 66.97 8.06
N GLU SA 51 101.67 66.79 8.95
CA GLU SA 51 101.00 67.92 9.58
C GLU SA 51 101.20 67.98 11.09
N SER SA 52 101.47 66.85 11.75
CA SER SA 52 101.77 66.88 13.18
C SER SA 52 103.18 67.36 13.43
N VAL SA 53 104.03 67.31 12.42
CA VAL SA 53 105.39 67.86 12.51
C VAL SA 53 105.31 69.39 12.64
N MET SA 54 104.26 69.99 12.08
CA MET SA 54 103.92 71.37 12.40
C MET SA 54 102.99 71.48 13.61
N ASN SA 55 102.09 70.52 13.83
CA ASN SA 55 101.09 70.70 14.88
C ASN SA 55 101.51 70.18 16.26
N SER SA 56 102.50 69.28 16.36
CA SER SA 56 103.06 69.03 17.69
C SER SA 56 104.06 70.11 18.08
N VAL SA 57 104.56 70.86 17.09
CA VAL SA 57 105.26 72.11 17.35
C VAL SA 57 104.32 73.09 18.05
N VAL SA 58 103.05 73.13 17.64
CA VAL SA 58 102.00 73.86 18.35
C VAL SA 58 101.79 73.27 19.75
N SER SA 59 101.82 71.95 19.84
CA SER SA 59 101.78 71.29 21.14
C SER SA 59 103.09 71.45 21.91
N LEU SA 60 104.20 71.74 21.22
CA LEU SA 60 105.42 72.11 21.93
C LEU SA 60 105.56 73.62 22.19
N LEU SA 61 104.97 74.49 21.36
CA LEU SA 61 105.13 75.94 21.53
C LEU SA 61 104.38 76.44 22.75
N LEU SA 62 103.07 76.17 22.81
CA LEU SA 62 102.19 76.87 23.72
C LEU SA 62 102.17 76.30 25.12
N ILE SA 63 102.94 75.25 25.40
CA ILE SA 63 102.91 74.65 26.73
C ILE SA 63 103.84 75.32 27.73
N LEU SA 64 104.79 76.12 27.26
CA LEU SA 64 105.87 76.61 28.11
C LEU SA 64 105.42 77.77 29.01
N LYS SA 68 109.79 81.24 28.45
CA LYS SA 68 108.83 82.21 27.92
C LYS SA 68 108.54 81.93 26.45
N GLN SA 69 107.49 82.57 25.94
CA GLN SA 69 107.00 82.33 24.59
C GLN SA 69 107.56 83.30 23.56
N GLU SA 70 108.28 84.36 23.98
CA GLU SA 70 108.51 85.51 23.11
C GLU SA 70 109.59 85.25 22.07
N ALA SA 71 110.70 84.63 22.47
CA ALA SA 71 111.82 84.43 21.56
C ALA SA 71 111.56 83.32 20.54
N LEU SA 72 110.81 82.29 20.93
CA LEU SA 72 110.57 81.17 20.02
C LEU SA 72 109.41 81.41 19.03
N ILE SA 73 108.36 82.13 19.44
CA ILE SA 73 107.28 82.49 18.52
C ILE SA 73 107.78 83.45 17.43
N GLU SA 74 108.64 84.39 17.83
CA GLU SA 74 109.26 85.36 16.91
C GLU SA 74 110.11 84.68 15.84
N SER SA 75 110.89 83.67 16.21
CA SER SA 75 111.70 82.94 15.23
C SER SA 75 110.84 82.10 14.30
N LEU SA 76 109.76 81.51 14.83
CA LEU SA 76 108.96 80.58 14.04
C LEU SA 76 108.04 81.28 13.06
N CYS SA 77 107.34 82.33 13.51
CA CYS SA 77 106.40 83.02 12.62
C CYS SA 77 107.09 83.84 11.54
N GLU SA 78 108.37 84.15 11.73
CA GLU SA 78 109.18 84.67 10.63
C GLU SA 78 109.47 83.57 9.59
N LYS SA 79 109.75 82.35 10.04
CA LYS SA 79 109.89 81.21 9.14
C LYS SA 79 108.56 80.85 8.47
N LEU SA 80 107.44 81.21 9.09
CA LEU SA 80 106.13 80.88 8.55
C LEU SA 80 105.67 81.90 7.51
N VAL SA 81 106.15 83.14 7.58
CA VAL SA 81 105.77 84.15 6.59
C VAL SA 81 106.67 84.13 5.35
N LYS SA 82 107.83 83.47 5.42
CA LYS SA 82 108.68 83.34 4.23
C LYS SA 82 108.07 82.39 3.20
N PHE SA 83 107.28 81.44 3.65
CA PHE SA 83 106.89 80.33 2.79
C PHE SA 83 105.57 80.61 2.08
N ARG SA 84 104.98 81.78 2.31
CA ARG SA 84 103.78 82.24 1.60
C ARG SA 84 104.06 82.76 0.19
N GLU SA 85 105.31 83.15 -0.10
CA GLU SA 85 105.78 83.39 -1.45
C GLU SA 85 106.42 82.16 -2.07
N GLY SA 86 106.12 80.99 -1.51
CA GLY SA 86 106.66 79.74 -1.99
C GLY SA 86 105.52 78.77 -2.17
N GLU SA 87 105.77 77.75 -3.01
CA GLU SA 87 104.88 76.99 -3.92
C GLU SA 87 103.53 76.66 -3.29
N ARG SA 88 103.48 76.02 -2.12
CA ARG SA 88 102.21 75.75 -1.46
C ARG SA 88 102.14 76.53 -0.15
N PRO SA 89 101.45 77.67 -0.10
CA PRO SA 89 101.31 78.40 1.17
C PRO SA 89 100.17 77.94 2.06
N SER SA 90 99.35 76.97 1.60
CA SER SA 90 98.18 76.51 2.37
C SER SA 90 98.57 75.79 3.66
N LEU SA 91 99.68 75.05 3.63
CA LEU SA 91 100.04 74.22 4.78
C LEU SA 91 100.55 75.06 5.95
N ARG SA 92 101.32 76.12 5.65
CA ARG SA 92 101.68 77.08 6.69
C ARG SA 92 100.49 77.90 7.13
N LEU SA 93 99.51 78.09 6.23
CA LEU SA 93 98.32 78.88 6.52
C LEU SA 93 97.41 78.15 7.51
N GLN SA 94 97.07 76.89 7.22
CA GLN SA 94 96.14 76.16 8.08
C GLN SA 94 96.81 75.71 9.39
N LEU SA 95 98.14 75.65 9.45
CA LEU SA 95 98.82 75.56 10.73
C LEU SA 95 98.64 76.83 11.53
N LEU SA 96 98.87 77.98 10.88
CA LEU SA 96 98.77 79.27 11.55
C LEU SA 96 97.33 79.64 11.89
N SER SA 97 96.36 79.02 11.21
CA SER SA 97 94.97 79.12 11.66
C SER SA 97 94.79 78.44 13.01
N ASN SA 98 95.43 77.28 13.22
CA ASN SA 98 95.36 76.60 14.51
C ASN SA 98 96.08 77.40 15.59
N LEU SA 99 97.21 78.00 15.24
CA LEU SA 99 98.04 78.66 16.24
C LEU SA 99 97.50 80.04 16.62
N PHE SA 100 96.89 80.77 15.67
CA PHE SA 100 96.20 82.02 15.99
C PHE SA 100 94.94 81.77 16.80
N HIS SA 101 94.26 80.66 16.54
CA HIS SA 101 93.16 80.23 17.39
C HIS SA 101 93.61 79.62 18.72
N GLY SA 102 94.91 79.51 18.98
CA GLY SA 102 95.42 78.92 20.19
C GLY SA 102 95.69 79.77 21.42
N MET SA 103 96.14 81.03 21.25
CA MET SA 103 96.87 81.75 22.30
C MET SA 103 96.05 82.79 23.06
N ASP SA 104 94.72 82.71 23.03
CA ASP SA 104 93.81 83.86 23.01
C ASP SA 104 93.79 84.74 24.28
N LYS SA 105 94.57 84.43 25.33
CA LYS SA 105 94.43 85.11 26.62
C LYS SA 105 94.89 86.57 26.58
N ASN SA 106 96.17 86.80 26.26
CA ASN SA 106 96.76 88.04 25.76
C ASN SA 106 98.17 87.72 25.28
N THR SA 107 98.63 88.47 24.27
CA THR SA 107 100.02 88.88 24.09
C THR SA 107 100.05 90.09 23.17
N PRO SA 108 100.96 91.04 23.39
CA PRO SA 108 101.18 92.09 22.39
C PRO SA 108 101.89 91.58 21.15
N VAL SA 109 102.63 90.47 21.26
CA VAL SA 109 103.37 89.91 20.11
C VAL SA 109 102.46 89.01 19.29
N ARG SA 110 101.22 88.77 19.75
CA ARG SA 110 100.21 88.09 18.94
C ARG SA 110 99.75 88.94 17.74
N TYR SA 111 100.04 90.25 17.74
CA TYR SA 111 100.00 91.04 16.50
C TYR SA 111 100.91 90.47 15.43
N THR SA 112 102.13 90.06 15.80
CA THR SA 112 103.12 89.61 14.82
C THR SA 112 102.73 88.25 14.24
N VAL SA 113 102.06 87.41 15.04
CA VAL SA 113 101.46 86.19 14.51
C VAL SA 113 100.30 86.54 13.61
N TYR SA 114 99.42 87.44 14.06
CA TYR SA 114 98.31 87.86 13.23
C TYR SA 114 98.77 88.78 12.09
N CYS SA 115 99.97 89.36 12.17
CA CYS SA 115 100.61 89.91 10.98
C CYS SA 115 100.86 88.82 9.94
N SER SA 116 101.38 87.66 10.38
CA SER SA 116 101.56 86.51 9.48
C SER SA 116 100.23 85.92 9.04
N LEU SA 117 99.17 86.07 9.84
CA LEU SA 117 97.84 85.59 9.44
C LEU SA 117 97.15 86.52 8.45
N ILE SA 118 97.39 87.82 8.54
CA ILE SA 118 96.86 88.71 7.51
C ILE SA 118 97.72 88.60 6.24
N LYS SA 119 99.03 88.39 6.41
CA LYS SA 119 99.92 88.29 5.24
C LYS SA 119 99.69 87.00 4.46
N VAL SA 120 99.24 85.93 5.13
CA VAL SA 120 98.79 84.78 4.33
C VAL SA 120 97.39 85.03 3.77
N ALA SA 121 96.59 85.90 4.39
CA ALA SA 121 95.21 86.12 3.95
C ALA SA 121 95.14 86.96 2.68
N ALA SA 122 96.09 87.86 2.45
CA ALA SA 122 96.09 88.58 1.18
C ALA SA 122 96.64 87.74 0.04
N SER SA 123 97.57 86.82 0.35
CA SER SA 123 98.23 85.97 -0.64
C SER SA 123 97.44 84.71 -1.00
N CYS SA 124 96.25 84.52 -0.47
CA CYS SA 124 95.37 83.49 -1.00
C CYS SA 124 94.17 84.19 -1.62
N ILE SA 127 91.99 83.79 3.03
CA ILE SA 127 91.01 84.77 2.58
C ILE SA 127 90.09 85.26 3.74
N GLN SA 128 88.85 84.81 3.79
CA GLN SA 128 87.81 85.47 4.57
C GLN SA 128 87.43 84.75 5.86
N TYR SA 129 87.95 83.55 6.14
CA TYR SA 129 87.61 82.88 7.40
C TYR SA 129 88.54 83.27 8.54
N ILE SA 130 88.52 84.57 8.84
CA ILE SA 130 89.30 85.17 9.90
C ILE SA 130 88.40 86.25 10.52
N PRO SA 131 88.30 86.35 11.85
CA PRO SA 131 87.48 87.41 12.47
C PRO SA 131 88.08 88.79 12.27
N THR SA 132 87.28 89.70 11.69
CA THR SA 132 87.72 91.05 11.30
C THR SA 132 86.89 92.16 11.94
N GLU SA 133 86.02 91.84 12.89
CA GLU SA 133 84.86 92.64 13.28
C GLU SA 133 85.29 93.90 14.04
N LEU SA 134 84.46 94.95 13.95
CA LEU SA 134 84.88 96.30 14.31
C LEU SA 134 84.96 96.52 15.82
N ASP SA 135 84.05 95.90 16.58
CA ASP SA 135 84.23 95.89 18.02
C ASP SA 135 85.35 94.94 18.41
N GLN SA 136 85.59 93.91 17.59
CA GLN SA 136 86.63 92.92 17.89
C GLN SA 136 88.03 93.45 17.61
N VAL SA 137 88.20 94.33 16.62
CA VAL SA 137 89.54 94.88 16.39
C VAL SA 137 89.88 95.93 17.44
N ARG SA 138 88.90 96.70 17.93
CA ARG SA 138 89.14 97.62 19.03
C ARG SA 138 89.27 96.89 20.36
N LYS SA 139 88.68 95.70 20.45
CA LYS SA 139 89.07 94.76 21.50
C LYS SA 139 90.53 94.37 21.35
N TRP SA 140 90.98 94.12 20.12
CA TRP SA 140 92.35 93.68 19.92
C TRP SA 140 93.36 94.82 19.98
N ILE SA 141 92.96 96.05 19.69
CA ILE SA 141 93.88 97.17 19.85
C ILE SA 141 93.97 97.62 21.30
N SER SA 142 92.82 97.92 21.93
CA SER SA 142 92.85 98.54 23.26
C SER SA 142 93.18 97.57 24.37
N ASP SA 143 93.17 96.26 24.11
CA ASP SA 143 93.60 95.28 25.11
C ASP SA 143 94.91 94.57 24.76
N TRP SA 144 95.48 94.80 23.57
CA TRP SA 144 96.93 94.62 23.43
C TRP SA 144 97.66 95.85 23.92
N ASN SA 145 96.93 96.98 24.01
CA ASN SA 145 97.33 98.23 24.67
C ASN SA 145 98.57 98.82 23.99
N LEU SA 146 98.62 98.68 22.68
CA LEU SA 146 99.69 99.28 21.92
C LEU SA 146 99.35 100.74 21.62
N THR SA 147 100.34 101.45 21.11
CA THR SA 147 100.19 102.84 20.71
C THR SA 147 99.54 102.90 19.33
N THR SA 148 99.29 104.13 18.86
CA THR SA 148 98.74 104.32 17.52
C THR SA 148 99.71 103.86 16.43
N GLU SA 149 101.03 103.81 16.71
CA GLU SA 149 102.03 103.45 15.70
C GLU SA 149 101.96 101.98 15.31
N LYS SA 150 101.66 101.10 16.27
CA LYS SA 150 101.37 99.71 15.91
C LYS SA 150 99.95 99.56 15.38
N LYS SA 151 99.04 100.46 15.78
CA LYS SA 151 97.74 100.54 15.14
C LYS SA 151 97.85 101.18 13.75
N HIS SA 152 98.88 101.99 13.52
CA HIS SA 152 99.17 102.50 12.18
C HIS SA 152 99.52 101.37 11.23
N THR SA 153 100.29 100.38 11.70
CA THR SA 153 100.66 99.28 10.83
C THR SA 153 99.60 98.18 10.80
N LEU SA 154 98.86 97.93 11.89
CA LEU SA 154 97.91 96.83 11.87
C LEU SA 154 96.69 97.14 11.02
N LEU SA 155 96.20 98.38 11.05
CA LEU SA 155 95.08 98.71 10.19
C LEU SA 155 95.49 99.16 8.78
N ARG SA 156 96.77 99.46 8.54
CA ARG SA 156 97.22 99.51 7.15
C ARG SA 156 97.47 98.13 6.59
N LEU SA 157 97.73 97.15 7.46
CA LEU SA 157 97.80 95.76 7.04
C LEU SA 157 96.43 95.28 6.59
N LEU SA 158 95.40 95.69 7.32
CA LEU SA 158 94.04 95.36 6.98
C LEU SA 158 93.47 96.24 5.86
N TYR SA 159 94.13 97.35 5.48
CA TYR SA 159 93.57 98.10 4.35
C TYR SA 159 93.88 97.44 3.01
N GLU SA 160 95.13 97.10 2.76
CA GLU SA 160 95.48 96.51 1.48
C GLU SA 160 95.00 95.06 1.37
N ALA SA 161 94.88 94.36 2.50
CA ALA SA 161 94.31 93.02 2.48
C ALA SA 161 92.81 93.03 2.21
N LEU SA 162 92.12 94.10 2.60
CA LEU SA 162 90.68 94.18 2.32
C LEU SA 162 90.34 94.85 1.00
N VAL SA 163 91.25 95.62 0.39
CA VAL SA 163 90.96 96.11 -0.96
C VAL SA 163 91.12 94.97 -1.98
N ASP SA 164 91.97 93.98 -1.66
CA ASP SA 164 92.35 92.97 -2.64
C ASP SA 164 91.31 91.88 -2.80
N CYS SA 165 90.47 91.65 -1.78
CA CYS SA 165 89.45 90.61 -1.81
C CYS SA 165 88.06 91.13 -2.14
N LYS SA 166 87.99 92.28 -2.84
CA LYS SA 166 86.78 92.96 -3.34
C LYS SA 166 85.86 93.49 -2.25
N LYS SA 167 86.33 93.63 -1.01
CA LYS SA 167 85.53 94.16 0.09
C LYS SA 167 85.61 95.69 0.07
N SER SA 168 84.83 96.28 -0.85
CA SER SA 168 84.91 97.72 -1.07
C SER SA 168 84.27 98.51 0.07
N ASP SA 169 83.06 98.14 0.48
CA ASP SA 169 82.30 98.95 1.43
C ASP SA 169 82.82 98.83 2.86
N ALA SA 170 83.48 97.71 3.18
CA ALA SA 170 84.16 97.55 4.47
C ALA SA 170 85.50 98.27 4.50
N ALA SA 171 86.12 98.52 3.34
CA ALA SA 171 87.47 99.08 3.29
C ALA SA 171 87.50 100.55 3.67
N SER SA 172 86.42 101.29 3.40
CA SER SA 172 86.34 102.68 3.82
C SER SA 172 86.25 102.82 5.32
N LYS SA 173 85.66 101.82 5.99
CA LYS SA 173 85.61 101.81 7.45
C LYS SA 173 86.99 101.56 8.04
N VAL SA 174 87.82 100.77 7.36
CA VAL SA 174 89.23 100.64 7.73
C VAL SA 174 89.99 101.92 7.40
N MET SA 175 89.67 102.54 6.26
CA MET SA 175 90.36 103.76 5.85
C MET SA 175 89.98 104.96 6.70
N VAL SA 176 88.72 105.05 7.16
CA VAL SA 176 88.34 106.23 7.94
C VAL SA 176 88.89 106.14 9.38
N GLU SA 177 89.09 104.93 9.93
CA GLU SA 177 89.77 104.83 11.20
C GLU SA 177 91.29 104.87 11.02
N LEU SA 178 91.77 104.59 9.82
CA LEU SA 178 93.14 104.95 9.48
C LEU SA 178 93.30 106.46 9.47
N LEU SA 179 92.36 107.16 8.86
CA LEU SA 179 92.44 108.62 8.79
C LEU SA 179 91.95 109.28 10.07
N GLY SA 180 91.15 108.58 10.88
CA GLY SA 180 90.74 109.12 12.18
C GLY SA 180 91.65 108.78 13.35
N SER SA 181 92.68 107.97 13.12
CA SER SA 181 93.68 107.70 14.14
C SER SA 181 94.60 108.90 14.36
N TYR SA 182 94.72 109.78 13.37
CA TYR SA 182 95.73 110.83 13.36
C TYR SA 182 95.33 111.97 14.31
N THR SA 183 96.26 112.90 14.49
CA THR SA 183 96.09 114.13 15.25
C THR SA 183 96.59 115.27 14.39
N GLU SA 184 96.48 116.50 14.91
CA GLU SA 184 97.03 117.66 14.20
C GLU SA 184 98.55 117.62 14.03
N ASP SA 185 99.26 116.92 14.92
CA ASP SA 185 100.72 116.87 14.86
C ASP SA 185 101.23 116.06 13.68
N ASN SA 186 100.84 114.77 13.61
CA ASN SA 186 101.34 113.84 12.61
C ASN SA 186 100.41 113.70 11.43
N ALA SA 187 99.61 114.73 11.14
CA ALA SA 187 98.91 114.90 9.87
C ALA SA 187 99.84 115.37 8.74
N SER SA 188 101.12 115.63 9.04
CA SER SA 188 102.10 115.96 8.01
C SER SA 188 102.42 114.76 7.13
N GLN SA 189 102.53 113.57 7.71
CA GLN SA 189 102.79 112.38 6.92
C GLN SA 189 101.56 111.87 6.19
N ALA SA 190 100.36 112.37 6.54
CA ALA SA 190 99.11 111.87 5.97
C ALA SA 190 98.77 112.57 4.67
N ARG SA 191 99.64 112.39 3.67
CA ARG SA 191 99.48 112.93 2.33
C ARG SA 191 99.02 111.89 1.32
N VAL SA 192 99.58 110.68 1.37
CA VAL SA 192 99.45 109.75 0.24
C VAL SA 192 98.14 108.97 0.32
N ASP SA 193 97.75 108.55 1.52
CA ASP SA 193 96.45 107.91 1.70
C ASP SA 193 95.33 108.94 1.67
N ALA SA 194 95.64 110.20 1.98
CA ALA SA 194 94.68 111.28 1.86
C ALA SA 194 94.32 111.56 0.40
N HIS SA 195 95.29 111.42 -0.51
CA HIS SA 195 94.98 111.25 -1.93
C HIS SA 195 94.25 109.94 -2.23
N ARG SA 196 94.71 108.84 -1.62
CA ARG SA 196 94.26 107.51 -2.03
C ARG SA 196 92.83 107.21 -1.62
N CYS SA 197 92.39 107.71 -0.46
CA CYS SA 197 91.08 107.35 0.08
C CYS SA 197 89.95 107.93 -0.74
N ILE SA 198 90.15 109.12 -1.29
CA ILE SA 198 89.14 109.75 -2.14
C ILE SA 198 89.17 109.16 -3.55
N VAL SA 199 90.37 109.01 -4.13
CA VAL SA 199 90.52 108.54 -5.52
C VAL SA 199 90.36 107.03 -5.65
N ARG SA 200 90.33 106.29 -4.53
CA ARG SA 200 89.73 104.96 -4.61
C ARG SA 200 88.22 105.04 -4.54
N ALA SA 201 87.69 105.97 -3.72
CA ALA SA 201 86.25 106.09 -3.54
C ALA SA 201 85.58 106.94 -4.61
N LEU SA 202 86.32 107.81 -5.30
CA LEU SA 202 85.75 108.42 -6.50
C LEU SA 202 85.83 107.52 -7.72
N LYS SA 203 86.59 106.43 -7.66
CA LYS SA 203 86.36 105.34 -8.60
C LYS SA 203 85.06 104.62 -8.27
N ASP SA 204 84.71 104.54 -6.98
CA ASP SA 204 83.52 103.87 -6.46
C ASP SA 204 82.27 104.71 -6.71
N PRO SA 205 81.33 104.25 -7.55
CA PRO SA 205 80.13 105.04 -7.80
C PRO SA 205 79.06 104.91 -6.73
N ASN SA 206 79.27 104.07 -5.72
CA ASN SA 206 78.31 103.86 -4.65
C ASN SA 206 78.81 104.31 -3.30
N ALA SA 207 79.89 105.08 -3.24
CA ALA SA 207 80.27 105.77 -2.02
C ALA SA 207 79.56 107.12 -2.01
N PHE SA 208 78.60 107.27 -1.10
CA PHE SA 208 77.64 108.37 -1.15
C PHE SA 208 77.81 109.38 -0.03
N LEU SA 209 78.73 109.14 0.91
CA LEU SA 209 78.96 110.05 2.03
C LEU SA 209 80.35 110.63 1.86
N PHE SA 210 80.39 111.87 1.40
CA PHE SA 210 81.60 112.67 1.32
C PHE SA 210 81.66 113.68 2.46
N ASP SA 211 80.79 113.53 3.46
CA ASP SA 211 80.84 114.35 4.67
C ASP SA 211 81.80 113.74 5.69
N HIS SA 212 82.00 112.43 5.63
CA HIS SA 212 82.93 111.76 6.52
C HIS SA 212 84.37 111.87 6.05
N LEU SA 213 84.57 112.20 4.77
CA LEU SA 213 85.91 112.50 4.28
C LEU SA 213 86.31 113.95 4.53
N LEU SA 214 85.41 114.79 5.04
CA LEU SA 214 85.72 116.16 5.45
C LEU SA 214 85.91 116.35 6.94
N THR SA 215 85.65 115.34 7.78
CA THR SA 215 85.71 115.51 9.23
C THR SA 215 87.05 115.06 9.81
N LEU SA 216 88.06 114.94 8.97
CA LEU SA 216 89.35 114.40 9.36
C LEU SA 216 90.33 115.53 9.66
N LYS SA 217 91.16 115.31 10.67
CA LYS SA 217 92.24 116.24 11.00
C LYS SA 217 93.26 116.53 9.88
N PRO SA 218 93.71 115.59 9.03
CA PRO SA 218 94.59 116.02 7.92
C PRO SA 218 93.88 116.79 6.83
N VAL SA 219 92.60 116.52 6.60
CA VAL SA 219 92.00 116.94 5.34
C VAL SA 219 91.65 118.43 5.36
N LYS SA 220 91.36 119.02 6.53
CA LYS SA 220 91.19 120.46 6.64
C LYS SA 220 92.54 121.17 6.61
N PHE SA 221 93.61 120.45 6.98
CA PHE SA 221 94.96 120.98 6.99
C PHE SA 221 95.51 121.07 5.57
N LEU SA 222 95.14 120.12 4.71
CA LEU SA 222 95.53 120.14 3.31
C LEU SA 222 94.57 121.00 2.51
N GLU SA 223 95.12 121.89 1.68
CA GLU SA 223 94.32 122.66 0.74
C GLU SA 223 95.25 122.99 -0.44
N GLY SA 224 94.67 123.53 -1.51
CA GLY SA 224 95.33 123.64 -2.79
C GLY SA 224 94.64 122.81 -3.86
N GLU SA 225 95.43 122.42 -4.87
CA GLU SA 225 94.89 121.74 -6.04
C GLU SA 225 94.47 120.30 -5.74
N LEU SA 226 95.00 119.71 -4.67
CA LEU SA 226 94.81 118.31 -4.30
C LEU SA 226 93.35 118.05 -3.92
N ILE SA 227 92.94 116.77 -4.02
CA ILE SA 227 91.57 116.35 -4.38
C ILE SA 227 90.50 116.71 -3.33
N HIS SA 228 90.90 117.16 -2.14
CA HIS SA 228 89.96 117.71 -1.15
C HIS SA 228 89.22 118.95 -1.66
N ASP SA 229 89.84 119.71 -2.58
CA ASP SA 229 89.21 120.89 -3.18
C ASP SA 229 87.98 120.51 -4.00
N LEU SA 230 87.98 119.30 -4.56
CA LEU SA 230 86.83 118.81 -5.30
C LEU SA 230 85.66 118.46 -4.38
N LEU SA 231 85.92 118.17 -3.10
CA LEU SA 231 84.88 117.74 -2.17
C LEU SA 231 83.93 118.87 -1.80
N THR SA 232 84.45 120.11 -1.66
CA THR SA 232 83.59 121.25 -1.40
C THR SA 232 82.75 121.63 -2.62
N ILE SA 233 83.15 121.19 -3.82
CA ILE SA 233 82.29 121.24 -4.99
C ILE SA 233 81.23 120.14 -4.92
N PHE SA 234 81.52 119.02 -4.25
CA PHE SA 234 80.60 117.89 -4.18
C PHE SA 234 79.52 118.00 -3.11
N VAL SA 235 79.83 118.51 -1.92
CA VAL SA 235 79.02 118.22 -0.74
C VAL SA 235 77.92 119.25 -0.54
N SER SA 236 78.27 120.52 -0.47
CA SER SA 236 77.24 121.54 -0.40
C SER SA 236 76.88 122.02 -1.78
N ALA SA 237 77.89 122.16 -2.64
CA ALA SA 237 77.76 122.78 -3.93
C ALA SA 237 77.17 121.82 -4.96
N LYS SA 238 76.78 122.38 -6.09
CA LYS SA 238 75.97 121.75 -7.12
C LYS SA 238 76.65 121.90 -8.48
N LEU SA 239 76.00 121.33 -9.51
CA LEU SA 239 76.60 121.11 -10.84
C LEU SA 239 77.05 122.39 -11.55
N ALA SA 240 76.49 123.55 -11.19
CA ALA SA 240 76.98 124.84 -11.68
C ALA SA 240 78.41 125.13 -11.19
N SER SA 241 78.77 124.64 -10.00
CA SER SA 241 80.12 124.82 -9.49
C SER SA 241 81.11 123.78 -10.00
N TYR SA 242 80.65 122.70 -10.64
CA TYR SA 242 81.54 121.72 -11.24
C TYR SA 242 81.65 121.85 -12.76
N VAL SA 243 80.60 122.32 -13.45
CA VAL SA 243 80.68 122.49 -14.90
C VAL SA 243 81.58 123.68 -15.28
N LYS SA 244 81.85 124.58 -14.33
CA LYS SA 244 83.00 125.47 -14.46
C LYS SA 244 84.31 124.70 -14.35
N PHE SA 245 84.40 123.74 -13.42
CA PHE SA 245 85.66 123.08 -13.08
C PHE SA 245 86.16 122.12 -14.15
N TYR SA 246 85.31 121.63 -15.04
CA TYR SA 246 85.81 120.82 -16.14
C TYR SA 246 86.49 121.66 -17.21
N GLN SA 247 86.09 122.93 -17.33
CA GLN SA 247 86.73 123.82 -18.28
C GLN SA 247 88.12 124.26 -17.82
N ASN SA 248 88.37 124.29 -16.51
CA ASN SA 248 89.66 124.77 -16.03
C ASN SA 248 90.76 123.71 -16.12
N ASN SA 249 90.54 122.54 -15.54
CA ASN SA 249 91.52 121.46 -15.65
C ASN SA 249 90.90 120.29 -16.41
N LYS SA 250 91.39 120.06 -17.62
CA LYS SA 250 91.21 118.75 -18.19
C LYS SA 250 92.32 117.81 -17.73
N ASP SA 251 93.44 118.37 -17.27
CA ASP SA 251 94.62 117.58 -16.95
C ASP SA 251 94.48 116.88 -15.60
N PHE SA 252 94.12 117.62 -14.55
CA PHE SA 252 94.43 117.17 -13.19
C PHE SA 252 93.41 116.20 -12.63
N ILE SA 253 92.12 116.40 -12.95
CA ILE SA 253 91.10 115.44 -12.54
C ILE SA 253 91.22 114.15 -13.36
N ASP SA 254 91.61 114.27 -14.63
CA ASP SA 254 91.79 113.08 -15.46
C ASP SA 254 93.12 112.37 -15.19
N SER SA 255 94.03 112.98 -14.44
CA SER SA 255 95.36 112.40 -14.23
C SER SA 255 95.30 111.17 -13.34
N LEU SA 256 94.72 111.30 -12.17
CA LEU SA 256 94.83 110.29 -11.11
C LEU SA 256 93.48 109.58 -10.97
N GLY SA 257 93.40 108.36 -11.53
CA GLY SA 257 92.40 107.38 -11.15
C GLY SA 257 90.99 107.61 -11.68
N LEU SA 258 90.69 108.78 -12.23
CA LEU SA 258 89.33 109.25 -12.43
C LEU SA 258 89.02 109.51 -13.89
N LEU SA 259 87.92 108.93 -14.36
CA LEU SA 259 87.26 109.31 -15.59
C LEU SA 259 86.11 110.27 -15.27
N HIS SA 260 85.72 111.07 -16.27
CA HIS SA 260 84.92 112.27 -16.02
C HIS SA 260 83.41 112.01 -16.00
N GLU SA 261 82.90 111.16 -16.90
CA GLU SA 261 81.44 111.00 -17.00
C GLU SA 261 80.86 110.17 -15.86
N GLN SA 262 81.65 109.35 -15.16
CA GLN SA 262 81.13 108.71 -13.95
C GLN SA 262 81.04 109.72 -12.81
N ASN SA 263 81.93 110.73 -12.79
CA ASN SA 263 81.87 111.81 -11.82
C ASN SA 263 80.67 112.69 -12.09
N MET SA 264 80.27 112.79 -13.36
CA MET SA 264 79.13 113.58 -13.79
C MET SA 264 77.83 113.05 -13.21
N ALA SA 265 77.61 111.73 -13.32
CA ALA SA 265 76.37 111.09 -12.86
C ALA SA 265 76.24 111.07 -11.34
N LYS SA 266 77.36 111.18 -10.63
CA LYS SA 266 77.30 111.50 -9.19
C LYS SA 266 76.79 112.91 -8.96
N MET SA 267 77.25 113.88 -9.76
CA MET SA 267 76.88 115.28 -9.60
C MET SA 267 75.50 115.56 -10.18
N ARG SA 268 75.07 114.75 -11.15
CA ARG SA 268 73.66 114.70 -11.55
C ARG SA 268 72.76 114.32 -10.38
N LEU SA 269 73.22 113.39 -9.55
CA LEU SA 269 72.41 112.98 -8.42
C LEU SA 269 72.37 114.04 -7.33
N LEU SA 270 73.53 114.59 -6.96
CA LEU SA 270 73.63 115.40 -5.75
C LEU SA 270 73.04 116.80 -5.91
N THR SA 271 72.83 117.26 -7.14
CA THR SA 271 71.99 118.43 -7.35
C THR SA 271 70.52 118.04 -7.21
N PHE SA 272 70.12 116.94 -7.86
CA PHE SA 272 68.73 116.51 -7.85
C PHE SA 272 68.29 116.03 -6.47
N MET SA 273 69.18 115.34 -5.74
CA MET SA 273 68.87 114.87 -4.39
C MET SA 273 68.70 116.05 -3.44
N GLY SA 274 69.54 117.07 -3.59
CA GLY SA 274 69.39 118.28 -2.79
C GLY SA 274 68.24 119.15 -3.21
N MET SA 275 67.83 119.05 -4.48
CA MET SA 275 66.57 119.65 -4.87
C MET SA 275 65.39 118.89 -4.27
N ALA SA 276 65.45 117.55 -4.30
CA ALA SA 276 64.34 116.73 -3.83
C ALA SA 276 64.22 116.67 -2.31
N VAL SA 277 65.19 117.21 -1.55
CA VAL SA 277 64.90 117.56 -0.17
C VAL SA 277 63.80 118.62 -0.13
N GLU SA 278 64.01 119.70 -0.89
CA GLU SA 278 63.31 120.95 -0.61
C GLU SA 278 61.82 120.90 -0.98
N ASN SA 279 61.52 120.65 -2.25
CA ASN SA 279 60.17 120.99 -2.70
C ASN SA 279 59.13 119.88 -2.48
N LYS SA 280 59.42 118.66 -2.94
CA LYS SA 280 58.57 117.46 -2.93
C LYS SA 280 57.24 117.63 -3.69
N GLU SA 281 57.13 118.66 -4.54
CA GLU SA 281 56.02 118.91 -5.45
C GLU SA 281 56.55 119.16 -6.86
N ILE SA 282 57.79 118.72 -7.10
CA ILE SA 282 58.68 119.32 -8.09
C ILE SA 282 58.32 118.83 -9.49
N SER SA 283 58.38 119.73 -10.47
CA SER SA 283 57.99 119.47 -11.84
C SER SA 283 59.17 118.98 -12.70
N PHE SA 284 58.85 118.61 -13.95
CA PHE SA 284 59.79 117.95 -14.86
C PHE SA 284 60.85 118.91 -15.40
N ASP SA 285 60.44 120.15 -15.67
CA ASP SA 285 61.26 121.11 -16.41
C ASP SA 285 62.42 121.65 -15.58
N THR SA 286 62.38 121.45 -14.26
CA THR SA 286 63.49 121.78 -13.38
C THR SA 286 64.75 121.02 -13.76
N MET SA 287 64.61 119.72 -14.05
CA MET SA 287 65.78 118.87 -14.26
C MET SA 287 66.29 118.91 -15.69
N GLN SA 288 65.48 119.33 -16.67
CA GLN SA 288 66.05 119.67 -17.97
C GLN SA 288 66.87 120.96 -17.89
N GLN SA 289 66.52 121.85 -16.96
CA GLN SA 289 67.13 123.17 -16.79
C GLN SA 289 68.25 123.19 -15.75
N GLU SA 290 68.20 122.31 -14.75
CA GLU SA 290 69.31 122.19 -13.81
C GLU SA 290 70.34 121.15 -14.25
N LEU SA 291 69.90 119.98 -14.71
CA LEU SA 291 70.81 118.88 -14.98
C LEU SA 291 71.11 118.71 -16.46
N GLN SA 292 70.56 119.59 -17.33
CA GLN SA 292 71.03 119.86 -18.70
C GLN SA 292 70.94 118.64 -19.62
N ILE SA 293 69.85 117.89 -19.51
CA ILE SA 293 69.48 116.85 -20.44
C ILE SA 293 68.13 117.24 -21.05
N GLY SA 294 67.70 116.49 -22.05
CA GLY SA 294 66.44 116.77 -22.73
C GLY SA 294 65.22 116.31 -21.97
N ALA SA 295 64.15 116.03 -22.71
CA ALA SA 295 62.84 115.78 -22.11
C ALA SA 295 62.61 114.31 -21.77
N ASP SA 296 63.07 113.37 -22.60
CA ASP SA 296 62.83 111.95 -22.36
C ASP SA 296 64.01 111.25 -21.68
N ASP SA 297 65.04 111.98 -21.29
CA ASP SA 297 66.15 111.41 -20.54
C ASP SA 297 65.89 111.38 -19.06
N VAL SA 298 64.73 111.87 -18.61
CA VAL SA 298 64.45 111.94 -17.18
C VAL SA 298 64.06 110.57 -16.63
N GLU SA 299 63.26 109.79 -17.37
CA GLU SA 299 62.51 108.68 -16.78
C GLU SA 299 63.36 107.45 -16.53
N ALA SA 300 64.39 107.22 -17.33
CA ALA SA 300 65.37 106.22 -16.91
C ALA SA 300 66.21 106.71 -15.74
N PHE SA 301 66.48 108.03 -15.68
CA PHE SA 301 67.38 108.61 -14.68
C PHE SA 301 66.75 108.65 -13.29
N VAL SA 302 65.41 108.79 -13.21
CA VAL SA 302 64.73 108.75 -11.92
C VAL SA 302 64.82 107.36 -11.29
N ILE SA 303 64.90 106.30 -12.12
CA ILE SA 303 65.08 104.95 -11.61
C ILE SA 303 66.45 104.77 -10.97
N ASP SA 304 67.46 105.47 -11.52
CA ASP SA 304 68.83 105.41 -10.99
C ASP SA 304 68.89 105.98 -9.58
N ALA SA 305 68.07 107.01 -9.30
CA ALA SA 305 67.99 107.55 -7.95
C ALA SA 305 67.15 106.70 -7.02
N VAL SA 306 66.10 106.05 -7.54
CA VAL SA 306 65.24 105.27 -6.66
C VAL SA 306 65.81 103.86 -6.41
N ARG SA 307 66.72 103.36 -7.26
CA ARG SA 307 67.34 102.07 -6.97
C ARG SA 307 68.31 102.16 -5.79
N THR SA 308 69.32 103.00 -5.91
CA THR SA 308 70.38 102.99 -4.91
C THR SA 308 70.06 103.94 -3.75
N LYS SA 309 68.94 103.69 -3.08
CA LYS SA 309 68.73 103.84 -1.64
C LYS SA 309 68.86 105.27 -1.10
N MET SA 310 68.96 106.30 -1.96
CA MET SA 310 69.20 107.65 -1.44
C MET SA 310 67.96 108.53 -1.43
N VAL SA 311 67.13 108.44 -2.47
CA VAL SA 311 65.87 109.18 -2.56
C VAL SA 311 64.87 108.21 -3.17
N TYR SA 312 63.76 107.99 -2.50
CA TYR SA 312 62.73 107.10 -3.02
C TYR SA 312 61.66 107.99 -3.61
N CYS SA 313 61.66 108.08 -4.94
CA CYS SA 313 60.87 109.09 -5.64
C CYS SA 313 59.84 108.37 -6.50
N LYS SA 314 58.86 109.15 -6.98
CA LYS SA 314 57.74 108.63 -7.74
C LYS SA 314 57.43 109.62 -8.84
N ILE SA 315 56.76 109.15 -9.90
CA ILE SA 315 56.33 110.04 -10.98
C ILE SA 315 54.83 109.97 -11.13
N ASP SA 316 54.15 111.10 -10.91
CA ASP SA 316 52.82 111.33 -11.46
C ASP SA 316 52.99 111.87 -12.88
N GLN SA 317 53.34 110.96 -13.81
CA GLN SA 317 53.83 111.35 -15.14
C GLN SA 317 52.74 111.93 -16.02
N THR SA 318 51.47 111.63 -15.72
CA THR SA 318 50.38 112.17 -16.51
C THR SA 318 50.21 113.67 -16.27
N GLN SA 319 50.24 114.08 -15.02
CA GLN SA 319 50.14 115.49 -14.67
C GLN SA 319 51.48 116.21 -14.65
N ARG SA 320 52.55 115.55 -15.11
CA ARG SA 320 53.92 116.08 -15.23
C ARG SA 320 54.49 116.58 -13.89
N LYS SA 321 54.44 115.72 -12.88
CA LYS SA 321 54.93 116.04 -11.54
C LYS SA 321 55.84 114.92 -11.02
N VAL SA 322 56.77 115.29 -10.15
CA VAL SA 322 57.58 114.32 -9.41
C VAL SA 322 57.20 114.46 -7.94
N VAL SA 323 56.33 113.60 -7.45
CA VAL SA 323 56.12 113.46 -6.01
C VAL SA 323 57.20 112.53 -5.45
N VAL SA 324 57.87 112.95 -4.39
CA VAL SA 324 58.83 112.07 -3.75
C VAL SA 324 58.29 111.64 -2.41
N SER SA 325 58.79 110.51 -1.93
CA SER SA 325 58.46 110.06 -0.59
C SER SA 325 59.40 110.70 0.43
N HIS SA 326 60.70 110.64 0.17
CA HIS SA 326 61.67 111.05 1.17
C HIS SA 326 62.96 111.45 0.47
N SER SA 327 63.84 112.07 1.25
CA SER SA 327 65.13 112.49 0.74
C SER SA 327 66.16 112.46 1.87
N THR SA 328 67.42 112.45 1.48
CA THR SA 328 68.55 112.25 2.38
C THR SA 328 69.41 113.50 2.31
N HIS SA 329 70.04 113.83 3.44
CA HIS SA 329 70.70 115.11 3.59
C HIS SA 329 72.21 114.98 3.42
N ARG SA 330 72.82 116.08 2.97
CA ARG SA 330 74.25 116.12 2.69
C ARG SA 330 75.07 116.63 3.87
N THR SA 331 74.62 117.68 4.54
CA THR SA 331 75.24 118.12 5.79
C THR SA 331 74.14 118.64 6.70
N PHE SA 332 74.24 118.35 7.98
CA PHE SA 332 73.24 118.76 8.94
C PHE SA 332 73.46 120.21 9.38
N GLY SA 333 72.56 120.68 10.24
CA GLY SA 333 72.68 121.96 10.89
C GLY SA 333 71.84 121.90 12.15
N LYS SA 334 71.79 123.04 12.86
CA LYS SA 334 71.01 123.04 14.08
C LYS SA 334 69.52 123.19 13.82
N GLN SA 335 69.14 123.59 12.61
CA GLN SA 335 67.77 123.39 12.14
C GLN SA 335 67.45 121.90 12.00
N GLN SA 336 68.45 121.12 11.54
CA GLN SA 336 68.21 119.74 11.15
C GLN SA 336 67.99 118.83 12.34
N TRP SA 337 68.62 119.12 13.49
CA TRP SA 337 68.22 118.47 14.73
C TRP SA 337 66.89 118.99 15.23
N GLN SA 338 66.54 120.22 14.87
CA GLN SA 338 65.37 120.86 15.46
C GLN SA 338 64.08 120.35 14.84
N GLN SA 339 64.10 119.98 13.56
CA GLN SA 339 62.94 119.29 12.99
C GLN SA 339 62.74 117.93 13.64
N LEU SA 340 63.84 117.26 13.99
CA LEU SA 340 63.78 115.95 14.63
C LEU SA 340 63.23 116.06 16.05
N TYR SA 341 63.38 117.24 16.69
CA TYR SA 341 62.99 117.36 18.09
C TYR SA 341 61.49 117.52 18.28
N ASP SA 342 60.87 118.52 17.61
CA ASP SA 342 59.47 118.81 17.87
C ASP SA 342 58.52 117.87 17.13
N THR SA 343 59.00 117.22 16.07
CA THR SA 343 58.28 116.06 15.56
C THR SA 343 58.24 114.93 16.60
N LEU SA 344 59.41 114.56 17.15
CA LEU SA 344 59.47 113.45 18.11
C LEU SA 344 58.88 113.79 19.48
N ASN SA 345 58.84 115.08 19.87
CA ASN SA 345 58.41 115.39 21.23
C ASN SA 345 56.90 115.25 21.40
N ALA SA 346 56.12 115.69 20.41
CA ALA SA 346 54.69 115.38 20.42
C ALA SA 346 54.44 113.91 20.18
N TRP SA 347 55.29 113.26 19.37
CA TRP SA 347 55.17 111.83 19.11
C TRP SA 347 55.46 111.01 20.38
N LYS SA 348 56.35 111.52 21.25
CA LYS SA 348 56.46 110.94 22.59
C LYS SA 348 55.21 111.27 23.40
N GLN SA 349 54.69 112.50 23.24
CA GLN SA 349 53.58 112.96 24.06
C GLN SA 349 52.27 112.30 23.64
N ASN SA 350 52.11 112.04 22.34
CA ASN SA 350 50.93 111.30 21.89
C ASN SA 350 50.98 109.85 22.33
N LEU SA 351 52.18 109.28 22.39
CA LEU SA 351 52.33 107.91 22.88
C LEU SA 351 52.27 107.83 24.41
N ASN SA 352 52.48 108.96 25.11
CA ASN SA 352 52.24 109.04 26.54
C ASN SA 352 50.75 108.85 26.86
N LYS SA 353 49.89 109.38 26.01
CA LYS SA 353 48.44 109.30 26.19
C LYS SA 353 47.94 107.86 26.05
N VAL SA 354 48.49 107.13 25.07
CA VAL SA 354 48.03 105.77 24.80
C VAL SA 354 48.68 104.75 25.74
N LYS SA 355 49.91 105.02 26.20
CA LYS SA 355 50.53 104.18 27.25
C LYS SA 355 49.78 104.30 28.57
N ASN SA 356 49.23 105.49 28.83
CA ASN SA 356 48.24 105.65 29.90
C ASN SA 356 47.02 104.79 29.61
N SER SA 357 46.49 104.89 28.38
CA SER SA 357 45.15 104.40 28.11
C SER SA 357 45.11 102.90 27.82
N LEU SA 358 46.18 102.33 27.23
CA LEU SA 358 46.15 100.89 26.94
C LEU SA 358 46.45 100.00 28.15
N LEU SA 359 47.31 100.44 29.06
CA LEU SA 359 47.57 99.67 30.28
C LEU SA 359 46.47 99.83 31.31
N SER SA 360 45.63 100.85 31.19
CA SER SA 360 44.56 101.01 32.15
C SER SA 360 43.36 100.13 31.87
N LEU SA 361 43.34 99.44 30.71
CA LEU SA 361 42.19 98.60 30.36
C LEU SA 361 42.10 97.37 31.26
N SER SA 362 43.23 96.70 31.47
CA SER SA 362 43.35 95.61 32.45
C SER SA 362 44.24 96.02 33.61
N LYS TA 1 -56.26 -76.92 -19.98
CA LYS TA 1 -56.19 -75.99 -21.10
C LYS TA 1 -56.52 -76.69 -22.39
N LEU TA 2 -57.40 -76.08 -23.17
CA LEU TA 2 -57.80 -76.60 -24.48
C LEU TA 2 -56.63 -76.61 -25.45
N THR TA 3 -56.60 -77.60 -26.32
CA THR TA 3 -55.59 -77.66 -27.36
C THR TA 3 -56.09 -76.81 -28.53
N ARG TA 4 -55.25 -75.95 -29.05
CA ARG TA 4 -55.62 -75.16 -30.20
C ARG TA 4 -54.91 -75.71 -31.43
N ILE TA 5 -55.61 -75.65 -32.56
CA ILE TA 5 -55.14 -76.23 -33.82
C ILE TA 5 -55.33 -75.16 -34.89
N ALA TA 6 -54.32 -74.97 -35.74
CA ALA TA 6 -54.47 -74.09 -36.88
C ALA TA 6 -55.26 -74.77 -37.99
N ILE TA 7 -56.28 -74.08 -38.50
CA ILE TA 7 -57.22 -74.62 -39.47
C ILE TA 7 -57.24 -73.74 -40.70
N VAL TA 8 -56.96 -74.33 -41.85
CA VAL TA 8 -56.95 -73.64 -43.13
C VAL TA 8 -58.21 -74.01 -43.90
N ASN TA 9 -58.94 -73.02 -44.43
CA ASN TA 9 -59.98 -73.30 -45.41
C ASN TA 9 -59.43 -73.27 -46.83
N HIS TA 10 -60.11 -73.98 -47.74
CA HIS TA 10 -59.62 -74.16 -49.10
C HIS TA 10 -59.71 -72.89 -49.91
N ASP TA 11 -60.77 -72.11 -49.71
CA ASP TA 11 -60.97 -70.86 -50.41
C ASP TA 11 -60.05 -69.80 -49.82
N LYS TA 12 -59.71 -68.79 -50.64
CA LYS TA 12 -58.84 -67.62 -50.36
C LYS TA 12 -57.47 -67.99 -49.79
N CYS TA 13 -57.01 -69.18 -50.15
CA CYS TA 13 -55.73 -69.72 -49.73
C CYS TA 13 -54.88 -70.06 -50.95
N LYS TA 14 -55.04 -69.30 -52.05
CA LYS TA 14 -54.32 -69.60 -53.28
C LYS TA 14 -52.81 -69.42 -53.11
N PRO TA 15 -52.02 -70.49 -53.11
CA PRO TA 15 -50.65 -70.43 -52.61
C PRO TA 15 -49.64 -69.92 -53.61
N LYS TA 16 -50.06 -69.58 -54.82
CA LYS TA 16 -49.10 -69.18 -55.82
C LYS TA 16 -48.82 -67.69 -55.78
N LYS TA 17 -49.66 -66.91 -55.10
CA LYS TA 17 -49.66 -65.47 -55.27
C LYS TA 17 -49.33 -64.71 -54.01
N CYS TA 18 -49.13 -65.39 -52.88
CA CYS TA 18 -48.95 -64.72 -51.60
C CYS TA 18 -47.72 -65.18 -50.86
N ARG TA 19 -46.76 -65.79 -51.56
CA ARG TA 19 -45.36 -65.91 -51.18
C ARG TA 19 -45.10 -66.77 -49.94
N GLN TA 20 -46.08 -67.56 -49.51
CA GLN TA 20 -45.95 -68.64 -48.51
C GLN TA 20 -45.45 -68.14 -47.15
N GLU TA 21 -46.07 -67.06 -46.68
CA GLU TA 21 -45.64 -66.42 -45.45
C GLU TA 21 -46.00 -67.21 -44.20
N CYS TA 22 -46.91 -68.18 -44.29
CA CYS TA 22 -47.30 -68.93 -43.11
C CYS TA 22 -46.24 -69.92 -42.69
N LYS TA 23 -45.58 -70.55 -43.66
CA LYS TA 23 -44.54 -71.53 -43.38
C LYS TA 23 -43.29 -70.86 -42.83
N LYS TA 24 -42.92 -69.73 -43.43
CA LYS TA 24 -41.68 -69.06 -43.09
C LYS TA 24 -41.76 -68.34 -41.75
N SER TA 25 -42.96 -68.06 -41.25
CA SER TA 25 -43.15 -67.42 -39.94
C SER TA 25 -43.35 -68.38 -38.78
N CYS TA 26 -43.66 -69.65 -39.05
CA CYS TA 26 -43.95 -70.63 -38.01
C CYS TA 26 -42.71 -70.99 -37.18
N PRO TA 27 -42.84 -71.17 -35.87
CA PRO TA 27 -41.71 -71.67 -35.09
C PRO TA 27 -41.44 -73.17 -35.24
N VAL TA 28 -42.47 -73.99 -35.44
CA VAL TA 28 -42.29 -75.44 -35.52
C VAL TA 28 -41.61 -75.81 -36.83
N VAL TA 29 -41.91 -75.07 -37.89
CA VAL TA 29 -41.18 -75.16 -39.15
C VAL TA 29 -39.72 -74.74 -38.97
N ARG TA 30 -39.48 -73.74 -38.11
CA ARG TA 30 -38.13 -73.24 -37.94
C ARG TA 30 -37.29 -74.06 -36.97
N MET TA 31 -37.72 -75.26 -36.58
CA MET TA 31 -36.80 -76.33 -36.25
C MET TA 31 -36.70 -77.41 -37.34
N GLY TA 32 -37.67 -77.50 -38.23
CA GLY TA 32 -37.61 -78.50 -39.28
C GLY TA 32 -38.62 -79.63 -39.16
N LYS TA 33 -39.42 -79.66 -38.10
CA LYS TA 33 -40.55 -80.57 -38.03
C LYS TA 33 -41.71 -79.91 -38.77
N LEU TA 34 -42.23 -80.57 -39.77
CA LEU TA 34 -43.06 -79.89 -40.75
C LEU TA 34 -44.52 -79.99 -40.32
N CYS TA 35 -44.97 -78.96 -39.60
CA CYS TA 35 -46.41 -78.82 -39.41
C CYS TA 35 -47.06 -78.25 -40.66
N ILE TA 36 -46.41 -77.27 -41.29
CA ILE TA 36 -46.87 -76.68 -42.53
C ILE TA 36 -46.02 -77.21 -43.68
N GLU TA 37 -46.66 -77.79 -44.71
CA GLU TA 37 -45.98 -78.15 -45.94
C GLU TA 37 -46.71 -77.52 -47.12
N VAL TA 38 -46.11 -76.48 -47.69
CA VAL TA 38 -46.65 -75.79 -48.85
C VAL TA 38 -45.64 -75.84 -49.97
N THR TA 39 -46.08 -75.45 -51.14
CA THR TA 39 -45.20 -75.08 -52.25
C THR TA 39 -45.96 -74.05 -53.08
N PRO TA 40 -45.25 -73.27 -53.90
CA PRO TA 40 -45.95 -72.38 -54.84
C PRO TA 40 -46.51 -73.05 -56.09
N GLN TA 41 -46.47 -74.38 -56.23
CA GLN TA 41 -47.14 -75.06 -57.32
C GLN TA 41 -48.45 -75.74 -56.89
N SER TA 42 -49.07 -75.25 -55.82
CA SER TA 42 -50.07 -75.99 -55.07
C SER TA 42 -51.41 -75.27 -55.13
N LYS TA 43 -52.43 -75.94 -54.58
CA LYS TA 43 -53.76 -75.36 -54.44
C LYS TA 43 -54.17 -75.06 -52.99
N ILE TA 44 -53.42 -75.54 -51.99
CA ILE TA 44 -53.79 -75.38 -50.59
C ILE TA 44 -52.52 -75.46 -49.73
N ALA TA 45 -52.56 -74.81 -48.56
CA ALA TA 45 -51.64 -75.13 -47.46
C ALA TA 45 -52.17 -76.31 -46.64
N TRP TA 46 -51.26 -77.15 -46.14
CA TRP TA 46 -51.65 -78.26 -45.27
C TRP TA 46 -50.95 -78.13 -43.93
N ILE TA 47 -51.69 -77.75 -42.91
CA ILE TA 47 -51.18 -77.60 -41.56
C ILE TA 47 -51.46 -78.88 -40.78
N SER TA 48 -50.40 -79.45 -40.19
CA SER TA 48 -50.54 -80.76 -39.54
C SER TA 48 -51.32 -80.65 -38.24
N GLU TA 49 -52.01 -81.72 -37.90
CA GLU TA 49 -52.96 -81.68 -36.80
C GLU TA 49 -52.37 -82.11 -35.48
N THR TA 50 -51.24 -82.83 -35.52
CA THR TA 50 -50.51 -83.22 -34.32
C THR TA 50 -49.16 -82.54 -34.20
N LEU TA 51 -48.79 -81.72 -35.19
CA LEU TA 51 -47.53 -80.99 -35.13
C LEU TA 51 -47.77 -79.50 -34.98
N CYS TA 52 -49.02 -79.06 -35.02
CA CYS TA 52 -49.35 -77.70 -34.64
C CYS TA 52 -49.40 -77.59 -33.14
N ILE TA 53 -48.69 -76.60 -32.60
CA ILE TA 53 -48.72 -76.38 -31.16
C ILE TA 53 -49.87 -75.46 -30.79
N GLY TA 54 -50.46 -74.77 -31.74
CA GLY TA 54 -51.50 -73.84 -31.41
C GLY TA 54 -50.98 -72.63 -30.67
N CYS TA 55 -50.08 -71.87 -31.28
CA CYS TA 55 -49.61 -70.65 -30.65
C CYS TA 55 -49.92 -69.39 -31.42
N GLY TA 56 -50.59 -69.47 -32.56
CA GLY TA 56 -51.14 -68.28 -33.15
C GLY TA 56 -50.19 -67.40 -33.91
N ILE TA 57 -48.99 -67.87 -34.24
CA ILE TA 57 -48.04 -67.05 -34.98
C ILE TA 57 -48.40 -67.02 -36.46
N CYS TA 58 -48.90 -68.14 -37.00
CA CYS TA 58 -49.12 -68.22 -38.45
C CYS TA 58 -50.30 -67.40 -38.91
N ILE TA 59 -51.20 -67.01 -38.01
CA ILE TA 59 -52.45 -66.36 -38.41
C ILE TA 59 -52.20 -64.94 -38.90
N LYS TA 60 -51.36 -64.19 -38.19
CA LYS TA 60 -51.17 -62.79 -38.55
C LYS TA 60 -50.26 -62.63 -39.76
N LYS TA 61 -49.38 -63.59 -40.00
CA LYS TA 61 -48.52 -63.60 -41.19
C LYS TA 61 -49.20 -64.36 -42.34
N CYS TA 62 -50.28 -63.78 -42.85
CA CYS TA 62 -50.84 -64.24 -44.11
C CYS TA 62 -51.45 -63.12 -44.95
N PRO TA 63 -51.07 -62.98 -46.22
CA PRO TA 63 -51.65 -61.92 -47.07
C PRO TA 63 -53.14 -62.02 -47.33
N PHE TA 64 -53.62 -63.16 -47.80
CA PHE TA 64 -55.05 -63.36 -47.93
C PHE TA 64 -55.42 -64.23 -46.75
N GLY TA 65 -55.89 -63.61 -45.66
CA GLY TA 65 -56.02 -64.32 -44.40
C GLY TA 65 -57.04 -65.43 -44.42
N ALA TA 66 -56.52 -66.65 -44.33
CA ALA TA 66 -57.32 -67.84 -44.48
C ALA TA 66 -57.19 -68.79 -43.32
N LEU TA 67 -56.37 -68.46 -42.34
CA LEU TA 67 -55.95 -69.41 -41.33
C LEU TA 67 -56.66 -69.08 -40.04
N SER TA 68 -57.38 -70.04 -39.51
CA SER TA 68 -58.17 -69.85 -38.31
C SER TA 68 -57.55 -70.70 -37.21
N ILE TA 69 -57.83 -70.34 -35.97
CA ILE TA 69 -57.39 -71.13 -34.83
C ILE TA 69 -58.64 -71.71 -34.16
N VAL TA 70 -58.60 -73.00 -33.89
CA VAL TA 70 -59.81 -73.79 -33.62
C VAL TA 70 -59.47 -74.79 -32.53
N ASN TA 71 -60.30 -74.84 -31.49
CA ASN TA 71 -60.03 -75.72 -30.38
C ASN TA 71 -60.38 -77.15 -30.74
N LEU TA 72 -59.60 -78.06 -30.18
CA LEU TA 72 -59.89 -79.47 -30.18
C LEU TA 72 -60.03 -79.93 -28.74
N PRO TA 73 -61.02 -80.75 -28.41
CA PRO TA 73 -61.39 -80.94 -27.01
C PRO TA 73 -60.43 -81.86 -26.29
N SER TA 74 -60.38 -81.70 -24.98
CA SER TA 74 -59.38 -82.37 -24.16
C SER TA 74 -59.93 -82.48 -22.75
N ASN TA 75 -59.19 -83.18 -21.90
CA ASN TA 75 -59.51 -83.26 -20.49
C ASN TA 75 -59.16 -81.94 -19.83
N LEU TA 76 -60.18 -81.23 -19.35
CA LEU TA 76 -59.97 -79.87 -18.85
C LEU TA 76 -59.97 -79.75 -17.35
N GLU TA 77 -60.79 -80.57 -16.66
CA GLU TA 77 -61.10 -80.55 -15.21
C GLU TA 77 -61.33 -79.11 -14.68
N LYS TA 78 -62.07 -78.34 -15.48
CA LYS TA 78 -62.45 -76.96 -15.21
C LYS TA 78 -63.97 -76.93 -15.13
N GLU TA 79 -64.49 -76.58 -13.95
CA GLU TA 79 -65.93 -76.61 -13.60
C GLU TA 79 -66.53 -78.00 -13.87
N THR TA 80 -65.95 -79.00 -13.20
CA THR TA 80 -66.47 -80.36 -13.17
C THR TA 80 -67.70 -80.47 -12.27
N THR TA 81 -68.75 -81.14 -12.76
CA THR TA 81 -69.94 -81.36 -11.94
C THR TA 81 -69.97 -82.71 -11.25
N HIS TA 82 -69.60 -83.80 -11.93
CA HIS TA 82 -69.77 -85.13 -11.35
C HIS TA 82 -68.86 -86.14 -12.02
N ARG TA 83 -68.10 -86.90 -11.22
CA ARG TA 83 -67.29 -87.99 -11.70
C ARG TA 83 -67.71 -89.26 -10.96
N TYR TA 84 -67.75 -90.38 -11.67
CA TYR TA 84 -68.43 -91.56 -11.14
C TYR TA 84 -67.55 -92.41 -10.20
N CYS TA 85 -66.32 -92.73 -10.61
CA CYS TA 85 -65.49 -93.62 -9.80
C CYS TA 85 -64.02 -93.31 -10.10
N ALA TA 86 -63.14 -94.03 -9.42
CA ALA TA 86 -61.71 -93.92 -9.69
C ALA TA 86 -61.37 -94.48 -11.06
N ASN TA 87 -60.58 -93.69 -11.81
CA ASN TA 87 -60.22 -93.92 -13.22
C ASN TA 87 -61.46 -94.17 -14.09
N ALA TA 88 -62.48 -93.35 -13.89
CA ALA TA 88 -63.78 -93.51 -14.49
C ALA TA 88 -64.24 -92.21 -15.12
N PHE TA 89 -65.41 -92.31 -15.76
CA PHE TA 89 -66.03 -91.24 -16.53
C PHE TA 89 -66.32 -90.00 -15.69
N LYS TA 90 -66.13 -88.83 -16.30
CA LYS TA 90 -66.23 -87.55 -15.63
C LYS TA 90 -67.21 -86.67 -16.39
N LEU TA 91 -68.40 -86.45 -15.84
CA LEU TA 91 -69.36 -85.51 -16.44
C LEU TA 91 -68.96 -84.10 -16.04
N HIS TA 92 -68.58 -83.28 -17.01
CA HIS TA 92 -68.03 -81.98 -16.65
C HIS TA 92 -69.12 -80.98 -16.28
N ARG TA 93 -70.09 -80.75 -17.15
CA ARG TA 93 -71.08 -79.69 -16.92
C ARG TA 93 -72.47 -80.26 -16.70
N LEU TA 94 -73.38 -79.37 -16.31
CA LEU TA 94 -74.77 -79.66 -16.06
C LEU TA 94 -75.64 -78.92 -17.06
N PRO TA 95 -76.68 -79.54 -17.63
CA PRO TA 95 -77.58 -78.81 -18.53
C PRO TA 95 -78.50 -77.88 -17.76
N ILE TA 96 -78.94 -76.82 -18.43
CA ILE TA 96 -79.81 -75.81 -17.84
C ILE TA 96 -81.23 -76.08 -18.32
N PRO TA 97 -82.16 -76.43 -17.43
CA PRO TA 97 -83.55 -76.59 -17.85
C PRO TA 97 -84.32 -75.28 -17.79
N ARG TA 98 -85.41 -75.24 -18.56
CA ARG TA 98 -86.16 -74.01 -18.82
C ARG TA 98 -87.65 -74.30 -18.70
N PRO TA 99 -88.43 -73.33 -18.22
CA PRO TA 99 -89.86 -73.59 -18.00
C PRO TA 99 -90.64 -73.55 -19.28
N GLY TA 100 -91.54 -74.52 -19.44
CA GLY TA 100 -92.52 -74.44 -20.49
C GLY TA 100 -92.02 -74.80 -21.87
N GLU TA 101 -90.83 -75.37 -22.01
CA GLU TA 101 -90.40 -75.74 -23.33
C GLU TA 101 -89.60 -77.01 -23.22
N VAL TA 102 -89.29 -77.57 -24.38
CA VAL TA 102 -88.71 -78.90 -24.50
C VAL TA 102 -87.24 -78.74 -24.86
N LEU TA 103 -86.38 -79.49 -24.18
CA LEU TA 103 -84.94 -79.42 -24.38
C LEU TA 103 -84.46 -80.75 -24.93
N GLY TA 104 -83.79 -80.71 -26.06
CA GLY TA 104 -83.26 -81.91 -26.68
C GLY TA 104 -81.77 -82.03 -26.42
N LEU TA 105 -81.28 -83.27 -26.40
CA LEU TA 105 -79.86 -83.51 -26.16
C LEU TA 105 -79.37 -84.52 -27.19
N VAL TA 106 -78.49 -84.08 -28.10
CA VAL TA 106 -77.95 -84.96 -29.14
C VAL TA 106 -76.44 -85.09 -29.00
N GLY TA 107 -75.93 -86.19 -29.53
CA GLY TA 107 -74.53 -86.52 -29.37
C GLY TA 107 -74.30 -88.01 -29.56
N THR TA 108 -73.12 -88.45 -29.12
CA THR TA 108 -72.72 -89.84 -29.22
C THR TA 108 -73.20 -90.65 -28.02
N ASN TA 109 -73.00 -91.96 -28.09
CA ASN TA 109 -73.39 -92.82 -26.97
C ASN TA 109 -72.22 -93.11 -26.04
N GLY TA 110 -72.55 -93.32 -24.78
CA GLY TA 110 -71.55 -93.46 -23.75
C GLY TA 110 -70.87 -92.16 -23.37
N ILE TA 111 -71.53 -91.02 -23.57
CA ILE TA 111 -70.95 -89.72 -23.32
C ILE TA 111 -71.50 -89.07 -22.06
N GLY TA 112 -72.48 -89.70 -21.42
CA GLY TA 112 -73.04 -89.22 -20.19
C GLY TA 112 -74.41 -88.61 -20.27
N LYS TA 113 -75.20 -88.90 -21.31
CA LYS TA 113 -76.45 -88.20 -21.50
C LYS TA 113 -77.55 -88.66 -20.57
N SER TA 114 -77.45 -89.87 -20.03
CA SER TA 114 -78.42 -90.31 -19.03
C SER TA 114 -78.02 -89.90 -17.64
N THR TA 115 -76.72 -89.73 -17.42
CA THR TA 115 -76.20 -89.31 -16.13
C THR TA 115 -76.57 -87.85 -15.83
N ALA TA 116 -76.70 -87.03 -16.87
CA ALA TA 116 -77.16 -85.66 -16.72
C ALA TA 116 -78.61 -85.58 -16.24
N LEU TA 117 -79.41 -86.58 -16.59
CA LEU TA 117 -80.80 -86.58 -16.19
C LEU TA 117 -80.96 -86.91 -14.71
N LYS TA 118 -80.13 -87.84 -14.20
CA LYS TA 118 -80.23 -88.29 -12.82
C LYS TA 118 -79.81 -87.24 -11.81
N ILE TA 119 -78.99 -86.27 -12.21
CA ILE TA 119 -78.56 -85.19 -11.33
C ILE TA 119 -79.60 -84.07 -11.29
N LEU TA 120 -80.22 -83.77 -12.43
CA LEU TA 120 -81.23 -82.71 -12.48
C LEU TA 120 -82.59 -83.15 -11.96
N ALA TA 121 -82.77 -84.44 -11.69
CA ALA TA 121 -84.05 -84.95 -11.22
C ALA TA 121 -84.05 -85.25 -9.73
N GLY TA 122 -83.01 -84.88 -9.01
CA GLY TA 122 -82.89 -85.24 -7.62
C GLY TA 122 -82.48 -86.68 -7.35
N LYS TA 123 -82.20 -87.47 -8.39
CA LYS TA 123 -81.91 -88.87 -8.18
C LYS TA 123 -80.46 -89.10 -7.77
N GLN TA 124 -79.59 -88.13 -8.01
CA GLN TA 124 -78.22 -88.18 -7.51
C GLN TA 124 -77.84 -86.84 -6.91
N LYS TA 125 -77.16 -86.88 -5.76
CA LYS TA 125 -76.31 -85.77 -5.39
C LYS TA 125 -74.94 -85.98 -6.01
N PRO TA 126 -74.46 -85.08 -6.84
CA PRO TA 126 -73.13 -85.26 -7.43
C PRO TA 126 -72.05 -85.04 -6.40
N ASN TA 127 -70.95 -85.77 -6.53
CA ASN TA 127 -69.85 -85.62 -5.59
C ASN TA 127 -68.78 -84.64 -6.05
N LEU TA 128 -69.08 -83.83 -7.08
CA LEU TA 128 -68.26 -82.70 -7.57
C LEU TA 128 -66.89 -83.15 -8.06
N GLY TA 129 -66.82 -84.36 -8.60
CA GLY TA 129 -65.57 -84.95 -9.00
C GLY TA 129 -64.70 -85.48 -7.88
N LYS TA 130 -65.28 -85.78 -6.73
CA LYS TA 130 -64.52 -86.24 -5.57
C LYS TA 130 -65.19 -87.48 -5.00
N TYR TA 131 -64.64 -88.67 -5.28
CA TYR TA 131 -65.35 -89.90 -5.01
C TYR TA 131 -65.00 -90.53 -3.66
N ASP TA 132 -63.91 -90.09 -3.04
CA ASP TA 132 -63.55 -90.58 -1.71
C ASP TA 132 -64.33 -89.81 -0.65
N ASP TA 133 -64.34 -88.49 -0.76
CA ASP TA 133 -64.87 -87.57 0.24
C ASP TA 133 -65.98 -86.74 -0.39
N PRO TA 134 -67.21 -87.25 -0.48
CA PRO TA 134 -68.25 -86.54 -1.22
C PRO TA 134 -68.79 -85.36 -0.43
N PRO TA 135 -68.85 -84.17 -1.03
CA PRO TA 135 -69.50 -83.04 -0.38
C PRO TA 135 -71.00 -83.22 -0.35
N ASP TA 136 -71.61 -82.76 0.73
CA ASP TA 136 -73.03 -82.94 0.98
C ASP TA 136 -73.78 -81.70 0.50
N TRP TA 137 -75.12 -81.79 0.51
CA TRP TA 137 -76.03 -80.89 -0.23
C TRP TA 137 -75.91 -79.42 0.11
N GLN TA 138 -75.35 -79.07 1.27
CA GLN TA 138 -75.13 -77.66 1.57
C GLN TA 138 -74.05 -77.07 0.69
N GLU TA 139 -72.94 -77.78 0.55
CA GLU TA 139 -71.79 -77.30 -0.21
C GLU TA 139 -71.94 -77.56 -1.69
N ILE TA 140 -72.92 -78.38 -2.07
CA ILE TA 140 -73.30 -78.47 -3.48
C ILE TA 140 -74.03 -77.20 -3.88
N LEU TA 141 -74.86 -76.67 -2.98
CA LEU TA 141 -75.64 -75.47 -3.24
C LEU TA 141 -74.84 -74.18 -3.12
N THR TA 142 -73.58 -74.22 -2.70
CA THR TA 142 -72.71 -73.09 -2.83
C THR TA 142 -71.76 -73.21 -4.02
N TYR TA 143 -71.84 -74.29 -4.79
CA TYR TA 143 -71.00 -74.46 -5.97
C TYR TA 143 -71.74 -74.09 -7.25
N PHE TA 144 -73.07 -74.16 -7.23
CA PHE TA 144 -73.87 -73.53 -8.26
C PHE TA 144 -74.31 -72.14 -7.87
N ARG TA 145 -73.60 -71.53 -6.91
CA ARG TA 145 -73.84 -70.15 -6.50
C ARG TA 145 -73.59 -69.20 -7.66
N GLY TA 146 -74.45 -68.21 -7.79
CA GLY TA 146 -74.37 -67.35 -8.93
C GLY TA 146 -74.97 -67.95 -10.19
N SER TA 147 -75.72 -69.03 -10.08
CA SER TA 147 -76.44 -69.59 -11.21
C SER TA 147 -77.91 -69.65 -10.85
N GLU TA 148 -78.72 -70.00 -11.84
CA GLU TA 148 -80.14 -70.19 -11.59
C GLU TA 148 -80.40 -71.41 -10.73
N LEU TA 149 -79.55 -72.42 -10.84
CA LEU TA 149 -79.90 -73.76 -10.40
C LEU TA 149 -79.79 -73.95 -8.91
N GLN TA 150 -79.09 -73.06 -8.20
CA GLN TA 150 -79.11 -73.16 -6.75
C GLN TA 150 -80.38 -72.56 -6.15
N ASN TA 151 -81.23 -71.93 -6.97
CA ASN TA 151 -82.65 -71.83 -6.64
C ASN TA 151 -83.40 -73.07 -7.06
N TYR TA 152 -83.08 -73.62 -8.25
CA TYR TA 152 -83.86 -74.73 -8.81
C TYR TA 152 -83.65 -76.02 -8.04
N PHE TA 153 -82.42 -76.27 -7.59
CA PHE TA 153 -82.17 -77.44 -6.76
C PHE TA 153 -82.77 -77.29 -5.37
N THR TA 154 -82.98 -76.05 -4.90
CA THR TA 154 -83.70 -75.85 -3.64
C THR TA 154 -85.16 -76.25 -3.78
N LYS TA 155 -85.74 -76.10 -4.98
CA LYS TA 155 -87.06 -76.64 -5.25
C LYS TA 155 -87.06 -78.16 -5.29
N ILE TA 156 -85.93 -78.77 -5.64
CA ILE TA 156 -85.80 -80.22 -5.64
C ILE TA 156 -85.67 -80.76 -4.22
N LEU TA 157 -84.91 -80.07 -3.36
CA LEU TA 157 -84.59 -80.60 -2.04
C LEU TA 157 -85.76 -80.54 -1.08
N GLU TA 158 -86.65 -79.57 -1.23
CA GLU TA 158 -87.89 -79.57 -0.48
C GLU TA 158 -89.04 -80.18 -1.25
N ASP TA 159 -88.74 -80.78 -2.41
CA ASP TA 159 -89.70 -81.39 -3.35
C ASP TA 159 -90.78 -80.41 -3.79
N ASP TA 160 -90.41 -79.14 -3.98
CA ASP TA 160 -91.35 -78.17 -4.53
C ASP TA 160 -91.49 -78.29 -6.04
N LEU TA 161 -90.60 -79.02 -6.70
CA LEU TA 161 -90.76 -79.36 -8.11
C LEU TA 161 -90.48 -80.85 -8.22
N LYS TA 162 -91.51 -81.62 -8.52
CA LYS TA 162 -91.42 -83.08 -8.53
C LYS TA 162 -90.84 -83.55 -9.84
N ALA TA 163 -90.03 -84.60 -9.78
CA ALA TA 163 -89.27 -85.07 -10.93
C ALA TA 163 -89.52 -86.55 -11.16
N ILE TA 164 -90.13 -86.86 -12.29
CA ILE TA 164 -90.32 -88.23 -12.74
C ILE TA 164 -89.60 -88.39 -14.08
N ILE TA 165 -88.90 -89.51 -14.25
CA ILE TA 165 -88.14 -89.82 -15.46
C ILE TA 165 -88.84 -90.98 -16.14
N LYS TA 166 -88.65 -91.07 -17.45
CA LYS TA 166 -88.91 -92.28 -18.21
C LYS TA 166 -87.61 -93.06 -18.31
N PRO TA 167 -87.58 -94.36 -18.01
CA PRO TA 167 -86.31 -95.08 -18.02
C PRO TA 167 -85.82 -95.37 -19.42
N GLN TA 168 -84.51 -95.43 -19.57
CA GLN TA 168 -83.90 -95.74 -20.86
C GLN TA 168 -84.08 -97.21 -21.19
N TYR TA 169 -83.93 -98.07 -20.19
CA TYR TA 169 -84.03 -99.50 -20.42
C TYR TA 169 -85.49 -99.85 -20.27
N VAL TA 170 -86.21 -99.85 -21.40
CA VAL TA 170 -87.66 -99.99 -21.36
C VAL TA 170 -88.09 -101.45 -21.37
N ASP TA 171 -87.22 -102.36 -21.77
CA ASP TA 171 -87.65 -103.74 -21.94
C ASP TA 171 -87.76 -104.50 -20.61
N GLN TA 172 -87.18 -103.97 -19.54
CA GLN TA 172 -87.09 -104.69 -18.28
C GLN TA 172 -88.19 -104.35 -17.29
N ILE TA 173 -89.12 -103.45 -17.64
CA ILE TA 173 -90.17 -103.02 -16.72
C ILE TA 173 -91.18 -104.05 -16.18
N PRO TA 174 -91.57 -105.17 -16.84
CA PRO TA 174 -92.53 -106.06 -16.16
C PRO TA 174 -91.95 -106.91 -15.04
N LYS TA 175 -90.65 -106.80 -14.72
CA LYS TA 175 -90.11 -107.55 -13.60
C LYS TA 175 -90.54 -106.93 -12.27
N ALA TA 176 -90.77 -105.61 -12.24
CA ALA TA 176 -91.35 -104.94 -11.09
C ALA TA 176 -92.80 -104.54 -11.32
N ALA TA 177 -93.43 -105.06 -12.37
CA ALA TA 177 -94.80 -104.71 -12.75
C ALA TA 177 -95.57 -105.98 -13.07
N LYS TA 178 -96.53 -106.32 -12.21
CA LYS TA 178 -97.21 -107.60 -12.30
C LYS TA 178 -98.69 -107.36 -12.59
N GLY TA 179 -99.22 -108.07 -13.59
CA GLY TA 179 -100.64 -108.07 -13.86
C GLY TA 179 -100.95 -107.47 -15.23
N THR TA 180 -101.98 -106.63 -15.26
CA THR TA 180 -102.58 -106.15 -16.49
C THR TA 180 -102.28 -104.68 -16.71
N VAL TA 181 -102.39 -104.30 -17.99
CA VAL TA 181 -102.16 -102.91 -18.42
C VAL TA 181 -103.24 -102.00 -17.85
N GLY TA 182 -104.46 -102.52 -17.68
CA GLY TA 182 -105.52 -101.73 -17.05
C GLY TA 182 -105.29 -101.47 -15.57
N SER TA 183 -104.70 -102.42 -14.85
CA SER TA 183 -104.51 -102.25 -13.41
C SER TA 183 -103.24 -101.48 -13.10
N ILE TA 184 -102.14 -101.80 -13.78
CA ILE TA 184 -100.86 -101.23 -13.38
C ILE TA 184 -100.69 -99.80 -13.88
N LEU TA 185 -101.27 -99.47 -15.04
CA LEU TA 185 -101.29 -98.08 -15.45
C LEU TA 185 -102.33 -97.30 -14.64
N ASP TA 186 -103.59 -97.73 -14.68
CA ASP TA 186 -104.61 -97.11 -13.83
C ASP TA 186 -104.75 -97.82 -12.49
N ARG TA 187 -103.71 -97.73 -11.65
CA ARG TA 187 -103.93 -97.22 -10.30
C ARG TA 187 -103.12 -95.98 -9.98
N LYS TA 188 -101.96 -95.83 -10.61
CA LYS TA 188 -101.09 -94.65 -10.51
C LYS TA 188 -101.39 -93.63 -11.61
N ASP TA 189 -102.59 -93.03 -11.59
CA ASP TA 189 -102.66 -91.86 -12.45
C ASP TA 189 -102.41 -90.55 -11.73
N GLU TA 190 -103.12 -90.35 -10.61
CA GLU TA 190 -103.20 -89.18 -9.73
C GLU TA 190 -103.75 -87.93 -10.45
N THR TA 191 -104.27 -88.06 -11.67
CA THR TA 191 -105.07 -87.10 -12.41
C THR TA 191 -105.98 -87.95 -13.26
N LYS TA 192 -107.29 -87.84 -13.10
CA LYS TA 192 -108.18 -88.76 -13.79
C LYS TA 192 -108.57 -88.17 -15.15
N THR TA 193 -107.58 -88.02 -16.04
CA THR TA 193 -108.00 -87.63 -17.37
C THR TA 193 -108.37 -88.82 -18.25
N GLN TA 194 -107.45 -89.78 -18.42
CA GLN TA 194 -107.59 -91.11 -19.03
C GLN TA 194 -108.06 -91.07 -20.49
N ALA TA 195 -108.06 -89.91 -21.16
CA ALA TA 195 -108.70 -89.77 -22.46
C ALA TA 195 -107.79 -89.34 -23.59
N ILE TA 196 -106.70 -88.64 -23.31
CA ILE TA 196 -105.90 -88.13 -24.40
C ILE TA 196 -104.70 -89.04 -24.53
N VAL TA 197 -104.25 -89.59 -23.39
CA VAL TA 197 -102.98 -90.29 -23.26
C VAL TA 197 -102.99 -91.59 -24.05
N CYS TA 198 -104.15 -92.22 -24.21
CA CYS TA 198 -104.24 -93.40 -25.04
C CYS TA 198 -104.46 -93.05 -26.50
N GLN TA 199 -105.31 -92.06 -26.79
CA GLN TA 199 -105.66 -91.73 -28.17
C GLN TA 199 -104.54 -90.99 -28.90
N GLN TA 200 -103.73 -90.23 -28.19
CA GLN TA 200 -102.53 -89.69 -28.80
C GLN TA 200 -101.43 -90.74 -28.90
N LEU TA 201 -101.47 -91.80 -28.09
CA LEU TA 201 -100.44 -92.82 -28.19
C LEU TA 201 -100.93 -94.19 -28.67
N ASP TA 202 -102.10 -94.24 -29.32
CA ASP TA 202 -102.68 -95.44 -29.97
C ASP TA 202 -102.83 -96.63 -29.03
N LEU TA 203 -103.58 -96.40 -27.94
CA LEU TA 203 -103.75 -97.35 -26.85
C LEU TA 203 -105.24 -97.51 -26.55
N THR TA 204 -105.52 -98.38 -25.58
CA THR TA 204 -106.77 -99.08 -25.20
C THR TA 204 -107.17 -100.16 -26.21
N HIS TA 205 -106.25 -100.60 -27.07
CA HIS TA 205 -106.41 -101.89 -27.71
C HIS TA 205 -105.42 -102.90 -27.15
N LEU TA 206 -104.69 -102.52 -26.10
CA LEU TA 206 -103.61 -103.32 -25.54
C LEU TA 206 -103.83 -103.55 -24.06
N LYS TA 207 -105.04 -103.30 -23.58
CA LYS TA 207 -105.27 -103.09 -22.16
C LYS TA 207 -105.82 -104.31 -21.43
N GLU TA 208 -106.05 -105.42 -22.13
CA GLU TA 208 -106.40 -106.66 -21.46
C GLU TA 208 -105.37 -107.74 -21.76
N ARG TA 209 -104.38 -107.45 -22.58
CA ARG TA 209 -103.18 -108.27 -22.57
C ARG TA 209 -102.33 -107.90 -21.36
N ASN TA 210 -101.40 -108.79 -21.03
CA ASN TA 210 -100.57 -108.56 -19.85
C ASN TA 210 -99.51 -107.52 -20.16
N VAL TA 211 -98.85 -107.04 -19.10
CA VAL TA 211 -97.70 -106.16 -19.28
C VAL TA 211 -96.50 -106.95 -19.77
N GLU TA 212 -96.45 -108.26 -19.49
CA GLU TA 212 -95.44 -109.16 -20.04
C GLU TA 212 -95.74 -109.65 -21.46
N ASP TA 213 -96.87 -109.25 -22.04
CA ASP TA 213 -97.31 -109.78 -23.33
C ASP TA 213 -96.70 -109.06 -24.52
N LEU TA 214 -96.29 -107.81 -24.33
CA LEU TA 214 -96.03 -106.89 -25.42
C LEU TA 214 -94.67 -107.14 -26.04
N SER TA 215 -94.57 -106.90 -27.33
CA SER TA 215 -93.26 -106.81 -27.95
C SER TA 215 -92.72 -105.40 -27.79
N GLY TA 216 -91.49 -105.19 -28.27
CA GLY TA 216 -90.69 -104.02 -27.92
C GLY TA 216 -91.23 -102.68 -28.37
N GLY TA 217 -91.96 -102.67 -29.48
CA GLY TA 217 -92.68 -101.46 -29.86
C GLY TA 217 -93.78 -101.09 -28.88
N GLU TA 218 -94.64 -102.04 -28.55
CA GLU TA 218 -95.73 -101.77 -27.63
C GLU TA 218 -95.25 -101.66 -26.20
N LEU TA 219 -94.09 -102.26 -25.89
CA LEU TA 219 -93.48 -102.08 -24.59
C LEU TA 219 -93.01 -100.64 -24.42
N GLN TA 220 -92.56 -100.01 -25.51
CA GLN TA 220 -92.07 -98.63 -25.46
C GLN TA 220 -93.19 -97.62 -25.23
N ARG TA 221 -94.30 -97.77 -25.95
CA ARG TA 221 -95.37 -96.79 -25.90
C ARG TA 221 -96.19 -96.90 -24.63
N PHE TA 222 -96.11 -98.02 -23.93
CA PHE TA 222 -96.73 -98.11 -22.61
C PHE TA 222 -96.02 -97.21 -21.60
N ALA TA 223 -94.68 -97.14 -21.69
CA ALA TA 223 -93.90 -96.35 -20.73
C ALA TA 223 -94.03 -94.85 -20.98
N CYS TA 224 -94.29 -94.45 -22.23
CA CYS TA 224 -94.58 -93.04 -22.51
C CYS TA 224 -95.92 -92.62 -21.92
N ALA TA 225 -96.86 -93.56 -21.81
CA ALA TA 225 -98.12 -93.29 -21.11
C ALA TA 225 -97.93 -93.13 -19.61
N VAL TA 226 -97.04 -93.95 -19.00
CA VAL TA 226 -96.99 -94.02 -17.55
C VAL TA 226 -96.31 -92.80 -16.94
N VAL TA 227 -95.49 -92.06 -17.70
CA VAL TA 227 -94.97 -90.80 -17.18
C VAL TA 227 -95.98 -89.67 -17.40
N CYS TA 228 -96.75 -89.72 -18.48
CA CYS TA 228 -97.48 -88.55 -18.96
C CYS TA 228 -98.73 -88.24 -18.14
N ILE TA 229 -99.39 -89.25 -17.57
CA ILE TA 229 -100.59 -89.00 -16.78
C ILE TA 229 -100.23 -88.39 -15.42
N GLN TA 230 -99.00 -88.67 -14.94
CA GLN TA 230 -98.58 -88.40 -13.58
C GLN TA 230 -98.46 -86.90 -13.29
N LYS TA 231 -98.71 -86.55 -12.03
CA LYS TA 231 -98.75 -85.15 -11.61
C LYS TA 231 -97.38 -84.78 -11.02
N ALA TA 232 -96.59 -84.08 -11.82
CA ALA TA 232 -95.25 -83.62 -11.46
C ALA TA 232 -94.89 -82.48 -12.40
N ASP TA 233 -93.70 -81.91 -12.21
CA ASP TA 233 -93.28 -80.83 -13.08
C ASP TA 233 -92.05 -81.12 -13.91
N ILE TA 234 -91.20 -82.07 -13.52
CA ILE TA 234 -89.91 -82.26 -14.17
C ILE TA 234 -89.88 -83.62 -14.85
N PHE TA 235 -89.86 -83.63 -16.17
CA PHE TA 235 -89.89 -84.87 -16.92
C PHE TA 235 -88.68 -84.99 -17.83
N MET TA 236 -88.08 -86.17 -17.85
CA MET TA 236 -86.92 -86.49 -18.68
C MET TA 236 -87.27 -87.69 -19.53
N PHE TA 237 -87.14 -87.57 -20.83
CA PHE TA 237 -87.58 -88.63 -21.72
C PHE TA 237 -86.35 -89.25 -22.37
N ASP TA 238 -85.99 -90.44 -21.90
CA ASP TA 238 -84.80 -91.15 -22.34
C ASP TA 238 -85.09 -91.93 -23.61
N GLU TA 239 -84.52 -91.46 -24.72
CA GLU TA 239 -84.52 -92.12 -26.02
C GLU TA 239 -85.88 -92.57 -26.58
N PRO TA 240 -86.86 -91.67 -26.68
CA PRO TA 240 -88.26 -92.11 -26.82
C PRO TA 240 -88.62 -92.60 -28.21
N SER TA 241 -87.69 -92.58 -29.15
CA SER TA 241 -87.87 -93.14 -30.47
C SER TA 241 -87.23 -94.51 -30.59
N SER TA 242 -86.79 -95.11 -29.48
CA SER TA 242 -86.32 -96.49 -29.53
C SER TA 242 -87.51 -97.42 -29.75
N TYR TA 243 -87.27 -98.48 -30.53
CA TYR TA 243 -88.24 -99.53 -30.89
C TYR TA 243 -89.50 -99.04 -31.61
N LEU TA 244 -89.50 -97.87 -32.26
CA LEU TA 244 -90.74 -97.37 -32.84
C LEU TA 244 -90.60 -97.10 -34.34
N ASP TA 245 -91.72 -97.23 -35.06
CA ASP TA 245 -91.84 -96.85 -36.46
C ASP TA 245 -92.07 -95.35 -36.55
N VAL TA 246 -92.11 -94.83 -37.79
CA VAL TA 246 -92.06 -93.39 -38.01
C VAL TA 246 -93.41 -92.74 -37.67
N LYS TA 247 -94.50 -93.47 -37.90
CA LYS TA 247 -95.83 -92.94 -37.65
C LYS TA 247 -96.10 -92.78 -36.16
N GLN TA 248 -95.68 -93.74 -35.34
CA GLN TA 248 -95.82 -93.61 -33.89
C GLN TA 248 -94.80 -92.67 -33.29
N ARG TA 249 -93.70 -92.39 -33.99
CA ARG TA 249 -92.71 -91.45 -33.49
C ARG TA 249 -93.25 -90.02 -33.52
N LEU TA 250 -94.03 -89.68 -34.55
CA LEU TA 250 -94.67 -88.37 -34.58
C LEU TA 250 -95.76 -88.23 -33.52
N LYS TA 251 -96.48 -89.32 -33.24
CA LYS TA 251 -97.51 -89.27 -32.19
C LYS TA 251 -96.89 -89.19 -30.80
N ALA TA 252 -95.71 -89.79 -30.62
CA ALA TA 252 -94.98 -89.62 -29.38
C ALA TA 252 -94.45 -88.20 -29.25
N ALA TA 253 -94.12 -87.57 -30.38
CA ALA TA 253 -93.58 -86.22 -30.37
C ALA TA 253 -94.64 -85.19 -30.04
N ILE TA 254 -95.87 -85.43 -30.49
CA ILE TA 254 -96.94 -84.47 -30.26
C ILE TA 254 -97.38 -84.51 -28.79
N THR TA 255 -97.41 -85.70 -28.20
CA THR TA 255 -97.90 -85.86 -26.83
C THR TA 255 -96.91 -85.30 -25.80
N ILE TA 256 -95.62 -85.27 -26.14
CA ILE TA 256 -94.60 -84.66 -25.29
C ILE TA 256 -94.84 -83.16 -25.16
N ARG TA 257 -95.24 -82.51 -26.26
CA ARG TA 257 -95.64 -81.12 -26.19
C ARG TA 257 -97.04 -80.91 -25.62
N SER TA 258 -97.82 -81.98 -25.45
CA SER TA 258 -99.04 -81.89 -24.66
C SER TA 258 -98.79 -81.97 -23.17
N LEU TA 259 -97.57 -82.26 -22.75
CA LEU TA 259 -97.18 -82.20 -21.35
C LEU TA 259 -96.70 -80.82 -20.92
N ILE TA 260 -96.84 -79.81 -21.77
CA ILE TA 260 -96.40 -78.46 -21.45
C ILE TA 260 -97.55 -77.71 -20.79
N ASN TA 261 -97.49 -77.60 -19.52
CA ASN TA 261 -97.92 -76.37 -18.91
C ASN TA 261 -96.72 -75.42 -18.92
N PRO TA 262 -96.90 -74.11 -18.85
CA PRO TA 262 -95.72 -73.23 -18.90
C PRO TA 262 -94.91 -73.19 -17.60
N ASP TA 263 -95.36 -73.91 -16.57
CA ASP TA 263 -94.63 -74.12 -15.34
C ASP TA 263 -93.91 -75.45 -15.33
N ARG TA 264 -94.11 -76.30 -16.33
CA ARG TA 264 -93.53 -77.62 -16.32
C ARG TA 264 -92.17 -77.62 -17.00
N TYR TA 265 -91.30 -78.53 -16.56
CA TYR TA 265 -89.92 -78.63 -17.02
C TYR TA 265 -89.77 -79.93 -17.80
N ILE TA 266 -89.64 -79.82 -19.11
CA ILE TA 266 -89.49 -80.99 -19.98
C ILE TA 266 -88.16 -80.90 -20.70
N ILE TA 267 -87.30 -81.90 -20.51
CA ILE TA 267 -86.13 -82.09 -21.36
C ILE TA 267 -86.20 -83.50 -21.91
N VAL TA 268 -85.71 -83.68 -23.14
CA VAL TA 268 -85.74 -84.98 -23.81
C VAL TA 268 -84.33 -85.28 -24.34
N VAL TA 269 -84.11 -86.52 -24.74
CA VAL TA 269 -82.84 -86.88 -25.35
C VAL TA 269 -83.08 -87.86 -26.49
N GLU TA 270 -82.65 -87.49 -27.70
CA GLU TA 270 -83.00 -88.17 -28.93
C GLU TA 270 -81.74 -88.65 -29.64
N HIS TA 271 -81.87 -89.73 -30.40
CA HIS TA 271 -80.86 -90.12 -31.37
C HIS TA 271 -81.40 -90.24 -32.79
N ASP TA 272 -82.70 -89.97 -33.00
CA ASP TA 272 -83.31 -90.14 -34.32
C ASP TA 272 -83.23 -88.89 -35.18
N LEU TA 273 -83.54 -87.73 -34.60
CA LEU TA 273 -83.35 -86.37 -35.16
C LEU TA 273 -84.01 -86.12 -36.52
N SER TA 274 -85.06 -86.87 -36.89
CA SER TA 274 -85.94 -86.45 -37.97
C SER TA 274 -87.33 -86.11 -37.49
N VAL TA 275 -87.66 -86.42 -36.24
CA VAL TA 275 -88.79 -85.81 -35.56
C VAL TA 275 -88.35 -84.78 -34.56
N LEU TA 276 -87.05 -84.50 -34.43
CA LEU TA 276 -86.56 -83.56 -33.43
C LEU TA 276 -86.91 -82.12 -33.78
N ASP TA 277 -87.10 -81.82 -35.06
CA ASP TA 277 -87.58 -80.50 -35.44
C ASP TA 277 -89.05 -80.28 -35.09
N TYR TA 278 -89.81 -81.35 -34.89
CA TYR TA 278 -91.17 -81.29 -34.41
C TYR TA 278 -91.28 -81.54 -32.91
N LEU TA 279 -90.17 -81.80 -32.21
CA LEU TA 279 -90.26 -82.25 -30.83
C LEU TA 279 -89.73 -81.26 -29.78
N SER TA 280 -88.72 -80.46 -30.09
CA SER TA 280 -88.04 -79.69 -29.06
C SER TA 280 -88.05 -78.22 -29.44
N ASP TA 281 -87.78 -77.36 -28.46
CA ASP TA 281 -87.60 -75.94 -28.74
C ASP TA 281 -86.17 -75.46 -28.64
N PHE TA 282 -85.35 -76.05 -27.77
CA PHE TA 282 -83.95 -75.67 -27.70
C PHE TA 282 -83.14 -76.94 -27.48
N ILE TA 283 -81.89 -76.98 -27.96
CA ILE TA 283 -81.15 -78.24 -27.98
C ILE TA 283 -79.74 -78.01 -27.41
N CYS TA 284 -79.39 -78.74 -26.36
CA CYS TA 284 -78.02 -78.77 -25.89
C CYS TA 284 -77.28 -79.90 -26.59
N CYS TA 285 -75.95 -79.84 -26.55
CA CYS TA 285 -75.12 -80.81 -27.25
C CYS TA 285 -74.00 -81.30 -26.33
N LEU TA 286 -73.66 -82.58 -26.47
CA LEU TA 286 -72.70 -83.29 -25.59
C LEU TA 286 -71.48 -83.72 -26.41
N TYR TA 287 -70.36 -83.04 -26.24
CA TYR TA 287 -69.13 -83.49 -26.87
C TYR TA 287 -68.27 -84.29 -25.89
N GLY TA 288 -67.22 -84.88 -26.44
CA GLY TA 288 -66.15 -85.43 -25.63
C GLY TA 288 -65.62 -86.74 -26.17
N VAL TA 289 -64.59 -87.27 -25.53
CA VAL TA 289 -64.19 -88.66 -25.77
C VAL TA 289 -65.20 -89.57 -25.06
N PRO TA 290 -65.74 -90.59 -25.74
CA PRO TA 290 -66.79 -91.43 -25.16
C PRO TA 290 -66.30 -92.27 -23.98
N SER TA 291 -66.97 -92.07 -22.85
CA SER TA 291 -66.80 -92.66 -21.51
C SER TA 291 -65.49 -92.28 -20.83
N ALA TA 292 -64.77 -91.28 -21.34
CA ALA TA 292 -63.69 -90.69 -20.57
C ALA TA 292 -64.08 -89.35 -19.97
N TYR TA 293 -64.85 -88.53 -20.70
CA TYR TA 293 -65.42 -87.26 -20.22
C TYR TA 293 -66.52 -86.80 -21.17
N GLY TA 294 -67.54 -86.15 -20.61
CA GLY TA 294 -68.55 -85.47 -21.41
C GLY TA 294 -68.97 -84.13 -20.86
N VAL TA 295 -69.11 -83.12 -21.73
CA VAL TA 295 -69.44 -81.75 -21.33
C VAL TA 295 -70.70 -81.34 -22.08
N VAL TA 296 -71.55 -80.58 -21.43
CA VAL TA 296 -72.75 -80.06 -22.06
C VAL TA 296 -72.46 -78.68 -22.64
N THR TA 297 -72.86 -78.44 -23.88
CA THR TA 297 -72.75 -77.11 -24.46
C THR TA 297 -73.92 -76.22 -24.03
N MET TA 298 -73.90 -74.98 -24.49
CA MET TA 298 -75.02 -74.08 -24.32
C MET TA 298 -76.20 -74.51 -25.20
N PRO TA 299 -77.44 -74.19 -24.80
CA PRO TA 299 -78.60 -74.54 -25.64
C PRO TA 299 -78.71 -73.66 -26.87
N PHE TA 300 -78.84 -74.32 -28.02
CA PHE TA 300 -79.13 -73.70 -29.31
C PHE TA 300 -80.54 -74.08 -29.72
N SER TA 301 -81.06 -73.39 -30.73
CA SER TA 301 -82.44 -73.59 -31.16
C SER TA 301 -82.56 -74.87 -32.01
N VAL TA 302 -83.79 -75.19 -32.42
CA VAL TA 302 -84.14 -76.52 -32.94
C VAL TA 302 -83.47 -76.78 -34.27
N ARG TA 303 -83.72 -75.88 -35.22
CA ARG TA 303 -83.15 -75.97 -36.55
C ARG TA 303 -81.68 -75.59 -36.52
N GLU TA 304 -81.29 -74.78 -35.54
CA GLU TA 304 -79.91 -74.34 -35.42
C GLU TA 304 -79.01 -75.44 -34.87
N GLY TA 305 -79.44 -76.09 -33.78
CA GLY TA 305 -78.57 -76.99 -33.04
C GLY TA 305 -78.32 -78.31 -33.73
N ILE TA 306 -79.22 -78.69 -34.64
CA ILE TA 306 -78.98 -79.86 -35.46
C ILE TA 306 -77.89 -79.60 -36.50
N ASN TA 307 -77.97 -78.50 -37.25
CA ASN TA 307 -77.03 -78.23 -38.33
C ASN TA 307 -75.66 -77.84 -37.81
N ILE TA 308 -75.58 -77.35 -36.57
CA ILE TA 308 -74.31 -77.26 -35.86
C ILE TA 308 -73.72 -78.64 -35.64
N PHE TA 309 -74.55 -79.60 -35.16
CA PHE TA 309 -74.04 -80.91 -34.80
C PHE TA 309 -73.67 -81.73 -36.04
N LEU TA 310 -74.44 -81.59 -37.12
CA LEU TA 310 -74.18 -82.38 -38.33
C LEU TA 310 -72.90 -81.95 -39.02
N ASP TA 311 -72.48 -80.68 -38.90
CA ASP TA 311 -71.12 -80.32 -39.29
C ASP TA 311 -70.11 -80.66 -38.21
N GLY TA 312 -70.53 -80.80 -36.96
CA GLY TA 312 -69.62 -81.22 -35.91
C GLY TA 312 -68.68 -80.15 -35.41
N TYR TA 313 -69.08 -78.88 -35.51
CA TYR TA 313 -68.25 -77.75 -35.13
C TYR TA 313 -69.13 -76.74 -34.43
N VAL TA 314 -68.87 -76.49 -33.16
CA VAL TA 314 -69.71 -75.65 -32.31
C VAL TA 314 -69.26 -74.21 -32.51
N PRO TA 315 -70.15 -73.29 -32.88
CA PRO TA 315 -69.71 -71.90 -33.05
C PRO TA 315 -69.71 -71.02 -31.81
N THR TA 316 -70.30 -71.41 -30.67
CA THR TA 316 -70.24 -70.51 -29.51
C THR TA 316 -68.93 -70.66 -28.75
N GLU TA 317 -68.39 -71.86 -28.68
CA GLU TA 317 -66.98 -72.09 -28.42
C GLU TA 317 -66.27 -72.03 -29.76
N ASN TA 318 -64.95 -72.18 -29.79
CA ASN TA 318 -64.35 -72.43 -31.09
C ASN TA 318 -64.03 -73.89 -31.28
N LEU TA 319 -64.70 -74.77 -30.54
CA LEU TA 319 -64.32 -76.17 -30.47
C LEU TA 319 -64.79 -76.91 -31.71
N ARG TA 320 -63.90 -77.72 -32.29
CA ARG TA 320 -64.26 -78.72 -33.28
C ARG TA 320 -64.14 -80.08 -32.64
N PHE TA 321 -65.24 -80.83 -32.64
CA PHE TA 321 -65.24 -82.16 -32.06
C PHE TA 321 -65.36 -83.27 -33.09
N ARG TA 322 -65.56 -82.91 -34.36
CA ARG TA 322 -65.65 -83.89 -35.44
C ARG TA 322 -65.28 -83.20 -36.74
N ASP TA 323 -64.40 -83.83 -37.52
CA ASP TA 323 -64.14 -83.36 -38.87
C ASP TA 323 -65.10 -83.94 -39.90
N ALA TA 324 -65.87 -84.96 -39.53
CA ALA TA 324 -66.73 -85.68 -40.47
C ALA TA 324 -68.17 -85.19 -40.34
N SER TA 325 -68.80 -84.94 -41.47
CA SER TA 325 -70.17 -84.48 -41.50
C SER TA 325 -71.23 -85.56 -41.13
N TYR TA 345 -85.69 -122.14 -49.65
CA TYR TA 345 -85.68 -121.32 -50.87
C TYR TA 345 -87.13 -121.01 -51.22
N LYS TA 346 -88.04 -121.62 -50.48
CA LYS TA 346 -89.47 -121.42 -50.66
C LYS TA 346 -90.17 -121.85 -49.38
N TYR TA 347 -91.14 -121.04 -48.94
CA TYR TA 347 -91.84 -121.20 -47.68
C TYR TA 347 -93.32 -120.95 -47.93
N PRO TA 348 -94.20 -121.82 -47.43
CA PRO TA 348 -95.64 -121.55 -47.52
C PRO TA 348 -96.15 -120.72 -46.35
N GLY TA 349 -97.35 -120.16 -46.54
CA GLY TA 349 -97.92 -119.23 -45.59
C GLY TA 349 -98.83 -119.90 -44.57
N MET TA 350 -98.92 -119.30 -43.39
CA MET TA 350 -99.52 -120.01 -42.27
C MET TA 350 -100.16 -119.04 -41.29
N LYS TA 351 -100.83 -119.61 -40.29
CA LYS TA 351 -101.57 -118.87 -39.28
C LYS TA 351 -101.05 -119.24 -37.89
N LYS TA 352 -100.54 -118.24 -37.18
CA LYS TA 352 -100.36 -118.28 -35.74
C LYS TA 352 -101.38 -117.36 -35.11
N LYS TA 353 -101.95 -117.76 -33.97
CA LYS TA 353 -102.67 -116.82 -33.11
C LYS TA 353 -102.23 -117.09 -31.67
N MET TA 354 -101.42 -116.19 -31.12
CA MET TA 354 -100.69 -116.48 -29.89
C MET TA 354 -101.58 -116.62 -28.65
N GLY TA 355 -102.26 -115.56 -28.22
CA GLY TA 355 -103.64 -115.64 -27.78
C GLY TA 355 -104.71 -114.70 -28.31
N GLU TA 356 -104.36 -113.66 -29.08
CA GLU TA 356 -105.35 -112.61 -29.29
C GLU TA 356 -105.76 -112.35 -30.74
N PHE TA 357 -104.89 -112.65 -31.71
CA PHE TA 357 -105.14 -112.19 -33.08
C PHE TA 357 -104.22 -112.97 -33.99
N GLU TA 358 -104.66 -113.15 -35.23
CA GLU TA 358 -103.90 -114.01 -36.11
C GLU TA 358 -103.08 -113.19 -37.10
N LEU TA 359 -102.03 -113.82 -37.60
CA LEU TA 359 -101.24 -113.26 -38.69
C LEU TA 359 -101.27 -114.26 -39.82
N ALA TA 360 -101.89 -113.89 -40.94
CA ALA TA 360 -102.04 -114.78 -42.08
C ALA TA 360 -101.01 -114.40 -43.13
N ILE TA 361 -99.91 -115.13 -43.15
CA ILE TA 361 -98.83 -114.86 -44.11
C ILE TA 361 -99.26 -115.41 -45.46
N VAL TA 362 -99.05 -114.66 -46.50
CA VAL TA 362 -99.22 -115.16 -47.86
C VAL TA 362 -97.91 -115.83 -48.26
N ALA TA 363 -98.01 -116.98 -48.92
CA ALA TA 363 -96.84 -117.78 -49.29
C ALA TA 363 -95.99 -117.08 -50.33
N GLY TA 364 -94.72 -116.84 -50.00
CA GLY TA 364 -93.84 -116.07 -50.84
C GLY TA 364 -92.54 -116.79 -51.10
N GLU TA 365 -91.85 -116.32 -52.13
CA GLU TA 365 -90.59 -116.90 -52.57
C GLU TA 365 -89.44 -116.38 -51.72
N PHE TA 366 -88.24 -116.87 -51.99
CA PHE TA 366 -87.10 -116.68 -51.12
C PHE TA 366 -85.87 -116.93 -51.97
N THR TA 367 -84.77 -116.26 -51.64
CA THR TA 367 -83.55 -116.35 -52.45
C THR TA 367 -82.36 -116.58 -51.53
N ASP TA 368 -81.21 -116.79 -52.18
CA ASP TA 368 -79.90 -116.81 -51.56
C ASP TA 368 -79.10 -115.60 -52.02
N SER TA 369 -78.15 -115.19 -51.16
CA SER TA 369 -77.22 -114.06 -51.36
C SER TA 369 -77.96 -112.75 -51.69
N GLU TA 370 -79.10 -112.55 -51.07
CA GLU TA 370 -79.86 -111.32 -51.17
C GLU TA 370 -80.37 -110.98 -49.77
N ILE TA 371 -80.88 -109.76 -49.60
CA ILE TA 371 -81.22 -109.21 -48.30
C ILE TA 371 -82.73 -109.00 -48.23
N MET TA 372 -83.34 -109.36 -47.10
CA MET TA 372 -84.77 -109.19 -46.85
C MET TA 372 -85.02 -108.29 -45.64
N VAL TA 373 -85.83 -107.25 -45.82
CA VAL TA 373 -86.10 -106.21 -44.82
C VAL TA 373 -87.59 -106.18 -44.52
N MET TA 374 -87.95 -106.40 -43.25
CA MET TA 374 -89.34 -106.39 -42.83
C MET TA 374 -89.80 -104.98 -42.52
N LEU TA 375 -90.93 -104.58 -43.11
CA LEU TA 375 -91.48 -103.22 -43.03
C LEU TA 375 -92.78 -103.28 -42.25
N GLY TA 376 -92.73 -102.89 -40.99
CA GLY TA 376 -93.88 -103.11 -40.15
C GLY TA 376 -94.38 -101.97 -39.29
N GLU TA 377 -95.15 -102.35 -38.29
CA GLU TA 377 -95.85 -101.47 -37.38
C GLU TA 377 -95.69 -102.04 -35.98
N ASN TA 378 -96.27 -101.35 -35.01
CA ASN TA 378 -96.13 -101.63 -33.58
C ASN TA 378 -97.06 -102.73 -33.15
N GLY TA 379 -96.64 -103.98 -33.35
CA GLY TA 379 -97.51 -105.11 -33.17
C GLY TA 379 -97.97 -105.78 -34.43
N THR TA 380 -97.23 -105.65 -35.51
CA THR TA 380 -97.65 -106.25 -36.77
C THR TA 380 -97.19 -107.70 -36.95
N GLY TA 381 -96.32 -108.24 -36.10
CA GLY TA 381 -95.96 -109.63 -36.34
C GLY TA 381 -94.53 -109.88 -36.75
N LYS TA 382 -93.65 -108.90 -36.59
CA LYS TA 382 -92.26 -109.09 -36.99
C LYS TA 382 -91.54 -110.04 -36.04
N THR TA 383 -91.80 -109.93 -34.75
CA THR TA 383 -91.16 -110.81 -33.77
C THR TA 383 -91.97 -112.08 -33.54
N THR TA 384 -93.00 -112.33 -34.34
CA THR TA 384 -93.54 -113.69 -34.48
C THR TA 384 -93.08 -114.37 -35.75
N PHE TA 385 -92.86 -113.61 -36.84
CA PHE TA 385 -92.37 -114.18 -38.08
C PHE TA 385 -90.91 -114.59 -37.97
N ILE TA 386 -90.12 -113.90 -37.15
CA ILE TA 386 -88.73 -114.32 -36.98
C ILE TA 386 -88.59 -115.48 -36.01
N ARG TA 387 -89.66 -115.90 -35.34
CA ARG TA 387 -89.58 -117.13 -34.57
C ARG TA 387 -89.90 -118.37 -35.42
N MET TA 388 -90.89 -118.29 -36.32
CA MET TA 388 -91.30 -119.46 -37.09
C MET TA 388 -90.31 -119.79 -38.19
N LEU TA 389 -89.45 -118.85 -38.57
CA LEU TA 389 -88.34 -119.23 -39.42
C LEU TA 389 -87.27 -120.01 -38.68
N ALA TA 390 -87.22 -119.93 -37.36
CA ALA TA 390 -86.36 -120.78 -36.56
C ALA TA 390 -87.01 -122.12 -36.23
N GLY TA 391 -88.21 -122.39 -36.76
CA GLY TA 391 -88.94 -123.60 -36.45
C GLY TA 391 -89.50 -123.67 -35.05
N ARG TA 392 -90.31 -122.67 -34.66
CA ARG TA 392 -91.06 -122.74 -33.43
C ARG TA 392 -92.39 -122.03 -33.64
N LEU TA 393 -93.38 -122.40 -32.83
CA LEU TA 393 -94.76 -121.85 -32.83
C LEU TA 393 -95.42 -121.99 -34.21
N LYS TA 394 -95.61 -123.23 -34.64
CA LYS TA 394 -96.15 -123.47 -35.98
C LYS TA 394 -97.44 -124.28 -35.93
N PRO TA 395 -98.62 -123.65 -35.78
CA PRO TA 395 -99.86 -124.44 -35.67
C PRO TA 395 -100.51 -124.87 -36.97
N ASP TA 396 -100.11 -124.33 -38.10
CA ASP TA 396 -100.67 -124.74 -39.39
C ASP TA 396 -99.75 -125.80 -39.99
N GLU TA 397 -100.32 -126.63 -40.85
CA GLU TA 397 -99.52 -127.64 -41.52
C GLU TA 397 -98.68 -126.98 -42.60
N GLY TA 398 -97.47 -127.48 -42.78
CA GLY TA 398 -96.51 -126.81 -43.63
C GLY TA 398 -95.85 -125.63 -42.94
N GLY TA 399 -95.20 -124.80 -43.73
CA GLY TA 399 -94.20 -123.88 -43.22
C GLY TA 399 -92.84 -124.51 -43.41
N GLU TA 400 -91.85 -123.74 -43.86
CA GLU TA 400 -90.55 -124.32 -44.18
C GLU TA 400 -89.74 -124.50 -42.92
N VAL TA 401 -89.07 -125.64 -42.82
CA VAL TA 401 -87.97 -125.85 -41.89
C VAL TA 401 -86.67 -125.69 -42.68
N PRO TA 402 -85.71 -124.92 -42.20
CA PRO TA 402 -84.39 -124.91 -42.83
C PRO TA 402 -83.67 -126.22 -42.54
N VAL TA 403 -82.73 -126.55 -43.42
CA VAL TA 403 -82.07 -127.85 -43.30
C VAL TA 403 -81.03 -127.82 -42.19
N LEU TA 404 -80.27 -126.74 -42.09
CA LEU TA 404 -79.18 -126.58 -41.15
C LEU TA 404 -79.62 -125.64 -40.02
N ASN TA 405 -78.78 -125.55 -38.98
CA ASN TA 405 -78.96 -124.68 -37.83
C ASN TA 405 -79.03 -123.21 -38.25
N VAL TA 406 -79.62 -122.40 -37.37
CA VAL TA 406 -80.03 -121.04 -37.70
C VAL TA 406 -79.48 -120.08 -36.64
N SER TA 407 -79.06 -118.90 -37.06
CA SER TA 407 -78.73 -117.84 -36.12
C SER TA 407 -79.93 -116.94 -35.88
N TYR TA 408 -80.12 -116.52 -34.64
CA TYR TA 408 -81.31 -115.79 -34.24
C TYR TA 408 -80.91 -114.71 -33.24
N LYS TA 409 -81.21 -113.46 -33.58
CA LYS TA 409 -81.04 -112.43 -32.57
C LYS TA 409 -82.37 -112.19 -31.87
N PRO TA 410 -82.41 -112.15 -30.54
CA PRO TA 410 -83.64 -111.77 -29.85
C PRO TA 410 -83.80 -110.26 -29.83
N GLN TA 411 -85.06 -109.85 -29.70
CA GLN TA 411 -85.38 -108.43 -29.55
C GLN TA 411 -84.82 -107.89 -28.25
N LYS TA 412 -85.22 -108.49 -27.13
CA LYS TA 412 -84.85 -108.05 -25.81
C LYS TA 412 -83.79 -109.00 -25.28
N ILE TA 413 -82.58 -108.50 -25.08
CA ILE TA 413 -81.48 -109.29 -24.54
C ILE TA 413 -81.42 -109.06 -23.04
N SER TA 414 -81.95 -110.01 -22.29
CA SER TA 414 -81.79 -110.01 -20.85
C SER TA 414 -80.73 -111.04 -20.55
N PRO TA 415 -79.47 -110.65 -20.45
CA PRO TA 415 -78.38 -111.63 -20.51
C PRO TA 415 -78.15 -112.32 -19.18
N LYS TA 416 -77.75 -113.57 -19.23
CA LYS TA 416 -77.33 -114.25 -18.01
C LYS TA 416 -76.14 -115.15 -18.33
N SER TA 417 -75.01 -114.83 -17.71
CA SER TA 417 -73.69 -115.21 -18.19
C SER TA 417 -72.81 -115.52 -17.00
N THR TA 418 -71.56 -115.90 -17.26
CA THR TA 418 -70.53 -115.89 -16.25
C THR TA 418 -69.36 -115.03 -16.70
N GLY TA 419 -69.04 -114.03 -15.88
CA GLY TA 419 -67.78 -113.28 -15.97
C GLY TA 419 -67.68 -112.36 -17.17
N SER TA 420 -66.47 -112.32 -17.71
CA SER TA 420 -66.09 -111.38 -18.76
C SER TA 420 -66.63 -111.85 -20.10
N VAL TA 421 -66.38 -111.04 -21.13
CA VAL TA 421 -66.81 -111.39 -22.47
C VAL TA 421 -65.74 -112.19 -23.20
N ARG TA 422 -64.52 -112.24 -22.66
CA ARG TA 422 -63.49 -113.07 -23.27
C ARG TA 422 -63.71 -114.54 -22.98
N GLN TA 423 -64.31 -114.88 -21.83
CA GLN TA 423 -64.91 -116.20 -21.69
C GLN TA 423 -66.13 -116.35 -22.59
N LEU TA 424 -66.95 -115.30 -22.68
CA LEU TA 424 -68.29 -115.46 -23.24
C LEU TA 424 -68.26 -115.42 -24.77
N LEU TA 425 -67.56 -114.45 -25.34
CA LEU TA 425 -67.46 -114.41 -26.79
C LEU TA 425 -66.38 -115.35 -27.29
N HIS TA 426 -65.19 -115.27 -26.70
CA HIS TA 426 -64.03 -115.81 -27.38
C HIS TA 426 -63.78 -117.29 -27.05
N GLU TA 427 -64.33 -117.81 -25.95
CA GLU TA 427 -64.21 -119.23 -25.68
C GLU TA 427 -65.52 -119.97 -25.51
N LYS TA 428 -66.67 -119.37 -25.79
CA LYS TA 428 -67.90 -120.14 -25.79
C LYS TA 428 -68.56 -120.21 -27.16
N ILE TA 429 -68.20 -119.31 -28.08
CA ILE TA 429 -68.59 -119.39 -29.47
C ILE TA 429 -67.29 -119.31 -30.27
N ARG TA 430 -67.04 -120.32 -31.10
CA ARG TA 430 -65.87 -120.50 -31.99
C ARG TA 430 -64.53 -120.36 -31.23
N ASP TA 431 -64.40 -121.25 -30.22
CA ASP TA 431 -63.16 -121.37 -29.44
C ASP TA 431 -61.94 -121.64 -30.34
N ALA TA 432 -62.11 -122.48 -31.35
CA ALA TA 432 -61.28 -122.42 -32.55
C ALA TA 432 -61.88 -121.30 -33.40
N TYR TA 433 -61.19 -120.16 -33.47
CA TYR TA 433 -61.74 -118.96 -34.07
C TYR TA 433 -61.71 -119.06 -35.60
N THR TA 434 -62.41 -118.15 -36.27
CA THR TA 434 -62.31 -118.00 -37.72
C THR TA 434 -61.53 -116.76 -38.11
N HIS TA 435 -60.71 -116.25 -37.20
CA HIS TA 435 -59.71 -115.31 -37.66
C HIS TA 435 -58.43 -116.06 -38.03
N PRO TA 436 -57.67 -115.58 -39.02
CA PRO TA 436 -58.09 -114.64 -40.07
C PRO TA 436 -58.88 -115.41 -41.12
N GLN TA 437 -59.93 -114.84 -41.72
CA GLN TA 437 -60.35 -113.45 -41.58
C GLN TA 437 -61.66 -113.30 -40.81
N PHE TA 438 -61.63 -113.09 -39.49
CA PHE TA 438 -62.86 -112.67 -38.82
C PHE TA 438 -62.82 -111.26 -38.25
N VAL TA 439 -61.69 -110.76 -37.83
CA VAL TA 439 -61.71 -109.60 -36.95
C VAL TA 439 -61.53 -108.30 -37.73
N THR TA 440 -60.64 -108.35 -38.73
CA THR TA 440 -60.39 -107.22 -39.61
C THR TA 440 -61.60 -106.85 -40.46
N ASP TA 441 -62.43 -107.83 -40.81
CA ASP TA 441 -63.65 -107.51 -41.56
C ASP TA 441 -64.77 -107.08 -40.61
N VAL TA 442 -64.99 -107.84 -39.53
CA VAL TA 442 -66.18 -107.68 -38.69
C VAL TA 442 -65.88 -106.97 -37.37
N MET TA 443 -64.88 -107.44 -36.62
CA MET TA 443 -64.74 -107.01 -35.22
C MET TA 443 -64.03 -105.67 -35.10
N LYS TA 444 -63.06 -105.40 -35.97
CA LYS TA 444 -62.34 -104.12 -35.94
C LYS TA 444 -63.19 -102.87 -36.18
N PRO TA 445 -64.23 -102.84 -37.03
CA PRO TA 445 -65.14 -101.70 -36.96
C PRO TA 445 -66.14 -101.78 -35.84
N LEU TA 446 -66.42 -102.96 -35.30
CA LEU TA 446 -67.48 -103.07 -34.32
C LEU TA 446 -66.99 -102.68 -32.92
N GLN TA 447 -65.68 -102.62 -32.74
CA GLN TA 447 -64.98 -102.02 -31.59
C GLN TA 447 -65.37 -102.62 -30.24
N ILE TA 448 -65.40 -103.96 -30.19
CA ILE TA 448 -65.63 -104.66 -28.93
C ILE TA 448 -64.30 -105.11 -28.30
N GLU TA 449 -63.18 -104.82 -28.95
CA GLU TA 449 -61.88 -105.11 -28.34
C GLU TA 449 -61.53 -104.15 -27.21
N ASN TA 450 -62.19 -102.99 -27.14
CA ASN TA 450 -61.95 -102.07 -26.04
C ASN TA 450 -62.71 -102.47 -24.80
N ILE TA 451 -63.90 -103.04 -24.97
CA ILE TA 451 -64.80 -103.41 -23.89
C ILE TA 451 -64.75 -104.91 -23.61
N ILE TA 452 -63.76 -105.61 -24.17
CA ILE TA 452 -63.63 -107.02 -23.89
C ILE TA 452 -63.14 -107.28 -22.46
N ASP TA 453 -62.55 -106.29 -21.79
CA ASP TA 453 -62.13 -106.48 -20.41
C ASP TA 453 -63.32 -106.41 -19.47
N GLN TA 454 -64.29 -105.58 -19.79
CA GLN TA 454 -65.44 -105.37 -18.94
C GLN TA 454 -66.39 -106.55 -19.03
N GLU TA 455 -67.03 -106.84 -17.91
CA GLU TA 455 -68.00 -107.91 -17.85
C GLU TA 455 -69.28 -107.49 -18.58
N VAL TA 456 -70.02 -108.48 -19.06
CA VAL TA 456 -71.24 -108.23 -19.82
C VAL TA 456 -72.41 -107.84 -18.92
N GLN TA 457 -72.29 -108.03 -17.61
CA GLN TA 457 -73.43 -107.77 -16.73
C GLN TA 457 -73.55 -106.29 -16.36
N THR TA 458 -72.46 -105.52 -16.42
CA THR TA 458 -72.51 -104.10 -16.06
C THR TA 458 -72.87 -103.21 -17.25
N LEU TA 459 -73.25 -103.80 -18.37
CA LEU TA 459 -73.25 -103.07 -19.64
C LEU TA 459 -74.50 -102.22 -19.77
N SER TA 460 -74.34 -101.10 -20.46
CA SER TA 460 -75.47 -100.27 -20.90
C SER TA 460 -76.01 -100.81 -22.22
N GLY TA 461 -77.13 -100.23 -22.66
CA GLY TA 461 -77.86 -100.77 -23.80
C GLY TA 461 -77.17 -100.59 -25.13
N GLY TA 462 -76.25 -99.62 -25.23
CA GLY TA 462 -75.52 -99.45 -26.46
C GLY TA 462 -74.49 -100.54 -26.69
N GLU TA 463 -73.73 -100.88 -25.65
CA GLU TA 463 -72.75 -101.95 -25.80
C GLU TA 463 -73.41 -103.31 -25.81
N LEU TA 464 -74.56 -103.46 -25.12
CA LEU TA 464 -75.28 -104.73 -25.06
C LEU TA 464 -75.80 -105.13 -26.43
N GLN TA 465 -76.36 -104.17 -27.17
CA GLN TA 465 -76.80 -104.41 -28.54
C GLN TA 465 -75.61 -104.68 -29.46
N ARG TA 466 -74.50 -104.00 -29.20
CA ARG TA 466 -73.34 -104.11 -30.07
C ARG TA 466 -72.60 -105.43 -29.84
N VAL TA 467 -72.61 -105.94 -28.59
CA VAL TA 467 -71.93 -107.21 -28.34
C VAL TA 467 -72.77 -108.40 -28.83
N ALA TA 468 -74.10 -108.27 -28.83
CA ALA TA 468 -74.94 -109.40 -29.18
C ALA TA 468 -74.98 -109.63 -30.68
N LEU TA 469 -74.73 -108.59 -31.47
CA LEU TA 469 -74.59 -108.74 -32.91
C LEU TA 469 -73.35 -109.54 -33.28
N ALA TA 470 -72.30 -109.49 -32.44
CA ALA TA 470 -71.03 -110.16 -32.74
C ALA TA 470 -71.16 -111.67 -32.76
N LEU TA 471 -72.05 -112.22 -31.92
CA LEU TA 471 -72.30 -113.65 -31.97
C LEU TA 471 -73.16 -114.00 -33.18
N CYS TA 472 -74.16 -113.17 -33.50
CA CYS TA 472 -75.12 -113.52 -34.55
C CYS TA 472 -74.52 -113.36 -35.93
N LEU TA 473 -73.50 -112.53 -36.08
CA LEU TA 473 -72.67 -112.58 -37.27
C LEU TA 473 -71.62 -113.66 -37.18
N GLY TA 474 -71.10 -113.90 -35.96
CA GLY TA 474 -70.01 -114.83 -35.77
C GLY TA 474 -70.40 -116.28 -35.80
N LYS TA 475 -71.68 -116.59 -35.60
CA LYS TA 475 -72.16 -117.93 -35.84
C LYS TA 475 -72.18 -118.19 -37.35
N PRO TA 476 -71.72 -119.35 -37.80
CA PRO TA 476 -72.09 -119.79 -39.14
C PRO TA 476 -73.46 -120.48 -39.12
N ALA TA 477 -74.29 -120.08 -40.08
CA ALA TA 477 -75.63 -120.61 -40.30
C ALA TA 477 -76.02 -120.19 -41.70
N ASP TA 478 -77.17 -120.68 -42.18
CA ASP TA 478 -77.57 -120.37 -43.56
C ASP TA 478 -78.46 -119.14 -43.66
N VAL TA 479 -79.40 -118.97 -42.76
CA VAL TA 479 -80.26 -117.80 -42.76
C VAL TA 479 -80.01 -117.07 -41.46
N TYR TA 480 -79.67 -115.80 -41.55
CA TYR TA 480 -79.38 -115.00 -40.37
C TYR TA 480 -80.64 -114.26 -40.01
N LEU TA 481 -81.17 -114.52 -38.81
CA LEU TA 481 -82.30 -113.77 -38.28
C LEU TA 481 -81.71 -112.65 -37.44
N ILE TA 482 -81.71 -111.44 -37.99
CA ILE TA 482 -81.19 -110.26 -37.31
C ILE TA 482 -82.33 -109.28 -37.11
N ASP TA 483 -82.56 -108.85 -35.87
CA ASP TA 483 -83.61 -107.87 -35.63
C ASP TA 483 -83.11 -106.66 -34.87
N GLU TA 484 -83.64 -105.49 -35.27
CA GLU TA 484 -83.57 -104.19 -34.62
C GLU TA 484 -82.16 -103.73 -34.25
N PRO TA 485 -81.27 -103.44 -35.20
CA PRO TA 485 -79.95 -102.95 -34.80
C PRO TA 485 -79.95 -101.50 -34.38
N SER TA 486 -81.02 -100.76 -34.67
CA SER TA 486 -81.07 -99.33 -34.44
C SER TA 486 -81.70 -99.00 -33.09
N ALA TA 487 -81.90 -99.99 -32.24
CA ALA TA 487 -82.22 -99.74 -30.85
C ALA TA 487 -80.95 -99.41 -30.11
N TYR TA 488 -81.04 -98.44 -29.20
CA TYR TA 488 -80.06 -98.14 -28.16
C TYR TA 488 -78.71 -97.65 -28.70
N LEU TA 489 -78.65 -97.20 -29.95
CA LEU TA 489 -77.42 -96.67 -30.53
C LEU TA 489 -77.64 -95.24 -30.97
N ASP TA 490 -76.52 -94.52 -31.13
CA ASP TA 490 -76.52 -93.17 -31.67
C ASP TA 490 -76.53 -93.17 -33.20
N SER TA 491 -76.58 -91.97 -33.78
CA SER TA 491 -76.69 -91.80 -35.21
C SER TA 491 -75.39 -92.12 -35.96
N GLU TA 492 -74.25 -92.11 -35.27
CA GLU TA 492 -72.96 -92.23 -35.92
C GLU TA 492 -72.62 -93.66 -36.29
N GLN TA 493 -72.93 -94.62 -35.40
CA GLN TA 493 -72.60 -96.02 -35.60
C GLN TA 493 -73.81 -96.81 -36.10
N ARG TA 494 -74.76 -96.12 -36.73
CA ARG TA 494 -75.88 -96.75 -37.43
C ARG TA 494 -75.68 -96.80 -38.94
N LEU TA 495 -74.78 -96.00 -39.49
CA LEU TA 495 -74.30 -96.30 -40.83
C LEU TA 495 -73.06 -97.17 -40.80
N MET TA 496 -72.42 -97.32 -39.63
CA MET TA 496 -71.35 -98.31 -39.50
C MET TA 496 -71.88 -99.73 -39.58
N ALA TA 497 -73.04 -99.98 -38.95
CA ALA TA 497 -73.68 -101.29 -38.97
C ALA TA 497 -74.12 -101.70 -40.36
N ALA TA 498 -74.43 -100.71 -41.23
CA ALA TA 498 -74.89 -101.01 -42.58
C ALA TA 498 -73.79 -101.57 -43.45
N ARG TA 499 -72.59 -101.00 -43.40
CA ARG TA 499 -71.48 -101.56 -44.16
C ARG TA 499 -70.91 -102.80 -43.49
N VAL TA 500 -71.19 -102.99 -42.20
CA VAL TA 500 -70.86 -104.25 -41.56
C VAL TA 500 -71.71 -105.38 -42.14
N VAL TA 501 -73.03 -105.19 -42.25
CA VAL TA 501 -73.89 -106.30 -42.67
C VAL TA 501 -73.87 -106.49 -44.20
N LYS TA 502 -73.69 -105.42 -44.97
CA LYS TA 502 -73.70 -105.53 -46.43
C LYS TA 502 -72.45 -106.25 -46.94
N ARG TA 503 -71.29 -105.89 -46.40
CA ARG TA 503 -70.04 -106.49 -46.85
C ARG TA 503 -69.82 -107.88 -46.25
N PHE TA 504 -70.54 -108.23 -45.19
CA PHE TA 504 -70.37 -109.56 -44.60
C PHE TA 504 -71.14 -110.62 -45.38
N ILE TA 505 -72.44 -110.42 -45.58
CA ILE TA 505 -73.25 -111.54 -46.09
C ILE TA 505 -73.19 -111.64 -47.60
N LEU TA 506 -72.70 -110.61 -48.29
CA LEU TA 506 -72.55 -110.71 -49.73
C LEU TA 506 -71.14 -111.07 -50.09
N HIS TA 507 -70.30 -111.31 -49.10
CA HIS TA 507 -69.02 -111.96 -49.31
C HIS TA 507 -68.97 -113.34 -48.68
N ALA TA 508 -69.85 -113.62 -47.71
CA ALA TA 508 -70.04 -114.98 -47.23
C ALA TA 508 -70.94 -115.80 -48.13
N LYS TA 509 -71.65 -115.14 -49.06
CA LYS TA 509 -72.56 -115.64 -50.09
C LYS TA 509 -73.82 -116.29 -49.51
N LYS TA 510 -74.08 -116.14 -48.21
CA LYS TA 510 -75.31 -116.57 -47.58
C LYS TA 510 -76.32 -115.41 -47.56
N THR TA 511 -77.54 -115.70 -47.13
CA THR TA 511 -78.56 -114.67 -47.03
C THR TA 511 -79.00 -114.46 -45.59
N ALA TA 512 -79.73 -113.37 -45.37
CA ALA TA 512 -80.02 -112.90 -44.03
C ALA TA 512 -81.37 -112.19 -43.97
N PHE TA 513 -82.03 -112.33 -42.82
CA PHE TA 513 -83.23 -111.58 -42.47
C PHE TA 513 -82.78 -110.40 -41.62
N VAL TA 514 -83.04 -109.18 -42.07
CA VAL TA 514 -82.80 -108.01 -41.24
C VAL TA 514 -84.14 -107.33 -40.95
N VAL TA 515 -84.30 -106.92 -39.69
CA VAL TA 515 -85.54 -106.31 -39.21
C VAL TA 515 -85.18 -104.95 -38.67
N GLU TA 516 -85.79 -103.91 -39.21
CA GLU TA 516 -85.41 -102.53 -38.92
C GLU TA 516 -86.64 -101.68 -38.68
N HIS TA 517 -86.47 -100.62 -37.88
CA HIS TA 517 -87.43 -99.52 -37.73
C HIS TA 517 -87.00 -98.25 -38.45
N ASP TA 518 -85.70 -98.01 -38.56
CA ASP TA 518 -85.15 -96.75 -39.01
C ASP TA 518 -85.28 -96.59 -40.52
N PHE TA 519 -85.45 -95.35 -40.98
CA PHE TA 519 -85.65 -95.14 -42.40
C PHE TA 519 -84.35 -95.16 -43.19
N ILE TA 520 -83.26 -94.60 -42.63
CA ILE TA 520 -82.04 -94.47 -43.42
C ILE TA 520 -81.30 -95.81 -43.51
N MET TA 521 -81.48 -96.68 -42.50
CA MET TA 521 -80.87 -98.01 -42.53
C MET TA 521 -81.56 -98.92 -43.54
N ALA TA 522 -82.89 -98.93 -43.52
CA ALA TA 522 -83.65 -99.86 -44.35
C ALA TA 522 -83.60 -99.49 -45.83
N THR TA 523 -83.37 -98.22 -46.15
CA THR TA 523 -83.24 -97.82 -47.54
C THR TA 523 -81.94 -98.31 -48.16
N TYR TA 524 -80.87 -98.44 -47.36
CA TYR TA 524 -79.52 -98.59 -47.90
C TYR TA 524 -79.24 -100.01 -48.35
N LEU TA 525 -79.65 -100.99 -47.55
CA LEU TA 525 -79.26 -102.39 -47.74
C LEU TA 525 -80.07 -103.09 -48.83
N ALA TA 526 -81.36 -102.77 -48.92
CA ALA TA 526 -82.43 -103.73 -49.21
C ALA TA 526 -82.38 -104.23 -50.64
N ASP TA 527 -82.10 -105.52 -50.80
CA ASP TA 527 -82.46 -106.18 -52.04
C ASP TA 527 -83.97 -106.36 -52.15
N ARG TA 528 -84.56 -107.07 -51.19
CA ARG TA 528 -85.94 -107.50 -51.31
C ARG TA 528 -86.68 -107.12 -50.04
N VAL TA 529 -87.99 -106.93 -50.18
CA VAL TA 529 -88.83 -106.27 -49.18
C VAL TA 529 -90.03 -107.15 -48.88
N ILE TA 530 -90.28 -107.40 -47.59
CA ILE TA 530 -91.47 -108.09 -47.12
C ILE TA 530 -92.32 -107.12 -46.33
N VAL TA 531 -93.55 -106.89 -46.77
CA VAL TA 531 -94.44 -105.87 -46.22
C VAL TA 531 -95.51 -106.55 -45.37
N PHE TA 532 -95.83 -105.97 -44.21
CA PHE TA 532 -96.84 -106.51 -43.28
C PHE TA 532 -98.06 -105.60 -43.32
N ASP TA 533 -99.08 -106.01 -44.08
CA ASP TA 533 -100.29 -105.25 -44.33
C ASP TA 533 -101.38 -105.59 -43.32
N GLY TA 534 -102.46 -104.81 -43.38
CA GLY TA 534 -103.63 -105.12 -42.58
C GLY TA 534 -103.96 -104.06 -41.55
N VAL TA 535 -104.70 -104.43 -40.52
CA VAL TA 535 -105.04 -103.54 -39.42
C VAL TA 535 -103.94 -103.69 -38.38
N PRO TA 536 -103.37 -102.60 -37.86
CA PRO TA 536 -102.24 -102.72 -36.92
C PRO TA 536 -102.65 -103.34 -35.60
N SER TA 537 -102.05 -104.49 -35.32
CA SER TA 537 -102.11 -105.32 -34.11
C SER TA 537 -103.50 -105.90 -33.85
N LYS TA 538 -104.44 -105.85 -34.79
CA LYS TA 538 -105.69 -106.56 -34.57
C LYS TA 538 -105.99 -107.71 -35.53
N ASN TA 539 -105.52 -107.66 -36.78
CA ASN TA 539 -105.57 -108.75 -37.78
C ASN TA 539 -104.46 -108.43 -38.76
N THR TA 540 -103.58 -109.38 -39.08
CA THR TA 540 -102.45 -109.00 -39.91
C THR TA 540 -102.23 -110.00 -41.04
N VAL TA 541 -101.51 -109.55 -42.08
CA VAL TA 541 -101.18 -110.28 -43.30
C VAL TA 541 -99.76 -109.89 -43.71
N ALA TA 542 -98.90 -110.87 -43.94
CA ALA TA 542 -97.55 -110.63 -44.44
C ALA TA 542 -97.50 -110.94 -45.93
N ASN TA 543 -97.21 -109.93 -46.73
CA ASN TA 543 -97.43 -110.05 -48.17
C ASN TA 543 -96.29 -110.81 -48.86
N SER TA 544 -96.54 -111.10 -50.14
CA SER TA 544 -95.55 -111.69 -51.01
C SER TA 544 -94.44 -110.68 -51.28
N PRO TA 545 -93.19 -111.12 -51.43
CA PRO TA 545 -92.05 -110.19 -51.40
C PRO TA 545 -91.97 -109.27 -52.62
N GLN TA 546 -92.03 -107.98 -52.36
CA GLN TA 546 -91.93 -106.94 -53.38
C GLN TA 546 -90.54 -106.32 -53.44
N THR TA 547 -90.35 -105.51 -54.46
CA THR TA 547 -89.09 -104.81 -54.71
C THR TA 547 -88.93 -103.63 -53.77
N LEU TA 548 -87.78 -102.96 -53.88
CA LEU TA 548 -87.51 -101.82 -53.00
C LEU TA 548 -88.31 -100.58 -53.42
N LEU TA 549 -88.51 -100.38 -54.72
CA LEU TA 549 -89.16 -99.17 -55.23
C LEU TA 549 -90.63 -99.14 -54.89
N ALA TA 550 -91.37 -100.18 -55.29
CA ALA TA 550 -92.79 -100.22 -54.97
C ALA TA 550 -93.05 -100.62 -53.51
N GLY TA 551 -92.07 -101.27 -52.87
CA GLY TA 551 -92.30 -101.77 -51.52
C GLY TA 551 -92.31 -100.68 -50.47
N MET TA 552 -91.39 -99.72 -50.57
CA MET TA 552 -91.44 -98.57 -49.66
C MET TA 552 -92.60 -97.65 -50.01
N ASN TA 553 -92.84 -97.44 -51.32
CA ASN TA 553 -93.86 -96.52 -51.79
C ASN TA 553 -95.28 -97.04 -51.59
N LYS TA 554 -95.45 -98.35 -51.40
CA LYS TA 554 -96.72 -98.86 -50.90
C LYS TA 554 -96.83 -98.63 -49.40
N PHE TA 555 -95.76 -98.95 -48.67
CA PHE TA 555 -95.77 -98.92 -47.21
C PHE TA 555 -95.86 -97.49 -46.68
N LEU TA 556 -95.23 -96.54 -47.38
CA LEU TA 556 -95.38 -95.15 -47.00
C LEU TA 556 -96.74 -94.59 -47.41
N SER TA 557 -97.48 -95.28 -48.27
CA SER TA 557 -98.89 -94.95 -48.46
C SER TA 557 -99.75 -95.57 -47.38
N GLN TA 558 -99.24 -96.52 -46.62
CA GLN TA 558 -99.97 -96.98 -45.44
C GLN TA 558 -99.74 -96.06 -44.26
N LEU TA 559 -98.61 -95.34 -44.22
CA LEU TA 559 -98.34 -94.34 -43.19
C LEU TA 559 -99.01 -93.01 -43.49
N GLU TA 560 -99.26 -92.73 -44.79
CA GLU TA 560 -99.55 -91.39 -45.34
C GLU TA 560 -98.54 -90.36 -44.85
N ILE TA 561 -97.26 -90.68 -45.03
CA ILE TA 561 -96.13 -89.89 -44.55
C ILE TA 561 -95.07 -89.91 -45.65
N THR TA 562 -94.57 -88.74 -46.04
CA THR TA 562 -93.71 -88.62 -47.19
C THR TA 562 -92.31 -88.18 -46.75
N PHE TA 563 -91.28 -88.82 -47.27
CA PHE TA 563 -89.92 -88.49 -46.89
C PHE TA 563 -89.23 -87.65 -47.96
N ARG TA 564 -88.09 -87.07 -47.57
CA ARG TA 564 -87.38 -86.13 -48.43
C ARG TA 564 -85.92 -86.03 -47.97
N ARG TA 565 -85.00 -86.09 -48.94
CA ARG TA 565 -83.57 -85.91 -48.69
C ARG TA 565 -83.24 -84.44 -48.52
N ASP TA 566 -82.59 -84.09 -47.42
CA ASP TA 566 -81.83 -82.84 -47.42
C ASP TA 566 -80.69 -83.00 -48.42
N PRO TA 567 -80.46 -82.01 -49.30
CA PRO TA 567 -79.58 -82.26 -50.45
C PRO TA 567 -78.09 -82.38 -50.15
N ASN TA 568 -77.60 -81.96 -48.98
CA ASN TA 568 -76.16 -81.94 -48.77
C ASN TA 568 -75.65 -82.93 -47.74
N ASN TA 569 -76.44 -83.33 -46.75
CA ASN TA 569 -75.99 -84.34 -45.80
C ASN TA 569 -76.88 -85.57 -45.83
N TYR TA 570 -77.76 -85.63 -46.85
CA TYR TA 570 -78.51 -86.80 -47.27
C TYR TA 570 -79.49 -87.27 -46.21
N ARG TA 571 -79.91 -86.39 -45.37
CA ARG TA 571 -80.74 -86.73 -44.24
C ARG TA 571 -82.18 -86.85 -44.67
N PRO TA 572 -82.87 -87.93 -44.33
CA PRO TA 572 -84.30 -88.01 -44.65
C PRO TA 572 -85.13 -87.11 -43.73
N ARG TA 573 -85.86 -86.18 -44.33
CA ARG TA 573 -86.73 -85.26 -43.60
C ARG TA 573 -88.16 -85.49 -44.05
N ILE TA 574 -89.11 -85.28 -43.15
CA ILE TA 574 -90.51 -85.60 -43.36
C ILE TA 574 -91.26 -84.33 -43.73
N ASN TA 575 -92.12 -84.43 -44.73
CA ASN TA 575 -92.91 -83.29 -45.17
C ASN TA 575 -94.02 -82.98 -44.17
N LYS TA 576 -94.35 -81.69 -44.06
CA LYS TA 576 -95.58 -81.28 -43.39
C LYS TA 576 -96.76 -81.82 -44.17
N LEU TA 577 -97.83 -82.20 -43.43
CA LEU TA 577 -98.78 -83.24 -43.84
C LEU TA 577 -99.59 -82.85 -45.07
N ASN TA 578 -100.12 -81.64 -45.11
CA ASN TA 578 -100.72 -81.11 -46.34
C ASN TA 578 -99.94 -79.86 -46.73
N SER TA 579 -99.02 -80.02 -47.67
CA SER TA 579 -98.08 -78.97 -48.01
C SER TA 579 -97.85 -79.00 -49.52
N ILE TA 580 -97.02 -78.06 -49.99
CA ILE TA 580 -96.69 -77.99 -51.40
C ILE TA 580 -95.83 -79.16 -51.82
N LYS TA 581 -94.91 -79.61 -50.95
CA LYS TA 581 -94.10 -80.76 -51.32
C LYS TA 581 -94.85 -82.08 -51.17
N ASP TA 582 -95.77 -82.16 -50.22
CA ASP TA 582 -96.35 -83.44 -49.82
C ASP TA 582 -97.42 -83.91 -50.79
N VAL TA 583 -98.35 -83.02 -51.16
CA VAL TA 583 -99.42 -83.41 -52.06
C VAL TA 583 -98.90 -83.60 -53.48
N GLU TA 584 -97.86 -82.85 -53.87
CA GLU TA 584 -97.26 -83.08 -55.18
C GLU TA 584 -96.34 -84.30 -55.21
N GLN TA 585 -95.99 -84.86 -54.05
CA GLN TA 585 -95.28 -86.14 -54.06
C GLN TA 585 -96.23 -87.31 -53.90
N LYS TA 586 -97.31 -87.14 -53.13
CA LYS TA 586 -98.32 -88.17 -53.01
C LYS TA 586 -99.18 -88.30 -54.26
N LYS TA 587 -99.20 -87.28 -55.12
CA LYS TA 587 -99.85 -87.39 -56.42
C LYS TA 587 -99.18 -88.45 -57.29
N SER TA 588 -97.87 -88.32 -57.49
CA SER TA 588 -97.15 -89.25 -58.34
C SER TA 588 -96.83 -90.56 -57.66
N GLY TA 589 -97.07 -90.66 -56.35
CA GLY TA 589 -96.78 -91.88 -55.63
C GLY TA 589 -95.32 -92.15 -55.37
N ASN TA 590 -94.46 -91.16 -55.58
CA ASN TA 590 -93.05 -91.26 -55.24
C ASN TA 590 -92.92 -90.70 -53.83
N TYR TA 591 -93.06 -91.60 -52.86
CA TYR TA 591 -93.08 -91.21 -51.47
C TYR TA 591 -91.67 -91.05 -50.94
N PHE TA 592 -90.73 -91.69 -51.61
CA PHE TA 592 -89.33 -91.33 -51.52
C PHE TA 592 -88.69 -91.53 -52.88
N PHE TA 593 -88.03 -90.50 -53.41
CA PHE TA 593 -87.27 -90.64 -54.64
C PHE TA 593 -86.00 -91.45 -54.40
N LEU TA 594 -85.70 -92.35 -55.35
CA LEU TA 594 -84.45 -93.14 -55.47
C LEU TA 594 -84.11 -93.90 -54.18
N ASP TA 595 -85.06 -94.76 -53.79
CA ASP TA 595 -85.01 -95.69 -52.65
C ASP TA 595 -83.68 -96.40 -52.35
N LEU UA 1 -8.49 -65.15 -74.92
CA LEU UA 1 -7.61 -65.43 -73.79
C LEU UA 1 -6.16 -65.54 -74.24
N PRO UA 2 -5.23 -65.01 -73.43
CA PRO UA 2 -3.81 -65.11 -73.78
C PRO UA 2 -3.26 -66.52 -73.57
N ALA UA 3 -1.98 -66.67 -73.95
CA ALA UA 3 -1.29 -67.95 -73.94
C ALA UA 3 -1.09 -68.51 -72.53
N GLY UA 4 -1.12 -69.84 -72.44
CA GLY UA 4 -0.88 -70.51 -71.18
C GLY UA 4 0.54 -70.33 -70.68
N THR UA 5 0.69 -70.46 -69.36
CA THR UA 5 1.96 -70.26 -68.68
C THR UA 5 3.01 -71.31 -69.05
N GLU UA 6 4.26 -71.01 -68.72
CA GLU UA 6 5.39 -71.88 -68.97
C GLU UA 6 5.47 -72.95 -67.88
N ASP UA 7 6.41 -73.89 -68.09
CA ASP UA 7 6.36 -75.28 -67.60
C ASP UA 7 6.07 -75.51 -66.11
N TYR UA 8 6.67 -74.73 -65.22
CA TYR UA 8 6.48 -74.95 -63.80
C TYR UA 8 6.47 -73.64 -63.03
N ILE UA 9 5.86 -73.68 -61.85
CA ILE UA 9 5.74 -72.55 -60.93
C ILE UA 9 6.18 -73.02 -59.54
N HIS UA 10 7.15 -72.32 -58.96
CA HIS UA 10 7.69 -72.65 -57.64
C HIS UA 10 7.32 -71.58 -56.63
N ILE UA 11 6.83 -72.00 -55.47
CA ILE UA 11 6.62 -71.11 -54.32
C ILE UA 11 7.64 -71.48 -53.24
N ARG UA 12 8.44 -70.50 -52.83
CA ARG UA 12 9.45 -70.67 -51.79
C ARG UA 12 9.11 -69.72 -50.66
N ILE UA 13 9.08 -70.24 -49.43
CA ILE UA 13 8.88 -69.42 -48.25
C ILE UA 13 10.09 -69.57 -47.32
N GLN UA 14 10.65 -68.44 -46.89
CA GLN UA 14 11.78 -68.42 -45.98
C GLN UA 14 11.41 -67.66 -44.72
N GLN UA 15 12.26 -67.72 -43.72
CA GLN UA 15 12.00 -67.06 -42.45
C GLN UA 15 12.78 -65.77 -42.30
N ARG UA 16 12.17 -64.81 -41.62
CA ARG UA 16 12.85 -63.71 -40.94
C ARG UA 16 12.43 -63.76 -39.48
N ASN UA 17 13.04 -62.89 -38.67
CA ASN UA 17 13.05 -63.01 -37.22
C ASN UA 17 11.65 -62.86 -36.60
N GLY UA 18 11.51 -63.40 -35.39
CA GLY UA 18 10.30 -63.27 -34.60
C GLY UA 18 9.20 -64.23 -35.01
N ARG UA 19 7.97 -63.71 -35.07
CA ARG UA 19 6.81 -64.44 -35.54
C ARG UA 19 6.57 -64.26 -37.03
N LYS UA 20 7.57 -63.82 -37.78
CA LYS UA 20 7.38 -63.38 -39.15
C LYS UA 20 7.96 -64.38 -40.13
N THR UA 21 7.42 -64.36 -41.35
CA THR UA 21 7.92 -65.13 -42.49
C THR UA 21 7.89 -64.25 -43.73
N LEU UA 22 8.71 -64.59 -44.70
CA LEU UA 22 8.86 -63.79 -45.92
C LEU UA 22 8.72 -64.72 -47.12
N THR UA 23 7.61 -64.62 -47.85
CA THR UA 23 7.24 -65.63 -48.83
C THR UA 23 7.40 -65.11 -50.25
N THR UA 24 7.90 -65.98 -51.11
CA THR UA 24 8.15 -65.65 -52.50
C THR UA 24 7.27 -66.49 -53.42
N VAL UA 25 7.10 -66.01 -54.65
CA VAL UA 25 6.64 -66.81 -55.78
C VAL UA 25 7.75 -66.73 -56.85
N GLN UA 26 7.80 -67.74 -57.73
CA GLN UA 26 8.81 -67.82 -58.77
C GLN UA 26 8.16 -68.30 -60.06
N GLY UA 27 8.58 -67.70 -61.18
CA GLY UA 27 8.34 -68.24 -62.52
C GLY UA 27 6.91 -68.34 -63.00
N ILE UA 28 6.13 -67.26 -62.88
CA ILE UA 28 4.74 -67.29 -63.34
C ILE UA 28 4.67 -67.39 -64.86
N ALA UA 29 5.21 -66.38 -65.55
CA ALA UA 29 5.17 -66.29 -67.00
C ALA UA 29 6.15 -65.23 -67.49
N ASP UA 30 6.72 -65.48 -68.66
CA ASP UA 30 7.44 -64.44 -69.38
C ASP UA 30 6.54 -63.70 -70.37
N ASP UA 31 5.51 -64.38 -70.88
CA ASP UA 31 4.62 -63.78 -71.87
C ASP UA 31 3.63 -62.79 -71.26
N TYR UA 32 3.19 -63.03 -70.03
CA TYR UA 32 2.11 -62.25 -69.42
C TYR UA 32 2.58 -60.84 -69.06
N ASP UA 33 1.95 -59.85 -69.69
CA ASP UA 33 2.03 -58.45 -69.29
C ASP UA 33 1.10 -58.20 -68.10
N LYS UA 34 1.11 -56.95 -67.61
CA LYS UA 34 0.50 -56.52 -66.34
C LYS UA 34 1.01 -57.39 -65.18
N LYS UA 35 2.33 -57.30 -64.97
CA LYS UA 35 3.04 -57.93 -63.87
C LYS UA 35 3.03 -57.06 -62.59
N LYS UA 36 2.14 -56.07 -62.56
CA LYS UA 36 1.73 -55.31 -61.39
C LYS UA 36 0.47 -55.92 -60.77
N LEU UA 37 0.23 -57.21 -61.00
CA LEU UA 37 -0.69 -58.05 -60.25
C LEU UA 37 -0.25 -58.32 -58.79
N VAL UA 38 0.89 -57.78 -58.35
CA VAL UA 38 1.14 -57.52 -56.92
C VAL UA 38 0.01 -56.70 -56.31
N LYS UA 39 -0.50 -55.69 -57.05
CA LYS UA 39 -1.61 -54.85 -56.62
C LYS UA 39 -2.87 -55.67 -56.38
N ALA UA 40 -3.11 -56.69 -57.21
CA ALA UA 40 -4.17 -57.64 -56.88
C ALA UA 40 -3.73 -58.67 -55.85
N PHE UA 41 -2.43 -59.00 -55.79
CA PHE UA 41 -1.93 -59.88 -54.73
C PHE UA 41 -2.06 -59.24 -53.36
N LYS UA 42 -1.62 -57.97 -53.23
CA LYS UA 42 -1.60 -57.30 -51.93
C LYS UA 42 -3.01 -57.01 -51.44
N LYS UA 43 -3.90 -56.58 -52.33
CA LYS UA 43 -5.24 -56.16 -51.94
C LYS UA 43 -6.18 -57.34 -51.70
N LYS UA 44 -5.78 -58.55 -52.06
CA LYS UA 44 -6.61 -59.71 -51.76
C LYS UA 44 -6.08 -60.52 -50.59
N PHE UA 45 -4.77 -60.57 -50.42
CA PHE UA 45 -4.17 -61.42 -49.40
C PHE UA 45 -3.97 -60.68 -48.09
N ALA UA 46 -4.21 -59.36 -48.10
CA ALA UA 46 -4.01 -58.42 -46.98
C ALA UA 46 -2.59 -58.47 -46.44
N CYS UA 47 -1.63 -58.25 -47.34
CA CYS UA 47 -0.23 -58.24 -46.98
C CYS UA 47 0.50 -57.13 -47.73
N ASN UA 48 1.62 -56.70 -47.15
CA ASN UA 48 2.56 -55.83 -47.84
C ASN UA 48 3.52 -56.68 -48.64
N GLY UA 49 3.68 -56.35 -49.91
CA GLY UA 49 4.65 -57.06 -50.71
C GLY UA 49 5.02 -56.27 -51.95
N THR UA 50 6.05 -56.75 -52.64
CA THR UA 50 6.49 -56.13 -53.88
C THR UA 50 7.23 -57.15 -54.74
N VAL UA 51 7.60 -56.69 -55.92
CA VAL UA 51 8.48 -57.41 -56.84
C VAL UA 51 9.85 -56.76 -56.77
N ILE UA 52 10.87 -57.58 -56.55
CA ILE UA 52 12.26 -57.13 -56.63
C ILE UA 52 12.85 -57.67 -57.92
N GLU UA 53 13.76 -56.92 -58.53
CA GLU UA 53 14.24 -57.22 -59.87
C GLU UA 53 15.50 -58.07 -59.80
N HIS UA 54 15.35 -59.42 -60.05
CA HIS UA 54 16.39 -60.44 -60.10
C HIS UA 54 16.73 -60.82 -61.54
N PRO UA 55 18.01 -60.85 -61.92
CA PRO UA 55 18.36 -61.14 -63.32
C PRO UA 55 18.30 -62.64 -63.65
N GLU UA 56 17.90 -62.91 -64.90
CA GLU UA 56 17.73 -64.25 -65.54
C GLU UA 56 16.94 -65.22 -64.66
N TYR UA 57 15.85 -64.72 -64.10
CA TYR UA 57 15.07 -65.44 -63.11
C TYR UA 57 13.59 -65.07 -63.29
N GLY UA 58 12.75 -65.69 -62.48
CA GLY UA 58 11.32 -65.75 -62.73
C GLY UA 58 10.46 -64.59 -62.23
N GLU UA 59 11.04 -63.38 -62.13
CA GLU UA 59 10.37 -62.13 -61.72
C GLU UA 59 9.70 -62.27 -60.34
N VAL UA 60 10.56 -62.59 -59.36
CA VAL UA 60 10.16 -62.90 -57.99
C VAL UA 60 9.35 -61.78 -57.33
N ILE UA 61 8.20 -62.15 -56.76
CA ILE UA 61 7.39 -61.29 -55.92
C ILE UA 61 7.61 -61.73 -54.49
N GLN UA 62 8.03 -60.80 -53.62
CA GLN UA 62 8.20 -61.13 -52.22
C GLN UA 62 7.06 -60.51 -51.45
N LEU UA 63 6.38 -61.32 -50.65
CA LEU UA 63 5.33 -60.87 -49.76
C LEU UA 63 5.78 -61.19 -48.34
N GLN UA 64 5.35 -60.35 -47.39
CA GLN UA 64 5.63 -60.63 -45.98
C GLN UA 64 4.48 -61.42 -45.37
N GLY UA 65 4.81 -62.43 -44.57
CA GLY UA 65 3.80 -63.17 -43.83
C GLY UA 65 3.24 -64.33 -44.61
N ASP UA 66 2.93 -65.44 -43.94
CA ASP UA 66 2.85 -66.73 -44.61
C ASP UA 66 1.57 -66.89 -45.42
N GLN UA 67 1.68 -66.78 -46.73
CA GLN UA 67 0.70 -67.37 -47.64
C GLN UA 67 1.45 -68.28 -48.60
N ARG UA 68 1.36 -69.58 -48.36
CA ARG UA 68 1.42 -70.59 -49.41
C ARG UA 68 0.01 -70.98 -49.84
N LYS UA 69 -0.91 -71.13 -48.87
CA LYS UA 69 -2.23 -71.71 -49.16
C LYS UA 69 -3.13 -70.72 -49.87
N ASN UA 70 -2.94 -69.42 -49.60
CA ASN UA 70 -3.80 -68.42 -50.18
C ASN UA 70 -3.49 -68.22 -51.67
N ILE UA 71 -2.25 -68.51 -52.08
CA ILE UA 71 -1.90 -68.57 -53.50
C ILE UA 71 -2.68 -69.67 -54.21
N CYS UA 72 -2.83 -70.83 -53.53
CA CYS UA 72 -3.63 -71.94 -54.06
C CYS UA 72 -5.11 -71.57 -54.14
N GLN UA 73 -5.60 -70.77 -53.18
CA GLN UA 73 -6.96 -70.26 -53.24
C GLN UA 73 -7.16 -69.32 -54.43
N PHE UA 74 -6.22 -68.41 -54.66
CA PHE UA 74 -6.40 -67.36 -55.66
C PHE UA 74 -6.16 -67.86 -57.07
N LEU UA 75 -5.21 -68.77 -57.26
CA LEU UA 75 -4.87 -69.15 -58.63
C LEU UA 75 -5.84 -70.17 -59.22
N VAL UA 76 -6.57 -70.92 -58.39
CA VAL UA 76 -7.66 -71.75 -58.91
C VAL UA 76 -8.93 -70.92 -59.08
N GLU UA 77 -8.99 -69.75 -58.43
CA GLU UA 77 -10.11 -68.83 -58.59
C GLU UA 77 -10.02 -68.06 -59.91
N ILE UA 78 -8.82 -67.99 -60.48
CA ILE UA 78 -8.53 -67.18 -61.66
C ILE UA 78 -8.12 -68.16 -62.77
N GLY UA 79 -7.97 -67.62 -64.00
CA GLY UA 79 -7.80 -68.42 -65.21
C GLY UA 79 -6.59 -69.32 -65.23
N LEU UA 80 -5.43 -68.79 -64.83
CA LEU UA 80 -4.18 -69.53 -64.96
C LEU UA 80 -4.04 -70.55 -63.83
N ALA UA 81 -4.38 -71.82 -64.14
CA ALA UA 81 -4.19 -72.98 -63.28
C ALA UA 81 -4.30 -74.24 -64.11
N LYS UA 82 -3.50 -75.24 -63.73
CA LYS UA 82 -3.74 -76.64 -64.06
C LYS UA 82 -3.74 -77.50 -62.79
N ASP UA 83 -3.35 -76.91 -61.65
CA ASP UA 83 -3.31 -77.46 -60.27
C ASP UA 83 -2.48 -78.75 -60.14
N ASP UA 84 -1.54 -78.98 -61.04
CA ASP UA 84 -0.47 -79.94 -60.83
C ASP UA 84 0.91 -79.32 -60.92
N GLN UA 85 1.00 -78.02 -61.18
CA GLN UA 85 2.26 -77.33 -61.42
C GLN UA 85 2.80 -76.62 -60.19
N LEU UA 86 2.05 -76.57 -59.09
CA LEU UA 86 2.39 -75.77 -57.92
C LEU UA 86 3.05 -76.67 -56.87
N LYS UA 87 4.37 -76.57 -56.74
CA LYS UA 87 5.12 -77.34 -55.76
C LYS UA 87 5.33 -76.52 -54.50
N VAL UA 88 4.86 -77.04 -53.36
CA VAL UA 88 4.94 -76.32 -52.10
C VAL UA 88 6.27 -76.65 -51.44
N HIS UA 89 7.00 -75.61 -51.02
CA HIS UA 89 8.28 -75.75 -50.34
C HIS UA 89 8.16 -75.30 -48.88
N GLY UA 90 6.96 -75.37 -48.32
CA GLY UA 90 6.74 -74.94 -46.95
C GLY UA 90 7.27 -75.93 -45.92
N PHE UA 91 7.63 -75.40 -44.76
CA PHE UA 91 8.16 -76.23 -43.68
C PHE UA 91 7.12 -76.43 -42.58
N ALA VA 2 -4.34 107.79 -50.39
CA ALA VA 2 -4.95 107.99 -51.70
C ALA VA 2 -6.05 106.97 -51.94
N LYS VA 3 -5.76 105.71 -51.63
CA LYS VA 3 -6.72 104.62 -51.78
C LYS VA 3 -7.80 104.67 -50.70
N PHE VA 4 -9.00 104.21 -51.07
CA PHE VA 4 -9.99 103.78 -50.07
C PHE VA 4 -10.92 102.75 -50.69
N MET VA 5 -11.08 101.63 -50.00
CA MET VA 5 -12.06 100.61 -50.31
C MET VA 5 -13.16 100.64 -49.27
N THR VA 6 -14.28 100.00 -49.57
CA THR VA 6 -15.38 99.90 -48.63
C THR VA 6 -14.98 99.03 -47.45
N PRO VA 7 -15.03 99.55 -46.21
CA PRO VA 7 -14.69 98.73 -45.05
C PRO VA 7 -15.79 97.74 -44.72
N VAL VA 8 -15.39 96.55 -44.28
CA VAL VA 8 -16.33 95.45 -44.03
C VAL VA 8 -16.93 95.58 -42.63
N ILE VA 9 -18.26 95.74 -42.57
CA ILE VA 9 -19.07 95.65 -41.36
C ILE VA 9 -20.30 94.79 -41.69
N GLN VA 10 -20.63 93.86 -40.80
CA GLN VA 10 -21.67 92.86 -41.04
C GLN VA 10 -23.09 93.45 -41.00
N ASP VA 11 -24.03 92.69 -41.56
CA ASP VA 11 -25.45 93.05 -41.56
C ASP VA 11 -26.23 92.02 -40.74
N ASN VA 12 -27.00 92.51 -39.77
CA ASN VA 12 -27.91 91.67 -38.99
C ASN VA 12 -29.22 92.44 -38.83
N PRO VA 13 -30.31 91.99 -39.45
CA PRO VA 13 -31.64 92.54 -39.12
C PRO VA 13 -32.02 92.38 -37.66
N SER VA 14 -31.93 91.16 -37.14
CA SER VA 14 -32.60 90.80 -35.90
C SER VA 14 -31.75 91.08 -34.66
N GLY VA 15 -30.45 90.88 -34.73
CA GLY VA 15 -29.57 91.49 -33.77
C GLY VA 15 -29.17 92.90 -34.19
N TRP VA 16 -28.60 93.62 -33.25
CA TRP VA 16 -27.66 94.68 -33.57
C TRP VA 16 -26.26 94.13 -33.65
N GLY VA 17 -26.02 93.07 -32.88
CA GLY VA 17 -24.76 92.42 -32.73
C GLY VA 17 -24.53 91.30 -33.71
N PRO VA 18 -24.01 90.18 -33.20
CA PRO VA 18 -23.42 89.16 -34.08
C PRO VA 18 -24.46 88.37 -34.86
N CYS VA 19 -24.35 88.45 -36.19
CA CYS VA 19 -24.92 87.42 -37.03
C CYS VA 19 -23.94 86.26 -37.18
N ALA VA 20 -22.68 86.57 -37.48
CA ALA VA 20 -21.67 85.58 -37.78
C ALA VA 20 -20.68 85.45 -36.64
N VAL VA 21 -19.97 84.33 -36.65
CA VAL VA 21 -18.78 84.10 -35.82
C VAL VA 21 -17.67 84.59 -36.74
N PRO VA 22 -16.50 85.05 -36.26
CA PRO VA 22 -15.50 85.55 -37.18
C PRO VA 22 -14.81 84.42 -37.91
N GLU VA 23 -14.47 84.67 -39.17
CA GLU VA 23 -13.94 83.65 -40.05
C GLU VA 23 -12.46 83.34 -39.80
N GLN VA 24 -11.80 84.02 -38.84
CA GLN VA 24 -10.48 83.55 -38.43
C GLN VA 24 -10.59 82.31 -37.56
N PHE VA 25 -11.59 82.21 -36.69
CA PHE VA 25 -11.59 81.12 -35.73
C PHE VA 25 -12.76 80.19 -35.94
N ARG VA 26 -13.59 80.45 -36.93
CA ARG VA 26 -14.21 79.32 -37.57
C ARG VA 26 -13.15 78.75 -38.53
N ASP VA 27 -13.40 77.51 -39.00
CA ASP VA 27 -12.43 76.53 -39.49
C ASP VA 27 -11.38 76.24 -38.42
N MET VA 28 -11.83 76.20 -37.14
CA MET VA 28 -11.02 75.79 -35.98
C MET VA 28 -11.90 75.32 -34.84
N PRO VA 29 -11.57 74.20 -34.18
CA PRO VA 29 -12.20 73.89 -32.89
C PRO VA 29 -11.65 74.76 -31.77
N TYR VA 30 -12.56 75.44 -31.06
CA TYR VA 30 -12.19 76.52 -30.18
C TYR VA 30 -11.58 76.02 -28.88
N GLN VA 31 -10.53 76.71 -28.43
CA GLN VA 31 -9.95 76.54 -27.13
C GLN VA 31 -9.20 77.81 -26.72
N PRO VA 32 -9.34 78.28 -25.50
CA PRO VA 32 -8.60 79.47 -25.07
C PRO VA 32 -7.20 79.14 -24.61
N PHE VA 33 -6.30 80.12 -24.71
CA PHE VA 33 -4.90 79.92 -24.34
C PHE VA 33 -4.26 81.24 -23.94
N SER VA 34 -3.13 81.16 -23.23
CA SER VA 34 -2.51 82.33 -22.61
C SER VA 34 -1.00 82.36 -22.89
N LYS VA 35 -0.55 83.25 -23.79
CA LYS VA 35 0.87 83.31 -24.10
C LYS VA 35 1.63 84.10 -23.06
N GLY VA 36 2.84 83.63 -22.73
CA GLY VA 36 3.61 84.15 -21.61
C GLY VA 36 3.95 83.11 -20.55
N ASP VA 37 3.67 81.84 -20.82
CA ASP VA 37 3.85 80.76 -19.86
C ASP VA 37 5.00 79.83 -20.21
N ARG VA 38 5.58 79.22 -19.19
CA ARG VA 38 6.68 78.26 -19.35
C ARG VA 38 6.16 76.93 -19.86
N LEU VA 39 6.78 76.43 -20.94
CA LEU VA 39 6.15 75.43 -21.80
C LEU VA 39 6.33 73.99 -21.36
N GLY VA 40 7.57 73.54 -21.18
CA GLY VA 40 7.96 72.22 -21.64
C GLY VA 40 7.48 71.08 -20.76
N LYS VA 41 7.00 70.00 -21.37
CA LYS VA 41 6.60 68.83 -20.59
C LYS VA 41 6.82 67.56 -21.39
N VAL VA 42 7.41 66.56 -20.75
CA VAL VA 42 7.70 65.27 -21.35
C VAL VA 42 6.57 64.32 -20.99
N ALA VA 43 6.17 63.47 -21.93
CA ALA VA 43 5.10 62.50 -21.69
C ALA VA 43 5.72 61.12 -21.48
N ASP VA 44 5.39 60.50 -20.36
CA ASP VA 44 5.83 59.15 -20.05
C ASP VA 44 4.70 58.15 -20.12
N TRP VA 45 5.05 56.94 -20.55
CA TRP VA 45 4.21 55.76 -20.45
C TRP VA 45 4.41 55.02 -19.13
N THR VA 46 5.62 54.99 -18.61
CA THR VA 46 5.89 54.28 -17.38
C THR VA 46 5.59 55.12 -16.14
N GLY VA 47 5.64 56.45 -16.26
CA GLY VA 47 5.44 57.34 -15.13
C GLY VA 47 6.56 57.26 -14.12
N ALA VA 48 7.80 57.09 -14.58
CA ALA VA 48 8.88 56.71 -13.69
C ALA VA 48 9.50 57.91 -13.01
N THR VA 49 9.62 59.02 -13.74
CA THR VA 49 10.41 60.16 -13.27
C THR VA 49 9.63 61.03 -12.30
N TYR VA 50 8.36 61.26 -12.56
CA TYR VA 50 7.52 62.03 -11.66
C TYR VA 50 6.13 61.44 -11.51
N LYS VA 53 6.64 66.60 -6.85
CA LYS VA 53 5.85 67.12 -7.96
C LYS VA 53 6.05 68.62 -8.06
N ARG VA 54 7.31 69.05 -8.06
CA ARG VA 54 7.62 70.48 -8.15
C ARG VA 54 7.74 70.95 -9.59
N TYR VA 55 8.30 70.11 -10.47
CA TYR VA 55 8.57 70.53 -11.83
C TYR VA 55 7.28 70.59 -12.66
N THR VA 56 6.40 69.60 -12.49
CA THR VA 56 5.13 69.52 -13.20
C THR VA 56 4.15 70.61 -12.76
N ASN VA 57 4.39 71.25 -11.63
CA ASN VA 57 3.60 72.41 -11.24
C ASN VA 57 4.09 73.72 -11.85
N LYS VA 58 4.99 73.67 -12.83
CA LYS VA 58 5.32 74.83 -13.65
C LYS VA 58 4.58 74.84 -14.97
N TYR VA 59 3.87 73.76 -15.31
CA TYR VA 59 3.45 73.54 -16.69
C TYR VA 59 1.93 73.52 -16.84
N SER VA 60 1.18 73.74 -15.76
CA SER VA 60 -0.27 73.80 -15.88
C SER VA 60 -0.69 75.21 -16.24
N SER VA 61 -1.92 75.32 -16.76
CA SER VA 61 -2.49 76.64 -16.98
C SER VA 61 -3.37 77.02 -15.79
N GLN VA 62 -3.68 78.32 -15.68
CA GLN VA 62 -4.43 78.77 -14.53
C GLN VA 62 -5.87 79.16 -14.83
N PHE VA 63 -6.19 79.71 -16.01
CA PHE VA 63 -7.59 79.79 -16.41
C PHE VA 63 -7.88 79.17 -17.78
N GLY VA 64 -6.89 78.61 -18.45
CA GLY VA 64 -7.05 78.42 -19.88
C GLY VA 64 -7.69 77.13 -20.34
N GLY VA 65 -8.33 76.37 -19.44
CA GLY VA 65 -8.67 74.97 -19.70
C GLY VA 65 -9.63 74.61 -20.83
N GLY VA 66 -9.12 73.90 -21.84
CA GLY VA 66 -9.96 73.22 -22.80
C GLY VA 66 -9.30 71.94 -23.24
N SER VA 67 -10.13 70.95 -23.57
CA SER VA 67 -9.66 69.65 -24.05
C SER VA 67 -10.23 69.28 -25.41
N GLN VA 68 -10.54 70.28 -26.24
CA GLN VA 68 -11.13 69.98 -27.55
C GLN VA 68 -10.11 69.34 -28.50
N TYR VA 69 -8.84 69.73 -28.38
CA TYR VA 69 -7.72 68.94 -28.91
C TYR VA 69 -7.16 68.00 -27.85
N ALA VA 70 -7.93 66.97 -27.53
CA ALA VA 70 -7.43 65.95 -26.61
C ALA VA 70 -7.99 64.59 -27.00
N TYR VA 71 -7.20 63.56 -26.72
CA TYR VA 71 -7.43 62.21 -27.25
C TYR VA 71 -7.54 61.24 -26.07
N PHE VA 72 -8.73 60.68 -25.88
CA PHE VA 72 -9.03 59.80 -24.76
C PHE VA 72 -8.94 58.36 -25.26
N HIS VA 73 -8.03 57.58 -24.70
CA HIS VA 73 -7.90 56.19 -25.10
C HIS VA 73 -8.76 55.31 -24.21
N GLU VA 74 -9.51 54.41 -24.85
CA GLU VA 74 -10.45 53.52 -24.17
C GLU VA 74 -9.85 52.17 -23.82
N GLU VA 75 -8.74 51.77 -24.46
CA GLU VA 75 -8.14 50.47 -24.21
C GLU VA 75 -6.69 50.58 -23.76
N ASP VA 76 -6.31 51.73 -23.19
CA ASP VA 76 -4.94 51.93 -22.71
C ASP VA 76 -4.70 51.08 -21.48
N GLU VA 77 -3.89 50.03 -21.65
CA GLU VA 77 -3.77 48.96 -20.66
C GLU VA 77 -2.43 48.28 -20.89
N SER VA 78 -1.96 47.60 -19.85
CA SER VA 78 -0.88 46.64 -19.97
C SER VA 78 -1.42 45.22 -19.99
N SER VA 79 -2.74 45.05 -20.06
CA SER VA 79 -3.39 43.77 -19.87
C SER VA 79 -3.21 42.83 -21.06
N PHE VA 80 -2.80 43.35 -22.20
CA PHE VA 80 -2.59 42.52 -23.37
C PHE VA 80 -1.24 41.82 -23.29
N GLN VA 81 -1.22 40.52 -23.57
CA GLN VA 81 0.02 39.81 -23.84
C GLN VA 81 0.35 39.91 -25.33
N LEU VA 82 1.60 39.60 -25.68
CA LEU VA 82 2.02 39.59 -27.07
C LEU VA 82 2.54 38.20 -27.43
N VAL VA 83 2.13 37.71 -28.60
CA VAL VA 83 2.37 36.31 -28.98
C VAL VA 83 3.72 36.15 -29.68
N ASP VA 84 4.52 35.23 -29.16
CA ASP VA 84 5.62 34.67 -29.93
C ASP VA 84 5.12 33.42 -30.63
N VAL VA 162 75.07 10.49 -17.45
CA VAL VA 162 76.12 11.40 -17.00
C VAL VA 162 75.65 12.85 -17.08
N GLU VA 163 76.60 13.76 -16.91
CA GLU VA 163 76.35 15.19 -17.00
C GLU VA 163 76.45 15.64 -18.47
N VAL VA 164 75.31 15.71 -19.15
CA VAL VA 164 75.31 15.91 -20.59
C VAL VA 164 75.43 17.41 -20.85
N ARG VA 165 76.57 17.81 -21.39
CA ARG VA 165 76.79 19.16 -21.87
C ARG VA 165 76.57 19.21 -23.37
N SER VA 166 76.57 20.43 -23.92
CA SER VA 166 76.49 20.58 -25.37
C SER VA 166 77.80 20.18 -26.06
N ASP VA 167 78.94 20.31 -25.39
CA ASP VA 167 80.24 20.33 -26.04
C ASP VA 167 80.85 18.93 -26.19
N TRP VA 168 80.04 17.88 -26.06
CA TRP VA 168 80.56 16.53 -26.13
C TRP VA 168 80.62 16.08 -27.58
N GLU VA 169 81.60 15.24 -27.89
CA GLU VA 169 81.93 14.88 -29.27
C GLU VA 169 81.49 13.45 -29.57
N VAL VA 170 80.57 13.32 -30.53
CA VAL VA 170 80.11 12.02 -31.00
C VAL VA 170 81.15 11.43 -31.94
N LYS VA 171 81.60 10.20 -31.64
CA LYS VA 171 82.40 9.41 -32.56
C LYS VA 171 81.56 8.47 -33.42
N GLU VA 172 80.60 7.77 -32.80
CA GLU VA 172 79.74 6.72 -33.36
C GLU VA 172 78.52 6.54 -32.47
N GLU VA 173 77.41 6.09 -33.08
CA GLU VA 173 76.15 5.82 -32.38
C GLU VA 173 75.57 4.50 -32.85
N MET VA 174 75.46 3.53 -31.92
CA MET VA 174 75.28 2.11 -32.24
C MET VA 174 74.27 1.48 -31.29
N ASP VA 175 73.14 1.00 -31.83
CA ASP VA 175 72.07 0.41 -31.03
C ASP VA 175 72.46 -0.98 -30.50
N PHE VA 176 71.60 -1.53 -29.63
CA PHE VA 176 71.83 -2.89 -29.12
C PHE VA 176 71.72 -4.08 -30.08
N PRO VA 177 70.89 -4.11 -31.16
CA PRO VA 177 71.06 -5.19 -32.15
C PRO VA 177 72.40 -5.24 -32.89
N GLN VA 178 73.18 -4.16 -32.92
CA GLN VA 178 74.58 -4.31 -33.36
C GLN VA 178 75.39 -5.14 -32.37
N LEU VA 179 75.08 -5.03 -31.08
CA LEU VA 179 75.84 -5.78 -30.07
C LEU VA 179 75.56 -7.27 -30.09
N MET VA 180 74.43 -7.69 -30.64
CA MET VA 180 74.15 -9.12 -30.68
C MET VA 180 74.85 -9.82 -31.84
N LYS VA 181 75.38 -9.08 -32.83
CA LYS VA 181 75.89 -9.70 -34.04
C LYS VA 181 77.41 -9.52 -34.23
N MET VA 182 78.14 -9.08 -33.21
CA MET VA 182 79.59 -9.11 -33.34
C MET VA 182 80.12 -10.46 -32.89
N ARG VA 183 81.38 -10.73 -33.24
CA ARG VA 183 81.93 -12.07 -33.04
C ARG VA 183 83.44 -11.95 -32.91
N TYR VA 184 84.03 -12.78 -32.04
CA TYR VA 184 85.49 -12.86 -32.01
C TYR VA 184 85.97 -14.29 -31.80
N LEU VA 185 86.58 -14.86 -32.85
CA LEU VA 185 87.28 -16.13 -32.82
C LEU VA 185 88.76 -15.93 -32.48
N GLU VA 186 89.48 -17.05 -32.34
CA GLU VA 186 90.94 -17.14 -32.22
C GLU VA 186 91.49 -16.47 -30.96
N VAL VA 187 90.82 -16.66 -29.83
CA VAL VA 187 91.39 -16.28 -28.54
C VAL VA 187 92.09 -17.48 -27.89
N SER VA 188 93.20 -17.22 -27.20
CA SER VA 188 93.97 -18.23 -26.49
C SER VA 188 93.84 -18.10 -24.97
N GLU VA 189 94.12 -19.20 -24.27
CA GLU VA 189 94.22 -19.17 -22.81
C GLU VA 189 95.49 -18.40 -22.43
N PRO VA 190 95.45 -17.54 -21.41
CA PRO VA 190 96.53 -16.58 -21.21
C PRO VA 190 97.80 -17.17 -20.60
N GLN VA 191 98.86 -16.39 -20.70
CA GLN VA 191 100.15 -16.70 -20.10
C GLN VA 191 100.40 -15.76 -18.94
N ASP VA 192 100.70 -16.33 -17.78
CA ASP VA 192 100.74 -15.57 -16.53
C ASP VA 192 102.04 -14.80 -16.35
N ILE VA 193 101.94 -13.50 -16.12
CA ILE VA 193 103.11 -12.66 -15.87
C ILE VA 193 103.31 -12.40 -14.38
N GLU VA 194 102.28 -11.90 -13.71
CA GLU VA 194 102.35 -11.52 -12.31
C GLU VA 194 101.10 -12.03 -11.62
N CYS VA 195 101.29 -12.74 -10.52
CA CYS VA 195 100.19 -13.21 -9.69
C CYS VA 195 100.52 -12.93 -8.22
N CYS VA 196 99.76 -12.02 -7.61
CA CYS VA 196 99.97 -11.64 -6.22
C CYS VA 196 98.68 -11.81 -5.43
N GLY VA 197 98.81 -11.91 -4.11
CA GLY VA 197 97.68 -11.96 -3.20
C GLY VA 197 97.79 -13.10 -2.20
N ALA VA 198 96.69 -13.31 -1.46
CA ALA VA 198 96.60 -14.35 -0.45
C ALA VA 198 95.14 -14.70 -0.25
N LEU VA 199 94.80 -15.98 -0.32
CA LEU VA 199 93.43 -16.43 -0.22
C LEU VA 199 93.26 -17.39 0.93
N GLU VA 200 92.15 -17.25 1.66
CA GLU VA 200 91.88 -18.08 2.82
C GLU VA 200 91.24 -19.39 2.37
N TYR VA 201 91.39 -20.42 3.20
CA TYR VA 201 90.72 -21.68 2.95
C TYR VA 201 89.24 -21.55 3.29
N TYR VA 202 88.38 -22.02 2.39
CA TYR VA 202 86.94 -21.85 2.54
C TYR VA 202 86.42 -22.83 3.58
N ASP VA 203 85.44 -22.37 4.34
CA ASP VA 203 84.79 -23.20 5.34
C ASP VA 203 83.67 -23.99 4.65
N LYS VA 204 83.80 -25.31 4.61
CA LYS VA 204 82.86 -26.16 3.88
C LYS VA 204 81.52 -26.37 4.59
N ALA VA 205 81.30 -25.83 5.80
CA ALA VA 205 79.95 -25.81 6.35
C ALA VA 205 79.05 -24.83 5.61
N PHE VA 206 79.64 -23.77 5.02
CA PHE VA 206 78.88 -22.73 4.34
C PHE VA 206 78.22 -23.20 3.06
N ASP VA 207 78.64 -24.33 2.49
CA ASP VA 207 77.88 -24.93 1.40
C ASP VA 207 76.52 -25.44 1.88
N ARG VA 208 76.50 -26.09 3.05
CA ARG VA 208 75.40 -26.94 3.48
C ARG VA 208 74.53 -26.35 4.56
N ILE VA 209 74.61 -25.04 4.81
CA ILE VA 209 73.67 -24.38 5.72
C ILE VA 209 72.29 -24.43 5.08
N THR VA 210 71.32 -24.98 5.79
CA THR VA 210 69.99 -25.17 5.25
C THR VA 210 69.10 -24.05 5.80
N THR VA 211 68.16 -23.58 4.99
CA THR VA 211 67.49 -22.31 5.23
C THR VA 211 66.41 -22.37 6.29
N ARG VA 212 65.96 -23.55 6.70
CA ARG VA 212 65.14 -23.63 7.90
C ARG VA 212 65.98 -23.93 9.13
N SER VA 213 67.30 -24.01 8.98
CA SER VA 213 68.26 -24.18 10.06
C SER VA 213 69.29 -23.04 10.08
N GLU VA 214 68.91 -21.85 9.59
CA GLU VA 214 69.83 -20.84 9.08
C GLU VA 214 70.64 -20.17 10.19
N LYS VA 215 71.62 -19.38 9.74
CA LYS VA 215 72.65 -18.75 10.56
C LYS VA 215 72.64 -17.24 10.31
N PRO VA 216 72.82 -16.42 11.35
CA PRO VA 216 72.82 -14.96 11.14
C PRO VA 216 74.08 -14.45 10.46
N LEU VA 217 73.87 -13.45 9.60
CA LEU VA 217 74.94 -12.80 8.86
C LEU VA 217 75.41 -11.57 9.63
N ARG VA 218 76.64 -11.61 10.12
CA ARG VA 218 77.22 -10.47 10.80
C ARG VA 218 77.77 -9.47 9.77
N SER VA 219 77.96 -8.23 10.21
CA SER VA 219 78.61 -7.24 9.37
C SER VA 219 80.10 -7.24 9.67
N ILE VA 220 80.91 -7.32 8.63
CA ILE VA 220 82.34 -7.48 8.77
C ILE VA 220 83.02 -6.24 8.18
N LYS VA 221 83.81 -5.56 9.00
CA LYS VA 221 84.52 -4.38 8.56
C LYS VA 221 85.91 -4.76 8.11
N ARG VA 222 86.17 -4.61 6.81
CA ARG VA 222 87.49 -4.75 6.22
C ARG VA 222 87.70 -3.54 5.33
N ILE VA 223 88.93 -3.33 4.87
CA ILE VA 223 89.21 -2.29 3.89
C ILE VA 223 89.10 -2.87 2.49
N PHE VA 224 88.32 -2.20 1.64
CA PHE VA 224 87.91 -2.74 0.35
C PHE VA 224 88.50 -1.88 -0.76
N HIS VA 225 89.23 -2.52 -1.68
CA HIS VA 225 90.01 -1.83 -2.70
C HIS VA 225 89.32 -1.88 -4.06
N THR VA 226 89.21 -0.72 -4.69
CA THR VA 226 88.44 -0.50 -5.91
C THR VA 226 89.35 -0.03 -7.04
N VAL VA 227 90.63 -0.44 -6.98
CA VAL VA 227 91.77 0.26 -7.54
C VAL VA 227 91.71 0.40 -9.05
N THR VA 228 91.89 1.64 -9.51
CA THR VA 228 92.00 2.03 -10.91
C THR VA 228 93.32 1.49 -11.48
N THR VA 229 93.36 1.32 -12.82
CA THR VA 229 94.55 0.87 -13.54
C THR VA 229 95.71 1.85 -13.37
N THR VA 230 95.42 3.14 -13.49
CA THR VA 230 96.37 4.19 -13.16
C THR VA 230 96.71 4.21 -11.67
N ASP VA 231 95.76 3.83 -10.81
CA ASP VA 231 96.02 3.73 -9.37
C ASP VA 231 96.69 2.43 -8.97
N ASP VA 232 96.92 1.53 -9.90
CA ASP VA 232 97.85 0.43 -9.65
C ASP VA 232 99.24 0.87 -10.10
N PRO VA 233 100.23 0.93 -9.19
CA PRO VA 233 101.61 1.14 -9.66
C PRO VA 233 102.28 -0.08 -10.30
N VAL VA 234 101.76 -1.30 -10.12
CA VAL VA 234 102.32 -2.45 -10.82
C VAL VA 234 101.85 -2.50 -12.27
N ILE VA 235 100.62 -2.06 -12.55
CA ILE VA 235 100.19 -1.78 -13.92
C ILE VA 235 101.03 -0.67 -14.53
N ARG VA 236 101.42 0.32 -13.71
CA ARG VA 236 102.43 1.30 -14.12
C ARG VA 236 103.84 0.70 -14.20
N LYS VA 237 104.17 -0.28 -13.34
CA LYS VA 237 105.44 -0.98 -13.48
C LYS VA 237 105.45 -1.94 -14.66
N LEU VA 238 104.32 -2.58 -14.97
CA LEU VA 238 104.20 -3.41 -16.16
C LEU VA 238 103.93 -2.59 -17.42
N ALA VA 239 103.75 -1.28 -17.30
CA ALA VA 239 103.56 -0.43 -18.47
C ALA VA 239 104.83 -0.27 -19.29
N LYS VA 240 106.01 -0.44 -18.69
CA LYS VA 240 107.26 -0.14 -19.39
C LYS VA 240 107.64 -1.25 -20.38
N THR VA 241 107.38 -2.53 -20.04
CA THR VA 241 108.03 -3.66 -20.69
C THR VA 241 107.10 -4.54 -21.50
N GLN VA 242 105.81 -4.26 -21.51
CA GLN VA 242 104.84 -5.11 -22.18
C GLN VA 242 103.70 -4.24 -22.70
N GLY VA 243 103.12 -4.64 -23.82
CA GLY VA 243 101.69 -4.52 -24.03
C GLY VA 243 101.24 -3.16 -24.53
N ASN VA 244 100.04 -3.18 -25.14
CA ASN VA 244 99.42 -1.98 -25.68
C ASN VA 244 98.04 -1.65 -25.11
N VAL VA 245 97.38 -2.58 -24.39
CA VAL VA 245 96.00 -2.45 -23.90
C VAL VA 245 95.96 -2.96 -22.45
N PHE VA 246 95.62 -2.08 -21.50
CA PHE VA 246 95.60 -2.40 -20.08
C PHE VA 246 94.32 -1.93 -19.42
N ALA VA 247 93.72 -2.80 -18.60
CA ALA VA 247 92.49 -2.46 -17.89
C ALA VA 247 92.29 -3.42 -16.71
N THR VA 248 91.21 -3.21 -15.98
CA THR VA 248 90.79 -4.06 -14.87
C THR VA 248 89.63 -4.96 -15.28
N ASP VA 249 89.51 -6.10 -14.60
CA ASP VA 249 88.51 -7.11 -14.96
C ASP VA 249 87.11 -6.72 -14.50
N ALA VA 250 86.96 -5.67 -13.71
CA ALA VA 250 85.64 -5.04 -13.62
C ALA VA 250 85.26 -4.37 -14.94
N ILE VA 251 86.23 -3.70 -15.58
CA ILE VA 251 85.92 -2.88 -16.74
C ILE VA 251 85.76 -3.74 -18.00
N LEU VA 252 86.66 -4.69 -18.23
CA LEU VA 252 86.60 -5.51 -19.45
C LEU VA 252 85.50 -6.56 -19.40
N ALA VA 253 84.95 -6.83 -18.22
CA ALA VA 253 83.66 -7.52 -18.18
C ALA VA 253 82.53 -6.60 -18.64
N THR VA 254 82.59 -5.30 -18.28
CA THR VA 254 81.51 -4.38 -18.58
C THR VA 254 81.49 -4.02 -20.08
N LEU VA 255 82.62 -4.11 -20.77
CA LEU VA 255 82.60 -4.03 -22.23
C LEU VA 255 82.02 -5.30 -22.85
N MET VA 256 82.16 -6.43 -22.17
CA MET VA 256 81.53 -7.67 -22.64
C MET VA 256 80.07 -7.74 -22.24
N SER VA 257 79.73 -7.18 -21.09
CA SER VA 257 78.37 -7.22 -20.55
C SER VA 257 77.70 -5.85 -20.66
N CYS VA 258 78.10 -5.06 -21.66
CA CYS VA 258 77.35 -3.86 -22.03
C CYS VA 258 76.02 -4.18 -22.70
N THR VA 259 75.80 -5.42 -23.15
CA THR VA 259 74.54 -5.80 -23.77
C THR VA 259 73.40 -5.95 -22.78
N ARG VA 260 73.64 -5.92 -21.47
CA ARG VA 260 72.58 -6.12 -20.49
C ARG VA 260 72.37 -4.97 -19.54
N SER VA 261 73.15 -3.89 -19.61
CA SER VA 261 72.94 -2.76 -18.72
C SER VA 261 71.74 -1.93 -19.15
N VAL VA 262 70.91 -1.54 -18.17
CA VAL VA 262 69.87 -0.53 -18.36
C VAL VA 262 70.24 0.79 -17.68
N TYR VA 263 70.77 0.74 -16.46
CA TYR VA 263 71.22 1.91 -15.71
C TYR VA 263 72.64 2.34 -16.14
N SER VA 264 72.99 3.59 -15.83
CA SER VA 264 74.04 4.31 -16.53
C SER VA 264 75.34 4.49 -15.73
N TRP VA 265 76.43 4.58 -16.48
CA TRP VA 265 77.82 4.61 -16.00
C TRP VA 265 78.65 5.37 -17.03
N ASP VA 266 79.96 5.47 -16.79
CA ASP VA 266 80.88 5.69 -17.91
C ASP VA 266 82.20 4.95 -17.72
N ILE VA 267 82.86 4.66 -18.85
CA ILE VA 267 84.18 4.04 -18.89
C ILE VA 267 85.08 4.90 -19.77
N VAL VA 268 86.24 5.30 -19.23
CA VAL VA 268 87.24 6.13 -19.92
C VAL VA 268 88.09 5.25 -20.83
N VAL VA 269 88.51 5.79 -21.98
CA VAL VA 269 89.58 5.21 -22.80
C VAL VA 269 90.75 6.18 -22.81
N GLN VA 270 91.93 5.71 -22.40
CA GLN VA 270 93.10 6.56 -22.19
C GLN VA 270 94.22 6.07 -23.12
N ARG VA 271 94.48 6.81 -24.19
CA ARG VA 271 95.56 6.50 -25.11
C ARG VA 271 96.76 7.36 -24.78
N VAL VA 272 97.88 6.73 -24.43
CA VAL VA 272 99.15 7.42 -24.25
C VAL VA 272 100.19 6.71 -25.12
N GLY VA 273 100.59 7.36 -26.21
CA GLY VA 273 101.41 6.71 -27.22
C GLY VA 273 100.67 5.57 -27.88
N SER VA 274 101.33 4.42 -27.96
CA SER VA 274 100.73 3.18 -28.44
C SER VA 274 100.30 2.29 -27.29
N LYS VA 275 100.09 2.87 -26.11
CA LYS VA 275 99.67 2.14 -24.93
C LYS VA 275 98.30 2.69 -24.52
N LEU VA 276 97.28 1.85 -24.57
CA LEU VA 276 95.89 2.25 -24.48
C LEU VA 276 95.30 1.76 -23.15
N PHE VA 277 94.64 2.62 -22.42
CA PHE VA 277 94.21 2.28 -21.08
C PHE VA 277 92.71 2.52 -20.92
N PHE VA 278 92.02 1.57 -20.28
CA PHE VA 278 90.61 1.72 -19.90
C PHE VA 278 90.58 1.92 -18.39
N ASP VA 279 90.45 3.15 -17.94
CA ASP VA 279 90.39 3.43 -16.51
C ASP VA 279 88.97 3.82 -16.10
N LYS VA 280 88.74 3.84 -14.79
CA LYS VA 280 87.41 4.03 -14.22
C LYS VA 280 87.27 5.41 -13.59
N ARG VA 281 86.02 5.84 -13.46
CA ARG VA 281 85.70 7.13 -12.90
C ARG VA 281 85.93 7.12 -11.37
N ASP VA 282 86.10 8.32 -10.81
CA ASP VA 282 86.38 8.49 -9.39
C ASP VA 282 85.16 8.90 -8.57
N ASN VA 283 84.18 9.59 -9.15
CA ASN VA 283 82.98 9.97 -8.42
C ASN VA 283 81.79 9.06 -8.75
N SER VA 284 82.06 7.84 -9.20
CA SER VA 284 81.03 6.98 -9.79
C SER VA 284 80.56 5.92 -8.82
N ASP VA 285 79.27 5.61 -8.95
CA ASP VA 285 78.70 4.37 -8.39
C ASP VA 285 78.82 3.25 -9.42
N PHE VA 286 80.06 2.87 -9.74
CA PHE VA 286 80.29 1.82 -10.73
C PHE VA 286 80.39 0.44 -10.08
N ASP VA 287 80.85 0.37 -8.83
CA ASP VA 287 80.88 -0.93 -8.17
C ASP VA 287 79.51 -1.35 -7.70
N LEU VA 288 78.58 -0.39 -7.55
CA LEU VA 288 77.28 -0.65 -6.94
C LEU VA 288 76.42 -1.46 -7.90
N LEU VA 289 75.79 -2.50 -7.36
CA LEU VA 289 75.08 -3.46 -8.19
C LEU VA 289 73.71 -2.89 -8.52
N THR VA 290 73.23 -3.18 -9.72
CA THR VA 290 71.85 -2.83 -9.98
C THR VA 290 70.95 -3.90 -9.35
N VAL VA 291 69.70 -3.53 -9.11
CA VAL VA 291 68.80 -4.35 -8.31
C VAL VA 291 67.44 -4.45 -8.99
N SER VA 292 67.04 -5.69 -9.29
CA SER VA 292 65.74 -6.07 -9.87
C SER VA 292 65.49 -5.37 -11.22
N GLU VA 293 66.56 -5.22 -11.98
CA GLU VA 293 66.63 -4.22 -13.05
C GLU VA 293 65.80 -4.63 -14.26
N THR VA 294 65.94 -5.88 -14.68
CA THR VA 294 65.54 -6.31 -16.01
C THR VA 294 64.17 -6.95 -16.02
N ALA VA 295 63.37 -6.68 -14.98
CA ALA VA 295 62.08 -7.31 -14.77
C ALA VA 295 61.03 -6.67 -15.67
N ASN VA 296 59.81 -7.21 -15.61
CA ASN VA 296 58.68 -6.61 -16.29
C ASN VA 296 58.28 -5.28 -15.66
N GLU VA 297 58.62 -5.07 -14.37
CA GLU VA 297 58.49 -3.77 -13.73
C GLU VA 297 59.72 -3.50 -12.85
N PRO VA 298 60.49 -2.43 -13.11
CA PRO VA 298 61.68 -2.17 -12.30
C PRO VA 298 61.31 -1.53 -10.96
N PRO VA 299 62.22 -1.53 -9.97
CA PRO VA 299 62.01 -0.64 -8.83
C PRO VA 299 62.16 0.81 -9.23
N GLN VA 300 61.12 1.61 -8.91
CA GLN VA 300 61.08 3.01 -9.29
C GLN VA 300 61.18 3.94 -8.09
N ASP VA 301 61.30 3.41 -6.88
CA ASP VA 301 60.84 4.11 -5.69
C ASP VA 301 61.84 5.15 -5.21
N GLU VA 302 61.39 5.98 -4.27
CA GLU VA 302 62.02 7.25 -3.93
C GLU VA 302 62.92 7.11 -2.70
N GLY VA 303 63.83 8.08 -2.56
CA GLY VA 303 64.97 8.00 -1.63
C GLY VA 303 64.62 7.83 -0.16
N ASN VA 304 63.55 8.49 0.29
CA ASN VA 304 63.16 8.39 1.69
C ASN VA 304 62.41 7.11 2.01
N SER VA 305 61.92 6.41 1.01
CA SER VA 305 61.57 5.01 1.16
C SER VA 305 62.82 4.15 1.12
N PHE VA 306 62.73 2.97 1.72
CA PHE VA 306 63.91 2.13 1.87
C PHE VA 306 64.27 1.43 0.57
N ASN VA 307 63.30 1.28 -0.33
CA ASN VA 307 63.45 0.45 -1.52
C ASN VA 307 63.61 1.28 -2.78
N SER VA 308 64.19 2.47 -2.64
CA SER VA 308 64.75 3.17 -3.79
C SER VA 308 65.94 2.37 -4.34
N PRO VA 309 66.19 2.46 -5.65
CA PRO VA 309 67.47 1.93 -6.17
C PRO VA 309 68.71 2.70 -5.71
N ARG VA 310 68.57 3.88 -5.08
CA ARG VA 310 69.72 4.53 -4.45
C ARG VA 310 70.22 3.73 -3.25
N ASN VA 311 69.35 3.43 -2.30
CA ASN VA 311 69.79 2.71 -1.11
C ASN VA 311 69.90 1.21 -1.36
N LEU VA 312 69.09 0.63 -2.26
CA LEU VA 312 69.13 -0.81 -2.47
C LEU VA 312 70.40 -1.24 -3.23
N ALA VA 313 70.91 -0.37 -4.10
CA ALA VA 313 72.26 -0.58 -4.62
C ALA VA 313 73.30 -0.41 -3.53
N MET VA 314 73.10 0.57 -2.64
CA MET VA 314 73.99 0.75 -1.48
C MET VA 314 73.79 -0.35 -0.45
N GLU VA 315 72.60 -0.94 -0.40
CA GLU VA 315 72.40 -2.19 0.33
C GLU VA 315 73.11 -3.35 -0.35
N ALA VA 316 73.18 -3.33 -1.69
CA ALA VA 316 73.67 -4.48 -2.45
C ALA VA 316 75.18 -4.67 -2.29
N THR VA 317 75.96 -3.63 -2.48
CA THR VA 317 77.40 -3.82 -2.34
C THR VA 317 77.89 -3.74 -0.92
N TYR VA 318 77.08 -3.21 0.00
CA TYR VA 318 77.31 -3.51 1.40
C TYR VA 318 77.17 -5.00 1.63
N ILE VA 319 76.14 -5.63 1.04
CA ILE VA 319 75.90 -7.05 1.27
C ILE VA 319 76.89 -7.90 0.50
N ASN VA 320 77.43 -7.39 -0.64
CA ASN VA 320 78.44 -8.11 -1.39
C ASN VA 320 79.75 -8.15 -0.64
N HIS VA 321 80.16 -6.98 -0.11
CA HIS VA 321 81.42 -6.87 0.62
C HIS VA 321 81.34 -7.57 1.97
N ASN VA 322 80.14 -7.72 2.51
CA ASN VA 322 79.96 -8.53 3.71
C ASN VA 322 80.22 -10.00 3.43
N PHE VA 323 79.51 -10.57 2.44
CA PHE VA 323 79.55 -12.02 2.31
C PHE VA 323 80.80 -12.52 1.56
N SER VA 324 81.59 -11.61 0.97
CA SER VA 324 82.87 -12.01 0.38
C SER VA 324 83.88 -12.45 1.44
N GLN VA 325 83.77 -11.93 2.65
CA GLN VA 325 84.58 -12.41 3.77
C GLN VA 325 83.84 -13.30 4.74
N GLN VA 326 82.50 -13.33 4.66
CA GLN VA 326 81.72 -14.02 5.69
C GLN VA 326 81.85 -15.52 5.60
N CYS VA 327 81.81 -16.06 4.37
CA CYS VA 327 81.77 -17.50 4.14
C CYS VA 327 83.14 -18.17 4.21
N LEU VA 328 84.15 -17.46 4.70
CA LEU VA 328 85.49 -17.98 4.89
C LEU VA 328 85.75 -18.12 6.39
N ARG VA 329 86.83 -18.82 6.73
CA ARG VA 329 87.39 -18.77 8.06
C ARG VA 329 88.42 -17.66 8.07
N MET VA 330 88.47 -16.90 9.16
CA MET VA 330 89.66 -16.10 9.46
C MET VA 330 90.78 -16.99 9.99
N GLY VA 331 90.44 -18.12 10.61
CA GLY VA 331 91.38 -18.88 11.41
C GLY VA 331 92.42 -19.66 10.63
N LYS VA 332 92.18 -19.90 9.35
CA LYS VA 332 93.13 -20.69 8.58
C LYS VA 332 94.30 -19.83 8.11
N GLU VA 333 95.44 -20.49 7.91
CA GLU VA 333 96.55 -19.92 7.18
C GLU VA 333 96.17 -19.74 5.71
N ARG VA 334 96.51 -18.59 5.15
CA ARG VA 334 96.10 -18.28 3.79
C ARG VA 334 96.97 -18.99 2.76
N TYR VA 335 96.37 -19.29 1.60
CA TYR VA 335 97.10 -19.75 0.42
C TYR VA 335 97.75 -18.53 -0.23
N ASN VA 336 99.06 -18.38 -0.02
CA ASN VA 336 99.78 -17.16 -0.35
C ASN VA 336 100.54 -17.29 -1.66
N PHE VA 337 100.62 -16.17 -2.40
CA PHE VA 337 101.37 -15.94 -3.62
C PHE VA 337 102.74 -15.36 -3.28
N PRO VA 338 103.77 -15.72 -4.06
CA PRO VA 338 105.11 -15.17 -3.81
C PRO VA 338 105.29 -13.67 -4.15
N ASN VA 339 104.28 -12.99 -4.69
CA ASN VA 339 104.37 -11.57 -5.03
C ASN VA 339 103.56 -10.70 -4.06
N PRO VA 340 103.97 -9.45 -3.82
CA PRO VA 340 103.16 -8.51 -3.03
C PRO VA 340 102.16 -7.70 -3.86
N ASN VA 341 101.11 -7.26 -3.18
CA ASN VA 341 100.21 -6.26 -3.73
C ASN VA 341 100.77 -4.85 -3.48
N PRO VA 342 100.93 -4.02 -4.52
CA PRO VA 342 101.75 -2.80 -4.41
C PRO VA 342 101.09 -1.54 -3.88
N PHE VA 343 99.77 -1.47 -3.76
CA PHE VA 343 99.12 -0.23 -3.34
C PHE VA 343 98.91 -0.15 -1.84
N VAL VA 344 99.53 -1.06 -1.08
CA VAL VA 344 99.49 -1.13 0.37
C VAL VA 344 100.90 -1.45 0.87
N GLU VA 345 101.31 -0.76 1.93
CA GLU VA 345 102.59 -1.06 2.57
C GLU VA 345 102.41 -2.16 3.62
N ASP VA 346 103.34 -3.13 3.64
CA ASP VA 346 103.15 -4.30 4.51
C ASP VA 346 103.51 -4.07 5.97
N ASP VA 347 104.03 -2.90 6.36
CA ASP VA 347 104.48 -2.73 7.73
C ASP VA 347 103.36 -2.40 8.71
N MET VA 348 102.12 -2.21 8.24
CA MET VA 348 101.01 -1.97 9.16
C MET VA 348 100.56 -3.30 9.77
N ASP VA 349 100.45 -3.33 11.10
CA ASP VA 349 100.15 -4.55 11.84
C ASP VA 349 98.65 -4.76 12.05
N LYS VA 350 97.79 -4.03 11.32
CA LYS VA 350 96.36 -4.17 11.57
C LYS VA 350 95.75 -5.37 10.87
N ASN VA 351 96.31 -5.77 9.69
CA ASN VA 351 96.03 -7.05 8.99
C ASN VA 351 94.57 -7.19 8.59
N GLU VA 352 93.93 -6.07 8.20
CA GLU VA 352 92.49 -6.01 8.09
C GLU VA 352 92.02 -6.05 6.62
N ILE VA 353 92.89 -6.49 5.70
CA ILE VA 353 92.44 -6.72 4.33
C ILE VA 353 91.57 -7.98 4.24
N ALA VA 354 90.71 -8.01 3.24
CA ALA VA 354 90.07 -9.24 2.80
C ALA VA 354 91.07 -10.12 2.07
N SER VA 355 90.74 -11.40 1.95
CA SER VA 355 91.51 -12.33 1.14
C SER VA 355 91.24 -12.04 -0.33
N VAL VA 356 92.25 -11.57 -1.05
CA VAL VA 356 92.10 -11.17 -2.44
C VAL VA 356 93.40 -11.53 -3.16
N ALA VA 357 93.26 -12.01 -4.39
CA ALA VA 357 94.38 -12.24 -5.27
C ALA VA 357 94.26 -11.35 -6.50
N TYR VA 358 95.38 -11.09 -7.14
CA TYR VA 358 95.42 -10.29 -8.37
C TYR VA 358 96.38 -10.94 -9.34
N ARG VA 359 95.89 -11.25 -10.53
CA ARG VA 359 96.59 -12.06 -11.51
C ARG VA 359 96.61 -11.30 -12.83
N TYR VA 360 97.80 -10.99 -13.30
CA TYR VA 360 98.04 -10.10 -14.42
C TYR VA 360 98.45 -11.01 -15.58
N ARG VA 361 97.56 -11.19 -16.55
CA ARG VA 361 97.74 -12.22 -17.57
C ARG VA 361 97.59 -11.62 -18.97
N ARG VA 362 97.99 -12.43 -19.96
CA ARG VA 362 98.47 -11.93 -21.24
C ARG VA 362 97.83 -12.70 -22.39
N TRP VA 363 97.11 -11.98 -23.25
CA TRP VA 363 96.40 -12.56 -24.37
C TRP VA 363 96.96 -11.99 -25.67
N LYS VA 364 96.84 -12.77 -26.74
CA LYS VA 364 97.31 -12.36 -28.06
C LYS VA 364 96.13 -12.36 -29.02
N LEU VA 365 95.88 -11.21 -29.64
CA LEU VA 365 94.61 -10.98 -30.31
C LEU VA 365 94.64 -10.72 -31.80
N GLY VA 366 95.81 -10.67 -32.44
CA GLY VA 366 95.89 -10.34 -33.84
C GLY VA 366 95.74 -8.85 -34.10
N ASP VA 367 96.18 -8.43 -35.30
CA ASP VA 367 96.23 -7.02 -35.77
C ASP VA 367 97.00 -6.12 -34.79
N ASP VA 368 98.08 -6.70 -34.20
CA ASP VA 368 99.02 -6.06 -33.27
C ASP VA 368 98.34 -5.50 -32.01
N ILE VA 369 97.30 -6.16 -31.51
CA ILE VA 369 96.61 -5.77 -30.29
C ILE VA 369 96.94 -6.80 -29.20
N ASP VA 370 97.41 -6.32 -28.04
CA ASP VA 370 97.74 -7.16 -26.89
C ASP VA 370 96.82 -6.85 -25.71
N LEU VA 371 95.93 -7.79 -25.35
CA LEU VA 371 94.93 -7.56 -24.31
C LEU VA 371 95.42 -8.12 -22.99
N ILE VA 372 95.75 -7.23 -22.08
CA ILE VA 372 96.12 -7.58 -20.72
C ILE VA 372 94.96 -7.21 -19.82
N VAL VA 373 94.46 -8.20 -19.08
CA VAL VA 373 93.33 -8.04 -18.18
C VAL VA 373 93.88 -8.21 -16.78
N ARG VA 374 93.67 -7.20 -15.92
CA ARG VA 374 94.01 -7.36 -14.51
C ARG VA 374 92.86 -8.06 -13.81
N CYS VA 375 93.10 -9.29 -13.37
CA CYS VA 375 92.05 -10.21 -12.93
C CYS VA 375 92.22 -10.52 -11.46
N GLU VA 376 91.27 -11.29 -10.92
CA GLU VA 376 91.28 -11.62 -9.52
C GLU VA 376 90.89 -13.08 -9.31
N HIS VA 377 91.27 -13.59 -8.14
CA HIS VA 377 90.65 -14.74 -7.48
C HIS VA 377 90.43 -14.39 -6.03
N ASP VA 378 89.33 -14.90 -5.46
CA ASP VA 378 88.89 -14.44 -4.15
C ASP VA 378 88.82 -15.52 -3.08
N GLY VA 379 89.08 -16.78 -3.41
CA GLY VA 379 89.07 -17.78 -2.36
C GLY VA 379 89.66 -19.08 -2.85
N VAL VA 380 89.80 -20.01 -1.90
CA VAL VA 380 90.30 -21.35 -2.18
C VAL VA 380 89.68 -22.29 -1.15
N MET VA 381 89.45 -23.54 -1.55
CA MET VA 381 89.00 -24.59 -0.64
C MET VA 381 89.80 -25.84 -0.92
N THR VA 382 89.87 -26.75 0.06
CA THR VA 382 90.51 -28.04 -0.18
C THR VA 382 89.66 -28.86 -1.15
N GLY VA 383 90.33 -29.48 -2.11
CA GLY VA 383 89.66 -30.17 -3.19
C GLY VA 383 89.13 -31.53 -2.78
N ALA VA 384 88.58 -32.23 -3.77
CA ALA VA 384 88.08 -33.57 -3.54
C ALA VA 384 89.19 -34.61 -3.50
N ASN VA 385 90.33 -34.34 -4.14
CA ASN VA 385 91.39 -35.32 -4.23
C ASN VA 385 92.63 -34.98 -3.43
N GLY VA 386 92.71 -33.77 -2.88
CA GLY VA 386 93.92 -33.35 -2.17
C GLY VA 386 94.51 -32.12 -2.82
N GLU VA 387 93.76 -31.56 -3.76
CA GLU VA 387 94.14 -30.38 -4.52
C GLU VA 387 93.60 -29.14 -3.78
N VAL VA 388 94.07 -27.97 -4.17
CA VAL VA 388 93.45 -26.73 -3.72
C VAL VA 388 92.66 -26.19 -4.90
N SER VA 389 91.58 -25.46 -4.61
CA SER VA 389 90.62 -25.21 -5.68
C SER VA 389 90.01 -23.83 -5.50
N PHE VA 390 90.08 -23.02 -6.56
CA PHE VA 390 90.03 -21.56 -6.45
C PHE VA 390 88.62 -21.03 -6.62
N ILE VA 391 88.25 -20.08 -5.75
CA ILE VA 391 86.86 -19.65 -5.55
C ILE VA 391 86.74 -18.17 -5.92
N ASN VA 392 85.77 -17.86 -6.77
CA ASN VA 392 85.31 -16.49 -6.90
C ASN VA 392 83.97 -16.35 -6.19
N ILE VA 393 83.87 -15.37 -5.30
CA ILE VA 393 82.71 -15.20 -4.42
C ILE VA 393 81.96 -13.95 -4.85
N LYS VA 394 80.69 -14.11 -5.18
CA LYS VA 394 79.77 -13.01 -5.30
C LYS VA 394 78.44 -13.43 -4.68
N THR VA 395 77.54 -12.47 -4.51
CA THR VA 395 76.42 -12.62 -3.58
C THR VA 395 75.13 -12.12 -4.23
N LEU VA 396 74.13 -13.00 -4.32
CA LEU VA 396 72.78 -12.63 -4.75
C LEU VA 396 71.89 -12.38 -3.53
N ASN VA 397 70.94 -11.45 -3.66
CA ASN VA 397 70.24 -10.89 -2.51
C ASN VA 397 68.74 -10.79 -2.77
N GLU VA 398 67.94 -11.02 -1.73
CA GLU VA 398 66.48 -11.09 -1.80
C GLU VA 398 65.86 -10.04 -0.87
N TRP VA 399 65.43 -8.90 -1.45
CA TRP VA 399 65.03 -7.77 -0.64
C TRP VA 399 63.57 -7.78 -0.17
N ASP VA 400 62.58 -7.91 -1.06
CA ASP VA 400 61.20 -8.15 -0.67
C ASP VA 400 60.60 -9.03 -1.76
N SER VA 401 60.33 -10.29 -1.46
CA SER VA 401 59.76 -11.12 -2.49
C SER VA 401 58.23 -11.11 -2.49
N ARG VA 402 57.57 -9.95 -2.67
CA ARG VA 402 56.23 -10.00 -3.20
C ARG VA 402 56.01 -9.25 -4.51
N HIS VA 403 56.82 -8.24 -4.83
CA HIS VA 403 56.39 -7.28 -5.85
C HIS VA 403 56.63 -7.73 -7.28
N CYS VA 404 57.87 -8.05 -7.61
CA CYS VA 404 58.23 -8.35 -9.00
C CYS VA 404 58.16 -9.85 -9.26
N ASN VA 405 56.94 -10.38 -9.17
CA ASN VA 405 56.62 -11.82 -9.24
C ASN VA 405 57.53 -12.68 -8.36
N GLY VA 406 57.77 -12.22 -7.12
CA GLY VA 406 58.91 -12.69 -6.35
C GLY VA 406 58.62 -13.91 -5.51
N VAL VA 407 59.68 -14.69 -5.28
CA VAL VA 407 59.59 -16.01 -4.64
C VAL VA 407 60.37 -15.98 -3.33
N ASP VA 408 59.72 -16.44 -2.27
CA ASP VA 408 60.33 -16.48 -0.95
C ASP VA 408 61.30 -17.64 -0.87
N TRP VA 409 62.60 -17.35 -0.81
CA TRP VA 409 63.61 -18.40 -0.97
C TRP VA 409 63.69 -19.33 0.24
N ARG VA 410 63.21 -18.89 1.40
CA ARG VA 410 63.03 -19.80 2.53
C ARG VA 410 61.96 -20.83 2.22
N GLN VA 411 60.91 -20.44 1.49
CA GLN VA 411 59.90 -21.39 1.05
C GLN VA 411 60.29 -22.03 -0.27
N LYS VA 412 60.76 -21.23 -1.23
CA LYS VA 412 60.70 -21.67 -2.62
C LYS VA 412 61.96 -22.36 -3.12
N LEU VA 413 63.17 -22.04 -2.65
CA LEU VA 413 64.32 -22.91 -2.96
C LEU VA 413 64.49 -23.97 -1.85
N ASP VA 414 63.50 -24.85 -1.72
CA ASP VA 414 63.82 -26.12 -1.08
C ASP VA 414 63.76 -27.31 -2.01
N SER VA 415 62.88 -27.29 -3.02
CA SER VA 415 63.11 -28.06 -4.24
C SER VA 415 63.66 -27.19 -5.35
N GLN VA 416 63.05 -26.01 -5.52
CA GLN VA 416 63.22 -25.16 -6.70
C GLN VA 416 64.37 -24.18 -6.53
N ARG VA 417 65.57 -24.70 -6.63
CA ARG VA 417 66.70 -23.80 -6.85
C ARG VA 417 66.67 -23.22 -8.26
N GLY VA 418 66.10 -23.97 -9.22
CA GLY VA 418 66.05 -23.55 -10.62
C GLY VA 418 64.98 -22.54 -10.96
N ALA VA 419 63.95 -22.41 -10.11
CA ALA VA 419 63.03 -21.28 -10.23
C ALA VA 419 63.73 -19.99 -9.86
N VAL VA 420 64.64 -20.08 -8.89
CA VAL VA 420 65.32 -18.93 -8.33
C VAL VA 420 66.32 -18.34 -9.32
N ILE VA 421 67.07 -19.20 -10.02
CA ILE VA 421 68.00 -18.71 -11.05
C ILE VA 421 67.25 -18.09 -12.22
N ALA VA 422 66.08 -18.66 -12.59
CA ALA VA 422 65.24 -18.09 -13.63
C ALA VA 422 64.59 -16.80 -13.20
N THR VA 423 64.36 -16.64 -11.89
CA THR VA 423 63.85 -15.38 -11.38
C THR VA 423 64.90 -14.28 -11.48
N GLU VA 424 66.13 -14.58 -11.06
CA GLU VA 424 67.13 -13.52 -11.01
C GLU VA 424 67.96 -13.40 -12.28
N LEU VA 425 67.82 -14.34 -13.23
CA LEU VA 425 68.13 -14.00 -14.62
C LEU VA 425 67.12 -12.99 -15.16
N LYS VA 426 65.86 -13.12 -14.76
CA LYS VA 426 64.86 -12.15 -15.18
C LYS VA 426 64.98 -10.84 -14.41
N ASN VA 427 65.46 -10.86 -13.16
CA ASN VA 427 65.57 -9.63 -12.37
C ASN VA 427 66.93 -8.95 -12.46
N ASN VA 428 68.00 -9.72 -12.38
CA ASN VA 428 69.33 -9.20 -12.07
C ASN VA 428 70.35 -9.51 -13.17
N SER VA 429 69.91 -9.55 -14.44
CA SER VA 429 70.70 -10.09 -15.55
C SER VA 429 72.01 -9.36 -15.77
N TYR VA 430 72.04 -8.03 -15.59
CA TYR VA 430 73.29 -7.30 -15.84
C TYR VA 430 74.32 -7.58 -14.76
N LYS VA 431 73.85 -7.82 -13.53
CA LYS VA 431 74.72 -8.16 -12.42
C LYS VA 431 75.32 -9.55 -12.57
N LEU VA 432 74.48 -10.52 -12.89
CA LEU VA 432 74.91 -11.92 -12.93
C LEU VA 432 75.73 -12.23 -14.19
N ALA VA 433 75.45 -11.56 -15.31
CA ALA VA 433 76.23 -11.80 -16.53
C ALA VA 433 77.63 -11.22 -16.43
N ARG VA 434 77.79 -10.13 -15.67
CA ARG VA 434 79.10 -9.52 -15.49
C ARG VA 434 80.03 -10.43 -14.69
N TRP VA 435 79.47 -11.22 -13.76
CA TRP VA 435 80.29 -12.10 -12.91
C TRP VA 435 80.89 -13.26 -13.71
N THR VA 436 80.09 -13.95 -14.52
CA THR VA 436 80.62 -14.99 -15.38
C THR VA 436 81.32 -14.43 -16.63
N CYS VA 437 81.25 -13.11 -16.88
CA CYS VA 437 82.20 -12.50 -17.81
C CYS VA 437 83.60 -12.46 -17.23
N CYS VA 438 83.75 -11.99 -15.98
CA CYS VA 438 85.08 -11.91 -15.38
C CYS VA 438 85.61 -13.28 -14.96
N ALA VA 439 84.72 -14.27 -14.86
CA ALA VA 439 85.12 -15.58 -14.35
C ALA VA 439 85.96 -16.35 -15.34
N LEU VA 440 85.59 -16.35 -16.62
CA LEU VA 440 86.35 -17.08 -17.62
C LEU VA 440 87.64 -16.36 -18.01
N LEU VA 441 87.72 -15.07 -17.72
CA LEU VA 441 88.96 -14.33 -17.88
C LEU VA 441 89.90 -14.63 -16.73
N ALA VA 442 89.34 -14.97 -15.56
CA ALA VA 442 90.15 -15.48 -14.46
C ALA VA 442 90.60 -16.91 -14.73
N GLY VA 443 89.86 -17.66 -15.55
CA GLY VA 443 90.17 -19.05 -15.80
C GLY VA 443 89.85 -19.93 -14.60
N SER VA 444 88.73 -19.68 -13.93
CA SER VA 444 88.50 -20.16 -12.58
C SER VA 444 88.24 -21.66 -12.55
N GLU VA 445 88.69 -22.30 -11.46
CA GLU VA 445 88.40 -23.72 -11.27
C GLU VA 445 87.01 -23.95 -10.70
N TYR VA 446 86.46 -22.98 -10.00
CA TYR VA 446 85.15 -23.09 -9.37
C TYR VA 446 84.43 -21.76 -9.52
N LEU VA 447 83.11 -21.81 -9.54
CA LEU VA 447 82.31 -20.62 -9.30
C LEU VA 447 81.36 -20.86 -8.15
N LYS VA 448 81.31 -19.89 -7.25
CA LYS VA 448 80.41 -19.93 -6.10
C LYS VA 448 79.51 -18.71 -6.15
N LEU VA 449 78.22 -18.92 -5.88
CA LEU VA 449 77.26 -17.82 -5.77
C LEU VA 449 76.57 -17.89 -4.42
N GLY VA 450 76.40 -16.73 -3.79
CA GLY VA 450 75.87 -16.66 -2.43
C GLY VA 450 74.45 -16.11 -2.45
N TYR VA 451 73.63 -16.57 -1.49
CA TYR VA 451 72.23 -16.21 -1.39
C TYR VA 451 71.93 -15.70 0.01
N VAL VA 452 71.59 -14.42 0.11
CA VAL VA 452 71.27 -13.74 1.37
C VAL VA 452 69.91 -13.07 1.25
N SER VA 453 69.20 -12.94 2.38
CA SER VA 453 67.90 -12.28 2.38
C SER VA 453 67.75 -11.39 3.61
N ARG VA 454 66.91 -10.35 3.54
CA ARG VA 454 66.71 -9.53 4.74
C ARG VA 454 65.65 -10.16 5.65
N TYR VA 455 65.74 -9.82 6.95
CA TYR VA 455 65.07 -10.57 8.01
C TYR VA 455 63.55 -10.35 8.01
N HIS VA 456 63.12 -9.11 8.16
CA HIS VA 456 61.76 -8.74 7.88
C HIS VA 456 61.78 -7.91 6.61
N VAL VA 457 60.67 -7.95 5.86
CA VAL VA 457 60.74 -7.67 4.43
C VAL VA 457 60.87 -6.18 4.10
N LYS VA 458 60.60 -5.29 5.06
CA LYS VA 458 60.73 -3.87 4.79
C LYS VA 458 62.02 -3.24 5.33
N ASP VA 459 62.49 -3.66 6.50
CA ASP VA 459 63.55 -2.96 7.22
C ASP VA 459 64.88 -3.66 6.98
N SER VA 460 65.75 -3.01 6.20
CA SER VA 460 67.13 -3.48 6.02
C SER VA 460 68.02 -2.87 7.10
N SER VA 461 68.12 -3.54 8.24
CA SER VA 461 69.27 -3.43 9.12
C SER VA 461 69.94 -4.76 9.40
N ARG VA 462 69.24 -5.87 9.19
CA ARG VA 462 69.77 -7.22 9.38
C ARG VA 462 69.48 -8.03 8.14
N HIS VA 463 70.40 -8.92 7.78
CA HIS VA 463 70.20 -9.86 6.69
C HIS VA 463 70.69 -11.22 7.13
N VAL VA 464 70.23 -12.27 6.46
CA VAL VA 464 70.52 -13.64 6.89
C VAL VA 464 70.97 -14.46 5.68
N ILE VA 465 71.95 -15.33 5.91
CA ILE VA 465 72.45 -16.24 4.88
C ILE VA 465 71.57 -17.48 4.89
N LEU VA 466 71.09 -17.87 3.72
CA LEU VA 466 70.34 -19.11 3.67
C LEU VA 466 71.19 -20.32 3.31
N GLY VA 467 72.18 -20.14 2.45
CA GLY VA 467 72.92 -21.25 1.88
C GLY VA 467 73.69 -20.79 0.67
N THR VA 468 74.44 -21.71 0.08
CA THR VA 468 75.35 -21.33 -0.99
C THR VA 468 75.32 -22.42 -2.06
N GLN VA 469 75.67 -22.03 -3.30
CA GLN VA 469 75.72 -22.94 -4.44
C GLN VA 469 77.07 -22.84 -5.14
N GLN VA 470 77.43 -23.92 -5.84
CA GLN VA 470 78.70 -24.01 -6.55
C GLN VA 470 78.49 -24.37 -8.02
N PHE VA 471 79.17 -23.64 -8.90
CA PHE VA 471 79.05 -23.76 -10.36
C PHE VA 471 80.44 -23.78 -10.99
N LYS VA 472 80.45 -24.01 -12.32
CA LYS VA 472 81.53 -23.86 -13.29
C LYS VA 472 81.14 -22.77 -14.28
N PRO VA 473 82.10 -22.03 -14.88
CA PRO VA 473 81.70 -20.83 -15.62
C PRO VA 473 81.06 -21.09 -16.97
N ASN VA 474 81.45 -22.16 -17.68
CA ASN VA 474 80.76 -22.54 -18.91
C ASN VA 474 79.41 -23.18 -18.60
N GLU VA 475 79.33 -23.83 -17.44
CA GLU VA 475 78.05 -24.21 -16.85
C GLU VA 475 77.22 -22.99 -16.50
N PHE VA 476 77.88 -21.88 -16.14
CA PHE VA 476 77.17 -20.66 -15.86
C PHE VA 476 77.07 -19.68 -17.03
N ALA VA 477 77.73 -19.91 -18.16
CA ALA VA 477 77.59 -18.96 -19.25
C ALA VA 477 76.31 -19.24 -20.06
N SER VA 478 76.14 -20.49 -20.49
CA SER VA 478 75.00 -20.87 -21.32
C SER VA 478 73.69 -20.93 -20.54
N GLN VA 479 73.75 -21.08 -19.22
CA GLN VA 479 72.55 -21.08 -18.41
C GLN VA 479 72.00 -19.68 -18.19
N ILE VA 480 72.82 -18.64 -18.33
CA ILE VA 480 72.41 -17.25 -18.22
C ILE VA 480 72.36 -16.57 -19.60
N ASN VA 481 72.48 -17.37 -20.69
CA ASN VA 481 72.55 -16.92 -22.10
C ASN VA 481 73.72 -15.96 -22.28
N LEU VA 482 74.91 -16.42 -21.89
CA LEU VA 482 76.16 -15.80 -22.30
C LEU VA 482 76.81 -16.69 -23.32
N SER VA 483 76.92 -16.19 -24.55
CA SER VA 483 77.73 -16.81 -25.59
C SER VA 483 79.10 -16.15 -25.57
N VAL VA 484 80.13 -16.99 -25.63
CA VAL VA 484 81.50 -16.50 -25.50
C VAL VA 484 81.97 -15.81 -26.78
N GLU VA 485 81.33 -16.13 -27.92
CA GLU VA 485 81.74 -15.53 -29.19
C GLU VA 485 81.27 -14.09 -29.31
N ASN VA 486 80.06 -13.80 -28.84
CA ASN VA 486 79.48 -12.45 -28.96
C ASN VA 486 80.18 -11.43 -28.08
N ALA VA 487 80.57 -11.83 -26.87
CA ALA VA 487 81.05 -10.88 -25.87
C ALA VA 487 82.45 -10.37 -26.18
N TRP VA 488 83.31 -11.23 -26.73
CA TRP VA 488 84.63 -10.76 -27.13
C TRP VA 488 84.56 -9.95 -28.42
N GLY VA 489 83.53 -10.16 -29.23
CA GLY VA 489 83.40 -9.39 -30.47
C GLY VA 489 82.98 -7.96 -30.21
N ILE VA 490 82.07 -7.75 -29.27
CA ILE VA 490 81.76 -6.39 -28.86
C ILE VA 490 82.87 -5.81 -27.99
N LEU VA 491 83.69 -6.66 -27.36
CA LEU VA 491 84.92 -6.15 -26.77
C LEU VA 491 85.86 -5.57 -27.82
N ARG VA 492 86.08 -6.30 -28.91
CA ARG VA 492 87.09 -5.89 -29.88
C ARG VA 492 86.63 -4.74 -30.76
N CYS VA 493 85.31 -4.56 -30.92
CA CYS VA 493 84.81 -3.55 -31.87
C CYS VA 493 85.09 -2.14 -31.37
N VAL VA 494 85.02 -1.93 -30.05
CA VAL VA 494 85.48 -0.68 -29.44
C VAL VA 494 86.99 -0.52 -29.65
N ILE VA 495 87.74 -1.61 -29.52
CA ILE VA 495 89.20 -1.57 -29.66
C ILE VA 495 89.59 -1.49 -31.14
N ASP VA 496 88.81 -2.10 -32.03
CA ASP VA 496 89.06 -1.92 -33.46
C ASP VA 496 88.69 -0.50 -33.92
N ILE VA 497 87.77 0.18 -33.21
CA ILE VA 497 87.69 1.63 -33.36
C ILE VA 497 88.92 2.29 -32.74
N CYS VA 498 89.13 2.09 -31.43
CA CYS VA 498 89.86 3.07 -30.64
C CYS VA 498 91.37 2.96 -30.78
N MET VA 499 91.87 1.94 -31.48
CA MET VA 499 93.26 1.97 -31.90
C MET VA 499 93.45 2.82 -33.16
N LYS VA 500 92.38 3.15 -33.88
CA LYS VA 500 92.50 4.17 -34.91
C LYS VA 500 92.29 5.60 -34.40
N LEU VA 501 92.00 5.81 -33.11
CA LEU VA 501 91.82 7.18 -32.64
C LEU VA 501 93.15 7.77 -32.20
N GLU VA 502 93.19 9.09 -32.14
CA GLU VA 502 94.35 9.84 -31.69
C GLU VA 502 94.35 9.97 -30.17
N GLU VA 503 95.40 10.58 -29.64
CA GLU VA 503 95.49 10.81 -28.21
C GLU VA 503 94.56 11.96 -27.80
N GLY VA 504 94.19 11.96 -26.53
CA GLY VA 504 93.15 12.79 -25.96
C GLY VA 504 92.41 11.99 -24.92
N LYS VA 505 91.28 12.52 -24.43
CA LYS VA 505 90.50 11.85 -23.40
C LYS VA 505 89.23 11.26 -24.02
N TYR VA 506 88.80 10.09 -23.56
CA TYR VA 506 87.64 9.43 -24.12
C TYR VA 506 86.70 8.90 -23.03
N LEU VA 507 85.52 8.43 -23.47
CA LEU VA 507 84.42 8.05 -22.58
C LEU VA 507 83.52 7.05 -23.30
N ILE VA 508 83.13 5.97 -22.62
CA ILE VA 508 82.11 5.03 -23.10
C ILE VA 508 81.01 4.93 -22.06
N LEU VA 509 79.77 5.26 -22.44
CA LEU VA 509 78.63 5.17 -21.52
C LEU VA 509 77.58 4.21 -22.04
N LYS VA 510 76.73 3.74 -21.13
CA LYS VA 510 75.42 3.22 -21.45
C LYS VA 510 74.36 4.27 -21.09
N ASP VA 511 73.37 4.44 -21.98
CA ASP VA 511 72.34 5.46 -21.81
C ASP VA 511 71.39 5.10 -20.65
N PRO VA 512 70.78 6.10 -19.99
CA PRO VA 512 69.81 5.77 -18.94
C PRO VA 512 68.47 5.32 -19.50
N ASN VA 513 68.07 5.82 -20.66
CA ASN VA 513 66.73 5.55 -21.19
C ASN VA 513 66.70 4.55 -22.34
N LYS VA 514 67.73 4.52 -23.18
CA LYS VA 514 67.64 3.87 -24.47
C LYS VA 514 68.73 2.82 -24.59
N GLN VA 515 68.48 1.82 -25.46
CA GLN VA 515 69.37 0.68 -25.63
C GLN VA 515 70.39 0.97 -26.74
N VAL VA 516 71.28 1.91 -26.43
CA VAL VA 516 72.30 2.37 -27.36
C VAL VA 516 73.48 2.88 -26.54
N ILE VA 517 74.70 2.55 -26.95
CA ILE VA 517 75.91 3.03 -26.29
C ILE VA 517 76.68 3.91 -27.28
N ARG VA 518 77.61 4.70 -26.73
CA ARG VA 518 78.48 5.56 -27.54
C ARG VA 518 79.94 5.43 -27.10
N VAL VA 519 80.84 5.58 -28.05
CA VAL VA 519 82.20 6.02 -27.77
C VAL VA 519 82.27 7.54 -27.96
N TYR VA 520 82.69 8.23 -26.90
CA TYR VA 520 82.67 9.67 -26.81
C TYR VA 520 84.07 10.22 -26.70
N SER VA 521 84.43 11.17 -27.55
CA SER VA 521 85.66 11.90 -27.31
C SER VA 521 85.43 12.87 -26.18
N LEU VA 522 86.19 12.73 -25.14
CA LEU VA 522 86.08 13.70 -24.07
C LEU VA 522 87.01 14.87 -24.35
N PRO VA 523 86.52 16.10 -24.35
CA PRO VA 523 87.40 17.27 -24.48
C PRO VA 523 88.14 17.51 -23.16
N ASP VA 524 89.00 18.54 -23.19
CA ASP VA 524 90.16 18.72 -22.32
C ASP VA 524 89.90 18.67 -20.81
N GLY VA 525 90.59 17.73 -20.17
CA GLY VA 525 90.91 17.77 -18.75
C GLY VA 525 89.81 17.49 -17.76
N THR VA 526 88.80 16.70 -18.11
CA THR VA 526 87.87 16.24 -17.08
C THR VA 526 88.46 15.12 -16.24
N PHE VA 527 88.89 14.03 -16.88
CA PHE VA 527 89.37 12.82 -16.18
C PHE VA 527 90.60 12.22 -16.84
N ALA WA 1 7.55 -52.09 57.51
CA ALA WA 1 8.41 -53.27 57.60
C ALA WA 1 9.22 -53.42 56.33
N ALA WA 2 9.99 -54.51 56.23
CA ALA WA 2 10.70 -54.85 55.01
C ALA WA 2 9.81 -55.70 54.12
N ALA WA 3 9.52 -55.20 52.92
CA ALA WA 3 8.68 -55.91 51.97
C ALA WA 3 9.47 -56.21 50.70
N ALA WA 4 9.46 -57.47 50.29
CA ALA WA 4 9.98 -57.90 49.00
C ALA WA 4 9.28 -59.20 48.64
N ALA WA 5 9.16 -59.47 47.35
CA ALA WA 5 8.35 -60.57 46.84
C ALA WA 5 9.19 -61.77 46.47
N ALA WA 6 8.61 -62.97 46.66
CA ALA WA 6 9.22 -64.23 46.29
C ALA WA 6 8.26 -65.02 45.40
N ALA WA 7 8.82 -65.82 44.51
CA ALA WA 7 8.06 -66.48 43.45
C ALA WA 7 8.62 -67.89 43.24
N ALA WA 8 8.00 -68.60 42.30
CA ALA WA 8 8.40 -69.93 41.81
C ALA WA 8 8.38 -70.99 42.92
N ALA WA 9 7.33 -70.97 43.73
CA ALA WA 9 7.13 -71.92 44.81
C ALA WA 9 6.56 -73.23 44.26
N ALA WA 10 6.32 -74.20 45.13
CA ALA WA 10 5.76 -75.47 44.70
C ALA WA 10 4.52 -75.83 45.51
N ALA WA 11 3.79 -76.83 45.01
CA ALA WA 11 2.52 -77.24 45.61
C ALA WA 11 2.74 -78.05 46.88
N ALA WA 12 3.66 -79.02 46.84
CA ALA WA 12 3.99 -79.82 48.02
C ALA WA 12 4.82 -79.06 49.04
N ALA WA 13 5.39 -77.92 48.67
CA ALA WA 13 6.15 -77.07 49.58
C ALA WA 13 5.18 -76.14 50.31
N ALA WA 14 5.10 -76.29 51.63
CA ALA WA 14 4.18 -75.55 52.49
C ALA WA 14 4.91 -74.41 53.18
N ALA WA 15 4.10 -73.55 53.80
CA ALA WA 15 4.58 -72.28 54.34
C ALA WA 15 5.49 -72.47 55.54
N ALA WA 16 5.21 -73.49 56.37
CA ALA WA 16 6.05 -73.75 57.53
C ALA WA 16 7.41 -74.30 57.12
N ALA WA 17 7.46 -75.02 55.99
CA ALA WA 17 8.73 -75.51 55.46
C ALA WA 17 9.43 -74.46 54.61
N ALA WA 18 8.69 -73.50 54.06
CA ALA WA 18 9.28 -72.41 53.29
C ALA WA 18 9.92 -71.35 54.17
N ALA WA 19 9.63 -71.36 55.48
CA ALA WA 19 10.26 -70.43 56.41
C ALA WA 19 11.74 -70.73 56.60
N ALA WA 20 12.16 -71.98 56.40
CA ALA WA 20 13.54 -72.39 56.64
C ALA WA 20 14.46 -72.07 55.47
N ALA WA 21 13.95 -71.51 54.38
CA ALA WA 21 14.81 -71.08 53.29
C ALA WA 21 15.44 -69.72 53.59
N ALA WA 22 14.68 -68.80 54.17
CA ALA WA 22 15.17 -67.47 54.47
C ALA WA 22 15.41 -67.24 55.96
N ALA WA 23 15.35 -68.28 56.79
CA ALA WA 23 15.51 -68.14 58.24
C ALA WA 23 16.94 -67.80 58.63
N ALA WA 24 17.90 -68.08 57.74
CA ALA WA 24 19.31 -67.74 57.96
C ALA WA 24 19.55 -66.24 58.08
N ALA WA 25 18.71 -65.40 57.47
CA ALA WA 25 18.83 -63.97 57.71
C ALA WA 25 17.86 -63.44 58.77
N ALA WA 26 16.59 -63.87 58.75
CA ALA WA 26 15.61 -63.57 59.79
C ALA WA 26 14.43 -64.55 59.67
N ALA WA 27 13.75 -64.75 60.79
CA ALA WA 27 12.57 -65.62 60.85
C ALA WA 27 11.32 -64.77 60.66
N ALA WA 28 10.50 -65.12 59.67
CA ALA WA 28 9.36 -64.30 59.30
C ALA WA 28 8.25 -64.36 60.35
N ALA WA 29 7.81 -63.18 60.80
CA ALA WA 29 6.82 -63.05 61.86
C ALA WA 29 5.40 -63.24 61.37
N ALA WA 30 5.20 -63.35 60.07
CA ALA WA 30 3.91 -63.67 59.47
C ALA WA 30 4.15 -64.50 58.21
N ALA WA 31 3.07 -65.10 57.70
CA ALA WA 31 3.05 -65.66 56.34
C ALA WA 31 1.79 -65.20 55.65
N ALA WA 32 1.92 -64.26 54.72
CA ALA WA 32 0.82 -63.84 53.86
C ALA WA 32 1.07 -64.34 52.45
N ALA WA 33 0.05 -64.98 51.86
CA ALA WA 33 0.24 -65.76 50.65
C ALA WA 33 -1.03 -65.75 49.80
N ALA WA 34 -0.84 -65.60 48.50
CA ALA WA 34 -1.94 -65.83 47.57
C ALA WA 34 -2.19 -67.33 47.37
N ALA WA 35 -3.46 -67.70 47.30
CA ALA WA 35 -3.89 -69.03 46.86
C ALA WA 35 -5.02 -68.87 45.86
N ALA WA 36 -5.20 -69.89 45.01
CA ALA WA 36 -6.09 -69.79 43.85
C ALA WA 36 -7.56 -69.87 44.28
N ALA WA 37 -8.44 -69.62 43.31
CA ALA WA 37 -9.88 -69.49 43.56
C ALA WA 37 -10.71 -70.67 43.10
N ALA WA 38 -10.24 -71.43 42.10
CA ALA WA 38 -10.93 -72.66 41.70
C ALA WA 38 -10.56 -73.83 42.60
N ALA WA 39 -9.26 -74.02 42.84
CA ALA WA 39 -8.74 -75.19 43.55
C ALA WA 39 -8.48 -74.95 45.03
N ALA WA 40 -8.26 -73.68 45.42
CA ALA WA 40 -7.73 -73.25 46.72
C ALA WA 40 -6.34 -73.86 47.02
N ALA WA 41 -5.56 -74.09 45.96
CA ALA WA 41 -4.18 -74.50 46.01
C ALA WA 41 -3.30 -73.26 45.80
N ALA WA 42 -1.97 -73.45 45.92
CA ALA WA 42 -1.01 -72.36 46.01
C ALA WA 42 -0.91 -71.57 44.69
N ALA WA 43 -1.24 -70.28 44.74
CA ALA WA 43 -1.01 -69.34 43.64
C ALA WA 43 0.45 -68.99 43.44
N ALA WA 44 1.31 -69.29 44.42
CA ALA WA 44 2.78 -69.33 44.31
C ALA WA 44 3.41 -67.97 44.06
N ALA WA 45 2.75 -66.87 44.43
CA ALA WA 45 3.41 -65.58 44.60
C ALA WA 45 2.88 -64.92 45.86
N ALA WA 46 3.77 -64.24 46.58
CA ALA WA 46 3.46 -63.82 47.94
C ALA WA 46 4.39 -62.70 48.37
N ALA WA 47 4.15 -62.22 49.58
CA ALA WA 47 4.94 -61.16 50.21
C ALA WA 47 5.40 -61.64 51.58
N ALA WA 48 6.71 -61.87 51.72
CA ALA WA 48 7.29 -62.37 52.96
C ALA WA 48 7.83 -61.22 53.77
N ALA WA 49 7.78 -61.35 55.10
CA ALA WA 49 8.11 -60.26 56.01
C ALA WA 49 9.47 -60.47 56.65
N ALA WA 50 10.34 -59.47 56.50
CA ALA WA 50 11.56 -59.31 57.26
C ALA WA 50 11.44 -58.02 58.03
N ALA WA 51 12.36 -57.78 58.97
CA ALA WA 51 12.14 -56.68 59.89
C ALA WA 51 12.84 -55.39 59.49
N ALA WA 52 14.08 -55.47 59.01
CA ALA WA 52 14.86 -54.29 58.69
C ALA WA 52 15.36 -54.41 57.27
N ALA WA 53 15.67 -53.27 56.66
CA ALA WA 53 16.10 -53.26 55.27
C ALA WA 53 17.50 -53.82 55.06
N ALA WA 54 18.31 -53.91 56.11
CA ALA WA 54 19.54 -54.70 56.03
C ALA WA 54 19.24 -56.19 55.93
N ALA WA 55 18.20 -56.66 56.63
CA ALA WA 55 17.74 -58.03 56.46
C ALA WA 55 17.06 -58.25 55.11
N ALA WA 56 16.53 -57.18 54.50
CA ALA WA 56 15.78 -57.31 53.23
C ALA WA 56 16.70 -57.60 52.06
N ALA WA 57 17.94 -57.13 52.10
CA ALA WA 57 18.87 -57.42 51.01
C ALA WA 57 19.62 -58.73 51.21
N ALA WA 58 20.11 -58.99 52.43
CA ALA WA 58 20.98 -60.14 52.68
C ALA WA 58 20.21 -61.45 52.67
N ALA WA 59 18.91 -61.42 53.00
CA ALA WA 59 18.05 -62.57 52.72
C ALA WA 59 17.92 -62.77 51.22
N ALA WA 60 17.70 -61.67 50.48
CA ALA WA 60 17.38 -61.71 49.06
C ALA WA 60 18.50 -62.25 48.19
N ALA WA 61 19.76 -61.96 48.55
CA ALA WA 61 20.89 -62.28 47.69
C ALA WA 61 21.17 -63.79 47.63
N ALA WA 62 21.20 -64.45 48.78
CA ALA WA 62 21.44 -65.89 48.82
C ALA WA 62 20.25 -66.68 48.29
N ALA WA 63 19.03 -66.22 48.61
CA ALA WA 63 17.80 -66.79 48.05
C ALA WA 63 17.73 -66.67 46.53
N ALA WA 64 18.28 -65.58 45.98
CA ALA WA 64 18.43 -65.47 44.53
C ALA WA 64 19.41 -66.53 44.03
N ALA WA 65 19.00 -67.24 42.97
CA ALA WA 65 19.67 -68.40 42.36
C ALA WA 65 19.83 -69.58 43.34
N ALA WA 66 18.98 -69.67 44.36
CA ALA WA 66 18.94 -70.82 45.24
C ALA WA 66 17.95 -71.85 44.72
N ALA WA 67 18.25 -73.12 44.96
CA ALA WA 67 17.54 -74.24 44.34
C ALA WA 67 16.28 -74.59 45.12
N ALA WA 68 15.12 -74.25 44.57
CA ALA WA 68 13.83 -74.62 45.16
C ALA WA 68 13.01 -75.38 44.15
N ALA WA 69 12.76 -76.68 44.44
CA ALA WA 69 12.04 -77.63 43.59
C ALA WA 69 12.58 -77.69 42.16
N ALA WA 70 13.91 -77.77 42.07
CA ALA WA 70 14.70 -77.73 40.83
C ALA WA 70 14.40 -76.48 39.99
N ALA WA 71 14.51 -75.32 40.63
CA ALA WA 71 14.36 -74.03 39.96
C ALA WA 71 15.37 -73.05 40.52
N ALA WA 72 15.55 -71.94 39.81
CA ALA WA 72 16.40 -70.83 40.24
C ALA WA 72 15.48 -69.74 40.77
N ALA WA 73 15.48 -69.57 42.10
CA ALA WA 73 14.46 -68.81 42.82
C ALA WA 73 14.55 -67.32 42.52
N ALA WA 74 13.41 -66.64 42.68
CA ALA WA 74 13.21 -65.30 42.17
C ALA WA 74 12.84 -64.35 43.30
N ALA WA 75 13.48 -63.19 43.32
CA ALA WA 75 13.16 -62.12 44.25
C ALA WA 75 13.28 -60.77 43.56
N ALA WA 76 12.45 -59.83 43.99
CA ALA WA 76 12.51 -58.44 43.54
C ALA WA 76 12.01 -57.54 44.66
N ALA WA 77 12.47 -56.28 44.64
CA ALA WA 77 12.10 -55.34 45.69
C ALA WA 77 10.68 -54.84 45.48
N ALA WA 78 9.89 -54.80 46.55
CA ALA WA 78 8.52 -54.34 46.49
C ALA WA 78 8.07 -53.71 47.81
N GLY XA 144 -52.26 -112.42 -11.69
CA GLY XA 144 -51.60 -111.95 -12.90
C GLY XA 144 -50.39 -111.09 -12.63
N ILE XA 145 -50.22 -110.69 -11.37
CA ILE XA 145 -49.07 -109.88 -10.99
C ILE XA 145 -47.81 -110.73 -10.95
N ASP XA 146 -47.89 -111.91 -10.35
CA ASP XA 146 -46.73 -112.80 -10.26
C ASP XA 146 -46.38 -113.42 -11.60
N ALA XA 147 -47.37 -113.66 -12.47
CA ALA XA 147 -47.12 -114.29 -13.75
C ALA XA 147 -46.58 -113.33 -14.80
N MET XA 148 -46.77 -112.02 -14.60
CA MET XA 148 -46.31 -111.04 -15.56
C MET XA 148 -44.80 -110.88 -15.53
N ASN XA 149 -44.20 -110.72 -16.71
CA ASN XA 149 -42.76 -110.46 -16.85
C ASN XA 149 -42.61 -109.36 -17.89
N PRO XA 150 -42.84 -108.11 -17.51
CA PRO XA 150 -42.92 -107.03 -18.51
C PRO XA 150 -41.54 -106.56 -18.95
N SER XA 151 -41.37 -106.45 -20.28
CA SER XA 151 -40.18 -105.86 -20.86
C SER XA 151 -40.46 -104.60 -21.66
N SER XA 152 -41.69 -104.39 -22.13
CA SER XA 152 -42.06 -103.24 -22.91
C SER XA 152 -42.46 -102.07 -22.01
N ARG XA 153 -42.63 -100.89 -22.64
CA ARG XA 153 -43.06 -99.71 -21.91
C ARG XA 153 -44.51 -99.82 -21.48
N ASP XA 154 -45.39 -100.21 -22.41
CA ASP XA 154 -46.81 -100.38 -22.08
C ASP XA 154 -47.05 -101.59 -21.20
N ASP XA 155 -46.23 -102.63 -21.33
CA ASP XA 155 -46.32 -103.78 -20.43
C ASP XA 155 -45.93 -103.43 -19.01
N PHE XA 156 -44.91 -102.56 -18.84
CA PHE XA 156 -44.53 -102.09 -17.52
C PHE XA 156 -45.57 -101.15 -16.93
N THR XA 157 -46.26 -100.38 -17.78
CA THR XA 157 -47.38 -99.55 -17.32
C THR XA 157 -48.54 -100.39 -16.84
N GLU XA 158 -48.84 -101.49 -17.54
CA GLU XA 158 -49.89 -102.40 -17.10
C GLU XA 158 -49.49 -103.16 -15.83
N PHE XA 159 -48.21 -103.53 -15.73
CA PHE XA 159 -47.68 -104.13 -14.51
C PHE XA 159 -47.72 -103.15 -13.34
N GLY XA 160 -47.38 -101.88 -13.60
CA GLY XA 160 -47.44 -100.87 -12.56
C GLY XA 160 -48.85 -100.53 -12.13
N LYS XA 161 -49.80 -100.58 -13.07
CA LYS XA 161 -51.21 -100.33 -12.74
C LYS XA 161 -51.78 -101.48 -11.92
N LEU XA 162 -51.40 -102.72 -12.23
CA LEU XA 162 -51.83 -103.87 -11.45
C LEU XA 162 -51.23 -103.86 -10.05
N LEU XA 163 -49.98 -103.40 -9.93
CA LEU XA 163 -49.35 -103.27 -8.62
C LEU XA 163 -49.97 -102.14 -7.81
N LYS XA 164 -50.39 -101.06 -8.48
CA LYS XA 164 -51.06 -99.95 -7.81
C LYS XA 164 -52.43 -100.36 -7.28
N ASP XA 165 -53.18 -101.15 -8.07
CA ASP XA 165 -54.50 -101.62 -7.65
C ASP XA 165 -54.42 -102.59 -6.48
N LYS XA 166 -53.35 -103.39 -6.41
CA LYS XA 166 -53.18 -104.32 -5.30
C LYS XA 166 -52.79 -103.59 -4.02
N ILE XA 167 -51.92 -102.58 -4.14
CA ILE XA 167 -51.41 -101.86 -2.98
C ILE XA 167 -52.48 -100.96 -2.36
N THR XA 168 -53.30 -100.31 -3.19
CA THR XA 168 -54.26 -99.33 -2.70
C THR XA 168 -55.49 -99.95 -2.03
N GLN XA 169 -55.67 -101.28 -2.13
CA GLN XA 169 -56.77 -101.92 -1.42
C GLN XA 169 -56.55 -101.94 0.09
N TYR XA 170 -55.29 -101.98 0.53
CA TYR XA 170 -54.93 -101.99 1.94
C TYR XA 170 -54.45 -100.62 2.42
N GLU XA 171 -54.89 -99.55 1.76
CA GLU XA 171 -54.44 -98.19 2.09
C GLU XA 171 -55.00 -97.68 3.41
N LYS XA 172 -56.09 -98.27 3.90
CA LYS XA 172 -56.69 -97.84 5.16
C LYS XA 172 -56.17 -98.63 6.37
N SER XA 173 -55.21 -99.53 6.15
CA SER XA 173 -54.58 -100.24 7.24
C SER XA 173 -53.69 -99.32 8.06
N LEU XA 174 -53.61 -99.58 9.37
CA LEU XA 174 -52.75 -98.79 10.24
C LEU XA 174 -51.27 -99.08 10.00
N TYR XA 175 -50.95 -100.30 9.54
CA TYR XA 175 -49.58 -100.67 9.23
C TYR XA 175 -49.20 -100.42 7.78
N TYR XA 176 -50.08 -99.74 7.02
CA TYR XA 176 -49.82 -99.49 5.60
C TYR XA 176 -48.70 -98.46 5.40
N ALA XA 177 -48.59 -97.50 6.30
CA ALA XA 177 -47.60 -96.42 6.16
C ALA XA 177 -46.17 -96.94 6.35
N SER XA 178 -45.97 -97.81 7.34
CA SER XA 178 -44.65 -98.38 7.58
C SER XA 178 -44.27 -99.39 6.49
N PHE XA 179 -45.25 -100.17 6.01
CA PHE XA 179 -45.00 -101.16 4.97
C PHE XA 179 -44.65 -100.52 3.64
N LEU XA 180 -45.34 -99.44 3.27
CA LEU XA 180 -45.08 -98.77 1.99
C LEU XA 180 -43.75 -98.02 2.01
N GLU XA 181 -43.37 -97.47 3.17
CA GLU XA 181 -42.09 -96.80 3.30
C GLU XA 181 -40.93 -97.78 3.21
N VAL XA 182 -41.11 -98.99 3.75
CA VAL XA 182 -40.10 -100.05 3.62
C VAL XA 182 -40.01 -100.53 2.18
N LEU XA 183 -41.16 -100.61 1.49
CA LEU XA 183 -41.18 -101.05 0.10
C LEU XA 183 -40.56 -100.01 -0.83
N VAL XA 184 -40.79 -98.72 -0.56
CA VAL XA 184 -40.21 -97.64 -1.35
C VAL XA 184 -38.71 -97.58 -1.15
N ARG XA 185 -38.24 -97.83 0.08
CA ARG XA 185 -36.80 -97.82 0.36
C ARG XA 185 -36.08 -98.97 -0.33
N ASP XA 186 -36.73 -100.13 -0.41
CA ASP XA 186 -36.11 -101.30 -1.05
C ASP XA 186 -36.00 -101.13 -2.56
N VAL XA 187 -37.06 -100.64 -3.19
CA VAL XA 187 -37.10 -100.57 -4.66
C VAL XA 187 -36.31 -99.40 -5.23
N CYS XA 188 -36.09 -98.34 -4.45
CA CYS XA 188 -35.36 -97.18 -4.93
C CYS XA 188 -33.86 -97.25 -4.63
N ILE XA 189 -33.39 -98.33 -4.00
CA ILE XA 189 -31.97 -98.46 -3.68
C ILE XA 189 -31.14 -98.72 -4.93
N SER XA 190 -31.72 -99.38 -5.93
CA SER XA 190 -31.04 -99.62 -7.20
C SER XA 190 -31.19 -98.46 -8.17
N LEU XA 191 -32.07 -97.50 -7.89
CA LEU XA 191 -32.29 -96.37 -8.77
C LEU XA 191 -31.11 -95.39 -8.71
N GLU XA 192 -31.00 -94.59 -9.76
CA GLU XA 192 -29.94 -93.59 -9.86
C GLU XA 192 -30.22 -92.42 -8.93
N ILE XA 193 -29.16 -91.62 -8.69
CA ILE XA 193 -29.25 -90.45 -7.83
C ILE XA 193 -30.15 -89.37 -8.44
N ASP XA 194 -30.10 -89.25 -9.78
CA ASP XA 194 -30.98 -88.31 -10.47
C ASP XA 194 -32.44 -88.76 -10.40
N ASP XA 195 -32.68 -90.06 -10.53
CA ASP XA 195 -34.04 -90.60 -10.43
C ASP XA 195 -34.57 -90.50 -9.00
N LEU XA 196 -33.70 -90.73 -8.01
CA LEU XA 196 -34.12 -90.67 -6.60
C LEU XA 196 -34.46 -89.24 -6.18
N LYS XA 197 -33.62 -88.27 -6.57
CA LYS XA 197 -33.90 -86.87 -6.25
C LYS XA 197 -35.09 -86.32 -7.02
N LYS XA 198 -35.37 -86.86 -8.21
CA LYS XA 198 -36.63 -86.57 -8.89
C LYS XA 198 -37.81 -87.18 -8.13
N ILE XA 199 -37.65 -88.40 -7.62
CA ILE XA 199 -38.72 -89.07 -6.88
C ILE XA 199 -38.95 -88.42 -5.53
N THR XA 200 -37.88 -87.96 -4.87
CA THR XA 200 -38.02 -87.27 -3.59
C THR XA 200 -38.69 -85.90 -3.77
N ASN XA 201 -38.38 -85.21 -4.86
CA ASN XA 201 -39.06 -83.95 -5.18
C ASN XA 201 -40.51 -84.19 -5.56
N SER XA 202 -40.81 -85.37 -6.12
CA SER XA 202 -42.18 -85.74 -6.43
C SER XA 202 -43.03 -85.87 -5.18
N LEU XA 203 -42.45 -86.38 -4.10
CA LEU XA 203 -43.14 -86.41 -2.82
C LEU XA 203 -43.23 -85.02 -2.19
N THR XA 204 -42.24 -84.16 -2.46
CA THR XA 204 -42.08 -82.93 -1.68
C THR XA 204 -43.14 -81.88 -2.03
N VAL XA 205 -43.34 -81.61 -3.32
CA VAL XA 205 -44.33 -80.61 -3.72
C VAL XA 205 -45.73 -81.13 -3.54
N LEU XA 206 -45.91 -82.45 -3.62
CA LEU XA 206 -47.22 -83.06 -3.38
C LEU XA 206 -47.63 -82.94 -1.92
N CYS XA 207 -46.65 -82.92 -1.01
CA CYS XA 207 -46.93 -82.60 0.39
C CYS XA 207 -47.38 -81.16 0.56
N SER XA 208 -46.81 -80.24 -0.23
CA SER XA 208 -47.32 -78.88 -0.30
C SER XA 208 -48.71 -78.83 -0.91
N GLU XA 209 -48.98 -79.72 -1.89
CA GLU XA 209 -50.31 -79.82 -2.50
C GLU XA 209 -51.35 -80.30 -1.50
N LYS XA 210 -50.93 -81.12 -0.53
CA LYS XA 210 -51.81 -81.46 0.60
C LYS XA 210 -52.10 -80.24 1.45
N GLN XA 211 -51.13 -79.35 1.62
CA GLN XA 211 -51.38 -78.09 2.30
C GLN XA 211 -52.14 -77.12 1.40
N LYS XA 212 -52.00 -77.26 0.08
CA LYS XA 212 -52.75 -76.40 -0.84
C LYS XA 212 -54.20 -76.83 -0.95
N GLN XA 213 -54.46 -78.14 -0.96
CA GLN XA 213 -55.83 -78.65 -0.99
C GLN XA 213 -56.39 -78.82 0.42
N GLY YA 144 -47.51 -115.88 -4.30
CA GLY YA 144 -48.91 -115.51 -4.20
C GLY YA 144 -49.13 -114.06 -3.84
N ILE YA 145 -48.70 -113.16 -4.73
CA ILE YA 145 -48.87 -111.73 -4.49
C ILE YA 145 -50.32 -111.32 -4.71
N ASP YA 146 -50.95 -111.85 -5.77
CA ASP YA 146 -52.33 -111.51 -6.07
C ASP YA 146 -53.31 -112.16 -5.10
N ALA YA 147 -52.95 -113.32 -4.55
CA ALA YA 147 -53.83 -114.04 -3.64
C ALA YA 147 -53.65 -113.63 -2.18
N MET YA 148 -52.64 -112.81 -1.88
CA MET YA 148 -52.41 -112.37 -0.51
C MET YA 148 -53.42 -111.32 -0.09
N ASN YA 149 -53.93 -111.47 1.14
CA ASN YA 149 -54.84 -110.51 1.76
C ASN YA 149 -54.34 -110.28 3.18
N PRO YA 150 -53.27 -109.50 3.34
CA PRO YA 150 -52.65 -109.37 4.68
C PRO YA 150 -53.41 -108.38 5.56
N SER YA 151 -53.68 -108.81 6.79
CA SER YA 151 -54.26 -107.94 7.82
C SER YA 151 -53.32 -107.69 8.98
N SER YA 152 -52.37 -108.59 9.23
CA SER YA 152 -51.41 -108.45 10.32
C SER YA 152 -50.20 -107.64 9.87
N ARG YA 153 -49.40 -107.21 10.86
CA ARG YA 153 -48.16 -106.50 10.56
C ARG YA 153 -47.12 -107.42 9.95
N ASP YA 154 -47.02 -108.65 10.45
CA ASP YA 154 -46.05 -109.61 9.91
C ASP YA 154 -46.50 -110.12 8.54
N ASP YA 155 -47.82 -110.26 8.33
CA ASP YA 155 -48.34 -110.64 7.03
C ASP YA 155 -48.11 -109.54 5.99
N PHE YA 156 -48.21 -108.27 6.41
CA PHE YA 156 -47.92 -107.15 5.51
C PHE YA 156 -46.43 -107.05 5.22
N THR YA 157 -45.58 -107.43 6.17
CA THR YA 157 -44.14 -107.47 5.94
C THR YA 157 -43.76 -108.56 4.94
N GLU YA 158 -44.42 -109.71 5.03
CA GLU YA 158 -44.19 -110.79 4.06
C GLU YA 158 -44.76 -110.42 2.69
N PHE YA 159 -45.88 -109.71 2.66
CA PHE YA 159 -46.43 -109.19 1.41
C PHE YA 159 -45.53 -108.14 0.79
N GLY YA 160 -44.96 -107.25 1.63
CA GLY YA 160 -44.00 -106.27 1.14
C GLY YA 160 -42.70 -106.89 0.67
N LYS YA 161 -42.28 -107.98 1.31
CA LYS YA 161 -41.08 -108.70 0.88
C LYS YA 161 -41.29 -109.41 -0.45
N LEU YA 162 -42.48 -110.00 -0.64
CA LEU YA 162 -42.81 -110.62 -1.92
C LEU YA 162 -42.95 -109.59 -3.04
N LEU YA 163 -43.46 -108.40 -2.70
CA LEU YA 163 -43.55 -107.32 -3.67
C LEU YA 163 -42.17 -106.76 -4.02
N LYS YA 164 -41.26 -106.73 -3.05
CA LYS YA 164 -39.90 -106.25 -3.28
C LYS YA 164 -39.12 -107.20 -4.17
N ASP YA 165 -39.29 -108.52 -3.98
CA ASP YA 165 -38.59 -109.51 -4.80
C ASP YA 165 -39.08 -109.51 -6.24
N LYS YA 166 -40.36 -109.21 -6.47
CA LYS YA 166 -40.91 -109.15 -7.82
C LYS YA 166 -40.44 -107.90 -8.56
N ILE YA 167 -40.39 -106.76 -7.85
CA ILE YA 167 -40.06 -105.49 -8.49
C ILE YA 167 -38.58 -105.40 -8.83
N THR YA 168 -37.71 -105.94 -7.97
CA THR YA 168 -36.27 -105.82 -8.14
C THR YA 168 -35.69 -106.69 -9.25
N GLN YA 169 -36.47 -107.62 -9.80
CA GLN YA 169 -35.99 -108.42 -10.93
C GLN YA 169 -35.91 -107.62 -12.22
N TYR YA 170 -36.74 -106.58 -12.35
CA TYR YA 170 -36.76 -105.73 -13.53
C TYR YA 170 -36.03 -104.40 -13.29
N GLU YA 171 -35.08 -104.37 -12.34
CA GLU YA 171 -34.34 -103.16 -12.02
C GLU YA 171 -33.41 -102.72 -13.15
N LYS YA 172 -32.94 -103.67 -13.96
CA LYS YA 172 -32.00 -103.36 -15.04
C LYS YA 172 -32.69 -102.84 -16.30
N SER YA 173 -34.02 -102.82 -16.34
CA SER YA 173 -34.75 -102.27 -17.48
C SER YA 173 -34.61 -100.75 -17.51
N LEU YA 174 -34.62 -100.20 -18.72
CA LEU YA 174 -34.51 -98.75 -18.89
C LEU YA 174 -35.80 -98.02 -18.53
N TYR YA 175 -36.93 -98.71 -18.54
CA TYR YA 175 -38.21 -98.13 -18.15
C TYR YA 175 -38.53 -98.34 -16.68
N TYR YA 176 -37.59 -98.87 -15.89
CA TYR YA 176 -37.83 -99.17 -14.49
C TYR YA 176 -37.95 -97.90 -13.65
N ALA YA 177 -37.19 -96.86 -13.99
CA ALA YA 177 -37.20 -95.61 -13.22
C ALA YA 177 -38.51 -94.85 -13.38
N SER YA 178 -39.05 -94.83 -14.60
CA SER YA 178 -40.35 -94.18 -14.83
C SER YA 178 -41.50 -94.97 -14.21
N PHE YA 179 -41.40 -96.31 -14.26
CA PHE YA 179 -42.46 -97.16 -13.70
C PHE YA 179 -42.50 -97.09 -12.17
N LEU YA 180 -41.32 -97.04 -11.54
CA LEU YA 180 -41.27 -96.98 -10.07
C LEU YA 180 -41.71 -95.62 -9.55
N GLU YA 181 -41.39 -94.55 -10.29
CA GLU YA 181 -41.84 -93.21 -9.91
C GLU YA 181 -43.36 -93.08 -10.04
N VAL YA 182 -43.94 -93.72 -11.05
CA VAL YA 182 -45.40 -93.73 -11.20
C VAL YA 182 -46.05 -94.57 -10.12
N LEU YA 183 -45.40 -95.67 -9.72
CA LEU YA 183 -45.92 -96.52 -8.65
C LEU YA 183 -45.83 -95.84 -7.30
N VAL YA 184 -44.76 -95.09 -7.06
CA VAL YA 184 -44.59 -94.35 -5.80
C VAL YA 184 -45.59 -93.21 -5.70
N ARG YA 185 -45.87 -92.55 -6.83
CA ARG YA 185 -46.84 -91.46 -6.85
C ARG YA 185 -48.26 -91.95 -6.59
N ASP YA 186 -48.62 -93.12 -7.12
CA ASP YA 186 -49.95 -93.68 -6.91
C ASP YA 186 -50.14 -94.15 -5.47
N VAL YA 187 -49.09 -94.73 -4.87
CA VAL YA 187 -49.22 -95.30 -3.53
C VAL YA 187 -49.15 -94.24 -2.43
N CYS YA 188 -48.53 -93.09 -2.69
CA CYS YA 188 -48.39 -92.03 -1.69
C CYS YA 188 -49.46 -90.95 -1.82
N ILE YA 189 -50.38 -91.08 -2.78
CA ILE YA 189 -51.45 -90.11 -2.93
C ILE YA 189 -52.46 -90.22 -1.78
N SER YA 190 -52.60 -91.40 -1.19
CA SER YA 190 -53.50 -91.60 -0.06
C SER YA 190 -52.81 -91.40 1.29
N LEU YA 191 -51.49 -91.26 1.31
CA LEU YA 191 -50.74 -91.12 2.55
C LEU YA 191 -50.97 -89.75 3.20
N GLU YA 192 -50.74 -89.69 4.50
CA GLU YA 192 -50.94 -88.49 5.28
C GLU YA 192 -49.76 -87.52 5.10
N ILE YA 193 -49.90 -86.34 5.72
CA ILE YA 193 -48.84 -85.33 5.67
C ILE YA 193 -47.61 -85.77 6.47
N ASP YA 194 -47.85 -86.40 7.63
CA ASP YA 194 -46.73 -86.90 8.43
C ASP YA 194 -46.10 -88.14 7.81
N ASP YA 195 -46.91 -88.98 7.15
CA ASP YA 195 -46.40 -90.23 6.59
C ASP YA 195 -45.58 -89.98 5.32
N LEU YA 196 -46.04 -89.08 4.45
CA LEU YA 196 -45.33 -88.77 3.21
C LEU YA 196 -43.99 -88.09 3.47
N LYS YA 197 -43.91 -87.29 4.53
CA LYS YA 197 -42.66 -86.62 4.89
C LYS YA 197 -41.60 -87.61 5.36
N LYS YA 198 -42.02 -88.67 6.07
CA LYS YA 198 -41.08 -89.70 6.51
C LYS YA 198 -40.58 -90.54 5.35
N ILE YA 199 -41.44 -90.77 4.35
CA ILE YA 199 -41.03 -91.52 3.16
C ILE YA 199 -40.08 -90.69 2.30
N THR YA 200 -40.34 -89.38 2.20
CA THR YA 200 -39.46 -88.49 1.44
C THR YA 200 -38.11 -88.31 2.11
N ASN YA 201 -38.10 -88.26 3.45
CA ASN YA 201 -36.84 -88.10 4.18
C ASN YA 201 -35.97 -89.34 4.11
N SER YA 202 -36.60 -90.53 4.09
CA SER YA 202 -35.85 -91.77 4.00
C SER YA 202 -35.19 -91.95 2.64
N LEU YA 203 -35.86 -91.50 1.57
CA LEU YA 203 -35.29 -91.63 0.24
C LEU YA 203 -34.22 -90.58 -0.04
N THR YA 204 -34.39 -89.37 0.50
CA THR YA 204 -33.43 -88.30 0.26
C THR YA 204 -32.14 -88.50 1.05
N VAL YA 205 -32.24 -89.09 2.24
CA VAL YA 205 -31.05 -89.45 3.00
C VAL YA 205 -30.30 -90.59 2.32
N LEU YA 206 -31.03 -91.53 1.72
CA LEU YA 206 -30.43 -92.53 0.84
C LEU YA 206 -29.82 -91.87 -0.40
N CYS YA 207 -30.49 -90.85 -0.94
CA CYS YA 207 -29.93 -90.06 -2.04
C CYS YA 207 -28.71 -89.28 -1.60
N SER YA 208 -28.75 -88.72 -0.38
CA SER YA 208 -27.58 -88.07 0.21
C SER YA 208 -26.45 -89.06 0.47
N GLU YA 209 -26.79 -90.30 0.88
CA GLU YA 209 -25.76 -91.31 1.08
C GLU YA 209 -25.19 -91.80 -0.24
N LYS YA 210 -26.00 -91.81 -1.30
CA LYS YA 210 -25.52 -92.19 -2.63
C LYS YA 210 -24.54 -91.17 -3.19
N GLN YA 211 -24.78 -89.88 -2.95
CA GLN YA 211 -23.83 -88.85 -3.34
C GLN YA 211 -22.52 -88.94 -2.54
N LYS YA 212 -22.62 -89.40 -1.28
CA LYS YA 212 -21.44 -89.55 -0.44
C LYS YA 212 -20.54 -90.69 -0.92
N GLN YA 213 -21.13 -91.84 -1.25
CA GLN YA 213 -20.34 -93.02 -1.60
C GLN YA 213 -19.77 -92.93 -3.03
N GLU YA 214 -20.51 -92.32 -3.95
CA GLU YA 214 -20.08 -92.26 -5.35
C GLU YA 214 -18.94 -91.27 -5.54
N LYS YA 215 -18.98 -90.14 -4.82
CA LYS YA 215 -17.97 -89.09 -4.95
C LYS YA 215 -16.60 -89.55 -4.46
N GLN YA 216 -16.56 -90.17 -3.28
CA GLN YA 216 -15.30 -90.57 -2.67
C GLN YA 216 -15.13 -92.09 -2.65
ZN ZN ZA . 14.77 -24.89 -39.54
ZN ZN AB . 30.12 -75.11 8.21
ZN ZN BB . 23.97 -128.45 14.15
FE1 SF4 CB . -47.37 -72.99 -36.81
FE2 SF4 CB . -49.60 -74.27 -35.96
FE3 SF4 CB . -49.66 -71.59 -36.44
FE4 SF4 CB . -48.29 -72.55 -34.30
S1 SF4 CB . -50.54 -72.65 -34.66
S2 SF4 CB . -47.58 -70.99 -35.75
S3 SF4 CB . -47.50 -74.50 -35.13
S4 SF4 CB . -49.30 -73.24 -37.95
FE1 SF4 DB . -51.21 -70.80 -47.69
FE2 SF4 DB . -49.75 -68.90 -49.03
FE3 SF4 DB . -49.57 -69.09 -46.32
FE4 SF4 DB . -51.85 -68.15 -47.47
S1 SF4 DB . -49.79 -67.20 -47.53
S2 SF4 DB . -51.70 -69.66 -45.78
S3 SF4 DB . -51.92 -69.42 -49.33
S4 SF4 DB . -48.94 -70.66 -47.84
PB ADP EB . -76.16 -92.14 -23.45
O1B ADP EB . -75.66 -93.20 -24.42
O2B ADP EB . -76.21 -90.75 -24.03
O3B ADP EB . -77.38 -92.56 -22.66
PA ADP EB . -75.17 -92.81 -20.93
O1A ADP EB . -75.88 -94.13 -21.18
O2A ADP EB . -75.74 -91.83 -19.94
O3A ADP EB . -74.99 -92.06 -22.34
O5' ADP EB . -73.65 -93.13 -20.51
C5' ADP EB . -73.20 -92.84 -19.20
C4' ADP EB . -71.70 -93.09 -19.12
O4' ADP EB . -71.25 -92.94 -17.78
C3' ADP EB . -71.33 -94.49 -19.57
O3' ADP EB . -70.36 -94.42 -20.63
C2' ADP EB . -70.79 -95.20 -18.34
O2' ADP EB . -69.58 -95.92 -18.62
C1' ADP EB . -70.53 -94.10 -17.33
N9 ADP EB . -71.04 -94.50 -15.99
C8 ADP EB . -72.20 -94.11 -15.46
N7 ADP EB . -72.37 -94.65 -14.22
C5 ADP EB . -71.28 -95.40 -13.96
C6 ADP EB . -70.82 -96.25 -12.83
N6 ADP EB . -71.56 -96.40 -11.71
N1 ADP EB . -69.62 -96.86 -12.97
C2 ADP EB . -68.88 -96.72 -14.07
N3 ADP EB . -69.23 -95.98 -15.13
C4 ADP EB . -70.41 -95.30 -15.14
MG MG FB . -90.23 -105.92 -32.23
PG ATP GB . -91.98 -104.17 -32.91
O1G ATP GB . -91.23 -104.95 -33.96
O2G ATP GB . -92.62 -102.89 -33.40
O3G ATP GB . -91.25 -104.03 -31.60
PB ATP GB . -93.11 -106.71 -32.71
O1B ATP GB . -93.07 -107.04 -34.19
O2B ATP GB . -92.00 -107.19 -31.81
O3B ATP GB . -93.23 -105.11 -32.56
PA ATP GB . -95.08 -108.69 -32.47
O1A ATP GB . -94.01 -109.69 -32.11
O2A ATP GB . -95.66 -108.65 -33.87
O3A ATP GB . -94.51 -107.21 -32.13
O5' ATP GB . -96.29 -108.85 -31.42
C5' ATP GB . -96.99 -110.07 -31.31
C4' ATP GB . -98.43 -109.78 -30.93
O4' ATP GB . -98.97 -110.89 -30.20
C3' ATP GB . -98.53 -108.54 -30.06
O3' ATP GB . -99.39 -107.59 -30.68
C2' ATP GB . -99.04 -109.03 -28.71
O2' ATP GB . -100.21 -108.31 -28.28
C1' ATP GB . -99.37 -110.50 -28.88
N9 ATP GB . -98.64 -111.31 -27.88
C8 ATP GB . -97.30 -111.46 -27.80
N7 ATP GB . -96.95 -112.27 -26.77
C5 ATP GB . -98.08 -112.66 -26.16
C6 ATP GB . -98.44 -113.51 -25.00
N6 ATP GB . -97.48 -114.13 -24.27
N1 ATP GB . -99.74 -113.64 -24.70
C2 ATP GB . -100.70 -113.03 -25.41
N3 ATP GB . -100.46 -112.25 -26.47
C4 ATP GB . -99.19 -112.02 -26.89
MG MG HB . -79.73 -92.02 -22.34
#